data_9H9R
#
_entry.id   9H9R
#
loop_
_entity.id
_entity.type
_entity.pdbx_description
1 polymer 'Tubulin gamma chain'
2 polymer 'Spindle pole body component'
3 polymer Spc98p
4 polymer 'Mto2p-binding domain-containing protein'
#
loop_
_entity_poly.entity_id
_entity_poly.type
_entity_poly.pdbx_seq_one_letter_code
_entity_poly.pdbx_strand_id
1 'polypeptide(L)'
;MPGETITLQVGQCGNQVGLQYWQQLATEHGIQSDGSSTPYPKDINDLQLQELNNSGSSPQSYPQQTKPNGKYRNDHPELF
FTLSDSNTYTPRSILIDMEPSVIAKSTSALPMFNPRNVHLSNQGNGAANNWINGYKYGTEEEETLLNLIDREVDKCDNLS
NFQLFHSVAGGTGSGVGSKMLEVISDRYGHKKLLNTFSIFPSNEDTSDVVVQPYNTILTLKRLIDYSDATFVFHNDSLNR
IENILFNNNSNIQHDDNDLFLGANKLIALVSASVSNPLRFPGYMYSSMESIVSNLIPTPDLKFLTSSIAPFSTQKHNYLN
EYDMLLELSNDRYKTNRVSGDTSYISMLNYLIGDNLDQREIRKGILKSQQRISFVPWVARSVLVVHGKKSPYLKNTNLEG
IQVTNNTSMIDVFTKILKQFDLLIKRKAYLNRYYSSVEEENEVMEMFNESRESVKSIIDEYKACKEITYLDDDDEDDLED
GGGNGNGYNNIDDADMGI
;
A,B,G,H,M,N,S,T,Y,Z,e,f,k,l
2 'polypeptide(L)'
;MHHHHHHDYDIPTTENLYFQGAMDPMNTFSSPPNVIREYNDSTYQSPLNSQFHQSPFLQTQSPDYVSLREEEDDNNDKNL
DIMSSCIVDSVIYKSQKIAGPLLSQISNLNIQQALIIRELLFTLLGHEGHYIQYSKRYDPTSQISRIEGPDYKIAKNLDI
SLKVITKKLVKFGKFYSGLKSFIQVFDNNKFGKIVQKFCSEVRKFLSSYQQVLINVEHEFKFNKNFNLNMLDSLLHQEIS
NEMTHLYQIGIEISRITEERQKMSQAEIMGNFEPTTLANTSMNGINSEPNLYYGKFDCCKGGLLLQVIQERMVYYKGDPT
SLDFLTQLFDIVSSDYIGMLNQWLLEGVINDPFDEFMIREKRVPDSFMEIFQSKSEYYWNELFLIKIDGLLNQFQNSTIQ
SKILNTGKYLNIFKRCTGLHNFESLKEKLTTITSLAAPDLELKIDEFYHRANKMLMKLLFDGYNFPSVVNIFQRLFLFAD
SFQIDNFIDSTFSELKRGKLKISVSRLQKQYDDIFKEKIENKVGVRPSVYDVLKKNQKLSVTSESLYKVVEELMEKNSDY
LISDNNLRGIFHRVASLRDDSRLTISSTADSATENVKDEPTITSVDLTIPLPFPLNLVLNQQLSYQYEIMFKLLINIKFI
SKYNSSNWQEMNYSKIWTNSHFNSSVKKWILRCRVLHSRICSFIHELENYIVHDVIEHNFEEIKNLIHTTATNLATSELG
SDINDEGDNIFNGSLIRGTFNNNSIFDSKVHKHRTTTYVEGISTVEQLIQKFLDYSSTLLNDSLLTREESLRQLRKMLDF
IFHFNNYIVQVKKVLVLLNHELFNEYSKEFPTKFEKPMDQESIDKRFANLSDTFLMQYEKFGENLVTFLATIKQVGEREN
QGLLELSNRLELCFPE
;
C,I,O,U,a,g,m
3 'polypeptide(L)'
;MHHHHHHDYDIPTTENLYFQGAMDPMALNKVQLIKLYSNRLVKSLVPVEFGEAFIQSIINDLQTTLLNTSSEEQNLSIII
NKLKMQFLSNNLKNEWVEFQNIVNSLSKFKSLDQICNYLAFLDALRDEKPEDILSTSTASLSPGKQNVMINTVNTALTLS
QLIEPYYDTLSEQTILTYLPYTMLGSDSKIFTFSNNYTRLEIPKDINNSFSSLLREVFEFAILYKQLAIVVDRYKGTLVS
AIKTAYIAILEAQLNKYVNDINNIFNNKPNSILVVYNSIFPWISILRFLYRVSNRLNRLDGYEFLTFIYSFTNHGDPKIR
GIAVTAFTEVVKPYYNIVEHWIVKGELIDNNNEFFIIFDQEQNEFNSIIKLLPKKIPAFIKSSDKIFQIGKTLIFLNKYC
RELKWVNQYNVKYSAILFNNHQGLASMTTNEMIKLIDSQYNEILTFLTQIIQGNNKLFTHVYNFKRFYFMETNDFIDAIM
VKGKDVFNESSVNISSTYLRKVLQDAIQISSVKNFEYVDRLDSRVLNPQHGNLGWESFTIEYKIDDLPMSYLFEGHQHLQ
YLKMFHFLWKLRQLNNLLNWHFEMFNELNHNVVTKLSSRNRRPLAKSLSIITSIRFHFTQFLNELIAYLSYDVIEENFQQ
HIVRKLFYNKNDQDLLLNKSFMNLSEIDPNNDLPKFNVNLLTIDELVELHGTYIDSIINSSLLNEKLKGNETNISYIDQI
FNILQTIFNFINTSQEFYSLVCTFGLLVRSDSNANKIELEQDQEDLEFQLHKIKRKIYKDIYQHDYKRQLNDLKNDLNRD
YNLKDLSKLL
;
D,J,P,V,b,h,n
4 'polypeptide(L)'
;MSNLSINESNDNSNVSILSNKSGAQSSTNSSPNLIVFKQPEDLSIQLQQQQQGTQEDTPEEEEEEEEEMEQITQLEVQQE
NQPDTLSSSPFISRPNSPLDDIIRPQGTSSPSLTIRDSYSSQVDINISNLHKSLNEMRLSTDPVDNNNNNNKVNKNNPTN
SDISNDDIITIDNLTPSRIQPKNISPWRQFRPTLRGSPESTPRSLFQNKPNLKFNNGLSPTNGSRDMVTNNIATTTKSRE
EELNKRIVNYKIQLKLMKNFLQELIDRNNLDPHEFHTLLRRNNNNIMNNENNPLSTSLSQTSTLEIQHQNLQIELDEALE
LNKQLYNKIETANKEISDKDLQISNYESRINLINYSVDELIYILINEYDKNNYSHGGSNTTSPGKETLQQSISAQLEVKL
NVLKLELMTRLDQSHQYNNKPHDLFTPPYTSSEYGVSTNNVANKNDLEGYIHIIEDLIKTVDELELTCENYKANKNELQN
QLVEQINESIRIKNNFQIMSNKFNQLRQSLSEKENDKNLDEFSKNNHQQQQQQQIQQLEQKLIEYEKCITILQDELDQYK
QPSDTTNTTNNNNNNNNNNNRSSYSSYNNHRNSSLNELNGSGSGSEQKLISEEDL
;
E,F,K,L,Q,R,W,X,c,d,i,j,o,p
#
# COMPACT_ATOMS: atom_id res chain seq x y z
N GLY A 3 99.43 -49.84 -19.24
CA GLY A 3 100.46 -48.91 -18.71
C GLY A 3 100.52 -47.60 -19.47
N GLU A 4 101.19 -46.61 -18.90
CA GLU A 4 101.28 -45.29 -19.51
C GLU A 4 102.30 -45.28 -20.64
N THR A 5 102.13 -44.34 -21.56
CA THR A 5 103.02 -44.19 -22.70
C THR A 5 103.57 -42.76 -22.76
N ILE A 6 104.79 -42.63 -23.25
CA ILE A 6 105.47 -41.34 -23.38
C ILE A 6 105.72 -41.09 -24.86
N THR A 7 105.34 -39.92 -25.33
CA THR A 7 105.51 -39.53 -26.73
C THR A 7 106.72 -38.62 -26.87
N LEU A 8 107.56 -38.89 -27.86
CA LEU A 8 108.71 -38.07 -28.17
C LEU A 8 108.55 -37.50 -29.58
N GLN A 9 108.64 -36.18 -29.70
CA GLN A 9 108.51 -35.50 -30.98
C GLN A 9 109.85 -34.86 -31.33
N VAL A 10 110.36 -35.18 -32.51
CA VAL A 10 111.68 -34.71 -32.95
C VAL A 10 111.54 -34.12 -34.35
N GLY A 11 112.08 -32.92 -34.53
CA GLY A 11 112.13 -32.31 -35.84
C GLY A 11 110.86 -31.54 -36.18
N GLN A 12 110.94 -30.80 -37.29
CA GLN A 12 109.80 -29.99 -37.73
C GLN A 12 108.64 -30.87 -38.19
N CYS A 13 108.92 -31.87 -39.03
CA CYS A 13 107.86 -32.77 -39.47
C CYS A 13 107.28 -33.52 -38.28
N GLY A 14 108.13 -33.97 -37.38
CA GLY A 14 107.65 -34.66 -36.20
C GLY A 14 106.77 -33.76 -35.35
N ASN A 15 107.15 -32.50 -35.18
CA ASN A 15 106.34 -31.59 -34.37
C ASN A 15 104.99 -31.32 -35.00
N GLN A 16 104.95 -31.12 -36.33
CA GLN A 16 103.66 -30.88 -36.98
C GLN A 16 102.77 -32.10 -36.87
N VAL A 17 103.32 -33.30 -37.13
CA VAL A 17 102.53 -34.52 -37.02
C VAL A 17 102.06 -34.71 -35.58
N GLY A 18 102.90 -34.37 -34.61
CA GLY A 18 102.50 -34.49 -33.22
C GLY A 18 101.41 -33.52 -32.85
N LEU A 19 101.45 -32.29 -33.41
CA LEU A 19 100.38 -31.35 -33.15
C LEU A 19 99.05 -31.89 -33.67
N GLN A 20 99.05 -32.42 -34.89
CA GLN A 20 97.81 -33.01 -35.41
C GLN A 20 97.38 -34.20 -34.57
N TYR A 21 98.33 -35.03 -34.15
CA TYR A 21 98.02 -36.21 -33.36
C TYR A 21 97.39 -35.84 -32.02
N TRP A 22 97.96 -34.85 -31.33
CA TRP A 22 97.43 -34.46 -30.04
C TRP A 22 96.10 -33.72 -30.17
N GLN A 23 95.92 -32.96 -31.25
CA GLN A 23 94.61 -32.36 -31.50
C GLN A 23 93.55 -33.44 -31.68
N GLN A 24 93.88 -34.49 -32.46
CA GLN A 24 92.95 -35.59 -32.66
C GLN A 24 92.64 -36.29 -31.34
N LEU A 25 93.67 -36.58 -30.55
CA LEU A 25 93.47 -37.30 -29.31
C LEU A 25 92.64 -36.47 -28.33
N ALA A 26 92.91 -35.18 -28.23
CA ALA A 26 92.15 -34.32 -27.32
C ALA A 26 90.70 -34.21 -27.78
N THR A 27 90.47 -34.13 -29.09
CA THR A 27 89.10 -34.14 -29.60
C THR A 27 88.40 -35.43 -29.22
N GLU A 28 89.08 -36.56 -29.36
CA GLU A 28 88.45 -37.84 -29.03
C GLU A 28 88.09 -37.93 -27.54
N HIS A 29 88.95 -37.40 -26.66
CA HIS A 29 88.66 -37.45 -25.22
C HIS A 29 87.99 -36.18 -24.71
N GLY A 30 87.58 -35.27 -25.59
CA GLY A 30 86.86 -34.09 -25.14
C GLY A 30 87.66 -33.11 -24.32
N ILE A 31 88.99 -33.26 -24.28
CA ILE A 31 89.83 -32.34 -23.54
C ILE A 31 89.95 -31.04 -24.33
N GLN A 32 89.71 -29.91 -23.65
CA GLN A 32 89.77 -28.62 -24.31
C GLN A 32 91.21 -28.19 -24.55
N SER A 33 91.37 -27.11 -25.31
CA SER A 33 92.72 -26.63 -25.63
C SER A 33 93.48 -26.20 -24.38
N ASP A 34 92.77 -25.73 -23.36
CA ASP A 34 93.42 -25.28 -22.13
C ASP A 34 93.63 -26.41 -21.13
N GLY A 35 93.25 -27.64 -21.46
CA GLY A 35 93.41 -28.76 -20.56
C GLY A 35 92.24 -29.03 -19.66
N SER A 36 91.15 -28.28 -19.78
CA SER A 36 89.97 -28.49 -18.96
C SER A 36 89.10 -29.60 -19.56
N SER A 37 88.44 -30.34 -18.67
CA SER A 37 87.59 -31.45 -19.07
C SER A 37 86.26 -30.96 -19.63
N THR A 38 85.57 -31.84 -20.33
CA THR A 38 84.23 -31.60 -20.84
C THR A 38 83.34 -32.77 -20.43
N PRO A 39 82.13 -32.54 -19.90
CA PRO A 39 81.30 -33.67 -19.47
C PRO A 39 80.83 -34.54 -20.63
N ARG A 73 84.41 -41.66 -15.47
CA ARG A 73 84.34 -41.78 -16.92
C ARG A 73 84.91 -43.12 -17.36
N ASN A 74 84.36 -43.69 -18.43
CA ASN A 74 84.73 -45.04 -18.83
C ASN A 74 86.01 -45.10 -19.64
N ASP A 75 86.38 -44.02 -20.33
CA ASP A 75 87.63 -44.00 -21.06
C ASP A 75 88.79 -43.68 -20.11
N HIS A 76 90.00 -43.90 -20.59
CA HIS A 76 91.21 -43.79 -19.78
C HIS A 76 92.23 -42.91 -20.48
N PRO A 77 92.04 -41.58 -20.46
CA PRO A 77 93.06 -40.69 -21.02
C PRO A 77 94.32 -40.62 -20.16
N GLU A 78 94.29 -41.17 -18.95
CA GLU A 78 95.47 -41.10 -18.09
C GLU A 78 96.68 -41.77 -18.72
N LEU A 79 96.47 -42.75 -19.61
CA LEU A 79 97.58 -43.41 -20.27
C LEU A 79 98.35 -42.46 -21.18
N PHE A 80 97.73 -41.35 -21.60
CA PHE A 80 98.37 -40.40 -22.48
C PHE A 80 98.38 -38.98 -21.94
N PHE A 81 97.66 -38.69 -20.87
CA PHE A 81 97.61 -37.35 -20.27
C PHE A 81 97.86 -37.45 -18.77
N THR A 82 98.54 -36.44 -18.23
CA THR A 82 98.76 -36.34 -16.79
C THR A 82 97.63 -35.52 -16.17
N LEU A 83 96.97 -36.08 -15.17
CA LEU A 83 95.84 -35.45 -14.53
C LEU A 83 96.30 -34.81 -13.21
N SER A 84 96.07 -33.51 -13.08
CA SER A 84 96.37 -32.79 -11.86
C SER A 84 95.20 -32.85 -10.89
N ASP A 85 95.46 -32.49 -9.63
CA ASP A 85 94.41 -32.46 -8.63
C ASP A 85 93.65 -31.13 -8.70
N SER A 86 93.81 -30.42 -9.81
CA SER A 86 92.98 -29.26 -10.13
C SER A 86 92.20 -29.49 -11.42
N ASN A 87 92.11 -30.75 -11.87
CA ASN A 87 91.33 -31.14 -13.04
C ASN A 87 91.84 -30.45 -14.31
N THR A 88 93.10 -30.73 -14.63
CA THR A 88 93.69 -30.28 -15.89
C THR A 88 94.46 -31.44 -16.51
N TYR A 89 94.32 -31.58 -17.84
CA TYR A 89 94.97 -32.64 -18.59
C TYR A 89 96.09 -32.03 -19.43
N THR A 90 97.32 -32.52 -19.26
CA THR A 90 98.43 -32.07 -20.07
C THR A 90 99.09 -33.25 -20.76
N PRO A 91 99.52 -33.10 -22.01
CA PRO A 91 100.12 -34.24 -22.71
C PRO A 91 101.44 -34.65 -22.08
N ARG A 92 101.77 -35.94 -22.25
CA ARG A 92 103.04 -36.47 -21.79
C ARG A 92 104.17 -36.26 -22.78
N SER A 93 103.90 -35.64 -23.92
CA SER A 93 104.88 -35.58 -25.00
C SER A 93 106.03 -34.65 -24.63
N ILE A 94 107.17 -34.89 -25.29
CA ILE A 94 108.37 -34.08 -25.15
C ILE A 94 108.72 -33.52 -26.52
N LEU A 95 108.90 -32.21 -26.59
CA LEU A 95 109.18 -31.52 -27.86
C LEU A 95 110.66 -31.26 -27.99
N ILE A 96 111.24 -31.68 -29.10
CA ILE A 96 112.65 -31.46 -29.39
C ILE A 96 112.76 -30.91 -30.81
N ASP A 97 113.47 -29.79 -30.96
CA ASP A 97 113.64 -29.18 -32.27
C ASP A 97 114.88 -28.29 -32.24
N MET A 98 115.44 -28.07 -33.42
CA MET A 98 116.63 -27.21 -33.54
C MET A 98 116.28 -25.73 -33.49
N GLU A 99 115.06 -25.35 -33.89
CA GLU A 99 114.68 -23.95 -33.97
C GLU A 99 113.41 -23.70 -33.16
N PRO A 100 113.21 -22.47 -32.65
CA PRO A 100 112.06 -22.22 -31.78
C PRO A 100 110.77 -21.88 -32.52
N SER A 101 110.81 -21.66 -33.84
CA SER A 101 109.60 -21.26 -34.54
C SER A 101 108.56 -22.37 -34.54
N VAL A 102 108.98 -23.61 -34.82
CA VAL A 102 108.03 -24.72 -34.89
C VAL A 102 107.46 -25.00 -33.51
N ILE A 103 108.32 -25.00 -32.49
CA ILE A 103 107.86 -25.27 -31.14
C ILE A 103 106.93 -24.16 -30.67
N ALA A 104 107.23 -22.91 -31.04
CA ALA A 104 106.35 -21.80 -30.68
C ALA A 104 104.98 -21.96 -31.32
N LYS A 105 104.94 -22.32 -32.59
CA LYS A 105 103.64 -22.54 -33.24
C LYS A 105 102.89 -23.67 -32.54
N SER A 106 103.57 -24.77 -32.27
CA SER A 106 102.89 -25.91 -31.66
C SER A 106 102.35 -25.57 -30.28
N THR A 107 103.15 -24.88 -29.46
CA THR A 107 102.71 -24.52 -28.12
C THR A 107 101.57 -23.52 -28.15
N SER A 108 101.65 -22.51 -29.02
CA SER A 108 100.58 -21.53 -29.12
C SER A 108 99.28 -22.16 -29.58
N ALA A 109 99.36 -23.10 -30.53
CA ALA A 109 98.16 -23.76 -31.01
C ALA A 109 97.48 -24.56 -29.90
N LEU A 110 98.28 -25.22 -29.06
CA LEU A 110 97.78 -26.04 -27.96
C LEU A 110 98.39 -25.51 -26.66
N PRO A 111 97.71 -24.60 -25.97
CA PRO A 111 98.31 -23.99 -24.77
C PRO A 111 98.57 -24.97 -23.64
N MET A 112 97.91 -26.13 -23.63
CA MET A 112 98.05 -27.05 -22.50
C MET A 112 99.36 -27.84 -22.52
N PHE A 113 100.21 -27.67 -23.53
CA PHE A 113 101.57 -28.20 -23.45
C PHE A 113 102.30 -27.61 -22.26
N ASN A 114 103.09 -28.45 -21.60
CA ASN A 114 103.94 -27.98 -20.50
C ASN A 114 105.23 -27.40 -21.09
N PRO A 115 105.51 -26.11 -20.90
CA PRO A 115 106.76 -25.54 -21.45
C PRO A 115 108.02 -26.19 -20.91
N ARG A 116 107.97 -26.76 -19.71
CA ARG A 116 109.17 -27.37 -19.13
C ARG A 116 109.70 -28.53 -19.97
N ASN A 117 108.86 -29.14 -20.80
CA ASN A 117 109.27 -30.28 -21.61
C ASN A 117 109.86 -29.89 -22.96
N VAL A 118 109.92 -28.59 -23.27
CA VAL A 118 110.45 -28.11 -24.54
C VAL A 118 111.97 -27.97 -24.42
N HIS A 119 112.68 -28.50 -25.40
CA HIS A 119 114.14 -28.38 -25.48
C HIS A 119 114.49 -27.78 -26.84
N LEU A 120 115.48 -26.90 -26.86
CA LEU A 120 115.99 -26.35 -28.11
C LEU A 120 117.49 -26.57 -28.24
N TRP A 131 123.94 -34.14 -40.80
CA TRP A 131 123.43 -35.14 -39.86
C TRP A 131 124.44 -35.40 -38.75
N ILE A 132 125.69 -35.64 -39.13
CA ILE A 132 126.72 -35.94 -38.15
C ILE A 132 126.90 -34.78 -37.18
N ASN A 133 126.79 -33.54 -37.69
CA ASN A 133 126.89 -32.39 -36.80
C ASN A 133 125.76 -32.40 -35.77
N GLY A 134 124.53 -32.72 -36.22
CA GLY A 134 123.43 -32.80 -35.27
C GLY A 134 123.61 -33.91 -34.25
N TYR A 135 124.14 -35.05 -34.69
CA TYR A 135 124.37 -36.16 -33.76
C TYR A 135 125.43 -35.82 -32.73
N LYS A 136 126.52 -35.16 -33.18
CA LYS A 136 127.53 -34.70 -32.24
C LYS A 136 126.97 -33.64 -31.29
N TYR A 137 126.09 -32.78 -31.78
CA TYR A 137 125.38 -31.85 -30.91
C TYR A 137 124.52 -32.58 -29.89
N GLY A 138 123.87 -33.68 -30.30
CA GLY A 138 123.09 -34.46 -29.36
C GLY A 138 123.96 -35.08 -28.28
N THR A 139 125.19 -35.45 -28.62
CA THR A 139 126.10 -35.95 -27.59
C THR A 139 126.34 -34.90 -26.51
N GLU A 140 126.51 -33.63 -26.91
CA GLU A 140 126.79 -32.60 -25.93
C GLU A 140 125.63 -32.42 -24.96
N GLU A 141 124.39 -32.48 -25.46
CA GLU A 141 123.20 -32.28 -24.65
C GLU A 141 122.66 -33.58 -24.07
N GLU A 142 123.50 -34.63 -23.99
CA GLU A 142 123.01 -35.93 -23.53
C GLU A 142 122.50 -35.87 -22.10
N GLU A 143 123.21 -35.15 -21.22
CA GLU A 143 122.83 -35.12 -19.81
C GLU A 143 121.47 -34.45 -19.63
N THR A 144 121.25 -33.32 -20.30
CA THR A 144 120.01 -32.56 -20.13
C THR A 144 118.83 -33.37 -20.63
N LEU A 145 118.97 -34.01 -21.79
CA LEU A 145 117.89 -34.82 -22.34
C LEU A 145 117.64 -36.06 -21.49
N LEU A 146 118.70 -36.68 -20.96
CA LEU A 146 118.51 -37.85 -20.12
C LEU A 146 117.72 -37.50 -18.87
N ASN A 147 118.07 -36.39 -18.22
CA ASN A 147 117.29 -35.94 -17.07
C ASN A 147 115.87 -35.55 -17.46
N LEU A 148 115.71 -34.91 -18.62
CA LEU A 148 114.38 -34.48 -19.06
C LEU A 148 113.46 -35.68 -19.24
N ILE A 149 113.96 -36.76 -19.85
CA ILE A 149 113.14 -37.95 -20.03
C ILE A 149 112.90 -38.65 -18.70
N ASP A 150 113.93 -38.69 -17.83
CA ASP A 150 113.74 -39.31 -16.53
C ASP A 150 112.67 -38.60 -15.73
N ARG A 151 112.48 -37.30 -15.95
CA ARG A 151 111.39 -36.61 -15.25
C ARG A 151 110.03 -37.19 -15.63
N GLU A 152 109.79 -37.37 -16.93
CA GLU A 152 108.52 -37.95 -17.36
C GLU A 152 108.36 -39.37 -16.85
N VAL A 153 109.44 -40.16 -16.88
CA VAL A 153 109.33 -41.53 -16.39
C VAL A 153 108.99 -41.55 -14.90
N ASP A 154 109.61 -40.67 -14.13
CA ASP A 154 109.27 -40.59 -12.71
C ASP A 154 107.83 -40.12 -12.50
N LYS A 155 107.34 -39.25 -13.39
CA LYS A 155 106.00 -38.70 -13.18
C LYS A 155 104.91 -39.75 -13.38
N CYS A 156 105.11 -40.71 -14.27
CA CYS A 156 104.11 -41.74 -14.49
C CYS A 156 104.25 -42.85 -13.45
N ASP A 157 103.19 -43.64 -13.32
CA ASP A 157 103.12 -44.70 -12.32
C ASP A 157 103.71 -46.02 -12.82
N ASN A 158 103.33 -46.44 -14.02
CA ASN A 158 103.78 -47.70 -14.59
C ASN A 158 103.99 -47.51 -16.09
N LEU A 159 105.24 -47.28 -16.48
CA LEU A 159 105.55 -47.01 -17.88
C LEU A 159 105.41 -48.28 -18.71
N SER A 160 104.90 -48.13 -19.94
CA SER A 160 104.72 -49.24 -20.86
C SER A 160 105.63 -49.14 -22.07
N ASN A 161 105.57 -48.04 -22.82
CA ASN A 161 106.31 -47.93 -24.07
C ASN A 161 106.59 -46.47 -24.39
N PHE A 162 107.58 -46.26 -25.25
CA PHE A 162 107.93 -44.94 -25.75
C PHE A 162 107.46 -44.82 -27.20
N GLN A 163 106.67 -43.78 -27.48
CA GLN A 163 106.32 -43.43 -28.85
C GLN A 163 107.27 -42.35 -29.34
N LEU A 164 107.65 -42.43 -30.61
CA LEU A 164 108.56 -41.46 -31.21
C LEU A 164 107.99 -41.03 -32.55
N PHE A 165 107.82 -39.73 -32.72
CA PHE A 165 107.39 -39.14 -33.99
C PHE A 165 108.57 -38.38 -34.56
N HIS A 166 109.11 -38.86 -35.68
CA HIS A 166 110.25 -38.21 -36.30
C HIS A 166 110.30 -38.57 -37.77
N SER A 167 111.06 -37.78 -38.53
CA SER A 167 111.24 -37.98 -39.95
C SER A 167 112.65 -38.46 -40.22
N VAL A 168 112.78 -39.53 -41.00
CA VAL A 168 114.10 -40.07 -41.33
C VAL A 168 114.88 -39.07 -42.17
N ALA A 169 114.20 -38.37 -43.07
CA ALA A 169 114.84 -37.41 -43.97
C ALA A 169 114.90 -36.00 -43.39
N GLY A 170 114.90 -35.88 -42.06
CA GLY A 170 114.84 -34.58 -41.41
C GLY A 170 116.15 -33.86 -41.24
N GLY A 171 117.25 -34.40 -41.74
CA GLY A 171 118.54 -33.75 -41.57
C GLY A 171 119.01 -33.73 -40.14
N THR A 172 119.23 -32.54 -39.59
CA THR A 172 119.81 -32.43 -38.25
C THR A 172 118.88 -33.03 -37.20
N GLY A 173 117.58 -32.74 -37.32
CA GLY A 173 116.63 -33.31 -36.38
C GLY A 173 116.62 -34.82 -36.40
N SER A 174 116.82 -35.40 -37.58
CA SER A 174 116.95 -36.85 -37.65
C SER A 174 118.17 -37.33 -36.89
N GLY A 175 119.25 -36.55 -36.89
CA GLY A 175 120.42 -36.91 -36.11
C GLY A 175 120.14 -36.88 -34.61
N VAL A 176 119.47 -35.82 -34.14
CA VAL A 176 119.20 -35.75 -32.71
C VAL A 176 118.23 -36.86 -32.28
N GLY A 177 117.26 -37.20 -33.14
CA GLY A 177 116.39 -38.32 -32.83
C GLY A 177 117.13 -39.66 -32.83
N SER A 178 118.08 -39.81 -33.75
CA SER A 178 118.89 -41.03 -33.77
C SER A 178 119.70 -41.16 -32.49
N LYS A 179 120.19 -40.04 -31.95
CA LYS A 179 120.86 -40.08 -30.66
C LYS A 179 119.87 -40.34 -29.52
N MET A 180 118.64 -39.84 -29.64
CA MET A 180 117.63 -40.07 -28.63
C MET A 180 117.36 -41.57 -28.47
N LEU A 181 117.23 -42.27 -29.60
CA LEU A 181 116.98 -43.71 -29.52
C LEU A 181 118.11 -44.41 -28.78
N GLU A 182 119.36 -44.05 -29.08
CA GLU A 182 120.49 -44.71 -28.43
C GLU A 182 120.47 -44.47 -26.94
N VAL A 183 120.27 -43.22 -26.51
CA VAL A 183 120.36 -42.94 -25.08
C VAL A 183 119.22 -43.61 -24.34
N ILE A 184 118.01 -43.58 -24.90
CA ILE A 184 116.88 -44.21 -24.23
C ILE A 184 117.10 -45.71 -24.10
N SER A 185 117.51 -46.36 -25.20
CA SER A 185 117.70 -47.80 -25.16
C SER A 185 118.79 -48.17 -24.18
N ASP A 186 119.85 -47.37 -24.11
CA ASP A 186 120.93 -47.67 -23.18
C ASP A 186 120.45 -47.55 -21.73
N ARG A 187 119.81 -46.43 -21.38
CA ARG A 187 119.53 -46.21 -19.96
C ARG A 187 118.41 -47.12 -19.47
N TYR A 188 117.34 -47.28 -20.24
CA TYR A 188 116.20 -48.06 -19.75
C TYR A 188 116.25 -49.53 -20.15
N GLY A 189 117.35 -49.99 -20.73
CA GLY A 189 117.42 -51.40 -21.06
C GLY A 189 116.39 -51.76 -22.11
N HIS A 190 115.96 -53.02 -22.07
CA HIS A 190 115.01 -53.55 -23.06
C HIS A 190 113.69 -53.97 -22.43
N LYS A 191 113.47 -53.65 -21.15
CA LYS A 191 112.18 -53.98 -20.53
C LYS A 191 111.06 -53.11 -21.08
N LYS A 192 111.35 -51.88 -21.46
CA LYS A 192 110.38 -50.98 -22.06
C LYS A 192 110.66 -50.89 -23.56
N LEU A 193 109.65 -51.20 -24.37
CA LEU A 193 109.80 -51.19 -25.82
C LEU A 193 109.53 -49.79 -26.38
N LEU A 194 109.98 -49.58 -27.61
CA LEU A 194 109.87 -48.30 -28.29
C LEU A 194 109.12 -48.49 -29.61
N ASN A 195 108.25 -47.52 -29.93
CA ASN A 195 107.54 -47.50 -31.19
C ASN A 195 107.87 -46.20 -31.91
N THR A 196 108.31 -46.31 -33.15
CA THR A 196 108.74 -45.16 -33.93
C THR A 196 107.85 -45.04 -35.16
N PHE A 197 107.13 -43.93 -35.27
CA PHE A 197 106.33 -43.63 -36.47
C PHE A 197 107.17 -42.83 -37.45
N SER A 198 108.21 -43.47 -37.96
CA SER A 198 109.17 -42.80 -38.83
C SER A 198 108.55 -42.49 -40.18
N ILE A 199 108.73 -41.27 -40.65
CA ILE A 199 108.28 -40.86 -41.99
C ILE A 199 109.45 -41.00 -42.95
N PHE A 200 109.27 -41.82 -43.98
CA PHE A 200 110.35 -42.07 -44.93
C PHE A 200 110.46 -40.97 -45.96
N PRO A 201 111.61 -40.86 -46.63
CA PRO A 201 111.77 -39.86 -47.68
C PRO A 201 110.86 -40.14 -48.87
N SER A 202 110.49 -39.08 -49.57
CA SER A 202 109.69 -39.22 -50.78
C SER A 202 110.44 -40.02 -51.82
N VAL A 211 121.98 -35.71 -51.53
CA VAL A 211 122.62 -35.86 -50.22
C VAL A 211 121.70 -36.64 -49.28
N GLN A 212 120.41 -36.65 -49.59
CA GLN A 212 119.45 -37.35 -48.74
C GLN A 212 119.77 -38.82 -48.53
N PRO A 213 120.26 -39.58 -49.52
CA PRO A 213 120.54 -41.00 -49.29
C PRO A 213 121.46 -41.26 -48.11
N TYR A 214 122.50 -40.43 -47.95
CA TYR A 214 123.40 -40.60 -46.81
C TYR A 214 122.63 -40.49 -45.50
N ASN A 215 121.78 -39.46 -45.38
CA ASN A 215 121.04 -39.25 -44.15
C ASN A 215 120.09 -40.40 -43.89
N THR A 216 119.41 -40.88 -44.93
CA THR A 216 118.47 -41.97 -44.75
C THR A 216 119.18 -43.23 -44.27
N ILE A 217 120.38 -43.51 -44.79
CA ILE A 217 121.10 -44.71 -44.37
C ILE A 217 121.59 -44.56 -42.93
N LEU A 218 122.11 -43.37 -42.59
CA LEU A 218 122.61 -43.16 -41.24
C LEU A 218 121.50 -43.26 -40.21
N THR A 219 120.31 -42.74 -40.53
CA THR A 219 119.22 -42.87 -39.58
C THR A 219 118.66 -44.28 -39.54
N LEU A 220 118.63 -44.97 -40.68
CA LEU A 220 118.06 -46.31 -40.71
C LEU A 220 118.92 -47.30 -39.95
N LYS A 221 120.24 -47.08 -39.88
CA LYS A 221 121.08 -47.97 -39.10
C LYS A 221 120.63 -48.01 -37.64
N ARG A 222 120.46 -46.84 -37.02
CA ARG A 222 120.03 -46.80 -35.62
C ARG A 222 118.57 -47.19 -35.48
N LEU A 223 117.74 -46.88 -36.49
CA LEU A 223 116.35 -47.31 -36.44
C LEU A 223 116.24 -48.82 -36.39
N ILE A 224 117.06 -49.52 -37.18
CA ILE A 224 117.07 -50.98 -37.13
C ILE A 224 117.62 -51.45 -35.79
N ASP A 225 118.70 -50.83 -35.31
CA ASP A 225 119.35 -51.36 -34.13
C ASP A 225 118.47 -51.26 -32.88
N TYR A 226 117.84 -50.10 -32.65
CA TYR A 226 117.25 -49.83 -31.35
C TYR A 226 115.73 -49.86 -31.31
N SER A 227 115.04 -49.56 -32.39
CA SER A 227 113.58 -49.56 -32.36
C SER A 227 113.06 -50.98 -32.19
N ASP A 228 111.90 -51.09 -31.53
CA ASP A 228 111.25 -52.38 -31.30
C ASP A 228 110.08 -52.65 -32.24
N ALA A 229 109.41 -51.60 -32.72
CA ALA A 229 108.34 -51.77 -33.69
C ALA A 229 108.20 -50.46 -34.46
N THR A 230 108.65 -50.45 -35.70
CA THR A 230 108.76 -49.22 -36.49
C THR A 230 107.72 -49.21 -37.58
N PHE A 231 106.82 -48.24 -37.55
CA PHE A 231 105.90 -48.02 -38.65
C PHE A 231 106.62 -47.33 -39.80
N VAL A 232 106.15 -47.58 -41.02
CA VAL A 232 106.73 -46.99 -42.22
C VAL A 232 105.65 -46.18 -42.92
N PHE A 233 105.92 -44.90 -43.13
CA PHE A 233 105.02 -44.01 -43.85
C PHE A 233 105.79 -43.33 -44.97
N HIS A 234 105.17 -43.24 -46.14
CA HIS A 234 105.76 -42.58 -47.30
C HIS A 234 104.90 -41.39 -47.68
N ASN A 235 105.51 -40.23 -47.88
CA ASN A 235 104.76 -39.07 -48.34
C ASN A 235 104.16 -39.31 -49.71
N ASP A 236 104.79 -40.16 -50.53
CA ASP A 236 104.28 -40.42 -51.87
C ASP A 236 102.90 -41.07 -51.79
N SER A 237 102.78 -42.12 -51.00
CA SER A 237 101.50 -42.82 -50.89
C SER A 237 100.47 -41.99 -50.14
N LEU A 238 100.91 -41.16 -49.19
CA LEU A 238 99.97 -40.30 -48.48
C LEU A 238 99.35 -39.27 -49.42
N ASN A 239 100.16 -38.59 -50.22
CA ASN A 239 99.58 -37.63 -51.15
C ASN A 239 98.82 -38.33 -52.28
N ARG A 240 99.22 -39.56 -52.63
CA ARG A 240 98.44 -40.32 -53.59
C ARG A 240 97.05 -40.64 -53.03
N ILE A 241 96.98 -41.01 -51.76
CA ILE A 241 95.68 -41.26 -51.12
C ILE A 241 94.85 -39.99 -51.11
N GLU A 242 95.46 -38.86 -50.75
CA GLU A 242 94.70 -37.62 -50.70
C GLU A 242 94.13 -37.27 -52.07
N ASN A 243 94.80 -37.65 -53.15
CA ASN A 243 94.30 -37.40 -54.49
C ASN A 243 93.05 -38.23 -54.76
N GLY A 262 97.48 -31.19 -43.71
CA GLY A 262 97.12 -31.92 -44.90
C GLY A 262 97.48 -33.39 -44.83
N ALA A 263 98.66 -33.74 -45.32
CA ALA A 263 99.10 -35.13 -45.29
C ALA A 263 99.37 -35.63 -43.88
N ASN A 264 99.70 -34.73 -42.95
CA ASN A 264 99.93 -35.15 -41.58
C ASN A 264 98.66 -35.66 -40.91
N LYS A 265 97.48 -35.31 -41.43
CA LYS A 265 96.18 -35.71 -40.82
C LYS A 265 95.96 -37.21 -41.02
N LEU A 266 96.56 -37.85 -42.04
CA LEU A 266 96.47 -39.30 -42.20
C LEU A 266 97.35 -40.01 -41.19
N ILE A 267 98.58 -39.53 -41.01
CA ILE A 267 99.49 -40.16 -40.05
C ILE A 267 98.94 -40.01 -38.64
N ALA A 268 98.41 -38.82 -38.32
CA ALA A 268 97.83 -38.62 -37.00
C ALA A 268 96.66 -39.55 -36.76
N LEU A 269 95.80 -39.73 -37.77
CA LEU A 269 94.65 -40.60 -37.64
C LEU A 269 95.07 -42.05 -37.42
N VAL A 270 96.07 -42.51 -38.19
CA VAL A 270 96.52 -43.89 -38.04
C VAL A 270 97.11 -44.11 -36.67
N SER A 271 97.99 -43.19 -36.22
CA SER A 271 98.62 -43.35 -34.92
C SER A 271 97.59 -43.28 -33.80
N ALA A 272 96.60 -42.40 -33.92
CA ALA A 272 95.57 -42.31 -32.88
C ALA A 272 94.73 -43.58 -32.83
N SER A 273 94.40 -44.15 -33.99
CA SER A 273 93.59 -45.36 -34.00
C SER A 273 94.38 -46.59 -33.55
N VAL A 274 95.70 -46.59 -33.73
CA VAL A 274 96.48 -47.79 -33.39
C VAL A 274 96.34 -48.12 -31.91
N SER A 275 96.21 -47.11 -31.07
CA SER A 275 96.11 -47.30 -29.62
C SER A 275 94.68 -47.24 -29.11
N ASN A 276 93.70 -47.28 -30.00
CA ASN A 276 92.30 -47.19 -29.58
C ASN A 276 91.91 -48.22 -28.53
N PRO A 277 92.30 -49.49 -28.63
CA PRO A 277 91.90 -50.46 -27.61
C PRO A 277 92.43 -50.14 -26.22
N LEU A 278 93.48 -49.31 -26.12
CA LEU A 278 94.03 -48.97 -24.82
C LEU A 278 93.21 -47.85 -24.17
N ARG A 279 92.86 -46.82 -24.93
CA ARG A 279 92.18 -45.66 -24.37
C ARG A 279 90.69 -45.91 -24.17
N PHE A 280 90.10 -46.79 -24.97
CA PHE A 280 88.67 -47.12 -24.89
C PHE A 280 88.58 -48.63 -24.67
N PRO A 281 88.74 -49.09 -23.43
CA PRO A 281 88.91 -50.51 -23.19
C PRO A 281 87.69 -51.33 -23.57
N GLY A 282 87.96 -52.57 -23.98
CA GLY A 282 86.92 -53.51 -24.29
C GLY A 282 87.21 -54.87 -23.67
N TYR A 283 86.80 -55.95 -24.34
CA TYR A 283 87.05 -57.28 -23.82
C TYR A 283 88.50 -57.72 -23.96
N MET A 284 89.27 -57.14 -24.87
CA MET A 284 90.53 -57.75 -25.27
C MET A 284 91.49 -56.68 -25.76
N TYR A 285 92.76 -57.05 -25.89
CA TYR A 285 93.81 -56.15 -26.39
C TYR A 285 93.98 -54.93 -25.50
N SER A 286 94.05 -55.17 -24.19
CA SER A 286 94.12 -54.09 -23.22
C SER A 286 95.52 -53.52 -23.05
N SER A 287 96.53 -54.03 -23.75
CA SER A 287 97.91 -53.58 -23.55
C SER A 287 98.63 -53.54 -24.89
N MET A 288 99.65 -52.69 -24.96
CA MET A 288 100.43 -52.56 -26.19
C MET A 288 101.21 -53.83 -26.49
N GLU A 289 101.60 -54.58 -25.45
CA GLU A 289 102.30 -55.84 -25.69
C GLU A 289 101.47 -56.77 -26.55
N SER A 290 100.17 -56.87 -26.25
CA SER A 290 99.30 -57.74 -27.03
C SER A 290 99.15 -57.26 -28.46
N ILE A 291 99.07 -55.94 -28.66
CA ILE A 291 98.89 -55.40 -30.00
C ILE A 291 100.13 -55.65 -30.84
N VAL A 292 101.31 -55.41 -30.28
CA VAL A 292 102.54 -55.51 -31.07
C VAL A 292 102.95 -56.96 -31.26
N SER A 293 102.84 -57.78 -30.22
CA SER A 293 103.33 -59.14 -30.29
C SER A 293 102.65 -59.95 -31.40
N ASN A 294 101.46 -59.53 -31.81
CA ASN A 294 100.76 -60.22 -32.88
C ASN A 294 101.35 -59.94 -34.25
N LEU A 295 102.28 -58.99 -34.35
CA LEU A 295 102.78 -58.53 -35.64
C LEU A 295 104.29 -58.66 -35.82
N ILE A 296 105.02 -59.07 -34.79
CA ILE A 296 106.48 -59.12 -34.85
C ILE A 296 106.96 -60.50 -34.44
N PRO A 297 106.84 -61.51 -35.31
CA PRO A 297 107.32 -62.85 -34.92
C PRO A 297 108.80 -62.89 -34.59
N THR A 298 109.62 -62.08 -35.25
CA THR A 298 111.06 -62.07 -35.05
C THR A 298 111.53 -60.64 -34.89
N PRO A 299 112.48 -60.37 -33.99
CA PRO A 299 112.92 -58.97 -33.81
C PRO A 299 113.57 -58.37 -35.04
N ASP A 300 114.03 -59.19 -35.99
CA ASP A 300 114.59 -58.65 -37.22
C ASP A 300 113.51 -57.99 -38.08
N LEU A 301 112.39 -58.68 -38.28
CA LEU A 301 111.29 -58.17 -39.07
C LEU A 301 110.43 -57.27 -38.19
N LYS A 302 110.81 -56.01 -38.11
CA LYS A 302 110.17 -55.06 -37.21
C LYS A 302 109.46 -53.92 -37.91
N PHE A 303 109.42 -53.90 -39.24
CA PHE A 303 108.82 -52.80 -39.98
C PHE A 303 107.39 -53.17 -40.38
N LEU A 304 106.47 -52.26 -40.14
CA LEU A 304 105.05 -52.50 -40.33
C LEU A 304 104.51 -51.63 -41.46
N THR A 305 103.60 -52.18 -42.24
CA THR A 305 102.89 -51.45 -43.28
C THR A 305 101.45 -51.23 -42.82
N SER A 306 101.01 -49.98 -42.86
CA SER A 306 99.69 -49.59 -42.39
C SER A 306 98.81 -49.23 -43.56
N SER A 307 97.56 -49.69 -43.52
CA SER A 307 96.56 -49.41 -44.54
C SER A 307 95.36 -48.75 -43.90
N ILE A 308 94.79 -47.76 -44.59
CA ILE A 308 93.66 -46.99 -44.08
C ILE A 308 92.59 -46.94 -45.15
N ALA A 309 91.34 -47.18 -44.74
CA ALA A 309 90.21 -47.05 -45.65
C ALA A 309 89.78 -45.59 -45.71
N PRO A 310 89.91 -44.90 -46.86
CA PRO A 310 89.57 -43.48 -46.91
C PRO A 310 88.10 -43.19 -47.10
N PHE A 311 87.33 -44.12 -47.68
CA PHE A 311 85.94 -43.86 -48.03
C PHE A 311 85.08 -43.96 -46.78
N SER A 312 84.99 -42.84 -46.06
CA SER A 312 84.09 -42.75 -44.92
C SER A 312 83.60 -41.31 -44.81
N THR A 313 82.46 -41.16 -44.15
CA THR A 313 81.83 -39.86 -43.93
C THR A 313 81.24 -39.27 -45.22
N GLN A 314 81.43 -39.93 -46.35
CA GLN A 314 80.69 -39.61 -47.55
C GLN A 314 79.36 -40.37 -47.58
N LYS A 315 78.47 -39.96 -48.48
CA LYS A 315 77.20 -40.66 -48.65
C LYS A 315 77.44 -42.10 -49.11
N HIS A 316 78.35 -42.30 -50.05
CA HIS A 316 78.59 -43.66 -50.62
C HIS A 316 79.64 -44.37 -49.75
N ASN A 317 79.53 -44.42 -48.42
CA ASN A 317 80.46 -45.13 -47.56
C ASN A 317 80.32 -46.64 -47.74
N TYR A 318 81.26 -47.37 -47.16
CA TYR A 318 81.15 -48.83 -47.12
C TYR A 318 79.88 -49.22 -46.39
N LEU A 319 79.06 -50.04 -47.04
CA LEU A 319 77.74 -50.34 -46.50
C LEU A 319 77.81 -51.30 -45.32
N ASN A 320 78.81 -52.17 -45.28
CA ASN A 320 78.94 -53.12 -44.18
C ASN A 320 80.39 -53.25 -43.74
N GLU A 321 80.57 -53.61 -42.48
CA GLU A 321 81.91 -53.89 -41.97
C GLU A 321 82.57 -55.02 -42.75
N TYR A 322 81.76 -55.94 -43.30
CA TYR A 322 82.31 -56.99 -44.13
C TYR A 322 82.99 -56.43 -45.37
N ASP A 323 82.38 -55.42 -45.99
CA ASP A 323 83.01 -54.75 -47.12
C ASP A 323 84.21 -53.93 -46.68
N MET A 324 84.21 -53.45 -45.44
CA MET A 324 85.41 -52.82 -44.89
C MET A 324 86.55 -53.82 -44.80
N LEU A 325 86.28 -55.04 -44.33
CA LEU A 325 87.33 -56.04 -44.24
C LEU A 325 87.83 -56.45 -45.61
N LEU A 326 86.93 -56.57 -46.59
CA LEU A 326 87.37 -56.99 -47.92
C LEU A 326 88.15 -55.88 -48.62
N GLU A 327 87.66 -54.65 -48.55
CA GLU A 327 88.28 -53.53 -49.27
C GLU A 327 89.38 -52.84 -48.49
N LEU A 328 89.65 -53.25 -47.25
CA LEU A 328 90.80 -52.70 -46.55
C LEU A 328 92.11 -53.24 -47.09
N SER A 329 92.08 -54.36 -47.80
CA SER A 329 93.29 -55.02 -48.28
C SER A 329 93.76 -54.50 -49.64
N ASN A 330 93.06 -53.54 -50.23
CA ASN A 330 93.49 -53.01 -51.52
C ASN A 330 94.87 -52.38 -51.40
N ASP A 331 95.71 -52.65 -52.40
CA ASP A 331 97.08 -52.15 -52.36
C ASP A 331 97.16 -50.65 -52.57
N ARG A 332 96.12 -50.03 -53.12
CA ARG A 332 96.16 -48.59 -53.36
C ARG A 332 96.03 -47.79 -52.07
N TYR A 333 95.39 -48.34 -51.04
CA TYR A 333 95.22 -47.62 -49.78
C TYR A 333 96.43 -47.72 -48.87
N LYS A 334 97.39 -48.58 -49.16
CA LYS A 334 98.55 -48.71 -48.29
C LYS A 334 99.37 -47.42 -48.29
N THR A 335 99.99 -47.13 -47.15
CA THR A 335 100.73 -45.89 -46.96
C THR A 335 102.18 -46.00 -47.38
N ASN A 336 102.50 -46.94 -48.27
CA ASN A 336 103.85 -47.05 -48.79
C ASN A 336 103.80 -47.70 -50.17
N ARG A 337 104.75 -47.32 -51.02
CA ARG A 337 104.79 -47.84 -52.38
C ARG A 337 104.99 -49.35 -52.37
N VAL A 338 104.21 -50.05 -53.19
CA VAL A 338 104.28 -51.49 -53.31
C VAL A 338 104.75 -51.83 -54.72
N GLY A 340 104.71 -54.74 -56.22
CA GLY A 340 103.99 -55.80 -56.87
C GLY A 340 103.49 -56.87 -55.92
N ASP A 341 103.73 -58.13 -56.23
CA ASP A 341 103.27 -59.23 -55.40
C ASP A 341 103.96 -59.19 -54.04
N THR A 342 103.18 -59.40 -52.98
CA THR A 342 103.68 -59.33 -51.62
C THR A 342 103.14 -60.51 -50.82
N SER A 343 103.88 -60.88 -49.77
CA SER A 343 103.46 -61.94 -48.85
C SER A 343 103.31 -61.34 -47.46
N TYR A 344 102.19 -61.62 -46.82
CA TYR A 344 101.87 -61.04 -45.51
C TYR A 344 102.45 -61.91 -44.41
N ILE A 345 103.12 -61.28 -43.45
CA ILE A 345 103.67 -62.00 -42.30
C ILE A 345 102.69 -62.02 -41.14
N SER A 346 101.99 -60.92 -40.91
CA SER A 346 101.00 -60.87 -39.84
C SER A 346 99.96 -59.81 -40.16
N MET A 347 98.81 -59.94 -39.52
CA MET A 347 97.66 -59.09 -39.80
C MET A 347 96.97 -58.69 -38.51
N LEU A 348 96.37 -57.50 -38.52
CA LEU A 348 95.47 -57.08 -37.44
C LEU A 348 94.65 -55.92 -37.96
N ASN A 349 93.33 -56.04 -37.89
CA ASN A 349 92.42 -55.07 -38.46
C ASN A 349 91.66 -54.35 -37.35
N TYR A 350 91.56 -53.04 -37.47
CA TYR A 350 90.80 -52.21 -36.54
C TYR A 350 89.45 -51.89 -37.13
N LEU A 351 88.39 -52.15 -36.37
CA LEU A 351 87.05 -51.72 -36.70
C LEU A 351 86.53 -50.89 -35.54
N ILE A 352 86.09 -49.67 -35.83
CA ILE A 352 85.74 -48.69 -34.81
C ILE A 352 84.36 -48.16 -35.13
N GLY A 353 83.35 -48.68 -34.46
CA GLY A 353 81.99 -48.19 -34.63
C GLY A 353 81.20 -48.43 -33.36
N ASP A 354 80.13 -47.65 -33.17
CA ASP A 354 79.30 -47.77 -31.95
C ASP A 354 78.78 -49.20 -31.81
N ASN A 355 78.24 -49.77 -32.90
CA ASN A 355 77.72 -51.13 -32.89
C ASN A 355 78.27 -51.89 -34.08
N LEU A 356 78.68 -53.14 -33.85
CA LEU A 356 79.30 -53.96 -34.87
C LEU A 356 78.58 -55.30 -34.95
N ASP A 357 78.18 -55.68 -36.17
CA ASP A 357 77.48 -56.94 -36.38
C ASP A 357 78.48 -58.08 -36.44
N GLN A 358 78.34 -59.05 -35.52
CA GLN A 358 79.34 -60.11 -35.41
C GLN A 358 79.37 -61.01 -36.64
N ARG A 359 78.20 -61.39 -37.16
CA ARG A 359 78.16 -62.36 -38.24
C ARG A 359 78.81 -61.81 -39.51
N GLU A 360 78.65 -60.52 -39.78
CA GLU A 360 79.38 -59.90 -40.89
C GLU A 360 80.87 -60.03 -40.70
N ILE A 361 81.35 -59.81 -39.47
CA ILE A 361 82.78 -59.88 -39.22
C ILE A 361 83.28 -61.30 -39.37
N ARG A 362 82.49 -62.29 -38.95
CA ARG A 362 82.91 -63.68 -39.14
C ARG A 362 83.04 -64.02 -40.62
N LYS A 363 82.05 -63.62 -41.42
CA LYS A 363 82.14 -63.89 -42.85
C LYS A 363 83.34 -63.18 -43.47
N GLY A 364 83.58 -61.93 -43.05
CA GLY A 364 84.72 -61.19 -43.59
C GLY A 364 86.04 -61.80 -43.20
N ILE A 365 86.15 -62.29 -41.97
CA ILE A 365 87.39 -62.94 -41.53
C ILE A 365 87.63 -64.19 -42.36
N LEU A 366 86.59 -64.99 -42.58
CA LEU A 366 86.78 -66.20 -43.38
C LEU A 366 87.25 -65.86 -44.79
N LYS A 367 86.60 -64.87 -45.43
CA LYS A 367 87.02 -64.51 -46.78
C LYS A 367 88.43 -63.95 -46.80
N SER A 368 88.78 -63.13 -45.81
CA SER A 368 90.11 -62.54 -45.76
C SER A 368 91.18 -63.62 -45.61
N GLN A 369 90.92 -64.63 -44.77
CA GLN A 369 91.87 -65.72 -44.64
C GLN A 369 92.00 -66.51 -45.93
N GLN A 370 90.89 -66.74 -46.62
CA GLN A 370 90.99 -67.50 -47.87
C GLN A 370 91.58 -66.69 -49.03
N ARG A 371 91.63 -65.36 -48.92
CA ARG A 371 92.12 -64.56 -50.04
C ARG A 371 93.59 -64.15 -49.92
N ILE A 372 94.10 -63.98 -48.70
CA ILE A 372 95.40 -63.35 -48.49
C ILE A 372 96.50 -64.39 -48.50
N SER A 373 97.64 -64.05 -49.10
CA SER A 373 98.77 -64.97 -49.23
C SER A 373 99.72 -64.77 -48.05
N PHE A 374 99.70 -65.71 -47.11
CA PHE A 374 100.61 -65.69 -45.98
C PHE A 374 101.88 -66.48 -46.31
N VAL A 375 102.94 -66.18 -45.57
CA VAL A 375 104.21 -66.90 -45.74
C VAL A 375 104.02 -68.31 -45.17
N PRO A 376 104.76 -69.31 -45.65
CA PRO A 376 104.47 -70.69 -45.24
C PRO A 376 104.57 -70.95 -43.74
N TRP A 377 105.52 -70.32 -43.04
CA TRP A 377 105.84 -70.70 -41.68
C TRP A 377 105.08 -69.91 -40.62
N VAL A 378 104.11 -69.08 -41.03
CA VAL A 378 103.33 -68.29 -40.10
C VAL A 378 101.99 -68.98 -39.88
N ALA A 379 101.42 -68.79 -38.70
CA ALA A 379 100.21 -69.50 -38.31
C ALA A 379 99.02 -69.20 -39.22
N ARG A 380 99.07 -68.12 -39.98
CA ARG A 380 97.99 -67.79 -40.93
C ARG A 380 96.71 -67.46 -40.17
N SER A 381 96.79 -66.49 -39.28
CA SER A 381 95.66 -66.03 -38.50
C SER A 381 95.43 -64.54 -38.74
N VAL A 382 94.16 -64.16 -38.89
CA VAL A 382 93.76 -62.77 -39.07
C VAL A 382 92.97 -62.35 -37.84
N LEU A 383 93.38 -61.26 -37.20
CA LEU A 383 92.80 -60.81 -35.95
C LEU A 383 92.07 -59.49 -36.19
N VAL A 384 90.84 -59.40 -35.68
CA VAL A 384 90.00 -58.22 -35.84
C VAL A 384 89.64 -57.71 -34.45
N VAL A 385 90.09 -56.51 -34.12
CA VAL A 385 89.74 -55.90 -32.83
C VAL A 385 88.48 -55.08 -32.97
N HIS A 386 87.59 -55.18 -31.99
CA HIS A 386 86.30 -54.49 -32.02
C HIS A 386 86.40 -53.19 -31.21
N GLY A 387 87.02 -52.19 -31.83
CA GLY A 387 87.18 -50.91 -31.16
C GLY A 387 85.84 -50.24 -30.89
N LYS A 388 85.83 -49.39 -29.88
CA LYS A 388 84.65 -48.64 -29.48
C LYS A 388 84.83 -47.17 -29.82
N LYS A 389 83.82 -46.57 -30.45
CA LYS A 389 83.90 -45.17 -30.83
C LYS A 389 83.75 -44.25 -29.62
N SER A 390 84.38 -43.09 -29.68
CA SER A 390 84.38 -42.18 -28.56
C SER A 390 82.99 -41.57 -28.36
N PRO A 391 82.53 -41.43 -27.12
CA PRO A 391 81.25 -40.72 -26.90
C PRO A 391 81.27 -39.29 -27.41
N TYR A 392 82.43 -38.65 -27.48
CA TYR A 392 82.51 -37.25 -27.88
C TYR A 392 82.41 -37.06 -29.38
N LEU A 393 82.35 -38.13 -30.17
CA LEU A 393 82.13 -38.06 -31.61
C LEU A 393 80.72 -38.55 -31.88
N LYS A 394 79.90 -37.69 -32.50
CA LYS A 394 78.46 -37.88 -32.53
C LYS A 394 78.07 -38.83 -33.64
N ASN A 395 77.81 -40.09 -33.28
CA ASN A 395 77.04 -41.01 -34.12
C ASN A 395 77.62 -41.13 -35.53
N THR A 396 78.93 -40.91 -35.67
CA THR A 396 79.55 -41.04 -36.99
C THR A 396 79.55 -42.50 -37.44
N ASN A 397 79.52 -42.69 -38.76
CA ASN A 397 79.52 -44.03 -39.33
C ASN A 397 80.84 -44.75 -39.08
N LEU A 398 80.84 -46.04 -39.40
CA LEU A 398 81.99 -46.91 -39.15
C LEU A 398 83.25 -46.40 -39.86
N GLU A 399 84.40 -46.57 -39.20
CA GLU A 399 85.69 -46.37 -39.84
C GLU A 399 86.65 -47.46 -39.34
N GLY A 400 87.71 -47.69 -40.10
CA GLY A 400 88.62 -48.78 -39.78
C GLY A 400 90.04 -48.57 -40.27
N ILE A 401 91.00 -49.14 -39.55
CA ILE A 401 92.42 -49.03 -39.87
C ILE A 401 93.00 -50.44 -39.91
N GLN A 402 93.89 -50.68 -40.87
CA GLN A 402 94.56 -51.97 -41.02
C GLN A 402 96.06 -51.80 -40.87
N VAL A 403 96.67 -52.62 -40.02
CA VAL A 403 98.11 -52.63 -39.81
C VAL A 403 98.62 -54.02 -40.15
N THR A 404 99.62 -54.09 -41.05
CA THR A 404 100.11 -55.35 -41.55
C THR A 404 101.63 -55.39 -41.49
N ASN A 405 102.17 -56.59 -41.61
CA ASN A 405 103.61 -56.82 -41.72
C ASN A 405 103.85 -57.58 -43.02
N ASN A 406 104.36 -56.89 -44.03
CA ASN A 406 104.53 -57.47 -45.36
C ASN A 406 106.01 -57.68 -45.66
N THR A 407 106.26 -58.41 -46.75
CA THR A 407 107.60 -58.54 -47.31
C THR A 407 107.87 -57.47 -48.36
N SER A 408 106.97 -56.50 -48.52
CA SER A 408 107.19 -55.41 -49.45
C SER A 408 108.30 -54.47 -49.00
N MET A 409 108.78 -54.61 -47.76
CA MET A 409 109.85 -53.75 -47.29
C MET A 409 111.11 -53.90 -48.11
N ILE A 410 111.29 -55.05 -48.79
CA ILE A 410 112.50 -55.26 -49.56
C ILE A 410 112.59 -54.26 -50.70
N ASP A 411 111.46 -53.89 -51.30
CA ASP A 411 111.49 -52.98 -52.44
C ASP A 411 111.99 -51.60 -52.02
N VAL A 412 111.43 -51.04 -50.95
CA VAL A 412 111.81 -49.70 -50.54
C VAL A 412 113.25 -49.68 -50.02
N PHE A 413 113.64 -50.71 -49.29
CA PHE A 413 115.01 -50.77 -48.80
C PHE A 413 115.99 -50.93 -49.95
N THR A 414 115.62 -51.73 -50.96
CA THR A 414 116.47 -51.83 -52.13
C THR A 414 116.58 -50.50 -52.85
N LYS A 415 115.49 -49.75 -52.95
CA LYS A 415 115.55 -48.44 -53.57
C LYS A 415 116.51 -47.53 -52.81
N ILE A 416 116.42 -47.52 -51.48
CA ILE A 416 117.30 -46.68 -50.68
C ILE A 416 118.75 -47.11 -50.88
N LEU A 417 119.02 -48.41 -50.88
CA LEU A 417 120.39 -48.89 -51.05
C LEU A 417 120.92 -48.55 -52.44
N LYS A 418 120.08 -48.65 -53.47
CA LYS A 418 120.53 -48.29 -54.81
C LYS A 418 120.91 -46.82 -54.87
N GLN A 419 120.07 -45.95 -54.30
CA GLN A 419 120.42 -44.53 -54.27
C GLN A 419 121.71 -44.30 -53.51
N PHE A 420 121.86 -44.97 -52.37
CA PHE A 420 123.05 -44.78 -51.55
C PHE A 420 124.32 -45.20 -52.29
N ASP A 421 124.27 -46.36 -52.95
CA ASP A 421 125.43 -46.81 -53.71
C ASP A 421 125.73 -45.86 -54.86
N LEU A 422 124.70 -45.44 -55.58
CA LEU A 422 124.90 -44.51 -56.70
C LEU A 422 125.58 -43.24 -56.23
N LEU A 423 125.17 -42.72 -55.08
CA LEU A 423 125.71 -41.47 -54.58
C LEU A 423 126.94 -41.64 -53.70
N ILE A 424 127.35 -42.88 -53.41
CA ILE A 424 128.55 -43.13 -52.61
C ILE A 424 129.72 -43.39 -53.54
N LYS A 425 129.48 -44.02 -54.68
CA LYS A 425 130.56 -44.15 -55.65
C LYS A 425 131.01 -42.78 -56.15
N ARG A 426 130.07 -41.86 -56.35
CA ARG A 426 130.38 -40.49 -56.73
C ARG A 426 130.53 -39.67 -55.45
N LYS A 427 131.74 -39.15 -55.20
CA LYS A 427 131.99 -38.30 -54.04
C LYS A 427 131.39 -36.93 -54.33
N ALA A 428 130.06 -36.85 -54.23
CA ALA A 428 129.37 -35.62 -54.58
C ALA A 428 129.44 -34.59 -53.47
N TYR A 429 128.93 -34.94 -52.29
CA TYR A 429 128.79 -33.99 -51.19
C TYR A 429 129.46 -34.46 -49.91
N LEU A 430 130.36 -35.45 -49.97
CA LEU A 430 131.00 -35.97 -48.78
C LEU A 430 131.98 -34.98 -48.16
N ASN A 431 132.33 -33.90 -48.87
CA ASN A 431 133.23 -32.90 -48.30
C ASN A 431 132.60 -32.22 -47.09
N ARG A 432 131.27 -32.12 -47.06
CA ARG A 432 130.58 -31.53 -45.92
C ARG A 432 130.65 -32.41 -44.67
N TYR A 433 131.07 -33.66 -44.80
CA TYR A 433 131.18 -34.56 -43.67
C TYR A 433 132.60 -35.03 -43.38
N TYR A 434 133.43 -35.22 -44.41
CA TYR A 434 134.82 -35.65 -44.23
C TYR A 434 135.69 -34.41 -44.00
N SER A 435 136.13 -34.23 -42.77
CA SER A 435 136.93 -33.06 -42.40
C SER A 435 138.43 -33.32 -42.43
N SER A 436 138.87 -34.55 -42.20
CA SER A 436 140.29 -34.86 -42.17
C SER A 436 140.46 -36.37 -42.43
N VAL A 437 141.69 -36.84 -42.31
CA VAL A 437 141.96 -38.26 -42.55
C VAL A 437 141.21 -39.12 -41.55
N GLU A 438 141.29 -38.75 -40.26
CA GLU A 438 140.58 -39.50 -39.23
C GLU A 438 139.08 -39.41 -39.43
N GLU A 439 138.58 -38.24 -39.86
CA GLU A 439 137.17 -38.11 -40.16
C GLU A 439 136.79 -38.94 -41.38
N GLU A 440 137.67 -39.00 -42.37
CA GLU A 440 137.40 -39.83 -43.54
C GLU A 440 137.25 -41.30 -43.14
N ASN A 441 138.19 -41.79 -42.33
CA ASN A 441 138.12 -43.19 -41.91
C ASN A 441 136.88 -43.45 -41.04
N GLU A 442 136.56 -42.50 -40.15
CA GLU A 442 135.40 -42.67 -39.29
C GLU A 442 134.13 -42.75 -40.11
N VAL A 443 133.95 -41.83 -41.05
CA VAL A 443 132.73 -41.83 -41.85
C VAL A 443 132.67 -43.05 -42.75
N MET A 444 133.82 -43.48 -43.27
CA MET A 444 133.83 -44.67 -44.13
C MET A 444 133.41 -45.91 -43.34
N GLU A 445 133.96 -46.11 -42.14
CA GLU A 445 133.58 -47.29 -41.38
C GLU A 445 132.12 -47.21 -40.92
N MET A 446 131.66 -46.01 -40.55
CA MET A 446 130.25 -45.86 -40.16
C MET A 446 129.33 -46.20 -41.33
N PHE A 447 129.65 -45.68 -42.52
CA PHE A 447 128.82 -45.92 -43.69
C PHE A 447 128.82 -47.39 -44.06
N ASN A 448 129.98 -48.04 -43.96
CA ASN A 448 130.06 -49.46 -44.27
C ASN A 448 129.20 -50.27 -43.32
N GLU A 449 129.25 -49.94 -42.02
CA GLU A 449 128.43 -50.66 -41.07
C GLU A 449 126.94 -50.47 -41.35
N SER A 450 126.53 -49.23 -41.66
CA SER A 450 125.12 -48.99 -41.96
C SER A 450 124.68 -49.77 -43.20
N ARG A 451 125.51 -49.75 -44.24
CA ARG A 451 125.18 -50.47 -45.47
C ARG A 451 125.06 -51.96 -45.21
N GLU A 452 125.98 -52.52 -44.41
CA GLU A 452 125.93 -53.94 -44.12
C GLU A 452 124.70 -54.30 -43.32
N SER A 453 124.30 -53.44 -42.36
CA SER A 453 123.10 -53.74 -41.59
C SER A 453 121.86 -53.71 -42.47
N VAL A 454 121.78 -52.74 -43.39
CA VAL A 454 120.62 -52.69 -44.27
C VAL A 454 120.58 -53.91 -45.18
N LYS A 455 121.74 -54.32 -45.71
CA LYS A 455 121.76 -55.54 -46.52
C LYS A 455 121.35 -56.75 -45.69
N SER A 456 121.76 -56.80 -44.43
CA SER A 456 121.38 -57.92 -43.58
C SER A 456 119.87 -57.99 -43.41
N ILE A 457 119.23 -56.85 -43.20
CA ILE A 457 117.77 -56.89 -43.02
C ILE A 457 117.08 -57.24 -44.33
N ILE A 458 117.62 -56.79 -45.47
CA ILE A 458 117.04 -57.16 -46.75
C ILE A 458 117.13 -58.67 -46.96
N ASP A 459 118.30 -59.24 -46.66
CA ASP A 459 118.47 -60.69 -46.82
C ASP A 459 117.56 -61.46 -45.89
N GLU A 460 117.39 -60.98 -44.65
CA GLU A 460 116.47 -61.64 -43.73
C GLU A 460 115.04 -61.62 -44.27
N TYR A 461 114.57 -60.46 -44.75
CA TYR A 461 113.18 -60.33 -45.28
C TYR A 461 113.02 -61.19 -46.54
N LYS A 462 114.08 -61.36 -47.32
CA LYS A 462 114.06 -62.19 -48.56
C LYS A 462 114.04 -63.68 -48.18
N ALA A 463 114.78 -64.09 -47.14
CA ALA A 463 114.78 -65.47 -46.66
C ALA A 463 113.47 -65.83 -45.98
N CYS A 464 112.76 -64.84 -45.46
CA CYS A 464 111.44 -65.13 -44.90
C CYS A 464 110.48 -65.62 -45.97
N LYS A 465 110.62 -65.13 -47.20
CA LYS A 465 109.65 -65.47 -48.26
C LYS A 465 109.72 -66.94 -48.62
N GLU A 466 110.92 -67.52 -48.70
CA GLU A 466 111.07 -68.88 -49.18
C GLU A 466 110.58 -69.88 -48.14
N ILE A 467 110.46 -71.14 -48.56
CA ILE A 467 109.91 -72.18 -47.70
C ILE A 467 110.95 -72.85 -46.82
N THR A 468 112.24 -72.72 -47.14
CA THR A 468 113.30 -73.34 -46.36
C THR A 468 113.80 -72.44 -45.22
N TYR A 469 112.96 -71.52 -44.75
CA TYR A 469 113.40 -70.57 -43.75
C TYR A 469 113.76 -71.27 -42.44
N LEU A 470 112.97 -72.25 -42.04
CA LEU A 470 113.20 -72.97 -40.78
C LEU A 470 114.16 -74.13 -40.92
N ASP A 471 114.62 -74.44 -42.12
CA ASP A 471 115.52 -75.56 -42.33
C ASP A 471 116.96 -75.16 -42.06
N ASP A 472 117.72 -76.10 -41.53
CA ASP A 472 119.13 -75.88 -41.21
C ASP A 472 120.06 -76.27 -42.35
N ASP A 473 119.52 -76.68 -43.50
CA ASP A 473 120.33 -77.07 -44.64
C ASP A 473 121.19 -75.92 -45.13
N GLY B 3 109.53 -21.39 22.99
CA GLY B 3 110.75 -20.54 22.90
C GLY B 3 110.57 -19.36 21.97
N GLU B 4 111.54 -18.46 21.97
CA GLU B 4 111.51 -17.26 21.16
C GLU B 4 112.77 -17.19 20.31
N THR B 5 112.68 -16.54 19.16
CA THR B 5 113.78 -16.42 18.22
C THR B 5 114.05 -14.95 17.94
N ILE B 6 115.32 -14.56 18.03
CA ILE B 6 115.76 -13.19 17.76
C ILE B 6 116.53 -13.20 16.45
N THR B 7 116.15 -12.30 15.54
CA THR B 7 116.77 -12.22 14.23
C THR B 7 117.72 -11.02 14.18
N LEU B 8 118.94 -11.26 13.70
CA LEU B 8 119.94 -10.21 13.53
C LEU B 8 120.35 -10.15 12.07
N GLN B 9 120.38 -8.95 11.51
CA GLN B 9 120.73 -8.74 10.11
C GLN B 9 121.91 -7.80 10.05
N VAL B 10 122.99 -8.23 9.37
CA VAL B 10 124.22 -7.48 9.27
C VAL B 10 124.60 -7.36 7.80
N GLY B 11 124.96 -6.15 7.38
CA GLY B 11 125.42 -5.92 6.03
C GLY B 11 124.28 -5.55 5.08
N GLN B 12 124.68 -5.01 3.93
CA GLN B 12 123.69 -4.60 2.93
C GLN B 12 122.91 -5.82 2.41
N CYS B 13 123.62 -6.90 2.09
CA CYS B 13 122.95 -8.11 1.62
C CYS B 13 122.05 -8.69 2.71
N GLY B 14 122.53 -8.69 3.95
CA GLY B 14 121.72 -9.21 5.04
C GLY B 14 120.45 -8.39 5.23
N ASN B 15 120.55 -7.07 5.15
CA ASN B 15 119.36 -6.22 5.28
C ASN B 15 118.40 -6.45 4.12
N GLN B 16 118.93 -6.57 2.90
CA GLN B 16 118.07 -6.80 1.75
C GLN B 16 117.30 -8.10 1.91
N VAL B 17 117.98 -9.16 2.37
CA VAL B 17 117.30 -10.43 2.57
C VAL B 17 116.29 -10.33 3.71
N GLY B 18 116.68 -9.69 4.81
CA GLY B 18 115.81 -9.66 5.98
C GLY B 18 114.53 -8.88 5.74
N LEU B 19 114.61 -7.82 4.93
CA LEU B 19 113.40 -7.05 4.65
C LEU B 19 112.33 -7.93 4.02
N GLN B 20 112.71 -8.71 3.00
CA GLN B 20 111.75 -9.59 2.34
C GLN B 20 111.37 -10.76 3.23
N TYR B 21 112.30 -11.24 4.07
CA TYR B 21 111.97 -12.29 5.02
C TYR B 21 110.86 -11.85 5.97
N TRP B 22 110.98 -10.63 6.51
CA TRP B 22 109.97 -10.13 7.44
C TRP B 22 108.67 -9.79 6.72
N GLN B 23 108.74 -9.29 5.49
CA GLN B 23 107.50 -9.06 4.75
C GLN B 23 106.80 -10.37 4.44
N GLN B 24 107.56 -11.42 4.14
CA GLN B 24 106.97 -12.74 3.93
C GLN B 24 106.25 -13.22 5.19
N LEU B 25 106.93 -13.15 6.34
CA LEU B 25 106.30 -13.60 7.57
C LEU B 25 105.07 -12.78 7.89
N ALA B 26 105.14 -11.47 7.70
CA ALA B 26 103.99 -10.61 7.97
C ALA B 26 102.81 -10.97 7.08
N THR B 27 103.09 -11.28 5.80
CA THR B 27 102.02 -11.70 4.91
C THR B 27 101.40 -13.01 5.36
N GLU B 28 102.23 -13.97 5.77
CA GLU B 28 101.67 -15.26 6.18
C GLU B 28 100.80 -15.11 7.42
N HIS B 29 101.23 -14.31 8.38
CA HIS B 29 100.48 -14.15 9.63
C HIS B 29 99.43 -13.05 9.57
N GLY B 30 99.22 -12.43 8.42
CA GLY B 30 98.18 -11.43 8.30
C GLY B 30 98.44 -10.15 9.04
N ILE B 31 99.70 -9.87 9.38
CA ILE B 31 100.07 -8.64 10.06
C ILE B 31 100.42 -7.60 9.00
N GLN B 32 99.69 -6.49 9.01
CA GLN B 32 99.90 -5.45 8.02
C GLN B 32 101.20 -4.71 8.30
N SER B 33 101.63 -3.91 7.32
CA SER B 33 102.91 -3.20 7.44
C SER B 33 102.91 -2.20 8.59
N ASP B 34 101.75 -1.76 9.05
CA ASP B 34 101.66 -0.80 10.14
C ASP B 34 101.61 -1.47 11.51
N GLY B 35 101.70 -2.80 11.57
CA GLY B 35 101.64 -3.51 12.82
C GLY B 35 100.25 -3.93 13.25
N SER B 36 99.21 -3.49 12.54
CA SER B 36 97.85 -3.88 12.91
C SER B 36 97.61 -5.33 12.52
N SER B 37 96.88 -6.05 13.37
CA SER B 37 96.58 -7.45 13.16
C SER B 37 95.26 -7.61 12.42
N THR B 38 95.14 -8.72 11.70
CA THR B 38 93.93 -9.03 10.95
C THR B 38 93.12 -10.13 11.65
N PRO B 39 91.80 -10.03 11.71
CA PRO B 39 91.02 -11.10 12.36
C PRO B 39 91.28 -12.45 11.71
N TYR B 40 91.34 -13.48 12.54
CA TYR B 40 91.70 -14.80 12.07
C TYR B 40 90.53 -15.44 11.31
N PRO B 41 90.73 -15.91 10.09
CA PRO B 41 89.65 -16.60 9.38
C PRO B 41 89.32 -17.93 10.04
N LYS B 42 88.07 -18.36 9.87
CA LYS B 42 87.63 -19.61 10.48
C LYS B 42 88.41 -20.78 9.90
N ASP B 43 88.62 -21.80 10.72
CA ASP B 43 89.43 -22.94 10.33
C ASP B 43 88.72 -23.73 9.22
N ILE B 44 89.53 -24.37 8.38
CA ILE B 44 89.01 -25.08 7.21
C ILE B 44 88.62 -26.51 7.54
N ASN B 45 89.42 -27.20 8.36
CA ASN B 45 89.15 -28.58 8.72
C ASN B 45 88.29 -28.69 9.97
N ASP B 46 87.88 -27.57 10.56
CA ASP B 46 86.95 -27.57 11.70
C ASP B 46 85.52 -27.52 11.17
N LEU B 47 85.06 -28.67 10.69
CA LEU B 47 83.75 -28.74 10.06
C LEU B 47 82.65 -28.37 11.04
N GLN B 48 81.52 -27.90 10.51
CA GLN B 48 80.42 -27.44 11.33
C GLN B 48 79.08 -27.83 10.71
N LEU B 49 78.06 -27.89 11.57
CA LEU B 49 76.70 -28.16 11.15
C LEU B 49 76.18 -27.02 10.27
N GLN B 50 75.42 -27.38 9.23
CA GLN B 50 74.89 -26.40 8.29
C GLN B 50 73.53 -26.85 7.75
N GLU B 51 72.68 -25.87 7.49
CA GLU B 51 71.45 -26.12 6.75
C GLU B 51 71.75 -26.22 5.26
N LEU B 52 70.99 -27.05 4.56
CA LEU B 52 71.13 -27.18 3.11
C LEU B 52 69.87 -27.72 2.45
N GLY B 70 87.43 -12.42 18.79
CA GLY B 70 88.19 -11.86 17.69
C GLY B 70 89.69 -12.09 17.84
N LYS B 71 90.15 -12.17 19.08
CA LYS B 71 91.55 -12.42 19.37
C LYS B 71 91.92 -13.89 19.31
N TYR B 72 90.95 -14.78 19.08
CA TYR B 72 91.22 -16.21 19.10
C TYR B 72 92.07 -16.61 17.91
N ARG B 73 93.10 -17.41 18.17
CA ARG B 73 94.01 -17.87 17.14
C ARG B 73 94.46 -19.28 17.45
N ASN B 74 94.95 -19.98 16.42
CA ASN B 74 95.51 -21.31 16.59
C ASN B 74 96.89 -21.43 15.97
N ASP B 75 97.56 -20.30 15.74
CA ASP B 75 98.95 -20.26 15.31
C ASP B 75 99.78 -19.57 16.37
N HIS B 76 101.08 -19.42 16.10
CA HIS B 76 102.03 -18.85 17.05
C HIS B 76 102.85 -17.77 16.37
N PRO B 77 102.25 -16.63 16.06
CA PRO B 77 103.01 -15.55 15.44
C PRO B 77 103.92 -14.84 16.42
N GLU B 78 103.52 -14.83 17.69
CA GLU B 78 104.28 -14.11 18.71
C GLU B 78 105.64 -14.75 18.99
N LEU B 79 105.89 -15.93 18.45
CA LEU B 79 107.22 -16.53 18.55
C LEU B 79 108.27 -15.66 17.88
N PHE B 80 107.88 -14.79 16.96
CA PHE B 80 108.80 -13.90 16.26
C PHE B 80 108.49 -12.43 16.50
N PHE B 81 107.21 -12.06 16.58
CA PHE B 81 106.79 -10.68 16.76
C PHE B 81 106.43 -10.43 18.22
N THR B 82 106.82 -9.27 18.73
CA THR B 82 106.46 -8.89 20.09
C THR B 82 105.07 -8.26 20.08
N LEU B 83 104.13 -8.87 20.78
CA LEU B 83 102.75 -8.40 20.82
C LEU B 83 102.63 -7.34 21.91
N SER B 84 102.41 -6.09 21.50
CA SER B 84 102.30 -5.00 22.44
C SER B 84 100.92 -5.01 23.10
N ASP B 85 100.80 -4.20 24.16
CA ASP B 85 99.54 -4.11 24.88
C ASP B 85 98.42 -3.50 24.03
N SER B 86 98.76 -2.82 22.94
CA SER B 86 97.78 -2.16 22.08
C SER B 86 97.47 -3.00 20.84
N ASN B 87 97.70 -4.30 20.89
CA ASN B 87 97.40 -5.19 19.76
C ASN B 87 98.18 -4.77 18.51
N THR B 88 99.46 -4.45 18.69
CA THR B 88 100.34 -4.13 17.59
C THR B 88 101.56 -5.04 17.64
N TYR B 89 101.88 -5.65 16.51
CA TYR B 89 103.02 -6.56 16.43
C TYR B 89 104.27 -5.79 16.03
N THR B 90 105.43 -6.32 16.42
CA THR B 90 106.69 -5.70 16.10
C THR B 90 107.74 -6.81 16.01
N PRO B 91 108.51 -6.88 14.94
CA PRO B 91 109.48 -7.97 14.82
C PRO B 91 110.57 -7.90 15.87
N ARG B 92 111.11 -9.07 16.21
CA ARG B 92 112.25 -9.18 17.10
C ARG B 92 113.57 -9.07 16.32
N SER B 93 113.73 -8.00 15.55
CA SER B 93 114.86 -7.86 14.65
C SER B 93 115.81 -6.79 15.15
N ILE B 94 117.08 -6.93 14.79
CA ILE B 94 118.11 -5.94 15.07
C ILE B 94 118.88 -5.69 13.79
N LEU B 95 118.94 -4.44 13.35
CA LEU B 95 119.58 -4.07 12.09
C LEU B 95 120.91 -3.40 12.39
N ILE B 96 121.99 -3.98 11.89
CA ILE B 96 123.35 -3.50 12.13
C ILE B 96 124.03 -3.30 10.79
N ASP B 97 124.49 -2.08 10.53
CA ASP B 97 125.25 -1.77 9.32
C ASP B 97 125.77 -0.35 9.47
N MET B 98 126.39 0.17 8.41
CA MET B 98 126.94 1.52 8.39
C MET B 98 126.28 2.42 7.35
N GLU B 99 125.99 1.90 6.17
CA GLU B 99 125.31 2.69 5.16
C GLU B 99 123.84 2.86 5.52
N PRO B 100 123.31 4.09 5.62
CA PRO B 100 121.92 4.26 6.04
C PRO B 100 120.88 4.14 4.94
N SER B 101 121.28 4.07 3.66
CA SER B 101 120.30 4.03 2.59
C SER B 101 119.46 2.74 2.64
N VAL B 102 120.13 1.60 2.85
CA VAL B 102 119.41 0.34 2.89
C VAL B 102 118.47 0.30 4.10
N ILE B 103 118.92 0.82 5.24
CA ILE B 103 118.07 0.85 6.42
C ILE B 103 116.87 1.76 6.20
N ALA B 104 117.10 2.91 5.54
CA ALA B 104 115.99 3.80 5.24
C ALA B 104 114.97 3.11 4.35
N LYS B 105 115.44 2.39 3.32
CA LYS B 105 114.51 1.68 2.45
C LYS B 105 113.74 0.61 3.22
N SER B 106 114.45 -0.13 4.08
CA SER B 106 113.80 -1.19 4.84
C SER B 106 112.74 -0.63 5.78
N THR B 107 113.08 0.45 6.50
CA THR B 107 112.12 1.04 7.42
C THR B 107 110.93 1.63 6.68
N SER B 108 111.16 2.29 5.55
CA SER B 108 110.05 2.83 4.78
C SER B 108 109.13 1.72 4.30
N ALA B 109 109.70 0.61 3.81
CA ALA B 109 108.86 -0.50 3.36
C ALA B 109 108.06 -1.09 4.52
N LEU B 110 108.67 -1.21 5.70
CA LEU B 110 108.04 -1.80 6.88
C LEU B 110 108.14 -0.80 8.03
N PRO B 111 107.16 0.09 8.19
CA PRO B 111 107.20 0.99 9.35
C PRO B 111 107.13 0.27 10.68
N MET B 112 106.69 -0.99 10.70
CA MET B 112 106.56 -1.71 11.96
C MET B 112 107.90 -1.90 12.66
N PHE B 113 109.01 -1.81 11.94
CA PHE B 113 110.32 -1.96 12.56
C PHE B 113 110.51 -0.90 13.64
N ASN B 114 111.05 -1.32 14.77
CA ASN B 114 111.27 -0.40 15.88
C ASN B 114 112.47 0.49 15.57
N PRO B 115 112.33 1.81 15.55
CA PRO B 115 113.50 2.66 15.29
C PRO B 115 114.61 2.47 16.29
N ARG B 116 114.27 2.21 17.57
CA ARG B 116 115.26 1.97 18.66
C ARG B 116 116.19 0.81 18.29
N ASN B 117 115.72 -0.17 17.51
CA ASN B 117 116.49 -1.38 17.22
C ASN B 117 117.52 -1.18 16.12
N VAL B 118 117.52 -0.03 15.46
CA VAL B 118 118.44 0.24 14.35
C VAL B 118 119.73 0.81 14.91
N HIS B 119 120.86 0.27 14.47
CA HIS B 119 122.18 0.77 14.80
C HIS B 119 122.90 1.19 13.53
N LEU B 120 123.43 2.42 13.51
CA LEU B 120 124.12 2.96 12.35
C LEU B 120 125.48 3.49 12.77
N SER B 121 126.49 3.23 11.95
CA SER B 121 127.82 3.75 12.22
C SER B 121 127.96 5.16 11.67
N ASN B 129 135.70 -1.92 3.89
CA ASN B 129 136.01 -2.98 2.95
C ASN B 129 136.91 -4.02 3.59
N ASN B 130 137.92 -3.54 4.31
CA ASN B 130 138.84 -4.44 5.01
C ASN B 130 138.13 -5.12 6.17
N TRP B 131 138.33 -6.44 6.27
CA TRP B 131 137.71 -7.19 7.37
C TRP B 131 138.26 -6.72 8.72
N ILE B 132 139.56 -6.48 8.78
CA ILE B 132 140.19 -6.09 10.04
C ILE B 132 139.58 -4.78 10.56
N ASN B 133 139.35 -3.82 9.66
CA ASN B 133 138.81 -2.54 10.08
C ASN B 133 137.41 -2.71 10.68
N GLY B 134 136.56 -3.49 10.03
CA GLY B 134 135.24 -3.74 10.57
C GLY B 134 135.27 -4.49 11.89
N TYR B 135 136.18 -5.47 12.01
CA TYR B 135 136.31 -6.22 13.26
C TYR B 135 136.74 -5.30 14.39
N LYS B 136 137.71 -4.41 14.12
CA LYS B 136 138.16 -3.48 15.15
C LYS B 136 137.07 -2.48 15.52
N TYR B 137 136.31 -2.03 14.52
CA TYR B 137 135.18 -1.14 14.81
C TYR B 137 134.15 -1.84 15.69
N GLY B 138 133.85 -3.10 15.41
CA GLY B 138 132.94 -3.84 16.26
C GLY B 138 133.47 -4.00 17.66
N THR B 139 134.79 -4.21 17.79
CA THR B 139 135.38 -4.33 19.12
C THR B 139 135.28 -3.04 19.90
N GLU B 140 135.59 -1.91 19.26
CA GLU B 140 135.59 -0.63 19.96
C GLU B 140 134.19 -0.27 20.44
N GLU B 141 133.18 -0.47 19.59
CA GLU B 141 131.80 -0.11 19.90
C GLU B 141 130.98 -1.31 20.35
N GLU B 142 131.61 -2.28 21.01
CA GLU B 142 130.92 -3.50 21.39
C GLU B 142 129.89 -3.26 22.49
N GLU B 143 130.13 -2.27 23.36
CA GLU B 143 129.24 -2.05 24.49
C GLU B 143 127.84 -1.64 24.03
N THR B 144 127.74 -0.77 23.02
CA THR B 144 126.44 -0.32 22.55
C THR B 144 125.66 -1.47 21.91
N LEU B 145 126.33 -2.24 21.04
CA LEU B 145 125.66 -3.37 20.41
C LEU B 145 125.21 -4.37 21.47
N LEU B 146 126.06 -4.61 22.47
CA LEU B 146 125.72 -5.54 23.54
C LEU B 146 124.51 -5.04 24.33
N ASN B 147 124.44 -3.75 24.60
CA ASN B 147 123.27 -3.20 25.27
C ASN B 147 122.03 -3.44 24.44
N LEU B 148 122.13 -3.29 23.12
CA LEU B 148 120.96 -3.53 22.27
C LEU B 148 120.54 -5.00 22.31
N ILE B 149 121.50 -5.92 22.28
CA ILE B 149 121.17 -7.35 22.36
C ILE B 149 120.48 -7.65 23.67
N ASP B 150 121.01 -7.11 24.77
CA ASP B 150 120.39 -7.34 26.08
C ASP B 150 118.99 -6.75 26.15
N ARG B 151 118.79 -5.58 25.55
CA ARG B 151 117.45 -5.00 25.53
C ARG B 151 116.47 -5.91 24.80
N GLU B 152 116.88 -6.45 23.65
CA GLU B 152 115.98 -7.34 22.92
C GLU B 152 115.73 -8.63 23.71
N VAL B 153 116.75 -9.16 24.37
CA VAL B 153 116.55 -10.39 25.13
C VAL B 153 115.61 -10.17 26.30
N ASP B 154 115.69 -9.00 26.94
CA ASP B 154 114.86 -8.74 28.11
C ASP B 154 113.38 -8.82 27.78
N LYS B 155 113.00 -8.53 26.53
CA LYS B 155 111.61 -8.66 26.12
C LYS B 155 111.21 -10.11 25.84
N CYS B 156 112.16 -11.04 25.88
CA CYS B 156 111.91 -12.44 25.56
C CYS B 156 111.96 -13.27 26.84
N ASP B 157 110.95 -14.12 27.04
CA ASP B 157 110.91 -15.07 28.13
C ASP B 157 111.16 -16.46 27.57
N ASN B 158 112.11 -17.18 28.18
CA ASN B 158 112.49 -18.51 27.72
C ASN B 158 113.00 -18.45 26.27
N LEU B 159 114.08 -17.71 26.09
CA LEU B 159 114.68 -17.58 24.77
C LEU B 159 115.18 -18.93 24.27
N SER B 160 115.13 -19.12 22.95
CA SER B 160 115.49 -20.38 22.33
C SER B 160 116.75 -20.28 21.49
N ASN B 161 116.80 -19.37 20.51
CA ASN B 161 117.93 -19.32 19.60
C ASN B 161 118.01 -17.94 18.96
N PHE B 162 119.15 -17.68 18.32
CA PHE B 162 119.38 -16.48 17.54
C PHE B 162 119.49 -16.84 16.07
N GLN B 163 118.99 -15.95 15.21
CA GLN B 163 119.11 -16.11 13.77
C GLN B 163 119.93 -14.95 13.21
N LEU B 164 120.90 -15.28 12.37
CA LEU B 164 121.81 -14.30 11.81
C LEU B 164 121.69 -14.30 10.30
N PHE B 165 121.50 -13.12 9.71
CA PHE B 165 121.45 -12.94 8.27
C PHE B 165 122.62 -12.05 7.88
N HIS B 166 123.65 -12.63 7.27
CA HIS B 166 124.83 -11.86 6.91
C HIS B 166 125.53 -12.54 5.75
N SER B 167 126.38 -11.78 5.07
CA SER B 167 127.16 -12.27 3.95
C SER B 167 128.59 -12.56 4.40
N VAL B 168 129.10 -13.72 4.00
CA VAL B 168 130.44 -14.12 4.44
C VAL B 168 131.47 -13.12 3.94
N ALA B 169 131.34 -12.68 2.69
CA ALA B 169 132.22 -11.69 2.09
C ALA B 169 131.39 -10.51 1.62
N GLY B 170 131.99 -9.32 1.65
CA GLY B 170 131.30 -8.12 1.22
C GLY B 170 131.66 -6.88 2.01
N GLY B 171 132.39 -7.04 3.11
CA GLY B 171 132.83 -5.89 3.87
C GLY B 171 132.21 -5.77 5.24
N THR B 172 131.30 -4.80 5.40
CA THR B 172 130.71 -4.54 6.71
C THR B 172 130.14 -5.80 7.32
N GLY B 173 129.43 -6.60 6.50
CA GLY B 173 128.77 -7.78 7.02
C GLY B 173 129.75 -8.77 7.62
N SER B 174 130.88 -9.00 6.95
CA SER B 174 131.82 -10.00 7.44
C SER B 174 132.33 -9.65 8.82
N GLY B 175 133.00 -8.49 8.94
CA GLY B 175 133.61 -8.14 10.21
C GLY B 175 132.58 -7.93 11.31
N VAL B 176 131.51 -7.20 11.02
CA VAL B 176 130.55 -6.89 12.07
C VAL B 176 129.83 -8.16 12.51
N GLY B 177 129.44 -9.02 11.56
CA GLY B 177 128.79 -10.26 11.93
C GLY B 177 129.71 -11.19 12.69
N SER B 178 130.99 -11.24 12.33
CA SER B 178 131.92 -12.09 13.07
C SER B 178 132.07 -11.60 14.50
N LYS B 179 132.21 -10.28 14.69
CA LYS B 179 132.36 -9.77 16.05
C LYS B 179 131.09 -9.99 16.86
N MET B 180 129.92 -9.78 16.25
CA MET B 180 128.67 -10.06 16.94
C MET B 180 128.54 -11.54 17.26
N LEU B 181 129.00 -12.41 16.35
CA LEU B 181 128.98 -13.84 16.62
C LEU B 181 129.78 -14.16 17.89
N GLU B 182 131.01 -13.66 17.98
CA GLU B 182 131.82 -13.93 19.16
C GLU B 182 131.17 -13.34 20.41
N VAL B 183 130.66 -12.11 20.31
CA VAL B 183 130.10 -11.44 21.47
C VAL B 183 128.90 -12.22 22.00
N ILE B 184 127.99 -12.61 21.11
CA ILE B 184 126.80 -13.34 21.55
C ILE B 184 127.18 -14.72 22.06
N SER B 185 128.17 -15.36 21.44
CA SER B 185 128.55 -16.70 21.87
C SER B 185 129.09 -16.69 23.29
N ASP B 186 129.90 -15.69 23.63
CA ASP B 186 130.56 -15.68 24.93
C ASP B 186 129.82 -14.88 26.00
N ARG B 187 128.85 -14.04 25.64
CA ARG B 187 128.13 -13.27 26.63
C ARG B 187 127.03 -14.05 27.33
N TYR B 188 126.52 -15.11 26.71
CA TYR B 188 125.44 -15.91 27.27
C TYR B 188 125.89 -17.32 27.62
N GLY B 189 127.19 -17.61 27.55
CA GLY B 189 127.74 -18.94 27.89
C GLY B 189 127.34 -20.04 26.93
N HIS B 190 126.99 -19.72 25.68
CA HIS B 190 126.64 -20.72 24.63
C HIS B 190 125.44 -21.57 25.07
N LYS B 191 124.59 -21.07 25.98
CA LYS B 191 123.46 -21.87 26.55
C LYS B 191 122.29 -21.90 25.57
N LYS B 192 122.29 -21.09 24.50
CA LYS B 192 121.28 -21.10 23.46
C LYS B 192 121.96 -21.30 22.11
N LEU B 193 121.39 -22.19 21.30
CA LEU B 193 121.97 -22.44 19.98
C LEU B 193 121.83 -21.20 19.10
N LEU B 194 122.71 -21.11 18.11
CA LEU B 194 122.82 -19.91 17.28
C LEU B 194 122.97 -20.33 15.83
N ASN B 195 121.92 -20.10 15.04
CA ASN B 195 121.94 -20.46 13.63
C ASN B 195 122.73 -19.42 12.84
N THR B 196 122.79 -19.61 11.52
CA THR B 196 123.51 -18.66 10.66
C THR B 196 123.04 -18.88 9.23
N PHE B 197 122.36 -17.88 8.67
CA PHE B 197 121.92 -17.93 7.27
C PHE B 197 122.93 -17.22 6.38
N SER B 198 124.15 -17.73 6.39
CA SER B 198 125.25 -17.12 5.66
C SER B 198 125.03 -17.21 4.15
N ILE B 199 125.45 -16.18 3.44
CA ILE B 199 125.40 -16.12 1.98
C ILE B 199 126.84 -16.06 1.49
N PHE B 200 127.22 -17.03 0.69
CA PHE B 200 128.60 -17.05 0.20
C PHE B 200 128.75 -16.20 -1.05
N PRO B 201 129.91 -15.61 -1.26
CA PRO B 201 130.11 -14.79 -2.47
C PRO B 201 130.13 -15.64 -3.73
N SER B 202 129.78 -15.03 -4.85
CA SER B 202 129.77 -15.71 -6.13
C SER B 202 131.19 -15.86 -6.67
N VAL B 209 137.26 -9.70 -6.29
CA VAL B 209 138.15 -8.64 -5.82
C VAL B 209 139.19 -9.26 -4.90
N VAL B 210 140.37 -8.63 -4.83
CA VAL B 210 141.51 -9.24 -4.14
C VAL B 210 141.20 -9.51 -2.68
N VAL B 211 140.31 -8.71 -2.07
CA VAL B 211 140.06 -8.83 -0.64
C VAL B 211 139.00 -9.88 -0.29
N GLN B 212 138.20 -10.31 -1.28
CA GLN B 212 137.08 -11.19 -0.97
C GLN B 212 137.51 -12.53 -0.39
N PRO B 213 138.49 -13.25 -0.96
CA PRO B 213 138.86 -14.55 -0.38
C PRO B 213 139.34 -14.45 1.06
N TYR B 214 140.10 -13.40 1.37
CA TYR B 214 140.54 -13.20 2.75
C TYR B 214 139.35 -13.08 3.67
N ASN B 215 138.37 -12.27 3.29
CA ASN B 215 137.17 -12.09 4.11
C ASN B 215 136.42 -13.40 4.27
N THR B 216 136.29 -14.16 3.19
CA THR B 216 135.55 -15.42 3.26
C THR B 216 136.20 -16.37 4.25
N ILE B 217 137.53 -16.54 4.17
CA ILE B 217 138.18 -17.47 5.07
C ILE B 217 138.13 -16.96 6.50
N LEU B 218 138.33 -15.66 6.69
CA LEU B 218 138.38 -15.10 8.04
C LEU B 218 137.03 -15.26 8.73
N THR B 219 135.94 -15.02 7.99
CA THR B 219 134.61 -15.19 8.58
C THR B 219 134.29 -16.67 8.79
N LEU B 220 134.71 -17.54 7.86
CA LEU B 220 134.41 -18.95 8.02
C LEU B 220 135.10 -19.53 9.24
N LYS B 221 136.24 -18.95 9.64
CA LYS B 221 136.90 -19.41 10.86
C LYS B 221 135.99 -19.25 12.08
N ARG B 222 135.38 -18.07 12.23
CA ARG B 222 134.46 -17.87 13.33
C ARG B 222 133.15 -18.63 13.14
N LEU B 223 132.74 -18.86 11.90
CA LEU B 223 131.58 -19.72 11.69
C LEU B 223 131.83 -21.12 12.24
N ILE B 224 133.03 -21.65 12.00
CA ILE B 224 133.39 -22.95 12.57
C ILE B 224 133.40 -22.87 14.09
N ASP B 225 134.01 -21.83 14.64
CA ASP B 225 134.20 -21.79 16.08
C ASP B 225 132.89 -21.64 16.84
N TYR B 226 132.02 -20.73 16.41
CA TYR B 226 130.88 -20.30 17.23
C TYR B 226 129.53 -20.81 16.74
N SER B 227 129.26 -20.74 15.43
CA SER B 227 127.92 -21.06 14.95
C SER B 227 127.57 -22.51 15.25
N ASP B 228 126.29 -22.74 15.52
CA ASP B 228 125.78 -24.07 15.83
C ASP B 228 125.21 -24.80 14.61
N ALA B 229 124.72 -24.07 13.61
CA ALA B 229 124.19 -24.69 12.41
C ALA B 229 124.15 -23.64 11.31
N THR B 230 124.85 -23.90 10.22
CA THR B 230 125.03 -22.91 9.16
C THR B 230 124.30 -23.35 7.89
N PHE B 231 123.48 -22.46 7.34
CA PHE B 231 122.80 -22.71 6.08
C PHE B 231 123.62 -22.03 4.98
N VAL B 232 124.33 -22.84 4.20
CA VAL B 232 125.21 -22.32 3.16
C VAL B 232 124.38 -22.00 1.93
N PHE B 233 124.45 -20.75 1.48
CA PHE B 233 123.80 -20.30 0.26
C PHE B 233 124.87 -19.73 -0.68
N HIS B 234 124.90 -20.23 -1.91
CA HIS B 234 125.88 -19.82 -2.90
C HIS B 234 125.19 -18.97 -3.96
N ASN B 235 125.73 -17.77 -4.21
CA ASN B 235 125.06 -16.85 -5.12
C ASN B 235 125.03 -17.39 -6.54
N ASP B 236 126.09 -18.07 -6.97
CA ASP B 236 126.10 -18.60 -8.33
C ASP B 236 125.01 -19.64 -8.54
N SER B 237 124.85 -20.56 -7.58
CA SER B 237 123.77 -21.54 -7.70
C SER B 237 122.40 -20.86 -7.59
N LEU B 238 122.31 -19.79 -6.80
CA LEU B 238 121.05 -19.06 -6.72
C LEU B 238 120.71 -18.42 -8.06
N ASN B 239 121.71 -17.90 -8.76
CA ASN B 239 121.49 -17.37 -10.10
C ASN B 239 121.12 -18.48 -11.08
N ARG B 240 121.71 -19.67 -10.91
CA ARG B 240 121.34 -20.80 -11.75
C ARG B 240 119.88 -21.16 -11.58
N ILE B 241 119.39 -21.16 -10.34
CA ILE B 241 117.97 -21.44 -10.12
C ILE B 241 117.10 -20.31 -10.66
N GLU B 242 117.53 -19.07 -10.47
CA GLU B 242 116.66 -17.94 -10.79
C GLU B 242 116.35 -17.89 -12.28
N ASN B 243 117.36 -18.09 -13.13
CA ASN B 243 117.16 -17.91 -14.57
C ASN B 243 116.17 -18.92 -15.14
N ILE B 244 115.88 -20.01 -14.42
CA ILE B 244 114.93 -21.00 -14.90
C ILE B 244 113.53 -20.42 -14.82
N GLY B 262 114.22 -11.37 -6.80
CA GLY B 262 115.52 -11.71 -7.33
C GLY B 262 116.19 -12.84 -6.58
N ALA B 263 117.53 -12.77 -6.47
CA ALA B 263 118.27 -13.81 -5.77
C ALA B 263 117.97 -13.79 -4.27
N ASN B 264 117.65 -12.62 -3.71
CA ASN B 264 117.36 -12.54 -2.29
C ASN B 264 115.99 -13.11 -1.95
N LYS B 265 115.05 -13.08 -2.90
CA LYS B 265 113.73 -13.62 -2.65
C LYS B 265 113.78 -15.11 -2.36
N LEU B 266 114.63 -15.85 -3.07
CA LEU B 266 114.74 -17.28 -2.82
C LEU B 266 115.28 -17.55 -1.42
N ILE B 267 116.28 -16.78 -1.00
CA ILE B 267 116.83 -16.94 0.34
C ILE B 267 115.76 -16.63 1.38
N ALA B 268 114.99 -15.57 1.16
CA ALA B 268 113.92 -15.23 2.09
C ALA B 268 112.89 -16.34 2.16
N LEU B 269 112.52 -16.91 1.00
CA LEU B 269 111.53 -17.98 0.99
C LEU B 269 112.03 -19.19 1.76
N VAL B 270 113.29 -19.58 1.54
CA VAL B 270 113.82 -20.76 2.23
C VAL B 270 113.88 -20.51 3.73
N SER B 271 114.37 -19.34 4.13
CA SER B 271 114.50 -19.04 5.56
C SER B 271 113.14 -18.98 6.24
N ALA B 272 112.14 -18.39 5.57
CA ALA B 272 110.81 -18.29 6.15
C ALA B 272 110.02 -19.58 6.06
N SER B 273 110.45 -20.54 5.25
CA SER B 273 109.81 -21.84 5.21
C SER B 273 110.48 -22.86 6.12
N VAL B 274 111.72 -22.62 6.54
CA VAL B 274 112.37 -23.53 7.49
C VAL B 274 111.58 -23.57 8.80
N SER B 275 111.16 -22.41 9.28
CA SER B 275 110.49 -22.30 10.58
C SER B 275 108.99 -22.46 10.49
N ASN B 276 108.48 -23.09 9.43
CA ASN B 276 107.03 -23.27 9.33
C ASN B 276 106.47 -24.10 10.46
N PRO B 277 107.06 -25.22 10.86
CA PRO B 277 106.51 -25.98 12.00
C PRO B 277 106.47 -25.19 13.29
N LEU B 278 107.39 -24.23 13.47
CA LEU B 278 107.40 -23.46 14.71
C LEU B 278 106.22 -22.50 14.76
N ARG B 279 105.91 -21.83 13.65
CA ARG B 279 104.84 -20.85 13.63
C ARG B 279 103.46 -21.48 13.48
N PHE B 280 103.38 -22.70 12.95
CA PHE B 280 102.13 -23.45 12.85
C PHE B 280 102.36 -24.82 13.45
N PRO B 281 102.27 -24.94 14.78
CA PRO B 281 102.71 -26.17 15.44
C PRO B 281 101.94 -27.39 14.96
N GLY B 282 102.64 -28.52 14.90
CA GLY B 282 102.06 -29.79 14.50
C GLY B 282 102.49 -30.89 15.43
N TYR B 283 102.35 -32.15 14.98
CA TYR B 283 102.68 -33.27 15.84
C TYR B 283 104.16 -33.29 16.20
N MET B 284 105.03 -33.05 15.23
CA MET B 284 106.47 -33.23 15.40
C MET B 284 107.18 -31.88 15.43
N TYR B 285 108.41 -31.91 15.94
CA TYR B 285 109.27 -30.73 15.95
C TYR B 285 108.65 -29.58 16.74
N SER B 286 108.24 -28.51 16.07
CA SER B 286 107.73 -27.31 16.70
C SER B 286 108.77 -26.62 17.59
N SER B 287 110.03 -27.03 17.49
CA SER B 287 111.11 -26.41 18.24
C SER B 287 112.34 -26.34 17.35
N MET B 288 113.02 -25.19 17.35
CA MET B 288 114.16 -25.01 16.46
C MET B 288 115.30 -25.95 16.82
N GLU B 289 115.50 -26.22 18.11
CA GLU B 289 116.55 -27.17 18.49
C GLU B 289 116.24 -28.57 17.99
N SER B 290 114.97 -28.94 17.95
CA SER B 290 114.61 -30.30 17.51
C SER B 290 114.85 -30.47 16.02
N ILE B 291 114.59 -29.45 15.22
CA ILE B 291 114.82 -29.55 13.78
C ILE B 291 116.31 -29.66 13.49
N VAL B 292 117.12 -28.79 14.10
CA VAL B 292 118.56 -28.81 13.83
C VAL B 292 119.18 -30.09 14.35
N SER B 293 118.78 -30.56 15.54
CA SER B 293 119.39 -31.74 16.12
C SER B 293 119.19 -32.98 15.26
N ASN B 294 118.20 -32.95 14.37
CA ASN B 294 117.92 -34.11 13.53
C ASN B 294 118.82 -34.20 12.31
N LEU B 295 119.65 -33.18 12.05
CA LEU B 295 120.50 -33.15 10.86
C LEU B 295 121.98 -32.98 11.16
N ILE B 296 122.36 -32.81 12.43
CA ILE B 296 123.73 -32.57 12.82
C ILE B 296 124.19 -33.71 13.72
N PRO B 297 124.88 -34.71 13.18
CA PRO B 297 125.28 -35.87 14.01
C PRO B 297 126.39 -35.54 14.99
N THR B 298 127.34 -34.72 14.57
CA THR B 298 128.45 -34.29 15.40
C THR B 298 128.64 -32.80 15.26
N PRO B 299 129.29 -32.16 16.23
CA PRO B 299 129.47 -30.69 16.13
C PRO B 299 130.20 -30.27 14.87
N ASP B 300 131.10 -31.11 14.34
CA ASP B 300 131.87 -30.71 13.18
C ASP B 300 131.02 -30.69 11.91
N LEU B 301 130.17 -31.70 11.72
CA LEU B 301 129.35 -31.81 10.52
C LEU B 301 128.09 -30.94 10.65
N LYS B 302 128.31 -29.64 10.84
CA LYS B 302 127.24 -28.71 11.15
C LYS B 302 126.76 -27.91 9.95
N PHE B 303 127.42 -27.99 8.80
CA PHE B 303 127.07 -27.15 7.66
C PHE B 303 125.94 -27.80 6.87
N LEU B 304 124.79 -27.16 6.85
CA LEU B 304 123.63 -27.64 6.11
C LEU B 304 123.49 -26.90 4.79
N THR B 305 122.78 -27.53 3.85
CA THR B 305 122.44 -26.91 2.59
C THR B 305 120.98 -27.19 2.30
N SER B 306 120.37 -26.31 1.51
CA SER B 306 118.93 -26.32 1.29
C SER B 306 118.61 -26.45 -0.19
N SER B 307 117.54 -27.19 -0.48
CA SER B 307 117.00 -27.32 -1.83
C SER B 307 115.61 -26.70 -1.86
N ILE B 308 115.27 -26.07 -2.98
CA ILE B 308 114.04 -25.31 -3.12
C ILE B 308 113.31 -25.77 -4.37
N ALA B 309 112.01 -26.03 -4.25
CA ALA B 309 111.18 -26.36 -5.40
C ALA B 309 110.68 -25.05 -6.01
N PRO B 310 111.12 -24.69 -7.23
CA PRO B 310 110.80 -23.33 -7.72
C PRO B 310 109.35 -23.12 -8.08
N PHE B 311 108.66 -24.14 -8.59
CA PHE B 311 107.39 -23.93 -9.30
C PHE B 311 106.20 -23.88 -8.36
N SER B 312 106.25 -22.94 -7.41
CA SER B 312 105.16 -22.74 -6.46
C SER B 312 103.96 -22.01 -7.07
N THR B 313 104.12 -21.33 -8.21
CA THR B 313 103.05 -20.49 -8.74
C THR B 313 102.68 -20.78 -10.19
N GLN B 314 103.60 -21.25 -11.02
CA GLN B 314 103.30 -21.48 -12.43
C GLN B 314 102.19 -22.50 -12.57
N LYS B 315 101.28 -22.28 -13.53
CA LYS B 315 100.10 -23.14 -13.64
C LYS B 315 100.42 -24.58 -13.99
N HIS B 316 101.67 -24.90 -14.34
CA HIS B 316 102.11 -26.28 -14.54
C HIS B 316 102.75 -26.84 -13.27
N ASN B 317 102.23 -26.45 -12.11
CA ASN B 317 102.77 -26.87 -10.83
C ASN B 317 102.69 -28.39 -10.67
N TYR B 318 103.33 -28.87 -9.59
CA TYR B 318 103.39 -30.30 -9.33
C TYR B 318 102.01 -30.90 -9.16
N LEU B 319 101.84 -32.10 -9.71
CA LEU B 319 100.53 -32.76 -9.72
C LEU B 319 100.07 -33.08 -8.31
N ASN B 320 100.96 -33.58 -7.47
CA ASN B 320 100.59 -34.09 -6.15
C ASN B 320 101.86 -34.17 -5.30
N GLU B 321 101.68 -34.64 -4.06
CA GLU B 321 102.81 -34.75 -3.14
C GLU B 321 103.83 -35.77 -3.61
N TYR B 322 103.35 -36.86 -4.24
CA TYR B 322 104.26 -37.90 -4.70
C TYR B 322 105.25 -37.36 -5.73
N ASP B 323 104.77 -36.54 -6.67
CA ASP B 323 105.66 -35.96 -7.67
C ASP B 323 106.68 -35.04 -7.02
N MET B 324 106.23 -34.18 -6.10
CA MET B 324 107.15 -33.21 -5.50
C MET B 324 108.19 -33.89 -4.64
N LEU B 325 107.83 -34.99 -3.97
CA LEU B 325 108.83 -35.71 -3.18
C LEU B 325 109.97 -36.19 -4.07
N LEU B 326 109.66 -36.67 -5.26
CA LEU B 326 110.71 -37.11 -6.17
C LEU B 326 111.46 -35.92 -6.75
N GLU B 327 110.76 -34.83 -7.07
CA GLU B 327 111.42 -33.71 -7.71
C GLU B 327 112.36 -32.97 -6.75
N LEU B 328 112.08 -33.03 -5.45
CA LEU B 328 112.92 -32.29 -4.51
C LEU B 328 114.34 -32.81 -4.50
N SER B 329 114.55 -34.11 -4.72
CA SER B 329 115.89 -34.67 -4.68
C SER B 329 116.75 -34.26 -5.87
N ASN B 330 116.16 -33.60 -6.87
CA ASN B 330 116.92 -33.20 -8.05
C ASN B 330 118.06 -32.26 -7.66
N ASP B 331 119.20 -32.43 -8.33
CA ASP B 331 120.38 -31.62 -8.04
C ASP B 331 120.39 -30.28 -8.77
N ARG B 332 119.45 -30.05 -9.68
CA ARG B 332 119.43 -28.79 -10.43
C ARG B 332 118.75 -27.66 -9.67
N TYR B 333 118.09 -27.95 -8.55
CA TYR B 333 117.42 -26.93 -7.76
C TYR B 333 118.01 -26.77 -6.36
N LYS B 334 119.13 -27.43 -6.08
CA LYS B 334 119.83 -27.19 -4.82
C LYS B 334 120.53 -25.84 -4.86
N THR B 335 120.61 -25.20 -3.69
CA THR B 335 121.24 -23.89 -3.58
C THR B 335 122.76 -23.98 -3.48
N ASN B 336 123.32 -25.18 -3.48
CA ASN B 336 124.77 -25.38 -3.46
C ASN B 336 125.11 -26.38 -4.54
N ARG B 337 126.17 -26.09 -5.30
CA ARG B 337 126.55 -26.96 -6.41
C ARG B 337 127.01 -28.31 -5.87
N VAL B 338 126.30 -29.37 -6.28
CA VAL B 338 126.54 -30.72 -5.76
C VAL B 338 126.77 -31.65 -6.94
N SER B 339 127.83 -32.45 -6.85
CA SER B 339 128.16 -33.42 -7.88
C SER B 339 127.49 -34.76 -7.68
N GLY B 340 127.84 -35.70 -8.55
CA GLY B 340 127.27 -37.04 -8.48
C GLY B 340 127.92 -37.97 -7.49
N ASP B 341 129.07 -37.59 -6.94
CA ASP B 341 129.76 -38.38 -5.93
C ASP B 341 129.29 -38.05 -4.52
N THR B 342 128.30 -37.19 -4.38
CA THR B 342 127.82 -36.77 -3.07
C THR B 342 127.22 -37.94 -2.31
N SER B 343 127.18 -37.80 -0.98
CA SER B 343 126.47 -38.71 -0.10
C SER B 343 125.79 -37.91 0.99
N TYR B 344 124.58 -38.33 1.35
CA TYR B 344 123.75 -37.58 2.28
C TYR B 344 123.90 -38.15 3.69
N ILE B 345 124.11 -37.27 4.65
CA ILE B 345 124.18 -37.69 6.05
C ILE B 345 122.80 -37.64 6.71
N SER B 346 121.96 -36.68 6.34
CA SER B 346 120.62 -36.56 6.90
C SER B 346 119.67 -35.99 5.87
N MET B 347 118.39 -36.31 6.03
CA MET B 347 117.35 -35.93 5.09
C MET B 347 116.20 -35.27 5.84
N LEU B 348 115.65 -34.21 5.26
CA LEU B 348 114.46 -33.57 5.83
C LEU B 348 113.72 -32.86 4.70
N ASN B 349 112.44 -33.20 4.54
CA ASN B 349 111.61 -32.65 3.49
C ASN B 349 110.43 -31.92 4.10
N TYR B 350 110.14 -30.73 3.60
CA TYR B 350 109.02 -29.92 4.06
C TYR B 350 107.91 -29.97 3.04
N LEU B 351 106.68 -30.20 3.51
CA LEU B 351 105.49 -30.14 2.68
C LEU B 351 104.52 -29.15 3.30
N ILE B 352 103.99 -28.24 2.48
CA ILE B 352 103.12 -27.19 2.94
C ILE B 352 101.87 -27.21 2.08
N GLY B 353 100.76 -27.66 2.65
CA GLY B 353 99.51 -27.70 1.90
C GLY B 353 98.38 -28.13 2.81
N ASP B 354 97.17 -27.99 2.26
CA ASP B 354 95.98 -28.38 3.04
C ASP B 354 95.70 -29.85 2.80
N ASN B 355 95.42 -30.62 3.85
CA ASN B 355 94.95 -32.00 3.80
C ASN B 355 95.75 -32.82 2.79
N LEU B 356 97.04 -32.96 3.07
CA LEU B 356 97.91 -33.74 2.21
C LEU B 356 97.48 -35.21 2.20
N ASP B 357 97.60 -35.85 1.04
CA ASP B 357 97.26 -37.26 0.93
C ASP B 357 98.37 -38.11 1.54
N GLN B 358 98.00 -38.93 2.53
CA GLN B 358 99.00 -39.75 3.21
C GLN B 358 99.54 -40.86 2.32
N ARG B 359 98.70 -41.42 1.45
CA ARG B 359 99.16 -42.50 0.57
C ARG B 359 100.28 -42.01 -0.33
N GLU B 360 100.11 -40.82 -0.93
CA GLU B 360 101.13 -40.30 -1.82
C GLU B 360 102.43 -40.04 -1.08
N ILE B 361 102.35 -39.48 0.12
CA ILE B 361 103.57 -39.20 0.89
C ILE B 361 104.28 -40.49 1.25
N ARG B 362 103.54 -41.51 1.68
CA ARG B 362 104.17 -42.76 2.05
C ARG B 362 104.87 -43.40 0.85
N LYS B 363 104.19 -43.43 -0.31
CA LYS B 363 104.78 -44.02 -1.50
C LYS B 363 105.98 -43.21 -1.97
N GLY B 364 105.90 -41.89 -1.87
CA GLY B 364 107.03 -41.06 -2.27
C GLY B 364 108.24 -41.26 -1.39
N ILE B 365 108.03 -41.35 -0.08
CA ILE B 365 109.15 -41.63 0.82
C ILE B 365 109.78 -42.98 0.48
N LEU B 366 108.94 -44.00 0.24
CA LEU B 366 109.50 -45.31 -0.06
C LEU B 366 110.32 -45.29 -1.35
N LYS B 367 109.82 -44.59 -2.38
CA LYS B 367 110.58 -44.55 -3.63
C LYS B 367 111.86 -43.72 -3.49
N SER B 368 111.78 -42.60 -2.77
CA SER B 368 112.94 -41.72 -2.65
C SER B 368 114.01 -42.30 -1.74
N GLN B 369 113.66 -43.20 -0.83
CA GLN B 369 114.66 -43.78 0.06
C GLN B 369 115.70 -44.57 -0.73
N GLN B 370 115.27 -45.33 -1.74
CA GLN B 370 116.20 -46.14 -2.51
C GLN B 370 117.13 -45.27 -3.36
N ARG B 371 116.59 -44.19 -3.94
CA ARG B 371 117.38 -43.37 -4.85
C ARG B 371 118.53 -42.67 -4.13
N ILE B 372 118.30 -42.22 -2.90
CA ILE B 372 119.29 -41.41 -2.20
C ILE B 372 120.44 -42.29 -1.74
N SER B 373 121.67 -41.80 -1.94
CA SER B 373 122.88 -42.52 -1.53
C SER B 373 123.26 -42.07 -0.13
N PHE B 374 122.94 -42.89 0.87
CA PHE B 374 123.23 -42.53 2.25
C PHE B 374 124.66 -42.89 2.62
N VAL B 375 125.21 -42.14 3.57
CA VAL B 375 126.57 -42.42 4.06
C VAL B 375 126.57 -43.80 4.73
N PRO B 376 127.62 -44.60 4.58
CA PRO B 376 127.53 -46.00 5.05
C PRO B 376 127.14 -46.15 6.51
N TRP B 377 127.63 -45.30 7.40
CA TRP B 377 127.42 -45.47 8.83
C TRP B 377 126.16 -44.79 9.35
N VAL B 378 125.36 -44.19 8.47
CA VAL B 378 124.09 -43.59 8.85
C VAL B 378 122.97 -44.47 8.29
N ALA B 379 122.01 -44.81 9.15
CA ALA B 379 120.88 -45.62 8.72
C ALA B 379 120.04 -44.86 7.70
N ARG B 380 119.51 -45.59 6.73
CA ARG B 380 118.67 -44.99 5.68
C ARG B 380 117.41 -44.43 6.32
N SER B 381 117.31 -43.11 6.37
CA SER B 381 116.19 -42.44 7.01
C SER B 381 115.84 -41.18 6.24
N VAL B 382 114.58 -41.09 5.78
CA VAL B 382 114.06 -39.91 5.12
C VAL B 382 112.85 -39.44 5.90
N LEU B 383 112.83 -38.17 6.28
CA LEU B 383 111.76 -37.60 7.10
C LEU B 383 111.06 -36.50 6.33
N VAL B 384 109.72 -36.47 6.45
CA VAL B 384 108.89 -35.49 5.76
C VAL B 384 108.12 -34.71 6.82
N VAL B 385 108.14 -33.39 6.71
CA VAL B 385 107.44 -32.50 7.63
C VAL B 385 106.12 -32.10 7.01
N HIS B 386 105.02 -32.45 7.68
CA HIS B 386 103.68 -32.13 7.19
C HIS B 386 103.28 -30.75 7.74
N GLY B 387 103.83 -29.71 7.11
CA GLY B 387 103.51 -28.37 7.53
C GLY B 387 102.10 -27.97 7.16
N LYS B 388 101.62 -26.90 7.79
CA LYS B 388 100.29 -26.37 7.55
C LYS B 388 100.41 -25.04 6.83
N LYS B 389 99.67 -24.89 5.73
CA LYS B 389 99.67 -23.63 5.00
C LYS B 389 98.93 -22.57 5.78
N SER B 390 99.42 -21.34 5.70
CA SER B 390 98.78 -20.24 6.41
C SER B 390 97.39 -19.99 5.84
N PRO B 391 96.35 -19.91 6.68
CA PRO B 391 95.00 -19.67 6.14
C PRO B 391 94.87 -18.32 5.45
N TYR B 392 95.77 -17.37 5.74
CA TYR B 392 95.67 -16.05 5.12
C TYR B 392 96.06 -16.10 3.65
N LEU B 393 96.89 -17.05 3.26
CA LEU B 393 97.33 -17.14 1.87
C LEU B 393 96.22 -17.72 1.00
N LYS B 394 95.90 -17.02 -0.09
CA LYS B 394 94.86 -17.49 -1.00
C LYS B 394 95.39 -18.62 -1.88
N ASN B 395 96.67 -18.57 -2.24
CA ASN B 395 97.26 -19.61 -3.07
C ASN B 395 97.06 -20.96 -2.40
N THR B 396 96.51 -21.91 -3.16
CA THR B 396 96.27 -23.26 -2.66
C THR B 396 97.32 -24.26 -3.12
N ASN B 397 98.24 -23.84 -3.99
CA ASN B 397 99.28 -24.73 -4.47
C ASN B 397 100.23 -25.09 -3.33
N LEU B 398 100.82 -26.27 -3.43
CA LEU B 398 101.78 -26.71 -2.44
C LEU B 398 103.12 -25.98 -2.61
N GLU B 399 103.86 -25.88 -1.52
CA GLU B 399 105.26 -25.50 -1.55
C GLU B 399 106.04 -26.54 -0.77
N GLY B 400 107.29 -26.74 -1.16
CA GLY B 400 108.12 -27.71 -0.46
C GLY B 400 109.59 -27.35 -0.49
N ILE B 401 110.21 -27.31 0.69
CA ILE B 401 111.62 -26.97 0.83
C ILE B 401 112.31 -28.18 1.43
N GLN B 402 113.46 -28.55 0.90
CA GLN B 402 114.25 -29.66 1.39
C GLN B 402 115.55 -29.14 1.98
N VAL B 403 115.88 -29.60 3.18
CA VAL B 403 117.12 -29.24 3.87
C VAL B 403 117.94 -30.51 4.04
N THR B 404 119.21 -30.45 3.64
CA THR B 404 120.07 -31.62 3.60
C THR B 404 121.42 -31.33 4.22
N ASN B 405 122.06 -32.39 4.72
CA ASN B 405 123.42 -32.34 5.26
C ASN B 405 124.22 -33.38 4.49
N ASN B 406 124.75 -32.99 3.33
CA ASN B 406 125.50 -33.88 2.46
C ASN B 406 126.99 -33.57 2.54
N THR B 407 127.77 -34.33 1.78
CA THR B 407 129.22 -34.21 1.77
C THR B 407 129.73 -33.36 0.62
N SER B 408 128.85 -32.60 -0.04
CA SER B 408 129.29 -31.71 -1.11
C SER B 408 130.11 -30.54 -0.60
N MET B 409 130.15 -30.32 0.71
CA MET B 409 130.95 -29.22 1.24
C MET B 409 132.43 -29.41 0.98
N ILE B 410 132.88 -30.62 0.67
CA ILE B 410 134.29 -30.84 0.41
C ILE B 410 134.75 -29.99 -0.77
N ASP B 411 133.97 -29.99 -1.86
CA ASP B 411 134.37 -29.23 -3.04
C ASP B 411 134.28 -27.73 -2.82
N VAL B 412 133.25 -27.27 -2.11
CA VAL B 412 133.05 -25.82 -1.94
C VAL B 412 134.19 -25.24 -1.11
N PHE B 413 134.49 -25.86 0.03
CA PHE B 413 135.57 -25.36 0.86
C PHE B 413 136.91 -25.59 0.18
N THR B 414 137.02 -26.60 -0.68
CA THR B 414 138.24 -26.76 -1.46
C THR B 414 138.44 -25.59 -2.41
N LYS B 415 137.38 -25.13 -3.07
CA LYS B 415 137.52 -23.96 -3.94
C LYS B 415 137.92 -22.73 -3.14
N ILE B 416 137.28 -22.54 -1.98
CA ILE B 416 137.61 -21.39 -1.14
C ILE B 416 139.08 -21.46 -0.72
N LEU B 417 139.51 -22.64 -0.29
CA LEU B 417 140.88 -22.83 0.19
C LEU B 417 141.88 -22.58 -0.94
N LYS B 418 141.60 -23.08 -2.14
CA LYS B 418 142.52 -22.88 -3.26
C LYS B 418 142.63 -21.41 -3.61
N GLN B 419 141.51 -20.69 -3.65
CA GLN B 419 141.59 -19.26 -3.94
C GLN B 419 142.37 -18.52 -2.86
N PHE B 420 142.14 -18.87 -1.59
CA PHE B 420 142.89 -18.24 -0.52
C PHE B 420 144.38 -18.52 -0.64
N ASP B 421 144.76 -19.75 -0.95
CA ASP B 421 146.17 -20.10 -1.09
C ASP B 421 146.80 -19.33 -2.23
N LEU B 422 146.08 -19.19 -3.36
CA LEU B 422 146.62 -18.41 -4.47
C LEU B 422 146.81 -16.96 -4.07
N LEU B 423 145.84 -16.37 -3.36
CA LEU B 423 145.95 -14.96 -3.02
C LEU B 423 147.03 -14.69 -1.99
N ILE B 424 147.29 -15.63 -1.08
CA ILE B 424 148.30 -15.38 -0.05
C ILE B 424 149.66 -15.19 -0.68
N LYS B 425 150.00 -16.00 -1.68
CA LYS B 425 151.28 -15.88 -2.36
C LYS B 425 151.36 -14.57 -3.13
N GLU B 440 150.20 -5.47 11.61
CA GLU B 440 151.33 -6.21 12.18
C GLU B 440 151.26 -7.67 11.77
N ASN B 441 152.25 -8.46 12.22
CA ASN B 441 152.29 -9.87 11.87
C ASN B 441 151.13 -10.65 12.47
N GLU B 442 150.41 -10.08 13.44
CA GLU B 442 149.33 -10.81 14.09
C GLU B 442 148.31 -11.31 13.09
N VAL B 443 148.00 -10.51 12.08
CA VAL B 443 146.95 -10.89 11.13
C VAL B 443 147.35 -12.12 10.34
N MET B 444 148.63 -12.23 9.96
CA MET B 444 149.06 -13.41 9.22
C MET B 444 148.94 -14.67 10.07
N GLU B 445 149.16 -14.56 11.38
CA GLU B 445 148.91 -15.69 12.26
C GLU B 445 147.44 -16.08 12.24
N MET B 446 146.55 -15.09 12.26
CA MET B 446 145.12 -15.39 12.16
C MET B 446 144.78 -16.05 10.83
N PHE B 447 145.44 -15.61 9.75
CA PHE B 447 145.23 -16.27 8.46
C PHE B 447 145.65 -17.74 8.52
N ASN B 448 146.82 -18.01 9.10
CA ASN B 448 147.27 -19.39 9.25
C ASN B 448 146.28 -20.19 10.08
N GLU B 449 145.78 -19.61 11.17
CA GLU B 449 144.82 -20.30 12.01
C GLU B 449 143.54 -20.61 11.26
N SER B 450 143.06 -19.67 10.44
CA SER B 450 141.86 -19.91 9.64
C SER B 450 142.11 -21.02 8.63
N ARG B 451 143.29 -21.04 8.03
CA ARG B 451 143.63 -22.10 7.07
C ARG B 451 143.60 -23.46 7.75
N GLU B 452 144.18 -23.55 8.95
CA GLU B 452 144.22 -24.82 9.66
C GLU B 452 142.84 -25.23 10.16
N SER B 453 142.03 -24.27 10.61
CA SER B 453 140.69 -24.60 11.06
C SER B 453 139.84 -25.12 9.90
N VAL B 454 139.94 -24.49 8.74
CA VAL B 454 139.18 -24.95 7.59
C VAL B 454 139.62 -26.36 7.18
N LYS B 455 140.94 -26.60 7.17
CA LYS B 455 141.39 -27.96 6.88
C LYS B 455 140.89 -28.96 7.90
N SER B 456 140.68 -28.51 9.14
CA SER B 456 140.23 -29.41 10.21
C SER B 456 138.86 -30.00 9.93
N ILE B 457 138.03 -29.33 9.13
CA ILE B 457 136.75 -29.91 8.71
C ILE B 457 136.79 -30.40 7.27
N ILE B 458 137.72 -29.94 6.45
CA ILE B 458 137.93 -30.55 5.14
C ILE B 458 138.23 -32.04 5.32
N ASP B 459 139.27 -32.34 6.10
CA ASP B 459 139.62 -33.74 6.31
C ASP B 459 138.53 -34.50 7.06
N GLU B 460 137.76 -33.80 7.89
CA GLU B 460 136.72 -34.50 8.66
C GLU B 460 135.57 -34.91 7.74
N TYR B 461 135.14 -34.01 6.86
CA TYR B 461 134.13 -34.38 5.88
C TYR B 461 134.63 -35.47 4.94
N LYS B 462 135.93 -35.47 4.61
CA LYS B 462 136.44 -36.58 3.82
C LYS B 462 136.35 -37.89 4.60
N ALA B 463 136.78 -37.88 5.86
CA ALA B 463 136.73 -39.09 6.67
C ALA B 463 135.30 -39.57 6.90
N CYS B 464 134.31 -38.67 6.83
CA CYS B 464 132.93 -39.08 6.99
C CYS B 464 132.54 -40.22 6.06
N LYS B 465 133.24 -40.37 4.94
CA LYS B 465 132.93 -41.44 3.98
C LYS B 465 133.17 -42.83 4.56
N GLU B 466 133.99 -42.94 5.59
CA GLU B 466 134.54 -44.21 6.04
C GLU B 466 133.84 -44.68 7.30
N ILE B 467 133.61 -45.99 7.38
CA ILE B 467 133.06 -46.61 8.59
C ILE B 467 134.13 -46.65 9.69
N SER C 62 18.45 -89.77 49.10
CA SER C 62 19.76 -89.19 48.69
C SER C 62 19.55 -87.83 48.03
N PRO C 63 20.27 -86.80 48.50
CA PRO C 63 20.09 -85.47 47.92
C PRO C 63 20.62 -85.40 46.49
N ASP C 64 20.04 -84.50 45.71
CA ASP C 64 20.44 -84.25 44.33
C ASP C 64 21.19 -82.93 44.27
N TYR C 65 22.35 -82.94 43.63
CA TYR C 65 23.22 -81.77 43.58
C TYR C 65 23.57 -81.43 42.13
N VAL C 66 23.67 -80.13 41.87
CA VAL C 66 24.16 -79.62 40.59
C VAL C 66 25.49 -78.92 40.84
N SER C 67 26.59 -79.65 40.72
CA SER C 67 27.90 -79.15 41.11
C SER C 67 28.72 -78.76 39.90
N LEU C 68 29.75 -77.96 40.15
CA LEU C 68 30.68 -77.55 39.09
C LEU C 68 31.72 -78.62 38.88
N ARG C 69 31.89 -79.04 37.62
CA ARG C 69 32.92 -80.01 37.30
C ARG C 69 34.30 -79.38 37.41
N GLU C 70 35.29 -80.20 37.73
CA GLU C 70 36.67 -79.72 37.87
C GLU C 70 37.49 -80.10 36.65
N ASN C 79 45.35 -75.43 23.66
CA ASN C 79 43.96 -75.36 23.14
C ASN C 79 43.00 -75.77 24.27
N LEU C 80 42.41 -74.79 24.96
CA LEU C 80 41.44 -75.05 26.07
C LEU C 80 40.06 -75.16 25.43
N ASP C 81 39.18 -76.02 25.94
CA ASP C 81 37.78 -76.15 25.43
C ASP C 81 37.02 -74.95 26.01
N ILE C 82 36.76 -73.91 25.22
CA ILE C 82 36.12 -72.68 25.67
C ILE C 82 34.60 -72.79 25.75
N MET C 83 34.01 -73.86 25.21
CA MET C 83 32.57 -74.04 25.26
C MET C 83 32.16 -75.36 25.88
N SER C 84 33.09 -76.13 26.43
CA SER C 84 32.74 -77.36 27.11
C SER C 84 31.87 -77.06 28.32
N SER C 85 30.92 -77.96 28.60
CA SER C 85 30.01 -77.76 29.71
C SER C 85 30.78 -77.59 31.01
N CYS C 86 30.42 -76.57 31.78
CA CYS C 86 31.13 -76.30 33.02
C CYS C 86 30.61 -77.15 34.17
N ILE C 87 29.28 -77.30 34.28
CA ILE C 87 28.69 -78.12 35.33
C ILE C 87 28.71 -79.57 34.87
N VAL C 88 28.47 -80.49 35.80
CA VAL C 88 28.42 -81.91 35.46
C VAL C 88 27.09 -82.22 34.81
N ASP C 89 27.14 -82.91 33.65
CA ASP C 89 25.95 -83.32 32.95
C ASP C 89 25.90 -84.83 32.69
N SER C 90 26.93 -85.58 33.10
CA SER C 90 26.96 -87.02 32.93
C SER C 90 26.26 -87.75 34.06
N VAL C 91 25.39 -87.07 34.81
CA VAL C 91 24.65 -87.69 35.91
C VAL C 91 23.38 -88.33 35.34
N ILE C 92 23.22 -89.63 35.60
CA ILE C 92 22.06 -90.37 35.15
C ILE C 92 21.32 -90.84 36.40
N TYR C 93 20.07 -90.43 36.54
CA TYR C 93 19.29 -90.79 37.72
C TYR C 93 19.04 -92.29 37.76
N LYS C 94 19.19 -92.86 38.97
CA LYS C 94 19.09 -94.30 39.13
C LYS C 94 17.64 -94.76 39.21
N SER C 95 16.80 -94.03 39.95
CA SER C 95 15.38 -94.33 40.04
C SER C 95 14.61 -93.03 40.17
N GLN C 96 13.36 -93.05 39.73
CA GLN C 96 12.55 -91.84 39.64
C GLN C 96 12.38 -91.20 41.01
N LYS C 97 12.53 -89.88 41.07
CA LYS C 97 12.38 -89.16 42.32
C LYS C 97 10.95 -89.18 42.81
N ILE C 98 9.97 -89.21 41.89
CA ILE C 98 8.57 -89.35 42.22
C ILE C 98 8.03 -90.54 41.45
N ALA C 99 7.43 -91.49 42.16
CA ALA C 99 6.91 -92.70 41.54
C ALA C 99 5.58 -92.37 40.86
N GLY C 100 5.55 -92.47 39.53
CA GLY C 100 4.36 -92.18 38.79
C GLY C 100 3.49 -93.41 38.60
N PRO C 101 2.27 -93.22 38.10
CA PRO C 101 1.39 -94.36 37.85
C PRO C 101 1.98 -95.32 36.84
N LEU C 102 1.72 -96.62 37.03
CA LEU C 102 2.16 -97.67 36.07
C LEU C 102 1.46 -97.42 34.74
N LEU C 103 2.13 -97.68 33.61
CA LEU C 103 1.55 -97.45 32.26
C LEU C 103 0.52 -98.54 31.99
N SER C 104 0.81 -99.79 32.37
CA SER C 104 -0.16 -100.91 32.24
C SER C 104 -1.44 -100.58 33.02
N GLN C 105 -1.35 -99.95 34.21
CA GLN C 105 -2.56 -99.69 34.98
C GLN C 105 -3.56 -98.84 34.21
N ILE C 106 -3.07 -97.89 33.42
CA ILE C 106 -3.95 -97.01 32.65
C ILE C 106 -4.41 -97.73 31.40
N SER C 107 -5.73 -97.76 31.19
CA SER C 107 -6.32 -98.43 30.03
C SER C 107 -6.90 -97.47 29.00
N ASN C 108 -7.29 -96.27 29.41
CA ASN C 108 -7.87 -95.32 28.46
C ASN C 108 -6.81 -94.83 27.48
N LEU C 109 -7.24 -94.60 26.23
CA LEU C 109 -6.30 -94.17 25.20
C LEU C 109 -5.94 -92.70 25.37
N ASN C 110 -6.91 -91.85 25.71
CA ASN C 110 -6.65 -90.43 25.84
C ASN C 110 -5.63 -90.15 26.93
N ILE C 111 -5.75 -90.84 28.07
CA ILE C 111 -4.82 -90.63 29.17
C ILE C 111 -3.42 -91.03 28.75
N GLN C 112 -3.30 -92.18 28.07
CA GLN C 112 -1.99 -92.62 27.61
C GLN C 112 -1.39 -91.62 26.64
N GLN C 113 -2.21 -91.09 25.74
CA GLN C 113 -1.73 -90.12 24.77
C GLN C 113 -1.21 -88.86 25.45
N ALA C 114 -1.96 -88.34 26.41
CA ALA C 114 -1.52 -87.13 27.11
C ALA C 114 -0.25 -87.39 27.90
N LEU C 115 -0.17 -88.55 28.58
CA LEU C 115 1.01 -88.88 29.36
C LEU C 115 2.24 -88.99 28.46
N ILE C 116 2.11 -89.66 27.32
CA ILE C 116 3.26 -89.82 26.45
C ILE C 116 3.64 -88.48 25.84
N ILE C 117 2.67 -87.59 25.57
CA ILE C 117 3.00 -86.27 25.07
C ILE C 117 3.81 -85.49 26.09
N ARG C 118 3.38 -85.53 27.35
CA ARG C 118 4.11 -84.82 28.40
C ARG C 118 5.53 -85.36 28.53
N GLU C 119 5.68 -86.69 28.50
CA GLU C 119 7.01 -87.27 28.57
C GLU C 119 7.83 -86.98 27.30
N LEU C 120 7.16 -86.83 26.15
CA LEU C 120 7.86 -86.62 24.90
C LEU C 120 8.42 -85.22 24.78
N LEU C 121 7.74 -84.23 25.35
CA LEU C 121 8.28 -82.87 25.27
C LEU C 121 9.69 -82.80 25.85
N PHE C 122 9.93 -83.47 26.97
CA PHE C 122 11.26 -83.48 27.55
C PHE C 122 12.20 -84.40 26.77
N THR C 123 11.68 -85.48 26.20
CA THR C 123 12.53 -86.40 25.45
C THR C 123 13.13 -85.71 24.23
N LEU C 124 12.36 -84.86 23.57
CA LEU C 124 12.84 -84.22 22.35
C LEU C 124 14.06 -83.35 22.62
N LEU C 125 14.28 -82.93 23.87
CA LEU C 125 15.45 -82.15 24.23
C LEU C 125 16.61 -83.02 24.72
N GLY C 126 16.47 -84.33 24.68
CA GLY C 126 17.51 -85.23 25.11
C GLY C 126 17.40 -85.73 26.54
N HIS C 127 16.39 -85.31 27.29
CA HIS C 127 16.21 -85.76 28.66
C HIS C 127 15.44 -87.07 28.71
N GLU C 128 15.65 -87.81 29.80
CA GLU C 128 14.86 -88.99 30.06
C GLU C 128 13.46 -88.61 30.50
N GLY C 129 12.56 -89.59 30.46
CA GLY C 129 11.23 -89.43 31.00
C GLY C 129 10.86 -90.58 31.93
N HIS C 130 9.61 -90.63 32.38
CA HIS C 130 9.16 -91.77 33.17
C HIS C 130 8.91 -92.99 32.30
N TYR C 131 8.50 -92.80 31.05
CA TYR C 131 8.15 -93.90 30.17
C TYR C 131 9.07 -94.06 28.97
N ILE C 132 9.97 -93.11 28.73
CA ILE C 132 11.01 -93.23 27.72
C ILE C 132 12.36 -93.15 28.43
N GLN C 133 13.16 -94.20 28.31
CA GLN C 133 14.40 -94.30 29.06
C GLN C 133 15.56 -94.57 28.11
N TYR C 134 16.76 -94.14 28.54
CA TYR C 134 17.97 -94.33 27.72
C TYR C 134 18.30 -95.81 27.61
N SER C 135 18.80 -96.24 26.45
CA SER C 135 19.26 -97.60 26.27
C SER C 135 20.54 -97.84 27.06
N LYS C 136 20.69 -99.08 27.54
CA LYS C 136 21.86 -99.41 28.35
C LYS C 136 23.16 -99.27 27.56
N ARG C 137 23.09 -99.23 26.24
CA ARG C 137 24.30 -99.10 25.43
C ARG C 137 24.89 -97.69 25.47
N TYR C 138 24.11 -96.70 25.90
CA TYR C 138 24.57 -95.31 25.88
C TYR C 138 25.48 -95.06 27.07
N ASP C 139 26.77 -94.85 26.79
CA ASP C 139 27.74 -94.53 27.82
C ASP C 139 28.19 -93.08 27.65
N PRO C 140 27.84 -92.17 28.55
CA PRO C 140 28.23 -90.76 28.35
C PRO C 140 29.73 -90.54 28.31
N THR C 141 30.51 -91.45 28.89
CA THR C 141 31.96 -91.26 28.91
C THR C 141 32.55 -91.26 27.50
N SER C 142 32.10 -92.18 26.65
CA SER C 142 32.65 -92.29 25.31
C SER C 142 32.26 -91.08 24.47
N GLN C 143 33.23 -90.56 23.72
CA GLN C 143 32.98 -89.40 22.87
C GLN C 143 32.01 -89.74 21.73
N ILE C 144 32.24 -90.88 21.08
CA ILE C 144 31.41 -91.23 19.93
C ILE C 144 29.97 -91.47 20.35
N SER C 145 29.78 -92.04 21.55
CA SER C 145 28.43 -92.26 22.05
C SER C 145 27.71 -90.94 22.23
N ARG C 146 28.39 -89.94 22.80
CA ARG C 146 27.77 -88.64 22.98
C ARG C 146 27.47 -87.99 21.64
N ILE C 147 28.41 -88.06 20.69
CA ILE C 147 28.21 -87.42 19.40
C ILE C 147 27.04 -88.03 18.66
N GLU C 148 26.96 -89.37 18.64
CA GLU C 148 25.90 -90.03 17.89
C GLU C 148 24.54 -89.90 18.56
N GLY C 149 24.48 -89.47 19.82
CA GLY C 149 23.22 -89.29 20.50
C GLY C 149 22.74 -90.56 21.17
N PRO C 150 21.89 -90.42 22.18
CA PRO C 150 21.40 -91.59 22.90
C PRO C 150 20.25 -92.28 22.19
N ASP C 151 20.20 -93.60 22.34
CA ASP C 151 19.10 -94.41 21.84
C ASP C 151 18.12 -94.70 22.97
N TYR C 152 16.83 -94.57 22.67
CA TYR C 152 15.78 -94.64 23.67
C TYR C 152 14.98 -95.93 23.52
N LYS C 153 14.53 -96.47 24.65
CA LYS C 153 13.64 -97.61 24.67
C LYS C 153 12.30 -97.19 25.26
N ILE C 154 11.22 -97.67 24.67
CA ILE C 154 9.86 -97.29 25.06
C ILE C 154 9.27 -98.39 25.92
N ALA C 155 8.55 -97.98 26.98
CA ALA C 155 7.96 -98.95 27.89
C ALA C 155 7.05 -99.90 27.13
N LYS C 156 7.12 -101.18 27.49
CA LYS C 156 6.42 -102.22 26.74
C LYS C 156 4.91 -102.16 26.88
N ASN C 157 4.39 -101.41 27.85
CA ASN C 157 2.96 -101.39 28.12
C ASN C 157 2.22 -100.31 27.34
N LEU C 158 2.91 -99.52 26.54
CA LEU C 158 2.23 -98.53 25.72
C LEU C 158 1.40 -99.19 24.63
N ASP C 159 0.41 -98.46 24.14
CA ASP C 159 -0.39 -98.95 23.02
C ASP C 159 0.48 -99.08 21.77
N ILE C 160 0.12 -100.06 20.93
CA ILE C 160 0.97 -100.39 19.80
C ILE C 160 1.06 -99.22 18.83
N SER C 161 -0.07 -98.60 18.50
CA SER C 161 -0.04 -97.48 17.57
C SER C 161 0.73 -96.30 18.15
N LEU C 162 0.49 -95.99 19.43
CA LEU C 162 1.23 -94.92 20.07
C LEU C 162 2.70 -95.27 20.16
N LYS C 163 3.03 -96.54 20.38
CA LYS C 163 4.42 -96.95 20.43
C LYS C 163 5.12 -96.73 19.09
N VAL C 164 4.44 -97.07 17.99
CA VAL C 164 5.03 -96.85 16.67
C VAL C 164 5.25 -95.36 16.42
N ILE C 165 4.22 -94.55 16.67
CA ILE C 165 4.34 -93.13 16.40
C ILE C 165 5.44 -92.52 17.25
N THR C 166 5.54 -92.94 18.52
CA THR C 166 6.61 -92.45 19.37
C THR C 166 7.98 -92.88 18.86
N LYS C 167 8.10 -94.13 18.41
CA LYS C 167 9.38 -94.59 17.88
C LYS C 167 9.82 -93.76 16.69
N LYS C 168 8.87 -93.24 15.90
CA LYS C 168 9.28 -92.35 14.82
C LYS C 168 9.80 -91.02 15.36
N LEU C 169 9.11 -90.45 16.35
CA LEU C 169 9.46 -89.11 16.84
C LEU C 169 10.70 -89.11 17.73
N VAL C 170 11.05 -90.24 18.34
CA VAL C 170 12.16 -90.25 19.29
C VAL C 170 13.45 -89.81 18.61
N LYS C 171 13.59 -90.07 17.31
CA LYS C 171 14.85 -89.78 16.64
C LYS C 171 15.22 -88.31 16.73
N PHE C 172 14.23 -87.43 16.87
CA PHE C 172 14.52 -85.99 16.92
C PHE C 172 15.28 -85.62 18.20
N GLY C 173 14.95 -86.27 19.32
CA GLY C 173 15.73 -86.05 20.52
C GLY C 173 17.16 -86.52 20.36
N LYS C 174 17.35 -87.63 19.65
CA LYS C 174 18.70 -88.14 19.41
C LYS C 174 19.54 -87.14 18.64
N PHE C 175 18.98 -86.55 17.57
CA PHE C 175 19.73 -85.59 16.78
C PHE C 175 20.06 -84.35 17.60
N TYR C 176 19.09 -83.86 18.38
CA TYR C 176 19.33 -82.66 19.17
C TYR C 176 20.42 -82.89 20.21
N SER C 177 20.36 -84.01 20.91
CA SER C 177 21.40 -84.30 21.90
C SER C 177 22.75 -84.46 21.24
N GLY C 178 22.79 -85.12 20.09
CA GLY C 178 24.06 -85.28 19.39
C GLY C 178 24.66 -83.96 18.97
N LEU C 179 23.84 -83.06 18.43
CA LEU C 179 24.35 -81.75 18.02
C LEU C 179 24.80 -80.94 19.23
N LYS C 180 24.04 -80.98 20.32
CA LYS C 180 24.41 -80.23 21.50
C LYS C 180 25.74 -80.71 22.06
N SER C 181 25.97 -82.03 22.05
CA SER C 181 27.26 -82.55 22.48
C SER C 181 28.36 -82.31 21.44
N PHE C 182 27.98 -82.16 20.18
CA PHE C 182 28.96 -81.84 19.14
C PHE C 182 29.54 -80.44 19.35
N ILE C 183 28.69 -79.49 19.70
CA ILE C 183 29.18 -78.12 19.94
C ILE C 183 30.19 -78.11 21.08
N GLN C 184 29.90 -78.81 22.16
CA GLN C 184 30.77 -78.82 23.33
C GLN C 184 32.06 -79.57 23.12
N VAL C 185 32.35 -80.07 21.92
CA VAL C 185 33.59 -80.79 21.63
C VAL C 185 34.37 -80.14 20.50
N PHE C 186 33.70 -79.84 19.39
CA PHE C 186 34.41 -79.38 18.20
C PHE C 186 34.60 -77.87 18.14
N ASP C 187 34.14 -77.13 19.13
CA ASP C 187 34.26 -75.67 19.12
C ASP C 187 35.43 -75.23 19.98
N ASN C 188 36.64 -75.47 19.46
CA ASN C 188 37.86 -74.99 20.09
C ASN C 188 38.87 -74.62 19.01
N ASN C 189 40.03 -74.11 19.44
CA ASN C 189 40.99 -73.55 18.50
C ASN C 189 41.64 -74.62 17.64
N LYS C 190 41.80 -75.84 18.15
CA LYS C 190 42.57 -76.85 17.43
C LYS C 190 41.86 -77.39 16.21
N PHE C 191 40.56 -77.14 16.05
CA PHE C 191 39.80 -77.69 14.93
C PHE C 191 39.58 -76.68 13.81
N GLY C 192 40.08 -75.46 13.97
CA GLY C 192 40.12 -74.51 12.87
C GLY C 192 38.87 -73.66 12.72
N LYS C 193 39.03 -72.63 11.88
CA LYS C 193 37.97 -71.65 11.68
C LYS C 193 36.78 -72.22 10.95
N ILE C 194 37.00 -73.18 10.04
CA ILE C 194 35.89 -73.76 9.29
C ILE C 194 34.95 -74.49 10.23
N VAL C 195 35.50 -75.35 11.09
CA VAL C 195 34.67 -76.12 12.01
C VAL C 195 34.04 -75.20 13.05
N GLN C 196 34.78 -74.20 13.51
CA GLN C 196 34.20 -73.26 14.47
C GLN C 196 32.99 -72.54 13.87
N LYS C 197 33.14 -72.05 12.64
CA LYS C 197 32.05 -71.34 11.99
C LYS C 197 30.87 -72.27 11.74
N PHE C 198 31.12 -73.55 11.48
CA PHE C 198 30.03 -74.51 11.34
C PHE C 198 29.31 -74.71 12.68
N CYS C 199 30.08 -74.75 13.77
CA CYS C 199 29.45 -74.86 15.09
C CYS C 199 28.55 -73.67 15.36
N SER C 200 28.91 -72.51 14.82
CA SER C 200 28.01 -71.36 14.92
C SER C 200 26.66 -71.63 14.26
N GLU C 201 26.69 -72.22 13.07
CA GLU C 201 25.44 -72.56 12.38
C GLU C 201 24.62 -73.57 13.18
N VAL C 202 25.30 -74.57 13.74
CA VAL C 202 24.58 -75.58 14.52
C VAL C 202 23.88 -74.93 15.70
N ARG C 203 24.57 -74.01 16.39
CA ARG C 203 24.03 -73.36 17.59
C ARG C 203 22.86 -72.44 17.21
N LYS C 204 22.90 -71.78 16.04
CA LYS C 204 21.77 -70.97 15.60
C LYS C 204 20.58 -71.85 15.25
N PHE C 205 20.84 -73.00 14.62
CA PHE C 205 19.76 -73.92 14.29
C PHE C 205 19.08 -74.44 15.55
N LEU C 206 19.85 -74.75 16.59
CA LEU C 206 19.24 -75.22 17.84
C LEU C 206 18.34 -74.13 18.42
N SER C 207 18.80 -72.88 18.37
CA SER C 207 17.96 -71.78 18.86
C SER C 207 16.67 -71.72 18.07
N SER C 208 16.73 -71.94 16.75
CA SER C 208 15.50 -71.93 15.95
C SER C 208 14.60 -73.12 16.30
N TYR C 209 15.19 -74.28 16.54
CA TYR C 209 14.41 -75.50 16.79
C TYR C 209 13.65 -75.42 18.10
N GLN C 210 14.24 -74.82 19.12
CA GLN C 210 13.52 -74.68 20.38
C GLN C 210 12.26 -73.85 20.22
N GLN C 211 12.20 -72.92 19.24
CA GLN C 211 10.98 -72.12 18.99
C GLN C 211 9.91 -73.00 18.33
N VAL C 212 10.29 -74.11 17.68
CA VAL C 212 9.32 -75.10 17.11
C VAL C 212 8.78 -75.92 18.28
N LEU C 213 9.62 -76.27 19.27
CA LEU C 213 9.22 -77.04 20.45
C LEU C 213 8.32 -76.21 21.37
N ILE C 214 8.63 -74.92 21.52
CA ILE C 214 7.81 -74.06 22.38
C ILE C 214 6.40 -73.93 21.83
N ASN C 215 6.28 -73.76 20.51
CA ASN C 215 4.94 -73.68 19.93
C ASN C 215 4.17 -74.98 20.14
N VAL C 216 4.85 -76.11 20.00
CA VAL C 216 4.20 -77.40 20.26
C VAL C 216 3.71 -77.46 21.69
N GLU C 217 4.53 -77.02 22.64
CA GLU C 217 4.12 -77.06 24.04
C GLU C 217 2.91 -76.16 24.27
N HIS C 218 2.91 -74.97 23.67
CA HIS C 218 1.78 -74.06 23.85
C HIS C 218 0.49 -74.67 23.30
N GLU C 219 0.57 -75.30 22.12
CA GLU C 219 -0.62 -75.93 21.56
C GLU C 219 -1.08 -77.10 22.41
N PHE C 220 -0.14 -77.91 22.94
CA PHE C 220 -0.48 -79.05 23.83
C PHE C 220 -1.24 -78.48 25.03
N LYS C 221 -0.75 -77.39 25.61
CA LYS C 221 -1.34 -76.81 26.84
C LYS C 221 -2.72 -76.20 26.59
N PHE C 222 -2.95 -75.46 25.49
CA PHE C 222 -4.21 -74.74 25.30
C PHE C 222 -5.15 -75.32 24.24
N ASN C 223 -4.65 -76.07 23.27
CA ASN C 223 -5.50 -76.57 22.19
C ASN C 223 -6.13 -77.91 22.56
N LYS C 224 -7.45 -78.00 22.45
CA LYS C 224 -8.15 -79.24 22.77
C LYS C 224 -8.00 -80.28 21.65
N ASN C 225 -7.89 -79.83 20.40
CA ASN C 225 -7.82 -80.75 19.27
C ASN C 225 -6.43 -81.31 19.05
N PHE C 226 -5.43 -80.86 19.81
CA PHE C 226 -4.09 -81.37 19.65
C PHE C 226 -4.03 -82.86 19.95
N ASN C 227 -3.25 -83.59 19.17
CA ASN C 227 -3.08 -85.01 19.37
C ASN C 227 -1.71 -85.41 18.83
N LEU C 228 -1.36 -86.69 19.04
CA LEU C 228 -0.02 -87.16 18.70
C LEU C 228 0.27 -87.03 17.21
N ASN C 229 -0.72 -87.36 16.37
CA ASN C 229 -0.52 -87.30 14.93
C ASN C 229 -0.20 -85.89 14.47
N MET C 230 -0.85 -84.89 15.07
CA MET C 230 -0.56 -83.51 14.71
C MET C 230 0.89 -83.16 15.04
N LEU C 231 1.37 -83.62 16.20
CA LEU C 231 2.77 -83.37 16.56
C LEU C 231 3.70 -84.02 15.56
N ASP C 232 3.42 -85.28 15.18
CA ASP C 232 4.25 -85.96 14.21
C ASP C 232 4.30 -85.20 12.90
N SER C 233 3.14 -84.81 12.39
CA SER C 233 3.09 -84.13 11.09
C SER C 233 3.81 -82.79 11.17
N LEU C 234 3.58 -82.03 12.24
CA LEU C 234 4.18 -80.71 12.35
C LEU C 234 5.71 -80.81 12.41
N LEU C 235 6.23 -81.67 13.29
CA LEU C 235 7.67 -81.77 13.43
C LEU C 235 8.30 -82.29 12.14
N HIS C 236 7.69 -83.30 11.51
CA HIS C 236 8.29 -83.83 10.29
C HIS C 236 8.27 -82.80 9.16
N GLN C 237 7.19 -82.01 9.06
CA GLN C 237 7.09 -81.06 7.97
C GLN C 237 7.83 -79.76 8.23
N GLU C 238 8.28 -79.49 9.45
CA GLU C 238 8.92 -78.23 9.76
C GLU C 238 10.44 -78.33 9.87
N ILE C 239 10.96 -79.23 10.71
CA ILE C 239 12.36 -79.20 11.10
C ILE C 239 13.13 -80.45 10.74
N SER C 240 12.50 -81.47 10.16
CA SER C 240 13.19 -82.74 9.95
C SER C 240 14.37 -82.59 8.98
N ASN C 241 14.18 -81.83 7.89
CA ASN C 241 15.16 -81.82 6.81
C ASN C 241 16.48 -81.18 7.26
N GLU C 242 16.38 -79.99 7.85
CA GLU C 242 17.59 -79.28 8.30
C GLU C 242 18.31 -80.06 9.39
N MET C 243 17.55 -80.63 10.32
CA MET C 243 18.15 -81.41 11.39
C MET C 243 18.87 -82.62 10.83
N THR C 244 18.27 -83.29 9.86
CA THR C 244 18.93 -84.46 9.26
C THR C 244 20.23 -84.06 8.57
N HIS C 245 20.20 -82.96 7.83
CA HIS C 245 21.43 -82.50 7.17
C HIS C 245 22.54 -82.23 8.18
N LEU C 246 22.22 -81.44 9.20
CA LEU C 246 23.25 -81.06 10.17
C LEU C 246 23.78 -82.27 10.92
N TYR C 247 22.89 -83.17 11.35
CA TYR C 247 23.33 -84.33 12.09
C TYR C 247 24.21 -85.24 11.23
N GLN C 248 23.82 -85.45 9.97
CA GLN C 248 24.63 -86.31 9.11
C GLN C 248 26.01 -85.71 8.90
N ILE C 249 26.09 -84.40 8.66
CA ILE C 249 27.40 -83.79 8.46
C ILE C 249 28.23 -83.91 9.74
N GLY C 250 27.63 -83.66 10.89
CA GLY C 250 28.37 -83.74 12.14
C GLY C 250 28.91 -85.13 12.41
N ILE C 251 28.08 -86.16 12.23
CA ILE C 251 28.55 -87.51 12.51
C ILE C 251 29.61 -87.92 11.49
N GLU C 252 29.51 -87.47 10.25
CA GLU C 252 30.56 -87.77 9.29
C GLU C 252 31.88 -87.11 9.68
N ILE C 253 31.82 -85.88 10.19
CA ILE C 253 33.04 -85.24 10.69
C ILE C 253 33.63 -86.04 11.85
N SER C 254 32.78 -86.50 12.76
CA SER C 254 33.28 -87.30 13.88
C SER C 254 33.98 -88.56 13.38
N ARG C 255 33.37 -89.25 12.41
CA ARG C 255 33.99 -90.46 11.87
C ARG C 255 35.35 -90.16 11.24
N ILE C 256 35.42 -89.09 10.45
CA ILE C 256 36.68 -88.80 9.75
C ILE C 256 37.75 -88.37 10.75
N THR C 257 37.38 -87.55 11.74
CA THR C 257 38.39 -87.08 12.68
C THR C 257 38.87 -88.20 13.60
N GLU C 258 38.02 -89.16 13.95
CA GLU C 258 38.55 -90.28 14.74
C GLU C 258 39.38 -91.21 13.88
N GLU C 259 39.08 -91.32 12.58
CA GLU C 259 39.96 -92.10 11.71
C GLU C 259 41.34 -91.47 11.59
N ARG C 260 41.40 -90.13 11.48
CA ARG C 260 42.70 -89.49 11.28
C ARG C 260 43.59 -89.53 12.52
N GLN C 261 43.05 -89.82 13.69
CA GLN C 261 43.85 -89.89 14.90
C GLN C 261 44.37 -91.30 15.18
N LYS C 262 44.15 -92.25 14.28
CA LYS C 262 44.64 -93.61 14.47
C LYS C 262 45.66 -93.96 13.39
N GLY C 301 39.60 -80.12 10.11
CA GLY C 301 39.99 -78.79 9.72
C GLY C 301 39.28 -78.30 8.47
N GLY C 302 40.02 -78.16 7.38
CA GLY C 302 39.43 -77.75 6.11
C GLY C 302 38.71 -78.84 5.37
N LEU C 303 38.66 -80.04 5.93
CA LEU C 303 37.97 -81.17 5.32
C LEU C 303 36.46 -80.99 5.28
N LEU C 304 35.91 -80.02 6.03
CA LEU C 304 34.46 -79.85 6.06
C LEU C 304 33.92 -79.53 4.67
N LEU C 305 34.62 -78.68 3.92
CA LEU C 305 34.16 -78.33 2.57
C LEU C 305 34.04 -79.57 1.69
N GLN C 306 34.97 -80.52 1.84
CA GLN C 306 34.88 -81.76 1.07
C GLN C 306 33.66 -82.56 1.47
N VAL C 307 33.34 -82.59 2.77
CA VAL C 307 32.17 -83.35 3.22
C VAL C 307 30.90 -82.73 2.68
N ILE C 308 30.78 -81.40 2.74
CA ILE C 308 29.59 -80.75 2.23
C ILE C 308 29.45 -80.99 0.73
N GLN C 309 30.54 -80.83 -0.02
CA GLN C 309 30.47 -81.05 -1.46
C GLN C 309 30.10 -82.49 -1.78
N GLU C 310 30.68 -83.45 -1.06
CA GLU C 310 30.29 -84.85 -1.23
C GLU C 310 28.83 -85.05 -0.86
N ARG C 311 28.38 -84.42 0.22
CA ARG C 311 26.99 -84.55 0.63
C ARG C 311 26.05 -83.94 -0.40
N MET C 312 26.46 -82.84 -1.03
CA MET C 312 25.58 -82.09 -1.92
C MET C 312 25.33 -82.80 -3.24
N VAL C 313 26.09 -83.84 -3.57
CA VAL C 313 25.86 -84.52 -4.85
C VAL C 313 24.53 -85.25 -4.86
N TYR C 314 24.14 -85.84 -3.74
CA TYR C 314 22.90 -86.63 -3.71
C TYR C 314 21.66 -85.77 -3.75
N TYR C 315 21.72 -84.55 -3.20
CA TYR C 315 20.58 -83.64 -3.18
C TYR C 315 20.67 -82.59 -4.28
N LYS C 316 21.34 -82.89 -5.39
CA LYS C 316 21.52 -81.90 -6.44
C LYS C 316 20.21 -81.58 -7.15
N GLY C 317 19.21 -82.44 -7.06
CA GLY C 317 17.94 -82.18 -7.73
C GLY C 317 16.87 -81.66 -6.79
N ASP C 318 17.13 -81.75 -5.49
CA ASP C 318 16.14 -81.31 -4.50
C ASP C 318 16.26 -79.82 -4.28
N PRO C 319 15.23 -79.03 -4.56
CA PRO C 319 15.39 -77.57 -4.44
C PRO C 319 15.69 -77.09 -3.02
N THR C 320 14.85 -77.46 -2.04
CA THR C 320 15.02 -76.93 -0.70
C THR C 320 16.32 -77.43 -0.06
N SER C 321 16.63 -78.71 -0.22
CA SER C 321 17.85 -79.25 0.37
C SER C 321 19.09 -78.65 -0.28
N LEU C 322 19.05 -78.48 -1.60
CA LEU C 322 20.18 -77.84 -2.28
C LEU C 322 20.34 -76.40 -1.83
N ASP C 323 19.23 -75.67 -1.67
CA ASP C 323 19.33 -74.29 -1.22
C ASP C 323 19.94 -74.22 0.17
N PHE C 324 19.51 -75.09 1.07
CA PHE C 324 20.07 -75.07 2.42
C PHE C 324 21.56 -75.42 2.41
N LEU C 325 21.93 -76.45 1.66
CA LEU C 325 23.34 -76.84 1.62
C LEU C 325 24.20 -75.76 0.99
N THR C 326 23.70 -75.11 -0.06
CA THR C 326 24.46 -74.03 -0.69
C THR C 326 24.62 -72.86 0.26
N GLN C 327 23.55 -72.50 0.99
CA GLN C 327 23.67 -71.41 1.97
C GLN C 327 24.69 -71.75 3.05
N LEU C 328 24.63 -72.98 3.56
CA LEU C 328 25.57 -73.41 4.59
C LEU C 328 27.01 -73.39 4.07
N PHE C 329 27.22 -73.86 2.84
CA PHE C 329 28.55 -73.84 2.26
C PHE C 329 29.04 -72.40 2.08
N ASP C 330 28.16 -71.51 1.66
CA ASP C 330 28.56 -70.13 1.43
C ASP C 330 29.00 -69.47 2.73
N ILE C 331 28.22 -69.62 3.80
CA ILE C 331 28.60 -68.95 5.04
C ILE C 331 29.83 -69.58 5.65
N VAL C 332 29.92 -70.91 5.61
CA VAL C 332 31.05 -71.61 6.23
C VAL C 332 32.35 -71.22 5.54
N SER C 333 32.35 -71.15 4.21
CA SER C 333 33.57 -70.92 3.47
C SER C 333 34.07 -69.48 3.59
N SER C 334 33.29 -68.57 4.17
CA SER C 334 33.64 -67.16 4.12
C SER C 334 34.99 -66.88 4.78
N ASP C 335 35.34 -67.61 5.83
CA ASP C 335 36.64 -67.41 6.47
C ASP C 335 37.78 -67.75 5.51
N TYR C 336 37.63 -68.86 4.78
CA TYR C 336 38.66 -69.28 3.84
C TYR C 336 38.83 -68.23 2.74
N ILE C 337 37.73 -67.65 2.30
CA ILE C 337 37.80 -66.58 1.31
C ILE C 337 38.49 -65.36 1.89
N GLY C 338 38.28 -65.08 3.18
CA GLY C 338 39.01 -63.98 3.80
C GLY C 338 40.50 -64.20 3.79
N MET C 339 40.93 -65.41 4.15
CA MET C 339 42.37 -65.71 4.12
C MET C 339 42.92 -65.56 2.71
N LEU C 340 42.22 -66.13 1.72
CA LEU C 340 42.69 -66.07 0.34
C LEU C 340 42.74 -64.62 -0.17
N ASN C 341 41.72 -63.83 0.17
CA ASN C 341 41.68 -62.44 -0.26
C ASN C 341 42.84 -61.65 0.33
N GLN C 342 43.10 -61.82 1.63
CA GLN C 342 44.24 -61.11 2.21
C GLN C 342 45.54 -61.56 1.58
N TRP C 343 45.69 -62.87 1.34
CA TRP C 343 46.92 -63.36 0.74
C TRP C 343 47.15 -62.75 -0.64
N LEU C 344 46.10 -62.71 -1.48
CA LEU C 344 46.27 -62.21 -2.83
C LEU C 344 46.25 -60.70 -2.95
N LEU C 345 45.74 -59.98 -1.95
CA LEU C 345 45.68 -58.53 -2.03
C LEU C 345 46.79 -57.82 -1.26
N GLU C 346 47.29 -58.41 -0.19
CA GLU C 346 48.32 -57.78 0.62
C GLU C 346 49.50 -58.69 0.92
N GLY C 347 49.46 -59.96 0.53
CA GLY C 347 50.58 -60.85 0.78
C GLY C 347 50.87 -61.07 2.24
N VAL C 348 49.83 -61.23 3.05
CA VAL C 348 49.97 -61.44 4.48
C VAL C 348 49.10 -62.61 4.91
N ILE C 349 49.69 -63.56 5.62
CA ILE C 349 48.96 -64.66 6.25
C ILE C 349 48.70 -64.28 7.71
N ASN C 350 47.47 -64.50 8.17
CA ASN C 350 47.02 -63.92 9.44
C ASN C 350 46.65 -64.97 10.47
N ASP C 351 45.83 -65.95 10.10
CA ASP C 351 45.24 -66.85 11.09
C ASP C 351 46.25 -67.93 11.49
N PRO C 352 46.61 -68.04 12.76
CA PRO C 352 47.69 -68.94 13.17
C PRO C 352 47.30 -70.40 13.31
N PHE C 353 46.13 -70.82 12.84
CA PHE C 353 45.68 -72.20 12.99
C PHE C 353 46.27 -73.12 11.92
N ASP C 354 47.10 -72.61 11.01
CA ASP C 354 47.67 -73.42 9.94
C ASP C 354 46.58 -74.01 9.06
N GLU C 355 45.44 -73.33 8.99
CA GLU C 355 44.34 -73.79 8.16
C GLU C 355 44.61 -73.51 6.68
N PHE C 356 45.23 -72.37 6.38
CA PHE C 356 45.36 -71.90 5.02
C PHE C 356 46.32 -72.79 4.23
N MET C 357 46.09 -72.86 2.92
CA MET C 357 46.86 -73.78 2.07
C MET C 357 48.30 -73.31 1.90
N ILE C 358 48.52 -72.00 1.80
CA ILE C 358 49.86 -71.45 1.57
C ILE C 358 50.55 -71.38 2.92
N ARG C 359 51.39 -72.37 3.21
CA ARG C 359 52.02 -72.53 4.51
C ARG C 359 53.35 -71.78 4.55
N GLU C 360 53.33 -70.58 5.13
CA GLU C 360 54.58 -69.90 5.47
C GLU C 360 55.09 -70.43 6.80
N LYS C 361 56.37 -70.80 6.85
CA LYS C 361 56.95 -71.43 8.03
C LYS C 361 58.06 -70.55 8.61
N ARG C 362 58.15 -70.55 9.95
CA ARG C 362 59.14 -69.74 10.66
C ARG C 362 60.51 -70.41 10.60
N VAL C 363 61.55 -69.61 10.35
CA VAL C 363 62.92 -70.13 10.40
C VAL C 363 63.30 -70.40 11.86
N PRO C 364 63.96 -71.51 12.18
CA PRO C 364 64.41 -71.72 13.56
C PRO C 364 65.44 -70.67 13.98
N ASP C 365 65.41 -70.32 15.27
CA ASP C 365 66.38 -69.36 15.78
C ASP C 365 67.81 -69.83 15.58
N SER C 366 68.03 -71.15 15.61
CA SER C 366 69.38 -71.69 15.47
C SER C 366 69.97 -71.42 14.08
N PHE C 367 69.14 -71.12 13.09
CA PHE C 367 69.60 -70.93 11.72
C PHE C 367 69.32 -69.53 11.20
N MET C 368 68.94 -68.60 12.06
CA MET C 368 68.55 -67.26 11.62
C MET C 368 69.67 -66.60 10.82
N GLU C 369 70.90 -66.64 11.33
CA GLU C 369 72.01 -65.99 10.65
C GLU C 369 72.29 -66.64 9.30
N ILE C 370 72.14 -67.97 9.21
CA ILE C 370 72.38 -68.66 7.95
C ILE C 370 71.35 -68.25 6.91
N PHE C 371 70.07 -68.26 7.29
CA PHE C 371 69.02 -67.96 6.31
C PHE C 371 69.01 -66.50 5.92
N GLN C 372 69.46 -65.59 6.80
CA GLN C 372 69.52 -64.19 6.39
C GLN C 372 70.51 -63.97 5.26
N SER C 373 71.65 -64.67 5.30
CA SER C 373 72.62 -64.55 4.22
C SER C 373 72.08 -65.14 2.92
N LYS C 374 71.56 -66.36 2.97
CA LYS C 374 71.03 -67.03 1.79
C LYS C 374 69.51 -66.87 1.75
N SER C 375 69.07 -65.66 1.42
CA SER C 375 67.65 -65.37 1.35
C SER C 375 66.95 -66.11 0.23
N GLU C 376 67.68 -66.65 -0.74
CA GLU C 376 67.04 -67.39 -1.83
C GLU C 376 66.31 -68.60 -1.30
N TYR C 377 66.95 -69.36 -0.39
CA TYR C 377 66.29 -70.53 0.17
C TYR C 377 65.17 -70.14 1.11
N TYR C 378 65.30 -69.00 1.79
CA TYR C 378 64.19 -68.52 2.60
C TYR C 378 62.95 -68.27 1.74
N TRP C 379 63.13 -67.58 0.62
CA TRP C 379 61.99 -67.20 -0.22
C TRP C 379 61.60 -68.28 -1.22
N ASN C 380 62.32 -69.40 -1.28
CA ASN C 380 61.94 -70.47 -2.18
C ASN C 380 61.58 -71.78 -1.49
N GLU C 381 61.90 -71.96 -0.21
CA GLU C 381 61.66 -73.24 0.45
C GLU C 381 60.67 -73.13 1.61
N LEU C 382 60.65 -71.99 2.30
CA LEU C 382 59.80 -71.84 3.47
C LEU C 382 58.40 -71.33 3.15
N PHE C 383 58.04 -71.26 1.87
CA PHE C 383 56.66 -71.12 1.45
C PHE C 383 56.25 -72.39 0.71
N LEU C 384 55.17 -73.02 1.18
CA LEU C 384 54.72 -74.29 0.64
C LEU C 384 53.22 -74.24 0.41
N ILE C 385 52.71 -75.24 -0.28
CA ILE C 385 51.29 -75.39 -0.55
C ILE C 385 50.84 -76.68 0.12
N LYS C 386 49.95 -76.57 1.10
CA LYS C 386 49.41 -77.73 1.81
C LYS C 386 48.38 -78.40 0.91
N ILE C 387 48.77 -79.53 0.28
CA ILE C 387 47.93 -80.19 -0.74
C ILE C 387 46.67 -80.81 -0.10
N ASP C 388 46.67 -81.12 1.20
CA ASP C 388 45.53 -81.81 1.78
C ASP C 388 44.27 -80.94 1.76
N GLY C 389 44.41 -79.65 2.05
CA GLY C 389 43.29 -78.77 2.18
C GLY C 389 42.84 -78.08 0.91
N LEU C 390 43.35 -78.50 -0.24
CA LEU C 390 42.99 -77.85 -1.50
C LEU C 390 41.66 -78.35 -2.03
N LEU C 391 40.86 -77.43 -2.56
CA LEU C 391 39.66 -77.79 -3.29
C LEU C 391 39.99 -78.14 -4.73
N ASN C 392 39.02 -78.72 -5.42
CA ASN C 392 39.25 -79.12 -6.81
C ASN C 392 39.48 -77.92 -7.73
N GLN C 393 39.02 -76.73 -7.34
CA GLN C 393 39.29 -75.55 -8.14
C GLN C 393 40.78 -75.25 -8.20
N PHE C 394 41.47 -75.37 -7.07
CA PHE C 394 42.89 -75.09 -6.98
C PHE C 394 43.75 -76.30 -7.33
N GLN C 395 43.14 -77.45 -7.65
CA GLN C 395 43.89 -78.66 -8.00
C GLN C 395 44.42 -78.55 -9.43
N ASN C 396 45.26 -77.54 -9.63
CA ASN C 396 45.87 -77.29 -10.94
C ASN C 396 47.24 -76.68 -10.68
N SER C 397 48.26 -77.19 -11.39
CA SER C 397 49.62 -76.77 -11.10
C SER C 397 49.82 -75.28 -11.37
N THR C 398 49.33 -74.79 -12.51
CA THR C 398 49.58 -73.40 -12.87
C THR C 398 48.86 -72.45 -11.93
N ILE C 399 47.64 -72.79 -11.49
CA ILE C 399 46.92 -71.93 -10.56
C ILE C 399 47.64 -71.88 -9.22
N GLN C 400 48.11 -73.02 -8.73
CA GLN C 400 48.86 -73.05 -7.49
C GLN C 400 50.09 -72.17 -7.59
N SER C 401 50.83 -72.29 -8.70
CA SER C 401 52.02 -71.47 -8.87
C SER C 401 51.67 -69.99 -8.92
N LYS C 402 50.60 -69.63 -9.62
CA LYS C 402 50.22 -68.23 -9.71
C LYS C 402 49.87 -67.67 -8.33
N ILE C 403 49.10 -68.41 -7.54
CA ILE C 403 48.73 -67.93 -6.22
C ILE C 403 49.97 -67.72 -5.36
N LEU C 404 50.83 -68.74 -5.31
CA LEU C 404 52.01 -68.67 -4.45
C LEU C 404 52.90 -67.51 -4.86
N ASN C 405 53.12 -67.35 -6.17
CA ASN C 405 54.03 -66.31 -6.63
C ASN C 405 53.43 -64.92 -6.50
N THR C 406 52.11 -64.76 -6.65
CA THR C 406 51.49 -63.47 -6.40
C THR C 406 51.70 -63.05 -4.96
N GLY C 407 51.43 -63.96 -4.02
CA GLY C 407 51.61 -63.62 -2.62
C GLY C 407 53.06 -63.31 -2.29
N LYS C 408 53.99 -64.12 -2.80
CA LYS C 408 55.39 -63.86 -2.52
C LYS C 408 55.83 -62.51 -3.07
N TYR C 409 55.39 -62.18 -4.28
CA TYR C 409 55.84 -60.93 -4.89
C TYR C 409 55.32 -59.74 -4.11
N LEU C 410 54.05 -59.77 -3.68
CA LEU C 410 53.57 -58.67 -2.85
C LEU C 410 54.33 -58.60 -1.53
N ASN C 411 54.65 -59.75 -0.94
CA ASN C 411 55.44 -59.73 0.30
C ASN C 411 56.81 -59.11 0.07
N ILE C 412 57.46 -59.43 -1.04
CA ILE C 412 58.76 -58.85 -1.35
C ILE C 412 58.64 -57.34 -1.47
N PHE C 413 57.61 -56.87 -2.18
CA PHE C 413 57.42 -55.43 -2.33
C PHE C 413 57.26 -54.76 -0.97
N LYS C 414 56.39 -55.31 -0.12
CA LYS C 414 56.15 -54.68 1.17
C LYS C 414 57.43 -54.67 2.01
N ARG C 415 58.17 -55.78 2.03
CA ARG C 415 59.36 -55.82 2.86
C ARG C 415 60.46 -54.93 2.31
N CYS C 416 60.49 -54.71 0.99
CA CYS C 416 61.54 -53.88 0.41
C CYS C 416 61.25 -52.39 0.61
N THR C 417 60.10 -51.92 0.12
CA THR C 417 59.83 -50.49 0.20
C THR C 417 59.31 -50.06 1.57
N GLY C 418 59.08 -50.99 2.48
CA GLY C 418 58.71 -50.67 3.83
C GLY C 418 57.24 -50.39 4.07
N LEU C 419 56.41 -50.38 3.04
CA LEU C 419 54.99 -50.12 3.22
C LEU C 419 54.36 -51.20 4.10
N HIS C 420 53.51 -50.78 5.03
CA HIS C 420 52.71 -51.73 5.80
C HIS C 420 51.57 -52.28 4.97
N ASN C 421 50.95 -51.44 4.14
CA ASN C 421 49.89 -51.85 3.25
C ASN C 421 49.83 -50.85 2.09
N PHE C 422 49.11 -51.24 1.05
CA PHE C 422 49.08 -50.45 -0.19
C PHE C 422 47.98 -49.40 -0.17
N GLU C 423 47.95 -48.60 0.90
CA GLU C 423 47.00 -47.50 0.97
C GLU C 423 47.47 -46.31 0.15
N SER C 424 48.77 -46.04 0.13
CA SER C 424 49.28 -44.86 -0.56
C SER C 424 48.94 -44.90 -2.05
N LEU C 425 48.92 -46.08 -2.65
CA LEU C 425 48.61 -46.18 -4.07
C LEU C 425 47.15 -45.86 -4.37
N LYS C 426 46.29 -45.99 -3.35
CA LYS C 426 44.83 -45.71 -3.51
C LYS C 426 44.29 -46.33 -4.80
N GLU C 427 44.52 -47.64 -5.00
CA GLU C 427 43.96 -48.32 -6.20
C GLU C 427 42.65 -49.02 -5.83
N LYS C 428 41.74 -49.17 -6.79
CA LYS C 428 40.43 -49.83 -6.53
C LYS C 428 40.57 -51.34 -6.77
N LEU C 429 40.24 -52.16 -5.77
CA LEU C 429 40.45 -53.60 -5.93
C LEU C 429 39.14 -54.34 -5.71
N THR C 430 38.99 -55.47 -6.39
CA THR C 430 37.83 -56.34 -6.25
C THR C 430 38.26 -57.66 -5.63
N THR C 431 37.54 -58.10 -4.61
CA THR C 431 37.87 -59.32 -3.90
C THR C 431 37.09 -60.50 -4.46
N ILE C 432 37.60 -61.71 -4.20
CA ILE C 432 36.94 -62.93 -4.65
C ILE C 432 35.67 -63.12 -3.83
N THR C 433 34.52 -63.11 -4.51
CA THR C 433 33.25 -63.16 -3.79
C THR C 433 32.97 -64.55 -3.24
N SER C 434 33.36 -65.60 -3.96
CA SER C 434 33.08 -66.96 -3.50
C SER C 434 33.98 -67.93 -4.22
N LEU C 435 34.11 -69.13 -3.63
CA LEU C 435 34.91 -70.19 -4.24
C LEU C 435 34.20 -70.79 -5.45
N ALA C 436 32.87 -70.69 -5.49
CA ALA C 436 32.08 -71.24 -6.58
C ALA C 436 31.86 -70.23 -7.70
N ALA C 437 32.48 -69.06 -7.61
CA ALA C 437 32.31 -68.05 -8.65
C ALA C 437 32.98 -68.51 -9.95
N PRO C 438 32.46 -68.07 -11.10
CA PRO C 438 33.04 -68.52 -12.37
C PRO C 438 34.32 -67.80 -12.77
N ASP C 439 34.59 -66.62 -12.22
CA ASP C 439 35.73 -65.81 -12.63
C ASP C 439 36.92 -65.95 -11.70
N LEU C 440 37.03 -67.08 -10.99
CA LEU C 440 38.14 -67.25 -10.07
C LEU C 440 39.47 -67.23 -10.82
N GLU C 441 39.55 -67.91 -11.96
CA GLU C 441 40.78 -67.90 -12.74
C GLU C 441 41.11 -66.50 -13.25
N LEU C 442 40.10 -65.76 -13.71
CA LEU C 442 40.33 -64.40 -14.17
C LEU C 442 40.82 -63.51 -13.04
N LYS C 443 40.21 -63.64 -11.85
CA LYS C 443 40.64 -62.83 -10.72
C LYS C 443 42.08 -63.16 -10.33
N ILE C 444 42.43 -64.45 -10.31
CA ILE C 444 43.80 -64.82 -9.98
C ILE C 444 44.77 -64.26 -11.01
N ASP C 445 44.41 -64.34 -12.29
CA ASP C 445 45.29 -63.81 -13.32
C ASP C 445 45.48 -62.31 -13.15
N GLU C 446 44.40 -61.58 -12.86
CA GLU C 446 44.50 -60.14 -12.69
C GLU C 446 45.39 -59.80 -11.49
N PHE C 447 45.21 -60.51 -10.38
CA PHE C 447 46.04 -60.24 -9.21
C PHE C 447 47.50 -60.54 -9.51
N TYR C 448 47.77 -61.64 -10.21
CA TYR C 448 49.14 -61.99 -10.54
C TYR C 448 49.77 -60.93 -11.44
N HIS C 449 49.01 -60.42 -12.40
CA HIS C 449 49.51 -59.36 -13.27
C HIS C 449 49.79 -58.09 -12.48
N ARG C 450 48.92 -57.76 -11.52
CA ARG C 450 49.17 -56.59 -10.68
C ARG C 450 50.47 -56.77 -9.89
N ALA C 451 50.66 -57.95 -9.30
CA ALA C 451 51.87 -58.19 -8.52
C ALA C 451 53.11 -58.10 -9.39
N ASN C 452 53.07 -58.68 -10.58
CA ASN C 452 54.20 -58.56 -11.49
C ASN C 452 54.45 -57.12 -11.89
N LYS C 453 53.39 -56.37 -12.16
CA LYS C 453 53.56 -54.97 -12.53
C LYS C 453 54.30 -54.22 -11.44
N MET C 454 53.87 -54.37 -10.19
CA MET C 454 54.51 -53.65 -9.10
C MET C 454 55.96 -54.10 -8.92
N LEU C 455 56.20 -55.42 -8.87
CA LEU C 455 57.56 -55.88 -8.60
C LEU C 455 58.51 -55.54 -9.76
N MET C 456 58.04 -55.66 -11.00
CA MET C 456 58.84 -55.24 -12.14
C MET C 456 59.20 -53.77 -12.05
N LYS C 457 58.23 -52.90 -11.77
CA LYS C 457 58.59 -51.49 -11.73
C LYS C 457 59.53 -51.22 -10.57
N LEU C 458 59.33 -51.88 -9.42
CA LEU C 458 60.28 -51.75 -8.32
C LEU C 458 61.69 -52.06 -8.80
N LEU C 459 61.89 -53.27 -9.34
CA LEU C 459 63.22 -53.70 -9.73
C LEU C 459 63.84 -52.75 -10.76
N PHE C 460 63.09 -52.44 -11.81
CA PHE C 460 63.70 -51.66 -12.90
C PHE C 460 63.83 -50.19 -12.53
N ASP C 461 62.71 -49.52 -12.27
CA ASP C 461 62.76 -48.08 -12.01
C ASP C 461 63.43 -47.77 -10.69
N GLY C 462 62.99 -48.41 -9.59
CA GLY C 462 63.49 -48.10 -8.23
C GLY C 462 64.88 -48.66 -7.94
N TYR C 463 65.08 -49.97 -8.07
CA TYR C 463 66.36 -50.64 -7.69
C TYR C 463 67.39 -50.58 -8.83
N ASN C 464 67.04 -50.07 -10.01
CA ASN C 464 67.98 -49.87 -11.15
C ASN C 464 68.63 -51.21 -11.53
N PHE C 465 67.83 -52.23 -11.85
CA PHE C 465 68.36 -53.52 -12.29
C PHE C 465 69.12 -53.43 -13.62
N PRO C 466 68.67 -52.67 -14.62
CA PRO C 466 69.42 -52.60 -15.88
C PRO C 466 70.88 -52.25 -15.69
N SER C 467 71.20 -51.34 -14.77
CA SER C 467 72.60 -51.01 -14.51
C SER C 467 73.29 -52.12 -13.73
N VAL C 468 72.55 -52.88 -12.93
CA VAL C 468 73.16 -54.01 -12.24
C VAL C 468 73.59 -55.07 -13.25
N VAL C 469 72.90 -55.17 -14.38
CA VAL C 469 73.30 -56.16 -15.38
C VAL C 469 74.64 -55.77 -16.01
N ASN C 470 74.83 -54.49 -16.31
CA ASN C 470 76.10 -54.03 -16.86
C ASN C 470 77.21 -54.17 -15.83
N ILE C 471 76.92 -53.89 -14.56
CA ILE C 471 77.94 -54.04 -13.53
C ILE C 471 78.38 -55.49 -13.42
N PHE C 472 77.43 -56.44 -13.44
CA PHE C 472 77.81 -57.84 -13.42
C PHE C 472 78.63 -58.21 -14.65
N GLN C 473 78.23 -57.72 -15.83
CA GLN C 473 79.00 -57.99 -17.04
C GLN C 473 80.44 -57.52 -16.87
N ARG C 474 80.64 -56.30 -16.41
CA ARG C 474 81.99 -55.77 -16.26
C ARG C 474 82.78 -56.60 -15.26
N LEU C 475 82.24 -56.80 -14.06
CA LEU C 475 83.04 -57.41 -12.99
C LEU C 475 83.36 -58.87 -13.30
N PHE C 476 82.41 -59.62 -13.87
CA PHE C 476 82.60 -61.06 -14.04
C PHE C 476 83.16 -61.44 -15.40
N LEU C 477 82.66 -60.84 -16.48
CA LEU C 477 83.07 -61.24 -17.82
C LEU C 477 84.02 -60.25 -18.47
N PHE C 478 84.53 -59.28 -17.72
CA PHE C 478 85.57 -58.37 -18.20
C PHE C 478 85.14 -57.59 -19.45
N ALA C 479 83.91 -57.10 -19.46
CA ALA C 479 83.52 -56.19 -20.54
C ALA C 479 84.38 -54.94 -20.58
N ASP C 480 85.08 -54.65 -19.49
CA ASP C 480 86.11 -53.62 -19.45
C ASP C 480 87.34 -54.26 -18.80
N SER C 481 88.33 -54.59 -19.62
CA SER C 481 89.44 -55.43 -19.19
C SER C 481 90.62 -54.63 -18.64
N PHE C 482 90.51 -53.31 -18.56
CA PHE C 482 91.66 -52.51 -18.12
C PHE C 482 92.04 -52.83 -16.68
N GLN C 483 91.06 -52.86 -15.79
CA GLN C 483 91.35 -53.06 -14.37
C GLN C 483 91.94 -54.44 -14.10
N ILE C 484 91.34 -55.48 -14.69
CA ILE C 484 91.86 -56.83 -14.45
C ILE C 484 93.23 -56.98 -15.07
N ASP C 485 93.50 -56.28 -16.18
CA ASP C 485 94.83 -56.30 -16.76
C ASP C 485 95.84 -55.68 -15.80
N ASN C 486 95.49 -54.57 -15.18
CA ASN C 486 96.38 -54.00 -14.17
C ASN C 486 96.58 -54.95 -13.01
N PHE C 487 95.51 -55.64 -12.59
CA PHE C 487 95.63 -56.57 -11.47
C PHE C 487 96.62 -57.69 -11.81
N ILE C 488 96.47 -58.30 -12.99
CA ILE C 488 97.38 -59.37 -13.37
C ILE C 488 98.80 -58.85 -13.48
N ASP C 489 98.98 -57.67 -14.05
CA ASP C 489 100.33 -57.12 -14.18
C ASP C 489 100.96 -56.90 -12.82
N SER C 490 100.18 -56.42 -11.85
CA SER C 490 100.73 -56.08 -10.55
C SER C 490 101.13 -57.32 -9.75
N THR C 491 100.45 -58.44 -9.94
CA THR C 491 100.66 -59.64 -9.16
C THR C 491 101.04 -60.82 -10.04
N PHE C 492 101.77 -60.55 -11.12
CA PHE C 492 102.13 -61.62 -12.05
C PHE C 492 103.02 -62.65 -11.38
N SER C 493 103.97 -62.22 -10.56
CA SER C 493 104.90 -63.15 -9.93
C SER C 493 104.18 -64.05 -8.93
N GLU C 494 103.17 -63.53 -8.23
CA GLU C 494 102.48 -64.31 -7.22
C GLU C 494 101.54 -65.34 -7.85
N LEU C 495 100.76 -64.92 -8.84
CA LEU C 495 99.67 -65.75 -9.33
C LEU C 495 100.20 -67.07 -9.90
N LYS C 496 101.39 -67.05 -10.49
CA LYS C 496 101.94 -68.25 -11.13
C LYS C 496 102.58 -69.21 -10.14
N ARG C 497 102.70 -68.84 -8.87
CA ARG C 497 103.27 -69.72 -7.86
C ARG C 497 102.23 -70.70 -7.35
N GLY C 498 102.71 -71.83 -6.82
CA GLY C 498 101.81 -72.85 -6.31
C GLY C 498 100.90 -72.32 -5.22
N LYS C 499 99.74 -72.99 -5.08
CA LYS C 499 98.70 -72.54 -4.18
C LYS C 499 99.22 -72.22 -2.78
N LEU C 500 99.93 -73.16 -2.17
CA LEU C 500 100.33 -73.03 -0.78
C LEU C 500 101.62 -72.25 -0.58
N LYS C 501 102.39 -72.03 -1.64
CA LYS C 501 103.70 -71.42 -1.50
C LYS C 501 103.65 -69.89 -1.48
N ILE C 502 102.46 -69.31 -1.37
CA ILE C 502 102.29 -67.86 -1.39
C ILE C 502 101.23 -67.48 -0.37
N SER C 503 101.38 -66.28 0.21
CA SER C 503 100.43 -65.79 1.20
C SER C 503 99.12 -65.42 0.53
N VAL C 504 98.02 -65.98 1.03
CA VAL C 504 96.71 -65.75 0.44
C VAL C 504 96.23 -64.33 0.74
N SER C 505 96.46 -63.85 1.96
CA SER C 505 95.88 -62.57 2.37
C SER C 505 96.38 -61.40 1.53
N ARG C 506 97.52 -61.53 0.86
CA ARG C 506 98.06 -60.43 0.08
C ARG C 506 97.23 -60.18 -1.19
N LEU C 507 96.70 -61.24 -1.80
CA LEU C 507 95.94 -61.07 -3.03
C LEU C 507 94.68 -60.26 -2.80
N GLN C 508 94.01 -60.47 -1.67
CA GLN C 508 92.84 -59.67 -1.35
C GLN C 508 93.16 -58.18 -1.44
N LYS C 509 94.21 -57.76 -0.71
CA LYS C 509 94.56 -56.34 -0.66
C LYS C 509 94.97 -55.82 -2.03
N GLN C 510 95.83 -56.58 -2.74
CA GLN C 510 96.29 -56.12 -4.04
C GLN C 510 95.16 -56.08 -5.06
N TYR C 511 94.06 -56.77 -4.79
CA TYR C 511 92.87 -56.66 -5.63
C TYR C 511 92.01 -55.46 -5.22
N ASP C 512 91.88 -55.21 -3.91
CA ASP C 512 91.04 -54.08 -3.50
C ASP C 512 91.65 -52.74 -3.88
N ASP C 513 92.98 -52.64 -3.91
CA ASP C 513 93.56 -51.38 -4.37
C ASP C 513 93.20 -51.10 -5.82
N ILE C 514 92.98 -52.14 -6.62
CA ILE C 514 92.68 -51.94 -8.03
C ILE C 514 91.19 -51.70 -8.23
N PHE C 515 90.35 -52.53 -7.62
CA PHE C 515 88.92 -52.55 -7.99
C PHE C 515 88.06 -51.66 -7.12
N LYS C 516 88.08 -51.86 -5.80
CA LYS C 516 87.13 -51.18 -4.91
C LYS C 516 87.68 -49.89 -4.31
N GLU C 517 88.56 -49.20 -5.03
CA GLU C 517 88.96 -47.86 -4.62
C GLU C 517 87.75 -46.93 -4.64
N LYS C 518 87.83 -45.86 -3.84
CA LYS C 518 86.67 -45.03 -3.57
C LYS C 518 87.06 -43.57 -3.40
N ILE C 519 86.12 -42.68 -3.75
CA ILE C 519 86.09 -41.30 -3.31
C ILE C 519 84.70 -41.05 -2.72
N GLU C 520 84.65 -40.53 -1.51
CA GLU C 520 83.38 -40.36 -0.82
C GLU C 520 82.61 -39.16 -1.35
N ASN C 521 81.31 -39.15 -1.08
CA ASN C 521 80.41 -38.09 -1.48
C ASN C 521 79.66 -37.55 -0.26
N LYS C 522 79.25 -36.29 -0.35
CA LYS C 522 78.64 -35.62 0.78
C LYS C 522 77.31 -36.26 1.15
N VAL C 523 76.86 -35.99 2.38
CA VAL C 523 75.56 -36.47 2.82
C VAL C 523 74.49 -35.97 1.88
N GLY C 524 73.45 -36.78 1.67
CA GLY C 524 72.35 -36.43 0.81
C GLY C 524 72.59 -36.68 -0.66
N VAL C 525 73.85 -36.80 -1.09
CA VAL C 525 74.15 -37.10 -2.49
C VAL C 525 73.94 -38.60 -2.70
N ARG C 526 73.10 -38.95 -3.68
CA ARG C 526 72.74 -40.34 -3.88
C ARG C 526 73.95 -41.16 -4.32
N PRO C 527 74.21 -42.32 -3.72
CA PRO C 527 75.24 -43.21 -4.26
C PRO C 527 74.77 -43.87 -5.55
N SER C 528 75.72 -44.17 -6.42
CA SER C 528 75.42 -44.96 -7.61
C SER C 528 75.35 -46.43 -7.24
N VAL C 529 74.60 -47.19 -8.05
CA VAL C 529 74.50 -48.62 -7.78
C VAL C 529 75.86 -49.28 -7.94
N TYR C 530 76.67 -48.81 -8.89
CA TYR C 530 78.04 -49.30 -8.99
C TYR C 530 78.82 -49.01 -7.71
N ASP C 531 78.60 -47.84 -7.12
CA ASP C 531 79.26 -47.51 -5.86
C ASP C 531 78.88 -48.51 -4.77
N VAL C 532 77.61 -48.89 -4.71
CA VAL C 532 77.17 -49.82 -3.67
C VAL C 532 77.76 -51.21 -3.92
N LEU C 533 77.78 -51.66 -5.17
CA LEU C 533 78.22 -53.02 -5.44
C LEU C 533 79.74 -53.16 -5.51
N LYS C 534 80.48 -52.06 -5.62
CA LYS C 534 81.94 -52.15 -5.63
C LYS C 534 82.46 -52.75 -4.34
N LYS C 535 81.99 -52.23 -3.21
CA LYS C 535 82.50 -52.65 -1.91
C LYS C 535 82.00 -54.02 -1.49
N ASN C 536 80.96 -54.55 -2.14
CA ASN C 536 80.46 -55.87 -1.78
C ASN C 536 81.41 -56.97 -2.21
N GLN C 537 82.08 -56.81 -3.35
CA GLN C 537 82.81 -57.91 -3.96
C GLN C 537 84.01 -58.33 -3.13
N LYS C 538 84.30 -59.63 -3.15
CA LYS C 538 85.44 -60.20 -2.45
C LYS C 538 86.09 -61.26 -3.32
N LEU C 539 87.41 -61.18 -3.49
CA LEU C 539 88.19 -62.15 -4.24
C LEU C 539 89.00 -62.98 -3.25
N SER C 540 88.82 -64.29 -3.30
CA SER C 540 89.47 -65.20 -2.37
C SER C 540 89.97 -66.43 -3.09
N VAL C 541 91.04 -67.02 -2.56
CA VAL C 541 91.57 -68.26 -3.10
C VAL C 541 90.79 -69.43 -2.51
N THR C 542 90.38 -70.36 -3.35
CA THR C 542 89.60 -71.53 -2.93
C THR C 542 90.36 -72.81 -3.24
N SER C 543 90.05 -73.86 -2.48
CA SER C 543 90.73 -75.13 -2.67
C SER C 543 90.25 -75.88 -3.90
N GLU C 544 89.06 -75.56 -4.41
CA GLU C 544 88.50 -76.27 -5.55
C GLU C 544 89.06 -75.65 -6.83
N SER C 545 89.94 -76.38 -7.50
CA SER C 545 90.50 -75.90 -8.76
C SER C 545 89.44 -75.91 -9.85
N LEU C 546 89.68 -75.10 -10.88
CA LEU C 546 88.72 -75.00 -11.98
C LEU C 546 88.46 -76.36 -12.60
N TYR C 547 89.52 -77.10 -12.93
CA TYR C 547 89.35 -78.37 -13.61
C TYR C 547 88.72 -79.43 -12.71
N LYS C 548 88.72 -79.21 -11.39
CA LYS C 548 88.04 -80.11 -10.48
C LYS C 548 86.60 -79.69 -10.22
N VAL C 549 86.35 -78.39 -10.06
CA VAL C 549 85.00 -77.93 -9.81
C VAL C 549 84.13 -78.12 -11.03
N VAL C 550 84.68 -77.94 -12.23
CA VAL C 550 83.89 -78.13 -13.44
C VAL C 550 83.64 -79.59 -13.75
N GLU C 551 84.47 -80.50 -13.21
CA GLU C 551 84.23 -81.92 -13.41
C GLU C 551 83.01 -82.39 -12.65
N GLU C 552 82.74 -81.80 -11.49
CA GLU C 552 81.57 -82.21 -10.72
C GLU C 552 80.28 -81.92 -11.48
N LEU C 553 80.18 -80.73 -12.09
CA LEU C 553 79.01 -80.38 -12.89
C LEU C 553 79.23 -80.75 -14.35
N MET C 554 79.61 -81.99 -14.57
CA MET C 554 80.02 -82.45 -15.89
C MET C 554 78.87 -82.34 -16.89
N ASP C 598 101.98 -78.18 -6.35
CA ASP C 598 100.64 -77.63 -6.47
C ASP C 598 100.42 -77.07 -7.86
N GLU C 599 99.15 -76.99 -8.28
CA GLU C 599 98.81 -76.22 -9.45
C GLU C 599 99.06 -74.73 -9.17
N PRO C 600 99.35 -73.94 -10.20
CA PRO C 600 99.59 -72.52 -9.96
C PRO C 600 98.34 -71.83 -9.42
N THR C 601 98.56 -70.81 -8.58
CA THR C 601 97.45 -70.18 -7.90
C THR C 601 96.37 -69.70 -8.85
N ILE C 602 96.76 -69.35 -10.09
CA ILE C 602 95.77 -68.85 -11.05
C ILE C 602 94.63 -69.84 -11.24
N THR C 603 94.92 -71.13 -11.11
CA THR C 603 93.89 -72.15 -11.29
C THR C 603 92.84 -72.13 -10.19
N SER C 604 93.06 -71.38 -9.10
CA SER C 604 92.20 -71.51 -7.93
C SER C 604 91.82 -70.17 -7.30
N VAL C 605 91.76 -69.08 -8.08
CA VAL C 605 91.37 -67.77 -7.56
C VAL C 605 89.95 -67.50 -8.02
N ASP C 606 89.07 -67.19 -7.07
CA ASP C 606 87.65 -67.01 -7.33
C ASP C 606 87.18 -65.64 -6.86
N LEU C 607 86.03 -65.21 -7.40
CA LEU C 607 85.45 -63.91 -7.09
C LEU C 607 83.98 -64.11 -6.76
N THR C 608 83.53 -63.53 -5.64
CA THR C 608 82.16 -63.64 -5.18
C THR C 608 81.60 -62.26 -4.91
N ILE C 609 80.32 -62.06 -5.23
CA ILE C 609 79.68 -60.76 -5.03
C ILE C 609 78.34 -60.96 -4.33
N PRO C 610 78.25 -60.81 -3.01
CA PRO C 610 76.92 -60.82 -2.37
C PRO C 610 76.09 -59.64 -2.85
N LEU C 611 74.77 -59.84 -2.88
CA LEU C 611 73.87 -58.87 -3.47
C LEU C 611 72.81 -58.39 -2.48
N PRO C 612 72.36 -57.13 -2.59
CA PRO C 612 71.29 -56.66 -1.72
C PRO C 612 69.97 -57.35 -2.02
N PHE C 613 69.12 -57.40 -1.01
CA PHE C 613 67.72 -57.76 -1.18
C PHE C 613 66.96 -56.60 -1.79
N PRO C 614 66.09 -56.84 -2.80
CA PRO C 614 65.70 -58.10 -3.43
C PRO C 614 66.52 -58.45 -4.67
N LEU C 615 67.56 -57.68 -5.02
CA LEU C 615 68.29 -57.95 -6.24
C LEU C 615 68.78 -59.38 -6.30
N ASN C 616 69.16 -59.95 -5.15
CA ASN C 616 69.68 -61.31 -5.14
C ASN C 616 68.63 -62.34 -5.54
N LEU C 617 67.34 -61.99 -5.49
CA LEU C 617 66.31 -62.93 -5.91
C LEU C 617 66.34 -63.16 -7.42
N VAL C 618 66.66 -62.13 -8.19
CA VAL C 618 66.75 -62.30 -9.64
C VAL C 618 68.13 -62.82 -10.03
N LEU C 619 69.17 -62.28 -9.41
CA LEU C 619 70.52 -62.81 -9.59
C LEU C 619 70.72 -63.97 -8.63
N ASN C 620 69.97 -65.04 -8.88
CA ASN C 620 69.95 -66.18 -7.99
C ASN C 620 71.34 -66.81 -7.92
N GLN C 621 71.58 -67.54 -6.83
CA GLN C 621 72.92 -68.08 -6.57
C GLN C 621 73.37 -69.00 -7.70
N GLN C 622 72.44 -69.73 -8.31
CA GLN C 622 72.77 -70.63 -9.45
C GLN C 622 73.31 -69.77 -10.60
N LEU C 623 72.75 -68.58 -10.90
CA LEU C 623 73.23 -67.70 -11.96
C LEU C 623 74.61 -67.13 -11.61
N SER C 624 74.80 -66.71 -10.36
CA SER C 624 76.10 -66.18 -9.97
C SER C 624 77.18 -67.25 -10.01
N TYR C 625 76.83 -68.50 -9.69
CA TYR C 625 77.80 -69.58 -9.77
C TYR C 625 78.23 -69.82 -11.21
N GLN C 626 77.27 -69.82 -12.14
CA GLN C 626 77.63 -69.96 -13.55
C GLN C 626 78.46 -68.77 -14.02
N TYR C 627 78.23 -67.58 -13.48
CA TYR C 627 79.09 -66.44 -13.79
C TYR C 627 80.49 -66.65 -13.24
N GLU C 628 80.60 -67.20 -12.03
CA GLU C 628 81.91 -67.41 -11.42
C GLU C 628 82.76 -68.40 -12.23
N ILE C 629 82.12 -69.42 -12.79
CA ILE C 629 82.88 -70.35 -13.62
C ILE C 629 83.50 -69.63 -14.80
N MET C 630 82.73 -68.76 -15.45
CA MET C 630 83.26 -67.98 -16.55
C MET C 630 84.38 -67.07 -16.09
N PHE C 631 84.24 -66.48 -14.90
CA PHE C 631 85.32 -65.65 -14.38
C PHE C 631 86.61 -66.46 -14.28
N LYS C 632 86.53 -67.67 -13.73
CA LYS C 632 87.74 -68.48 -13.58
C LYS C 632 88.34 -68.84 -14.93
N LEU C 633 87.50 -69.20 -15.90
CA LEU C 633 88.03 -69.56 -17.21
C LEU C 633 88.71 -68.36 -17.86
N LEU C 634 88.05 -67.20 -17.84
CA LEU C 634 88.61 -66.02 -18.48
C LEU C 634 89.87 -65.55 -17.77
N ILE C 635 89.94 -65.69 -16.46
CA ILE C 635 91.18 -65.29 -15.79
C ILE C 635 92.31 -66.24 -16.18
N ASN C 636 92.03 -67.53 -16.33
CA ASN C 636 93.08 -68.43 -16.80
C ASN C 636 93.60 -67.98 -18.17
N ILE C 637 92.69 -67.71 -19.10
CA ILE C 637 93.14 -67.36 -20.45
C ILE C 637 93.83 -65.99 -20.47
N LYS C 638 93.33 -65.03 -19.71
CA LYS C 638 93.98 -63.73 -19.64
C LYS C 638 95.38 -63.86 -19.08
N PHE C 639 95.54 -64.66 -18.02
CA PHE C 639 96.85 -64.84 -17.43
C PHE C 639 97.81 -65.49 -18.41
N ILE C 640 97.36 -66.50 -19.14
CA ILE C 640 98.25 -67.13 -20.11
C ILE C 640 98.62 -66.15 -21.21
N SER C 641 97.69 -65.28 -21.62
CA SER C 641 98.02 -64.28 -22.63
C SER C 641 99.07 -63.29 -22.12
N LYS C 642 99.00 -62.97 -20.81
CA LYS C 642 99.98 -62.05 -20.15
C LYS C 642 101.32 -62.77 -20.00
N TYR C 643 101.33 -64.10 -19.91
CA TYR C 643 102.56 -64.93 -19.85
C TYR C 643 103.13 -65.04 -21.27
N ASN C 644 102.27 -65.01 -22.29
CA ASN C 644 102.70 -65.14 -23.72
C ASN C 644 103.27 -63.79 -24.18
N SER C 645 102.82 -62.66 -23.63
CA SER C 645 103.35 -61.35 -24.00
C SER C 645 104.69 -61.08 -23.32
N SER C 646 104.79 -61.39 -22.02
CA SER C 646 106.06 -61.16 -21.34
C SER C 646 107.16 -62.05 -21.88
N ASN C 647 106.86 -63.32 -22.13
CA ASN C 647 107.86 -64.21 -22.71
C ASN C 647 108.27 -63.73 -24.09
N TRP C 648 107.33 -63.13 -24.84
CA TRP C 648 107.61 -62.54 -26.19
C TRP C 648 108.51 -61.31 -26.06
N GLN C 649 108.39 -60.55 -24.97
CA GLN C 649 109.27 -59.37 -24.74
C GLN C 649 110.70 -59.85 -24.55
N GLU C 650 110.90 -60.84 -23.68
CA GLU C 650 112.26 -61.38 -23.44
C GLU C 650 112.79 -62.04 -24.71
N MET C 651 112.03 -62.99 -25.27
CA MET C 651 112.52 -63.73 -26.46
C MET C 651 113.00 -62.77 -27.54
N ASN C 652 112.44 -61.55 -27.61
CA ASN C 652 112.87 -60.70 -28.70
C ASN C 652 113.92 -59.69 -28.28
N TYR C 653 113.81 -59.09 -27.09
CA TYR C 653 114.63 -57.93 -26.76
C TYR C 653 115.53 -58.10 -25.54
N SER C 654 115.38 -59.16 -24.75
CA SER C 654 116.32 -59.36 -23.65
C SER C 654 117.73 -59.54 -24.20
N LYS C 655 118.71 -59.07 -23.43
CA LYS C 655 120.09 -59.06 -23.92
C LYS C 655 120.55 -60.45 -24.33
N ILE C 656 120.26 -61.46 -23.52
CA ILE C 656 120.77 -62.80 -23.80
C ILE C 656 120.21 -63.32 -25.11
N TRP C 657 118.89 -63.22 -25.29
CA TRP C 657 118.28 -63.71 -26.52
C TRP C 657 118.69 -62.89 -27.73
N THR C 658 118.74 -61.56 -27.59
CA THR C 658 119.05 -60.71 -28.73
C THR C 658 120.54 -60.71 -29.07
N ASN C 659 121.37 -61.41 -28.30
CA ASN C 659 122.80 -61.39 -28.56
C ASN C 659 123.09 -61.86 -29.97
N SER C 660 124.02 -61.17 -30.63
CA SER C 660 124.37 -61.46 -32.01
C SER C 660 125.53 -62.44 -32.16
N HIS C 661 126.30 -62.66 -31.10
CA HIS C 661 127.56 -63.40 -31.20
C HIS C 661 127.40 -64.92 -31.09
N PHE C 662 126.18 -65.44 -31.11
CA PHE C 662 126.00 -66.88 -31.18
C PHE C 662 126.51 -67.43 -32.51
N ASN C 663 126.84 -68.72 -32.50
CA ASN C 663 127.20 -69.42 -33.73
C ASN C 663 125.93 -69.76 -34.52
N SER C 664 126.13 -70.27 -35.74
CA SER C 664 125.01 -70.49 -36.65
C SER C 664 123.98 -71.45 -36.05
N SER C 665 124.43 -72.55 -35.45
CA SER C 665 123.50 -73.54 -34.93
C SER C 665 122.58 -72.95 -33.88
N VAL C 666 123.15 -72.20 -32.94
CA VAL C 666 122.34 -71.59 -31.89
C VAL C 666 121.41 -70.54 -32.49
N LYS C 667 121.87 -69.81 -33.52
CA LYS C 667 121.01 -68.84 -34.18
C LYS C 667 119.77 -69.52 -34.77
N LYS C 668 119.97 -70.63 -35.48
CA LYS C 668 118.82 -71.32 -36.06
C LYS C 668 117.91 -71.89 -34.98
N TRP C 669 118.50 -72.38 -33.89
CA TRP C 669 117.69 -72.85 -32.78
C TRP C 669 116.82 -71.74 -32.21
N ILE C 670 117.40 -70.56 -32.02
CA ILE C 670 116.65 -69.42 -31.52
C ILE C 670 115.54 -69.05 -32.50
N LEU C 671 115.83 -69.07 -33.79
CA LEU C 671 114.83 -68.73 -34.80
C LEU C 671 113.66 -69.71 -34.75
N ARG C 672 113.96 -71.01 -34.64
CA ARG C 672 112.90 -72.00 -34.55
C ARG C 672 112.06 -71.78 -33.31
N CYS C 673 112.71 -71.48 -32.18
CA CYS C 673 111.97 -71.27 -30.95
C CYS C 673 111.07 -70.04 -31.04
N ARG C 674 111.58 -68.96 -31.64
CA ARG C 674 110.76 -67.76 -31.81
C ARG C 674 109.55 -68.04 -32.68
N VAL C 675 109.74 -68.77 -33.78
CA VAL C 675 108.61 -69.07 -34.65
C VAL C 675 107.57 -69.93 -33.93
N LEU C 676 108.03 -70.93 -33.18
CA LEU C 676 107.08 -71.78 -32.43
C LEU C 676 106.31 -70.96 -31.41
N HIS C 677 106.99 -70.05 -30.70
CA HIS C 677 106.29 -69.21 -29.74
C HIS C 677 105.30 -68.29 -30.42
N SER C 678 105.64 -67.79 -31.62
CA SER C 678 104.68 -66.98 -32.36
C SER C 678 103.44 -67.78 -32.71
N ARG C 679 103.62 -69.05 -33.10
CA ARG C 679 102.45 -69.89 -33.37
C ARG C 679 101.59 -70.05 -32.12
N ILE C 680 102.22 -70.29 -30.97
CA ILE C 680 101.43 -70.43 -29.74
C ILE C 680 100.68 -69.14 -29.42
N CYS C 681 101.35 -67.99 -29.59
CA CYS C 681 100.71 -66.72 -29.32
C CYS C 681 99.48 -66.52 -30.19
N SER C 682 99.63 -66.80 -31.49
CA SER C 682 98.49 -66.62 -32.40
C SER C 682 97.36 -67.56 -32.04
N PHE C 683 97.69 -68.80 -31.68
CA PHE C 683 96.64 -69.75 -31.31
C PHE C 683 95.87 -69.27 -30.08
N ILE C 684 96.59 -68.78 -29.07
CA ILE C 684 95.91 -68.33 -27.86
C ILE C 684 95.05 -67.11 -28.14
N HIS C 685 95.55 -66.16 -28.94
CA HIS C 685 94.72 -65.01 -29.27
C HIS C 685 93.48 -65.41 -30.05
N GLU C 686 93.59 -66.39 -30.94
CA GLU C 686 92.41 -66.84 -31.67
C GLU C 686 91.39 -67.47 -30.73
N LEU C 687 91.86 -68.33 -29.82
CA LEU C 687 90.95 -68.96 -28.87
C LEU C 687 90.26 -67.94 -27.98
N GLU C 688 91.03 -66.97 -27.46
CA GLU C 688 90.44 -65.94 -26.62
C GLU C 688 89.44 -65.09 -27.40
N ASN C 689 89.78 -64.74 -28.64
CA ASN C 689 88.84 -63.98 -29.46
C ASN C 689 87.53 -64.73 -29.62
N TYR C 690 87.59 -66.02 -29.95
CA TYR C 690 86.34 -66.77 -30.09
C TYR C 690 85.56 -66.74 -28.79
N ILE C 691 86.21 -67.08 -27.68
CA ILE C 691 85.48 -67.23 -26.42
C ILE C 691 84.84 -65.92 -26.01
N VAL C 692 85.51 -64.79 -26.25
CA VAL C 692 85.03 -63.55 -25.68
C VAL C 692 84.08 -62.80 -26.62
N HIS C 693 84.40 -62.68 -27.91
CA HIS C 693 83.51 -61.97 -28.82
C HIS C 693 82.44 -62.86 -29.43
N ASP C 694 82.78 -64.10 -29.79
CA ASP C 694 81.83 -64.96 -30.48
C ASP C 694 80.85 -65.66 -29.54
N VAL C 695 81.04 -65.56 -28.24
CA VAL C 695 80.23 -66.27 -27.26
C VAL C 695 79.60 -65.32 -26.26
N ILE C 696 80.40 -64.46 -25.64
CA ILE C 696 79.90 -63.61 -24.57
C ILE C 696 79.17 -62.40 -25.14
N GLU C 697 79.87 -61.57 -25.92
CA GLU C 697 79.27 -60.33 -26.40
C GLU C 697 78.10 -60.60 -27.34
N HIS C 698 78.22 -61.61 -28.21
CA HIS C 698 77.18 -61.89 -29.18
C HIS C 698 75.89 -62.31 -28.50
N ASN C 699 75.99 -63.14 -27.46
CA ASN C 699 74.81 -63.53 -26.71
C ASN C 699 74.28 -62.37 -25.86
N PHE C 700 75.18 -61.56 -25.31
CA PHE C 700 74.76 -60.46 -24.44
C PHE C 700 74.03 -59.37 -25.19
N GLU C 701 74.24 -59.23 -26.49
CA GLU C 701 73.53 -58.19 -27.23
C GLU C 701 72.03 -58.37 -27.13
N GLU C 702 71.55 -59.61 -27.20
CA GLU C 702 70.12 -59.87 -27.13
C GLU C 702 69.54 -59.42 -25.79
N ILE C 703 70.22 -59.79 -24.69
CA ILE C 703 69.72 -59.44 -23.37
C ILE C 703 69.77 -57.93 -23.18
N LYS C 704 70.81 -57.28 -23.67
CA LYS C 704 70.90 -55.83 -23.54
C LYS C 704 69.73 -55.16 -24.25
N ASN C 705 69.43 -55.60 -25.47
CA ASN C 705 68.31 -55.02 -26.20
C ASN C 705 67.00 -55.26 -25.46
N LEU C 706 66.79 -56.49 -24.99
CA LEU C 706 65.53 -56.81 -24.31
C LEU C 706 65.36 -55.99 -23.04
N ILE C 707 66.42 -55.84 -22.26
CA ILE C 707 66.30 -55.11 -21.01
C ILE C 707 66.09 -53.63 -21.27
N HIS C 708 66.74 -53.08 -22.30
CA HIS C 708 66.46 -51.68 -22.64
C HIS C 708 65.01 -51.50 -23.04
N THR C 709 64.46 -52.43 -23.83
CA THR C 709 63.07 -52.33 -24.22
C THR C 709 62.15 -52.41 -23.00
N THR C 710 62.45 -53.30 -22.06
CA THR C 710 61.61 -53.42 -20.87
C THR C 710 61.69 -52.16 -20.02
N ALA C 711 62.88 -51.58 -19.89
CA ALA C 711 63.02 -50.34 -19.12
C ALA C 711 62.19 -49.24 -19.74
N THR C 712 62.24 -49.09 -21.07
CA THR C 712 61.44 -48.07 -21.71
C THR C 712 59.95 -48.35 -21.55
N ASN C 713 59.55 -49.62 -21.61
CA ASN C 713 58.14 -49.95 -21.44
C ASN C 713 57.65 -49.59 -20.05
N LEU C 714 58.43 -49.91 -19.02
CA LEU C 714 57.98 -49.64 -17.65
C LEU C 714 58.06 -48.15 -17.31
N ALA C 715 58.98 -47.41 -17.94
CA ALA C 715 59.11 -45.99 -17.61
C ALA C 715 57.79 -45.24 -17.77
N THR C 716 57.01 -45.60 -18.79
CA THR C 716 55.77 -44.89 -19.09
C THR C 716 54.55 -45.52 -18.42
N SER C 717 54.74 -46.54 -17.59
CA SER C 717 53.64 -47.30 -17.02
C SER C 717 53.39 -46.88 -15.56
N GLU C 718 52.16 -46.52 -15.25
CA GLU C 718 51.79 -46.16 -13.89
C GLU C 718 52.02 -47.33 -12.94
N LEU C 719 52.04 -47.02 -11.64
CA LEU C 719 52.15 -48.03 -10.59
C LEU C 719 50.76 -48.30 -10.01
N GLY C 720 50.38 -49.57 -9.97
CA GLY C 720 49.07 -49.94 -9.45
C GLY C 720 48.00 -49.91 -10.52
N SER C 721 47.21 -50.97 -10.61
CA SER C 721 46.19 -51.12 -11.64
C SER C 721 44.84 -51.34 -11.01
N ASP C 722 43.81 -50.73 -11.59
CA ASP C 722 42.44 -50.84 -11.09
C ASP C 722 41.74 -52.04 -11.73
N ILE C 723 41.04 -52.82 -10.92
CA ILE C 723 40.32 -54.00 -11.37
C ILE C 723 38.85 -53.81 -11.01
N ASN C 724 37.98 -53.92 -12.01
CA ASN C 724 36.54 -53.78 -11.83
C ASN C 724 35.82 -55.08 -12.14
N ASP C 725 34.58 -55.18 -11.65
CA ASP C 725 33.77 -56.37 -11.86
C ASP C 725 32.30 -56.01 -11.80
N GLU C 726 31.48 -56.86 -12.41
CA GLU C 726 30.03 -56.69 -12.42
C GLU C 726 29.41 -57.28 -11.15
N GLY C 727 28.08 -57.24 -11.07
CA GLY C 727 27.36 -57.75 -9.91
C GLY C 727 27.33 -59.27 -9.79
N ASP C 728 27.61 -59.99 -10.88
CA ASP C 728 27.71 -61.45 -10.87
C ASP C 728 26.46 -62.10 -10.28
N ASN C 729 25.35 -61.93 -11.00
CA ASN C 729 24.07 -62.51 -10.60
C ASN C 729 23.94 -64.00 -10.96
N ILE C 730 24.99 -64.63 -11.48
CA ILE C 730 24.87 -65.99 -12.01
C ILE C 730 24.30 -66.95 -10.97
N PHE C 731 24.82 -66.91 -9.73
CA PHE C 731 24.39 -67.82 -8.68
C PHE C 731 24.33 -69.26 -9.16
N ASN C 732 23.15 -69.88 -9.15
CA ASN C 732 23.04 -71.30 -9.47
C ASN C 732 23.49 -71.60 -10.90
N GLY C 733 23.47 -70.60 -11.79
CA GLY C 733 23.98 -70.82 -13.12
C GLY C 733 25.48 -70.94 -13.21
N SER C 734 26.18 -70.80 -12.07
CA SER C 734 27.64 -70.90 -12.04
C SER C 734 28.18 -71.81 -10.95
N LEU C 735 27.39 -72.15 -9.92
CA LEU C 735 27.90 -72.92 -8.80
C LEU C 735 28.56 -74.22 -9.26
N ILE C 736 27.88 -75.00 -10.09
CA ILE C 736 28.40 -76.27 -10.59
C ILE C 736 28.90 -77.16 -9.46
N ARG C 737 28.12 -77.22 -8.38
CA ARG C 737 28.50 -78.00 -7.21
C ARG C 737 28.43 -79.50 -7.50
N GLY C 738 29.17 -80.27 -6.72
CA GLY C 738 29.26 -81.71 -6.87
C GLY C 738 30.69 -82.19 -6.80
N THR C 739 31.04 -83.22 -7.56
CA THR C 739 32.42 -83.67 -7.62
C THR C 739 33.25 -82.74 -8.51
N PHE C 740 32.90 -82.66 -9.79
CA PHE C 740 33.48 -81.67 -10.69
C PHE C 740 32.80 -81.74 -12.05
N ASN C 741 33.24 -80.88 -12.97
CA ASN C 741 32.76 -80.91 -14.34
C ASN C 741 33.68 -81.80 -15.18
N ASN C 742 33.36 -81.94 -16.46
CA ASN C 742 34.20 -82.67 -17.39
C ASN C 742 35.22 -81.77 -18.09
N ASN C 743 35.26 -80.48 -17.75
CA ASN C 743 36.17 -79.56 -18.41
C ASN C 743 37.63 -79.82 -18.05
N SER C 744 37.90 -80.67 -17.07
CA SER C 744 39.28 -80.90 -16.65
C SER C 744 40.12 -81.53 -17.75
N ILE C 745 39.50 -82.30 -18.65
CA ILE C 745 40.27 -82.95 -19.70
C ILE C 745 40.85 -81.93 -20.66
N PHE C 746 40.11 -80.84 -20.93
CA PHE C 746 40.59 -79.84 -21.88
C PHE C 746 41.81 -79.11 -21.36
N ASP C 747 41.87 -78.85 -20.05
CA ASP C 747 43.04 -78.16 -19.49
C ASP C 747 44.31 -78.97 -19.72
N SER C 748 44.24 -80.28 -19.54
CA SER C 748 45.40 -81.13 -19.79
C SER C 748 45.66 -81.31 -21.28
N LYS C 749 44.61 -81.32 -22.11
CA LYS C 749 44.81 -81.52 -23.54
C LYS C 749 45.62 -80.38 -24.15
N VAL C 750 45.34 -79.15 -23.76
CA VAL C 750 46.08 -78.02 -24.32
C VAL C 750 47.49 -77.99 -23.76
N HIS C 751 48.38 -77.32 -24.49
CA HIS C 751 49.77 -77.18 -24.10
C HIS C 751 50.17 -75.72 -24.20
N LYS C 752 51.09 -75.30 -23.33
CA LYS C 752 51.57 -73.92 -23.29
C LYS C 752 53.08 -73.88 -23.37
N HIS C 753 53.65 -74.64 -24.31
CA HIS C 753 55.08 -74.61 -24.59
C HIS C 753 55.44 -73.63 -25.70
N ARG C 754 54.47 -72.89 -26.22
CA ARG C 754 54.68 -71.95 -27.33
C ARG C 754 54.66 -70.53 -26.78
N THR C 755 55.84 -69.99 -26.52
CA THR C 755 56.00 -68.61 -26.07
C THR C 755 57.30 -68.06 -26.63
N THR C 756 57.21 -67.03 -27.45
CA THR C 756 58.39 -66.49 -28.13
C THR C 756 58.12 -65.05 -28.54
N THR C 757 59.10 -64.48 -29.24
CA THR C 757 59.11 -63.14 -29.82
C THR C 757 59.36 -62.06 -28.77
N TYR C 758 59.39 -62.38 -27.48
CA TYR C 758 59.67 -61.42 -26.41
C TYR C 758 59.01 -60.08 -26.71
N VAL C 759 57.72 -60.12 -27.02
CA VAL C 759 56.99 -58.93 -27.42
C VAL C 759 56.93 -57.94 -26.25
N GLU C 760 57.20 -56.66 -26.56
CA GLU C 760 57.14 -55.60 -25.56
C GLU C 760 58.07 -55.86 -24.38
N GLY C 761 59.18 -56.55 -24.63
CA GLY C 761 60.13 -56.84 -23.56
C GLY C 761 59.63 -57.92 -22.63
N ILE C 762 60.31 -58.03 -21.49
CA ILE C 762 60.02 -59.05 -20.49
C ILE C 762 58.86 -58.55 -19.64
N SER C 763 57.81 -59.37 -19.50
CA SER C 763 56.60 -58.98 -18.80
C SER C 763 56.39 -59.70 -17.48
N THR C 764 57.10 -60.79 -17.22
CA THR C 764 56.95 -61.55 -15.97
C THR C 764 58.32 -61.80 -15.37
N VAL C 765 58.41 -61.68 -14.05
CA VAL C 765 59.68 -61.87 -13.37
C VAL C 765 60.23 -63.26 -13.63
N GLU C 766 59.35 -64.24 -13.83
CA GLU C 766 59.80 -65.59 -14.13
C GLU C 766 60.57 -65.64 -15.44
N GLN C 767 60.06 -64.97 -16.48
CA GLN C 767 60.81 -64.87 -17.72
C GLN C 767 62.09 -64.07 -17.52
N LEU C 768 62.06 -63.06 -16.66
CA LEU C 768 63.28 -62.29 -16.40
C LEU C 768 64.38 -63.19 -15.85
N ILE C 769 64.04 -64.06 -14.91
CA ILE C 769 65.03 -64.99 -14.37
C ILE C 769 65.41 -66.03 -15.42
N GLN C 770 64.43 -66.52 -16.17
CA GLN C 770 64.68 -67.57 -17.15
C GLN C 770 65.61 -67.11 -18.25
N LYS C 771 65.49 -65.84 -18.67
CA LYS C 771 66.35 -65.34 -19.73
C LYS C 771 67.81 -65.39 -19.31
N PHE C 772 68.10 -64.96 -18.08
CA PHE C 772 69.47 -64.95 -17.60
C PHE C 772 69.97 -66.36 -17.35
N LEU C 773 69.11 -67.26 -16.87
CA LEU C 773 69.54 -68.64 -16.71
C LEU C 773 69.90 -69.26 -18.04
N ASP C 774 69.09 -69.01 -19.07
CA ASP C 774 69.41 -69.50 -20.40
C ASP C 774 70.70 -68.90 -20.93
N TYR C 775 70.93 -67.61 -20.66
CA TYR C 775 72.16 -66.96 -21.09
C TYR C 775 73.38 -67.61 -20.45
N SER C 776 73.32 -67.86 -19.14
CA SER C 776 74.44 -68.50 -18.46
C SER C 776 74.67 -69.92 -18.97
N SER C 777 73.58 -70.65 -19.20
CA SER C 777 73.72 -72.00 -19.74
C SER C 777 74.34 -71.97 -21.13
N THR C 778 73.97 -70.97 -21.94
CA THR C 778 74.59 -70.82 -23.25
C THR C 778 76.08 -70.53 -23.13
N LEU C 779 76.46 -69.66 -22.20
CA LEU C 779 77.88 -69.37 -22.02
C LEU C 779 78.65 -70.62 -21.64
N LEU C 780 78.11 -71.42 -20.72
CA LEU C 780 78.83 -72.64 -20.34
C LEU C 780 78.88 -73.65 -21.48
N ASN C 781 77.76 -73.82 -22.21
CA ASN C 781 77.73 -74.85 -23.23
C ASN C 781 78.61 -74.49 -24.43
N ASP C 782 78.56 -73.23 -24.87
CA ASP C 782 79.38 -72.82 -26.00
C ASP C 782 80.87 -72.98 -25.68
N SER C 783 81.29 -72.50 -24.52
CA SER C 783 82.66 -72.70 -24.10
C SER C 783 82.99 -74.19 -24.04
N LEU C 784 84.28 -74.49 -24.15
CA LEU C 784 84.73 -75.88 -24.23
C LEU C 784 84.88 -76.47 -22.84
N LEU C 785 83.78 -76.44 -22.08
CA LEU C 785 83.77 -76.97 -20.72
C LEU C 785 82.63 -77.94 -20.44
N THR C 786 81.72 -78.16 -21.39
CA THR C 786 80.53 -78.96 -21.12
C THR C 786 80.72 -80.43 -21.47
N ARG C 787 81.34 -80.74 -22.61
CA ARG C 787 81.62 -82.12 -22.98
C ARG C 787 82.87 -82.60 -22.26
N GLU C 788 83.09 -83.91 -22.28
CA GLU C 788 84.31 -84.46 -21.68
C GLU C 788 85.50 -84.41 -22.63
N GLU C 789 85.26 -84.64 -23.93
CA GLU C 789 86.35 -84.59 -24.89
C GLU C 789 86.87 -83.16 -25.03
N SER C 790 85.98 -82.19 -25.14
CA SER C 790 86.39 -80.81 -25.30
C SER C 790 87.12 -80.30 -24.06
N LEU C 791 86.58 -80.62 -22.87
CA LEU C 791 87.23 -80.18 -21.64
C LEU C 791 88.60 -80.82 -21.49
N ARG C 792 88.71 -82.13 -21.78
CA ARG C 792 90.00 -82.79 -21.65
C ARG C 792 91.03 -82.18 -22.61
N GLN C 793 90.63 -81.95 -23.86
CA GLN C 793 91.56 -81.36 -24.82
C GLN C 793 91.96 -79.94 -24.39
N LEU C 794 91.01 -79.15 -23.90
CA LEU C 794 91.32 -77.81 -23.44
C LEU C 794 92.30 -77.85 -22.28
N ARG C 795 92.09 -78.78 -21.34
CA ARG C 795 92.97 -78.88 -20.18
C ARG C 795 94.38 -79.25 -20.61
N LYS C 796 94.49 -80.20 -21.55
CA LYS C 796 95.83 -80.56 -22.04
C LYS C 796 96.50 -79.38 -22.74
N MET C 797 95.73 -78.64 -23.55
CA MET C 797 96.32 -77.53 -24.30
C MET C 797 96.83 -76.44 -23.35
N LEU C 798 96.01 -76.05 -22.38
CA LEU C 798 96.43 -75.00 -21.46
C LEU C 798 97.61 -75.45 -20.61
N ASP C 799 97.59 -76.70 -20.13
CA ASP C 799 98.72 -77.20 -19.37
C ASP C 799 100.00 -77.16 -20.20
N PHE C 800 99.91 -77.60 -21.46
CA PHE C 800 101.09 -77.61 -22.30
C PHE C 800 101.63 -76.21 -22.53
N ILE C 801 100.75 -75.24 -22.79
CA ILE C 801 101.21 -73.88 -23.04
C ILE C 801 101.90 -73.32 -21.80
N PHE C 802 101.29 -73.53 -20.63
CA PHE C 802 101.89 -73.00 -19.40
C PHE C 802 103.26 -73.61 -19.14
N HIS C 803 103.37 -74.93 -19.29
CA HIS C 803 104.65 -75.59 -19.07
C HIS C 803 105.68 -75.16 -20.11
N PHE C 804 105.24 -74.90 -21.34
CA PHE C 804 106.17 -74.39 -22.34
C PHE C 804 106.70 -73.02 -21.95
N ASN C 805 105.85 -72.15 -21.42
CA ASN C 805 106.34 -70.85 -20.97
C ASN C 805 107.35 -71.01 -19.84
N ASN C 806 107.08 -71.92 -18.89
CA ASN C 806 108.04 -72.15 -17.83
C ASN C 806 109.36 -72.68 -18.37
N TYR C 807 109.30 -73.57 -19.35
CA TYR C 807 110.51 -74.08 -19.98
C TYR C 807 111.26 -72.97 -20.68
N ILE C 808 110.55 -72.05 -21.33
CA ILE C 808 111.21 -70.92 -21.97
C ILE C 808 111.94 -70.09 -20.93
N VAL C 809 111.32 -69.86 -19.78
CA VAL C 809 112.00 -69.11 -18.73
C VAL C 809 113.27 -69.82 -18.28
N GLN C 810 113.19 -71.15 -18.10
CA GLN C 810 114.39 -71.85 -17.62
C GLN C 810 115.46 -71.91 -18.71
N VAL C 811 115.09 -71.75 -19.98
CA VAL C 811 116.08 -71.77 -21.06
C VAL C 811 117.05 -70.60 -20.93
N LYS C 812 116.57 -69.44 -20.46
CA LYS C 812 117.42 -68.26 -20.42
C LYS C 812 118.73 -68.55 -19.70
N LYS C 813 118.69 -69.35 -18.64
CA LYS C 813 119.90 -69.67 -17.90
C LYS C 813 120.88 -70.45 -18.78
N VAL C 814 120.38 -71.41 -19.55
CA VAL C 814 121.26 -72.28 -20.34
C VAL C 814 122.00 -71.48 -21.39
N LEU C 815 121.31 -70.56 -22.07
CA LEU C 815 121.94 -69.83 -23.17
C LEU C 815 123.13 -69.01 -22.71
N VAL C 816 123.22 -68.71 -21.40
CA VAL C 816 124.38 -67.97 -20.91
C VAL C 816 125.66 -68.76 -21.16
N LEU C 817 125.62 -70.06 -20.87
CA LEU C 817 126.83 -70.87 -20.96
C LEU C 817 127.26 -71.12 -22.39
N LEU C 818 126.32 -71.11 -23.34
CA LEU C 818 126.66 -71.46 -24.72
C LEU C 818 127.59 -70.43 -25.33
N ASN C 819 127.16 -69.18 -25.38
CA ASN C 819 128.01 -68.12 -25.92
C ASN C 819 128.98 -67.63 -24.85
N HIS C 820 130.17 -67.23 -25.31
CA HIS C 820 131.23 -66.79 -24.42
C HIS C 820 131.16 -65.30 -24.12
N GLU C 821 130.76 -64.49 -25.11
CA GLU C 821 130.87 -63.05 -24.99
C GLU C 821 130.10 -62.51 -23.78
N LEU C 822 129.01 -63.17 -23.42
CA LEU C 822 128.19 -62.80 -22.27
C LEU C 822 128.38 -63.70 -21.06
N PHE C 823 128.92 -64.91 -21.26
CA PHE C 823 129.19 -65.77 -20.12
C PHE C 823 130.20 -65.14 -19.18
N ASN C 824 131.22 -64.48 -19.73
CA ASN C 824 132.20 -63.83 -18.88
C ASN C 824 131.57 -62.73 -18.05
N GLU C 825 130.67 -61.95 -18.65
CA GLU C 825 130.01 -60.89 -17.92
C GLU C 825 129.12 -61.44 -16.80
N TYR C 826 128.35 -62.49 -17.09
CA TYR C 826 127.47 -63.02 -16.05
C TYR C 826 128.21 -63.83 -14.99
N SER C 827 129.32 -64.46 -15.34
CA SER C 827 130.09 -65.22 -14.36
C SER C 827 130.86 -64.33 -13.41
N LYS C 828 130.93 -63.02 -13.67
CA LYS C 828 131.65 -62.12 -12.79
C LYS C 828 131.07 -62.14 -11.38
N GLU C 829 129.77 -62.42 -11.26
CA GLU C 829 129.11 -62.45 -9.96
C GLU C 829 128.90 -63.90 -9.51
N ASP C 839 133.87 -75.95 -21.34
CA ASP C 839 134.68 -76.69 -22.30
C ASP C 839 133.89 -76.94 -23.60
N GLN C 840 134.62 -77.23 -24.68
CA GLN C 840 133.96 -77.47 -25.96
C GLN C 840 133.03 -78.68 -25.88
N GLU C 841 133.49 -79.75 -25.24
CA GLU C 841 132.66 -80.94 -25.10
C GLU C 841 131.41 -80.65 -24.28
N SER C 842 131.55 -79.90 -23.19
CA SER C 842 130.40 -79.55 -22.37
C SER C 842 129.41 -78.69 -23.13
N ILE C 843 129.91 -77.72 -23.91
CA ILE C 843 129.03 -76.87 -24.70
C ILE C 843 128.29 -77.70 -25.74
N ASP C 844 128.99 -78.63 -26.39
CA ASP C 844 128.35 -79.51 -27.35
C ASP C 844 127.26 -80.35 -26.69
N LYS C 845 127.53 -80.85 -25.49
CA LYS C 845 126.52 -81.62 -24.76
C LYS C 845 125.30 -80.75 -24.44
N ARG C 846 125.53 -79.51 -24.01
CA ARG C 846 124.42 -78.62 -23.69
C ARG C 846 123.55 -78.40 -24.91
N PHE C 847 124.17 -78.12 -26.06
CA PHE C 847 123.40 -77.88 -27.27
C PHE C 847 122.67 -79.14 -27.71
N ALA C 848 123.30 -80.31 -27.58
CA ALA C 848 122.64 -81.56 -27.95
C ALA C 848 121.42 -81.82 -27.07
N ASN C 849 121.53 -81.53 -25.76
CA ASN C 849 120.38 -81.68 -24.88
C ASN C 849 119.25 -80.75 -25.28
N LEU C 850 119.58 -79.49 -25.58
CA LEU C 850 118.53 -78.56 -25.99
C LEU C 850 117.88 -79.00 -27.30
N SER C 851 118.63 -79.66 -28.18
CA SER C 851 118.05 -80.12 -29.43
C SER C 851 116.87 -81.05 -29.16
N ASP C 852 117.10 -82.08 -28.35
CA ASP C 852 116.05 -83.06 -28.08
C ASP C 852 114.91 -82.45 -27.28
N THR C 853 115.23 -81.60 -26.29
CA THR C 853 114.15 -80.99 -25.51
C THR C 853 113.24 -80.14 -26.39
N PHE C 854 113.83 -79.31 -27.25
CA PHE C 854 113.02 -78.45 -28.10
C PHE C 854 112.23 -79.26 -29.11
N LEU C 855 112.84 -80.33 -29.67
CA LEU C 855 112.09 -81.17 -30.60
C LEU C 855 110.91 -81.82 -29.90
N MET C 856 111.08 -82.25 -28.65
CA MET C 856 109.98 -82.84 -27.91
C MET C 856 108.84 -81.85 -27.76
N GLN C 857 109.16 -80.60 -27.39
CA GLN C 857 108.09 -79.61 -27.25
C GLN C 857 107.40 -79.34 -28.58
N TYR C 858 108.18 -79.26 -29.67
CA TYR C 858 107.61 -79.00 -30.98
C TYR C 858 106.62 -80.09 -31.38
N GLU C 859 107.01 -81.35 -31.23
CA GLU C 859 106.14 -82.44 -31.63
C GLU C 859 104.94 -82.57 -30.70
N LYS C 860 105.12 -82.28 -29.42
CA LYS C 860 103.99 -82.28 -28.50
C LYS C 860 102.96 -81.23 -28.90
N PHE C 861 103.43 -80.05 -29.31
CA PHE C 861 102.50 -79.03 -29.78
C PHE C 861 101.73 -79.52 -31.00
N GLY C 862 102.41 -80.15 -31.95
CA GLY C 862 101.70 -80.67 -33.11
C GLY C 862 100.64 -81.68 -32.75
N GLU C 863 100.98 -82.61 -31.85
CA GLU C 863 100.01 -83.63 -31.44
C GLU C 863 98.79 -82.99 -30.78
N ASN C 864 99.03 -82.08 -29.83
CA ASN C 864 97.92 -81.46 -29.12
C ASN C 864 97.03 -80.68 -30.08
N LEU C 865 97.63 -79.96 -31.02
CA LEU C 865 96.84 -79.19 -31.98
C LEU C 865 95.96 -80.11 -32.81
N VAL C 866 96.52 -81.23 -33.30
CA VAL C 866 95.72 -82.11 -34.15
C VAL C 866 94.54 -82.67 -33.36
N THR C 867 94.80 -83.15 -32.14
CA THR C 867 93.71 -83.74 -31.37
C THR C 867 92.64 -82.70 -31.04
N PHE C 868 93.07 -81.49 -30.70
CA PHE C 868 92.12 -80.42 -30.35
C PHE C 868 91.23 -80.07 -31.52
N LEU C 869 91.82 -79.93 -32.72
CA LEU C 869 91.01 -79.61 -33.89
C LEU C 869 90.02 -80.73 -34.19
N ALA C 870 90.45 -81.99 -34.10
CA ALA C 870 89.53 -83.09 -34.38
C ALA C 870 88.35 -83.07 -33.40
N THR C 871 88.64 -82.84 -32.11
CA THR C 871 87.58 -82.82 -31.11
C THR C 871 86.60 -81.69 -31.36
N ILE C 872 87.10 -80.49 -31.63
CA ILE C 872 86.19 -79.38 -31.92
C ILE C 872 85.35 -79.69 -33.14
N LYS C 873 85.95 -80.28 -34.17
CA LYS C 873 85.20 -80.55 -35.39
C LYS C 873 84.05 -81.50 -35.11
N GLN C 874 84.30 -82.59 -34.38
CA GLN C 874 83.22 -83.52 -34.14
C GLN C 874 82.13 -82.90 -33.28
N VAL C 875 82.50 -82.17 -32.22
CA VAL C 875 81.47 -81.59 -31.37
C VAL C 875 80.67 -80.54 -32.12
N GLY C 876 81.34 -79.69 -32.91
CA GLY C 876 80.63 -78.67 -33.67
C GLY C 876 79.69 -79.27 -34.69
N GLU C 877 80.11 -80.33 -35.37
CA GLU C 877 79.22 -80.97 -36.32
C GLU C 877 78.02 -81.59 -35.61
N ARG C 878 78.21 -82.13 -34.41
CA ARG C 878 77.10 -82.80 -33.75
C ARG C 878 76.11 -81.81 -33.13
N GLU C 879 76.58 -80.98 -32.19
CA GLU C 879 75.68 -80.21 -31.33
C GLU C 879 75.76 -78.71 -31.57
N ASN C 880 76.94 -78.11 -31.41
CA ASN C 880 77.07 -76.67 -31.29
C ASN C 880 77.35 -76.03 -32.65
N GLN C 881 76.57 -75.00 -32.99
CA GLN C 881 76.83 -74.26 -34.22
C GLN C 881 78.04 -73.35 -34.06
N GLY C 882 78.21 -72.73 -32.89
CA GLY C 882 79.30 -71.81 -32.70
C GLY C 882 80.66 -72.45 -32.83
N LEU C 883 80.78 -73.71 -32.40
CA LEU C 883 82.08 -74.38 -32.47
C LEU C 883 82.44 -74.75 -33.91
N LEU C 884 81.45 -74.90 -34.77
CA LEU C 884 81.72 -75.30 -36.15
C LEU C 884 82.50 -74.22 -36.89
N GLU C 885 82.10 -72.96 -36.74
CA GLU C 885 82.83 -71.87 -37.39
C GLU C 885 84.21 -71.69 -36.78
N LEU C 886 84.35 -71.94 -35.48
CA LEU C 886 85.68 -71.91 -34.88
C LEU C 886 86.55 -73.01 -35.48
N SER C 887 85.98 -74.19 -35.71
CA SER C 887 86.73 -75.27 -36.34
C SER C 887 87.18 -74.86 -37.74
N ASN C 888 86.27 -74.23 -38.50
CA ASN C 888 86.64 -73.78 -39.83
C ASN C 888 87.78 -72.76 -39.77
N ARG C 889 87.71 -71.82 -38.84
CA ARG C 889 88.75 -70.81 -38.73
C ARG C 889 90.09 -71.42 -38.36
N LEU C 890 90.09 -72.32 -37.37
CA LEU C 890 91.35 -72.92 -36.94
C LEU C 890 91.93 -73.81 -38.02
N GLU C 891 91.08 -74.53 -38.76
CA GLU C 891 91.57 -75.34 -39.86
C GLU C 891 92.16 -74.47 -40.96
N LEU C 892 91.52 -73.33 -41.24
CA LEU C 892 92.10 -72.40 -42.21
C LEU C 892 93.36 -71.75 -41.69
N CYS C 893 93.61 -71.78 -40.37
CA CYS C 893 94.85 -71.24 -39.85
C CYS C 893 96.02 -72.18 -40.14
N PHE C 894 95.97 -73.39 -39.60
CA PHE C 894 97.05 -74.35 -39.77
C PHE C 894 96.74 -75.34 -40.88
N LEU D 157 -11.98 -80.32 27.75
CA LEU D 157 -10.76 -80.15 28.59
C LEU D 157 -9.50 -80.26 27.74
N THR D 158 -8.48 -79.47 28.08
CA THR D 158 -7.23 -79.50 27.36
C THR D 158 -6.42 -80.73 27.76
N LEU D 159 -5.36 -80.99 26.99
CA LEU D 159 -4.52 -82.15 27.27
C LEU D 159 -3.88 -82.04 28.65
N SER D 160 -3.42 -80.84 29.01
CA SER D 160 -2.72 -80.66 30.27
C SER D 160 -3.61 -80.93 31.47
N GLN D 161 -4.93 -80.90 31.31
CA GLN D 161 -5.82 -81.11 32.43
C GLN D 161 -6.05 -82.60 32.69
N LEU D 162 -6.18 -83.40 31.62
CA LEU D 162 -6.45 -84.82 31.79
C LEU D 162 -5.28 -85.55 32.44
N ILE D 163 -4.07 -84.99 32.36
CA ILE D 163 -2.89 -85.65 32.93
C ILE D 163 -2.70 -85.28 34.40
N GLU D 164 -3.31 -84.20 34.86
CA GLU D 164 -3.05 -83.70 36.21
C GLU D 164 -3.21 -84.77 37.29
N PRO D 165 -4.27 -85.58 37.31
CA PRO D 165 -4.38 -86.61 38.35
C PRO D 165 -3.25 -87.61 38.33
N TYR D 166 -2.69 -87.92 37.16
CA TYR D 166 -1.73 -88.99 37.00
C TYR D 166 -0.29 -88.50 36.91
N TYR D 167 -0.03 -87.24 37.29
CA TYR D 167 1.32 -86.69 37.13
C TYR D 167 1.55 -85.67 38.25
N ASP D 168 2.43 -85.99 39.18
CA ASP D 168 2.65 -85.20 40.39
C ASP D 168 4.03 -84.56 40.37
N THR D 169 4.06 -83.23 40.51
CA THR D 169 5.31 -82.49 40.64
C THR D 169 5.00 -81.08 41.13
N LEU D 170 5.92 -80.53 41.92
CA LEU D 170 5.81 -79.16 42.39
C LEU D 170 5.93 -78.19 41.21
N GLN D 173 3.98 -73.72 37.70
CA GLN D 173 4.01 -72.27 37.90
C GLN D 173 4.70 -71.89 39.20
N THR D 174 4.67 -72.79 40.18
CA THR D 174 5.31 -72.51 41.45
C THR D 174 6.82 -72.38 41.29
N ILE D 175 7.40 -73.19 40.40
CA ILE D 175 8.84 -73.09 40.13
C ILE D 175 9.17 -71.71 39.58
N LEU D 176 8.35 -71.22 38.65
CA LEU D 176 8.61 -69.90 38.07
C LEU D 176 8.45 -68.78 39.08
N THR D 177 7.74 -69.03 40.19
CA THR D 177 7.61 -68.00 41.21
C THR D 177 8.94 -67.75 41.92
N TYR D 178 9.65 -68.82 42.25
CA TYR D 178 10.92 -68.73 42.97
C TYR D 178 12.14 -68.86 42.06
N LEU D 179 11.95 -68.98 40.75
CA LEU D 179 13.10 -69.13 39.86
C LEU D 179 13.87 -67.83 39.68
N PRO D 180 13.22 -66.67 39.49
CA PRO D 180 14.00 -65.44 39.30
C PRO D 180 14.96 -65.16 40.43
N TYR D 181 14.58 -65.45 41.67
CA TYR D 181 15.47 -65.20 42.80
C TYR D 181 16.66 -66.14 42.78
N THR D 182 16.49 -67.36 42.27
CA THR D 182 17.61 -68.28 42.15
C THR D 182 18.53 -67.90 41.00
N MET D 183 17.95 -67.39 39.90
CA MET D 183 18.76 -67.02 38.74
C MET D 183 19.71 -65.88 39.05
N LEU D 184 19.30 -64.94 39.90
CA LEU D 184 20.14 -63.81 40.27
C LEU D 184 21.17 -64.18 41.34
N GLY D 185 21.43 -65.46 41.55
CA GLY D 185 22.41 -65.89 42.53
C GLY D 185 22.04 -65.55 43.95
N SER D 186 20.79 -65.84 44.33
CA SER D 186 20.32 -65.63 45.69
C SER D 186 19.62 -66.88 46.19
N ASP D 187 19.67 -67.08 47.50
CA ASP D 187 19.04 -68.25 48.11
C ASP D 187 17.52 -68.19 47.89
N SER D 188 16.91 -69.37 47.81
CA SER D 188 15.48 -69.48 47.60
C SER D 188 14.90 -70.50 48.57
N LYS D 189 13.57 -70.43 48.78
CA LYS D 189 12.86 -71.32 49.72
C LYS D 189 13.02 -72.77 49.27
N ILE D 190 13.08 -73.03 47.95
CA ILE D 190 13.13 -74.40 47.42
C ILE D 190 14.46 -74.73 46.77
N PHE D 191 15.32 -73.75 46.51
CA PHE D 191 16.66 -73.98 45.98
C PHE D 191 17.66 -73.30 46.89
N THR D 192 18.64 -74.04 47.39
CA THR D 192 19.61 -73.53 48.34
C THR D 192 21.02 -73.82 47.84
N PHE D 193 21.87 -72.79 47.83
CA PHE D 193 23.27 -72.97 47.49
C PHE D 193 24.04 -73.50 48.69
N SER D 194 25.21 -74.08 48.40
CA SER D 194 26.04 -74.63 49.45
C SER D 194 27.47 -74.73 48.95
N ASN D 195 28.40 -74.92 49.89
CA ASN D 195 29.82 -75.10 49.57
C ASN D 195 30.36 -73.88 48.82
N ASN D 196 30.19 -72.70 49.43
CA ASN D 196 30.71 -71.45 48.88
C ASN D 196 30.15 -71.19 47.49
N TYR D 197 28.87 -71.53 47.28
CA TYR D 197 28.18 -71.27 46.02
C TYR D 197 28.86 -72.01 44.86
N THR D 198 29.14 -73.29 45.08
CA THR D 198 29.69 -74.15 44.03
C THR D 198 28.74 -75.25 43.60
N ARG D 199 27.65 -75.47 44.32
CA ARG D 199 26.68 -76.48 43.94
C ARG D 199 25.30 -76.03 44.39
N LEU D 200 24.28 -76.50 43.66
CA LEU D 200 22.89 -76.16 43.93
C LEU D 200 22.09 -77.44 44.09
N GLU D 201 21.29 -77.53 45.14
CA GLU D 201 20.55 -78.74 45.47
C GLU D 201 19.12 -78.63 44.95
N ILE D 202 18.73 -79.54 44.07
CA ILE D 202 17.36 -79.57 43.57
C ILE D 202 16.50 -80.35 44.57
N PRO D 203 15.39 -79.79 45.05
CA PRO D 203 14.66 -80.43 46.15
C PRO D 203 13.94 -81.69 45.74
N LYS D 204 13.36 -82.39 46.71
CA LYS D 204 12.41 -83.46 46.40
C LYS D 204 11.14 -82.86 45.82
N ASP D 205 10.30 -83.73 45.26
CA ASP D 205 9.07 -83.31 44.59
C ASP D 205 9.37 -82.55 43.31
N ILE D 206 10.46 -82.93 42.64
CA ILE D 206 10.75 -82.48 41.28
C ILE D 206 11.15 -83.72 40.50
N ASN D 207 10.20 -84.32 39.80
CA ASN D 207 10.44 -85.62 39.17
C ASN D 207 11.52 -85.53 38.11
N ASN D 208 11.96 -86.71 37.65
CA ASN D 208 13.11 -86.85 36.75
C ASN D 208 13.18 -85.81 35.65
N SER D 209 12.13 -85.68 34.83
CA SER D 209 12.20 -84.81 33.65
C SER D 209 12.46 -83.35 34.03
N PHE D 210 11.67 -82.81 34.95
CA PHE D 210 11.86 -81.41 35.33
C PHE D 210 13.24 -81.17 35.92
N SER D 211 13.73 -82.11 36.75
CA SER D 211 15.08 -81.96 37.29
C SER D 211 16.13 -81.99 36.19
N SER D 212 15.97 -82.86 35.20
CA SER D 212 16.93 -82.92 34.11
C SER D 212 16.94 -81.63 33.32
N LEU D 213 15.75 -81.04 33.10
CA LEU D 213 15.70 -79.77 32.39
C LEU D 213 16.31 -78.65 33.22
N LEU D 214 15.97 -78.59 34.51
CA LEU D 214 16.50 -77.54 35.36
C LEU D 214 18.01 -77.59 35.45
N ARG D 215 18.59 -78.79 35.41
CA ARG D 215 20.04 -78.89 35.47
C ARG D 215 20.70 -78.09 34.36
N GLU D 216 20.03 -77.96 33.21
CA GLU D 216 20.55 -77.10 32.15
C GLU D 216 20.31 -75.63 32.45
N VAL D 217 19.14 -75.29 32.99
CA VAL D 217 18.84 -73.89 33.28
C VAL D 217 19.75 -73.37 34.39
N PHE D 218 19.99 -74.19 35.41
CA PHE D 218 20.76 -73.75 36.57
C PHE D 218 22.22 -73.54 36.25
N GLU D 219 22.69 -73.94 35.06
CA GLU D 219 24.06 -73.63 34.67
C GLU D 219 24.29 -72.14 34.66
N PHE D 220 23.32 -71.36 34.16
CA PHE D 220 23.47 -69.91 34.14
C PHE D 220 23.55 -69.35 35.55
N ALA D 221 22.73 -69.86 36.47
CA ALA D 221 22.69 -69.29 37.82
C ALA D 221 24.03 -69.45 38.52
N ILE D 222 24.59 -70.66 38.49
CA ILE D 222 25.83 -70.92 39.21
C ILE D 222 26.99 -70.16 38.58
N LEU D 223 27.06 -70.16 37.25
CA LEU D 223 28.14 -69.44 36.58
C LEU D 223 28.05 -67.95 36.87
N TYR D 224 26.85 -67.38 36.81
CA TYR D 224 26.71 -65.97 37.12
C TYR D 224 27.08 -65.67 38.56
N LYS D 225 26.72 -66.57 39.49
CA LYS D 225 27.09 -66.36 40.88
C LYS D 225 28.61 -66.37 41.04
N GLN D 226 29.29 -67.28 40.35
CA GLN D 226 30.75 -67.31 40.43
C GLN D 226 31.34 -66.02 39.88
N LEU D 227 30.81 -65.53 38.75
CA LEU D 227 31.33 -64.30 38.19
C LEU D 227 31.07 -63.11 39.10
N ALA D 228 29.89 -63.08 39.74
CA ALA D 228 29.59 -62.00 40.67
C ALA D 228 30.52 -62.04 41.88
N ILE D 229 30.83 -63.24 42.37
CA ILE D 229 31.78 -63.36 43.48
C ILE D 229 33.13 -62.80 43.06
N VAL D 230 33.59 -63.18 41.86
CA VAL D 230 34.89 -62.68 41.40
C VAL D 230 34.87 -61.17 41.28
N VAL D 231 33.83 -60.61 40.67
CA VAL D 231 33.77 -59.17 40.47
C VAL D 231 33.75 -58.44 41.80
N ASP D 232 32.95 -58.92 42.75
CA ASP D 232 32.87 -58.26 44.04
C ASP D 232 34.17 -58.40 44.82
N ARG D 233 34.90 -59.50 44.63
CA ARG D 233 36.12 -59.73 45.39
C ARG D 233 37.32 -58.94 44.86
N TYR D 234 37.48 -58.86 43.55
CA TYR D 234 38.63 -58.21 42.93
C TYR D 234 38.28 -56.83 42.37
N LYS D 235 37.28 -56.16 42.93
CA LYS D 235 36.84 -54.89 42.36
C LYS D 235 37.94 -53.84 42.42
N GLY D 236 38.52 -53.65 43.59
CA GLY D 236 39.53 -52.61 43.77
C GLY D 236 40.78 -53.09 44.46
N THR D 237 41.05 -54.40 44.36
CA THR D 237 42.23 -54.99 44.99
C THR D 237 43.39 -55.15 44.02
N LEU D 238 43.13 -55.60 42.80
CA LEU D 238 44.20 -55.81 41.84
C LEU D 238 44.87 -54.49 41.49
N VAL D 239 46.20 -54.54 41.32
CA VAL D 239 46.99 -53.34 41.06
C VAL D 239 47.27 -53.22 39.56
N SER D 240 47.45 -54.36 38.89
CA SER D 240 47.73 -54.34 37.46
C SER D 240 46.57 -53.73 36.69
N ALA D 241 46.90 -52.85 35.73
CA ALA D 241 45.86 -52.16 34.98
C ALA D 241 45.14 -53.09 34.01
N ILE D 242 45.82 -54.11 33.50
CA ILE D 242 45.23 -54.99 32.50
C ILE D 242 44.07 -55.75 33.11
N LYS D 243 44.31 -56.37 34.27
CA LYS D 243 43.27 -57.13 34.95
C LYS D 243 42.14 -56.22 35.39
N THR D 244 42.47 -54.99 35.80
CA THR D 244 41.43 -54.05 36.22
C THR D 244 40.49 -53.72 35.06
N ALA D 245 41.04 -53.47 33.87
CA ALA D 245 40.18 -53.22 32.71
C ALA D 245 39.35 -54.44 32.38
N TYR D 246 39.94 -55.63 32.54
CA TYR D 246 39.17 -56.85 32.31
C TYR D 246 37.99 -56.94 33.27
N ILE D 247 38.21 -56.61 34.54
CA ILE D 247 37.13 -56.64 35.51
C ILE D 247 36.07 -55.61 35.17
N ALA D 248 36.48 -54.45 34.66
CA ALA D 248 35.50 -53.44 34.28
C ALA D 248 34.57 -53.95 33.19
N ILE D 249 35.16 -54.56 32.15
CA ILE D 249 34.30 -55.06 31.07
C ILE D 249 33.45 -56.23 31.56
N LEU D 250 33.99 -57.05 32.46
CA LEU D 250 33.21 -58.14 33.04
C LEU D 250 32.00 -57.60 33.79
N GLU D 251 32.19 -56.53 34.55
CA GLU D 251 31.06 -55.93 35.27
C GLU D 251 30.00 -55.43 34.28
N ALA D 252 30.44 -54.81 33.19
CA ALA D 252 29.47 -54.35 32.20
C ALA D 252 28.66 -55.51 31.64
N GLN D 253 29.35 -56.62 31.31
CA GLN D 253 28.64 -57.77 30.77
C GLN D 253 27.65 -58.35 31.77
N LEU D 254 28.05 -58.45 33.03
CA LEU D 254 27.13 -58.97 34.04
C LEU D 254 25.92 -58.06 34.19
N ASN D 255 26.11 -56.74 34.12
CA ASN D 255 24.97 -55.84 34.18
C ASN D 255 24.01 -56.11 33.03
N LYS D 256 24.54 -56.30 31.82
CA LYS D 256 23.66 -56.61 30.71
C LYS D 256 22.92 -57.92 30.95
N TYR D 257 23.60 -58.92 31.52
CA TYR D 257 22.93 -60.20 31.77
C TYR D 257 21.79 -60.03 32.77
N VAL D 258 22.01 -59.25 33.83
CA VAL D 258 20.95 -59.04 34.81
C VAL D 258 19.76 -58.35 34.18
N ASN D 259 20.02 -57.33 33.34
CA ASN D 259 18.90 -56.67 32.68
C ASN D 259 18.16 -57.63 31.75
N ASP D 260 18.88 -58.53 31.09
CA ASP D 260 18.23 -59.51 30.24
C ASP D 260 17.32 -60.43 31.05
N ILE D 261 17.79 -60.89 32.21
CA ILE D 261 16.97 -61.74 33.06
C ILE D 261 15.71 -60.99 33.50
N ASN D 262 15.88 -59.72 33.87
CA ASN D 262 14.73 -58.93 34.28
C ASN D 262 13.72 -58.81 33.15
N ASN D 263 14.18 -58.66 31.90
CA ASN D 263 13.25 -58.66 30.79
C ASN D 263 12.58 -60.02 30.62
N ILE D 264 13.33 -61.11 30.79
CA ILE D 264 12.75 -62.43 30.56
C ILE D 264 11.65 -62.73 31.56
N PHE D 265 11.76 -62.21 32.79
CA PHE D 265 10.75 -62.48 33.79
C PHE D 265 9.72 -61.36 33.98
N ASN D 266 9.96 -60.16 33.42
CA ASN D 266 8.90 -59.16 33.37
C ASN D 266 7.78 -59.61 32.46
N ASN D 267 8.13 -60.22 31.32
CA ASN D 267 7.14 -60.84 30.44
C ASN D 267 6.82 -62.20 31.03
N LYS D 268 5.75 -62.25 31.82
CA LYS D 268 5.42 -63.43 32.61
C LYS D 268 5.55 -64.69 31.76
N PRO D 269 6.53 -65.55 32.04
CA PRO D 269 6.72 -66.74 31.21
C PRO D 269 5.71 -67.83 31.52
N ASN D 270 5.47 -68.67 30.51
CA ASN D 270 4.50 -69.73 30.62
C ASN D 270 5.11 -71.04 31.14
N SER D 271 6.38 -71.29 30.85
CA SER D 271 7.00 -72.55 31.22
C SER D 271 8.50 -72.34 31.35
N ILE D 272 9.17 -73.39 31.83
CA ILE D 272 10.63 -73.33 31.99
C ILE D 272 11.31 -73.24 30.64
N LEU D 273 10.72 -73.84 29.61
CA LEU D 273 11.41 -73.93 28.33
C LEU D 273 11.52 -72.57 27.66
N VAL D 274 10.49 -71.73 27.77
CA VAL D 274 10.59 -70.40 27.19
C VAL D 274 11.67 -69.59 27.90
N VAL D 275 11.80 -69.79 29.22
CA VAL D 275 12.88 -69.15 29.97
C VAL D 275 14.23 -69.61 29.43
N TYR D 276 14.38 -70.92 29.24
CA TYR D 276 15.65 -71.46 28.76
C TYR D 276 15.99 -70.92 27.37
N ASN D 277 14.99 -70.87 26.48
CA ASN D 277 15.23 -70.38 25.13
C ASN D 277 15.57 -68.90 25.12
N SER D 278 14.94 -68.12 26.00
CA SER D 278 15.20 -66.69 26.03
C SER D 278 16.64 -66.39 26.40
N ILE D 279 17.19 -67.11 27.38
CA ILE D 279 18.56 -66.89 27.83
C ILE D 279 19.57 -67.77 27.11
N PHE D 280 19.13 -68.61 26.17
CA PHE D 280 20.06 -69.52 25.51
C PHE D 280 21.26 -68.81 24.88
N PRO D 281 21.11 -67.68 24.20
CA PRO D 281 22.27 -67.07 23.52
C PRO D 281 23.40 -66.66 24.46
N TRP D 282 23.22 -66.80 25.76
CA TRP D 282 24.22 -66.40 26.74
C TRP D 282 25.09 -67.56 27.20
N ILE D 283 24.96 -68.74 26.59
CA ILE D 283 25.78 -69.87 27.00
C ILE D 283 27.26 -69.61 26.71
N SER D 284 27.57 -69.15 25.50
CA SER D 284 28.97 -69.00 25.10
C SER D 284 29.62 -67.84 25.83
N ILE D 285 28.89 -66.74 26.01
CA ILE D 285 29.45 -65.58 26.70
C ILE D 285 29.79 -65.92 28.14
N LEU D 286 28.86 -66.55 28.85
CA LEU D 286 29.12 -66.89 30.25
C LEU D 286 30.24 -67.91 30.37
N ARG D 287 30.24 -68.95 29.52
CA ARG D 287 31.31 -69.94 29.62
C ARG D 287 32.67 -69.31 29.33
N PHE D 288 32.76 -68.45 28.31
CA PHE D 288 34.02 -67.81 28.00
C PHE D 288 34.48 -66.92 29.14
N LEU D 289 33.56 -66.12 29.71
CA LEU D 289 33.95 -65.23 30.79
C LEU D 289 34.40 -66.01 32.01
N TYR D 290 33.72 -67.11 32.32
CA TYR D 290 34.12 -67.92 33.46
C TYR D 290 35.48 -68.54 33.22
N ARG D 291 35.75 -69.02 32.00
CA ARG D 291 37.05 -69.62 31.72
C ARG D 291 38.17 -68.59 31.83
N VAL D 292 37.96 -67.39 31.30
CA VAL D 292 39.02 -66.39 31.34
C VAL D 292 39.27 -65.93 32.77
N SER D 293 38.20 -65.63 33.51
CA SER D 293 38.35 -65.17 34.89
C SER D 293 38.98 -66.24 35.78
N ASN D 294 38.83 -67.52 35.43
CA ASN D 294 39.42 -68.58 36.22
C ASN D 294 40.94 -68.50 36.25
N ARG D 295 41.55 -67.86 35.26
CA ARG D 295 43.00 -67.74 35.17
C ARG D 295 43.48 -66.31 35.40
N LEU D 296 42.75 -65.56 36.21
CA LEU D 296 43.14 -64.20 36.55
C LEU D 296 44.24 -64.14 37.60
N ASN D 297 44.54 -65.25 38.27
CA ASN D 297 45.53 -65.27 39.34
C ASN D 297 46.91 -65.67 38.82
N ARG D 298 47.03 -66.87 38.26
CA ARG D 298 48.34 -67.36 37.84
C ARG D 298 48.90 -66.52 36.70
N LEU D 299 48.07 -66.12 35.75
CA LEU D 299 48.55 -65.32 34.64
C LEU D 299 48.94 -63.92 35.11
N ASP D 300 50.06 -63.42 34.58
CA ASP D 300 50.58 -62.12 34.96
C ASP D 300 49.88 -61.03 34.14
N GLY D 301 50.41 -59.82 34.21
CA GLY D 301 49.77 -58.70 33.51
C GLY D 301 49.83 -58.83 32.00
N TYR D 302 50.98 -59.24 31.47
CA TYR D 302 51.17 -59.34 30.02
C TYR D 302 50.72 -60.69 29.47
N GLU D 303 50.94 -61.76 30.22
CA GLU D 303 50.47 -63.07 29.77
C GLU D 303 48.96 -63.10 29.64
N PHE D 304 48.26 -62.38 30.52
CA PHE D 304 46.80 -62.28 30.41
C PHE D 304 46.41 -61.57 29.12
N LEU D 305 47.10 -60.48 28.79
CA LEU D 305 46.78 -59.76 27.55
C LEU D 305 47.02 -60.63 26.34
N THR D 306 48.13 -61.38 26.32
CA THR D 306 48.39 -62.26 25.20
C THR D 306 47.38 -63.40 25.14
N PHE D 307 46.93 -63.88 26.31
CA PHE D 307 45.96 -64.97 26.33
C PHE D 307 44.63 -64.53 25.74
N ILE D 308 44.16 -63.33 26.10
CA ILE D 308 42.92 -62.85 25.52
C ILE D 308 43.10 -62.56 24.03
N TYR D 309 44.26 -62.02 23.65
CA TYR D 309 44.47 -61.64 22.26
C TYR D 309 44.36 -62.83 21.33
N SER D 310 44.70 -64.03 21.80
CA SER D 310 44.64 -65.20 20.94
C SER D 310 43.21 -65.59 20.58
N PHE D 311 42.22 -65.13 21.34
CA PHE D 311 40.83 -65.44 21.06
C PHE D 311 40.19 -64.51 20.05
N THR D 312 40.82 -63.39 19.71
CA THR D 312 40.25 -62.50 18.71
C THR D 312 40.20 -63.14 17.34
N ASN D 313 40.96 -64.21 17.12
CA ASN D 313 40.98 -64.92 15.84
C ASN D 313 40.01 -66.08 15.81
N HIS D 314 39.19 -66.25 16.85
CA HIS D 314 38.23 -67.34 16.87
C HIS D 314 37.22 -67.18 15.74
N GLY D 315 36.87 -68.30 15.11
CA GLY D 315 35.96 -68.24 13.98
C GLY D 315 34.51 -68.06 14.35
N ASP D 316 34.14 -68.36 15.59
CA ASP D 316 32.76 -68.26 16.02
C ASP D 316 32.37 -66.80 16.18
N PRO D 317 31.33 -66.31 15.48
CA PRO D 317 30.99 -64.89 15.63
C PRO D 317 30.68 -64.48 17.06
N LYS D 318 30.03 -65.33 17.85
CA LYS D 318 29.68 -64.95 19.22
C LYS D 318 30.92 -64.89 20.11
N ILE D 319 31.74 -65.95 20.07
CA ILE D 319 32.92 -66.00 20.93
C ILE D 319 33.92 -64.93 20.51
N ARG D 320 34.18 -64.80 19.20
CA ARG D 320 35.07 -63.75 18.75
C ARG D 320 34.49 -62.37 19.00
N GLY D 321 33.17 -62.22 18.98
CA GLY D 321 32.59 -60.94 19.27
C GLY D 321 32.84 -60.51 20.70
N ILE D 322 32.62 -61.42 21.65
CA ILE D 322 32.88 -61.05 23.04
C ILE D 322 34.38 -60.89 23.29
N ALA D 323 35.22 -61.72 22.66
CA ALA D 323 36.65 -61.61 22.86
C ALA D 323 37.18 -60.28 22.35
N VAL D 324 36.75 -59.87 21.16
CA VAL D 324 37.20 -58.59 20.60
C VAL D 324 36.54 -57.41 21.28
N THR D 325 35.36 -57.61 21.89
CA THR D 325 34.77 -56.54 22.69
C THR D 325 35.59 -56.30 23.96
N ALA D 326 35.98 -57.37 24.64
CA ALA D 326 36.74 -57.22 25.88
C ALA D 326 38.18 -56.78 25.61
N PHE D 327 38.75 -57.22 24.48
CA PHE D 327 40.15 -56.90 24.19
C PHE D 327 40.38 -55.41 23.99
N THR D 328 39.39 -54.66 23.51
CA THR D 328 39.58 -53.22 23.33
C THR D 328 39.87 -52.53 24.66
N GLU D 329 39.02 -52.76 25.66
CA GLU D 329 39.23 -52.12 26.95
C GLU D 329 40.39 -52.75 27.70
N VAL D 330 40.66 -54.04 27.46
CA VAL D 330 41.80 -54.66 28.13
C VAL D 330 43.11 -54.09 27.59
N VAL D 331 43.15 -53.77 26.29
CA VAL D 331 44.38 -53.24 25.68
C VAL D 331 44.52 -51.74 25.81
N LYS D 332 43.45 -51.01 26.13
CA LYS D 332 43.60 -49.56 26.26
C LYS D 332 44.68 -49.16 27.25
N PRO D 333 44.80 -49.77 28.44
CA PRO D 333 45.86 -49.35 29.36
C PRO D 333 47.27 -49.54 28.81
N TYR D 334 47.48 -50.59 28.01
CA TYR D 334 48.79 -50.79 27.39
C TYR D 334 49.10 -49.65 26.43
N TYR D 335 48.10 -49.23 25.65
CA TYR D 335 48.30 -48.10 24.76
C TYR D 335 48.47 -46.80 25.54
N ASN D 336 47.90 -46.69 26.73
CA ASN D 336 48.17 -45.52 27.56
C ASN D 336 49.61 -45.50 28.05
N ILE D 337 50.16 -46.66 28.41
CA ILE D 337 51.58 -46.73 28.76
C ILE D 337 52.42 -46.28 27.56
N VAL D 338 52.08 -46.78 26.37
CA VAL D 338 52.84 -46.41 25.19
C VAL D 338 52.68 -44.92 24.90
N GLU D 339 51.50 -44.37 25.13
CA GLU D 339 51.29 -42.95 24.90
C GLU D 339 52.16 -42.10 25.80
N HIS D 340 52.18 -42.42 27.10
CA HIS D 340 53.03 -41.66 28.01
C HIS D 340 54.48 -41.79 27.64
N TRP D 341 54.92 -42.99 27.25
CA TRP D 341 56.32 -43.17 26.87
C TRP D 341 56.66 -42.41 25.60
N ILE D 342 55.76 -42.39 24.62
CA ILE D 342 56.05 -41.77 23.34
C ILE D 342 56.07 -40.24 23.47
N VAL D 343 55.07 -39.67 24.14
CA VAL D 343 54.87 -38.23 24.08
C VAL D 343 55.82 -37.52 25.04
N LYS D 344 55.69 -37.81 26.34
CA LYS D 344 56.51 -37.09 27.36
C LYS D 344 57.85 -37.79 27.54
N GLY D 345 57.88 -39.11 27.35
CA GLY D 345 59.12 -39.87 27.61
C GLY D 345 59.21 -40.26 29.07
N GLU D 346 58.22 -41.01 29.56
CA GLU D 346 58.28 -41.50 30.96
C GLU D 346 57.66 -42.90 31.06
N LEU D 347 58.06 -43.66 32.07
CA LEU D 347 57.61 -45.04 32.25
C LEU D 347 56.60 -45.09 33.39
N ILE D 348 55.46 -45.73 33.14
CA ILE D 348 54.35 -45.72 34.07
C ILE D 348 54.18 -47.06 34.77
N ASP D 349 54.31 -48.17 34.03
CA ASP D 349 54.02 -49.48 34.59
C ASP D 349 54.95 -49.82 35.73
N ASN D 350 54.42 -49.88 36.96
CA ASN D 350 55.22 -50.33 38.08
C ASN D 350 55.47 -51.83 38.04
N ASN D 351 54.54 -52.59 37.47
CA ASN D 351 54.69 -54.01 37.29
C ASN D 351 55.37 -54.31 35.96
N ASN D 352 55.84 -55.55 35.81
CA ASN D 352 56.56 -55.97 34.61
C ASN D 352 55.54 -56.39 33.55
N GLU D 353 55.06 -55.39 32.81
CA GLU D 353 54.09 -55.62 31.75
C GLU D 353 54.36 -54.76 30.54
N PHE D 354 55.63 -54.43 30.29
CA PHE D 354 55.99 -53.58 29.16
C PHE D 354 57.34 -54.01 28.65
N PHE D 355 57.63 -53.69 27.39
CA PHE D 355 58.87 -54.07 26.74
C PHE D 355 59.96 -53.01 26.86
N ILE D 356 59.84 -52.10 27.82
CA ILE D 356 60.89 -51.13 28.13
C ILE D 356 61.00 -51.05 29.64
N ILE D 357 62.21 -51.06 30.17
CA ILE D 357 62.46 -51.09 31.61
C ILE D 357 63.67 -50.20 31.93
N PHE D 358 63.95 -50.05 33.23
CA PHE D 358 65.06 -49.25 33.71
C PHE D 358 65.98 -50.11 34.58
N ASP D 359 67.17 -49.57 34.85
CA ASP D 359 68.17 -50.19 35.73
C ASP D 359 68.73 -49.11 36.63
N GLN D 360 68.20 -49.00 37.85
CA GLN D 360 68.70 -47.99 38.78
C GLN D 360 70.14 -48.25 39.19
N GLU D 361 70.55 -49.52 39.20
CA GLU D 361 71.90 -49.85 39.66
C GLU D 361 72.96 -49.37 38.68
N GLN D 362 72.60 -49.18 37.41
CA GLN D 362 73.55 -48.76 36.41
C GLN D 362 73.98 -47.31 36.67
N ASN D 363 75.20 -46.98 36.24
CA ASN D 363 75.78 -45.66 36.47
C ASN D 363 76.18 -44.97 35.16
N GLU D 364 75.44 -45.20 34.09
CA GLU D 364 75.67 -44.51 32.83
C GLU D 364 74.36 -44.48 32.03
N PHE D 365 74.14 -43.37 31.32
CA PHE D 365 72.84 -43.15 30.70
C PHE D 365 72.50 -44.23 29.69
N ASN D 366 73.43 -44.53 28.78
CA ASN D 366 73.08 -45.34 27.62
C ASN D 366 72.62 -46.75 28.01
N SER D 367 72.93 -47.21 29.21
CA SER D 367 72.62 -48.57 29.62
C SER D 367 71.65 -48.65 30.81
N ILE D 368 71.17 -47.52 31.33
CA ILE D 368 70.10 -47.57 32.32
C ILE D 368 68.83 -48.11 31.70
N ILE D 369 68.56 -47.77 30.45
CA ILE D 369 67.35 -48.19 29.75
C ILE D 369 67.72 -49.32 28.80
N LYS D 370 66.97 -50.41 28.86
CA LYS D 370 67.20 -51.54 27.96
C LYS D 370 65.85 -52.08 27.46
N LEU D 371 65.89 -52.69 26.29
CA LEU D 371 64.70 -53.25 25.66
C LEU D 371 64.57 -54.72 26.00
N LEU D 372 63.34 -55.22 25.91
CA LEU D 372 63.02 -56.63 26.14
C LEU D 372 62.38 -57.20 24.88
N PRO D 373 63.16 -57.77 23.97
CA PRO D 373 62.58 -58.23 22.70
C PRO D 373 61.57 -59.35 22.86
N LYS D 374 61.58 -60.07 23.97
CA LYS D 374 60.64 -61.17 24.15
C LYS D 374 59.24 -60.67 24.44
N LYS D 375 59.12 -59.50 25.07
CA LYS D 375 57.83 -58.99 25.52
C LYS D 375 57.16 -58.05 24.52
N ILE D 376 57.74 -57.87 23.34
CA ILE D 376 57.15 -56.98 22.34
C ILE D 376 55.85 -57.61 21.87
N PRO D 377 54.70 -56.94 22.01
CA PRO D 377 53.44 -57.54 21.56
C PRO D 377 53.35 -57.59 20.04
N ALA D 378 52.45 -58.45 19.56
CA ALA D 378 52.24 -58.60 18.13
C ALA D 378 51.48 -57.43 17.53
N PHE D 379 50.61 -56.78 18.32
CA PHE D 379 49.78 -55.71 17.79
C PHE D 379 50.48 -54.36 17.77
N ILE D 380 51.70 -54.28 18.27
CA ILE D 380 52.46 -53.02 18.26
C ILE D 380 53.37 -53.02 17.04
N LYS D 381 53.62 -51.83 16.51
CA LYS D 381 54.43 -51.66 15.31
C LYS D 381 55.51 -50.61 15.56
N SER D 382 56.63 -50.77 14.86
CA SER D 382 57.76 -49.84 14.97
C SER D 382 58.24 -49.71 16.41
N SER D 383 58.37 -50.85 17.07
CA SER D 383 58.81 -50.86 18.47
C SER D 383 60.22 -50.29 18.60
N ASP D 384 61.12 -50.66 17.69
CA ASP D 384 62.51 -50.21 17.78
C ASP D 384 62.63 -48.71 17.56
N LYS D 385 61.59 -48.08 17.03
CA LYS D 385 61.53 -46.62 16.93
C LYS D 385 60.90 -45.99 18.16
N ILE D 386 59.93 -46.67 18.77
CA ILE D 386 59.36 -46.20 20.03
C ILE D 386 60.44 -46.11 21.08
N PHE D 387 61.31 -47.13 21.15
CA PHE D 387 62.35 -47.13 22.16
C PHE D 387 63.28 -45.93 21.99
N GLN D 388 63.68 -45.65 20.75
CA GLN D 388 64.59 -44.53 20.52
C GLN D 388 63.91 -43.19 20.79
N ILE D 389 62.63 -43.06 20.44
CA ILE D 389 61.92 -41.81 20.72
C ILE D 389 61.88 -41.57 22.23
N GLY D 390 61.55 -42.59 23.00
CA GLY D 390 61.47 -42.41 24.44
C GLY D 390 62.82 -42.13 25.07
N LYS D 391 63.87 -42.85 24.65
CA LYS D 391 65.19 -42.62 25.21
C LYS D 391 65.66 -41.20 24.90
N THR D 392 65.45 -40.74 23.68
CA THR D 392 65.95 -39.40 23.31
C THR D 392 65.15 -38.35 24.09
N LEU D 393 63.85 -38.59 24.31
CA LEU D 393 63.01 -37.64 25.09
C LEU D 393 63.56 -37.55 26.52
N ILE D 394 63.78 -38.68 27.19
CA ILE D 394 64.37 -38.68 28.55
C ILE D 394 65.68 -37.87 28.50
N PHE D 395 66.57 -38.19 27.56
CA PHE D 395 67.85 -37.49 27.47
C PHE D 395 67.64 -35.99 27.35
N LEU D 396 66.70 -35.58 26.49
CA LEU D 396 66.52 -34.14 26.26
C LEU D 396 65.95 -33.45 27.48
N ASN D 397 64.94 -34.03 28.12
CA ASN D 397 64.23 -33.31 29.17
C ASN D 397 64.81 -33.54 30.56
N LYS D 398 65.85 -34.36 30.72
CA LYS D 398 66.46 -34.54 32.03
C LYS D 398 67.97 -34.31 32.08
N TYR D 399 68.69 -34.40 30.96
CA TYR D 399 70.11 -34.12 30.95
C TYR D 399 70.46 -32.78 30.29
N CYS D 400 69.99 -32.56 29.07
CA CYS D 400 70.16 -31.25 28.44
C CYS D 400 69.27 -30.20 29.06
N ARG D 401 68.23 -30.60 29.78
CA ARG D 401 67.32 -29.67 30.45
C ARG D 401 66.74 -28.65 29.47
N GLU D 402 66.39 -29.12 28.27
CA GLU D 402 65.73 -28.28 27.26
C GLU D 402 64.22 -28.46 27.40
N LEU D 403 63.66 -27.86 28.45
CA LEU D 403 62.25 -28.03 28.75
C LEU D 403 61.33 -27.28 27.79
N LYS D 404 61.79 -26.17 27.22
CA LYS D 404 60.94 -25.35 26.36
C LYS D 404 60.49 -26.12 25.13
N TRP D 405 61.46 -26.68 24.40
CA TRP D 405 61.12 -27.40 23.18
C TRP D 405 60.39 -28.71 23.48
N VAL D 406 60.73 -29.36 24.59
CA VAL D 406 60.01 -30.57 24.97
C VAL D 406 58.54 -30.25 25.23
N ASN D 407 58.27 -29.14 25.91
CA ASN D 407 56.87 -28.75 26.14
C ASN D 407 56.17 -28.42 24.82
N GLN D 408 56.85 -27.70 23.93
CA GLN D 408 56.24 -27.37 22.65
C GLN D 408 55.90 -28.64 21.87
N TYR D 409 56.83 -29.59 21.85
CA TYR D 409 56.61 -30.88 21.21
C TYR D 409 55.45 -31.64 21.85
N ASN D 410 55.39 -31.63 23.19
CA ASN D 410 54.31 -32.30 23.89
C ASN D 410 52.97 -31.74 23.45
N VAL D 411 52.84 -30.42 23.41
CA VAL D 411 51.57 -29.84 22.99
C VAL D 411 51.27 -30.21 21.54
N LYS D 412 52.28 -30.12 20.66
CA LYS D 412 52.04 -30.33 19.25
C LYS D 412 51.51 -31.73 18.99
N TYR D 413 52.12 -32.75 19.61
CA TYR D 413 51.72 -34.12 19.32
C TYR D 413 50.58 -34.61 20.22
N SER D 414 50.30 -33.94 21.34
CA SER D 414 49.05 -34.21 22.03
C SER D 414 47.87 -33.68 21.24
N ALA D 415 48.05 -32.59 20.49
CA ALA D 415 46.98 -32.08 19.63
C ALA D 415 46.67 -33.01 18.47
N ILE D 416 47.52 -34.00 18.20
CA ILE D 416 47.23 -35.03 17.21
C ILE D 416 46.71 -36.30 17.85
N LEU D 417 47.29 -36.73 18.97
CA LEU D 417 46.80 -37.97 19.56
C LEU D 417 45.42 -37.81 20.20
N PHE D 418 45.15 -36.69 20.87
CA PHE D 418 43.93 -36.57 21.65
C PHE D 418 42.89 -35.64 21.07
N ASN D 419 43.27 -34.75 20.14
CA ASN D 419 42.31 -33.86 19.51
C ASN D 419 41.92 -34.31 18.11
N ASN D 420 42.91 -34.54 17.23
CA ASN D 420 42.61 -35.07 15.91
C ASN D 420 42.01 -36.47 16.02
N HIS D 421 42.58 -37.31 16.86
CA HIS D 421 42.09 -38.67 17.12
C HIS D 421 41.71 -38.78 18.60
N GLN D 422 41.36 -39.99 19.02
CA GLN D 422 40.89 -40.25 20.37
C GLN D 422 41.85 -41.16 21.13
N GLY D 423 43.12 -41.15 20.75
CA GLY D 423 44.13 -41.97 21.39
C GLY D 423 44.74 -42.96 20.42
N LEU D 424 45.74 -43.69 20.93
CA LEU D 424 46.42 -44.67 20.11
C LEU D 424 45.49 -45.80 19.70
N ALA D 425 44.55 -46.18 20.57
CA ALA D 425 43.62 -47.23 20.22
C ALA D 425 42.76 -46.84 19.02
N SER D 426 42.31 -45.59 18.99
CA SER D 426 41.48 -45.10 17.89
C SER D 426 42.35 -44.57 16.76
N MET D 427 43.21 -45.46 16.26
CA MET D 427 44.13 -45.13 15.17
C MET D 427 44.42 -46.39 14.38
N THR D 428 44.21 -46.33 13.07
CA THR D 428 44.56 -47.45 12.22
C THR D 428 46.08 -47.61 12.15
N THR D 429 46.51 -48.84 11.90
CA THR D 429 47.94 -49.15 11.97
C THR D 429 48.76 -48.28 11.03
N ASN D 430 48.22 -48.00 9.83
CA ASN D 430 48.95 -47.16 8.88
C ASN D 430 49.21 -45.78 9.44
N GLU D 431 48.18 -45.15 10.01
CA GLU D 431 48.34 -43.80 10.55
C GLU D 431 49.22 -43.81 11.80
N MET D 432 49.12 -44.87 12.61
CA MET D 432 49.96 -44.98 13.80
C MET D 432 51.43 -45.07 13.41
N ILE D 433 51.75 -45.89 12.40
CA ILE D 433 53.13 -45.98 11.94
C ILE D 433 53.59 -44.64 11.39
N LYS D 434 52.73 -43.96 10.63
CA LYS D 434 53.13 -42.67 10.07
C LYS D 434 53.41 -41.66 11.18
N LEU D 435 52.57 -41.65 12.21
CA LEU D 435 52.79 -40.73 13.33
C LEU D 435 54.10 -41.01 14.03
N ILE D 436 54.41 -42.30 14.27
CA ILE D 436 55.66 -42.61 14.94
C ILE D 436 56.84 -42.21 14.08
N ASP D 437 56.74 -42.41 12.76
CA ASP D 437 57.82 -42.01 11.87
C ASP D 437 58.05 -40.50 11.92
N SER D 438 56.97 -39.72 11.91
CA SER D 438 57.12 -38.27 11.98
C SER D 438 57.77 -37.86 13.30
N GLN D 439 57.35 -38.47 14.40
CA GLN D 439 57.96 -38.15 15.68
C GLN D 439 59.43 -38.49 15.69
N TYR D 440 59.79 -39.64 15.11
CA TYR D 440 61.19 -40.07 15.09
C TYR D 440 62.05 -39.07 14.32
N ASN D 441 61.60 -38.68 13.13
CA ASN D 441 62.37 -37.72 12.35
C ASN D 441 62.53 -36.39 13.09
N GLU D 442 61.43 -35.88 13.67
CA GLU D 442 61.51 -34.61 14.37
C GLU D 442 62.46 -34.69 15.55
N ILE D 443 62.37 -35.77 16.33
CA ILE D 443 63.18 -35.88 17.54
C ILE D 443 64.65 -35.97 17.19
N LEU D 444 65.01 -36.78 16.18
CA LEU D 444 66.42 -36.87 15.85
C LEU D 444 66.93 -35.60 15.19
N THR D 445 66.08 -34.89 14.47
CA THR D 445 66.50 -33.60 13.92
C THR D 445 66.86 -32.64 15.04
N PHE D 446 66.02 -32.56 16.08
CA PHE D 446 66.34 -31.66 17.18
C PHE D 446 67.54 -32.15 17.99
N LEU D 447 67.69 -33.47 18.16
CA LEU D 447 68.85 -33.98 18.87
C LEU D 447 70.14 -33.61 18.15
N THR D 448 70.15 -33.70 16.82
CA THR D 448 71.32 -33.23 16.08
C THR D 448 71.51 -31.74 16.28
N GLN D 449 70.43 -30.95 16.13
CA GLN D 449 70.55 -29.50 16.24
C GLN D 449 71.07 -29.06 17.61
N ILE D 450 70.95 -29.89 18.62
CA ILE D 450 71.54 -29.58 19.92
C ILE D 450 72.98 -30.10 19.97
N ILE D 451 73.13 -31.43 19.84
CA ILE D 451 74.42 -32.06 20.15
C ILE D 451 75.51 -31.57 19.20
N GLN D 452 75.25 -31.58 17.89
CA GLN D 452 76.24 -31.08 16.94
C GLN D 452 76.06 -29.62 16.63
N GLY D 453 75.07 -28.99 17.24
CA GLY D 453 74.82 -27.56 17.14
C GLY D 453 75.39 -26.82 18.33
N ASN D 454 74.55 -26.54 19.32
CA ASN D 454 74.99 -25.72 20.45
C ASN D 454 76.17 -26.34 21.17
N ASN D 455 76.21 -27.67 21.26
CA ASN D 455 77.31 -28.33 21.96
C ASN D 455 78.58 -28.38 21.12
N LYS D 456 78.47 -28.40 19.79
CA LYS D 456 79.61 -28.49 18.89
C LYS D 456 80.44 -29.75 19.18
N LEU D 457 79.79 -30.89 18.92
CA LEU D 457 80.43 -32.17 19.20
C LEU D 457 81.73 -32.34 18.42
N PHE D 458 81.72 -31.99 17.13
CA PHE D 458 82.90 -32.20 16.31
C PHE D 458 84.07 -31.37 16.80
N THR D 459 83.82 -30.12 17.19
CA THR D 459 84.90 -29.27 17.68
C THR D 459 85.54 -29.85 18.93
N HIS D 460 84.73 -30.38 19.85
CA HIS D 460 85.30 -30.92 21.07
C HIS D 460 85.99 -32.25 20.83
N VAL D 461 85.52 -33.05 19.89
CA VAL D 461 86.25 -34.25 19.53
C VAL D 461 87.59 -33.88 18.91
N TYR D 462 87.61 -32.85 18.07
CA TYR D 462 88.86 -32.38 17.50
C TYR D 462 89.81 -31.91 18.59
N ASN D 463 89.30 -31.20 19.60
CA ASN D 463 90.16 -30.75 20.69
C ASN D 463 90.66 -31.93 21.52
N PHE D 464 89.83 -32.95 21.71
CA PHE D 464 90.28 -34.18 22.36
C PHE D 464 91.47 -34.76 21.62
N LYS D 465 91.36 -34.87 20.29
CA LYS D 465 92.47 -35.38 19.51
C LYS D 465 93.67 -34.44 19.56
N ARG D 466 93.43 -33.14 19.63
CA ARG D 466 94.51 -32.17 19.64
C ARG D 466 95.35 -32.28 20.91
N PHE D 467 94.71 -32.46 22.06
CA PHE D 467 95.42 -32.45 23.34
C PHE D 467 95.82 -33.84 23.81
N TYR D 468 94.90 -34.81 23.78
CA TYR D 468 95.24 -36.14 24.28
C TYR D 468 96.23 -36.85 23.36
N PHE D 469 96.08 -36.69 22.04
CA PHE D 469 96.95 -37.36 21.08
C PHE D 469 98.15 -36.50 20.69
N MET D 470 98.55 -35.56 21.55
CA MET D 470 99.85 -34.91 21.54
C MET D 470 100.01 -33.91 20.40
N GLU D 471 98.94 -33.57 19.68
CA GLU D 471 99.11 -32.86 18.42
C GLU D 471 99.79 -31.51 18.62
N THR D 472 99.35 -30.75 19.63
CA THR D 472 99.95 -29.43 19.89
C THR D 472 101.24 -29.65 20.67
N ASN D 473 102.29 -30.03 19.93
CA ASN D 473 103.55 -30.37 20.59
C ASN D 473 104.17 -29.18 21.29
N ASP D 474 103.87 -27.95 20.84
CA ASP D 474 104.45 -26.78 21.47
C ASP D 474 104.00 -26.64 22.91
N PHE D 475 102.72 -26.88 23.17
CA PHE D 475 102.19 -26.78 24.53
C PHE D 475 102.89 -27.77 25.45
N ILE D 476 103.09 -29.00 24.98
CA ILE D 476 103.70 -30.02 25.81
C ILE D 476 105.18 -29.75 26.01
N ASP D 477 105.86 -29.22 24.99
CA ASP D 477 107.24 -28.79 25.19
C ASP D 477 107.31 -27.69 26.24
N ALA D 478 106.34 -26.77 26.22
CA ALA D 478 106.32 -25.71 27.22
C ALA D 478 106.10 -26.30 28.61
N ILE D 479 105.20 -27.28 28.74
CA ILE D 479 104.96 -27.90 30.03
C ILE D 479 106.24 -28.57 30.54
N MET D 480 106.92 -29.31 29.65
CA MET D 480 108.08 -30.07 30.10
C MET D 480 109.25 -29.15 30.44
N VAL D 481 109.45 -28.08 29.67
CA VAL D 481 110.54 -27.17 29.98
C VAL D 481 110.24 -26.40 31.26
N LYS D 482 108.98 -26.02 31.48
CA LYS D 482 108.64 -25.29 32.68
C LYS D 482 108.64 -26.20 33.92
N GLY D 483 108.20 -27.44 33.77
CA GLY D 483 108.09 -28.35 34.89
C GLY D 483 109.25 -29.32 34.99
N LYS D 484 110.39 -28.99 34.37
CA LYS D 484 111.52 -29.90 34.36
C LYS D 484 112.06 -30.16 35.75
N ASP D 485 111.78 -29.28 36.72
CA ASP D 485 112.22 -29.48 38.09
C ASP D 485 111.11 -30.02 38.99
N VAL D 486 109.86 -29.63 38.74
CA VAL D 486 108.75 -30.14 39.54
C VAL D 486 108.58 -31.63 39.34
N PHE D 487 108.67 -32.09 38.09
CA PHE D 487 108.46 -33.50 37.80
C PHE D 487 109.60 -34.38 38.30
N ASN D 488 110.75 -33.80 38.63
CA ASN D 488 111.87 -34.61 39.09
C ASN D 488 111.56 -35.29 40.41
N GLU D 489 110.92 -34.58 41.33
CA GLU D 489 110.65 -35.15 42.64
C GLU D 489 109.51 -36.17 42.56
N SER D 490 109.36 -36.95 43.63
CA SER D 490 108.40 -38.03 43.66
C SER D 490 106.97 -37.49 43.54
N SER D 491 106.08 -38.36 43.08
CA SER D 491 104.69 -37.94 42.83
C SER D 491 103.98 -37.49 44.09
N VAL D 492 104.46 -37.90 45.28
CA VAL D 492 103.80 -37.49 46.50
C VAL D 492 104.15 -36.05 46.86
N ASN D 493 105.33 -35.57 46.44
CA ASN D 493 105.77 -34.23 46.82
C ASN D 493 105.05 -33.15 46.04
N ILE D 494 104.65 -33.41 44.79
CA ILE D 494 104.03 -32.40 43.96
C ILE D 494 102.67 -32.03 44.55
N SER D 495 102.45 -30.74 44.74
CA SER D 495 101.21 -30.22 45.31
C SER D 495 100.37 -29.56 44.23
N SER D 496 99.15 -29.17 44.61
CA SER D 496 98.22 -28.58 43.65
C SER D 496 98.72 -27.23 43.17
N THR D 497 99.27 -26.41 44.07
CA THR D 497 99.69 -25.07 43.66
C THR D 497 100.83 -25.12 42.66
N TYR D 498 101.75 -26.08 42.81
CA TYR D 498 102.85 -26.18 41.86
C TYR D 498 102.33 -26.62 40.49
N LEU D 499 101.37 -27.53 40.47
CA LEU D 499 100.76 -27.93 39.21
C LEU D 499 100.08 -26.76 38.53
N ARG D 500 99.34 -25.95 39.30
CA ARG D 500 98.67 -24.81 38.71
C ARG D 500 99.67 -23.81 38.15
N LYS D 501 100.76 -23.55 38.90
CA LYS D 501 101.78 -22.65 38.41
C LYS D 501 102.40 -23.17 37.12
N VAL D 502 102.71 -24.46 37.07
CA VAL D 502 103.31 -25.05 35.88
C VAL D 502 102.37 -24.91 34.70
N LEU D 503 101.10 -25.27 34.89
CA LEU D 503 100.14 -25.23 33.79
C LEU D 503 99.96 -23.80 33.29
N GLN D 504 99.83 -22.83 34.19
CA GLN D 504 99.63 -21.45 33.75
C GLN D 504 100.85 -20.93 33.00
N ASP D 505 102.06 -21.22 33.51
CA ASP D 505 103.26 -20.77 32.80
C ASP D 505 103.35 -21.40 31.42
N ALA D 506 103.03 -22.70 31.31
CA ALA D 506 103.09 -23.36 30.02
C ALA D 506 102.04 -22.82 29.07
N ILE D 507 100.87 -22.45 29.58
CA ILE D 507 99.83 -21.86 28.73
C ILE D 507 100.31 -20.51 28.20
N GLN D 508 100.90 -19.69 29.05
CA GLN D 508 101.39 -18.39 28.60
C GLN D 508 102.52 -18.54 27.57
N ILE D 509 103.44 -19.47 27.79
CA ILE D 509 104.58 -19.59 26.88
C ILE D 509 104.13 -20.06 25.51
N SER D 510 103.29 -21.09 25.46
CA SER D 510 102.93 -21.73 24.20
C SER D 510 101.86 -20.93 23.47
N SER D 511 101.33 -21.50 22.39
CA SER D 511 100.33 -20.84 21.56
C SER D 511 98.91 -21.13 22.00
N VAL D 512 98.72 -21.89 23.08
CA VAL D 512 97.37 -22.18 23.57
C VAL D 512 96.74 -20.99 24.27
N LYS D 513 97.51 -19.98 24.64
CA LYS D 513 96.94 -18.81 25.30
C LYS D 513 95.92 -18.10 24.42
N ASN D 514 96.01 -18.26 23.11
CA ASN D 514 95.02 -17.74 22.19
C ASN D 514 93.94 -18.75 21.84
N PHE D 515 94.03 -19.96 22.38
CA PHE D 515 93.07 -21.01 22.06
C PHE D 515 91.69 -20.66 22.63
N GLU D 516 90.65 -21.02 21.88
CA GLU D 516 89.31 -20.60 22.25
C GLU D 516 88.91 -21.16 23.61
N TYR D 517 89.20 -22.43 23.87
CA TYR D 517 88.76 -23.12 25.08
C TYR D 517 89.91 -23.34 26.04
N VAL D 518 90.82 -22.36 26.13
CA VAL D 518 91.97 -22.49 27.03
C VAL D 518 91.52 -22.67 28.47
N ASP D 519 90.32 -22.21 28.82
CA ASP D 519 89.84 -22.36 30.19
C ASP D 519 89.64 -23.83 30.53
N ARG D 520 89.13 -24.62 29.59
CA ARG D 520 88.77 -26.00 29.89
C ARG D 520 89.97 -26.85 30.27
N LEU D 521 91.17 -26.45 29.91
CA LEU D 521 92.35 -27.27 30.18
C LEU D 521 92.60 -27.35 31.68
N ASP D 522 93.00 -28.54 32.13
CA ASP D 522 93.29 -28.77 33.54
C ASP D 522 94.20 -29.96 33.66
N SER D 523 95.25 -29.84 34.50
CA SER D 523 96.26 -30.89 34.73
C SER D 523 95.90 -31.61 36.02
N ARG D 524 96.44 -32.82 36.24
CA ARG D 524 96.17 -33.62 37.46
C ARG D 524 97.30 -34.64 37.60
N VAL D 525 97.39 -35.34 38.73
CA VAL D 525 98.34 -36.48 38.91
C VAL D 525 97.38 -37.62 39.26
N LEU D 526 97.50 -38.78 38.62
CA LEU D 526 96.54 -39.88 38.82
C LEU D 526 96.84 -40.67 40.09
N ASN D 527 98.01 -41.30 40.16
CA ASN D 527 98.36 -42.18 41.27
C ASN D 527 99.59 -41.65 41.99
N PRO D 528 99.42 -40.88 43.06
CA PRO D 528 100.59 -40.33 43.78
C PRO D 528 101.27 -41.37 44.65
N GLN D 529 101.95 -42.33 44.01
CA GLN D 529 102.72 -43.34 44.71
C GLN D 529 104.13 -42.84 44.98
N HIS D 530 104.74 -43.39 46.03
CA HIS D 530 106.10 -42.98 46.39
C HIS D 530 107.09 -43.37 45.30
N GLY D 531 106.91 -44.54 44.70
CA GLY D 531 107.83 -45.03 43.69
C GLY D 531 107.63 -44.47 42.30
N ASN D 532 106.65 -43.60 42.10
CA ASN D 532 106.36 -43.01 40.80
C ASN D 532 106.84 -41.56 40.80
N LEU D 533 107.62 -41.20 39.79
CA LEU D 533 108.09 -39.84 39.63
C LEU D 533 107.02 -39.00 38.95
N GLY D 534 107.31 -37.71 38.81
CA GLY D 534 106.34 -36.83 38.17
C GLY D 534 106.10 -37.18 36.71
N TRP D 535 107.15 -37.58 36.00
CA TRP D 535 107.00 -37.89 34.58
C TRP D 535 106.06 -39.07 34.35
N GLU D 536 105.97 -39.98 35.32
CA GLU D 536 105.18 -41.19 35.17
C GLU D 536 103.74 -41.04 35.64
N SER D 537 103.33 -39.85 36.06
CA SER D 537 101.99 -39.64 36.58
C SER D 537 101.26 -38.45 36.00
N PHE D 538 101.96 -37.44 35.47
CA PHE D 538 101.28 -36.26 34.98
C PHE D 538 100.38 -36.61 33.80
N THR D 539 99.17 -36.08 33.81
CA THR D 539 98.21 -36.27 32.73
C THR D 539 97.41 -35.00 32.53
N ILE D 540 97.22 -34.63 31.26
CA ILE D 540 96.43 -33.45 30.90
C ILE D 540 94.99 -33.90 30.69
N GLU D 541 94.03 -33.17 31.29
CA GLU D 541 92.58 -33.53 31.29
C GLU D 541 91.77 -32.38 30.64
N TYR D 542 90.98 -32.65 29.60
CA TYR D 542 90.15 -31.68 28.90
C TYR D 542 88.75 -31.78 29.48
N LYS D 543 88.31 -30.72 30.18
CA LYS D 543 87.04 -30.75 30.88
C LYS D 543 85.89 -30.48 29.93
N ILE D 544 85.00 -31.46 29.77
CA ILE D 544 83.77 -31.28 29.02
C ILE D 544 82.54 -31.54 29.89
N ASP D 545 82.71 -31.51 31.22
CA ASP D 545 81.61 -31.78 32.13
C ASP D 545 80.50 -30.74 32.03
N ASP D 546 80.82 -29.53 31.56
CA ASP D 546 79.81 -28.47 31.48
C ASP D 546 78.76 -28.73 30.42
N LEU D 547 78.97 -29.71 29.54
CA LEU D 547 78.05 -29.99 28.46
C LEU D 547 77.34 -31.32 28.67
N PRO D 548 76.13 -31.49 28.13
CA PRO D 548 75.47 -32.80 28.20
C PRO D 548 76.22 -33.89 27.47
N MET D 549 77.15 -33.52 26.59
CA MET D 549 77.92 -34.51 25.85
C MET D 549 78.69 -35.43 26.79
N SER D 550 79.04 -34.95 27.97
CA SER D 550 79.85 -35.76 28.87
C SER D 550 79.13 -37.02 29.32
N TYR D 551 77.78 -37.01 29.30
CA TYR D 551 77.04 -38.19 29.70
C TYR D 551 77.05 -39.26 28.62
N LEU D 552 77.19 -38.86 27.36
CA LEU D 552 77.32 -39.85 26.30
C LEU D 552 78.66 -40.60 26.41
N PHE D 553 79.72 -39.88 26.72
CA PHE D 553 81.07 -40.45 26.75
C PHE D 553 81.28 -41.14 28.10
N GLU D 554 81.16 -42.46 28.11
CA GLU D 554 81.32 -43.23 29.32
C GLU D 554 82.79 -43.21 29.78
N GLY D 555 83.00 -43.54 31.05
CA GLY D 555 84.33 -43.45 31.63
C GLY D 555 85.35 -44.35 30.96
N HIS D 556 84.90 -45.47 30.37
CA HIS D 556 85.82 -46.40 29.73
C HIS D 556 86.59 -45.73 28.59
N GLN D 557 85.88 -44.94 27.80
CA GLN D 557 86.51 -44.24 26.68
C GLN D 557 87.56 -43.26 27.19
N HIS D 558 87.25 -42.52 28.25
CA HIS D 558 88.21 -41.58 28.82
C HIS D 558 89.43 -42.31 29.37
N LEU D 559 89.22 -43.47 29.98
CA LEU D 559 90.35 -44.25 30.48
C LEU D 559 91.27 -44.68 29.34
N GLN D 560 90.69 -45.05 28.19
CA GLN D 560 91.47 -45.45 26.98
C GLN D 560 92.12 -44.21 26.36
N TYR D 561 91.58 -43.01 26.60
CA TYR D 561 92.16 -41.72 26.11
C TYR D 561 93.35 -41.36 27.00
N LEU D 562 93.35 -41.76 28.27
CA LEU D 562 94.46 -41.49 29.23
C LEU D 562 95.55 -42.56 29.11
N LYS D 563 95.23 -43.79 28.67
CA LYS D 563 96.24 -44.81 28.43
C LYS D 563 97.09 -44.44 27.21
N MET D 564 96.43 -44.08 26.11
CA MET D 564 97.18 -43.76 24.90
C MET D 564 97.99 -42.48 25.10
N PHE D 565 97.45 -41.52 25.84
CA PHE D 565 98.21 -40.33 26.19
C PHE D 565 99.46 -40.69 26.97
N HIS D 566 99.36 -41.63 27.91
CA HIS D 566 100.53 -42.01 28.70
C HIS D 566 101.63 -42.54 27.79
N PHE D 567 101.28 -43.43 26.88
CA PHE D 567 102.32 -43.97 25.99
C PHE D 567 102.96 -42.85 25.16
N LEU D 568 102.12 -42.00 24.56
CA LEU D 568 102.68 -40.93 23.73
C LEU D 568 103.49 -39.94 24.56
N TRP D 569 103.09 -39.73 25.81
CA TRP D 569 103.84 -38.85 26.70
C TRP D 569 105.23 -39.38 26.95
N LYS D 570 105.35 -40.69 27.16
CA LYS D 570 106.70 -41.25 27.33
C LYS D 570 107.54 -41.02 26.07
N LEU D 571 106.96 -41.27 24.90
CA LEU D 571 107.74 -41.10 23.67
C LEU D 571 108.23 -39.66 23.53
N ARG D 572 107.34 -38.69 23.72
CA ARG D 572 107.76 -37.31 23.54
C ARG D 572 108.70 -36.84 24.65
N GLN D 573 108.57 -37.40 25.85
CA GLN D 573 109.54 -37.09 26.90
C GLN D 573 110.94 -37.48 26.46
N LEU D 574 111.09 -38.66 25.89
CA LEU D 574 112.42 -39.06 25.42
C LEU D 574 112.87 -38.18 24.25
N ASN D 575 111.95 -37.84 23.35
CA ASN D 575 112.32 -37.02 22.20
C ASN D 575 112.88 -35.68 22.66
N ASN D 576 112.29 -35.08 23.68
CA ASN D 576 112.78 -33.80 24.18
C ASN D 576 114.05 -33.95 25.02
N LEU D 577 114.17 -35.06 25.75
CA LEU D 577 115.39 -35.28 26.51
C LEU D 577 116.60 -35.36 25.58
N LEU D 578 116.42 -35.98 24.42
CA LEU D 578 117.54 -36.00 23.47
C LEU D 578 117.91 -34.60 23.00
N ASN D 579 116.93 -33.71 22.83
CA ASN D 579 117.25 -32.33 22.45
C ASN D 579 118.07 -31.64 23.53
N TRP D 580 117.67 -31.81 24.79
CA TRP D 580 118.46 -31.22 25.87
C TRP D 580 119.88 -31.81 25.89
N HIS D 581 120.00 -33.11 25.66
CA HIS D 581 121.32 -33.73 25.59
C HIS D 581 122.16 -33.09 24.49
N PHE D 582 121.57 -32.90 23.32
CA PHE D 582 122.28 -32.28 22.21
C PHE D 582 122.75 -30.89 22.58
N GLU D 583 121.88 -30.08 23.18
CA GLU D 583 122.27 -28.72 23.50
C GLU D 583 123.40 -28.68 24.52
N MET D 584 123.29 -29.49 25.58
CA MET D 584 124.31 -29.43 26.62
C MET D 584 125.65 -29.92 26.10
N PHE D 585 125.68 -31.00 25.30
CA PHE D 585 126.96 -31.47 24.79
C PHE D 585 127.54 -30.51 23.77
N ASN D 586 126.70 -29.91 22.92
CA ASN D 586 127.21 -28.94 21.96
C ASN D 586 127.81 -27.74 22.66
N GLU D 587 127.17 -27.25 23.71
CA GLU D 587 127.73 -26.13 24.47
C GLU D 587 129.03 -26.53 25.14
N LEU D 588 129.09 -27.73 25.71
CA LEU D 588 130.33 -28.18 26.34
C LEU D 588 131.46 -28.26 25.33
N ASN D 589 131.14 -28.63 24.08
CA ASN D 589 132.18 -28.69 23.06
C ASN D 589 132.88 -27.34 22.90
N HIS D 590 132.10 -26.26 22.86
CA HIS D 590 132.69 -24.94 22.70
C HIS D 590 133.35 -24.46 23.99
N ASN D 591 132.82 -24.84 25.15
CA ASN D 591 133.32 -24.28 26.39
C ASN D 591 134.57 -24.95 26.91
N VAL D 592 134.73 -26.26 26.70
CA VAL D 592 135.82 -27.00 27.33
C VAL D 592 136.74 -27.65 26.30
N VAL D 593 136.18 -28.53 25.47
CA VAL D 593 137.03 -29.39 24.62
C VAL D 593 137.87 -28.55 23.67
N THR D 594 137.26 -27.55 23.02
CA THR D 594 137.99 -26.79 22.03
C THR D 594 139.04 -25.88 22.66
N LYS D 595 138.92 -25.58 23.95
CA LYS D 595 139.90 -24.76 24.67
C LYS D 595 140.93 -25.59 25.42
N LEU D 596 140.83 -26.91 25.38
CA LEU D 596 141.72 -27.77 26.14
C LEU D 596 143.10 -27.84 25.48
N SER D 597 144.04 -28.42 26.21
CA SER D 597 145.39 -28.61 25.68
C SER D 597 145.36 -29.53 24.46
N SER D 598 146.22 -29.23 23.49
CA SER D 598 146.22 -29.98 22.24
C SER D 598 146.65 -31.43 22.42
N ARG D 599 147.30 -31.75 23.54
CA ARG D 599 147.79 -33.11 23.74
C ARG D 599 146.63 -34.10 23.85
N ASN D 600 145.67 -33.82 24.72
CA ASN D 600 144.55 -34.70 24.97
C ASN D 600 143.25 -34.22 24.33
N ARG D 601 143.32 -33.17 23.50
CA ARG D 601 142.11 -32.70 22.83
C ARG D 601 141.58 -33.74 21.85
N ARG D 602 142.47 -34.39 21.11
CA ARG D 602 142.02 -35.33 20.08
C ARG D 602 141.24 -36.51 20.64
N PRO D 603 141.72 -37.23 21.65
CA PRO D 603 140.91 -38.35 22.17
C PRO D 603 139.56 -37.90 22.71
N LEU D 604 139.52 -36.76 23.39
CA LEU D 604 138.25 -36.28 23.92
C LEU D 604 137.32 -35.85 22.80
N ALA D 605 137.87 -35.21 21.76
CA ALA D 605 137.06 -34.85 20.61
C ALA D 605 136.45 -36.10 19.97
N LYS D 606 137.25 -37.15 19.82
CA LYS D 606 136.75 -38.38 19.21
C LYS D 606 135.63 -38.98 20.06
N SER D 607 135.83 -39.05 21.39
CA SER D 607 134.81 -39.62 22.26
C SER D 607 133.52 -38.80 22.20
N LEU D 608 133.65 -37.48 22.21
CA LEU D 608 132.48 -36.61 22.15
C LEU D 608 131.73 -36.80 20.85
N SER D 609 132.46 -36.90 19.73
CA SER D 609 131.81 -37.12 18.45
C SER D 609 131.07 -38.45 18.43
N ILE D 610 131.67 -39.50 19.02
CA ILE D 610 131.00 -40.78 19.09
C ILE D 610 129.69 -40.66 19.86
N ILE D 611 129.75 -39.98 21.01
CA ILE D 611 128.56 -39.83 21.85
C ILE D 611 127.46 -39.12 21.07
N THR D 612 127.82 -38.02 20.40
CA THR D 612 126.81 -37.23 19.71
C THR D 612 126.23 -37.99 18.53
N SER D 613 127.05 -38.78 17.84
CA SER D 613 126.52 -39.59 16.73
C SER D 613 125.51 -40.62 17.25
N ILE D 614 125.81 -41.22 18.40
CA ILE D 614 124.85 -42.16 18.98
C ILE D 614 123.54 -41.44 19.30
N ARG D 615 123.63 -40.24 19.86
CA ARG D 615 122.43 -39.46 20.13
C ARG D 615 121.65 -39.19 18.84
N PHE D 616 122.36 -38.88 17.76
CA PHE D 616 121.69 -38.61 16.49
C PHE D 616 120.94 -39.84 15.99
N HIS D 617 121.54 -41.03 16.13
CA HIS D 617 120.86 -42.25 15.72
C HIS D 617 119.57 -42.43 16.52
N PHE D 618 119.64 -42.24 17.83
CA PHE D 618 118.45 -42.41 18.66
C PHE D 618 117.37 -41.40 18.27
N THR D 619 117.77 -40.16 18.00
CA THR D 619 116.79 -39.14 17.62
C THR D 619 116.09 -39.52 16.32
N GLN D 620 116.85 -40.03 15.34
CA GLN D 620 116.21 -40.44 14.09
C GLN D 620 115.19 -41.54 14.33
N PHE D 621 115.54 -42.54 15.16
CA PHE D 621 114.60 -43.62 15.40
C PHE D 621 113.33 -43.11 16.05
N LEU D 622 113.47 -42.26 17.09
CA LEU D 622 112.28 -41.77 17.78
C LEU D 622 111.41 -40.93 16.85
N ASN D 623 112.04 -40.10 16.01
CA ASN D 623 111.25 -39.27 15.10
C ASN D 623 110.48 -40.13 14.11
N GLU D 624 111.11 -41.18 13.57
CA GLU D 624 110.38 -42.04 12.66
C GLU D 624 109.20 -42.73 13.35
N LEU D 625 109.40 -43.21 14.58
CA LEU D 625 108.29 -43.84 15.28
C LEU D 625 107.14 -42.86 15.49
N ILE D 626 107.45 -41.64 15.92
CA ILE D 626 106.41 -40.66 16.16
C ILE D 626 105.70 -40.31 14.86
N ALA D 627 106.44 -40.16 13.78
CA ALA D 627 105.82 -39.81 12.51
C ALA D 627 104.86 -40.91 12.07
N TYR D 628 105.28 -42.17 12.18
CA TYR D 628 104.39 -43.26 11.81
C TYR D 628 103.11 -43.22 12.64
N LEU D 629 103.24 -43.17 13.97
CA LEU D 629 102.02 -43.17 14.77
C LEU D 629 101.12 -42.00 14.41
N SER D 630 101.68 -40.79 14.37
CA SER D 630 100.86 -39.60 14.24
C SER D 630 100.15 -39.56 12.90
N TYR D 631 100.85 -39.86 11.81
CA TYR D 631 100.29 -39.67 10.49
C TYR D 631 99.84 -40.95 9.81
N ASP D 632 99.82 -42.08 10.51
CA ASP D 632 99.22 -43.28 9.96
C ASP D 632 98.21 -43.95 10.88
N VAL D 633 98.23 -43.65 12.18
CA VAL D 633 97.30 -44.27 13.13
C VAL D 633 96.27 -43.24 13.61
N ILE D 634 96.71 -42.16 14.22
CA ILE D 634 95.80 -41.19 14.79
C ILE D 634 95.06 -40.43 13.68
N GLU D 635 95.80 -39.93 12.69
CA GLU D 635 95.20 -39.09 11.67
C GLU D 635 94.32 -39.90 10.72
N GLU D 636 94.82 -41.06 10.30
CA GLU D 636 94.01 -41.91 9.43
C GLU D 636 92.75 -42.37 10.12
N ASN D 637 92.87 -42.80 11.38
CA ASN D 637 91.67 -43.25 12.09
C ASN D 637 90.69 -42.11 12.29
N PHE D 638 91.18 -40.91 12.62
CA PHE D 638 90.25 -39.79 12.76
C PHE D 638 89.51 -39.53 11.46
N GLN D 639 90.25 -39.38 10.36
CA GLN D 639 89.63 -39.05 9.08
C GLN D 639 88.73 -40.18 8.58
N GLN D 640 88.98 -41.41 9.01
CA GLN D 640 88.22 -42.53 8.49
C GLN D 640 86.99 -42.85 9.33
N HIS D 641 87.07 -42.64 10.65
CA HIS D 641 86.01 -43.08 11.55
C HIS D 641 85.16 -41.95 12.11
N ILE D 642 85.62 -40.70 12.03
CA ILE D 642 84.84 -39.61 12.62
C ILE D 642 84.36 -38.69 11.51
N VAL D 643 85.30 -38.11 10.76
CA VAL D 643 84.93 -37.20 9.68
C VAL D 643 84.10 -37.93 8.64
N ARG D 644 84.52 -39.14 8.25
CA ARG D 644 83.83 -39.86 7.19
C ARG D 644 82.54 -40.50 7.66
N LYS D 645 82.37 -40.71 8.97
CA LYS D 645 81.09 -41.19 9.49
C LYS D 645 80.08 -40.07 9.64
N LEU D 646 80.52 -38.90 10.11
CA LEU D 646 79.58 -37.83 10.39
C LEU D 646 79.11 -37.14 9.11
N PHE D 647 80.05 -36.64 8.31
CA PHE D 647 79.72 -35.71 7.23
C PHE D 647 79.52 -36.38 5.88
N TYR D 648 80.35 -37.36 5.51
CA TYR D 648 80.12 -38.07 4.27
C TYR D 648 78.98 -39.07 4.44
N ASN D 649 78.35 -39.39 3.31
CA ASN D 649 77.17 -40.25 3.32
C ASN D 649 77.53 -41.64 3.78
N LYS D 650 76.79 -42.18 4.75
CA LYS D 650 76.92 -43.57 5.12
C LYS D 650 76.09 -44.42 4.16
N ASN D 651 76.56 -44.55 2.93
CA ASN D 651 75.83 -45.27 1.89
C ASN D 651 75.51 -46.68 2.37
N ASP D 652 74.24 -47.05 2.20
CA ASP D 652 73.79 -48.39 2.66
C ASP D 652 72.84 -48.96 1.61
N GLN D 653 72.48 -50.24 1.76
CA GLN D 653 71.60 -50.91 0.82
C GLN D 653 70.18 -50.34 0.84
N ASP D 654 69.77 -49.72 1.94
CA ASP D 654 68.44 -49.10 1.98
C ASP D 654 68.45 -47.71 1.34
N LEU D 655 69.59 -47.01 1.40
CA LEU D 655 69.71 -45.75 0.70
C LEU D 655 69.80 -45.93 -0.80
N LEU D 656 70.12 -47.16 -1.25
CA LEU D 656 70.21 -47.43 -2.68
C LEU D 656 68.86 -47.27 -3.36
N LEU D 657 67.78 -47.71 -2.70
CA LEU D 657 66.46 -47.71 -3.30
C LEU D 657 65.97 -46.28 -3.50
N ASN D 658 65.66 -45.93 -4.75
CA ASN D 658 65.04 -44.65 -5.08
C ASN D 658 63.53 -44.82 -5.06
N LYS D 659 62.90 -44.39 -3.95
CA LYS D 659 61.46 -44.59 -3.77
C LYS D 659 60.62 -43.72 -4.69
N SER D 660 61.20 -42.78 -5.41
CA SER D 660 60.39 -41.87 -6.21
C SER D 660 59.77 -42.55 -7.42
N PHE D 661 59.98 -43.85 -7.62
CA PHE D 661 59.18 -44.56 -8.61
C PHE D 661 57.72 -44.61 -8.18
N MET D 662 57.47 -44.58 -6.87
CA MET D 662 56.14 -44.27 -6.36
C MET D 662 55.87 -42.79 -6.58
N ASN D 663 54.58 -42.45 -6.73
CA ASN D 663 54.23 -41.07 -7.03
C ASN D 663 54.70 -40.12 -5.93
N LEU D 664 54.29 -40.40 -4.68
CA LEU D 664 54.77 -39.67 -3.49
C LEU D 664 54.86 -38.16 -3.74
N SER D 665 53.74 -37.57 -4.14
CA SER D 665 53.67 -36.12 -4.28
C SER D 665 53.82 -35.40 -2.95
N GLU D 666 53.37 -36.02 -1.86
CA GLU D 666 53.34 -35.36 -0.57
C GLU D 666 54.70 -35.41 0.13
N ILE D 667 54.94 -34.42 1.00
CA ILE D 667 56.11 -34.38 1.85
C ILE D 667 55.69 -34.11 3.29
N ASP D 668 56.41 -34.72 4.24
CA ASP D 668 56.08 -34.62 5.65
C ASP D 668 57.36 -34.58 6.46
N PRO D 669 57.31 -34.06 7.70
CA PRO D 669 56.16 -33.43 8.37
C PRO D 669 55.86 -32.06 7.79
N ASN D 670 56.89 -31.31 7.43
CA ASN D 670 56.73 -29.98 6.86
C ASN D 670 58.07 -29.50 6.32
N ASN D 671 58.02 -28.47 5.47
CA ASN D 671 59.23 -27.84 4.98
C ASN D 671 60.00 -27.14 6.09
N ASP D 672 59.38 -26.92 7.25
CA ASP D 672 60.04 -26.22 8.35
C ASP D 672 61.12 -27.05 9.02
N LEU D 673 61.21 -28.35 8.73
CA LEU D 673 62.18 -29.20 9.39
C LEU D 673 63.49 -29.19 8.62
N PRO D 674 64.60 -28.71 9.20
CA PRO D 674 65.82 -28.51 8.41
C PRO D 674 66.45 -29.82 7.92
N LYS D 675 67.25 -29.69 6.87
CA LYS D 675 68.19 -30.72 6.44
C LYS D 675 69.58 -30.24 6.81
N PHE D 676 70.36 -31.09 7.50
CA PHE D 676 71.39 -30.61 8.42
C PHE D 676 72.84 -30.92 8.03
N ASN D 677 73.12 -31.37 6.82
CA ASN D 677 74.51 -31.54 6.38
C ASN D 677 75.29 -32.57 7.18
N VAL D 678 74.64 -33.26 8.12
CA VAL D 678 75.30 -34.27 8.93
C VAL D 678 74.33 -35.43 9.13
N ASN D 679 74.87 -36.64 9.15
CA ASN D 679 74.03 -37.82 9.34
C ASN D 679 73.33 -37.75 10.69
N LEU D 680 72.03 -38.04 10.70
CA LEU D 680 71.25 -38.04 11.92
C LEU D 680 71.56 -39.30 12.70
N LEU D 681 72.23 -39.16 13.84
CA LEU D 681 72.69 -40.30 14.63
C LEU D 681 71.89 -40.41 15.92
N THR D 682 71.54 -41.64 16.28
CA THR D 682 70.91 -41.90 17.56
C THR D 682 71.93 -41.79 18.71
N ILE D 683 71.41 -41.73 19.93
CA ILE D 683 72.28 -41.62 21.11
C ILE D 683 73.22 -42.81 21.17
N ASP D 684 72.67 -44.02 21.07
CA ASP D 684 73.50 -45.22 21.06
C ASP D 684 74.46 -45.21 19.89
N GLU D 685 74.03 -44.63 18.76
CA GLU D 685 74.91 -44.54 17.60
C GLU D 685 76.11 -43.64 17.89
N LEU D 686 75.87 -42.51 18.56
CA LEU D 686 76.98 -41.63 18.91
C LEU D 686 77.95 -42.31 19.86
N VAL D 687 77.41 -43.00 20.87
CA VAL D 687 78.28 -43.71 21.81
C VAL D 687 79.12 -44.74 21.07
N GLU D 688 78.49 -45.54 20.21
CA GLU D 688 79.19 -46.57 19.46
C GLU D 688 80.22 -45.97 18.51
N LEU D 689 79.88 -44.84 17.88
CA LEU D 689 80.81 -44.20 16.95
C LEU D 689 82.08 -43.78 17.67
N HIS D 690 81.94 -43.08 18.80
CA HIS D 690 83.14 -42.65 19.50
C HIS D 690 83.90 -43.83 20.10
N GLY D 691 83.18 -44.86 20.54
CA GLY D 691 83.85 -46.04 21.08
C GLY D 691 84.68 -46.75 20.03
N THR D 692 84.13 -46.92 18.83
CA THR D 692 84.89 -47.55 17.76
C THR D 692 86.07 -46.68 17.35
N TYR D 693 85.88 -45.35 17.30
CA TYR D 693 87.00 -44.51 16.92
C TYR D 693 88.16 -44.64 17.91
N ILE D 694 87.87 -44.67 19.21
CA ILE D 694 88.94 -44.83 20.19
C ILE D 694 89.53 -46.23 20.10
N ASP D 695 88.67 -47.25 19.96
CA ASP D 695 89.16 -48.63 19.97
C ASP D 695 90.10 -48.88 18.81
N SER D 696 89.80 -48.31 17.64
CA SER D 696 90.68 -48.51 16.49
C SER D 696 92.09 -48.05 16.78
N ILE D 697 92.23 -46.88 17.41
CA ILE D 697 93.57 -46.38 17.73
C ILE D 697 94.23 -47.24 18.80
N ILE D 698 93.53 -47.50 19.90
CA ILE D 698 94.21 -48.19 21.00
C ILE D 698 94.55 -49.62 20.63
N ASN D 699 93.70 -50.28 19.82
CA ASN D 699 93.92 -51.66 19.43
C ASN D 699 94.46 -51.78 18.01
N SER D 700 95.32 -50.85 17.59
CA SER D 700 95.90 -50.91 16.26
C SER D 700 96.82 -52.12 16.15
N SER D 701 97.38 -52.29 14.94
CA SER D 701 98.26 -53.43 14.72
C SER D 701 99.49 -53.37 15.61
N LEU D 702 100.11 -52.19 15.72
CA LEU D 702 101.31 -52.06 16.52
C LEU D 702 101.00 -52.05 18.02
N LEU D 703 99.86 -51.49 18.42
CA LEU D 703 99.54 -51.30 19.83
C LEU D 703 98.77 -52.47 20.43
N ASN D 704 98.52 -53.53 19.68
CA ASN D 704 97.83 -54.68 20.22
C ASN D 704 98.74 -55.45 21.18
N GLU D 705 98.13 -56.33 21.98
CA GLU D 705 98.86 -57.17 22.90
C GLU D 705 99.31 -58.49 22.27
N LYS D 706 98.94 -58.74 21.02
CA LYS D 706 99.34 -59.96 20.34
C LYS D 706 100.85 -60.01 20.13
N THR D 712 108.58 -64.69 18.41
CA THR D 712 109.29 -64.57 19.67
C THR D 712 108.34 -64.64 20.86
N ASN D 713 107.05 -64.80 20.58
CA ASN D 713 106.02 -64.87 21.61
C ASN D 713 105.99 -63.60 22.47
N ILE D 714 106.38 -62.47 21.89
CA ILE D 714 106.34 -61.18 22.56
C ILE D 714 105.66 -60.17 21.65
N SER D 715 105.06 -59.16 22.26
CA SER D 715 104.33 -58.15 21.52
C SER D 715 105.27 -57.02 21.06
N TYR D 716 104.79 -56.26 20.08
CA TYR D 716 105.58 -55.14 19.58
C TYR D 716 105.78 -54.08 20.65
N ILE D 717 104.77 -53.87 21.50
CA ILE D 717 104.86 -52.85 22.53
C ILE D 717 106.01 -53.14 23.47
N ASP D 718 106.20 -54.42 23.85
CA ASP D 718 107.28 -54.77 24.76
C ASP D 718 108.63 -54.46 24.14
N GLN D 719 108.81 -54.76 22.85
CA GLN D 719 110.07 -54.47 22.18
C GLN D 719 110.32 -52.96 22.13
N ILE D 720 109.28 -52.19 21.81
CA ILE D 720 109.42 -50.74 21.77
C ILE D 720 109.82 -50.22 23.14
N PHE D 721 109.17 -50.71 24.19
CA PHE D 721 109.48 -50.24 25.54
C PHE D 721 110.91 -50.65 25.93
N ASN D 722 111.37 -51.80 25.48
CA ASN D 722 112.75 -52.20 25.74
C ASN D 722 113.72 -51.21 25.10
N ILE D 723 113.45 -50.81 23.85
CA ILE D 723 114.31 -49.82 23.21
C ILE D 723 114.26 -48.49 23.96
N LEU D 724 113.07 -48.12 24.46
CA LEU D 724 112.96 -46.89 25.23
C LEU D 724 113.80 -46.97 26.51
N GLN D 725 113.79 -48.11 27.18
CA GLN D 725 114.64 -48.30 28.35
C GLN D 725 116.11 -48.20 27.98
N THR D 726 116.49 -48.69 26.80
CA THR D 726 117.86 -48.53 26.33
C THR D 726 118.22 -47.05 26.22
N ILE D 727 117.31 -46.24 25.65
CA ILE D 727 117.58 -44.82 25.52
C ILE D 727 117.67 -44.15 26.89
N PHE D 728 116.82 -44.54 27.82
CA PHE D 728 116.90 -43.99 29.17
C PHE D 728 118.26 -44.27 29.80
N ASN D 729 118.73 -45.51 29.67
CA ASN D 729 120.04 -45.86 30.21
C ASN D 729 121.13 -45.03 29.54
N PHE D 730 121.01 -44.83 28.23
CA PHE D 730 121.99 -44.02 27.51
C PHE D 730 122.05 -42.62 28.07
N ILE D 731 120.89 -42.00 28.30
CA ILE D 731 120.87 -40.64 28.82
C ILE D 731 121.52 -40.59 30.20
N ASN D 732 121.15 -41.54 31.06
CA ASN D 732 121.66 -41.51 32.43
C ASN D 732 123.18 -41.66 32.44
N THR D 733 123.73 -42.52 31.59
CA THR D 733 125.18 -42.68 31.54
C THR D 733 125.85 -41.47 30.90
N SER D 734 125.22 -40.87 29.91
CA SER D 734 125.80 -39.69 29.28
C SER D 734 125.91 -38.54 30.27
N GLN D 735 125.00 -38.47 31.24
CA GLN D 735 125.14 -37.44 32.26
C GLN D 735 126.42 -37.64 33.09
N GLU D 736 126.74 -38.88 33.43
CA GLU D 736 127.99 -39.17 34.12
C GLU D 736 129.19 -38.79 33.26
N PHE D 737 129.13 -39.09 31.97
CA PHE D 737 130.20 -38.66 31.08
C PHE D 737 130.34 -37.14 31.08
N TYR D 738 129.21 -36.44 31.08
CA TYR D 738 129.22 -34.97 31.15
C TYR D 738 129.97 -34.49 32.37
N SER D 739 129.67 -35.07 33.53
CA SER D 739 130.31 -34.62 34.76
C SER D 739 131.80 -34.93 34.76
N LEU D 740 132.18 -36.10 34.23
CA LEU D 740 133.60 -36.45 34.19
C LEU D 740 134.38 -35.52 33.27
N VAL D 741 133.83 -35.21 32.09
CA VAL D 741 134.57 -34.36 31.17
C VAL D 741 134.65 -32.94 31.70
N CYS D 742 133.59 -32.45 32.37
CA CYS D 742 133.70 -31.10 32.92
C CYS D 742 134.72 -31.06 34.05
N THR D 743 134.89 -32.18 34.78
CA THR D 743 135.92 -32.30 35.85
C THR D 743 137.30 -32.36 35.19
N PHE D 744 137.40 -32.89 33.96
CA PHE D 744 138.67 -32.92 33.17
C PHE D 744 138.99 -31.48 32.77
N GLY D 745 137.98 -30.73 32.33
CA GLY D 745 138.14 -29.32 31.95
C GLY D 745 138.61 -28.52 33.15
N LEU D 746 138.02 -28.74 34.33
CA LEU D 746 138.40 -27.98 35.51
C LEU D 746 139.84 -28.24 35.92
N LEU D 747 140.34 -29.46 35.72
CA LEU D 747 141.72 -29.75 36.14
C LEU D 747 142.71 -28.83 35.43
N VAL D 748 142.54 -28.63 34.13
CA VAL D 748 143.43 -27.76 33.37
C VAL D 748 143.03 -26.31 33.56
N GLN D 761 148.62 -36.34 38.55
CA GLN D 761 148.25 -37.75 38.63
C GLN D 761 146.76 -37.94 38.40
N ASP D 762 145.97 -36.91 38.68
CA ASP D 762 144.53 -37.00 38.47
C ASP D 762 144.16 -37.07 36.99
N GLN D 763 145.00 -36.52 36.11
CA GLN D 763 144.69 -36.54 34.69
C GLN D 763 144.59 -37.97 34.17
N GLU D 764 145.51 -38.84 34.58
CA GLU D 764 145.48 -40.22 34.11
C GLU D 764 144.25 -40.95 34.62
N ASP D 765 143.87 -40.73 35.89
CA ASP D 765 142.67 -41.36 36.42
C ASP D 765 141.43 -40.90 35.66
N LEU D 766 141.33 -39.59 35.42
CA LEU D 766 140.17 -39.08 34.70
C LEU D 766 140.13 -39.60 33.27
N GLU D 767 141.28 -39.68 32.62
CA GLU D 767 141.31 -40.23 31.26
C GLU D 767 140.89 -41.69 31.24
N PHE D 768 141.33 -42.47 32.24
CA PHE D 768 140.94 -43.86 32.33
C PHE D 768 139.43 -43.98 32.52
N GLN D 769 138.86 -43.14 33.40
CA GLN D 769 137.41 -43.18 33.61
C GLN D 769 136.67 -42.75 32.34
N LEU D 770 137.20 -41.78 31.60
CA LEU D 770 136.58 -41.38 30.34
C LEU D 770 136.59 -42.53 29.35
N HIS D 771 137.71 -43.24 29.25
CA HIS D 771 137.75 -44.39 28.35
C HIS D 771 136.76 -45.46 28.78
N LYS D 772 136.65 -45.70 30.10
CA LYS D 772 135.72 -46.70 30.60
C LYS D 772 134.28 -46.33 30.25
N ILE D 773 133.91 -45.06 30.47
CA ILE D 773 132.55 -44.63 30.18
C ILE D 773 132.27 -44.72 28.68
N LYS D 774 133.22 -44.29 27.85
CA LYS D 774 133.03 -44.37 26.41
C LYS D 774 132.87 -45.83 25.98
N ARG D 775 133.68 -46.72 26.54
CA ARG D 775 133.55 -48.14 26.20
C ARG D 775 132.18 -48.66 26.61
N LYS D 776 131.72 -48.32 27.81
CA LYS D 776 130.42 -48.82 28.26
C LYS D 776 129.33 -48.36 27.29
N ILE D 777 129.27 -47.06 27.02
CA ILE D 777 128.19 -46.54 26.19
C ILE D 777 128.28 -47.07 24.77
N TYR D 778 129.47 -47.07 24.18
CA TYR D 778 129.59 -47.50 22.79
C TYR D 778 129.31 -48.98 22.64
N LYS D 779 129.94 -49.82 23.46
CA LYS D 779 129.75 -51.25 23.31
C LYS D 779 128.40 -51.69 23.87
N ASP D 780 128.24 -51.66 25.19
CA ASP D 780 127.04 -52.27 25.77
C ASP D 780 125.78 -51.62 25.21
N ILE D 781 125.54 -50.36 25.59
CA ILE D 781 124.24 -49.75 25.35
C ILE D 781 123.91 -49.73 23.87
N TYR D 782 124.84 -49.29 23.04
CA TYR D 782 124.56 -49.18 21.61
C TYR D 782 124.74 -50.51 20.90
N GLN D 783 125.99 -51.00 20.84
CA GLN D 783 126.27 -52.16 20.00
C GLN D 783 125.61 -53.41 20.55
N HIS D 784 125.74 -53.65 21.86
CA HIS D 784 125.26 -54.92 22.40
C HIS D 784 123.74 -54.92 22.55
N ASP D 785 123.13 -53.79 22.88
CA ASP D 785 121.71 -53.72 23.19
C ASP D 785 120.89 -53.09 22.07
N TYR D 786 121.21 -51.86 21.66
CA TYR D 786 120.33 -51.14 20.76
C TYR D 786 120.28 -51.79 19.40
N LYS D 787 121.44 -52.09 18.81
CA LYS D 787 121.45 -52.66 17.47
C LYS D 787 120.82 -54.05 17.46
N ARG D 788 121.07 -54.85 18.50
CA ARG D 788 120.47 -56.17 18.59
C ARG D 788 118.94 -56.09 18.68
N GLN D 789 118.45 -55.23 19.57
CA GLN D 789 117.01 -55.09 19.73
C GLN D 789 116.36 -54.57 18.46
N LEU D 790 117.01 -53.59 17.81
CA LEU D 790 116.43 -53.05 16.58
C LEU D 790 116.44 -54.09 15.47
N ASN D 791 117.48 -54.91 15.39
CA ASN D 791 117.49 -55.98 14.39
C ASN D 791 116.34 -56.95 14.63
N ASP D 792 116.14 -57.34 15.88
CA ASP D 792 115.04 -58.26 16.18
C ASP D 792 113.71 -57.63 15.85
N LEU D 793 113.53 -56.35 16.19
CA LEU D 793 112.27 -55.68 15.89
C LEU D 793 112.04 -55.55 14.39
N LYS D 794 113.07 -55.21 13.63
CA LYS D 794 112.92 -55.10 12.19
C LYS D 794 112.55 -56.45 11.57
N ASN D 795 113.19 -57.53 12.02
CA ASN D 795 112.82 -58.84 11.50
C ASN D 795 111.38 -59.19 11.89
N ASP D 796 110.96 -58.81 13.10
CA ASP D 796 109.59 -59.09 13.52
C ASP D 796 108.58 -58.37 12.63
N LEU D 797 108.86 -57.12 12.28
CA LEU D 797 107.90 -56.33 11.53
C LEU D 797 107.66 -56.90 10.13
N ASN D 798 108.72 -57.42 9.50
CA ASN D 798 108.59 -57.89 8.13
C ASN D 798 107.59 -59.02 7.98
N ARG D 799 107.28 -59.74 9.06
CA ARG D 799 106.28 -60.80 8.99
C ARG D 799 104.87 -60.26 8.76
N ASP D 800 104.66 -58.96 8.94
CA ASP D 800 103.35 -58.34 8.78
C ASP D 800 103.33 -57.50 7.52
N TYR D 801 102.27 -57.63 6.73
CA TYR D 801 102.14 -56.84 5.51
C TYR D 801 102.04 -55.36 5.84
N ASN D 802 101.25 -55.00 6.85
CA ASN D 802 101.01 -53.60 7.14
C ASN D 802 102.29 -52.90 7.58
N LEU D 803 103.09 -53.55 8.42
CA LEU D 803 104.24 -52.92 9.05
C LEU D 803 105.54 -53.08 8.25
N LYS D 804 105.49 -53.73 7.08
CA LYS D 804 106.70 -53.87 6.27
C LYS D 804 107.23 -52.52 5.84
N ASP D 805 106.32 -51.63 5.42
CA ASP D 805 106.73 -50.29 5.00
C ASP D 805 107.39 -49.55 6.15
N LEU D 806 106.82 -49.62 7.35
CA LEU D 806 107.43 -48.98 8.50
C LEU D 806 108.79 -49.60 8.80
N SER D 807 108.89 -50.93 8.64
CA SER D 807 110.16 -51.60 8.93
C SER D 807 111.27 -51.09 8.03
N LYS D 808 110.96 -50.83 6.76
CA LYS D 808 111.99 -50.33 5.87
C LYS D 808 112.57 -49.01 6.36
N LEU D 809 111.72 -48.11 6.86
CA LEU D 809 112.21 -46.84 7.38
C LEU D 809 112.72 -46.99 8.80
N LEU D 810 111.84 -47.39 9.72
CA LEU D 810 112.20 -47.51 11.12
C LEU D 810 113.20 -48.64 11.30
N ASN E 231 61.91 -93.82 -37.11
CA ASN E 231 62.97 -93.00 -36.47
C ASN E 231 62.42 -91.64 -36.03
N ILE E 232 63.03 -91.09 -34.97
CA ILE E 232 62.61 -89.79 -34.47
C ILE E 232 62.97 -88.71 -35.49
N ALA E 233 62.07 -87.75 -35.66
CA ALA E 233 62.29 -86.68 -36.63
C ALA E 233 63.51 -85.84 -36.27
N THR E 234 64.31 -85.51 -37.28
CA THR E 234 65.40 -84.56 -37.11
C THR E 234 64.86 -83.14 -37.23
N THR E 235 65.42 -82.22 -36.44
CA THR E 235 64.98 -80.84 -36.44
C THR E 235 66.20 -79.92 -36.32
N THR E 236 66.00 -78.65 -36.72
CA THR E 236 67.10 -77.63 -36.75
C THR E 236 67.65 -77.42 -35.33
N LYS E 237 66.82 -77.50 -34.29
CA LYS E 237 67.29 -77.33 -32.92
C LYS E 237 67.94 -78.61 -32.41
N SER E 238 69.08 -78.46 -31.73
CA SER E 238 69.88 -79.60 -31.29
C SER E 238 69.23 -80.24 -30.06
N ARG E 239 68.72 -81.45 -30.24
CA ARG E 239 68.01 -82.15 -29.16
C ARG E 239 68.96 -82.48 -28.02
N GLU E 240 70.09 -83.11 -28.35
CA GLU E 240 71.06 -83.50 -27.34
C GLU E 240 71.62 -82.29 -26.61
N GLU E 241 71.79 -81.17 -27.30
CA GLU E 241 72.26 -79.95 -26.64
C GLU E 241 71.28 -79.52 -25.56
N GLU E 242 69.98 -79.55 -25.86
CA GLU E 242 68.97 -79.16 -24.87
C GLU E 242 69.01 -80.10 -23.67
N LEU E 243 69.08 -81.40 -23.91
CA LEU E 243 69.12 -82.34 -22.78
C LEU E 243 70.38 -82.12 -21.94
N ASN E 244 71.52 -81.91 -22.61
CA ASN E 244 72.78 -81.72 -21.89
C ASN E 244 72.73 -80.45 -21.04
N LYS E 245 72.16 -79.38 -21.58
CA LYS E 245 72.04 -78.14 -20.80
C LYS E 245 71.14 -78.35 -19.59
N ARG E 246 70.05 -79.10 -19.76
CA ARG E 246 69.19 -79.40 -18.62
C ARG E 246 69.95 -80.15 -17.54
N ILE E 247 70.75 -81.14 -17.93
CA ILE E 247 71.51 -81.90 -16.94
C ILE E 247 72.53 -81.01 -16.23
N VAL E 248 73.21 -80.13 -16.96
CA VAL E 248 74.20 -79.27 -16.30
C VAL E 248 73.50 -78.35 -15.29
N ASN E 249 72.33 -77.81 -15.65
CA ASN E 249 71.56 -76.90 -14.77
C ASN E 249 71.05 -77.69 -13.56
N TYR E 250 70.83 -79.01 -13.71
CA TYR E 250 70.38 -79.90 -12.60
C TYR E 250 71.59 -80.29 -11.74
N LYS E 251 72.81 -80.21 -12.26
CA LYS E 251 74.06 -80.49 -11.50
C LYS E 251 74.44 -79.24 -10.70
N ILE E 252 74.13 -78.02 -11.17
CA ILE E 252 74.38 -76.81 -10.39
C ILE E 252 73.41 -76.73 -9.22
N GLN E 253 72.13 -76.99 -9.45
CA GLN E 253 71.19 -76.92 -8.34
C GLN E 253 71.52 -77.94 -7.27
N LEU E 254 71.87 -79.17 -7.68
CA LEU E 254 72.19 -80.19 -6.68
C LEU E 254 73.37 -79.79 -5.82
N LYS E 255 74.45 -79.30 -6.45
CA LYS E 255 75.65 -79.01 -5.68
C LYS E 255 75.46 -77.80 -4.79
N LEU E 256 74.75 -76.77 -5.27
CA LEU E 256 74.48 -75.64 -4.40
C LEU E 256 73.63 -76.06 -3.21
N MET E 257 72.63 -76.92 -3.44
CA MET E 257 71.80 -77.39 -2.35
C MET E 257 72.63 -78.19 -1.35
N LYS E 258 73.56 -79.02 -1.85
CA LYS E 258 74.41 -79.79 -0.94
C LYS E 258 75.27 -78.87 -0.08
N ASN E 259 75.85 -77.84 -0.69
CA ASN E 259 76.67 -76.92 0.09
C ASN E 259 75.83 -76.25 1.17
N PHE E 260 74.61 -75.82 0.81
CA PHE E 260 73.77 -75.17 1.81
C PHE E 260 73.42 -76.14 2.95
N LEU E 261 73.09 -77.39 2.60
CA LEU E 261 72.76 -78.35 3.65
C LEU E 261 73.96 -78.64 4.54
N GLN E 262 75.16 -78.67 3.97
CA GLN E 262 76.34 -78.85 4.80
C GLN E 262 76.52 -77.68 5.76
N GLU E 263 76.30 -76.45 5.27
CA GLU E 263 76.39 -75.31 6.17
C GLU E 263 75.32 -75.37 7.25
N LEU E 264 74.15 -75.94 6.93
CA LEU E 264 73.05 -76.01 7.89
C LEU E 264 73.28 -77.09 8.93
N ILE E 265 73.83 -78.24 8.53
CA ILE E 265 73.94 -79.38 9.41
C ILE E 265 75.01 -79.16 10.47
N ASP E 266 76.15 -78.59 10.07
CA ASP E 266 77.30 -78.51 10.96
C ASP E 266 77.09 -77.58 12.14
N ARG E 267 76.06 -76.74 12.12
CA ARG E 267 75.78 -75.85 13.23
C ARG E 267 74.90 -76.57 14.25
N ARG F 239 69.24 -93.52 -28.56
CA ARG F 239 70.38 -93.29 -27.62
C ARG F 239 70.02 -92.30 -26.52
N GLU F 240 69.29 -91.24 -26.87
CA GLU F 240 68.99 -90.19 -25.91
C GLU F 240 68.10 -90.66 -24.75
N GLU F 241 67.59 -91.89 -24.81
CA GLU F 241 66.84 -92.44 -23.69
C GLU F 241 67.69 -92.37 -22.42
N GLU F 242 68.99 -92.62 -22.56
CA GLU F 242 69.89 -92.64 -21.42
C GLU F 242 69.96 -91.27 -20.76
N LEU F 243 70.05 -90.21 -21.55
CA LEU F 243 70.06 -88.87 -20.98
C LEU F 243 68.75 -88.59 -20.23
N ASN F 244 67.62 -88.98 -20.81
CA ASN F 244 66.34 -88.75 -20.13
C ASN F 244 66.28 -89.49 -18.81
N LYS F 245 66.81 -90.71 -18.80
CA LYS F 245 66.83 -91.51 -17.58
C LYS F 245 67.64 -90.82 -16.50
N ARG F 246 68.81 -90.30 -16.88
CA ARG F 246 69.62 -89.59 -15.89
C ARG F 246 68.92 -88.32 -15.42
N ILE F 247 68.23 -87.63 -16.33
CA ILE F 247 67.49 -86.43 -15.96
C ILE F 247 66.46 -86.75 -14.88
N VAL F 248 65.68 -87.82 -15.08
CA VAL F 248 64.66 -88.14 -14.09
C VAL F 248 65.31 -88.58 -12.78
N ASN F 249 66.43 -89.30 -12.85
CA ASN F 249 67.12 -89.69 -11.62
C ASN F 249 67.54 -88.46 -10.81
N TYR F 250 68.08 -87.44 -11.49
CA TYR F 250 68.46 -86.22 -10.78
C TYR F 250 67.25 -85.42 -10.31
N LYS F 251 66.12 -85.52 -11.00
CA LYS F 251 64.89 -84.92 -10.48
C LYS F 251 64.54 -85.52 -9.13
N ILE F 252 64.60 -86.86 -9.03
CA ILE F 252 64.29 -87.51 -7.77
C ILE F 252 65.29 -87.11 -6.70
N GLN F 253 66.57 -87.06 -7.05
CA GLN F 253 67.59 -86.70 -6.05
C GLN F 253 67.38 -85.29 -5.52
N LEU F 254 67.07 -84.34 -6.40
CA LEU F 254 66.79 -82.98 -5.96
C LEU F 254 65.57 -82.94 -5.04
N LYS F 255 64.52 -83.68 -5.41
CA LYS F 255 63.34 -83.69 -4.55
C LYS F 255 63.67 -84.26 -3.18
N LEU F 256 64.49 -85.30 -3.13
CA LEU F 256 64.90 -85.87 -1.85
C LEU F 256 65.66 -84.85 -1.02
N MET F 257 66.56 -84.10 -1.65
CA MET F 257 67.32 -83.10 -0.89
C MET F 257 66.40 -82.03 -0.31
N LYS F 258 65.43 -81.58 -1.09
CA LYS F 258 64.51 -80.57 -0.58
C LYS F 258 63.67 -81.13 0.57
N ASN F 259 63.22 -82.38 0.45
CA ASN F 259 62.48 -83.00 1.54
C ASN F 259 63.35 -83.12 2.78
N PHE F 260 64.65 -83.38 2.60
CA PHE F 260 65.56 -83.41 3.74
C PHE F 260 65.60 -82.06 4.43
N LEU F 261 65.68 -80.98 3.65
CA LEU F 261 65.67 -79.65 4.26
C LEU F 261 64.39 -79.43 5.07
N GLN F 262 63.25 -79.79 4.49
CA GLN F 262 61.99 -79.59 5.21
C GLN F 262 61.94 -80.40 6.48
N GLU F 263 62.39 -81.66 6.43
CA GLU F 263 62.41 -82.49 7.64
C GLU F 263 63.29 -81.86 8.72
N LEU F 264 64.49 -81.42 8.34
CA LEU F 264 65.40 -80.85 9.31
C LEU F 264 64.80 -79.61 9.96
N ILE F 265 64.21 -78.73 9.14
CA ILE F 265 63.63 -77.51 9.69
C ILE F 265 62.45 -77.83 10.61
N ASP F 266 61.60 -78.77 10.19
CA ASP F 266 60.47 -79.14 11.04
C ASP F 266 60.94 -79.67 12.39
N ARG F 267 61.97 -80.52 12.38
CA ARG F 267 62.45 -81.09 13.63
C ARG F 267 63.11 -80.03 14.51
N ASN F 268 63.87 -79.11 13.92
CA ASN F 268 64.49 -78.08 14.74
C ASN F 268 63.46 -77.15 15.38
N ASN F 269 62.33 -76.93 14.71
CA ASN F 269 61.23 -76.19 15.30
C ASN F 269 60.45 -77.07 16.26
N GLY G 3 26.00 -64.26 -83.93
CA GLY G 3 27.45 -63.97 -84.11
C GLY G 3 27.74 -62.49 -84.30
N GLU G 4 29.00 -62.11 -84.16
CA GLU G 4 29.39 -60.71 -84.28
C GLU G 4 29.46 -60.30 -85.74
N THR G 5 29.33 -58.99 -85.98
CA THR G 5 29.37 -58.42 -87.31
C THR G 5 30.43 -57.31 -87.37
N ILE G 6 31.05 -57.17 -88.54
CA ILE G 6 32.08 -56.17 -88.79
C ILE G 6 31.57 -55.21 -89.85
N THR G 7 31.65 -53.91 -89.58
CA THR G 7 31.19 -52.89 -90.50
C THR G 7 32.38 -52.28 -91.23
N LEU G 8 32.26 -52.14 -92.55
CA LEU G 8 33.28 -51.51 -93.37
C LEU G 8 32.69 -50.25 -94.01
N GLN G 9 33.36 -49.12 -93.82
CA GLN G 9 32.92 -47.84 -94.37
C GLN G 9 33.94 -47.39 -95.40
N VAL G 10 33.49 -47.12 -96.62
CA VAL G 10 34.35 -46.74 -97.72
C VAL G 10 33.80 -45.48 -98.36
N GLY G 11 34.67 -44.50 -98.58
CA GLY G 11 34.30 -43.29 -99.29
C GLY G 11 33.66 -42.24 -98.40
N GLN G 12 33.49 -41.05 -98.98
CA GLN G 12 32.90 -39.93 -98.23
C GLN G 12 31.43 -40.19 -97.91
N CYS G 13 30.65 -40.62 -98.91
CA CYS G 13 29.25 -40.92 -98.66
C CYS G 13 29.11 -42.07 -97.66
N GLY G 14 29.95 -43.10 -97.82
CA GLY G 14 29.93 -44.20 -96.88
C GLY G 14 30.26 -43.75 -95.47
N ASN G 15 31.25 -42.88 -95.32
CA ASN G 15 31.61 -42.41 -93.98
C ASN G 15 30.50 -41.59 -93.35
N GLN G 16 29.86 -40.71 -94.11
CA GLN G 16 28.77 -39.93 -93.55
C GLN G 16 27.61 -40.82 -93.14
N VAL G 17 27.24 -41.77 -94.01
CA VAL G 17 26.15 -42.68 -93.68
C VAL G 17 26.52 -43.51 -92.47
N GLY G 18 27.78 -43.93 -92.37
CA GLY G 18 28.22 -44.69 -91.21
C GLY G 18 28.18 -43.88 -89.93
N LEU G 19 28.53 -42.59 -90.01
CA LEU G 19 28.43 -41.74 -88.83
C LEU G 19 26.99 -41.67 -88.35
N GLN G 20 26.05 -41.45 -89.26
CA GLN G 20 24.64 -41.43 -88.85
C GLN G 20 24.21 -42.78 -88.30
N TYR G 21 24.65 -43.86 -88.94
CA TYR G 21 24.28 -45.20 -88.51
C TYR G 21 24.78 -45.49 -87.09
N TRP G 22 26.03 -45.15 -86.81
CA TRP G 22 26.59 -45.42 -85.49
C TRP G 22 26.01 -44.50 -84.44
N GLN G 23 25.67 -43.26 -84.80
CA GLN G 23 24.98 -42.39 -83.86
C GLN G 23 23.62 -42.99 -83.49
N GLN G 24 22.89 -43.49 -84.49
CA GLN G 24 21.60 -44.11 -84.23
C GLN G 24 21.75 -45.34 -83.34
N LEU G 25 22.72 -46.19 -83.66
CA LEU G 25 22.91 -47.42 -82.89
C LEU G 25 23.30 -47.11 -81.45
N ALA G 26 24.21 -46.15 -81.25
CA ALA G 26 24.61 -45.79 -79.90
C ALA G 26 23.45 -45.19 -79.12
N THR G 27 22.64 -44.36 -79.78
CA THR G 27 21.44 -43.84 -79.13
C THR G 27 20.52 -44.98 -78.69
N GLU G 28 20.33 -45.97 -79.57
CA GLU G 28 19.45 -47.08 -79.23
C GLU G 28 19.97 -47.88 -78.04
N HIS G 29 21.29 -48.09 -77.94
CA HIS G 29 21.85 -48.84 -76.83
C HIS G 29 22.33 -47.95 -75.69
N GLY G 30 22.05 -46.65 -75.74
CA GLY G 30 22.40 -45.79 -74.62
C GLY G 30 23.89 -45.57 -74.43
N ILE G 31 24.71 -45.97 -75.39
CA ILE G 31 26.16 -45.75 -75.29
C ILE G 31 26.47 -44.29 -75.56
N GLN G 32 27.24 -43.68 -74.66
CA GLN G 32 27.58 -42.27 -74.79
C GLN G 32 28.63 -42.07 -75.88
N SER G 33 28.88 -40.80 -76.20
CA SER G 33 29.83 -40.48 -77.26
C SER G 33 31.24 -40.94 -76.90
N ASP G 34 31.58 -40.96 -75.61
CA ASP G 34 32.90 -41.38 -75.16
C ASP G 34 33.02 -42.89 -74.97
N GLY G 35 31.96 -43.65 -75.23
CA GLY G 35 31.98 -45.09 -75.05
C GLY G 35 31.56 -45.58 -73.69
N SER G 36 31.15 -44.68 -72.78
CA SER G 36 30.70 -45.08 -71.47
C SER G 36 29.23 -45.51 -71.49
N SER G 37 28.91 -46.48 -70.64
CA SER G 37 27.55 -47.01 -70.58
C SER G 37 26.62 -46.06 -69.84
N THR G 38 25.31 -46.28 -70.03
CA THR G 38 24.27 -45.55 -69.31
C THR G 38 23.31 -46.58 -68.72
N PRO G 39 22.91 -46.44 -67.44
CA PRO G 39 22.02 -47.44 -66.86
C PRO G 39 20.64 -47.45 -67.48
N ARG G 73 22.21 -56.73 -68.57
CA ARG G 73 21.31 -56.05 -69.49
C ARG G 73 20.78 -57.03 -70.53
N ASN G 74 19.53 -56.82 -70.95
CA ASN G 74 18.86 -57.79 -71.83
C ASN G 74 19.25 -57.63 -73.29
N ASP G 75 19.67 -56.44 -73.72
CA ASP G 75 20.12 -56.27 -75.09
C ASP G 75 21.56 -56.72 -75.23
N HIS G 76 22.01 -56.88 -76.48
CA HIS G 76 23.31 -57.46 -76.79
C HIS G 76 24.05 -56.54 -77.76
N PRO G 77 24.60 -55.43 -77.27
CA PRO G 77 25.44 -54.59 -78.13
C PRO G 77 26.78 -55.22 -78.48
N GLU G 78 27.15 -56.33 -77.82
CA GLU G 78 28.44 -56.95 -78.10
C GLU G 78 28.55 -57.39 -79.56
N LEU G 79 27.44 -57.67 -80.22
CA LEU G 79 27.47 -58.07 -81.62
C LEU G 79 27.97 -56.94 -82.52
N PHE G 80 27.89 -55.69 -82.06
CA PHE G 80 28.33 -54.55 -82.84
C PHE G 80 29.35 -53.67 -82.14
N PHE G 81 29.60 -53.88 -80.85
CA PHE G 81 30.57 -53.09 -80.10
C PHE G 81 31.51 -54.03 -79.33
N THR G 82 32.77 -53.62 -79.22
CA THR G 82 33.75 -54.34 -78.42
C THR G 82 33.76 -53.79 -77.00
N LEU G 83 33.58 -54.67 -76.03
CA LEU G 83 33.50 -54.28 -74.63
C LEU G 83 34.85 -54.55 -73.96
N SER G 84 35.42 -53.51 -73.38
CA SER G 84 36.66 -53.63 -72.62
C SER G 84 36.38 -53.97 -71.16
N ASP G 85 37.42 -54.41 -70.46
CA ASP G 85 37.29 -54.72 -69.04
C ASP G 85 37.42 -53.46 -68.20
N SER G 86 37.28 -52.30 -68.85
CA SER G 86 37.14 -51.02 -68.16
C SER G 86 35.79 -50.37 -68.49
N ASN G 87 34.85 -51.16 -69.03
CA ASN G 87 33.50 -50.69 -69.32
C ASN G 87 33.49 -49.54 -70.33
N THR G 88 34.02 -49.83 -71.52
CA THR G 88 33.95 -48.90 -72.63
C THR G 88 33.52 -49.65 -73.89
N TYR G 89 32.65 -49.04 -74.67
CA TYR G 89 32.13 -49.63 -75.90
C TYR G 89 32.73 -48.87 -77.09
N THR G 90 33.38 -49.60 -77.99
CA THR G 90 33.92 -49.01 -79.20
C THR G 90 33.38 -49.73 -80.42
N PRO G 91 33.05 -49.02 -81.49
CA PRO G 91 32.49 -49.69 -82.68
C PRO G 91 33.51 -50.62 -83.33
N ARG G 92 32.99 -51.63 -84.01
CA ARG G 92 33.80 -52.57 -84.76
C ARG G 92 34.12 -52.07 -86.16
N SER G 93 33.64 -50.89 -86.54
CA SER G 93 33.73 -50.45 -87.91
C SER G 93 35.17 -50.10 -88.29
N ILE G 94 35.44 -50.16 -89.59
CA ILE G 94 36.74 -49.79 -90.16
C ILE G 94 36.50 -48.66 -91.15
N LEU G 95 37.26 -47.57 -91.00
CA LEU G 95 37.09 -46.39 -91.83
C LEU G 95 38.15 -46.38 -92.92
N ILE G 96 37.72 -46.24 -94.16
CA ILE G 96 38.60 -46.16 -95.32
C ILE G 96 38.18 -44.96 -96.16
N ASP G 97 39.13 -44.10 -96.49
CA ASP G 97 38.85 -42.92 -97.30
C ASP G 97 40.13 -42.43 -97.94
N MET G 98 39.98 -41.71 -99.05
CA MET G 98 41.14 -41.18 -99.76
C MET G 98 41.69 -39.92 -99.10
N GLU G 99 40.85 -39.17 -98.38
CA GLU G 99 41.26 -37.91 -97.79
C GLU G 99 40.99 -37.89 -96.29
N PRO G 100 41.76 -37.12 -95.51
CA PRO G 100 41.60 -37.16 -94.06
C PRO G 100 40.51 -36.25 -93.52
N SER G 101 39.93 -35.36 -94.33
CA SER G 101 38.94 -34.43 -93.81
C SER G 101 37.68 -35.15 -93.33
N VAL G 102 37.18 -36.10 -94.14
CA VAL G 102 35.95 -36.79 -93.78
C VAL G 102 36.18 -37.66 -92.55
N ILE G 103 37.30 -38.38 -92.52
CA ILE G 103 37.61 -39.23 -91.38
C ILE G 103 37.80 -38.40 -90.12
N ALA G 104 38.43 -37.23 -90.26
CA ALA G 104 38.61 -36.34 -89.11
C ALA G 104 37.27 -35.87 -88.57
N LYS G 105 36.35 -35.46 -89.45
CA LYS G 105 35.03 -35.07 -88.99
C LYS G 105 34.33 -36.23 -88.29
N SER G 106 34.38 -37.41 -88.88
CA SER G 106 33.69 -38.56 -88.30
C SER G 106 34.25 -38.91 -86.93
N THR G 107 35.58 -38.93 -86.81
CA THR G 107 36.21 -39.28 -85.53
C THR G 107 35.93 -38.22 -84.47
N SER G 108 36.03 -36.95 -84.85
CA SER G 108 35.77 -35.89 -83.87
C SER G 108 34.32 -35.91 -83.39
N ALA G 109 33.38 -36.18 -84.30
CA ALA G 109 31.97 -36.25 -83.91
C ALA G 109 31.73 -37.37 -82.91
N LEU G 110 32.38 -38.52 -83.12
CA LEU G 110 32.24 -39.69 -82.26
C LEU G 110 33.62 -40.06 -81.73
N PRO G 111 34.01 -39.56 -80.56
CA PRO G 111 35.38 -39.82 -80.08
C PRO G 111 35.66 -41.28 -79.77
N MET G 112 34.64 -42.12 -79.60
CA MET G 112 34.88 -43.51 -79.21
C MET G 112 35.35 -44.39 -80.37
N PHE G 113 35.44 -43.87 -81.58
CA PHE G 113 36.12 -44.60 -82.65
C PHE G 113 37.56 -44.89 -82.27
N ASN G 114 38.02 -46.09 -82.63
CA ASN G 114 39.43 -46.44 -82.42
C ASN G 114 40.26 -45.89 -83.58
N PRO G 115 41.20 -44.98 -83.33
CA PRO G 115 42.02 -44.45 -84.44
C PRO G 115 42.83 -45.51 -85.16
N ARG G 116 43.16 -46.63 -84.50
CA ARG G 116 43.96 -47.66 -85.15
C ARG G 116 43.28 -48.25 -86.37
N ASN G 117 41.96 -48.15 -86.46
CA ASN G 117 41.19 -48.73 -87.56
C ASN G 117 41.06 -47.80 -88.75
N VAL G 118 41.59 -46.58 -88.66
CA VAL G 118 41.50 -45.60 -89.74
C VAL G 118 42.63 -45.83 -90.72
N HIS G 119 42.31 -45.87 -92.01
CA HIS G 119 43.29 -45.99 -93.08
C HIS G 119 43.08 -44.84 -94.06
N LEU G 120 44.18 -44.29 -94.57
CA LEU G 120 44.12 -43.26 -95.59
C LEU G 120 44.94 -43.66 -96.81
N TRP G 131 38.53 -44.35 -111.47
CA TRP G 131 38.19 -45.58 -110.77
C TRP G 131 39.33 -46.57 -110.84
N ILE G 132 39.84 -46.79 -112.06
CA ILE G 132 40.91 -47.77 -112.25
C ILE G 132 42.15 -47.36 -111.45
N ASN G 133 42.43 -46.06 -111.39
CA ASN G 133 43.56 -45.58 -110.59
C ASN G 133 43.37 -45.95 -109.12
N GLY G 134 42.15 -45.75 -108.60
CA GLY G 134 41.88 -46.11 -107.22
C GLY G 134 42.00 -47.61 -106.98
N TYR G 135 41.53 -48.41 -107.93
CA TYR G 135 41.61 -49.86 -107.78
C TYR G 135 43.07 -50.34 -107.81
N LYS G 136 43.88 -49.75 -108.70
CA LYS G 136 45.31 -50.07 -108.71
C LYS G 136 46.00 -49.61 -107.43
N TYR G 137 45.57 -48.47 -106.88
CA TYR G 137 46.05 -48.04 -105.57
C TYR G 137 45.67 -49.03 -104.49
N GLY G 138 44.45 -49.59 -104.56
CA GLY G 138 44.05 -50.60 -103.60
C GLY G 138 44.89 -51.85 -103.69
N THR G 139 45.34 -52.20 -104.89
CA THR G 139 46.25 -53.33 -105.02
C THR G 139 47.54 -53.10 -104.22
N GLU G 140 48.08 -51.88 -104.28
CA GLU G 140 49.33 -51.59 -103.58
C GLU G 140 49.17 -51.75 -102.07
N GLU G 141 48.05 -51.30 -101.52
CA GLU G 141 47.80 -51.35 -100.10
C GLU G 141 47.09 -52.64 -99.67
N GLU G 142 47.16 -53.69 -100.48
CA GLU G 142 46.43 -54.90 -100.16
C GLU G 142 46.90 -55.53 -98.86
N GLU G 143 48.22 -55.56 -98.63
CA GLU G 143 48.74 -56.21 -97.44
C GLU G 143 48.28 -55.50 -96.16
N THR G 144 48.35 -54.17 -96.16
CA THR G 144 48.00 -53.42 -94.96
C THR G 144 46.53 -53.60 -94.63
N LEU G 145 45.67 -53.51 -95.64
CA LEU G 145 44.23 -53.69 -95.42
C LEU G 145 43.90 -55.12 -95.01
N LEU G 146 44.57 -56.10 -95.59
CA LEU G 146 44.32 -57.49 -95.22
C LEU G 146 44.64 -57.72 -93.75
N ASN G 147 45.80 -57.22 -93.30
CA ASN G 147 46.14 -57.33 -91.89
C ASN G 147 45.18 -56.53 -91.02
N LEU G 148 44.76 -55.35 -91.48
CA LEU G 148 43.86 -54.52 -90.69
C LEU G 148 42.54 -55.24 -90.45
N ILE G 149 41.99 -55.88 -91.48
CA ILE G 149 40.74 -56.61 -91.31
C ILE G 149 40.96 -57.86 -90.46
N ASP G 150 42.09 -58.55 -90.66
CA ASP G 150 42.36 -59.72 -89.85
C ASP G 150 42.46 -59.38 -88.37
N ARG G 151 42.86 -58.15 -88.04
CA ARG G 151 42.86 -57.75 -86.63
C ARG G 151 41.46 -57.77 -86.04
N GLU G 152 40.50 -57.18 -86.75
CA GLU G 152 39.13 -57.18 -86.25
C GLU G 152 38.58 -58.60 -86.18
N VAL G 153 38.87 -59.43 -87.17
CA VAL G 153 38.37 -60.81 -87.13
C VAL G 153 38.95 -61.55 -85.94
N ASP G 154 40.24 -61.36 -85.66
CA ASP G 154 40.82 -62.00 -84.48
C ASP G 154 40.22 -61.45 -83.19
N LYS G 155 39.85 -60.18 -83.17
CA LYS G 155 39.34 -59.58 -81.94
C LYS G 155 37.99 -60.13 -81.54
N CYS G 156 37.14 -60.48 -82.51
CA CYS G 156 35.83 -61.02 -82.19
C CYS G 156 35.92 -62.52 -81.91
N ASP G 157 34.88 -63.05 -81.25
CA ASP G 157 34.86 -64.44 -80.84
C ASP G 157 34.30 -65.36 -81.92
N ASN G 158 33.18 -64.99 -82.53
CA ASN G 158 32.52 -65.82 -83.55
C ASN G 158 31.95 -64.88 -84.61
N LEU G 159 32.68 -64.71 -85.70
CA LEU G 159 32.25 -63.81 -86.76
C LEU G 159 31.06 -64.37 -87.52
N SER G 160 30.14 -63.50 -87.91
CA SER G 160 28.95 -63.88 -88.65
C SER G 160 28.93 -63.32 -90.06
N ASN G 161 29.05 -62.00 -90.21
CA ASN G 161 28.91 -61.38 -91.52
C ASN G 161 29.67 -60.05 -91.56
N PHE G 162 29.97 -59.61 -92.77
CA PHE G 162 30.60 -58.31 -93.01
C PHE G 162 29.56 -57.34 -93.57
N GLN G 163 29.40 -56.20 -92.90
CA GLN G 163 28.61 -55.11 -93.45
C GLN G 163 29.52 -54.12 -94.17
N LEU G 164 29.03 -53.59 -95.29
CA LEU G 164 29.80 -52.64 -96.08
C LEU G 164 28.91 -51.46 -96.42
N PHE G 165 29.36 -50.26 -96.08
CA PHE G 165 28.68 -49.02 -96.43
C PHE G 165 29.54 -48.31 -97.46
N HIS G 166 29.05 -48.21 -98.69
CA HIS G 166 29.81 -47.54 -99.74
C HIS G 166 28.85 -47.06 -100.82
N SER G 167 29.33 -46.14 -101.64
CA SER G 167 28.57 -45.58 -102.74
C SER G 167 29.13 -46.10 -104.05
N VAL G 168 28.24 -46.58 -104.93
CA VAL G 168 28.67 -47.09 -106.22
C VAL G 168 29.24 -45.97 -107.07
N ALA G 169 28.65 -44.78 -106.98
CA ALA G 169 29.07 -43.63 -107.78
C ALA G 169 30.15 -42.79 -107.09
N GLY G 170 30.93 -43.40 -106.21
CA GLY G 170 31.90 -42.68 -105.40
C GLY G 170 33.24 -42.42 -106.06
N GLY G 171 33.43 -42.80 -107.32
CA GLY G 171 34.69 -42.59 -107.98
C GLY G 171 35.81 -43.44 -107.39
N THR G 172 36.87 -42.79 -106.89
CA THR G 172 38.04 -43.53 -106.42
C THR G 172 37.69 -44.41 -105.22
N GLY G 173 36.90 -43.87 -104.29
CA GLY G 173 36.49 -44.66 -103.14
C GLY G 173 35.71 -45.89 -103.54
N SER G 174 34.90 -45.78 -104.59
CA SER G 174 34.20 -46.94 -105.10
C SER G 174 35.19 -47.98 -105.61
N GLY G 175 36.31 -47.54 -106.20
CA GLY G 175 37.33 -48.48 -106.62
C GLY G 175 37.98 -49.21 -105.45
N VAL G 176 38.33 -48.47 -104.40
CA VAL G 176 38.97 -49.12 -103.27
C VAL G 176 37.99 -50.08 -102.58
N GLY G 177 36.71 -49.72 -102.51
CA GLY G 177 35.72 -50.65 -101.98
C GLY G 177 35.54 -51.89 -102.85
N SER G 178 35.59 -51.70 -104.17
CA SER G 178 35.50 -52.83 -105.08
C SER G 178 36.68 -53.79 -104.87
N LYS G 179 37.86 -53.24 -104.59
CA LYS G 179 38.99 -54.10 -104.25
C LYS G 179 38.81 -54.74 -102.88
N MET G 180 38.19 -54.02 -101.94
CA MET G 180 37.95 -54.58 -100.62
C MET G 180 37.10 -55.83 -100.70
N LEU G 181 36.04 -55.79 -101.52
CA LEU G 181 35.19 -56.97 -101.66
C LEU G 181 35.99 -58.16 -102.17
N GLU G 182 36.84 -57.93 -103.17
CA GLU G 182 37.61 -59.02 -103.74
C GLU G 182 38.53 -59.63 -102.70
N VAL G 183 39.28 -58.80 -101.97
CA VAL G 183 40.26 -59.35 -101.04
C VAL G 183 39.57 -60.10 -99.91
N ILE G 184 38.46 -59.53 -99.39
CA ILE G 184 37.76 -60.20 -98.30
C ILE G 184 37.21 -61.55 -98.77
N SER G 185 36.55 -61.56 -99.93
CA SER G 185 35.96 -62.81 -100.41
C SER G 185 37.05 -63.85 -100.67
N ASP G 186 38.20 -63.43 -101.19
CA ASP G 186 39.27 -64.38 -101.44
C ASP G 186 39.80 -64.96 -100.13
N ARG G 187 40.14 -64.12 -99.16
CA ARG G 187 40.83 -64.64 -97.98
C ARG G 187 39.90 -65.45 -97.09
N TYR G 188 38.67 -64.96 -96.85
CA TYR G 188 37.79 -65.65 -95.91
C TYR G 188 36.87 -66.65 -96.59
N GLY G 189 37.05 -66.93 -97.88
CA GLY G 189 36.20 -67.92 -98.50
C GLY G 189 34.75 -67.47 -98.53
N HIS G 190 33.84 -68.44 -98.51
CA HIS G 190 32.42 -68.17 -98.59
C HIS G 190 31.66 -68.60 -97.34
N LYS G 191 32.37 -68.99 -96.27
CA LYS G 191 31.69 -69.35 -95.03
C LYS G 191 31.07 -68.14 -94.35
N LYS G 192 31.70 -66.97 -94.50
CA LYS G 192 31.17 -65.72 -93.95
C LYS G 192 30.59 -64.89 -95.09
N LEU G 193 29.31 -64.53 -94.96
CA LEU G 193 28.63 -63.77 -96.00
C LEU G 193 28.85 -62.27 -95.81
N LEU G 194 28.58 -61.51 -96.88
CA LEU G 194 28.79 -60.07 -96.91
C LEU G 194 27.48 -59.38 -97.25
N ASN G 195 27.21 -58.26 -96.59
CA ASN G 195 26.06 -57.42 -96.87
C ASN G 195 26.55 -56.04 -97.24
N THR G 196 26.12 -55.53 -98.39
CA THR G 196 26.55 -54.24 -98.90
C THR G 196 25.34 -53.32 -99.01
N PHE G 197 25.37 -52.22 -98.28
CA PHE G 197 24.34 -51.18 -98.40
C PHE G 197 24.77 -50.14 -99.44
N SER G 198 24.87 -50.60 -100.69
CA SER G 198 25.37 -49.76 -101.76
C SER G 198 24.36 -48.66 -102.11
N ILE G 199 24.85 -47.44 -102.23
CA ILE G 199 24.03 -46.30 -102.64
C ILE G 199 24.21 -46.12 -104.15
N PHE G 200 23.11 -46.20 -104.89
CA PHE G 200 23.18 -46.11 -106.34
C PHE G 200 23.25 -44.66 -106.81
N PRO G 201 23.71 -44.43 -108.04
CA PRO G 201 23.76 -43.07 -108.58
C PRO G 201 22.36 -42.50 -108.75
N SER G 202 22.26 -41.18 -108.67
CA SER G 202 21.00 -40.48 -108.90
C SER G 202 20.52 -40.73 -110.32
N VAL G 211 30.57 -39.51 -117.37
CA VAL G 211 31.62 -40.44 -117.02
C VAL G 211 31.14 -41.42 -115.95
N GLN G 212 30.09 -41.02 -115.22
CA GLN G 212 29.57 -41.87 -114.15
C GLN G 212 29.15 -43.26 -114.63
N PRO G 213 28.55 -43.43 -115.82
CA PRO G 213 28.14 -44.79 -116.23
C PRO G 213 29.26 -45.81 -116.20
N TYR G 214 30.46 -45.41 -116.63
CA TYR G 214 31.60 -46.32 -116.59
C TYR G 214 31.86 -46.79 -115.17
N ASN G 215 31.88 -45.85 -114.23
CA ASN G 215 32.17 -46.20 -112.84
C ASN G 215 31.09 -47.11 -112.27
N THR G 216 29.83 -46.82 -112.59
CA THR G 216 28.74 -47.64 -112.07
C THR G 216 28.84 -49.06 -112.60
N ILE G 217 29.21 -49.23 -113.86
CA ILE G 217 29.31 -50.58 -114.41
C ILE G 217 30.49 -51.32 -113.82
N LEU G 218 31.63 -50.63 -113.66
CA LEU G 218 32.82 -51.28 -113.11
C LEU G 218 32.59 -51.70 -111.67
N THR G 219 31.89 -50.88 -110.89
CA THR G 219 31.61 -51.28 -109.51
C THR G 219 30.54 -52.37 -109.45
N LEU G 220 29.54 -52.32 -110.33
CA LEU G 220 28.48 -53.30 -110.28
C LEU G 220 28.96 -54.69 -110.68
N LYS G 221 29.99 -54.78 -111.53
CA LYS G 221 30.52 -56.09 -111.86
C LYS G 221 31.00 -56.82 -110.60
N ARG G 222 31.82 -56.16 -109.78
CA ARG G 222 32.31 -56.81 -108.56
C ARG G 222 31.22 -56.93 -107.53
N LEU G 223 30.28 -55.98 -107.49
CA LEU G 223 29.16 -56.09 -106.57
C LEU G 223 28.35 -57.35 -106.84
N ILE G 224 28.10 -57.64 -108.12
CA ILE G 224 27.40 -58.88 -108.47
C ILE G 224 28.25 -60.08 -108.12
N ASP G 225 29.55 -60.03 -108.43
CA ASP G 225 30.36 -61.23 -108.28
C ASP G 225 30.51 -61.65 -106.82
N TYR G 226 30.80 -60.71 -105.92
CA TYR G 226 31.26 -61.07 -104.58
C TYR G 226 30.25 -60.84 -103.47
N SER G 227 29.35 -59.87 -103.58
CA SER G 227 28.40 -59.63 -102.52
C SER G 227 27.42 -60.79 -102.39
N ASP G 228 26.96 -61.02 -101.15
CA ASP G 228 25.99 -62.07 -100.88
C ASP G 228 24.56 -61.57 -100.70
N ALA G 229 24.39 -60.32 -100.27
CA ALA G 229 23.05 -59.74 -100.15
C ALA G 229 23.21 -58.23 -100.20
N THR G 230 22.83 -57.63 -101.33
CA THR G 230 23.12 -56.22 -101.60
C THR G 230 21.82 -55.43 -101.55
N PHE G 231 21.74 -54.48 -100.63
CA PHE G 231 20.64 -53.53 -100.61
C PHE G 231 20.83 -52.48 -101.70
N VAL G 232 19.73 -51.95 -102.20
CA VAL G 232 19.76 -50.93 -103.25
C VAL G 232 19.06 -49.69 -102.71
N PHE G 233 19.78 -48.57 -102.71
CA PHE G 233 19.24 -47.28 -102.31
C PHE G 233 19.49 -46.26 -103.40
N HIS G 234 18.49 -45.44 -103.69
CA HIS G 234 18.59 -44.39 -104.68
C HIS G 234 18.40 -43.04 -103.99
N ASN G 235 19.29 -42.10 -104.28
CA ASN G 235 19.13 -40.76 -103.73
C ASN G 235 17.86 -40.10 -104.25
N ASP G 236 17.41 -40.47 -105.44
CA ASP G 236 16.20 -39.88 -106.00
C ASP G 236 15.00 -40.20 -105.12
N SER G 237 14.81 -41.48 -104.78
CA SER G 237 13.66 -41.86 -103.98
C SER G 237 13.81 -41.39 -102.54
N LEU G 238 15.04 -41.30 -102.04
CA LEU G 238 15.24 -40.80 -100.68
C LEU G 238 14.82 -39.34 -100.57
N ASN G 239 15.28 -38.49 -101.50
CA ASN G 239 14.88 -37.09 -101.44
C ASN G 239 13.40 -36.93 -101.78
N ARG G 240 12.85 -37.81 -102.61
CA ARG G 240 11.42 -37.79 -102.85
C ARG G 240 10.64 -38.09 -101.58
N ILE G 241 11.10 -39.06 -100.80
CA ILE G 241 10.45 -39.36 -99.53
C ILE G 241 10.55 -38.18 -98.59
N GLU G 242 11.73 -37.56 -98.51
CA GLU G 242 11.87 -36.42 -97.61
C GLU G 242 10.93 -35.28 -97.98
N ASN G 243 10.59 -35.15 -99.27
CA ASN G 243 9.65 -34.12 -99.71
C ASN G 243 8.25 -34.43 -99.19
N GLY G 262 20.82 -35.40 -93.48
CA GLY G 262 19.54 -35.30 -94.17
C GLY G 262 19.08 -36.61 -94.76
N ALA G 263 19.43 -36.85 -96.03
CA ALA G 263 19.02 -38.09 -96.68
C ALA G 263 19.72 -39.31 -96.10
N ASN G 264 20.90 -39.14 -95.49
CA ASN G 264 21.60 -40.27 -94.89
C ASN G 264 20.86 -40.82 -93.68
N LYS G 265 19.96 -40.02 -93.07
CA LYS G 265 19.23 -40.43 -91.84
C LYS G 265 18.21 -41.51 -92.20
N LEU G 266 17.72 -41.60 -93.45
CA LEU G 266 16.84 -42.69 -93.86
C LEU G 266 17.62 -43.99 -94.03
N ILE G 267 18.79 -43.93 -94.67
CA ILE G 267 19.60 -45.12 -94.88
C ILE G 267 20.07 -45.66 -93.53
N ALA G 268 20.50 -44.76 -92.64
CA ALA G 268 20.94 -45.18 -91.32
C ALA G 268 19.80 -45.86 -90.57
N LEU G 269 18.60 -45.30 -90.64
CA LEU G 269 17.47 -45.88 -89.94
C LEU G 269 17.13 -47.26 -90.49
N VAL G 270 17.13 -47.41 -91.81
CA VAL G 270 16.81 -48.71 -92.40
C VAL G 270 17.86 -49.75 -92.00
N SER G 271 19.13 -49.38 -92.11
CA SER G 271 20.19 -50.34 -91.76
C SER G 271 20.15 -50.70 -90.29
N ALA G 272 19.88 -49.72 -89.42
CA ALA G 272 19.80 -50.01 -87.99
C ALA G 272 18.63 -50.93 -87.68
N SER G 273 17.49 -50.71 -88.33
CA SER G 273 16.33 -51.56 -88.05
C SER G 273 16.47 -52.94 -88.65
N VAL G 274 17.26 -53.11 -89.72
CA VAL G 274 17.35 -54.41 -90.37
C VAL G 274 17.89 -55.45 -89.41
N SER G 275 18.78 -55.05 -88.51
CA SER G 275 19.41 -55.97 -87.56
C SER G 275 18.77 -55.92 -86.19
N ASN G 276 17.60 -55.30 -86.06
CA ASN G 276 16.96 -55.18 -84.75
C ASN G 276 16.74 -56.53 -84.06
N PRO G 277 16.30 -57.59 -84.73
CA PRO G 277 16.10 -58.87 -84.03
C PRO G 277 17.37 -59.44 -83.45
N LEU G 278 18.54 -59.02 -83.93
CA LEU G 278 19.80 -59.52 -83.39
C LEU G 278 20.18 -58.81 -82.10
N ARG G 279 20.05 -57.48 -82.08
CA ARG G 279 20.49 -56.71 -80.93
C ARG G 279 19.49 -56.73 -79.79
N PHE G 280 18.20 -56.93 -80.10
CA PHE G 280 17.13 -56.98 -79.10
C PHE G 280 16.43 -58.31 -79.27
N PRO G 281 16.98 -59.39 -78.71
CA PRO G 281 16.49 -60.73 -79.05
C PRO G 281 15.06 -60.96 -78.63
N GLY G 282 14.39 -61.81 -79.40
CA GLY G 282 13.03 -62.22 -79.08
C GLY G 282 12.89 -63.72 -79.25
N TYR G 283 11.71 -64.17 -79.65
CA TYR G 283 11.47 -65.60 -79.85
C TYR G 283 12.15 -66.16 -81.09
N MET G 284 12.45 -65.34 -82.09
CA MET G 284 12.76 -65.86 -83.41
C MET G 284 13.67 -64.88 -84.14
N TYR G 285 14.26 -65.37 -85.23
CA TYR G 285 15.14 -64.55 -86.09
C TYR G 285 16.36 -64.06 -85.33
N SER G 286 17.00 -64.97 -84.60
CA SER G 286 18.13 -64.62 -83.74
C SER G 286 19.45 -64.50 -84.50
N SER G 287 19.48 -64.75 -85.81
CA SER G 287 20.73 -64.73 -86.56
C SER G 287 20.50 -64.11 -87.93
N MET G 288 21.58 -63.56 -88.50
CA MET G 288 21.49 -62.94 -89.82
C MET G 288 21.21 -63.98 -90.91
N GLU G 289 21.64 -65.22 -90.71
CA GLU G 289 21.34 -66.26 -91.69
C GLU G 289 19.85 -66.41 -91.87
N SER G 290 19.10 -66.40 -90.77
CA SER G 290 17.65 -66.55 -90.87
C SER G 290 17.01 -65.35 -91.56
N ILE G 291 17.52 -64.15 -91.29
CA ILE G 291 16.94 -62.95 -91.88
C ILE G 291 17.18 -62.94 -93.38
N VAL G 292 18.40 -63.26 -93.81
CA VAL G 292 18.73 -63.14 -95.23
C VAL G 292 18.15 -64.30 -96.02
N SER G 293 18.24 -65.53 -95.48
CA SER G 293 17.83 -66.70 -96.24
C SER G 293 16.38 -66.63 -96.66
N ASN G 294 15.56 -65.85 -95.95
CA ASN G 294 14.16 -65.71 -96.32
C ASN G 294 13.95 -64.85 -97.56
N LEU G 295 15.00 -64.19 -98.05
CA LEU G 295 14.86 -63.21 -99.11
C LEU G 295 15.69 -63.51 -100.36
N ILE G 296 16.55 -64.53 -100.33
CA ILE G 296 17.46 -64.81 -101.44
C ILE G 296 17.29 -66.27 -101.86
N PRO G 297 16.23 -66.61 -102.60
CA PRO G 297 16.07 -68.00 -103.05
C PRO G 297 17.22 -68.49 -103.90
N THR G 298 17.82 -67.63 -104.72
CA THR G 298 18.89 -67.99 -105.63
C THR G 298 20.02 -66.98 -105.49
N PRO G 299 21.29 -67.43 -105.53
CA PRO G 299 22.38 -66.46 -105.38
C PRO G 299 22.44 -65.43 -106.48
N ASP G 300 21.82 -65.67 -107.64
CA ASP G 300 21.81 -64.67 -108.69
C ASP G 300 20.94 -63.47 -108.30
N LEU G 301 19.74 -63.73 -107.79
CA LEU G 301 18.82 -62.66 -107.38
C LEU G 301 19.19 -62.24 -105.96
N LYS G 302 20.14 -61.31 -105.85
CA LYS G 302 20.68 -60.90 -104.57
C LYS G 302 20.42 -59.45 -104.22
N PHE G 303 19.67 -58.71 -105.04
CA PHE G 303 19.42 -57.29 -104.81
C PHE G 303 18.07 -57.12 -104.13
N LEU G 304 18.04 -56.33 -103.07
CA LEU G 304 16.87 -56.15 -102.23
C LEU G 304 16.35 -54.74 -102.34
N THR G 305 15.03 -54.60 -102.33
CA THR G 305 14.35 -53.31 -102.29
C THR G 305 13.76 -53.11 -100.91
N SER G 306 14.09 -51.97 -100.30
CA SER G 306 13.65 -51.66 -98.94
C SER G 306 12.60 -50.56 -98.97
N SER G 307 11.57 -50.73 -98.15
CA SER G 307 10.49 -49.77 -98.01
C SER G 307 10.36 -49.35 -96.56
N ILE G 308 10.13 -48.06 -96.34
CA ILE G 308 10.04 -47.48 -95.00
C ILE G 308 8.76 -46.67 -94.90
N ALA G 309 8.04 -46.85 -93.80
CA ALA G 309 6.86 -46.04 -93.54
C ALA G 309 7.28 -44.73 -92.89
N PRO G 310 7.08 -43.57 -93.55
CA PRO G 310 7.56 -42.31 -92.96
C PRO G 310 6.61 -41.70 -91.95
N PHE G 311 5.32 -42.01 -92.01
CA PHE G 311 4.33 -41.35 -91.17
C PHE G 311 4.39 -41.94 -89.76
N SER G 312 5.29 -41.39 -88.95
CA SER G 312 5.36 -41.75 -87.56
C SER G 312 5.83 -40.54 -86.76
N THR G 313 5.51 -40.56 -85.46
CA THR G 313 5.87 -39.49 -84.54
C THR G 313 5.07 -38.20 -84.79
N GLN G 314 4.24 -38.18 -85.83
CA GLN G 314 3.26 -37.12 -85.97
C GLN G 314 1.97 -37.49 -85.23
N LYS G 315 1.10 -36.50 -85.06
CA LYS G 315 -0.19 -36.76 -84.44
C LYS G 315 -1.02 -37.73 -85.27
N HIS G 316 -1.04 -37.56 -86.58
CA HIS G 316 -1.88 -38.41 -87.47
C HIS G 316 -1.07 -39.67 -87.85
N ASN G 317 -0.44 -40.40 -86.93
CA ASN G 317 0.30 -41.62 -87.23
C ASN G 317 -0.66 -42.73 -87.63
N TYR G 318 -0.09 -43.83 -88.12
CA TYR G 318 -0.89 -45.03 -88.39
C TYR G 318 -1.53 -45.51 -87.11
N LEU G 319 -2.86 -45.67 -87.14
CA LEU G 319 -3.59 -45.96 -85.91
C LEU G 319 -3.38 -47.40 -85.45
N ASN G 320 -3.13 -48.33 -86.38
CA ASN G 320 -2.94 -49.72 -86.00
C ASN G 320 -1.80 -50.33 -86.81
N GLU G 321 -1.16 -51.35 -86.21
CA GLU G 321 -0.14 -52.10 -86.92
C GLU G 321 -0.70 -52.74 -88.19
N TYR G 322 -2.00 -53.04 -88.20
CA TYR G 322 -2.63 -53.57 -89.39
C TYR G 322 -2.56 -52.56 -90.54
N ASP G 323 -2.80 -51.28 -90.24
CA ASP G 323 -2.66 -50.25 -91.25
C ASP G 323 -1.20 -50.03 -91.62
N MET G 324 -0.27 -50.30 -90.70
CA MET G 324 1.14 -50.30 -91.06
C MET G 324 1.44 -51.39 -92.09
N LEU G 325 0.89 -52.58 -91.89
CA LEU G 325 1.14 -53.66 -92.85
C LEU G 325 0.52 -53.35 -94.20
N LEU G 326 -0.68 -52.76 -94.21
CA LEU G 326 -1.33 -52.48 -95.48
C LEU G 326 -0.63 -51.33 -96.21
N GLU G 327 -0.29 -50.26 -95.50
CA GLU G 327 0.30 -49.08 -96.13
C GLU G 327 1.81 -49.13 -96.24
N LEU G 328 2.46 -50.18 -95.74
CA LEU G 328 3.89 -50.33 -95.98
C LEU G 328 4.19 -50.71 -97.42
N SER G 329 3.21 -51.25 -98.14
CA SER G 329 3.41 -51.76 -99.49
C SER G 329 3.25 -50.69 -100.57
N ASN G 330 2.95 -49.45 -100.20
CA ASN G 330 2.80 -48.40 -101.20
C ASN G 330 4.10 -48.21 -101.96
N ASP G 331 3.98 -48.05 -103.28
CA ASP G 331 5.17 -47.92 -104.12
C ASP G 331 5.88 -46.59 -103.92
N ARG G 332 5.19 -45.58 -103.37
CA ARG G 332 5.83 -44.29 -103.18
C ARG G 332 6.85 -44.29 -102.05
N TYR G 333 6.71 -45.18 -101.07
CA TYR G 333 7.63 -45.23 -99.96
C TYR G 333 8.90 -46.03 -100.26
N LYS G 334 8.95 -46.77 -101.36
CA LYS G 334 10.12 -47.55 -101.68
C LYS G 334 11.31 -46.65 -101.94
N THR G 335 12.50 -47.14 -101.58
CA THR G 335 13.74 -46.36 -101.67
C THR G 335 14.41 -46.48 -103.03
N ASN G 336 13.66 -46.85 -104.07
CA ASN G 336 14.22 -46.90 -105.41
C ASN G 336 13.11 -46.69 -106.42
N ARG G 337 13.47 -46.09 -107.56
CA ARG G 337 12.49 -45.80 -108.59
C ARG G 337 11.86 -47.09 -109.11
N VAL G 338 10.54 -47.07 -109.25
CA VAL G 338 9.78 -48.21 -109.76
C VAL G 338 9.15 -47.82 -111.08
N GLY G 340 6.84 -49.41 -112.77
CA GLY G 340 5.46 -49.80 -112.94
C GLY G 340 5.10 -51.08 -112.23
N ASP G 341 4.45 -52.00 -112.94
CA ASP G 341 4.04 -53.26 -112.34
C ASP G 341 5.26 -54.10 -111.96
N THR G 342 5.22 -54.68 -110.76
CA THR G 342 6.32 -55.46 -110.23
C THR G 342 5.80 -56.75 -109.64
N SER G 343 6.67 -57.76 -109.59
CA SER G 343 6.37 -59.04 -108.98
C SER G 343 7.33 -59.27 -107.81
N TYR G 344 6.78 -59.64 -106.66
CA TYR G 344 7.59 -59.80 -105.46
C TYR G 344 8.13 -61.22 -105.38
N ILE G 345 9.42 -61.34 -105.08
CA ILE G 345 10.05 -62.65 -104.93
C ILE G 345 10.03 -63.11 -103.48
N SER G 346 10.23 -62.19 -102.54
CA SER G 346 10.18 -62.55 -101.13
C SER G 346 9.86 -61.31 -100.32
N MET G 347 9.37 -61.54 -99.10
CA MET G 347 8.90 -60.48 -98.23
C MET G 347 9.35 -60.72 -96.80
N LEU G 348 9.53 -59.62 -96.07
CA LEU G 348 9.74 -59.70 -94.63
C LEU G 348 9.51 -58.30 -94.07
N ASN G 349 8.60 -58.19 -93.10
CA ASN G 349 8.18 -56.91 -92.56
C ASN G 349 8.64 -56.78 -91.12
N TYR G 350 9.19 -55.61 -90.79
CA TYR G 350 9.60 -55.30 -89.43
C TYR G 350 8.55 -54.45 -88.75
N LEU G 351 8.12 -54.88 -87.57
CA LEU G 351 7.26 -54.10 -86.70
C LEU G 351 7.97 -53.94 -85.37
N ILE G 352 8.14 -52.71 -84.92
CA ILE G 352 8.97 -52.39 -83.76
C ILE G 352 8.14 -51.52 -82.83
N GLY G 353 7.57 -52.12 -81.80
CA GLY G 353 6.81 -51.37 -80.80
C GLY G 353 6.87 -52.10 -79.48
N ASP G 354 6.65 -51.36 -78.38
CA ASP G 354 6.71 -51.96 -77.02
C ASP G 354 5.70 -53.12 -76.94
N ASN G 355 4.46 -52.90 -77.40
CA ASN G 355 3.43 -53.92 -77.35
C ASN G 355 2.76 -54.02 -78.71
N LEU G 356 2.53 -55.24 -79.18
CA LEU G 356 1.97 -55.48 -80.50
C LEU G 356 0.76 -56.40 -80.37
N ASP G 357 -0.36 -55.99 -80.96
CA ASP G 357 -1.59 -56.79 -80.91
C ASP G 357 -1.54 -57.88 -81.97
N GLN G 358 -1.62 -59.14 -81.52
CA GLN G 358 -1.43 -60.25 -82.44
C GLN G 358 -2.54 -60.33 -83.49
N ARG G 359 -3.80 -60.15 -83.07
CA ARG G 359 -4.91 -60.36 -83.99
C ARG G 359 -4.89 -59.35 -85.13
N GLU G 360 -4.48 -58.12 -84.86
CA GLU G 360 -4.30 -57.14 -85.94
C GLU G 360 -3.26 -57.63 -86.93
N ILE G 361 -2.17 -58.21 -86.43
CA ILE G 361 -1.10 -58.67 -87.31
C ILE G 361 -1.57 -59.85 -88.15
N ARG G 362 -2.37 -60.74 -87.56
CA ARG G 362 -2.91 -61.86 -88.33
C ARG G 362 -3.79 -61.37 -89.46
N LYS G 363 -4.68 -60.42 -89.16
CA LYS G 363 -5.55 -59.88 -90.21
C LYS G 363 -4.72 -59.19 -91.29
N GLY G 364 -3.71 -58.43 -90.89
CA GLY G 364 -2.88 -57.76 -91.86
C GLY G 364 -2.09 -58.72 -92.73
N ILE G 365 -1.58 -59.80 -92.13
CA ILE G 365 -0.86 -60.80 -92.92
C ILE G 365 -1.78 -61.44 -93.95
N LEU G 366 -3.01 -61.77 -93.54
CA LEU G 366 -3.93 -62.38 -94.49
C LEU G 366 -4.21 -61.43 -95.66
N LYS G 367 -4.49 -60.15 -95.35
CA LYS G 367 -4.76 -59.20 -96.42
C LYS G 367 -3.55 -59.00 -97.31
N SER G 368 -2.35 -58.92 -96.71
CA SER G 368 -1.15 -58.71 -97.51
C SER G 368 -0.90 -59.88 -98.45
N GLN G 369 -1.12 -61.10 -97.97
CA GLN G 369 -0.97 -62.26 -98.86
C GLN G 369 -2.00 -62.23 -99.98
N GLN G 370 -3.24 -61.84 -99.68
CA GLN G 370 -4.24 -61.81 -100.75
C GLN G 370 -4.07 -60.65 -101.71
N ARG G 371 -3.29 -59.62 -101.35
CA ARG G 371 -3.16 -58.45 -102.21
C ARG G 371 -1.91 -58.45 -103.09
N ILE G 372 -0.83 -59.06 -102.64
CA ILE G 372 0.47 -58.89 -103.28
C ILE G 372 0.68 -59.96 -104.34
N SER G 373 1.28 -59.56 -105.46
CA SER G 373 1.49 -60.45 -106.60
C SER G 373 2.87 -61.11 -106.48
N PHE G 374 2.89 -62.38 -106.09
CA PHE G 374 4.12 -63.15 -106.03
C PHE G 374 4.39 -63.84 -107.35
N VAL G 375 5.66 -64.20 -107.57
CA VAL G 375 6.04 -64.94 -108.77
C VAL G 375 5.52 -66.37 -108.63
N PRO G 376 5.24 -67.08 -109.73
CA PRO G 376 4.56 -68.37 -109.61
C PRO G 376 5.32 -69.41 -108.80
N TRP G 377 6.64 -69.44 -108.87
CA TRP G 377 7.41 -70.55 -108.32
C TRP G 377 7.88 -70.32 -106.89
N VAL G 378 7.44 -69.24 -106.25
CA VAL G 378 7.82 -68.95 -104.87
C VAL G 378 6.70 -69.39 -103.95
N ALA G 379 7.07 -69.76 -102.71
CA ALA G 379 6.11 -70.33 -101.78
C ALA G 379 4.99 -69.37 -101.43
N ARG G 380 5.14 -68.07 -101.68
CA ARG G 380 4.08 -67.10 -101.43
C ARG G 380 3.80 -66.99 -99.93
N SER G 381 4.84 -66.69 -99.17
CA SER G 381 4.74 -66.51 -97.73
C SER G 381 5.22 -65.12 -97.34
N VAL G 382 4.48 -64.49 -96.42
CA VAL G 382 4.82 -63.18 -95.90
C VAL G 382 5.17 -63.35 -94.42
N LEU G 383 6.35 -62.86 -94.04
CA LEU G 383 6.88 -63.05 -92.70
C LEU G 383 6.94 -61.72 -91.98
N VAL G 384 6.45 -61.68 -90.74
CA VAL G 384 6.40 -60.46 -89.93
C VAL G 384 7.17 -60.72 -88.65
N VAL G 385 8.27 -60.00 -88.44
CA VAL G 385 9.05 -60.13 -87.22
C VAL G 385 8.53 -59.13 -86.20
N HIS G 386 8.44 -59.57 -84.94
CA HIS G 386 7.92 -58.76 -83.86
C HIS G 386 9.07 -58.14 -83.08
N GLY G 387 9.66 -57.10 -83.67
CA GLY G 387 10.78 -56.44 -83.02
C GLY G 387 10.38 -55.79 -81.71
N LYS G 388 11.36 -55.63 -80.83
CA LYS G 388 11.17 -55.00 -79.53
C LYS G 388 11.86 -53.65 -79.51
N LYS G 389 11.15 -52.63 -79.03
CA LYS G 389 11.70 -51.28 -78.97
C LYS G 389 12.73 -51.16 -77.85
N SER G 390 13.71 -50.28 -78.05
CA SER G 390 14.79 -50.13 -77.10
C SER G 390 14.27 -49.48 -75.81
N PRO G 391 14.72 -49.94 -74.64
CA PRO G 391 14.36 -49.24 -73.40
C PRO G 391 14.80 -47.79 -73.37
N TYR G 392 15.86 -47.44 -74.10
CA TYR G 392 16.41 -46.10 -74.05
C TYR G 392 15.62 -45.11 -74.90
N LEU G 393 14.60 -45.57 -75.62
CA LEU G 393 13.71 -44.69 -76.37
C LEU G 393 12.37 -44.68 -75.67
N LYS G 394 11.93 -43.49 -75.25
CA LYS G 394 10.86 -43.36 -74.27
C LYS G 394 9.50 -43.48 -74.95
N ASN G 395 8.88 -44.66 -74.84
CA ASN G 395 7.44 -44.82 -75.07
C ASN G 395 7.00 -44.26 -76.43
N THR G 396 7.90 -44.25 -77.40
CA THR G 396 7.54 -43.77 -78.73
C THR G 396 6.55 -44.73 -79.39
N ASN G 397 5.72 -44.17 -80.27
CA ASN G 397 4.72 -44.96 -80.98
C ASN G 397 5.38 -45.93 -81.96
N LEU G 398 4.55 -46.82 -82.49
CA LEU G 398 5.01 -47.89 -83.39
C LEU G 398 5.71 -47.32 -84.62
N GLU G 399 6.74 -48.03 -85.07
CA GLU G 399 7.37 -47.77 -86.36
C GLU G 399 7.72 -49.10 -87.01
N GLY G 400 7.90 -49.09 -88.32
CA GLY G 400 8.13 -50.32 -89.06
C GLY G 400 8.90 -50.16 -90.35
N ILE G 401 9.65 -51.19 -90.72
CA ILE G 401 10.47 -51.20 -91.92
C ILE G 401 10.13 -52.44 -92.73
N GLN G 402 10.08 -52.29 -94.05
CA GLN G 402 9.78 -53.40 -94.96
C GLN G 402 10.94 -53.61 -95.91
N VAL G 403 11.40 -54.86 -96.01
CA VAL G 403 12.47 -55.26 -96.91
C VAL G 403 11.91 -56.31 -97.86
N THR G 404 12.06 -56.07 -99.16
CA THR G 404 11.46 -56.93 -100.17
C THR G 404 12.49 -57.27 -101.24
N ASN G 405 12.17 -58.30 -102.02
CA ASN G 405 12.95 -58.69 -103.19
C ASN G 405 12.02 -58.67 -104.39
N ASN G 406 12.17 -57.65 -105.24
CA ASN G 406 11.26 -57.44 -106.36
C ASN G 406 11.97 -57.73 -107.68
N THR G 407 11.16 -57.80 -108.74
CA THR G 407 11.68 -57.86 -110.10
C THR G 407 11.83 -56.47 -110.69
N SER G 408 11.64 -55.42 -109.90
CA SER G 408 11.84 -54.06 -110.37
C SER G 408 13.30 -53.74 -110.65
N MET G 409 14.23 -54.60 -110.24
CA MET G 409 15.64 -54.34 -110.48
C MET G 409 15.94 -54.26 -111.97
N ILE G 410 15.11 -54.87 -112.82
CA ILE G 410 15.39 -54.86 -114.25
C ILE G 410 15.33 -53.44 -114.79
N ASP G 411 14.44 -52.61 -114.26
CA ASP G 411 14.30 -51.25 -114.78
C ASP G 411 15.56 -50.42 -114.52
N VAL G 412 16.06 -50.45 -113.28
CA VAL G 412 17.22 -49.63 -112.95
C VAL G 412 18.47 -50.16 -113.66
N PHE G 413 18.61 -51.49 -113.73
CA PHE G 413 19.76 -52.06 -114.43
C PHE G 413 19.70 -51.74 -115.91
N THR G 414 18.50 -51.79 -116.50
CA THR G 414 18.37 -51.41 -117.90
C THR G 414 18.73 -49.94 -118.10
N LYS G 415 18.33 -49.07 -117.17
CA LYS G 415 18.69 -47.67 -117.27
C LYS G 415 20.21 -47.50 -117.26
N ILE G 416 20.88 -48.20 -116.33
CA ILE G 416 22.33 -48.11 -116.24
C ILE G 416 22.98 -48.62 -117.52
N LEU G 417 22.49 -49.74 -118.05
CA LEU G 417 23.07 -50.30 -119.27
C LEU G 417 22.84 -49.37 -120.46
N LYS G 418 21.66 -48.74 -120.54
CA LYS G 418 21.41 -47.80 -121.64
C LYS G 418 22.38 -46.64 -121.57
N GLN G 419 22.58 -46.07 -120.38
CA GLN G 419 23.53 -44.98 -120.25
C GLN G 419 24.94 -45.45 -120.63
N PHE G 420 25.32 -46.64 -120.18
CA PHE G 420 26.67 -47.14 -120.46
C PHE G 420 26.87 -47.34 -121.95
N ASP G 421 25.90 -47.92 -122.65
CA ASP G 421 26.03 -48.10 -124.09
C ASP G 421 26.08 -46.76 -124.81
N LEU G 422 25.22 -45.82 -124.41
CA LEU G 422 25.21 -44.51 -125.04
C LEU G 422 26.57 -43.84 -124.90
N LEU G 423 27.18 -43.96 -123.73
CA LEU G 423 28.45 -43.29 -123.49
C LEU G 423 29.67 -44.14 -123.86
N ILE G 424 29.46 -45.39 -124.28
CA ILE G 424 30.58 -46.24 -124.69
C ILE G 424 30.73 -46.18 -126.21
N LYS G 425 29.61 -46.04 -126.93
CA LYS G 425 29.73 -45.83 -128.36
C LYS G 425 30.46 -44.52 -128.67
N ARG G 426 30.19 -43.49 -127.87
CA ARG G 426 30.89 -42.21 -127.99
C ARG G 426 32.10 -42.25 -127.07
N LYS G 427 33.30 -42.18 -127.64
CA LYS G 427 34.54 -42.15 -126.86
C LYS G 427 34.68 -40.75 -126.27
N ALA G 428 33.90 -40.50 -125.22
CA ALA G 428 33.86 -39.16 -124.63
C ALA G 428 35.04 -38.92 -123.70
N TYR G 429 35.18 -39.76 -122.66
CA TYR G 429 36.16 -39.54 -121.61
C TYR G 429 37.06 -40.74 -121.40
N LEU G 430 37.12 -41.68 -122.34
CA LEU G 430 37.94 -42.87 -122.17
C LEU G 430 39.44 -42.57 -122.23
N ASN G 431 39.83 -41.37 -122.66
CA ASN G 431 41.24 -41.03 -122.69
C ASN G 431 41.83 -40.99 -121.28
N ARG G 432 41.02 -40.68 -120.28
CA ARG G 432 41.47 -40.69 -118.89
C ARG G 432 41.76 -42.08 -118.37
N TYR G 433 41.34 -43.13 -119.08
CA TYR G 433 41.57 -44.50 -118.65
C TYR G 433 42.44 -45.30 -119.62
N TYR G 434 42.33 -45.05 -120.93
CA TYR G 434 43.12 -45.77 -121.92
C TYR G 434 44.45 -45.04 -122.09
N SER G 435 45.53 -45.63 -121.57
CA SER G 435 46.85 -45.02 -121.61
C SER G 435 47.70 -45.48 -122.78
N SER G 436 47.50 -46.71 -123.26
CA SER G 436 48.30 -47.25 -124.35
C SER G 436 47.50 -48.38 -125.02
N VAL G 437 48.15 -49.07 -125.96
CA VAL G 437 47.48 -50.15 -126.67
C VAL G 437 47.09 -51.27 -125.70
N GLU G 438 48.03 -51.66 -124.84
CA GLU G 438 47.74 -52.71 -123.87
C GLU G 438 46.68 -52.23 -122.88
N GLU G 439 46.70 -50.96 -122.50
CA GLU G 439 45.67 -50.42 -121.63
C GLU G 439 44.33 -50.38 -122.36
N GLU G 440 44.33 -50.05 -123.64
CA GLU G 440 43.10 -50.06 -124.41
C GLU G 440 42.48 -51.46 -124.43
N ASN G 441 43.30 -52.47 -124.70
CA ASN G 441 42.76 -53.83 -124.75
C ASN G 441 42.28 -54.28 -123.36
N GLU G 442 43.03 -53.93 -122.32
CA GLU G 442 42.65 -54.30 -120.96
C GLU G 442 41.31 -53.69 -120.59
N VAL G 443 41.15 -52.39 -120.83
CA VAL G 443 39.90 -51.74 -120.47
C VAL G 443 38.75 -52.26 -121.32
N MET G 444 39.01 -52.54 -122.60
CA MET G 444 37.95 -53.06 -123.45
C MET G 444 37.46 -54.42 -122.96
N GLU G 445 38.38 -55.33 -122.64
CA GLU G 445 37.95 -56.64 -122.17
C GLU G 445 37.26 -56.55 -120.81
N MET G 446 37.76 -55.68 -119.92
CA MET G 446 37.12 -55.50 -118.63
C MET G 446 35.70 -54.98 -118.79
N PHE G 447 35.53 -53.98 -119.66
CA PHE G 447 34.22 -53.38 -119.87
C PHE G 447 33.26 -54.39 -120.48
N ASN G 448 33.76 -55.20 -121.43
CA ASN G 448 32.92 -56.21 -122.05
C ASN G 448 32.46 -57.23 -121.03
N GLU G 449 33.36 -57.67 -120.14
CA GLU G 449 32.97 -58.63 -119.11
C GLU G 449 31.93 -58.04 -118.18
N SER G 450 32.12 -56.77 -117.76
CA SER G 450 31.13 -56.14 -116.88
C SER G 450 29.77 -56.05 -117.56
N ARG G 451 29.75 -55.63 -118.82
CA ARG G 451 28.50 -55.49 -119.55
C ARG G 451 27.81 -56.84 -119.68
N GLU G 452 28.58 -57.89 -119.97
CA GLU G 452 27.98 -59.21 -120.12
C GLU G 452 27.41 -59.71 -118.80
N SER G 453 28.11 -59.45 -117.68
CA SER G 453 27.58 -59.88 -116.39
C SER G 453 26.28 -59.14 -116.06
N VAL G 454 26.22 -57.84 -116.33
CA VAL G 454 24.99 -57.11 -116.06
C VAL G 454 23.85 -57.61 -116.92
N LYS G 455 24.12 -57.88 -118.20
CA LYS G 455 23.08 -58.46 -119.06
C LYS G 455 22.63 -59.82 -118.53
N SER G 456 23.58 -60.62 -118.03
CA SER G 456 23.21 -61.93 -117.50
C SER G 456 22.27 -61.80 -116.32
N ILE G 457 22.53 -60.84 -115.42
CA ILE G 457 21.64 -60.70 -114.27
C ILE G 457 20.28 -60.16 -114.70
N ILE G 458 20.26 -59.28 -115.71
CA ILE G 458 18.98 -58.79 -116.21
C ILE G 458 18.17 -59.94 -116.79
N ASP G 459 18.82 -60.79 -117.59
CA ASP G 459 18.10 -61.91 -118.19
C ASP G 459 17.62 -62.88 -117.12
N GLU G 460 18.42 -63.12 -116.08
CA GLU G 460 17.97 -63.99 -115.00
C GLU G 460 16.74 -63.41 -114.31
N TYR G 461 16.74 -62.11 -113.98
CA TYR G 461 15.61 -61.46 -113.28
C TYR G 461 14.37 -61.46 -114.19
N LYS G 462 14.57 -61.38 -115.52
CA LYS G 462 13.45 -61.39 -116.51
C LYS G 462 12.89 -62.83 -116.62
N ALA G 463 13.75 -63.86 -116.60
CA ALA G 463 13.30 -65.24 -116.64
C ALA G 463 12.62 -65.66 -115.35
N CYS G 464 12.93 -65.00 -114.24
CA CYS G 464 12.21 -65.29 -113.01
C CYS G 464 10.74 -64.93 -113.12
N LYS G 465 10.40 -63.89 -113.90
CA LYS G 465 9.02 -63.43 -113.97
C LYS G 465 8.11 -64.46 -114.62
N GLU G 466 8.58 -65.11 -115.69
CA GLU G 466 7.73 -66.00 -116.45
C GLU G 466 7.46 -67.30 -115.69
N ILE G 467 6.50 -68.07 -116.20
CA ILE G 467 6.08 -69.29 -115.51
C ILE G 467 6.91 -70.51 -115.87
N THR G 468 7.67 -70.48 -116.96
CA THR G 468 8.48 -71.60 -117.39
C THR G 468 9.89 -71.57 -116.79
N TYR G 469 10.06 -70.90 -115.65
CA TYR G 469 11.38 -70.75 -115.07
C TYR G 469 11.98 -72.09 -114.67
N LEU G 470 11.17 -72.97 -114.10
CA LEU G 470 11.64 -74.27 -113.64
C LEU G 470 11.63 -75.34 -114.72
N ASP G 471 11.12 -75.03 -115.90
CA ASP G 471 11.03 -76.01 -116.97
C ASP G 471 12.34 -76.10 -117.73
N ASP G 472 12.66 -77.29 -118.19
CA ASP G 472 13.88 -77.54 -118.95
C ASP G 472 13.68 -77.42 -120.45
N ASP G 473 12.49 -77.04 -120.90
CA ASP G 473 12.20 -76.92 -122.32
C ASP G 473 13.09 -75.86 -122.95
N GLY H 3 70.25 -65.44 -56.82
CA GLY H 3 71.44 -64.92 -57.54
C GLY H 3 71.41 -63.41 -57.70
N GLU H 4 72.52 -62.86 -58.18
CA GLU H 4 72.67 -61.42 -58.37
C GLU H 4 73.09 -61.15 -59.81
N THR H 5 72.72 -59.98 -60.31
CA THR H 5 73.00 -59.58 -61.68
C THR H 5 73.78 -58.27 -61.68
N ILE H 6 74.87 -58.24 -62.44
CA ILE H 6 75.70 -57.05 -62.58
C ILE H 6 75.50 -56.49 -63.98
N THR H 7 75.21 -55.19 -64.07
CA THR H 7 74.95 -54.53 -65.33
C THR H 7 76.16 -53.71 -65.75
N LEU H 8 76.58 -53.87 -67.00
CA LEU H 8 77.69 -53.11 -67.56
C LEU H 8 77.20 -52.35 -68.77
N GLN H 9 77.53 -51.07 -68.85
CA GLN H 9 77.10 -50.20 -69.94
C GLN H 9 78.33 -49.61 -70.61
N VAL H 10 78.46 -49.81 -71.92
CA VAL H 10 79.61 -49.36 -72.68
C VAL H 10 79.12 -48.55 -73.87
N GLY H 11 79.75 -47.40 -74.09
CA GLY H 11 79.43 -46.57 -75.23
C GLY H 11 78.34 -45.55 -74.94
N GLN H 12 78.25 -44.55 -75.81
CA GLN H 12 77.25 -43.51 -75.64
C GLN H 12 75.83 -44.07 -75.73
N CYS H 13 75.58 -44.93 -76.72
CA CYS H 13 74.26 -45.55 -76.84
C CYS H 13 73.96 -46.44 -75.65
N GLY H 14 74.96 -47.20 -75.20
CA GLY H 14 74.75 -48.05 -74.03
C GLY H 14 74.42 -47.25 -72.80
N ASN H 15 75.12 -46.14 -72.57
CA ASN H 15 74.84 -45.28 -71.42
C ASN H 15 73.45 -44.67 -71.53
N GLN H 16 73.07 -44.21 -72.72
CA GLN H 16 71.75 -43.62 -72.90
C GLN H 16 70.66 -44.64 -72.59
N VAL H 17 70.83 -45.87 -73.04
CA VAL H 17 69.84 -46.90 -72.75
C VAL H 17 69.84 -47.24 -71.26
N GLY H 18 71.02 -47.39 -70.66
CA GLY H 18 71.11 -47.82 -69.28
C GLY H 18 70.52 -46.82 -68.32
N LEU H 19 70.66 -45.52 -68.62
CA LEU H 19 70.10 -44.52 -67.73
C LEU H 19 68.59 -44.70 -67.59
N GLN H 20 67.89 -44.86 -68.71
CA GLN H 20 66.45 -45.06 -68.67
C GLN H 20 66.09 -46.43 -68.12
N TYR H 21 66.92 -47.44 -68.38
CA TYR H 21 66.68 -48.76 -67.80
C TYR H 21 66.70 -48.69 -66.28
N TRP H 22 67.68 -48.01 -65.71
CA TRP H 22 67.77 -47.90 -64.26
C TRP H 22 66.69 -47.00 -63.69
N GLN H 23 66.32 -45.94 -64.39
CA GLN H 23 65.20 -45.11 -63.93
C GLN H 23 63.90 -45.90 -63.94
N GLN H 24 63.71 -46.74 -64.96
CA GLN H 24 62.53 -47.60 -65.00
C GLN H 24 62.50 -48.54 -63.80
N LEU H 25 63.61 -49.23 -63.54
CA LEU H 25 63.64 -50.15 -62.41
C LEU H 25 63.40 -49.41 -61.09
N ALA H 26 64.02 -48.24 -60.93
CA ALA H 26 63.84 -47.46 -59.71
C ALA H 26 62.38 -47.06 -59.53
N THR H 27 61.71 -46.69 -60.63
CA THR H 27 60.30 -46.35 -60.54
C THR H 27 59.47 -47.56 -60.13
N GLU H 28 59.74 -48.73 -60.71
CA GLU H 28 58.94 -49.90 -60.37
C GLU H 28 59.12 -50.28 -58.91
N HIS H 29 60.34 -50.21 -58.39
CA HIS H 29 60.61 -50.62 -57.02
C HIS H 29 60.44 -49.48 -56.02
N GLY H 30 59.99 -48.31 -56.45
CA GLY H 30 59.72 -47.23 -55.51
C GLY H 30 60.96 -46.62 -54.91
N ILE H 31 62.12 -46.80 -55.53
CA ILE H 31 63.37 -46.24 -55.03
C ILE H 31 63.56 -44.88 -55.70
N GLN H 32 63.63 -43.83 -54.88
CA GLN H 32 63.75 -42.49 -55.41
C GLN H 32 65.16 -42.27 -55.97
N SER H 33 65.32 -41.17 -56.71
CA SER H 33 66.58 -40.89 -57.37
C SER H 33 67.73 -40.68 -56.38
N ASP H 34 67.43 -40.35 -55.14
CA ASP H 34 68.46 -40.13 -54.13
C ASP H 34 68.83 -41.40 -53.37
N GLY H 35 68.24 -42.54 -53.74
CA GLY H 35 68.52 -43.79 -53.08
C GLY H 35 67.62 -44.11 -51.91
N SER H 36 66.76 -43.18 -51.50
CA SER H 36 65.86 -43.44 -50.39
C SER H 36 64.74 -44.38 -50.83
N SER H 37 64.37 -45.29 -49.94
CA SER H 37 63.34 -46.27 -50.23
C SER H 37 61.97 -45.76 -49.79
N THR H 38 60.93 -46.26 -50.44
CA THR H 38 59.56 -45.89 -50.12
C THR H 38 58.86 -47.02 -49.37
N PRO H 39 58.05 -46.72 -48.35
CA PRO H 39 57.35 -47.80 -47.65
C PRO H 39 56.48 -48.61 -48.60
N TYR H 40 56.44 -49.92 -48.37
CA TYR H 40 55.76 -50.83 -49.28
C TYR H 40 54.25 -50.73 -49.08
N PRO H 41 53.47 -50.49 -50.13
CA PRO H 41 52.02 -50.48 -49.98
C PRO H 41 51.48 -51.86 -49.66
N LYS H 42 50.34 -51.88 -48.97
CA LYS H 42 49.74 -53.16 -48.58
C LYS H 42 49.35 -53.96 -49.82
N ASP H 43 49.41 -55.27 -49.70
CA ASP H 43 49.16 -56.15 -50.83
C ASP H 43 47.69 -56.08 -51.24
N ILE H 44 47.43 -56.31 -52.52
CA ILE H 44 46.10 -56.16 -53.08
C ILE H 44 45.29 -57.44 -52.95
N ASN H 45 45.91 -58.60 -53.19
CA ASN H 45 45.22 -59.87 -53.11
C ASN H 45 45.28 -60.48 -51.71
N ASP H 46 45.90 -59.79 -50.75
CA ASP H 46 45.91 -60.23 -49.35
C ASP H 46 44.69 -59.64 -48.63
N LEU H 47 43.53 -60.23 -48.91
CA LEU H 47 42.29 -59.71 -48.39
C LEU H 47 42.28 -59.73 -46.86
N GLN H 48 41.47 -58.85 -46.27
CA GLN H 48 41.42 -58.71 -44.82
C GLN H 48 40.00 -58.44 -44.36
N LEU H 49 39.75 -58.77 -43.09
CA LEU H 49 38.48 -58.51 -42.45
C LEU H 49 38.23 -57.01 -42.35
N GLN H 50 36.97 -56.60 -42.56
CA GLN H 50 36.60 -55.19 -42.53
C GLN H 50 35.18 -55.02 -42.00
N GLU H 51 34.97 -53.91 -41.30
CA GLU H 51 33.61 -53.48 -40.95
C GLU H 51 32.95 -52.82 -42.16
N LEU H 52 31.63 -52.98 -42.28
CA LEU H 52 30.89 -52.33 -43.35
C LEU H 52 29.41 -52.19 -42.99
N GLY H 70 57.80 -51.67 -41.26
CA GLY H 70 58.00 -50.77 -42.37
C GLY H 70 58.95 -51.32 -43.42
N LYS H 71 59.89 -52.14 -42.97
CA LYS H 71 60.86 -52.75 -43.86
C LYS H 71 60.32 -54.01 -44.55
N TYR H 72 59.10 -54.43 -44.23
CA TYR H 72 58.56 -55.66 -44.76
C TYR H 72 58.27 -55.51 -46.26
N ARG H 73 58.69 -56.51 -47.03
CA ARG H 73 58.51 -56.50 -48.48
C ARG H 73 58.25 -57.91 -48.96
N ASN H 74 57.67 -58.03 -50.14
CA ASN H 74 57.45 -59.32 -50.78
C ASN H 74 57.98 -59.33 -52.21
N ASP H 75 58.87 -58.41 -52.56
CA ASP H 75 59.58 -58.40 -53.83
C ASP H 75 61.06 -58.56 -53.56
N HIS H 76 61.85 -58.54 -54.64
CA HIS H 76 63.30 -58.76 -54.57
C HIS H 76 64.03 -57.66 -55.32
N PRO H 77 64.03 -56.44 -54.79
CA PRO H 77 64.75 -55.35 -55.48
C PRO H 77 66.25 -55.46 -55.30
N GLU H 78 66.69 -56.08 -54.20
CA GLU H 78 68.11 -56.17 -53.92
C GLU H 78 68.84 -57.09 -54.87
N LEU H 79 68.12 -57.83 -55.72
CA LEU H 79 68.76 -58.62 -56.76
C LEU H 79 69.54 -57.76 -57.73
N PHE H 80 69.21 -56.46 -57.82
CA PHE H 80 69.89 -55.52 -58.69
C PHE H 80 70.56 -54.38 -57.95
N PHE H 81 69.94 -53.89 -56.88
CA PHE H 81 70.47 -52.77 -56.11
C PHE H 81 71.14 -53.29 -54.85
N THR H 82 72.27 -52.67 -54.49
CA THR H 82 72.98 -53.02 -53.27
C THR H 82 72.36 -52.24 -52.11
N LEU H 83 71.81 -52.94 -51.14
CA LEU H 83 71.14 -52.32 -50.00
C LEU H 83 72.20 -52.01 -48.94
N SER H 84 72.47 -50.73 -48.73
CA SER H 84 73.46 -50.31 -47.76
C SER H 84 72.91 -50.41 -46.34
N ASP H 85 73.81 -50.29 -45.37
CA ASP H 85 73.41 -50.37 -43.96
C ASP H 85 72.52 -49.21 -43.56
N SER H 86 72.49 -48.12 -44.33
CA SER H 86 71.70 -46.94 -44.00
C SER H 86 70.39 -46.89 -44.78
N ASN H 87 69.90 -48.05 -45.25
CA ASN H 87 68.64 -48.11 -45.99
C ASN H 87 68.69 -47.24 -47.24
N THR H 88 69.80 -47.31 -47.97
CA THR H 88 69.96 -46.61 -49.24
C THR H 88 70.33 -47.62 -50.32
N TYR H 89 69.61 -47.59 -51.43
CA TYR H 89 69.87 -48.50 -52.53
C TYR H 89 70.87 -47.89 -53.50
N THR H 90 71.59 -48.75 -54.22
CA THR H 90 72.57 -48.30 -55.18
C THR H 90 72.65 -49.36 -56.27
N PRO H 91 72.54 -48.98 -57.54
CA PRO H 91 72.57 -50.00 -58.61
C PRO H 91 73.90 -50.71 -58.69
N ARG H 92 73.86 -51.95 -59.17
CA ARG H 92 75.06 -52.74 -59.45
C ARG H 92 75.55 -52.49 -60.86
N SER H 93 75.79 -51.22 -61.21
CA SER H 93 76.12 -50.82 -62.57
C SER H 93 77.57 -50.39 -62.66
N ILE H 94 78.15 -50.56 -63.85
CA ILE H 94 79.49 -50.08 -64.15
C ILE H 94 79.43 -49.34 -65.47
N LEU H 95 79.86 -48.07 -65.47
CA LEU H 95 79.79 -47.22 -66.64
C LEU H 95 81.18 -47.08 -67.24
N ILE H 96 81.34 -47.49 -68.50
CA ILE H 96 82.61 -47.47 -69.20
C ILE H 96 82.43 -46.72 -70.50
N ASP H 97 83.22 -45.66 -70.70
CA ASP H 97 83.22 -44.89 -71.94
C ASP H 97 84.37 -43.91 -71.86
N MET H 98 84.47 -43.03 -72.85
CA MET H 98 85.51 -42.00 -72.92
C MET H 98 84.96 -40.59 -72.87
N GLU H 99 83.86 -40.32 -73.56
CA GLU H 99 83.24 -38.99 -73.52
C GLU H 99 82.55 -38.78 -72.17
N PRO H 100 82.88 -37.73 -71.42
CA PRO H 100 82.28 -37.55 -70.09
C PRO H 100 80.92 -36.86 -70.09
N SER H 101 80.46 -36.30 -71.21
CA SER H 101 79.19 -35.58 -71.20
C SER H 101 78.02 -36.50 -70.90
N VAL H 102 78.00 -37.69 -71.53
CA VAL H 102 76.89 -38.62 -71.31
C VAL H 102 76.91 -39.12 -69.87
N ILE H 103 78.09 -39.38 -69.33
CA ILE H 103 78.18 -39.85 -67.95
C ILE H 103 77.73 -38.75 -66.99
N ALA H 104 78.11 -37.50 -67.28
CA ALA H 104 77.66 -36.39 -66.45
C ALA H 104 76.14 -36.29 -66.45
N LYS H 105 75.53 -36.42 -67.64
CA LYS H 105 74.07 -36.36 -67.70
C LYS H 105 73.44 -37.50 -66.94
N SER H 106 74.00 -38.71 -67.08
CA SER H 106 73.44 -39.88 -66.39
C SER H 106 73.54 -39.72 -64.88
N THR H 107 74.70 -39.28 -64.40
CA THR H 107 74.87 -39.12 -62.96
C THR H 107 73.97 -38.01 -62.42
N SER H 108 73.84 -36.90 -63.15
CA SER H 108 72.96 -35.83 -62.70
C SER H 108 71.52 -36.32 -62.63
N ALA H 109 71.07 -37.07 -63.63
CA ALA H 109 69.71 -37.59 -63.61
C ALA H 109 69.50 -38.54 -62.43
N LEU H 110 70.49 -39.39 -62.15
CA LEU H 110 70.41 -40.38 -61.08
C LEU H 110 71.61 -40.21 -60.16
N PRO H 111 71.50 -39.38 -59.12
CA PRO H 111 72.62 -39.26 -58.18
C PRO H 111 72.94 -40.56 -57.45
N MET H 112 72.02 -41.52 -57.44
CA MET H 112 72.25 -42.77 -56.72
C MET H 112 73.43 -43.56 -57.30
N PHE H 113 73.82 -43.29 -58.54
CA PHE H 113 74.95 -44.01 -59.12
C PHE H 113 76.21 -43.75 -58.30
N ASN H 114 76.97 -44.80 -58.06
CA ASN H 114 78.19 -44.68 -57.27
C ASN H 114 79.27 -44.02 -58.11
N PRO H 115 79.84 -42.89 -57.68
CA PRO H 115 80.90 -42.26 -58.49
C PRO H 115 82.10 -43.16 -58.69
N ARG H 116 82.43 -44.00 -57.69
CA ARG H 116 83.56 -44.97 -57.77
C ARG H 116 83.40 -45.89 -58.97
N ASN H 117 82.16 -46.20 -59.39
CA ASN H 117 81.89 -47.18 -60.43
C ASN H 117 82.08 -46.62 -61.84
N VAL H 118 82.32 -45.32 -61.97
CA VAL H 118 82.47 -44.68 -63.27
C VAL H 118 83.92 -44.75 -63.70
N HIS H 119 84.15 -45.17 -64.94
CA HIS H 119 85.47 -45.17 -65.55
C HIS H 119 85.45 -44.28 -66.78
N LEU H 120 86.43 -43.37 -66.86
CA LEU H 120 86.52 -42.42 -67.97
C LEU H 120 87.94 -42.46 -68.54
N SER H 121 88.03 -42.43 -69.86
CA SER H 121 89.32 -42.39 -70.53
C SER H 121 89.83 -40.96 -70.61
N ASN H 129 87.14 -44.06 -83.01
CA ASN H 129 86.29 -44.48 -84.11
C ASN H 129 86.71 -45.85 -84.62
N ASN H 130 88.03 -46.03 -84.76
CA ASN H 130 88.55 -47.31 -85.21
C ASN H 130 88.38 -48.37 -84.12
N TRP H 131 87.90 -49.54 -84.53
CA TRP H 131 87.70 -50.63 -83.58
C TRP H 131 89.04 -51.07 -82.99
N ILE H 132 90.07 -51.15 -83.83
CA ILE H 132 91.37 -51.62 -83.36
C ILE H 132 91.91 -50.71 -82.26
N ASN H 133 91.75 -49.40 -82.43
CA ASN H 133 92.28 -48.47 -81.43
C ASN H 133 91.59 -48.66 -80.09
N GLY H 134 90.26 -48.81 -80.10
CA GLY H 134 89.54 -49.05 -78.85
C GLY H 134 89.91 -50.39 -78.22
N TYR H 135 90.09 -51.42 -79.04
CA TYR H 135 90.47 -52.73 -78.53
C TYR H 135 91.85 -52.67 -77.88
N LYS H 136 92.80 -51.98 -78.52
CA LYS H 136 94.13 -51.85 -77.95
C LYS H 136 94.12 -51.02 -76.67
N TYR H 137 93.30 -49.97 -76.65
CA TYR H 137 93.16 -49.18 -75.42
C TYR H 137 92.60 -50.03 -74.29
N GLY H 138 91.60 -50.86 -74.58
CA GLY H 138 91.08 -51.76 -73.56
C GLY H 138 92.12 -52.76 -73.08
N THR H 139 92.96 -53.24 -74.01
CA THR H 139 94.02 -54.17 -73.61
C THR H 139 95.04 -53.49 -72.71
N GLU H 140 95.46 -52.27 -73.05
CA GLU H 140 96.50 -51.61 -72.27
C GLU H 140 96.02 -51.30 -70.86
N GLU H 141 94.77 -50.83 -70.73
CA GLU H 141 94.20 -50.44 -69.45
C GLU H 141 93.29 -51.52 -68.87
N GLU H 142 93.59 -52.79 -69.15
CA GLU H 142 92.70 -53.86 -68.71
C GLU H 142 92.75 -54.07 -67.21
N GLU H 143 93.88 -53.76 -66.57
CA GLU H 143 94.01 -54.02 -65.14
C GLU H 143 93.04 -53.17 -64.33
N THR H 144 92.87 -51.90 -64.68
CA THR H 144 91.97 -51.04 -63.93
C THR H 144 90.53 -51.49 -64.07
N LEU H 145 90.11 -51.78 -65.30
CA LEU H 145 88.74 -52.25 -65.51
C LEU H 145 88.50 -53.55 -64.78
N LEU H 146 89.50 -54.45 -64.80
CA LEU H 146 89.38 -55.72 -64.11
C LEU H 146 89.27 -55.52 -62.59
N ASN H 147 90.02 -54.57 -62.05
CA ASN H 147 89.89 -54.27 -60.63
C ASN H 147 88.48 -53.79 -60.32
N LEU H 148 87.91 -52.97 -61.20
CA LEU H 148 86.54 -52.50 -60.98
C LEU H 148 85.54 -53.66 -61.01
N ILE H 149 85.69 -54.57 -61.97
CA ILE H 149 84.78 -55.72 -62.04
C ILE H 149 84.90 -56.55 -60.77
N ASP H 150 86.13 -56.79 -60.31
CA ASP H 150 86.31 -57.57 -59.08
C ASP H 150 85.71 -56.86 -57.88
N ARG H 151 85.85 -55.53 -57.82
CA ARG H 151 85.23 -54.80 -56.71
C ARG H 151 83.72 -54.97 -56.70
N GLU H 152 83.10 -54.87 -57.88
CA GLU H 152 81.65 -55.05 -57.93
C GLU H 152 81.26 -56.49 -57.56
N VAL H 153 82.03 -57.47 -58.01
CA VAL H 153 81.68 -58.85 -57.70
C VAL H 153 81.82 -59.12 -56.21
N ASP H 154 82.81 -58.52 -55.56
CA ASP H 154 83.02 -58.79 -54.14
C ASP H 154 81.82 -58.39 -53.30
N LYS H 155 81.03 -57.43 -53.76
CA LYS H 155 79.81 -57.05 -53.05
C LYS H 155 78.65 -58.01 -53.31
N CYS H 156 78.84 -58.98 -54.21
CA CYS H 156 77.78 -59.91 -54.58
C CYS H 156 78.09 -61.28 -54.02
N ASP H 157 77.10 -61.90 -53.38
CA ASP H 157 77.18 -63.26 -52.90
C ASP H 157 76.34 -64.15 -53.80
N ASN H 158 76.94 -65.25 -54.26
CA ASN H 158 76.27 -66.17 -55.18
C ASN H 158 75.84 -65.43 -56.46
N LEU H 159 76.85 -64.93 -57.17
CA LEU H 159 76.59 -64.22 -58.41
C LEU H 159 75.95 -65.15 -59.44
N SER H 160 75.10 -64.59 -60.30
CA SER H 160 74.37 -65.37 -61.29
C SER H 160 74.80 -65.07 -62.71
N ASN H 161 74.76 -63.81 -63.14
CA ASN H 161 75.05 -63.49 -64.53
C ASN H 161 75.44 -62.03 -64.65
N PHE H 162 75.98 -61.68 -65.81
CA PHE H 162 76.33 -60.31 -66.18
C PHE H 162 75.41 -59.84 -67.29
N GLN H 163 75.07 -58.55 -67.26
CA GLN H 163 74.28 -57.93 -68.31
C GLN H 163 75.10 -56.83 -68.96
N LEU H 164 75.14 -56.84 -70.29
CA LEU H 164 75.93 -55.89 -71.07
C LEU H 164 75.01 -55.05 -71.94
N PHE H 165 75.17 -53.74 -71.88
CA PHE H 165 74.44 -52.80 -72.73
C PHE H 165 75.47 -52.08 -73.59
N HIS H 166 75.52 -52.42 -74.88
CA HIS H 166 76.50 -51.82 -75.76
C HIS H 166 75.98 -51.88 -77.19
N SER H 167 76.56 -51.06 -78.04
CA SER H 167 76.22 -51.00 -79.46
C SER H 167 77.28 -51.74 -80.26
N VAL H 168 76.81 -52.58 -81.19
CA VAL H 168 77.74 -53.39 -81.98
C VAL H 168 78.66 -52.50 -82.79
N ALA H 169 78.11 -51.45 -83.39
CA ALA H 169 78.88 -50.48 -84.15
C ALA H 169 78.66 -49.09 -83.55
N GLY H 170 79.68 -48.24 -83.67
CA GLY H 170 79.60 -46.90 -83.13
C GLY H 170 80.89 -46.36 -82.57
N GLY H 171 81.90 -47.23 -82.43
CA GLY H 171 83.20 -46.77 -81.97
C GLY H 171 83.60 -47.28 -80.60
N THR H 172 83.57 -46.41 -79.60
CA THR H 172 84.03 -46.79 -78.26
C THR H 172 83.32 -48.05 -77.78
N GLY H 173 82.01 -48.13 -78.01
CA GLY H 173 81.27 -49.25 -77.50
C GLY H 173 81.74 -50.58 -78.07
N SER H 174 82.00 -50.62 -79.38
CA SER H 174 82.39 -51.88 -80.01
C SER H 174 83.66 -52.42 -79.40
N GLY H 175 84.76 -51.67 -79.49
CA GLY H 175 86.03 -52.17 -79.03
C GLY H 175 86.06 -52.40 -77.53
N VAL H 176 85.55 -51.44 -76.76
CA VAL H 176 85.65 -51.57 -75.32
C VAL H 176 84.77 -52.72 -74.83
N GLY H 177 83.56 -52.84 -75.37
CA GLY H 177 82.69 -53.94 -74.99
C GLY H 177 83.24 -55.29 -75.41
N SER H 178 83.87 -55.38 -76.58
CA SER H 178 84.47 -56.64 -76.99
C SER H 178 85.60 -57.04 -76.06
N LYS H 179 86.46 -56.09 -75.70
CA LYS H 179 87.56 -56.42 -74.80
C LYS H 179 87.05 -56.81 -73.42
N MET H 180 86.05 -56.07 -72.91
CA MET H 180 85.45 -56.44 -71.63
C MET H 180 84.79 -57.81 -71.71
N LEU H 181 84.16 -58.13 -72.85
CA LEU H 181 83.57 -59.45 -73.04
C LEU H 181 84.62 -60.53 -72.87
N GLU H 182 85.74 -60.40 -73.58
CA GLU H 182 86.79 -61.41 -73.46
C GLU H 182 87.34 -61.48 -72.04
N VAL H 183 87.57 -60.31 -71.43
CA VAL H 183 88.17 -60.29 -70.11
C VAL H 183 87.26 -60.98 -69.09
N ILE H 184 85.97 -60.66 -69.12
CA ILE H 184 85.05 -61.26 -68.16
C ILE H 184 84.88 -62.75 -68.46
N SER H 185 84.88 -63.13 -69.74
CA SER H 185 84.68 -64.53 -70.08
C SER H 185 85.83 -65.39 -69.56
N ASP H 186 87.06 -64.89 -69.65
CA ASP H 186 88.21 -65.72 -69.30
C ASP H 186 88.71 -65.50 -67.87
N ARG H 187 88.29 -64.42 -67.19
CA ARG H 187 88.76 -64.18 -65.83
C ARG H 187 88.00 -65.01 -64.80
N TYR H 188 86.78 -65.44 -65.10
CA TYR H 188 85.96 -66.20 -64.16
C TYR H 188 85.73 -67.63 -64.62
N GLY H 189 86.42 -68.09 -65.68
CA GLY H 189 86.30 -69.47 -66.19
C GLY H 189 84.94 -69.77 -66.81
N HIS H 190 84.19 -68.78 -67.27
CA HIS H 190 82.88 -68.98 -67.95
C HIS H 190 81.88 -69.68 -67.02
N LYS H 191 82.07 -69.60 -65.69
CA LYS H 191 81.23 -70.35 -64.72
C LYS H 191 79.88 -69.63 -64.51
N LYS H 192 79.72 -68.38 -64.98
CA LYS H 192 78.47 -67.64 -64.94
C LYS H 192 78.08 -67.21 -66.33
N LEU H 193 76.81 -67.40 -66.68
CA LEU H 193 76.35 -67.01 -68.00
C LEU H 193 76.42 -65.49 -68.15
N LEU H 194 76.51 -65.04 -69.40
CA LEU H 194 76.74 -63.64 -69.71
C LEU H 194 75.82 -63.24 -70.86
N ASN H 195 74.80 -62.43 -70.55
CA ASN H 195 73.86 -61.96 -71.56
C ASN H 195 74.49 -60.83 -72.37
N THR H 196 73.72 -60.29 -73.30
CA THR H 196 74.20 -59.18 -74.13
C THR H 196 73.01 -58.50 -74.78
N PHE H 197 72.75 -57.26 -74.39
CA PHE H 197 71.68 -56.46 -74.98
C PHE H 197 72.22 -55.58 -76.11
N SER H 198 72.78 -56.24 -77.12
CA SER H 198 73.42 -55.55 -78.22
C SER H 198 72.40 -54.77 -79.05
N ILE H 199 72.82 -53.62 -79.55
CA ILE H 199 72.02 -52.78 -80.44
C ILE H 199 72.73 -52.73 -81.77
N PHE H 200 72.07 -53.18 -82.81
CA PHE H 200 72.72 -53.19 -84.11
C PHE H 200 72.56 -51.84 -84.81
N PRO H 201 73.52 -51.45 -85.65
CA PRO H 201 73.40 -50.18 -86.35
C PRO H 201 72.29 -50.22 -87.40
N SER H 202 71.76 -49.03 -87.70
CA SER H 202 70.71 -48.89 -88.69
C SER H 202 71.29 -49.00 -90.11
N VAL H 209 78.66 -45.28 -92.66
CA VAL H 209 80.04 -44.82 -92.73
C VAL H 209 80.93 -46.02 -93.06
N VAL H 210 82.07 -45.76 -93.71
CA VAL H 210 82.90 -46.84 -94.24
C VAL H 210 83.36 -47.79 -93.14
N VAL H 211 83.51 -47.31 -91.92
CA VAL H 211 84.05 -48.12 -90.84
C VAL H 211 83.00 -48.96 -90.13
N GLN H 212 81.72 -48.64 -90.29
CA GLN H 212 80.70 -49.32 -89.50
C GLN H 212 80.60 -50.82 -89.79
N PRO H 213 80.59 -51.28 -91.05
CA PRO H 213 80.49 -52.74 -91.27
C PRO H 213 81.64 -53.52 -90.67
N TYR H 214 82.86 -52.96 -90.74
CA TYR H 214 84.01 -53.62 -90.13
C TYR H 214 83.78 -53.80 -88.64
N ASN H 215 83.32 -52.74 -87.98
CA ASN H 215 83.07 -52.80 -86.54
C ASN H 215 81.99 -53.83 -86.22
N THR H 216 80.92 -53.85 -87.02
CA THR H 216 79.84 -54.79 -86.76
C THR H 216 80.32 -56.23 -86.84
N ILE H 217 81.08 -56.57 -87.88
CA ILE H 217 81.54 -57.94 -88.03
C ILE H 217 82.55 -58.28 -86.93
N LEU H 218 83.44 -57.34 -86.63
CA LEU H 218 84.49 -57.62 -85.65
C LEU H 218 83.89 -57.87 -84.28
N THR H 219 82.88 -57.08 -83.90
CA THR H 219 82.23 -57.29 -82.61
C THR H 219 81.38 -58.56 -82.62
N LEU H 220 80.71 -58.84 -83.74
CA LEU H 220 79.87 -60.04 -83.79
C LEU H 220 80.72 -61.30 -83.65
N LYS H 221 81.98 -61.25 -84.06
CA LYS H 221 82.85 -62.41 -83.88
C LYS H 221 82.99 -62.76 -82.40
N ARG H 222 83.27 -61.76 -81.56
CA ARG H 222 83.37 -62.01 -80.13
C ARG H 222 82.00 -62.29 -79.50
N LEU H 223 80.92 -61.74 -80.06
CA LEU H 223 79.60 -62.11 -79.57
C LEU H 223 79.37 -63.61 -79.77
N ILE H 224 79.76 -64.14 -80.92
CA ILE H 224 79.65 -65.58 -81.15
C ILE H 224 80.54 -66.34 -80.16
N ASP H 225 81.77 -65.88 -79.97
CA ASP H 225 82.71 -66.67 -79.18
C ASP H 225 82.32 -66.70 -77.70
N TYR H 226 81.97 -65.57 -77.11
CA TYR H 226 81.87 -65.44 -75.66
C TYR H 226 80.45 -65.34 -75.13
N SER H 227 79.60 -64.53 -75.75
CA SER H 227 78.27 -64.28 -75.19
C SER H 227 77.47 -65.57 -75.11
N ASP H 228 76.64 -65.66 -74.07
CA ASP H 228 75.79 -66.83 -73.85
C ASP H 228 74.39 -66.68 -74.41
N ALA H 229 73.88 -65.44 -74.50
CA ALA H 229 72.55 -65.20 -75.05
C ALA H 229 72.47 -63.75 -75.46
N THR H 230 72.20 -63.49 -76.73
CA THR H 230 72.25 -62.15 -77.29
C THR H 230 70.84 -61.70 -77.69
N PHE H 231 70.45 -60.52 -77.23
CA PHE H 231 69.18 -59.91 -77.61
C PHE H 231 69.47 -58.93 -78.73
N VAL H 232 69.11 -59.30 -79.95
CA VAL H 232 69.38 -58.48 -81.12
C VAL H 232 68.32 -57.39 -81.23
N PHE H 233 68.77 -56.14 -81.25
CA PHE H 233 67.89 -54.99 -81.46
C PHE H 233 68.38 -54.23 -82.68
N HIS H 234 67.47 -53.98 -83.62
CA HIS H 234 67.79 -53.29 -84.86
C HIS H 234 67.18 -51.89 -84.84
N ASN H 235 68.01 -50.88 -85.07
CA ASN H 235 67.55 -49.50 -84.93
C ASN H 235 66.48 -49.17 -85.97
N ASP H 236 66.60 -49.70 -87.18
CA ASP H 236 65.60 -49.41 -88.21
C ASP H 236 64.23 -49.95 -87.81
N SER H 237 64.17 -51.18 -87.31
CA SER H 237 62.90 -51.73 -86.86
C SER H 237 62.39 -50.98 -85.63
N LEU H 238 63.30 -50.51 -84.77
CA LEU H 238 62.87 -49.71 -83.64
C LEU H 238 62.24 -48.40 -84.09
N ASN H 239 62.80 -47.78 -85.13
CA ASN H 239 62.18 -46.59 -85.69
C ASN H 239 60.84 -46.91 -86.33
N ARG H 240 60.72 -48.08 -86.96
CA ARG H 240 59.44 -48.48 -87.53
C ARG H 240 58.38 -48.60 -86.45
N ILE H 241 58.73 -49.18 -85.29
CA ILE H 241 57.76 -49.27 -84.20
C ILE H 241 57.46 -47.89 -83.63
N GLU H 242 58.49 -47.05 -83.51
CA GLU H 242 58.30 -45.78 -82.80
C GLU H 242 57.30 -44.88 -83.52
N ASN H 243 57.41 -44.78 -84.84
CA ASN H 243 56.58 -43.83 -85.58
C ASN H 243 55.09 -44.16 -85.48
N ILE H 244 54.75 -45.38 -85.10
CA ILE H 244 53.35 -45.77 -84.96
C ILE H 244 52.75 -45.07 -83.75
N GLY H 262 62.19 -42.07 -76.78
CA GLY H 262 62.60 -42.31 -78.16
C GLY H 262 62.89 -43.77 -78.45
N ALA H 263 63.87 -44.01 -79.32
CA ALA H 263 64.22 -45.39 -79.66
C ALA H 263 64.85 -46.12 -78.49
N ASN H 264 65.52 -45.40 -77.59
CA ASN H 264 66.15 -46.04 -76.45
C ASN H 264 65.13 -46.43 -75.39
N LYS H 265 64.01 -45.73 -75.33
CA LYS H 265 62.99 -46.05 -74.33
C LYS H 265 62.43 -47.44 -74.57
N LEU H 266 62.23 -47.82 -75.83
CA LEU H 266 61.71 -49.16 -76.12
C LEU H 266 62.70 -50.24 -75.67
N ILE H 267 63.99 -50.02 -75.93
CA ILE H 267 65.01 -50.97 -75.50
C ILE H 267 65.01 -51.08 -73.99
N ALA H 268 64.92 -49.94 -73.30
CA ALA H 268 64.89 -49.96 -71.84
C ALA H 268 63.67 -50.72 -71.34
N LEU H 269 62.52 -50.50 -71.95
CA LEU H 269 61.30 -51.19 -71.52
C LEU H 269 61.43 -52.69 -71.71
N VAL H 270 61.95 -53.13 -72.86
CA VAL H 270 62.08 -54.56 -73.10
C VAL H 270 63.06 -55.18 -72.11
N SER H 271 64.21 -54.52 -71.91
CA SER H 271 65.23 -55.07 -71.02
C SER H 271 64.73 -55.13 -69.58
N ALA H 272 64.00 -54.09 -69.13
CA ALA H 272 63.49 -54.08 -67.77
C ALA H 272 62.26 -54.95 -67.59
N SER H 273 61.61 -55.38 -68.67
CA SER H 273 60.50 -56.31 -68.56
C SER H 273 60.93 -57.76 -68.72
N VAL H 274 62.10 -58.02 -69.28
CA VAL H 274 62.59 -59.40 -69.38
C VAL H 274 62.75 -59.99 -67.98
N SER H 275 63.32 -59.22 -67.06
CA SER H 275 63.65 -59.70 -65.73
C SER H 275 62.52 -59.49 -64.73
N ASN H 276 61.27 -59.35 -65.21
CA ASN H 276 60.17 -59.17 -64.28
C ASN H 276 59.99 -60.37 -63.34
N PRO H 277 60.04 -61.62 -63.81
CA PRO H 277 59.89 -62.73 -62.86
C PRO H 277 60.98 -62.77 -61.80
N LEU H 278 62.18 -62.26 -62.12
CA LEU H 278 63.26 -62.29 -61.13
C LEU H 278 62.98 -61.31 -59.99
N ARG H 279 62.51 -60.11 -60.32
CA ARG H 279 62.29 -59.09 -59.30
C ARG H 279 60.96 -59.27 -58.57
N PHE H 280 60.00 -59.97 -59.16
CA PHE H 280 58.73 -60.29 -58.52
C PHE H 280 58.52 -61.80 -58.64
N PRO H 281 59.12 -62.59 -57.75
CA PRO H 281 59.15 -64.04 -57.97
C PRO H 281 57.76 -64.64 -58.03
N GLY H 282 57.62 -65.66 -58.87
CA GLY H 282 56.37 -66.38 -59.03
C GLY H 282 56.59 -67.88 -59.03
N TYR H 283 55.63 -68.64 -59.53
CA TYR H 283 55.74 -70.09 -59.51
C TYR H 283 56.92 -70.58 -60.35
N MET H 284 57.09 -70.02 -61.54
CA MET H 284 58.06 -70.53 -62.50
C MET H 284 59.22 -69.56 -62.66
N TYR H 285 60.31 -70.09 -63.23
CA TYR H 285 61.49 -69.28 -63.54
C TYR H 285 62.09 -68.65 -62.29
N SER H 286 61.99 -67.33 -62.16
CA SER H 286 62.61 -66.58 -61.07
C SER H 286 64.12 -66.70 -61.08
N SER H 287 64.71 -67.22 -62.15
CA SER H 287 66.16 -67.30 -62.29
C SER H 287 66.52 -67.00 -63.74
N MET H 288 67.56 -66.19 -63.93
CA MET H 288 67.93 -65.77 -65.27
C MET H 288 68.40 -66.94 -66.12
N GLU H 289 69.10 -67.90 -65.51
CA GLU H 289 69.53 -69.09 -66.25
C GLU H 289 68.34 -69.91 -66.71
N SER H 290 67.28 -69.96 -65.92
CA SER H 290 66.11 -70.77 -66.28
C SER H 290 65.37 -70.16 -67.47
N ILE H 291 65.28 -68.84 -67.53
CA ILE H 291 64.60 -68.19 -68.64
C ILE H 291 65.37 -68.41 -69.94
N VAL H 292 66.69 -68.17 -69.90
CA VAL H 292 67.49 -68.30 -71.12
C VAL H 292 67.53 -69.75 -71.57
N SER H 293 67.68 -70.70 -70.63
CA SER H 293 67.81 -72.10 -71.00
C SER H 293 66.57 -72.61 -71.72
N ASN H 294 65.44 -71.94 -71.58
CA ASN H 294 64.20 -72.39 -72.21
C ASN H 294 64.10 -71.97 -73.68
N LEU H 295 65.03 -71.15 -74.17
CA LEU H 295 64.96 -70.64 -75.53
C LEU H 295 66.18 -70.95 -76.37
N ILE H 296 67.22 -71.56 -75.79
CA ILE H 296 68.47 -71.82 -76.47
C ILE H 296 68.68 -73.32 -76.51
N PRO H 297 68.35 -74.00 -77.62
CA PRO H 297 68.47 -75.46 -77.67
C PRO H 297 69.92 -75.92 -77.76
N THR H 298 70.73 -75.20 -78.51
CA THR H 298 72.14 -75.51 -78.66
C THR H 298 72.95 -74.23 -78.52
N PRO H 299 74.24 -74.35 -78.18
CA PRO H 299 75.04 -73.13 -78.01
C PRO H 299 75.06 -72.24 -79.23
N ASP H 300 74.95 -72.81 -80.44
CA ASP H 300 75.03 -72.01 -81.65
C ASP H 300 73.79 -71.15 -81.84
N LEU H 301 72.60 -71.72 -81.60
CA LEU H 301 71.34 -71.01 -81.80
C LEU H 301 71.02 -70.13 -80.60
N LYS H 302 71.94 -69.20 -80.31
CA LYS H 302 71.86 -68.40 -79.09
C LYS H 302 71.28 -67.01 -79.31
N PHE H 303 71.06 -66.59 -80.54
CA PHE H 303 70.63 -65.21 -80.81
C PHE H 303 69.12 -65.12 -80.67
N LEU H 304 68.66 -64.36 -79.68
CA LEU H 304 67.24 -64.15 -79.45
C LEU H 304 66.80 -62.80 -80.00
N THR H 305 65.51 -62.69 -80.26
CA THR H 305 64.89 -61.43 -80.66
C THR H 305 63.62 -61.23 -79.86
N SER H 306 63.23 -59.96 -79.70
CA SER H 306 62.14 -59.59 -78.81
C SER H 306 61.06 -58.84 -79.57
N SER H 307 59.81 -59.10 -79.17
CA SER H 307 58.66 -58.38 -79.68
C SER H 307 58.02 -57.59 -78.54
N ILE H 308 57.51 -56.40 -78.84
CA ILE H 308 57.01 -55.47 -77.85
C ILE H 308 55.60 -55.04 -78.25
N ALA H 309 54.67 -55.08 -77.30
CA ALA H 309 53.32 -54.58 -77.52
C ALA H 309 53.31 -53.08 -77.23
N PRO H 310 53.12 -52.20 -78.23
CA PRO H 310 53.34 -50.77 -77.96
C PRO H 310 52.27 -50.13 -77.09
N PHE H 311 51.02 -50.56 -77.19
CA PHE H 311 49.89 -49.78 -76.68
C PHE H 311 49.65 -50.02 -75.19
N SER H 312 50.67 -49.77 -74.37
CA SER H 312 50.57 -49.90 -72.94
C SER H 312 49.81 -48.75 -72.27
N THR H 313 49.64 -47.62 -72.94
CA THR H 313 49.06 -46.44 -72.30
C THR H 313 47.87 -45.84 -73.03
N GLN H 314 47.79 -45.93 -74.36
CA GLN H 314 46.71 -45.31 -75.11
C GLN H 314 45.36 -45.87 -74.65
N LYS H 315 44.35 -45.00 -74.56
CA LYS H 315 43.08 -45.43 -73.98
C LYS H 315 42.36 -46.48 -74.82
N HIS H 316 42.84 -46.79 -76.03
CA HIS H 316 42.33 -47.90 -76.82
C HIS H 316 43.16 -49.16 -76.62
N ASN H 317 43.65 -49.38 -75.41
CA ASN H 317 44.49 -50.51 -75.07
C ASN H 317 43.76 -51.83 -75.30
N TYR H 318 44.52 -52.91 -75.19
CA TYR H 318 43.99 -54.26 -75.43
C TYR H 318 42.84 -54.58 -74.48
N LEU H 319 41.82 -55.25 -75.02
CA LEU H 319 40.62 -55.53 -74.25
C LEU H 319 40.92 -56.46 -73.08
N ASN H 320 41.71 -57.50 -73.32
CA ASN H 320 41.93 -58.55 -72.34
C ASN H 320 43.20 -59.31 -72.71
N GLU H 321 43.51 -60.33 -71.93
CA GLU H 321 44.71 -61.12 -72.17
C GLU H 321 44.61 -61.90 -73.47
N TYR H 322 43.41 -62.38 -73.81
CA TYR H 322 43.23 -63.15 -75.02
C TYR H 322 43.60 -62.34 -76.26
N ASP H 323 43.18 -61.08 -76.31
CA ASP H 323 43.52 -60.23 -77.45
C ASP H 323 45.02 -60.00 -77.54
N MET H 324 45.66 -59.70 -76.39
CA MET H 324 47.10 -59.40 -76.42
C MET H 324 47.92 -60.63 -76.81
N LEU H 325 47.49 -61.82 -76.40
CA LEU H 325 48.20 -63.02 -76.80
C LEU H 325 48.24 -63.16 -78.31
N LEU H 326 47.14 -62.85 -78.97
CA LEU H 326 47.12 -62.91 -80.44
C LEU H 326 47.91 -61.76 -81.05
N GLU H 327 47.82 -60.57 -80.46
CA GLU H 327 48.48 -59.42 -81.07
C GLU H 327 50.00 -59.51 -80.93
N LEU H 328 50.51 -60.21 -79.91
CA LEU H 328 51.94 -60.27 -79.72
C LEU H 328 52.64 -60.96 -80.88
N SER H 329 51.99 -61.95 -81.50
CA SER H 329 52.62 -62.68 -82.59
C SER H 329 52.76 -61.85 -83.86
N ASN H 330 52.14 -60.67 -83.92
CA ASN H 330 52.22 -59.85 -85.13
C ASN H 330 53.66 -59.50 -85.45
N ASP H 331 53.97 -59.49 -86.75
CA ASP H 331 55.33 -59.21 -87.21
C ASP H 331 55.61 -57.71 -87.34
N ARG H 332 54.61 -56.86 -87.20
CA ARG H 332 54.82 -55.42 -87.33
C ARG H 332 55.36 -54.77 -86.06
N TYR H 333 55.40 -55.48 -84.95
CA TYR H 333 55.90 -54.94 -83.69
C TYR H 333 57.13 -55.68 -83.18
N LYS H 334 57.70 -56.58 -83.98
CA LYS H 334 58.97 -57.19 -83.62
C LYS H 334 60.10 -56.18 -83.80
N THR H 335 61.12 -56.30 -82.95
CA THR H 335 62.27 -55.41 -82.99
C THR H 335 63.28 -55.82 -84.04
N ASN H 336 63.06 -56.91 -84.76
CA ASN H 336 63.92 -57.35 -85.84
C ASN H 336 63.04 -57.66 -87.04
N ARG H 337 63.48 -57.21 -88.22
CA ARG H 337 62.69 -57.40 -89.43
C ARG H 337 62.60 -58.89 -89.76
N VAL H 338 61.38 -59.41 -89.78
CA VAL H 338 61.12 -60.83 -89.96
C VAL H 338 60.17 -61.02 -91.13
N SER H 339 60.51 -61.93 -92.04
CA SER H 339 59.69 -62.22 -93.19
C SER H 339 58.66 -63.31 -92.92
N GLY H 340 57.95 -63.68 -93.97
CA GLY H 340 56.92 -64.71 -93.86
C GLY H 340 57.42 -66.14 -93.92
N ASP H 341 58.68 -66.33 -94.31
CA ASP H 341 59.29 -67.65 -94.36
C ASP H 341 59.92 -68.05 -93.03
N THR H 342 59.77 -67.23 -92.00
CA THR H 342 60.38 -67.50 -90.71
C THR H 342 59.80 -68.76 -90.08
N SER H 343 60.57 -69.35 -89.16
CA SER H 343 60.12 -70.44 -88.33
C SER H 343 60.65 -70.24 -86.93
N TYR H 344 59.84 -70.55 -85.93
CA TYR H 344 60.18 -70.29 -84.53
C TYR H 344 60.75 -71.53 -83.88
N ILE H 345 61.88 -71.37 -83.19
CA ILE H 345 62.47 -72.47 -82.45
C ILE H 345 61.93 -72.53 -81.02
N SER H 346 61.66 -71.39 -80.40
CA SER H 346 61.14 -71.34 -79.05
C SER H 346 60.24 -70.14 -78.88
N MET H 347 59.30 -70.25 -77.94
CA MET H 347 58.30 -69.23 -77.69
C MET H 347 58.27 -68.89 -76.21
N LEU H 348 58.13 -67.60 -75.90
CA LEU H 348 57.97 -67.15 -74.53
C LEU H 348 57.22 -65.83 -74.53
N ASN H 349 56.11 -65.77 -73.80
CA ASN H 349 55.26 -64.61 -73.73
C ASN H 349 55.18 -64.11 -72.29
N TYR H 350 55.32 -62.81 -72.11
CA TYR H 350 55.24 -62.18 -70.80
C TYR H 350 53.91 -61.47 -70.66
N LEU H 351 53.24 -61.68 -69.53
CA LEU H 351 52.02 -60.97 -69.19
C LEU H 351 52.22 -60.30 -67.84
N ILE H 352 51.88 -59.02 -67.75
CA ILE H 352 52.09 -58.23 -66.55
C ILE H 352 50.77 -57.56 -66.20
N GLY H 353 50.10 -58.03 -65.16
CA GLY H 353 48.85 -57.42 -64.74
C GLY H 353 48.38 -58.05 -63.45
N ASP H 354 47.34 -57.41 -62.90
CA ASP H 354 46.78 -57.94 -61.64
C ASP H 354 45.71 -58.96 -61.97
N ASN H 355 45.70 -60.11 -61.28
CA ASN H 355 44.67 -61.14 -61.33
C ASN H 355 44.23 -61.41 -62.77
N LEU H 356 45.17 -61.92 -63.55
CA LEU H 356 44.88 -62.26 -64.95
C LEU H 356 43.85 -63.38 -65.02
N ASP H 357 42.97 -63.30 -66.01
CA ASP H 357 41.96 -64.34 -66.20
C ASP H 357 42.60 -65.58 -66.82
N GLN H 358 42.48 -66.71 -66.13
CA GLN H 358 43.10 -67.94 -66.61
C GLN H 358 42.41 -68.47 -67.87
N ARG H 359 41.09 -68.31 -67.96
CA ARG H 359 40.38 -68.81 -69.13
C ARG H 359 40.87 -68.13 -70.40
N GLU H 360 41.04 -66.81 -70.36
CA GLU H 360 41.49 -66.08 -71.52
C GLU H 360 42.90 -66.52 -71.93
N ILE H 361 43.79 -66.69 -70.95
CA ILE H 361 45.16 -67.09 -71.27
C ILE H 361 45.17 -68.48 -71.89
N ARG H 362 44.41 -69.41 -71.33
CA ARG H 362 44.38 -70.77 -71.88
C ARG H 362 43.86 -70.76 -73.31
N LYS H 363 42.76 -70.04 -73.56
CA LYS H 363 42.21 -70.00 -74.91
C LYS H 363 43.17 -69.32 -75.88
N GLY H 364 43.84 -68.26 -75.42
CA GLY H 364 44.79 -67.58 -76.28
C GLY H 364 45.98 -68.44 -76.63
N ILE H 365 46.50 -69.18 -75.67
CA ILE H 365 47.60 -70.10 -75.97
C ILE H 365 47.15 -71.14 -76.98
N LEU H 366 45.95 -71.70 -76.79
CA LEU H 366 45.47 -72.71 -77.72
C LEU H 366 45.33 -72.16 -79.14
N LYS H 367 44.79 -70.95 -79.27
CA LYS H 367 44.64 -70.38 -80.61
C LYS H 367 45.98 -70.00 -81.22
N SER H 368 46.90 -69.45 -80.42
CA SER H 368 48.18 -69.02 -80.96
C SER H 368 49.10 -70.18 -81.30
N GLN H 369 48.90 -71.35 -80.69
CA GLN H 369 49.76 -72.48 -80.99
C GLN H 369 49.62 -72.91 -82.45
N GLN H 370 48.39 -72.90 -82.97
CA GLN H 370 48.19 -73.33 -84.35
C GLN H 370 48.79 -72.33 -85.33
N ARG H 371 48.65 -71.04 -85.05
CA ARG H 371 49.11 -70.02 -86.00
C ARG H 371 50.61 -70.05 -86.19
N ILE H 372 51.36 -70.30 -85.11
CA ILE H 372 52.82 -70.20 -85.17
C ILE H 372 53.38 -71.38 -85.94
N SER H 373 54.34 -71.10 -86.82
CA SER H 373 55.00 -72.13 -87.62
C SER H 373 56.26 -72.58 -86.88
N PHE H 374 56.17 -73.74 -86.22
CA PHE H 374 57.30 -74.24 -85.45
C PHE H 374 58.28 -74.99 -86.34
N VAL H 375 59.53 -75.00 -85.93
CA VAL H 375 60.56 -75.75 -86.66
C VAL H 375 60.24 -77.24 -86.59
N PRO H 376 60.45 -78.02 -87.65
CA PRO H 376 59.94 -79.40 -87.64
C PRO H 376 60.39 -80.24 -86.47
N TRP H 377 61.64 -80.10 -86.02
CA TRP H 377 62.19 -80.98 -84.99
C TRP H 377 61.98 -80.45 -83.58
N VAL H 378 61.28 -79.34 -83.41
CA VAL H 378 60.93 -78.81 -82.10
C VAL H 378 59.44 -79.03 -81.87
N ALA H 379 59.09 -79.59 -80.71
CA ALA H 379 57.69 -79.81 -80.38
C ALA H 379 56.97 -78.48 -80.24
N ARG H 380 55.70 -78.46 -80.67
CA ARG H 380 54.88 -77.26 -80.58
C ARG H 380 54.68 -76.89 -79.12
N SER H 381 55.31 -75.82 -78.68
CA SER H 381 55.26 -75.41 -77.28
C SER H 381 55.24 -73.89 -77.20
N VAL H 382 54.20 -73.34 -76.57
CA VAL H 382 54.09 -71.91 -76.31
C VAL H 382 53.95 -71.73 -74.80
N LEU H 383 54.79 -70.88 -74.23
CA LEU H 383 54.81 -70.65 -72.79
C LEU H 383 54.48 -69.19 -72.48
N VAL H 384 53.68 -68.99 -71.44
CA VAL H 384 53.24 -67.65 -71.03
C VAL H 384 53.71 -67.44 -69.60
N VAL H 385 54.33 -66.29 -69.34
CA VAL H 385 54.83 -65.93 -68.02
C VAL H 385 53.81 -65.02 -67.36
N HIS H 386 53.26 -65.46 -66.22
CA HIS H 386 52.27 -64.69 -65.48
C HIS H 386 53.00 -63.78 -64.50
N GLY H 387 53.55 -62.69 -65.03
CA GLY H 387 54.25 -61.75 -64.20
C GLY H 387 53.31 -60.96 -63.30
N LYS H 388 53.88 -60.33 -62.29
CA LYS H 388 53.12 -59.51 -61.34
C LYS H 388 53.50 -58.04 -61.55
N LYS H 389 52.48 -57.21 -61.68
CA LYS H 389 52.71 -55.78 -61.83
C LYS H 389 53.19 -55.18 -60.51
N SER H 390 54.09 -54.21 -60.61
CA SER H 390 54.62 -53.57 -59.42
C SER H 390 53.50 -52.81 -58.71
N PRO H 391 53.31 -52.99 -57.41
CA PRO H 391 52.25 -52.25 -56.72
C PRO H 391 52.48 -50.75 -56.71
N TYR H 392 53.70 -50.29 -56.93
CA TYR H 392 53.97 -48.86 -56.92
C TYR H 392 53.41 -48.18 -58.16
N LEU H 393 53.25 -48.90 -59.26
CA LEU H 393 52.75 -48.32 -60.48
C LEU H 393 51.23 -48.12 -60.39
N LYS H 394 50.79 -46.89 -60.68
CA LYS H 394 49.36 -46.60 -60.65
C LYS H 394 48.65 -47.16 -61.88
N ASN H 395 49.33 -47.15 -63.03
CA ASN H 395 48.75 -47.68 -64.26
C ASN H 395 48.29 -49.11 -64.02
N THR H 396 47.03 -49.39 -64.35
CA THR H 396 46.46 -50.71 -64.20
C THR H 396 46.41 -51.48 -65.52
N ASN H 397 46.75 -50.84 -66.63
CA ASN H 397 46.73 -51.52 -67.92
C ASN H 397 47.80 -52.60 -67.96
N LEU H 398 47.54 -53.63 -68.75
CA LEU H 398 48.51 -54.70 -68.93
C LEU H 398 49.66 -54.25 -69.81
N GLU H 399 50.80 -54.90 -69.63
CA GLU H 399 51.91 -54.84 -70.55
C GLU H 399 52.33 -56.25 -70.88
N GLY H 400 52.85 -56.45 -72.09
CA GLY H 400 53.29 -57.77 -72.49
C GLY H 400 54.43 -57.74 -73.47
N ILE H 401 55.51 -58.44 -73.16
CA ILE H 401 56.70 -58.52 -73.99
C ILE H 401 56.88 -59.96 -74.41
N GLN H 402 57.16 -60.18 -75.69
CA GLN H 402 57.39 -61.52 -76.23
C GLN H 402 58.85 -61.65 -76.65
N VAL H 403 59.48 -62.74 -76.24
CA VAL H 403 60.86 -63.04 -76.59
C VAL H 403 60.87 -64.33 -77.40
N THR H 404 61.53 -64.30 -78.56
CA THR H 404 61.48 -65.40 -79.51
C THR H 404 62.87 -65.75 -80.01
N ASN H 405 63.02 -67.00 -80.41
CA ASN H 405 64.24 -67.50 -81.05
C ASN H 405 63.84 -68.09 -82.39
N ASN H 406 63.75 -67.26 -83.41
CA ASN H 406 63.32 -67.66 -84.74
C ASN H 406 64.52 -67.73 -85.68
N THR H 407 64.23 -68.10 -86.93
CA THR H 407 65.26 -68.26 -87.95
C THR H 407 65.40 -67.03 -88.84
N SER H 408 64.84 -65.89 -88.44
CA SER H 408 64.99 -64.67 -89.21
C SER H 408 66.42 -64.12 -89.18
N MET H 409 67.28 -64.66 -88.31
CA MET H 409 68.66 -64.20 -88.26
C MET H 409 69.40 -64.48 -89.56
N ILE H 410 68.92 -65.41 -90.38
CA ILE H 410 69.60 -65.71 -91.64
C ILE H 410 69.69 -64.45 -92.50
N ASP H 411 68.58 -63.72 -92.63
CA ASP H 411 68.58 -62.54 -93.49
C ASP H 411 69.41 -61.41 -92.89
N VAL H 412 69.35 -61.21 -91.58
CA VAL H 412 70.04 -60.08 -90.96
C VAL H 412 71.55 -60.26 -91.11
N PHE H 413 72.06 -61.43 -90.74
CA PHE H 413 73.48 -61.69 -90.86
C PHE H 413 73.89 -61.75 -92.32
N THR H 414 72.98 -62.14 -93.21
CA THR H 414 73.28 -62.08 -94.63
C THR H 414 73.50 -60.65 -95.10
N LYS H 415 72.67 -59.71 -94.64
CA LYS H 415 72.87 -58.31 -95.00
C LYS H 415 74.20 -57.82 -94.45
N ILE H 416 74.51 -58.15 -93.20
CA ILE H 416 75.77 -57.72 -92.61
C ILE H 416 76.94 -58.28 -93.41
N LEU H 417 76.87 -59.56 -93.76
CA LEU H 417 77.93 -60.22 -94.48
C LEU H 417 78.13 -59.61 -95.87
N LYS H 418 77.02 -59.32 -96.56
CA LYS H 418 77.12 -58.73 -97.88
C LYS H 418 77.76 -57.35 -97.83
N GLN H 419 77.35 -56.52 -96.86
CA GLN H 419 77.96 -55.20 -96.73
C GLN H 419 79.45 -55.32 -96.41
N PHE H 420 79.81 -56.25 -95.53
CA PHE H 420 81.23 -56.46 -95.21
C PHE H 420 82.02 -56.89 -96.45
N ASP H 421 81.46 -57.81 -97.23
CA ASP H 421 82.15 -58.28 -98.42
C ASP H 421 82.34 -57.15 -99.42
N LEU H 422 81.32 -56.30 -99.59
CA LEU H 422 81.47 -55.16 -100.49
C LEU H 422 82.56 -54.21 -99.99
N LEU H 423 82.59 -53.93 -98.69
CA LEU H 423 83.57 -52.98 -98.18
C LEU H 423 84.99 -53.52 -98.25
N ILE H 424 85.17 -54.82 -98.08
CA ILE H 424 86.53 -55.36 -98.08
C ILE H 424 87.20 -55.12 -99.44
N LYS H 425 86.46 -55.31 -100.52
CA LYS H 425 87.01 -55.09 -101.86
C LYS H 425 87.31 -53.61 -102.07
N GLU H 440 99.21 -53.84 -89.44
CA GLU H 440 99.90 -54.96 -90.07
C GLU H 440 98.88 -55.94 -90.66
N ASN H 441 99.38 -57.00 -91.28
CA ASN H 441 98.51 -57.98 -91.90
C ASN H 441 97.66 -58.72 -90.87
N GLU H 442 98.01 -58.64 -89.59
CA GLU H 442 97.27 -59.39 -88.57
C GLU H 442 95.79 -59.08 -88.61
N VAL H 443 95.43 -57.81 -88.83
CA VAL H 443 94.03 -57.42 -88.78
C VAL H 443 93.25 -58.09 -89.89
N MET H 444 93.83 -58.22 -91.08
CA MET H 444 93.11 -58.86 -92.18
C MET H 444 92.85 -60.34 -91.87
N GLU H 445 93.77 -60.99 -91.16
CA GLU H 445 93.51 -62.35 -90.70
C GLU H 445 92.33 -62.38 -89.75
N MET H 446 92.24 -61.41 -88.84
CA MET H 446 91.09 -61.33 -87.95
C MET H 446 89.80 -61.10 -88.73
N PHE H 447 89.86 -60.28 -89.78
CA PHE H 447 88.69 -60.09 -90.63
C PHE H 447 88.25 -61.41 -91.28
N ASN H 448 89.21 -62.16 -91.82
CA ASN H 448 88.90 -63.46 -92.39
C ASN H 448 88.28 -64.39 -91.35
N GLU H 449 88.84 -64.40 -90.14
CA GLU H 449 88.31 -65.24 -89.07
C GLU H 449 86.89 -64.84 -88.71
N SER H 450 86.60 -63.54 -88.66
CA SER H 450 85.24 -63.09 -88.37
C SER H 450 84.29 -63.51 -89.48
N ARG H 451 84.73 -63.42 -90.73
CA ARG H 451 83.90 -63.84 -91.86
C ARG H 451 83.56 -65.32 -91.75
N GLU H 452 84.56 -66.15 -91.42
CA GLU H 452 84.33 -67.58 -91.31
C GLU H 452 83.47 -67.93 -90.10
N SER H 453 83.67 -67.23 -88.99
CA SER H 453 82.85 -67.49 -87.81
C SER H 453 81.39 -67.14 -88.07
N VAL H 454 81.14 -66.00 -88.73
CA VAL H 454 79.76 -65.63 -89.04
C VAL H 454 79.13 -66.65 -89.98
N LYS H 455 79.87 -67.09 -91.00
CA LYS H 455 79.34 -68.13 -91.87
C LYS H 455 79.05 -69.42 -91.10
N SER H 456 79.81 -69.68 -90.04
CA SER H 456 79.64 -70.90 -89.26
C SER H 456 78.27 -70.98 -88.60
N ILE H 457 77.63 -69.86 -88.34
CA ILE H 457 76.26 -69.87 -87.84
C ILE H 457 75.23 -69.50 -88.91
N ILE H 458 75.65 -68.85 -89.99
CA ILE H 458 74.75 -68.69 -91.15
C ILE H 458 74.29 -70.06 -91.63
N ASP H 459 75.26 -70.93 -91.96
CA ASP H 459 74.90 -72.26 -92.44
C ASP H 459 74.20 -73.08 -91.36
N GLU H 460 74.49 -72.81 -90.08
CA GLU H 460 73.87 -73.59 -89.02
C GLU H 460 72.40 -73.24 -88.89
N TYR H 461 72.08 -71.93 -88.90
CA TYR H 461 70.68 -71.52 -88.90
C TYR H 461 69.95 -72.00 -90.15
N LYS H 462 70.63 -72.07 -91.30
CA LYS H 462 69.98 -72.66 -92.46
C LYS H 462 69.68 -74.13 -92.23
N ALA H 463 70.66 -74.89 -91.72
CA ALA H 463 70.44 -76.31 -91.47
C ALA H 463 69.38 -76.56 -90.42
N CYS H 464 69.15 -75.59 -89.52
CA CYS H 464 68.11 -75.76 -88.52
C CYS H 464 66.76 -76.13 -89.13
N LYS H 465 66.53 -75.77 -90.40
CA LYS H 465 65.26 -76.08 -91.05
C LYS H 465 65.03 -77.58 -91.22
N GLU H 466 66.09 -78.39 -91.18
CA GLU H 466 66.05 -79.77 -91.60
C GLU H 466 66.03 -80.71 -90.41
N ILE H 467 65.26 -81.79 -90.53
CA ILE H 467 65.24 -82.84 -89.52
C ILE H 467 66.53 -83.66 -89.59
N SER I 62 -10.89 -118.68 8.25
CA SER I 62 -9.95 -118.23 7.20
C SER I 62 -9.76 -116.71 7.27
N PRO I 63 -8.50 -116.26 7.32
CA PRO I 63 -8.26 -114.82 7.41
C PRO I 63 -8.66 -114.09 6.13
N ASP I 64 -9.00 -112.82 6.28
CA ASP I 64 -9.36 -111.95 5.17
C ASP I 64 -8.23 -110.98 4.92
N TYR I 65 -7.81 -110.84 3.66
CA TYR I 65 -6.67 -110.03 3.31
C TYR I 65 -7.05 -109.04 2.22
N VAL I 66 -6.47 -107.84 2.30
CA VAL I 66 -6.58 -106.83 1.26
C VAL I 66 -5.20 -106.64 0.65
N SER I 67 -4.90 -107.38 -0.42
CA SER I 67 -3.56 -107.42 -0.98
C SER I 67 -3.49 -106.60 -2.26
N LEU I 68 -2.25 -106.27 -2.65
CA LEU I 68 -2.01 -105.54 -3.87
C LEU I 68 -1.97 -106.50 -5.05
N ARG I 69 -2.75 -106.21 -6.08
CA ARG I 69 -2.74 -107.03 -7.28
C ARG I 69 -1.44 -106.82 -8.05
N GLU I 70 -1.02 -107.85 -8.76
CA GLU I 70 0.22 -107.79 -9.55
C GLU I 70 -0.09 -107.60 -11.03
N ASN I 79 0.42 -98.25 -23.85
CA ASN I 79 -0.77 -97.66 -23.17
C ASN I 79 -0.99 -98.42 -21.86
N LEU I 80 -0.51 -97.88 -20.72
CA LEU I 80 -0.68 -98.50 -19.39
C LEU I 80 -2.00 -97.99 -18.82
N ASP I 81 -2.75 -98.81 -18.08
CA ASP I 81 -4.02 -98.37 -17.44
C ASP I 81 -3.60 -97.56 -16.21
N ILE I 82 -3.68 -96.23 -16.26
CA ILE I 82 -3.24 -95.34 -15.19
C ILE I 82 -4.26 -95.19 -14.07
N MET I 83 -5.49 -95.67 -14.27
CA MET I 83 -6.52 -95.57 -13.24
C MET I 83 -7.13 -96.93 -12.88
N SER I 84 -6.59 -98.02 -13.40
CA SER I 84 -7.09 -99.34 -13.02
C SER I 84 -6.85 -99.58 -11.54
N SER I 85 -7.78 -100.29 -10.92
CA SER I 85 -7.68 -100.54 -9.48
C SER I 85 -6.37 -101.25 -9.16
N CYS I 86 -5.67 -100.75 -8.14
CA CYS I 86 -4.38 -101.34 -7.79
C CYS I 86 -4.54 -102.55 -6.89
N ILE I 87 -5.43 -102.49 -5.90
CA ILE I 87 -5.67 -103.62 -5.01
C ILE I 87 -6.65 -104.57 -5.69
N VAL I 88 -6.77 -105.78 -5.16
CA VAL I 88 -7.71 -106.76 -5.70
C VAL I 88 -9.10 -106.40 -5.24
N ASP I 89 -10.05 -106.36 -6.19
CA ASP I 89 -11.44 -106.11 -5.89
C ASP I 89 -12.38 -107.19 -6.41
N SER I 90 -11.86 -108.22 -7.08
CA SER I 90 -12.66 -109.32 -7.57
C SER I 90 -12.88 -110.41 -6.53
N VAL I 91 -12.71 -110.08 -5.25
CA VAL I 91 -12.91 -111.04 -4.17
C VAL I 91 -14.38 -111.03 -3.79
N ILE I 92 -15.02 -112.20 -3.83
CA ILE I 92 -16.41 -112.36 -3.47
C ILE I 92 -16.47 -113.28 -2.25
N TYR I 93 -17.01 -112.77 -1.15
CA TYR I 93 -17.06 -113.56 0.07
C TYR I 93 -17.97 -114.78 -0.09
N LYS I 94 -17.50 -115.92 0.43
CA LYS I 94 -18.21 -117.17 0.23
C LYS I 94 -19.37 -117.32 1.22
N SER I 95 -19.15 -116.97 2.48
CA SER I 95 -20.20 -116.98 3.48
C SER I 95 -19.98 -115.84 4.45
N GLN I 96 -21.07 -115.40 5.07
CA GLN I 96 -21.04 -114.20 5.91
C GLN I 96 -20.08 -114.39 7.07
N LYS I 97 -19.28 -113.35 7.33
CA LYS I 97 -18.33 -113.40 8.43
C LYS I 97 -19.03 -113.41 9.79
N ILE I 98 -20.18 -112.76 9.88
CA ILE I 98 -21.01 -112.79 11.08
C ILE I 98 -22.40 -113.26 10.67
N ALA I 99 -22.89 -114.31 11.32
CA ALA I 99 -24.20 -114.87 10.98
C ALA I 99 -25.29 -114.00 11.59
N GLY I 100 -26.07 -113.35 10.73
CA GLY I 100 -27.14 -112.49 11.19
C GLY I 100 -28.44 -113.23 11.37
N PRO I 101 -29.42 -112.58 11.98
CA PRO I 101 -30.73 -113.23 12.18
C PRO I 101 -31.38 -113.58 10.85
N LEU I 102 -32.11 -114.70 10.82
CA LEU I 102 -32.87 -115.14 9.63
C LEU I 102 -33.94 -114.08 9.34
N LEU I 103 -34.24 -113.81 8.07
CA LEU I 103 -35.24 -112.78 7.67
C LEU I 103 -36.64 -113.35 7.97
N SER I 104 -36.87 -114.64 7.68
CA SER I 104 -38.15 -115.31 8.01
C SER I 104 -38.40 -115.22 9.52
N GLN I 105 -37.38 -115.35 10.39
CA GLN I 105 -37.63 -115.32 11.82
C GLN I 105 -38.29 -114.02 12.26
N ILE I 106 -37.92 -112.90 11.64
CA ILE I 106 -38.47 -111.61 12.01
C ILE I 106 -39.83 -111.45 11.36
N SER I 107 -40.83 -111.11 12.16
CA SER I 107 -42.20 -110.93 11.67
C SER I 107 -42.65 -109.49 11.67
N ASN I 108 -42.10 -108.63 12.53
CA ASN I 108 -42.51 -107.24 12.58
C ASN I 108 -42.09 -106.51 11.32
N LEU I 109 -42.95 -105.57 10.88
CA LEU I 109 -42.66 -104.83 9.65
C LEU I 109 -41.58 -103.78 9.87
N ASN I 110 -41.61 -103.09 11.02
CA ASN I 110 -40.64 -102.03 11.26
C ASN I 110 -39.22 -102.59 11.30
N ILE I 111 -39.04 -103.73 11.95
CA ILE I 111 -37.71 -104.33 12.04
C ILE I 111 -37.21 -104.70 10.65
N GLN I 112 -38.08 -105.30 9.84
CA GLN I 112 -37.69 -105.66 8.49
C GLN I 112 -37.32 -104.43 7.68
N GLN I 113 -38.08 -103.35 7.83
CA GLN I 113 -37.79 -102.12 7.10
C GLN I 113 -36.44 -101.55 7.49
N ALA I 114 -36.15 -101.51 8.79
CA ALA I 114 -34.86 -100.97 9.22
C ALA I 114 -33.71 -101.85 8.75
N LEU I 115 -33.87 -103.17 8.83
CA LEU I 115 -32.83 -104.08 8.39
C LEU I 115 -32.55 -103.92 6.90
N ILE I 116 -33.61 -103.84 6.09
CA ILE I 116 -33.41 -103.71 4.66
C ILE I 116 -32.80 -102.35 4.34
N ILE I 117 -33.15 -101.31 5.09
CA ILE I 117 -32.53 -100.00 4.86
C ILE I 117 -31.03 -100.07 5.13
N ARG I 118 -30.65 -100.69 6.25
CA ARG I 118 -29.23 -100.81 6.58
C ARG I 118 -28.49 -101.59 5.50
N GLU I 119 -29.09 -102.69 5.03
CA GLU I 119 -28.45 -103.45 3.95
C GLU I 119 -28.45 -102.69 2.64
N LEU I 120 -29.44 -101.83 2.42
CA LEU I 120 -29.57 -101.11 1.16
C LEU I 120 -28.54 -100.00 1.03
N LEU I 121 -28.17 -99.36 2.15
CA LEU I 121 -27.18 -98.30 2.05
C LEU I 121 -25.89 -98.81 1.43
N PHE I 122 -25.45 -100.02 1.80
CA PHE I 122 -24.25 -100.59 1.21
C PHE I 122 -24.52 -101.10 -0.21
N THR I 123 -25.73 -101.58 -0.48
CA THR I 123 -26.04 -102.10 -1.81
C THR I 123 -25.95 -100.99 -2.85
N LEU I 124 -26.40 -99.79 -2.50
CA LEU I 124 -26.41 -98.69 -3.46
C LEU I 124 -25.01 -98.35 -3.95
N LEU I 125 -23.97 -98.72 -3.20
CA LEU I 125 -22.60 -98.49 -3.61
C LEU I 125 -22.01 -99.68 -4.36
N GLY I 126 -22.79 -100.72 -4.61
CA GLY I 126 -22.31 -101.89 -5.32
C GLY I 126 -21.86 -103.04 -4.44
N HIS I 127 -21.92 -102.91 -3.13
CA HIS I 127 -21.50 -103.98 -2.24
C HIS I 127 -22.66 -104.94 -1.98
N GLU I 128 -22.30 -106.17 -1.62
CA GLU I 128 -23.29 -107.15 -1.19
C GLU I 128 -23.78 -106.80 0.21
N GLY I 129 -24.91 -107.42 0.58
CA GLY I 129 -25.42 -107.33 1.93
C GLY I 129 -25.73 -108.70 2.49
N HIS I 130 -26.35 -108.75 3.68
CA HIS I 130 -26.80 -110.03 4.21
C HIS I 130 -28.05 -110.53 3.52
N TYR I 131 -28.92 -109.62 3.06
CA TYR I 131 -30.20 -109.99 2.47
C TYR I 131 -30.31 -109.63 1.00
N ILE I 132 -29.36 -108.90 0.43
CA ILE I 132 -29.28 -108.65 -1.00
C ILE I 132 -27.95 -109.21 -1.48
N GLN I 133 -28.02 -110.16 -2.41
CA GLN I 133 -26.84 -110.89 -2.86
C GLN I 133 -26.72 -110.81 -4.38
N TYR I 134 -25.47 -110.92 -4.85
CA TYR I 134 -25.21 -110.86 -6.30
C TYR I 134 -25.80 -112.08 -6.99
N SER I 135 -26.32 -111.90 -8.20
CA SER I 135 -26.81 -113.01 -9.00
C SER I 135 -25.64 -113.87 -9.47
N LYS I 136 -25.90 -115.17 -9.61
CA LYS I 136 -24.85 -116.10 -10.00
C LYS I 136 -24.35 -115.81 -11.42
N ARG I 137 -25.10 -115.04 -12.22
CA ARG I 137 -24.67 -114.73 -13.57
C ARG I 137 -23.54 -113.71 -13.61
N TYR I 138 -23.32 -112.98 -12.52
CA TYR I 138 -22.32 -111.91 -12.50
C TYR I 138 -20.94 -112.51 -12.33
N ASP I 139 -20.12 -112.43 -13.38
CA ASP I 139 -18.74 -112.90 -13.35
C ASP I 139 -17.80 -111.71 -13.41
N PRO I 140 -17.07 -111.37 -12.34
CA PRO I 140 -16.21 -110.18 -12.40
C PRO I 140 -15.12 -110.26 -13.45
N THR I 141 -14.75 -111.47 -13.88
CA THR I 141 -13.67 -111.58 -14.86
C THR I 141 -14.05 -110.93 -16.19
N SER I 142 -15.28 -111.15 -16.65
CA SER I 142 -15.71 -110.63 -17.93
C SER I 142 -15.81 -109.11 -17.88
N GLN I 143 -15.31 -108.45 -18.94
CA GLN I 143 -15.36 -106.99 -19.00
C GLN I 143 -16.78 -106.48 -19.12
N ILE I 144 -17.58 -107.11 -20.00
CA ILE I 144 -18.93 -106.63 -20.23
C ILE I 144 -19.78 -106.79 -18.97
N SER I 145 -19.55 -107.87 -18.22
CA SER I 145 -20.29 -108.06 -16.98
C SER I 145 -20.00 -106.94 -15.99
N ARG I 146 -18.73 -106.55 -15.86
CA ARG I 146 -18.38 -105.45 -14.96
C ARG I 146 -18.98 -104.15 -15.45
N ILE I 147 -18.91 -103.88 -16.75
CA ILE I 147 -19.41 -102.61 -17.27
C ILE I 147 -20.92 -102.50 -17.07
N GLU I 148 -21.66 -103.57 -17.36
CA GLU I 148 -23.11 -103.52 -17.25
C GLU I 148 -23.58 -103.51 -15.80
N GLY I 149 -22.72 -103.83 -14.85
CA GLY I 149 -23.08 -103.82 -13.45
C GLY I 149 -23.69 -105.12 -12.99
N PRO I 150 -23.64 -105.39 -11.70
CA PRO I 150 -24.16 -106.66 -11.18
C PRO I 150 -25.67 -106.62 -10.98
N ASP I 151 -26.29 -107.79 -11.18
CA ASP I 151 -27.71 -107.98 -10.92
C ASP I 151 -27.89 -108.63 -9.56
N TYR I 152 -28.84 -108.12 -8.79
CA TYR I 152 -29.04 -108.52 -7.41
C TYR I 152 -30.30 -109.35 -7.26
N LYS I 153 -30.27 -110.32 -6.34
CA LYS I 153 -31.42 -111.12 -5.97
C LYS I 153 -31.77 -110.83 -4.52
N ILE I 154 -33.07 -110.70 -4.25
CA ILE I 154 -33.56 -110.35 -2.92
C ILE I 154 -34.04 -111.60 -2.21
N ALA I 155 -33.73 -111.69 -0.92
CA ALA I 155 -34.12 -112.87 -0.14
C ALA I 155 -35.63 -113.08 -0.22
N LYS I 156 -36.03 -114.34 -0.36
CA LYS I 156 -37.44 -114.66 -0.61
C LYS I 156 -38.34 -114.40 0.59
N ASN I 157 -37.78 -114.21 1.79
CA ASN I 157 -38.57 -114.08 2.99
C ASN I 157 -38.95 -112.63 3.29
N LEU I 158 -38.52 -111.67 2.48
CA LEU I 158 -38.91 -110.28 2.70
C LEU I 158 -40.40 -110.10 2.43
N ASP I 159 -40.95 -109.04 3.02
CA ASP I 159 -42.35 -108.71 2.76
C ASP I 159 -42.52 -108.30 1.30
N ILE I 160 -43.70 -108.59 0.77
CA ILE I 160 -43.93 -108.40 -0.67
C ILE I 160 -43.81 -106.94 -1.07
N SER I 161 -44.42 -106.04 -0.29
CA SER I 161 -44.34 -104.62 -0.62
C SER I 161 -42.91 -104.12 -0.51
N LEU I 162 -42.22 -104.50 0.56
CA LEU I 162 -40.83 -104.10 0.72
C LEU I 162 -39.97 -104.71 -0.38
N LYS I 163 -40.29 -105.94 -0.80
CA LYS I 163 -39.54 -106.57 -1.88
C LYS I 163 -39.70 -105.78 -3.18
N VAL I 164 -40.92 -105.34 -3.48
CA VAL I 164 -41.13 -104.57 -4.71
C VAL I 164 -40.36 -103.26 -4.65
N ILE I 165 -40.52 -102.53 -3.53
CA ILE I 165 -39.85 -101.24 -3.42
C ILE I 165 -38.34 -101.40 -3.52
N THR I 166 -37.81 -102.44 -2.88
CA THR I 166 -36.37 -102.71 -2.98
C THR I 166 -35.97 -103.03 -4.41
N LYS I 167 -36.76 -103.85 -5.11
CA LYS I 167 -36.43 -104.17 -6.50
C LYS I 167 -36.37 -102.93 -7.36
N LYS I 168 -37.17 -101.90 -7.04
CA LYS I 168 -37.03 -100.67 -7.81
C LYS I 168 -35.71 -99.97 -7.50
N LEU I 169 -35.34 -99.88 -6.21
CA LEU I 169 -34.16 -99.13 -5.82
C LEU I 169 -32.85 -99.83 -6.14
N VAL I 170 -32.86 -101.16 -6.29
CA VAL I 170 -31.61 -101.88 -6.49
C VAL I 170 -30.89 -101.41 -7.75
N LYS I 171 -31.65 -100.94 -8.74
CA LYS I 171 -31.03 -100.58 -10.01
C LYS I 171 -29.98 -99.48 -9.84
N PHE I 172 -30.11 -98.66 -8.81
CA PHE I 172 -29.16 -97.56 -8.62
C PHE I 172 -27.78 -98.08 -8.26
N GLY I 173 -27.71 -99.14 -7.46
CA GLY I 173 -26.42 -99.76 -7.20
C GLY I 173 -25.79 -100.32 -8.45
N LYS I 174 -26.62 -100.89 -9.34
CA LYS I 174 -26.12 -101.44 -10.59
C LYS I 174 -25.46 -100.36 -11.43
N PHE I 175 -26.12 -99.20 -11.57
CA PHE I 175 -25.56 -98.11 -12.36
C PHE I 175 -24.28 -97.60 -11.76
N TYR I 176 -24.24 -97.43 -10.44
CA TYR I 176 -23.04 -96.91 -9.80
C TYR I 176 -21.86 -97.86 -9.97
N SER I 177 -22.10 -99.16 -9.76
CA SER I 177 -21.01 -100.12 -9.94
C SER I 177 -20.54 -100.15 -11.40
N GLY I 178 -21.49 -100.08 -12.34
CA GLY I 178 -21.11 -100.07 -13.74
C GLY I 178 -20.26 -98.87 -14.11
N LEU I 179 -20.65 -97.69 -13.63
CA LEU I 179 -19.86 -96.49 -13.93
C LEU I 179 -18.48 -96.56 -13.28
N LYS I 180 -18.43 -97.03 -12.02
CA LYS I 180 -17.14 -97.12 -11.35
C LYS I 180 -16.20 -98.06 -12.08
N SER I 181 -16.72 -99.19 -12.58
CA SER I 181 -15.89 -100.08 -13.37
C SER I 181 -15.61 -99.54 -14.77
N PHE I 182 -16.48 -98.66 -15.27
CA PHE I 182 -16.23 -98.02 -16.56
C PHE I 182 -15.02 -97.09 -16.49
N ILE I 183 -14.91 -96.34 -15.41
CA ILE I 183 -13.76 -95.44 -15.26
C ILE I 183 -12.46 -96.23 -15.25
N GLN I 184 -12.42 -97.34 -14.53
CA GLN I 184 -11.20 -98.13 -14.40
C GLN I 184 -10.83 -98.88 -15.67
N VAL I 185 -11.55 -98.70 -16.78
CA VAL I 185 -11.25 -99.37 -18.04
C VAL I 185 -11.02 -98.37 -19.16
N PHE I 186 -11.92 -97.40 -19.31
CA PHE I 186 -11.86 -96.51 -20.48
C PHE I 186 -11.01 -95.27 -20.26
N ASP I 187 -10.38 -95.12 -19.10
CA ASP I 187 -9.57 -93.93 -18.82
C ASP I 187 -8.09 -94.25 -19.01
N ASN I 188 -7.70 -94.39 -20.27
CA ASN I 188 -6.30 -94.57 -20.62
C ASN I 188 -6.03 -93.88 -21.96
N ASN I 189 -4.77 -93.91 -22.39
CA ASN I 189 -4.36 -93.12 -23.54
C ASN I 189 -4.94 -93.65 -24.84
N LYS I 190 -5.17 -94.97 -24.94
CA LYS I 190 -5.55 -95.55 -26.22
C LYS I 190 -6.98 -95.20 -26.63
N PHE I 191 -7.80 -94.67 -25.73
CA PHE I 191 -9.20 -94.38 -26.03
C PHE I 191 -9.44 -92.91 -26.34
N GLY I 192 -8.41 -92.07 -26.28
CA GLY I 192 -8.49 -90.72 -26.78
C GLY I 192 -8.98 -89.70 -25.76
N LYS I 193 -8.81 -88.43 -26.14
CA LYS I 193 -9.11 -87.32 -25.26
C LYS I 193 -10.61 -87.18 -25.02
N ILE I 194 -11.43 -87.51 -26.00
CA ILE I 194 -12.88 -87.38 -25.82
C ILE I 194 -13.37 -88.32 -24.72
N VAL I 195 -12.97 -89.58 -24.80
CA VAL I 195 -13.41 -90.56 -23.80
C VAL I 195 -12.79 -90.25 -22.45
N GLN I 196 -11.53 -89.80 -22.42
CA GLN I 196 -10.93 -89.44 -21.14
C GLN I 196 -11.70 -88.29 -20.48
N LYS I 197 -12.03 -87.26 -21.25
CA LYS I 197 -12.75 -86.12 -20.71
C LYS I 197 -14.13 -86.53 -20.24
N PHE I 198 -14.76 -87.49 -20.93
CA PHE I 198 -16.05 -88.01 -20.46
C PHE I 198 -15.89 -88.76 -19.15
N CYS I 199 -14.81 -89.53 -19.00
CA CYS I 199 -14.56 -90.20 -17.73
C CYS I 199 -14.42 -89.20 -16.60
N SER I 200 -13.88 -88.02 -16.91
CA SER I 200 -13.83 -86.96 -15.90
C SER I 200 -15.23 -86.58 -15.42
N GLU I 201 -16.17 -86.42 -16.35
CA GLU I 201 -17.55 -86.10 -15.98
C GLU I 201 -18.16 -87.21 -15.14
N VAL I 202 -17.93 -88.46 -15.53
CA VAL I 202 -18.49 -89.57 -14.77
C VAL I 202 -17.97 -89.54 -13.33
N ARG I 203 -16.68 -89.30 -13.16
CA ARG I 203 -16.05 -89.30 -11.82
C ARG I 203 -16.57 -88.12 -11.00
N LYS I 204 -16.84 -86.96 -11.60
CA LYS I 204 -17.42 -85.84 -10.86
C LYS I 204 -18.85 -86.16 -10.46
N PHE I 205 -19.61 -86.81 -11.34
CA PHE I 205 -20.98 -87.18 -11.00
C PHE I 205 -21.00 -88.17 -9.83
N LEU I 206 -20.08 -89.13 -9.81
CA LEU I 206 -20.04 -90.06 -8.68
C LEU I 206 -19.78 -89.32 -7.38
N SER I 207 -18.86 -88.35 -7.42
CA SER I 207 -18.59 -87.56 -6.24
C SER I 207 -19.85 -86.82 -5.78
N SER I 208 -20.64 -86.31 -6.73
CA SER I 208 -21.90 -85.66 -6.36
C SER I 208 -22.91 -86.65 -5.78
N TYR I 209 -22.98 -87.85 -6.35
CA TYR I 209 -23.98 -88.83 -5.94
C TYR I 209 -23.73 -89.33 -4.52
N GLN I 210 -22.46 -89.49 -4.15
CA GLN I 210 -22.19 -89.92 -2.78
C GLN I 210 -22.69 -88.91 -1.76
N GLN I 211 -22.80 -87.62 -2.11
CA GLN I 211 -23.34 -86.59 -1.18
C GLN I 211 -24.86 -86.77 -1.06
N VAL I 212 -25.54 -87.40 -2.03
CA VAL I 212 -26.99 -87.72 -1.96
C VAL I 212 -27.12 -88.93 -1.02
N LEU I 213 -26.20 -89.91 -1.08
CA LEU I 213 -26.21 -91.09 -0.24
C LEU I 213 -25.89 -90.74 1.22
N ILE I 214 -24.94 -89.82 1.43
CA ILE I 214 -24.58 -89.42 2.79
C ILE I 214 -25.76 -88.76 3.49
N ASN I 215 -26.47 -87.88 2.77
CA ASN I 215 -27.65 -87.25 3.38
C ASN I 215 -28.70 -88.29 3.75
N VAL I 216 -28.90 -89.28 2.87
CA VAL I 216 -29.85 -90.34 3.18
C VAL I 216 -29.42 -91.08 4.43
N GLU I 217 -28.13 -91.37 4.56
CA GLU I 217 -27.66 -92.08 5.75
C GLU I 217 -27.88 -91.24 7.00
N HIS I 218 -27.61 -89.94 6.92
CA HIS I 218 -27.80 -89.08 8.08
C HIS I 218 -29.26 -89.05 8.50
N GLU I 219 -30.17 -88.94 7.53
CA GLU I 219 -31.60 -88.94 7.87
C GLU I 219 -32.04 -90.27 8.44
N PHE I 220 -31.54 -91.39 7.91
CA PHE I 220 -31.85 -92.75 8.43
C PHE I 220 -31.41 -92.79 9.90
N LYS I 221 -30.21 -92.29 10.20
CA LYS I 221 -29.63 -92.36 11.57
C LYS I 221 -30.39 -91.46 12.56
N PHE I 222 -30.77 -90.22 12.20
CA PHE I 222 -31.34 -89.30 13.17
C PHE I 222 -32.84 -89.03 13.02
N ASN I 223 -33.43 -89.22 11.85
CA ASN I 223 -34.83 -88.89 11.63
C ASN I 223 -35.73 -90.08 11.98
N LYS I 224 -36.71 -89.84 12.85
CA LYS I 224 -37.64 -90.90 13.23
C LYS I 224 -38.68 -91.18 12.16
N ASN I 225 -39.06 -90.17 11.38
CA ASN I 225 -40.10 -90.32 10.37
C ASN I 225 -39.58 -90.93 9.08
N PHE I 226 -38.27 -91.15 8.96
CA PHE I 226 -37.71 -91.73 7.75
C PHE I 226 -38.27 -93.13 7.54
N ASN I 227 -38.54 -93.46 6.28
CA ASN I 227 -39.05 -94.78 5.91
C ASN I 227 -38.63 -95.07 4.48
N LEU I 228 -38.95 -96.29 4.03
CA LEU I 228 -38.46 -96.74 2.73
C LEU I 228 -39.03 -95.89 1.60
N ASN I 229 -40.31 -95.52 1.69
CA ASN I 229 -40.93 -94.75 0.63
C ASN I 229 -40.25 -93.40 0.46
N MET I 230 -39.86 -92.78 1.57
CA MET I 230 -39.15 -91.50 1.49
C MET I 230 -37.83 -91.66 0.75
N LEU I 231 -37.10 -92.75 1.02
CA LEU I 231 -35.86 -93.00 0.31
C LEU I 231 -36.12 -93.18 -1.18
N ASP I 232 -37.15 -93.95 -1.53
CA ASP I 232 -37.47 -94.15 -2.94
C ASP I 232 -37.77 -92.83 -3.63
N SER I 233 -38.62 -92.02 -3.02
CA SER I 233 -39.01 -90.76 -3.63
C SER I 233 -37.81 -89.82 -3.76
N LEU I 234 -36.99 -89.73 -2.71
CA LEU I 234 -35.86 -88.82 -2.75
C LEU I 234 -34.86 -89.22 -3.82
N LEU I 235 -34.47 -90.49 -3.85
CA LEU I 235 -33.49 -90.92 -4.84
C LEU I 235 -34.04 -90.77 -6.25
N HIS I 236 -35.29 -91.15 -6.48
CA HIS I 236 -35.84 -91.04 -7.83
C HIS I 236 -35.95 -89.59 -8.27
N GLN I 237 -36.32 -88.69 -7.36
CA GLN I 237 -36.50 -87.29 -7.75
C GLN I 237 -35.21 -86.50 -7.78
N GLU I 238 -34.09 -87.03 -7.25
CA GLU I 238 -32.85 -86.27 -7.20
C GLU I 238 -31.85 -86.70 -8.25
N ILE I 239 -31.49 -87.98 -8.31
CA ILE I 239 -30.33 -88.43 -9.07
C ILE I 239 -30.65 -89.41 -10.17
N SER I 240 -31.91 -89.82 -10.35
CA SER I 240 -32.21 -90.87 -11.31
C SER I 240 -31.87 -90.44 -12.74
N ASN I 241 -32.21 -89.21 -13.11
CA ASN I 241 -32.14 -88.81 -14.51
C ASN I 241 -30.70 -88.77 -15.01
N GLU I 242 -29.82 -88.10 -14.26
CA GLU I 242 -28.42 -87.97 -14.66
C GLU I 242 -27.74 -89.32 -14.68
N MET I 243 -28.02 -90.15 -13.67
CA MET I 243 -27.44 -91.49 -13.62
C MET I 243 -27.87 -92.32 -14.82
N THR I 244 -29.16 -92.24 -15.18
CA THR I 244 -29.63 -92.99 -16.34
C THR I 244 -28.94 -92.54 -17.61
N HIS I 245 -28.80 -91.22 -17.79
CA HIS I 245 -28.12 -90.73 -18.99
C HIS I 245 -26.69 -91.25 -19.07
N LEU I 246 -25.93 -91.10 -17.98
CA LEU I 246 -24.53 -91.50 -18.01
C LEU I 246 -24.38 -93.00 -18.21
N TYR I 247 -25.20 -93.80 -17.52
CA TYR I 247 -25.10 -95.24 -17.66
C TYR I 247 -25.44 -95.67 -19.08
N GLN I 248 -26.48 -95.11 -19.67
CA GLN I 248 -26.85 -95.51 -21.02
C GLN I 248 -25.75 -95.16 -22.00
N ILE I 249 -25.16 -93.96 -21.88
CA ILE I 249 -24.08 -93.60 -22.79
C ILE I 249 -22.90 -94.54 -22.61
N GLY I 250 -22.54 -94.84 -21.36
CA GLY I 250 -21.41 -95.72 -21.12
C GLY I 250 -21.60 -97.11 -21.69
N ILE I 251 -22.78 -97.69 -21.47
CA ILE I 251 -23.01 -99.04 -21.98
C ILE I 251 -23.06 -99.05 -23.50
N GLU I 252 -23.58 -97.98 -24.10
CA GLU I 252 -23.55 -97.91 -25.57
C GLU I 252 -22.13 -97.82 -26.09
N ILE I 253 -21.26 -97.07 -25.42
CA ILE I 253 -19.85 -97.04 -25.80
C ILE I 253 -19.24 -98.42 -25.68
N SER I 254 -19.54 -99.14 -24.61
CA SER I 254 -18.99 -100.49 -24.47
C SER I 254 -19.44 -101.40 -25.61
N ARG I 255 -20.73 -101.32 -25.97
CA ARG I 255 -21.22 -102.15 -27.07
C ARG I 255 -20.51 -101.81 -28.37
N ILE I 256 -20.36 -100.52 -28.67
CA ILE I 256 -19.75 -100.15 -29.95
C ILE I 256 -18.28 -100.53 -29.97
N THR I 257 -17.57 -100.33 -28.86
CA THR I 257 -16.14 -100.63 -28.86
C THR I 257 -15.88 -102.13 -28.91
N GLU I 258 -16.74 -102.95 -28.32
CA GLU I 258 -16.53 -104.39 -28.47
C GLU I 258 -16.91 -104.85 -29.87
N GLU I 259 -17.89 -104.20 -30.51
CA GLU I 259 -18.17 -104.53 -31.90
C GLU I 259 -16.99 -104.20 -32.81
N ARG I 260 -16.34 -103.05 -32.59
CA ARG I 260 -15.26 -102.66 -33.49
C ARG I 260 -14.01 -103.53 -33.35
N GLN I 261 -13.88 -104.29 -32.28
CA GLN I 261 -12.72 -105.16 -32.10
C GLN I 261 -12.94 -106.56 -32.64
N LYS I 262 -14.05 -106.81 -33.31
CA LYS I 262 -14.32 -108.13 -33.89
C LYS I 262 -14.40 -108.03 -35.41
N GLY I 301 -13.21 -93.76 -29.61
CA GLY I 301 -12.48 -92.51 -29.80
C GLY I 301 -13.39 -91.31 -29.96
N GLY I 302 -13.42 -90.75 -31.16
CA GLY I 302 -14.29 -89.62 -31.44
C GLY I 302 -15.73 -89.98 -31.69
N LEU I 303 -16.06 -91.27 -31.58
CA LEU I 303 -17.43 -91.73 -31.78
C LEU I 303 -18.37 -91.28 -30.67
N LEU I 304 -17.84 -90.78 -29.54
CA LEU I 304 -18.71 -90.39 -28.43
C LEU I 304 -19.66 -89.28 -28.85
N LEU I 305 -19.17 -88.30 -29.63
CA LEU I 305 -20.03 -87.21 -30.06
C LEU I 305 -21.22 -87.73 -30.86
N GLN I 306 -21.00 -88.77 -31.68
CA GLN I 306 -22.11 -89.36 -32.43
C GLN I 306 -23.12 -90.00 -31.49
N VAL I 307 -22.63 -90.67 -30.45
CA VAL I 307 -23.55 -91.31 -29.50
C VAL I 307 -24.37 -90.28 -28.76
N ILE I 308 -23.75 -89.19 -28.31
CA ILE I 308 -24.49 -88.15 -27.60
C ILE I 308 -25.53 -87.52 -28.52
N GLN I 309 -25.12 -87.20 -29.75
CA GLN I 309 -26.08 -86.59 -30.68
C GLN I 309 -27.23 -87.53 -30.99
N GLU I 310 -26.93 -88.81 -31.20
CA GLU I 310 -27.99 -89.79 -31.39
C GLU I 310 -28.87 -89.89 -30.14
N ARG I 311 -28.26 -89.87 -28.96
CA ARG I 311 -29.03 -89.94 -27.72
C ARG I 311 -29.91 -88.71 -27.55
N MET I 312 -29.41 -87.55 -27.97
CA MET I 312 -30.10 -86.28 -27.72
C MET I 312 -31.36 -86.10 -28.56
N VAL I 313 -31.57 -86.93 -29.58
CA VAL I 313 -32.74 -86.77 -30.42
C VAL I 313 -34.01 -87.11 -29.65
N TYR I 314 -33.96 -88.13 -28.79
CA TYR I 314 -35.17 -88.55 -28.10
C TYR I 314 -35.58 -87.59 -26.99
N TYR I 315 -34.63 -86.89 -26.38
CA TYR I 315 -34.91 -85.95 -25.32
C TYR I 315 -34.91 -84.51 -25.81
N LYS I 316 -35.23 -84.28 -27.09
CA LYS I 316 -35.19 -82.93 -27.64
C LYS I 316 -36.28 -82.04 -27.08
N GLY I 317 -37.34 -82.61 -26.51
CA GLY I 317 -38.41 -81.81 -25.95
C GLY I 317 -38.35 -81.69 -24.45
N ASP I 318 -37.51 -82.50 -23.81
CA ASP I 318 -37.41 -82.49 -22.36
C ASP I 318 -36.44 -81.40 -21.93
N PRO I 319 -36.89 -80.41 -21.15
CA PRO I 319 -35.96 -79.31 -20.82
C PRO I 319 -34.76 -79.73 -20.00
N THR I 320 -34.97 -80.40 -18.86
CA THR I 320 -33.85 -80.72 -17.98
C THR I 320 -32.89 -81.72 -18.64
N SER I 321 -33.42 -82.75 -19.29
CA SER I 321 -32.56 -83.73 -19.93
C SER I 321 -31.78 -83.13 -21.08
N LEU I 322 -32.44 -82.26 -21.87
CA LEU I 322 -31.74 -81.59 -22.96
C LEU I 322 -30.65 -80.67 -22.42
N ASP I 323 -30.94 -79.95 -21.33
CA ASP I 323 -29.92 -79.08 -20.76
C ASP I 323 -28.71 -79.88 -20.29
N PHE I 324 -28.95 -81.00 -19.62
CA PHE I 324 -27.84 -81.81 -19.15
C PHE I 324 -27.03 -82.37 -20.32
N LEU I 325 -27.72 -82.88 -21.34
CA LEU I 325 -27.00 -83.46 -22.48
C LEU I 325 -26.22 -82.38 -23.23
N THR I 326 -26.80 -81.19 -23.38
CA THR I 326 -26.09 -80.10 -24.05
C THR I 326 -24.86 -79.68 -23.25
N GLN I 327 -24.99 -79.59 -21.93
CA GLN I 327 -23.83 -79.23 -21.11
C GLN I 327 -22.73 -80.28 -21.23
N LEU I 328 -23.12 -81.56 -21.19
CA LEU I 328 -22.14 -82.64 -21.31
C LEU I 328 -21.47 -82.61 -22.66
N PHE I 329 -22.23 -82.38 -23.73
CA PHE I 329 -21.65 -82.30 -25.06
C PHE I 329 -20.70 -81.11 -25.17
N ASP I 330 -21.06 -79.99 -24.56
CA ASP I 330 -20.22 -78.80 -24.65
C ASP I 330 -18.87 -79.03 -23.97
N ILE I 331 -18.89 -79.59 -22.76
CA ILE I 331 -17.62 -79.77 -22.06
C ILE I 331 -16.79 -80.86 -22.73
N VAL I 332 -17.43 -81.94 -23.15
CA VAL I 332 -16.69 -83.06 -23.74
C VAL I 332 -15.99 -82.63 -25.03
N SER I 333 -16.69 -81.85 -25.87
CA SER I 333 -16.16 -81.48 -27.16
C SER I 333 -15.04 -80.46 -27.08
N SER I 334 -14.78 -79.88 -25.91
CA SER I 334 -13.84 -78.76 -25.83
C SER I 334 -12.45 -79.14 -26.31
N ASP I 335 -12.01 -80.37 -26.08
CA ASP I 335 -10.70 -80.79 -26.55
C ASP I 335 -10.64 -80.77 -28.09
N TYR I 336 -11.70 -81.26 -28.73
CA TYR I 336 -11.75 -81.29 -30.19
C TYR I 336 -11.69 -79.87 -30.75
N ILE I 337 -12.37 -78.94 -30.08
CA ILE I 337 -12.33 -77.55 -30.50
C ILE I 337 -10.92 -76.99 -30.32
N GLY I 338 -10.22 -77.40 -29.26
CA GLY I 338 -8.84 -76.97 -29.10
C GLY I 338 -7.95 -77.43 -30.25
N MET I 339 -8.10 -78.70 -30.64
CA MET I 339 -7.31 -79.19 -31.77
C MET I 339 -7.63 -78.42 -33.04
N LEU I 340 -8.93 -78.22 -33.31
CA LEU I 340 -9.33 -77.52 -34.52
C LEU I 340 -8.85 -76.07 -34.52
N ASN I 341 -8.94 -75.41 -33.36
CA ASN I 341 -8.49 -74.03 -33.25
C ASN I 341 -7.00 -73.91 -33.50
N GLN I 342 -6.20 -74.79 -32.91
CA GLN I 342 -4.76 -74.73 -33.17
C GLN I 342 -4.46 -75.02 -34.64
N TRP I 343 -5.17 -75.98 -35.23
CA TRP I 343 -4.92 -76.30 -36.63
C TRP I 343 -5.23 -75.10 -37.53
N LEU I 344 -6.35 -74.42 -37.30
CA LEU I 344 -6.73 -73.31 -38.16
C LEU I 344 -6.03 -72.00 -37.83
N LEU I 345 -5.46 -71.85 -36.64
CA LEU I 345 -4.80 -70.60 -36.27
C LEU I 345 -3.29 -70.64 -36.40
N GLU I 346 -2.67 -71.81 -36.23
CA GLU I 346 -1.22 -71.91 -36.29
C GLU I 346 -0.73 -73.04 -37.19
N GLY I 347 -1.62 -73.85 -37.73
CA GLY I 347 -1.19 -74.93 -38.61
C GLY I 347 -0.32 -75.96 -37.93
N VAL I 348 -0.64 -76.33 -36.69
CA VAL I 348 0.13 -77.31 -35.93
C VAL I 348 -0.82 -78.33 -35.33
N ILE I 349 -0.52 -79.61 -35.54
CA ILE I 349 -1.22 -80.71 -34.89
C ILE I 349 -0.40 -81.13 -33.68
N ASN I 350 -1.07 -81.33 -32.55
CA ASN I 350 -0.39 -81.45 -31.27
C ASN I 350 -0.62 -82.80 -30.59
N ASP I 351 -1.86 -83.26 -30.48
CA ASP I 351 -2.17 -84.42 -29.66
C ASP I 351 -1.82 -85.71 -30.40
N PRO I 352 -0.94 -86.55 -29.88
CA PRO I 352 -0.45 -87.71 -30.63
C PRO I 352 -1.39 -88.92 -30.63
N PHE I 353 -2.63 -88.79 -30.19
CA PHE I 353 -3.55 -89.92 -30.13
C PHE I 353 -4.21 -90.22 -31.47
N ASP I 354 -3.89 -89.46 -32.52
CA ASP I 354 -4.51 -89.66 -33.83
C ASP I 354 -6.02 -89.47 -33.76
N GLU I 355 -6.47 -88.66 -32.80
CA GLU I 355 -7.90 -88.37 -32.67
C GLU I 355 -8.37 -87.40 -33.75
N PHE I 356 -7.54 -86.42 -34.08
CA PHE I 356 -7.98 -85.33 -34.94
C PHE I 356 -8.22 -85.82 -36.36
N MET I 357 -9.12 -85.13 -37.06
CA MET I 357 -9.53 -85.58 -38.39
C MET I 357 -8.43 -85.36 -39.43
N ILE I 358 -7.67 -84.27 -39.32
CA ILE I 358 -6.62 -83.94 -40.29
C ILE I 358 -5.39 -84.74 -39.90
N ARG I 359 -5.18 -85.86 -40.57
CA ARG I 359 -4.13 -86.81 -40.24
C ARG I 359 -2.84 -86.47 -40.98
N GLU I 360 -1.93 -85.79 -40.29
CA GLU I 360 -0.57 -85.66 -40.80
C GLU I 360 0.23 -86.90 -40.44
N LYS I 361 0.92 -87.47 -41.43
CA LYS I 361 1.64 -88.73 -41.25
C LYS I 361 3.14 -88.52 -41.45
N ARG I 362 3.93 -89.25 -40.66
CA ARG I 362 5.39 -89.15 -40.72
C ARG I 362 5.94 -89.93 -41.91
N VAL I 363 6.89 -89.34 -42.61
CA VAL I 363 7.57 -90.05 -43.70
C VAL I 363 8.49 -91.11 -43.12
N PRO I 364 8.52 -92.32 -43.67
CA PRO I 364 9.48 -93.33 -43.17
C PRO I 364 10.92 -92.88 -43.37
N ASP I 365 11.79 -93.28 -42.43
CA ASP I 365 13.20 -92.95 -42.55
C ASP I 365 13.81 -93.50 -43.84
N SER I 366 13.30 -94.64 -44.31
CA SER I 366 13.84 -95.26 -45.51
C SER I 366 13.61 -94.41 -46.76
N PHE I 367 12.67 -93.47 -46.72
CA PHE I 367 12.32 -92.66 -47.89
C PHE I 367 12.57 -91.17 -47.67
N MET I 368 13.26 -90.80 -46.60
CA MET I 368 13.44 -89.39 -46.26
C MET I 368 14.09 -88.62 -47.41
N GLU I 369 15.16 -89.16 -47.98
CA GLU I 369 15.86 -88.47 -49.06
C GLU I 369 14.98 -88.34 -50.29
N ILE I 370 14.15 -89.35 -50.58
CA ILE I 370 13.28 -89.29 -51.74
C ILE I 370 12.23 -88.20 -51.56
N PHE I 371 11.58 -88.18 -50.40
CA PHE I 371 10.50 -87.21 -50.18
C PHE I 371 11.02 -85.78 -50.06
N GLN I 372 12.25 -85.60 -49.59
CA GLN I 372 12.78 -84.23 -49.53
C GLN I 372 12.94 -83.65 -50.93
N SER I 373 13.37 -84.45 -51.90
CA SER I 373 13.48 -83.95 -53.26
C SER I 373 12.11 -83.64 -53.86
N LYS I 374 11.18 -84.57 -53.76
CA LYS I 374 9.84 -84.38 -54.31
C LYS I 374 8.88 -83.95 -53.19
N SER I 375 9.03 -82.70 -52.78
CA SER I 375 8.20 -82.15 -51.72
C SER I 375 6.74 -82.04 -52.12
N GLU I 376 6.42 -82.09 -53.42
CA GLU I 376 5.02 -81.99 -53.84
C GLU I 376 4.21 -83.14 -53.29
N TYR I 377 4.75 -84.36 -53.36
CA TYR I 377 4.02 -85.50 -52.83
C TYR I 377 3.98 -85.48 -51.30
N TYR I 378 5.02 -84.93 -50.67
CA TYR I 378 4.96 -84.77 -49.22
C TYR I 378 3.80 -83.86 -48.82
N TRP I 379 3.66 -82.72 -49.49
CA TRP I 379 2.64 -81.76 -49.11
C TRP I 379 1.28 -82.03 -49.75
N ASN I 380 1.16 -83.06 -50.59
CA ASN I 380 -0.13 -83.38 -51.18
C ASN I 380 -0.67 -84.76 -50.81
N GLU I 381 0.16 -85.65 -50.25
CA GLU I 381 -0.29 -87.02 -49.99
C GLU I 381 -0.25 -87.37 -48.50
N LEU I 382 0.68 -86.80 -47.75
CA LEU I 382 0.84 -87.15 -46.34
C LEU I 382 0.00 -86.29 -45.41
N PHE I 383 -0.91 -85.48 -45.96
CA PHE I 383 -1.99 -84.88 -45.18
C PHE I 383 -3.32 -85.45 -45.69
N LEU I 384 -4.09 -86.02 -44.78
CA LEU I 384 -5.34 -86.69 -45.13
C LEU I 384 -6.44 -86.24 -44.18
N ILE I 385 -7.67 -86.60 -44.51
CA ILE I 385 -8.83 -86.31 -43.69
C ILE I 385 -9.43 -87.65 -43.26
N LYS I 386 -9.42 -87.92 -41.96
CA LYS I 386 -9.99 -89.15 -41.42
C LYS I 386 -11.51 -89.04 -41.43
N ILE I 387 -12.16 -89.70 -42.40
CA ILE I 387 -13.63 -89.53 -42.62
C ILE I 387 -14.42 -90.14 -41.46
N ASP I 388 -13.86 -91.11 -40.70
CA ASP I 388 -14.66 -91.77 -39.67
C ASP I 388 -15.06 -90.81 -38.57
N GLY I 389 -14.16 -89.94 -38.14
CA GLY I 389 -14.38 -89.06 -37.01
C GLY I 389 -15.02 -87.73 -37.34
N LEU I 390 -15.53 -87.55 -38.55
CA LEU I 390 -16.12 -86.26 -38.94
C LEU I 390 -17.56 -86.15 -38.44
N LEU I 391 -17.91 -84.96 -37.98
CA LEU I 391 -19.29 -84.65 -37.66
C LEU I 391 -20.04 -84.22 -38.92
N ASN I 392 -21.36 -84.15 -38.82
CA ASN I 392 -22.17 -83.77 -39.97
C ASN I 392 -21.91 -82.34 -40.42
N GLN I 393 -21.39 -81.49 -39.53
CA GLN I 393 -21.05 -80.13 -39.94
C GLN I 393 -19.94 -80.12 -40.98
N PHE I 394 -18.92 -80.96 -40.78
CA PHE I 394 -17.78 -81.04 -41.69
C PHE I 394 -18.02 -82.01 -42.84
N GLN I 395 -19.18 -82.67 -42.89
CA GLN I 395 -19.49 -83.62 -43.96
C GLN I 395 -19.86 -82.86 -45.25
N ASN I 396 -18.91 -82.07 -45.73
CA ASN I 396 -19.08 -81.28 -46.94
C ASN I 396 -17.72 -81.17 -47.61
N SER I 397 -17.69 -81.40 -48.92
CA SER I 397 -16.40 -81.47 -49.63
C SER I 397 -15.66 -80.14 -49.55
N THR I 398 -16.36 -79.03 -49.81
CA THR I 398 -15.69 -77.74 -49.87
C THR I 398 -15.17 -77.32 -48.49
N ILE I 399 -15.91 -77.62 -47.43
CA ILE I 399 -15.45 -77.27 -46.09
C ILE I 399 -14.22 -78.08 -45.72
N GLN I 400 -14.22 -79.37 -46.05
CA GLN I 400 -13.06 -80.20 -45.79
C GLN I 400 -11.84 -79.66 -46.53
N SER I 401 -12.01 -79.29 -47.80
CA SER I 401 -10.90 -78.76 -48.56
C SER I 401 -10.40 -77.45 -47.97
N LYS I 402 -11.31 -76.59 -47.54
CA LYS I 402 -10.91 -75.31 -46.97
C LYS I 402 -10.10 -75.52 -45.69
N ILE I 403 -10.57 -76.41 -44.82
CA ILE I 403 -9.84 -76.65 -43.57
C ILE I 403 -8.45 -77.17 -43.87
N LEU I 404 -8.36 -78.21 -44.72
CA LEU I 404 -7.07 -78.83 -45.00
C LEU I 404 -6.11 -77.81 -45.60
N ASN I 405 -6.59 -77.03 -46.57
CA ASN I 405 -5.72 -76.08 -47.26
C ASN I 405 -5.34 -74.90 -46.38
N THR I 406 -6.22 -74.45 -45.49
CA THR I 406 -5.84 -73.40 -44.54
C THR I 406 -4.69 -73.87 -43.67
N GLY I 407 -4.83 -75.07 -43.10
CA GLY I 407 -3.76 -75.57 -42.24
C GLY I 407 -2.47 -75.78 -42.99
N LYS I 408 -2.54 -76.33 -44.21
CA LYS I 408 -1.32 -76.55 -44.97
C LYS I 408 -0.64 -75.22 -45.30
N TYR I 409 -1.43 -74.20 -45.67
CA TYR I 409 -0.83 -72.93 -46.07
C TYR I 409 -0.13 -72.27 -44.88
N LEU I 410 -0.76 -72.31 -43.71
CA LEU I 410 -0.08 -71.75 -42.53
C LEU I 410 1.19 -72.54 -42.22
N ASN I 411 1.15 -73.87 -42.37
CA ASN I 411 2.34 -74.67 -42.14
C ASN I 411 3.45 -74.30 -43.11
N ILE I 412 3.11 -74.08 -44.39
CA ILE I 412 4.12 -73.68 -45.37
C ILE I 412 4.72 -72.34 -44.97
N PHE I 413 3.90 -71.38 -44.56
CA PHE I 413 4.42 -70.09 -44.17
C PHE I 413 5.40 -70.23 -43.00
N LYS I 414 5.01 -70.98 -41.97
CA LYS I 414 5.87 -71.12 -40.80
C LYS I 414 7.19 -71.79 -41.17
N ARG I 415 7.12 -72.86 -41.98
CA ARG I 415 8.35 -73.56 -42.33
C ARG I 415 9.23 -72.74 -43.25
N CYS I 416 8.65 -71.86 -44.06
CA CYS I 416 9.45 -71.06 -44.97
C CYS I 416 10.12 -69.89 -44.26
N THR I 417 9.33 -69.02 -43.62
CA THR I 417 9.92 -67.83 -43.02
C THR I 417 10.54 -68.11 -41.65
N GLY I 418 10.40 -69.33 -41.12
CA GLY I 418 11.07 -69.72 -39.91
C GLY I 418 10.36 -69.35 -38.63
N LEU I 419 9.24 -68.63 -38.69
CA LEU I 419 8.54 -68.25 -37.48
C LEU I 419 8.04 -69.49 -36.74
N HIS I 420 8.21 -69.48 -35.41
CA HIS I 420 7.61 -70.53 -34.59
C HIS I 420 6.11 -70.33 -34.43
N ASN I 421 5.68 -69.07 -34.31
CA ASN I 421 4.28 -68.73 -34.21
C ASN I 421 4.11 -67.29 -34.67
N PHE I 422 2.86 -66.90 -34.92
CA PHE I 422 2.56 -65.58 -35.49
C PHE I 422 2.38 -64.53 -34.41
N GLU I 423 3.34 -64.44 -33.48
CA GLU I 423 3.31 -63.39 -32.48
C GLU I 423 3.78 -62.05 -33.05
N SER I 424 4.77 -62.08 -33.93
CA SER I 424 5.33 -60.83 -34.44
C SER I 424 4.28 -59.99 -35.16
N LEU I 425 3.33 -60.64 -35.83
CA LEU I 425 2.29 -59.90 -36.55
C LEU I 425 1.33 -59.21 -35.61
N LYS I 426 1.24 -59.69 -34.37
CA LYS I 426 0.33 -59.11 -33.33
C LYS I 426 -1.05 -58.82 -33.93
N GLU I 427 -1.67 -59.82 -34.56
CA GLU I 427 -3.04 -59.64 -35.11
C GLU I 427 -4.06 -60.18 -34.11
N LYS I 428 -5.28 -59.62 -34.10
CA LYS I 428 -6.34 -60.05 -33.15
C LYS I 428 -7.15 -61.19 -33.80
N LEU I 429 -7.23 -62.34 -33.13
CA LEU I 429 -7.91 -63.48 -33.74
C LEU I 429 -9.04 -63.96 -32.84
N THR I 430 -10.09 -64.50 -33.47
CA THR I 430 -11.23 -65.07 -32.77
C THR I 430 -11.27 -66.57 -33.02
N THR I 431 -11.41 -67.34 -31.94
CA THR I 431 -11.43 -68.79 -32.04
C THR I 431 -12.86 -69.32 -32.14
N ILE I 432 -12.99 -70.54 -32.65
CA ILE I 432 -14.29 -71.18 -32.77
C ILE I 432 -14.79 -71.53 -31.38
N THR I 433 -15.91 -70.95 -30.97
CA THR I 433 -16.40 -71.15 -29.62
C THR I 433 -16.99 -72.53 -29.42
N SER I 434 -17.65 -73.08 -30.43
CA SER I 434 -18.29 -74.39 -30.28
C SER I 434 -18.58 -74.98 -31.64
N LEU I 435 -18.76 -76.30 -31.66
CA LEU I 435 -19.12 -76.99 -32.90
C LEU I 435 -20.55 -76.70 -33.31
N ALA I 436 -21.41 -76.36 -32.36
CA ALA I 436 -22.81 -76.08 -32.63
C ALA I 436 -23.06 -74.61 -32.93
N ALA I 437 -22.01 -73.79 -33.02
CA ALA I 437 -22.18 -72.38 -33.31
C ALA I 437 -22.67 -72.19 -34.74
N PRO I 438 -23.41 -71.11 -35.00
CA PRO I 438 -23.95 -70.90 -36.35
C PRO I 438 -22.96 -70.33 -37.35
N ASP I 439 -21.87 -69.71 -36.89
CA ASP I 439 -20.93 -69.03 -37.76
C ASP I 439 -19.69 -69.88 -38.06
N LEU I 440 -19.81 -71.19 -37.97
CA LEU I 440 -18.65 -72.05 -38.24
C LEU I 440 -18.16 -71.88 -39.66
N GLU I 441 -19.08 -71.83 -40.62
CA GLU I 441 -18.68 -71.64 -42.02
C GLU I 441 -18.03 -70.28 -42.22
N LEU I 442 -18.58 -69.23 -41.60
CA LEU I 442 -17.99 -67.91 -41.72
C LEU I 442 -16.59 -67.88 -41.12
N LYS I 443 -16.42 -68.52 -39.95
CA LYS I 443 -15.09 -68.54 -39.32
C LYS I 443 -14.09 -69.28 -40.19
N ILE I 444 -14.50 -70.41 -40.77
CA ILE I 444 -13.60 -71.16 -41.64
C ILE I 444 -13.24 -70.33 -42.86
N ASP I 445 -14.21 -69.63 -43.44
CA ASP I 445 -13.93 -68.80 -44.61
C ASP I 445 -12.94 -67.70 -44.24
N GLU I 446 -13.14 -67.05 -43.09
CA GLU I 446 -12.23 -65.98 -42.69
C GLU I 446 -10.82 -66.51 -42.48
N PHE I 447 -10.68 -67.66 -41.82
CA PHE I 447 -9.36 -68.23 -41.59
C PHE I 447 -8.70 -68.58 -42.91
N TYR I 448 -9.47 -69.15 -43.84
CA TYR I 448 -8.92 -69.52 -45.13
C TYR I 448 -8.44 -68.29 -45.89
N HIS I 449 -9.23 -67.21 -45.82
CA HIS I 449 -8.81 -65.97 -46.48
C HIS I 449 -7.56 -65.40 -45.85
N ARG I 450 -7.44 -65.48 -44.52
CA ARG I 450 -6.22 -65.01 -43.87
C ARG I 450 -5.02 -65.83 -44.33
N ALA I 451 -5.17 -67.15 -44.40
CA ALA I 451 -4.06 -67.99 -44.83
C ALA I 451 -3.66 -67.68 -46.25
N ASN I 452 -4.64 -67.51 -47.15
CA ASN I 452 -4.32 -67.15 -48.53
C ASN I 452 -3.63 -65.79 -48.59
N LYS I 453 -4.11 -64.83 -47.81
CA LYS I 453 -3.50 -63.51 -47.80
C LYS I 453 -2.01 -63.61 -47.45
N MET I 454 -1.70 -64.34 -46.38
CA MET I 454 -0.31 -64.45 -45.95
C MET I 454 0.53 -65.18 -46.99
N LEU I 455 0.05 -66.34 -47.47
CA LEU I 455 0.86 -67.11 -48.41
C LEU I 455 1.03 -66.38 -49.74
N MET I 456 -0.02 -65.73 -50.23
CA MET I 456 0.10 -64.92 -51.43
C MET I 456 1.15 -63.83 -51.27
N LYS I 457 1.09 -63.09 -50.16
CA LYS I 457 2.07 -62.02 -50.04
C LYS I 457 3.47 -62.59 -49.90
N LEU I 458 3.62 -63.72 -49.19
CA LEU I 458 4.93 -64.37 -49.13
C LEU I 458 5.44 -64.64 -50.54
N LEU I 459 4.66 -65.38 -51.34
CA LEU I 459 5.12 -65.77 -52.67
C LEU I 459 5.44 -64.56 -53.53
N PHE I 460 4.54 -63.59 -53.59
CA PHE I 460 4.74 -62.48 -54.52
C PHE I 460 5.78 -61.49 -54.01
N ASP I 461 5.52 -60.87 -52.85
CA ASP I 461 6.42 -59.84 -52.35
C ASP I 461 7.75 -60.42 -51.91
N GLY I 462 7.74 -61.46 -51.06
CA GLY I 462 8.96 -62.03 -50.46
C GLY I 462 9.76 -62.90 -51.42
N TYR I 463 9.17 -63.95 -51.99
CA TYR I 463 9.88 -64.94 -52.84
C TYR I 463 9.98 -64.47 -54.29
N ASN I 464 9.34 -63.35 -54.67
CA ASN I 464 9.45 -62.75 -56.03
C ASN I 464 9.00 -63.76 -57.08
N PHE I 465 7.77 -64.29 -56.98
CA PHE I 465 7.23 -65.21 -57.97
C PHE I 465 7.06 -64.56 -59.35
N PRO I 466 6.60 -63.32 -59.47
CA PRO I 466 6.45 -62.72 -60.81
C PRO I 466 7.70 -62.82 -61.65
N SER I 467 8.88 -62.62 -61.05
CA SER I 467 10.11 -62.75 -61.81
C SER I 467 10.44 -64.21 -62.10
N VAL I 468 10.01 -65.13 -61.24
CA VAL I 468 10.20 -66.54 -61.53
C VAL I 468 9.41 -66.95 -62.76
N VAL I 469 8.28 -66.29 -63.01
CA VAL I 469 7.50 -66.64 -64.20
C VAL I 469 8.25 -66.24 -65.47
N ASN I 470 8.85 -65.05 -65.48
CA ASN I 470 9.63 -64.62 -66.63
C ASN I 470 10.87 -65.49 -66.81
N ILE I 471 11.50 -65.89 -65.71
CA ILE I 471 12.67 -66.76 -65.81
C ILE I 471 12.29 -68.10 -66.44
N PHE I 472 11.16 -68.68 -66.01
CA PHE I 472 10.72 -69.92 -66.63
C PHE I 472 10.40 -69.71 -68.10
N GLN I 473 9.74 -68.61 -68.44
CA GLN I 473 9.46 -68.32 -69.85
C GLN I 473 10.74 -68.30 -70.67
N ARG I 474 11.75 -67.57 -70.20
CA ARG I 474 13.00 -67.48 -70.94
C ARG I 474 13.65 -68.84 -71.08
N LEU I 475 13.85 -69.55 -69.97
CA LEU I 475 14.65 -70.77 -70.03
C LEU I 475 13.95 -71.87 -70.81
N PHE I 476 12.63 -72.01 -70.69
CA PHE I 476 11.93 -73.13 -71.30
C PHE I 476 11.38 -72.82 -72.68
N LEU I 477 10.75 -71.66 -72.86
CA LEU I 477 10.08 -71.33 -74.13
C LEU I 477 10.87 -70.35 -74.98
N PHE I 478 12.11 -70.05 -74.61
CA PHE I 478 13.01 -69.24 -75.44
C PHE I 478 12.44 -67.85 -75.73
N ALA I 479 11.85 -67.20 -74.73
CA ALA I 479 11.46 -65.80 -74.91
C ALA I 479 12.65 -64.92 -75.23
N ASP I 480 13.87 -65.40 -74.96
CA ASP I 480 15.10 -64.77 -75.42
C ASP I 480 15.94 -65.85 -76.05
N SER I 481 15.98 -65.89 -77.38
CA SER I 481 16.53 -67.01 -78.12
C SER I 481 18.02 -66.87 -78.42
N PHE I 482 18.67 -65.81 -77.94
CA PHE I 482 20.08 -65.60 -78.29
C PHE I 482 20.96 -66.71 -77.73
N GLN I 483 20.78 -67.03 -76.44
CA GLN I 483 21.65 -68.01 -75.80
C GLN I 483 21.48 -69.40 -76.40
N ILE I 484 20.24 -69.83 -76.62
CA ILE I 484 20.02 -71.16 -77.18
C ILE I 484 20.52 -71.21 -78.61
N ASP I 485 20.45 -70.09 -79.33
CA ASP I 485 21.01 -70.05 -80.67
C ASP I 485 22.52 -70.24 -80.63
N ASN I 486 23.20 -69.59 -79.69
CA ASN I 486 24.63 -69.82 -79.54
C ASN I 486 24.91 -71.28 -79.18
N PHE I 487 24.08 -71.86 -78.32
CA PHE I 487 24.29 -73.25 -77.93
C PHE I 487 24.20 -74.17 -79.14
N ILE I 488 23.15 -74.01 -79.94
CA ILE I 488 22.99 -74.86 -81.11
C ILE I 488 24.15 -74.65 -82.08
N ASP I 489 24.56 -73.39 -82.28
CA ASP I 489 25.66 -73.12 -83.19
C ASP I 489 26.93 -73.80 -82.72
N SER I 490 27.18 -73.77 -81.41
CA SER I 490 28.44 -74.30 -80.89
C SER I 490 28.52 -75.82 -80.98
N THR I 491 27.38 -76.51 -80.89
CA THR I 491 27.35 -77.96 -80.85
C THR I 491 26.51 -78.52 -81.99
N PHE I 492 26.55 -77.85 -83.15
CA PHE I 492 25.74 -78.31 -84.27
C PHE I 492 26.17 -79.69 -84.75
N SER I 493 27.48 -79.95 -84.80
CA SER I 493 27.95 -81.22 -85.30
C SER I 493 27.57 -82.37 -84.39
N GLU I 494 27.55 -82.13 -83.07
CA GLU I 494 27.24 -83.19 -82.12
C GLU I 494 25.75 -83.52 -82.11
N LEU I 495 24.90 -82.49 -82.06
CA LEU I 495 23.49 -82.71 -81.82
C LEU I 495 22.85 -83.59 -82.90
N LYS I 496 23.33 -83.47 -84.13
CA LYS I 496 22.75 -84.21 -85.24
C LYS I 496 23.23 -85.66 -85.32
N ARG I 497 24.18 -86.06 -84.49
CA ARG I 497 24.67 -87.44 -84.49
C ARG I 497 23.76 -88.33 -83.65
N GLY I 498 23.80 -89.63 -83.95
CA GLY I 498 22.96 -90.57 -83.24
C GLY I 498 23.21 -90.55 -81.74
N LYS I 499 22.18 -90.96 -81.00
CA LYS I 499 22.20 -90.88 -79.53
C LYS I 499 23.48 -91.46 -78.94
N LEU I 500 23.81 -92.70 -79.30
CA LEU I 500 24.90 -93.42 -78.65
C LEU I 500 26.26 -93.13 -79.25
N LYS I 501 26.31 -92.51 -80.44
CA LYS I 501 27.57 -92.33 -81.14
C LYS I 501 28.32 -91.08 -80.70
N ILE I 502 27.89 -90.43 -79.61
CA ILE I 502 28.50 -89.20 -79.14
C ILE I 502 28.54 -89.24 -77.62
N SER I 503 29.57 -88.60 -77.05
CA SER I 503 29.72 -88.54 -75.61
C SER I 503 28.67 -87.63 -74.99
N VAL I 504 27.93 -88.17 -74.02
CA VAL I 504 26.86 -87.40 -73.39
C VAL I 504 27.42 -86.31 -72.49
N SER I 505 28.49 -86.60 -71.75
CA SER I 505 28.98 -85.68 -70.74
C SER I 505 29.44 -84.35 -71.33
N ARG I 506 29.77 -84.32 -72.64
CA ARG I 506 30.25 -83.08 -73.24
C ARG I 506 29.15 -82.05 -73.39
N LEU I 507 27.92 -82.49 -73.66
CA LEU I 507 26.82 -81.55 -73.88
C LEU I 507 26.52 -80.77 -72.61
N GLN I 508 26.59 -81.43 -71.45
CA GLN I 508 26.39 -80.72 -70.20
C GLN I 508 27.31 -79.52 -70.10
N LYS I 509 28.62 -79.74 -70.28
CA LYS I 509 29.60 -78.67 -70.13
C LYS I 509 29.39 -77.59 -71.19
N GLN I 510 29.19 -77.99 -72.46
CA GLN I 510 29.02 -76.99 -73.50
C GLN I 510 27.73 -76.21 -73.34
N TYR I 511 26.80 -76.71 -72.54
CA TYR I 511 25.60 -75.95 -72.20
C TYR I 511 25.86 -75.03 -71.01
N ASP I 512 26.62 -75.49 -70.00
CA ASP I 512 26.86 -74.64 -68.85
C ASP I 512 27.73 -73.45 -69.19
N ASP I 513 28.65 -73.59 -70.15
CA ASP I 513 29.43 -72.42 -70.53
C ASP I 513 28.55 -71.34 -71.14
N ILE I 514 27.43 -71.73 -71.76
CA ILE I 514 26.56 -70.76 -72.40
C ILE I 514 25.58 -70.16 -71.39
N PHE I 515 24.93 -71.02 -70.59
CA PHE I 515 23.77 -70.56 -69.82
C PHE I 515 24.12 -70.14 -68.39
N LYS I 516 24.76 -71.01 -67.61
CA LYS I 516 24.95 -70.76 -66.19
C LYS I 516 26.30 -70.12 -65.87
N GLU I 517 26.84 -69.33 -66.79
CA GLU I 517 28.02 -68.53 -66.47
C GLU I 517 27.68 -67.53 -65.37
N LYS I 518 28.70 -67.09 -64.64
CA LYS I 518 28.51 -66.33 -63.42
C LYS I 518 29.60 -65.29 -63.21
N ILE I 519 29.23 -64.21 -62.54
CA ILE I 519 30.15 -63.30 -61.88
C ILE I 519 29.68 -63.15 -60.44
N GLU I 520 30.58 -63.36 -59.48
CA GLU I 520 30.19 -63.36 -58.08
C GLU I 520 30.01 -61.94 -57.55
N ASN I 521 29.29 -61.85 -56.45
CA ASN I 521 29.00 -60.58 -55.78
C ASN I 521 29.44 -60.65 -54.33
N LYS I 522 29.76 -59.48 -53.76
CA LYS I 522 30.32 -59.43 -52.42
C LYS I 522 29.30 -59.91 -51.38
N VAL I 523 29.81 -60.26 -50.20
CA VAL I 523 28.94 -60.66 -49.11
C VAL I 523 27.98 -59.53 -48.80
N GLY I 524 26.76 -59.91 -48.40
CA GLY I 524 25.73 -58.94 -48.07
C GLY I 524 24.96 -58.39 -49.25
N VAL I 525 25.51 -58.50 -50.46
CA VAL I 525 24.79 -58.06 -51.66
C VAL I 525 23.76 -59.14 -52.03
N ARG I 526 22.50 -58.74 -52.13
CA ARG I 526 21.44 -59.71 -52.35
C ARG I 526 21.59 -60.37 -53.73
N PRO I 527 21.49 -61.69 -53.82
CA PRO I 527 21.44 -62.33 -55.14
C PRO I 527 20.09 -62.09 -55.80
N SER I 528 20.10 -62.05 -57.13
CA SER I 528 18.85 -62.00 -57.87
C SER I 528 18.25 -63.40 -57.96
N VAL I 529 16.92 -63.45 -58.13
CA VAL I 529 16.27 -64.75 -58.25
C VAL I 529 16.76 -65.47 -59.51
N TYR I 530 17.02 -64.72 -60.58
CA TYR I 530 17.63 -65.32 -61.76
C TYR I 530 18.99 -65.91 -61.43
N ASP I 531 19.76 -65.23 -60.59
CA ASP I 531 21.06 -65.76 -60.17
C ASP I 531 20.89 -67.09 -59.46
N VAL I 532 19.89 -67.20 -58.60
CA VAL I 532 19.69 -68.45 -57.85
C VAL I 532 19.25 -69.56 -58.78
N LEU I 533 18.34 -69.27 -59.72
CA LEU I 533 17.80 -70.32 -60.57
C LEU I 533 18.70 -70.68 -61.74
N LYS I 534 19.69 -69.85 -62.07
CA LYS I 534 20.61 -70.19 -63.15
C LYS I 534 21.36 -71.48 -62.85
N LYS I 535 21.92 -71.58 -61.65
CA LYS I 535 22.76 -72.71 -61.29
C LYS I 535 21.96 -73.98 -61.01
N ASN I 536 20.65 -73.86 -60.81
CA ASN I 536 19.83 -75.05 -60.55
C ASN I 536 19.69 -75.91 -61.80
N GLN I 537 19.57 -75.29 -62.97
CA GLN I 537 19.17 -76.00 -64.18
C GLN I 537 20.22 -77.01 -64.62
N LYS I 538 19.73 -78.12 -65.18
CA LYS I 538 20.59 -79.18 -65.69
C LYS I 538 20.00 -79.70 -67.00
N LEU I 539 20.84 -79.79 -68.03
CA LEU I 539 20.45 -80.34 -69.32
C LEU I 539 21.11 -81.70 -69.49
N SER I 540 20.30 -82.72 -69.73
CA SER I 540 20.78 -84.10 -69.82
C SER I 540 20.09 -84.81 -70.98
N VAL I 541 20.79 -85.77 -71.56
CA VAL I 541 20.22 -86.62 -72.61
C VAL I 541 19.43 -87.74 -71.95
N THR I 542 18.22 -87.98 -72.44
CA THR I 542 17.34 -89.01 -71.90
C THR I 542 17.02 -90.04 -72.98
N SER I 543 16.70 -91.26 -72.53
CA SER I 543 16.41 -92.33 -73.48
C SER I 543 15.03 -92.19 -74.11
N GLU I 544 14.13 -91.45 -73.49
CA GLU I 544 12.77 -91.30 -74.00
C GLU I 544 12.74 -90.21 -75.07
N SER I 545 12.60 -90.61 -76.33
CA SER I 545 12.53 -89.66 -77.41
C SER I 545 11.22 -88.87 -77.36
N LEU I 546 11.23 -87.69 -77.98
CA LEU I 546 10.05 -86.84 -77.97
C LEU I 546 8.85 -87.58 -78.54
N TYR I 547 9.00 -88.21 -79.69
CA TYR I 547 7.86 -88.87 -80.34
C TYR I 547 7.40 -90.09 -79.57
N LYS I 548 8.22 -90.62 -78.66
CA LYS I 548 7.82 -91.73 -77.82
C LYS I 548 7.21 -91.26 -76.50
N VAL I 549 7.80 -90.22 -75.90
CA VAL I 549 7.28 -89.73 -74.63
C VAL I 549 5.93 -89.06 -74.84
N VAL I 550 5.73 -88.37 -75.97
CA VAL I 550 4.45 -87.73 -76.22
C VAL I 550 3.37 -88.73 -76.61
N GLU I 551 3.75 -89.91 -77.10
CA GLU I 551 2.75 -90.92 -77.43
C GLU I 551 2.12 -91.50 -76.17
N GLU I 552 2.87 -91.59 -75.07
CA GLU I 552 2.30 -92.11 -73.83
C GLU I 552 1.18 -91.22 -73.32
N LEU I 553 1.39 -89.92 -73.33
CA LEU I 553 0.35 -88.96 -72.92
C LEU I 553 -0.49 -88.52 -74.12
N MET I 554 -0.99 -89.51 -74.85
CA MET I 554 -1.67 -89.25 -76.10
C MET I 554 -2.92 -88.41 -75.89
N ASP I 598 20.34 -94.97 -84.74
CA ASP I 598 19.66 -94.20 -83.71
C ASP I 598 19.04 -92.95 -84.30
N GLU I 599 18.01 -92.42 -83.64
CA GLU I 599 17.53 -91.10 -83.95
C GLU I 599 18.61 -90.08 -83.57
N PRO I 600 18.64 -88.92 -84.24
CA PRO I 600 19.65 -87.92 -83.89
C PRO I 600 19.47 -87.42 -82.47
N THR I 601 20.58 -87.07 -81.82
CA THR I 601 20.55 -86.70 -80.41
C THR I 601 19.55 -85.60 -80.13
N ILE I 602 19.30 -84.71 -81.11
CA ILE I 602 18.38 -83.60 -80.90
C ILE I 602 17.02 -84.10 -80.45
N THR I 603 16.61 -85.29 -80.90
CA THR I 603 15.31 -85.84 -80.53
C THR I 603 15.23 -86.22 -79.06
N SER I 604 16.35 -86.23 -78.33
CA SER I 604 16.35 -86.80 -77.00
C SER I 604 17.12 -85.96 -75.97
N VAL I 605 17.21 -84.65 -76.15
CA VAL I 605 17.90 -83.78 -75.20
C VAL I 605 16.84 -83.03 -74.40
N ASP I 606 16.93 -83.13 -73.07
CA ASP I 606 15.94 -82.57 -72.16
C ASP I 606 16.58 -81.61 -71.17
N LEU I 607 15.75 -80.76 -70.59
CA LEU I 607 16.18 -79.74 -69.63
C LEU I 607 15.27 -79.81 -68.41
N THR I 608 15.89 -79.85 -67.22
CA THR I 608 15.16 -79.94 -65.96
C THR I 608 15.64 -78.83 -65.03
N ILE I 609 14.72 -78.26 -64.26
CA ILE I 609 15.07 -77.18 -63.32
C ILE I 609 14.44 -77.47 -61.96
N PRO I 610 15.18 -78.04 -61.02
CA PRO I 610 14.64 -78.14 -59.65
C PRO I 610 14.42 -76.76 -59.05
N LEU I 611 13.43 -76.66 -58.16
CA LEU I 611 12.99 -75.38 -57.65
C LEU I 611 13.09 -75.32 -56.13
N PRO I 612 13.37 -74.15 -55.56
CA PRO I 612 13.36 -74.02 -54.10
C PRO I 612 11.97 -74.18 -53.52
N PHE I 613 11.93 -74.60 -52.26
CA PHE I 613 10.72 -74.55 -51.46
C PHE I 613 10.47 -73.12 -51.00
N PRO I 614 9.23 -72.61 -51.09
CA PRO I 614 7.98 -73.24 -51.53
C PRO I 614 7.66 -73.01 -53.01
N LEU I 615 8.56 -72.39 -53.77
CA LEU I 615 8.24 -72.09 -55.17
C LEU I 615 7.82 -73.33 -55.93
N ASN I 616 8.39 -74.48 -55.60
CA ASN I 616 8.06 -75.71 -56.32
C ASN I 616 6.63 -76.14 -56.09
N LEU I 617 5.97 -75.64 -55.03
CA LEU I 617 4.58 -75.99 -54.80
C LEU I 617 3.66 -75.38 -55.84
N VAL I 618 3.96 -74.18 -56.31
CA VAL I 618 3.15 -73.56 -57.36
C VAL I 618 3.59 -74.03 -58.73
N LEU I 619 4.90 -74.13 -58.95
CA LEU I 619 5.43 -74.70 -60.17
C LEU I 619 5.50 -76.22 -60.00
N ASN I 620 4.31 -76.81 -59.88
CA ASN I 620 4.20 -78.23 -59.59
C ASN I 620 4.86 -79.05 -60.71
N GLN I 621 5.25 -80.27 -60.37
CA GLN I 621 6.00 -81.10 -61.31
C GLN I 621 5.22 -81.34 -62.60
N GLN I 622 3.89 -81.44 -62.51
CA GLN I 622 3.03 -81.63 -63.71
C GLN I 622 3.20 -80.40 -64.62
N LEU I 623 3.27 -79.16 -64.11
CA LEU I 623 3.45 -77.96 -64.91
C LEU I 623 4.85 -77.93 -65.53
N SER I 624 5.87 -78.29 -64.76
CA SER I 624 7.22 -78.31 -65.31
C SER I 624 7.38 -79.38 -66.38
N TYR I 625 6.69 -80.51 -66.25
CA TYR I 625 6.74 -81.54 -67.28
C TYR I 625 6.11 -81.05 -68.58
N GLN I 626 4.97 -80.35 -68.48
CA GLN I 626 4.37 -79.79 -69.68
C GLN I 626 5.27 -78.71 -70.29
N TYR I 627 6.01 -77.98 -69.45
CA TYR I 627 6.99 -77.04 -69.99
C TYR I 627 8.13 -77.76 -70.71
N GLU I 628 8.58 -78.89 -70.15
CA GLU I 628 9.67 -79.63 -70.75
C GLU I 628 9.30 -80.16 -72.13
N ILE I 629 8.05 -80.59 -72.30
CA ILE I 629 7.62 -81.06 -73.61
C ILE I 629 7.77 -79.95 -74.64
N MET I 630 7.34 -78.73 -74.28
CA MET I 630 7.49 -77.60 -75.18
C MET I 630 8.95 -77.30 -75.45
N PHE I 631 9.80 -77.44 -74.43
CA PHE I 631 11.22 -77.24 -74.66
C PHE I 631 11.73 -78.18 -75.74
N LYS I 632 11.37 -79.47 -75.63
CA LYS I 632 11.84 -80.44 -76.62
C LYS I 632 11.32 -80.12 -78.01
N LEU I 633 10.04 -79.75 -78.13
CA LEU I 633 9.49 -79.43 -79.44
C LEU I 633 10.21 -78.22 -80.04
N LEU I 634 10.36 -77.16 -79.26
CA LEU I 634 10.99 -75.95 -79.77
C LEU I 634 12.45 -76.18 -80.11
N ILE I 635 13.15 -77.02 -79.35
CA ILE I 635 14.54 -77.28 -79.72
C ILE I 635 14.60 -78.05 -81.02
N ASN I 636 13.67 -78.98 -81.25
CA ASN I 636 13.65 -79.66 -82.54
C ASN I 636 13.48 -78.67 -83.68
N ILE I 637 12.51 -77.76 -83.55
CA ILE I 637 12.24 -76.83 -84.64
C ILE I 637 13.39 -75.83 -84.81
N LYS I 638 13.96 -75.35 -83.71
CA LYS I 638 15.09 -74.44 -83.80
C LYS I 638 16.27 -75.11 -84.49
N PHE I 639 16.54 -76.37 -84.14
CA PHE I 639 17.65 -77.09 -84.74
C PHE I 639 17.43 -77.26 -86.24
N ILE I 640 16.20 -77.62 -86.63
CA ILE I 640 15.95 -77.78 -88.07
C ILE I 640 16.10 -76.45 -88.80
N SER I 641 15.69 -75.35 -88.16
CA SER I 641 15.88 -74.05 -88.78
C SER I 641 17.35 -73.71 -88.96
N LYS I 642 18.19 -74.12 -88.00
CA LYS I 642 19.66 -73.91 -88.04
C LYS I 642 20.27 -74.84 -89.10
N TYR I 643 19.64 -75.98 -89.39
CA TYR I 643 20.08 -76.92 -90.45
C TYR I 643 19.63 -76.36 -91.80
N ASN I 644 18.52 -75.62 -91.83
CA ASN I 644 17.96 -75.04 -93.08
C ASN I 644 18.76 -73.79 -93.46
N SER I 645 19.34 -73.07 -92.49
CA SER I 645 20.16 -71.89 -92.78
C SER I 645 21.57 -72.29 -93.23
N SER I 646 22.18 -73.26 -92.56
CA SER I 646 23.52 -73.68 -92.96
C SER I 646 23.51 -74.32 -94.34
N ASN I 647 22.51 -75.17 -94.60
CA ASN I 647 22.41 -75.77 -95.93
C ASN I 647 22.18 -74.72 -96.99
N TRP I 648 21.45 -73.65 -96.64
CA TRP I 648 21.19 -72.49 -97.56
C TRP I 648 22.50 -71.72 -97.81
N GLN I 649 23.40 -71.66 -96.82
CA GLN I 649 24.70 -70.97 -97.01
C GLN I 649 25.52 -71.74 -98.05
N GLU I 650 25.61 -73.06 -97.90
CA GLU I 650 26.39 -73.89 -98.86
C GLU I 650 25.71 -73.86 -100.22
N MET I 651 24.42 -74.18 -100.28
CA MET I 651 23.72 -74.25 -101.58
C MET I 651 23.94 -72.96 -102.37
N ASN I 652 24.14 -71.82 -101.71
CA ASN I 652 24.26 -70.61 -102.50
C ASN I 652 25.71 -70.21 -102.74
N TYR I 653 26.58 -70.33 -101.73
CA TYR I 653 27.89 -69.72 -101.82
C TYR I 653 29.08 -70.67 -101.72
N SER I 654 28.87 -71.94 -101.38
CA SER I 654 30.00 -72.87 -101.40
C SER I 654 30.55 -72.99 -102.82
N LYS I 655 31.86 -73.20 -102.92
CA LYS I 655 32.51 -73.18 -104.22
C LYS I 655 31.89 -74.19 -105.18
N ILE I 656 31.62 -75.41 -104.70
CA ILE I 656 31.13 -76.45 -105.59
C ILE I 656 29.77 -76.07 -106.16
N TRP I 657 28.85 -75.64 -105.31
CA TRP I 657 27.52 -75.28 -105.79
C TRP I 657 27.56 -74.01 -106.64
N THR I 658 28.34 -73.02 -106.25
CA THR I 658 28.36 -71.76 -106.98
C THR I 658 29.17 -71.86 -108.29
N ASN I 659 29.79 -73.00 -108.56
CA ASN I 659 30.61 -73.12 -109.76
C ASN I 659 29.79 -72.80 -111.00
N SER I 660 30.40 -72.05 -111.91
CA SER I 660 29.73 -71.60 -113.13
C SER I 660 29.92 -72.56 -114.31
N HIS I 661 30.90 -73.46 -114.24
CA HIS I 661 31.31 -74.24 -115.40
C HIS I 661 30.49 -75.51 -115.61
N PHE I 662 29.39 -75.71 -114.88
CA PHE I 662 28.50 -76.82 -115.16
C PHE I 662 27.84 -76.65 -116.52
N ASN I 663 27.41 -77.78 -117.09
CA ASN I 663 26.62 -77.78 -118.30
C ASN I 663 25.18 -77.38 -117.99
N SER I 664 24.39 -77.18 -119.06
CA SER I 664 23.03 -76.67 -118.88
C SER I 664 22.18 -77.58 -118.00
N SER I 665 22.27 -78.90 -118.21
CA SER I 665 21.41 -79.82 -117.47
C SER I 665 21.67 -79.71 -115.97
N VAL I 666 22.95 -79.71 -115.58
CA VAL I 666 23.29 -79.61 -114.17
C VAL I 666 22.88 -78.26 -113.62
N LYS I 667 22.99 -77.21 -114.42
CA LYS I 667 22.54 -75.89 -113.98
C LYS I 667 21.06 -75.91 -113.64
N LYS I 668 20.24 -76.46 -114.52
CA LYS I 668 18.81 -76.50 -114.24
C LYS I 668 18.50 -77.38 -113.04
N TRP I 669 19.24 -78.48 -112.88
CA TRP I 669 19.07 -79.33 -111.71
C TRP I 669 19.36 -78.54 -110.44
N ILE I 670 20.46 -77.78 -110.43
CA ILE I 670 20.81 -76.98 -109.27
C ILE I 670 19.73 -75.94 -108.99
N LEU I 671 19.20 -75.32 -110.05
CA LEU I 671 18.16 -74.31 -109.89
C LEU I 671 16.91 -74.93 -109.26
N ARG I 672 16.51 -76.10 -109.74
CA ARG I 672 15.35 -76.77 -109.18
C ARG I 672 15.58 -77.10 -107.71
N CYS I 673 16.77 -77.59 -107.37
CA CYS I 673 17.07 -77.94 -105.99
C CYS I 673 17.04 -76.70 -105.10
N ARG I 674 17.60 -75.58 -105.57
CA ARG I 674 17.57 -74.36 -104.78
C ARG I 674 16.15 -73.89 -104.54
N VAL I 675 15.30 -73.95 -105.57
CA VAL I 675 13.91 -73.51 -105.38
C VAL I 675 13.19 -74.41 -104.39
N LEU I 676 13.39 -75.73 -104.50
CA LEU I 676 12.75 -76.64 -103.55
C LEU I 676 13.20 -76.36 -102.12
N HIS I 677 14.51 -76.13 -101.93
CA HIS I 677 14.99 -75.83 -100.60
C HIS I 677 14.44 -74.51 -100.08
N SER I 678 14.25 -73.53 -100.97
CA SER I 678 13.62 -72.28 -100.55
C SER I 678 12.19 -72.52 -100.08
N ARG I 679 11.46 -73.39 -100.78
CA ARG I 679 10.11 -73.71 -100.33
C ARG I 679 10.13 -74.35 -98.94
N ILE I 680 11.06 -75.29 -98.71
CA ILE I 680 11.14 -75.92 -97.40
C ILE I 680 11.46 -74.89 -96.32
N CYS I 681 12.41 -73.99 -96.62
CA CYS I 681 12.78 -72.96 -95.64
C CYS I 681 11.58 -72.09 -95.29
N SER I 682 10.82 -71.65 -96.28
CA SER I 682 9.66 -70.81 -96.01
C SER I 682 8.62 -71.57 -95.20
N PHE I 683 8.40 -72.84 -95.52
CA PHE I 683 7.43 -73.62 -94.77
C PHE I 683 7.83 -73.75 -93.31
N ILE I 684 9.11 -74.01 -93.05
CA ILE I 684 9.55 -74.17 -91.66
C ILE I 684 9.45 -72.86 -90.91
N HIS I 685 9.83 -71.74 -91.54
CA HIS I 685 9.68 -70.46 -90.85
C HIS I 685 8.22 -70.14 -90.57
N GLU I 686 7.30 -70.49 -91.48
CA GLU I 686 5.90 -70.24 -91.21
C GLU I 686 5.41 -71.08 -90.03
N LEU I 687 5.79 -72.36 -89.99
CA LEU I 687 5.37 -73.22 -88.89
C LEU I 687 5.92 -72.72 -87.56
N GLU I 688 7.21 -72.36 -87.53
CA GLU I 688 7.81 -71.85 -86.30
C GLU I 688 7.14 -70.55 -85.87
N ASN I 689 6.87 -69.65 -86.81
CA ASN I 689 6.18 -68.42 -86.47
C ASN I 689 4.84 -68.70 -85.81
N TYR I 690 4.05 -69.60 -86.40
CA TYR I 690 2.77 -69.90 -85.78
C TYR I 690 2.96 -70.42 -84.37
N ILE I 691 3.82 -71.43 -84.22
CA ILE I 691 3.95 -72.09 -82.92
C ILE I 691 4.42 -71.11 -81.86
N VAL I 692 5.30 -70.18 -82.20
CA VAL I 692 5.93 -69.38 -81.18
C VAL I 692 5.17 -68.09 -80.91
N HIS I 693 4.72 -67.35 -81.95
CA HIS I 693 4.01 -66.11 -81.69
C HIS I 693 2.51 -66.31 -81.54
N ASP I 694 1.90 -67.20 -82.33
CA ASP I 694 0.45 -67.36 -82.32
C ASP I 694 -0.04 -68.25 -81.18
N VAL I 695 0.86 -68.92 -80.46
CA VAL I 695 0.48 -69.88 -79.43
C VAL I 695 1.09 -69.51 -78.08
N ILE I 696 2.40 -69.28 -78.04
CA ILE I 696 3.09 -69.06 -76.78
C ILE I 696 2.91 -67.63 -76.30
N GLU I 697 3.37 -66.65 -77.10
CA GLU I 697 3.33 -65.26 -76.66
C GLU I 697 1.90 -64.76 -76.48
N HIS I 698 1.00 -65.15 -77.39
CA HIS I 698 -0.38 -64.67 -77.34
C HIS I 698 -1.07 -65.14 -76.08
N ASN I 699 -0.85 -66.39 -75.69
CA ASN I 699 -1.43 -66.90 -74.45
C ASN I 699 -0.73 -66.30 -73.23
N PHE I 700 0.59 -66.10 -73.32
CA PHE I 700 1.34 -65.59 -72.18
C PHE I 700 0.99 -64.15 -71.84
N GLU I 701 0.49 -63.38 -72.81
CA GLU I 701 0.15 -61.98 -72.51
C GLU I 701 -0.89 -61.91 -71.39
N GLU I 702 -1.88 -62.81 -71.42
CA GLU I 702 -2.93 -62.79 -70.40
C GLU I 702 -2.35 -63.04 -69.01
N ILE I 703 -1.48 -64.04 -68.89
CA ILE I 703 -0.91 -64.37 -67.58
C ILE I 703 -0.01 -63.25 -67.11
N LYS I 704 0.75 -62.65 -68.02
CA LYS I 704 1.61 -61.55 -67.63
C LYS I 704 0.78 -60.39 -67.06
N ASN I 705 -0.31 -60.04 -67.74
CA ASN I 705 -1.15 -58.95 -67.26
C ASN I 705 -1.75 -59.31 -65.90
N LEU I 706 -2.26 -60.54 -65.76
CA LEU I 706 -2.89 -60.93 -64.50
C LEU I 706 -1.89 -60.90 -63.35
N ILE I 707 -0.68 -61.40 -63.58
CA ILE I 707 0.30 -61.45 -62.50
C ILE I 707 0.77 -60.05 -62.13
N HIS I 708 0.91 -59.17 -63.12
CA HIS I 708 1.26 -57.79 -62.79
C HIS I 708 0.16 -57.15 -61.94
N THR I 709 -1.11 -57.39 -62.30
CA THR I 709 -2.20 -56.83 -61.51
C THR I 709 -2.19 -57.38 -60.08
N THR I 710 -1.93 -58.68 -59.92
CA THR I 710 -1.89 -59.26 -58.58
C THR I 710 -0.73 -58.70 -57.78
N ALA I 711 0.43 -58.51 -58.40
CA ALA I 711 1.57 -57.93 -57.70
C ALA I 711 1.22 -56.53 -57.20
N THR I 712 0.62 -55.71 -58.07
CA THR I 712 0.25 -54.37 -57.63
C THR I 712 -0.79 -54.41 -56.52
N ASN I 713 -1.74 -55.34 -56.60
CA ASN I 713 -2.76 -55.45 -55.55
C ASN I 713 -2.13 -55.81 -54.22
N LEU I 714 -1.21 -56.77 -54.20
CA LEU I 714 -0.63 -57.19 -52.93
C LEU I 714 0.36 -56.17 -52.39
N ALA I 715 1.01 -55.39 -53.26
CA ALA I 715 1.99 -54.43 -52.79
C ALA I 715 1.41 -53.49 -51.75
N THR I 716 0.16 -53.08 -51.92
CA THR I 716 -0.48 -52.11 -51.03
C THR I 716 -1.24 -52.76 -49.89
N SER I 717 -1.18 -54.08 -49.75
CA SER I 717 -1.99 -54.80 -48.78
C SER I 717 -1.14 -55.19 -47.57
N GLU I 718 -1.61 -54.83 -46.38
CA GLU I 718 -0.93 -55.20 -45.15
C GLU I 718 -0.85 -56.72 -45.01
N LEU I 719 0.02 -57.17 -44.11
CA LEU I 719 0.16 -58.57 -43.77
C LEU I 719 -0.58 -58.85 -42.47
N GLY I 720 -1.47 -59.85 -42.48
CA GLY I 720 -2.24 -60.18 -41.30
C GLY I 720 -3.51 -59.39 -41.21
N SER I 721 -4.64 -60.06 -40.97
CA SER I 721 -5.95 -59.44 -40.93
C SER I 721 -6.63 -59.72 -39.59
N ASP I 722 -7.32 -58.70 -39.07
CA ASP I 722 -8.01 -58.82 -37.79
C ASP I 722 -9.43 -59.32 -38.01
N ILE I 723 -9.84 -60.26 -37.18
CA ILE I 723 -11.19 -60.85 -37.25
C ILE I 723 -11.87 -60.62 -35.91
N ASN I 724 -13.05 -60.01 -35.94
CA ASN I 724 -13.83 -59.71 -34.75
C ASN I 724 -15.14 -60.49 -34.77
N ASP I 725 -15.75 -60.60 -33.59
CA ASP I 725 -17.01 -61.32 -33.45
C ASP I 725 -17.77 -60.79 -32.25
N GLU I 726 -19.09 -61.00 -32.26
CA GLU I 726 -19.97 -60.59 -31.18
C GLU I 726 -19.98 -61.64 -30.07
N GLY I 727 -20.80 -61.40 -29.05
CA GLY I 727 -20.91 -62.31 -27.92
C GLY I 727 -21.64 -63.62 -28.21
N ASP I 728 -22.41 -63.67 -29.28
CA ASP I 728 -23.09 -64.90 -29.73
C ASP I 728 -23.93 -65.51 -28.62
N ASN I 729 -24.98 -64.78 -28.22
CA ASN I 729 -25.91 -65.24 -27.19
C ASN I 729 -26.94 -66.24 -27.71
N ILE I 730 -26.84 -66.68 -28.97
CA ILE I 730 -27.91 -67.49 -29.57
C ILE I 730 -28.20 -68.73 -28.74
N PHE I 731 -27.17 -69.45 -28.31
CA PHE I 731 -27.34 -70.69 -27.54
C PHE I 731 -28.37 -71.61 -28.19
N ASN I 732 -29.47 -71.90 -27.49
CA ASN I 732 -30.45 -72.87 -27.97
C ASN I 732 -31.08 -72.44 -29.28
N GLY I 733 -31.06 -71.14 -29.60
CA GLY I 733 -31.56 -70.69 -30.88
C GLY I 733 -30.67 -71.04 -32.05
N SER I 734 -29.52 -71.66 -31.79
CA SER I 734 -28.57 -72.02 -32.84
C SER I 734 -28.08 -73.46 -32.77
N LEU I 735 -28.23 -74.15 -31.63
CA LEU I 735 -27.66 -75.48 -31.47
C LEU I 735 -28.13 -76.42 -32.58
N ILE I 736 -29.44 -76.49 -32.81
CA ILE I 736 -30.01 -77.36 -33.84
C ILE I 736 -29.50 -78.80 -33.70
N ARG I 737 -29.47 -79.29 -32.46
CA ARG I 737 -28.97 -80.63 -32.18
C ARG I 737 -29.95 -81.69 -32.69
N GLY I 738 -29.40 -82.88 -32.92
CA GLY I 738 -30.17 -83.99 -33.46
C GLY I 738 -29.41 -84.70 -34.57
N THR I 739 -30.13 -85.20 -35.58
CA THR I 739 -29.47 -85.80 -36.73
C THR I 739 -28.92 -84.71 -37.65
N PHE I 740 -29.81 -83.89 -38.20
CA PHE I 740 -29.41 -82.70 -38.95
C PHE I 740 -30.65 -81.90 -39.35
N ASN I 741 -30.43 -80.79 -40.04
CA ASN I 741 -31.51 -79.99 -40.59
C ASN I 741 -31.81 -80.44 -42.02
N ASN I 742 -32.79 -79.80 -42.64
CA ASN I 742 -33.11 -80.05 -44.03
C ASN I 742 -32.36 -79.14 -44.99
N ASN I 743 -31.50 -78.27 -44.47
CA ASN I 743 -30.78 -77.33 -45.32
C ASN I 743 -29.74 -78.00 -46.21
N SER I 744 -29.46 -79.29 -45.98
CA SER I 744 -28.42 -79.95 -46.76
C SER I 744 -28.79 -80.03 -48.24
N ILE I 745 -30.07 -80.07 -48.57
CA ILE I 745 -30.48 -80.18 -49.97
C ILE I 745 -30.09 -78.92 -50.74
N PHE I 746 -30.18 -77.76 -50.10
CA PHE I 746 -29.87 -76.52 -50.80
C PHE I 746 -28.39 -76.42 -51.17
N ASP I 747 -27.51 -76.92 -50.30
CA ASP I 747 -26.09 -76.87 -50.61
C ASP I 747 -25.77 -77.64 -51.88
N SER I 748 -26.39 -78.81 -52.06
CA SER I 748 -26.18 -79.59 -53.27
C SER I 748 -26.91 -79.00 -54.47
N LYS I 749 -28.06 -78.36 -54.24
CA LYS I 749 -28.82 -77.79 -55.35
C LYS I 749 -28.04 -76.68 -56.04
N VAL I 750 -27.38 -75.82 -55.26
CA VAL I 750 -26.62 -74.73 -55.87
C VAL I 750 -25.36 -75.28 -56.53
N HIS I 751 -24.82 -74.50 -57.47
CA HIS I 751 -23.61 -74.85 -58.19
C HIS I 751 -22.66 -73.67 -58.15
N LYS I 752 -21.36 -73.97 -58.16
CA LYS I 752 -20.32 -72.94 -58.13
C LYS I 752 -19.33 -73.15 -59.27
N HIS I 753 -19.86 -73.37 -60.47
CA HIS I 753 -19.04 -73.46 -61.67
C HIS I 753 -18.91 -72.13 -62.40
N ARG I 754 -19.47 -71.05 -61.84
CA ARG I 754 -19.46 -69.73 -62.47
C ARG I 754 -18.45 -68.85 -61.74
N THR I 755 -17.23 -68.77 -62.28
CA THR I 755 -16.18 -67.91 -61.75
C THR I 755 -15.36 -67.40 -62.92
N THR I 756 -15.33 -66.08 -63.12
CA THR I 756 -14.65 -65.51 -64.27
C THR I 756 -14.31 -64.05 -63.97
N THR I 757 -13.75 -63.38 -64.97
CA THR I 757 -13.38 -61.97 -65.02
C THR I 757 -12.09 -61.69 -64.24
N TYR I 758 -11.54 -62.67 -63.53
CA TYR I 758 -10.28 -62.49 -62.79
C TYR I 758 -10.19 -61.11 -62.16
N VAL I 759 -11.26 -60.74 -61.44
CA VAL I 759 -11.34 -59.41 -60.87
C VAL I 759 -10.25 -59.20 -59.82
N GLU I 760 -9.59 -58.05 -59.88
CA GLU I 760 -8.53 -57.69 -58.93
C GLU I 760 -7.41 -58.71 -58.90
N GLY I 761 -7.16 -59.36 -60.05
CA GLY I 761 -6.10 -60.34 -60.11
C GLY I 761 -6.46 -61.65 -59.43
N ILE I 762 -5.44 -62.47 -59.22
CA ILE I 762 -5.62 -63.79 -58.63
C ILE I 762 -5.66 -63.62 -57.12
N SER I 763 -6.70 -64.18 -56.49
CA SER I 763 -6.92 -64.00 -55.05
C SER I 763 -6.71 -65.27 -54.24
N THR I 764 -6.64 -66.44 -54.87
CA THR I 764 -6.45 -67.69 -54.15
C THR I 764 -5.34 -68.49 -54.82
N VAL I 765 -4.49 -69.12 -53.99
CA VAL I 765 -3.36 -69.88 -54.53
C VAL I 765 -3.86 -70.98 -55.45
N GLU I 766 -5.06 -71.51 -55.19
CA GLU I 766 -5.59 -72.56 -56.06
C GLU I 766 -5.84 -72.02 -57.47
N GLN I 767 -6.40 -70.81 -57.60
CA GLN I 767 -6.52 -70.21 -58.91
C GLN I 767 -5.16 -69.90 -59.50
N LEU I 768 -4.19 -69.53 -58.67
CA LEU I 768 -2.85 -69.26 -59.18
C LEU I 768 -2.28 -70.49 -59.86
N ILE I 769 -2.43 -71.66 -59.22
CA ILE I 769 -1.95 -72.90 -59.84
C ILE I 769 -2.80 -73.27 -61.05
N GLN I 770 -4.11 -73.07 -60.95
CA GLN I 770 -5.01 -73.47 -62.03
C GLN I 770 -4.75 -72.66 -63.29
N LYS I 771 -4.42 -71.38 -63.15
CA LYS I 771 -4.17 -70.55 -64.33
C LYS I 771 -3.00 -71.10 -65.12
N PHE I 772 -1.92 -71.46 -64.43
CA PHE I 772 -0.74 -71.97 -65.12
C PHE I 772 -0.97 -73.36 -65.67
N LEU I 773 -1.75 -74.19 -64.97
CA LEU I 773 -2.08 -75.50 -65.52
C LEU I 773 -2.88 -75.35 -66.81
N ASP I 774 -3.85 -74.43 -66.82
CA ASP I 774 -4.62 -74.19 -68.03
C ASP I 774 -3.74 -73.66 -69.14
N TYR I 775 -2.78 -72.79 -68.81
CA TYR I 775 -1.87 -72.25 -69.81
C TYR I 775 -1.04 -73.35 -70.45
N SER I 776 -0.49 -74.25 -69.62
CA SER I 776 0.31 -75.35 -70.17
C SER I 776 -0.54 -76.28 -71.01
N SER I 777 -1.78 -76.57 -70.56
CA SER I 777 -2.66 -77.41 -71.36
C SER I 777 -2.98 -76.75 -72.69
N THR I 778 -3.16 -75.43 -72.69
CA THR I 778 -3.39 -74.71 -73.94
C THR I 778 -2.20 -74.82 -74.86
N LEU I 779 -0.98 -74.68 -74.32
CA LEU I 779 0.21 -74.79 -75.15
C LEU I 779 0.29 -76.17 -75.78
N LEU I 780 0.03 -77.22 -75.01
CA LEU I 780 0.09 -78.56 -75.60
C LEU I 780 -1.01 -78.79 -76.61
N ASN I 781 -2.23 -78.33 -76.33
CA ASN I 781 -3.34 -78.62 -77.23
C ASN I 781 -3.22 -77.85 -78.53
N ASP I 782 -2.86 -76.57 -78.47
CA ASP I 782 -2.72 -75.78 -79.68
C ASP I 782 -1.63 -76.35 -80.59
N SER I 783 -0.48 -76.67 -80.02
CA SER I 783 0.57 -77.31 -80.79
C SER I 783 0.06 -78.62 -81.37
N LEU I 784 0.69 -79.06 -82.45
CA LEU I 784 0.25 -80.23 -83.19
C LEU I 784 0.81 -81.51 -82.55
N LEU I 785 0.52 -81.68 -81.26
CA LEU I 785 0.97 -82.85 -80.53
C LEU I 785 -0.13 -83.58 -79.76
N THR I 786 -1.36 -83.08 -79.77
CA THR I 786 -2.41 -83.67 -78.95
C THR I 786 -3.23 -84.72 -79.69
N ARG I 787 -3.58 -84.48 -80.94
CA ARG I 787 -4.31 -85.46 -81.74
C ARG I 787 -3.32 -86.48 -82.30
N GLU I 788 -3.86 -87.60 -82.80
CA GLU I 788 -2.99 -88.58 -83.44
C GLU I 788 -2.70 -88.26 -84.89
N GLU I 789 -3.68 -87.71 -85.61
CA GLU I 789 -3.46 -87.34 -87.01
C GLU I 789 -2.46 -86.20 -87.12
N SER I 790 -2.62 -85.17 -86.28
CA SER I 790 -1.72 -84.03 -86.34
C SER I 790 -0.31 -84.42 -85.93
N LEU I 791 -0.19 -85.21 -84.86
CA LEU I 791 1.14 -85.63 -84.43
C LEU I 791 1.81 -86.50 -85.48
N ARG I 792 1.07 -87.44 -86.09
CA ARG I 792 1.66 -88.29 -87.11
C ARG I 792 2.13 -87.48 -88.31
N GLN I 793 1.30 -86.54 -88.76
CA GLN I 793 1.70 -85.70 -89.90
C GLN I 793 2.91 -84.84 -89.55
N LEU I 794 2.94 -84.27 -88.34
CA LEU I 794 4.10 -83.48 -87.94
C LEU I 794 5.37 -84.33 -87.90
N ARG I 795 5.26 -85.55 -87.38
CA ARG I 795 6.42 -86.43 -87.30
C ARG I 795 6.94 -86.76 -88.69
N LYS I 796 6.03 -87.06 -89.63
CA LYS I 796 6.46 -87.34 -90.99
C LYS I 796 7.12 -86.12 -91.62
N MET I 797 6.55 -84.93 -91.40
CA MET I 797 7.10 -83.73 -92.02
C MET I 797 8.50 -83.44 -91.51
N LEU I 798 8.69 -83.49 -90.18
CA LEU I 798 10.01 -83.19 -89.64
C LEU I 798 11.03 -84.25 -90.06
N ASP I 799 10.64 -85.52 -90.04
CA ASP I 799 11.56 -86.56 -90.51
C ASP I 799 11.97 -86.31 -91.95
N PHE I 800 11.01 -85.97 -92.81
CA PHE I 800 11.33 -85.76 -94.21
C PHE I 800 12.27 -84.58 -94.38
N ILE I 801 12.03 -83.49 -93.67
CA ILE I 801 12.90 -82.32 -93.82
C ILE I 801 14.31 -82.65 -93.37
N PHE I 802 14.45 -83.34 -92.24
CA PHE I 802 15.78 -83.67 -91.73
C PHE I 802 16.53 -84.57 -92.72
N HIS I 803 15.84 -85.60 -93.22
CA HIS I 803 16.49 -86.50 -94.18
C HIS I 803 16.82 -85.77 -95.48
N PHE I 804 15.99 -84.82 -95.89
CA PHE I 804 16.31 -84.04 -97.08
C PHE I 804 17.58 -83.22 -96.87
N ASN I 805 17.75 -82.63 -95.68
CA ASN I 805 18.97 -81.90 -95.41
C ASN I 805 20.19 -82.83 -95.45
N ASN I 806 20.06 -84.03 -94.88
CA ASN I 806 21.17 -84.97 -94.95
C ASN I 806 21.48 -85.37 -96.39
N TYR I 807 20.45 -85.56 -97.20
CA TYR I 807 20.66 -85.87 -98.61
C TYR I 807 21.34 -84.71 -99.33
N ILE I 808 20.98 -83.48 -98.99
CA ILE I 808 21.65 -82.32 -99.59
C ILE I 808 23.12 -82.34 -99.24
N VAL I 809 23.45 -82.65 -97.98
CA VAL I 809 24.86 -82.73 -97.62
C VAL I 809 25.58 -83.79 -98.43
N GLN I 810 24.97 -84.97 -98.59
CA GLN I 810 25.66 -86.01 -99.33
C GLN I 810 25.75 -85.69 -100.82
N VAL I 811 24.89 -84.80 -101.33
CA VAL I 811 24.95 -84.43 -102.73
C VAL I 811 26.25 -83.71 -103.05
N LYS I 812 26.79 -82.93 -102.12
CA LYS I 812 27.98 -82.13 -102.41
C LYS I 812 29.10 -83.00 -102.96
N LYS I 813 29.23 -84.23 -102.45
CA LYS I 813 30.29 -85.11 -102.94
C LYS I 813 30.06 -85.47 -104.41
N VAL I 814 28.82 -85.74 -104.79
CA VAL I 814 28.54 -86.19 -106.14
C VAL I 814 28.86 -85.11 -107.15
N LEU I 815 28.49 -83.86 -106.86
CA LEU I 815 28.69 -82.79 -107.83
C LEU I 815 30.15 -82.59 -108.18
N VAL I 816 31.08 -83.05 -107.34
CA VAL I 816 32.49 -82.93 -107.66
C VAL I 816 32.80 -83.68 -108.95
N LEU I 817 32.27 -84.90 -109.08
CA LEU I 817 32.61 -85.75 -110.21
C LEU I 817 32.00 -85.26 -111.51
N LEU I 818 30.85 -84.57 -111.43
CA LEU I 818 30.15 -84.18 -112.65
C LEU I 818 30.96 -83.17 -113.46
N ASN I 819 31.29 -82.04 -112.86
CA ASN I 819 32.09 -81.03 -113.53
C ASN I 819 33.57 -81.39 -113.45
N HIS I 820 34.32 -81.04 -114.49
CA HIS I 820 35.73 -81.35 -114.58
C HIS I 820 36.61 -80.28 -113.95
N GLU I 821 36.21 -79.00 -114.08
CA GLU I 821 37.10 -77.91 -113.71
C GLU I 821 37.50 -77.96 -112.25
N LEU I 822 36.63 -78.50 -111.39
CA LEU I 822 36.91 -78.65 -109.97
C LEU I 822 37.24 -80.08 -109.57
N PHE I 823 36.89 -81.07 -110.39
CA PHE I 823 37.24 -82.44 -110.06
C PHE I 823 38.75 -82.62 -110.03
N ASN I 824 39.46 -81.98 -110.96
CA ASN I 824 40.91 -82.09 -110.96
C ASN I 824 41.50 -81.50 -109.67
N GLU I 825 40.96 -80.36 -109.22
CA GLU I 825 41.47 -79.76 -107.99
C GLU I 825 41.21 -80.66 -106.79
N TYR I 826 40.00 -81.22 -106.68
CA TYR I 826 39.72 -82.04 -105.51
C TYR I 826 40.38 -83.42 -105.57
N SER I 827 40.61 -83.96 -106.77
CA SER I 827 41.26 -85.25 -106.89
C SER I 827 42.75 -85.18 -106.59
N LYS I 828 43.32 -83.98 -106.49
CA LYS I 828 44.74 -83.85 -106.20
C LYS I 828 45.11 -84.51 -104.88
N GLU I 829 44.17 -84.55 -103.94
CA GLU I 829 44.43 -85.17 -102.64
C GLU I 829 43.80 -86.55 -102.57
N ASP I 839 34.52 -91.04 -116.84
CA ASP I 839 34.14 -91.28 -118.24
C ASP I 839 32.80 -90.64 -118.55
N GLN I 840 32.54 -90.43 -119.85
CA GLN I 840 31.28 -89.82 -120.26
C GLN I 840 30.10 -90.68 -119.85
N GLU I 841 30.21 -92.00 -120.04
CA GLU I 841 29.12 -92.90 -119.66
C GLU I 841 28.88 -92.86 -118.16
N SER I 842 29.96 -92.85 -117.35
CA SER I 842 29.82 -92.80 -115.91
C SER I 842 29.17 -91.49 -115.47
N ILE I 843 29.58 -90.38 -116.09
CA ILE I 843 28.99 -89.08 -115.73
C ILE I 843 27.51 -89.07 -116.08
N ASP I 844 27.15 -89.62 -117.25
CA ASP I 844 25.75 -89.69 -117.62
C ASP I 844 24.96 -90.53 -116.63
N LYS I 845 25.54 -91.66 -116.18
CA LYS I 845 24.88 -92.48 -115.18
C LYS I 845 24.69 -91.72 -113.87
N ARG I 846 25.70 -90.97 -113.44
CA ARG I 846 25.58 -90.21 -112.20
C ARG I 846 24.45 -89.20 -112.30
N PHE I 847 24.38 -88.48 -113.42
CA PHE I 847 23.32 -87.48 -113.58
C PHE I 847 21.96 -88.14 -113.66
N ALA I 848 21.86 -89.30 -114.32
CA ALA I 848 20.59 -90.00 -114.40
C ALA I 848 20.12 -90.46 -113.03
N ASN I 849 21.05 -90.94 -112.20
CA ASN I 849 20.69 -91.32 -110.84
C ASN I 849 20.19 -90.13 -110.04
N LEU I 850 20.89 -89.00 -110.14
CA LEU I 850 20.44 -87.81 -109.43
C LEU I 850 19.07 -87.35 -109.90
N SER I 851 18.75 -87.57 -111.17
CA SER I 851 17.44 -87.16 -111.67
C SER I 851 16.34 -87.84 -110.89
N ASP I 852 16.40 -89.18 -110.79
CA ASP I 852 15.35 -89.93 -110.12
C ASP I 852 15.34 -89.65 -108.62
N THR I 853 16.52 -89.54 -108.00
CA THR I 853 16.55 -89.26 -106.56
C THR I 853 15.89 -87.91 -106.25
N PHE I 854 16.24 -86.88 -107.02
CA PHE I 854 15.67 -85.56 -106.77
C PHE I 854 14.17 -85.54 -107.06
N LEU I 855 13.74 -86.23 -108.12
CA LEU I 855 12.31 -86.29 -108.39
C LEU I 855 11.56 -86.97 -107.25
N MET I 856 12.15 -88.03 -106.69
CA MET I 856 11.52 -88.72 -105.57
C MET I 856 11.34 -87.76 -104.39
N GLN I 857 12.39 -87.00 -104.06
CA GLN I 857 12.27 -86.06 -102.95
C GLN I 857 11.21 -84.99 -103.25
N TYR I 858 11.18 -84.49 -104.48
CA TYR I 858 10.21 -83.46 -104.85
C TYR I 858 8.78 -83.95 -104.67
N GLU I 859 8.49 -85.15 -105.19
CA GLU I 859 7.13 -85.67 -105.08
C GLU I 859 6.77 -86.04 -103.65
N LYS I 860 7.75 -86.53 -102.88
CA LYS I 860 7.49 -86.80 -101.48
C LYS I 860 7.13 -85.54 -100.72
N PHE I 861 7.81 -84.44 -101.02
CA PHE I 861 7.45 -83.16 -100.40
C PHE I 861 6.03 -82.78 -100.73
N GLY I 862 5.64 -82.91 -102.00
CA GLY I 862 4.28 -82.57 -102.38
C GLY I 862 3.25 -83.40 -101.63
N GLU I 863 3.49 -84.72 -101.54
CA GLU I 863 2.56 -85.60 -100.83
C GLU I 863 2.43 -85.19 -99.37
N ASN I 864 3.57 -85.00 -98.69
CA ASN I 864 3.53 -84.67 -97.28
C ASN I 864 2.81 -83.35 -97.05
N LEU I 865 3.06 -82.36 -97.91
CA LEU I 865 2.41 -81.07 -97.76
C LEU I 865 0.90 -81.21 -97.89
N VAL I 866 0.43 -81.97 -98.90
CA VAL I 866 -1.01 -82.09 -99.09
C VAL I 866 -1.65 -82.75 -97.88
N THR I 867 -1.06 -83.85 -97.40
CA THR I 867 -1.65 -84.55 -96.27
C THR I 867 -1.66 -83.66 -95.02
N PHE I 868 -0.57 -82.93 -94.80
CA PHE I 868 -0.48 -82.08 -93.62
C PHE I 868 -1.53 -80.98 -93.64
N LEU I 869 -1.72 -80.34 -94.80
CA LEU I 869 -2.74 -79.30 -94.88
C LEU I 869 -4.13 -79.87 -94.65
N ALA I 870 -4.43 -81.04 -95.22
CA ALA I 870 -5.76 -81.61 -95.02
C ALA I 870 -6.00 -81.90 -93.53
N THR I 871 -4.98 -82.47 -92.86
CA THR I 871 -5.14 -82.79 -91.44
C THR I 871 -5.36 -81.54 -90.60
N ILE I 872 -4.56 -80.49 -90.83
CA ILE I 872 -4.75 -79.27 -90.08
C ILE I 872 -6.14 -78.71 -90.33
N LYS I 873 -6.59 -78.75 -91.59
CA LYS I 873 -7.90 -78.17 -91.89
C LYS I 873 -9.00 -78.89 -91.13
N GLN I 874 -8.98 -80.22 -91.12
CA GLN I 874 -10.06 -80.92 -90.42
C GLN I 874 -10.00 -80.67 -88.91
N VAL I 875 -8.79 -80.70 -88.32
CA VAL I 875 -8.72 -80.49 -86.88
C VAL I 875 -9.13 -79.06 -86.52
N GLY I 876 -8.68 -78.08 -87.29
CA GLY I 876 -9.06 -76.71 -87.01
C GLY I 876 -10.55 -76.47 -87.13
N GLU I 877 -11.17 -77.05 -88.15
CA GLU I 877 -12.61 -76.90 -88.28
C GLU I 877 -13.35 -77.57 -87.12
N ARG I 878 -12.83 -78.69 -86.62
CA ARG I 878 -13.55 -79.39 -85.56
C ARG I 878 -13.36 -78.72 -84.19
N GLU I 879 -12.12 -78.63 -83.72
CA GLU I 879 -11.85 -78.30 -82.32
C GLU I 879 -11.17 -76.94 -82.16
N ASN I 880 -9.99 -76.76 -82.74
CA ASN I 880 -9.11 -75.66 -82.39
C ASN I 880 -9.34 -74.46 -83.30
N GLN I 881 -9.52 -73.28 -82.70
CA GLN I 881 -9.64 -72.07 -83.49
C GLN I 881 -8.29 -71.62 -84.02
N GLY I 882 -7.22 -71.78 -83.23
CA GLY I 882 -5.92 -71.33 -83.66
C GLY I 882 -5.41 -72.04 -84.89
N LEU I 883 -5.73 -73.33 -85.03
CA LEU I 883 -5.25 -74.09 -86.18
C LEU I 883 -5.99 -73.69 -87.46
N LEU I 884 -7.20 -73.15 -87.34
CA LEU I 884 -7.97 -72.79 -88.53
C LEU I 884 -7.30 -71.65 -89.29
N GLU I 885 -6.85 -70.62 -88.58
CA GLU I 885 -6.17 -69.51 -89.24
C GLU I 885 -4.83 -69.95 -89.81
N LEU I 886 -4.14 -70.87 -89.14
CA LEU I 886 -2.92 -71.44 -89.70
C LEU I 886 -3.23 -72.18 -91.00
N SER I 887 -4.33 -72.92 -91.04
CA SER I 887 -4.71 -73.60 -92.26
C SER I 887 -4.98 -72.60 -93.37
N ASN I 888 -5.67 -71.51 -93.05
CA ASN I 888 -5.92 -70.48 -94.06
C ASN I 888 -4.62 -69.90 -94.58
N ARG I 889 -3.69 -69.61 -93.68
CA ARG I 889 -2.41 -69.03 -94.11
C ARG I 889 -1.63 -69.99 -94.99
N LEU I 890 -1.55 -71.26 -94.60
CA LEU I 890 -0.77 -72.21 -95.39
C LEU I 890 -1.44 -72.48 -96.73
N GLU I 891 -2.76 -72.51 -96.76
CA GLU I 891 -3.45 -72.68 -98.03
C GLU I 891 -3.22 -71.48 -98.94
N LEU I 892 -3.22 -70.27 -98.37
CA LEU I 892 -2.89 -69.10 -99.17
C LEU I 892 -1.43 -69.08 -99.59
N CYS I 893 -0.57 -69.85 -98.93
CA CYS I 893 0.82 -69.93 -99.35
C CYS I 893 0.96 -70.76 -100.62
N PHE I 894 0.60 -72.03 -100.55
CA PHE I 894 0.74 -72.94 -101.68
C PHE I 894 -0.57 -73.09 -102.42
N LEU J 157 -38.01 -93.75 18.93
CA LEU J 157 -36.65 -94.29 18.63
C LEU J 157 -36.34 -94.15 17.15
N THR J 158 -35.07 -93.88 16.84
CA THR J 158 -34.65 -93.76 15.46
C THR J 158 -34.52 -95.13 14.81
N LEU J 159 -34.36 -95.14 13.49
CA LEU J 159 -34.24 -96.40 12.78
C LEU J 159 -33.00 -97.17 13.22
N SER J 160 -31.89 -96.46 13.42
CA SER J 160 -30.64 -97.12 13.78
C SER J 160 -30.72 -97.82 15.13
N GLN J 161 -31.68 -97.45 15.98
CA GLN J 161 -31.76 -98.08 17.29
C GLN J 161 -32.53 -99.39 17.24
N LEU J 162 -33.59 -99.45 16.44
CA LEU J 162 -34.40 -100.66 16.37
C LEU J 162 -33.64 -101.83 15.77
N ILE J 163 -32.61 -101.55 14.98
CA ILE J 163 -31.84 -102.61 14.33
C ILE J 163 -30.72 -103.14 15.22
N GLU J 164 -30.33 -102.38 16.24
CA GLU J 164 -29.17 -102.75 17.05
C GLU J 164 -29.23 -104.17 17.58
N PRO J 165 -30.34 -104.65 18.16
CA PRO J 165 -30.35 -106.03 18.65
C PRO J 165 -30.12 -107.06 17.56
N TYR J 166 -30.55 -106.79 16.32
CA TYR J 166 -30.54 -107.77 15.25
C TYR J 166 -29.38 -107.58 14.28
N TYR J 167 -28.37 -106.81 14.65
CA TYR J 167 -27.27 -106.52 13.73
C TYR J 167 -26.00 -106.31 14.54
N ASP J 168 -25.05 -107.25 14.42
CA ASP J 168 -23.85 -107.30 15.24
C ASP J 168 -22.61 -107.01 14.39
N THR J 169 -21.84 -106.01 14.80
CA THR J 169 -20.56 -105.70 14.17
C THR J 169 -19.79 -104.74 15.07
N LEU J 170 -18.46 -104.88 15.05
CA LEU J 170 -17.58 -103.98 15.78
C LEU J 170 -17.65 -102.58 15.19
N GLN J 173 -18.59 -96.65 15.50
CA GLN J 173 -17.73 -95.56 15.96
C GLN J 173 -16.37 -96.09 16.39
N THR J 174 -16.31 -97.34 16.83
CA THR J 174 -15.04 -97.92 17.25
C THR J 174 -14.07 -98.01 16.08
N ILE J 175 -14.57 -98.31 14.88
CA ILE J 175 -13.71 -98.35 13.71
C ILE J 175 -13.09 -96.98 13.46
N LEU J 176 -13.89 -95.92 13.57
CA LEU J 176 -13.37 -94.58 13.35
C LEU J 176 -12.36 -94.17 14.41
N THR J 177 -12.35 -94.84 15.57
CA THR J 177 -11.36 -94.51 16.58
C THR J 177 -9.97 -94.94 16.14
N TYR J 178 -9.84 -96.13 15.56
CA TYR J 178 -8.56 -96.67 15.13
C TYR J 178 -8.31 -96.52 13.64
N LEU J 179 -9.22 -95.87 12.90
CA LEU J 179 -9.01 -95.75 11.46
C LEU J 179 -7.95 -94.72 11.12
N PRO J 180 -7.88 -93.55 11.77
CA PRO J 180 -6.84 -92.58 11.40
C PRO J 180 -5.43 -93.13 11.50
N TYR J 181 -5.16 -93.97 12.50
CA TYR J 181 -3.83 -94.53 12.65
C TYR J 181 -3.52 -95.52 11.52
N THR J 182 -4.54 -96.21 11.01
CA THR J 182 -4.32 -97.12 9.89
C THR J 182 -4.14 -96.35 8.58
N MET J 183 -4.87 -95.24 8.43
CA MET J 183 -4.78 -94.47 7.19
C MET J 183 -3.40 -93.88 7.00
N LEU J 184 -2.73 -93.48 8.07
CA LEU J 184 -1.39 -92.91 8.00
C LEU J 184 -0.31 -93.98 7.86
N GLY J 185 -0.68 -95.19 7.47
CA GLY J 185 0.29 -96.26 7.28
C GLY J 185 0.99 -96.67 8.55
N SER J 186 0.23 -96.88 9.62
CA SER J 186 0.77 -97.34 10.89
C SER J 186 -0.07 -98.51 11.39
N ASP J 187 0.58 -99.39 12.15
CA ASP J 187 -0.11 -100.56 12.69
C ASP J 187 -1.20 -100.13 13.67
N SER J 188 -2.25 -100.93 13.75
CA SER J 188 -3.38 -100.64 14.63
C SER J 188 -3.75 -101.89 15.41
N LYS J 189 -4.48 -101.69 16.52
CA LYS J 189 -4.90 -102.80 17.40
C LYS J 189 -5.77 -103.78 16.63
N ILE J 190 -6.59 -103.29 15.67
CA ILE J 190 -7.53 -104.14 14.95
C ILE J 190 -7.17 -104.32 13.48
N PHE J 191 -6.25 -103.53 12.94
CA PHE J 191 -5.77 -103.69 11.58
C PHE J 191 -4.25 -103.80 11.62
N THR J 192 -3.71 -104.87 11.05
CA THR J 192 -2.27 -105.14 11.08
C THR J 192 -1.76 -105.37 9.67
N PHE J 193 -0.68 -104.68 9.32
CA PHE J 193 -0.02 -104.89 8.04
C PHE J 193 0.88 -106.13 8.11
N SER J 194 1.20 -106.67 6.94
CA SER J 194 2.06 -107.84 6.86
C SER J 194 2.69 -107.92 5.48
N ASN J 195 3.72 -108.75 5.37
CA ASN J 195 4.40 -108.98 4.10
C ASN J 195 4.96 -107.68 3.53
N ASN J 196 5.79 -107.02 4.35
CA ASN J 196 6.46 -105.79 3.95
C ASN J 196 5.46 -104.73 3.52
N TYR J 197 4.33 -104.65 4.23
CA TYR J 197 3.30 -103.63 3.98
C TYR J 197 2.75 -103.74 2.56
N THR J 198 2.40 -104.96 2.16
CA THR J 198 1.77 -105.21 0.87
C THR J 198 0.34 -105.71 1.00
N ARG J 199 -0.11 -106.07 2.19
CA ARG J 199 -1.48 -106.51 2.39
C ARG J 199 -1.92 -106.14 3.79
N LEU J 200 -3.24 -105.94 3.94
CA LEU J 200 -3.83 -105.54 5.21
C LEU J 200 -4.95 -106.53 5.56
N GLU J 201 -4.94 -107.01 6.80
CA GLU J 201 -5.87 -108.05 7.23
C GLU J 201 -7.05 -107.41 7.96
N ILE J 202 -8.25 -107.62 7.43
CA ILE J 202 -9.45 -107.12 8.09
C ILE J 202 -9.88 -108.14 9.16
N PRO J 203 -10.07 -107.72 10.42
CA PRO J 203 -10.28 -108.70 11.49
C PRO J 203 -11.63 -109.39 11.42
N LYS J 204 -11.84 -110.38 12.28
CA LYS J 204 -13.17 -110.91 12.50
C LYS J 204 -14.03 -109.87 13.20
N ASP J 205 -15.35 -110.13 13.22
CA ASP J 205 -16.33 -109.20 13.79
C ASP J 205 -16.42 -107.94 12.94
N ILE J 206 -16.26 -108.10 11.62
CA ILE J 206 -16.58 -107.05 10.66
C ILE J 206 -17.37 -107.72 9.55
N ASN J 207 -18.70 -107.67 9.63
CA ASN J 207 -19.54 -108.43 8.73
C ASN J 207 -19.35 -108.00 7.28
N ASN J 208 -19.91 -108.80 6.37
CA ASN J 208 -19.70 -108.65 4.94
C ASN J 208 -19.73 -107.20 4.44
N SER J 209 -20.82 -106.46 4.70
CA SER J 209 -20.97 -105.14 4.12
C SER J 209 -19.85 -104.19 4.54
N PHE J 210 -19.59 -104.08 5.85
CA PHE J 210 -18.55 -103.18 6.31
C PHE J 210 -17.18 -103.56 5.75
N SER J 211 -16.88 -104.86 5.68
CA SER J 211 -15.61 -105.28 5.10
C SER J 211 -15.54 -104.90 3.62
N SER J 212 -16.63 -105.07 2.88
CA SER J 212 -16.61 -104.71 1.47
C SER J 212 -16.38 -103.22 1.29
N LEU J 213 -16.99 -102.41 2.15
CA LEU J 213 -16.77 -100.97 2.07
C LEU J 213 -15.34 -100.60 2.44
N LEU J 214 -14.83 -101.18 3.53
CA LEU J 214 -13.48 -100.88 3.97
C LEU J 214 -12.45 -101.25 2.92
N ARG J 215 -12.70 -102.33 2.16
CA ARG J 215 -11.74 -102.72 1.13
C ARG J 215 -11.51 -101.57 0.15
N GLU J 216 -12.51 -100.72 -0.08
CA GLU J 216 -12.32 -99.55 -0.92
C GLU J 216 -11.56 -98.46 -0.18
N VAL J 217 -11.86 -98.24 1.10
CA VAL J 217 -11.20 -97.20 1.86
C VAL J 217 -9.73 -97.53 2.06
N PHE J 218 -9.42 -98.80 2.33
CA PHE J 218 -8.07 -99.20 2.64
C PHE J 218 -7.15 -99.13 1.42
N GLU J 219 -7.70 -98.90 0.23
CA GLU J 219 -6.84 -98.71 -0.94
C GLU J 219 -5.93 -97.51 -0.74
N PHE J 220 -6.45 -96.43 -0.15
CA PHE J 220 -5.63 -95.25 0.10
C PHE J 220 -4.51 -95.57 1.09
N ALA J 221 -4.82 -96.32 2.15
CA ALA J 221 -3.83 -96.56 3.18
C ALA J 221 -2.64 -97.33 2.63
N ILE J 222 -2.89 -98.42 1.89
CA ILE J 222 -1.80 -99.25 1.39
C ILE J 222 -0.99 -98.50 0.35
N LEU J 223 -1.66 -97.79 -0.56
CA LEU J 223 -0.95 -97.04 -1.59
C LEU J 223 -0.09 -95.96 -0.96
N TYR J 224 -0.62 -95.24 0.02
CA TYR J 224 0.15 -94.21 0.68
C TYR J 224 1.34 -94.81 1.42
N LYS J 225 1.15 -95.97 2.04
CA LYS J 225 2.27 -96.62 2.72
C LYS J 225 3.37 -97.00 1.73
N GLN J 226 2.97 -97.51 0.56
CA GLN J 226 3.97 -97.85 -0.45
C GLN J 226 4.73 -96.61 -0.91
N LEU J 227 4.01 -95.51 -1.12
CA LEU J 227 4.67 -94.27 -1.55
C LEU J 227 5.59 -93.74 -0.46
N ALA J 228 5.18 -93.84 0.81
CA ALA J 228 6.04 -93.40 1.90
C ALA J 228 7.29 -94.25 2.00
N ILE J 229 7.16 -95.56 1.78
CA ILE J 229 8.34 -96.43 1.77
C ILE J 229 9.29 -96.00 0.66
N VAL J 230 8.75 -95.74 -0.53
CA VAL J 230 9.62 -95.34 -1.64
C VAL J 230 10.31 -94.02 -1.32
N VAL J 231 9.56 -93.05 -0.81
CA VAL J 231 10.14 -91.74 -0.53
C VAL J 231 11.23 -91.86 0.52
N ASP J 232 10.98 -92.61 1.59
CA ASP J 232 11.96 -92.76 2.65
C ASP J 232 13.18 -93.53 2.18
N ARG J 233 13.01 -94.45 1.24
CA ARG J 233 14.12 -95.29 0.79
C ARG J 233 15.02 -94.57 -0.20
N TYR J 234 14.45 -93.83 -1.15
CA TYR J 234 15.21 -93.18 -2.21
C TYR J 234 15.37 -91.68 -1.98
N LYS J 235 15.35 -91.24 -0.72
CA LYS J 235 15.39 -89.82 -0.43
C LYS J 235 16.69 -89.19 -0.92
N GLY J 236 17.82 -89.77 -0.54
CA GLY J 236 19.11 -89.20 -0.88
C GLY J 236 20.07 -90.20 -1.48
N THR J 237 19.55 -91.27 -2.06
CA THR J 237 20.36 -92.32 -2.67
C THR J 237 20.54 -92.14 -4.17
N LEU J 238 19.47 -91.81 -4.88
CA LEU J 238 19.55 -91.67 -6.33
C LEU J 238 20.48 -90.52 -6.70
N VAL J 239 21.24 -90.71 -7.77
CA VAL J 239 22.23 -89.73 -8.21
C VAL J 239 21.66 -88.89 -9.34
N SER J 240 20.83 -89.50 -10.19
CA SER J 240 20.26 -88.76 -11.31
C SER J 240 19.37 -87.62 -10.81
N ALA J 241 19.51 -86.45 -11.44
CA ALA J 241 18.76 -85.29 -10.99
C ALA J 241 17.27 -85.40 -11.33
N ILE J 242 16.94 -86.09 -12.42
CA ILE J 242 15.55 -86.16 -12.86
C ILE J 242 14.72 -86.91 -11.82
N LYS J 243 15.21 -88.08 -11.41
CA LYS J 243 14.50 -88.87 -10.42
C LYS J 243 14.46 -88.16 -9.08
N THR J 244 15.52 -87.42 -8.74
CA THR J 244 15.52 -86.68 -7.49
C THR J 244 14.44 -85.61 -7.47
N ALA J 245 14.29 -84.86 -8.57
CA ALA J 245 13.21 -83.88 -8.63
C ALA J 245 11.85 -84.56 -8.56
N TYR J 246 11.72 -85.73 -9.18
CA TYR J 246 10.47 -86.46 -9.08
C TYR J 246 10.15 -86.82 -7.64
N ILE J 247 11.17 -87.28 -6.89
CA ILE J 247 10.96 -87.63 -5.49
C ILE J 247 10.59 -86.39 -4.68
N ALA J 248 11.18 -85.25 -5.02
CA ALA J 248 10.83 -84.03 -4.29
C ALA J 248 9.35 -83.69 -4.46
N ILE J 249 8.86 -83.74 -5.70
CA ILE J 249 7.45 -83.41 -5.90
C ILE J 249 6.57 -84.47 -5.27
N LEU J 250 7.00 -85.74 -5.29
CA LEU J 250 6.24 -86.79 -4.64
C LEU J 250 6.11 -86.54 -3.15
N GLU J 251 7.20 -86.10 -2.51
CA GLU J 251 7.15 -85.78 -1.09
C GLU J 251 6.17 -84.64 -0.83
N ALA J 252 6.17 -83.62 -1.69
CA ALA J 252 5.22 -82.53 -1.50
C ALA J 252 3.77 -83.03 -1.59
N GLN J 253 3.50 -83.90 -2.56
CA GLN J 253 2.14 -84.42 -2.71
C GLN J 253 1.73 -85.25 -1.50
N LEU J 254 2.64 -86.08 -0.99
CA LEU J 254 2.32 -86.88 0.18
C LEU J 254 2.05 -85.99 1.39
N ASN J 255 2.82 -84.90 1.53
CA ASN J 255 2.54 -83.98 2.63
C ASN J 255 1.14 -83.39 2.52
N LYS J 256 0.74 -83.02 1.31
CA LYS J 256 -0.62 -82.51 1.15
C LYS J 256 -1.65 -83.57 1.51
N TYR J 257 -1.39 -84.83 1.13
CA TYR J 257 -2.34 -85.89 1.45
C TYR J 257 -2.47 -86.08 2.95
N VAL J 258 -1.35 -86.04 3.67
CA VAL J 258 -1.41 -86.21 5.13
C VAL J 258 -2.20 -85.07 5.75
N ASN J 259 -1.96 -83.84 5.30
CA ASN J 259 -2.74 -82.72 5.83
C ASN J 259 -4.23 -82.88 5.53
N ASP J 260 -4.57 -83.40 4.35
CA ASP J 260 -5.97 -83.62 4.03
C ASP J 260 -6.59 -84.64 4.98
N ILE J 261 -5.88 -85.73 5.25
CA ILE J 261 -6.39 -86.74 6.19
C ILE J 261 -6.61 -86.12 7.56
N ASN J 262 -5.65 -85.30 8.01
CA ASN J 262 -5.79 -84.66 9.31
C ASN J 262 -7.02 -83.77 9.35
N ASN J 263 -7.31 -83.06 8.24
CA ASN J 263 -8.55 -82.29 8.19
C ASN J 263 -9.78 -83.19 8.23
N ILE J 264 -9.73 -84.31 7.52
CA ILE J 264 -10.92 -85.17 7.45
C ILE J 264 -11.25 -85.75 8.81
N PHE J 265 -10.25 -86.00 9.65
CA PHE J 265 -10.51 -86.57 10.97
C PHE J 265 -10.52 -85.56 12.10
N ASN J 266 -10.06 -84.32 11.89
CA ASN J 266 -10.29 -83.27 12.87
C ASN J 266 -11.77 -82.94 12.98
N ASN J 267 -12.45 -82.89 11.85
CA ASN J 267 -13.91 -82.75 11.82
C ASN J 267 -14.50 -84.13 12.10
N LYS J 268 -14.80 -84.39 13.37
CA LYS J 268 -15.19 -85.73 13.81
C LYS J 268 -16.21 -86.33 12.85
N PRO J 269 -15.84 -87.37 12.09
CA PRO J 269 -16.77 -87.94 11.11
C PRO J 269 -17.83 -88.80 11.76
N ASN J 270 -18.97 -88.91 11.08
CA ASN J 270 -20.09 -89.67 11.57
C ASN J 270 -20.07 -91.13 11.14
N SER J 271 -19.51 -91.42 9.97
CA SER J 271 -19.54 -92.78 9.44
C SER J 271 -18.36 -92.96 8.49
N ILE J 272 -18.17 -94.21 8.04
CA ILE J 272 -17.08 -94.51 7.12
C ILE J 272 -17.32 -93.83 5.78
N LEU J 273 -18.59 -93.67 5.38
CA LEU J 273 -18.88 -93.18 4.04
C LEU J 273 -18.48 -91.72 3.88
N VAL J 274 -18.67 -90.90 4.92
CA VAL J 274 -18.25 -89.51 4.81
C VAL J 274 -16.74 -89.44 4.69
N VAL J 275 -16.02 -90.33 5.39
CA VAL J 275 -14.57 -90.40 5.26
C VAL J 275 -14.20 -90.74 3.82
N TYR J 276 -14.86 -91.74 3.25
CA TYR J 276 -14.55 -92.16 1.89
C TYR J 276 -14.83 -91.05 0.89
N ASN J 277 -15.95 -90.34 1.05
CA ASN J 277 -16.27 -89.26 0.13
C ASN J 277 -15.30 -88.10 0.26
N SER J 278 -14.85 -87.81 1.48
CA SER J 278 -13.93 -86.69 1.69
C SER J 278 -12.61 -86.92 0.96
N ILE J 279 -12.08 -88.14 1.00
CA ILE J 279 -10.81 -88.45 0.36
C ILE J 279 -10.98 -88.98 -1.07
N PHE J 280 -12.21 -89.09 -1.56
CA PHE J 280 -12.41 -89.65 -2.89
C PHE J 280 -11.60 -88.96 -3.97
N PRO J 281 -11.49 -87.63 -4.01
CA PRO J 281 -10.79 -86.99 -5.13
C PRO J 281 -9.31 -87.35 -5.25
N TRP J 282 -8.79 -88.15 -4.31
CA TRP J 282 -7.39 -88.54 -4.30
C TRP J 282 -7.14 -89.89 -4.94
N ILE J 283 -8.16 -90.51 -5.54
CA ILE J 283 -7.96 -91.81 -6.15
C ILE J 283 -7.00 -91.71 -7.34
N SER J 284 -7.23 -90.74 -8.22
CA SER J 284 -6.44 -90.67 -9.45
C SER J 284 -5.02 -90.23 -9.15
N ILE J 285 -4.84 -89.28 -8.23
CA ILE J 285 -3.51 -88.81 -7.89
C ILE J 285 -2.67 -89.94 -7.31
N LEU J 286 -3.22 -90.66 -6.34
CA LEU J 286 -2.45 -91.73 -5.71
C LEU J 286 -2.17 -92.85 -6.70
N ARG J 287 -3.15 -93.24 -7.52
CA ARG J 287 -2.89 -94.31 -8.48
C ARG J 287 -1.82 -93.88 -9.49
N PHE J 288 -1.89 -92.65 -9.98
CA PHE J 288 -0.89 -92.19 -10.93
C PHE J 288 0.49 -92.16 -10.30
N LEU J 289 0.60 -91.63 -9.08
CA LEU J 289 1.90 -91.56 -8.44
C LEU J 289 2.47 -92.94 -8.17
N TYR J 290 1.63 -93.87 -7.76
CA TYR J 290 2.11 -95.23 -7.53
C TYR J 290 2.57 -95.88 -8.82
N ARG J 291 1.84 -95.66 -9.92
CA ARG J 291 2.24 -96.25 -11.19
C ARG J 291 3.57 -95.68 -11.67
N VAL J 292 3.76 -94.36 -11.55
CA VAL J 292 4.99 -93.76 -12.03
C VAL J 292 6.17 -94.20 -11.17
N SER J 293 6.01 -94.14 -9.84
CA SER J 293 7.10 -94.54 -8.96
C SER J 293 7.46 -96.00 -9.11
N ASN J 294 6.52 -96.84 -9.56
CA ASN J 294 6.81 -98.26 -9.75
C ASN J 294 7.88 -98.49 -10.80
N ARG J 295 8.07 -97.54 -11.72
CA ARG J 295 9.04 -97.67 -12.80
C ARG J 295 10.21 -96.70 -12.63
N LEU J 296 10.56 -96.39 -11.38
CA LEU J 296 11.69 -95.52 -11.10
C LEU J 296 13.02 -96.25 -11.21
N ASN J 297 13.03 -97.58 -11.27
CA ASN J 297 14.26 -98.35 -11.31
C ASN J 297 14.70 -98.66 -12.74
N ARG J 298 13.85 -99.36 -13.49
CA ARG J 298 14.25 -99.78 -14.84
C ARG J 298 14.44 -98.59 -15.77
N LEU J 299 13.56 -97.59 -15.67
CA LEU J 299 13.68 -96.43 -16.52
C LEU J 299 14.91 -95.62 -16.15
N ASP J 300 15.61 -95.13 -17.17
CA ASP J 300 16.83 -94.35 -16.97
C ASP J 300 16.47 -92.89 -16.71
N GLY J 301 17.48 -92.01 -16.73
CA GLY J 301 17.24 -90.61 -16.43
C GLY J 301 16.39 -89.91 -17.48
N TYR J 302 16.65 -90.18 -18.76
CA TYR J 302 15.94 -89.53 -19.85
C TYR J 302 14.65 -90.24 -20.23
N GLU J 303 14.67 -91.58 -20.19
CA GLU J 303 13.44 -92.32 -20.47
C GLU J 303 12.36 -91.99 -19.46
N PHE J 304 12.73 -91.75 -18.21
CA PHE J 304 11.75 -91.33 -17.21
C PHE J 304 11.14 -89.98 -17.57
N LEU J 305 11.97 -89.03 -18.00
CA LEU J 305 11.46 -87.72 -18.37
C LEU J 305 10.51 -87.83 -19.56
N THR J 306 10.86 -88.64 -20.55
CA THR J 306 9.97 -88.81 -21.70
C THR J 306 8.69 -89.54 -21.29
N PHE J 307 8.78 -90.47 -20.35
CA PHE J 307 7.60 -91.20 -19.90
C PHE J 307 6.61 -90.27 -19.21
N ILE J 308 7.10 -89.39 -18.33
CA ILE J 308 6.20 -88.44 -17.68
C ILE J 308 5.66 -87.45 -18.70
N TYR J 309 6.49 -87.01 -19.64
CA TYR J 309 6.07 -85.99 -20.58
C TYR J 309 4.88 -86.44 -21.41
N SER J 310 4.76 -87.75 -21.67
CA SER J 310 3.65 -88.24 -22.47
C SER J 310 2.31 -88.09 -21.77
N PHE J 311 2.30 -87.94 -20.45
CA PHE J 311 1.06 -87.79 -19.71
C PHE J 311 0.55 -86.37 -19.65
N THR J 312 1.36 -85.38 -20.05
CA THR J 312 0.90 -84.00 -20.04
C THR J 312 -0.22 -83.78 -21.05
N ASN J 313 -0.38 -84.68 -22.01
CA ASN J 313 -1.42 -84.58 -23.03
C ASN J 313 -2.69 -85.34 -22.65
N HIS J 314 -2.74 -85.88 -21.44
CA HIS J 314 -3.92 -86.62 -21.01
C HIS J 314 -5.13 -85.69 -20.96
N GLY J 315 -6.28 -86.21 -21.41
CA GLY J 315 -7.48 -85.38 -21.46
C GLY J 315 -8.14 -85.16 -20.12
N ASP J 316 -7.86 -86.00 -19.14
CA ASP J 316 -8.50 -85.90 -17.83
C ASP J 316 -7.93 -84.70 -17.08
N PRO J 317 -8.75 -83.74 -16.65
CA PRO J 317 -8.18 -82.58 -15.95
C PRO J 317 -7.40 -82.95 -14.70
N LYS J 318 -7.83 -83.96 -13.94
CA LYS J 318 -7.12 -84.31 -12.71
C LYS J 318 -5.78 -84.98 -13.01
N ILE J 319 -5.79 -85.98 -13.91
CA ILE J 319 -4.56 -86.70 -14.22
C ILE J 319 -3.58 -85.78 -14.94
N ARG J 320 -4.06 -85.02 -15.93
CA ARG J 320 -3.18 -84.08 -16.60
C ARG J 320 -2.72 -82.98 -15.67
N GLY J 321 -3.55 -82.59 -14.69
CA GLY J 321 -3.12 -81.58 -13.75
C GLY J 321 -1.95 -82.05 -12.91
N ILE J 322 -2.03 -83.26 -12.37
CA ILE J 322 -0.91 -83.76 -11.57
C ILE J 322 0.30 -84.04 -12.46
N ALA J 323 0.09 -84.54 -13.67
CA ALA J 323 1.21 -84.83 -14.55
C ALA J 323 1.96 -83.55 -14.92
N VAL J 324 1.23 -82.50 -15.27
CA VAL J 324 1.87 -81.23 -15.63
C VAL J 324 2.40 -80.50 -14.41
N THR J 325 1.86 -80.77 -13.21
CA THR J 325 2.45 -80.21 -12.00
C THR J 325 3.80 -80.85 -11.72
N ALA J 326 3.89 -82.17 -11.83
CA ALA J 326 5.14 -82.86 -11.56
C ALA J 326 6.17 -82.61 -12.65
N PHE J 327 5.72 -82.47 -13.91
CA PHE J 327 6.65 -82.32 -15.01
C PHE J 327 7.46 -81.03 -14.93
N THR J 328 6.92 -79.97 -14.33
CA THR J 328 7.68 -78.73 -14.22
C THR J 328 8.94 -78.93 -13.39
N GLU J 329 8.81 -79.50 -12.20
CA GLU J 329 9.98 -79.70 -11.36
C GLU J 329 10.84 -80.84 -11.88
N VAL J 330 10.24 -81.82 -12.55
CA VAL J 330 11.05 -82.90 -13.11
C VAL J 330 11.91 -82.39 -14.26
N VAL J 331 11.40 -81.43 -15.03
CA VAL J 331 12.15 -80.91 -16.17
C VAL J 331 13.08 -79.76 -15.82
N LYS J 332 12.91 -79.14 -14.65
CA LYS J 332 13.82 -78.04 -14.30
C LYS J 332 15.28 -78.45 -14.35
N PRO J 333 15.69 -79.61 -13.82
CA PRO J 333 17.13 -79.96 -13.89
C PRO J 333 17.65 -80.08 -15.31
N TYR J 334 16.84 -80.56 -16.25
CA TYR J 334 17.26 -80.63 -17.64
C TYR J 334 17.53 -79.24 -18.18
N TYR J 335 16.65 -78.28 -17.87
CA TYR J 335 16.86 -76.90 -18.28
C TYR J 335 18.07 -76.29 -17.58
N ASN J 336 18.40 -76.74 -16.37
CA ASN J 336 19.62 -76.27 -15.74
C ASN J 336 20.86 -76.78 -16.46
N ILE J 337 20.83 -78.04 -16.92
CA ILE J 337 21.93 -78.54 -17.74
C ILE J 337 22.07 -77.69 -19.00
N VAL J 338 20.95 -77.41 -19.65
CA VAL J 338 20.99 -76.60 -20.86
C VAL J 338 21.48 -75.20 -20.56
N GLU J 339 21.11 -74.64 -19.40
CA GLU J 339 21.55 -73.30 -19.04
C GLU J 339 23.05 -73.27 -18.87
N HIS J 340 23.62 -74.22 -18.13
CA HIS J 340 25.07 -74.25 -17.96
C HIS J 340 25.77 -74.43 -19.29
N TRP J 341 25.23 -75.28 -20.16
CA TRP J 341 25.87 -75.50 -21.46
C TRP J 341 25.80 -74.25 -22.33
N ILE J 342 24.66 -73.54 -22.30
CA ILE J 342 24.47 -72.38 -23.17
C ILE J 342 25.32 -71.21 -22.72
N VAL J 343 25.32 -70.91 -21.42
CA VAL J 343 25.90 -69.65 -20.95
C VAL J 343 27.41 -69.77 -20.83
N LYS J 344 27.88 -70.69 -19.98
CA LYS J 344 29.35 -70.78 -19.74
C LYS J 344 29.98 -71.72 -20.77
N GLY J 345 29.23 -72.70 -21.25
CA GLY J 345 29.82 -73.70 -22.18
C GLY J 345 30.46 -74.81 -21.40
N GLU J 346 29.70 -75.51 -20.56
CA GLU J 346 30.25 -76.69 -19.83
C GLU J 346 29.19 -77.77 -19.67
N LEU J 347 29.63 -79.02 -19.50
CA LEU J 347 28.72 -80.15 -19.41
C LEU J 347 28.64 -80.63 -17.97
N ILE J 348 27.42 -80.80 -17.46
CA ILE J 348 27.19 -81.10 -16.06
C ILE J 348 26.78 -82.54 -15.84
N ASP J 349 25.90 -83.08 -16.69
CA ASP J 349 25.34 -84.40 -16.46
C ASP J 349 26.42 -85.47 -16.48
N ASN J 350 26.70 -86.07 -15.33
CA ASN J 350 27.62 -87.20 -15.29
C ASN J 350 27.00 -88.45 -15.89
N ASN J 351 25.68 -88.59 -15.76
CA ASN J 351 24.96 -89.71 -16.36
C ASN J 351 24.54 -89.36 -17.78
N ASN J 352 24.14 -90.38 -18.53
CA ASN J 352 23.75 -90.23 -19.93
C ASN J 352 22.29 -89.81 -19.99
N GLU J 353 22.07 -88.50 -19.86
CA GLU J 353 20.72 -87.94 -19.89
C GLU J 353 20.67 -86.62 -20.66
N PHE J 354 21.55 -86.46 -21.65
CA PHE J 354 21.60 -85.22 -22.41
C PHE J 354 22.01 -85.56 -23.83
N PHE J 355 21.67 -84.66 -24.77
CA PHE J 355 21.95 -84.86 -26.18
C PHE J 355 23.28 -84.26 -26.62
N ILE J 356 24.20 -84.01 -25.69
CA ILE J 356 25.55 -83.57 -25.99
C ILE J 356 26.49 -84.34 -25.07
N ILE J 357 27.59 -84.85 -25.62
CA ILE J 357 28.52 -85.70 -24.88
C ILE J 357 29.95 -85.37 -25.32
N PHE J 358 30.92 -85.99 -24.65
CA PHE J 358 32.34 -85.81 -24.93
C PHE J 358 32.99 -87.15 -25.26
N ASP J 359 34.20 -87.07 -25.81
CA ASP J 359 35.02 -88.24 -26.13
C ASP J 359 36.45 -87.94 -25.68
N GLN J 360 36.81 -88.41 -24.47
CA GLN J 360 38.16 -88.16 -23.98
C GLN J 360 39.21 -88.87 -24.82
N GLU J 361 38.85 -90.00 -25.44
CA GLU J 361 39.83 -90.77 -26.21
C GLU J 361 40.24 -90.05 -27.48
N GLN J 362 39.40 -89.14 -27.98
CA GLN J 362 39.71 -88.44 -29.21
C GLN J 362 40.87 -87.45 -28.98
N ASN J 363 41.62 -87.19 -30.05
CA ASN J 363 42.80 -86.33 -29.99
C ASN J 363 42.70 -85.14 -30.94
N GLU J 364 41.50 -84.61 -31.15
CA GLU J 364 41.32 -83.41 -31.95
C GLU J 364 40.05 -82.72 -31.51
N PHE J 365 40.07 -81.38 -31.53
CA PHE J 365 38.97 -80.62 -30.93
C PHE J 365 37.64 -80.91 -31.61
N ASN J 366 37.61 -80.84 -32.94
CA ASN J 366 36.33 -80.82 -33.64
C ASN J 366 35.53 -82.09 -33.42
N SER J 367 36.16 -83.18 -32.99
CA SER J 367 35.48 -84.46 -32.84
C SER J 367 35.45 -84.97 -31.41
N ILE J 368 35.98 -84.24 -30.44
CA ILE J 368 35.79 -84.62 -29.04
C ILE J 368 34.32 -84.49 -28.65
N ILE J 369 33.64 -83.48 -29.18
CA ILE J 369 32.23 -83.23 -28.87
C ILE J 369 31.38 -83.71 -30.03
N LYS J 370 30.36 -84.51 -29.74
CA LYS J 370 29.45 -84.99 -30.76
C LYS J 370 28.02 -84.92 -30.24
N LEU J 371 27.08 -84.79 -31.19
CA LEU J 371 25.66 -84.69 -30.87
C LEU J 371 25.00 -86.06 -30.94
N LEU J 372 23.88 -86.20 -30.23
CA LEU J 372 23.09 -87.43 -30.21
C LEU J 372 21.69 -87.09 -30.71
N PRO J 373 21.42 -87.22 -32.01
CA PRO J 373 20.10 -86.81 -32.53
C PRO J 373 18.95 -87.62 -31.97
N LYS J 374 19.20 -88.83 -31.45
CA LYS J 374 18.11 -89.64 -30.94
C LYS J 374 17.59 -89.12 -29.60
N LYS J 375 18.45 -88.48 -28.82
CA LYS J 375 18.10 -88.06 -27.46
C LYS J 375 17.58 -86.63 -27.38
N ILE J 376 17.42 -85.95 -28.52
CA ILE J 376 16.93 -84.57 -28.50
C ILE J 376 15.48 -84.59 -28.03
N PRO J 377 15.14 -83.89 -26.94
CA PRO J 377 13.74 -83.91 -26.48
C PRO J 377 12.83 -83.13 -27.39
N ALA J 378 11.54 -83.41 -27.26
CA ALA J 378 10.53 -82.72 -28.09
C ALA J 378 10.29 -81.29 -27.61
N PHE J 379 10.47 -81.02 -26.33
CA PHE J 379 10.18 -79.70 -25.79
C PHE J 379 11.32 -78.72 -25.96
N ILE J 380 12.45 -79.14 -26.50
CA ILE J 380 13.59 -78.25 -26.72
C ILE J 380 13.53 -77.75 -28.17
N LYS J 381 14.01 -76.54 -28.39
CA LYS J 381 13.98 -75.91 -29.70
C LYS J 381 15.36 -75.38 -30.05
N SER J 382 15.65 -75.34 -31.35
CA SER J 382 16.93 -74.84 -31.86
C SER J 382 18.11 -75.60 -31.24
N SER J 383 17.98 -76.93 -31.20
CA SER J 383 19.04 -77.76 -30.63
C SER J 383 20.33 -77.64 -31.41
N ASP J 384 20.24 -77.62 -32.74
CA ASP J 384 21.44 -77.56 -33.57
C ASP J 384 22.16 -76.23 -33.43
N LYS J 385 21.51 -75.22 -32.84
CA LYS J 385 22.16 -73.97 -32.50
C LYS J 385 22.73 -73.98 -31.09
N ILE J 386 22.07 -74.69 -30.18
CA ILE J 386 22.61 -74.88 -28.83
C ILE J 386 23.96 -75.57 -28.91
N PHE J 387 24.04 -76.60 -29.75
CA PHE J 387 25.31 -77.34 -29.85
C PHE J 387 26.44 -76.44 -30.33
N GLN J 388 26.17 -75.62 -31.34
CA GLN J 388 27.21 -74.74 -31.87
C GLN J 388 27.59 -73.66 -30.85
N ILE J 389 26.61 -73.12 -30.13
CA ILE J 389 26.92 -72.12 -29.10
C ILE J 389 27.85 -72.72 -28.05
N GLY J 390 27.52 -73.92 -27.58
CA GLY J 390 28.36 -74.53 -26.56
C GLY J 390 29.74 -74.88 -27.05
N LYS J 391 29.83 -75.45 -28.26
CA LYS J 391 31.15 -75.80 -28.80
C LYS J 391 32.01 -74.56 -28.97
N THR J 392 31.44 -73.48 -29.48
CA THR J 392 32.26 -72.28 -29.73
C THR J 392 32.69 -71.68 -28.39
N LEU J 393 31.81 -71.75 -27.38
CA LEU J 393 32.16 -71.24 -26.03
C LEU J 393 33.35 -72.03 -25.48
N ILE J 394 33.29 -73.36 -25.50
CA ILE J 394 34.43 -74.21 -25.06
C ILE J 394 35.68 -73.76 -25.82
N PHE J 395 35.60 -73.69 -27.15
CA PHE J 395 36.76 -73.30 -27.94
C PHE J 395 37.31 -71.96 -27.50
N LEU J 396 36.44 -70.98 -27.26
CA LEU J 396 36.91 -69.65 -26.92
C LEU J 396 37.56 -69.63 -25.54
N ASN J 397 36.93 -70.25 -24.55
CA ASN J 397 37.40 -70.09 -23.17
C ASN J 397 38.43 -71.14 -22.76
N LYS J 398 38.79 -72.09 -23.62
CA LYS J 398 39.82 -73.06 -23.27
C LYS J 398 40.97 -73.17 -24.26
N TYR J 399 40.80 -72.79 -25.52
CA TYR J 399 41.89 -72.82 -26.49
C TYR J 399 42.42 -71.43 -26.82
N CYS J 400 41.56 -70.50 -27.20
CA CYS J 400 42.00 -69.12 -27.40
C CYS J 400 42.28 -68.41 -26.09
N ARG J 401 41.77 -68.94 -24.98
CA ARG J 401 42.00 -68.36 -23.65
C ARG J 401 41.60 -66.90 -23.60
N GLU J 402 40.48 -66.57 -24.24
CA GLU J 402 39.92 -65.22 -24.20
C GLU J 402 38.89 -65.16 -23.07
N LEU J 403 39.40 -65.11 -21.84
CA LEU J 403 38.53 -65.16 -20.66
C LEU J 403 37.78 -63.86 -20.43
N LYS J 404 38.35 -62.72 -20.84
CA LYS J 404 37.72 -61.43 -20.57
C LYS J 404 36.36 -61.31 -21.24
N TRP J 405 36.31 -61.56 -22.54
CA TRP J 405 35.06 -61.44 -23.27
C TRP J 405 34.08 -62.53 -22.88
N VAL J 406 34.58 -63.74 -22.58
CA VAL J 406 33.69 -64.80 -22.12
C VAL J 406 33.01 -64.40 -20.82
N ASN J 407 33.77 -63.80 -19.89
CA ASN J 407 33.16 -63.35 -18.65
C ASN J 407 32.14 -62.24 -18.90
N GLN J 408 32.48 -61.29 -19.77
CA GLN J 408 31.53 -60.22 -20.07
C GLN J 408 30.24 -60.78 -20.66
N TYR J 409 30.37 -61.73 -21.59
CA TYR J 409 29.21 -62.40 -22.17
C TYR J 409 28.41 -63.15 -21.11
N ASN J 410 29.10 -63.85 -20.21
CA ASN J 410 28.42 -64.58 -19.15
C ASN J 410 27.57 -63.63 -18.31
N VAL J 411 28.14 -62.49 -17.92
CA VAL J 411 27.36 -61.55 -17.12
C VAL J 411 26.19 -61.02 -17.93
N LYS J 412 26.42 -60.67 -19.19
CA LYS J 412 25.38 -60.04 -19.99
C LYS J 412 24.17 -60.95 -20.13
N TYR J 413 24.40 -62.23 -20.42
CA TYR J 413 23.28 -63.12 -20.67
C TYR J 413 22.75 -63.80 -19.41
N SER J 414 23.52 -63.80 -18.31
CA SER J 414 22.93 -64.15 -17.04
C SER J 414 21.98 -63.08 -16.55
N ALA J 415 22.25 -61.82 -16.89
CA ALA J 415 21.33 -60.75 -16.53
C ALA J 415 20.02 -60.82 -17.30
N ILE J 416 19.92 -61.65 -18.33
CA ILE J 416 18.67 -61.90 -19.02
C ILE J 416 18.03 -63.20 -18.56
N LEU J 417 18.81 -64.26 -18.36
CA LEU J 417 18.18 -65.51 -17.95
C LEU J 417 17.69 -65.47 -16.51
N PHE J 418 18.45 -64.85 -15.59
CA PHE J 418 18.13 -64.95 -14.18
C PHE J 418 17.58 -63.67 -13.57
N ASN J 419 17.78 -62.52 -14.20
CA ASN J 419 17.25 -61.26 -13.69
C ASN J 419 16.00 -60.81 -14.44
N ASN J 420 16.07 -60.71 -15.76
CA ASN J 420 14.87 -60.39 -16.53
C ASN J 420 13.81 -61.47 -16.39
N HIS J 421 14.23 -62.73 -16.47
CA HIS J 421 13.36 -63.89 -16.30
C HIS J 421 13.85 -64.70 -15.11
N GLN J 422 13.23 -65.86 -14.90
CA GLN J 422 13.52 -66.72 -13.75
C GLN J 422 14.12 -68.05 -14.18
N GLY J 423 14.76 -68.08 -15.34
CA GLY J 423 15.37 -69.27 -15.87
C GLY J 423 14.75 -69.68 -17.19
N LEU J 424 15.32 -70.75 -17.77
CA LEU J 424 14.82 -71.23 -19.04
C LEU J 424 13.40 -71.78 -18.93
N ALA J 425 13.06 -72.38 -17.78
CA ALA J 425 11.71 -72.89 -17.60
C ALA J 425 10.69 -71.76 -17.65
N SER J 426 11.00 -70.63 -17.03
CA SER J 426 10.10 -69.48 -17.00
C SER J 426 10.33 -68.60 -18.24
N MET J 427 10.18 -69.22 -19.41
CA MET J 427 10.36 -68.53 -20.67
C MET J 427 9.49 -69.20 -21.72
N THR J 428 8.66 -68.41 -22.40
CA THR J 428 7.86 -68.95 -23.48
C THR J 428 8.75 -69.32 -24.66
N THR J 429 8.28 -70.28 -25.46
CA THR J 429 9.11 -70.84 -26.51
C THR J 429 9.58 -69.76 -27.48
N ASN J 430 8.72 -68.79 -27.80
CA ASN J 430 9.10 -67.73 -28.72
C ASN J 430 10.29 -66.95 -28.19
N GLU J 431 10.24 -66.53 -26.92
CA GLU J 431 11.32 -65.75 -26.35
C GLU J 431 12.58 -66.61 -26.18
N MET J 432 12.42 -67.88 -25.86
CA MET J 432 13.57 -68.76 -25.74
C MET J 432 14.30 -68.91 -27.07
N ILE J 433 13.54 -69.10 -28.15
CA ILE J 433 14.16 -69.19 -29.47
C ILE J 433 14.86 -67.87 -29.82
N LYS J 434 14.21 -66.75 -29.52
CA LYS J 434 14.82 -65.46 -29.82
C LYS J 434 16.12 -65.27 -29.06
N LEU J 435 16.14 -65.67 -27.79
CA LEU J 435 17.35 -65.54 -26.98
C LEU J 435 18.48 -66.40 -27.57
N ILE J 436 18.16 -67.64 -27.95
CA ILE J 436 19.20 -68.50 -28.51
C ILE J 436 19.71 -67.93 -29.82
N ASP J 437 18.82 -67.36 -30.64
CA ASP J 437 19.26 -66.76 -31.90
C ASP J 437 20.21 -65.59 -31.65
N SER J 438 19.88 -64.73 -30.66
CA SER J 438 20.76 -63.61 -30.35
C SER J 438 22.12 -64.10 -29.87
N GLN J 439 22.13 -65.12 -29.01
CA GLN J 439 23.40 -65.66 -28.54
C GLN J 439 24.21 -66.22 -29.71
N TYR J 440 23.55 -66.92 -30.63
CA TYR J 440 24.26 -67.52 -31.76
C TYR J 440 24.91 -66.45 -32.61
N ASN J 441 24.16 -65.39 -32.95
CA ASN J 441 24.74 -64.33 -33.77
C ASN J 441 25.91 -63.68 -33.07
N GLU J 442 25.76 -63.36 -31.77
CA GLU J 442 26.85 -62.70 -31.05
C GLU J 442 28.09 -63.59 -31.01
N ILE J 443 27.90 -64.87 -30.71
CA ILE J 443 29.04 -65.77 -30.55
C ILE J 443 29.78 -65.92 -31.87
N LEU J 444 29.07 -66.12 -32.97
CA LEU J 444 29.77 -66.29 -34.23
C LEU J 444 30.40 -64.98 -34.70
N THR J 445 29.80 -63.84 -34.36
CA THR J 445 30.43 -62.56 -34.69
C THR J 445 31.78 -62.45 -33.98
N PHE J 446 31.82 -62.79 -32.69
CA PHE J 446 33.09 -62.69 -31.99
C PHE J 446 34.09 -63.75 -32.46
N LEU J 447 33.61 -64.95 -32.79
CA LEU J 447 34.51 -65.98 -33.30
C LEU J 447 35.17 -65.52 -34.60
N THR J 448 34.40 -64.89 -35.48
CA THR J 448 35.01 -64.32 -36.69
C THR J 448 36.01 -63.23 -36.32
N GLN J 449 35.61 -62.31 -35.43
CA GLN J 449 36.48 -61.20 -35.08
C GLN J 449 37.79 -61.66 -34.47
N ILE J 450 37.85 -62.88 -33.93
CA ILE J 450 39.12 -63.42 -33.46
C ILE J 450 39.83 -64.15 -34.59
N ILE J 451 39.19 -65.20 -35.13
CA ILE J 451 39.89 -66.11 -36.02
C ILE J 451 40.36 -65.41 -37.29
N GLN J 452 39.47 -64.66 -37.94
CA GLN J 452 39.85 -63.95 -39.14
C GLN J 452 40.31 -62.53 -38.83
N GLY J 453 40.30 -62.15 -37.57
CA GLY J 453 40.81 -60.88 -37.09
C GLY J 453 42.21 -61.02 -36.55
N ASN J 454 42.34 -61.17 -35.23
CA ASN J 454 43.66 -61.17 -34.61
C ASN J 454 44.53 -62.30 -35.16
N ASN J 455 43.93 -63.45 -35.47
CA ASN J 455 44.71 -64.57 -35.98
C ASN J 455 45.07 -64.40 -37.45
N LYS J 456 44.26 -63.68 -38.23
CA LYS J 456 44.48 -63.48 -39.66
C LYS J 456 44.54 -64.82 -40.39
N LEU J 457 43.40 -65.50 -40.39
CA LEU J 457 43.32 -66.83 -41.00
C LEU J 457 43.67 -66.78 -42.48
N PHE J 458 43.14 -65.81 -43.20
CA PHE J 458 43.37 -65.76 -44.64
C PHE J 458 44.84 -65.56 -44.95
N THR J 459 45.53 -64.70 -44.20
CA THR J 459 46.95 -64.46 -44.46
C THR J 459 47.76 -65.73 -44.27
N HIS J 460 47.45 -66.50 -43.22
CA HIS J 460 48.23 -67.71 -42.98
C HIS J 460 47.88 -68.81 -43.98
N VAL J 461 46.64 -68.87 -44.45
CA VAL J 461 46.32 -69.81 -45.52
C VAL J 461 47.07 -69.42 -46.79
N TYR J 462 47.13 -68.12 -47.08
CA TYR J 462 47.90 -67.66 -48.23
C TYR J 462 49.37 -68.04 -48.09
N ASN J 463 49.94 -67.91 -46.89
CA ASN J 463 51.33 -68.29 -46.69
C ASN J 463 51.52 -69.79 -46.83
N PHE J 464 50.55 -70.58 -46.36
CA PHE J 464 50.59 -72.02 -46.59
C PHE J 464 50.69 -72.32 -48.08
N LYS J 465 49.83 -71.68 -48.87
CA LYS J 465 49.88 -71.88 -50.32
C LYS J 465 51.18 -71.36 -50.90
N ARG J 466 51.72 -70.28 -50.34
CA ARG J 466 52.95 -69.69 -50.87
C ARG J 466 54.14 -70.63 -50.70
N PHE J 467 54.24 -71.28 -49.54
CA PHE J 467 55.42 -72.08 -49.23
C PHE J 467 55.24 -73.56 -49.57
N TYR J 468 54.11 -74.17 -49.17
CA TYR J 468 53.93 -75.59 -49.44
C TYR J 468 53.73 -75.86 -50.93
N PHE J 469 53.00 -74.99 -51.63
CA PHE J 469 52.72 -75.18 -53.04
C PHE J 469 53.74 -74.49 -53.94
N MET J 470 54.94 -74.26 -53.43
CA MET J 470 56.14 -73.97 -54.22
C MET J 470 56.14 -72.56 -54.81
N GLU J 471 55.19 -71.70 -54.41
CA GLU J 471 54.98 -70.45 -55.16
C GLU J 471 56.23 -69.60 -55.18
N THR J 472 56.89 -69.42 -54.03
CA THR J 472 58.09 -68.60 -53.95
C THR J 472 59.26 -69.43 -54.43
N ASN J 473 59.37 -69.54 -55.76
CA ASN J 473 60.39 -70.41 -56.34
C ASN J 473 61.79 -69.92 -56.03
N ASP J 474 61.97 -68.62 -55.79
CA ASP J 474 63.30 -68.10 -55.51
C ASP J 474 63.85 -68.69 -54.21
N PHE J 475 63.02 -68.78 -53.18
CA PHE J 475 63.46 -69.33 -51.91
C PHE J 475 63.93 -70.77 -52.07
N ILE J 476 63.18 -71.56 -52.83
CA ILE J 476 63.52 -72.97 -53.00
C ILE J 476 64.76 -73.12 -53.87
N ASP J 477 64.92 -72.27 -54.88
CA ASP J 477 66.16 -72.28 -55.64
C ASP J 477 67.33 -71.95 -54.74
N ALA J 478 67.16 -71.00 -53.82
CA ALA J 478 68.23 -70.67 -52.89
C ALA J 478 68.55 -71.86 -51.98
N ILE J 479 67.52 -72.56 -51.51
CA ILE J 479 67.75 -73.72 -50.66
C ILE J 479 68.53 -74.78 -51.42
N MET J 480 68.12 -75.05 -52.67
CA MET J 480 68.75 -76.11 -53.43
C MET J 480 70.18 -75.77 -53.81
N VAL J 481 70.44 -74.51 -54.18
CA VAL J 481 71.81 -74.13 -54.54
C VAL J 481 72.70 -74.13 -53.30
N LYS J 482 72.17 -73.70 -52.15
CA LYS J 482 72.97 -73.69 -50.94
C LYS J 482 73.19 -75.10 -50.38
N GLY J 483 72.18 -75.95 -50.47
CA GLY J 483 72.26 -77.29 -49.91
C GLY J 483 72.59 -78.36 -50.94
N LYS J 484 73.17 -77.96 -52.06
CA LYS J 484 73.46 -78.92 -53.12
C LYS J 484 74.45 -79.98 -52.69
N ASP J 485 75.24 -79.73 -51.64
CA ASP J 485 76.18 -80.71 -51.12
C ASP J 485 75.67 -81.43 -49.88
N VAL J 486 74.88 -80.74 -49.04
CA VAL J 486 74.34 -81.38 -47.85
C VAL J 486 73.34 -82.46 -48.24
N PHE J 487 72.49 -82.19 -49.24
CA PHE J 487 71.47 -83.16 -49.62
C PHE J 487 72.05 -84.36 -50.35
N ASN J 488 73.30 -84.27 -50.83
CA ASN J 488 73.88 -85.40 -51.55
C ASN J 488 74.06 -86.62 -50.65
N GLU J 489 74.48 -86.41 -49.41
CA GLU J 489 74.73 -87.52 -48.51
C GLU J 489 73.41 -88.10 -48.01
N SER J 490 73.51 -89.30 -47.41
CA SER J 490 72.33 -90.02 -46.98
C SER J 490 71.59 -89.24 -45.89
N SER J 491 70.30 -89.54 -45.75
CA SER J 491 69.45 -88.81 -44.81
C SER J 491 69.90 -88.99 -43.37
N VAL J 492 70.65 -90.04 -43.06
CA VAL J 492 71.10 -90.25 -41.69
C VAL J 492 72.26 -89.31 -41.34
N ASN J 493 73.05 -88.92 -42.34
CA ASN J 493 74.23 -88.10 -42.08
C ASN J 493 73.87 -86.65 -41.77
N ILE J 494 72.79 -86.14 -42.37
CA ILE J 494 72.44 -84.73 -42.18
C ILE J 494 72.04 -84.49 -40.73
N SER J 495 72.66 -83.49 -40.12
CA SER J 495 72.41 -83.14 -38.72
C SER J 495 71.59 -81.85 -38.64
N SER J 496 71.19 -81.52 -37.41
CA SER J 496 70.35 -80.35 -37.22
C SER J 496 71.10 -79.06 -37.53
N THR J 497 72.37 -78.97 -37.14
CA THR J 497 73.12 -77.74 -37.37
C THR J 497 73.30 -77.45 -38.86
N TYR J 498 73.52 -78.49 -39.67
CA TYR J 498 73.67 -78.27 -41.09
C TYR J 498 72.36 -77.80 -41.72
N LEU J 499 71.24 -78.36 -41.26
CA LEU J 499 69.94 -77.90 -41.74
C LEU J 499 69.72 -76.44 -41.38
N ARG J 500 70.05 -76.06 -40.15
CA ARG J 500 69.86 -74.67 -39.75
C ARG J 500 70.74 -73.73 -40.57
N LYS J 501 71.99 -74.13 -40.81
CA LYS J 501 72.87 -73.30 -41.63
C LYS J 501 72.32 -73.16 -43.05
N VAL J 502 71.83 -74.26 -43.62
CA VAL J 502 71.28 -74.21 -44.98
C VAL J 502 70.08 -73.29 -45.02
N LEU J 503 69.17 -73.45 -44.07
CA LEU J 503 67.95 -72.65 -44.07
C LEU J 503 68.27 -71.17 -43.90
N GLN J 504 69.18 -70.83 -42.99
CA GLN J 504 69.50 -69.43 -42.78
C GLN J 504 70.17 -68.82 -44.01
N ASP J 505 71.10 -69.56 -44.62
CA ASP J 505 71.75 -69.03 -45.82
C ASP J 505 70.73 -68.82 -46.93
N ALA J 506 69.81 -69.77 -47.11
CA ALA J 506 68.81 -69.63 -48.15
C ALA J 506 67.85 -68.48 -47.87
N ILE J 507 67.54 -68.23 -46.60
CA ILE J 507 66.70 -67.09 -46.25
C ILE J 507 67.40 -65.79 -46.58
N GLN J 508 68.69 -65.68 -46.25
CA GLN J 508 69.42 -64.46 -46.57
C GLN J 508 69.53 -64.24 -48.08
N ILE J 509 69.79 -65.30 -48.84
CA ILE J 509 70.00 -65.13 -50.28
C ILE J 509 68.70 -64.69 -50.97
N SER J 510 67.60 -65.35 -50.64
CA SER J 510 66.35 -65.14 -51.36
C SER J 510 65.64 -63.89 -50.85
N SER J 511 64.41 -63.67 -51.30
CA SER J 511 63.62 -62.50 -50.96
C SER J 511 62.76 -62.71 -49.72
N VAL J 512 62.85 -63.88 -49.08
CA VAL J 512 62.07 -64.13 -47.87
C VAL J 512 62.63 -63.41 -46.65
N LYS J 513 63.87 -62.91 -46.72
CA LYS J 513 64.44 -62.21 -45.58
C LYS J 513 63.64 -60.96 -45.23
N ASN J 514 62.90 -60.40 -46.18
CA ASN J 514 62.00 -59.29 -45.91
C ASN J 514 60.58 -59.74 -45.62
N PHE J 515 60.32 -61.03 -45.65
CA PHE J 515 58.97 -61.54 -45.43
C PHE J 515 58.55 -61.31 -43.98
N GLU J 516 57.26 -61.01 -43.80
CA GLU J 516 56.78 -60.62 -42.49
C GLU J 516 56.97 -61.73 -41.47
N TYR J 517 56.65 -62.96 -41.83
CA TYR J 517 56.68 -64.10 -40.92
C TYR J 517 57.87 -65.02 -41.18
N VAL J 518 59.02 -64.43 -41.54
CA VAL J 518 60.20 -65.23 -41.81
C VAL J 518 60.61 -66.07 -40.61
N ASP J 519 60.23 -65.65 -39.41
CA ASP J 519 60.58 -66.42 -38.23
C ASP J 519 59.89 -67.78 -38.23
N ARG J 520 58.63 -67.83 -38.66
CA ARG J 520 57.85 -69.06 -38.57
C ARG J 520 58.42 -70.18 -39.41
N LEU J 521 59.23 -69.88 -40.41
CA LEU J 521 59.75 -70.92 -41.29
C LEU J 521 60.69 -71.85 -40.53
N ASP J 522 60.60 -73.14 -40.82
CA ASP J 522 61.46 -74.14 -40.19
C ASP J 522 61.52 -75.36 -41.08
N SER J 523 62.74 -75.90 -41.28
CA SER J 523 62.99 -77.09 -42.12
C SER J 523 63.10 -78.30 -41.21
N ARG J 524 62.96 -79.51 -41.78
CA ARG J 524 63.04 -80.77 -41.00
C ARG J 524 63.35 -81.90 -41.99
N VAL J 525 63.67 -83.10 -41.50
CA VAL J 525 63.82 -84.31 -42.36
C VAL J 525 62.80 -85.26 -41.74
N LEU J 526 61.94 -85.90 -42.53
CA LEU J 526 60.86 -86.73 -41.99
C LEU J 526 61.34 -88.12 -41.60
N ASN J 527 61.83 -88.88 -42.56
CA ASN J 527 62.23 -90.28 -42.32
C ASN J 527 63.71 -90.44 -42.61
N PRO J 528 64.58 -90.36 -41.61
CA PRO J 528 66.03 -90.52 -41.85
C PRO J 528 66.43 -91.97 -42.04
N GLN J 529 66.04 -92.53 -43.18
CA GLN J 529 66.42 -93.89 -43.55
C GLN J 529 67.76 -93.89 -44.28
N HIS J 530 68.47 -95.01 -44.17
CA HIS J 530 69.77 -95.12 -44.83
C HIS J 530 69.65 -95.05 -46.34
N GLY J 531 68.60 -95.66 -46.90
CA GLY J 531 68.42 -95.68 -48.33
C GLY J 531 67.80 -94.45 -48.94
N ASN J 532 67.48 -93.44 -48.14
CA ASN J 532 66.88 -92.20 -48.61
C ASN J 532 67.93 -91.10 -48.59
N LEU J 533 68.09 -90.41 -49.72
CA LEU J 533 69.01 -89.29 -49.81
C LEU J 533 68.35 -88.03 -49.25
N GLY J 534 69.12 -86.94 -49.22
CA GLY J 534 68.57 -85.69 -48.71
C GLY J 534 67.43 -85.16 -49.56
N TRP J 535 67.54 -85.30 -50.88
CA TRP J 535 66.51 -84.76 -51.76
C TRP J 535 65.17 -85.44 -51.53
N GLU J 536 65.17 -86.69 -51.07
CA GLU J 536 63.94 -87.46 -50.92
C GLU J 536 63.32 -87.32 -49.53
N SER J 537 63.88 -86.48 -48.67
CA SER J 537 63.38 -86.35 -47.30
C SER J 537 63.17 -84.91 -46.84
N PHE J 538 63.87 -83.93 -47.43
CA PHE J 538 63.75 -82.56 -46.96
C PHE J 538 62.34 -82.05 -47.15
N THR J 539 61.80 -81.39 -46.13
CA THR J 539 60.47 -80.80 -46.20
C THR J 539 60.47 -79.49 -45.42
N ILE J 540 59.85 -78.47 -46.00
CA ILE J 540 59.72 -77.17 -45.35
C ILE J 540 58.42 -77.15 -44.56
N GLU J 541 58.47 -76.69 -43.30
CA GLU J 541 57.33 -76.71 -42.35
C GLU J 541 57.02 -75.27 -41.89
N TYR J 542 55.79 -74.78 -42.05
CA TYR J 542 55.34 -73.45 -41.65
C TYR J 542 54.67 -73.58 -40.29
N LYS J 543 55.30 -73.01 -39.26
CA LYS J 543 54.82 -73.18 -37.89
C LYS J 543 53.67 -72.22 -37.61
N ILE J 544 52.50 -72.78 -37.31
CA ILE J 544 51.36 -72.00 -36.87
C ILE J 544 50.89 -72.45 -35.48
N ASP J 545 51.75 -73.17 -34.75
CA ASP J 545 51.37 -73.67 -33.44
C ASP J 545 51.10 -72.55 -32.44
N ASP J 546 51.68 -71.37 -32.65
CA ASP J 546 51.50 -70.28 -31.71
C ASP J 546 50.09 -69.72 -31.70
N LEU J 547 49.25 -70.09 -32.67
CA LEU J 547 47.90 -69.56 -32.76
C LEU J 547 46.87 -70.64 -32.46
N PRO J 548 45.68 -70.27 -31.98
CA PRO J 548 44.62 -71.26 -31.78
C PRO J 548 44.16 -71.90 -33.08
N MET J 549 44.48 -71.30 -34.22
CA MET J 549 44.09 -71.85 -35.51
C MET J 549 44.64 -73.26 -35.69
N SER J 550 45.78 -73.57 -35.06
CA SER J 550 46.40 -74.88 -35.27
C SER J 550 45.52 -76.01 -34.78
N TYR J 551 44.62 -75.74 -33.83
CA TYR J 551 43.74 -76.78 -33.33
C TYR J 551 42.61 -77.09 -34.31
N LEU J 552 42.22 -76.11 -35.13
CA LEU J 552 41.23 -76.38 -36.16
C LEU J 552 41.79 -77.30 -37.23
N PHE J 553 43.05 -77.08 -37.62
CA PHE J 553 43.66 -77.81 -38.72
C PHE J 553 44.20 -79.14 -38.19
N GLU J 554 43.44 -80.21 -38.43
CA GLU J 554 43.83 -81.54 -37.96
C GLU J 554 45.06 -82.03 -38.73
N GLY J 555 45.73 -83.02 -38.14
CA GLY J 555 46.98 -83.51 -38.71
C GLY J 555 46.83 -84.09 -40.10
N HIS J 556 45.64 -84.59 -40.45
CA HIS J 556 45.43 -85.20 -41.76
C HIS J 556 45.66 -84.18 -42.87
N GLN J 557 45.15 -82.97 -42.68
CA GLN J 557 45.32 -81.91 -43.66
C GLN J 557 46.80 -81.57 -43.85
N HIS J 558 47.55 -81.48 -42.75
CA HIS J 558 48.97 -81.19 -42.83
C HIS J 558 49.72 -82.31 -43.55
N LEU J 559 49.32 -83.56 -43.31
CA LEU J 559 49.95 -84.68 -44.01
C LEU J 559 49.72 -84.58 -45.51
N GLN J 560 48.51 -84.17 -45.93
CA GLN J 560 48.17 -83.99 -47.37
C GLN J 560 48.89 -82.76 -47.92
N TYR J 561 49.28 -81.81 -47.06
CA TYR J 561 50.05 -80.59 -47.47
C TYR J 561 51.51 -80.99 -47.68
N LEU J 562 52.01 -82.01 -46.95
CA LEU J 562 53.41 -82.51 -47.06
C LEU J 562 53.52 -83.52 -48.20
N LYS J 563 52.45 -84.25 -48.56
CA LYS J 563 52.47 -85.14 -49.73
C LYS J 563 52.56 -84.34 -51.02
N MET J 564 51.70 -83.33 -51.16
CA MET J 564 51.70 -82.55 -52.38
C MET J 564 53.00 -81.76 -52.52
N PHE J 565 53.53 -81.27 -51.40
CA PHE J 565 54.83 -80.62 -51.43
C PHE J 565 55.92 -81.56 -51.91
N HIS J 566 55.88 -82.83 -51.48
CA HIS J 566 56.90 -83.78 -51.92
C HIS J 566 56.87 -83.94 -53.43
N PHE J 567 55.68 -84.11 -54.01
CA PHE J 567 55.61 -84.27 -55.45
C PHE J 567 56.14 -83.02 -56.17
N LEU J 568 55.71 -81.84 -55.74
CA LEU J 568 56.16 -80.62 -56.39
C LEU J 568 57.66 -80.41 -56.20
N TRP J 569 58.19 -80.83 -55.05
CA TRP J 569 59.61 -80.72 -54.78
C TRP J 569 60.40 -81.56 -55.77
N LYS J 570 59.94 -82.78 -56.06
CA LYS J 570 60.64 -83.58 -57.06
C LYS J 570 60.63 -82.88 -58.42
N LEU J 571 59.48 -82.34 -58.81
CA LEU J 571 59.42 -81.69 -60.13
C LEU J 571 60.39 -80.51 -60.21
N ARG J 572 60.40 -79.65 -59.19
CA ARG J 572 61.29 -78.49 -59.26
C ARG J 572 62.75 -78.88 -59.11
N GLN J 573 63.04 -79.97 -58.38
CA GLN J 573 64.41 -80.45 -58.33
C GLN J 573 64.91 -80.80 -59.72
N LEU J 574 64.09 -81.49 -60.50
CA LEU J 574 64.51 -81.81 -61.86
C LEU J 574 64.63 -80.56 -62.71
N ASN J 575 63.70 -79.62 -62.54
CA ASN J 575 63.74 -78.39 -63.34
C ASN J 575 65.04 -77.64 -63.11
N ASN J 576 65.51 -77.59 -61.87
CA ASN J 576 66.76 -76.89 -61.57
C ASN J 576 67.99 -77.71 -61.99
N LEU J 577 67.90 -79.03 -61.89
CA LEU J 577 69.02 -79.85 -62.34
C LEU J 577 69.27 -79.64 -63.82
N LEU J 578 68.21 -79.48 -64.61
CA LEU J 578 68.42 -79.21 -66.03
C LEU J 578 69.12 -77.87 -66.25
N ASN J 579 68.83 -76.86 -65.42
CA ASN J 579 69.54 -75.59 -65.54
C ASN J 579 71.02 -75.75 -65.26
N TRP J 580 71.36 -76.49 -64.20
CA TRP J 580 72.78 -76.74 -63.94
C TRP J 580 73.44 -77.49 -65.09
N HIS J 581 72.72 -78.47 -65.65
CA HIS J 581 73.25 -79.19 -66.82
C HIS J 581 73.54 -78.23 -67.97
N PHE J 582 72.59 -77.33 -68.24
CA PHE J 582 72.78 -76.36 -69.31
C PHE J 582 74.00 -75.49 -69.06
N GLU J 583 74.16 -75.00 -67.84
CA GLU J 583 75.29 -74.11 -67.57
C GLU J 583 76.61 -74.85 -67.72
N MET J 584 76.71 -76.06 -67.16
CA MET J 584 77.99 -76.77 -67.22
C MET J 584 78.35 -77.14 -68.65
N PHE J 585 77.38 -77.59 -69.45
CA PHE J 585 77.72 -77.96 -70.82
C PHE J 585 78.03 -76.73 -71.67
N ASN J 586 77.32 -75.62 -71.45
CA ASN J 586 77.62 -74.40 -72.18
C ASN J 586 79.02 -73.90 -71.86
N GLU J 587 79.41 -73.95 -70.58
CA GLU J 587 80.76 -73.53 -70.22
C GLU J 587 81.81 -74.46 -70.84
N LEU J 588 81.53 -75.77 -70.82
CA LEU J 588 82.48 -76.70 -71.43
C LEU J 588 82.63 -76.44 -72.91
N ASN J 589 81.56 -76.01 -73.58
CA ASN J 589 81.66 -75.71 -75.00
C ASN J 589 82.72 -74.64 -75.26
N HIS J 590 82.73 -73.59 -74.45
CA HIS J 590 83.71 -72.54 -74.64
C HIS J 590 85.10 -72.95 -74.17
N ASN J 591 85.19 -73.78 -73.13
CA ASN J 591 86.48 -74.08 -72.55
C ASN J 591 87.25 -75.17 -73.30
N VAL J 592 86.58 -76.14 -73.88
CA VAL J 592 87.28 -77.29 -74.45
C VAL J 592 87.00 -77.44 -75.95
N VAL J 593 85.72 -77.62 -76.30
CA VAL J 593 85.39 -78.03 -77.66
C VAL J 593 85.86 -76.99 -78.68
N THR J 594 85.60 -75.71 -78.40
CA THR J 594 85.94 -74.68 -79.38
C THR J 594 87.44 -74.47 -79.49
N LYS J 595 88.22 -74.89 -78.50
CA LYS J 595 89.67 -74.78 -78.54
C LYS J 595 90.35 -76.06 -79.00
N LEU J 596 89.59 -77.10 -79.30
CA LEU J 596 90.16 -78.39 -79.68
C LEU J 596 90.68 -78.35 -81.11
N SER J 597 91.41 -79.41 -81.48
CA SER J 597 91.92 -79.52 -82.84
C SER J 597 90.78 -79.61 -83.83
N SER J 598 90.98 -79.01 -85.00
CA SER J 598 89.91 -78.96 -85.99
C SER J 598 89.56 -80.33 -86.56
N ARG J 599 90.44 -81.31 -86.39
CA ARG J 599 90.18 -82.62 -86.97
C ARG J 599 88.97 -83.29 -86.31
N ASN J 600 88.95 -83.34 -84.98
CA ASN J 600 87.88 -83.99 -84.24
C ASN J 600 86.91 -83.01 -83.59
N ARG J 601 87.03 -81.72 -83.90
CA ARG J 601 86.11 -80.74 -83.34
C ARG J 601 84.69 -80.97 -83.85
N ARG J 602 84.55 -81.28 -85.15
CA ARG J 602 83.20 -81.40 -85.72
C ARG J 602 82.40 -82.53 -85.09
N PRO J 603 82.90 -83.76 -84.98
CA PRO J 603 82.09 -84.81 -84.34
C PRO J 603 81.70 -84.49 -82.91
N LEU J 604 82.63 -83.90 -82.14
CA LEU J 604 82.32 -83.55 -80.77
C LEU J 604 81.31 -82.42 -80.71
N ALA J 605 81.43 -81.44 -81.61
CA ALA J 605 80.44 -80.38 -81.67
C ALA J 605 79.06 -80.93 -81.96
N LYS J 606 78.96 -81.87 -82.91
CA LYS J 606 77.67 -82.47 -83.24
C LYS J 606 77.09 -83.22 -82.05
N SER J 607 77.91 -84.01 -81.36
CA SER J 607 77.42 -84.76 -80.21
C SER J 607 76.95 -83.82 -79.11
N LEU J 608 77.72 -82.76 -78.85
CA LEU J 608 77.34 -81.81 -77.83
C LEU J 608 76.03 -81.11 -78.18
N SER J 609 75.86 -80.73 -79.44
CA SER J 609 74.60 -80.10 -79.84
C SER J 609 73.43 -81.04 -79.67
N ILE J 610 73.63 -82.33 -79.99
CA ILE J 610 72.56 -83.30 -79.79
C ILE J 610 72.17 -83.37 -78.31
N ILE J 611 73.19 -83.44 -77.44
CA ILE J 611 72.93 -83.55 -76.01
C ILE J 611 72.13 -82.33 -75.54
N THR J 612 72.57 -81.14 -75.94
CA THR J 612 71.93 -79.93 -75.46
C THR J 612 70.50 -79.81 -76.00
N SER J 613 70.26 -80.24 -77.24
CA SER J 613 68.90 -80.21 -77.76
C SER J 613 67.99 -81.15 -76.97
N ILE J 614 68.50 -82.33 -76.59
CA ILE J 614 67.71 -83.23 -75.76
C ILE J 614 67.37 -82.56 -74.43
N ARG J 615 68.35 -81.89 -73.83
CA ARG J 615 68.10 -81.17 -72.60
C ARG J 615 67.01 -80.11 -72.79
N PHE J 616 67.05 -79.41 -73.91
CA PHE J 616 66.04 -78.38 -74.18
C PHE J 616 64.65 -78.98 -74.28
N HIS J 617 64.52 -80.14 -74.92
CA HIS J 617 63.23 -80.81 -75.00
C HIS J 617 62.70 -81.13 -73.61
N PHE J 618 63.57 -81.70 -72.76
CA PHE J 618 63.13 -82.06 -71.42
C PHE J 618 62.72 -80.82 -70.63
N THR J 619 63.46 -79.73 -70.77
CA THR J 619 63.12 -78.50 -70.05
C THR J 619 61.76 -78.00 -70.49
N GLN J 620 61.46 -78.02 -71.78
CA GLN J 620 60.15 -77.57 -72.24
C GLN J 620 59.04 -78.42 -71.63
N PHE J 621 59.23 -79.74 -71.60
CA PHE J 621 58.18 -80.59 -71.04
C PHE J 621 57.95 -80.28 -69.57
N LEU J 622 59.03 -80.17 -68.79
CA LEU J 622 58.88 -79.90 -67.36
C LEU J 622 58.22 -78.56 -67.12
N ASN J 623 58.60 -77.54 -67.90
CA ASN J 623 58.00 -76.22 -67.71
C ASN J 623 56.51 -76.25 -68.01
N GLU J 624 56.10 -76.94 -69.07
CA GLU J 624 54.67 -77.02 -69.35
C GLU J 624 53.92 -77.74 -68.24
N LEU J 625 54.49 -78.83 -67.71
CA LEU J 625 53.80 -79.53 -66.61
C LEU J 625 53.65 -78.62 -65.40
N ILE J 626 54.72 -77.91 -65.04
CA ILE J 626 54.64 -77.03 -63.87
C ILE J 626 53.64 -75.91 -64.10
N ALA J 627 53.63 -75.35 -65.31
CA ALA J 627 52.69 -74.26 -65.58
C ALA J 627 51.25 -74.74 -65.45
N TYR J 628 50.96 -75.93 -66.00
CA TYR J 628 49.61 -76.46 -65.88
C TYR J 628 49.23 -76.63 -64.42
N LEU J 629 50.06 -77.33 -63.65
CA LEU J 629 49.69 -77.53 -62.24
C LEU J 629 49.49 -76.21 -61.53
N SER J 630 50.45 -75.30 -61.65
CA SER J 630 50.44 -74.10 -60.84
C SER J 630 49.25 -73.21 -61.17
N TYR J 631 48.98 -73.00 -62.46
CA TYR J 631 47.98 -72.02 -62.86
C TYR J 631 46.66 -72.63 -63.29
N ASP J 632 46.45 -73.93 -63.11
CA ASP J 632 45.14 -74.52 -63.34
C ASP J 632 44.64 -75.37 -62.19
N VAL J 633 45.50 -75.82 -61.29
CA VAL J 633 45.10 -76.67 -60.17
C VAL J 633 45.19 -75.90 -58.86
N ILE J 634 46.38 -75.41 -58.51
CA ILE J 634 46.55 -74.74 -57.23
C ILE J 634 45.84 -73.40 -57.22
N GLU J 635 46.06 -72.59 -58.27
CA GLU J 635 45.53 -71.23 -58.27
C GLU J 635 44.02 -71.23 -58.45
N GLU J 636 43.52 -72.04 -59.38
CA GLU J 636 42.08 -72.12 -59.59
C GLU J 636 41.38 -72.64 -58.34
N ASN J 637 41.93 -73.69 -57.71
CA ASN J 637 41.31 -74.23 -56.51
C ASN J 637 41.33 -73.20 -55.39
N PHE J 638 42.44 -72.49 -55.21
CA PHE J 638 42.47 -71.47 -54.17
C PHE J 638 41.40 -70.43 -54.41
N GLN J 639 41.37 -69.84 -55.62
CA GLN J 639 40.43 -68.77 -55.89
C GLN J 639 38.98 -69.26 -55.85
N GLN J 640 38.75 -70.54 -56.08
CA GLN J 640 37.39 -71.05 -56.15
C GLN J 640 36.88 -71.54 -54.80
N HIS J 641 37.75 -72.09 -53.95
CA HIS J 641 37.32 -72.74 -52.73
C HIS J 641 37.64 -71.95 -51.47
N ILE J 642 38.53 -70.96 -51.52
CA ILE J 642 38.88 -70.23 -50.31
C ILE J 642 38.42 -68.79 -50.45
N VAL J 643 38.93 -68.09 -51.45
CA VAL J 643 38.56 -66.69 -51.64
C VAL J 643 37.07 -66.58 -51.91
N ARG J 644 36.52 -67.44 -52.77
CA ARG J 644 35.12 -67.34 -53.14
C ARG J 644 34.19 -67.87 -52.06
N LYS J 645 34.69 -68.72 -51.15
CA LYS J 645 33.87 -69.16 -50.02
C LYS J 645 33.85 -68.13 -48.90
N LEU J 646 35.00 -67.50 -48.62
CA LEU J 646 35.07 -66.59 -47.49
C LEU J 646 34.41 -65.25 -47.80
N PHE J 647 34.86 -64.58 -48.86
CA PHE J 647 34.52 -63.18 -49.09
C PHE J 647 33.30 -62.97 -49.97
N TYR J 648 33.16 -63.72 -51.05
CA TYR J 648 31.96 -63.60 -51.87
C TYR J 648 30.79 -64.30 -51.20
N ASN J 649 29.59 -63.83 -51.54
CA ASN J 649 28.38 -64.33 -50.91
C ASN J 649 28.16 -65.79 -51.23
N LYS J 650 27.92 -66.61 -50.20
CA LYS J 650 27.50 -67.99 -50.42
C LYS J 650 25.99 -68.01 -50.65
N ASN J 651 25.57 -67.54 -51.82
CA ASN J 651 24.15 -67.44 -52.14
C ASN J 651 23.47 -68.79 -51.96
N ASP J 652 22.34 -68.77 -51.25
CA ASP J 652 21.62 -70.04 -50.98
C ASP J 652 20.12 -69.77 -51.11
N GLN J 653 19.33 -70.83 -51.08
CA GLN J 653 17.88 -70.71 -51.21
C GLN J 653 17.24 -69.99 -50.04
N ASP J 654 17.87 -69.99 -48.87
CA ASP J 654 17.32 -69.26 -47.73
C ASP J 654 17.69 -67.78 -47.80
N LEU J 655 18.84 -67.44 -48.39
CA LEU J 655 19.18 -66.04 -48.61
C LEU J 655 18.32 -65.42 -49.69
N LEU J 656 17.67 -66.23 -50.52
CA LEU J 656 16.82 -65.71 -51.58
C LEU J 656 15.62 -64.97 -50.99
N LEU J 657 15.05 -65.48 -49.91
CA LEU J 657 13.83 -64.91 -49.34
C LEU J 657 14.11 -63.53 -48.75
N ASN J 658 13.42 -62.51 -49.24
CA ASN J 658 13.48 -61.17 -48.67
C ASN J 658 12.40 -61.04 -47.60
N LYS J 659 12.79 -61.16 -46.34
CA LYS J 659 11.83 -61.16 -45.23
C LYS J 659 11.20 -59.79 -44.99
N SER J 660 11.69 -58.74 -45.62
CA SER J 660 11.17 -57.41 -45.33
C SER J 660 9.76 -57.20 -45.83
N PHE J 661 9.12 -58.20 -46.45
CA PHE J 661 7.68 -58.10 -46.68
C PHE J 661 6.93 -58.10 -45.36
N MET J 662 7.49 -58.74 -44.34
CA MET J 662 7.04 -58.51 -42.98
C MET J 662 7.50 -57.12 -42.53
N ASN J 663 6.73 -56.52 -41.62
CA ASN J 663 7.02 -55.15 -41.20
C ASN J 663 8.42 -55.06 -40.58
N LEU J 664 8.69 -55.88 -39.57
CA LEU J 664 10.03 -56.01 -38.97
C LEU J 664 10.72 -54.65 -38.79
N SER J 665 10.05 -53.74 -38.09
CA SER J 665 10.67 -52.46 -37.77
C SER J 665 11.86 -52.61 -36.83
N GLU J 666 11.84 -53.62 -35.96
CA GLU J 666 12.87 -53.78 -34.94
C GLU J 666 14.12 -54.44 -35.49
N ILE J 667 15.26 -54.14 -34.85
CA ILE J 667 16.54 -54.78 -35.15
C ILE J 667 17.17 -55.25 -33.84
N ASP J 668 17.86 -56.39 -33.92
CA ASP J 668 18.46 -57.01 -32.75
C ASP J 668 19.78 -57.66 -33.13
N PRO J 669 20.69 -57.88 -32.17
CA PRO J 669 20.60 -57.51 -30.75
C PRO J 669 20.79 -56.01 -30.54
N ASN J 670 21.67 -55.39 -31.33
CA ASN J 670 21.91 -53.97 -31.24
C ASN J 670 22.76 -53.54 -32.44
N ASN J 671 22.77 -52.22 -32.68
CA ASN J 671 23.63 -51.67 -33.71
C ASN J 671 25.11 -51.82 -33.38
N ASP J 672 25.44 -52.15 -32.12
CA ASP J 672 26.83 -52.30 -31.71
C ASP J 672 27.50 -53.54 -32.27
N LEU J 673 26.74 -54.46 -32.86
CA LEU J 673 27.31 -55.71 -33.36
C LEU J 673 27.78 -55.53 -34.80
N PRO J 674 29.08 -55.65 -35.10
CA PRO J 674 29.55 -55.30 -36.44
C PRO J 674 29.05 -56.22 -37.53
N LYS J 675 29.07 -55.69 -38.76
CA LYS J 675 28.94 -56.49 -39.98
C LYS J 675 30.32 -56.57 -40.63
N PHE J 676 30.77 -57.77 -40.97
CA PHE J 676 32.20 -58.07 -41.00
C PHE J 676 32.80 -58.38 -42.37
N ASN J 677 32.10 -58.16 -43.47
CA ASN J 677 32.70 -58.31 -44.79
C ASN J 677 33.13 -59.74 -45.10
N VAL J 678 32.87 -60.69 -44.21
CA VAL J 678 33.23 -62.09 -44.43
C VAL J 678 32.10 -62.96 -43.90
N ASN J 679 31.85 -64.08 -44.58
CA ASN J 679 30.80 -64.98 -44.15
C ASN J 679 31.11 -65.52 -42.76
N LEU J 680 30.10 -65.51 -41.89
CA LEU J 680 30.26 -66.02 -40.54
C LEU J 680 30.24 -67.54 -40.58
N LEU J 681 31.37 -68.16 -40.30
CA LEU J 681 31.54 -69.61 -40.42
C LEU J 681 31.66 -70.25 -39.04
N THR J 682 31.01 -71.40 -38.87
CA THR J 682 31.15 -72.18 -37.66
C THR J 682 32.50 -72.88 -37.63
N ILE J 683 32.86 -73.39 -36.46
CA ILE J 683 34.13 -74.10 -36.30
C ILE J 683 34.19 -75.30 -37.25
N ASP J 684 33.16 -76.13 -37.22
CA ASP J 684 33.10 -77.27 -38.12
C ASP J 684 33.09 -76.81 -39.57
N GLU J 685 32.49 -75.64 -39.84
CA GLU J 685 32.48 -75.12 -41.20
C GLU J 685 33.89 -74.74 -41.64
N LEU J 686 34.69 -74.14 -40.75
CA LEU J 686 36.06 -73.81 -41.10
C LEU J 686 36.88 -75.06 -41.37
N VAL J 687 36.72 -76.07 -40.51
CA VAL J 687 37.46 -77.32 -40.71
C VAL J 687 37.09 -77.93 -42.06
N GLU J 688 35.79 -78.00 -42.35
CA GLU J 688 35.33 -78.58 -43.61
C GLU J 688 35.79 -77.77 -44.81
N LEU J 689 35.80 -76.44 -44.69
CA LEU J 689 36.24 -75.59 -45.78
C LEU J 689 37.69 -75.87 -46.14
N HIS J 690 38.57 -75.88 -45.13
CA HIS J 690 39.97 -76.11 -45.44
C HIS J 690 40.20 -77.54 -45.90
N GLY J 691 39.44 -78.51 -45.36
CA GLY J 691 39.59 -79.88 -45.80
C GLY J 691 39.20 -80.06 -47.25
N THR J 692 38.09 -79.45 -47.67
CA THR J 692 37.69 -79.54 -49.07
C THR J 692 38.69 -78.81 -49.97
N TYR J 693 39.22 -77.67 -49.53
CA TYR J 693 40.19 -76.97 -50.35
C TYR J 693 41.43 -77.83 -50.60
N ILE J 694 41.93 -78.50 -49.55
CA ILE J 694 43.10 -79.37 -49.74
C ILE J 694 42.73 -80.58 -50.59
N ASP J 695 41.56 -81.18 -50.32
CA ASP J 695 41.19 -82.40 -51.01
C ASP J 695 41.05 -82.16 -52.50
N SER J 696 40.51 -81.01 -52.90
CA SER J 696 40.35 -80.73 -54.32
C SER J 696 41.70 -80.77 -55.03
N ILE J 697 42.73 -80.17 -54.43
CA ILE J 697 44.05 -80.18 -55.06
C ILE J 697 44.63 -81.58 -55.08
N ILE J 698 44.63 -82.27 -53.93
CA ILE J 698 45.34 -83.55 -53.89
C ILE J 698 44.63 -84.59 -54.73
N ASN J 699 43.31 -84.53 -54.82
CA ASN J 699 42.52 -85.51 -55.57
C ASN J 699 42.05 -84.93 -56.91
N SER J 700 42.87 -84.11 -57.55
CA SER J 700 42.50 -83.56 -58.84
C SER J 700 42.43 -84.66 -59.90
N SER J 701 42.05 -84.27 -61.11
CA SER J 701 41.93 -85.24 -62.19
C SER J 701 43.28 -85.90 -62.48
N LEU J 702 44.35 -85.11 -62.56
CA LEU J 702 45.66 -85.65 -62.87
C LEU J 702 46.28 -86.38 -61.70
N LEU J 703 46.01 -85.93 -60.47
CA LEU J 703 46.67 -86.47 -59.29
C LEU J 703 45.89 -87.62 -58.64
N ASN J 704 44.78 -88.04 -59.22
CA ASN J 704 44.03 -89.15 -58.66
C ASN J 704 44.77 -90.46 -58.90
N GLU J 705 44.34 -91.49 -58.17
CA GLU J 705 44.92 -92.83 -58.32
C GLU J 705 44.20 -93.65 -59.38
N LYS J 706 43.14 -93.12 -60.00
CA LYS J 706 42.42 -93.83 -61.03
C LYS J 706 43.28 -94.04 -62.26
N THR J 712 45.11 -98.41 -70.15
CA THR J 712 46.34 -99.13 -69.82
C THR J 712 46.32 -99.63 -68.38
N ASN J 713 45.22 -99.37 -67.67
CA ASN J 713 45.06 -99.79 -66.29
C ASN J 713 46.15 -99.21 -65.40
N ILE J 714 46.67 -98.04 -65.76
CA ILE J 714 47.67 -97.34 -64.97
C ILE J 714 47.23 -95.89 -64.81
N SER J 715 47.68 -95.27 -63.72
CA SER J 715 47.31 -93.91 -63.41
C SER J 715 48.25 -92.92 -64.09
N TYR J 716 47.78 -91.66 -64.19
CA TYR J 716 48.60 -90.62 -64.79
C TYR J 716 49.86 -90.36 -63.97
N ILE J 717 49.75 -90.46 -62.65
CA ILE J 717 50.90 -90.19 -61.79
C ILE J 717 52.03 -91.16 -62.08
N ASP J 718 51.71 -92.44 -62.31
CA ASP J 718 52.75 -93.42 -62.60
C ASP J 718 53.47 -93.08 -63.89
N GLN J 719 52.73 -92.68 -64.93
CA GLN J 719 53.36 -92.31 -66.18
C GLN J 719 54.26 -91.09 -66.01
N ILE J 720 53.78 -90.09 -65.27
CA ILE J 720 54.60 -88.91 -65.04
C ILE J 720 55.87 -89.28 -64.31
N PHE J 721 55.77 -90.13 -63.28
CA PHE J 721 56.95 -90.53 -62.53
C PHE J 721 57.91 -91.33 -63.40
N ASN J 722 57.38 -92.13 -64.33
CA ASN J 722 58.24 -92.85 -65.25
C ASN J 722 59.04 -91.88 -66.12
N ILE J 723 58.38 -90.83 -66.62
CA ILE J 723 59.10 -89.83 -67.40
C ILE J 723 60.16 -89.14 -66.53
N LEU J 724 59.83 -88.87 -65.27
CA LEU J 724 60.80 -88.26 -64.38
C LEU J 724 62.02 -89.16 -64.18
N GLN J 725 61.80 -90.46 -64.05
CA GLN J 725 62.91 -91.40 -63.95
C GLN J 725 63.74 -91.39 -65.22
N THR J 726 63.08 -91.24 -66.37
CA THR J 726 63.83 -91.11 -67.63
C THR J 726 64.75 -89.90 -67.58
N ILE J 727 64.25 -88.77 -67.09
CA ILE J 727 65.08 -87.57 -67.01
C ILE J 727 66.23 -87.77 -66.02
N PHE J 728 65.98 -88.44 -64.90
CA PHE J 728 67.05 -88.73 -63.95
C PHE J 728 68.16 -89.54 -64.60
N ASN J 729 67.77 -90.59 -65.34
CA ASN J 729 68.76 -91.40 -66.03
C ASN J 729 69.54 -90.56 -67.03
N PHE J 730 68.84 -89.67 -67.74
CA PHE J 730 69.52 -88.82 -68.70
C PHE J 730 70.58 -87.96 -68.02
N ILE J 731 70.24 -87.36 -66.89
CA ILE J 731 71.21 -86.51 -66.19
C ILE J 731 72.41 -87.34 -65.75
N ASN J 732 72.15 -88.52 -65.17
CA ASN J 732 73.26 -89.32 -64.66
C ASN J 732 74.20 -89.74 -65.79
N THR J 733 73.66 -90.09 -66.94
CA THR J 733 74.52 -90.47 -68.07
C THR J 733 75.24 -89.25 -68.66
N SER J 734 74.57 -88.10 -68.68
CA SER J 734 75.22 -86.91 -69.21
C SER J 734 76.41 -86.51 -68.36
N GLN J 735 76.38 -86.81 -67.06
CA GLN J 735 77.56 -86.54 -66.23
C GLN J 735 78.76 -87.38 -66.68
N GLU J 736 78.52 -88.65 -67.02
CA GLU J 736 79.59 -89.49 -67.54
C GLU J 736 80.11 -88.93 -68.87
N PHE J 737 79.21 -88.49 -69.73
CA PHE J 737 79.66 -87.85 -70.97
C PHE J 737 80.52 -86.63 -70.68
N TYR J 738 80.13 -85.83 -69.68
CA TYR J 738 80.91 -84.67 -69.27
C TYR J 738 82.33 -85.08 -68.90
N SER J 739 82.46 -86.12 -68.08
CA SER J 739 83.79 -86.53 -67.63
C SER J 739 84.63 -87.06 -68.80
N LEU J 740 83.99 -87.80 -69.71
CA LEU J 740 84.75 -88.34 -70.85
C LEU J 740 85.23 -87.23 -71.76
N VAL J 741 84.38 -86.24 -72.05
CA VAL J 741 84.80 -85.18 -72.96
C VAL J 741 85.87 -84.31 -72.31
N CYS J 742 85.78 -84.06 -71.01
CA CYS J 742 86.83 -83.28 -70.38
C CYS J 742 88.14 -84.04 -70.38
N THR J 743 88.10 -85.38 -70.32
CA THR J 743 89.30 -86.25 -70.41
C THR J 743 89.82 -86.20 -71.84
N PHE J 744 88.96 -86.00 -72.84
CA PHE J 744 89.35 -85.83 -74.26
C PHE J 744 90.08 -84.50 -74.39
N GLY J 745 89.54 -83.46 -73.75
CA GLY J 745 90.16 -82.12 -73.75
C GLY J 745 91.54 -82.19 -73.11
N LEU J 746 91.67 -82.90 -71.99
CA LEU J 746 92.96 -82.99 -71.30
C LEU J 746 94.02 -83.69 -72.16
N LEU J 747 93.61 -84.67 -72.96
CA LEU J 747 94.62 -85.39 -73.75
C LEU J 747 95.36 -84.44 -74.69
N VAL J 748 94.64 -83.55 -75.35
CA VAL J 748 95.26 -82.60 -76.27
C VAL J 748 95.84 -81.43 -75.48
N GLN J 761 97.18 -93.40 -78.86
CA GLN J 761 96.27 -94.53 -78.92
C GLN J 761 95.04 -94.29 -78.04
N ASP J 762 95.19 -93.44 -77.03
CA ASP J 762 94.07 -93.13 -76.14
C ASP J 762 92.99 -92.33 -76.84
N GLN J 763 93.34 -91.56 -77.88
CA GLN J 763 92.34 -90.76 -78.57
C GLN J 763 91.27 -91.63 -79.19
N GLU J 764 91.67 -92.74 -79.83
CA GLU J 764 90.69 -93.62 -80.46
C GLU J 764 89.77 -94.25 -79.41
N ASP J 765 90.33 -94.68 -78.28
CA ASP J 765 89.50 -95.27 -77.23
C ASP J 765 88.50 -94.25 -76.70
N LEU J 766 88.96 -93.02 -76.44
CA LEU J 766 88.06 -92.01 -75.94
C LEU J 766 86.98 -91.66 -76.96
N GLU J 767 87.35 -91.59 -78.24
CA GLU J 767 86.35 -91.32 -79.27
C GLU J 767 85.32 -92.43 -79.35
N PHE J 768 85.77 -93.68 -79.23
CA PHE J 768 84.84 -94.80 -79.24
C PHE J 768 83.89 -94.73 -78.06
N GLN J 769 84.41 -94.40 -76.88
CA GLN J 769 83.55 -94.27 -75.71
C GLN J 769 82.57 -93.10 -75.87
N LEU J 770 83.02 -92.01 -76.48
CA LEU J 770 82.13 -90.89 -76.74
C LEU J 770 81.00 -91.30 -77.67
N HIS J 771 81.33 -92.04 -78.74
CA HIS J 771 80.28 -92.51 -79.64
C HIS J 771 79.32 -93.44 -78.91
N LYS J 772 79.85 -94.32 -78.06
CA LYS J 772 78.98 -95.23 -77.31
C LYS J 772 78.03 -94.47 -76.40
N ILE J 773 78.54 -93.48 -75.68
CA ILE J 773 77.69 -92.71 -74.77
C ILE J 773 76.64 -91.93 -75.55
N LYS J 774 77.04 -91.31 -76.66
CA LYS J 774 76.08 -90.57 -77.47
C LYS J 774 75.00 -91.50 -78.00
N ARG J 775 75.40 -92.69 -78.46
CA ARG J 775 74.41 -93.65 -78.94
C ARG J 775 73.45 -94.04 -77.82
N LYS J 776 73.98 -94.33 -76.63
CA LYS J 776 73.10 -94.73 -75.55
C LYS J 776 72.08 -93.63 -75.26
N ILE J 777 72.56 -92.40 -75.05
CA ILE J 777 71.65 -91.33 -74.67
C ILE J 777 70.66 -91.03 -75.78
N TYR J 778 71.12 -90.92 -77.02
CA TYR J 778 70.23 -90.56 -78.11
C TYR J 778 69.20 -91.64 -78.39
N LYS J 779 69.65 -92.89 -78.53
CA LYS J 779 68.71 -93.95 -78.86
C LYS J 779 67.89 -94.35 -77.64
N ASP J 780 68.52 -95.01 -76.66
CA ASP J 780 67.74 -95.60 -75.58
C ASP J 780 66.92 -94.53 -74.85
N ILE J 781 67.60 -93.65 -74.12
CA ILE J 781 66.92 -92.77 -73.17
C ILE J 781 65.90 -91.90 -73.89
N TYR J 782 66.30 -91.27 -74.99
CA TYR J 782 65.38 -90.35 -75.66
C TYR J 782 64.44 -91.10 -76.60
N GLN J 783 64.98 -91.72 -77.66
CA GLN J 783 64.13 -92.26 -78.70
C GLN J 783 63.34 -93.46 -78.19
N HIS J 784 64.03 -94.39 -77.51
CA HIS J 784 63.36 -95.63 -77.13
C HIS J 784 62.43 -95.44 -75.94
N ASP J 785 62.78 -94.56 -75.00
CA ASP J 785 62.04 -94.41 -73.76
C ASP J 785 61.20 -93.14 -73.73
N TYR J 786 61.82 -91.97 -73.90
CA TYR J 786 61.10 -90.72 -73.66
C TYR J 786 59.99 -90.52 -74.67
N LYS J 787 60.30 -90.67 -75.96
CA LYS J 787 59.28 -90.42 -76.98
C LYS J 787 58.15 -91.44 -76.89
N ARG J 788 58.48 -92.69 -76.59
CA ARG J 788 57.45 -93.72 -76.45
C ARG J 788 56.54 -93.42 -75.26
N GLN J 789 57.13 -93.10 -74.11
CA GLN J 789 56.32 -92.80 -72.92
C GLN J 789 55.46 -91.56 -73.14
N LEU J 790 56.02 -90.53 -73.78
CA LEU J 790 55.26 -89.32 -74.03
C LEU J 790 54.13 -89.57 -75.01
N ASN J 791 54.36 -90.41 -76.02
CA ASN J 791 53.27 -90.75 -76.95
C ASN J 791 52.15 -91.46 -76.21
N ASP J 792 52.50 -92.43 -75.35
CA ASP J 792 51.46 -93.13 -74.60
C ASP J 792 50.71 -92.18 -73.69
N LEU J 793 51.43 -91.28 -73.02
CA LEU J 793 50.77 -90.33 -72.13
C LEU J 793 49.86 -89.38 -72.89
N LYS J 794 50.30 -88.89 -74.04
CA LYS J 794 49.48 -87.99 -74.83
C LYS J 794 48.20 -88.70 -75.30
N ASN J 795 48.33 -89.94 -75.75
CA ASN J 795 47.13 -90.68 -76.15
C ASN J 795 46.21 -90.91 -74.95
N ASP J 796 46.79 -91.17 -73.78
CA ASP J 796 45.96 -91.36 -72.60
C ASP J 796 45.17 -90.11 -72.25
N LEU J 797 45.80 -88.94 -72.36
CA LEU J 797 45.15 -87.72 -71.93
C LEU J 797 43.95 -87.38 -72.81
N ASN J 798 44.02 -87.67 -74.12
CA ASN J 798 42.96 -87.29 -75.04
C ASN J 798 41.63 -87.95 -74.68
N ARG J 799 41.65 -89.07 -73.96
CA ARG J 799 40.41 -89.72 -73.55
C ARG J 799 39.62 -88.89 -72.54
N ASP J 800 40.23 -87.88 -71.94
CA ASP J 800 39.60 -87.03 -70.93
C ASP J 800 39.33 -85.66 -71.52
N TYR J 801 38.11 -85.15 -71.29
CA TYR J 801 37.76 -83.82 -71.78
C TYR J 801 38.63 -82.75 -71.12
N ASN J 802 38.83 -82.86 -69.81
CA ASN J 802 39.56 -81.82 -69.08
C ASN J 802 41.00 -81.72 -69.54
N LEU J 803 41.66 -82.86 -69.76
CA LEU J 803 43.09 -82.90 -70.02
C LEU J 803 43.43 -82.84 -71.51
N LYS J 804 42.43 -82.73 -72.39
CA LYS J 804 42.72 -82.64 -73.82
C LYS J 804 43.53 -81.39 -74.14
N ASP J 805 43.15 -80.26 -73.53
CA ASP J 805 43.88 -79.02 -73.75
C ASP J 805 45.32 -79.15 -73.30
N LEU J 806 45.55 -79.75 -72.13
CA LEU J 806 46.91 -79.95 -71.67
C LEU J 806 47.67 -80.88 -72.62
N SER J 807 46.98 -81.90 -73.14
CA SER J 807 47.63 -82.85 -74.03
C SER J 807 48.14 -82.14 -75.28
N LYS J 808 47.37 -81.19 -75.80
CA LYS J 808 47.83 -80.50 -77.01
C LYS J 808 49.15 -79.78 -76.76
N LEU J 809 49.31 -79.15 -75.60
CA LEU J 809 50.57 -78.48 -75.30
C LEU J 809 51.62 -79.46 -74.78
N LEU J 810 51.33 -80.12 -73.66
CA LEU J 810 52.27 -81.04 -73.05
C LEU J 810 52.45 -82.26 -73.95
N ASN K 231 -31.10 -83.81 -79.57
CA ASN K 231 -29.62 -83.67 -79.72
C ASN K 231 -29.06 -82.70 -78.68
N ILE K 232 -27.80 -82.91 -78.30
CA ILE K 232 -27.14 -82.05 -77.34
C ILE K 232 -26.90 -80.68 -77.99
N ALA K 233 -27.11 -79.62 -77.21
CA ALA K 233 -26.95 -78.27 -77.71
C ALA K 233 -25.51 -78.00 -78.14
N THR K 234 -25.36 -77.33 -79.28
CA THR K 234 -24.06 -76.84 -79.72
C THR K 234 -23.76 -75.52 -79.04
N THR K 235 -22.49 -75.28 -78.71
CA THR K 235 -22.07 -74.06 -78.04
C THR K 235 -20.75 -73.61 -78.60
N THR K 236 -20.44 -72.31 -78.39
CA THR K 236 -19.22 -71.65 -78.94
C THR K 236 -17.97 -72.35 -78.39
N LYS K 237 -17.99 -72.82 -77.13
CA LYS K 237 -16.84 -73.51 -76.54
C LYS K 237 -16.79 -74.96 -77.02
N SER K 238 -15.57 -75.42 -77.36
CA SER K 238 -15.38 -76.73 -77.95
C SER K 238 -15.47 -77.79 -76.86
N ARG K 239 -16.53 -78.60 -76.90
CA ARG K 239 -16.76 -79.62 -75.88
C ARG K 239 -15.67 -80.69 -75.92
N GLU K 240 -15.42 -81.23 -77.11
CA GLU K 240 -14.43 -82.29 -77.26
C GLU K 240 -13.03 -81.79 -76.88
N GLU K 241 -12.73 -80.52 -77.17
CA GLU K 241 -11.44 -79.97 -76.77
C GLU K 241 -11.28 -80.01 -75.25
N GLU K 242 -12.33 -79.63 -74.52
CA GLU K 242 -12.26 -79.65 -73.06
C GLU K 242 -12.04 -81.07 -72.55
N LEU K 243 -12.80 -82.03 -73.08
CA LEU K 243 -12.63 -83.41 -72.63
C LEU K 243 -11.22 -83.92 -72.94
N ASN K 244 -10.72 -83.61 -74.13
CA ASN K 244 -9.39 -84.07 -74.53
C ASN K 244 -8.32 -83.48 -73.63
N LYS K 245 -8.44 -82.19 -73.30
CA LYS K 245 -7.47 -81.58 -72.40
C LYS K 245 -7.52 -82.22 -71.02
N ARG K 246 -8.72 -82.55 -70.54
CA ARG K 246 -8.82 -83.25 -69.26
C ARG K 246 -8.10 -84.59 -69.30
N ILE K 247 -8.29 -85.34 -70.39
CA ILE K 247 -7.62 -86.64 -70.50
C ILE K 247 -6.11 -86.48 -70.54
N VAL K 248 -5.60 -85.50 -71.28
CA VAL K 248 -4.15 -85.32 -71.35
C VAL K 248 -3.60 -84.98 -69.97
N ASN K 249 -4.30 -84.12 -69.22
CA ASN K 249 -3.86 -83.71 -67.85
C ASN K 249 -3.95 -84.92 -66.92
N TYR K 250 -4.84 -85.87 -67.18
CA TYR K 250 -4.99 -87.11 -66.38
C TYR K 250 -3.92 -88.13 -66.80
N LYS K 251 -3.35 -88.00 -68.00
CA LYS K 251 -2.24 -88.87 -68.47
C LYS K 251 -0.92 -88.35 -67.91
N ILE K 252 -0.76 -87.03 -67.68
CA ILE K 252 0.45 -86.51 -67.05
C ILE K 252 0.49 -86.89 -65.58
N GLN K 253 -0.63 -86.74 -64.87
CA GLN K 253 -0.63 -87.11 -63.46
C GLN K 253 -0.33 -88.59 -63.28
N LEU K 254 -0.93 -89.45 -64.10
CA LEU K 254 -0.70 -90.88 -63.95
C LEU K 254 0.76 -91.22 -64.15
N LYS K 255 1.38 -90.68 -65.21
CA LYS K 255 2.75 -91.09 -65.51
C LYS K 255 3.73 -90.53 -64.49
N LEU K 256 3.51 -89.30 -64.02
CA LEU K 256 4.38 -88.78 -62.97
C LEU K 256 4.25 -89.61 -61.70
N MET K 257 3.02 -90.01 -61.35
CA MET K 257 2.83 -90.83 -60.17
C MET K 257 3.52 -92.18 -60.34
N LYS K 258 3.45 -92.77 -61.53
CA LYS K 258 4.11 -94.05 -61.76
C LYS K 258 5.62 -93.91 -61.60
N ASN K 259 6.20 -92.84 -62.14
CA ASN K 259 7.65 -92.67 -62.01
C ASN K 259 8.01 -92.52 -60.53
N PHE K 260 7.22 -91.77 -59.77
CA PHE K 260 7.54 -91.61 -58.35
C PHE K 260 7.42 -92.94 -57.62
N LEU K 261 6.39 -93.74 -57.92
CA LEU K 261 6.26 -95.02 -57.26
C LEU K 261 7.40 -95.96 -57.63
N GLN K 262 7.87 -95.90 -58.87
CA GLN K 262 9.02 -96.72 -59.24
C GLN K 262 10.26 -96.29 -58.45
N GLU K 263 10.46 -94.99 -58.29
CA GLU K 263 11.59 -94.55 -57.48
C GLU K 263 11.44 -94.98 -56.03
N LEU K 264 10.20 -95.05 -55.54
CA LEU K 264 9.96 -95.42 -54.15
C LEU K 264 10.12 -96.91 -53.91
N ILE K 265 9.69 -97.74 -54.87
CA ILE K 265 9.66 -99.18 -54.67
C ILE K 265 11.07 -99.77 -54.71
N ASP K 266 11.90 -99.29 -55.64
CA ASP K 266 13.19 -99.93 -55.88
C ASP K 266 14.17 -99.75 -54.73
N ARG K 267 13.89 -98.86 -53.79
CA ARG K 267 14.78 -98.67 -52.64
C ARG K 267 14.38 -99.64 -51.53
N ARG L 239 -21.39 -89.53 -79.30
CA ARG L 239 -20.00 -90.06 -79.45
C ARG L 239 -19.14 -89.78 -78.23
N GLU L 240 -19.28 -88.57 -77.67
CA GLU L 240 -18.42 -88.17 -76.55
C GLU L 240 -18.62 -89.01 -75.30
N GLU L 241 -19.61 -89.89 -75.28
CA GLU L 241 -19.78 -90.81 -74.15
C GLU L 241 -18.49 -91.58 -73.93
N GLU L 242 -17.83 -91.96 -75.03
CA GLU L 242 -16.62 -92.77 -74.94
C GLU L 242 -15.50 -92.01 -74.23
N LEU L 243 -15.34 -90.72 -74.53
CA LEU L 243 -14.34 -89.93 -73.82
C LEU L 243 -14.66 -89.86 -72.33
N ASN L 244 -15.93 -89.65 -71.98
CA ASN L 244 -16.30 -89.58 -70.56
C ASN L 244 -16.00 -90.90 -69.86
N LYS L 245 -16.25 -92.02 -70.56
CA LYS L 245 -15.98 -93.33 -69.98
C LYS L 245 -14.50 -93.50 -69.70
N ARG L 246 -13.66 -93.08 -70.65
CA ARG L 246 -12.22 -93.17 -70.43
C ARG L 246 -11.78 -92.25 -69.30
N ILE L 247 -12.40 -91.07 -69.20
CA ILE L 247 -12.07 -90.14 -68.12
C ILE L 247 -12.33 -90.80 -66.77
N VAL L 248 -13.50 -91.42 -66.61
CA VAL L 248 -13.81 -92.03 -65.31
C VAL L 248 -12.88 -93.22 -65.05
N ASN L 249 -12.52 -93.98 -66.09
CA ASN L 249 -11.59 -95.08 -65.90
C ASN L 249 -10.25 -94.59 -65.37
N TYR L 250 -9.74 -93.49 -65.93
CA TYR L 250 -8.49 -92.93 -65.44
C TYR L 250 -8.63 -92.31 -64.06
N LYS L 251 -9.81 -91.80 -63.71
CA LYS L 251 -10.04 -91.36 -62.34
C LYS L 251 -9.84 -92.52 -61.37
N ILE L 252 -10.43 -93.67 -61.69
CA ILE L 252 -10.29 -94.84 -60.82
C ILE L 252 -8.82 -95.27 -60.75
N GLN L 253 -8.13 -95.27 -61.89
CA GLN L 253 -6.74 -95.72 -61.89
C GLN L 253 -5.86 -94.79 -61.03
N LEU L 254 -6.07 -93.48 -61.14
CA LEU L 254 -5.32 -92.55 -60.30
C LEU L 254 -5.61 -92.78 -58.82
N LYS L 255 -6.88 -92.99 -58.48
CA LYS L 255 -7.22 -93.25 -57.08
C LYS L 255 -6.53 -94.51 -56.59
N LEU L 256 -6.49 -95.55 -57.43
CA LEU L 256 -5.81 -96.78 -57.04
C LEU L 256 -4.32 -96.53 -56.79
N MET L 257 -3.69 -95.74 -57.65
CA MET L 257 -2.26 -95.47 -57.46
C MET L 257 -2.02 -94.74 -56.15
N LYS L 258 -2.86 -93.75 -55.84
CA LYS L 258 -2.69 -93.03 -54.59
C LYS L 258 -2.90 -93.95 -53.39
N ASN L 259 -3.90 -94.82 -53.45
CA ASN L 259 -4.11 -95.78 -52.38
C ASN L 259 -2.90 -96.71 -52.24
N PHE L 260 -2.28 -97.07 -53.35
CA PHE L 260 -1.07 -97.88 -53.28
C PHE L 260 0.04 -97.15 -52.54
N LEU L 261 0.20 -95.86 -52.81
CA LEU L 261 1.21 -95.09 -52.08
C LEU L 261 0.91 -95.10 -50.58
N GLN L 262 -0.35 -94.88 -50.22
CA GLN L 262 -0.70 -94.86 -48.81
C GLN L 262 -0.45 -96.21 -48.14
N GLU L 263 -0.82 -97.30 -48.82
CA GLU L 263 -0.56 -98.63 -48.28
C GLU L 263 0.93 -98.85 -48.06
N LEU L 264 1.74 -98.52 -49.06
CA LEU L 264 3.18 -98.74 -48.94
C LEU L 264 3.76 -97.96 -47.78
N ILE L 265 3.37 -96.69 -47.65
CA ILE L 265 3.91 -95.87 -46.57
C ILE L 265 3.45 -96.41 -45.21
N ASP L 266 2.18 -96.79 -45.09
CA ASP L 266 1.70 -97.34 -43.84
C ASP L 266 2.48 -98.60 -43.44
N ARG L 267 2.74 -99.48 -44.42
CA ARG L 267 3.45 -100.70 -44.09
C ARG L 267 4.90 -100.44 -43.74
N ASN L 268 5.56 -99.51 -44.42
CA ASN L 268 6.95 -99.21 -44.08
C ASN L 268 7.07 -98.60 -42.70
N ASN L 269 6.07 -97.84 -42.25
CA ASN L 269 6.04 -97.35 -40.89
C ASN L 269 5.58 -98.44 -39.92
N GLY M 3 -65.28 -26.94 -76.02
CA GLY M 3 -64.26 -26.88 -77.11
C GLY M 3 -63.41 -25.63 -77.05
N GLU M 4 -62.30 -25.63 -77.77
CA GLU M 4 -61.37 -24.51 -77.76
C GLU M 4 -61.89 -23.38 -78.64
N THR M 5 -61.42 -22.17 -78.34
CA THR M 5 -61.81 -20.96 -79.07
C THR M 5 -60.58 -20.24 -79.58
N ILE M 6 -60.72 -19.59 -80.74
CA ILE M 6 -59.65 -18.85 -81.38
C ILE M 6 -60.07 -17.38 -81.44
N THR M 7 -59.19 -16.49 -80.98
CA THR M 7 -59.45 -15.06 -80.96
C THR M 7 -58.74 -14.39 -82.13
N LEU M 8 -59.45 -13.52 -82.84
CA LEU M 8 -58.89 -12.75 -83.94
C LEU M 8 -58.97 -11.28 -83.60
N GLN M 9 -57.84 -10.58 -83.65
CA GLN M 9 -57.76 -9.16 -83.35
C GLN M 9 -57.40 -8.41 -84.62
N VAL M 10 -58.22 -7.43 -84.99
CA VAL M 10 -58.04 -6.68 -86.23
C VAL M 10 -58.09 -5.20 -85.91
N GLY M 11 -57.12 -4.44 -86.40
CA GLY M 11 -57.13 -3.00 -86.28
C GLY M 11 -56.52 -2.52 -84.96
N GLN M 12 -56.33 -1.21 -84.90
CA GLN M 12 -55.74 -0.60 -83.70
C GLN M 12 -56.68 -0.71 -82.50
N CYS M 13 -57.96 -0.36 -82.68
CA CYS M 13 -58.91 -0.47 -81.59
C CYS M 13 -59.06 -1.92 -81.17
N GLY M 14 -59.12 -2.83 -82.15
CA GLY M 14 -59.21 -4.24 -81.82
C GLY M 14 -58.00 -4.72 -81.04
N ASN M 15 -56.80 -4.28 -81.43
CA ASN M 15 -55.60 -4.71 -80.72
C ASN M 15 -55.58 -4.18 -79.29
N GLN M 16 -55.95 -2.92 -79.09
CA GLN M 16 -55.97 -2.38 -77.72
C GLN M 16 -56.99 -3.12 -76.85
N VAL M 17 -58.19 -3.34 -77.39
CA VAL M 17 -59.20 -4.06 -76.64
C VAL M 17 -58.74 -5.47 -76.35
N GLY M 18 -58.06 -6.10 -77.31
CA GLY M 18 -57.56 -7.44 -77.09
C GLY M 18 -56.47 -7.48 -76.04
N LEU M 19 -55.62 -6.46 -76.00
CA LEU M 19 -54.61 -6.40 -74.95
C LEU M 19 -55.26 -6.34 -73.58
N GLN M 20 -56.26 -5.47 -73.43
CA GLN M 20 -56.97 -5.42 -72.14
C GLN M 20 -57.66 -6.73 -71.83
N TYR M 21 -58.27 -7.35 -72.85
CA TYR M 21 -58.98 -8.60 -72.66
C TYR M 21 -58.05 -9.72 -72.19
N TRP M 22 -56.88 -9.83 -72.83
CA TRP M 22 -55.95 -10.88 -72.47
C TRP M 22 -55.29 -10.61 -71.12
N GLN M 23 -55.06 -9.34 -70.79
CA GLN M 23 -54.56 -9.02 -69.45
C GLN M 23 -55.57 -9.46 -68.40
N GLN M 24 -56.86 -9.16 -68.64
CA GLN M 24 -57.90 -9.57 -67.70
C GLN M 24 -57.96 -11.09 -67.57
N LEU M 25 -57.92 -11.79 -68.70
CA LEU M 25 -58.02 -13.25 -68.67
C LEU M 25 -56.82 -13.87 -67.95
N ALA M 26 -55.62 -13.37 -68.22
CA ALA M 26 -54.43 -13.89 -67.56
C ALA M 26 -54.47 -13.62 -66.07
N THR M 27 -54.95 -12.43 -65.68
CA THR M 27 -55.12 -12.14 -64.26
C THR M 27 -56.09 -13.13 -63.62
N GLU M 28 -57.21 -13.41 -64.30
CA GLU M 28 -58.18 -14.33 -63.74
C GLU M 28 -57.61 -15.74 -63.58
N HIS M 29 -56.80 -16.20 -64.52
CA HIS M 29 -56.21 -17.53 -64.42
C HIS M 29 -54.81 -17.54 -63.79
N GLY M 30 -54.35 -16.41 -63.28
CA GLY M 30 -53.07 -16.38 -62.60
C GLY M 30 -51.87 -16.59 -63.49
N ILE M 31 -52.04 -16.54 -64.81
CA ILE M 31 -50.92 -16.70 -65.72
C ILE M 31 -50.09 -15.42 -65.73
N GLN M 32 -48.78 -15.57 -65.56
CA GLN M 32 -47.89 -14.42 -65.51
C GLN M 32 -47.68 -13.85 -66.91
N SER M 33 -47.03 -12.68 -66.97
CA SER M 33 -46.79 -12.02 -68.24
C SER M 33 -45.90 -12.86 -69.16
N ASP M 34 -45.01 -13.66 -68.58
CA ASP M 34 -44.10 -14.49 -69.37
C ASP M 34 -44.71 -15.85 -69.72
N GLY M 35 -45.95 -16.12 -69.32
CA GLY M 35 -46.58 -17.39 -69.61
C GLY M 35 -46.37 -18.46 -68.55
N SER M 36 -45.70 -18.15 -67.45
CA SER M 36 -45.49 -19.12 -66.39
C SER M 36 -46.71 -19.17 -65.46
N SER M 37 -46.97 -20.37 -64.94
CA SER M 37 -48.11 -20.59 -64.07
C SER M 37 -47.85 -20.03 -62.66
N THR M 38 -48.92 -19.86 -61.90
CA THR M 38 -48.86 -19.47 -60.50
C THR M 38 -49.70 -20.46 -59.69
N PRO M 39 -49.21 -20.97 -58.56
CA PRO M 39 -50.02 -21.94 -57.80
C PRO M 39 -51.28 -21.33 -57.20
N ARG M 73 -55.64 -28.58 -61.49
CA ARG M 73 -56.37 -27.34 -61.24
C ARG M 73 -57.79 -27.47 -61.77
N ASN M 74 -58.74 -26.83 -61.09
CA ASN M 74 -60.15 -27.00 -61.42
C ASN M 74 -60.61 -26.15 -62.60
N ASP M 75 -59.94 -25.03 -62.86
CA ASP M 75 -60.29 -24.21 -64.02
C ASP M 75 -59.64 -24.78 -65.27
N HIS M 76 -60.10 -24.29 -66.43
CA HIS M 76 -59.70 -24.83 -67.73
C HIS M 76 -59.25 -23.70 -68.64
N PRO M 77 -58.05 -23.18 -68.43
CA PRO M 77 -57.52 -22.17 -69.36
C PRO M 77 -57.13 -22.74 -70.71
N GLU M 78 -57.11 -24.07 -70.85
CA GLU M 78 -56.74 -24.68 -72.12
C GLU M 78 -57.67 -24.26 -73.26
N LEU M 79 -58.91 -23.92 -72.95
CA LEU M 79 -59.84 -23.46 -73.98
C LEU M 79 -59.41 -22.15 -74.61
N PHE M 80 -58.57 -21.37 -73.93
CA PHE M 80 -58.10 -20.09 -74.44
C PHE M 80 -56.60 -19.96 -74.50
N PHE M 81 -55.83 -20.89 -73.91
CA PHE M 81 -54.39 -20.85 -73.93
C PHE M 81 -53.84 -22.20 -74.37
N THR M 82 -52.72 -22.17 -75.10
CA THR M 82 -52.02 -23.38 -75.49
C THR M 82 -50.97 -23.72 -74.44
N LEU M 83 -51.02 -24.94 -73.92
CA LEU M 83 -50.12 -25.38 -72.87
C LEU M 83 -49.00 -26.22 -73.49
N SER M 84 -47.76 -25.82 -73.25
CA SER M 84 -46.60 -26.56 -73.71
C SER M 84 -46.19 -27.59 -72.67
N ASP M 85 -45.34 -28.52 -73.08
CA ASP M 85 -44.83 -29.54 -72.16
C ASP M 85 -43.64 -28.99 -71.39
N SER M 86 -43.47 -27.67 -71.39
CA SER M 86 -42.53 -26.99 -70.51
C SER M 86 -43.26 -26.03 -69.57
N ASN M 87 -44.59 -26.19 -69.44
CA ASN M 87 -45.40 -25.39 -68.53
C ASN M 87 -45.35 -23.90 -68.87
N THR M 88 -45.79 -23.58 -70.08
CA THR M 88 -45.95 -22.20 -70.50
C THR M 88 -47.30 -22.03 -71.19
N TYR M 89 -47.98 -20.94 -70.89
CA TYR M 89 -49.29 -20.63 -71.46
C TYR M 89 -49.14 -19.49 -72.45
N THR M 90 -49.57 -19.71 -73.69
CA THR M 90 -49.55 -18.66 -74.69
C THR M 90 -50.95 -18.47 -75.28
N PRO M 91 -51.37 -17.23 -75.53
CA PRO M 91 -52.72 -17.02 -76.06
C PRO M 91 -52.88 -17.61 -77.45
N ARG M 92 -54.12 -17.96 -77.78
CA ARG M 92 -54.48 -18.46 -79.10
C ARG M 92 -54.75 -17.35 -80.10
N SER M 93 -54.66 -16.09 -79.68
CA SER M 93 -55.11 -14.98 -80.50
C SER M 93 -54.17 -14.77 -81.69
N ILE M 94 -54.72 -14.15 -82.73
CA ILE M 94 -53.98 -13.78 -83.93
C ILE M 94 -54.08 -12.27 -84.09
N LEU M 95 -52.94 -11.62 -84.26
CA LEU M 95 -52.87 -10.17 -84.35
C LEU M 95 -52.74 -9.75 -85.81
N ILE M 96 -53.63 -8.87 -86.25
CA ILE M 96 -53.63 -8.34 -87.61
C ILE M 96 -53.73 -6.82 -87.53
N ASP M 97 -52.82 -6.12 -88.19
CA ASP M 97 -52.84 -4.67 -88.19
C ASP M 97 -52.07 -4.16 -89.41
N MET M 98 -52.40 -2.93 -89.82
CA MET M 98 -51.73 -2.33 -90.96
C MET M 98 -50.35 -1.77 -90.60
N GLU M 99 -50.14 -1.40 -89.35
CA GLU M 99 -48.90 -0.77 -88.93
C GLU M 99 -48.26 -1.53 -87.77
N PRO M 100 -46.93 -1.49 -87.63
CA PRO M 100 -46.28 -2.29 -86.59
C PRO M 100 -46.24 -1.64 -85.22
N SER M 101 -46.61 -0.36 -85.09
CA SER M 101 -46.49 0.29 -83.78
C SER M 101 -47.46 -0.32 -82.77
N VAL M 102 -48.71 -0.54 -83.17
CA VAL M 102 -49.70 -1.08 -82.23
C VAL M 102 -49.33 -2.51 -81.85
N ILE M 103 -48.94 -3.31 -82.83
CA ILE M 103 -48.57 -4.69 -82.55
C ILE M 103 -47.34 -4.74 -81.67
N ALA M 104 -46.38 -3.84 -81.90
CA ALA M 104 -45.19 -3.80 -81.06
C ALA M 104 -45.54 -3.46 -79.62
N LYS M 105 -46.41 -2.46 -79.41
CA LYS M 105 -46.83 -2.15 -78.06
C LYS M 105 -47.53 -3.33 -77.41
N SER M 106 -48.42 -3.98 -78.14
CA SER M 106 -49.17 -5.10 -77.57
C SER M 106 -48.24 -6.25 -77.20
N THR M 107 -47.30 -6.59 -78.09
CA THR M 107 -46.39 -7.69 -77.82
C THR M 107 -45.44 -7.36 -76.67
N SER M 108 -44.92 -6.14 -76.63
CA SER M 108 -44.02 -5.76 -75.54
C SER M 108 -44.73 -5.78 -74.20
N ALA M 109 -45.98 -5.32 -74.17
CA ALA M 109 -46.74 -5.32 -72.92
C ALA M 109 -46.96 -6.74 -72.41
N LEU M 110 -47.22 -7.67 -73.31
CA LEU M 110 -47.48 -9.08 -72.97
C LEU M 110 -46.47 -9.94 -73.73
N PRO M 111 -45.31 -10.26 -73.13
CA PRO M 111 -44.28 -10.98 -73.87
C PRO M 111 -44.69 -12.39 -74.28
N MET M 112 -45.72 -12.98 -73.65
CA MET M 112 -46.06 -14.36 -73.93
C MET M 112 -46.83 -14.53 -75.25
N PHE M 113 -47.15 -13.45 -75.96
CA PHE M 113 -47.66 -13.58 -77.32
C PHE M 113 -46.65 -14.32 -78.20
N ASN M 114 -47.15 -15.17 -79.08
CA ASN M 114 -46.29 -15.84 -80.05
C ASN M 114 -46.08 -14.91 -81.24
N PRO M 115 -44.84 -14.49 -81.53
CA PRO M 115 -44.62 -13.61 -82.69
C PRO M 115 -45.02 -14.22 -84.01
N ARG M 116 -45.02 -15.55 -84.14
CA ARG M 116 -45.38 -16.18 -85.39
C ARG M 116 -46.80 -15.86 -85.84
N ASN M 117 -47.68 -15.48 -84.91
CA ASN M 117 -49.07 -15.20 -85.22
C ASN M 117 -49.32 -13.75 -85.63
N VAL M 118 -48.29 -12.92 -85.63
CA VAL M 118 -48.42 -11.51 -85.99
C VAL M 118 -48.31 -11.36 -87.51
N HIS M 119 -49.24 -10.63 -88.10
CA HIS M 119 -49.23 -10.33 -89.53
C HIS M 119 -49.28 -8.82 -89.70
N LEU M 120 -48.54 -8.30 -90.67
CA LEU M 120 -48.60 -6.87 -91.01
C LEU M 120 -48.91 -6.68 -92.49
N TRP M 131 -61.41 2.06 -97.39
CA TRP M 131 -61.89 0.73 -97.02
C TRP M 131 -61.69 -0.25 -98.16
N ILE M 132 -62.11 0.15 -99.36
CA ILE M 132 -62.02 -0.75 -100.50
C ILE M 132 -60.56 -1.08 -100.80
N ASN M 133 -59.66 -0.12 -100.60
CA ASN M 133 -58.24 -0.40 -100.79
C ASN M 133 -57.76 -1.46 -99.80
N GLY M 134 -58.19 -1.35 -98.54
CA GLY M 134 -57.81 -2.36 -97.57
C GLY M 134 -58.38 -3.73 -97.89
N TYR M 135 -59.62 -3.78 -98.37
CA TYR M 135 -60.25 -5.05 -98.73
C TYR M 135 -59.54 -5.69 -99.92
N LYS M 136 -59.17 -4.89 -100.92
CA LYS M 136 -58.40 -5.41 -102.04
C LYS M 136 -57.02 -5.87 -101.59
N TYR M 137 -56.41 -5.16 -100.64
CA TYR M 137 -55.16 -5.62 -100.04
C TYR M 137 -55.35 -6.96 -99.33
N GLY M 138 -56.49 -7.13 -98.65
CA GLY M 138 -56.77 -8.41 -98.01
C GLY M 138 -56.90 -9.54 -99.01
N THR M 139 -57.42 -9.25 -100.19
CA THR M 139 -57.48 -10.27 -101.23
C THR M 139 -56.07 -10.75 -101.60
N GLU M 140 -55.11 -9.83 -101.70
CA GLU M 140 -53.76 -10.23 -102.09
C GLU M 140 -53.13 -11.16 -101.05
N GLU M 141 -53.35 -10.88 -99.77
CA GLU M 141 -52.78 -11.66 -98.68
C GLU M 141 -53.68 -12.82 -98.23
N GLU M 142 -54.61 -13.23 -99.09
CA GLU M 142 -55.58 -14.26 -98.68
C GLU M 142 -54.88 -15.58 -98.36
N GLU M 143 -53.91 -15.97 -99.17
CA GLU M 143 -53.24 -17.26 -98.96
C GLU M 143 -52.51 -17.30 -97.63
N THR M 144 -51.76 -16.23 -97.31
CA THR M 144 -50.96 -16.21 -96.10
C THR M 144 -51.85 -16.26 -94.87
N LEU M 145 -52.93 -15.48 -94.87
CA LEU M 145 -53.85 -15.47 -93.74
C LEU M 145 -54.59 -16.79 -93.62
N LEU M 146 -54.97 -17.40 -94.74
CA LEU M 146 -55.66 -18.68 -94.69
C LEU M 146 -54.77 -19.74 -94.05
N ASN M 147 -53.51 -19.80 -94.47
CA ASN M 147 -52.57 -20.73 -93.83
C ASN M 147 -52.33 -20.39 -92.37
N LEU M 148 -52.25 -19.09 -92.05
CA LEU M 148 -51.99 -18.68 -90.68
C LEU M 148 -53.11 -19.15 -89.76
N ILE M 149 -54.36 -19.00 -90.18
CA ILE M 149 -55.48 -19.45 -89.36
C ILE M 149 -55.53 -20.97 -89.31
N ASP M 150 -55.24 -21.64 -90.44
CA ASP M 150 -55.23 -23.09 -90.43
C ASP M 150 -54.20 -23.64 -89.46
N ARG M 151 -53.11 -22.91 -89.22
CA ARG M 151 -52.14 -23.36 -88.22
C ARG M 151 -52.77 -23.43 -86.83
N GLU M 152 -53.49 -22.38 -86.42
CA GLU M 152 -54.14 -22.40 -85.12
C GLU M 152 -55.20 -23.48 -85.06
N VAL M 153 -55.96 -23.67 -86.12
CA VAL M 153 -56.99 -24.71 -86.10
C VAL M 153 -56.35 -26.08 -85.95
N ASP M 154 -55.25 -26.33 -86.65
CA ASP M 154 -54.56 -27.61 -86.49
C ASP M 154 -53.98 -27.76 -85.09
N LYS M 155 -53.55 -26.66 -84.47
CA LYS M 155 -52.91 -26.76 -83.16
C LYS M 155 -53.90 -27.18 -82.07
N CYS M 156 -55.15 -26.76 -82.17
CA CYS M 156 -56.14 -27.13 -81.16
C CYS M 156 -56.70 -28.52 -81.45
N ASP M 157 -57.31 -29.11 -80.42
CA ASP M 157 -57.83 -30.47 -80.51
C ASP M 157 -59.26 -30.51 -81.03
N ASN M 158 -60.14 -29.66 -80.51
CA ASN M 158 -61.55 -29.65 -80.91
C ASN M 158 -62.01 -28.20 -80.93
N LEU M 159 -62.04 -27.59 -82.10
CA LEU M 159 -62.41 -26.20 -82.23
C LEU M 159 -63.91 -26.02 -82.00
N SER M 160 -64.28 -24.91 -81.35
CA SER M 160 -65.66 -24.59 -81.06
C SER M 160 -66.14 -23.35 -81.80
N ASN M 161 -65.46 -22.21 -81.63
CA ASN M 161 -65.93 -20.97 -82.22
C ASN M 161 -64.76 -20.01 -82.42
N PHE M 162 -64.98 -19.03 -83.30
CA PHE M 162 -64.02 -17.97 -83.57
C PHE M 162 -64.51 -16.68 -82.92
N GLN M 163 -63.66 -16.08 -82.07
CA GLN M 163 -63.92 -14.75 -81.56
C GLN M 163 -63.18 -13.73 -82.42
N LEU M 164 -63.83 -12.59 -82.64
CA LEU M 164 -63.26 -11.51 -83.45
C LEU M 164 -63.41 -10.20 -82.72
N PHE M 165 -62.30 -9.50 -82.50
CA PHE M 165 -62.29 -8.17 -81.91
C PHE M 165 -61.91 -7.19 -83.00
N HIS M 166 -62.85 -6.34 -83.39
CA HIS M 166 -62.57 -5.36 -84.43
C HIS M 166 -63.53 -4.19 -84.31
N SER M 167 -63.17 -3.09 -84.95
CA SER M 167 -63.97 -1.87 -84.95
C SER M 167 -64.58 -1.68 -86.32
N VAL M 168 -65.89 -1.43 -86.37
CA VAL M 168 -66.56 -1.20 -87.64
C VAL M 168 -66.06 0.07 -88.30
N ALA M 169 -65.78 1.10 -87.50
CA ALA M 169 -65.33 2.39 -88.00
C ALA M 169 -63.81 2.49 -88.11
N GLY M 170 -63.13 1.36 -88.28
CA GLY M 170 -61.68 1.32 -88.28
C GLY M 170 -61.01 1.64 -89.60
N GLY M 171 -61.76 1.99 -90.64
CA GLY M 171 -61.16 2.28 -91.92
C GLY M 171 -60.54 1.05 -92.57
N THR M 172 -59.24 1.10 -92.85
CA THR M 172 -58.59 0.02 -93.59
C THR M 172 -58.65 -1.29 -92.81
N GLY M 173 -58.39 -1.21 -91.50
CA GLY M 173 -58.45 -2.41 -90.69
C GLY M 173 -59.83 -3.04 -90.70
N SER M 174 -60.86 -2.21 -90.75
CA SER M 174 -62.22 -2.75 -90.89
C SER M 174 -62.37 -3.51 -92.20
N GLY M 175 -61.71 -3.04 -93.26
CA GLY M 175 -61.75 -3.76 -94.52
C GLY M 175 -61.06 -5.12 -94.44
N VAL M 176 -59.88 -5.15 -93.82
CA VAL M 176 -59.19 -6.44 -93.74
C VAL M 176 -59.96 -7.41 -92.84
N GLY M 177 -60.60 -6.91 -91.78
CA GLY M 177 -61.45 -7.77 -90.97
C GLY M 177 -62.68 -8.26 -91.71
N SER M 178 -63.27 -7.39 -92.55
CA SER M 178 -64.40 -7.80 -93.37
C SER M 178 -63.99 -8.91 -94.33
N LYS M 179 -62.79 -8.84 -94.87
CA LYS M 179 -62.29 -9.94 -95.69
C LYS M 179 -62.00 -11.19 -94.86
N MET M 180 -61.53 -11.00 -93.62
CA MET M 180 -61.28 -12.14 -92.75
C MET M 180 -62.55 -12.95 -92.52
N LEU M 181 -63.66 -12.26 -92.26
CA LEU M 181 -64.91 -12.98 -92.05
C LEU M 181 -65.27 -13.82 -93.27
N GLU M 182 -65.13 -13.24 -94.46
CA GLU M 182 -65.49 -13.96 -95.67
C GLU M 182 -64.64 -15.21 -95.84
N VAL M 183 -63.32 -15.06 -95.69
CA VAL M 183 -62.45 -16.22 -95.96
C VAL M 183 -62.70 -17.31 -94.92
N ILE M 184 -62.86 -16.94 -93.65
CA ILE M 184 -63.09 -17.95 -92.62
C ILE M 184 -64.40 -18.67 -92.88
N SER M 185 -65.47 -17.93 -93.14
CA SER M 185 -66.76 -18.56 -93.36
C SER M 185 -66.72 -19.47 -94.58
N ASP M 186 -66.02 -19.05 -95.63
CA ASP M 186 -65.92 -19.89 -96.83
C ASP M 186 -65.18 -21.19 -96.52
N ARG M 187 -63.99 -21.10 -95.92
CA ARG M 187 -63.18 -22.31 -95.83
C ARG M 187 -63.74 -23.28 -94.78
N TYR M 188 -64.17 -22.78 -93.62
CA TYR M 188 -64.61 -23.69 -92.57
C TYR M 188 -66.11 -23.96 -92.59
N GLY M 189 -66.82 -23.51 -93.61
CA GLY M 189 -68.24 -23.81 -93.66
C GLY M 189 -68.98 -23.15 -92.52
N HIS M 190 -70.08 -23.78 -92.10
CA HIS M 190 -70.93 -23.25 -91.05
C HIS M 190 -70.98 -24.14 -89.82
N LYS M 191 -70.13 -25.17 -89.76
CA LYS M 191 -70.11 -26.02 -88.57
C LYS M 191 -69.53 -25.29 -87.37
N LYS M 192 -68.58 -24.39 -87.60
CA LYS M 192 -68.00 -23.58 -86.54
C LYS M 192 -68.56 -22.17 -86.62
N LEU M 193 -69.15 -21.70 -85.53
CA LEU M 193 -69.76 -20.39 -85.50
C LEU M 193 -68.74 -19.31 -85.13
N LEU M 194 -69.10 -18.06 -85.43
CA LEU M 194 -68.23 -16.91 -85.21
C LEU M 194 -68.92 -15.91 -84.31
N ASN M 195 -68.15 -15.31 -83.39
CA ASN M 195 -68.64 -14.26 -82.51
C ASN M 195 -67.79 -13.01 -82.74
N THR M 196 -68.45 -11.90 -83.03
CA THR M 196 -67.76 -10.65 -83.33
C THR M 196 -68.14 -9.62 -82.28
N PHE M 197 -67.16 -9.12 -81.54
CA PHE M 197 -67.37 -8.02 -80.60
C PHE M 197 -67.10 -6.69 -81.29
N SER M 198 -67.93 -6.39 -82.28
CA SER M 198 -67.74 -5.21 -83.10
C SER M 198 -68.03 -3.94 -82.31
N ILE M 199 -67.13 -2.96 -82.42
CA ILE M 199 -67.32 -1.66 -81.79
C ILE M 199 -67.90 -0.71 -82.82
N PHE M 200 -69.07 -0.16 -82.54
CA PHE M 200 -69.76 0.70 -83.48
C PHE M 200 -69.21 2.12 -83.46
N PRO M 201 -69.45 2.89 -84.50
CA PRO M 201 -69.00 4.29 -84.51
C PRO M 201 -69.73 5.12 -83.48
N SER M 202 -69.06 6.17 -83.00
CA SER M 202 -69.66 7.09 -82.05
C SER M 202 -70.87 7.77 -82.67
N VAL M 211 -67.35 10.75 -94.11
CA VAL M 211 -66.96 9.59 -94.90
C VAL M 211 -67.20 8.31 -94.12
N GLN M 212 -67.30 8.42 -92.80
CA GLN M 212 -67.51 7.24 -91.97
C GLN M 212 -68.77 6.46 -92.34
N PRO M 213 -69.91 7.08 -92.70
CA PRO M 213 -71.10 6.29 -93.03
C PRO M 213 -70.86 5.24 -94.09
N TYR M 214 -70.09 5.57 -95.13
CA TYR M 214 -69.80 4.59 -96.17
C TYR M 214 -69.10 3.38 -95.57
N ASN M 215 -68.09 3.61 -94.74
CA ASN M 215 -67.33 2.51 -94.16
C ASN M 215 -68.21 1.66 -93.25
N THR M 216 -69.07 2.31 -92.47
CA THR M 216 -69.94 1.56 -91.56
C THR M 216 -70.90 0.68 -92.34
N ILE M 217 -71.43 1.17 -93.47
CA ILE M 217 -72.35 0.36 -94.25
C ILE M 217 -71.62 -0.80 -94.92
N LEU M 218 -70.44 -0.54 -95.46
CA LEU M 218 -69.68 -1.59 -96.14
C LEU M 218 -69.28 -2.70 -95.17
N THR M 219 -68.90 -2.33 -93.94
CA THR M 219 -68.55 -3.35 -92.96
C THR M 219 -69.79 -4.07 -92.45
N LEU M 220 -70.91 -3.35 -92.28
CA LEU M 220 -72.10 -3.98 -91.73
C LEU M 220 -72.71 -4.97 -92.70
N LYS M 221 -72.53 -4.77 -94.01
CA LYS M 221 -73.05 -5.76 -94.95
C LYS M 221 -72.43 -7.14 -94.69
N ARG M 222 -71.10 -7.21 -94.58
CA ARG M 222 -70.45 -8.50 -94.34
C ARG M 222 -70.68 -8.97 -92.91
N LEU M 223 -70.79 -8.03 -91.96
CA LEU M 223 -71.10 -8.43 -90.59
C LEU M 223 -72.44 -9.13 -90.51
N ILE M 224 -73.44 -8.62 -91.22
CA ILE M 224 -74.73 -9.29 -91.27
C ILE M 224 -74.61 -10.63 -91.98
N ASP M 225 -73.89 -10.66 -93.11
CA ASP M 225 -73.89 -11.88 -93.92
C ASP M 225 -73.23 -13.04 -93.19
N TYR M 226 -72.06 -12.83 -92.58
CA TYR M 226 -71.23 -13.95 -92.16
C TYR M 226 -71.18 -14.19 -90.66
N SER M 227 -71.33 -13.17 -89.83
CA SER M 227 -71.27 -13.38 -88.39
C SER M 227 -72.45 -14.21 -87.91
N ASP M 228 -72.21 -14.99 -86.86
CA ASP M 228 -73.25 -15.82 -86.26
C ASP M 228 -73.85 -15.23 -84.98
N ALA M 229 -73.08 -14.42 -84.24
CA ALA M 229 -73.61 -13.76 -83.05
C ALA M 229 -72.75 -12.54 -82.79
N THR M 230 -73.28 -11.36 -83.08
CA THR M 230 -72.52 -10.12 -83.08
C THR M 230 -72.95 -9.25 -81.91
N PHE M 231 -72.01 -8.98 -81.01
CA PHE M 231 -72.24 -8.00 -79.95
C PHE M 231 -72.14 -6.60 -80.52
N VAL M 232 -72.87 -5.67 -79.89
CA VAL M 232 -72.88 -4.27 -80.32
C VAL M 232 -72.40 -3.43 -79.14
N PHE M 233 -71.35 -2.66 -79.36
CA PHE M 233 -70.82 -1.73 -78.37
C PHE M 233 -70.72 -0.35 -78.98
N HIS M 234 -71.11 0.67 -78.22
CA HIS M 234 -71.03 2.05 -78.64
C HIS M 234 -70.08 2.80 -77.72
N ASN M 235 -69.15 3.56 -78.30
CA ASN M 235 -68.27 4.37 -77.47
C ASN M 235 -69.06 5.44 -76.71
N ASP M 236 -70.19 5.87 -77.24
CA ASP M 236 -70.99 6.89 -76.57
C ASP M 236 -71.48 6.37 -75.22
N SER M 237 -72.09 5.19 -75.21
CA SER M 237 -72.61 4.65 -73.96
C SER M 237 -71.50 4.20 -73.03
N LEU M 238 -70.36 3.78 -73.58
CA LEU M 238 -69.24 3.40 -72.72
C LEU M 238 -68.69 4.60 -71.97
N ASN M 239 -68.45 5.71 -72.67
CA ASN M 239 -67.96 6.89 -71.96
C ASN M 239 -69.04 7.49 -71.07
N ARG M 240 -70.32 7.34 -71.44
CA ARG M 240 -71.39 7.76 -70.55
C ARG M 240 -71.36 6.97 -69.25
N ILE M 241 -71.15 5.65 -69.35
CA ILE M 241 -71.06 4.83 -68.14
C ILE M 241 -69.87 5.26 -67.30
N GLU M 242 -68.71 5.51 -67.94
CA GLU M 242 -67.55 5.90 -67.17
C GLU M 242 -67.78 7.21 -66.42
N ASN M 243 -68.63 8.09 -66.97
CA ASN M 243 -68.95 9.34 -66.29
C ASN M 243 -69.77 9.07 -65.04
N GLY M 262 -58.86 2.75 -70.74
CA GLY M 262 -60.02 3.46 -70.24
C GLY M 262 -61.33 2.80 -70.62
N ALA M 263 -61.91 3.23 -71.74
CA ALA M 263 -63.17 2.66 -72.19
C ALA M 263 -63.03 1.22 -72.64
N ASN M 264 -61.83 0.81 -73.08
CA ASN M 264 -61.62 -0.57 -73.48
C ASN M 264 -61.75 -1.55 -72.32
N LYS M 265 -61.60 -1.06 -71.08
CA LYS M 265 -61.64 -1.94 -69.87
C LYS M 265 -63.08 -2.43 -69.65
N LEU M 266 -64.12 -1.72 -70.12
CA LEU M 266 -65.49 -2.21 -70.03
C LEU M 266 -65.73 -3.32 -71.05
N ILE M 267 -65.28 -3.12 -72.28
CA ILE M 267 -65.47 -4.15 -73.32
C ILE M 267 -64.71 -5.41 -72.93
N ALA M 268 -63.49 -5.25 -72.45
CA ALA M 268 -62.70 -6.41 -72.04
C ALA M 268 -63.41 -7.16 -70.91
N LEU M 269 -63.95 -6.44 -69.94
CA LEU M 269 -64.63 -7.07 -68.82
C LEU M 269 -65.86 -7.83 -69.29
N VAL M 270 -66.66 -7.23 -70.18
CA VAL M 270 -67.85 -7.90 -70.67
C VAL M 270 -67.49 -9.15 -71.44
N SER M 271 -66.51 -9.05 -72.35
CA SER M 271 -66.11 -10.20 -73.14
C SER M 271 -65.53 -11.31 -72.27
N ALA M 272 -64.74 -10.94 -71.25
CA ALA M 272 -64.18 -11.95 -70.36
C ALA M 272 -65.26 -12.64 -69.56
N SER M 273 -66.26 -11.90 -69.09
CA SER M 273 -67.32 -12.51 -68.30
C SER M 273 -68.27 -13.33 -69.15
N VAL M 274 -68.41 -13.03 -70.45
CA VAL M 274 -69.37 -13.74 -71.27
C VAL M 274 -69.04 -15.23 -71.33
N SER M 275 -67.75 -15.57 -71.29
CA SER M 275 -67.30 -16.95 -71.38
C SER M 275 -66.98 -17.56 -70.02
N ASN M 276 -67.34 -16.90 -68.94
CA ASN M 276 -67.01 -17.40 -67.61
C ASN M 276 -67.48 -18.83 -67.36
N PRO M 277 -68.69 -19.23 -67.76
CA PRO M 277 -69.11 -20.62 -67.51
C PRO M 277 -68.25 -21.66 -68.21
N LEU M 278 -67.51 -21.27 -69.24
CA LEU M 278 -66.65 -22.22 -69.95
C LEU M 278 -65.34 -22.42 -69.21
N ARG M 279 -64.72 -21.33 -68.75
CA ARG M 279 -63.40 -21.42 -68.13
C ARG M 279 -63.48 -21.88 -66.68
N PHE M 280 -64.59 -21.62 -66.00
CA PHE M 280 -64.79 -22.01 -64.60
C PHE M 280 -66.05 -22.86 -64.56
N PRO M 281 -65.94 -24.15 -64.88
CA PRO M 281 -67.14 -24.96 -65.11
C PRO M 281 -67.99 -25.11 -63.86
N GLY M 282 -69.29 -25.24 -64.09
CA GLY M 282 -70.23 -25.50 -63.02
C GLY M 282 -71.19 -26.60 -63.42
N TYR M 283 -72.44 -26.52 -62.93
CA TYR M 283 -73.43 -27.53 -63.27
C TYR M 283 -73.95 -27.43 -64.69
N MET M 284 -73.85 -26.27 -65.34
CA MET M 284 -74.62 -26.02 -66.54
C MET M 284 -73.91 -25.00 -67.41
N TYR M 285 -74.35 -24.90 -68.66
CA TYR M 285 -73.81 -23.93 -69.63
C TYR M 285 -72.33 -24.18 -69.89
N SER M 286 -71.99 -25.45 -70.12
CA SER M 286 -70.60 -25.84 -70.31
C SER M 286 -70.07 -25.57 -71.71
N SER M 287 -70.87 -25.06 -72.64
CA SER M 287 -70.44 -24.87 -74.02
C SER M 287 -71.01 -23.57 -74.56
N MET M 288 -70.31 -23.01 -75.55
CA MET M 288 -70.77 -21.77 -76.17
C MET M 288 -72.07 -21.96 -76.93
N GLU M 289 -72.32 -23.15 -77.44
CA GLU M 289 -73.58 -23.41 -78.14
C GLU M 289 -74.76 -23.13 -77.21
N SER M 290 -74.66 -23.60 -75.96
CA SER M 290 -75.75 -23.39 -75.02
C SER M 290 -75.92 -21.91 -74.68
N ILE M 291 -74.81 -21.19 -74.56
CA ILE M 291 -74.89 -19.77 -74.20
C ILE M 291 -75.54 -18.98 -75.32
N VAL M 292 -75.12 -19.23 -76.56
CA VAL M 292 -75.61 -18.42 -77.68
C VAL M 292 -77.01 -18.82 -78.08
N SER M 293 -77.30 -20.13 -78.12
CA SER M 293 -78.59 -20.59 -78.62
C SER M 293 -79.75 -20.02 -77.82
N ASN M 294 -79.51 -19.62 -76.57
CA ASN M 294 -80.56 -19.04 -75.75
C ASN M 294 -80.92 -17.62 -76.16
N LEU M 295 -80.14 -17.01 -77.06
CA LEU M 295 -80.30 -15.60 -77.39
C LEU M 295 -80.56 -15.33 -78.85
N ILE M 296 -80.52 -16.33 -79.72
CA ILE M 296 -80.65 -16.12 -81.16
C ILE M 296 -81.75 -17.03 -81.70
N PRO M 297 -83.03 -16.70 -81.50
CA PRO M 297 -84.08 -17.56 -82.04
C PRO M 297 -84.04 -17.71 -83.54
N THR M 298 -83.64 -16.66 -84.26
CA THR M 298 -83.60 -16.66 -85.71
C THR M 298 -82.25 -16.13 -86.19
N PRO M 299 -81.66 -16.71 -87.24
CA PRO M 299 -80.35 -16.21 -87.68
C PRO M 299 -80.36 -14.77 -88.16
N ASP M 300 -81.52 -14.22 -88.50
CA ASP M 300 -81.59 -12.82 -88.90
C ASP M 300 -81.33 -11.90 -87.71
N LEU M 301 -81.98 -12.16 -86.58
CA LEU M 301 -81.82 -11.36 -85.38
C LEU M 301 -80.59 -11.86 -84.63
N LYS M 302 -79.42 -11.34 -85.00
CA LYS M 302 -78.16 -11.82 -84.46
C LYS M 302 -77.40 -10.78 -83.66
N PHE M 303 -77.95 -9.59 -83.45
CA PHE M 303 -77.26 -8.52 -82.74
C PHE M 303 -77.69 -8.49 -81.29
N LEU M 304 -76.72 -8.44 -80.38
CA LEU M 304 -76.97 -8.54 -78.96
C LEU M 304 -76.64 -7.23 -78.27
N THR M 305 -77.44 -6.87 -77.26
CA THR M 305 -77.20 -5.70 -76.42
C THR M 305 -76.73 -6.19 -75.05
N SER M 306 -75.60 -5.68 -74.60
CA SER M 306 -75.00 -6.09 -73.35
C SER M 306 -75.14 -4.99 -72.30
N SER M 307 -75.48 -5.38 -71.08
CA SER M 307 -75.62 -4.47 -69.96
C SER M 307 -74.70 -4.90 -68.84
N ILE M 308 -74.08 -3.93 -68.18
CA ILE M 308 -73.11 -4.18 -67.11
C ILE M 308 -73.49 -3.34 -65.91
N ALA M 309 -73.47 -3.95 -64.73
CA ALA M 309 -73.70 -3.21 -63.49
C ALA M 309 -72.38 -2.59 -63.04
N PRO M 310 -72.27 -1.25 -63.01
CA PRO M 310 -70.99 -0.63 -62.65
C PRO M 310 -70.75 -0.52 -61.16
N PHE M 311 -71.80 -0.50 -60.35
CA PHE M 311 -71.67 -0.23 -58.91
C PHE M 311 -71.17 -1.50 -58.21
N SER M 312 -69.85 -1.66 -58.21
CA SER M 312 -69.23 -2.75 -57.46
C SER M 312 -67.87 -2.29 -56.97
N THR M 313 -67.40 -2.96 -55.91
CA THR M 313 -66.12 -2.66 -55.30
C THR M 313 -66.11 -1.33 -54.55
N GLN M 314 -67.21 -0.59 -54.60
CA GLN M 314 -67.39 0.55 -53.71
C GLN M 314 -68.03 0.07 -52.40
N LYS M 315 -68.01 0.96 -51.39
CA LYS M 315 -68.66 0.65 -50.13
C LYS M 315 -70.17 0.47 -50.31
N HIS M 316 -70.80 1.34 -51.10
CA HIS M 316 -72.27 1.29 -51.30
C HIS M 316 -72.59 0.33 -52.45
N ASN M 317 -72.05 -0.89 -52.51
CA ASN M 317 -72.36 -1.86 -53.55
C ASN M 317 -73.79 -2.36 -53.41
N TYR M 318 -74.26 -3.09 -54.42
CA TYR M 318 -75.55 -3.76 -54.34
C TYR M 318 -75.53 -4.73 -53.18
N LEU M 319 -76.52 -4.59 -52.29
CA LEU M 319 -76.50 -5.38 -51.06
C LEU M 319 -76.86 -6.84 -51.29
N ASN M 320 -77.68 -7.13 -52.30
CA ASN M 320 -78.06 -8.51 -52.58
C ASN M 320 -78.06 -8.77 -54.08
N GLU M 321 -77.85 -10.04 -54.43
CA GLU M 321 -77.94 -10.46 -55.82
C GLU M 321 -79.33 -10.17 -56.38
N TYR M 322 -80.34 -10.17 -55.53
CA TYR M 322 -81.68 -9.81 -55.98
C TYR M 322 -81.73 -8.38 -56.48
N ASP M 323 -81.06 -7.46 -55.79
CA ASP M 323 -80.98 -6.09 -56.27
C ASP M 323 -80.08 -5.99 -57.50
N MET M 324 -79.12 -6.89 -57.65
CA MET M 324 -78.38 -6.97 -58.90
C MET M 324 -79.29 -7.33 -60.07
N LEU M 325 -80.17 -8.31 -59.86
CA LEU M 325 -81.08 -8.71 -60.93
C LEU M 325 -82.06 -7.59 -61.26
N LEU M 326 -82.55 -6.88 -60.24
CA LEU M 326 -83.52 -5.82 -60.52
C LEU M 326 -82.86 -4.62 -61.18
N GLU M 327 -81.69 -4.21 -60.69
CA GLU M 327 -81.02 -3.01 -61.20
C GLU M 327 -80.10 -3.28 -62.39
N LEU M 328 -79.95 -4.53 -62.81
CA LEU M 328 -79.20 -4.79 -64.04
C LEU M 328 -79.98 -4.37 -65.28
N SER M 329 -81.30 -4.22 -65.18
CA SER M 329 -82.15 -3.92 -66.31
C SER M 329 -82.28 -2.43 -66.60
N ASN M 330 -81.65 -1.57 -65.82
CA ASN M 330 -81.73 -0.14 -66.07
C ASN M 330 -81.18 0.20 -67.45
N ASP M 331 -81.88 1.07 -68.17
CA ASP M 331 -81.48 1.42 -69.52
C ASP M 331 -80.21 2.25 -69.55
N ARG M 332 -79.84 2.89 -68.45
CA ARG M 332 -78.65 3.73 -68.44
C ARG M 332 -77.37 2.90 -68.46
N TYR M 333 -77.39 1.67 -67.96
CA TYR M 333 -76.21 0.83 -67.94
C TYR M 333 -75.94 0.11 -69.26
N LYS M 334 -76.89 0.12 -70.18
CA LYS M 334 -76.68 -0.57 -71.45
C LYS M 334 -75.56 0.09 -72.24
N THR M 335 -74.83 -0.74 -72.99
CA THR M 335 -73.67 -0.30 -73.73
C THR M 335 -74.01 0.23 -75.12
N ASN M 336 -75.24 0.65 -75.35
CA ASN M 336 -75.63 1.24 -76.62
C ASN M 336 -76.81 2.18 -76.41
N ARG M 337 -76.86 3.22 -77.23
CA ARG M 337 -77.92 4.21 -77.10
C ARG M 337 -79.28 3.58 -77.32
N VAL M 338 -80.23 3.92 -76.45
CA VAL M 338 -81.59 3.41 -76.54
C VAL M 338 -82.52 4.58 -76.81
N GLY M 340 -85.79 4.67 -76.64
CA GLY M 340 -87.01 4.70 -75.85
C GLY M 340 -87.53 3.33 -75.48
N ASP M 341 -88.82 3.10 -75.71
CA ASP M 341 -89.42 1.82 -75.37
C ASP M 341 -88.84 0.71 -76.22
N THR M 342 -88.53 -0.43 -75.58
CA THR M 342 -87.92 -1.56 -76.25
C THR M 342 -88.61 -2.84 -75.84
N SER M 343 -88.52 -3.85 -76.70
CA SER M 343 -89.06 -5.18 -76.44
C SER M 343 -87.93 -6.18 -76.44
N TYR M 344 -87.86 -7.01 -75.42
CA TYR M 344 -86.76 -7.97 -75.26
C TYR M 344 -87.10 -9.26 -75.98
N ILE M 345 -86.14 -9.77 -76.76
CA ILE M 345 -86.33 -11.03 -77.47
C ILE M 345 -85.80 -12.20 -76.65
N SER M 346 -84.68 -12.02 -75.95
CA SER M 346 -84.14 -13.08 -75.12
C SER M 346 -83.28 -12.45 -74.02
N MET M 347 -83.07 -13.22 -72.96
CA MET M 347 -82.36 -12.75 -71.78
C MET M 347 -81.43 -13.81 -71.26
N LEU M 348 -80.34 -13.37 -70.64
CA LEU M 348 -79.46 -14.26 -69.89
C LEU M 348 -78.59 -13.38 -68.99
N ASN M 349 -78.62 -13.65 -67.69
CA ASN M 349 -77.94 -12.84 -66.70
C ASN M 349 -76.78 -13.60 -66.08
N TYR M 350 -75.65 -12.95 -65.95
CA TYR M 350 -74.47 -13.52 -65.31
C TYR M 350 -74.37 -13.02 -63.88
N LEU M 351 -74.25 -13.93 -62.94
CA LEU M 351 -73.94 -13.61 -61.55
C LEU M 351 -72.67 -14.36 -61.18
N ILE M 352 -71.67 -13.62 -60.69
CA ILE M 352 -70.34 -14.16 -60.46
C ILE M 352 -69.93 -13.80 -59.03
N GLY M 353 -70.08 -14.76 -58.12
CA GLY M 353 -69.65 -14.56 -56.75
C GLY M 353 -69.28 -15.90 -56.13
N ASP M 354 -68.45 -15.86 -55.08
CA ASP M 354 -68.00 -17.11 -54.41
C ASP M 354 -69.22 -17.90 -53.94
N ASN M 355 -70.17 -17.24 -53.28
CA ASN M 355 -71.37 -17.89 -52.78
C ASN M 355 -72.60 -17.09 -53.19
N LEU M 356 -73.64 -17.78 -53.63
CA LEU M 356 -74.85 -17.15 -54.13
C LEU M 356 -76.06 -17.73 -53.42
N ASP M 357 -76.90 -16.87 -52.89
CA ASP M 357 -78.10 -17.31 -52.17
C ASP M 357 -79.20 -17.62 -53.18
N GLN M 358 -79.68 -18.88 -53.16
CA GLN M 358 -80.63 -19.31 -54.18
C GLN M 358 -81.96 -18.59 -54.06
N ARG M 359 -82.47 -18.43 -52.85
CA ARG M 359 -83.82 -17.88 -52.68
C ARG M 359 -83.90 -16.44 -53.16
N GLU M 360 -82.84 -15.66 -52.95
CA GLU M 360 -82.80 -14.31 -53.52
C GLU M 360 -82.89 -14.37 -55.03
N ILE M 361 -82.19 -15.31 -55.65
CA ILE M 361 -82.19 -15.40 -57.11
C ILE M 361 -83.57 -15.81 -57.61
N ARG M 362 -84.25 -16.71 -56.90
CA ARG M 362 -85.61 -17.09 -57.30
C ARG M 362 -86.55 -15.90 -57.24
N LYS M 363 -86.48 -15.12 -56.16
CA LYS M 363 -87.34 -13.94 -56.07
C LYS M 363 -87.01 -12.94 -57.17
N GLY M 364 -85.73 -12.75 -57.44
CA GLY M 364 -85.35 -11.81 -58.49
C GLY M 364 -85.79 -12.27 -59.87
N ILE M 365 -85.69 -13.57 -60.13
CA ILE M 365 -86.15 -14.08 -61.43
C ILE M 365 -87.64 -13.86 -61.58
N LEU M 366 -88.42 -14.12 -60.53
CA LEU M 366 -89.86 -13.91 -60.63
C LEU M 366 -90.18 -12.45 -60.91
N LYS M 367 -89.53 -11.53 -60.18
CA LYS M 367 -89.80 -10.12 -60.41
C LYS M 367 -89.36 -9.69 -61.81
N SER M 368 -88.21 -10.18 -62.27
CA SER M 368 -87.73 -9.80 -63.59
C SER M 368 -88.67 -10.28 -64.68
N GLN M 369 -89.20 -11.50 -64.54
CA GLN M 369 -90.18 -11.97 -65.52
C GLN M 369 -91.45 -11.13 -65.48
N GLN M 370 -91.91 -10.75 -64.29
CA GLN M 370 -93.13 -9.96 -64.25
C GLN M 370 -92.92 -8.50 -64.68
N ARG M 371 -91.69 -8.02 -64.73
CA ARG M 371 -91.46 -6.61 -65.06
C ARG M 371 -91.10 -6.37 -66.53
N ILE M 372 -90.45 -7.31 -67.19
CA ILE M 372 -89.84 -7.07 -68.49
C ILE M 372 -90.83 -7.39 -69.60
N SER M 373 -90.84 -6.56 -70.65
CA SER M 373 -91.77 -6.70 -71.76
C SER M 373 -91.12 -7.56 -72.86
N PHE M 374 -91.56 -8.80 -72.96
CA PHE M 374 -91.11 -9.71 -74.01
C PHE M 374 -92.01 -9.59 -75.23
N VAL M 375 -91.47 -10.00 -76.38
CA VAL M 375 -92.24 -10.02 -77.62
C VAL M 375 -93.25 -11.16 -77.53
N PRO M 376 -94.40 -11.06 -78.22
CA PRO M 376 -95.46 -12.06 -78.00
C PRO M 376 -95.05 -13.50 -78.30
N TRP M 377 -94.23 -13.73 -79.32
CA TRP M 377 -94.00 -15.07 -79.82
C TRP M 377 -92.80 -15.77 -79.17
N VAL M 378 -92.20 -15.17 -78.16
CA VAL M 378 -91.05 -15.76 -77.49
C VAL M 378 -91.52 -16.41 -76.19
N ALA M 379 -90.81 -17.46 -75.78
CA ALA M 379 -91.24 -18.26 -74.64
C ALA M 379 -91.30 -17.46 -73.34
N ARG M 380 -90.65 -16.30 -73.28
CA ARG M 380 -90.72 -15.45 -72.10
C ARG M 380 -90.05 -16.12 -70.91
N SER M 381 -88.79 -16.50 -71.08
CA SER M 381 -87.98 -17.14 -70.05
C SER M 381 -86.74 -16.30 -69.78
N VAL M 382 -86.41 -16.16 -68.50
CA VAL M 382 -85.21 -15.45 -68.06
C VAL M 382 -84.28 -16.47 -67.42
N LEU M 383 -83.04 -16.51 -67.90
CA LEU M 383 -82.06 -17.50 -67.48
C LEU M 383 -80.94 -16.82 -66.71
N VAL M 384 -80.58 -17.38 -65.55
CA VAL M 384 -79.56 -16.82 -64.68
C VAL M 384 -78.49 -17.90 -64.49
N VAL M 385 -77.28 -17.63 -64.95
CA VAL M 385 -76.16 -18.55 -64.77
C VAL M 385 -75.43 -18.22 -63.48
N HIS M 386 -75.06 -19.25 -62.74
CA HIS M 386 -74.39 -19.09 -61.44
C HIS M 386 -72.88 -19.23 -61.63
N GLY M 387 -72.28 -18.18 -62.15
CA GLY M 387 -70.84 -18.21 -62.38
C GLY M 387 -70.06 -18.32 -61.07
N LYS M 388 -68.86 -18.86 -61.19
CA LYS M 388 -67.95 -19.04 -60.05
C LYS M 388 -66.79 -18.07 -60.17
N LYS M 389 -66.47 -17.38 -59.08
CA LYS M 389 -65.37 -16.42 -59.08
C LYS M 389 -64.02 -17.13 -59.08
N SER M 390 -63.03 -16.49 -59.69
CA SER M 390 -61.71 -17.10 -59.81
C SER M 390 -61.03 -17.19 -58.45
N PRO M 391 -60.35 -18.30 -58.14
CA PRO M 391 -59.56 -18.34 -56.91
C PRO M 391 -58.49 -17.26 -56.83
N TYR M 392 -58.00 -16.79 -57.98
CA TYR M 392 -56.91 -15.82 -57.98
C TYR M 392 -57.38 -14.40 -57.69
N LEU M 393 -58.68 -14.18 -57.55
CA LEU M 393 -59.21 -12.88 -57.14
C LEU M 393 -59.72 -13.01 -55.71
N LYS M 394 -59.18 -12.19 -54.82
CA LYS M 394 -59.29 -12.42 -53.38
C LYS M 394 -60.61 -11.88 -52.87
N ASN M 395 -61.58 -12.79 -52.66
CA ASN M 395 -62.75 -12.52 -51.81
C ASN M 395 -63.48 -11.24 -52.21
N THR M 396 -63.40 -10.86 -53.48
CA THR M 396 -64.11 -9.66 -53.93
C THR M 396 -65.62 -9.89 -53.89
N ASN M 397 -66.35 -8.80 -53.71
CA ASN M 397 -67.81 -8.85 -53.65
C ASN M 397 -68.40 -9.23 -55.00
N LEU M 398 -69.70 -9.51 -54.98
CA LEU M 398 -70.43 -9.95 -56.16
C LEU M 398 -70.33 -8.95 -57.30
N GLU M 399 -70.25 -9.48 -58.53
CA GLU M 399 -70.40 -8.67 -59.74
C GLU M 399 -71.20 -9.47 -60.76
N GLY M 400 -71.79 -8.76 -61.72
CA GLY M 400 -72.67 -9.40 -62.68
C GLY M 400 -72.76 -8.70 -64.02
N ILE M 401 -73.00 -9.49 -65.08
CA ILE M 401 -73.11 -8.98 -66.44
C ILE M 401 -74.42 -9.48 -67.03
N GLN M 402 -75.08 -8.62 -67.80
CA GLN M 402 -76.34 -8.96 -68.45
C GLN M 402 -76.19 -8.83 -69.96
N VAL M 403 -76.59 -9.88 -70.69
CA VAL M 403 -76.57 -9.90 -72.14
C VAL M 403 -77.99 -10.12 -72.63
N THR M 404 -78.47 -9.24 -73.50
CA THR M 404 -79.86 -9.27 -73.94
C THR M 404 -79.92 -9.16 -75.45
N ASN M 405 -81.09 -9.51 -75.99
CA ASN M 405 -81.40 -9.33 -77.41
C ASN M 405 -82.66 -8.47 -77.49
N ASN M 406 -82.50 -7.20 -77.87
CA ASN M 406 -83.58 -6.24 -77.88
C ASN M 406 -83.97 -5.89 -79.30
N THR M 407 -85.11 -5.21 -79.42
CA THR M 407 -85.52 -4.59 -80.67
C THR M 407 -85.02 -3.17 -80.80
N SER M 408 -84.17 -2.71 -79.88
CA SER M 408 -83.60 -1.39 -79.96
C SER M 408 -82.61 -1.25 -81.11
N MET M 409 -82.22 -2.35 -81.74
CA MET M 409 -81.28 -2.28 -82.85
C MET M 409 -81.83 -1.45 -84.00
N ILE M 410 -83.15 -1.32 -84.10
CA ILE M 410 -83.73 -0.57 -85.21
C ILE M 410 -83.33 0.89 -85.14
N ASP M 411 -83.20 1.45 -83.93
CA ASP M 411 -82.87 2.86 -83.81
C ASP M 411 -81.47 3.14 -84.33
N VAL M 412 -80.48 2.35 -83.92
CA VAL M 412 -79.10 2.61 -84.33
C VAL M 412 -78.93 2.34 -85.82
N PHE M 413 -79.56 1.27 -86.32
CA PHE M 413 -79.47 0.97 -87.74
C PHE M 413 -80.14 2.06 -88.57
N THR M 414 -81.28 2.57 -88.09
CA THR M 414 -81.92 3.68 -88.78
C THR M 414 -81.03 4.91 -88.78
N LYS M 415 -80.34 5.18 -87.67
CA LYS M 415 -79.43 6.31 -87.63
C LYS M 415 -78.32 6.15 -88.67
N ILE M 416 -77.74 4.94 -88.74
CA ILE M 416 -76.68 4.69 -89.71
C ILE M 416 -77.21 4.87 -91.13
N LEU M 417 -78.40 4.34 -91.42
CA LEU M 417 -78.97 4.45 -92.75
C LEU M 417 -79.28 5.90 -93.11
N LYS M 418 -79.77 6.68 -92.14
CA LYS M 418 -80.04 8.08 -92.41
C LYS M 418 -78.75 8.82 -92.76
N GLN M 419 -77.69 8.58 -91.99
CA GLN M 419 -76.41 9.21 -92.31
C GLN M 419 -75.93 8.79 -93.70
N PHE M 420 -76.06 7.49 -94.00
CA PHE M 420 -75.58 6.99 -95.28
C PHE M 420 -76.33 7.61 -96.44
N ASP M 421 -77.66 7.70 -96.34
CA ASP M 421 -78.44 8.33 -97.40
C ASP M 421 -78.10 9.80 -97.53
N LEU M 422 -77.98 10.51 -96.41
CA LEU M 422 -77.64 11.93 -96.46
C LEU M 422 -76.31 12.14 -97.18
N LEU M 423 -75.33 11.28 -96.90
CA LEU M 423 -74.01 11.45 -97.49
C LEU M 423 -73.85 10.73 -98.83
N ILE M 424 -74.86 9.99 -99.29
CA ILE M 424 -74.78 9.32 -100.58
C ILE M 424 -75.47 10.16 -101.63
N LYS M 425 -76.52 10.89 -101.25
CA LYS M 425 -77.10 11.83 -102.20
C LYS M 425 -76.10 12.92 -102.57
N ARG M 426 -75.31 13.37 -101.60
CA ARG M 426 -74.25 14.34 -101.84
C ARG M 426 -72.96 13.57 -102.14
N LYS M 427 -72.44 13.72 -103.35
CA LYS M 427 -71.19 13.08 -103.74
C LYS M 427 -70.05 13.86 -103.10
N ALA M 428 -69.87 13.64 -101.80
CA ALA M 428 -68.89 14.41 -101.03
C ALA M 428 -67.48 13.86 -101.25
N TYR M 429 -67.27 12.59 -100.89
CA TYR M 429 -65.93 12.00 -100.87
C TYR M 429 -65.84 10.73 -101.71
N LEU M 430 -66.80 10.48 -102.60
CA LEU M 430 -66.78 9.26 -103.41
C LEU M 430 -65.66 9.25 -104.44
N ASN M 431 -65.01 10.39 -104.68
CA ASN M 431 -63.91 10.42 -105.63
C ASN M 431 -62.75 9.56 -105.15
N ARG M 432 -62.59 9.41 -103.83
CA ARG M 432 -61.54 8.57 -103.28
C ARG M 432 -61.79 7.08 -103.53
N TYR M 433 -62.99 6.71 -103.95
CA TYR M 433 -63.34 5.31 -104.21
C TYR M 433 -63.69 5.03 -105.66
N TYR M 434 -64.34 5.97 -106.36
CA TYR M 434 -64.71 5.79 -107.75
C TYR M 434 -63.54 6.23 -108.63
N SER M 435 -62.85 5.26 -109.24
CA SER M 435 -61.68 5.52 -110.05
C SER M 435 -61.99 5.63 -111.54
N SER M 436 -63.02 4.94 -112.01
CA SER M 436 -63.35 4.94 -113.43
C SER M 436 -64.82 4.55 -113.58
N VAL M 437 -65.26 4.39 -114.84
CA VAL M 437 -66.65 4.02 -115.10
C VAL M 437 -66.96 2.67 -114.50
N GLU M 438 -66.08 1.68 -114.74
CA GLU M 438 -66.29 0.35 -114.17
C GLU M 438 -66.22 0.39 -112.64
N GLU M 439 -65.34 1.22 -112.09
CA GLU M 439 -65.29 1.37 -110.64
C GLU M 439 -66.54 2.06 -110.12
N GLU M 440 -67.06 3.03 -110.86
CA GLU M 440 -68.29 3.68 -110.46
C GLU M 440 -69.44 2.68 -110.39
N ASN M 441 -69.57 1.85 -111.43
CA ASN M 441 -70.66 0.87 -111.43
C ASN M 441 -70.47 -0.17 -110.32
N GLU M 442 -69.22 -0.60 -110.11
CA GLU M 442 -68.95 -1.58 -109.06
C GLU M 442 -69.32 -1.04 -107.68
N VAL M 443 -68.88 0.19 -107.38
CA VAL M 443 -69.17 0.75 -106.07
C VAL M 443 -70.67 1.02 -105.93
N MET M 444 -71.32 1.44 -107.00
CA MET M 444 -72.76 1.69 -106.91
C MET M 444 -73.53 0.41 -106.61
N GLU M 445 -73.21 -0.68 -107.32
CA GLU M 445 -73.94 -1.92 -107.06
C GLU M 445 -73.60 -2.46 -105.66
N MET M 446 -72.35 -2.35 -105.23
CA MET M 446 -71.99 -2.80 -103.89
C MET M 446 -72.74 -2.01 -102.82
N PHE M 447 -72.81 -0.68 -102.99
CA PHE M 447 -73.48 0.16 -102.02
C PHE M 447 -74.97 -0.15 -101.99
N ASN M 448 -75.57 -0.38 -103.17
CA ASN M 448 -76.98 -0.69 -103.23
C ASN M 448 -77.27 -2.00 -102.50
N GLU M 449 -76.42 -3.01 -102.71
CA GLU M 449 -76.63 -4.28 -102.03
C GLU M 449 -76.51 -4.12 -100.51
N SER M 450 -75.51 -3.36 -100.06
CA SER M 450 -75.36 -3.15 -98.61
C SER M 450 -76.57 -2.43 -98.03
N ARG M 451 -77.05 -1.39 -98.72
CA ARG M 451 -78.20 -0.65 -98.24
C ARG M 451 -79.44 -1.53 -98.17
N GLU M 452 -79.63 -2.37 -99.20
CA GLU M 452 -80.79 -3.25 -99.21
C GLU M 452 -80.71 -4.28 -98.08
N SER M 453 -79.52 -4.81 -97.81
CA SER M 453 -79.39 -5.77 -96.72
C SER M 453 -79.71 -5.12 -95.38
N VAL M 454 -79.22 -3.90 -95.17
CA VAL M 454 -79.50 -3.22 -93.90
C VAL M 454 -80.99 -2.94 -93.77
N LYS M 455 -81.63 -2.50 -94.85
CA LYS M 455 -83.08 -2.30 -94.79
C LYS M 455 -83.80 -3.61 -94.50
N SER M 456 -83.31 -4.71 -95.06
CA SER M 456 -83.95 -6.00 -94.82
C SER M 456 -83.88 -6.37 -93.34
N ILE M 457 -82.74 -6.14 -92.71
CA ILE M 457 -82.63 -6.49 -91.29
C ILE M 457 -83.48 -5.56 -90.44
N ILE M 458 -83.58 -4.28 -90.83
CA ILE M 458 -84.44 -3.37 -90.09
C ILE M 458 -85.89 -3.81 -90.19
N ASP M 459 -86.34 -4.20 -91.38
CA ASP M 459 -87.71 -4.65 -91.55
C ASP M 459 -87.97 -5.93 -90.78
N GLU M 460 -87.00 -6.85 -90.76
CA GLU M 460 -87.16 -8.06 -89.98
C GLU M 460 -87.31 -7.74 -88.50
N TYR M 461 -86.46 -6.87 -87.94
CA TYR M 461 -86.50 -6.51 -86.49
C TYR M 461 -87.82 -5.77 -86.19
N LYS M 462 -88.36 -5.01 -87.15
CA LYS M 462 -89.64 -4.28 -86.98
C LYS M 462 -90.81 -5.26 -87.02
N ALA M 463 -90.76 -6.28 -87.90
CA ALA M 463 -91.80 -7.29 -87.98
C ALA M 463 -91.78 -8.21 -86.77
N CYS M 464 -90.63 -8.35 -86.11
CA CYS M 464 -90.60 -9.13 -84.88
C CYS M 464 -91.46 -8.49 -83.79
N LYS M 465 -91.56 -7.17 -83.78
CA LYS M 465 -92.27 -6.49 -82.70
C LYS M 465 -93.76 -6.79 -82.73
N GLU M 466 -94.36 -6.81 -83.92
CA GLU M 466 -95.80 -6.95 -84.03
C GLU M 466 -96.23 -8.38 -83.69
N ILE M 467 -97.55 -8.55 -83.53
CA ILE M 467 -98.10 -9.83 -83.10
C ILE M 467 -98.37 -10.80 -84.26
N THR M 468 -98.43 -10.30 -85.49
CA THR M 468 -98.71 -11.14 -86.65
C THR M 468 -97.44 -11.70 -87.27
N TYR M 469 -96.37 -11.82 -86.50
CA TYR M 469 -95.09 -12.26 -87.04
C TYR M 469 -95.19 -13.69 -87.58
N LEU M 470 -95.87 -14.57 -86.86
CA LEU M 470 -95.98 -15.97 -87.25
C LEU M 470 -97.13 -16.24 -88.21
N ASP M 471 -97.94 -15.23 -88.52
CA ASP M 471 -99.09 -15.42 -89.39
C ASP M 471 -98.67 -15.33 -90.85
N ASP M 472 -99.33 -16.11 -91.69
CA ASP M 472 -99.05 -16.12 -93.12
C ASP M 472 -99.93 -15.16 -93.91
N ASP M 473 -100.76 -14.38 -93.23
CA ASP M 473 -101.64 -13.43 -93.89
C ASP M 473 -100.84 -12.39 -94.67
N GLY N 3 -21.94 -51.24 -91.03
CA GLY N 3 -21.26 -50.64 -92.21
C GLY N 3 -20.58 -49.32 -91.90
N GLU N 4 -19.80 -48.81 -92.86
CA GLU N 4 -19.07 -47.57 -92.71
C GLU N 4 -19.43 -46.63 -93.86
N THR N 5 -19.33 -45.33 -93.60
CA THR N 5 -19.67 -44.31 -94.57
C THR N 5 -18.48 -43.39 -94.79
N ILE N 6 -18.14 -43.15 -96.06
CA ILE N 6 -17.05 -42.27 -96.44
C ILE N 6 -17.64 -41.00 -97.03
N THR N 7 -17.21 -39.85 -96.53
CA THR N 7 -17.72 -38.56 -96.97
C THR N 7 -16.70 -37.90 -97.90
N LEU N 8 -17.18 -37.42 -99.04
CA LEU N 8 -16.35 -36.70 -100.01
C LEU N 8 -16.94 -35.33 -100.22
N GLN N 9 -16.10 -34.30 -100.17
CA GLN N 9 -16.52 -32.92 -100.33
C GLN N 9 -15.75 -32.30 -101.49
N VAL N 10 -16.48 -31.76 -102.46
CA VAL N 10 -15.89 -31.19 -103.67
C VAL N 10 -16.43 -29.79 -103.85
N GLY N 11 -15.54 -28.85 -104.15
CA GLY N 11 -15.93 -27.49 -104.43
C GLY N 11 -15.95 -26.61 -103.18
N GLN N 12 -15.97 -25.30 -103.41
CA GLN N 12 -16.00 -24.35 -102.30
C GLN N 12 -17.28 -24.50 -101.48
N CYS N 13 -18.42 -24.60 -102.16
CA CYS N 13 -19.69 -24.78 -101.44
C CYS N 13 -19.71 -26.11 -100.70
N GLY N 14 -19.21 -27.17 -101.33
CA GLY N 14 -19.15 -28.46 -100.68
C GLY N 14 -18.30 -28.43 -99.42
N ASN N 15 -17.13 -27.78 -99.51
CA ASN N 15 -16.27 -27.67 -98.33
C ASN N 15 -16.92 -26.85 -97.23
N GLN N 16 -17.58 -25.75 -97.61
CA GLN N 16 -18.24 -24.92 -96.60
C GLN N 16 -19.32 -25.71 -95.88
N VAL N 17 -20.10 -26.50 -96.62
CA VAL N 17 -21.13 -27.31 -96.00
C VAL N 17 -20.51 -28.40 -95.14
N GLY N 18 -19.47 -29.07 -95.65
CA GLY N 18 -18.90 -30.20 -94.94
C GLY N 18 -18.25 -29.81 -93.63
N LEU N 19 -17.65 -28.62 -93.58
CA LEU N 19 -17.02 -28.19 -92.34
C LEU N 19 -18.04 -28.13 -91.22
N GLN N 20 -19.20 -27.51 -91.46
CA GLN N 20 -20.23 -27.42 -90.45
C GLN N 20 -20.90 -28.76 -90.21
N TYR N 21 -21.00 -29.60 -91.24
CA TYR N 21 -21.53 -30.94 -91.04
C TYR N 21 -20.68 -31.74 -90.06
N TRP N 22 -19.35 -31.68 -90.23
CA TRP N 22 -18.46 -32.41 -89.35
C TRP N 22 -18.41 -31.79 -87.96
N GLN N 23 -18.48 -30.46 -87.87
CA GLN N 23 -18.53 -29.84 -86.54
C GLN N 23 -19.83 -30.21 -85.82
N GLN N 24 -20.94 -30.31 -86.54
CA GLN N 24 -22.19 -30.76 -85.95
C GLN N 24 -22.05 -32.18 -85.41
N LEU N 25 -21.53 -33.10 -86.23
CA LEU N 25 -21.38 -34.48 -85.77
C LEU N 25 -20.45 -34.56 -84.56
N ALA N 26 -19.35 -33.80 -84.60
CA ALA N 26 -18.41 -33.82 -83.48
C ALA N 26 -19.07 -33.31 -82.21
N THR N 27 -19.90 -32.28 -82.32
CA THR N 27 -20.62 -31.79 -81.16
C THR N 27 -21.57 -32.84 -80.61
N GLU N 28 -22.32 -33.52 -81.49
CA GLU N 28 -23.27 -34.51 -81.00
C GLU N 28 -22.57 -35.65 -80.30
N HIS N 29 -21.45 -36.11 -80.85
CA HIS N 29 -20.75 -37.25 -80.26
C HIS N 29 -19.73 -36.85 -79.20
N GLY N 30 -19.65 -35.57 -78.84
CA GLY N 30 -18.76 -35.16 -77.77
C GLY N 30 -17.29 -35.24 -78.11
N ILE N 31 -16.96 -35.27 -79.39
CA ILE N 31 -15.57 -35.31 -79.83
C ILE N 31 -15.09 -33.88 -80.04
N GLN N 32 -14.06 -33.50 -79.29
CA GLN N 32 -13.56 -32.13 -79.36
C GLN N 32 -12.82 -31.91 -80.68
N SER N 33 -12.54 -30.64 -80.97
CA SER N 33 -11.91 -30.29 -82.23
C SER N 33 -10.51 -30.88 -82.37
N ASP N 34 -9.86 -31.24 -81.28
CA ASP N 34 -8.53 -31.81 -81.32
C ASP N 34 -8.54 -33.33 -81.44
N GLY N 35 -9.72 -33.94 -81.56
CA GLY N 35 -9.83 -35.38 -81.67
C GLY N 35 -9.96 -36.12 -80.35
N SER N 36 -9.82 -35.42 -79.23
CA SER N 36 -9.96 -36.08 -77.93
C SER N 36 -11.43 -36.38 -77.65
N SER N 37 -11.67 -37.54 -77.06
CA SER N 37 -13.02 -37.99 -76.75
C SER N 37 -13.43 -37.55 -75.35
N THR N 38 -14.73 -37.40 -75.15
CA THR N 38 -15.27 -37.01 -73.85
C THR N 38 -15.93 -38.22 -73.17
N PRO N 39 -15.76 -38.38 -71.85
CA PRO N 39 -16.41 -39.51 -71.18
C PRO N 39 -17.92 -39.48 -71.37
N TYR N 40 -18.50 -40.66 -71.55
CA TYR N 40 -19.92 -40.77 -71.87
C TYR N 40 -20.76 -40.51 -70.63
N PRO N 41 -21.72 -39.59 -70.68
CA PRO N 41 -22.60 -39.39 -69.52
C PRO N 41 -23.49 -40.59 -69.30
N LYS N 42 -23.91 -40.77 -68.04
CA LYS N 42 -24.75 -41.91 -67.70
C LYS N 42 -26.09 -41.80 -68.41
N ASP N 43 -26.67 -42.95 -68.73
CA ASP N 43 -27.90 -42.99 -69.50
C ASP N 43 -29.06 -42.43 -68.68
N ILE N 44 -30.03 -41.86 -69.38
CA ILE N 44 -31.14 -41.18 -68.72
C ILE N 44 -32.28 -42.14 -68.39
N ASN N 45 -32.59 -43.06 -69.31
CA ASN N 45 -33.67 -44.02 -69.09
C ASN N 45 -33.20 -45.29 -68.40
N ASP N 46 -31.91 -45.38 -68.06
CA ASP N 46 -31.39 -46.50 -67.29
C ASP N 46 -31.50 -46.19 -65.79
N LEU N 47 -32.72 -46.31 -65.29
CA LEU N 47 -33.01 -45.93 -63.91
C LEU N 47 -32.20 -46.79 -62.94
N GLN N 48 -31.96 -46.25 -61.75
CA GLN N 48 -31.14 -46.91 -60.75
C GLN N 48 -31.70 -46.69 -59.36
N LEU N 49 -31.35 -47.61 -58.46
CA LEU N 49 -31.72 -47.51 -57.05
C LEU N 49 -31.05 -46.30 -56.41
N GLN N 50 -31.78 -45.61 -55.53
CA GLN N 50 -31.28 -44.42 -54.88
C GLN N 50 -31.85 -44.29 -53.47
N GLU N 51 -31.05 -43.73 -52.57
CA GLU N 51 -31.54 -43.33 -51.26
C GLU N 51 -32.27 -42.00 -51.37
N LEU N 52 -33.30 -41.82 -50.54
CA LEU N 52 -34.03 -40.56 -50.50
C LEU N 52 -34.75 -40.36 -49.17
N GLY N 70 -14.69 -46.27 -68.46
CA GLY N 70 -14.68 -44.95 -69.07
C GLY N 70 -14.91 -45.01 -70.57
N LYS N 71 -14.46 -46.10 -71.18
CA LYS N 71 -14.62 -46.30 -72.63
C LYS N 71 -15.99 -46.83 -73.00
N TYR N 72 -16.84 -47.11 -72.02
CA TYR N 72 -18.14 -47.72 -72.29
C TYR N 72 -19.05 -46.73 -73.00
N ARG N 73 -19.71 -47.18 -74.07
CA ARG N 73 -20.60 -46.34 -74.85
C ARG N 73 -21.76 -47.18 -75.35
N ASN N 74 -22.85 -46.50 -75.71
CA ASN N 74 -24.01 -47.16 -76.30
C ASN N 74 -24.43 -46.49 -77.61
N ASP N 75 -23.55 -45.71 -78.22
CA ASP N 75 -23.76 -45.14 -79.55
C ASP N 75 -22.70 -45.69 -80.50
N HIS N 76 -22.74 -45.23 -81.74
CA HIS N 76 -21.87 -45.73 -82.80
C HIS N 76 -21.22 -44.55 -83.52
N PRO N 77 -20.30 -43.86 -82.86
CA PRO N 77 -19.62 -42.74 -83.53
C PRO N 77 -18.59 -43.20 -84.54
N GLU N 78 -18.02 -44.39 -84.31
CA GLU N 78 -16.98 -44.90 -85.18
C GLU N 78 -17.48 -45.26 -86.56
N LEU N 79 -18.80 -45.25 -86.77
CA LEU N 79 -19.34 -45.45 -88.11
C LEU N 79 -18.89 -44.35 -89.06
N PHE N 80 -18.50 -43.19 -88.53
CA PHE N 80 -18.02 -42.07 -89.35
C PHE N 80 -16.59 -41.69 -89.05
N PHE N 81 -16.16 -41.76 -87.79
CA PHE N 81 -14.82 -41.37 -87.38
C PHE N 81 -13.96 -42.61 -87.20
N THR N 82 -12.71 -42.53 -87.63
CA THR N 82 -11.76 -43.62 -87.44
C THR N 82 -11.14 -43.50 -86.06
N LEU N 83 -11.35 -44.51 -85.22
CA LEU N 83 -10.86 -44.50 -83.86
C LEU N 83 -9.43 -45.03 -83.86
N SER N 84 -8.46 -44.16 -83.58
CA SER N 84 -7.07 -44.55 -83.58
C SER N 84 -6.73 -45.30 -82.29
N ASP N 85 -5.54 -45.92 -82.29
CA ASP N 85 -5.10 -46.68 -81.12
C ASP N 85 -4.87 -45.79 -79.91
N SER N 86 -4.73 -44.48 -80.10
CA SER N 86 -4.47 -43.55 -79.01
C SER N 86 -5.74 -42.83 -78.54
N ASN N 87 -6.90 -43.42 -78.80
CA ASN N 87 -8.18 -42.82 -78.37
C ASN N 87 -8.37 -41.43 -78.98
N THR N 88 -8.06 -41.30 -80.27
CA THR N 88 -8.27 -40.06 -81.00
C THR N 88 -9.13 -40.37 -82.22
N TYR N 89 -10.19 -39.58 -82.41
CA TYR N 89 -11.08 -39.76 -83.54
C TYR N 89 -10.62 -38.91 -84.72
N THR N 90 -10.97 -39.36 -85.92
CA THR N 90 -10.61 -38.66 -87.13
C THR N 90 -11.69 -38.93 -88.16
N PRO N 91 -12.25 -37.90 -88.80
CA PRO N 91 -13.33 -38.14 -89.76
C PRO N 91 -12.86 -38.92 -90.97
N ARG N 92 -13.79 -39.66 -91.57
CA ARG N 92 -13.55 -40.37 -92.83
C ARG N 92 -13.84 -39.48 -94.03
N SER N 93 -13.21 -38.31 -94.07
CA SER N 93 -13.53 -37.30 -95.07
C SER N 93 -12.39 -37.16 -96.07
N ILE N 94 -12.72 -36.76 -97.28
CA ILE N 94 -11.75 -36.46 -98.33
C ILE N 94 -12.12 -35.11 -98.93
N LEU N 95 -11.18 -34.18 -98.90
CA LEU N 95 -11.40 -32.81 -99.37
C LEU N 95 -10.73 -32.63 -100.73
N ILE N 96 -11.52 -32.31 -101.75
CA ILE N 96 -11.02 -32.15 -103.11
C ILE N 96 -11.46 -30.78 -103.61
N ASP N 97 -10.50 -29.97 -104.03
CA ASP N 97 -10.77 -28.66 -104.62
C ASP N 97 -9.44 -28.12 -105.14
N MET N 98 -9.46 -26.87 -105.61
CA MET N 98 -8.27 -26.20 -106.13
C MET N 98 -7.87 -24.98 -105.34
N GLU N 99 -8.84 -24.18 -104.90
CA GLU N 99 -8.52 -22.99 -104.09
C GLU N 99 -8.16 -23.43 -102.67
N PRO N 100 -6.99 -23.06 -102.15
CA PRO N 100 -6.59 -23.54 -100.82
C PRO N 100 -7.12 -22.72 -99.66
N SER N 101 -7.75 -21.56 -99.89
CA SER N 101 -8.20 -20.74 -98.77
C SER N 101 -9.30 -21.43 -97.98
N VAL N 102 -10.27 -22.03 -98.68
CA VAL N 102 -11.37 -22.70 -97.98
C VAL N 102 -10.85 -23.91 -97.21
N ILE N 103 -9.90 -24.65 -97.79
CA ILE N 103 -9.34 -25.80 -97.09
C ILE N 103 -8.56 -25.35 -95.88
N ALA N 104 -7.81 -24.25 -96.00
CA ALA N 104 -7.09 -23.73 -94.84
C ALA N 104 -8.05 -23.34 -93.72
N LYS N 105 -9.16 -22.68 -94.07
CA LYS N 105 -10.13 -22.32 -93.04
C LYS N 105 -10.74 -23.56 -92.40
N SER N 106 -11.07 -24.57 -93.22
CA SER N 106 -11.67 -25.79 -92.70
C SER N 106 -10.72 -26.51 -91.75
N THR N 107 -9.46 -26.65 -92.16
CA THR N 107 -8.48 -27.33 -91.32
C THR N 107 -8.22 -26.57 -90.03
N SER N 108 -8.12 -25.23 -90.12
CA SER N 108 -7.91 -24.44 -88.91
C SER N 108 -9.08 -24.60 -87.95
N ALA N 109 -10.31 -24.58 -88.47
CA ALA N 109 -11.46 -24.76 -87.60
C ALA N 109 -11.47 -26.14 -86.96
N LEU N 110 -11.10 -27.18 -87.71
CA LEU N 110 -11.09 -28.56 -87.24
C LEU N 110 -9.72 -29.14 -87.47
N PRO N 111 -8.79 -29.02 -86.51
CA PRO N 111 -7.48 -29.67 -86.68
C PRO N 111 -7.55 -31.17 -86.80
N MET N 112 -8.67 -31.80 -86.38
CA MET N 112 -8.78 -33.24 -86.42
C MET N 112 -8.71 -33.79 -87.84
N PHE N 113 -8.98 -32.97 -88.85
CA PHE N 113 -8.91 -33.44 -90.22
C PHE N 113 -7.50 -33.92 -90.54
N ASN N 114 -7.41 -35.05 -91.22
CA ASN N 114 -6.12 -35.63 -91.57
C ASN N 114 -5.50 -34.82 -92.71
N PRO N 115 -4.31 -34.25 -92.55
CA PRO N 115 -3.71 -33.50 -93.66
C PRO N 115 -3.49 -34.34 -94.90
N ARG N 116 -3.17 -35.65 -94.73
CA ARG N 116 -2.96 -36.60 -95.85
C ARG N 116 -4.20 -36.66 -96.74
N ASN N 117 -5.40 -36.45 -96.19
CA ASN N 117 -6.65 -36.60 -96.93
C ASN N 117 -6.99 -35.41 -97.81
N VAL N 118 -6.23 -34.33 -97.72
CA VAL N 118 -6.49 -33.12 -98.49
C VAL N 118 -5.80 -33.21 -99.83
N HIS N 119 -6.53 -32.91 -100.89
CA HIS N 119 -5.98 -32.83 -102.24
C HIS N 119 -6.19 -31.43 -102.79
N LEU N 120 -5.11 -30.82 -103.29
CA LEU N 120 -5.15 -29.47 -103.82
C LEU N 120 -4.55 -29.44 -105.22
N SER N 121 -5.18 -28.71 -106.12
CA SER N 121 -4.65 -28.56 -107.47
C SER N 121 -3.62 -27.45 -107.51
N ASN N 129 -13.67 -22.61 -114.29
CA ASN N 129 -15.05 -22.19 -114.49
C ASN N 129 -15.75 -23.10 -115.49
N ASN N 130 -15.05 -23.42 -116.58
CA ASN N 130 -15.60 -24.32 -117.58
C ASN N 130 -15.69 -25.74 -117.04
N TRP N 131 -16.84 -26.37 -117.27
CA TRP N 131 -17.02 -27.75 -116.81
C TRP N 131 -16.05 -28.68 -117.51
N ILE N 132 -15.85 -28.48 -118.82
CA ILE N 132 -14.98 -29.37 -119.59
C ILE N 132 -13.57 -29.34 -119.03
N ASN N 133 -13.07 -28.15 -118.68
CA ASN N 133 -11.71 -28.05 -118.17
C ASN N 133 -11.54 -28.81 -116.87
N GLY N 134 -12.50 -28.68 -115.95
CA GLY N 134 -12.43 -29.43 -114.71
C GLY N 134 -12.54 -30.92 -114.93
N TYR N 135 -13.41 -31.34 -115.85
CA TYR N 135 -13.55 -32.76 -116.15
C TYR N 135 -12.26 -33.33 -116.72
N LYS N 136 -11.62 -32.60 -117.62
CA LYS N 136 -10.36 -33.06 -118.20
C LYS N 136 -9.25 -33.08 -117.14
N TYR N 137 -9.23 -32.09 -116.25
CA TYR N 137 -8.27 -32.10 -115.16
C TYR N 137 -8.47 -33.32 -114.26
N GLY N 138 -9.72 -33.64 -113.95
CA GLY N 138 -9.99 -34.83 -113.16
C GLY N 138 -9.55 -36.10 -113.87
N THR N 139 -9.75 -36.15 -115.19
CA THR N 139 -9.31 -37.30 -115.95
C THR N 139 -7.79 -37.45 -115.93
N GLU N 140 -7.06 -36.36 -116.13
CA GLU N 140 -5.61 -36.45 -116.21
C GLU N 140 -5.02 -36.88 -114.87
N GLU N 141 -5.52 -36.33 -113.77
CA GLU N 141 -5.01 -36.62 -112.43
C GLU N 141 -5.86 -37.64 -111.70
N GLU N 142 -6.48 -38.57 -112.43
CA GLU N 142 -7.40 -39.52 -111.79
C GLU N 142 -6.65 -40.52 -110.92
N GLU N 143 -5.41 -40.84 -111.26
CA GLU N 143 -4.69 -41.87 -110.50
C GLU N 143 -4.45 -41.44 -109.06
N THR N 144 -4.08 -40.17 -108.83
CA THR N 144 -3.84 -39.72 -107.46
C THR N 144 -5.11 -39.74 -106.62
N LEU N 145 -6.20 -39.22 -107.18
CA LEU N 145 -7.46 -39.22 -106.45
C LEU N 145 -7.90 -40.64 -106.16
N LEU N 146 -7.71 -41.54 -107.13
CA LEU N 146 -8.09 -42.94 -106.94
C LEU N 146 -7.25 -43.59 -105.84
N ASN N 147 -5.95 -43.27 -105.79
CA ASN N 147 -5.13 -43.77 -104.71
C ASN N 147 -5.65 -43.29 -103.37
N LEU N 148 -6.08 -42.02 -103.29
CA LEU N 148 -6.62 -41.51 -102.04
C LEU N 148 -7.90 -42.24 -101.64
N ILE N 149 -8.80 -42.49 -102.61
CA ILE N 149 -10.03 -43.21 -102.30
C ILE N 149 -9.71 -44.61 -101.79
N ASP N 150 -8.77 -45.29 -102.45
CA ASP N 150 -8.40 -46.62 -102.01
C ASP N 150 -7.76 -46.61 -100.63
N ARG N 151 -6.96 -45.59 -100.32
CA ARG N 151 -6.39 -45.49 -98.98
C ARG N 151 -7.48 -45.35 -97.93
N GLU N 152 -8.48 -44.49 -98.20
CA GLU N 152 -9.57 -44.34 -97.23
C GLU N 152 -10.37 -45.63 -97.09
N VAL N 153 -10.61 -46.33 -98.20
CA VAL N 153 -11.39 -47.56 -98.12
C VAL N 153 -10.63 -48.62 -97.33
N ASP N 154 -9.31 -48.68 -97.47
CA ASP N 154 -8.55 -49.72 -96.80
C ASP N 154 -8.69 -49.64 -95.29
N LYS N 155 -8.96 -48.45 -94.75
CA LYS N 155 -9.20 -48.30 -93.32
C LYS N 155 -10.60 -48.72 -92.91
N CYS N 156 -11.47 -49.04 -93.86
CA CYS N 156 -12.86 -49.39 -93.59
C CYS N 156 -13.06 -50.89 -93.81
N ASP N 157 -13.70 -51.54 -92.85
CA ASP N 157 -14.08 -52.94 -92.96
C ASP N 157 -15.59 -53.01 -93.17
N ASN N 158 -16.02 -53.75 -94.19
CA ASN N 158 -17.44 -53.86 -94.53
C ASN N 158 -18.02 -52.48 -94.85
N LEU N 159 -17.48 -51.87 -95.89
CA LEU N 159 -17.95 -50.56 -96.32
C LEU N 159 -19.40 -50.64 -96.76
N SER N 160 -20.14 -49.54 -96.54
CA SER N 160 -21.56 -49.49 -96.85
C SER N 160 -21.88 -48.54 -97.99
N ASN N 161 -21.48 -47.28 -97.90
CA ASN N 161 -21.87 -46.30 -98.90
C ASN N 161 -20.91 -45.11 -98.88
N PHE N 162 -21.00 -44.30 -99.92
CA PHE N 162 -20.26 -43.06 -100.04
C PHE N 162 -21.21 -41.88 -99.97
N GLN N 163 -20.76 -40.79 -99.36
CA GLN N 163 -21.52 -39.55 -99.28
C GLN N 163 -20.76 -38.46 -100.02
N LEU N 164 -21.46 -37.74 -100.89
CA LEU N 164 -20.85 -36.69 -101.70
C LEU N 164 -21.49 -35.35 -101.38
N PHE N 165 -20.68 -34.35 -101.10
CA PHE N 165 -21.14 -32.98 -100.87
C PHE N 165 -20.54 -32.12 -101.97
N HIS N 166 -21.37 -31.70 -102.92
CA HIS N 166 -20.88 -30.90 -104.03
C HIS N 166 -22.02 -30.07 -104.59
N SER N 167 -21.66 -29.03 -105.33
CA SER N 167 -22.63 -28.15 -105.97
C SER N 167 -22.75 -28.51 -107.44
N VAL N 168 -23.99 -28.59 -107.92
CA VAL N 168 -24.22 -28.99 -109.31
C VAL N 168 -23.58 -27.99 -110.26
N ALA N 169 -23.72 -26.70 -109.97
CA ALA N 169 -23.11 -25.63 -110.74
C ALA N 169 -22.21 -24.80 -109.85
N GLY N 170 -21.15 -24.24 -110.43
CA GLY N 170 -20.22 -23.43 -109.67
C GLY N 170 -18.78 -23.55 -110.11
N GLY N 171 -18.48 -24.51 -110.98
CA GLY N 171 -17.13 -24.65 -111.51
C GLY N 171 -16.41 -25.89 -111.06
N THR N 172 -15.43 -25.73 -110.17
CA THR N 172 -14.61 -26.87 -109.75
C THR N 172 -15.48 -28.02 -109.26
N GLY N 173 -16.50 -27.71 -108.47
CA GLY N 173 -17.32 -28.76 -107.91
C GLY N 173 -17.99 -29.61 -108.96
N SER N 174 -18.54 -28.98 -110.00
CA SER N 174 -19.28 -29.72 -111.01
C SER N 174 -18.38 -30.75 -111.70
N GLY N 175 -17.32 -30.28 -112.35
CA GLY N 175 -16.48 -31.19 -113.11
C GLY N 175 -15.78 -32.21 -112.23
N VAL N 176 -15.20 -31.76 -111.11
CA VAL N 176 -14.44 -32.68 -110.29
C VAL N 176 -15.35 -33.72 -109.65
N GLY N 177 -16.52 -33.29 -109.16
CA GLY N 177 -17.45 -34.23 -108.58
C GLY N 177 -18.01 -35.20 -109.60
N SER N 178 -18.26 -34.74 -110.83
CA SER N 178 -18.75 -35.65 -111.86
C SER N 178 -17.70 -36.70 -112.18
N LYS N 179 -16.44 -36.29 -112.32
CA LYS N 179 -15.41 -37.27 -112.63
C LYS N 179 -15.20 -38.24 -111.48
N MET N 180 -15.21 -37.74 -110.24
CA MET N 180 -15.12 -38.63 -109.09
C MET N 180 -16.32 -39.57 -109.02
N LEU N 181 -17.51 -39.08 -109.39
CA LEU N 181 -18.69 -39.95 -109.42
C LEU N 181 -18.46 -41.11 -110.36
N GLU N 182 -18.02 -40.83 -111.59
CA GLU N 182 -17.79 -41.90 -112.54
C GLU N 182 -16.70 -42.85 -112.05
N VAL N 183 -15.62 -42.29 -111.52
CA VAL N 183 -14.48 -43.12 -111.11
C VAL N 183 -14.91 -44.06 -109.99
N ILE N 184 -15.61 -43.55 -108.98
CA ILE N 184 -16.03 -44.38 -107.87
C ILE N 184 -17.06 -45.40 -108.33
N SER N 185 -17.95 -45.00 -109.24
CA SER N 185 -19.00 -45.91 -109.68
C SER N 185 -18.41 -47.11 -110.40
N ASP N 186 -17.38 -46.89 -111.23
CA ASP N 186 -16.85 -47.98 -112.05
C ASP N 186 -15.63 -48.68 -111.45
N ARG N 187 -14.99 -48.10 -110.43
CA ARG N 187 -13.83 -48.75 -109.83
C ARG N 187 -14.20 -49.84 -108.84
N TYR N 188 -15.40 -49.80 -108.27
CA TYR N 188 -15.83 -50.78 -107.28
C TYR N 188 -16.97 -51.65 -107.78
N GLY N 189 -17.32 -51.56 -109.08
CA GLY N 189 -18.40 -52.38 -109.69
C GLY N 189 -19.79 -52.03 -109.17
N HIS N 190 -20.02 -50.82 -108.66
CA HIS N 190 -21.36 -50.35 -108.20
C HIS N 190 -21.88 -51.26 -107.07
N LYS N 191 -21.01 -51.96 -106.34
CA LYS N 191 -21.43 -52.94 -105.30
C LYS N 191 -21.83 -52.22 -104.02
N LYS N 192 -21.56 -50.91 -103.87
CA LYS N 192 -21.97 -50.11 -102.73
C LYS N 192 -22.77 -48.91 -103.24
N LEU N 193 -23.89 -48.63 -102.59
CA LEU N 193 -24.70 -47.50 -102.99
C LEU N 193 -23.95 -46.19 -102.74
N LEU N 194 -24.32 -45.15 -103.47
CA LEU N 194 -23.61 -43.89 -103.47
C LEU N 194 -24.63 -42.76 -103.43
N ASN N 195 -24.71 -42.07 -102.29
CA ASN N 195 -25.64 -40.96 -102.13
C ASN N 195 -25.07 -39.71 -102.80
N THR N 196 -25.81 -38.61 -102.70
CA THR N 196 -25.35 -37.35 -103.28
C THR N 196 -26.14 -36.21 -102.64
N PHE N 197 -25.45 -35.37 -101.89
CA PHE N 197 -26.07 -34.19 -101.27
C PHE N 197 -25.86 -32.96 -102.15
N SER N 198 -26.38 -33.04 -103.37
CA SER N 198 -26.18 -31.99 -104.36
C SER N 198 -26.91 -30.72 -103.96
N ILE N 199 -26.29 -29.58 -104.27
CA ILE N 199 -26.86 -28.27 -104.04
C ILE N 199 -27.08 -27.62 -105.39
N PHE N 200 -28.32 -27.28 -105.69
CA PHE N 200 -28.60 -26.69 -106.99
C PHE N 200 -28.37 -25.18 -106.97
N PRO N 201 -27.98 -24.59 -108.08
CA PRO N 201 -27.78 -23.14 -108.12
C PRO N 201 -29.09 -22.38 -107.99
N SER N 202 -28.99 -21.16 -107.49
CA SER N 202 -30.16 -20.29 -107.33
C SER N 202 -30.58 -19.72 -108.67
N VAL N 209 -25.13 -16.67 -114.64
CA VAL N 209 -24.01 -16.52 -115.58
C VAL N 209 -24.22 -17.50 -116.74
N VAL N 210 -23.67 -17.14 -117.91
CA VAL N 210 -23.97 -17.88 -119.14
C VAL N 210 -23.57 -19.34 -119.02
N VAL N 211 -22.56 -19.65 -118.21
CA VAL N 211 -22.04 -21.02 -118.14
C VAL N 211 -22.79 -21.89 -117.15
N GLN N 212 -23.57 -21.30 -116.24
CA GLN N 212 -24.17 -22.09 -115.17
C GLN N 212 -25.17 -23.14 -115.69
N PRO N 213 -26.10 -22.82 -116.60
CA PRO N 213 -27.04 -23.85 -117.06
C PRO N 213 -26.35 -25.04 -117.71
N TYR N 214 -25.30 -24.78 -118.50
CA TYR N 214 -24.55 -25.86 -119.11
C TYR N 214 -24.00 -26.79 -118.04
N ASN N 215 -23.39 -26.21 -117.00
CA ASN N 215 -22.82 -27.00 -115.93
C ASN N 215 -23.90 -27.81 -115.22
N THR N 216 -25.04 -27.18 -114.96
CA THR N 216 -26.11 -27.88 -114.24
C THR N 216 -26.59 -29.10 -115.03
N ILE N 217 -26.82 -28.94 -116.33
CA ILE N 217 -27.30 -30.07 -117.12
C ILE N 217 -26.22 -31.14 -117.24
N LEU N 218 -24.98 -30.72 -117.45
CA LEU N 218 -23.91 -31.68 -117.65
C LEU N 218 -23.69 -32.51 -116.41
N THR N 219 -23.74 -31.90 -115.23
CA THR N 219 -23.59 -32.65 -113.99
C THR N 219 -24.82 -33.52 -113.72
N LEU N 220 -26.02 -33.01 -114.03
CA LEU N 220 -27.23 -33.79 -113.77
C LEU N 220 -27.24 -35.05 -114.62
N LYS N 221 -26.59 -35.03 -115.78
CA LYS N 221 -26.52 -36.23 -116.60
C LYS N 221 -25.81 -37.36 -115.86
N ARG N 222 -24.65 -37.07 -115.26
CA ARG N 222 -23.96 -38.08 -114.48
C ARG N 222 -24.68 -38.39 -113.17
N LEU N 223 -25.40 -37.43 -112.61
CA LEU N 223 -26.22 -37.76 -111.43
C LEU N 223 -27.25 -38.82 -111.78
N ILE N 224 -27.89 -38.69 -112.95
CA ILE N 224 -28.83 -39.70 -113.39
C ILE N 224 -28.11 -41.03 -113.60
N ASP N 225 -26.95 -40.99 -114.25
CA ASP N 225 -26.31 -42.26 -114.64
C ASP N 225 -25.79 -43.03 -113.42
N TYR N 226 -25.11 -42.36 -112.49
CA TYR N 226 -24.34 -43.05 -111.46
C TYR N 226 -24.94 -42.98 -110.06
N SER N 227 -25.43 -41.82 -109.63
CA SER N 227 -25.87 -41.68 -108.25
C SER N 227 -27.04 -42.61 -107.95
N ASP N 228 -27.08 -43.11 -106.72
CA ASP N 228 -28.13 -44.02 -106.27
C ASP N 228 -29.28 -43.32 -105.57
N ALA N 229 -29.02 -42.18 -104.94
CA ALA N 229 -30.08 -41.43 -104.26
C ALA N 229 -29.60 -40.00 -104.07
N THR N 230 -30.33 -39.03 -104.63
CA THR N 230 -29.90 -37.64 -104.66
C THR N 230 -30.80 -36.80 -103.79
N PHE N 231 -30.21 -36.02 -102.89
CA PHE N 231 -30.94 -35.07 -102.06
C PHE N 231 -30.84 -33.70 -102.72
N VAL N 232 -31.93 -33.28 -103.34
CA VAL N 232 -31.94 -32.01 -104.07
C VAL N 232 -32.14 -30.87 -103.08
N PHE N 233 -31.21 -29.91 -103.09
CA PHE N 233 -31.31 -28.70 -102.29
C PHE N 233 -31.24 -27.51 -103.21
N HIS N 234 -32.22 -26.61 -103.09
CA HIS N 234 -32.32 -25.43 -103.94
C HIS N 234 -31.98 -24.19 -103.10
N ASN N 235 -31.03 -23.40 -103.59
CA ASN N 235 -30.56 -22.26 -102.80
C ASN N 235 -31.64 -21.22 -102.60
N ASP N 236 -32.50 -21.00 -103.60
CA ASP N 236 -33.56 -20.02 -103.46
C ASP N 236 -34.53 -20.41 -102.36
N SER N 237 -34.94 -21.69 -102.32
CA SER N 237 -35.83 -22.12 -101.26
C SER N 237 -35.13 -22.11 -99.90
N LEU N 238 -33.81 -22.36 -99.89
CA LEU N 238 -33.07 -22.27 -98.64
C LEU N 238 -33.05 -20.83 -98.13
N ASN N 239 -32.92 -19.86 -99.03
CA ASN N 239 -33.01 -18.46 -98.63
C ASN N 239 -34.41 -18.12 -98.16
N ARG N 240 -35.43 -18.69 -98.79
CA ARG N 240 -36.80 -18.48 -98.33
C ARG N 240 -36.99 -18.96 -96.90
N ILE N 241 -36.44 -20.13 -96.57
CA ILE N 241 -36.54 -20.63 -95.20
C ILE N 241 -35.71 -19.77 -94.25
N GLU N 242 -34.52 -19.35 -94.69
CA GLU N 242 -33.61 -18.66 -93.77
C GLU N 242 -34.19 -17.35 -93.26
N ASN N 243 -34.79 -16.56 -94.15
CA ASN N 243 -35.23 -15.22 -93.77
C ASN N 243 -36.34 -15.26 -92.74
N ILE N 244 -37.00 -16.40 -92.56
CA ILE N 244 -38.06 -16.52 -91.57
C ILE N 244 -37.44 -16.52 -90.18
N GLY N 262 -25.86 -19.72 -91.76
CA GLY N 262 -26.46 -19.22 -92.99
C GLY N 262 -27.18 -20.30 -93.77
N ALA N 263 -27.13 -20.20 -95.10
CA ALA N 263 -27.80 -21.20 -95.94
C ALA N 263 -27.13 -22.56 -95.83
N ASN N 264 -25.82 -22.59 -95.57
CA ASN N 264 -25.12 -23.88 -95.46
C ASN N 264 -25.43 -24.58 -94.15
N LYS N 265 -25.78 -23.83 -93.11
CA LYS N 265 -26.09 -24.44 -91.82
C LYS N 265 -27.31 -25.34 -91.93
N LEU N 266 -28.32 -24.93 -92.70
CA LEU N 266 -29.52 -25.75 -92.86
C LEU N 266 -29.19 -27.05 -93.58
N ILE N 267 -28.35 -26.97 -94.62
CA ILE N 267 -27.93 -28.18 -95.33
C ILE N 267 -27.18 -29.11 -94.39
N ALA N 268 -26.27 -28.54 -93.59
CA ALA N 268 -25.52 -29.35 -92.65
C ALA N 268 -26.46 -30.02 -91.65
N LEU N 269 -27.44 -29.28 -91.14
CA LEU N 269 -28.37 -29.86 -90.17
C LEU N 269 -29.17 -30.99 -90.78
N VAL N 270 -29.66 -30.82 -92.00
CA VAL N 270 -30.46 -31.87 -92.63
C VAL N 270 -29.58 -33.10 -92.88
N SER N 271 -28.38 -32.89 -93.41
CA SER N 271 -27.51 -34.02 -93.71
C SER N 271 -27.10 -34.77 -92.44
N ALA N 272 -26.80 -34.05 -91.37
CA ALA N 272 -26.40 -34.67 -90.12
C ALA N 272 -27.58 -35.26 -89.34
N SER N 273 -28.81 -34.88 -89.69
CA SER N 273 -29.98 -35.49 -89.06
C SER N 273 -30.53 -36.67 -89.85
N VAL N 274 -30.19 -36.78 -91.14
CA VAL N 274 -30.63 -37.95 -91.90
C VAL N 274 -30.08 -39.23 -91.29
N SER N 275 -28.80 -39.22 -90.91
CA SER N 275 -28.12 -40.40 -90.42
C SER N 275 -28.23 -40.57 -88.91
N ASN N 276 -29.23 -39.96 -88.29
CA ASN N 276 -29.38 -40.12 -86.84
C ASN N 276 -29.62 -41.57 -86.43
N PRO N 277 -30.49 -42.33 -87.10
CA PRO N 277 -30.65 -43.74 -86.69
C PRO N 277 -29.39 -44.55 -86.81
N LEU N 278 -28.49 -44.20 -87.73
CA LEU N 278 -27.26 -44.97 -87.89
C LEU N 278 -26.32 -44.75 -86.71
N ARG N 279 -26.18 -43.50 -86.25
CA ARG N 279 -25.25 -43.19 -85.18
C ARG N 279 -25.83 -43.50 -83.80
N PHE N 280 -27.15 -43.56 -83.67
CA PHE N 280 -27.82 -43.93 -82.42
C PHE N 280 -28.81 -45.04 -82.75
N PRO N 281 -28.35 -46.29 -82.82
CA PRO N 281 -29.19 -47.36 -83.37
C PRO N 281 -30.46 -47.55 -82.56
N GLY N 282 -31.55 -47.89 -83.27
CA GLY N 282 -32.82 -48.16 -82.66
C GLY N 282 -33.46 -49.41 -83.21
N TYR N 283 -34.77 -49.56 -83.03
CA TYR N 283 -35.43 -50.78 -83.49
C TYR N 283 -35.35 -50.93 -85.01
N MET N 284 -35.59 -49.85 -85.74
CA MET N 284 -35.74 -49.92 -87.19
C MET N 284 -34.54 -49.27 -87.88
N TYR N 285 -34.40 -49.59 -89.16
CA TYR N 285 -33.36 -48.99 -90.00
C TYR N 285 -31.97 -49.28 -89.47
N SER N 286 -31.27 -48.26 -88.96
CA SER N 286 -29.89 -48.37 -88.52
C SER N 286 -28.94 -48.74 -89.65
N SER N 287 -29.40 -48.68 -90.90
CA SER N 287 -28.56 -48.95 -92.05
C SER N 287 -28.94 -47.98 -93.17
N MET N 288 -27.93 -47.41 -93.82
CA MET N 288 -28.20 -46.39 -94.83
C MET N 288 -28.94 -46.98 -96.03
N GLU N 289 -28.64 -48.22 -96.40
CA GLU N 289 -29.37 -48.85 -97.50
C GLU N 289 -30.84 -49.04 -97.15
N SER N 290 -31.14 -49.32 -95.88
CA SER N 290 -32.53 -49.55 -95.49
C SER N 290 -33.35 -48.27 -95.54
N ILE N 291 -32.75 -47.15 -95.17
CA ILE N 291 -33.47 -45.88 -95.21
C ILE N 291 -33.76 -45.48 -96.66
N VAL N 292 -32.75 -45.55 -97.52
CA VAL N 292 -32.93 -45.16 -98.91
C VAL N 292 -33.91 -46.08 -99.62
N SER N 293 -33.79 -47.40 -99.37
CA SER N 293 -34.64 -48.35 -100.08
C SER N 293 -36.12 -48.14 -99.78
N ASN N 294 -36.44 -47.46 -98.69
CA ASN N 294 -37.83 -47.24 -98.32
C ASN N 294 -38.47 -46.07 -99.07
N LEU N 295 -37.70 -45.31 -99.84
CA LEU N 295 -38.21 -44.13 -100.52
C LEU N 295 -38.00 -44.15 -102.03
N ILE N 296 -37.32 -45.17 -102.57
CA ILE N 296 -36.99 -45.24 -103.97
C ILE N 296 -37.65 -46.48 -104.55
N PRO N 297 -38.82 -46.34 -105.19
CA PRO N 297 -39.52 -47.53 -105.70
C PRO N 297 -38.86 -48.13 -106.92
N THR N 298 -38.34 -47.29 -107.80
CA THR N 298 -37.65 -47.72 -109.00
C THR N 298 -36.36 -46.92 -109.16
N PRO N 299 -35.39 -47.44 -109.91
CA PRO N 299 -34.13 -46.70 -110.05
C PRO N 299 -34.31 -45.31 -110.61
N ASP N 300 -35.34 -45.09 -111.45
CA ASP N 300 -35.50 -43.78 -112.06
C ASP N 300 -35.99 -42.74 -111.06
N LEU N 301 -36.95 -43.11 -110.21
CA LEU N 301 -37.53 -42.18 -109.24
C LEU N 301 -36.63 -42.07 -108.00
N LYS N 302 -35.39 -41.65 -108.23
CA LYS N 302 -34.38 -41.66 -107.19
C LYS N 302 -34.14 -40.30 -106.54
N PHE N 303 -34.73 -39.23 -107.06
CA PHE N 303 -34.45 -37.90 -106.55
C PHE N 303 -35.34 -37.60 -105.35
N LEU N 304 -34.71 -37.44 -104.18
CA LEU N 304 -35.41 -37.13 -102.95
C LEU N 304 -35.31 -35.65 -102.64
N THR N 305 -36.24 -35.16 -101.83
CA THR N 305 -36.21 -33.81 -101.32
C THR N 305 -36.52 -33.84 -99.83
N SER N 306 -36.05 -32.83 -99.11
CA SER N 306 -36.09 -32.82 -97.66
C SER N 306 -36.83 -31.58 -97.16
N SER N 307 -37.58 -31.78 -96.07
CA SER N 307 -38.24 -30.69 -95.36
C SER N 307 -37.65 -30.56 -93.97
N ILE N 308 -37.53 -29.33 -93.49
CA ILE N 308 -36.85 -29.02 -92.23
C ILE N 308 -37.78 -28.19 -91.36
N ALA N 309 -37.90 -28.57 -90.09
CA ALA N 309 -38.66 -27.78 -89.12
C ALA N 309 -37.72 -26.73 -88.54
N PRO N 310 -37.94 -25.43 -88.81
CA PRO N 310 -36.91 -24.45 -88.42
C PRO N 310 -36.81 -24.21 -86.92
N PHE N 311 -37.91 -24.27 -86.18
CA PHE N 311 -37.99 -23.70 -84.84
C PHE N 311 -37.48 -24.67 -83.78
N SER N 312 -36.23 -25.11 -83.93
CA SER N 312 -35.59 -25.99 -82.96
C SER N 312 -35.14 -25.28 -81.69
N THR N 313 -35.03 -23.95 -81.70
CA THR N 313 -34.45 -23.24 -80.56
C THR N 313 -35.32 -22.12 -80.01
N GLN N 314 -36.14 -21.46 -80.83
CA GLN N 314 -36.94 -20.33 -80.36
C GLN N 314 -37.87 -20.80 -79.24
N LYS N 315 -38.05 -19.94 -78.22
CA LYS N 315 -38.81 -20.37 -77.04
C LYS N 315 -40.28 -20.62 -77.34
N HIS N 316 -40.77 -20.30 -78.54
CA HIS N 316 -42.11 -20.67 -78.97
C HIS N 316 -42.12 -21.96 -79.76
N ASN N 317 -41.25 -22.90 -79.40
CA ASN N 317 -41.09 -24.16 -80.10
C ASN N 317 -42.39 -24.97 -80.07
N TYR N 318 -42.39 -26.05 -80.84
CA TYR N 318 -43.56 -26.91 -80.95
C TYR N 318 -43.99 -27.48 -79.61
N LEU N 319 -45.30 -27.52 -79.39
CA LEU N 319 -45.83 -27.96 -78.10
C LEU N 319 -45.50 -29.42 -77.83
N ASN N 320 -45.62 -30.27 -78.83
CA ASN N 320 -45.50 -31.71 -78.63
C ASN N 320 -45.26 -32.36 -79.99
N GLU N 321 -45.16 -33.69 -79.99
CA GLU N 321 -44.90 -34.42 -81.22
C GLU N 321 -46.07 -34.32 -82.18
N TYR N 322 -47.30 -34.29 -81.65
CA TYR N 322 -48.48 -34.21 -82.50
C TYR N 322 -48.47 -32.95 -83.35
N ASP N 323 -48.12 -31.81 -82.74
CA ASP N 323 -48.07 -30.56 -83.49
C ASP N 323 -46.99 -30.61 -84.57
N MET N 324 -45.80 -31.12 -84.22
CA MET N 324 -44.71 -31.13 -85.20
C MET N 324 -45.01 -32.07 -86.36
N LEU N 325 -45.69 -33.18 -86.10
CA LEU N 325 -46.05 -34.08 -87.20
C LEU N 325 -46.91 -33.35 -88.23
N LEU N 326 -47.85 -32.52 -87.77
CA LEU N 326 -48.67 -31.78 -88.71
C LEU N 326 -47.88 -30.65 -89.36
N GLU N 327 -47.01 -29.99 -88.61
CA GLU N 327 -46.29 -28.85 -89.17
C GLU N 327 -45.25 -29.28 -90.20
N LEU N 328 -44.74 -30.50 -90.10
CA LEU N 328 -43.71 -30.93 -91.04
C LEU N 328 -44.23 -30.99 -92.47
N SER N 329 -45.51 -31.32 -92.65
CA SER N 329 -46.05 -31.43 -94.00
C SER N 329 -46.22 -30.09 -94.69
N ASN N 330 -46.05 -28.98 -93.98
CA ASN N 330 -46.22 -27.67 -94.57
C ASN N 330 -45.26 -27.47 -95.74
N ASP N 331 -45.74 -26.81 -96.79
CA ASP N 331 -44.94 -26.57 -97.98
C ASP N 331 -44.04 -25.36 -97.88
N ARG N 332 -44.19 -24.54 -96.83
CA ARG N 332 -43.36 -23.34 -96.70
C ARG N 332 -41.99 -23.61 -96.11
N TYR N 333 -41.74 -24.82 -95.61
CA TYR N 333 -40.45 -25.16 -95.02
C TYR N 333 -39.74 -26.27 -95.79
N LYS N 334 -40.26 -26.68 -96.94
CA LYS N 334 -39.53 -27.61 -97.79
C LYS N 334 -38.36 -26.91 -98.46
N THR N 335 -37.28 -27.67 -98.68
CA THR N 335 -36.09 -27.13 -99.30
C THR N 335 -36.19 -27.08 -100.82
N ASN N 336 -37.29 -27.53 -101.40
CA ASN N 336 -37.53 -27.46 -102.83
C ASN N 336 -38.91 -26.88 -103.05
N ARG N 337 -39.02 -25.95 -104.00
CA ARG N 337 -40.30 -25.28 -104.26
C ARG N 337 -41.30 -26.30 -104.79
N VAL N 338 -42.40 -26.47 -104.05
CA VAL N 338 -43.41 -27.48 -104.36
C VAL N 338 -44.76 -26.80 -104.47
N SER N 339 -45.50 -27.11 -105.54
CA SER N 339 -46.82 -26.55 -105.75
C SER N 339 -47.91 -27.40 -105.12
N GLY N 340 -49.16 -26.99 -105.37
CA GLY N 340 -50.31 -27.69 -104.84
C GLY N 340 -50.75 -28.91 -105.62
N ASP N 341 -50.22 -29.09 -106.83
CA ASP N 341 -50.53 -30.25 -107.65
C ASP N 341 -49.61 -31.43 -107.35
N THR N 342 -48.73 -31.29 -106.37
CA THR N 342 -47.76 -32.35 -106.06
C THR N 342 -48.48 -33.60 -105.58
N SER N 343 -47.77 -34.73 -105.70
CA SER N 343 -48.20 -36.00 -105.14
C SER N 343 -46.97 -36.71 -104.58
N TYR N 344 -47.15 -37.36 -103.43
CA TYR N 344 -46.04 -37.98 -102.71
C TYR N 344 -45.95 -39.46 -103.04
N ILE N 345 -44.75 -39.92 -103.37
CA ILE N 345 -44.53 -41.34 -103.62
C ILE N 345 -44.14 -42.07 -102.34
N SER N 346 -43.40 -41.42 -101.44
CA SER N 346 -43.00 -42.05 -100.19
C SER N 346 -42.88 -40.98 -99.11
N MET N 347 -43.05 -41.42 -97.86
CA MET N 347 -43.06 -40.53 -96.70
C MET N 347 -42.10 -41.07 -95.65
N LEU N 348 -41.36 -40.16 -95.02
CA LEU N 348 -40.48 -40.53 -93.91
C LEU N 348 -40.30 -39.32 -93.02
N ASN N 349 -40.62 -39.47 -91.73
CA ASN N 349 -40.54 -38.38 -90.76
C ASN N 349 -39.57 -38.76 -89.66
N TYR N 350 -38.69 -37.83 -89.30
CA TYR N 350 -37.72 -38.03 -88.24
C TYR N 350 -38.15 -37.28 -86.99
N LEU N 351 -38.11 -37.94 -85.86
CA LEU N 351 -38.37 -37.32 -84.56
C LEU N 351 -37.17 -37.56 -83.66
N ILE N 352 -36.68 -36.50 -83.02
CA ILE N 352 -35.48 -36.57 -82.19
C ILE N 352 -35.81 -35.96 -80.85
N GLY N 353 -35.94 -36.79 -79.83
CA GLY N 353 -36.24 -36.30 -78.49
C GLY N 353 -36.19 -37.43 -77.49
N ASP N 354 -36.24 -37.02 -76.23
CA ASP N 354 -36.22 -38.03 -75.15
C ASP N 354 -37.64 -38.48 -74.86
N ASN N 355 -37.86 -39.79 -74.72
CA ASN N 355 -39.12 -40.40 -74.28
C ASN N 355 -40.33 -39.74 -74.95
N LEU N 356 -40.38 -39.90 -76.27
CA LEU N 356 -41.50 -39.36 -77.03
C LEU N 356 -42.80 -40.04 -76.62
N ASP N 357 -43.88 -39.26 -76.60
CA ASP N 357 -45.19 -39.80 -76.28
C ASP N 357 -45.74 -40.59 -77.45
N GLN N 358 -46.04 -41.87 -77.23
CA GLN N 358 -46.53 -42.72 -78.31
C GLN N 358 -47.93 -42.33 -78.75
N ARG N 359 -48.78 -41.90 -77.82
CA ARG N 359 -50.14 -41.52 -78.18
C ARG N 359 -50.15 -40.37 -79.16
N GLU N 360 -49.32 -39.35 -78.91
CA GLU N 360 -49.27 -38.20 -79.80
C GLU N 360 -48.78 -38.59 -81.17
N ILE N 361 -47.75 -39.44 -81.25
CA ILE N 361 -47.23 -39.85 -82.55
C ILE N 361 -48.27 -40.64 -83.32
N ARG N 362 -48.96 -41.57 -82.65
CA ARG N 362 -49.98 -42.35 -83.34
C ARG N 362 -51.09 -41.47 -83.88
N LYS N 363 -51.58 -40.53 -83.07
CA LYS N 363 -52.65 -39.66 -83.51
C LYS N 363 -52.18 -38.75 -84.64
N GLY N 364 -50.93 -38.27 -84.55
CA GLY N 364 -50.41 -37.41 -85.60
C GLY N 364 -50.26 -38.14 -86.92
N ILE N 365 -49.77 -39.38 -86.88
CA ILE N 365 -49.69 -40.17 -88.10
C ILE N 365 -51.07 -40.37 -88.69
N LEU N 366 -52.06 -40.70 -87.86
CA LEU N 366 -53.40 -40.92 -88.39
C LEU N 366 -53.96 -39.66 -89.03
N LYS N 367 -53.77 -38.50 -88.41
CA LYS N 367 -54.29 -37.27 -89.00
C LYS N 367 -53.54 -36.89 -90.27
N SER N 368 -52.21 -37.04 -90.27
CA SER N 368 -51.42 -36.65 -91.42
C SER N 368 -51.60 -37.58 -92.61
N GLN N 369 -52.01 -38.82 -92.38
CA GLN N 369 -52.19 -39.74 -93.50
C GLN N 369 -53.28 -39.26 -94.45
N GLN N 370 -54.38 -38.74 -93.89
CA GLN N 370 -55.48 -38.28 -94.73
C GLN N 370 -55.10 -37.04 -95.54
N ARG N 371 -54.36 -36.12 -94.91
CA ARG N 371 -54.04 -34.85 -95.57
C ARG N 371 -53.15 -35.07 -96.79
N ILE N 372 -52.20 -36.00 -96.72
CA ILE N 372 -51.22 -36.16 -97.77
C ILE N 372 -51.87 -36.80 -98.99
N SER N 373 -51.56 -36.26 -100.17
CA SER N 373 -52.09 -36.79 -101.43
C SER N 373 -51.09 -37.81 -101.98
N PHE N 374 -51.39 -39.10 -101.81
CA PHE N 374 -50.49 -40.14 -102.26
C PHE N 374 -50.71 -40.45 -103.74
N VAL N 375 -49.66 -40.92 -104.39
CA VAL N 375 -49.76 -41.32 -105.80
C VAL N 375 -50.71 -42.50 -105.91
N PRO N 376 -51.54 -42.60 -106.95
CA PRO N 376 -52.60 -43.62 -106.94
C PRO N 376 -52.10 -45.04 -106.74
N TRP N 377 -50.96 -45.40 -107.32
CA TRP N 377 -50.49 -46.79 -107.30
C TRP N 377 -49.61 -47.10 -106.10
N VAL N 378 -49.40 -46.16 -105.18
CA VAL N 378 -48.65 -46.39 -103.96
C VAL N 378 -49.63 -46.41 -102.80
N ALA N 379 -49.53 -47.44 -101.96
CA ALA N 379 -50.39 -47.53 -100.79
C ALA N 379 -50.12 -46.39 -99.82
N ARG N 380 -51.18 -45.90 -99.18
CA ARG N 380 -51.04 -44.81 -98.21
C ARG N 380 -50.21 -45.29 -97.03
N SER N 381 -48.99 -44.78 -96.92
CA SER N 381 -48.06 -45.21 -95.89
C SER N 381 -47.25 -44.01 -95.42
N VAL N 382 -47.31 -43.71 -94.13
CA VAL N 382 -46.50 -42.68 -93.49
C VAL N 382 -45.69 -43.32 -92.39
N LEU N 383 -44.38 -43.12 -92.41
CA LEU N 383 -43.47 -43.74 -91.44
C LEU N 383 -42.78 -42.66 -90.62
N VAL N 384 -42.64 -42.91 -89.33
CA VAL N 384 -42.02 -41.97 -88.39
C VAL N 384 -40.83 -42.68 -87.76
N VAL N 385 -39.68 -42.00 -87.74
CA VAL N 385 -38.46 -42.53 -87.16
C VAL N 385 -38.30 -41.97 -85.76
N HIS N 386 -38.28 -42.85 -84.75
CA HIS N 386 -38.14 -42.43 -83.36
C HIS N 386 -36.66 -42.37 -83.02
N GLY N 387 -36.01 -41.30 -83.48
CA GLY N 387 -34.60 -41.13 -83.19
C GLY N 387 -34.35 -40.81 -81.74
N LYS N 388 -33.09 -40.96 -81.33
CA LYS N 388 -32.66 -40.68 -79.97
C LYS N 388 -31.77 -39.44 -79.99
N LYS N 389 -32.07 -38.49 -79.10
CA LYS N 389 -31.25 -37.29 -79.00
C LYS N 389 -29.92 -37.62 -78.34
N SER N 390 -28.87 -36.95 -78.79
CA SER N 390 -27.54 -37.19 -78.24
C SER N 390 -27.51 -36.75 -76.79
N PRO N 391 -27.03 -37.59 -75.87
CA PRO N 391 -26.98 -37.16 -74.45
C PRO N 391 -26.05 -35.99 -74.22
N TYR N 392 -25.11 -35.73 -75.13
CA TYR N 392 -24.19 -34.62 -74.93
C TYR N 392 -24.87 -33.28 -75.14
N LEU N 393 -25.95 -33.24 -75.93
CA LEU N 393 -26.64 -31.98 -76.19
C LEU N 393 -27.48 -31.58 -74.98
N LYS N 394 -27.30 -30.35 -74.52
CA LYS N 394 -28.08 -29.86 -73.39
C LYS N 394 -29.50 -29.50 -73.81
N ASN N 395 -29.66 -28.99 -75.03
CA ASN N 395 -30.98 -28.63 -75.53
C ASN N 395 -31.91 -29.84 -75.43
N THR N 396 -33.06 -29.63 -74.80
CA THR N 396 -34.05 -30.69 -74.64
C THR N 396 -35.18 -30.58 -75.64
N ASN N 397 -35.23 -29.51 -76.43
CA ASN N 397 -36.29 -29.35 -77.42
C ASN N 397 -36.16 -30.41 -78.51
N LEU N 398 -37.30 -30.75 -79.10
CA LEU N 398 -37.30 -31.70 -80.19
C LEU N 398 -36.78 -31.07 -81.47
N GLU N 399 -36.26 -31.92 -82.35
CA GLU N 399 -35.98 -31.57 -83.73
C GLU N 399 -36.62 -32.62 -84.62
N GLY N 400 -37.02 -32.21 -85.82
CA GLY N 400 -37.63 -33.14 -86.74
C GLY N 400 -37.38 -32.79 -88.19
N ILE N 401 -36.86 -33.75 -88.95
CA ILE N 401 -36.56 -33.56 -90.36
C ILE N 401 -37.43 -34.55 -91.14
N GLN N 402 -38.03 -34.08 -92.22
CA GLN N 402 -38.86 -34.90 -93.07
C GLN N 402 -38.19 -35.05 -94.43
N VAL N 403 -38.11 -36.28 -94.92
CA VAL N 403 -37.54 -36.60 -96.22
C VAL N 403 -38.65 -37.20 -97.09
N THR N 404 -38.81 -36.66 -98.30
CA THR N 404 -39.93 -37.02 -99.15
C THR N 404 -39.45 -37.29 -100.57
N ASN N 405 -40.22 -38.12 -101.27
CA ASN N 405 -40.01 -38.41 -102.70
C ASN N 405 -41.31 -38.08 -103.42
N ASN N 406 -41.48 -36.81 -103.78
CA ASN N 406 -42.69 -36.33 -104.43
C ASN N 406 -42.44 -36.09 -105.91
N THR N 407 -43.49 -35.64 -106.60
CA THR N 407 -43.44 -35.41 -108.03
C THR N 407 -43.18 -33.95 -108.38
N SER N 408 -42.75 -33.14 -107.41
CA SER N 408 -42.43 -31.74 -107.70
C SER N 408 -41.18 -31.59 -108.56
N MET N 409 -40.42 -32.67 -108.77
CA MET N 409 -39.24 -32.58 -109.61
C MET N 409 -39.58 -32.24 -111.06
N ILE N 410 -40.83 -32.44 -111.47
CA ILE N 410 -41.21 -32.13 -112.85
C ILE N 410 -40.96 -30.65 -113.14
N ASP N 411 -41.39 -29.77 -112.22
CA ASP N 411 -41.24 -28.34 -112.46
C ASP N 411 -39.79 -27.90 -112.38
N VAL N 412 -39.01 -28.46 -111.44
CA VAL N 412 -37.63 -28.01 -111.25
C VAL N 412 -36.80 -28.36 -112.48
N PHE N 413 -36.88 -29.61 -112.92
CA PHE N 413 -36.12 -30.02 -114.09
C PHE N 413 -36.67 -29.34 -115.34
N THR N 414 -37.96 -29.00 -115.34
CA THR N 414 -38.50 -28.22 -116.46
C THR N 414 -37.85 -26.85 -116.54
N LYS N 415 -37.68 -26.17 -115.40
CA LYS N 415 -37.00 -24.88 -115.40
C LYS N 415 -35.57 -25.03 -115.89
N ILE N 416 -34.86 -26.05 -115.39
CA ILE N 416 -33.48 -26.27 -115.81
C ILE N 416 -33.43 -26.50 -117.32
N LEU N 417 -34.33 -27.34 -117.82
CA LEU N 417 -34.36 -27.68 -119.24
C LEU N 417 -34.65 -26.45 -120.09
N LYS N 418 -35.60 -25.63 -119.67
CA LYS N 418 -35.95 -24.43 -120.44
C LYS N 418 -34.77 -23.47 -120.49
N GLN N 419 -34.09 -23.25 -119.35
CA GLN N 419 -32.93 -22.37 -119.37
C GLN N 419 -31.83 -22.92 -120.27
N PHE N 420 -31.60 -24.24 -120.22
CA PHE N 420 -30.60 -24.84 -121.09
C PHE N 420 -30.96 -24.65 -122.56
N ASP N 421 -32.24 -24.87 -122.90
CA ASP N 421 -32.66 -24.72 -124.28
C ASP N 421 -32.48 -23.29 -124.77
N LEU N 422 -32.81 -22.32 -123.91
CA LEU N 422 -32.60 -20.93 -124.29
C LEU N 422 -31.12 -20.63 -124.50
N LEU N 423 -30.26 -21.13 -123.63
CA LEU N 423 -28.84 -20.82 -123.76
C LEU N 423 -28.21 -21.49 -124.97
N ILE N 424 -28.68 -22.67 -125.34
CA ILE N 424 -28.04 -23.37 -126.47
C ILE N 424 -28.21 -22.55 -127.75
N LYS N 425 -29.38 -21.96 -127.96
CA LYS N 425 -29.63 -21.16 -129.15
C LYS N 425 -28.76 -19.90 -129.12
N GLU N 440 -14.19 -29.30 -129.72
CA GLU N 440 -14.66 -29.99 -130.90
C GLU N 440 -16.15 -30.26 -130.81
N ASN N 441 -16.71 -30.88 -131.86
CA ASN N 441 -18.13 -31.18 -131.87
C ASN N 441 -18.53 -32.18 -130.80
N GLU N 442 -17.57 -32.89 -130.22
CA GLU N 442 -17.90 -33.93 -129.23
C GLU N 442 -18.74 -33.36 -128.09
N VAL N 443 -18.44 -32.15 -127.65
CA VAL N 443 -19.14 -31.59 -126.49
C VAL N 443 -20.61 -31.38 -126.82
N MET N 444 -20.93 -30.93 -128.03
CA MET N 444 -22.32 -30.72 -128.38
C MET N 444 -23.09 -32.04 -128.39
N GLU N 445 -22.44 -33.14 -128.78
CA GLU N 445 -23.08 -34.44 -128.65
C GLU N 445 -23.37 -34.77 -127.19
N MET N 446 -22.43 -34.46 -126.29
CA MET N 446 -22.68 -34.68 -124.87
C MET N 446 -23.84 -33.81 -124.38
N PHE N 447 -23.94 -32.57 -124.88
CA PHE N 447 -25.07 -31.73 -124.52
C PHE N 447 -26.39 -32.36 -124.97
N ASN N 448 -26.43 -32.86 -126.20
CA ASN N 448 -27.63 -33.54 -126.69
C ASN N 448 -27.97 -34.75 -125.82
N GLU N 449 -26.94 -35.52 -125.46
CA GLU N 449 -27.16 -36.70 -124.62
C GLU N 449 -27.71 -36.31 -123.25
N SER N 450 -27.19 -35.22 -122.67
CA SER N 450 -27.70 -34.77 -121.38
C SER N 450 -29.16 -34.31 -121.51
N ARG N 451 -29.48 -33.63 -122.61
CA ARG N 451 -30.85 -33.19 -122.84
C ARG N 451 -31.79 -34.39 -122.91
N GLU N 452 -31.39 -35.43 -123.64
CA GLU N 452 -32.22 -36.61 -123.79
C GLU N 452 -32.33 -37.40 -122.49
N SER N 453 -31.23 -37.49 -121.74
CA SER N 453 -31.28 -38.19 -120.46
C SER N 453 -32.20 -37.48 -119.48
N VAL N 454 -32.14 -36.15 -119.42
CA VAL N 454 -33.03 -35.42 -118.52
C VAL N 454 -34.48 -35.60 -118.93
N LYS N 455 -34.76 -35.55 -120.23
CA LYS N 455 -36.12 -35.81 -120.68
C LYS N 455 -36.57 -37.22 -120.32
N SER N 456 -35.63 -38.16 -120.25
CA SER N 456 -35.96 -39.55 -119.96
C SER N 456 -36.56 -39.73 -118.58
N ILE N 457 -36.27 -38.83 -117.65
CA ILE N 457 -36.90 -38.86 -116.33
C ILE N 457 -37.98 -37.78 -116.19
N ILE N 458 -37.94 -36.73 -117.00
CA ILE N 458 -39.07 -35.80 -117.05
C ILE N 458 -40.35 -36.56 -117.39
N ASP N 459 -40.33 -37.26 -118.52
CA ASP N 459 -41.52 -38.01 -118.92
C ASP N 459 -41.82 -39.13 -117.95
N GLU N 460 -40.82 -39.68 -117.27
CA GLU N 460 -41.06 -40.78 -116.35
C GLU N 460 -41.78 -40.28 -115.10
N TYR N 461 -41.33 -39.16 -114.55
CA TYR N 461 -42.05 -38.56 -113.42
C TYR N 461 -43.45 -38.12 -113.82
N LYS N 462 -43.64 -37.68 -115.06
CA LYS N 462 -45.01 -37.39 -115.48
C LYS N 462 -45.85 -38.66 -115.51
N ALA N 463 -45.33 -39.73 -116.10
CA ALA N 463 -46.07 -40.99 -116.16
C ALA N 463 -46.34 -41.57 -114.78
N CYS N 464 -45.52 -41.24 -113.79
CA CYS N 464 -45.75 -41.73 -112.43
C CYS N 464 -47.17 -41.43 -111.94
N LYS N 465 -47.82 -40.40 -112.50
CA LYS N 465 -49.17 -40.05 -112.09
C LYS N 465 -50.19 -41.14 -112.42
N GLU N 466 -49.88 -42.01 -113.37
CA GLU N 466 -50.86 -42.90 -113.98
C GLU N 466 -50.72 -44.31 -113.45
N ILE N 467 -51.86 -44.97 -113.26
CA ILE N 467 -51.86 -46.38 -112.88
C ILE N 467 -51.49 -47.24 -114.07
N SER O 62 -68.53 -115.01 -4.92
CA SER O 62 -68.25 -114.23 -6.16
C SER O 62 -67.29 -113.07 -5.86
N PRO O 63 -66.19 -112.97 -6.61
CA PRO O 63 -65.24 -111.89 -6.35
C PRO O 63 -65.81 -110.53 -6.69
N ASP O 64 -65.30 -109.51 -5.99
CA ASP O 64 -65.68 -108.13 -6.22
C ASP O 64 -64.55 -107.41 -6.94
N TYR O 65 -64.89 -106.69 -8.00
CA TYR O 65 -63.90 -106.04 -8.85
C TYR O 65 -64.21 -104.56 -9.01
N VAL O 66 -63.16 -103.74 -9.05
CA VAL O 66 -63.27 -102.32 -9.37
C VAL O 66 -62.59 -102.10 -10.70
N SER O 67 -63.34 -102.17 -11.80
CA SER O 67 -62.78 -102.15 -13.14
C SER O 67 -62.99 -100.79 -13.80
N LEU O 68 -62.20 -100.54 -14.84
CA LEU O 68 -62.32 -99.32 -15.62
C LEU O 68 -63.44 -99.46 -16.64
N ARG O 69 -64.35 -98.50 -16.66
CA ARG O 69 -65.42 -98.51 -17.65
C ARG O 69 -64.85 -98.16 -19.02
N GLU O 70 -65.50 -98.68 -20.06
CA GLU O 70 -65.06 -98.44 -21.43
C GLU O 70 -65.97 -97.41 -22.10
N ASN O 79 -67.66 -82.84 -28.18
CA ASN O 79 -67.76 -82.51 -26.73
C ASN O 79 -67.61 -83.81 -25.93
N LEU O 80 -66.41 -84.09 -25.42
CA LEU O 80 -66.13 -85.30 -24.61
C LEU O 80 -66.43 -84.94 -23.15
N ASP O 81 -66.96 -85.87 -22.36
CA ASP O 81 -67.22 -85.63 -20.92
C ASP O 81 -65.86 -85.73 -20.22
N ILE O 82 -65.25 -84.60 -19.84
CA ILE O 82 -63.92 -84.56 -19.24
C ILE O 82 -63.93 -84.86 -17.75
N MET O 83 -65.09 -84.90 -17.11
CA MET O 83 -65.18 -85.21 -15.69
C MET O 83 -66.08 -86.38 -15.38
N SER O 84 -66.58 -87.09 -16.38
CA SER O 84 -67.39 -88.27 -16.13
C SER O 84 -66.56 -89.33 -15.43
N SER O 85 -67.21 -90.08 -14.54
CA SER O 85 -66.51 -91.09 -13.77
C SER O 85 -65.83 -92.09 -14.70
N CYS O 86 -64.56 -92.39 -14.42
CA CYS O 86 -63.82 -93.30 -15.28
C CYS O 86 -64.07 -94.75 -14.91
N ILE O 87 -64.11 -95.07 -13.62
CA ILE O 87 -64.38 -96.43 -13.18
C ILE O 87 -65.88 -96.65 -13.15
N VAL O 88 -66.30 -97.90 -13.04
CA VAL O 88 -67.72 -98.22 -12.97
C VAL O 88 -68.23 -97.93 -11.58
N ASP O 89 -69.34 -97.18 -11.50
CA ASP O 89 -69.97 -96.88 -10.22
C ASP O 89 -71.43 -97.30 -10.16
N SER O 90 -71.98 -97.86 -11.23
CA SER O 90 -73.35 -98.33 -11.27
C SER O 90 -73.50 -99.75 -10.73
N VAL O 91 -72.53 -100.22 -9.95
CA VAL O 91 -72.58 -101.56 -9.37
C VAL O 91 -73.35 -101.49 -8.06
N ILE O 92 -74.40 -102.28 -7.94
CA ILE O 92 -75.22 -102.36 -6.74
C ILE O 92 -75.08 -103.76 -6.17
N TYR O 93 -74.58 -103.86 -4.93
CA TYR O 93 -74.38 -105.17 -4.32
C TYR O 93 -75.69 -105.88 -4.09
N LYS O 94 -75.70 -107.18 -4.41
CA LYS O 94 -76.93 -107.96 -4.34
C LYS O 94 -77.24 -108.40 -2.93
N SER O 95 -76.23 -108.86 -2.18
CA SER O 95 -76.40 -109.22 -0.79
C SER O 95 -75.14 -108.87 -0.03
N GLN O 96 -75.30 -108.64 1.28
CA GLN O 96 -74.21 -108.14 2.10
C GLN O 96 -73.04 -109.11 2.10
N LYS O 97 -71.83 -108.57 1.97
CA LYS O 97 -70.63 -109.40 1.96
C LYS O 97 -70.39 -110.03 3.33
N ILE O 98 -70.75 -109.34 4.39
CA ILE O 98 -70.68 -109.86 5.75
C ILE O 98 -72.07 -109.75 6.37
N ALA O 99 -72.59 -110.86 6.87
CA ALA O 99 -73.94 -110.90 7.45
C ALA O 99 -73.88 -110.30 8.85
N GLY O 100 -74.52 -109.16 9.05
CA GLY O 100 -74.53 -108.51 10.33
C GLY O 100 -75.69 -108.97 11.20
N PRO O 101 -75.68 -108.59 12.48
CA PRO O 101 -76.77 -108.98 13.37
C PRO O 101 -78.10 -108.41 12.90
N LEU O 102 -79.18 -109.17 13.11
CA LEU O 102 -80.56 -108.71 12.78
C LEU O 102 -80.87 -107.49 13.65
N LEU O 103 -81.62 -106.52 13.12
CA LEU O 103 -81.97 -105.28 13.88
C LEU O 103 -83.03 -105.64 14.92
N SER O 104 -83.99 -106.48 14.57
CA SER O 104 -85.02 -106.97 15.52
C SER O 104 -84.33 -107.68 16.69
N GLN O 105 -83.26 -108.45 16.47
CA GLN O 105 -82.65 -109.18 17.58
C GLN O 105 -82.16 -108.24 18.67
N ILE O 106 -81.67 -107.06 18.30
CA ILE O 106 -81.16 -106.10 19.28
C ILE O 106 -82.34 -105.36 19.89
N SER O 107 -82.39 -105.33 21.23
CA SER O 107 -83.46 -104.66 21.95
C SER O 107 -83.02 -103.40 22.65
N ASN O 108 -81.75 -103.28 23.03
CA ASN O 108 -81.28 -102.11 23.73
C ASN O 108 -81.29 -100.88 22.81
N LEU O 109 -81.61 -99.73 23.40
CA LEU O 109 -81.69 -98.50 22.61
C LEU O 109 -80.31 -97.98 22.23
N ASN O 110 -79.36 -98.03 23.18
CA ASN O 110 -78.03 -97.50 22.92
C ASN O 110 -77.36 -98.23 21.77
N ILE O 111 -77.47 -99.56 21.75
CA ILE O 111 -76.86 -100.35 20.68
C ILE O 111 -77.47 -99.98 19.33
N GLN O 112 -78.79 -99.85 19.29
CA GLN O 112 -79.45 -99.48 18.04
C GLN O 112 -78.99 -98.10 17.58
N GLN O 113 -78.86 -97.16 18.52
CA GLN O 113 -78.43 -95.81 18.17
C GLN O 113 -77.02 -95.82 17.59
N ALA O 114 -76.10 -96.55 18.22
CA ALA O 114 -74.74 -96.61 17.71
C ALA O 114 -74.69 -97.27 16.35
N LEU O 115 -75.43 -98.36 16.17
CA LEU O 115 -75.45 -99.06 14.89
C LEU O 115 -75.99 -98.16 13.79
N ILE O 116 -77.08 -97.45 14.06
CA ILE O 116 -77.65 -96.59 13.03
C ILE O 116 -76.71 -95.42 12.74
N ILE O 117 -75.99 -94.93 13.75
CA ILE O 117 -75.03 -93.85 13.50
C ILE O 117 -73.92 -94.34 12.57
N ARG O 118 -73.40 -95.54 12.84
CA ARG O 118 -72.34 -96.09 12.00
C ARG O 118 -72.83 -96.26 10.57
N GLU O 119 -74.05 -96.78 10.41
CA GLU O 119 -74.59 -96.93 9.06
C GLU O 119 -74.91 -95.59 8.42
N LEU O 120 -75.23 -94.57 9.23
CA LEU O 120 -75.63 -93.27 8.70
C LEU O 120 -74.44 -92.50 8.17
N LEU O 121 -73.26 -92.67 8.78
CA LEU O 121 -72.10 -91.94 8.29
C LEU O 121 -71.84 -92.26 6.82
N PHE O 122 -71.97 -93.53 6.43
CA PHE O 122 -71.81 -93.88 5.02
C PHE O 122 -73.00 -93.47 4.18
N THR O 123 -74.21 -93.49 4.76
CA THR O 123 -75.39 -93.11 4.00
C THR O 123 -75.32 -91.66 3.57
N LEU O 124 -74.80 -90.79 4.43
CA LEU O 124 -74.76 -89.36 4.10
C LEU O 124 -73.91 -89.08 2.87
N LEU O 125 -73.01 -89.98 2.51
CA LEU O 125 -72.20 -89.84 1.31
C LEU O 125 -72.82 -90.50 0.09
N GLY O 126 -74.03 -91.06 0.22
CA GLY O 126 -74.69 -91.71 -0.89
C GLY O 126 -74.52 -93.22 -0.96
N HIS O 127 -73.78 -93.82 -0.04
CA HIS O 127 -73.59 -95.26 -0.06
C HIS O 127 -74.71 -95.97 0.69
N GLU O 128 -74.93 -97.23 0.33
CA GLU O 128 -75.85 -98.08 1.06
C GLU O 128 -75.25 -98.48 2.41
N GLY O 129 -76.12 -98.96 3.29
CA GLY O 129 -75.68 -99.55 4.54
C GLY O 129 -76.31 -100.91 4.77
N HIS O 130 -76.11 -101.48 5.96
CA HIS O 130 -76.78 -102.73 6.29
C HIS O 130 -78.24 -102.51 6.62
N TYR O 131 -78.59 -101.36 7.19
CA TYR O 131 -79.95 -101.09 7.64
C TYR O 131 -80.64 -99.97 6.88
N ILE O 132 -79.92 -99.25 6.02
CA ILE O 132 -80.52 -98.26 5.12
C ILE O 132 -80.18 -98.71 3.71
N GLN O 133 -81.22 -98.96 2.91
CA GLN O 133 -81.06 -99.52 1.58
C GLN O 133 -81.75 -98.64 0.55
N TYR O 134 -81.23 -98.70 -0.69
CA TYR O 134 -81.80 -97.90 -1.80
C TYR O 134 -83.20 -98.40 -2.13
N SER O 135 -84.10 -97.50 -2.48
CA SER O 135 -85.44 -97.86 -2.93
C SER O 135 -85.36 -98.52 -4.30
N LYS O 136 -86.28 -99.47 -4.54
CA LYS O 136 -86.28 -100.18 -5.80
C LYS O 136 -86.55 -99.27 -6.99
N ARG O 137 -87.08 -98.07 -6.76
CA ARG O 137 -87.36 -97.15 -7.85
C ARG O 137 -86.10 -96.51 -8.42
N TYR O 138 -84.99 -96.55 -7.68
CA TYR O 138 -83.76 -95.88 -8.11
C TYR O 138 -83.06 -96.73 -9.16
N ASP O 139 -83.04 -96.24 -10.41
CA ASP O 139 -82.35 -96.90 -11.50
C ASP O 139 -81.14 -96.08 -11.91
N PRO O 140 -79.91 -96.53 -11.66
CA PRO O 140 -78.75 -95.70 -12.00
C PRO O 140 -78.63 -95.39 -13.48
N THR O 141 -79.24 -96.21 -14.35
CA THR O 141 -79.12 -95.96 -15.79
C THR O 141 -79.74 -94.64 -16.18
N SER O 142 -80.92 -94.32 -15.64
CA SER O 142 -81.62 -93.11 -16.02
C SER O 142 -80.88 -91.88 -15.51
N GLN O 143 -80.77 -90.86 -16.37
CA GLN O 143 -80.07 -89.64 -16.00
C GLN O 143 -80.83 -88.88 -14.91
N ILE O 144 -82.14 -88.75 -15.05
CA ILE O 144 -82.92 -87.97 -14.09
C ILE O 144 -82.89 -88.64 -12.72
N SER O 145 -82.90 -89.98 -12.70
CA SER O 145 -82.82 -90.68 -11.41
C SER O 145 -81.51 -90.36 -10.70
N ARG O 146 -80.40 -90.36 -11.44
CA ARG O 146 -79.11 -90.03 -10.82
C ARG O 146 -79.09 -88.59 -10.35
N ILE O 147 -79.61 -87.66 -11.16
CA ILE O 147 -79.56 -86.25 -10.80
C ILE O 147 -80.40 -86.00 -9.54
N GLU O 148 -81.60 -86.56 -9.49
CA GLU O 148 -82.47 -86.31 -8.35
C GLU O 148 -82.02 -87.01 -7.08
N GLY O 149 -81.09 -87.95 -7.18
CA GLY O 149 -80.57 -88.64 -6.02
C GLY O 149 -81.41 -89.85 -5.64
N PRO O 150 -80.82 -90.79 -4.92
CA PRO O 150 -81.55 -92.00 -4.55
C PRO O 150 -82.42 -91.80 -3.32
N ASP O 151 -83.54 -92.52 -3.31
CA ASP O 151 -84.45 -92.54 -2.16
C ASP O 151 -84.17 -93.79 -1.34
N TYR O 152 -84.14 -93.62 -0.02
CA TYR O 152 -83.73 -94.68 0.89
C TYR O 152 -84.92 -95.19 1.67
N LYS O 153 -84.90 -96.49 1.98
CA LYS O 153 -85.89 -97.12 2.85
C LYS O 153 -85.20 -97.62 4.11
N ILE O 154 -85.84 -97.42 5.24
CA ILE O 154 -85.26 -97.77 6.55
C ILE O 154 -85.86 -99.09 7.00
N ALA O 155 -85.01 -99.94 7.59
CA ALA O 155 -85.47 -101.25 8.05
C ALA O 155 -86.61 -101.09 9.04
N LYS O 156 -87.62 -101.95 8.90
CA LYS O 156 -88.85 -101.82 9.67
C LYS O 156 -88.67 -102.09 11.16
N ASN O 157 -87.56 -102.71 11.57
CA ASN O 157 -87.36 -103.11 12.94
C ASN O 157 -86.69 -102.04 13.80
N LEU O 158 -86.36 -100.89 13.22
CA LEU O 158 -85.77 -99.82 14.01
C LEU O 158 -86.81 -99.24 14.96
N ASP O 159 -86.31 -98.59 16.02
CA ASP O 159 -87.20 -97.91 16.95
C ASP O 159 -87.90 -96.74 16.25
N ILE O 160 -89.12 -96.45 16.70
CA ILE O 160 -89.95 -95.47 15.99
C ILE O 160 -89.31 -94.09 16.04
N SER O 161 -88.83 -93.67 17.21
CA SER O 161 -88.22 -92.35 17.32
C SER O 161 -86.94 -92.27 16.49
N LEU O 162 -86.11 -93.30 16.58
CA LEU O 162 -84.90 -93.32 15.77
C LEU O 162 -85.24 -93.38 14.29
N LYS O 163 -86.30 -94.10 13.93
CA LYS O 163 -86.71 -94.14 12.53
C LYS O 163 -87.12 -92.76 12.02
N VAL O 164 -87.87 -92.00 12.82
CA VAL O 164 -88.26 -90.66 12.41
C VAL O 164 -87.03 -89.77 12.24
N ILE O 165 -86.16 -89.77 13.25
CA ILE O 165 -84.98 -88.90 13.18
C ILE O 165 -84.13 -89.27 11.98
N THR O 166 -83.97 -90.56 11.72
CA THR O 166 -83.20 -90.99 10.56
C THR O 166 -83.87 -90.55 9.26
N LYS O 167 -85.20 -90.68 9.18
CA LYS O 167 -85.88 -90.25 7.97
C LYS O 167 -85.67 -88.76 7.70
N LYS O 168 -85.50 -87.96 8.75
CA LYS O 168 -85.18 -86.56 8.48
C LYS O 168 -83.77 -86.41 7.93
N LEU O 169 -82.79 -87.12 8.49
CA LEU O 169 -81.40 -86.95 8.09
C LEU O 169 -81.06 -87.59 6.75
N VAL O 170 -81.84 -88.58 6.32
CA VAL O 170 -81.49 -89.30 5.09
C VAL O 170 -81.44 -88.36 3.91
N LYS O 171 -82.24 -87.28 3.93
CA LYS O 171 -82.31 -86.41 2.77
C LYS O 171 -80.96 -85.81 2.40
N PHE O 172 -80.06 -85.68 3.38
CA PHE O 172 -78.77 -85.07 3.11
C PHE O 172 -77.92 -85.96 2.21
N GLY O 173 -78.00 -87.28 2.38
CA GLY O 173 -77.32 -88.16 1.45
C GLY O 173 -77.88 -88.05 0.05
N LYS O 174 -79.19 -87.87 -0.06
CA LYS O 174 -79.82 -87.71 -1.37
C LYS O 174 -79.27 -86.50 -2.10
N PHE O 175 -79.18 -85.36 -1.40
CA PHE O 175 -78.68 -84.15 -2.03
C PHE O 175 -77.23 -84.30 -2.44
N TYR O 176 -76.40 -84.90 -1.57
CA TYR O 176 -74.99 -85.05 -1.89
C TYR O 176 -74.80 -85.96 -3.11
N SER O 177 -75.52 -87.08 -3.16
CA SER O 177 -75.39 -87.96 -4.31
C SER O 177 -75.88 -87.28 -5.58
N GLY O 178 -76.97 -86.52 -5.49
CA GLY O 178 -77.47 -85.82 -6.65
C GLY O 178 -76.48 -84.80 -7.17
N LEU O 179 -75.86 -84.03 -6.28
CA LEU O 179 -74.88 -83.04 -6.72
C LEU O 179 -73.65 -83.71 -7.31
N LYS O 180 -73.19 -84.81 -6.69
CA LYS O 180 -72.01 -85.49 -7.21
C LYS O 180 -72.27 -86.04 -8.60
N SER O 181 -73.47 -86.57 -8.84
CA SER O 181 -73.82 -87.02 -10.19
C SER O 181 -74.09 -85.86 -11.13
N PHE O 182 -74.48 -84.71 -10.61
CA PHE O 182 -74.68 -83.52 -11.44
C PHE O 182 -73.36 -83.04 -12.02
N ILE O 183 -72.30 -83.04 -11.21
CA ILE O 183 -71.00 -82.62 -11.70
C ILE O 183 -70.54 -83.51 -12.86
N GLN O 184 -70.69 -84.81 -12.71
CA GLN O 184 -70.23 -85.76 -13.72
C GLN O 184 -71.06 -85.73 -14.99
N VAL O 185 -72.04 -84.83 -15.13
CA VAL O 185 -72.87 -84.74 -16.33
C VAL O 185 -72.80 -83.36 -16.96
N PHE O 186 -72.98 -82.31 -16.15
CA PHE O 186 -73.10 -80.97 -16.68
C PHE O 186 -71.78 -80.24 -16.85
N ASP O 187 -70.65 -80.88 -16.51
CA ASP O 187 -69.35 -80.22 -16.60
C ASP O 187 -68.62 -80.65 -17.88
N ASN O 188 -69.12 -80.15 -19.01
CA ASN O 188 -68.47 -80.36 -20.29
C ASN O 188 -68.65 -79.11 -21.15
N ASN O 189 -68.06 -79.13 -22.35
CA ASN O 189 -68.00 -77.94 -23.18
C ASN O 189 -69.36 -77.54 -23.73
N LYS O 190 -70.24 -78.51 -23.97
CA LYS O 190 -71.49 -78.21 -24.66
C LYS O 190 -72.48 -77.43 -23.80
N PHE O 191 -72.27 -77.34 -22.49
CA PHE O 191 -73.20 -76.67 -21.60
C PHE O 191 -72.77 -75.26 -21.23
N GLY O 192 -71.62 -74.81 -21.72
CA GLY O 192 -71.23 -73.42 -21.61
C GLY O 192 -70.47 -73.06 -20.34
N LYS O 193 -69.92 -71.85 -20.37
CA LYS O 193 -69.06 -71.37 -19.30
C LYS O 193 -69.86 -71.12 -18.02
N ILE O 194 -71.11 -70.69 -18.14
CA ILE O 194 -71.90 -70.41 -16.95
C ILE O 194 -72.12 -71.68 -16.15
N VAL O 195 -72.56 -72.74 -16.81
CA VAL O 195 -72.82 -74.00 -16.12
C VAL O 195 -71.52 -74.61 -15.61
N GLN O 196 -70.44 -74.50 -16.39
CA GLN O 196 -69.17 -75.02 -15.92
C GLN O 196 -68.72 -74.31 -14.64
N LYS O 197 -68.82 -72.99 -14.63
CA LYS O 197 -68.41 -72.23 -13.45
C LYS O 197 -69.29 -72.55 -12.25
N PHE O 198 -70.58 -72.83 -12.50
CA PHE O 198 -71.45 -73.27 -11.41
C PHE O 198 -71.03 -74.63 -10.88
N CYS O 199 -70.63 -75.54 -11.77
CA CYS O 199 -70.14 -76.84 -11.33
C CYS O 199 -68.92 -76.67 -10.43
N SER O 200 -68.11 -75.65 -10.71
CA SER O 200 -66.98 -75.36 -9.82
C SER O 200 -67.46 -75.05 -8.41
N GLU O 201 -68.51 -74.22 -8.28
CA GLU O 201 -69.05 -73.91 -6.96
C GLU O 201 -69.59 -75.16 -6.27
N VAL O 202 -70.28 -76.01 -7.02
CA VAL O 202 -70.83 -77.22 -6.42
C VAL O 202 -69.70 -78.09 -5.87
N ARG O 203 -68.61 -78.22 -6.63
CA ARG O 203 -67.48 -79.08 -6.23
C ARG O 203 -66.77 -78.48 -5.02
N LYS O 204 -66.67 -77.15 -4.91
CA LYS O 204 -66.09 -76.54 -3.72
C LYS O 204 -66.98 -76.75 -2.50
N PHE O 205 -68.30 -76.65 -2.69
CA PHE O 205 -69.22 -76.89 -1.59
C PHE O 205 -69.12 -78.32 -1.08
N LEU O 206 -69.00 -79.29 -1.99
CA LEU O 206 -68.84 -80.68 -1.54
C LEU O 206 -67.58 -80.84 -0.71
N SER O 207 -66.49 -80.20 -1.14
CA SER O 207 -65.27 -80.26 -0.36
C SER O 207 -65.48 -79.68 1.03
N SER O 208 -66.24 -78.60 1.13
CA SER O 208 -66.54 -78.02 2.45
C SER O 208 -67.41 -78.95 3.29
N TYR O 209 -68.39 -79.61 2.66
CA TYR O 209 -69.35 -80.45 3.37
C TYR O 209 -68.68 -81.68 3.97
N GLN O 210 -67.72 -82.25 3.25
CA GLN O 210 -67.03 -83.41 3.82
C GLN O 210 -66.29 -83.06 5.10
N GLN O 211 -65.88 -81.80 5.30
CA GLN O 211 -65.21 -81.37 6.55
C GLN O 211 -66.24 -81.29 7.68
N VAL O 212 -67.54 -81.14 7.37
CA VAL O 212 -68.64 -81.17 8.39
C VAL O 212 -68.84 -82.64 8.77
N LEU O 213 -68.77 -83.57 7.80
CA LEU O 213 -68.94 -85.00 8.04
C LEU O 213 -67.76 -85.58 8.82
N ILE O 214 -66.54 -85.12 8.52
CA ILE O 214 -65.37 -85.62 9.23
C ILE O 214 -65.43 -85.24 10.70
N ASN O 215 -65.83 -84.01 11.00
CA ASN O 215 -65.95 -83.61 12.40
C ASN O 215 -67.00 -84.45 13.11
N VAL O 216 -68.12 -84.74 12.44
CA VAL O 216 -69.13 -85.59 13.04
C VAL O 216 -68.56 -86.96 13.34
N GLU O 217 -67.78 -87.51 12.41
CA GLU O 217 -67.19 -88.83 12.64
C GLU O 217 -66.24 -88.80 13.82
N HIS O 218 -65.42 -87.75 13.92
CA HIS O 218 -64.48 -87.66 15.03
C HIS O 218 -65.21 -87.58 16.37
N GLU O 219 -66.28 -86.79 16.44
CA GLU O 219 -67.05 -86.70 17.67
C GLU O 219 -67.73 -88.03 18.00
N PHE O 220 -68.26 -88.73 17.00
CA PHE O 220 -68.89 -90.06 17.21
C PHE O 220 -67.84 -90.98 17.81
N LYS O 221 -66.61 -90.97 17.27
CA LYS O 221 -65.54 -91.89 17.71
C LYS O 221 -65.04 -91.57 19.12
N PHE O 222 -64.84 -90.29 19.50
CA PHE O 222 -64.22 -89.97 20.78
C PHE O 222 -65.15 -89.38 21.83
N ASN O 223 -66.27 -88.77 21.45
CA ASN O 223 -67.15 -88.12 22.42
C ASN O 223 -68.16 -89.12 22.98
N LYS O 224 -68.23 -89.22 24.31
CA LYS O 224 -69.20 -90.11 24.94
C LYS O 224 -70.61 -89.55 24.93
N ASN O 225 -70.75 -88.22 24.99
CA ASN O 225 -72.07 -87.60 25.05
C ASN O 225 -72.74 -87.48 23.69
N PHE O 226 -72.04 -87.84 22.61
CA PHE O 226 -72.62 -87.75 21.28
C PHE O 226 -73.84 -88.67 21.17
N ASN O 227 -74.87 -88.18 20.49
CA ASN O 227 -76.08 -88.96 20.26
C ASN O 227 -76.73 -88.48 18.98
N LEU O 228 -77.81 -89.17 18.59
CA LEU O 228 -78.43 -88.91 17.28
C LEU O 228 -78.97 -87.48 17.19
N ASN O 229 -79.58 -86.99 18.28
CA ASN O 229 -80.16 -85.66 18.26
C ASN O 229 -79.09 -84.60 18.02
N MET O 230 -77.91 -84.78 18.61
CA MET O 230 -76.83 -83.84 18.38
C MET O 230 -76.43 -83.81 16.91
N LEU O 231 -76.37 -84.97 16.27
CA LEU O 231 -76.04 -85.03 14.86
C LEU O 231 -77.10 -84.30 14.04
N ASP O 232 -78.39 -84.54 14.36
CA ASP O 232 -79.46 -83.87 13.64
C ASP O 232 -79.34 -82.36 13.77
N SER O 233 -79.16 -81.86 15.00
CA SER O 233 -79.10 -80.43 15.21
C SER O 233 -77.88 -79.83 14.51
N LEU O 234 -76.73 -80.49 14.60
CA LEU O 234 -75.51 -79.94 14.01
C LEU O 234 -75.65 -79.86 12.49
N LEU O 235 -76.05 -80.96 11.86
CA LEU O 235 -76.16 -80.95 10.40
C LEU O 235 -77.20 -79.94 9.94
N HIS O 236 -78.36 -79.89 10.60
CA HIS O 236 -79.39 -78.95 10.16
C HIS O 236 -78.95 -77.50 10.34
N GLN O 237 -78.23 -77.21 11.43
CA GLN O 237 -77.84 -75.82 11.69
C GLN O 237 -76.58 -75.41 10.94
N GLU O 238 -75.84 -76.33 10.34
CA GLU O 238 -74.59 -75.99 9.68
C GLU O 238 -74.71 -75.95 8.16
N ILE O 239 -75.17 -77.03 7.53
CA ILE O 239 -75.04 -77.19 6.09
C ILE O 239 -76.36 -77.31 5.35
N SER O 240 -77.50 -77.32 6.04
CA SER O 240 -78.76 -77.58 5.36
C SER O 240 -79.08 -76.51 4.32
N ASN O 241 -78.86 -75.24 4.65
CA ASN O 241 -79.36 -74.15 3.81
C ASN O 241 -78.65 -74.12 2.46
N GLU O 242 -77.32 -74.15 2.49
CA GLU O 242 -76.54 -74.09 1.26
C GLU O 242 -76.80 -75.32 0.39
N MET O 243 -76.88 -76.49 1.02
CA MET O 243 -77.15 -77.72 0.27
C MET O 243 -78.52 -77.65 -0.39
N THR O 244 -79.53 -77.14 0.32
CA THR O 244 -80.85 -77.02 -0.26
C THR O 244 -80.84 -76.08 -1.46
N HIS O 245 -80.17 -74.93 -1.33
CA HIS O 245 -80.09 -74.00 -2.46
C HIS O 245 -79.45 -74.65 -3.68
N LEU O 246 -78.29 -75.28 -3.49
CA LEU O 246 -77.58 -75.85 -4.63
C LEU O 246 -78.37 -76.98 -5.26
N TYR O 247 -78.95 -77.86 -4.44
CA TYR O 247 -79.72 -78.97 -4.99
C TYR O 247 -80.93 -78.48 -5.76
N GLN O 248 -81.65 -77.49 -5.23
CA GLN O 248 -82.82 -77.00 -5.93
C GLN O 248 -82.44 -76.39 -7.27
N ILE O 249 -81.37 -75.60 -7.29
CA ILE O 249 -80.95 -75.00 -8.56
C ILE O 249 -80.55 -76.10 -9.55
N GLY O 250 -79.80 -77.10 -9.09
CA GLY O 250 -79.37 -78.16 -9.99
C GLY O 250 -80.53 -78.93 -10.58
N ILE O 251 -81.50 -79.31 -9.74
CA ILE O 251 -82.62 -80.08 -10.25
C ILE O 251 -83.47 -79.23 -11.19
N GLU O 252 -83.60 -77.93 -10.92
CA GLU O 252 -84.33 -77.08 -11.86
C GLU O 252 -83.62 -76.98 -13.19
N ILE O 253 -82.29 -76.92 -13.19
CA ILE O 253 -81.55 -76.94 -14.45
C ILE O 253 -81.80 -78.25 -15.19
N SER O 254 -81.79 -79.37 -14.46
CA SER O 254 -82.05 -80.65 -15.13
C SER O 254 -83.43 -80.66 -15.77
N ARG O 255 -84.45 -80.16 -15.06
CA ARG O 255 -85.79 -80.14 -15.61
C ARG O 255 -85.84 -79.28 -16.87
N ILE O 256 -85.23 -78.09 -16.84
CA ILE O 256 -85.32 -77.20 -17.99
C ILE O 256 -84.56 -77.78 -19.17
N THR O 257 -83.38 -78.36 -18.93
CA THR O 257 -82.59 -78.87 -20.04
C THR O 257 -83.22 -80.11 -20.65
N GLU O 258 -83.90 -80.95 -19.86
CA GLU O 258 -84.59 -82.07 -20.50
C GLU O 258 -85.84 -81.60 -21.24
N GLU O 259 -86.49 -80.53 -20.77
CA GLU O 259 -87.60 -79.98 -21.54
C GLU O 259 -87.13 -79.43 -22.89
N ARG O 260 -85.98 -78.74 -22.92
CA ARG O 260 -85.55 -78.14 -24.17
C ARG O 260 -85.09 -79.15 -25.21
N GLN O 261 -84.82 -80.40 -24.82
CA GLN O 261 -84.40 -81.41 -25.78
C GLN O 261 -85.58 -82.21 -26.34
N LYS O 262 -86.81 -81.84 -26.02
CA LYS O 262 -87.98 -82.53 -26.55
C LYS O 262 -88.80 -81.60 -27.43
N GLY O 301 -77.46 -73.43 -20.81
CA GLY O 301 -76.44 -72.45 -21.14
C GLY O 301 -76.51 -71.22 -20.25
N GLY O 302 -76.88 -70.09 -20.85
CA GLY O 302 -77.02 -68.85 -20.11
C GLY O 302 -78.30 -68.74 -19.31
N LEU O 303 -79.14 -69.77 -19.35
CA LEU O 303 -80.39 -69.79 -18.61
C LEU O 303 -80.17 -69.87 -17.10
N LEU O 304 -78.96 -70.18 -16.64
CA LEU O 304 -78.74 -70.30 -15.20
C LEU O 304 -79.01 -68.98 -14.49
N LEU O 305 -78.61 -67.87 -15.08
CA LEU O 305 -78.84 -66.57 -14.44
C LEU O 305 -80.33 -66.34 -14.23
N GLN O 306 -81.17 -66.77 -15.18
CA GLN O 306 -82.61 -66.61 -15.02
C GLN O 306 -83.12 -67.47 -13.86
N VAL O 307 -82.57 -68.68 -13.72
CA VAL O 307 -83.01 -69.55 -12.62
C VAL O 307 -82.62 -68.96 -11.27
N ILE O 308 -81.40 -68.45 -11.15
CA ILE O 308 -80.97 -67.85 -9.89
C ILE O 308 -81.83 -66.63 -9.57
N GLN O 309 -82.05 -65.76 -10.55
CA GLN O 309 -82.87 -64.58 -10.30
C GLN O 309 -84.29 -64.95 -9.91
N GLU O 310 -84.87 -65.95 -10.60
CA GLU O 310 -86.18 -66.44 -10.22
C GLU O 310 -86.15 -67.02 -8.81
N ARG O 311 -85.10 -67.78 -8.49
CA ARG O 311 -84.98 -68.37 -7.16
C ARG O 311 -84.83 -67.30 -6.09
N MET O 312 -84.12 -66.22 -6.42
CA MET O 312 -83.79 -65.20 -5.42
C MET O 312 -84.99 -64.36 -5.00
N VAL O 313 -86.11 -64.42 -5.73
CA VAL O 313 -87.25 -63.60 -5.36
C VAL O 313 -87.87 -64.07 -4.04
N TYR O 314 -87.90 -65.37 -3.80
CA TYR O 314 -88.55 -65.88 -2.60
C TYR O 314 -87.73 -65.62 -1.34
N TYR O 315 -86.40 -65.58 -1.45
CA TYR O 315 -85.52 -65.35 -0.32
C TYR O 315 -85.04 -63.90 -0.25
N LYS O 316 -85.82 -62.96 -0.78
CA LYS O 316 -85.39 -61.57 -0.80
C LYS O 316 -85.35 -60.94 0.58
N GLY O 317 -86.05 -61.52 1.56
CA GLY O 317 -86.04 -60.97 2.90
C GLY O 317 -85.13 -61.71 3.84
N ASP O 318 -84.65 -62.88 3.43
CA ASP O 318 -83.80 -63.70 4.29
C ASP O 318 -82.36 -63.23 4.16
N PRO O 319 -81.72 -62.78 5.24
CA PRO O 319 -80.35 -62.23 5.07
C PRO O 319 -79.33 -63.26 4.61
N THR O 320 -79.21 -64.38 5.31
CA THR O 320 -78.16 -65.35 4.97
C THR O 320 -78.40 -65.97 3.60
N SER O 321 -79.64 -66.34 3.30
CA SER O 321 -79.92 -66.96 2.01
C SER O 321 -79.70 -65.97 0.87
N LEU O 322 -80.11 -64.72 1.07
CA LEU O 322 -79.88 -63.71 0.04
C LEU O 322 -78.40 -63.46 -0.15
N ASP O 323 -77.63 -63.43 0.94
CA ASP O 323 -76.19 -63.22 0.80
C ASP O 323 -75.55 -64.36 0.02
N PHE O 324 -75.93 -65.60 0.32
CA PHE O 324 -75.36 -66.73 -0.41
C PHE O 324 -75.75 -66.69 -1.88
N LEU O 325 -77.02 -66.41 -2.18
CA LEU O 325 -77.45 -66.38 -3.56
C LEU O 325 -76.77 -65.25 -4.33
N THR O 326 -76.61 -64.09 -3.69
CA THR O 326 -75.95 -62.98 -4.34
C THR O 326 -74.48 -63.30 -4.61
N GLN O 327 -73.81 -63.93 -3.64
CA GLN O 327 -72.41 -64.31 -3.87
C GLN O 327 -72.30 -65.30 -5.03
N LEU O 328 -73.19 -66.29 -5.05
CA LEU O 328 -73.17 -67.29 -6.12
C LEU O 328 -73.43 -66.64 -7.46
N PHE O 329 -74.39 -65.72 -7.53
CA PHE O 329 -74.67 -65.03 -8.78
C PHE O 329 -73.49 -64.19 -9.22
N ASP O 330 -72.82 -63.54 -8.28
CA ASP O 330 -71.69 -62.68 -8.63
C ASP O 330 -70.55 -63.51 -9.22
N ILE O 331 -70.20 -64.63 -8.60
CA ILE O 331 -69.08 -65.40 -9.11
C ILE O 331 -69.44 -66.07 -10.42
N VAL O 332 -70.67 -66.60 -10.52
CA VAL O 332 -71.07 -67.32 -11.73
C VAL O 332 -71.07 -66.39 -12.93
N SER O 333 -71.59 -65.17 -12.76
CA SER O 333 -71.74 -64.25 -13.88
C SER O 333 -70.42 -63.67 -14.36
N SER O 334 -69.32 -63.90 -13.65
CA SER O 334 -68.07 -63.21 -13.98
C SER O 334 -67.60 -63.51 -15.39
N ASP O 335 -67.82 -64.73 -15.89
CA ASP O 335 -67.43 -65.06 -17.26
C ASP O 335 -68.19 -64.21 -18.26
N TYR O 336 -69.50 -64.04 -18.04
CA TYR O 336 -70.33 -63.27 -18.94
C TYR O 336 -69.86 -61.82 -18.97
N ILE O 337 -69.48 -61.29 -17.81
CA ILE O 337 -68.94 -59.94 -17.73
C ILE O 337 -67.62 -59.86 -18.48
N GLY O 338 -66.80 -60.90 -18.42
CA GLY O 338 -65.58 -60.90 -19.21
C GLY O 338 -65.84 -60.82 -20.70
N MET O 339 -66.80 -61.59 -21.19
CA MET O 339 -67.15 -61.53 -22.61
C MET O 339 -67.64 -60.14 -22.97
N LEU O 340 -68.54 -59.58 -22.16
CA LEU O 340 -69.09 -58.26 -22.47
C LEU O 340 -68.02 -57.19 -22.42
N ASN O 341 -67.11 -57.27 -21.45
CA ASN O 341 -66.04 -56.29 -21.33
C ASN O 341 -65.13 -56.34 -22.54
N GLN O 342 -64.73 -57.53 -22.97
CA GLN O 342 -63.88 -57.61 -24.16
C GLN O 342 -64.63 -57.09 -25.38
N TRP O 343 -65.91 -57.41 -25.51
CA TRP O 343 -66.66 -56.95 -26.67
C TRP O 343 -66.73 -55.42 -26.71
N LEU O 344 -67.00 -54.79 -25.57
CA LEU O 344 -67.14 -53.33 -25.56
C LEU O 344 -65.81 -52.58 -25.50
N LEU O 345 -64.72 -53.22 -25.11
CA LEU O 345 -63.43 -52.54 -25.01
C LEU O 345 -62.51 -52.78 -26.21
N GLU O 346 -62.61 -53.95 -26.85
CA GLU O 346 -61.74 -54.28 -27.97
C GLU O 346 -62.48 -54.79 -29.18
N GLY O 347 -63.79 -54.98 -29.11
CA GLY O 347 -64.54 -55.45 -30.26
C GLY O 347 -64.12 -56.83 -30.74
N VAL O 348 -63.87 -57.75 -29.81
CA VAL O 348 -63.45 -59.10 -30.14
C VAL O 348 -64.30 -60.09 -29.35
N ILE O 349 -64.87 -61.07 -30.04
CA ILE O 349 -65.56 -62.19 -29.40
C ILE O 349 -64.59 -63.36 -29.33
N ASN O 350 -64.53 -64.01 -28.17
CA ASN O 350 -63.45 -64.95 -27.88
C ASN O 350 -63.94 -66.38 -27.66
N ASP O 351 -64.94 -66.58 -26.81
CA ASP O 351 -65.31 -67.91 -26.36
C ASP O 351 -66.15 -68.61 -27.43
N PRO O 352 -65.72 -69.75 -27.95
CA PRO O 352 -66.40 -70.38 -29.08
C PRO O 352 -67.65 -71.17 -28.73
N PHE O 353 -68.17 -71.08 -27.52
CA PHE O 353 -69.34 -71.86 -27.12
C PHE O 353 -70.65 -71.24 -27.58
N ASP O 354 -70.61 -70.09 -28.27
CA ASP O 354 -71.83 -69.42 -28.71
C ASP O 354 -72.69 -69.01 -27.53
N GLU O 355 -72.06 -68.80 -26.37
CA GLU O 355 -72.79 -68.38 -25.18
C GLU O 355 -73.18 -66.90 -25.27
N PHE O 356 -72.30 -66.08 -25.83
CA PHE O 356 -72.48 -64.64 -25.78
C PHE O 356 -73.66 -64.20 -26.64
N MET O 357 -74.27 -63.09 -26.25
CA MET O 357 -75.49 -62.65 -26.92
C MET O 357 -75.21 -62.10 -28.32
N ILE O 358 -74.07 -61.43 -28.50
CA ILE O 358 -73.74 -60.81 -29.79
C ILE O 358 -73.12 -61.91 -30.65
N ARG O 359 -73.93 -62.49 -31.53
CA ARG O 359 -73.54 -63.65 -32.33
C ARG O 359 -72.90 -63.20 -33.64
N GLU O 360 -71.57 -63.21 -33.68
CA GLU O 360 -70.87 -63.08 -34.95
C GLU O 360 -70.80 -64.43 -35.63
N LYS O 361 -71.16 -64.48 -36.91
CA LYS O 361 -71.24 -65.74 -37.65
C LYS O 361 -70.25 -65.74 -38.81
N ARG O 362 -69.68 -66.93 -39.07
CA ARG O 362 -68.69 -67.09 -40.13
C ARG O 362 -69.37 -67.17 -41.50
N VAL O 363 -68.81 -66.48 -42.48
CA VAL O 363 -69.32 -66.58 -43.84
C VAL O 363 -68.94 -67.95 -44.42
N PRO O 364 -69.84 -68.63 -45.12
CA PRO O 364 -69.46 -69.91 -45.75
C PRO O 364 -68.38 -69.70 -46.81
N ASP O 365 -67.51 -70.71 -46.94
CA ASP O 365 -66.45 -70.63 -47.96
C ASP O 365 -67.04 -70.50 -49.35
N SER O 366 -68.22 -71.06 -49.59
CA SER O 366 -68.82 -71.00 -50.92
C SER O 366 -69.20 -69.58 -51.33
N PHE O 367 -69.32 -68.66 -50.37
CA PHE O 367 -69.76 -67.30 -50.65
C PHE O 367 -68.71 -66.25 -50.30
N MET O 368 -67.48 -66.68 -50.01
CA MET O 368 -66.44 -65.75 -49.55
C MET O 368 -66.24 -64.61 -50.55
N GLU O 369 -66.11 -64.95 -51.83
CA GLU O 369 -65.86 -63.91 -52.84
C GLU O 369 -67.04 -62.96 -52.96
N ILE O 370 -68.26 -63.47 -52.81
CA ILE O 370 -69.44 -62.61 -52.91
C ILE O 370 -69.48 -61.64 -51.75
N PHE O 371 -69.27 -62.13 -50.52
CA PHE O 371 -69.37 -61.26 -49.36
C PHE O 371 -68.22 -60.27 -49.27
N GLN O 372 -67.05 -60.61 -49.82
CA GLN O 372 -65.95 -59.63 -49.80
C GLN O 372 -66.30 -58.42 -50.65
N SER O 373 -66.96 -58.61 -51.79
CA SER O 373 -67.35 -57.48 -52.62
C SER O 373 -68.41 -56.63 -51.93
N LYS O 374 -69.47 -57.27 -51.43
CA LYS O 374 -70.56 -56.57 -50.75
C LYS O 374 -70.37 -56.65 -49.24
N SER O 375 -69.40 -55.88 -48.75
CA SER O 375 -69.10 -55.87 -47.33
C SER O 375 -70.23 -55.28 -46.50
N GLU O 376 -71.16 -54.54 -47.11
CA GLU O 376 -72.26 -53.96 -46.35
C GLU O 376 -73.10 -55.06 -45.71
N TYR O 377 -73.42 -56.10 -46.47
CA TYR O 377 -74.22 -57.19 -45.90
C TYR O 377 -73.41 -58.00 -44.90
N TYR O 378 -72.09 -58.10 -45.09
CA TYR O 378 -71.26 -58.75 -44.10
C TYR O 378 -71.35 -58.03 -42.76
N TRP O 379 -71.22 -56.70 -42.78
CA TRP O 379 -71.19 -55.93 -41.55
C TRP O 379 -72.58 -55.55 -41.04
N ASN O 380 -73.64 -55.89 -41.76
CA ASN O 380 -74.98 -55.58 -41.29
C ASN O 380 -75.86 -56.81 -41.04
N GLU O 381 -75.47 -58.00 -41.51
CA GLU O 381 -76.33 -59.17 -41.38
C GLU O 381 -75.69 -60.28 -40.54
N LEU O 382 -74.37 -60.41 -40.59
CA LEU O 382 -73.70 -61.50 -39.91
C LEU O 382 -73.31 -61.15 -38.47
N PHE O 383 -73.78 -60.02 -37.95
CA PHE O 383 -73.78 -59.75 -36.51
C PHE O 383 -75.22 -59.69 -36.03
N LEU O 384 -75.55 -60.50 -35.03
CA LEU O 384 -76.91 -60.63 -34.54
C LEU O 384 -76.89 -60.58 -33.02
N ILE O 385 -78.08 -60.45 -32.43
CA ILE O 385 -78.26 -60.45 -31.00
C ILE O 385 -79.13 -61.66 -30.65
N LYS O 386 -78.56 -62.59 -29.89
CA LYS O 386 -79.28 -63.79 -29.46
C LYS O 386 -80.24 -63.40 -28.34
N ILE O 387 -81.53 -63.28 -28.66
CA ILE O 387 -82.54 -62.75 -27.69
C ILE O 387 -82.75 -63.73 -26.55
N ASP O 388 -82.49 -65.04 -26.72
CA ASP O 388 -82.81 -66.00 -25.66
C ASP O 388 -81.98 -65.74 -24.41
N GLY O 389 -80.70 -65.44 -24.56
CA GLY O 389 -79.78 -65.31 -23.45
C GLY O 389 -79.69 -63.93 -22.84
N LEU O 390 -80.59 -63.01 -23.19
CA LEU O 390 -80.53 -61.65 -22.68
C LEU O 390 -81.15 -61.56 -21.29
N LEU O 391 -80.51 -60.78 -20.42
CA LEU O 391 -81.09 -60.44 -19.14
C LEU O 391 -82.06 -59.26 -19.30
N ASN O 392 -82.84 -59.00 -18.25
CA ASN O 392 -83.80 -57.92 -18.30
C ASN O 392 -83.12 -56.55 -18.40
N GLN O 393 -81.86 -56.44 -17.98
CA GLN O 393 -81.14 -55.17 -18.13
C GLN O 393 -80.96 -54.81 -19.60
N PHE O 394 -80.62 -55.79 -20.43
CA PHE O 394 -80.39 -55.57 -21.85
C PHE O 394 -81.67 -55.69 -22.67
N GLN O 395 -82.82 -55.97 -22.04
CA GLN O 395 -84.09 -56.08 -22.75
C GLN O 395 -84.63 -54.70 -23.10
N ASN O 396 -83.84 -53.97 -23.90
CA ASN O 396 -84.20 -52.63 -24.33
C ASN O 396 -83.60 -52.42 -25.71
N SER O 397 -84.40 -51.89 -26.64
CA SER O 397 -83.96 -51.81 -28.02
C SER O 397 -82.73 -50.90 -28.16
N THR O 398 -82.77 -49.73 -27.54
CA THR O 398 -81.67 -48.78 -27.70
C THR O 398 -80.38 -49.29 -27.10
N ILE O 399 -80.46 -49.99 -25.96
CA ILE O 399 -79.25 -50.52 -25.35
C ILE O 399 -78.65 -51.61 -26.22
N GLN O 400 -79.50 -52.49 -26.77
CA GLN O 400 -79.02 -53.52 -27.67
C GLN O 400 -78.32 -52.91 -28.87
N SER O 401 -78.93 -51.88 -29.47
CA SER O 401 -78.32 -51.23 -30.61
C SER O 401 -76.99 -50.59 -30.25
N LYS O 402 -76.92 -49.95 -29.08
CA LYS O 402 -75.68 -49.31 -28.67
C LYS O 402 -74.57 -50.33 -28.49
N ILE O 403 -74.88 -51.45 -27.84
CA ILE O 403 -73.85 -52.47 -27.64
C ILE O 403 -73.35 -53.00 -28.97
N LEU O 404 -74.29 -53.38 -29.84
CA LEU O 404 -73.91 -53.98 -31.12
C LEU O 404 -73.07 -53.01 -31.94
N ASN O 405 -73.49 -51.74 -31.99
CA ASN O 405 -72.80 -50.76 -32.81
C ASN O 405 -71.45 -50.37 -32.22
N THR O 406 -71.32 -50.31 -30.89
CA THR O 406 -70.02 -50.05 -30.29
C THR O 406 -69.03 -51.14 -30.68
N GLY O 407 -69.44 -52.40 -30.54
CA GLY O 407 -68.54 -53.48 -30.90
C GLY O 407 -68.18 -53.47 -32.37
N LYS O 408 -69.17 -53.26 -33.24
CA LYS O 408 -68.88 -53.23 -34.66
C LYS O 408 -67.93 -52.10 -35.00
N TYR O 409 -68.12 -50.92 -34.41
CA TYR O 409 -67.27 -49.79 -34.76
C TYR O 409 -65.83 -50.03 -34.33
N LEU O 410 -65.63 -50.59 -33.13
CA LEU O 410 -64.26 -50.92 -32.73
C LEU O 410 -63.66 -51.97 -33.66
N ASN O 411 -64.46 -52.96 -34.07
CA ASN O 411 -63.95 -53.96 -35.00
C ASN O 411 -63.54 -53.34 -36.33
N ILE O 412 -64.34 -52.39 -36.83
CA ILE O 412 -63.99 -51.71 -38.08
C ILE O 412 -62.68 -50.96 -37.92
N PHE O 413 -62.52 -50.25 -36.80
CA PHE O 413 -61.28 -49.52 -36.59
C PHE O 413 -60.09 -50.46 -36.59
N LYS O 414 -60.18 -51.56 -35.84
CA LYS O 414 -59.04 -52.48 -35.77
C LYS O 414 -58.72 -53.07 -37.13
N ARG O 415 -59.75 -53.48 -37.88
CA ARG O 415 -59.50 -54.10 -39.17
C ARG O 415 -58.96 -53.09 -40.19
N CYS O 416 -59.33 -51.81 -40.05
CA CYS O 416 -58.87 -50.81 -41.00
C CYS O 416 -57.44 -50.38 -40.72
N THR O 417 -57.17 -49.87 -39.50
CA THR O 417 -55.83 -49.36 -39.23
C THR O 417 -54.84 -50.46 -38.89
N GLY O 418 -55.29 -51.71 -38.77
CA GLY O 418 -54.38 -52.83 -38.58
C GLY O 418 -53.97 -53.09 -37.16
N LEU O 419 -54.37 -52.26 -36.20
CA LEU O 419 -54.00 -52.49 -34.81
C LEU O 419 -54.57 -53.82 -34.31
N HIS O 420 -53.75 -54.57 -33.57
CA HIS O 420 -54.25 -55.76 -32.90
C HIS O 420 -55.05 -55.39 -31.66
N ASN O 421 -54.62 -54.37 -30.94
CA ASN O 421 -55.33 -53.87 -29.77
C ASN O 421 -54.92 -52.42 -29.55
N PHE O 422 -55.69 -51.73 -28.71
CA PHE O 422 -55.50 -50.29 -28.52
C PHE O 422 -54.50 -49.99 -27.41
N GLU O 423 -53.32 -50.61 -27.50
CA GLU O 423 -52.26 -50.31 -26.55
C GLU O 423 -51.57 -49.00 -26.90
N SER O 424 -51.38 -48.72 -28.20
CA SER O 424 -50.64 -47.53 -28.59
C SER O 424 -51.29 -46.26 -28.06
N LEU O 425 -52.62 -46.23 -27.98
CA LEU O 425 -53.30 -45.04 -27.50
C LEU O 425 -53.08 -44.81 -26.02
N LYS O 426 -52.73 -45.88 -25.29
CA LYS O 426 -52.47 -45.80 -23.81
C LYS O 426 -53.57 -44.97 -23.12
N GLU O 427 -54.84 -45.32 -23.34
CA GLU O 427 -55.94 -44.61 -22.65
C GLU O 427 -56.36 -45.40 -21.41
N LYS O 428 -56.87 -44.72 -20.38
CA LYS O 428 -57.30 -45.41 -19.12
C LYS O 428 -58.76 -45.81 -19.25
N LEU O 429 -59.07 -47.10 -19.07
CA LEU O 429 -60.44 -47.55 -19.27
C LEU O 429 -60.96 -48.23 -18.00
N THR O 430 -62.27 -48.12 -17.79
CA THR O 430 -62.94 -48.76 -16.67
C THR O 430 -63.88 -49.83 -17.19
N THR O 431 -63.81 -51.02 -16.61
CA THR O 431 -64.62 -52.15 -17.04
C THR O 431 -65.89 -52.25 -16.21
N ILE O 432 -66.89 -52.94 -16.78
CA ILE O 432 -68.16 -53.14 -16.08
C ILE O 432 -67.92 -54.11 -14.92
N THR O 433 -68.15 -53.64 -13.70
CA THR O 433 -67.84 -54.45 -12.53
C THR O 433 -68.86 -55.58 -12.34
N SER O 434 -70.12 -55.35 -12.66
CA SER O 434 -71.14 -56.37 -12.45
C SER O 434 -72.37 -56.05 -13.26
N LEU O 435 -73.20 -57.07 -13.48
CA LEU O 435 -74.45 -56.88 -14.21
C LEU O 435 -75.48 -56.15 -13.36
N ALA O 436 -75.35 -56.23 -12.04
CA ALA O 436 -76.28 -55.58 -11.13
C ALA O 436 -75.85 -54.18 -10.75
N ALA O 437 -74.77 -53.67 -11.35
CA ALA O 437 -74.31 -52.33 -11.04
C ALA O 437 -75.30 -51.29 -11.54
N PRO O 438 -75.37 -50.12 -10.88
CA PRO O 438 -76.35 -49.11 -11.31
C PRO O 438 -75.93 -48.29 -12.50
N ASP O 439 -74.64 -48.24 -12.84
CA ASP O 439 -74.13 -47.39 -13.89
C ASP O 439 -73.92 -48.14 -15.20
N LEU O 440 -74.62 -49.25 -15.41
CA LEU O 440 -74.44 -50.01 -16.64
C LEU O 440 -74.79 -49.17 -17.87
N GLU O 441 -75.90 -48.43 -17.80
CA GLU O 441 -76.28 -47.59 -18.92
C GLU O 441 -75.25 -46.49 -19.17
N LEU O 442 -74.74 -45.88 -18.09
CA LEU O 442 -73.72 -44.86 -18.25
C LEU O 442 -72.45 -45.43 -18.87
N LYS O 443 -72.04 -46.61 -18.42
CA LYS O 443 -70.84 -47.23 -18.98
C LYS O 443 -71.02 -47.55 -20.46
N ILE O 444 -72.19 -48.07 -20.82
CA ILE O 444 -72.46 -48.37 -22.23
C ILE O 444 -72.42 -47.09 -23.05
N ASP O 445 -73.03 -46.02 -22.53
CA ASP O 445 -73.04 -44.75 -23.27
C ASP O 445 -71.61 -44.25 -23.46
N GLU O 446 -70.79 -44.32 -22.41
CA GLU O 446 -69.42 -43.84 -22.52
C GLU O 446 -68.63 -44.66 -23.54
N PHE O 447 -68.80 -45.98 -23.53
CA PHE O 447 -68.08 -46.81 -24.48
C PHE O 447 -68.54 -46.50 -25.90
N TYR O 448 -69.84 -46.31 -26.09
CA TYR O 448 -70.37 -46.00 -27.42
C TYR O 448 -69.83 -44.67 -27.91
N HIS O 449 -69.74 -43.67 -27.03
CA HIS O 449 -69.18 -42.39 -27.41
C HIS O 449 -67.70 -42.51 -27.76
N ARG O 450 -66.96 -43.33 -27.02
CA ARG O 450 -65.56 -43.54 -27.36
C ARG O 450 -65.43 -44.17 -28.75
N ALA O 451 -66.25 -45.19 -29.02
CA ALA O 451 -66.18 -45.85 -30.33
C ALA O 451 -66.52 -44.88 -31.45
N ASN O 452 -67.57 -44.07 -31.26
CA ASN O 452 -67.90 -43.07 -32.27
C ASN O 452 -66.78 -42.06 -32.45
N LYS O 453 -66.17 -41.61 -31.35
CA LYS O 453 -65.08 -40.66 -31.45
C LYS O 453 -63.96 -41.23 -32.32
N MET O 454 -63.55 -42.46 -32.05
CA MET O 454 -62.45 -43.05 -32.81
C MET O 454 -62.83 -43.24 -34.28
N LEU O 455 -64.01 -43.82 -34.55
CA LEU O 455 -64.38 -44.09 -35.93
C LEU O 455 -64.61 -42.80 -36.71
N MET O 456 -65.22 -41.79 -36.10
CA MET O 456 -65.37 -40.48 -36.73
C MET O 456 -64.03 -39.89 -37.10
N LYS O 457 -63.07 -39.90 -36.15
CA LYS O 457 -61.81 -39.29 -36.50
C LYS O 457 -61.09 -40.09 -37.58
N LEU O 458 -61.19 -41.42 -37.54
CA LEU O 458 -60.65 -42.23 -38.61
C LEU O 458 -61.20 -41.77 -39.95
N LEU O 459 -62.53 -41.77 -40.09
CA LEU O 459 -63.14 -41.46 -41.37
C LEU O 459 -62.76 -40.06 -41.84
N PHE O 460 -62.88 -39.06 -40.96
CA PHE O 460 -62.67 -37.69 -41.41
C PHE O 460 -61.19 -37.36 -41.57
N ASP O 461 -60.42 -37.45 -40.49
CA ASP O 461 -59.03 -37.06 -40.55
C ASP O 461 -58.20 -38.03 -41.38
N GLY O 462 -58.30 -39.33 -41.09
CA GLY O 462 -57.47 -40.36 -41.76
C GLY O 462 -57.89 -40.69 -43.17
N TYR O 463 -59.14 -41.11 -43.38
CA TYR O 463 -59.64 -41.58 -44.71
C TYR O 463 -60.12 -40.42 -45.59
N ASN O 464 -60.15 -39.18 -45.07
CA ASN O 464 -60.49 -37.97 -45.85
C ASN O 464 -61.89 -38.12 -46.47
N PHE O 465 -62.93 -38.36 -45.66
CA PHE O 465 -64.30 -38.47 -46.14
C PHE O 465 -64.82 -37.16 -46.73
N PRO O 466 -64.54 -35.99 -46.14
CA PRO O 466 -65.05 -34.74 -46.72
C PRO O 466 -64.72 -34.58 -48.20
N SER O 467 -63.52 -34.97 -48.61
CA SER O 467 -63.17 -34.90 -50.03
C SER O 467 -63.86 -35.99 -50.83
N VAL O 468 -64.17 -37.13 -50.20
CA VAL O 468 -64.93 -38.15 -50.92
C VAL O 468 -66.32 -37.66 -51.23
N VAL O 469 -66.87 -36.76 -50.40
CA VAL O 469 -68.21 -36.26 -50.69
C VAL O 469 -68.19 -35.37 -51.93
N ASN O 470 -67.17 -34.51 -52.06
CA ASN O 470 -67.04 -33.68 -53.24
C ASN O 470 -66.77 -34.51 -54.48
N ILE O 471 -65.97 -35.57 -54.35
CA ILE O 471 -65.70 -36.43 -55.49
C ILE O 471 -66.99 -37.10 -55.96
N PHE O 472 -67.80 -37.61 -55.03
CA PHE O 472 -69.08 -38.19 -55.43
C PHE O 472 -69.97 -37.14 -56.09
N GLN O 473 -70.02 -35.93 -55.53
CA GLN O 473 -70.81 -34.87 -56.16
C GLN O 473 -70.39 -34.65 -57.59
N ARG O 474 -69.08 -34.51 -57.83
CA ARG O 474 -68.61 -34.26 -59.19
C ARG O 474 -68.96 -35.41 -60.11
N LEU O 475 -68.60 -36.64 -59.73
CA LEU O 475 -68.73 -37.75 -60.67
C LEU O 475 -70.19 -38.07 -60.96
N PHE O 476 -71.07 -38.00 -59.95
CA PHE O 476 -72.45 -38.44 -60.14
C PHE O 476 -73.40 -37.32 -60.53
N LEU O 477 -73.31 -36.16 -59.89
CA LEU O 477 -74.26 -35.08 -60.13
C LEU O 477 -73.69 -33.96 -60.99
N PHE O 478 -72.50 -34.15 -61.57
CA PHE O 478 -71.94 -33.21 -62.53
C PHE O 478 -71.75 -31.80 -61.94
N ALA O 479 -71.27 -31.72 -60.70
CA ALA O 479 -70.89 -30.42 -60.16
C ALA O 479 -69.82 -29.74 -61.00
N ASP O 480 -69.11 -30.51 -61.83
CA ASP O 480 -68.21 -29.97 -62.84
C ASP O 480 -68.56 -30.68 -64.15
N SER O 481 -69.27 -29.98 -65.03
CA SER O 481 -69.88 -30.59 -66.20
C SER O 481 -68.98 -30.59 -67.43
N PHE O 482 -67.73 -30.11 -67.32
CA PHE O 482 -66.89 -30.01 -68.50
C PHE O 482 -66.57 -31.40 -69.07
N GLN O 483 -66.17 -32.33 -68.20
CA GLN O 483 -65.75 -33.65 -68.68
C GLN O 483 -66.91 -34.41 -69.31
N ILE O 484 -68.07 -34.41 -68.66
CA ILE O 484 -69.21 -35.14 -69.22
C ILE O 484 -69.68 -34.48 -70.51
N ASP O 485 -69.52 -33.16 -70.62
CA ASP O 485 -69.85 -32.49 -71.87
C ASP O 485 -68.93 -32.96 -72.98
N ASN O 486 -67.63 -33.08 -72.70
CA ASN O 486 -66.72 -33.63 -73.70
C ASN O 486 -67.11 -35.05 -74.06
N PHE O 487 -67.49 -35.85 -73.07
CA PHE O 487 -67.86 -37.23 -73.34
C PHE O 487 -69.05 -37.29 -74.29
N ILE O 488 -70.10 -36.52 -74.00
CA ILE O 488 -71.28 -36.54 -74.86
C ILE O 488 -70.92 -36.05 -76.25
N ASP O 489 -70.10 -35.00 -76.34
CA ASP O 489 -69.71 -34.48 -77.65
C ASP O 489 -68.96 -35.53 -78.45
N SER O 490 -68.09 -36.29 -77.79
CA SER O 490 -67.24 -37.24 -78.50
C SER O 490 -68.03 -38.44 -79.02
N THR O 491 -69.10 -38.83 -78.32
CA THR O 491 -69.85 -40.03 -78.66
C THR O 491 -71.32 -39.69 -78.93
N PHE O 492 -71.56 -38.52 -79.52
CA PHE O 492 -72.94 -38.11 -79.77
C PHE O 492 -73.63 -39.05 -80.75
N SER O 493 -72.92 -39.48 -81.80
CA SER O 493 -73.53 -40.33 -82.80
C SER O 493 -73.89 -41.70 -82.24
N GLU O 494 -73.08 -42.22 -81.32
CA GLU O 494 -73.32 -43.55 -80.77
C GLU O 494 -74.48 -43.54 -79.78
N LEU O 495 -74.48 -42.57 -78.86
CA LEU O 495 -75.41 -42.62 -77.73
C LEU O 495 -76.86 -42.61 -78.20
N LYS O 496 -77.15 -41.93 -79.31
CA LYS O 496 -78.52 -41.81 -79.79
C LYS O 496 -78.99 -43.03 -80.57
N ARG O 497 -78.11 -44.00 -80.84
CA ARG O 497 -78.51 -45.21 -81.55
C ARG O 497 -79.13 -46.22 -80.59
N GLY O 498 -79.94 -47.12 -81.16
CA GLY O 498 -80.60 -48.12 -80.35
C GLY O 498 -79.62 -48.98 -79.57
N LYS O 499 -80.11 -49.53 -78.45
CA LYS O 499 -79.27 -50.28 -77.52
C LYS O 499 -78.41 -51.31 -78.22
N LEU O 500 -79.03 -52.19 -79.00
CA LEU O 500 -78.33 -53.33 -79.57
C LEU O 500 -77.60 -53.01 -80.87
N LYS O 501 -77.88 -51.88 -81.49
CA LYS O 501 -77.33 -51.58 -82.81
C LYS O 501 -75.94 -50.95 -82.73
N ILE O 502 -75.31 -50.94 -81.56
CA ILE O 502 -74.01 -50.31 -81.37
C ILE O 502 -73.18 -51.19 -80.44
N SER O 503 -71.86 -51.18 -80.66
CA SER O 503 -70.95 -51.96 -79.83
C SER O 503 -70.85 -51.37 -78.43
N VAL O 504 -71.11 -52.19 -77.42
CA VAL O 504 -71.08 -51.72 -76.04
C VAL O 504 -69.65 -51.43 -75.58
N SER O 505 -68.70 -52.28 -75.96
CA SER O 505 -67.35 -52.17 -75.43
C SER O 505 -66.67 -50.86 -75.80
N ARG O 506 -67.13 -50.18 -76.85
CA ARG O 506 -66.49 -48.93 -77.26
C ARG O 506 -66.77 -47.80 -76.28
N LEU O 507 -67.97 -47.77 -75.68
CA LEU O 507 -68.32 -46.68 -74.78
C LEU O 507 -67.43 -46.69 -73.54
N GLN O 508 -67.11 -47.88 -73.03
CA GLN O 508 -66.20 -47.95 -71.90
C GLN O 508 -64.91 -47.20 -72.19
N LYS O 509 -64.26 -47.54 -73.31
CA LYS O 509 -62.97 -46.93 -73.63
C LYS O 509 -63.11 -45.44 -73.88
N GLN O 510 -64.13 -45.03 -74.64
CA GLN O 510 -64.29 -43.61 -74.93
C GLN O 510 -64.65 -42.82 -73.67
N TYR O 511 -65.11 -43.50 -72.62
CA TYR O 511 -65.31 -42.83 -71.34
C TYR O 511 -64.03 -42.78 -70.53
N ASP O 512 -63.23 -43.86 -70.55
CA ASP O 512 -62.00 -43.86 -69.76
C ASP O 512 -60.99 -42.85 -70.30
N ASP O 513 -60.97 -42.63 -71.61
CA ASP O 513 -60.04 -41.60 -72.11
C ASP O 513 -60.39 -40.22 -71.58
N ILE O 514 -61.67 -39.99 -71.27
CA ILE O 514 -62.09 -38.68 -70.79
C ILE O 514 -61.88 -38.57 -69.28
N PHE O 515 -62.34 -39.58 -68.52
CA PHE O 515 -62.45 -39.43 -67.08
C PHE O 515 -61.23 -39.93 -66.31
N LYS O 516 -60.85 -41.19 -66.50
CA LYS O 516 -59.83 -41.81 -65.66
C LYS O 516 -58.43 -41.72 -66.27
N GLU O 517 -58.14 -40.67 -67.04
CA GLU O 517 -56.78 -40.41 -67.47
C GLU O 517 -55.89 -40.15 -66.26
N LYS O 518 -54.59 -40.39 -66.43
CA LYS O 518 -53.67 -40.41 -65.30
C LYS O 518 -52.29 -39.89 -65.69
N ILE O 519 -51.62 -39.30 -64.70
CA ILE O 519 -50.17 -39.11 -64.70
C ILE O 519 -49.64 -39.69 -63.39
N GLU O 520 -48.64 -40.56 -63.50
CA GLU O 520 -48.15 -41.26 -62.32
C GLU O 520 -47.25 -40.35 -61.47
N ASN O 521 -47.07 -40.76 -60.22
CA ASN O 521 -46.25 -40.04 -59.26
C ASN O 521 -45.21 -40.98 -58.66
N LYS O 522 -44.09 -40.41 -58.23
CA LYS O 522 -42.97 -41.21 -57.76
C LYS O 522 -43.34 -41.98 -56.49
N VAL O 523 -42.55 -43.01 -56.20
CA VAL O 523 -42.74 -43.77 -54.98
C VAL O 523 -42.64 -42.84 -53.78
N GLY O 524 -43.43 -43.14 -52.75
CA GLY O 524 -43.43 -42.35 -51.53
C GLY O 524 -44.29 -41.10 -51.60
N VAL O 525 -44.64 -40.62 -52.79
CA VAL O 525 -45.52 -39.48 -52.92
C VAL O 525 -46.95 -39.94 -52.69
N ARG O 526 -47.65 -39.33 -51.75
CA ARG O 526 -48.98 -39.79 -51.38
C ARG O 526 -49.96 -39.61 -52.53
N PRO O 527 -50.76 -40.61 -52.88
CA PRO O 527 -51.85 -40.39 -53.84
C PRO O 527 -52.96 -39.57 -53.22
N SER O 528 -53.65 -38.81 -54.07
CA SER O 528 -54.85 -38.12 -53.63
C SER O 528 -56.03 -39.09 -53.62
N VAL O 529 -57.02 -38.80 -52.78
CA VAL O 529 -58.20 -39.65 -52.74
C VAL O 529 -58.93 -39.64 -54.08
N TYR O 530 -58.94 -38.50 -54.75
CA TYR O 530 -59.48 -38.44 -56.11
C TYR O 530 -58.70 -39.36 -57.04
N ASP O 531 -57.39 -39.42 -56.87
CA ASP O 531 -56.58 -40.32 -57.69
C ASP O 531 -57.00 -41.77 -57.47
N VAL O 532 -57.26 -42.15 -56.21
CA VAL O 532 -57.63 -43.52 -55.93
C VAL O 532 -59.01 -43.84 -56.50
N LEU O 533 -59.97 -42.91 -56.36
CA LEU O 533 -61.32 -43.19 -56.79
C LEU O 533 -61.54 -43.00 -58.29
N LYS O 534 -60.62 -42.35 -58.99
CA LYS O 534 -60.78 -42.20 -60.43
C LYS O 534 -60.80 -43.56 -61.12
N LYS O 535 -59.82 -44.41 -60.79
CA LYS O 535 -59.66 -45.68 -61.47
C LYS O 535 -60.70 -46.70 -61.06
N ASN O 536 -61.41 -46.47 -59.94
CA ASN O 536 -62.43 -47.42 -59.51
C ASN O 536 -63.64 -47.41 -60.43
N GLN O 537 -64.02 -46.24 -60.92
CA GLN O 537 -65.31 -46.07 -61.58
C GLN O 537 -65.37 -46.86 -62.89
N LYS O 538 -66.57 -47.36 -63.19
CA LYS O 538 -66.83 -48.09 -64.42
C LYS O 538 -68.19 -47.68 -64.97
N LEU O 539 -68.24 -47.35 -66.26
CA LEU O 539 -69.48 -47.01 -66.94
C LEU O 539 -69.84 -48.14 -67.89
N SER O 540 -71.04 -48.69 -67.72
CA SER O 540 -71.48 -49.85 -68.50
C SER O 540 -72.92 -49.66 -68.92
N VAL O 541 -73.27 -50.26 -70.06
CA VAL O 541 -74.65 -50.25 -70.53
C VAL O 541 -75.41 -51.38 -69.84
N THR O 542 -76.61 -51.08 -69.34
CA THR O 542 -77.43 -52.04 -68.64
C THR O 542 -78.76 -52.22 -69.36
N SER O 543 -79.37 -53.40 -69.18
CA SER O 543 -80.63 -53.69 -69.85
C SER O 543 -81.81 -52.97 -69.21
N GLU O 544 -81.69 -52.53 -67.97
CA GLU O 544 -82.78 -51.87 -67.27
C GLU O 544 -82.81 -50.40 -67.66
N SER O 545 -83.79 -50.01 -68.46
CA SER O 545 -83.92 -48.62 -68.85
C SER O 545 -84.35 -47.77 -67.66
N LEU O 546 -84.07 -46.46 -67.75
CA LEU O 546 -84.41 -45.55 -66.67
C LEU O 546 -85.90 -45.61 -66.35
N TYR O 547 -86.75 -45.51 -67.37
CA TYR O 547 -88.18 -45.47 -67.13
C TYR O 547 -88.72 -46.81 -66.63
N LYS O 548 -87.96 -47.88 -66.79
CA LYS O 548 -88.36 -49.18 -66.25
C LYS O 548 -87.80 -49.41 -64.85
N VAL O 549 -86.55 -49.02 -64.60
CA VAL O 549 -85.96 -49.21 -63.28
C VAL O 549 -86.62 -48.30 -62.27
N VAL O 550 -87.00 -47.08 -62.67
CA VAL O 550 -87.65 -46.18 -61.73
C VAL O 550 -89.09 -46.56 -61.47
N GLU O 551 -89.72 -47.33 -62.37
CA GLU O 551 -91.08 -47.79 -62.13
C GLU O 551 -91.13 -48.82 -61.01
N GLU O 552 -90.09 -49.64 -60.88
CA GLU O 552 -90.07 -50.65 -59.82
C GLU O 552 -90.09 -49.99 -58.44
N LEU O 553 -89.27 -48.96 -58.25
CA LEU O 553 -89.24 -48.22 -56.99
C LEU O 553 -90.21 -47.04 -57.03
N MET O 554 -91.44 -47.34 -57.39
CA MET O 554 -92.44 -46.31 -57.63
C MET O 554 -92.72 -45.51 -56.36
N ASP O 598 -85.44 -50.37 -80.57
CA ASP O 598 -84.93 -50.18 -79.22
C ASP O 598 -85.02 -48.72 -78.81
N GLU O 599 -85.07 -48.47 -77.51
CA GLU O 599 -84.86 -47.13 -77.01
C GLU O 599 -83.41 -46.71 -77.27
N PRO O 600 -83.15 -45.42 -77.42
CA PRO O 600 -81.77 -44.99 -77.66
C PRO O 600 -80.87 -45.33 -76.49
N THR O 601 -79.60 -45.60 -76.80
CA THR O 601 -78.68 -46.08 -75.78
C THR O 601 -78.61 -45.14 -74.57
N ILE O 602 -78.84 -43.85 -74.80
CA ILE O 602 -78.76 -42.89 -73.70
C ILE O 602 -79.69 -43.28 -72.56
N THR O 603 -80.81 -43.92 -72.87
CA THR O 603 -81.77 -44.33 -71.84
C THR O 603 -81.23 -45.43 -70.94
N SER O 604 -80.10 -46.04 -71.29
CA SER O 604 -79.67 -47.25 -70.59
C SER O 604 -78.18 -47.27 -70.27
N VAL O 605 -77.54 -46.13 -70.10
CA VAL O 605 -76.11 -46.08 -69.76
C VAL O 605 -76.00 -45.72 -68.29
N ASP O 606 -75.27 -46.54 -67.53
CA ASP O 606 -75.16 -46.40 -66.08
C ASP O 606 -73.70 -46.29 -65.66
N LEU O 607 -73.50 -45.76 -64.45
CA LEU O 607 -72.17 -45.54 -63.90
C LEU O 607 -72.14 -46.10 -62.48
N THR O 608 -71.12 -46.91 -62.17
CA THR O 608 -70.97 -47.53 -60.87
C THR O 608 -69.58 -47.24 -60.33
N ILE O 609 -69.48 -47.02 -59.02
CA ILE O 609 -68.20 -46.74 -58.39
C ILE O 609 -68.02 -47.60 -57.14
N PRO O 610 -67.31 -48.72 -57.22
CA PRO O 610 -66.99 -49.45 -55.99
C PRO O 610 -66.10 -48.62 -55.08
N LEU O 611 -66.22 -48.85 -53.77
CA LEU O 611 -65.58 -48.00 -52.79
C LEU O 611 -64.67 -48.80 -51.87
N PRO O 612 -63.57 -48.22 -51.40
CA PRO O 612 -62.72 -48.92 -50.43
C PRO O 612 -63.42 -49.12 -49.10
N PHE O 613 -62.99 -50.14 -48.38
CA PHE O 613 -63.33 -50.32 -46.98
C PHE O 613 -62.51 -49.35 -46.12
N PRO O 614 -63.11 -48.66 -45.14
CA PRO O 614 -64.51 -48.69 -44.70
C PRO O 614 -65.39 -47.63 -45.35
N LEU O 615 -64.89 -46.87 -46.32
CA LEU O 615 -65.69 -45.80 -46.90
C LEU O 615 -67.03 -46.31 -47.40
N ASN O 616 -67.07 -47.54 -47.93
CA ASN O 616 -68.31 -48.07 -48.47
C ASN O 616 -69.36 -48.27 -47.39
N LEU O 617 -68.97 -48.32 -46.11
CA LEU O 617 -69.96 -48.48 -45.05
C LEU O 617 -70.82 -47.23 -44.89
N VAL O 618 -70.23 -46.05 -45.08
CA VAL O 618 -71.01 -44.82 -45.00
C VAL O 618 -71.71 -44.53 -46.31
N LEU O 619 -71.00 -44.73 -47.43
CA LEU O 619 -71.61 -44.62 -48.76
C LEU O 619 -72.26 -45.97 -49.09
N ASN O 620 -73.29 -46.29 -48.33
CA ASN O 620 -73.95 -47.59 -48.43
C ASN O 620 -74.53 -47.75 -49.83
N GLN O 621 -74.74 -49.01 -50.22
CA GLN O 621 -75.17 -49.31 -51.58
C GLN O 621 -76.50 -48.64 -51.91
N GLN O 622 -77.39 -48.52 -50.92
CA GLN O 622 -78.70 -47.86 -51.10
C GLN O 622 -78.44 -46.39 -51.48
N LEU O 623 -77.47 -45.67 -50.89
CA LEU O 623 -77.15 -44.29 -51.22
C LEU O 623 -76.55 -44.19 -52.61
N SER O 624 -75.64 -45.10 -52.96
CA SER O 624 -75.05 -45.07 -54.28
C SER O 624 -76.08 -45.37 -55.36
N TYR O 625 -77.05 -46.23 -55.08
CA TYR O 625 -78.11 -46.51 -56.04
C TYR O 625 -78.97 -45.27 -56.29
N GLN O 626 -79.31 -44.56 -55.22
CA GLN O 626 -80.06 -43.31 -55.40
C GLN O 626 -79.24 -42.27 -56.14
N TYR O 627 -77.91 -42.29 -55.96
CA TYR O 627 -77.06 -41.42 -56.76
C TYR O 627 -77.07 -41.81 -58.23
N GLU O 628 -77.06 -43.12 -58.50
CA GLU O 628 -77.03 -43.60 -59.88
C GLU O 628 -78.30 -43.21 -60.62
N ILE O 629 -79.45 -43.22 -59.94
CA ILE O 629 -80.67 -42.80 -60.60
C ILE O 629 -80.56 -41.35 -61.06
N MET O 630 -80.02 -40.48 -60.20
CA MET O 630 -79.81 -39.09 -60.58
C MET O 630 -78.82 -38.98 -61.73
N PHE O 631 -77.79 -39.81 -61.73
CA PHE O 631 -76.86 -39.79 -62.85
C PHE O 631 -77.60 -40.07 -64.16
N LYS O 632 -78.45 -41.09 -64.17
CA LYS O 632 -79.17 -41.43 -65.40
C LYS O 632 -80.11 -40.31 -65.83
N LEU O 633 -80.81 -39.70 -64.88
CA LEU O 633 -81.72 -38.61 -65.24
C LEU O 633 -80.94 -37.43 -65.82
N LEU O 634 -79.85 -37.03 -65.15
CA LEU O 634 -79.10 -35.88 -65.60
C LEU O 634 -78.42 -36.16 -66.94
N ILE O 635 -77.99 -37.40 -67.19
CA ILE O 635 -77.40 -37.67 -68.48
C ILE O 635 -78.46 -37.58 -69.57
N ASN O 636 -79.69 -38.04 -69.29
CA ASN O 636 -80.74 -37.88 -70.28
C ASN O 636 -80.95 -36.42 -70.63
N ILE O 637 -81.06 -35.57 -69.60
CA ILE O 637 -81.33 -34.15 -69.86
C ILE O 637 -80.14 -33.47 -70.54
N LYS O 638 -78.93 -33.79 -70.11
CA LYS O 638 -77.75 -33.21 -70.75
C LYS O 638 -77.69 -33.60 -72.21
N PHE O 639 -77.97 -34.87 -72.52
CA PHE O 639 -77.94 -35.34 -73.90
C PHE O 639 -78.97 -34.61 -74.74
N ILE O 640 -80.19 -34.45 -74.21
CA ILE O 640 -81.22 -33.75 -74.98
C ILE O 640 -80.81 -32.29 -75.20
N SER O 641 -80.16 -31.67 -74.21
CA SER O 641 -79.70 -30.30 -74.39
C SER O 641 -78.63 -30.19 -75.48
N LYS O 642 -77.78 -31.23 -75.58
CA LYS O 642 -76.71 -31.32 -76.62
C LYS O 642 -77.35 -31.59 -77.98
N TYR O 643 -78.53 -32.24 -78.01
CA TYR O 643 -79.29 -32.51 -79.26
C TYR O 643 -80.02 -31.22 -79.63
N ASN O 644 -80.40 -30.40 -78.66
CA ASN O 644 -81.15 -29.13 -78.90
C ASN O 644 -80.16 -28.06 -79.39
N SER O 645 -78.88 -28.12 -79.01
CA SER O 645 -77.88 -27.17 -79.47
C SER O 645 -77.40 -27.49 -80.87
N SER O 646 -77.13 -28.77 -81.15
CA SER O 646 -76.67 -29.14 -82.48
C SER O 646 -77.76 -28.90 -83.52
N ASN O 647 -79.01 -29.25 -83.20
CA ASN O 647 -80.10 -29.00 -84.13
C ASN O 647 -80.28 -27.52 -84.36
N TRP O 648 -80.01 -26.69 -83.34
CA TRP O 648 -80.07 -25.20 -83.43
C TRP O 648 -78.95 -24.69 -84.33
N GLN O 649 -77.79 -25.35 -84.33
CA GLN O 649 -76.66 -24.92 -85.21
C GLN O 649 -77.08 -25.13 -86.67
N GLU O 650 -77.61 -26.31 -86.99
CA GLU O 650 -78.05 -26.61 -88.38
C GLU O 650 -79.22 -25.69 -88.74
N MET O 651 -80.27 -25.68 -87.93
CA MET O 651 -81.48 -24.89 -88.27
C MET O 651 -81.08 -23.45 -88.60
N ASN O 652 -80.00 -22.93 -88.02
CA ASN O 652 -79.71 -21.52 -88.30
C ASN O 652 -78.68 -21.35 -89.39
N TYR O 653 -77.61 -22.16 -89.41
CA TYR O 653 -76.47 -21.86 -90.26
C TYR O 653 -76.13 -22.92 -91.30
N SER O 654 -76.74 -24.10 -91.27
CA SER O 654 -76.49 -25.06 -92.34
C SER O 654 -76.95 -24.48 -93.67
N LYS O 655 -76.23 -24.84 -94.74
CA LYS O 655 -76.49 -24.23 -96.04
C LYS O 655 -77.95 -24.40 -96.47
N ILE O 656 -78.49 -25.60 -96.29
CA ILE O 656 -79.84 -25.88 -96.79
C ILE O 656 -80.85 -24.99 -96.07
N TRP O 657 -80.78 -24.93 -94.73
CA TRP O 657 -81.74 -24.12 -93.99
C TRP O 657 -81.52 -22.64 -94.22
N THR O 658 -80.27 -22.19 -94.28
CA THR O 658 -79.99 -20.77 -94.43
C THR O 658 -80.21 -20.28 -95.86
N ASN O 659 -80.53 -21.17 -96.79
CA ASN O 659 -80.70 -20.77 -98.19
C ASN O 659 -81.74 -19.67 -98.30
N SER O 660 -81.44 -18.66 -99.12
CA SER O 660 -82.31 -17.51 -99.30
C SER O 660 -83.30 -17.67 -100.44
N HIS O 661 -83.10 -18.62 -101.35
CA HIS O 661 -83.85 -18.70 -102.59
C HIS O 661 -85.16 -19.46 -102.46
N PHE O 662 -85.60 -19.82 -101.26
CA PHE O 662 -86.92 -20.40 -101.09
C PHE O 662 -88.01 -19.38 -101.43
N ASN O 663 -89.18 -19.91 -101.78
CA ASN O 663 -90.36 -19.07 -101.98
C ASN O 663 -90.95 -18.66 -100.64
N SER O 664 -91.94 -17.77 -100.69
CA SER O 664 -92.48 -17.19 -99.47
C SER O 664 -93.04 -18.25 -98.53
N SER O 665 -93.80 -19.22 -99.07
CA SER O 665 -94.44 -20.22 -98.22
C SER O 665 -93.40 -21.01 -97.43
N VAL O 666 -92.34 -21.46 -98.11
CA VAL O 666 -91.31 -22.23 -97.42
C VAL O 666 -90.58 -21.36 -96.42
N LYS O 667 -90.39 -20.07 -96.73
CA LYS O 667 -89.76 -19.16 -95.77
C LYS O 667 -90.57 -19.09 -94.49
N LYS O 668 -91.88 -18.89 -94.60
CA LYS O 668 -92.71 -18.81 -93.40
C LYS O 668 -92.72 -20.12 -92.65
N TRP O 669 -92.71 -21.24 -93.38
CA TRP O 669 -92.63 -22.55 -92.73
C TRP O 669 -91.35 -22.68 -91.92
N ILE O 670 -90.23 -22.26 -92.50
CA ILE O 670 -88.94 -22.31 -91.81
C ILE O 670 -88.99 -21.41 -90.57
N LEU O 671 -89.58 -20.23 -90.70
CA LEU O 671 -89.66 -19.30 -89.58
C LEU O 671 -90.47 -19.92 -88.44
N ARG O 672 -91.60 -20.53 -88.76
CA ARG O 672 -92.43 -21.16 -87.74
C ARG O 672 -91.65 -22.29 -87.05
N CYS O 673 -90.93 -23.09 -87.84
CA CYS O 673 -90.17 -24.19 -87.25
C CYS O 673 -89.08 -23.68 -86.34
N ARG O 674 -88.38 -22.62 -86.76
CA ARG O 674 -87.33 -22.04 -85.91
C ARG O 674 -87.90 -21.53 -84.60
N VAL O 675 -89.04 -20.85 -84.65
CA VAL O 675 -89.64 -20.33 -83.42
C VAL O 675 -90.06 -21.48 -82.50
N LEU O 676 -90.67 -22.53 -83.07
CA LEU O 676 -91.06 -23.66 -82.24
C LEU O 676 -89.84 -24.32 -81.58
N HIS O 677 -88.76 -24.47 -82.33
CA HIS O 677 -87.56 -25.06 -81.76
C HIS O 677 -86.97 -24.17 -80.68
N SER O 678 -87.06 -22.85 -80.86
CA SER O 678 -86.60 -21.95 -79.80
C SER O 678 -87.42 -22.13 -78.53
N ARG O 679 -88.74 -22.31 -78.68
CA ARG O 679 -89.57 -22.57 -77.50
C ARG O 679 -89.13 -23.86 -76.80
N ILE O 680 -88.88 -24.91 -77.57
CA ILE O 680 -88.45 -26.17 -76.95
C ILE O 680 -87.12 -25.99 -76.23
N CYS O 681 -86.19 -25.27 -76.87
CA CYS O 681 -84.88 -25.03 -76.24
C CYS O 681 -85.03 -24.31 -74.92
N SER O 682 -85.85 -23.26 -74.88
CA SER O 682 -86.03 -22.50 -73.65
C SER O 682 -86.68 -23.37 -72.58
N PHE O 683 -87.66 -24.19 -72.97
CA PHE O 683 -88.32 -25.06 -71.99
C PHE O 683 -87.32 -26.03 -71.38
N ILE O 684 -86.47 -26.64 -72.21
CA ILE O 684 -85.52 -27.61 -71.69
C ILE O 684 -84.50 -26.94 -70.78
N HIS O 685 -84.00 -25.75 -71.17
CA HIS O 685 -83.07 -25.06 -70.29
C HIS O 685 -83.72 -24.68 -68.96
N GLU O 686 -84.99 -24.29 -68.97
CA GLU O 686 -85.66 -23.98 -67.72
C GLU O 686 -85.78 -25.22 -66.83
N LEU O 687 -86.17 -26.35 -67.43
CA LEU O 687 -86.31 -27.58 -66.65
C LEU O 687 -84.96 -28.01 -66.07
N GLU O 688 -83.91 -27.97 -66.87
CA GLU O 688 -82.59 -28.35 -66.39
C GLU O 688 -82.12 -27.41 -65.28
N ASN O 689 -82.34 -26.11 -65.45
CA ASN O 689 -81.97 -25.15 -64.41
C ASN O 689 -82.66 -25.50 -63.10
N TYR O 690 -83.97 -25.75 -63.15
CA TYR O 690 -84.65 -26.10 -61.91
C TYR O 690 -84.03 -27.34 -61.28
N ILE O 691 -83.90 -28.41 -62.07
CA ILE O 691 -83.45 -29.68 -61.51
C ILE O 691 -82.07 -29.56 -60.91
N VAL O 692 -81.18 -28.78 -61.53
CA VAL O 692 -79.79 -28.81 -61.10
C VAL O 692 -79.49 -27.76 -60.04
N HIS O 693 -79.96 -26.52 -60.19
CA HIS O 693 -79.66 -25.51 -59.18
C HIS O 693 -80.68 -25.48 -58.05
N ASP O 694 -81.96 -25.65 -58.36
CA ASP O 694 -82.99 -25.51 -57.34
C ASP O 694 -83.17 -26.76 -56.49
N VAL O 695 -82.53 -27.87 -56.86
CA VAL O 695 -82.73 -29.16 -56.19
C VAL O 695 -81.41 -29.71 -55.67
N ILE O 696 -80.40 -29.80 -56.53
CA ILE O 696 -79.15 -30.45 -56.17
C ILE O 696 -78.28 -29.51 -55.34
N GLU O 697 -77.89 -28.37 -55.93
CA GLU O 697 -76.96 -27.47 -55.26
C GLU O 697 -77.56 -26.89 -53.97
N HIS O 698 -78.84 -26.53 -54.01
CA HIS O 698 -79.47 -25.91 -52.86
C HIS O 698 -79.51 -26.86 -51.67
N ASN O 699 -79.80 -28.13 -51.91
CA ASN O 699 -79.78 -29.11 -50.83
C ASN O 699 -78.36 -29.43 -50.41
N PHE O 700 -77.43 -29.47 -51.37
CA PHE O 700 -76.04 -29.83 -51.05
C PHE O 700 -75.35 -28.78 -50.20
N GLU O 701 -75.79 -27.52 -50.25
CA GLU O 701 -75.13 -26.49 -49.43
C GLU O 701 -75.19 -26.85 -47.95
N GLU O 702 -76.33 -27.38 -47.49
CA GLU O 702 -76.46 -27.73 -46.08
C GLU O 702 -75.46 -28.80 -45.68
N ILE O 703 -75.35 -29.86 -46.49
CA ILE O 703 -74.44 -30.95 -46.16
C ILE O 703 -73.00 -30.47 -46.21
N LYS O 704 -72.67 -29.62 -47.18
CA LYS O 704 -71.31 -29.11 -47.27
C LYS O 704 -70.97 -28.32 -46.01
N ASN O 705 -71.87 -27.45 -45.55
CA ASN O 705 -71.60 -26.68 -44.35
C ASN O 705 -71.45 -27.60 -43.14
N LEU O 706 -72.35 -28.59 -43.01
CA LEU O 706 -72.30 -29.48 -41.86
C LEU O 706 -71.01 -30.27 -41.83
N ILE O 707 -70.58 -30.79 -42.99
CA ILE O 707 -69.38 -31.61 -43.02
C ILE O 707 -68.15 -30.76 -42.75
N HIS O 708 -68.12 -29.53 -43.26
CA HIS O 708 -66.99 -28.65 -42.93
C HIS O 708 -66.94 -28.39 -41.43
N THR O 709 -68.09 -28.16 -40.80
CA THR O 709 -68.11 -27.93 -39.36
C THR O 709 -67.61 -29.15 -38.61
N THR O 710 -68.03 -30.35 -39.03
CA THR O 710 -67.60 -31.57 -38.36
C THR O 710 -66.09 -31.78 -38.53
N ALA O 711 -65.56 -31.50 -39.72
CA ALA O 711 -64.13 -31.63 -39.94
C ALA O 711 -63.36 -30.71 -39.01
N THR O 712 -63.80 -29.45 -38.90
CA THR O 712 -63.12 -28.53 -38.01
C THR O 712 -63.24 -28.98 -36.55
N ASN O 713 -64.40 -29.51 -36.16
CA ASN O 713 -64.56 -29.98 -34.79
C ASN O 713 -63.62 -31.13 -34.48
N LEU O 714 -63.50 -32.09 -35.39
CA LEU O 714 -62.64 -33.25 -35.11
C LEU O 714 -61.17 -32.92 -35.22
N ALA O 715 -60.80 -31.92 -36.03
CA ALA O 715 -59.38 -31.58 -36.19
C ALA O 715 -58.72 -31.28 -34.85
N THR O 716 -59.44 -30.61 -33.95
CA THR O 716 -58.89 -30.20 -32.68
C THR O 716 -59.11 -31.21 -31.56
N SER O 717 -59.68 -32.37 -31.87
CA SER O 717 -60.07 -33.35 -30.86
C SER O 717 -59.06 -34.48 -30.80
N GLU O 718 -58.55 -34.76 -29.59
CA GLU O 718 -57.62 -35.86 -29.41
C GLU O 718 -58.28 -37.19 -29.77
N LEU O 719 -57.46 -38.22 -29.95
CA LEU O 719 -57.92 -39.58 -30.21
C LEU O 719 -57.85 -40.38 -28.91
N GLY O 720 -58.96 -41.01 -28.55
CA GLY O 720 -59.02 -41.79 -27.32
C GLY O 720 -59.41 -40.95 -26.13
N SER O 721 -60.37 -41.42 -25.35
CA SER O 721 -60.90 -40.69 -24.21
C SER O 721 -60.77 -41.51 -22.94
N ASP O 722 -60.43 -40.85 -21.83
CA ASP O 722 -60.25 -41.52 -20.55
C ASP O 722 -61.57 -41.54 -19.80
N ILE O 723 -61.91 -42.68 -19.22
CA ILE O 723 -63.13 -42.87 -18.45
C ILE O 723 -62.74 -43.29 -17.04
N ASN O 724 -63.24 -42.56 -16.04
CA ASN O 724 -62.95 -42.82 -14.64
C ASN O 724 -64.24 -43.19 -13.91
N ASP O 725 -64.07 -43.82 -12.74
CA ASP O 725 -65.20 -44.25 -11.93
C ASP O 725 -64.79 -44.32 -10.47
N GLU O 726 -65.78 -44.24 -9.59
CA GLU O 726 -65.58 -44.33 -8.16
C GLU O 726 -65.53 -45.80 -7.71
N GLY O 727 -65.40 -46.01 -6.40
CA GLY O 727 -65.34 -47.36 -5.85
C GLY O 727 -66.66 -48.12 -5.85
N ASP O 728 -67.78 -47.43 -6.00
CA ASP O 728 -69.10 -48.05 -6.11
C ASP O 728 -69.38 -49.01 -4.95
N ASN O 729 -69.49 -48.42 -3.75
CA ASN O 729 -69.79 -49.19 -2.55
C ASN O 729 -71.27 -49.53 -2.39
N ILE O 730 -72.12 -49.20 -3.38
CA ILE O 730 -73.56 -49.32 -3.21
C ILE O 730 -73.96 -50.75 -2.79
N PHE O 731 -73.41 -51.76 -3.46
CA PHE O 731 -73.76 -53.15 -3.18
C PHE O 731 -75.27 -53.36 -3.09
N ASN O 732 -75.77 -53.77 -1.92
CA ASN O 732 -77.19 -54.10 -1.78
C ASN O 732 -78.09 -52.90 -2.05
N GLY O 733 -77.57 -51.69 -1.91
CA GLY O 733 -78.37 -50.52 -2.26
C GLY O 733 -78.57 -50.32 -3.73
N SER O 734 -78.00 -51.19 -4.58
CA SER O 734 -78.11 -51.09 -6.02
C SER O 734 -78.50 -52.39 -6.71
N LEU O 735 -78.34 -53.54 -6.05
CA LEU O 735 -78.57 -54.82 -6.72
C LEU O 735 -79.97 -54.89 -7.33
N ILE O 736 -81.00 -54.57 -6.55
CA ILE O 736 -82.39 -54.60 -7.03
C ILE O 736 -82.71 -55.93 -7.69
N ARG O 737 -82.28 -57.03 -7.05
CA ARG O 737 -82.50 -58.36 -7.58
C ARG O 737 -83.98 -58.75 -7.49
N GLY O 738 -84.36 -59.71 -8.34
CA GLY O 738 -85.74 -60.17 -8.43
C GLY O 738 -86.19 -60.27 -9.87
N THR O 739 -87.47 -59.99 -10.12
CA THR O 739 -87.96 -59.96 -11.50
C THR O 739 -87.53 -58.68 -12.19
N PHE O 740 -87.99 -57.53 -11.68
CA PHE O 740 -87.51 -56.23 -12.13
C PHE O 740 -88.13 -55.12 -11.29
N ASN O 741 -87.78 -53.88 -11.59
CA ASN O 741 -88.37 -52.73 -10.94
C ASN O 741 -89.57 -52.25 -11.76
N ASN O 742 -90.23 -51.20 -11.28
CA ASN O 742 -91.32 -50.58 -12.01
C ASN O 742 -90.86 -49.45 -12.91
N ASN O 743 -89.55 -49.19 -12.97
CA ASN O 743 -89.04 -48.09 -13.80
C ASN O 743 -89.18 -48.35 -15.28
N SER O 744 -89.54 -49.56 -15.69
CA SER O 744 -89.62 -49.88 -17.11
C SER O 744 -90.69 -49.05 -17.81
N ILE O 745 -91.75 -48.67 -17.09
CA ILE O 745 -92.82 -47.91 -17.73
C ILE O 745 -92.33 -46.54 -18.17
N PHE O 746 -91.45 -45.92 -17.39
CA PHE O 746 -90.96 -44.58 -17.73
C PHE O 746 -90.13 -44.58 -19.00
N ASP O 747 -89.34 -45.64 -19.23
CA ASP O 747 -88.54 -45.69 -20.44
C ASP O 747 -89.41 -45.69 -21.68
N SER O 748 -90.52 -46.42 -21.66
CA SER O 748 -91.44 -46.42 -22.78
C SER O 748 -92.25 -45.14 -22.86
N LYS O 749 -92.57 -44.53 -21.72
CA LYS O 749 -93.38 -43.31 -21.73
C LYS O 749 -92.65 -42.17 -22.44
N VAL O 750 -91.35 -42.03 -22.20
CA VAL O 750 -90.60 -40.95 -22.84
C VAL O 750 -90.41 -41.27 -24.32
N HIS O 751 -90.15 -40.23 -25.09
CA HIS O 751 -89.91 -40.34 -26.53
C HIS O 751 -88.64 -39.58 -26.88
N LYS O 752 -87.94 -40.07 -27.90
CA LYS O 752 -86.70 -39.44 -28.36
C LYS O 752 -86.76 -39.18 -29.86
N HIS O 753 -87.87 -38.59 -30.30
CA HIS O 753 -88.03 -38.15 -31.69
C HIS O 753 -87.64 -36.70 -31.89
N ARG O 754 -87.14 -36.02 -30.85
CA ARG O 754 -86.80 -34.61 -30.91
C ARG O 754 -85.27 -34.49 -30.94
N THR O 755 -84.71 -34.34 -32.15
CA THR O 755 -83.29 -34.14 -32.33
C THR O 755 -83.10 -33.24 -33.54
N THR O 756 -82.50 -32.08 -33.34
CA THR O 756 -82.36 -31.10 -34.41
C THR O 756 -81.23 -30.14 -34.08
N THR O 757 -81.04 -29.14 -34.95
CA THR O 757 -80.09 -28.05 -34.88
C THR O 757 -78.68 -28.49 -35.23
N TYR O 758 -78.42 -29.79 -35.44
CA TYR O 758 -77.11 -30.30 -35.84
C TYR O 758 -75.99 -29.53 -35.13
N VAL O 759 -76.12 -29.43 -33.81
CA VAL O 759 -75.17 -28.64 -33.03
C VAL O 759 -73.78 -29.26 -33.09
N GLU O 760 -72.77 -28.41 -33.30
CA GLU O 760 -71.37 -28.84 -33.36
C GLU O 760 -71.15 -29.91 -34.43
N GLY O 761 -71.93 -29.85 -35.51
CA GLY O 761 -71.76 -30.81 -36.58
C GLY O 761 -72.33 -32.18 -36.23
N ILE O 762 -71.96 -33.15 -37.06
CA ILE O 762 -72.44 -34.52 -36.90
C ILE O 762 -71.58 -35.22 -35.85
N SER O 763 -72.22 -35.81 -34.84
CA SER O 763 -71.51 -36.42 -33.73
C SER O 763 -71.58 -37.94 -33.70
N THR O 764 -72.48 -38.56 -34.45
CA THR O 764 -72.63 -40.01 -34.47
C THR O 764 -72.66 -40.49 -35.91
N VAL O 765 -71.98 -41.62 -36.16
CA VAL O 765 -71.91 -42.15 -37.51
C VAL O 765 -73.30 -42.44 -38.04
N GLU O 766 -74.24 -42.79 -37.15
CA GLU O 766 -75.61 -43.06 -37.59
C GLU O 766 -76.24 -41.81 -38.18
N GLN O 767 -76.06 -40.66 -37.53
CA GLN O 767 -76.54 -39.40 -38.11
C GLN O 767 -75.79 -39.08 -39.40
N LEU O 768 -74.50 -39.44 -39.47
CA LEU O 768 -73.75 -39.18 -40.69
C LEU O 768 -74.37 -39.93 -41.87
N ILE O 769 -74.74 -41.18 -41.66
CA ILE O 769 -75.39 -41.95 -42.73
C ILE O 769 -76.80 -41.42 -42.98
N GLN O 770 -77.52 -41.07 -41.92
CA GLN O 770 -78.90 -40.63 -42.06
C GLN O 770 -78.99 -39.32 -42.84
N LYS O 771 -78.03 -38.42 -42.65
CA LYS O 771 -78.06 -37.14 -43.36
C LYS O 771 -77.99 -37.37 -44.87
N PHE O 772 -77.08 -38.25 -45.30
CA PHE O 772 -76.94 -38.52 -46.73
C PHE O 772 -78.12 -39.29 -47.28
N LEU O 773 -78.68 -40.20 -46.49
CA LEU O 773 -79.89 -40.90 -46.95
C LEU O 773 -81.03 -39.92 -47.15
N ASP O 774 -81.20 -38.99 -46.21
CA ASP O 774 -82.25 -37.97 -46.37
C ASP O 774 -81.97 -37.10 -47.58
N TYR O 775 -80.71 -36.76 -47.81
CA TYR O 775 -80.37 -35.93 -48.98
C TYR O 775 -80.72 -36.63 -50.28
N SER O 776 -80.39 -37.92 -50.38
CA SER O 776 -80.72 -38.67 -51.60
C SER O 776 -82.22 -38.80 -51.77
N SER O 777 -82.95 -39.04 -50.67
CA SER O 777 -84.39 -39.12 -50.76
C SER O 777 -84.98 -37.80 -51.21
N THR O 778 -84.42 -36.69 -50.72
CA THR O 778 -84.86 -35.38 -51.16
C THR O 778 -84.63 -35.17 -52.64
N LEU O 779 -83.45 -35.59 -53.13
CA LEU O 779 -83.17 -35.45 -54.56
C LEU O 779 -84.17 -36.24 -55.39
N LEU O 780 -84.48 -37.47 -54.99
CA LEU O 780 -85.45 -38.25 -55.76
C LEU O 780 -86.84 -37.66 -55.67
N ASN O 781 -87.27 -37.22 -54.48
CA ASN O 781 -88.63 -36.75 -54.33
C ASN O 781 -88.85 -35.42 -55.05
N ASP O 782 -87.91 -34.50 -54.93
CA ASP O 782 -88.06 -33.20 -55.60
C ASP O 782 -88.13 -33.37 -57.10
N SER O 783 -87.22 -34.16 -57.66
CA SER O 783 -87.27 -34.45 -59.08
C SER O 783 -88.60 -35.11 -59.43
N LEU O 784 -88.98 -34.98 -60.70
CA LEU O 784 -90.29 -35.45 -61.16
C LEU O 784 -90.24 -36.94 -61.49
N LEU O 785 -89.84 -37.74 -60.50
CA LEU O 785 -89.74 -39.18 -60.67
C LEU O 785 -90.44 -39.99 -59.58
N THR O 786 -91.00 -39.35 -58.56
CA THR O 786 -91.56 -40.08 -57.43
C THR O 786 -93.04 -40.37 -57.59
N ARG O 787 -93.84 -39.41 -58.07
CA ARG O 787 -95.25 -39.64 -58.32
C ARG O 787 -95.43 -40.34 -59.66
N GLU O 788 -96.64 -40.86 -59.89
CA GLU O 788 -96.92 -41.48 -61.18
C GLU O 788 -97.34 -40.47 -62.23
N GLU O 789 -98.09 -39.44 -61.85
CA GLU O 789 -98.50 -38.42 -62.80
C GLU O 789 -97.30 -37.62 -63.29
N SER O 790 -96.43 -37.20 -62.36
CA SER O 790 -95.26 -36.41 -62.75
C SER O 790 -94.31 -37.23 -63.61
N LEU O 791 -94.07 -38.49 -63.23
CA LEU O 791 -93.17 -39.32 -64.02
C LEU O 791 -93.74 -39.57 -65.41
N ARG O 792 -95.05 -39.85 -65.50
CA ARG O 792 -95.64 -40.10 -66.82
C ARG O 792 -95.55 -38.86 -67.70
N GLN O 793 -95.86 -37.69 -67.14
CA GLN O 793 -95.78 -36.46 -67.94
C GLN O 793 -94.34 -36.18 -68.36
N LEU O 794 -93.37 -36.40 -67.47
CA LEU O 794 -91.97 -36.19 -67.83
C LEU O 794 -91.55 -37.14 -68.95
N ARG O 795 -91.97 -38.40 -68.86
CA ARG O 795 -91.62 -39.38 -69.88
C ARG O 795 -92.19 -38.99 -71.24
N LYS O 796 -93.46 -38.54 -71.25
CA LYS O 796 -94.05 -38.10 -72.50
C LYS O 796 -93.32 -36.89 -73.06
N MET O 797 -92.96 -35.93 -72.20
CA MET O 797 -92.31 -34.72 -72.67
C MET O 797 -90.94 -35.03 -73.28
N LEU O 798 -90.13 -35.83 -72.59
CA LEU O 798 -88.80 -36.15 -73.11
C LEU O 798 -88.90 -36.97 -74.39
N ASP O 799 -89.82 -37.94 -74.44
CA ASP O 799 -89.99 -38.69 -75.68
C ASP O 799 -90.37 -37.77 -76.83
N PHE O 800 -91.30 -36.85 -76.59
CA PHE O 800 -91.73 -35.95 -77.66
C PHE O 800 -90.58 -35.08 -78.14
N ILE O 801 -89.78 -34.54 -77.23
CA ILE O 801 -88.68 -33.67 -77.64
C ILE O 801 -87.67 -34.46 -78.46
N PHE O 802 -87.33 -35.67 -78.02
CA PHE O 802 -86.35 -36.47 -78.75
C PHE O 802 -86.86 -36.80 -80.16
N HIS O 803 -88.11 -37.22 -80.25
CA HIS O 803 -88.66 -37.55 -81.56
C HIS O 803 -88.77 -36.30 -82.45
N PHE O 804 -89.04 -35.15 -81.86
CA PHE O 804 -89.05 -33.92 -82.64
C PHE O 804 -87.67 -33.62 -83.21
N ASN O 805 -86.62 -33.82 -82.41
CA ASN O 805 -85.27 -33.60 -82.94
C ASN O 805 -84.98 -34.56 -84.08
N ASN O 806 -85.39 -35.82 -83.95
CA ASN O 806 -85.17 -36.78 -85.04
C ASN O 806 -85.94 -36.36 -86.29
N TYR O 807 -87.17 -35.87 -86.12
CA TYR O 807 -87.95 -35.38 -87.24
C TYR O 807 -87.28 -34.18 -87.90
N ILE O 808 -86.70 -33.29 -87.09
CA ILE O 808 -85.97 -32.16 -87.64
C ILE O 808 -84.82 -32.64 -88.50
N VAL O 809 -84.09 -33.64 -88.01
CA VAL O 809 -82.99 -34.18 -88.82
C VAL O 809 -83.50 -34.73 -90.13
N GLN O 810 -84.60 -35.48 -90.11
CA GLN O 810 -85.08 -36.05 -91.36
C GLN O 810 -85.66 -34.99 -92.29
N VAL O 811 -86.04 -33.82 -91.75
CA VAL O 811 -86.56 -32.75 -92.60
C VAL O 811 -85.50 -32.25 -93.56
N LYS O 812 -84.23 -32.22 -93.14
CA LYS O 812 -83.18 -31.65 -93.97
C LYS O 812 -83.19 -32.25 -95.36
N LYS O 813 -83.45 -33.56 -95.46
CA LYS O 813 -83.49 -34.21 -96.77
C LYS O 813 -84.60 -33.64 -97.64
N VAL O 814 -85.78 -33.42 -97.05
CA VAL O 814 -86.93 -32.99 -97.83
C VAL O 814 -86.69 -31.61 -98.43
N LEU O 815 -86.12 -30.70 -97.64
CA LEU O 815 -85.96 -29.33 -98.13
C LEU O 815 -85.08 -29.24 -99.35
N VAL O 816 -84.26 -30.25 -99.61
CA VAL O 816 -83.43 -30.25 -100.81
C VAL O 816 -84.30 -30.20 -102.04
N LEU O 817 -85.35 -31.02 -102.07
CA LEU O 817 -86.17 -31.16 -103.26
C LEU O 817 -87.03 -29.93 -103.51
N LEU O 818 -87.39 -29.19 -102.46
CA LEU O 818 -88.31 -28.08 -102.62
C LEU O 818 -87.68 -26.97 -103.46
N ASN O 819 -86.55 -26.43 -103.00
CA ASN O 819 -85.85 -25.41 -103.76
C ASN O 819 -85.01 -26.02 -104.86
N HIS O 820 -84.90 -25.30 -105.98
CA HIS O 820 -84.17 -25.77 -107.14
C HIS O 820 -82.69 -25.41 -107.09
N GLU O 821 -82.36 -24.23 -106.54
CA GLU O 821 -81.00 -23.70 -106.67
C GLU O 821 -79.98 -24.63 -106.04
N LEU O 822 -80.37 -25.38 -105.00
CA LEU O 822 -79.49 -26.33 -104.34
C LEU O 822 -79.80 -27.78 -104.69
N PHE O 823 -81.00 -28.07 -105.22
CA PHE O 823 -81.30 -29.42 -105.64
C PHE O 823 -80.38 -29.86 -106.76
N ASN O 824 -80.07 -28.98 -107.70
CA ASN O 824 -79.16 -29.34 -108.77
C ASN O 824 -77.78 -29.69 -108.22
N GLU O 825 -77.29 -28.91 -107.24
CA GLU O 825 -75.99 -29.19 -106.66
C GLU O 825 -75.98 -30.54 -105.94
N TYR O 826 -77.01 -30.82 -105.16
CA TYR O 826 -77.00 -32.08 -104.42
C TYR O 826 -77.31 -33.30 -105.30
N SER O 827 -78.08 -33.12 -106.37
CA SER O 827 -78.38 -34.22 -107.26
C SER O 827 -77.20 -34.61 -108.13
N LYS O 828 -76.14 -33.80 -108.15
CA LYS O 828 -74.97 -34.11 -108.97
C LYS O 828 -74.37 -35.45 -108.57
N GLU O 829 -74.51 -35.84 -107.30
CA GLU O 829 -73.96 -37.10 -106.82
C GLU O 829 -75.06 -38.15 -106.68
N ASP O 839 -91.22 -32.16 -110.27
CA ASP O 839 -92.34 -31.52 -110.96
C ASP O 839 -93.07 -30.57 -110.02
N GLN O 840 -93.83 -29.64 -110.59
CA GLN O 840 -94.57 -28.68 -109.79
C GLN O 840 -95.59 -29.37 -108.90
N GLU O 841 -96.30 -30.36 -109.45
CA GLU O 841 -97.29 -31.09 -108.66
C GLU O 841 -96.61 -31.84 -107.51
N SER O 842 -95.47 -32.48 -107.78
CA SER O 842 -94.76 -33.21 -106.75
C SER O 842 -94.27 -32.27 -105.65
N ILE O 843 -93.75 -31.10 -106.04
CA ILE O 843 -93.28 -30.14 -105.05
C ILE O 843 -94.44 -29.65 -104.19
N ASP O 844 -95.60 -29.38 -104.83
CA ASP O 844 -96.77 -28.97 -104.07
C ASP O 844 -97.19 -30.06 -103.09
N LYS O 845 -97.15 -31.32 -103.52
CA LYS O 845 -97.48 -32.43 -102.62
C LYS O 845 -96.52 -32.49 -101.44
N ARG O 846 -95.22 -32.32 -101.71
CA ARG O 846 -94.23 -32.35 -100.63
C ARG O 846 -94.52 -31.26 -99.60
N PHE O 847 -94.78 -30.04 -100.08
CA PHE O 847 -95.06 -28.94 -99.15
C PHE O 847 -96.35 -29.18 -98.39
N ALA O 848 -97.38 -29.73 -99.05
CA ALA O 848 -98.62 -30.02 -98.37
C ALA O 848 -98.43 -31.07 -97.27
N ASN O 849 -97.62 -32.09 -97.55
CA ASN O 849 -97.33 -33.09 -96.51
C ASN O 849 -96.61 -32.46 -95.33
N LEU O 850 -95.61 -31.61 -95.60
CA LEU O 850 -94.91 -30.96 -94.50
C LEU O 850 -95.84 -30.07 -93.70
N SER O 851 -96.84 -29.47 -94.33
CA SER O 851 -97.76 -28.62 -93.60
C SER O 851 -98.44 -29.40 -92.48
N ASP O 852 -99.04 -30.54 -92.82
CA ASP O 852 -99.76 -31.33 -91.83
C ASP O 852 -98.81 -31.93 -90.79
N THR O 853 -97.64 -32.42 -91.22
CA THR O 853 -96.71 -32.98 -90.25
C THR O 853 -96.29 -31.93 -89.21
N PHE O 854 -95.93 -30.73 -89.68
CA PHE O 854 -95.48 -29.69 -88.77
C PHE O 854 -96.62 -29.23 -87.86
N LEU O 855 -97.84 -29.13 -88.40
CA LEU O 855 -98.96 -28.75 -87.55
C LEU O 855 -99.20 -29.79 -86.48
N MET O 856 -99.07 -31.08 -86.82
CA MET O 856 -99.23 -32.12 -85.83
C MET O 856 -98.22 -31.97 -84.70
N GLN O 857 -96.96 -31.73 -85.05
CA GLN O 857 -95.95 -31.55 -83.99
C GLN O 857 -96.25 -30.32 -83.14
N TYR O 858 -96.68 -29.23 -83.77
CA TYR O 858 -96.98 -28.00 -83.03
C TYR O 858 -98.09 -28.24 -82.01
N GLU O 859 -99.18 -28.87 -82.44
CA GLU O 859 -100.30 -29.09 -81.54
C GLU O 859 -99.97 -30.12 -80.47
N LYS O 860 -99.15 -31.12 -80.81
CA LYS O 860 -98.72 -32.08 -79.80
C LYS O 860 -97.89 -31.39 -78.72
N PHE O 861 -97.03 -30.45 -79.11
CA PHE O 861 -96.28 -29.70 -78.12
C PHE O 861 -97.21 -28.93 -77.20
N GLY O 862 -98.21 -28.27 -77.77
CA GLY O 862 -99.14 -27.53 -76.93
C GLY O 862 -99.85 -28.43 -75.94
N GLU O 863 -100.33 -29.59 -76.40
CA GLU O 863 -101.02 -30.51 -75.50
C GLU O 863 -100.12 -30.97 -74.37
N ASN O 864 -98.89 -31.39 -74.71
CA ASN O 864 -97.99 -31.90 -73.70
C ASN O 864 -97.66 -30.82 -72.68
N LEU O 865 -97.44 -29.59 -73.15
CA LEU O 865 -97.12 -28.50 -72.23
C LEU O 865 -98.27 -28.25 -71.27
N VAL O 866 -99.51 -28.23 -71.77
CA VAL O 866 -100.64 -27.95 -70.89
C VAL O 866 -100.75 -29.03 -69.82
N THR O 867 -100.67 -30.30 -70.24
CA THR O 867 -100.82 -31.38 -69.27
C THR O 867 -99.70 -31.34 -68.23
N PHE O 868 -98.47 -31.08 -68.69
CA PHE O 868 -97.33 -31.06 -67.78
C PHE O 868 -97.48 -29.96 -66.74
N LEU O 869 -97.89 -28.75 -67.17
CA LEU O 869 -98.07 -27.67 -66.21
C LEU O 869 -99.17 -28.00 -65.20
N ALA O 870 -100.29 -28.58 -65.67
CA ALA O 870 -101.35 -28.90 -64.73
C ALA O 870 -100.86 -29.92 -63.69
N THR O 871 -100.12 -30.94 -64.13
CA THR O 871 -99.63 -31.95 -63.20
C THR O 871 -98.67 -31.36 -62.18
N ILE O 872 -97.72 -30.54 -62.64
CA ILE O 872 -96.81 -29.92 -61.68
C ILE O 872 -97.57 -29.05 -60.70
N LYS O 873 -98.58 -28.32 -61.17
CA LYS O 873 -99.31 -27.43 -60.27
C LYS O 873 -100.00 -28.22 -59.18
N GLN O 874 -100.68 -29.31 -59.54
CA GLN O 874 -101.37 -30.07 -58.50
C GLN O 874 -100.40 -30.70 -57.52
N VAL O 875 -99.30 -31.28 -58.01
CA VAL O 875 -98.36 -31.92 -57.10
C VAL O 875 -97.70 -30.89 -56.19
N GLY O 876 -97.31 -29.74 -56.75
CA GLY O 876 -96.69 -28.71 -55.94
C GLY O 876 -97.62 -28.17 -54.88
N GLU O 877 -98.89 -27.96 -55.22
CA GLU O 877 -99.83 -27.50 -54.22
C GLU O 877 -100.04 -28.54 -53.13
N ARG O 878 -100.02 -29.83 -53.48
CA ARG O 878 -100.29 -30.85 -52.48
C ARG O 878 -99.09 -31.09 -51.56
N GLU O 879 -97.96 -31.52 -52.13
CA GLU O 879 -96.86 -32.06 -51.34
C GLU O 879 -95.61 -31.19 -51.37
N ASN O 880 -95.05 -30.93 -52.55
CA ASN O 880 -93.70 -30.39 -52.67
C ASN O 880 -93.72 -28.88 -52.78
N GLN O 881 -92.91 -28.23 -51.94
CA GLN O 881 -92.77 -26.78 -52.03
C GLN O 881 -91.94 -26.37 -53.25
N GLY O 882 -90.89 -27.15 -53.54
CA GLY O 882 -90.01 -26.78 -54.64
C GLY O 882 -90.71 -26.78 -55.99
N LEU O 883 -91.66 -27.69 -56.18
CA LEU O 883 -92.36 -27.76 -57.46
C LEU O 883 -93.32 -26.60 -57.64
N LEU O 884 -93.79 -25.99 -56.54
CA LEU O 884 -94.75 -24.90 -56.65
C LEU O 884 -94.13 -23.69 -57.32
N GLU O 885 -92.91 -23.32 -56.92
CA GLU O 885 -92.24 -22.18 -57.55
C GLU O 885 -91.87 -22.48 -58.99
N LEU O 886 -91.54 -23.74 -59.30
CA LEU O 886 -91.33 -24.11 -60.70
C LEU O 886 -92.60 -23.94 -61.50
N SER O 887 -93.74 -24.32 -60.92
CA SER O 887 -95.01 -24.12 -61.60
C SER O 887 -95.26 -22.64 -61.85
N ASN O 888 -94.99 -21.80 -60.86
CA ASN O 888 -95.17 -20.36 -61.05
C ASN O 888 -94.27 -19.85 -62.17
N ARG O 889 -93.01 -20.28 -62.20
CA ARG O 889 -92.10 -19.82 -63.24
C ARG O 889 -92.55 -20.27 -64.62
N LEU O 890 -92.95 -21.52 -64.77
CA LEU O 890 -93.34 -22.01 -66.08
C LEU O 890 -94.65 -21.36 -66.53
N GLU O 891 -95.58 -21.12 -65.60
CA GLU O 891 -96.81 -20.42 -65.95
C GLU O 891 -96.51 -19.00 -66.39
N LEU O 892 -95.58 -18.32 -65.71
CA LEU O 892 -95.18 -16.99 -66.14
C LEU O 892 -94.42 -17.02 -67.46
N CYS O 893 -93.89 -18.18 -67.86
CA CYS O 893 -93.24 -18.26 -69.16
C CYS O 893 -94.26 -18.27 -70.29
N PHE O 894 -95.11 -19.28 -70.32
CA PHE O 894 -96.10 -19.42 -71.38
C PHE O 894 -97.46 -18.88 -70.94
N LEU P 157 -67.86 -95.50 28.09
CA LEU P 157 -67.41 -96.03 26.78
C LEU P 157 -67.92 -95.16 25.64
N THR P 158 -67.10 -95.01 24.60
CA THR P 158 -67.50 -94.22 23.44
C THR P 158 -68.47 -95.01 22.57
N LEU P 159 -69.08 -94.32 21.62
CA LEU P 159 -70.04 -94.96 20.74
C LEU P 159 -69.37 -96.07 19.92
N SER P 160 -68.16 -95.82 19.44
CA SER P 160 -67.49 -96.79 18.59
C SER P 160 -67.17 -98.08 19.31
N GLN P 161 -67.16 -98.08 20.64
CA GLN P 161 -66.84 -99.29 21.39
C GLN P 161 -68.06 -100.19 21.56
N LEU P 162 -69.22 -99.60 21.81
CA LEU P 162 -70.43 -100.38 22.03
C LEU P 162 -70.86 -101.15 20.78
N ILE P 163 -70.45 -100.68 19.60
CA ILE P 163 -70.84 -101.33 18.36
C ILE P 163 -69.89 -102.46 17.97
N GLU P 164 -68.69 -102.48 18.54
CA GLU P 164 -67.67 -103.45 18.13
C GLU P 164 -68.17 -104.89 18.12
N PRO P 165 -68.84 -105.37 19.17
CA PRO P 165 -69.31 -106.77 19.12
C PRO P 165 -70.28 -107.05 18.00
N TYR P 166 -71.08 -106.07 17.59
CA TYR P 166 -72.17 -106.27 16.63
C TYR P 166 -71.81 -105.81 15.23
N TYR P 167 -70.54 -105.57 14.94
CA TYR P 167 -70.16 -105.04 13.63
C TYR P 167 -68.77 -105.56 13.28
N ASP P 168 -68.69 -106.43 12.26
CA ASP P 168 -67.47 -107.15 11.91
C ASP P 168 -66.96 -106.68 10.56
N THR P 169 -65.71 -106.24 10.52
CA THR P 169 -65.03 -105.89 9.28
C THR P 169 -63.55 -105.74 9.54
N LEU P 170 -62.75 -106.10 8.54
CA LEU P 170 -61.30 -105.95 8.61
C LEU P 170 -60.94 -104.47 8.65
N GLN P 173 -58.32 -99.63 11.09
CA GLN P 173 -56.93 -99.18 11.05
C GLN P 173 -56.06 -100.10 10.21
N THR P 174 -56.45 -101.37 10.11
CA THR P 174 -55.67 -102.31 9.31
C THR P 174 -55.70 -101.93 7.83
N ILE P 175 -56.84 -101.41 7.36
CA ILE P 175 -56.92 -100.95 5.97
C ILE P 175 -55.92 -99.83 5.73
N LEU P 176 -55.85 -98.88 6.66
CA LEU P 176 -54.93 -97.76 6.50
C LEU P 176 -53.47 -98.21 6.55
N THR P 177 -53.19 -99.38 7.11
CA THR P 177 -51.82 -99.88 7.12
C THR P 177 -51.35 -100.23 5.72
N TYR P 178 -52.20 -100.90 4.94
CA TYR P 178 -51.87 -101.36 3.60
C TYR P 178 -52.42 -100.46 2.51
N LEU P 179 -53.08 -99.36 2.86
CA LEU P 179 -53.66 -98.49 1.83
C LEU P 179 -52.59 -97.67 1.12
N PRO P 180 -51.59 -97.09 1.79
CA PRO P 180 -50.60 -96.29 1.06
C PRO P 180 -49.89 -97.06 -0.04
N TYR P 181 -49.62 -98.34 0.18
CA TYR P 181 -48.94 -99.14 -0.84
C TYR P 181 -49.85 -99.39 -2.04
N THR P 182 -51.16 -99.47 -1.81
CA THR P 182 -52.08 -99.63 -2.92
C THR P 182 -52.27 -98.32 -3.68
N MET P 183 -52.26 -97.19 -2.97
CA MET P 183 -52.47 -95.90 -3.62
C MET P 183 -51.34 -95.57 -4.58
N LEU P 184 -50.12 -95.98 -4.27
CA LEU P 184 -48.98 -95.72 -5.14
C LEU P 184 -48.88 -96.71 -6.29
N GLY P 185 -49.97 -97.43 -6.59
CA GLY P 185 -49.98 -98.35 -7.70
C GLY P 185 -49.04 -99.53 -7.50
N SER P 186 -49.09 -100.14 -6.33
CA SER P 186 -48.29 -101.33 -6.02
C SER P 186 -49.18 -102.39 -5.41
N ASP P 187 -48.81 -103.66 -5.63
CA ASP P 187 -49.57 -104.77 -5.09
C ASP P 187 -49.55 -104.74 -3.56
N SER P 188 -50.62 -105.25 -2.96
CA SER P 188 -50.75 -105.28 -1.52
C SER P 188 -51.22 -106.66 -1.07
N LYS P 189 -51.00 -106.97 0.21
CA LYS P 189 -51.38 -108.29 0.79
C LYS P 189 -52.90 -108.47 0.66
N ILE P 190 -53.70 -107.40 0.77
CA ILE P 190 -55.16 -107.51 0.77
C ILE P 190 -55.80 -106.92 -0.48
N PHE P 191 -55.05 -106.15 -1.28
CA PHE P 191 -55.56 -105.62 -2.54
C PHE P 191 -54.59 -106.03 -3.65
N THR P 192 -55.10 -106.68 -4.68
CA THR P 192 -54.26 -107.19 -5.77
C THR P 192 -54.79 -106.69 -7.10
N PHE P 193 -53.90 -106.14 -7.92
CA PHE P 193 -54.27 -105.74 -9.28
C PHE P 193 -54.27 -106.95 -10.21
N SER P 194 -54.96 -106.80 -11.33
CA SER P 194 -55.05 -107.88 -12.30
C SER P 194 -55.41 -107.29 -13.66
N ASN P 195 -55.23 -108.11 -14.69
CA ASN P 195 -55.58 -107.73 -16.06
C ASN P 195 -54.82 -106.47 -16.48
N ASN P 196 -53.50 -106.54 -16.39
CA ASN P 196 -52.62 -105.44 -16.80
C ASN P 196 -52.97 -104.14 -16.07
N TYR P 197 -53.30 -104.27 -14.79
CA TYR P 197 -53.58 -103.11 -13.93
C TYR P 197 -54.77 -102.31 -14.47
N THR P 198 -55.85 -103.02 -14.79
CA THR P 198 -57.09 -102.39 -15.22
C THR P 198 -58.24 -102.59 -14.24
N ARG P 199 -58.08 -103.46 -13.26
CA ARG P 199 -59.11 -103.67 -12.25
C ARG P 199 -58.46 -104.04 -10.93
N LEU P 200 -59.14 -103.72 -9.83
CA LEU P 200 -58.66 -103.98 -8.49
C LEU P 200 -59.72 -104.76 -7.73
N GLU P 201 -59.31 -105.84 -7.07
CA GLU P 201 -60.23 -106.75 -6.40
C GLU P 201 -60.29 -106.41 -4.92
N ILE P 202 -61.47 -106.06 -4.43
CA ILE P 202 -61.66 -105.79 -3.00
C ILE P 202 -61.90 -107.13 -2.29
N PRO P 203 -61.13 -107.44 -1.24
CA PRO P 203 -61.21 -108.80 -0.67
C PRO P 203 -62.49 -109.06 0.09
N LYS P 204 -62.69 -110.30 0.52
CA LYS P 204 -63.74 -110.60 1.49
C LYS P 204 -63.40 -109.97 2.83
N ASP P 205 -64.38 -109.95 3.73
CA ASP P 205 -64.25 -109.32 5.04
C ASP P 205 -64.12 -107.80 4.91
N ILE P 206 -64.79 -107.25 3.91
CA ILE P 206 -64.98 -105.80 3.80
C ILE P 206 -66.46 -105.58 3.48
N ASN P 207 -67.26 -105.33 4.52
CA ASN P 207 -68.71 -105.31 4.34
C ASN P 207 -69.13 -104.18 3.41
N ASN P 208 -70.41 -104.22 3.02
CA ASN P 208 -70.97 -103.35 1.98
C ASN P 208 -70.50 -101.89 2.06
N SER P 209 -70.69 -101.24 3.21
CA SER P 209 -70.41 -99.81 3.31
C SER P 209 -68.96 -99.48 3.02
N PHE P 210 -68.03 -100.16 3.69
CA PHE P 210 -66.61 -99.87 3.47
C PHE P 210 -66.21 -100.14 2.03
N SER P 211 -66.72 -101.22 1.43
CA SER P 211 -66.42 -101.48 0.02
C SER P 211 -66.95 -100.37 -0.88
N SER P 212 -68.17 -99.89 -0.61
CA SER P 212 -68.72 -98.83 -1.42
C SER P 212 -67.89 -97.56 -1.31
N LEU P 213 -67.40 -97.26 -0.10
CA LEU P 213 -66.56 -96.08 0.06
C LEU P 213 -65.22 -96.26 -0.63
N LEU P 214 -64.60 -97.43 -0.46
CA LEU P 214 -63.30 -97.68 -1.08
C LEU P 214 -63.39 -97.60 -2.60
N ARG P 215 -64.51 -98.01 -3.18
CA ARG P 215 -64.63 -97.94 -4.62
C ARG P 215 -64.42 -96.52 -5.12
N GLU P 216 -64.77 -95.51 -4.31
CA GLU P 216 -64.47 -94.13 -4.68
C GLU P 216 -63.00 -93.79 -4.47
N VAL P 217 -62.41 -94.26 -3.38
CA VAL P 217 -61.02 -93.96 -3.09
C VAL P 217 -60.10 -94.63 -4.12
N PHE P 218 -60.41 -95.86 -4.50
CA PHE P 218 -59.55 -96.61 -5.41
C PHE P 218 -59.56 -96.06 -6.82
N GLU P 219 -60.45 -95.12 -7.13
CA GLU P 219 -60.40 -94.47 -8.44
C GLU P 219 -59.06 -93.78 -8.65
N PHE P 220 -58.55 -93.13 -7.61
CA PHE P 220 -57.25 -92.47 -7.74
C PHE P 220 -56.14 -93.48 -7.99
N ALA P 221 -56.17 -94.62 -7.30
CA ALA P 221 -55.08 -95.58 -7.42
C ALA P 221 -54.98 -96.12 -8.83
N ILE P 222 -56.11 -96.54 -9.40
CA ILE P 222 -56.08 -97.15 -10.73
C ILE P 222 -55.72 -96.13 -11.79
N LEU P 223 -56.29 -94.93 -11.70
CA LEU P 223 -55.98 -93.87 -12.67
C LEU P 223 -54.51 -93.50 -12.61
N TYR P 224 -53.96 -93.36 -11.40
CA TYR P 224 -52.55 -93.04 -11.27
C TYR P 224 -51.68 -94.16 -11.82
N LYS P 225 -52.08 -95.41 -11.58
CA LYS P 225 -51.31 -96.53 -12.14
C LYS P 225 -51.31 -96.49 -13.66
N GLN P 226 -52.46 -96.19 -14.26
CA GLN P 226 -52.51 -96.09 -15.72
C GLN P 226 -51.61 -94.97 -16.22
N LEU P 227 -51.63 -93.82 -15.55
CA LEU P 227 -50.79 -92.71 -15.97
C LEU P 227 -49.31 -93.06 -15.81
N ALA P 228 -48.96 -93.76 -14.72
CA ALA P 228 -47.57 -94.16 -14.53
C ALA P 228 -47.13 -95.15 -15.60
N ILE P 229 -48.01 -96.07 -15.99
CA ILE P 229 -47.68 -96.99 -17.08
C ILE P 229 -47.43 -96.22 -18.36
N VAL P 230 -48.29 -95.25 -18.66
CA VAL P 230 -48.10 -94.46 -19.89
C VAL P 230 -46.78 -93.70 -19.84
N VAL P 231 -46.50 -93.05 -18.71
CA VAL P 231 -45.28 -92.25 -18.62
C VAL P 231 -44.05 -93.14 -18.76
N ASP P 232 -44.05 -94.29 -18.10
CA ASP P 232 -42.89 -95.18 -18.16
C ASP P 232 -42.74 -95.77 -19.55
N ARG P 233 -43.84 -95.98 -20.27
CA ARG P 233 -43.77 -96.62 -21.58
C ARG P 233 -43.34 -95.65 -22.68
N TYR P 234 -43.84 -94.42 -22.68
CA TYR P 234 -43.56 -93.46 -23.73
C TYR P 234 -42.55 -92.40 -23.30
N LYS P 235 -41.67 -92.74 -22.37
CA LYS P 235 -40.75 -91.73 -21.84
C LYS P 235 -39.82 -91.20 -22.92
N GLY P 236 -39.17 -92.10 -23.66
CA GLY P 236 -38.20 -91.69 -24.65
C GLY P 236 -38.40 -92.36 -26.00
N THR P 237 -39.62 -92.81 -26.27
CA THR P 237 -39.94 -93.48 -27.51
C THR P 237 -40.54 -92.54 -28.56
N LEU P 238 -41.46 -91.68 -28.15
CA LEU P 238 -42.12 -90.78 -29.09
C LEU P 238 -41.10 -89.82 -29.70
N VAL P 239 -41.28 -89.52 -30.98
CA VAL P 239 -40.34 -88.68 -31.72
C VAL P 239 -40.89 -87.26 -31.80
N SER P 240 -42.21 -87.13 -31.91
CA SER P 240 -42.81 -85.80 -32.02
C SER P 240 -42.53 -84.99 -30.76
N ALA P 241 -42.17 -83.72 -30.94
CA ALA P 241 -41.83 -82.88 -29.81
C ALA P 241 -43.06 -82.49 -28.98
N ILE P 242 -44.22 -82.39 -29.62
CA ILE P 242 -45.42 -81.95 -28.91
C ILE P 242 -45.81 -82.97 -27.84
N LYS P 243 -45.86 -84.24 -28.24
CA LYS P 243 -46.22 -85.29 -27.32
C LYS P 243 -45.15 -85.44 -26.24
N THR P 244 -43.88 -85.23 -26.59
CA THR P 244 -42.82 -85.33 -25.59
C THR P 244 -42.98 -84.26 -24.52
N ALA P 245 -43.27 -83.02 -24.91
CA ALA P 245 -43.51 -81.98 -23.92
C ALA P 245 -44.73 -82.31 -23.06
N TYR P 246 -45.76 -82.89 -23.68
CA TYR P 246 -46.92 -83.31 -22.90
C TYR P 246 -46.53 -84.35 -21.86
N ILE P 247 -45.70 -85.31 -22.23
CA ILE P 247 -45.27 -86.33 -21.28
C ILE P 247 -44.45 -85.71 -20.16
N ALA P 248 -43.63 -84.71 -20.50
CA ALA P 248 -42.84 -84.04 -19.47
C ALA P 248 -43.73 -83.40 -18.42
N ILE P 249 -44.75 -82.66 -18.87
CA ILE P 249 -45.63 -82.01 -17.89
C ILE P 249 -46.43 -83.07 -17.12
N LEU P 250 -46.81 -84.15 -17.79
CA LEU P 250 -47.51 -85.23 -17.11
C LEU P 250 -46.66 -85.82 -15.99
N GLU P 251 -45.37 -86.02 -16.25
CA GLU P 251 -44.48 -86.53 -15.22
C GLU P 251 -44.40 -85.57 -14.05
N ALA P 252 -44.33 -84.27 -14.33
CA ALA P 252 -44.29 -83.30 -13.23
C ALA P 252 -45.56 -83.39 -12.38
N GLN P 253 -46.72 -83.50 -13.03
CA GLN P 253 -47.96 -83.59 -12.28
C GLN P 253 -48.02 -84.86 -11.44
N LEU P 254 -47.57 -85.98 -11.99
CA LEU P 254 -47.58 -87.22 -11.21
C LEU P 254 -46.63 -87.11 -10.01
N ASN P 255 -45.49 -86.45 -10.18
CA ASN P 255 -44.60 -86.26 -9.04
C ASN P 255 -45.29 -85.46 -7.95
N LYS P 256 -46.01 -84.40 -8.33
CA LYS P 256 -46.74 -83.64 -7.32
C LYS P 256 -47.78 -84.51 -6.63
N TYR P 257 -48.47 -85.37 -7.38
CA TYR P 257 -49.47 -86.23 -6.77
C TYR P 257 -48.85 -87.19 -5.77
N VAL P 258 -47.70 -87.77 -6.11
CA VAL P 258 -47.04 -88.69 -5.19
C VAL P 258 -46.64 -87.96 -3.91
N ASN P 259 -46.09 -86.75 -4.05
CA ASN P 259 -45.74 -86.00 -2.85
C ASN P 259 -46.97 -85.68 -2.00
N ASP P 260 -48.09 -85.38 -2.65
CA ASP P 260 -49.32 -85.12 -1.90
C ASP P 260 -49.75 -86.36 -1.12
N ILE P 261 -49.70 -87.54 -1.75
CA ILE P 261 -50.06 -88.76 -1.03
C ILE P 261 -49.14 -88.98 0.16
N ASN P 262 -47.84 -88.74 -0.04
CA ASN P 262 -46.90 -88.91 1.06
C ASN P 262 -47.24 -87.97 2.21
N ASN P 263 -47.66 -86.74 1.91
CA ASN P 263 -48.09 -85.84 2.97
C ASN P 263 -49.36 -86.36 3.65
N ILE P 264 -50.31 -86.89 2.86
CA ILE P 264 -51.58 -87.33 3.44
C ILE P 264 -51.37 -88.48 4.41
N PHE P 265 -50.38 -89.35 4.15
CA PHE P 265 -50.14 -90.48 5.03
C PHE P 265 -49.01 -90.28 6.04
N ASN P 266 -48.18 -89.25 5.88
CA ASN P 266 -47.26 -88.90 6.96
C ASN P 266 -48.01 -88.41 8.18
N ASN P 267 -49.05 -87.61 7.97
CA ASN P 267 -49.95 -87.21 9.04
C ASN P 267 -50.91 -88.37 9.28
N LYS P 268 -50.58 -89.22 10.24
CA LYS P 268 -51.29 -90.48 10.45
C LYS P 268 -52.79 -90.25 10.41
N PRO P 269 -53.49 -90.74 9.39
CA PRO P 269 -54.92 -90.48 9.29
C PRO P 269 -55.74 -91.35 10.23
N ASN P 270 -56.91 -90.84 10.59
CA ASN P 270 -57.79 -91.53 11.53
C ASN P 270 -58.77 -92.47 10.84
N SER P 271 -59.18 -92.17 9.61
CA SER P 271 -60.18 -92.97 8.93
C SER P 271 -60.00 -92.82 7.43
N ILE P 272 -60.77 -93.62 6.68
CA ILE P 272 -60.71 -93.56 5.22
C ILE P 272 -61.23 -92.23 4.73
N LEU P 273 -62.20 -91.64 5.43
CA LEU P 273 -62.86 -90.45 4.91
C LEU P 273 -61.92 -89.25 4.90
N VAL P 274 -61.07 -89.11 5.92
CA VAL P 274 -60.12 -88.01 5.92
C VAL P 274 -59.14 -88.17 4.77
N VAL P 275 -58.75 -89.41 4.46
CA VAL P 275 -57.90 -89.68 3.30
C VAL P 275 -58.60 -89.23 2.03
N TYR P 276 -59.87 -89.60 1.89
CA TYR P 276 -60.61 -89.25 0.68
C TYR P 276 -60.74 -87.75 0.54
N ASN P 277 -61.04 -87.04 1.63
CA ASN P 277 -61.19 -85.60 1.57
C ASN P 277 -59.87 -84.92 1.26
N SER P 278 -58.76 -85.44 1.78
CA SER P 278 -57.47 -84.82 1.55
C SER P 278 -57.10 -84.85 0.07
N ILE P 279 -57.36 -85.96 -0.61
CA ILE P 279 -57.02 -86.10 -2.02
C ILE P 279 -58.17 -85.72 -2.95
N PHE P 280 -59.31 -85.29 -2.40
CA PHE P 280 -60.45 -84.99 -3.25
C PHE P 280 -60.13 -83.97 -4.35
N PRO P 281 -59.39 -82.90 -4.11
CA PRO P 281 -59.19 -81.89 -5.15
C PRO P 281 -58.46 -82.40 -6.39
N TRP P 282 -58.02 -83.66 -6.38
CA TRP P 282 -57.29 -84.25 -7.49
C TRP P 282 -58.18 -85.05 -8.43
N ILE P 283 -59.49 -85.03 -8.25
CA ILE P 283 -60.37 -85.78 -9.12
C ILE P 283 -60.32 -85.23 -10.55
N SER P 284 -60.44 -83.91 -10.69
CA SER P 284 -60.53 -83.33 -12.03
C SER P 284 -59.20 -83.40 -12.75
N ILE P 285 -58.10 -83.18 -12.03
CA ILE P 285 -56.79 -83.22 -12.67
C ILE P 285 -56.50 -84.62 -13.19
N LEU P 286 -56.72 -85.64 -12.36
CA LEU P 286 -56.44 -87.00 -12.80
C LEU P 286 -57.35 -87.42 -13.94
N ARG P 287 -58.64 -87.10 -13.85
CA ARG P 287 -59.54 -87.48 -14.94
C ARG P 287 -59.16 -86.80 -16.25
N PHE P 288 -58.83 -85.50 -16.18
CA PHE P 288 -58.43 -84.79 -17.39
C PHE P 288 -57.16 -85.38 -17.98
N LEU P 289 -56.16 -85.65 -17.14
CA LEU P 289 -54.91 -86.18 -17.65
C LEU P 289 -55.11 -87.56 -18.26
N TYR P 290 -55.94 -88.40 -17.63
CA TYR P 290 -56.20 -89.71 -18.19
C TYR P 290 -56.92 -89.61 -19.52
N ARG P 291 -57.89 -88.69 -19.63
CA ARG P 291 -58.61 -88.54 -20.89
C ARG P 291 -57.68 -88.06 -22.01
N VAL P 292 -56.81 -87.09 -21.72
CA VAL P 292 -55.93 -86.58 -22.76
C VAL P 292 -54.91 -87.63 -23.18
N SER P 293 -54.28 -88.29 -22.20
CA SER P 293 -53.29 -89.31 -22.53
C SER P 293 -53.89 -90.48 -23.27
N ASN P 294 -55.19 -90.73 -23.10
CA ASN P 294 -55.84 -91.83 -23.80
C ASN P 294 -55.82 -91.64 -25.31
N ARG P 295 -55.68 -90.40 -25.79
CA ARG P 295 -55.68 -90.09 -27.21
C ARG P 295 -54.31 -89.63 -27.70
N LEU P 296 -53.25 -90.13 -27.06
CA LEU P 296 -51.90 -89.79 -27.48
C LEU P 296 -51.45 -90.57 -28.70
N ASN P 297 -52.17 -91.62 -29.10
CA ASN P 297 -51.77 -92.46 -30.22
C ASN P 297 -52.41 -92.01 -31.53
N ARG P 298 -53.74 -92.00 -31.59
CA ARG P 298 -54.42 -91.68 -32.84
C ARG P 298 -54.19 -90.23 -33.25
N LEU P 299 -54.19 -89.31 -32.29
CA LEU P 299 -53.97 -87.91 -32.61
C LEU P 299 -52.52 -87.69 -33.05
N ASP P 300 -52.35 -86.86 -34.08
CA ASP P 300 -51.03 -86.58 -34.63
C ASP P 300 -50.36 -85.46 -33.82
N GLY P 301 -49.26 -84.93 -34.33
CA GLY P 301 -48.53 -83.91 -33.59
C GLY P 301 -49.29 -82.60 -33.46
N TYR P 302 -49.95 -82.17 -34.54
CA TYR P 302 -50.66 -80.89 -34.55
C TYR P 302 -52.09 -81.03 -34.04
N GLU P 303 -52.75 -82.14 -34.38
CA GLU P 303 -54.11 -82.36 -33.88
C GLU P 303 -54.12 -82.44 -32.36
N PHE P 304 -53.06 -83.00 -31.76
CA PHE P 304 -52.96 -83.03 -30.31
C PHE P 304 -52.87 -81.62 -29.74
N LEU P 305 -52.05 -80.77 -30.36
CA LEU P 305 -51.91 -79.40 -29.89
C LEU P 305 -53.23 -78.65 -29.98
N THR P 306 -53.96 -78.83 -31.09
CA THR P 306 -55.25 -78.17 -31.22
C THR P 306 -56.25 -78.73 -30.22
N PHE P 307 -56.18 -80.03 -29.93
CA PHE P 307 -57.09 -80.65 -28.99
C PHE P 307 -56.90 -80.09 -27.58
N ILE P 308 -55.64 -79.95 -27.15
CA ILE P 308 -55.40 -79.36 -25.83
C ILE P 308 -55.79 -77.89 -25.82
N TYR P 309 -55.51 -77.18 -26.92
CA TYR P 309 -55.78 -75.75 -26.94
C TYR P 309 -57.25 -75.44 -26.73
N SER P 310 -58.14 -76.34 -27.15
CA SER P 310 -59.57 -76.07 -27.00
C SER P 310 -60.01 -76.10 -25.54
N PHE P 311 -59.22 -76.70 -24.64
CA PHE P 311 -59.58 -76.75 -23.24
C PHE P 311 -59.14 -75.52 -22.45
N THR P 312 -58.30 -74.67 -23.03
CA THR P 312 -57.89 -73.46 -22.32
C THR P 312 -59.06 -72.50 -22.10
N ASN P 313 -60.15 -72.68 -22.84
CA ASN P 313 -61.34 -71.83 -22.71
C ASN P 313 -62.36 -72.43 -21.76
N HIS P 314 -62.04 -73.52 -21.09
CA HIS P 314 -62.97 -74.14 -20.15
C HIS P 314 -63.27 -73.17 -19.00
N GLY P 315 -64.53 -73.13 -18.59
CA GLY P 315 -64.93 -72.21 -17.54
C GLY P 315 -64.53 -72.64 -16.14
N ASP P 316 -64.26 -73.92 -15.95
CA ASP P 316 -63.93 -74.43 -14.62
C ASP P 316 -62.53 -73.99 -14.23
N PRO P 317 -62.34 -73.29 -13.12
CA PRO P 317 -60.98 -72.84 -12.77
C PRO P 317 -59.98 -73.98 -12.64
N LYS P 318 -60.38 -75.14 -12.11
CA LYS P 318 -59.44 -76.23 -11.93
C LYS P 318 -59.06 -76.85 -13.28
N ILE P 319 -60.06 -77.17 -14.10
CA ILE P 319 -59.80 -77.82 -15.38
C ILE P 319 -59.04 -76.87 -16.30
N ARG P 320 -59.51 -75.61 -16.39
CA ARG P 320 -58.79 -74.65 -17.21
C ARG P 320 -57.41 -74.35 -16.65
N GLY P 321 -57.23 -74.42 -15.33
CA GLY P 321 -55.91 -74.20 -14.77
C GLY P 321 -54.93 -75.26 -15.20
N ILE P 322 -55.33 -76.53 -15.13
CA ILE P 322 -54.41 -77.58 -15.55
C ILE P 322 -54.23 -77.56 -17.06
N ALA P 323 -55.29 -77.25 -17.82
CA ALA P 323 -55.16 -77.21 -19.27
C ALA P 323 -54.20 -76.12 -19.71
N VAL P 324 -54.33 -74.92 -19.13
CA VAL P 324 -53.44 -73.83 -19.48
C VAL P 324 -52.04 -74.01 -18.90
N THR P 325 -51.90 -74.77 -17.81
CA THR P 325 -50.57 -75.11 -17.32
C THR P 325 -49.85 -76.02 -18.28
N ALA P 326 -50.54 -77.07 -18.77
CA ALA P 326 -49.91 -78.01 -19.68
C ALA P 326 -49.70 -77.40 -21.06
N PHE P 327 -50.59 -76.51 -21.50
CA PHE P 327 -50.49 -75.95 -22.84
C PHE P 327 -49.24 -75.10 -23.03
N THR P 328 -48.73 -74.47 -21.97
CA THR P 328 -47.51 -73.66 -22.12
C THR P 328 -46.33 -74.53 -22.56
N GLU P 329 -46.08 -75.62 -21.85
CA GLU P 329 -44.95 -76.47 -22.22
C GLU P 329 -45.25 -77.27 -23.47
N VAL P 330 -46.52 -77.58 -23.73
CA VAL P 330 -46.85 -78.30 -24.96
C VAL P 330 -46.63 -77.42 -26.17
N VAL P 331 -46.88 -76.12 -26.05
CA VAL P 331 -46.73 -75.20 -27.18
C VAL P 331 -45.32 -74.65 -27.32
N LYS P 332 -44.49 -74.75 -26.29
CA LYS P 332 -43.12 -74.23 -26.42
C LYS P 332 -42.39 -74.81 -27.62
N PRO P 333 -42.43 -76.12 -27.90
CA PRO P 333 -41.70 -76.64 -29.07
C PRO P 333 -42.17 -76.05 -30.38
N TYR P 334 -43.48 -75.78 -30.52
CA TYR P 334 -43.98 -75.14 -31.73
C TYR P 334 -43.36 -73.75 -31.90
N TYR P 335 -43.28 -72.99 -30.81
CA TYR P 335 -42.65 -71.69 -30.87
C TYR P 335 -41.16 -71.80 -31.14
N ASN P 336 -40.52 -72.90 -30.71
CA ASN P 336 -39.12 -73.09 -31.08
C ASN P 336 -38.96 -73.34 -32.56
N ILE P 337 -39.87 -74.10 -33.17
CA ILE P 337 -39.85 -74.27 -34.62
C ILE P 337 -39.98 -72.92 -35.29
N VAL P 338 -40.93 -72.10 -34.82
CA VAL P 338 -41.13 -70.80 -35.42
C VAL P 338 -39.92 -69.91 -35.21
N GLU P 339 -39.26 -70.03 -34.06
CA GLU P 339 -38.07 -69.23 -33.79
C GLU P 339 -36.96 -69.57 -34.77
N HIS P 340 -36.69 -70.87 -34.94
CA HIS P 340 -35.64 -71.26 -35.90
C HIS P 340 -35.99 -70.80 -37.30
N TRP P 341 -37.26 -70.92 -37.69
CA TRP P 341 -37.63 -70.49 -39.04
C TRP P 341 -37.51 -68.98 -39.20
N ILE P 342 -37.88 -68.21 -38.19
CA ILE P 342 -37.88 -66.76 -38.30
C ILE P 342 -36.45 -66.22 -38.31
N VAL P 343 -35.61 -66.68 -37.40
CA VAL P 343 -34.32 -66.04 -37.18
C VAL P 343 -33.30 -66.48 -38.23
N LYS P 344 -33.01 -67.78 -38.28
CA LYS P 344 -31.96 -68.28 -39.20
C LYS P 344 -32.57 -68.59 -40.57
N GLY P 345 -33.85 -68.98 -40.59
CA GLY P 345 -34.47 -69.38 -41.87
C GLY P 345 -34.20 -70.85 -42.14
N GLU P 346 -34.63 -71.73 -41.24
CA GLU P 346 -34.47 -73.19 -41.49
C GLU P 346 -35.65 -73.96 -40.89
N LEU P 347 -35.93 -75.15 -41.43
CA LEU P 347 -37.07 -75.94 -41.02
C LEU P 347 -36.59 -77.11 -40.17
N ILE P 348 -37.22 -77.30 -39.02
CA ILE P 348 -36.78 -78.27 -38.02
C ILE P 348 -37.68 -79.48 -37.97
N ASP P 349 -38.99 -79.28 -38.03
CA ASP P 349 -39.93 -80.39 -37.82
C ASP P 349 -39.78 -81.44 -38.90
N ASN P 350 -39.29 -82.62 -38.52
CA ASN P 350 -39.24 -83.73 -39.47
C ASN P 350 -40.62 -84.31 -39.72
N ASN P 351 -41.52 -84.24 -38.73
CA ASN P 351 -42.89 -84.67 -38.89
C ASN P 351 -43.76 -83.53 -39.40
N ASN P 352 -44.95 -83.88 -39.86
CA ASN P 352 -45.89 -82.90 -40.43
C ASN P 352 -46.67 -82.26 -39.29
N GLU P 353 -46.06 -81.21 -38.71
CA GLU P 353 -46.69 -80.49 -37.61
C GLU P 353 -46.45 -79.00 -37.71
N PHE P 354 -46.31 -78.47 -38.93
CA PHE P 354 -46.03 -77.06 -39.13
C PHE P 354 -46.71 -76.62 -40.43
N PHE P 355 -46.97 -75.33 -40.54
CA PHE P 355 -47.64 -74.76 -41.70
C PHE P 355 -46.69 -74.28 -42.78
N ILE P 356 -45.45 -74.77 -42.78
CA ILE P 356 -44.49 -74.50 -43.84
C ILE P 356 -43.76 -75.80 -44.13
N ILE P 357 -43.60 -76.12 -45.41
CA ILE P 357 -43.02 -77.40 -45.84
C ILE P 357 -42.14 -77.16 -47.06
N PHE P 358 -41.45 -78.22 -47.50
CA PHE P 358 -40.57 -78.18 -48.66
C PHE P 358 -41.01 -79.21 -49.69
N ASP P 359 -40.46 -79.07 -50.90
CA ASP P 359 -40.69 -80.00 -52.00
C ASP P 359 -39.35 -80.29 -52.66
N GLN P 360 -38.70 -81.39 -52.29
CA GLN P 360 -37.41 -81.72 -52.89
C GLN P 360 -37.54 -82.04 -54.38
N GLU P 361 -38.69 -82.54 -54.80
CA GLU P 361 -38.86 -82.93 -56.21
C GLU P 361 -38.89 -81.72 -57.12
N GLN P 362 -39.24 -80.55 -56.60
CA GLN P 362 -39.32 -79.35 -57.42
C GLN P 362 -37.94 -78.90 -57.85
N ASN P 363 -37.87 -78.24 -59.01
CA ASN P 363 -36.61 -77.80 -59.59
C ASN P 363 -36.56 -76.29 -59.82
N GLU P 364 -37.20 -75.52 -58.94
CA GLU P 364 -37.12 -74.07 -59.01
C GLU P 364 -37.38 -73.50 -57.61
N PHE P 365 -36.68 -72.41 -57.28
CA PHE P 365 -36.69 -71.91 -55.91
C PHE P 365 -38.09 -71.52 -55.46
N ASN P 366 -38.79 -70.72 -56.27
CA ASN P 366 -40.00 -70.08 -55.79
C ASN P 366 -41.08 -71.08 -55.40
N SER P 367 -41.00 -72.32 -55.86
CA SER P 367 -42.03 -73.32 -55.63
C SER P 367 -41.55 -74.52 -54.82
N ILE P 368 -40.29 -74.55 -54.39
CA ILE P 368 -39.87 -75.60 -53.47
C ILE P 368 -40.56 -75.43 -52.12
N ILE P 369 -40.78 -74.20 -51.69
CA ILE P 369 -41.41 -73.89 -50.41
C ILE P 369 -42.85 -73.49 -50.67
N LYS P 370 -43.78 -74.10 -49.95
CA LYS P 370 -45.19 -73.76 -50.07
C LYS P 370 -45.83 -73.71 -48.70
N LEU P 371 -46.89 -72.92 -48.59
CA LEU P 371 -47.61 -72.74 -47.33
C LEU P 371 -48.79 -73.69 -47.25
N LEU P 372 -49.23 -73.98 -46.03
CA LEU P 372 -50.39 -74.84 -45.77
C LEU P 372 -51.41 -74.02 -44.98
N PRO P 373 -52.35 -73.35 -45.66
CA PRO P 373 -53.29 -72.49 -44.92
C PRO P 373 -54.19 -73.24 -43.95
N LYS P 374 -54.37 -74.55 -44.12
CA LYS P 374 -55.24 -75.28 -43.22
C LYS P 374 -54.59 -75.51 -41.86
N LYS P 375 -53.27 -75.57 -41.80
CA LYS P 375 -52.56 -75.92 -40.58
C LYS P 375 -52.12 -74.70 -39.78
N ILE P 376 -52.48 -73.49 -40.20
CA ILE P 376 -52.08 -72.29 -39.47
C ILE P 376 -52.79 -72.29 -38.12
N PRO P 377 -52.08 -72.26 -36.99
CA PRO P 377 -52.76 -72.27 -35.70
C PRO P 377 -53.45 -70.94 -35.41
N ALA P 378 -54.40 -71.00 -34.48
CA ALA P 378 -55.14 -69.81 -34.09
C ALA P 378 -54.31 -68.86 -33.24
N PHE P 379 -53.36 -69.38 -32.48
CA PHE P 379 -52.58 -68.55 -31.56
C PHE P 379 -51.39 -67.87 -32.24
N ILE P 380 -51.15 -68.14 -33.52
CA ILE P 380 -50.07 -67.49 -34.24
C ILE P 380 -50.62 -66.29 -34.99
N LYS P 381 -49.78 -65.27 -35.16
CA LYS P 381 -50.18 -64.03 -35.81
C LYS P 381 -49.18 -63.67 -36.89
N SER P 382 -49.66 -62.98 -37.93
CA SER P 382 -48.83 -62.53 -39.04
C SER P 382 -48.10 -63.72 -39.70
N SER P 383 -48.86 -64.79 -39.93
CA SER P 383 -48.28 -65.99 -40.54
C SER P 383 -47.78 -65.70 -41.96
N ASP P 384 -48.54 -64.93 -42.74
CA ASP P 384 -48.16 -64.65 -44.10
C ASP P 384 -46.92 -63.79 -44.19
N LYS P 385 -46.51 -63.17 -43.07
CA LYS P 385 -45.24 -62.46 -42.99
C LYS P 385 -44.12 -63.35 -42.51
N ILE P 386 -44.43 -64.32 -41.63
CA ILE P 386 -43.45 -65.31 -41.22
C ILE P 386 -42.95 -66.09 -42.43
N PHE P 387 -43.88 -66.48 -43.31
CA PHE P 387 -43.49 -67.26 -44.47
C PHE P 387 -42.53 -66.48 -45.35
N GLN P 388 -42.82 -65.19 -45.59
CA GLN P 388 -41.94 -64.40 -46.44
C GLN P 388 -40.59 -64.15 -45.79
N ILE P 389 -40.57 -63.93 -44.47
CA ILE P 389 -39.30 -63.73 -43.79
C ILE P 389 -38.43 -64.97 -43.95
N GLY P 390 -39.01 -66.16 -43.72
CA GLY P 390 -38.23 -67.37 -43.84
C GLY P 390 -37.75 -67.64 -45.25
N LYS P 391 -38.63 -67.46 -46.23
CA LYS P 391 -38.24 -67.70 -47.62
C LYS P 391 -37.12 -66.76 -48.03
N THR P 392 -37.22 -65.49 -47.65
CA THR P 392 -36.18 -64.53 -48.09
C THR P 392 -34.85 -64.86 -47.38
N LEU P 393 -34.93 -65.31 -46.12
CA LEU P 393 -33.71 -65.71 -45.37
C LEU P 393 -33.03 -66.88 -46.11
N ILE P 394 -33.78 -67.93 -46.42
CA ILE P 394 -33.22 -69.09 -47.18
C ILE P 394 -32.56 -68.54 -48.45
N PHE P 395 -33.30 -67.73 -49.22
CA PHE P 395 -32.75 -67.19 -50.47
C PHE P 395 -31.45 -66.46 -50.23
N LEU P 396 -31.39 -65.63 -49.19
CA LEU P 396 -30.19 -64.82 -48.96
C LEU P 396 -29.02 -65.68 -48.54
N ASN P 397 -29.23 -66.63 -47.62
CA ASN P 397 -28.09 -67.34 -47.04
C ASN P 397 -27.73 -68.61 -47.80
N LYS P 398 -28.45 -68.97 -48.86
CA LYS P 398 -28.08 -70.16 -49.64
C LYS P 398 -27.91 -69.93 -51.14
N TYR P 399 -28.49 -68.88 -51.72
CA TYR P 399 -28.31 -68.58 -53.12
C TYR P 399 -27.42 -67.38 -53.35
N CYS P 400 -27.71 -66.24 -52.74
CA CYS P 400 -26.81 -65.10 -52.81
C CYS P 400 -25.55 -65.29 -51.99
N ARG P 401 -25.56 -66.24 -51.05
CA ARG P 401 -24.39 -66.55 -50.22
C ARG P 401 -23.87 -65.31 -49.50
N GLU P 402 -24.79 -64.47 -49.01
CA GLU P 402 -24.44 -63.30 -48.22
C GLU P 402 -24.49 -63.67 -46.75
N LEU P 403 -23.46 -64.42 -46.31
CA LEU P 403 -23.43 -64.93 -44.95
C LEU P 403 -23.13 -63.85 -43.92
N LYS P 404 -22.38 -62.82 -44.28
CA LYS P 404 -21.97 -61.80 -43.31
C LYS P 404 -23.19 -61.08 -42.73
N TRP P 405 -24.05 -60.55 -43.60
CA TRP P 405 -25.21 -59.82 -43.12
C TRP P 405 -26.21 -60.73 -42.45
N VAL P 406 -26.34 -61.97 -42.94
CA VAL P 406 -27.24 -62.91 -42.29
C VAL P 406 -26.79 -63.18 -40.86
N ASN P 407 -25.48 -63.35 -40.66
CA ASN P 407 -24.98 -63.55 -39.30
C ASN P 407 -25.21 -62.32 -38.44
N GLN P 408 -24.97 -61.13 -38.99
CA GLN P 408 -25.20 -59.92 -38.20
C GLN P 408 -26.66 -59.80 -37.80
N TYR P 409 -27.57 -60.08 -38.73
CA TYR P 409 -29.00 -60.10 -38.44
C TYR P 409 -29.35 -61.14 -37.38
N ASN P 410 -28.77 -62.33 -37.50
CA ASN P 410 -29.03 -63.38 -36.52
C ASN P 410 -28.65 -62.92 -35.12
N VAL P 411 -27.48 -62.31 -34.98
CA VAL P 411 -27.07 -61.84 -33.66
C VAL P 411 -28.02 -60.74 -33.18
N LYS P 412 -28.35 -59.80 -34.07
CA LYS P 412 -29.14 -58.65 -33.66
C LYS P 412 -30.50 -59.09 -33.11
N TYR P 413 -31.17 -60.00 -33.80
CA TYR P 413 -32.51 -60.39 -33.39
C TYR P 413 -32.53 -61.53 -32.38
N SER P 414 -31.44 -62.28 -32.24
CA SER P 414 -31.33 -63.17 -31.09
C SER P 414 -31.14 -62.38 -29.81
N ALA P 415 -30.48 -61.22 -29.88
CA ALA P 415 -30.34 -60.37 -28.71
C ALA P 415 -31.67 -59.76 -28.25
N ILE P 416 -32.71 -59.84 -29.08
CA ILE P 416 -34.05 -59.43 -28.68
C ILE P 416 -34.91 -60.62 -28.26
N LEU P 417 -34.83 -61.73 -28.99
CA LEU P 417 -35.68 -62.86 -28.60
C LEU P 417 -35.21 -63.52 -27.32
N PHE P 418 -33.89 -63.67 -27.11
CA PHE P 418 -33.38 -64.47 -26.00
C PHE P 418 -32.77 -63.67 -24.87
N ASN P 419 -32.37 -62.42 -25.12
CA ASN P 419 -31.79 -61.58 -24.08
C ASN P 419 -32.79 -60.56 -23.53
N ASN P 420 -33.41 -59.77 -24.40
CA ASN P 420 -34.45 -58.85 -23.94
C ASN P 420 -35.64 -59.61 -23.38
N HIS P 421 -36.07 -60.67 -24.07
CA HIS P 421 -37.15 -61.54 -23.63
C HIS P 421 -36.60 -62.95 -23.44
N GLN P 422 -37.51 -63.89 -23.17
CA GLN P 422 -37.14 -65.27 -22.87
C GLN P 422 -37.67 -66.23 -23.93
N GLY P 423 -37.88 -65.73 -25.14
CA GLY P 423 -38.38 -66.53 -26.23
C GLY P 423 -39.72 -66.03 -26.73
N LEU P 424 -40.20 -66.68 -27.79
CA LEU P 424 -41.48 -66.27 -28.38
C LEU P 424 -42.64 -66.51 -27.42
N ALA P 425 -42.55 -67.56 -26.61
CA ALA P 425 -43.62 -67.82 -25.65
C ALA P 425 -43.73 -66.69 -24.64
N SER P 426 -42.61 -66.17 -24.16
CA SER P 426 -42.60 -65.07 -23.19
C SER P 426 -42.65 -63.73 -23.92
N MET P 427 -43.70 -63.56 -24.71
CA MET P 427 -43.90 -62.33 -25.47
C MET P 427 -45.39 -62.14 -25.69
N THR P 428 -45.90 -60.96 -25.32
CA THR P 428 -47.29 -60.65 -25.58
C THR P 428 -47.52 -60.47 -27.07
N THR P 429 -48.76 -60.71 -27.49
CA THR P 429 -49.07 -60.75 -28.91
C THR P 429 -48.72 -59.43 -29.59
N ASN P 430 -48.96 -58.30 -28.90
CA ASN P 430 -48.65 -57.01 -29.50
C ASN P 430 -47.17 -56.88 -29.81
N GLU P 431 -46.31 -57.24 -28.85
CA GLU P 431 -44.87 -57.13 -29.06
C GLU P 431 -44.38 -58.15 -30.09
N MET P 432 -44.99 -59.33 -30.11
CA MET P 432 -44.61 -60.34 -31.09
C MET P 432 -44.92 -59.86 -32.50
N ILE P 433 -46.10 -59.27 -32.70
CA ILE P 433 -46.44 -58.73 -34.01
C ILE P 433 -45.49 -57.61 -34.39
N LYS P 434 -45.17 -56.74 -33.43
CA LYS P 434 -44.26 -55.64 -33.72
C LYS P 434 -42.89 -56.15 -34.14
N LEU P 435 -42.40 -57.18 -33.44
CA LEU P 435 -41.10 -57.75 -33.78
C LEU P 435 -41.11 -58.34 -35.18
N ILE P 436 -42.17 -59.07 -35.53
CA ILE P 436 -42.23 -59.65 -36.86
C ILE P 436 -42.30 -58.56 -37.92
N ASP P 437 -43.02 -57.48 -37.64
CA ASP P 437 -43.09 -56.38 -38.61
C ASP P 437 -41.72 -55.76 -38.82
N SER P 438 -40.98 -55.54 -37.74
CA SER P 438 -39.64 -54.96 -37.87
C SER P 438 -38.74 -55.88 -38.68
N GLN P 439 -38.80 -57.19 -38.41
CA GLN P 439 -37.98 -58.13 -39.17
C GLN P 439 -38.35 -58.09 -40.64
N TYR P 440 -39.65 -58.04 -40.94
CA TYR P 440 -40.10 -58.03 -42.34
C TYR P 440 -39.56 -56.81 -43.06
N ASN P 441 -39.70 -55.63 -42.47
CA ASN P 441 -39.20 -54.41 -43.12
C ASN P 441 -37.71 -54.50 -43.35
N GLU P 442 -36.96 -54.92 -42.33
CA GLU P 442 -35.50 -54.99 -42.48
C GLU P 442 -35.11 -55.98 -43.58
N ILE P 443 -35.74 -57.14 -43.60
CA ILE P 443 -35.36 -58.18 -44.55
C ILE P 443 -35.65 -57.71 -45.98
N LEU P 444 -36.84 -57.14 -46.21
CA LEU P 444 -37.12 -56.71 -47.58
C LEU P 444 -36.28 -55.50 -47.98
N THR P 445 -35.91 -54.65 -47.03
CA THR P 445 -35.00 -53.55 -47.36
C THR P 445 -33.66 -54.11 -47.85
N PHE P 446 -33.11 -55.10 -47.15
CA PHE P 446 -31.84 -55.66 -47.59
C PHE P 446 -31.99 -56.45 -48.89
N LEU P 447 -33.11 -57.14 -49.08
CA LEU P 447 -33.32 -57.86 -50.32
C LEU P 447 -33.35 -56.91 -51.51
N THR P 448 -34.00 -55.75 -51.35
CA THR P 448 -33.94 -54.75 -52.41
C THR P 448 -32.51 -54.26 -52.61
N GLN P 449 -31.83 -53.92 -51.51
CA GLN P 449 -30.48 -53.38 -51.62
C GLN P 449 -29.52 -54.34 -52.30
N ILE P 450 -29.82 -55.64 -52.32
CA ILE P 450 -29.01 -56.57 -53.08
C ILE P 450 -29.53 -56.67 -54.51
N ILE P 451 -30.78 -57.12 -54.67
CA ILE P 451 -31.27 -57.50 -55.99
C ILE P 451 -31.28 -56.32 -56.95
N GLN P 452 -31.83 -55.18 -56.52
CA GLN P 452 -31.85 -54.00 -57.38
C GLN P 452 -30.64 -53.11 -57.13
N GLY P 453 -29.77 -53.51 -56.22
CA GLY P 453 -28.52 -52.84 -55.94
C GLY P 453 -27.37 -53.52 -56.66
N ASN P 454 -26.66 -54.38 -55.94
CA ASN P 454 -25.44 -54.98 -56.50
C ASN P 454 -25.75 -55.76 -57.78
N ASN P 455 -26.91 -56.40 -57.85
CA ASN P 455 -27.25 -57.17 -59.04
C ASN P 455 -27.71 -56.29 -60.20
N LYS P 456 -28.30 -55.12 -59.91
CA LYS P 456 -28.81 -54.22 -60.94
C LYS P 456 -29.86 -54.92 -61.79
N LEU P 457 -30.97 -55.25 -61.15
CA LEU P 457 -32.04 -55.99 -61.83
C LEU P 457 -32.58 -55.20 -63.01
N PHE P 458 -32.82 -53.90 -62.83
CA PHE P 458 -33.42 -53.11 -63.91
C PHE P 458 -32.50 -53.06 -65.13
N THR P 459 -31.19 -52.91 -64.91
CA THR P 459 -30.27 -52.84 -66.03
C THR P 459 -30.28 -54.13 -66.83
N HIS P 460 -30.32 -55.27 -66.15
CA HIS P 460 -30.31 -56.54 -66.87
C HIS P 460 -31.64 -56.81 -67.55
N VAL P 461 -32.75 -56.36 -66.97
CA VAL P 461 -34.03 -56.47 -67.67
C VAL P 461 -34.02 -55.60 -68.92
N TYR P 462 -33.44 -54.40 -68.81
CA TYR P 462 -33.31 -53.54 -69.98
C TYR P 462 -32.47 -54.20 -71.05
N ASN P 463 -31.37 -54.86 -70.66
CA ASN P 463 -30.54 -55.54 -71.65
C ASN P 463 -31.26 -56.74 -72.27
N PHE P 464 -32.07 -57.44 -71.48
CA PHE P 464 -32.91 -58.49 -72.03
C PHE P 464 -33.81 -57.93 -73.12
N LYS P 465 -34.47 -56.81 -72.84
CA LYS P 465 -35.32 -56.19 -73.85
C LYS P 465 -34.50 -55.69 -75.03
N ARG P 466 -33.28 -55.23 -74.78
CA ARG P 466 -32.44 -54.69 -75.85
C ARG P 466 -32.05 -55.77 -76.85
N PHE P 467 -31.69 -56.95 -76.35
CA PHE P 467 -31.17 -58.00 -77.22
C PHE P 467 -32.23 -58.98 -77.70
N TYR P 468 -33.08 -59.48 -76.80
CA TYR P 468 -34.08 -60.46 -77.21
C TYR P 468 -35.15 -59.81 -78.09
N PHE P 469 -35.57 -58.58 -77.77
CA PHE P 469 -36.62 -57.91 -78.52
C PHE P 469 -36.06 -57.05 -79.65
N MET P 470 -34.86 -57.37 -80.14
CA MET P 470 -34.35 -56.92 -81.42
C MET P 470 -33.92 -55.46 -81.43
N GLU P 471 -33.89 -54.79 -80.27
CA GLU P 471 -33.79 -53.33 -80.26
C GLU P 471 -32.51 -52.85 -80.95
N THR P 472 -31.38 -53.47 -80.64
CA THR P 472 -30.11 -53.07 -81.24
C THR P 472 -30.03 -53.71 -82.62
N ASN P 473 -30.73 -53.09 -83.58
CA ASN P 473 -30.81 -53.66 -84.91
C ASN P 473 -29.46 -53.70 -85.60
N ASP P 474 -28.53 -52.81 -85.23
CA ASP P 474 -27.22 -52.79 -85.87
C ASP P 474 -26.46 -54.09 -85.60
N PHE P 475 -26.52 -54.59 -84.36
CA PHE P 475 -25.82 -55.81 -84.02
C PHE P 475 -26.35 -56.99 -84.85
N ILE P 476 -27.67 -57.05 -85.00
CA ILE P 476 -28.27 -58.17 -85.72
C ILE P 476 -27.99 -58.06 -87.21
N ASP P 477 -27.98 -56.84 -87.74
CA ASP P 477 -27.57 -56.66 -89.13
C ASP P 477 -26.13 -57.11 -89.32
N ALA P 478 -25.26 -56.81 -88.36
CA ALA P 478 -23.88 -57.27 -88.44
C ALA P 478 -23.80 -58.79 -88.41
N ILE P 479 -24.59 -59.43 -87.55
CA ILE P 479 -24.58 -60.89 -87.49
C ILE P 479 -25.04 -61.47 -88.82
N MET P 480 -26.11 -60.92 -89.39
CA MET P 480 -26.65 -61.49 -90.61
C MET P 480 -25.72 -61.26 -91.80
N VAL P 481 -25.10 -60.10 -91.89
CA VAL P 481 -24.19 -59.84 -93.00
C VAL P 481 -22.93 -60.70 -92.85
N LYS P 482 -22.45 -60.88 -91.63
CA LYS P 482 -21.25 -61.69 -91.43
C LYS P 482 -21.54 -63.18 -91.61
N GLY P 483 -22.71 -63.64 -91.16
CA GLY P 483 -23.04 -65.04 -91.21
C GLY P 483 -23.93 -65.42 -92.39
N LYS P 484 -23.94 -64.58 -93.42
CA LYS P 484 -24.82 -64.82 -94.56
C LYS P 484 -24.47 -66.12 -95.28
N ASP P 485 -23.26 -66.64 -95.11
CA ASP P 485 -22.86 -67.90 -95.72
C ASP P 485 -22.91 -69.07 -94.75
N VAL P 486 -22.63 -68.83 -93.47
CA VAL P 486 -22.69 -69.90 -92.47
C VAL P 486 -24.12 -70.37 -92.30
N PHE P 487 -25.07 -69.45 -92.24
CA PHE P 487 -26.46 -69.83 -92.01
C PHE P 487 -27.09 -70.52 -93.21
N ASN P 488 -26.47 -70.41 -94.39
CA ASN P 488 -27.06 -71.03 -95.57
C ASN P 488 -27.09 -72.55 -95.44
N GLU P 489 -26.03 -73.15 -94.91
CA GLU P 489 -25.96 -74.60 -94.82
C GLU P 489 -26.88 -75.10 -93.69
N SER P 490 -27.11 -76.41 -93.69
CA SER P 490 -28.04 -77.02 -92.75
C SER P 490 -27.53 -76.86 -91.32
N SER P 491 -28.48 -76.92 -90.38
CA SER P 491 -28.15 -76.69 -88.98
C SER P 491 -27.17 -77.71 -88.43
N VAL P 492 -27.06 -78.88 -89.05
CA VAL P 492 -26.12 -79.88 -88.55
C VAL P 492 -24.70 -79.54 -88.93
N ASN P 493 -24.49 -78.83 -90.03
CA ASN P 493 -23.14 -78.53 -90.50
C ASN P 493 -22.46 -77.45 -89.66
N ILE P 494 -23.23 -76.50 -89.12
CA ILE P 494 -22.64 -75.39 -88.38
C ILE P 494 -22.00 -75.91 -87.10
N SER P 495 -20.73 -75.57 -86.90
CA SER P 495 -19.97 -76.00 -85.73
C SER P 495 -19.80 -74.84 -84.75
N SER P 496 -19.23 -75.18 -83.58
CA SER P 496 -19.08 -74.17 -82.53
C SER P 496 -18.09 -73.08 -82.94
N THR P 497 -16.99 -73.48 -83.59
CA THR P 497 -15.96 -72.49 -83.94
C THR P 497 -16.50 -71.47 -84.95
N TYR P 498 -17.32 -71.90 -85.90
CA TYR P 498 -17.87 -70.97 -86.86
C TYR P 498 -18.83 -70.00 -86.19
N LEU P 499 -19.63 -70.50 -85.24
CA LEU P 499 -20.51 -69.61 -84.48
C LEU P 499 -19.71 -68.59 -83.70
N ARG P 500 -18.62 -69.01 -83.06
CA ARG P 500 -17.81 -68.07 -82.30
C ARG P 500 -17.19 -67.02 -83.21
N LYS P 501 -16.68 -67.45 -84.38
CA LYS P 501 -16.12 -66.49 -85.31
C LYS P 501 -17.17 -65.49 -85.77
N VAL P 502 -18.37 -65.97 -86.09
CA VAL P 502 -19.44 -65.08 -86.54
C VAL P 502 -19.78 -64.08 -85.46
N LEU P 503 -19.96 -64.56 -84.22
CA LEU P 503 -20.36 -63.67 -83.14
C LEU P 503 -19.28 -62.64 -82.87
N GLN P 504 -18.01 -63.03 -82.86
CA GLN P 504 -16.95 -62.07 -82.58
C GLN P 504 -16.85 -61.04 -83.69
N ASP P 505 -16.95 -61.46 -84.95
CA ASP P 505 -16.89 -60.49 -86.04
C ASP P 505 -18.06 -59.51 -85.97
N ALA P 506 -19.26 -60.02 -85.65
CA ALA P 506 -20.41 -59.13 -85.56
C ALA P 506 -20.30 -58.18 -84.39
N ILE P 507 -19.68 -58.62 -83.29
CA ILE P 507 -19.48 -57.73 -82.15
C ILE P 507 -18.51 -56.62 -82.53
N GLN P 508 -17.42 -56.96 -83.23
CA GLN P 508 -16.47 -55.93 -83.63
C GLN P 508 -17.09 -54.94 -84.61
N ILE P 509 -17.88 -55.43 -85.57
CA ILE P 509 -18.43 -54.53 -86.59
C ILE P 509 -19.42 -53.55 -85.98
N SER P 510 -20.33 -54.05 -85.14
CA SER P 510 -21.44 -53.26 -84.64
C SER P 510 -20.98 -52.39 -83.47
N SER P 511 -21.93 -51.73 -82.82
CA SER P 511 -21.66 -50.82 -81.71
C SER P 511 -21.67 -51.51 -80.37
N VAL P 512 -21.89 -52.83 -80.32
CA VAL P 512 -21.87 -53.55 -79.06
C VAL P 512 -20.48 -53.74 -78.50
N LYS P 513 -19.43 -53.54 -79.30
CA LYS P 513 -18.08 -53.71 -78.80
C LYS P 513 -17.76 -52.74 -77.68
N ASN P 514 -18.49 -51.62 -77.59
CA ASN P 514 -18.36 -50.69 -76.48
C ASN P 514 -19.37 -50.94 -75.39
N PHE P 515 -20.24 -51.94 -75.56
CA PHE P 515 -21.28 -52.22 -74.58
C PHE P 515 -20.66 -52.73 -73.29
N GLU P 516 -21.27 -52.35 -72.16
CA GLU P 516 -20.68 -52.67 -70.86
C GLU P 516 -20.57 -54.16 -70.65
N TYR P 517 -21.62 -54.91 -70.98
CA TYR P 517 -21.70 -56.34 -70.71
C TYR P 517 -21.53 -57.16 -71.99
N VAL P 518 -20.66 -56.71 -72.88
CA VAL P 518 -20.44 -57.43 -74.13
C VAL P 518 -19.96 -58.85 -73.89
N ASP P 519 -19.34 -59.10 -72.73
CA ASP P 519 -18.87 -60.45 -72.43
C ASP P 519 -20.05 -61.42 -72.29
N ARG P 520 -21.14 -60.98 -71.67
CA ARG P 520 -22.24 -61.88 -71.37
C ARG P 520 -22.90 -62.45 -72.62
N LEU P 521 -22.75 -61.80 -73.77
CA LEU P 521 -23.41 -62.27 -74.98
C LEU P 521 -22.86 -63.61 -75.42
N ASP P 522 -23.75 -64.48 -75.89
CA ASP P 522 -23.36 -65.80 -76.36
C ASP P 522 -24.43 -66.32 -77.30
N SER P 523 -24.01 -66.89 -78.44
CA SER P 523 -24.90 -67.43 -79.49
C SER P 523 -24.99 -68.93 -79.30
N ARG P 524 -26.00 -69.57 -79.88
CA ARG P 524 -26.18 -71.04 -79.78
C ARG P 524 -27.10 -71.48 -80.93
N VAL P 525 -27.25 -72.77 -81.17
CA VAL P 525 -28.24 -73.32 -82.14
C VAL P 525 -29.07 -74.23 -81.26
N LEU P 526 -30.41 -74.16 -81.31
CA LEU P 526 -31.26 -74.91 -80.41
C LEU P 526 -31.45 -76.36 -80.87
N ASN P 527 -32.04 -76.54 -82.05
CA ASN P 527 -32.38 -77.88 -82.55
C ASN P 527 -31.64 -78.14 -83.85
N PRO P 528 -30.47 -78.78 -83.81
CA PRO P 528 -29.72 -79.06 -85.06
C PRO P 528 -30.32 -80.21 -85.86
N GLN P 529 -31.48 -79.96 -86.46
CA GLN P 529 -32.13 -80.94 -87.32
C GLN P 529 -31.63 -80.79 -88.75
N HIS P 530 -31.69 -81.89 -89.49
CA HIS P 530 -31.24 -81.87 -90.89
C HIS P 530 -32.09 -80.94 -91.74
N GLY P 531 -33.40 -80.93 -91.51
CA GLY P 531 -34.31 -80.13 -92.29
C GLY P 531 -34.40 -78.67 -91.90
N ASN P 532 -33.66 -78.24 -90.89
CA ASN P 532 -33.65 -76.86 -90.44
C ASN P 532 -32.38 -76.17 -90.89
N LEU P 533 -32.53 -75.01 -91.54
CA LEU P 533 -31.38 -74.24 -91.97
C LEU P 533 -30.87 -73.39 -90.81
N GLY P 534 -29.77 -72.67 -91.05
CA GLY P 534 -29.21 -71.84 -90.00
C GLY P 534 -30.15 -70.72 -89.57
N TRP P 535 -30.86 -70.13 -90.54
CA TRP P 535 -31.73 -69.01 -90.21
C TRP P 535 -32.86 -69.43 -89.28
N GLU P 536 -33.26 -70.69 -89.31
CA GLU P 536 -34.39 -71.17 -88.53
C GLU P 536 -33.99 -71.71 -87.16
N SER P 537 -32.72 -71.61 -86.79
CA SER P 537 -32.25 -72.16 -85.52
C SER P 537 -31.39 -71.20 -84.70
N PHE P 538 -30.74 -70.23 -85.32
CA PHE P 538 -29.85 -69.35 -84.57
C PHE P 538 -30.63 -68.55 -83.53
N THR P 539 -30.09 -68.48 -82.32
CA THR P 539 -30.71 -67.71 -81.25
C THR P 539 -29.60 -67.08 -80.40
N ILE P 540 -29.80 -65.82 -80.05
CA ILE P 540 -28.86 -65.09 -79.20
C ILE P 540 -29.29 -65.26 -77.76
N GLU P 541 -28.34 -65.60 -76.86
CA GLU P 541 -28.60 -65.92 -75.43
C GLU P 541 -27.81 -64.95 -74.53
N TYR P 542 -28.46 -64.22 -73.63
CA TYR P 542 -27.84 -63.28 -72.69
C TYR P 542 -27.63 -64.01 -71.38
N LYS P 543 -26.36 -64.24 -71.02
CA LYS P 543 -26.04 -65.04 -69.85
C LYS P 543 -26.15 -64.20 -68.59
N ILE P 544 -27.06 -64.59 -67.69
CA ILE P 544 -27.17 -63.99 -66.37
C ILE P 544 -26.97 -65.02 -65.27
N ASP P 545 -26.38 -66.17 -65.61
CA ASP P 545 -26.19 -67.23 -64.64
C ASP P 545 -25.25 -66.82 -63.51
N ASP P 546 -24.36 -65.86 -63.75
CA ASP P 546 -23.40 -65.46 -62.73
C ASP P 546 -24.06 -64.73 -61.55
N LEU P 547 -25.33 -64.36 -61.66
CA LEU P 547 -26.00 -63.61 -60.60
C LEU P 547 -27.08 -64.46 -59.95
N PRO P 548 -27.41 -64.19 -58.69
CA PRO P 548 -28.54 -64.91 -58.06
C PRO P 548 -29.87 -64.63 -58.72
N MET P 549 -29.95 -63.57 -59.52
CA MET P 549 -31.19 -63.24 -60.21
C MET P 549 -31.65 -64.38 -61.11
N SER P 550 -30.73 -65.20 -61.60
CA SER P 550 -31.10 -66.26 -62.53
C SER P 550 -32.02 -67.29 -61.89
N TYR P 551 -31.95 -67.42 -60.56
CA TYR P 551 -32.83 -68.38 -59.88
C TYR P 551 -34.25 -67.88 -59.77
N LEU P 552 -34.44 -66.55 -59.74
CA LEU P 552 -35.80 -66.02 -59.76
C LEU P 552 -36.48 -66.28 -61.09
N PHE P 553 -35.74 -66.12 -62.18
CA PHE P 553 -36.30 -66.22 -63.53
C PHE P 553 -36.35 -67.70 -63.92
N GLU P 554 -37.54 -68.30 -63.81
CA GLU P 554 -37.71 -69.70 -64.16
C GLU P 554 -37.56 -69.92 -65.66
N GLY P 555 -37.33 -71.17 -66.03
CA GLY P 555 -37.05 -71.49 -67.43
C GLY P 555 -38.20 -71.16 -68.37
N HIS P 556 -39.44 -71.16 -67.85
CA HIS P 556 -40.59 -70.89 -68.70
C HIS P 556 -40.52 -69.49 -69.31
N GLN P 557 -40.10 -68.52 -68.50
CA GLN P 557 -39.98 -67.15 -68.97
C GLN P 557 -38.93 -67.05 -70.06
N HIS P 558 -37.79 -67.73 -69.88
CA HIS P 558 -36.74 -67.71 -70.88
C HIS P 558 -37.20 -68.37 -72.18
N LEU P 559 -37.99 -69.44 -72.07
CA LEU P 559 -38.53 -70.08 -73.27
C LEU P 559 -39.44 -69.13 -74.04
N GLN P 560 -40.25 -68.33 -73.32
CA GLN P 560 -41.16 -67.34 -73.94
C GLN P 560 -40.34 -66.17 -74.49
N TYR P 561 -39.13 -65.93 -73.97
CA TYR P 561 -38.20 -64.87 -74.46
C TYR P 561 -37.54 -65.36 -75.76
N LEU P 562 -37.36 -66.68 -75.93
CA LEU P 562 -36.74 -67.29 -77.14
C LEU P 562 -37.81 -67.50 -78.22
N LYS P 563 -39.10 -67.69 -77.86
CA LYS P 563 -40.16 -67.78 -78.86
C LYS P 563 -40.39 -66.43 -79.54
N MET P 564 -40.51 -65.37 -78.73
CA MET P 564 -40.77 -64.06 -79.31
C MET P 564 -39.56 -63.60 -80.14
N PHE P 565 -38.35 -63.91 -79.67
CA PHE P 565 -37.17 -63.61 -80.47
C PHE P 565 -37.20 -64.32 -81.81
N HIS P 566 -37.65 -65.57 -81.83
CA HIS P 566 -37.70 -66.30 -83.10
C HIS P 566 -38.62 -65.60 -84.09
N PHE P 567 -39.80 -65.19 -83.64
CA PHE P 567 -40.71 -64.51 -84.56
C PHE P 567 -40.09 -63.20 -85.07
N LEU P 568 -39.54 -62.41 -84.16
CA LEU P 568 -38.96 -61.13 -84.58
C LEU P 568 -37.74 -61.35 -85.48
N TRP P 569 -36.99 -62.43 -85.25
CA TRP P 569 -35.85 -62.76 -86.09
C TRP P 569 -36.28 -63.04 -87.51
N LYS P 570 -37.38 -63.78 -87.68
CA LYS P 570 -37.87 -64.01 -89.03
C LYS P 570 -38.23 -62.69 -89.71
N LEU P 571 -38.94 -61.81 -88.98
CA LEU P 571 -39.35 -60.55 -89.61
C LEU P 571 -38.13 -59.74 -90.06
N ARG P 572 -37.14 -59.60 -89.19
CA ARG P 572 -35.98 -58.79 -89.56
C ARG P 572 -35.13 -59.47 -90.63
N GLN P 573 -35.10 -60.80 -90.65
CA GLN P 573 -34.42 -61.49 -91.74
C GLN P 573 -35.01 -61.09 -93.08
N LEU P 574 -36.35 -61.08 -93.17
CA LEU P 574 -36.96 -60.66 -94.43
C LEU P 574 -36.69 -59.19 -94.73
N ASN P 575 -36.72 -58.35 -93.69
CA ASN P 575 -36.49 -56.93 -93.91
C ASN P 575 -35.11 -56.68 -94.50
N ASN P 576 -34.10 -57.42 -94.04
CA ASN P 576 -32.76 -57.25 -94.57
C ASN P 576 -32.59 -57.92 -95.93
N LEU P 577 -33.28 -59.03 -96.17
CA LEU P 577 -33.21 -59.67 -97.48
C LEU P 577 -33.72 -58.72 -98.55
N LEU P 578 -34.77 -57.96 -98.24
CA LEU P 578 -35.25 -56.99 -99.22
C LEU P 578 -34.21 -55.92 -99.52
N ASN P 579 -33.43 -55.50 -98.52
CA ASN P 579 -32.37 -54.53 -98.77
C ASN P 579 -31.31 -55.10 -99.70
N TRP P 580 -30.91 -56.35 -99.48
CA TRP P 580 -29.95 -56.95 -100.39
C TRP P 580 -30.53 -57.06 -101.80
N HIS P 581 -31.81 -57.41 -101.90
CA HIS P 581 -32.45 -57.45 -103.22
C HIS P 581 -32.39 -56.10 -103.90
N PHE P 582 -32.69 -55.04 -103.16
CA PHE P 582 -32.64 -53.69 -103.72
C PHE P 582 -31.25 -53.36 -104.21
N GLU P 583 -30.23 -53.66 -103.42
CA GLU P 583 -28.87 -53.30 -103.83
C GLU P 583 -28.46 -54.07 -105.07
N MET P 584 -28.72 -55.38 -105.12
CA MET P 584 -28.27 -56.16 -106.25
C MET P 584 -28.99 -55.75 -107.53
N PHE P 585 -30.30 -55.49 -107.46
CA PHE P 585 -30.99 -55.09 -108.68
C PHE P 585 -30.61 -53.68 -109.12
N ASN P 586 -30.38 -52.77 -108.17
CA ASN P 586 -29.95 -51.43 -108.54
C ASN P 586 -28.58 -51.47 -109.21
N GLU P 587 -27.66 -52.28 -108.69
CA GLU P 587 -26.36 -52.40 -109.32
C GLU P 587 -26.47 -53.02 -110.72
N LEU P 588 -27.32 -54.05 -110.86
CA LEU P 588 -27.51 -54.64 -112.17
C LEU P 588 -28.07 -53.64 -113.17
N ASN P 589 -28.92 -52.72 -112.70
CA ASN P 589 -29.46 -51.70 -113.60
C ASN P 589 -28.34 -50.90 -114.25
N HIS P 590 -27.35 -50.50 -113.46
CA HIS P 590 -26.25 -49.72 -114.01
C HIS P 590 -25.29 -50.57 -114.83
N ASN P 591 -25.11 -51.84 -114.44
CA ASN P 591 -24.09 -52.66 -115.09
C ASN P 591 -24.54 -53.27 -116.41
N VAL P 592 -25.82 -53.61 -116.56
CA VAL P 592 -26.26 -54.36 -117.74
C VAL P 592 -27.32 -53.61 -118.52
N VAL P 593 -28.45 -53.31 -117.87
CA VAL P 593 -29.62 -52.83 -118.61
C VAL P 593 -29.31 -51.52 -119.32
N THR P 594 -28.67 -50.58 -118.62
CA THR P 594 -28.43 -49.26 -119.21
C THR P 594 -27.38 -49.31 -120.32
N LYS P 595 -26.55 -50.36 -120.36
CA LYS P 595 -25.56 -50.52 -121.40
C LYS P 595 -26.02 -51.43 -122.53
N LEU P 596 -27.22 -51.97 -122.45
CA LEU P 596 -27.71 -52.91 -123.44
C LEU P 596 -28.12 -52.19 -124.72
N SER P 597 -28.38 -52.98 -125.76
CA SER P 597 -28.82 -52.43 -127.03
C SER P 597 -30.17 -51.74 -126.86
N SER P 598 -30.36 -50.64 -127.58
CA SER P 598 -31.57 -49.84 -127.44
C SER P 598 -32.81 -50.59 -127.91
N ARG P 599 -32.66 -51.65 -128.70
CA ARG P 599 -33.83 -52.34 -129.23
C ARG P 599 -34.62 -53.01 -128.11
N ASN P 600 -33.94 -53.78 -127.26
CA ASN P 600 -34.60 -54.52 -126.19
C ASN P 600 -34.38 -53.89 -124.81
N ARG P 601 -33.79 -52.70 -124.76
CA ARG P 601 -33.59 -52.04 -123.47
C ARG P 601 -34.93 -51.68 -122.83
N ARG P 602 -35.88 -51.19 -123.63
CA ARG P 602 -37.15 -50.72 -123.07
C ARG P 602 -37.93 -51.82 -122.38
N PRO P 603 -38.17 -52.98 -122.99
CA PRO P 603 -38.92 -54.03 -122.28
C PRO P 603 -38.24 -54.48 -121.00
N LEU P 604 -36.90 -54.60 -121.03
CA LEU P 604 -36.19 -55.02 -119.83
C LEU P 604 -36.25 -53.95 -118.76
N ALA P 605 -36.14 -52.68 -119.17
CA ALA P 605 -36.27 -51.59 -118.21
C ALA P 605 -37.65 -51.62 -117.54
N LYS P 606 -38.69 -51.84 -118.32
CA LYS P 606 -40.05 -51.90 -117.77
C LYS P 606 -40.18 -53.05 -116.77
N SER P 607 -39.68 -54.23 -117.15
CA SER P 607 -39.78 -55.39 -116.25
C SER P 607 -39.00 -55.14 -114.96
N LEU P 608 -37.81 -54.57 -115.07
CA LEU P 608 -37.00 -54.28 -113.89
C LEU P 608 -37.71 -53.27 -112.98
N SER P 609 -38.31 -52.24 -113.56
CA SER P 609 -39.03 -51.27 -112.76
C SER P 609 -40.21 -51.91 -112.04
N ILE P 610 -40.91 -52.81 -112.72
CA ILE P 610 -42.02 -53.52 -112.08
C ILE P 610 -41.52 -54.31 -110.89
N ILE P 611 -40.42 -55.04 -111.08
CA ILE P 611 -39.88 -55.87 -110.00
C ILE P 611 -39.51 -55.00 -108.80
N THR P 612 -38.83 -53.88 -109.06
CA THR P 612 -38.37 -53.04 -107.97
C THR P 612 -39.53 -52.38 -107.26
N SER P 613 -40.58 -52.00 -107.98
CA SER P 613 -41.76 -51.42 -107.33
C SER P 613 -42.42 -52.46 -106.41
N ILE P 614 -42.48 -53.71 -106.85
CA ILE P 614 -43.04 -54.75 -105.99
C ILE P 614 -42.21 -54.88 -104.72
N ARG P 615 -40.89 -54.85 -104.87
CA ARG P 615 -40.01 -54.90 -103.70
C ARG P 615 -40.29 -53.73 -102.76
N PHE P 616 -40.50 -52.54 -103.32
CA PHE P 616 -40.78 -51.37 -102.49
C PHE P 616 -42.07 -51.55 -101.70
N HIS P 617 -43.10 -52.11 -102.34
CA HIS P 617 -44.36 -52.36 -101.61
C HIS P 617 -44.12 -53.29 -100.44
N PHE P 618 -43.39 -54.38 -100.68
CA PHE P 618 -43.13 -55.34 -99.60
C PHE P 618 -42.35 -54.69 -98.47
N THR P 619 -41.36 -53.86 -98.81
CA THR P 619 -40.57 -53.19 -97.78
C THR P 619 -41.43 -52.29 -96.93
N GLN P 620 -42.35 -51.54 -97.56
CA GLN P 620 -43.22 -50.68 -96.78
C GLN P 620 -44.08 -51.49 -95.81
N PHE P 621 -44.63 -52.61 -96.28
CA PHE P 621 -45.46 -53.41 -95.39
C PHE P 621 -44.66 -53.92 -94.20
N LEU P 622 -43.47 -54.47 -94.46
CA LEU P 622 -42.67 -55.01 -93.36
C LEU P 622 -42.28 -53.92 -92.38
N ASN P 623 -41.91 -52.74 -92.88
CA ASN P 623 -41.52 -51.67 -91.98
C ASN P 623 -42.68 -51.24 -91.10
N GLU P 624 -43.89 -51.14 -91.66
CA GLU P 624 -45.04 -50.78 -90.83
C GLU P 624 -45.30 -51.83 -89.77
N LEU P 625 -45.22 -53.11 -90.12
CA LEU P 625 -45.45 -54.15 -89.12
C LEU P 625 -44.42 -54.06 -87.99
N ILE P 626 -43.14 -53.89 -88.34
CA ILE P 626 -42.11 -53.80 -87.31
C ILE P 626 -42.32 -52.58 -86.44
N ALA P 627 -42.69 -51.44 -87.04
CA ALA P 627 -42.89 -50.23 -86.26
C ALA P 627 -44.03 -50.43 -85.27
N TYR P 628 -45.13 -51.03 -85.72
CA TYR P 628 -46.23 -51.28 -84.80
C TYR P 628 -45.80 -52.14 -83.64
N LEU P 629 -45.18 -53.30 -83.93
CA LEU P 629 -44.79 -54.16 -82.83
C LEU P 629 -43.86 -53.45 -81.88
N SER P 630 -42.80 -52.83 -82.41
CA SER P 630 -41.74 -52.30 -81.56
C SER P 630 -42.26 -51.16 -80.69
N TYR P 631 -43.02 -50.24 -81.25
CA TYR P 631 -43.38 -49.03 -80.52
C TYR P 631 -44.82 -49.03 -80.00
N ASP P 632 -45.54 -50.15 -80.09
CA ASP P 632 -46.84 -50.25 -79.44
C ASP P 632 -46.99 -51.48 -78.57
N VAL P 633 -46.17 -52.51 -78.74
CA VAL P 633 -46.27 -53.74 -77.95
C VAL P 633 -45.11 -53.86 -76.98
N ILE P 634 -43.88 -53.87 -77.49
CA ILE P 634 -42.72 -54.08 -76.62
C ILE P 634 -42.50 -52.85 -75.75
N GLU P 635 -42.49 -51.66 -76.36
CA GLU P 635 -42.14 -50.46 -75.61
C GLU P 635 -43.24 -50.07 -74.64
N GLU P 636 -44.50 -50.11 -75.08
CA GLU P 636 -45.61 -49.80 -74.19
C GLU P 636 -45.67 -50.77 -73.03
N ASN P 637 -45.52 -52.08 -73.31
CA ASN P 637 -45.57 -53.05 -72.23
C ASN P 637 -44.41 -52.86 -71.26
N PHE P 638 -43.21 -52.58 -71.77
CA PHE P 638 -42.10 -52.33 -70.86
C PHE P 638 -42.39 -51.15 -69.95
N GLN P 639 -42.75 -50.01 -70.55
CA GLN P 639 -42.97 -48.80 -69.75
C GLN P 639 -44.17 -48.94 -68.82
N GLN P 640 -45.11 -49.82 -69.14
CA GLN P 640 -46.32 -49.94 -68.33
C GLN P 640 -46.19 -50.97 -67.22
N HIS P 641 -45.44 -52.05 -67.46
CA HIS P 641 -45.40 -53.17 -66.54
C HIS P 641 -44.11 -53.30 -65.75
N ILE P 642 -43.03 -52.64 -66.17
CA ILE P 642 -41.76 -52.77 -65.47
C ILE P 642 -41.39 -51.43 -64.84
N VAL P 643 -41.23 -50.40 -65.67
CA VAL P 643 -40.86 -49.10 -65.14
C VAL P 643 -41.93 -48.58 -64.20
N ARG P 644 -43.20 -48.70 -64.59
CA ARG P 644 -44.27 -48.14 -63.78
C ARG P 644 -44.59 -49.01 -62.56
N LYS P 645 -44.21 -50.29 -62.57
CA LYS P 645 -44.37 -51.11 -61.38
C LYS P 645 -43.25 -50.89 -60.38
N LEU P 646 -42.02 -50.75 -60.85
CA LEU P 646 -40.88 -50.65 -59.94
C LEU P 646 -40.80 -49.26 -59.31
N PHE P 647 -40.73 -48.22 -60.14
CA PHE P 647 -40.33 -46.90 -59.66
C PHE P 647 -41.51 -46.01 -59.29
N TYR P 648 -42.58 -45.99 -60.08
CA TYR P 648 -43.75 -45.20 -59.70
C TYR P 648 -44.54 -45.93 -58.61
N ASN P 649 -45.28 -45.14 -57.83
CA ASN P 649 -45.99 -45.65 -56.69
C ASN P 649 -47.08 -46.63 -57.13
N LYS P 650 -47.10 -47.81 -56.50
CA LYS P 650 -48.22 -48.73 -56.71
C LYS P 650 -49.36 -48.34 -55.78
N ASN P 651 -50.02 -47.23 -56.09
CA ASN P 651 -51.09 -46.71 -55.24
C ASN P 651 -52.14 -47.78 -55.00
N ASP P 652 -52.49 -47.93 -53.73
CA ASP P 652 -53.49 -48.98 -53.36
C ASP P 652 -54.42 -48.41 -52.29
N GLN P 653 -55.48 -49.13 -51.97
CA GLN P 653 -56.45 -48.68 -50.99
C GLN P 653 -55.87 -48.62 -49.57
N ASP P 654 -54.82 -49.39 -49.30
CA ASP P 654 -54.19 -49.32 -47.98
C ASP P 654 -53.21 -48.15 -47.89
N LEU P 655 -52.60 -47.77 -49.01
CA LEU P 655 -51.76 -46.58 -49.02
C LEU P 655 -52.59 -45.31 -48.92
N LEU P 656 -53.89 -45.39 -49.21
CA LEU P 656 -54.76 -44.23 -49.12
C LEU P 656 -54.85 -43.71 -47.69
N LEU P 657 -54.91 -44.62 -46.71
CA LEU P 657 -55.11 -44.24 -45.33
C LEU P 657 -53.89 -43.51 -44.79
N ASN P 658 -54.09 -42.26 -44.33
CA ASN P 658 -53.05 -41.50 -43.65
C ASN P 658 -53.12 -41.78 -42.15
N LYS P 659 -52.24 -42.65 -41.66
CA LYS P 659 -52.29 -43.07 -40.27
C LYS P 659 -51.86 -41.99 -39.29
N SER P 660 -51.34 -40.87 -39.77
CA SER P 660 -50.83 -39.84 -38.86
C SER P 660 -51.93 -39.13 -38.10
N PHE P 661 -53.21 -39.49 -38.29
CA PHE P 661 -54.24 -39.01 -37.37
C PHE P 661 -54.03 -39.60 -36.00
N MET P 662 -53.44 -40.78 -35.92
CA MET P 662 -52.89 -41.27 -34.66
C MET P 662 -51.62 -40.46 -34.34
N ASN P 663 -51.33 -40.33 -33.03
CA ASN P 663 -50.19 -39.51 -32.63
C ASN P 663 -48.89 -40.04 -33.22
N LEU P 664 -48.59 -41.32 -32.98
CA LEU P 664 -47.44 -42.01 -33.59
C LEU P 664 -46.19 -41.13 -33.64
N SER P 665 -45.78 -40.65 -32.46
CA SER P 665 -44.53 -39.89 -32.36
C SER P 665 -43.31 -40.77 -32.67
N GLU P 666 -43.38 -42.07 -32.36
CA GLU P 666 -42.23 -42.95 -32.49
C GLU P 666 -42.04 -43.42 -33.93
N ILE P 667 -40.79 -43.75 -34.26
CA ILE P 667 -40.43 -44.34 -35.54
C ILE P 667 -39.55 -45.56 -35.30
N ASP P 668 -39.73 -46.58 -36.14
CA ASP P 668 -39.03 -47.85 -35.99
C ASP P 668 -38.70 -48.41 -37.36
N PRO P 669 -37.69 -49.30 -37.47
CA PRO P 669 -36.78 -49.76 -36.39
C PRO P 669 -35.77 -48.69 -36.01
N ASN P 670 -35.30 -47.92 -36.98
CA ASN P 670 -34.34 -46.85 -36.73
C ASN P 670 -34.20 -46.00 -37.98
N ASN P 671 -33.63 -44.81 -37.81
CA ASN P 671 -33.32 -43.95 -38.94
C ASN P 671 -32.24 -44.55 -39.84
N ASP P 672 -31.52 -45.57 -39.36
CA ASP P 672 -30.45 -46.17 -40.15
C ASP P 672 -30.96 -47.00 -41.32
N LEU P 673 -32.25 -47.29 -41.38
CA LEU P 673 -32.79 -48.13 -42.44
C LEU P 673 -33.17 -47.27 -43.65
N PRO P 674 -32.53 -47.45 -44.81
CA PRO P 674 -32.74 -46.52 -45.92
C PRO P 674 -34.15 -46.57 -46.50
N LYS P 675 -34.52 -45.47 -47.16
CA LYS P 675 -35.68 -45.42 -48.05
C LYS P 675 -35.14 -45.39 -49.49
N PHE P 676 -35.65 -46.27 -50.34
CA PHE P 676 -34.87 -46.76 -51.48
C PHE P 676 -35.38 -46.37 -52.87
N ASN P 677 -36.32 -45.45 -53.00
CA ASN P 677 -36.71 -44.96 -54.33
C ASN P 677 -37.33 -46.03 -55.21
N VAL P 678 -37.52 -47.25 -54.70
CA VAL P 678 -38.12 -48.32 -55.47
C VAL P 678 -39.04 -49.11 -54.55
N ASN P 679 -40.15 -49.60 -55.10
CA ASN P 679 -41.09 -50.37 -54.31
C ASN P 679 -40.42 -51.64 -53.79
N LEU P 680 -40.61 -51.92 -52.50
CA LEU P 680 -40.05 -53.11 -51.88
C LEU P 680 -40.88 -54.32 -52.29
N LEU P 681 -40.29 -55.20 -53.10
CA LEU P 681 -41.01 -56.33 -53.68
C LEU P 681 -40.51 -57.64 -53.06
N THR P 682 -41.45 -58.53 -52.77
CA THR P 682 -41.11 -59.86 -52.30
C THR P 682 -40.57 -60.71 -53.46
N ILE P 683 -39.97 -61.84 -53.10
CA ILE P 683 -39.41 -62.74 -54.12
C ILE P 683 -40.49 -63.20 -55.08
N ASP P 684 -41.60 -63.70 -54.53
CA ASP P 684 -42.71 -64.11 -55.36
C ASP P 684 -43.26 -62.94 -56.17
N GLU P 685 -43.20 -61.73 -55.59
CA GLU P 685 -43.66 -60.56 -56.31
C GLU P 685 -42.77 -60.27 -57.52
N LEU P 686 -41.45 -60.43 -57.37
CA LEU P 686 -40.55 -60.21 -58.50
C LEU P 686 -40.80 -61.24 -59.59
N VAL P 687 -40.97 -62.51 -59.19
CA VAL P 687 -41.24 -63.55 -60.18
C VAL P 687 -42.53 -63.24 -60.93
N GLU P 688 -43.58 -62.89 -60.20
CA GLU P 688 -44.86 -62.58 -60.83
C GLU P 688 -44.77 -61.35 -61.71
N LEU P 689 -44.02 -60.33 -61.29
CA LEU P 689 -43.88 -59.12 -62.07
C LEU P 689 -43.24 -59.41 -63.42
N HIS P 690 -42.12 -60.14 -63.42
CA HIS P 690 -41.49 -60.44 -64.69
C HIS P 690 -42.33 -61.39 -65.54
N GLY P 691 -43.03 -62.33 -64.89
CA GLY P 691 -43.89 -63.22 -65.65
C GLY P 691 -45.01 -62.50 -66.34
N THR P 692 -45.66 -61.56 -65.65
CA THR P 692 -46.71 -60.78 -66.27
C THR P 692 -46.17 -59.89 -67.38
N TYR P 693 -44.98 -59.31 -67.17
CA TYR P 693 -44.42 -58.47 -68.23
C TYR P 693 -44.18 -59.28 -69.50
N ILE P 694 -43.62 -60.48 -69.37
CA ILE P 694 -43.40 -61.30 -70.56
C ILE P 694 -44.73 -61.76 -71.16
N ASP P 695 -45.67 -62.17 -70.30
CA ASP P 695 -46.93 -62.71 -70.80
C ASP P 695 -47.70 -61.67 -71.60
N SER P 696 -47.67 -60.41 -71.14
CA SER P 696 -48.39 -59.36 -71.86
C SER P 696 -47.89 -59.26 -73.30
N ILE P 697 -46.59 -59.31 -73.51
CA ILE P 697 -46.05 -59.20 -74.86
C ILE P 697 -46.41 -60.45 -75.66
N ILE P 698 -46.15 -61.65 -75.11
CA ILE P 698 -46.30 -62.84 -75.93
C ILE P 698 -47.78 -63.09 -76.24
N ASN P 699 -48.68 -62.74 -75.32
CA ASN P 699 -50.11 -62.97 -75.50
C ASN P 699 -50.85 -61.67 -75.85
N SER P 700 -50.22 -60.81 -76.64
CA SER P 700 -50.86 -59.57 -77.05
C SER P 700 -52.05 -59.87 -77.96
N SER P 701 -52.75 -58.81 -78.37
CA SER P 701 -53.92 -58.99 -79.23
C SER P 701 -53.52 -59.62 -80.56
N LEU P 702 -52.45 -59.13 -81.17
CA LEU P 702 -52.03 -59.65 -82.46
C LEU P 702 -51.35 -61.02 -82.34
N LEU P 703 -50.64 -61.28 -81.26
CA LEU P 703 -49.85 -62.49 -81.12
C LEU P 703 -50.61 -63.63 -80.45
N ASN P 704 -51.88 -63.44 -80.13
CA ASN P 704 -52.65 -64.51 -79.52
C ASN P 704 -52.98 -65.58 -80.55
N GLU P 705 -53.40 -66.74 -80.05
CA GLU P 705 -53.80 -67.85 -80.91
C GLU P 705 -55.27 -67.80 -81.30
N LYS P 706 -56.02 -66.83 -80.78
CA LYS P 706 -57.44 -66.71 -81.10
C LYS P 706 -57.63 -66.35 -82.57
N THR P 712 -62.92 -65.90 -90.08
CA THR P 712 -62.30 -66.89 -90.95
C THR P 712 -61.81 -68.10 -90.15
N ASN P 713 -62.03 -68.07 -88.84
CA ASN P 713 -61.61 -69.14 -87.95
C ASN P 713 -60.09 -69.37 -88.01
N ILE P 714 -59.34 -68.32 -88.31
CA ILE P 714 -57.89 -68.38 -88.34
C ILE P 714 -57.34 -67.20 -87.54
N SER P 715 -56.14 -67.38 -87.01
CA SER P 715 -55.51 -66.37 -86.18
C SER P 715 -54.73 -65.38 -87.03
N TYR P 716 -54.44 -64.22 -86.43
CA TYR P 716 -53.68 -63.20 -87.13
C TYR P 716 -52.27 -63.67 -87.45
N ILE P 717 -51.68 -64.46 -86.55
CA ILE P 717 -50.31 -64.93 -86.76
C ILE P 717 -50.22 -65.77 -88.03
N ASP P 718 -51.23 -66.62 -88.27
CA ASP P 718 -51.20 -67.46 -89.46
C ASP P 718 -51.24 -66.61 -90.73
N GLN P 719 -52.08 -65.57 -90.74
CA GLN P 719 -52.15 -64.69 -91.90
C GLN P 719 -50.82 -63.97 -92.13
N ILE P 720 -50.22 -63.48 -91.04
CA ILE P 720 -48.94 -62.79 -91.17
C ILE P 720 -47.89 -63.75 -91.72
N PHE P 721 -47.86 -64.98 -91.22
CA PHE P 721 -46.87 -65.95 -91.69
C PHE P 721 -47.12 -66.31 -93.16
N ASN P 722 -48.39 -66.33 -93.57
CA ASN P 722 -48.68 -66.58 -94.98
C ASN P 722 -48.12 -65.46 -95.85
N ILE P 723 -48.28 -64.21 -95.41
CA ILE P 723 -47.69 -63.10 -96.17
C ILE P 723 -46.17 -63.21 -96.20
N LEU P 724 -45.57 -63.64 -95.08
CA LEU P 724 -44.12 -63.81 -95.06
C LEU P 724 -43.68 -64.88 -96.05
N GLN P 725 -44.43 -65.98 -96.14
CA GLN P 725 -44.13 -67.00 -97.14
C GLN P 725 -44.26 -66.45 -98.55
N THR P 726 -45.24 -65.57 -98.77
CA THR P 726 -45.34 -64.91 -100.07
C THR P 726 -44.08 -64.13 -100.40
N ILE P 727 -43.55 -63.39 -99.41
CA ILE P 727 -42.33 -62.61 -99.65
C ILE P 727 -41.15 -63.53 -99.90
N PHE P 728 -41.07 -64.65 -99.18
CA PHE P 728 -39.98 -65.60 -99.42
C PHE P 728 -40.03 -66.12 -100.86
N ASN P 729 -41.23 -66.49 -101.32
CA ASN P 729 -41.37 -66.96 -102.70
C ASN P 729 -40.94 -65.88 -103.68
N PHE P 730 -41.33 -64.63 -103.40
CA PHE P 730 -40.95 -63.53 -104.26
C PHE P 730 -39.44 -63.41 -104.38
N ILE P 731 -38.73 -63.49 -103.25
CA ILE P 731 -37.28 -63.37 -103.28
C ILE P 731 -36.67 -64.51 -104.09
N ASN P 732 -37.14 -65.73 -103.84
CA ASN P 732 -36.55 -66.87 -104.53
C ASN P 732 -36.74 -66.78 -106.04
N THR P 733 -37.92 -66.31 -106.48
CA THR P 733 -38.14 -66.17 -107.92
C THR P 733 -37.36 -64.99 -108.50
N SER P 734 -37.21 -63.92 -107.73
CA SER P 734 -36.44 -62.78 -108.21
C SER P 734 -34.98 -63.15 -108.43
N GLN P 735 -34.47 -64.11 -107.65
CA GLN P 735 -33.10 -64.56 -107.90
C GLN P 735 -32.99 -65.23 -109.28
N GLU P 736 -33.98 -66.03 -109.66
CA GLU P 736 -33.99 -66.62 -110.99
C GLU P 736 -34.06 -65.54 -112.07
N PHE P 737 -34.89 -64.53 -111.85
CA PHE P 737 -34.93 -63.42 -112.80
C PHE P 737 -33.57 -62.75 -112.90
N TYR P 738 -32.88 -62.57 -111.78
CA TYR P 738 -31.54 -62.00 -111.78
C TYR P 738 -30.60 -62.81 -112.67
N SER P 739 -30.61 -64.13 -112.52
CA SER P 739 -29.71 -64.96 -113.31
C SER P 739 -30.06 -64.91 -114.79
N LEU P 740 -31.35 -64.90 -115.11
CA LEU P 740 -31.74 -64.84 -116.52
C LEU P 740 -31.34 -63.53 -117.16
N VAL P 741 -31.54 -62.40 -116.47
CA VAL P 741 -31.20 -61.12 -117.07
C VAL P 741 -29.69 -60.98 -117.20
N CYS P 742 -28.92 -61.48 -116.23
CA CYS P 742 -27.47 -61.38 -116.39
C CYS P 742 -26.99 -62.26 -117.55
N THR P 743 -27.70 -63.37 -117.82
CA THR P 743 -27.39 -64.26 -118.98
C THR P 743 -27.78 -63.52 -120.26
N PHE P 744 -28.79 -62.65 -120.22
CA PHE P 744 -29.21 -61.79 -121.38
C PHE P 744 -28.10 -60.78 -121.62
N GLY P 745 -27.57 -60.18 -120.55
CA GLY P 745 -26.46 -59.21 -120.65
C GLY P 745 -25.25 -59.88 -121.26
N LEU P 746 -24.93 -61.11 -120.82
CA LEU P 746 -23.75 -61.80 -121.34
C LEU P 746 -23.86 -62.10 -122.82
N LEU P 747 -25.08 -62.38 -123.31
CA LEU P 747 -25.21 -62.72 -124.72
C LEU P 747 -24.73 -61.57 -125.61
N VAL P 748 -25.10 -60.34 -125.27
CA VAL P 748 -24.68 -59.19 -126.06
C VAL P 748 -23.27 -58.77 -125.67
N GLN P 761 -30.41 -66.89 -131.97
CA GLN P 761 -31.64 -67.61 -131.64
C GLN P 761 -31.86 -67.66 -130.13
N ASP P 762 -30.77 -67.56 -129.36
CA ASP P 762 -30.87 -67.59 -127.91
C ASP P 762 -31.56 -66.34 -127.36
N GLN P 763 -31.47 -65.21 -128.07
CA GLN P 763 -32.10 -63.99 -127.59
C GLN P 763 -33.60 -64.15 -127.44
N GLU P 764 -34.25 -64.78 -128.43
CA GLU P 764 -35.69 -64.97 -128.35
C GLU P 764 -36.07 -65.88 -127.19
N ASP P 765 -35.32 -66.95 -126.99
CA ASP P 765 -35.61 -67.85 -125.87
C ASP P 765 -35.46 -67.13 -124.54
N LEU P 766 -34.38 -66.36 -124.39
CA LEU P 766 -34.18 -65.64 -123.14
C LEU P 766 -35.26 -64.60 -122.92
N GLU P 767 -35.67 -63.91 -123.99
CA GLU P 767 -36.75 -62.92 -123.86
C GLU P 767 -38.05 -63.59 -123.45
N PHE P 768 -38.34 -64.76 -124.03
CA PHE P 768 -39.55 -65.49 -123.66
C PHE P 768 -39.50 -65.89 -122.20
N GLN P 769 -38.35 -66.38 -121.73
CA GLN P 769 -38.23 -66.75 -120.32
C GLN P 769 -38.36 -65.53 -119.41
N LEU P 770 -37.82 -64.39 -119.85
CA LEU P 770 -37.97 -63.16 -119.07
C LEU P 770 -39.43 -62.77 -118.95
N HIS P 771 -40.17 -62.85 -120.06
CA HIS P 771 -41.60 -62.54 -120.01
C HIS P 771 -42.32 -63.51 -119.09
N LYS P 772 -41.97 -64.80 -119.16
CA LYS P 772 -42.63 -65.78 -118.31
C LYS P 772 -42.38 -65.50 -116.84
N ILE P 773 -41.13 -65.17 -116.48
CA ILE P 773 -40.80 -64.90 -115.09
C ILE P 773 -41.52 -63.64 -114.61
N LYS P 774 -41.52 -62.60 -115.44
CA LYS P 774 -42.21 -61.36 -115.07
C LYS P 774 -43.70 -61.62 -114.88
N ARG P 775 -44.30 -62.40 -115.77
CA ARG P 775 -45.71 -62.73 -115.61
C ARG P 775 -45.95 -63.49 -114.32
N LYS P 776 -45.11 -64.47 -114.01
CA LYS P 776 -45.31 -65.24 -112.79
C LYS P 776 -45.27 -64.31 -111.57
N ILE P 777 -44.21 -63.52 -111.47
CA ILE P 777 -44.05 -62.68 -110.28
C ILE P 777 -45.14 -61.63 -110.19
N TYR P 778 -45.45 -60.96 -111.29
CA TYR P 778 -46.43 -59.89 -111.25
C TYR P 778 -47.83 -60.42 -110.98
N LYS P 779 -48.25 -61.45 -111.71
CA LYS P 779 -49.60 -61.94 -111.53
C LYS P 779 -49.71 -62.80 -110.26
N ASP P 780 -49.10 -63.98 -110.26
CA ASP P 780 -49.36 -64.91 -109.17
C ASP P 780 -48.95 -64.29 -107.83
N ILE P 781 -47.65 -64.10 -107.62
CA ILE P 781 -47.13 -63.79 -106.30
C ILE P 781 -47.75 -62.49 -105.78
N TYR P 782 -47.73 -61.45 -106.60
CA TYR P 782 -48.24 -60.15 -106.13
C TYR P 782 -49.75 -60.07 -106.24
N GLN P 783 -50.27 -60.09 -107.47
CA GLN P 783 -51.69 -59.80 -107.66
C GLN P 783 -52.56 -60.90 -107.10
N HIS P 784 -52.22 -62.16 -107.40
CA HIS P 784 -53.11 -63.25 -107.00
C HIS P 784 -52.99 -63.57 -105.52
N ASP P 785 -51.79 -63.44 -104.94
CA ASP P 785 -51.54 -63.87 -103.58
C ASP P 785 -51.42 -62.69 -102.60
N TYR P 786 -50.49 -61.77 -102.86
CA TYR P 786 -50.19 -60.76 -101.85
C TYR P 786 -51.36 -59.82 -101.64
N LYS P 787 -51.94 -59.28 -102.71
CA LYS P 787 -53.02 -58.33 -102.57
C LYS P 787 -54.25 -59.00 -101.96
N ARG P 788 -54.54 -60.23 -102.35
CA ARG P 788 -55.68 -60.96 -101.79
C ARG P 788 -55.49 -61.19 -100.29
N GLN P 789 -54.32 -61.69 -99.89
CA GLN P 789 -54.06 -61.94 -98.48
C GLN P 789 -54.10 -60.65 -97.67
N LEU P 790 -53.53 -59.57 -98.20
CA LEU P 790 -53.55 -58.31 -97.49
C LEU P 790 -54.96 -57.75 -97.37
N ASN P 791 -55.78 -57.92 -98.40
CA ASN P 791 -57.16 -57.48 -98.29
C ASN P 791 -57.89 -58.26 -97.20
N ASP P 792 -57.70 -59.57 -97.17
CA ASP P 792 -58.35 -60.36 -96.12
C ASP P 792 -57.88 -59.95 -94.74
N LEU P 793 -56.57 -59.72 -94.60
CA LEU P 793 -56.03 -59.33 -93.29
C LEU P 793 -56.56 -57.96 -92.88
N LYS P 794 -56.62 -57.00 -93.80
CA LYS P 794 -57.13 -55.69 -93.47
C LYS P 794 -58.59 -55.75 -93.04
N ASN P 795 -59.40 -56.54 -93.74
CA ASN P 795 -60.79 -56.70 -93.32
C ASN P 795 -60.88 -57.36 -91.96
N ASP P 796 -60.00 -58.33 -91.69
CA ASP P 796 -60.01 -58.99 -90.39
C ASP P 796 -59.70 -58.01 -89.26
N LEU P 797 -58.73 -57.12 -89.49
CA LEU P 797 -58.30 -56.23 -88.42
C LEU P 797 -59.40 -55.26 -88.02
N ASN P 798 -60.20 -54.79 -88.99
CA ASN P 798 -61.21 -53.77 -88.71
C ASN P 798 -62.25 -54.25 -87.70
N ARG P 799 -62.42 -55.56 -87.54
CA ARG P 799 -63.36 -56.07 -86.55
C ARG P 799 -62.90 -55.81 -85.12
N ASP P 800 -61.65 -55.44 -84.91
CA ASP P 800 -61.10 -55.18 -83.58
C ASP P 800 -60.88 -53.69 -83.40
N TYR P 801 -61.30 -53.17 -82.24
CA TYR P 801 -61.10 -51.75 -81.96
C TYR P 801 -59.62 -51.42 -81.87
N ASN P 802 -58.83 -52.27 -81.21
CA ASN P 802 -57.42 -51.96 -80.99
C ASN P 802 -56.66 -51.90 -82.31
N LEU P 803 -56.93 -52.83 -83.22
CA LEU P 803 -56.14 -52.98 -84.43
C LEU P 803 -56.69 -52.19 -85.61
N LYS P 804 -57.77 -51.42 -85.43
CA LYS P 804 -58.30 -50.61 -86.53
C LYS P 804 -57.28 -49.57 -86.98
N ASP P 805 -56.61 -48.93 -86.03
CA ASP P 805 -55.61 -47.93 -86.35
C ASP P 805 -54.46 -48.56 -87.15
N LEU P 806 -54.00 -49.73 -86.73
CA LEU P 806 -52.95 -50.41 -87.47
C LEU P 806 -53.44 -50.78 -88.87
N SER P 807 -54.71 -51.20 -88.97
CA SER P 807 -55.25 -51.60 -90.27
C SER P 807 -55.22 -50.44 -91.25
N LYS P 808 -55.51 -49.23 -90.78
CA LYS P 808 -55.50 -48.09 -91.69
C LYS P 808 -54.11 -47.89 -92.30
N LEU P 809 -53.05 -48.05 -91.51
CA LEU P 809 -51.71 -47.90 -92.04
C LEU P 809 -51.25 -49.19 -92.73
N LEU P 810 -51.18 -50.28 -91.98
CA LEU P 810 -50.71 -51.55 -92.51
C LEU P 810 -51.70 -52.08 -93.54
N ASN Q 231 -111.03 -34.41 -37.13
CA ASN Q 231 -110.05 -34.50 -38.26
C ASN Q 231 -108.62 -34.39 -37.74
N ILE Q 232 -107.70 -35.01 -38.47
CA ILE Q 232 -106.28 -34.96 -38.10
C ILE Q 232 -105.77 -33.54 -38.32
N ALA Q 233 -104.94 -33.07 -37.39
CA ALA Q 233 -104.40 -31.71 -37.47
C ALA Q 233 -103.54 -31.54 -38.72
N THR Q 234 -103.70 -30.39 -39.37
CA THR Q 234 -102.81 -30.01 -40.46
C THR Q 234 -101.56 -29.35 -39.90
N THR Q 235 -100.43 -29.59 -40.55
CA THR Q 235 -99.15 -29.05 -40.10
C THR Q 235 -98.33 -28.61 -41.30
N THR Q 236 -97.34 -27.74 -41.04
CA THR Q 236 -96.48 -27.13 -42.10
C THR Q 236 -95.72 -28.24 -42.84
N LYS Q 237 -95.30 -29.31 -42.14
CA LYS Q 237 -94.58 -30.41 -42.78
C LYS Q 237 -95.55 -31.33 -43.51
N SER Q 238 -95.16 -31.75 -44.72
CA SER Q 238 -96.03 -32.54 -45.59
C SER Q 238 -96.06 -33.98 -45.11
N ARG Q 239 -97.22 -34.41 -44.59
CA ARG Q 239 -97.35 -35.75 -44.04
C ARG Q 239 -97.19 -36.82 -45.13
N GLU Q 240 -97.95 -36.65 -46.22
CA GLU Q 240 -97.91 -37.61 -47.31
C GLU Q 240 -96.53 -37.67 -47.94
N GLU Q 241 -95.83 -36.54 -48.01
CA GLU Q 241 -94.47 -36.56 -48.54
C GLU Q 241 -93.57 -37.46 -47.70
N GLU Q 242 -93.67 -37.36 -46.37
CA GLU Q 242 -92.85 -38.19 -45.50
C GLU Q 242 -93.17 -39.66 -45.70
N LEU Q 243 -94.47 -40.01 -45.74
CA LEU Q 243 -94.82 -41.41 -45.95
C LEU Q 243 -94.33 -41.92 -47.30
N ASN Q 244 -94.47 -41.10 -48.35
CA ASN Q 244 -94.04 -41.51 -49.67
C ASN Q 244 -92.53 -41.73 -49.73
N LYS Q 245 -91.76 -40.85 -49.08
CA LYS Q 245 -90.32 -41.03 -49.04
C LYS Q 245 -89.94 -42.30 -48.30
N ARG Q 246 -90.65 -42.61 -47.22
CA ARG Q 246 -90.39 -43.86 -46.51
C ARG Q 246 -90.64 -45.06 -47.41
N ILE Q 247 -91.74 -45.04 -48.17
CA ILE Q 247 -92.03 -46.16 -49.06
C ILE Q 247 -90.96 -46.29 -50.14
N VAL Q 248 -90.52 -45.18 -50.72
CA VAL Q 248 -89.49 -45.27 -51.76
C VAL Q 248 -88.21 -45.87 -51.20
N ASN Q 249 -87.82 -45.46 -49.97
CA ASN Q 249 -86.58 -45.95 -49.32
C ASN Q 249 -86.77 -47.43 -48.99
N TYR Q 250 -88.00 -47.89 -48.75
CA TYR Q 250 -88.32 -49.32 -48.46
C TYR Q 250 -88.35 -50.11 -49.76
N LYS Q 251 -88.55 -49.45 -50.92
CA LYS Q 251 -88.53 -50.11 -52.25
C LYS Q 251 -87.08 -50.24 -52.72
N ILE Q 252 -86.16 -49.33 -52.32
CA ILE Q 252 -84.76 -49.48 -52.67
C ILE Q 252 -84.13 -50.62 -51.86
N GLN Q 253 -84.41 -50.67 -50.55
CA GLN Q 253 -83.84 -51.74 -49.76
C GLN Q 253 -84.31 -53.10 -50.25
N LEU Q 254 -85.61 -53.23 -50.56
CA LEU Q 254 -86.12 -54.52 -51.01
C LEU Q 254 -85.43 -54.97 -52.29
N LYS Q 255 -85.31 -54.07 -53.26
CA LYS Q 255 -84.77 -54.49 -54.56
C LYS Q 255 -83.29 -54.78 -54.46
N LEU Q 256 -82.53 -54.00 -53.69
CA LEU Q 256 -81.12 -54.32 -53.51
C LEU Q 256 -80.96 -55.67 -52.82
N MET Q 257 -81.79 -55.95 -51.81
CA MET Q 257 -81.71 -57.24 -51.13
C MET Q 257 -82.05 -58.38 -52.09
N LYS Q 258 -83.05 -58.18 -52.97
CA LYS Q 258 -83.39 -59.22 -53.93
C LYS Q 258 -82.24 -59.48 -54.89
N ASN Q 259 -81.57 -58.42 -55.37
CA ASN Q 259 -80.45 -58.64 -56.28
C ASN Q 259 -79.34 -59.40 -55.56
N PHE Q 260 -79.07 -59.05 -54.31
CA PHE Q 260 -78.02 -59.76 -53.58
C PHE Q 260 -78.39 -61.23 -53.39
N LEU Q 261 -79.65 -61.51 -53.05
CA LEU Q 261 -80.05 -62.90 -52.87
C LEU Q 261 -79.98 -63.67 -54.17
N GLN Q 262 -80.30 -63.03 -55.29
CA GLN Q 262 -80.16 -63.71 -56.57
C GLN Q 262 -78.70 -64.04 -56.86
N GLU Q 263 -77.79 -63.10 -56.55
CA GLU Q 263 -76.38 -63.41 -56.74
C GLU Q 263 -75.93 -64.52 -55.81
N LEU Q 264 -76.52 -64.61 -54.63
CA LEU Q 264 -76.12 -65.64 -53.66
C LEU Q 264 -76.67 -67.02 -54.03
N ILE Q 265 -77.90 -67.08 -54.54
CA ILE Q 265 -78.57 -68.35 -54.78
C ILE Q 265 -77.95 -69.07 -55.97
N ASP Q 266 -77.65 -68.34 -57.05
CA ASP Q 266 -77.25 -68.96 -58.31
C ASP Q 266 -75.89 -69.64 -58.23
N ARG Q 267 -75.11 -69.38 -57.19
CA ARG Q 267 -73.81 -70.02 -57.04
C ARG Q 267 -73.98 -71.35 -56.31
N ARG R 239 -107.40 -41.05 -45.49
CA ARG R 239 -106.84 -41.65 -46.73
C ARG R 239 -105.47 -42.27 -46.50
N GLU R 240 -104.63 -41.58 -45.72
CA GLU R 240 -103.25 -42.01 -45.52
C GLU R 240 -103.15 -43.35 -44.80
N GLU R 241 -104.25 -43.90 -44.30
CA GLU R 241 -104.24 -45.22 -43.71
C GLU R 241 -103.66 -46.22 -44.70
N GLU R 242 -104.01 -46.05 -45.98
CA GLU R 242 -103.57 -46.98 -47.02
C GLU R 242 -102.06 -46.97 -47.17
N LEU R 243 -101.44 -45.79 -47.14
CA LEU R 243 -99.98 -45.74 -47.20
C LEU R 243 -99.37 -46.43 -46.00
N ASN R 244 -99.91 -46.22 -44.79
CA ASN R 244 -99.36 -46.88 -43.61
C ASN R 244 -99.46 -48.39 -43.73
N LYS R 245 -100.58 -48.86 -44.28
CA LYS R 245 -100.78 -50.29 -44.46
C LYS R 245 -99.73 -50.86 -45.40
N ARG R 246 -99.46 -50.16 -46.49
CA ARG R 246 -98.44 -50.64 -47.42
C ARG R 246 -97.06 -50.59 -46.77
N ILE R 247 -96.80 -49.57 -45.96
CA ILE R 247 -95.53 -49.48 -45.25
C ILE R 247 -95.31 -50.70 -44.38
N VAL R 248 -96.33 -51.08 -43.59
CA VAL R 248 -96.15 -52.23 -42.71
C VAL R 248 -96.01 -53.51 -43.52
N ASN R 249 -96.73 -53.62 -44.65
CA ASN R 249 -96.59 -54.80 -45.50
C ASN R 249 -95.15 -54.94 -45.99
N TYR R 250 -94.54 -53.84 -46.42
CA TYR R 250 -93.16 -53.90 -46.87
C TYR R 250 -92.19 -54.12 -45.72
N LYS R 251 -92.52 -53.68 -44.51
CA LYS R 251 -91.70 -54.04 -43.36
C LYS R 251 -91.66 -55.55 -43.19
N ILE R 252 -92.82 -56.20 -43.27
CA ILE R 252 -92.85 -57.66 -43.13
C ILE R 252 -92.08 -58.32 -44.26
N GLN R 253 -92.23 -57.82 -45.49
CA GLN R 253 -91.53 -58.45 -46.61
C GLN R 253 -90.01 -58.34 -46.45
N LEU R 254 -89.53 -57.17 -46.02
CA LEU R 254 -88.10 -57.02 -45.79
C LEU R 254 -87.62 -57.96 -44.69
N LYS R 255 -88.39 -58.08 -43.61
CA LYS R 255 -87.99 -58.99 -42.54
C LYS R 255 -87.92 -60.43 -43.06
N LEU R 256 -88.88 -60.82 -43.90
CA LEU R 256 -88.86 -62.16 -44.47
C LEU R 256 -87.61 -62.38 -45.31
N MET R 257 -87.24 -61.38 -46.12
CA MET R 257 -86.05 -61.54 -46.96
C MET R 257 -84.80 -61.72 -46.10
N LYS R 258 -84.68 -60.93 -45.03
CA LYS R 258 -83.52 -61.06 -44.17
C LYS R 258 -83.48 -62.43 -43.50
N ASN R 259 -84.65 -62.91 -43.04
CA ASN R 259 -84.70 -64.25 -42.47
C ASN R 259 -84.32 -65.30 -43.49
N PHE R 260 -84.69 -65.10 -44.75
CA PHE R 260 -84.27 -66.03 -45.80
C PHE R 260 -82.76 -66.06 -45.92
N LEU R 261 -82.12 -64.89 -45.88
CA LEU R 261 -80.65 -64.85 -45.93
C LEU R 261 -80.06 -65.64 -44.76
N GLN R 262 -80.59 -65.42 -43.56
CA GLN R 262 -80.04 -66.11 -42.39
C GLN R 262 -80.22 -67.62 -42.52
N GLU R 263 -81.40 -68.06 -42.98
CA GLU R 263 -81.63 -69.50 -43.17
C GLU R 263 -80.63 -70.08 -44.16
N LEU R 264 -80.46 -69.41 -45.30
CA LEU R 264 -79.56 -69.92 -46.32
C LEU R 264 -78.14 -70.03 -45.79
N ILE R 265 -77.67 -69.01 -45.09
CA ILE R 265 -76.31 -69.04 -44.57
C ILE R 265 -76.16 -70.13 -43.52
N ASP R 266 -77.14 -70.28 -42.63
CA ASP R 266 -77.07 -71.32 -41.62
C ASP R 266 -77.00 -72.70 -42.27
N ARG R 267 -77.80 -72.94 -43.30
CA ARG R 267 -77.79 -74.25 -43.94
C ARG R 267 -76.49 -74.50 -44.69
N ASN R 268 -75.95 -73.49 -45.37
CA ASN R 268 -74.69 -73.69 -46.07
C ASN R 268 -73.54 -73.99 -45.11
N ASN R 269 -73.59 -73.44 -43.90
CA ASN R 269 -72.61 -73.78 -42.88
C ASN R 269 -72.96 -75.11 -42.23
N GLY S 3 -101.20 17.44 5.54
CA GLY S 3 -101.12 17.89 4.12
C GLY S 3 -99.85 18.67 3.83
N GLU S 4 -99.55 18.85 2.55
CA GLU S 4 -98.34 19.54 2.14
C GLU S 4 -98.50 21.05 2.26
N THR S 5 -97.38 21.74 2.39
CA THR S 5 -97.35 23.19 2.53
C THR S 5 -96.45 23.80 1.46
N ILE S 6 -96.80 25.00 1.03
CA ILE S 6 -96.05 25.74 0.01
C ILE S 6 -95.53 27.02 0.65
N THR S 7 -94.23 27.28 0.48
CA THR S 7 -93.59 28.46 1.04
C THR S 7 -93.41 29.50 -0.04
N LEU S 8 -93.75 30.75 0.27
CA LEU S 8 -93.56 31.87 -0.64
C LEU S 8 -92.60 32.86 0.00
N GLN S 9 -91.53 33.20 -0.72
CA GLN S 9 -90.53 34.15 -0.24
C GLN S 9 -90.58 35.39 -1.12
N VAL S 10 -90.74 36.55 -0.49
CA VAL S 10 -90.88 37.82 -1.19
C VAL S 10 -89.91 38.82 -0.60
N GLY S 11 -89.15 39.49 -1.44
CA GLY S 11 -88.27 40.56 -1.01
C GLY S 11 -86.91 40.06 -0.55
N GLN S 12 -86.02 41.03 -0.32
CA GLN S 12 -84.66 40.70 0.13
C GLN S 12 -84.65 40.12 1.54
N CYS S 13 -85.36 40.77 2.46
CA CYS S 13 -85.43 40.25 3.83
C CYS S 13 -86.10 38.89 3.84
N GLY S 14 -87.18 38.75 3.06
CA GLY S 14 -87.85 37.46 2.98
C GLY S 14 -86.94 36.38 2.44
N ASN S 15 -86.15 36.70 1.41
CA ASN S 15 -85.26 35.70 0.83
C ASN S 15 -84.17 35.29 1.82
N GLN S 16 -83.58 36.26 2.54
CA GLN S 16 -82.56 35.90 3.51
C GLN S 16 -83.13 35.03 4.63
N VAL S 17 -84.30 35.42 5.15
CA VAL S 17 -84.93 34.63 6.20
C VAL S 17 -85.28 33.25 5.68
N GLY S 18 -85.73 33.17 4.43
CA GLY S 18 -86.04 31.87 3.85
C GLY S 18 -84.81 31.00 3.67
N LEU S 19 -83.68 31.61 3.31
CA LEU S 19 -82.44 30.84 3.21
C LEU S 19 -82.07 30.25 4.56
N GLN S 20 -82.13 31.05 5.61
CA GLN S 20 -81.84 30.51 6.94
C GLN S 20 -82.85 29.43 7.32
N TYR S 21 -84.12 29.65 7.02
CA TYR S 21 -85.17 28.70 7.36
C TYR S 21 -84.95 27.36 6.66
N TRP S 22 -84.63 27.39 5.38
CA TRP S 22 -84.44 26.14 4.64
C TRP S 22 -83.14 25.46 5.03
N GLN S 23 -82.11 26.23 5.37
CA GLN S 23 -80.90 25.61 5.90
C GLN S 23 -81.20 24.87 7.20
N GLN S 24 -81.96 25.50 8.08
CA GLN S 24 -82.34 24.86 9.35
C GLN S 24 -83.15 23.61 9.09
N LEU S 25 -84.14 23.69 8.21
CA LEU S 25 -85.00 22.54 7.95
C LEU S 25 -84.21 21.38 7.34
N ALA S 26 -83.32 21.69 6.38
CA ALA S 26 -82.52 20.64 5.77
C ALA S 26 -81.57 20.01 6.78
N THR S 27 -80.99 20.83 7.67
CA THR S 27 -80.16 20.27 8.74
C THR S 27 -80.97 19.33 9.61
N GLU S 28 -82.20 19.73 9.97
CA GLU S 28 -83.02 18.88 10.82
C GLU S 28 -83.37 17.56 10.15
N HIS S 29 -83.63 17.56 8.85
CA HIS S 29 -83.96 16.32 8.13
C HIS S 29 -82.75 15.67 7.47
N GLY S 30 -81.53 16.17 7.72
CA GLY S 30 -80.36 15.53 7.18
C GLY S 30 -80.21 15.63 5.67
N ILE S 31 -81.00 16.46 5.01
CA ILE S 31 -80.88 16.62 3.57
C ILE S 31 -79.66 17.47 3.26
N GLN S 32 -78.82 16.98 2.33
CA GLN S 32 -77.60 17.68 1.99
C GLN S 32 -77.91 18.88 1.09
N SER S 33 -76.88 19.70 0.87
CA SER S 33 -77.06 20.91 0.07
C SER S 33 -77.46 20.58 -1.36
N ASP S 34 -77.03 19.44 -1.88
CA ASP S 34 -77.36 19.03 -3.25
C ASP S 34 -78.69 18.29 -3.35
N GLY S 35 -79.40 18.10 -2.23
CA GLY S 35 -80.67 17.39 -2.25
C GLY S 35 -80.57 15.90 -2.02
N SER S 36 -79.38 15.37 -1.77
CA SER S 36 -79.21 13.95 -1.51
C SER S 36 -79.50 13.64 -0.05
N SER S 37 -80.05 12.44 0.18
CA SER S 37 -80.40 12.01 1.53
C SER S 37 -79.16 11.58 2.32
N THR S 38 -79.33 11.51 3.64
CA THR S 38 -78.30 11.00 4.54
C THR S 38 -78.95 9.94 5.43
N PRO S 39 -78.31 8.77 5.63
CA PRO S 39 -78.95 7.74 6.46
C PRO S 39 -79.07 8.14 7.92
N ARG S 73 -88.18 5.78 6.80
CA ARG S 73 -87.82 6.77 7.80
C ARG S 73 -89.06 7.28 8.51
N ASN S 74 -88.94 7.59 9.80
CA ASN S 74 -90.09 7.94 10.61
C ASN S 74 -90.54 9.38 10.44
N ASP S 75 -89.63 10.28 10.06
CA ASP S 75 -90.01 11.66 9.82
C ASP S 75 -90.62 11.80 8.42
N HIS S 76 -91.26 12.94 8.17
CA HIS S 76 -92.01 13.18 6.94
C HIS S 76 -91.60 14.50 6.32
N PRO S 77 -90.44 14.55 5.68
CA PRO S 77 -90.05 15.76 4.95
C PRO S 77 -90.87 16.00 3.70
N GLU S 78 -91.67 15.04 3.27
CA GLU S 78 -92.47 15.20 2.06
C GLU S 78 -93.42 16.37 2.17
N LEU S 79 -93.85 16.73 3.38
CA LEU S 79 -94.73 17.88 3.56
C LEU S 79 -94.08 19.19 3.17
N PHE S 80 -92.74 19.23 3.14
CA PHE S 80 -92.02 20.45 2.79
C PHE S 80 -91.03 20.26 1.65
N PHE S 81 -90.76 19.04 1.22
CA PHE S 81 -89.83 18.77 0.12
C PHE S 81 -90.48 17.84 -0.88
N THR S 82 -90.16 18.05 -2.16
CA THR S 82 -90.62 17.16 -3.22
C THR S 82 -89.59 16.07 -3.46
N LEU S 83 -90.02 14.82 -3.40
CA LEU S 83 -89.13 13.68 -3.55
C LEU S 83 -89.23 13.14 -4.97
N SER S 84 -88.10 13.07 -5.65
CA SER S 84 -88.03 12.50 -6.99
C SER S 84 -87.79 10.99 -6.91
N ASP S 85 -88.01 10.31 -8.04
CA ASP S 85 -87.76 8.88 -8.10
C ASP S 85 -86.29 8.60 -8.39
N SER S 86 -85.44 9.62 -8.19
CA SER S 86 -84.00 9.47 -8.19
C SER S 86 -83.41 9.84 -6.83
N ASN S 87 -84.26 9.92 -5.80
CA ASN S 87 -83.83 10.19 -4.43
C ASN S 87 -83.14 11.55 -4.31
N THR S 88 -83.89 12.60 -4.64
CA THR S 88 -83.45 13.97 -4.44
C THR S 88 -84.58 14.77 -3.81
N TYR S 89 -84.23 15.61 -2.84
CA TYR S 89 -85.19 16.46 -2.14
C TYR S 89 -84.99 17.90 -2.57
N THR S 90 -86.05 18.53 -3.07
CA THR S 90 -86.00 19.94 -3.44
C THR S 90 -87.09 20.71 -2.71
N PRO S 91 -86.80 21.93 -2.24
CA PRO S 91 -87.81 22.68 -1.49
C PRO S 91 -89.00 23.05 -2.37
N ARG S 92 -90.15 23.21 -1.73
CA ARG S 92 -91.37 23.64 -2.39
C ARG S 92 -91.46 25.16 -2.52
N SER S 93 -90.47 25.90 -2.02
CA SER S 93 -90.58 27.34 -1.92
C SER S 93 -90.52 28.00 -3.30
N ILE S 94 -91.08 29.20 -3.37
CA ILE S 94 -91.06 30.02 -4.58
C ILE S 94 -90.37 31.33 -4.23
N LEU S 95 -89.37 31.70 -5.03
CA LEU S 95 -88.57 32.89 -4.79
C LEU S 95 -89.07 34.03 -5.67
N ILE S 96 -89.36 35.17 -5.05
CA ILE S 96 -89.79 36.37 -5.77
C ILE S 96 -88.97 37.54 -5.26
N ASP S 97 -88.37 38.29 -6.19
CA ASP S 97 -87.57 39.45 -5.82
C ASP S 97 -87.46 40.38 -7.01
N MET S 98 -87.21 41.65 -6.71
CA MET S 98 -87.07 42.65 -7.77
C MET S 98 -85.70 42.60 -8.44
N GLU S 99 -84.67 42.13 -7.74
CA GLU S 99 -83.32 42.13 -8.28
C GLU S 99 -82.72 40.73 -8.23
N PRO S 100 -81.79 40.40 -9.13
CA PRO S 100 -81.26 39.03 -9.18
C PRO S 100 -80.12 38.74 -8.21
N SER S 101 -79.56 39.75 -7.54
CA SER S 101 -78.43 39.51 -6.66
C SER S 101 -78.82 38.64 -5.47
N VAL S 102 -79.94 38.95 -4.83
CA VAL S 102 -80.35 38.21 -3.64
C VAL S 102 -80.71 36.78 -4.02
N ILE S 103 -81.45 36.62 -5.13
CA ILE S 103 -81.84 35.29 -5.57
C ILE S 103 -80.62 34.48 -5.97
N ALA S 104 -79.64 35.13 -6.61
CA ALA S 104 -78.41 34.44 -6.98
C ALA S 104 -77.66 33.95 -5.75
N LYS S 105 -77.54 34.81 -4.72
CA LYS S 105 -76.89 34.37 -3.49
C LYS S 105 -77.64 33.20 -2.88
N SER S 106 -78.96 33.29 -2.80
CA SER S 106 -79.74 32.23 -2.17
C SER S 106 -79.60 30.92 -2.92
N THR S 107 -79.68 30.96 -4.25
CA THR S 107 -79.58 29.75 -5.04
C THR S 107 -78.19 29.14 -4.97
N SER S 108 -77.15 29.99 -5.04
CA SER S 108 -75.79 29.46 -4.95
C SER S 108 -75.51 28.84 -3.60
N ALA S 109 -76.03 29.44 -2.53
CA ALA S 109 -75.81 28.88 -1.20
C ALA S 109 -76.47 27.52 -1.07
N LEU S 110 -77.65 27.34 -1.64
CA LEU S 110 -78.40 26.09 -1.60
C LEU S 110 -78.66 25.64 -3.02
N PRO S 111 -77.80 24.80 -3.60
CA PRO S 111 -77.96 24.44 -5.02
C PRO S 111 -79.22 23.64 -5.30
N MET S 112 -79.85 23.02 -4.29
CA MET S 112 -81.00 22.16 -4.54
C MET S 112 -82.29 22.94 -4.81
N PHE S 113 -82.28 24.28 -4.74
CA PHE S 113 -83.41 25.05 -5.23
C PHE S 113 -83.66 24.77 -6.70
N ASN S 114 -84.93 24.70 -7.08
CA ASN S 114 -85.30 24.55 -8.48
C ASN S 114 -85.29 25.92 -9.14
N PRO S 115 -84.44 26.17 -10.15
CA PRO S 115 -84.43 27.48 -10.81
C PRO S 115 -85.76 27.84 -11.46
N ARG S 116 -86.56 26.86 -11.86
CA ARG S 116 -87.82 27.15 -12.52
C ARG S 116 -88.77 27.97 -11.64
N ASN S 117 -88.60 27.92 -10.33
CA ASN S 117 -89.48 28.61 -9.40
C ASN S 117 -89.05 30.04 -9.12
N VAL S 118 -87.95 30.49 -9.68
CA VAL S 118 -87.43 31.84 -9.46
C VAL S 118 -88.11 32.80 -10.44
N HIS S 119 -88.60 33.91 -9.92
CA HIS S 119 -89.19 34.97 -10.73
C HIS S 119 -88.49 36.28 -10.42
N LEU S 120 -88.26 37.09 -11.45
CA LEU S 120 -87.68 38.41 -11.26
C LEU S 120 -88.57 39.49 -11.89
N TRP S 131 -94.16 51.84 -3.36
CA TRP S 131 -95.01 50.68 -3.09
C TRP S 131 -96.05 50.51 -4.18
N ILE S 132 -96.75 51.61 -4.50
CA ILE S 132 -97.81 51.54 -5.50
C ILE S 132 -97.24 51.12 -6.85
N ASN S 133 -96.04 51.60 -7.18
CA ASN S 133 -95.41 51.19 -8.43
C ASN S 133 -95.17 49.68 -8.43
N GLY S 134 -94.68 49.12 -7.32
CA GLY S 134 -94.48 47.69 -7.26
C GLY S 134 -95.78 46.91 -7.36
N TYR S 135 -96.85 47.41 -6.73
CA TYR S 135 -98.13 46.74 -6.80
C TYR S 135 -98.70 46.76 -8.22
N LYS S 136 -98.57 47.90 -8.90
CA LYS S 136 -98.98 47.97 -10.30
C LYS S 136 -98.13 47.06 -11.18
N TYR S 137 -96.84 46.94 -10.87
CA TYR S 137 -95.99 45.97 -11.56
C TYR S 137 -96.47 44.55 -11.31
N GLY S 138 -96.91 44.26 -10.09
CA GLY S 138 -97.45 42.94 -9.79
C GLY S 138 -98.71 42.64 -10.58
N THR S 139 -99.52 43.67 -10.84
CA THR S 139 -100.69 43.46 -11.69
C THR S 139 -100.28 42.99 -13.08
N GLU S 140 -99.23 43.58 -13.64
CA GLU S 140 -98.80 43.20 -14.99
C GLU S 140 -98.37 41.74 -15.06
N GLU S 141 -97.65 41.27 -14.03
CA GLU S 141 -97.14 39.90 -14.00
C GLU S 141 -98.11 38.93 -13.33
N GLU S 142 -99.39 39.28 -13.25
CA GLU S 142 -100.34 38.44 -12.53
C GLU S 142 -100.47 37.07 -13.17
N GLU S 143 -100.53 37.01 -14.50
CA GLU S 143 -100.72 35.73 -15.19
C GLU S 143 -99.55 34.78 -14.94
N THR S 144 -98.33 35.29 -15.05
CA THR S 144 -97.15 34.45 -14.90
C THR S 144 -97.07 33.88 -13.48
N LEU S 145 -97.30 34.73 -12.49
CA LEU S 145 -97.26 34.29 -11.10
C LEU S 145 -98.39 33.32 -10.78
N LEU S 146 -99.58 33.57 -11.34
CA LEU S 146 -100.70 32.66 -11.10
C LEU S 146 -100.39 31.27 -11.63
N ASN S 147 -99.86 31.19 -12.86
CA ASN S 147 -99.46 29.89 -13.40
C ASN S 147 -98.31 29.29 -12.60
N LEU S 148 -97.37 30.11 -12.15
CA LEU S 148 -96.23 29.59 -11.41
C LEU S 148 -96.69 28.93 -10.11
N ILE S 149 -97.62 29.56 -9.40
CA ILE S 149 -98.13 28.96 -8.17
C ILE S 149 -98.99 27.74 -8.46
N ASP S 150 -99.79 27.80 -9.53
CA ASP S 150 -100.59 26.64 -9.89
C ASP S 150 -99.72 25.44 -10.22
N ARG S 151 -98.50 25.65 -10.70
CA ARG S 151 -97.60 24.51 -10.93
C ARG S 151 -97.29 23.80 -9.62
N GLU S 152 -96.92 24.55 -8.58
CA GLU S 152 -96.63 23.92 -7.29
C GLU S 152 -97.86 23.24 -6.72
N VAL S 153 -99.02 23.86 -6.85
CA VAL S 153 -100.24 23.24 -6.32
C VAL S 153 -100.53 21.94 -7.05
N ASP S 154 -100.36 21.91 -8.36
CA ASP S 154 -100.55 20.66 -9.10
C ASP S 154 -99.52 19.62 -8.71
N LYS S 155 -98.30 20.05 -8.38
CA LYS S 155 -97.24 19.09 -8.08
C LYS S 155 -97.50 18.33 -6.78
N CYS S 156 -98.11 18.99 -5.79
CA CYS S 156 -98.38 18.32 -4.53
C CYS S 156 -99.67 17.50 -4.61
N ASP S 157 -99.82 16.56 -3.67
CA ASP S 157 -100.95 15.65 -3.67
C ASP S 157 -102.15 16.21 -2.93
N ASN S 158 -101.95 16.78 -1.73
CA ASN S 158 -103.04 17.31 -0.92
C ASN S 158 -102.52 18.57 -0.22
N LEU S 159 -102.83 19.73 -0.79
CA LEU S 159 -102.36 20.98 -0.23
C LEU S 159 -103.07 21.31 1.07
N SER S 160 -102.32 21.89 2.02
CA SER S 160 -102.87 22.27 3.32
C SER S 160 -102.87 23.78 3.52
N ASN S 161 -101.71 24.44 3.39
CA ASN S 161 -101.62 25.86 3.70
C ASN S 161 -100.48 26.48 2.92
N PHE S 162 -100.54 27.81 2.79
CA PHE S 162 -99.48 28.61 2.16
C PHE S 162 -98.72 29.35 3.24
N GLN S 163 -97.40 29.16 3.27
CA GLN S 163 -96.53 29.98 4.10
C GLN S 163 -95.97 31.13 3.28
N LEU S 164 -95.85 32.30 3.91
CA LEU S 164 -95.34 33.48 3.24
C LEU S 164 -94.29 34.14 4.14
N PHE S 165 -93.10 34.33 3.61
CA PHE S 165 -92.03 35.05 4.28
C PHE S 165 -91.83 36.37 3.57
N HIS S 166 -92.15 37.47 4.25
CA HIS S 166 -91.99 38.78 3.63
C HIS S 166 -91.88 39.83 4.72
N SER S 167 -91.38 41.00 4.33
CA SER S 167 -91.20 42.13 5.23
C SER S 167 -92.22 43.21 4.89
N VAL S 168 -92.92 43.70 5.91
CA VAL S 168 -93.92 44.74 5.69
C VAL S 168 -93.24 46.03 5.22
N ALA S 169 -92.05 46.33 5.75
CA ALA S 169 -91.33 47.55 5.42
C ALA S 169 -90.39 47.36 4.23
N GLY S 170 -90.68 46.42 3.34
CA GLY S 170 -89.80 46.09 2.25
C GLY S 170 -89.91 46.96 1.01
N GLY S 171 -90.75 47.98 1.03
CA GLY S 171 -90.91 48.82 -0.14
C GLY S 171 -91.56 48.11 -1.31
N THR S 172 -90.87 48.04 -2.45
CA THR S 172 -91.47 47.46 -3.64
C THR S 172 -91.82 45.99 -3.45
N GLY S 173 -90.90 45.24 -2.83
CA GLY S 173 -91.16 43.83 -2.57
C GLY S 173 -92.39 43.63 -1.70
N SER S 174 -92.61 44.54 -0.75
CA SER S 174 -93.83 44.47 0.05
C SER S 174 -95.06 44.67 -0.82
N GLY S 175 -94.95 45.50 -1.85
CA GLY S 175 -96.07 45.67 -2.78
C GLY S 175 -96.35 44.40 -3.57
N VAL S 176 -95.30 43.76 -4.09
CA VAL S 176 -95.55 42.55 -4.87
C VAL S 176 -96.08 41.44 -3.97
N GLY S 177 -95.62 41.35 -2.72
CA GLY S 177 -96.20 40.39 -1.80
C GLY S 177 -97.65 40.68 -1.45
N SER S 178 -97.98 41.98 -1.31
CA SER S 178 -99.36 42.36 -1.06
C SER S 178 -100.26 41.95 -2.23
N LYS S 179 -99.75 42.06 -3.45
CA LYS S 179 -100.51 41.55 -4.59
C LYS S 179 -100.57 40.03 -4.61
N MET S 180 -99.50 39.37 -4.16
CA MET S 180 -99.50 37.91 -4.10
C MET S 180 -100.63 37.41 -3.20
N LEU S 181 -100.80 38.03 -2.03
CA LEU S 181 -101.86 37.60 -1.13
C LEU S 181 -103.22 37.72 -1.82
N GLU S 182 -103.46 38.84 -2.52
CA GLU S 182 -104.75 39.03 -3.16
C GLU S 182 -105.00 37.96 -4.21
N VAL S 183 -104.02 37.71 -5.08
CA VAL S 183 -104.26 36.77 -6.16
C VAL S 183 -104.46 35.36 -5.62
N ILE S 184 -103.67 34.96 -4.63
CA ILE S 184 -103.82 33.62 -4.08
C ILE S 184 -105.19 33.47 -3.42
N SER S 185 -105.58 34.44 -2.60
CA SER S 185 -106.87 34.33 -1.92
C SER S 185 -108.01 34.30 -2.92
N ASP S 186 -107.91 35.09 -3.99
CA ASP S 186 -108.97 35.08 -4.99
C ASP S 186 -109.07 33.74 -5.68
N ARG S 187 -107.95 33.21 -6.19
CA ARG S 187 -108.06 32.02 -7.04
C ARG S 187 -108.38 30.78 -6.22
N TYR S 188 -107.74 30.59 -5.06
CA TYR S 188 -107.96 29.36 -4.30
C TYR S 188 -109.05 29.48 -3.26
N GLY S 189 -109.81 30.57 -3.24
CA GLY S 189 -110.88 30.65 -2.28
C GLY S 189 -110.35 30.67 -0.86
N HIS S 190 -111.17 30.17 0.06
CA HIS S 190 -110.83 30.17 1.48
C HIS S 190 -110.70 28.76 2.05
N LYS S 191 -110.72 27.73 1.20
CA LYS S 191 -110.53 26.37 1.70
C LYS S 191 -109.10 26.14 2.18
N LYS S 192 -108.13 26.79 1.55
CA LYS S 192 -106.73 26.70 1.96
C LYS S 192 -106.34 27.98 2.68
N LEU S 193 -105.85 27.85 3.90
CA LEU S 193 -105.48 29.00 4.71
C LEU S 193 -104.05 29.43 4.43
N LEU S 194 -103.73 30.66 4.82
CA LEU S 194 -102.42 31.27 4.57
C LEU S 194 -101.80 31.68 5.90
N ASN S 195 -100.50 31.48 6.03
CA ASN S 195 -99.74 31.91 7.20
C ASN S 195 -98.63 32.84 6.73
N THR S 196 -98.57 34.03 7.31
CA THR S 196 -97.60 35.05 6.91
C THR S 196 -96.69 35.35 8.09
N PHE S 197 -95.40 35.10 7.93
CA PHE S 197 -94.40 35.48 8.93
C PHE S 197 -93.86 36.87 8.63
N SER S 198 -94.76 37.86 8.74
CA SER S 198 -94.43 39.22 8.37
C SER S 198 -93.46 39.83 9.38
N ILE S 199 -92.41 40.48 8.88
CA ILE S 199 -91.45 41.19 9.72
C ILE S 199 -91.86 42.66 9.76
N PHE S 200 -92.12 43.17 10.96
CA PHE S 200 -92.59 44.54 11.11
C PHE S 200 -91.43 45.53 11.06
N PRO S 201 -91.72 46.80 10.78
CA PRO S 201 -90.66 47.82 10.78
C PRO S 201 -90.10 48.02 12.17
N SER S 202 -88.83 48.45 12.21
CA SER S 202 -88.18 48.76 13.47
C SER S 202 -88.89 49.91 14.17
N VAL S 211 -91.23 58.09 5.24
CA VAL S 211 -92.07 57.54 4.17
C VAL S 211 -92.52 56.13 4.53
N GLN S 212 -91.79 55.48 5.44
CA GLN S 212 -92.14 54.12 5.82
C GLN S 212 -93.56 53.98 6.35
N PRO S 213 -94.12 54.91 7.13
CA PRO S 213 -95.49 54.72 7.64
C PRO S 213 -96.50 54.45 6.54
N TYR S 214 -96.40 55.15 5.41
CA TYR S 214 -97.33 54.91 4.31
C TYR S 214 -97.25 53.46 3.85
N ASN S 215 -96.03 52.96 3.66
CA ASN S 215 -95.85 51.59 3.17
C ASN S 215 -96.39 50.59 4.19
N THR S 216 -96.14 50.82 5.48
CA THR S 216 -96.61 49.90 6.49
C THR S 216 -98.13 49.85 6.52
N ILE S 217 -98.79 50.99 6.35
CA ILE S 217 -100.26 51.00 6.37
C ILE S 217 -100.82 50.31 5.13
N LEU S 218 -100.21 50.58 3.97
CA LEU S 218 -100.70 49.97 2.74
C LEU S 218 -100.54 48.46 2.76
N THR S 219 -99.42 47.97 3.31
CA THR S 219 -99.26 46.53 3.40
C THR S 219 -100.16 45.92 4.47
N LEU S 220 -100.35 46.62 5.59
CA LEU S 220 -101.15 46.06 6.66
C LEU S 220 -102.62 45.95 6.29
N LYS S 221 -103.11 46.83 5.40
CA LYS S 221 -104.49 46.69 4.95
C LYS S 221 -104.73 45.32 4.32
N ARG S 222 -103.88 44.93 3.37
CA ARG S 222 -104.07 43.64 2.73
C ARG S 222 -103.70 42.49 3.66
N LEU S 223 -102.73 42.71 4.55
CA LEU S 223 -102.39 41.67 5.52
C LEU S 223 -103.58 41.35 6.40
N ILE S 224 -104.32 42.37 6.84
CA ILE S 224 -105.53 42.13 7.62
C ILE S 224 -106.59 41.47 6.77
N ASP S 225 -106.76 41.93 5.53
CA ASP S 225 -107.89 41.44 4.74
C ASP S 225 -107.73 39.95 4.39
N TYR S 226 -106.55 39.53 3.95
CA TYR S 226 -106.42 38.22 3.30
C TYR S 226 -105.71 37.17 4.13
N SER S 227 -104.78 37.53 5.00
CA SER S 227 -104.08 36.53 5.78
C SER S 227 -105.02 35.84 6.77
N ASP S 228 -104.73 34.57 7.04
CA ASP S 228 -105.53 33.78 7.99
C ASP S 228 -104.87 33.65 9.36
N ALA S 229 -103.54 33.70 9.43
CA ALA S 229 -102.85 33.65 10.72
C ALA S 229 -101.49 34.29 10.53
N THR S 230 -101.32 35.49 11.04
CA THR S 230 -100.15 36.32 10.77
C THR S 230 -99.30 36.42 12.02
N PHE S 231 -98.06 35.93 11.93
CA PHE S 231 -97.09 36.14 12.99
C PHE S 231 -96.55 37.56 12.93
N VAL S 232 -96.15 38.09 14.07
CA VAL S 232 -95.60 39.44 14.18
C VAL S 232 -94.19 39.33 14.74
N PHE S 233 -93.22 39.85 14.00
CA PHE S 233 -91.83 39.90 14.44
C PHE S 233 -91.33 41.33 14.32
N HIS S 234 -90.59 41.77 15.33
CA HIS S 234 -90.00 43.10 15.36
C HIS S 234 -88.48 42.96 15.39
N ASN S 235 -87.80 43.70 14.53
CA ASN S 235 -86.33 43.69 14.57
C ASN S 235 -85.82 44.25 15.88
N ASP S 236 -86.57 45.14 16.52
CA ASP S 236 -86.14 45.73 17.78
C ASP S 236 -86.00 44.65 18.85
N SER S 237 -87.03 43.84 19.02
CA SER S 237 -86.99 42.80 20.05
C SER S 237 -86.03 41.68 19.67
N LEU S 238 -85.86 41.42 18.38
CA LEU S 238 -84.90 40.39 17.97
C LEU S 238 -83.48 40.79 18.30
N ASN S 239 -83.08 42.03 17.98
CA ASN S 239 -81.74 42.46 18.32
C ASN S 239 -81.58 42.65 19.83
N ARG S 240 -82.67 43.00 20.52
CA ARG S 240 -82.63 43.05 21.98
C ARG S 240 -82.35 41.68 22.56
N ILE S 241 -83.00 40.65 22.02
CA ILE S 241 -82.75 39.28 22.48
C ILE S 241 -81.31 38.89 22.21
N GLU S 242 -80.81 39.21 21.02
CA GLU S 242 -79.42 38.84 20.71
C GLU S 242 -78.44 39.49 21.67
N ASN S 243 -78.77 40.68 22.18
CA ASN S 243 -77.91 41.35 23.15
C ASN S 243 -77.88 40.59 24.46
N GLY S 262 -77.70 36.57 11.22
CA GLY S 262 -77.75 37.08 12.58
C GLY S 262 -79.15 37.06 13.17
N ALA S 263 -79.88 38.16 13.02
CA ALA S 263 -81.23 38.24 13.55
C ALA S 263 -82.19 37.33 12.81
N ASN S 264 -81.90 36.99 11.55
CA ASN S 264 -82.78 36.09 10.81
C ASN S 264 -82.76 34.68 11.38
N LYS S 265 -81.72 34.31 12.14
CA LYS S 265 -81.59 32.94 12.70
C LYS S 265 -82.64 32.72 13.79
N LEU S 266 -83.15 33.78 14.46
CA LEU S 266 -84.24 33.63 15.42
C LEU S 266 -85.56 33.38 14.71
N ILE S 267 -85.84 34.15 13.66
CA ILE S 267 -87.09 33.97 12.93
C ILE S 267 -87.11 32.59 12.27
N ALA S 268 -85.99 32.18 11.68
CA ALA S 268 -85.93 30.87 11.07
C ALA S 268 -86.18 29.77 12.10
N LEU S 269 -85.59 29.90 13.29
CA LEU S 269 -85.77 28.90 14.32
C LEU S 269 -87.21 28.83 14.78
N VAL S 270 -87.86 29.98 14.98
CA VAL S 270 -89.25 29.98 15.42
C VAL S 270 -90.13 29.35 14.36
N SER S 271 -89.95 29.74 13.10
CA SER S 271 -90.79 29.21 12.04
C SER S 271 -90.57 27.71 11.86
N ALA S 272 -89.32 27.25 11.97
CA ALA S 272 -89.04 25.82 11.85
C ALA S 272 -89.68 25.05 12.98
N SER S 273 -89.62 25.58 14.20
CA SER S 273 -90.21 24.86 15.33
C SER S 273 -91.72 24.89 15.33
N VAL S 274 -92.34 25.91 14.71
CA VAL S 274 -93.79 26.02 14.76
C VAL S 274 -94.44 24.81 14.11
N SER S 275 -93.80 24.24 13.08
CA SER S 275 -94.35 23.10 12.35
C SER S 275 -93.74 21.78 12.79
N ASN S 276 -93.01 21.76 13.89
CA ASN S 276 -92.37 20.53 14.33
C ASN S 276 -93.33 19.35 14.49
N PRO S 277 -94.53 19.51 15.05
CA PRO S 277 -95.42 18.35 15.19
C PRO S 277 -95.85 17.76 13.85
N LEU S 278 -95.73 18.50 12.76
CA LEU S 278 -96.11 17.98 11.45
C LEU S 278 -95.00 17.12 10.86
N ARG S 279 -93.75 17.59 10.94
CA ARG S 279 -92.64 16.89 10.32
C ARG S 279 -92.16 15.71 11.15
N PHE S 280 -92.34 15.76 12.47
CA PHE S 280 -91.92 14.69 13.37
C PHE S 280 -93.16 14.25 14.14
N PRO S 281 -93.99 13.39 13.54
CA PRO S 281 -95.32 13.13 14.11
C PRO S 281 -95.25 12.48 15.47
N GLY S 282 -96.26 12.77 16.28
CA GLY S 282 -96.42 12.15 17.58
C GLY S 282 -97.86 11.71 17.79
N TYR S 283 -98.33 11.76 19.04
CA TYR S 283 -99.70 11.36 19.34
C TYR S 283 -100.74 12.37 18.87
N MET S 284 -100.38 13.63 18.70
CA MET S 284 -101.37 14.68 18.60
C MET S 284 -100.83 15.84 17.78
N TYR S 285 -101.73 16.74 17.37
CA TYR S 285 -101.37 17.94 16.60
C TYR S 285 -100.73 17.59 15.27
N SER S 286 -101.35 16.65 14.56
CA SER S 286 -100.81 16.14 13.30
C SER S 286 -101.09 17.04 12.11
N SER S 287 -101.80 18.16 12.28
CA SER S 287 -102.18 19.00 11.16
C SER S 287 -102.11 20.46 11.56
N MET S 288 -101.89 21.33 10.57
CA MET S 288 -101.82 22.76 10.83
C MET S 288 -103.14 23.34 11.30
N GLU S 289 -104.26 22.73 10.88
CA GLU S 289 -105.56 23.19 11.35
C GLU S 289 -105.64 23.12 12.86
N SER S 290 -105.17 22.01 13.44
CA SER S 290 -105.21 21.86 14.89
C SER S 290 -104.31 22.88 15.58
N ILE S 291 -103.14 23.15 15.01
CA ILE S 291 -102.21 24.08 15.63
C ILE S 291 -102.78 25.49 15.62
N VAL S 292 -103.34 25.91 14.49
CA VAL S 292 -103.79 27.29 14.37
C VAL S 292 -105.11 27.51 15.08
N SER S 293 -106.05 26.56 14.95
CA SER S 293 -107.38 26.75 15.51
C SER S 293 -107.36 26.98 17.01
N ASN S 294 -106.30 26.53 17.69
CA ASN S 294 -106.19 26.73 19.12
C ASN S 294 -105.84 28.17 19.48
N LEU S 295 -105.50 29.01 18.50
CA LEU S 295 -104.98 30.34 18.76
C LEU S 295 -105.79 31.46 18.13
N ILE S 296 -106.80 31.15 17.32
CA ILE S 296 -107.55 32.18 16.59
C ILE S 296 -109.04 31.99 16.86
N PRO S 297 -109.54 32.41 18.03
CA PRO S 297 -110.98 32.26 18.28
C PRO S 297 -111.86 33.00 17.29
N THR S 298 -111.40 34.15 16.80
CA THR S 298 -112.18 34.98 15.89
C THR S 298 -111.29 35.38 14.71
N PRO S 299 -111.82 35.41 13.48
CA PRO S 299 -110.96 35.78 12.34
C PRO S 299 -110.43 37.19 12.42
N ASP S 300 -111.03 38.08 13.22
CA ASP S 300 -110.49 39.42 13.36
C ASP S 300 -109.17 39.41 14.12
N LEU S 301 -109.11 38.70 15.24
CA LEU S 301 -107.90 38.61 16.05
C LEU S 301 -107.02 37.52 15.46
N LYS S 302 -106.20 37.90 14.49
CA LYS S 302 -105.38 36.95 13.74
C LYS S 302 -103.88 37.15 13.92
N PHE S 303 -103.45 38.09 14.76
CA PHE S 303 -102.04 38.39 14.93
C PHE S 303 -101.50 37.66 16.16
N LEU S 304 -100.37 36.99 16.00
CA LEU S 304 -99.80 36.14 17.04
C LEU S 304 -98.49 36.72 17.52
N THR S 305 -98.25 36.60 18.83
CA THR S 305 -96.99 36.98 19.45
C THR S 305 -96.23 35.71 19.82
N SER S 306 -94.98 35.62 19.37
CA SER S 306 -94.16 34.45 19.59
C SER S 306 -93.06 34.76 20.60
N SER S 307 -92.82 33.81 21.50
CA SER S 307 -91.80 33.93 22.53
C SER S 307 -90.85 32.74 22.43
N ILE S 308 -89.56 33.01 22.59
CA ILE S 308 -88.52 31.99 22.45
C ILE S 308 -87.63 32.04 23.69
N ALA S 309 -87.32 30.88 24.25
CA ALA S 309 -86.38 30.81 25.35
C ALA S 309 -84.95 30.76 24.80
N PRO S 310 -84.12 31.78 25.06
CA PRO S 310 -82.77 31.79 24.46
C PRO S 310 -81.76 30.97 25.22
N PHE S 311 -81.96 30.75 26.52
CA PHE S 311 -80.95 30.11 27.36
C PHE S 311 -80.97 28.60 27.10
N SER S 312 -80.23 28.19 26.09
CA SER S 312 -80.05 26.77 25.82
C SER S 312 -78.67 26.56 25.21
N THR S 313 -78.18 25.34 25.33
CA THR S 313 -76.87 24.95 24.81
C THR S 313 -75.71 25.56 25.59
N GLN S 314 -76.01 26.42 26.57
CA GLN S 314 -75.01 26.84 27.54
C GLN S 314 -74.96 25.85 28.70
N LYS S 315 -73.91 25.97 29.51
CA LYS S 315 -73.80 25.14 30.71
C LYS S 315 -74.94 25.41 31.68
N HIS S 316 -75.28 26.68 31.88
CA HIS S 316 -76.33 27.07 32.86
C HIS S 316 -77.70 27.03 32.16
N ASN S 317 -78.08 26.00 31.42
CA ASN S 317 -79.38 25.88 30.78
C ASN S 317 -80.48 25.71 31.81
N TYR S 318 -81.73 25.82 31.36
CA TYR S 318 -82.86 25.50 32.21
C TYR S 318 -82.77 24.06 32.68
N LEU S 319 -82.83 23.87 34.00
CA LEU S 319 -82.58 22.53 34.55
C LEU S 319 -83.75 21.59 34.32
N ASN S 320 -84.97 22.10 34.24
CA ASN S 320 -86.14 21.26 34.03
C ASN S 320 -87.09 21.91 33.03
N GLU S 321 -87.87 21.06 32.36
CA GLU S 321 -88.91 21.55 31.47
C GLU S 321 -89.92 22.39 32.23
N TYR S 322 -90.10 22.12 33.52
CA TYR S 322 -90.99 22.93 34.34
C TYR S 322 -90.48 24.37 34.41
N ASP S 323 -89.17 24.56 34.56
CA ASP S 323 -88.61 25.91 34.54
C ASP S 323 -88.66 26.51 33.15
N MET S 324 -88.65 25.67 32.10
CA MET S 324 -88.90 26.18 30.76
C MET S 324 -90.31 26.74 30.64
N LEU S 325 -91.31 26.04 31.19
CA LEU S 325 -92.68 26.53 31.12
C LEU S 325 -92.84 27.81 31.93
N LEU S 326 -92.20 27.89 33.09
CA LEU S 326 -92.37 29.09 33.91
C LEU S 326 -91.64 30.29 33.31
N GLU S 327 -90.40 30.08 32.83
CA GLU S 327 -89.59 31.18 32.31
C GLU S 327 -89.82 31.46 30.83
N LEU S 328 -90.65 30.68 30.15
CA LEU S 328 -91.00 31.02 28.77
C LEU S 328 -91.92 32.23 28.69
N SER S 329 -92.61 32.56 29.79
CA SER S 329 -93.60 33.63 29.80
C SER S 329 -93.00 35.00 30.10
N ASN S 330 -91.69 35.09 30.30
CA ASN S 330 -91.09 36.39 30.56
C ASN S 330 -91.30 37.33 29.38
N ASP S 331 -91.64 38.58 29.69
CA ASP S 331 -91.93 39.55 28.64
C ASP S 331 -90.69 39.96 27.87
N ARG S 332 -89.50 39.77 28.43
CA ARG S 332 -88.28 40.16 27.75
C ARG S 332 -87.95 39.26 26.57
N TYR S 333 -88.39 38.00 26.58
CA TYR S 333 -88.11 37.08 25.50
C TYR S 333 -89.05 37.22 24.32
N LYS S 334 -90.14 37.95 24.47
CA LYS S 334 -91.09 38.07 23.37
C LYS S 334 -90.45 38.82 22.20
N THR S 335 -90.86 38.44 20.99
CA THR S 335 -90.29 38.98 19.77
C THR S 335 -90.97 40.26 19.29
N ASN S 336 -91.63 40.98 20.20
CA ASN S 336 -92.23 42.27 19.85
C ASN S 336 -92.31 43.13 21.09
N ARG S 337 -92.23 44.44 20.89
CA ARG S 337 -92.26 45.37 22.00
C ARG S 337 -93.59 45.29 22.73
N VAL S 338 -93.51 45.25 24.06
CA VAL S 338 -94.70 45.18 24.92
C VAL S 338 -94.77 46.47 25.73
N GLY S 340 -96.68 47.12 28.31
CA GLY S 340 -96.98 46.95 29.72
C GLY S 340 -97.88 45.77 30.00
N ASP S 341 -98.94 45.98 30.78
CA ASP S 341 -99.85 44.89 31.13
C ASP S 341 -100.57 44.39 29.89
N THR S 342 -100.66 43.06 29.77
CA THR S 342 -101.27 42.41 28.62
C THR S 342 -102.21 41.30 29.09
N SER S 343 -103.19 40.99 28.25
CA SER S 343 -104.12 39.90 28.50
C SER S 343 -103.97 38.87 27.38
N TYR S 344 -103.83 37.61 27.76
CA TYR S 344 -103.61 36.53 26.80
C TYR S 344 -104.94 36.00 26.28
N ILE S 345 -105.04 35.84 24.97
CA ILE S 345 -106.25 35.28 24.37
C ILE S 345 -106.13 33.77 24.19
N SER S 346 -104.95 33.28 23.82
CA SER S 346 -104.74 31.85 23.66
C SER S 346 -103.27 31.54 23.84
N MET S 347 -102.99 30.28 24.14
CA MET S 347 -101.63 29.83 24.45
C MET S 347 -101.36 28.48 23.80
N LEU S 348 -100.09 28.25 23.48
CA LEU S 348 -99.63 26.93 23.06
C LEU S 348 -98.12 26.93 23.17
N ASN S 349 -97.57 25.97 23.93
CA ASN S 349 -96.16 25.91 24.21
C ASN S 349 -95.54 24.70 23.55
N TYR S 350 -94.38 24.92 22.92
CA TYR S 350 -93.62 23.84 22.30
C TYR S 350 -92.49 23.41 23.22
N LEU S 351 -92.41 22.11 23.48
CA LEU S 351 -91.29 21.51 24.18
C LEU S 351 -90.71 20.43 23.27
N ILE S 352 -89.41 20.53 23.00
CA ILE S 352 -88.76 19.68 22.00
C ILE S 352 -87.53 19.06 22.66
N GLY S 353 -87.65 17.82 23.09
CA GLY S 353 -86.52 17.09 23.66
C GLY S 353 -86.71 15.62 23.44
N ASP S 354 -85.59 14.87 23.46
CA ASP S 354 -85.65 13.40 23.23
C ASP S 354 -86.60 12.75 24.25
N ASN S 355 -86.47 13.10 25.53
CA ASN S 355 -87.31 12.54 26.57
C ASN S 355 -87.84 13.67 27.44
N LEU S 356 -89.14 13.59 27.78
CA LEU S 356 -89.81 14.64 28.54
C LEU S 356 -90.51 14.02 29.73
N ASP S 357 -90.25 14.57 30.92
CA ASP S 357 -90.87 14.07 32.15
C ASP S 357 -92.27 14.63 32.28
N GLN S 358 -93.27 13.73 32.34
CA GLN S 358 -94.66 14.16 32.32
C GLN S 358 -95.02 14.96 33.57
N ARG S 359 -94.60 14.48 34.74
CA ARG S 359 -95.05 15.10 35.99
C ARG S 359 -94.54 16.54 36.11
N GLU S 360 -93.33 16.82 35.62
CA GLU S 360 -92.86 18.19 35.58
C GLU S 360 -93.77 19.04 34.71
N ILE S 361 -94.19 18.50 33.57
CA ILE S 361 -95.04 19.28 32.66
C ILE S 361 -96.41 19.53 33.29
N ARG S 362 -96.94 18.54 34.02
CA ARG S 362 -98.22 18.76 34.69
C ARG S 362 -98.11 19.87 35.73
N LYS S 363 -97.06 19.84 36.53
CA LYS S 363 -96.87 20.90 37.53
C LYS S 363 -96.71 22.26 36.85
N GLY S 364 -95.95 22.31 35.77
CA GLY S 364 -95.75 23.57 35.06
C GLY S 364 -97.04 24.08 34.44
N ILE S 365 -97.85 23.19 33.88
CA ILE S 365 -99.13 23.62 33.32
C ILE S 365 -100.02 24.20 34.40
N LEU S 366 -100.08 23.55 35.56
CA LEU S 366 -100.92 24.08 36.63
C LEU S 366 -100.45 25.47 37.06
N LYS S 367 -99.14 25.63 37.24
CA LYS S 367 -98.64 26.94 37.65
C LYS S 367 -98.88 27.99 36.57
N SER S 368 -98.69 27.62 35.30
CA SER S 368 -98.89 28.58 34.22
C SER S 368 -100.34 29.03 34.15
N GLN S 369 -101.28 28.10 34.34
CA GLN S 369 -102.69 28.48 34.36
C GLN S 369 -103.00 29.39 35.53
N GLN S 370 -102.42 29.11 36.70
CA GLN S 370 -102.72 29.98 37.84
C GLN S 370 -102.02 31.32 37.78
N ARG S 371 -101.00 31.48 36.94
CA ARG S 371 -100.25 32.73 36.90
C ARG S 371 -100.68 33.69 35.81
N ILE S 372 -101.17 33.18 34.67
CA ILE S 372 -101.36 34.00 33.47
C ILE S 372 -102.75 34.59 33.46
N SER S 373 -102.86 35.84 33.03
CA SER S 373 -104.13 36.58 33.01
C SER S 373 -104.80 36.38 31.65
N PHE S 374 -105.83 35.55 31.60
CA PHE S 374 -106.62 35.34 30.40
C PHE S 374 -107.78 36.33 30.35
N VAL S 375 -108.30 36.55 29.15
CA VAL S 375 -109.46 37.41 28.97
C VAL S 375 -110.69 36.67 29.50
N PRO S 376 -111.72 37.37 29.96
CA PRO S 376 -112.82 36.69 30.65
C PRO S 376 -113.54 35.64 29.81
N TRP S 377 -113.71 35.86 28.51
CA TRP S 377 -114.59 35.03 27.70
C TRP S 377 -113.88 33.86 27.03
N VAL S 378 -112.61 33.63 27.34
CA VAL S 378 -111.86 32.53 26.74
C VAL S 378 -111.82 31.38 27.73
N ALA S 379 -111.73 30.16 27.19
CA ALA S 379 -111.83 28.96 28.01
C ALA S 379 -110.71 28.86 29.05
N ARG S 380 -109.62 29.61 28.89
CA ARG S 380 -108.54 29.62 29.88
C ARG S 380 -107.85 28.26 29.94
N SER S 381 -107.38 27.80 28.78
CA SER S 381 -106.68 26.54 28.66
C SER S 381 -105.28 26.78 28.10
N VAL S 382 -104.29 26.08 28.67
CA VAL S 382 -102.91 26.15 28.21
C VAL S 382 -102.54 24.78 27.65
N LEU S 383 -102.06 24.75 26.41
CA LEU S 383 -101.77 23.52 25.69
C LEU S 383 -100.27 23.39 25.50
N VAL S 384 -99.74 22.21 25.80
CA VAL S 384 -98.30 21.93 25.69
C VAL S 384 -98.14 20.75 24.76
N VAL S 385 -97.48 20.97 23.62
CA VAL S 385 -97.20 19.90 22.66
C VAL S 385 -95.86 19.27 22.98
N HIS S 386 -95.79 17.96 22.91
CA HIS S 386 -94.58 17.20 23.25
C HIS S 386 -93.82 16.88 21.96
N GLY S 387 -93.13 17.89 21.44
CA GLY S 387 -92.37 17.69 20.21
C GLY S 387 -91.24 16.69 20.40
N LYS S 388 -90.85 16.06 19.29
CA LYS S 388 -89.77 15.09 19.27
C LYS S 388 -88.56 15.68 18.56
N LYS S 389 -87.39 15.53 19.15
CA LYS S 389 -86.17 16.06 18.56
C LYS S 389 -85.71 15.22 17.38
N SER S 390 -85.06 15.87 16.42
CA SER S 390 -84.65 15.18 15.20
C SER S 390 -83.53 14.19 15.51
N PRO S 391 -83.56 12.99 14.90
CA PRO S 391 -82.41 12.08 15.06
C PRO S 391 -81.10 12.67 14.57
N TYR S 392 -81.14 13.59 13.62
CA TYR S 392 -79.93 14.14 13.03
C TYR S 392 -79.27 15.18 13.90
N LEU S 393 -79.88 15.56 15.02
CA LEU S 393 -79.27 16.46 15.99
C LEU S 393 -78.88 15.65 17.22
N LYS S 394 -77.59 15.67 17.56
CA LYS S 394 -77.02 14.69 18.46
C LYS S 394 -77.27 15.09 19.92
N ASN S 395 -78.27 14.47 20.53
CA ASN S 395 -78.38 14.44 22.01
C ASN S 395 -78.34 15.83 22.62
N THR S 396 -78.77 16.85 21.88
CA THR S 396 -78.79 18.19 22.42
C THR S 396 -79.84 18.31 23.52
N ASN S 397 -79.58 19.23 24.46
CA ASN S 397 -80.49 19.45 25.57
C ASN S 397 -81.82 20.04 25.10
N LEU S 398 -82.77 20.10 26.03
CA LEU S 398 -84.12 20.57 25.73
C LEU S 398 -84.11 22.00 25.20
N GLU S 399 -85.03 22.27 24.27
CA GLU S 399 -85.33 23.63 23.83
C GLU S 399 -86.83 23.76 23.62
N GLY S 400 -87.32 24.99 23.64
CA GLY S 400 -88.75 25.22 23.56
C GLY S 400 -89.15 26.56 22.97
N ILE S 401 -90.31 26.60 22.32
CA ILE S 401 -90.84 27.80 21.69
C ILE S 401 -92.26 28.02 22.19
N GLN S 402 -92.61 29.28 22.43
CA GLN S 402 -93.94 29.65 22.89
C GLN S 402 -94.60 30.59 21.88
N VAL S 403 -95.82 30.26 21.48
CA VAL S 403 -96.62 31.08 20.57
C VAL S 403 -97.89 31.46 21.29
N THR S 404 -98.18 32.76 21.34
CA THR S 404 -99.30 33.29 22.10
C THR S 404 -100.10 34.26 21.25
N ASN S 405 -101.32 34.54 21.70
CA ASN S 405 -102.18 35.55 21.12
C ASN S 405 -102.53 36.55 22.22
N ASN S 406 -101.93 37.73 22.18
CA ASN S 406 -102.08 38.72 23.23
C ASN S 406 -102.89 39.91 22.74
N THR S 407 -103.29 40.75 23.68
CA THR S 407 -103.88 42.04 23.37
C THR S 407 -102.84 43.14 23.27
N SER S 408 -101.56 42.79 23.31
CA SER S 408 -100.49 43.77 23.15
C SER S 408 -100.42 44.33 21.73
N MET S 409 -101.14 43.74 20.79
CA MET S 409 -101.11 44.24 19.42
C MET S 409 -101.62 45.67 19.33
N ILE S 410 -102.44 46.10 20.30
CA ILE S 410 -102.98 47.45 20.22
C ILE S 410 -101.87 48.48 20.33
N ASP S 411 -100.83 48.21 21.12
CA ASP S 411 -99.76 49.19 21.29
C ASP S 411 -99.01 49.42 19.98
N VAL S 412 -98.61 48.34 19.30
CA VAL S 412 -97.82 48.50 18.08
C VAL S 412 -98.68 49.10 16.97
N PHE S 413 -99.94 48.68 16.87
CA PHE S 413 -100.82 49.24 15.86
C PHE S 413 -101.09 50.71 16.12
N THR S 414 -101.25 51.08 17.40
CA THR S 414 -101.41 52.49 17.73
C THR S 414 -100.17 53.28 17.35
N LYS S 415 -98.98 52.71 17.59
CA LYS S 415 -97.75 53.40 17.20
C LYS S 415 -97.71 53.62 15.69
N ILE S 416 -98.07 52.60 14.92
CA ILE S 416 -98.07 52.73 13.47
C ILE S 416 -99.07 53.79 13.03
N LEU S 417 -100.27 53.78 13.62
CA LEU S 417 -101.29 54.76 13.26
C LEU S 417 -100.86 56.17 13.63
N LYS S 418 -100.22 56.35 14.78
CA LYS S 418 -99.74 57.68 15.16
C LYS S 418 -98.71 58.18 14.17
N GLN S 419 -97.77 57.32 13.78
CA GLN S 419 -96.79 57.75 12.78
C GLN S 419 -97.47 58.09 11.47
N PHE S 420 -98.45 57.28 11.06
CA PHE S 420 -99.12 57.51 9.78
C PHE S 420 -99.88 58.83 9.79
N ASP S 421 -100.60 59.12 10.89
CA ASP S 421 -101.32 60.38 10.97
C ASP S 421 -100.35 61.56 10.99
N LEU S 422 -99.26 61.45 11.76
CA LEU S 422 -98.29 62.53 11.82
C LEU S 422 -97.72 62.83 10.44
N LEU S 423 -97.45 61.79 9.65
CA LEU S 423 -96.85 61.98 8.35
C LEU S 423 -97.87 62.15 7.22
N ILE S 424 -99.16 62.03 7.52
CA ILE S 424 -100.20 62.21 6.51
C ILE S 424 -100.73 63.65 6.59
N LYS S 425 -100.77 64.22 7.79
CA LYS S 425 -101.12 65.63 7.87
C LYS S 425 -100.09 66.50 7.16
N ARG S 426 -98.81 66.13 7.28
CA ARG S 426 -97.74 66.82 6.57
C ARG S 426 -97.54 66.11 5.23
N LYS S 427 -97.79 66.82 4.13
CA LYS S 427 -97.56 66.26 2.80
C LYS S 427 -96.07 66.27 2.52
N ALA S 428 -95.37 65.32 3.14
CA ALA S 428 -93.91 65.28 3.05
C ALA S 428 -93.45 64.67 1.74
N TYR S 429 -93.84 63.42 1.48
CA TYR S 429 -93.33 62.67 0.34
C TYR S 429 -94.43 62.12 -0.56
N LEU S 430 -95.65 62.63 -0.44
CA LEU S 430 -96.76 62.13 -1.24
C LEU S 430 -96.63 62.48 -2.72
N ASN S 431 -95.71 63.38 -3.08
CA ASN S 431 -95.52 63.72 -4.48
C ASN S 431 -95.02 62.52 -5.27
N ARG S 432 -94.29 61.61 -4.62
CA ARG S 432 -93.80 60.40 -5.28
C ARG S 432 -94.93 59.42 -5.60
N TYR S 433 -96.12 59.62 -5.05
CA TYR S 433 -97.25 58.74 -5.29
C TYR S 433 -98.43 59.42 -5.99
N TYR S 434 -98.67 60.70 -5.69
CA TYR S 434 -99.78 61.43 -6.32
C TYR S 434 -99.27 62.03 -7.63
N SER S 435 -99.72 61.47 -8.75
CA SER S 435 -99.28 61.91 -10.06
C SER S 435 -100.21 62.90 -10.72
N SER S 436 -101.51 62.85 -10.41
CA SER S 436 -102.49 63.74 -11.03
C SER S 436 -103.70 63.83 -10.11
N VAL S 437 -104.75 64.50 -10.59
CA VAL S 437 -105.97 64.66 -9.78
C VAL S 437 -106.60 63.29 -9.52
N GLU S 438 -106.72 62.47 -10.56
CA GLU S 438 -107.29 61.14 -10.38
C GLU S 438 -106.40 60.28 -9.49
N GLU S 439 -105.08 60.43 -9.62
CA GLU S 439 -104.17 59.72 -8.74
C GLU S 439 -104.30 60.22 -7.31
N GLU S 440 -104.48 61.53 -7.13
CA GLU S 440 -104.66 62.07 -5.79
C GLU S 440 -105.91 61.48 -5.14
N ASN S 441 -107.03 61.44 -5.88
CA ASN S 441 -108.25 60.89 -5.31
C ASN S 441 -108.10 59.40 -5.03
N GLU S 442 -107.45 58.67 -5.93
CA GLU S 442 -107.26 57.24 -5.74
C GLU S 442 -106.44 56.96 -4.48
N VAL S 443 -105.31 57.66 -4.32
CA VAL S 443 -104.46 57.42 -3.17
C VAL S 443 -105.18 57.86 -1.89
N MET S 444 -105.94 58.95 -1.94
CA MET S 444 -106.65 59.40 -0.76
C MET S 444 -107.68 58.37 -0.31
N GLU S 445 -108.48 57.84 -1.24
CA GLU S 445 -109.48 56.86 -0.84
C GLU S 445 -108.82 55.56 -0.38
N MET S 446 -107.74 55.15 -1.02
CA MET S 446 -107.03 53.94 -0.58
C MET S 446 -106.49 54.13 0.83
N PHE S 447 -105.87 55.28 1.10
CA PHE S 447 -105.30 55.53 2.42
C PHE S 447 -106.39 55.58 3.48
N ASN S 448 -107.52 56.20 3.14
CA ASN S 448 -108.62 56.27 4.10
C ASN S 448 -109.13 54.89 4.43
N GLU S 449 -109.28 54.03 3.42
CA GLU S 449 -109.75 52.68 3.68
C GLU S 449 -108.76 51.92 4.56
N SER S 450 -107.46 52.03 4.28
CA SER S 450 -106.47 51.35 5.10
C SER S 450 -106.52 51.84 6.54
N ARG S 451 -106.60 53.15 6.73
CA ARG S 451 -106.64 53.71 8.08
C ARG S 451 -107.88 53.23 8.82
N GLU S 452 -109.02 53.19 8.13
CA GLU S 452 -110.25 52.75 8.78
C GLU S 452 -110.17 51.28 9.16
N SER S 453 -109.57 50.44 8.31
CA SER S 453 -109.43 49.03 8.65
C SER S 453 -108.53 48.84 9.87
N VAL S 454 -107.43 49.58 9.92
CA VAL S 454 -106.54 49.46 11.08
C VAL S 454 -107.23 49.92 12.35
N LYS S 455 -107.99 51.01 12.27
CA LYS S 455 -108.74 51.44 13.45
C LYS S 455 -109.77 50.39 13.85
N SER S 456 -110.40 49.73 12.87
CA SER S 456 -111.38 48.71 13.18
C SER S 456 -110.74 47.56 13.94
N ILE S 457 -109.55 47.14 13.53
CA ILE S 457 -108.92 46.03 14.23
C ILE S 457 -108.46 46.46 15.61
N ILE S 458 -108.02 47.71 15.77
CA ILE S 458 -107.64 48.20 17.09
C ILE S 458 -108.86 48.20 18.01
N ASP S 459 -109.99 48.68 17.52
CA ASP S 459 -111.20 48.70 18.34
C ASP S 459 -111.65 47.29 18.69
N GLU S 460 -111.56 46.36 17.75
CA GLU S 460 -111.91 44.98 18.07
C GLU S 460 -111.01 44.41 19.15
N TYR S 461 -109.69 44.61 19.06
CA TYR S 461 -108.73 44.08 20.08
C TYR S 461 -108.98 44.76 21.43
N LYS S 462 -109.41 46.02 21.43
CA LYS S 462 -109.71 46.78 22.67
C LYS S 462 -111.02 46.27 23.29
N ALA S 463 -112.03 45.95 22.46
CA ALA S 463 -113.29 45.42 22.96
C ALA S 463 -113.14 43.99 23.45
N CYS S 464 -112.14 43.26 22.96
CA CYS S 464 -111.88 41.93 23.49
C CYS S 464 -111.48 41.99 24.97
N LYS S 465 -110.78 43.05 25.38
CA LYS S 465 -110.26 43.11 26.74
C LYS S 465 -111.38 43.22 27.76
N GLU S 466 -112.42 44.00 27.48
CA GLU S 466 -113.46 44.26 28.47
C GLU S 466 -114.35 43.03 28.65
N ILE S 467 -115.18 43.06 29.69
CA ILE S 467 -116.01 41.92 30.05
C ILE S 467 -117.33 41.89 29.31
N THR S 468 -117.77 43.00 28.73
CA THR S 468 -119.05 43.06 28.02
C THR S 468 -118.90 42.71 26.54
N TYR S 469 -117.87 41.93 26.19
CA TYR S 469 -117.62 41.63 24.79
C TYR S 469 -118.77 40.83 24.18
N LEU S 470 -119.30 39.86 24.91
CA LEU S 470 -120.37 39.00 24.42
C LEU S 470 -121.76 39.58 24.63
N ASP S 471 -121.88 40.72 25.30
CA ASP S 471 -123.17 41.31 25.57
C ASP S 471 -123.65 42.14 24.39
N ASP S 472 -124.96 42.15 24.17
CA ASP S 472 -125.57 42.89 23.08
C ASP S 472 -126.00 44.29 23.50
N ASP S 473 -125.72 44.69 24.73
CA ASP S 473 -126.10 46.01 25.23
C ASP S 473 -125.44 47.10 24.40
N GLY T 3 -95.84 -2.29 -42.18
CA GLY T 3 -95.72 -1.27 -43.26
C GLY T 3 -94.39 -0.55 -43.26
N GLU T 4 -94.14 0.24 -44.30
CA GLU T 4 -92.90 0.98 -44.45
C GLU T 4 -93.23 2.46 -44.66
N THR T 5 -92.29 3.32 -44.26
CA THR T 5 -92.47 4.76 -44.35
C THR T 5 -91.33 5.36 -45.16
N ILE T 6 -91.67 6.20 -46.12
CA ILE T 6 -90.70 6.89 -46.96
C ILE T 6 -90.68 8.36 -46.58
N THR T 7 -89.50 8.89 -46.31
CA THR T 7 -89.34 10.27 -45.89
C THR T 7 -88.83 11.12 -47.05
N LEU T 8 -89.48 12.26 -47.27
CA LEU T 8 -89.08 13.20 -48.31
C LEU T 8 -88.80 14.54 -47.66
N GLN T 9 -87.66 15.15 -48.02
CA GLN T 9 -87.25 16.43 -47.45
C GLN T 9 -87.06 17.41 -48.60
N VAL T 10 -87.74 18.55 -48.51
CA VAL T 10 -87.71 19.56 -49.56
C VAL T 10 -87.36 20.90 -48.92
N GLY T 11 -86.44 21.63 -49.54
CA GLY T 11 -86.06 22.95 -49.08
C GLY T 11 -84.92 22.92 -48.08
N GLN T 12 -84.32 24.11 -47.89
CA GLN T 12 -83.20 24.22 -46.96
C GLN T 12 -83.64 23.90 -45.53
N CYS T 13 -84.79 24.46 -45.10
CA CYS T 13 -85.29 24.16 -43.76
C CYS T 13 -85.64 22.69 -43.62
N GLY T 14 -86.26 22.11 -44.66
CA GLY T 14 -86.59 20.70 -44.60
C GLY T 14 -85.36 19.82 -44.47
N ASN T 15 -84.31 20.14 -45.24
CA ASN T 15 -83.07 19.37 -45.14
C ASN T 15 -82.42 19.53 -43.78
N GLN T 16 -82.41 20.75 -43.24
CA GLN T 16 -81.83 20.98 -41.92
C GLN T 16 -82.55 20.16 -40.86
N VAL T 17 -83.89 20.13 -40.93
CA VAL T 17 -84.64 19.34 -39.96
C VAL T 17 -84.39 17.85 -40.17
N GLY T 18 -84.41 17.40 -41.43
CA GLY T 18 -84.30 15.98 -41.69
C GLY T 18 -82.95 15.41 -41.29
N LEU T 19 -81.89 16.19 -41.42
CA LEU T 19 -80.58 15.69 -41.02
C LEU T 19 -80.57 15.31 -39.55
N GLN T 20 -81.09 16.18 -38.70
CA GLN T 20 -81.12 15.89 -37.27
C GLN T 20 -82.16 14.82 -36.94
N TYR T 21 -83.25 14.77 -37.70
CA TYR T 21 -84.24 13.71 -37.52
C TYR T 21 -83.61 12.34 -37.76
N TRP T 22 -82.84 12.21 -38.83
CA TRP T 22 -82.22 10.93 -39.14
C TRP T 22 -81.08 10.62 -38.18
N GLN T 23 -80.33 11.62 -37.74
CA GLN T 23 -79.30 11.36 -36.74
C GLN T 23 -79.92 10.93 -35.42
N GLN T 24 -81.07 11.50 -35.05
CA GLN T 24 -81.77 11.06 -33.85
C GLN T 24 -82.19 9.61 -33.98
N LEU T 25 -82.82 9.24 -35.10
CA LEU T 25 -83.25 7.85 -35.26
C LEU T 25 -82.06 6.90 -35.25
N ALA T 26 -80.96 7.29 -35.91
CA ALA T 26 -79.78 6.44 -35.93
C ALA T 26 -79.22 6.25 -34.54
N THR T 27 -79.22 7.31 -33.73
CA THR T 27 -78.76 7.18 -32.35
C THR T 27 -79.65 6.23 -31.56
N GLU T 28 -80.97 6.36 -31.71
CA GLU T 28 -81.87 5.50 -30.94
C GLU T 28 -81.68 4.03 -31.31
N HIS T 29 -81.53 3.75 -32.60
CA HIS T 29 -81.41 2.36 -33.05
C HIS T 29 -79.98 1.85 -33.06
N GLY T 30 -79.01 2.64 -32.58
CA GLY T 30 -77.65 2.17 -32.50
C GLY T 30 -76.96 2.00 -33.83
N ILE T 31 -77.46 2.64 -34.88
CA ILE T 31 -76.86 2.56 -36.20
C ILE T 31 -75.86 3.71 -36.33
N GLN T 32 -74.60 3.38 -36.55
CA GLN T 32 -73.57 4.39 -36.64
C GLN T 32 -73.69 5.17 -37.96
N SER T 33 -72.97 6.28 -38.03
CA SER T 33 -73.06 7.16 -39.19
C SER T 33 -72.59 6.48 -40.47
N ASP T 34 -71.79 5.43 -40.37
CA ASP T 34 -71.30 4.71 -41.55
C ASP T 34 -72.23 3.58 -41.99
N GLY T 35 -73.37 3.41 -41.32
CA GLY T 35 -74.30 2.36 -41.66
C GLY T 35 -74.07 1.05 -40.92
N SER T 36 -72.99 0.92 -40.18
CA SER T 36 -72.74 -0.30 -39.43
C SER T 36 -73.68 -0.40 -38.24
N SER T 37 -74.15 -1.61 -37.97
CA SER T 37 -75.09 -1.85 -36.88
C SER T 37 -74.33 -2.24 -35.62
N THR T 38 -74.96 -1.96 -34.46
CA THR T 38 -74.38 -2.28 -33.18
C THR T 38 -75.08 -3.47 -32.55
N PRO T 39 -74.36 -4.40 -31.91
CA PRO T 39 -75.04 -5.55 -31.30
C PRO T 39 -76.07 -5.10 -30.27
N TYR T 40 -77.18 -5.81 -30.23
CA TYR T 40 -78.30 -5.41 -29.39
C TYR T 40 -78.01 -5.75 -27.94
N PRO T 41 -78.12 -4.79 -27.01
CA PRO T 41 -77.93 -5.10 -25.60
C PRO T 41 -79.04 -6.00 -25.08
N LYS T 42 -78.71 -6.77 -24.05
CA LYS T 42 -79.70 -7.69 -23.48
C LYS T 42 -80.86 -6.91 -22.89
N ASP T 43 -82.04 -7.53 -22.93
CA ASP T 43 -83.25 -6.86 -22.49
C ASP T 43 -83.21 -6.65 -20.98
N ILE T 44 -83.88 -5.58 -20.53
CA ILE T 44 -83.84 -5.19 -19.13
C ILE T 44 -84.92 -5.89 -18.31
N ASN T 45 -86.12 -6.04 -18.85
CA ASN T 45 -87.21 -6.69 -18.15
C ASN T 45 -87.26 -8.19 -18.39
N ASP T 46 -86.31 -8.73 -19.17
CA ASP T 46 -86.20 -10.18 -19.37
C ASP T 46 -85.28 -10.76 -18.29
N LEU T 47 -85.84 -10.88 -17.09
CA LEU T 47 -85.05 -11.31 -15.94
C LEU T 47 -84.50 -12.72 -16.15
N GLN T 48 -83.39 -13.02 -15.48
CA GLN T 48 -82.72 -14.30 -15.65
C GLN T 48 -82.19 -14.81 -14.32
N LEU T 49 -81.99 -16.12 -14.25
CA LEU T 49 -81.40 -16.77 -13.09
C LEU T 49 -79.95 -16.32 -12.90
N GLN T 50 -79.55 -16.13 -11.64
CA GLN T 50 -78.21 -15.66 -11.33
C GLN T 50 -77.73 -16.26 -10.01
N GLU T 51 -76.43 -16.50 -9.93
CA GLU T 51 -75.79 -16.82 -8.65
C GLU T 51 -75.57 -15.56 -7.84
N LEU T 52 -75.67 -15.68 -6.53
CA LEU T 52 -75.39 -14.54 -5.64
C LEU T 52 -75.01 -15.00 -4.24
N GLY T 70 -76.26 -12.82 -32.57
CA GLY T 70 -75.85 -11.42 -32.63
C GLY T 70 -76.82 -10.57 -33.40
N LYS T 71 -77.50 -11.17 -34.37
CA LYS T 71 -78.49 -10.46 -35.18
C LYS T 71 -79.85 -10.39 -34.51
N TYR T 72 -80.01 -11.00 -33.34
CA TYR T 72 -81.31 -11.04 -32.69
C TYR T 72 -81.71 -9.66 -32.20
N ARG T 73 -82.95 -9.28 -32.45
CA ARG T 73 -83.47 -7.97 -32.08
C ARG T 73 -84.94 -8.11 -31.71
N ASN T 74 -85.44 -7.14 -30.94
CA ASN T 74 -86.85 -7.07 -30.60
C ASN T 74 -87.44 -5.70 -30.92
N ASP T 75 -86.79 -4.92 -31.77
CA ASP T 75 -87.32 -3.67 -32.27
C ASP T 75 -87.50 -3.78 -33.79
N HIS T 76 -87.93 -2.69 -34.41
CA HIS T 76 -88.24 -2.65 -35.84
C HIS T 76 -87.57 -1.45 -36.48
N PRO T 77 -86.24 -1.47 -36.60
CA PRO T 77 -85.55 -0.35 -37.23
C PRO T 77 -85.72 -0.35 -38.73
N GLU T 78 -85.91 -1.54 -39.31
CA GLU T 78 -86.01 -1.66 -40.77
C GLU T 78 -87.28 -1.05 -41.32
N LEU T 79 -88.22 -0.64 -40.46
CA LEU T 79 -89.38 0.08 -40.92
C LEU T 79 -89.01 1.41 -41.57
N PHE T 80 -87.83 1.94 -41.27
CA PHE T 80 -87.35 3.19 -41.84
C PHE T 80 -86.07 3.02 -42.65
N PHE T 81 -85.16 2.15 -42.20
CA PHE T 81 -83.88 1.94 -42.87
C PHE T 81 -83.94 0.68 -43.71
N THR T 82 -83.34 0.73 -44.90
CA THR T 82 -83.26 -0.44 -45.77
C THR T 82 -82.04 -1.27 -45.35
N LEU T 83 -82.29 -2.51 -44.92
CA LEU T 83 -81.24 -3.39 -44.46
C LEU T 83 -80.64 -4.11 -45.66
N SER T 84 -79.40 -3.78 -46.00
CA SER T 84 -78.74 -4.38 -47.14
C SER T 84 -78.25 -5.79 -46.80
N ASP T 85 -77.85 -6.52 -47.83
CA ASP T 85 -77.37 -7.89 -47.65
C ASP T 85 -76.07 -7.93 -46.85
N SER T 86 -75.35 -6.81 -46.75
CA SER T 86 -74.08 -6.76 -46.04
C SER T 86 -74.21 -6.19 -44.64
N ASN T 87 -75.40 -6.27 -44.05
CA ASN T 87 -75.64 -5.76 -42.70
C ASN T 87 -75.31 -4.28 -42.58
N THR T 88 -75.75 -3.50 -43.57
CA THR T 88 -75.58 -2.06 -43.56
C THR T 88 -76.95 -1.41 -43.73
N TYR T 89 -77.28 -0.46 -42.87
CA TYR T 89 -78.55 0.23 -42.93
C TYR T 89 -78.43 1.48 -43.80
N THR T 90 -79.55 1.89 -44.37
CA THR T 90 -79.58 3.06 -45.21
C THR T 90 -80.98 3.67 -45.11
N PRO T 91 -81.10 4.97 -44.82
CA PRO T 91 -82.43 5.55 -44.66
C PRO T 91 -83.23 5.53 -45.94
N ARG T 92 -84.56 5.48 -45.79
CA ARG T 92 -85.49 5.59 -46.92
C ARG T 92 -85.82 7.05 -47.21
N SER T 93 -84.80 7.87 -47.43
CA SER T 93 -84.97 9.31 -47.55
C SER T 93 -84.72 9.75 -48.99
N ILE T 94 -85.37 10.84 -49.38
CA ILE T 94 -85.16 11.47 -50.68
C ILE T 94 -84.96 12.96 -50.44
N LEU T 95 -83.83 13.49 -50.91
CA LEU T 95 -83.48 14.89 -50.69
C LEU T 95 -83.68 15.66 -51.98
N ILE T 96 -84.55 16.67 -51.94
CA ILE T 96 -84.90 17.48 -53.10
C ILE T 96 -84.67 18.94 -52.75
N ASP T 97 -83.85 19.62 -53.53
CA ASP T 97 -83.60 21.05 -53.37
C ASP T 97 -82.75 21.50 -54.55
N MET T 98 -82.33 22.76 -54.52
CA MET T 98 -81.49 23.34 -55.57
C MET T 98 -80.11 23.77 -55.07
N GLU T 99 -80.03 24.35 -53.89
CA GLU T 99 -78.74 24.74 -53.34
C GLU T 99 -77.98 23.52 -52.85
N PRO T 100 -76.75 23.28 -53.32
CA PRO T 100 -76.05 22.05 -52.93
C PRO T 100 -75.30 22.13 -51.61
N SER T 101 -75.17 23.32 -51.00
CA SER T 101 -74.38 23.43 -49.77
C SER T 101 -75.03 22.65 -48.62
N VAL T 102 -76.35 22.78 -48.48
CA VAL T 102 -77.03 22.07 -47.39
C VAL T 102 -76.97 20.57 -47.60
N ILE T 103 -77.10 20.12 -48.85
CA ILE T 103 -77.02 18.69 -49.13
C ILE T 103 -75.62 18.18 -48.85
N ALA T 104 -74.60 18.97 -49.22
CA ALA T 104 -73.22 18.57 -48.93
C ALA T 104 -73.01 18.43 -47.43
N LYS T 105 -73.51 19.39 -46.65
CA LYS T 105 -73.36 19.29 -45.20
C LYS T 105 -74.09 18.07 -44.65
N SER T 106 -75.30 17.81 -45.15
CA SER T 106 -76.07 16.66 -44.67
C SER T 106 -75.38 15.35 -45.00
N THR T 107 -74.88 15.22 -46.22
CA THR T 107 -74.20 13.99 -46.61
C THR T 107 -72.90 13.80 -45.83
N SER T 108 -72.15 14.88 -45.63
CA SER T 108 -70.92 14.77 -44.85
C SER T 108 -71.21 14.34 -43.43
N ALA T 109 -72.26 14.91 -42.81
CA ALA T 109 -72.60 14.52 -41.46
C ALA T 109 -73.02 13.06 -41.40
N LEU T 110 -73.79 12.59 -42.39
CA LEU T 110 -74.30 11.23 -42.44
C LEU T 110 -73.89 10.60 -43.77
N PRO T 111 -72.73 9.95 -43.84
CA PRO T 111 -72.36 9.27 -45.09
C PRO T 111 -73.32 8.16 -45.47
N MET T 112 -74.12 7.66 -44.53
CA MET T 112 -75.03 6.56 -44.84
C MET T 112 -76.07 6.93 -45.89
N PHE T 113 -76.33 8.21 -46.10
CA PHE T 113 -77.29 8.61 -47.11
C PHE T 113 -76.85 8.12 -48.49
N ASN T 114 -77.79 7.59 -49.24
CA ASN T 114 -77.50 7.07 -50.57
C ASN T 114 -77.28 8.23 -51.53
N PRO T 115 -76.13 8.34 -52.19
CA PRO T 115 -75.94 9.45 -53.14
C PRO T 115 -76.95 9.44 -54.27
N ARG T 116 -77.38 8.25 -54.72
CA ARG T 116 -78.40 8.08 -55.80
C ARG T 116 -79.69 8.82 -55.43
N ASN T 117 -80.02 8.92 -54.14
CA ASN T 117 -81.29 9.48 -53.69
C ASN T 117 -81.32 11.00 -53.68
N VAL T 118 -80.19 11.65 -53.93
CA VAL T 118 -80.09 13.10 -53.90
C VAL T 118 -80.44 13.65 -55.28
N HIS T 119 -81.31 14.66 -55.30
CA HIS T 119 -81.65 15.37 -56.53
C HIS T 119 -81.29 16.84 -56.36
N LEU T 120 -80.56 17.38 -57.33
CA LEU T 120 -80.11 18.77 -57.30
C LEU T 120 -80.47 19.46 -58.60
N SER T 121 -80.95 20.69 -58.49
CA SER T 121 -81.27 21.47 -59.68
C SER T 121 -80.02 22.16 -60.21
N ASN T 129 -87.29 31.99 -55.63
CA ASN T 129 -88.03 32.73 -54.61
C ASN T 129 -89.52 32.72 -54.93
N ASN T 130 -89.85 32.95 -56.19
CA ASN T 130 -91.24 32.94 -56.62
C ASN T 130 -91.80 31.52 -56.57
N TRP T 131 -93.00 31.39 -55.99
CA TRP T 131 -93.63 30.08 -55.92
C TRP T 131 -93.93 29.53 -57.30
N ILE T 132 -94.40 30.40 -58.20
CA ILE T 132 -94.77 29.96 -59.54
C ILE T 132 -93.56 29.36 -60.26
N ASN T 133 -92.39 30.00 -60.12
CA ASN T 133 -91.21 29.51 -60.81
C ASN T 133 -90.82 28.12 -60.32
N GLY T 134 -90.85 27.90 -59.01
CA GLY T 134 -90.56 26.58 -58.49
C GLY T 134 -91.58 25.54 -58.90
N TYR T 135 -92.86 25.92 -58.92
CA TYR T 135 -93.91 25.00 -59.33
C TYR T 135 -93.72 24.60 -60.80
N LYS T 136 -93.40 25.57 -61.66
CA LYS T 136 -93.19 25.26 -63.07
C LYS T 136 -91.93 24.42 -63.26
N TYR T 137 -90.88 24.68 -62.49
CA TYR T 137 -89.69 23.84 -62.55
C TYR T 137 -90.01 22.41 -62.14
N GLY T 138 -90.80 22.23 -61.09
CA GLY T 138 -91.21 20.90 -60.70
C GLY T 138 -92.03 20.22 -61.77
N THR T 139 -92.89 20.98 -62.44
CA THR T 139 -93.68 20.39 -63.52
C THR T 139 -92.81 19.95 -64.68
N GLU T 140 -91.86 20.79 -65.09
CA GLU T 140 -91.03 20.45 -66.24
C GLU T 140 -90.17 19.22 -65.98
N GLU T 141 -89.59 19.12 -64.80
CA GLU T 141 -88.70 18.02 -64.43
C GLU T 141 -89.40 16.97 -63.58
N GLU T 142 -90.71 16.78 -63.79
CA GLU T 142 -91.46 15.87 -62.96
C GLU T 142 -91.09 14.40 -63.22
N GLU T 143 -90.67 14.08 -64.44
CA GLU T 143 -90.38 12.69 -64.78
C GLU T 143 -89.21 12.15 -63.96
N THR T 144 -88.15 12.94 -63.78
CA THR T 144 -87.00 12.47 -63.03
C THR T 144 -87.36 12.24 -61.56
N LEU T 145 -88.05 13.20 -60.95
CA LEU T 145 -88.44 13.04 -59.56
C LEU T 145 -89.36 11.84 -59.40
N LEU T 146 -90.27 11.65 -60.36
CA LEU T 146 -91.18 10.51 -60.30
C LEU T 146 -90.42 9.19 -60.42
N ASN T 147 -89.41 9.14 -61.28
CA ASN T 147 -88.58 7.94 -61.36
C ASN T 147 -87.90 7.67 -60.03
N LEU T 148 -87.43 8.72 -59.35
CA LEU T 148 -86.80 8.52 -58.04
C LEU T 148 -87.79 7.98 -57.02
N ILE T 149 -89.01 8.53 -57.00
CA ILE T 149 -90.03 8.04 -56.06
C ILE T 149 -90.33 6.58 -56.34
N ASP T 150 -90.47 6.22 -57.61
CA ASP T 150 -90.76 4.82 -57.95
C ASP T 150 -89.60 3.92 -57.56
N ARG T 151 -88.36 4.38 -57.74
CA ARG T 151 -87.22 3.57 -57.32
C ARG T 151 -87.25 3.31 -55.83
N GLU T 152 -87.54 4.34 -55.03
CA GLU T 152 -87.61 4.14 -53.59
C GLU T 152 -88.76 3.21 -53.20
N VAL T 153 -89.90 3.34 -53.88
CA VAL T 153 -91.03 2.49 -53.55
C VAL T 153 -90.73 1.03 -53.89
N ASP T 154 -90.01 0.79 -54.98
CA ASP T 154 -89.75 -0.58 -55.39
C ASP T 154 -88.97 -1.35 -54.33
N LYS T 155 -88.18 -0.66 -53.51
CA LYS T 155 -87.47 -1.32 -52.43
C LYS T 155 -88.36 -1.59 -51.22
N CYS T 156 -89.61 -1.12 -51.24
CA CYS T 156 -90.51 -1.26 -50.11
C CYS T 156 -91.60 -2.27 -50.46
N ASP T 157 -91.85 -3.21 -49.56
CA ASP T 157 -92.93 -4.17 -49.68
C ASP T 157 -94.02 -3.79 -48.69
N ASN T 158 -95.25 -3.70 -49.17
CA ASN T 158 -96.39 -3.30 -48.35
C ASN T 158 -96.16 -1.90 -47.77
N LEU T 159 -96.04 -0.93 -48.66
CA LEU T 159 -95.83 0.45 -48.25
C LEU T 159 -97.02 0.95 -47.44
N SER T 160 -96.76 1.85 -46.49
CA SER T 160 -97.79 2.35 -45.59
C SER T 160 -98.08 3.83 -45.82
N ASN T 161 -97.06 4.70 -45.75
CA ASN T 161 -97.32 6.13 -45.85
C ASN T 161 -96.03 6.85 -46.25
N PHE T 162 -96.21 8.12 -46.62
CA PHE T 162 -95.10 9.01 -46.95
C PHE T 162 -95.00 10.11 -45.90
N GLN T 163 -93.78 10.52 -45.61
CA GLN T 163 -93.53 11.62 -44.68
C GLN T 163 -92.83 12.75 -45.43
N LEU T 164 -93.34 13.96 -45.27
CA LEU T 164 -92.82 15.13 -45.97
C LEU T 164 -92.30 16.14 -44.95
N PHE T 165 -91.07 16.60 -45.15
CA PHE T 165 -90.47 17.65 -44.34
C PHE T 165 -90.21 18.84 -45.24
N HIS T 166 -91.01 19.89 -45.10
CA HIS T 166 -90.86 21.06 -45.95
C HIS T 166 -91.42 22.27 -45.24
N SER T 167 -91.01 23.44 -45.71
CA SER T 167 -91.46 24.72 -45.16
C SER T 167 -92.55 25.30 -46.06
N VAL T 168 -93.63 25.77 -45.44
CA VAL T 168 -94.75 26.30 -46.21
C VAL T 168 -94.30 27.50 -47.03
N ALA T 169 -93.51 28.38 -46.43
CA ALA T 169 -92.96 29.55 -47.11
C ALA T 169 -91.44 29.50 -47.02
N GLY T 170 -90.79 30.06 -48.04
CA GLY T 170 -89.34 30.07 -48.07
C GLY T 170 -88.74 29.92 -49.46
N GLY T 171 -89.57 29.60 -50.45
CA GLY T 171 -89.08 29.51 -51.81
C GLY T 171 -89.08 28.11 -52.39
N THR T 172 -87.90 27.52 -52.54
CA THR T 172 -87.79 26.21 -53.17
C THR T 172 -88.72 25.20 -52.51
N GLY T 173 -88.76 25.21 -51.18
CA GLY T 173 -89.55 24.23 -50.48
C GLY T 173 -91.02 24.30 -50.82
N SER T 174 -91.57 25.51 -50.90
CA SER T 174 -93.00 25.66 -51.14
C SER T 174 -93.38 25.05 -52.49
N GLY T 175 -92.81 25.57 -53.57
CA GLY T 175 -93.20 25.11 -54.90
C GLY T 175 -92.87 23.65 -55.13
N VAL T 176 -91.65 23.25 -54.77
CA VAL T 176 -91.23 21.89 -55.07
C VAL T 176 -92.04 20.89 -54.25
N GLY T 177 -92.26 21.19 -52.96
CA GLY T 177 -93.06 20.32 -52.13
C GLY T 177 -94.50 20.25 -52.57
N SER T 178 -95.06 21.37 -53.02
CA SER T 178 -96.44 21.34 -53.51
C SER T 178 -96.55 20.47 -54.76
N LYS T 179 -95.61 20.61 -55.69
CA LYS T 179 -95.67 19.80 -56.90
C LYS T 179 -95.47 18.33 -56.59
N MET T 180 -94.52 18.02 -55.69
CA MET T 180 -94.34 16.63 -55.27
C MET T 180 -95.57 16.10 -54.56
N LEU T 181 -96.25 16.94 -53.77
CA LEU T 181 -97.48 16.53 -53.12
C LEU T 181 -98.51 16.09 -54.15
N GLU T 182 -98.74 16.93 -55.16
CA GLU T 182 -99.72 16.58 -56.18
C GLU T 182 -99.30 15.33 -56.93
N VAL T 183 -98.01 15.23 -57.28
CA VAL T 183 -97.55 14.10 -58.08
C VAL T 183 -97.73 12.80 -57.32
N ILE T 184 -97.33 12.77 -56.05
CA ILE T 184 -97.46 11.56 -55.25
C ILE T 184 -98.93 11.24 -55.00
N SER T 185 -99.75 12.27 -54.79
CA SER T 185 -101.15 12.01 -54.51
C SER T 185 -101.85 11.36 -55.69
N ASP T 186 -101.53 11.79 -56.92
CA ASP T 186 -102.26 11.29 -58.08
C ASP T 186 -101.56 10.13 -58.79
N ARG T 187 -100.28 9.87 -58.52
CA ARG T 187 -99.59 8.78 -59.17
C ARG T 187 -99.89 7.42 -58.56
N TYR T 188 -100.31 7.37 -57.30
CA TYR T 188 -100.59 6.12 -56.61
C TYR T 188 -102.06 5.96 -56.27
N GLY T 189 -102.94 6.85 -56.77
CA GLY T 189 -104.40 6.78 -56.54
C GLY T 189 -104.80 7.05 -55.10
N HIS T 190 -103.99 7.76 -54.32
CA HIS T 190 -104.31 8.15 -52.90
C HIS T 190 -104.53 6.90 -52.04
N LYS T 191 -103.99 5.74 -52.43
CA LYS T 191 -104.24 4.45 -51.72
C LYS T 191 -103.38 4.37 -50.45
N LYS T 192 -102.40 5.26 -50.25
CA LYS T 192 -101.59 5.34 -49.04
C LYS T 192 -101.69 6.74 -48.46
N LEU T 193 -101.88 6.82 -47.15
CA LEU T 193 -101.97 8.12 -46.52
C LEU T 193 -100.63 8.84 -46.60
N LEU T 194 -100.70 10.17 -46.52
CA LEU T 194 -99.53 11.03 -46.74
C LEU T 194 -99.51 12.11 -45.68
N ASN T 195 -98.57 12.02 -44.74
CA ASN T 195 -98.43 13.00 -43.67
C ASN T 195 -97.75 14.26 -44.21
N THR T 196 -97.53 15.22 -43.33
CA THR T 196 -96.86 16.46 -43.72
C THR T 196 -96.37 17.16 -42.45
N PHE T 197 -95.06 17.26 -42.30
CA PHE T 197 -94.45 17.97 -41.17
C PHE T 197 -94.11 19.39 -41.56
N SER T 198 -95.14 20.13 -41.94
CA SER T 198 -94.96 21.50 -42.44
C SER T 198 -94.49 22.42 -41.34
N ILE T 199 -93.63 23.37 -41.71
CA ILE T 199 -93.14 24.40 -40.81
C ILE T 199 -93.64 25.74 -41.32
N PHE T 200 -94.39 26.44 -40.49
CA PHE T 200 -94.94 27.71 -40.93
C PHE T 200 -93.94 28.84 -40.72
N PRO T 201 -93.98 29.87 -41.55
CA PRO T 201 -93.05 31.00 -41.37
C PRO T 201 -93.38 31.80 -40.13
N SER T 202 -92.36 32.46 -39.59
CA SER T 202 -92.52 33.29 -38.40
C SER T 202 -93.20 34.62 -38.76
N VAL T 209 -91.33 39.29 -45.79
CA VAL T 209 -91.06 39.72 -47.16
C VAL T 209 -92.36 39.66 -47.95
N VAL T 210 -92.45 40.50 -49.00
CA VAL T 210 -93.72 40.68 -49.70
C VAL T 210 -94.23 39.37 -50.28
N VAL T 211 -93.32 38.45 -50.63
CA VAL T 211 -93.73 37.22 -51.31
C VAL T 211 -94.15 36.11 -50.35
N GLN T 212 -93.81 36.23 -49.06
CA GLN T 212 -94.05 35.11 -48.15
C GLN T 212 -95.53 34.79 -47.98
N PRO T 213 -96.43 35.76 -47.75
CA PRO T 213 -97.85 35.41 -47.58
C PRO T 213 -98.44 34.70 -48.79
N TYR T 214 -98.06 35.13 -50.00
CA TYR T 214 -98.53 34.47 -51.19
C TYR T 214 -98.12 33.00 -51.19
N ASN T 215 -96.85 32.74 -50.87
CA ASN T 215 -96.36 31.37 -50.83
C ASN T 215 -97.09 30.55 -49.78
N THR T 216 -97.33 31.14 -48.60
CA THR T 216 -98.00 30.40 -47.54
C THR T 216 -99.41 29.99 -47.96
N ILE T 217 -100.17 30.92 -48.55
CA ILE T 217 -101.53 30.57 -48.94
C ILE T 217 -101.52 29.57 -50.10
N LEU T 218 -100.61 29.76 -51.05
CA LEU T 218 -100.60 28.89 -52.22
C LEU T 218 -100.26 27.46 -51.83
N THR T 219 -99.31 27.29 -50.91
CA THR T 219 -98.95 25.95 -50.44
C THR T 219 -100.06 25.37 -49.57
N LEU T 220 -100.69 26.20 -48.73
CA LEU T 220 -101.74 25.67 -47.86
C LEU T 220 -102.92 25.18 -48.67
N LYS T 221 -103.13 25.74 -49.87
CA LYS T 221 -104.21 25.23 -50.72
C LYS T 221 -103.99 23.76 -51.07
N ARG T 222 -102.78 23.42 -51.51
CA ARG T 222 -102.48 22.02 -51.80
C ARG T 222 -102.40 21.17 -50.54
N LEU T 223 -102.01 21.76 -49.40
CA LEU T 223 -102.06 21.00 -48.16
C LEU T 223 -103.49 20.57 -47.86
N ILE T 224 -104.45 21.47 -48.06
CA ILE T 224 -105.85 21.11 -47.87
C ILE T 224 -106.26 20.04 -48.86
N ASP T 225 -105.87 20.20 -50.13
CA ASP T 225 -106.37 19.29 -51.15
C ASP T 225 -105.82 17.87 -50.99
N TYR T 226 -104.52 17.73 -50.76
CA TYR T 226 -103.85 16.44 -50.88
C TYR T 226 -103.44 15.81 -49.56
N SER T 227 -102.87 16.57 -48.65
CA SER T 227 -102.30 15.99 -47.43
C SER T 227 -103.40 15.32 -46.60
N ASP T 228 -103.03 14.23 -45.93
CA ASP T 228 -103.95 13.48 -45.10
C ASP T 228 -103.90 13.87 -43.63
N ALA T 229 -102.75 14.36 -43.16
CA ALA T 229 -102.63 14.79 -41.76
C ALA T 229 -101.43 15.71 -41.66
N THR T 230 -101.65 16.94 -41.22
CA THR T 230 -100.63 17.97 -41.22
C THR T 230 -100.24 18.33 -39.79
N PHE T 231 -98.95 18.31 -39.51
CA PHE T 231 -98.41 18.73 -38.22
C PHE T 231 -97.95 20.17 -38.36
N VAL T 232 -98.73 21.11 -37.81
CA VAL T 232 -98.43 22.52 -37.94
C VAL T 232 -97.37 22.90 -36.91
N PHE T 233 -96.26 23.45 -37.37
CA PHE T 233 -95.21 23.97 -36.51
C PHE T 233 -95.00 25.44 -36.84
N HIS T 234 -95.04 26.29 -35.80
CA HIS T 234 -94.90 27.74 -35.96
C HIS T 234 -93.55 28.16 -35.40
N ASN T 235 -92.77 28.87 -36.22
CA ASN T 235 -91.41 29.22 -35.82
C ASN T 235 -91.41 30.15 -34.62
N ASP T 236 -92.36 31.07 -34.54
CA ASP T 236 -92.39 32.00 -33.41
C ASP T 236 -92.62 31.26 -32.10
N SER T 237 -93.58 30.32 -32.08
CA SER T 237 -93.80 29.54 -30.87
C SER T 237 -92.61 28.64 -30.57
N LEU T 238 -91.93 28.15 -31.61
CA LEU T 238 -90.73 27.36 -31.39
C LEU T 238 -89.64 28.19 -30.73
N ASN T 239 -89.50 29.45 -31.14
CA ASN T 239 -88.56 30.35 -30.49
C ASN T 239 -88.98 30.64 -29.06
N ARG T 240 -90.28 30.76 -28.82
CA ARG T 240 -90.77 30.96 -27.45
C ARG T 240 -90.38 29.79 -26.55
N ILE T 241 -90.51 28.56 -27.06
CA ILE T 241 -90.11 27.41 -26.26
C ILE T 241 -88.60 27.37 -26.09
N GLU T 242 -87.85 27.71 -27.14
CA GLU T 242 -86.40 27.53 -27.10
C GLU T 242 -85.76 28.40 -26.04
N ASN T 243 -86.17 29.67 -25.95
CA ASN T 243 -85.49 30.60 -25.04
C ASN T 243 -85.65 30.20 -23.58
N ILE T 244 -86.60 29.34 -23.26
CA ILE T 244 -86.79 28.90 -21.89
C ILE T 244 -85.64 27.97 -21.50
N GLY T 262 -81.05 23.92 -31.95
CA GLY T 262 -81.81 25.14 -32.14
C GLY T 262 -83.29 24.88 -32.34
N ALA T 263 -83.93 25.72 -33.17
CA ALA T 263 -85.36 25.55 -33.42
C ALA T 263 -85.65 24.26 -34.20
N ASN T 264 -84.70 23.81 -35.03
CA ASN T 264 -84.92 22.60 -35.80
C ASN T 264 -84.81 21.35 -34.93
N LYS T 265 -84.03 21.41 -33.85
CA LYS T 265 -83.88 20.26 -32.98
C LYS T 265 -85.20 19.87 -32.35
N LEU T 266 -86.01 20.85 -31.95
CA LEU T 266 -87.31 20.54 -31.35
C LEU T 266 -88.22 19.85 -32.37
N ILE T 267 -88.22 20.33 -33.62
CA ILE T 267 -89.02 19.70 -34.66
C ILE T 267 -88.56 18.27 -34.88
N ALA T 268 -87.23 18.07 -34.92
CA ALA T 268 -86.72 16.72 -35.11
C ALA T 268 -87.13 15.82 -33.96
N LEU T 269 -87.05 16.32 -32.72
CA LEU T 269 -87.43 15.51 -31.58
C LEU T 269 -88.89 15.12 -31.64
N VAL T 270 -89.77 16.07 -31.96
CA VAL T 270 -91.20 15.76 -32.01
C VAL T 270 -91.48 14.74 -33.12
N SER T 271 -90.89 14.96 -34.30
CA SER T 271 -91.15 14.05 -35.41
C SER T 271 -90.62 12.65 -35.13
N ALA T 272 -89.44 12.55 -34.52
CA ALA T 272 -88.87 11.25 -34.20
C ALA T 272 -89.50 10.59 -33.00
N SER T 273 -90.25 11.33 -32.18
CA SER T 273 -90.98 10.74 -31.08
C SER T 273 -92.41 10.38 -31.42
N VAL T 274 -92.96 10.95 -32.50
CA VAL T 274 -94.31 10.57 -32.92
C VAL T 274 -94.35 9.09 -33.28
N SER T 275 -93.34 8.60 -34.00
CA SER T 275 -93.32 7.24 -34.51
C SER T 275 -92.66 6.27 -33.54
N ASN T 276 -92.60 6.60 -32.24
CA ASN T 276 -92.00 5.67 -31.29
C ASN T 276 -92.73 4.35 -31.22
N PRO T 277 -94.06 4.31 -31.15
CA PRO T 277 -94.74 2.99 -31.13
C PRO T 277 -94.47 2.15 -32.35
N LEU T 278 -94.20 2.77 -33.51
CA LEU T 278 -93.95 1.99 -34.72
C LEU T 278 -92.60 1.29 -34.64
N ARG T 279 -91.57 2.00 -34.17
CA ARG T 279 -90.23 1.43 -34.13
C ARG T 279 -90.01 0.52 -32.92
N PHE T 280 -90.80 0.67 -31.86
CA PHE T 280 -90.75 -0.21 -30.70
C PHE T 280 -92.17 -0.69 -30.42
N PRO T 281 -92.62 -1.73 -31.12
CA PRO T 281 -94.04 -2.08 -31.08
C PRO T 281 -94.51 -2.43 -29.68
N GLY T 282 -95.75 -2.07 -29.39
CA GLY T 282 -96.37 -2.36 -28.10
C GLY T 282 -97.77 -2.91 -28.28
N TYR T 283 -98.58 -2.86 -27.23
CA TYR T 283 -99.93 -3.42 -27.30
C TYR T 283 -100.78 -2.68 -28.33
N MET T 284 -100.73 -1.36 -28.33
CA MET T 284 -101.64 -0.54 -29.13
C MET T 284 -100.91 0.11 -30.29
N TYR T 285 -101.69 0.56 -31.27
CA TYR T 285 -101.18 1.31 -32.41
C TYR T 285 -100.17 0.48 -33.20
N SER T 286 -98.89 0.85 -33.17
CA SER T 286 -97.84 0.22 -33.96
C SER T 286 -98.07 0.37 -35.46
N SER T 287 -99.00 1.23 -35.86
CA SER T 287 -99.27 1.50 -37.27
C SER T 287 -99.55 2.99 -37.43
N MET T 288 -98.96 3.60 -38.45
CA MET T 288 -99.10 5.05 -38.62
C MET T 288 -100.55 5.43 -38.94
N GLU T 289 -101.26 4.59 -39.68
CA GLU T 289 -102.67 4.88 -39.96
C GLU T 289 -103.51 4.84 -38.70
N SER T 290 -103.16 3.95 -37.76
CA SER T 290 -103.95 3.83 -36.53
C SER T 290 -103.77 5.04 -35.64
N ILE T 291 -102.56 5.60 -35.58
CA ILE T 291 -102.33 6.78 -34.76
C ILE T 291 -103.07 7.98 -35.33
N VAL T 292 -102.95 8.21 -36.63
CA VAL T 292 -103.60 9.36 -37.25
C VAL T 292 -105.11 9.23 -37.18
N SER T 293 -105.64 8.03 -37.44
CA SER T 293 -107.08 7.85 -37.46
C SER T 293 -107.73 8.16 -36.13
N ASN T 294 -106.96 8.15 -35.04
CA ASN T 294 -107.50 8.40 -33.72
C ASN T 294 -107.65 9.89 -33.41
N LEU T 295 -107.17 10.77 -34.28
CA LEU T 295 -107.19 12.20 -34.02
C LEU T 295 -107.90 13.00 -35.11
N ILE T 296 -108.33 12.37 -36.20
CA ILE T 296 -108.93 13.04 -37.32
C ILE T 296 -110.35 12.54 -37.49
N PRO T 297 -111.35 13.25 -36.97
CA PRO T 297 -112.73 12.75 -37.05
C PRO T 297 -113.32 12.84 -38.44
N THR T 298 -113.01 13.90 -39.16
CA THR T 298 -113.47 14.11 -40.52
C THR T 298 -112.30 14.56 -41.38
N PRO T 299 -112.39 14.38 -42.71
CA PRO T 299 -111.27 14.78 -43.56
C PRO T 299 -110.90 16.25 -43.42
N ASP T 300 -111.87 17.11 -43.11
CA ASP T 300 -111.59 18.54 -43.04
C ASP T 300 -110.77 18.88 -41.81
N LEU T 301 -111.10 18.30 -40.66
CA LEU T 301 -110.41 18.60 -39.40
C LEU T 301 -109.13 17.79 -39.28
N LYS T 302 -108.24 17.99 -40.26
CA LYS T 302 -107.04 17.18 -40.38
C LYS T 302 -105.78 17.83 -39.83
N PHE T 303 -105.84 19.10 -39.44
CA PHE T 303 -104.64 19.81 -39.02
C PHE T 303 -104.37 19.53 -37.54
N LEU T 304 -103.26 18.87 -37.26
CA LEU T 304 -102.85 18.55 -35.89
C LEU T 304 -101.78 19.52 -35.42
N THR T 305 -101.66 19.64 -34.10
CA THR T 305 -100.60 20.42 -33.48
C THR T 305 -100.01 19.59 -32.35
N SER T 306 -98.76 19.88 -32.02
CA SER T 306 -97.99 19.08 -31.09
C SER T 306 -97.49 19.91 -29.92
N SER T 307 -97.47 19.30 -28.75
CA SER T 307 -96.90 19.89 -27.55
C SER T 307 -95.69 19.07 -27.11
N ILE T 308 -94.67 19.74 -26.59
CA ILE T 308 -93.40 19.13 -26.27
C ILE T 308 -93.03 19.48 -24.83
N ALA T 309 -92.63 18.48 -24.05
CA ALA T 309 -92.14 18.70 -22.71
C ALA T 309 -90.65 19.00 -22.78
N PRO T 310 -90.19 20.23 -22.48
CA PRO T 310 -88.79 20.57 -22.76
C PRO T 310 -87.78 19.88 -21.86
N PHE T 311 -88.11 19.65 -20.59
CA PHE T 311 -87.10 19.33 -19.58
C PHE T 311 -86.75 17.85 -19.54
N SER T 312 -86.30 17.33 -20.69
CA SER T 312 -85.87 15.94 -20.78
C SER T 312 -84.50 15.69 -20.18
N THR T 313 -83.68 16.71 -19.94
CA THR T 313 -82.31 16.50 -19.50
C THR T 313 -81.93 17.25 -18.23
N GLN T 314 -82.51 18.42 -17.96
CA GLN T 314 -82.12 19.20 -16.79
C GLN T 314 -82.36 18.40 -15.52
N LYS T 315 -81.44 18.53 -14.56
CA LYS T 315 -81.52 17.67 -13.37
C LYS T 315 -82.74 17.95 -12.51
N HIS T 316 -83.51 19.00 -12.80
CA HIS T 316 -84.79 19.23 -12.13
C HIS T 316 -85.96 18.67 -12.94
N ASN T 317 -85.73 17.54 -13.60
CA ASN T 317 -86.72 16.90 -14.45
C ASN T 317 -87.97 16.52 -13.65
N TYR T 318 -88.99 16.09 -14.39
CA TYR T 318 -90.27 15.74 -13.80
C TYR T 318 -90.13 14.60 -12.79
N LEU T 319 -90.86 14.72 -11.68
CA LEU T 319 -90.73 13.75 -10.60
C LEU T 319 -91.18 12.36 -11.03
N ASN T 320 -92.29 12.29 -11.77
CA ASN T 320 -92.92 11.00 -12.09
C ASN T 320 -93.87 11.23 -13.27
N GLU T 321 -94.54 10.14 -13.67
CA GLU T 321 -95.46 10.22 -14.80
C GLU T 321 -96.66 11.10 -14.47
N TYR T 322 -97.12 11.07 -13.22
CA TYR T 322 -98.28 11.88 -12.84
C TYR T 322 -98.02 13.36 -13.04
N ASP T 323 -96.83 13.83 -12.66
CA ASP T 323 -96.51 15.24 -12.86
C ASP T 323 -96.45 15.60 -14.33
N MET T 324 -95.82 14.76 -15.15
CA MET T 324 -95.66 15.07 -16.56
C MET T 324 -97.00 15.05 -17.28
N LEU T 325 -97.91 14.17 -16.88
CA LEU T 325 -99.23 14.16 -17.51
C LEU T 325 -99.93 15.51 -17.31
N LEU T 326 -99.80 16.10 -16.13
CA LEU T 326 -100.41 17.40 -15.90
C LEU T 326 -99.64 18.50 -16.61
N GLU T 327 -98.31 18.41 -16.65
CA GLU T 327 -97.54 19.49 -17.25
C GLU T 327 -97.68 19.52 -18.77
N LEU T 328 -97.99 18.38 -19.39
CA LEU T 328 -98.10 18.37 -20.85
C LEU T 328 -99.23 19.26 -21.35
N SER T 329 -100.32 19.36 -20.59
CA SER T 329 -101.46 20.16 -21.03
C SER T 329 -101.18 21.66 -20.99
N ASN T 330 -100.07 22.08 -20.42
CA ASN T 330 -99.77 23.51 -20.32
C ASN T 330 -99.68 24.13 -21.71
N ASP T 331 -100.19 25.35 -21.84
CA ASP T 331 -100.20 26.06 -23.11
C ASP T 331 -98.90 26.77 -23.42
N ARG T 332 -97.97 26.85 -22.48
CA ARG T 332 -96.72 27.55 -22.71
C ARG T 332 -95.68 26.71 -23.45
N TYR T 333 -95.93 25.41 -23.63
CA TYR T 333 -94.99 24.53 -24.33
C TYR T 333 -95.59 23.95 -25.60
N LYS T 334 -96.77 24.39 -26.01
CA LYS T 334 -97.30 24.00 -27.31
C LYS T 334 -96.54 24.68 -28.43
N THR T 335 -96.41 23.98 -29.55
CA THR T 335 -95.70 24.52 -30.71
C THR T 335 -96.55 25.45 -31.55
N ASN T 336 -97.81 25.66 -31.18
CA ASN T 336 -98.70 26.59 -31.87
C ASN T 336 -99.36 27.46 -30.82
N ARG T 337 -99.43 28.77 -31.09
CA ARG T 337 -99.99 29.71 -30.13
C ARG T 337 -101.48 29.42 -29.94
N VAL T 338 -101.87 29.09 -28.71
CA VAL T 338 -103.22 28.68 -28.40
C VAL T 338 -103.75 29.56 -27.27
N SER T 339 -104.96 30.08 -27.45
CA SER T 339 -105.59 30.92 -26.45
C SER T 339 -106.41 30.12 -25.45
N GLY T 340 -107.10 30.85 -24.58
CA GLY T 340 -107.91 30.23 -23.55
C GLY T 340 -109.30 29.82 -23.99
N ASP T 341 -109.72 30.25 -25.18
CA ASP T 341 -111.01 29.87 -25.73
C ASP T 341 -110.94 28.57 -26.53
N THR T 342 -109.77 27.92 -26.56
CA THR T 342 -109.59 26.71 -27.35
C THR T 342 -110.48 25.58 -26.83
N SER T 343 -110.74 24.62 -27.71
CA SER T 343 -111.40 23.38 -27.36
C SER T 343 -110.73 22.25 -28.10
N TYR T 344 -110.58 21.11 -27.43
CA TYR T 344 -109.85 19.97 -27.97
C TYR T 344 -110.79 18.98 -28.61
N ILE T 345 -110.49 18.55 -29.83
CA ILE T 345 -111.28 17.52 -30.49
C ILE T 345 -110.76 16.11 -30.17
N SER T 346 -109.44 15.97 -30.02
CA SER T 346 -108.85 14.67 -29.71
C SER T 346 -107.60 14.87 -28.88
N MET T 347 -107.26 13.84 -28.09
CA MET T 347 -106.14 13.87 -27.16
C MET T 347 -105.28 12.65 -27.35
N LEU T 348 -103.96 12.85 -27.30
CA LEU T 348 -103.02 11.74 -27.38
C LEU T 348 -101.73 12.15 -26.67
N ASN T 349 -101.32 11.36 -25.68
CA ASN T 349 -100.14 11.64 -24.88
C ASN T 349 -99.14 10.51 -25.03
N TYR T 350 -97.88 10.85 -25.24
CA TYR T 350 -96.80 9.88 -25.37
C TYR T 350 -95.98 9.86 -24.10
N LEU T 351 -95.70 8.66 -23.59
CA LEU T 351 -94.81 8.47 -22.46
C LEU T 351 -93.71 7.51 -22.87
N ILE T 352 -92.46 7.88 -22.58
CA ILE T 352 -91.30 7.10 -22.99
C ILE T 352 -90.44 6.89 -21.76
N GLY T 353 -90.42 5.66 -21.25
CA GLY T 353 -89.61 5.35 -20.09
C GLY T 353 -89.66 3.87 -19.79
N ASP T 354 -88.79 3.48 -18.87
CA ASP T 354 -88.75 2.05 -18.48
C ASP T 354 -89.73 1.83 -17.35
N ASN T 355 -90.53 0.77 -17.41
CA ASN T 355 -91.41 0.29 -16.34
C ASN T 355 -92.17 1.44 -15.69
N LEU T 356 -93.00 2.09 -16.50
CA LEU T 356 -93.81 3.19 -15.99
C LEU T 356 -94.79 2.70 -14.93
N ASP T 357 -95.03 3.53 -13.91
CA ASP T 357 -95.97 3.18 -12.86
C ASP T 357 -97.39 3.36 -13.36
N GLN T 358 -98.17 2.27 -13.31
CA GLN T 358 -99.54 2.33 -13.81
C GLN T 358 -100.45 3.18 -12.93
N ARG T 359 -100.22 3.17 -11.62
CA ARG T 359 -101.06 3.95 -10.72
C ARG T 359 -100.96 5.44 -11.04
N GLU T 360 -99.73 5.92 -11.26
CA GLU T 360 -99.53 7.33 -11.56
C GLU T 360 -100.20 7.71 -12.88
N ILE T 361 -100.07 6.86 -13.89
CA ILE T 361 -100.67 7.17 -15.18
C ILE T 361 -102.19 7.21 -15.07
N ARG T 362 -102.78 6.24 -14.36
CA ARG T 362 -104.23 6.22 -14.22
C ARG T 362 -104.72 7.48 -13.49
N LYS T 363 -104.05 7.84 -12.39
CA LYS T 363 -104.48 9.02 -11.65
C LYS T 363 -104.29 10.28 -12.47
N GLY T 364 -103.20 10.36 -13.24
CA GLY T 364 -102.96 11.52 -14.06
C GLY T 364 -103.99 11.67 -15.17
N ILE T 365 -104.36 10.57 -15.81
CA ILE T 365 -105.41 10.63 -16.82
C ILE T 365 -106.71 11.10 -16.19
N LEU T 366 -107.06 10.56 -15.02
CA LEU T 366 -108.31 10.97 -14.38
C LEU T 366 -108.31 12.46 -14.05
N LYS T 367 -107.20 12.98 -13.53
CA LYS T 367 -107.15 14.40 -13.19
C LYS T 367 -107.16 15.27 -14.44
N SER T 368 -106.42 14.86 -15.48
CA SER T 368 -106.33 15.68 -16.69
C SER T 368 -107.61 15.67 -17.51
N GLN T 369 -108.44 14.63 -17.36
CA GLN T 369 -109.67 14.58 -18.14
C GLN T 369 -110.61 15.73 -17.78
N GLN T 370 -110.69 16.07 -16.49
CA GLN T 370 -111.58 17.14 -16.06
C GLN T 370 -111.08 18.50 -16.54
N ARG T 371 -109.77 18.72 -16.50
CA ARG T 371 -109.22 20.03 -16.83
C ARG T 371 -109.45 20.38 -18.29
N ILE T 372 -109.33 19.40 -19.18
CA ILE T 372 -109.38 19.67 -20.62
C ILE T 372 -110.81 20.00 -21.02
N SER T 373 -110.96 21.03 -21.85
CA SER T 373 -112.27 21.45 -22.36
C SER T 373 -112.52 20.76 -23.69
N PHE T 374 -113.32 19.69 -23.67
CA PHE T 374 -113.59 18.93 -24.88
C PHE T 374 -114.71 19.59 -25.69
N VAL T 375 -114.66 19.37 -27.00
CA VAL T 375 -115.71 19.88 -27.89
C VAL T 375 -117.04 19.21 -27.53
N PRO T 376 -118.17 19.90 -27.57
CA PRO T 376 -119.40 19.30 -27.01
C PRO T 376 -119.77 17.96 -27.61
N TRP T 377 -119.58 17.76 -28.92
CA TRP T 377 -120.05 16.56 -29.59
C TRP T 377 -119.03 15.44 -29.61
N VAL T 378 -117.87 15.62 -28.97
CA VAL T 378 -116.86 14.58 -28.83
C VAL T 378 -116.85 14.10 -27.40
N ALA T 379 -116.91 12.79 -27.21
CA ALA T 379 -116.87 12.22 -25.87
C ALA T 379 -115.53 12.51 -25.21
N ARG T 380 -115.57 12.74 -23.89
CA ARG T 380 -114.36 13.02 -23.13
C ARG T 380 -113.46 11.80 -23.15
N SER T 381 -112.35 11.88 -23.88
CA SER T 381 -111.44 10.75 -24.05
C SER T 381 -110.01 11.27 -24.08
N VAL T 382 -109.18 10.77 -23.16
CA VAL T 382 -107.76 11.06 -23.14
C VAL T 382 -107.01 9.74 -23.21
N LEU T 383 -106.08 9.64 -24.16
CA LEU T 383 -105.33 8.42 -24.40
C LEU T 383 -103.85 8.65 -24.16
N VAL T 384 -103.20 7.67 -23.53
CA VAL T 384 -101.78 7.75 -23.20
C VAL T 384 -101.08 6.58 -23.88
N VAL T 385 -99.98 6.86 -24.56
CA VAL T 385 -99.19 5.85 -25.27
C VAL T 385 -98.02 5.47 -24.38
N HIS T 386 -97.96 4.19 -23.99
CA HIS T 386 -96.88 3.69 -23.14
C HIS T 386 -95.73 3.23 -24.04
N GLY T 387 -94.97 4.20 -24.54
CA GLY T 387 -93.84 3.88 -25.38
C GLY T 387 -92.71 3.24 -24.60
N LYS T 388 -91.79 2.62 -25.34
CA LYS T 388 -90.62 1.98 -24.76
C LYS T 388 -89.38 2.79 -25.13
N LYS T 389 -88.56 3.10 -24.13
CA LYS T 389 -87.32 3.81 -24.39
C LYS T 389 -86.31 2.89 -25.07
N SER T 390 -85.53 3.47 -25.98
CA SER T 390 -84.54 2.67 -26.69
C SER T 390 -83.47 2.18 -25.72
N PRO T 391 -83.14 0.89 -25.72
CA PRO T 391 -82.10 0.41 -24.78
C PRO T 391 -80.74 1.01 -25.05
N TYR T 392 -80.51 1.54 -26.25
CA TYR T 392 -79.20 2.11 -26.56
C TYR T 392 -78.98 3.43 -25.83
N LEU T 393 -80.06 4.14 -25.50
CA LEU T 393 -79.93 5.43 -24.83
C LEU T 393 -79.59 5.23 -23.37
N LYS T 394 -78.53 5.90 -22.92
CA LYS T 394 -78.13 5.81 -21.52
C LYS T 394 -79.04 6.64 -20.62
N ASN T 395 -79.52 7.77 -21.13
CA ASN T 395 -80.42 8.62 -20.34
C ASN T 395 -81.62 7.80 -19.89
N THR T 396 -81.89 7.84 -18.58
CA THR T 396 -83.01 7.13 -18.00
C THR T 396 -84.21 8.03 -17.73
N ASN T 397 -84.06 9.33 -17.92
CA ASN T 397 -85.17 10.24 -17.69
C ASN T 397 -86.27 10.01 -18.71
N LEU T 398 -87.49 10.31 -18.31
CA LEU T 398 -88.63 10.19 -19.21
C LEU T 398 -88.64 11.31 -20.23
N GLU T 399 -89.27 11.03 -21.37
CA GLU T 399 -89.65 12.04 -22.33
C GLU T 399 -91.12 11.86 -22.65
N GLY T 400 -91.79 12.95 -22.99
CA GLY T 400 -93.19 12.87 -23.32
C GLY T 400 -93.64 13.93 -24.30
N ILE T 401 -94.25 13.50 -25.40
CA ILE T 401 -94.73 14.39 -26.45
C ILE T 401 -96.25 14.25 -26.52
N GLN T 402 -96.95 15.37 -26.61
CA GLN T 402 -98.40 15.37 -26.71
C GLN T 402 -98.80 15.89 -28.08
N VAL T 403 -99.71 15.19 -28.74
CA VAL T 403 -100.24 15.56 -30.05
C VAL T 403 -101.72 15.81 -29.89
N THR T 404 -102.18 16.97 -30.38
CA THR T 404 -103.56 17.41 -30.15
C THR T 404 -104.18 17.91 -31.44
N ASN T 405 -105.51 17.82 -31.51
CA ASN T 405 -106.31 18.35 -32.60
C ASN T 405 -107.32 19.31 -31.98
N ASN T 406 -106.92 20.56 -31.77
CA ASN T 406 -107.76 21.56 -31.13
C ASN T 406 -108.27 22.55 -32.18
N THR T 407 -109.06 23.52 -31.70
CA THR T 407 -109.67 24.51 -32.56
C THR T 407 -108.89 25.81 -32.60
N SER T 408 -107.63 25.82 -32.14
CA SER T 408 -106.81 27.01 -32.21
C SER T 408 -106.41 27.36 -33.64
N MET T 409 -106.65 26.48 -34.61
CA MET T 409 -106.33 26.78 -35.99
C MET T 409 -107.13 27.95 -36.54
N ILE T 410 -108.25 28.29 -35.90
CA ILE T 410 -109.06 29.40 -36.38
C ILE T 410 -108.23 30.69 -36.38
N ASP T 411 -107.51 30.95 -35.28
CA ASP T 411 -106.75 32.19 -35.20
C ASP T 411 -105.55 32.19 -36.13
N VAL T 412 -104.87 31.05 -36.28
CA VAL T 412 -103.66 30.99 -37.08
C VAL T 412 -103.99 31.25 -38.55
N PHE T 413 -104.98 30.52 -39.07
CA PHE T 413 -105.37 30.73 -40.45
C PHE T 413 -106.02 32.08 -40.64
N THR T 414 -106.63 32.64 -39.59
CA THR T 414 -107.13 34.01 -39.67
C THR T 414 -106.01 35.00 -39.88
N LYS T 415 -104.91 34.84 -39.14
CA LYS T 415 -103.76 35.73 -39.34
C LYS T 415 -103.21 35.58 -40.75
N ILE T 416 -103.08 34.35 -41.22
CA ILE T 416 -102.56 34.13 -42.57
C ILE T 416 -103.47 34.79 -43.59
N LEU T 417 -104.78 34.61 -43.43
CA LEU T 417 -105.76 35.16 -44.36
C LEU T 417 -105.72 36.68 -44.36
N LYS T 418 -105.62 37.29 -43.18
CA LYS T 418 -105.58 38.75 -43.09
C LYS T 418 -104.34 39.30 -43.77
N GLN T 419 -103.17 38.67 -43.55
CA GLN T 419 -101.96 39.14 -44.21
C GLN T 419 -102.08 38.99 -45.72
N PHE T 420 -102.63 37.87 -46.18
CA PHE T 420 -102.82 37.68 -47.62
C PHE T 420 -103.74 38.74 -48.20
N ASP T 421 -104.85 39.04 -47.51
CA ASP T 421 -105.78 40.04 -48.01
C ASP T 421 -105.13 41.41 -48.08
N LEU T 422 -104.33 41.76 -47.07
CA LEU T 422 -103.62 43.03 -47.12
C LEU T 422 -102.65 43.08 -48.29
N LEU T 423 -101.91 42.00 -48.52
CA LEU T 423 -100.91 42.03 -49.59
C LEU T 423 -101.56 42.05 -50.97
N ILE T 424 -102.72 41.42 -51.14
CA ILE T 424 -103.32 41.39 -52.47
C ILE T 424 -103.66 42.81 -52.93
N LYS T 425 -104.19 43.64 -52.04
CA LYS T 425 -104.53 45.01 -52.39
C LYS T 425 -103.27 45.81 -52.70
N GLU T 440 -99.74 35.66 -66.33
CA GLU T 440 -101.07 35.88 -66.88
C GLU T 440 -102.10 35.93 -65.76
N ASN T 441 -103.37 36.16 -66.13
CA ASN T 441 -104.44 36.23 -65.15
C ASN T 441 -104.67 34.90 -64.44
N GLU T 442 -104.14 33.81 -64.98
CA GLU T 442 -104.40 32.50 -64.38
C GLU T 442 -103.99 32.46 -62.91
N VAL T 443 -102.87 33.10 -62.57
CA VAL T 443 -102.38 33.03 -61.20
C VAL T 443 -103.34 33.69 -60.24
N MET T 444 -103.96 34.81 -60.64
CA MET T 444 -104.90 35.47 -59.74
C MET T 444 -106.13 34.59 -59.50
N GLU T 445 -106.54 33.81 -60.49
CA GLU T 445 -107.60 32.83 -60.25
C GLU T 445 -107.17 31.80 -59.22
N MET T 446 -105.93 31.33 -59.30
CA MET T 446 -105.43 30.40 -58.29
C MET T 446 -105.39 31.04 -56.91
N PHE T 447 -105.04 32.33 -56.84
CA PHE T 447 -105.09 33.04 -55.56
C PHE T 447 -106.50 33.06 -55.00
N ASN T 448 -107.48 33.38 -55.85
CA ASN T 448 -108.88 33.38 -55.41
C ASN T 448 -109.29 32.00 -54.93
N GLU T 449 -108.89 30.96 -55.66
CA GLU T 449 -109.23 29.59 -55.27
C GLU T 449 -108.61 29.24 -53.93
N SER T 450 -107.36 29.65 -53.69
CA SER T 450 -106.72 29.38 -52.40
C SER T 450 -107.45 30.12 -51.28
N ARG T 451 -107.87 31.36 -51.54
CA ARG T 451 -108.61 32.12 -50.54
C ARG T 451 -109.90 31.42 -50.18
N GLU T 452 -110.63 30.92 -51.19
CA GLU T 452 -111.90 30.26 -50.94
C GLU T 452 -111.70 28.90 -50.26
N SER T 453 -110.65 28.17 -50.64
CA SER T 453 -110.37 26.89 -49.99
C SER T 453 -110.02 27.08 -48.52
N VAL T 454 -109.21 28.09 -48.21
CA VAL T 454 -108.87 28.34 -46.82
C VAL T 454 -110.10 28.73 -46.02
N LYS T 455 -110.96 29.59 -46.59
CA LYS T 455 -112.20 29.91 -45.90
C LYS T 455 -113.07 28.69 -45.69
N SER T 456 -112.98 27.71 -46.59
CA SER T 456 -113.80 26.51 -46.50
C SER T 456 -113.52 25.70 -45.25
N ILE T 457 -112.33 25.82 -44.68
CA ILE T 457 -112.02 25.18 -43.40
C ILE T 457 -112.01 26.17 -42.24
N ILE T 458 -111.85 27.47 -42.50
CA ILE T 458 -112.06 28.46 -41.46
C ILE T 458 -113.47 28.32 -40.90
N ASP T 459 -114.47 28.42 -41.78
CA ASP T 459 -115.85 28.30 -41.32
C ASP T 459 -116.15 26.91 -40.77
N GLU T 460 -115.44 25.89 -41.23
CA GLU T 460 -115.71 24.53 -40.76
C GLU T 460 -115.21 24.37 -39.33
N TYR T 461 -113.99 24.84 -39.05
CA TYR T 461 -113.49 24.82 -37.68
C TYR T 461 -114.35 25.69 -36.76
N LYS T 462 -114.89 26.79 -37.27
CA LYS T 462 -115.82 27.55 -36.42
C LYS T 462 -117.07 26.74 -36.11
N ALA T 463 -117.65 26.12 -37.14
CA ALA T 463 -118.86 25.31 -36.93
C ALA T 463 -118.60 24.12 -36.02
N CYS T 464 -117.36 23.64 -35.96
CA CYS T 464 -117.05 22.52 -35.07
C CYS T 464 -117.51 22.77 -33.63
N LYS T 465 -117.64 24.04 -33.23
CA LYS T 465 -118.06 24.37 -31.87
C LYS T 465 -119.48 23.91 -31.57
N GLU T 466 -120.30 23.71 -32.60
CA GLU T 466 -121.74 23.56 -32.47
C GLU T 466 -122.16 22.10 -32.60
N ILE T 467 -123.14 21.71 -31.78
CA ILE T 467 -123.72 20.38 -31.88
C ILE T 467 -124.62 20.29 -33.12
N SER U 62 -113.87 -92.40 29.98
CA SER U 62 -113.93 -91.13 29.19
C SER U 62 -112.53 -90.59 28.95
N PRO U 63 -112.18 -90.30 27.69
CA PRO U 63 -110.84 -89.80 27.40
C PRO U 63 -110.62 -88.41 27.95
N ASP U 64 -109.36 -88.11 28.24
CA ASP U 64 -108.94 -86.80 28.73
C ASP U 64 -108.23 -86.06 27.61
N TYR U 65 -108.61 -84.81 27.39
CA TYR U 65 -108.08 -84.02 26.29
C TYR U 65 -107.54 -82.70 26.79
N VAL U 66 -106.46 -82.24 26.17
CA VAL U 66 -105.90 -80.92 26.41
C VAL U 66 -106.07 -80.11 25.13
N SER U 67 -107.18 -79.38 25.02
CA SER U 67 -107.54 -78.71 23.78
C SER U 67 -107.28 -77.21 23.86
N LEU U 68 -107.21 -76.58 22.68
CA LEU U 68 -107.01 -75.14 22.61
C LEU U 68 -108.35 -74.44 22.78
N ARG U 69 -108.40 -73.47 23.69
CA ARG U 69 -109.60 -72.69 23.88
C ARG U 69 -109.80 -71.75 22.70
N GLU U 70 -111.07 -71.43 22.42
CA GLU U 70 -111.41 -70.53 21.31
C GLU U 70 -111.76 -69.14 21.83
N ASN U 79 -107.96 -53.77 22.95
CA ASN U 79 -107.06 -54.32 23.99
C ASN U 79 -107.26 -55.84 24.06
N LEU U 80 -106.37 -56.60 23.40
CA LEU U 80 -106.44 -58.09 23.39
C LEU U 80 -105.64 -58.58 24.59
N ASP U 81 -106.06 -59.66 25.25
CA ASP U 81 -105.31 -60.24 26.39
C ASP U 81 -104.13 -61.00 25.77
N ILE U 82 -102.91 -60.46 25.82
CA ILE U 82 -101.73 -61.05 25.20
C ILE U 82 -101.10 -62.14 26.04
N MET U 83 -101.50 -62.29 27.30
CA MET U 83 -100.94 -63.33 28.16
C MET U 83 -102.00 -64.26 28.74
N SER U 84 -103.26 -64.12 28.32
CA SER U 84 -104.29 -65.04 28.80
C SER U 84 -103.97 -66.46 28.35
N SER U 85 -104.32 -67.42 29.20
CA SER U 85 -104.03 -68.82 28.90
C SER U 85 -104.67 -69.22 27.57
N CYS U 86 -103.89 -69.87 26.72
CA CYS U 86 -104.40 -70.26 25.41
C CYS U 86 -105.18 -71.56 25.47
N ILE U 87 -104.67 -72.55 26.21
CA ILE U 87 -105.36 -73.83 26.34
C ILE U 87 -106.41 -73.70 27.44
N VAL U 88 -107.32 -74.66 27.51
CA VAL U 88 -108.35 -74.66 28.54
C VAL U 88 -107.74 -75.12 29.86
N ASP U 89 -107.97 -74.35 30.92
CA ASP U 89 -107.50 -74.70 32.25
C ASP U 89 -108.62 -74.77 33.29
N SER U 90 -109.87 -74.48 32.90
CA SER U 90 -111.01 -74.55 33.79
C SER U 90 -111.60 -75.95 33.89
N VAL U 91 -110.83 -76.97 33.53
CA VAL U 91 -111.30 -78.35 33.59
C VAL U 91 -111.02 -78.89 35.00
N ILE U 92 -112.06 -79.36 35.66
CA ILE U 92 -111.96 -79.94 37.00
C ILE U 92 -112.35 -81.40 36.89
N TYR U 93 -111.42 -82.29 37.25
CA TYR U 93 -111.69 -83.72 37.14
C TYR U 93 -112.79 -84.15 38.11
N LYS U 94 -113.69 -84.99 37.60
CA LYS U 94 -114.87 -85.39 38.36
C LYS U 94 -114.54 -86.49 39.37
N SER U 95 -113.76 -87.49 38.95
CA SER U 95 -113.32 -88.54 39.85
C SER U 95 -111.91 -88.97 39.45
N GLN U 96 -111.18 -89.50 40.42
CA GLN U 96 -109.76 -89.80 40.23
C GLN U 96 -109.58 -90.82 39.11
N LYS U 97 -108.59 -90.56 38.26
CA LYS U 97 -108.31 -91.48 37.15
C LYS U 97 -107.77 -92.80 37.64
N ILE U 98 -107.02 -92.79 38.75
CA ILE U 98 -106.53 -94.00 39.40
C ILE U 98 -107.00 -93.97 40.85
N ALA U 99 -107.69 -95.03 41.26
CA ALA U 99 -108.22 -95.10 42.62
C ALA U 99 -107.10 -95.46 43.58
N GLY U 100 -106.75 -94.53 44.47
CA GLY U 100 -105.70 -94.75 45.43
C GLY U 100 -106.20 -95.37 46.71
N PRO U 101 -105.29 -95.80 47.57
CA PRO U 101 -105.71 -96.39 48.85
C PRO U 101 -106.48 -95.39 49.70
N LEU U 102 -107.46 -95.89 50.47
CA LEU U 102 -108.25 -95.05 51.41
C LEU U 102 -107.29 -94.52 52.47
N LEU U 103 -107.50 -93.28 52.95
CA LEU U 103 -106.61 -92.66 53.98
C LEU U 103 -106.91 -93.32 55.32
N SER U 104 -108.18 -93.58 55.63
CA SER U 104 -108.57 -94.30 56.87
C SER U 104 -107.90 -95.68 56.89
N GLN U 105 -107.78 -96.39 55.76
CA GLN U 105 -107.21 -97.73 55.80
C GLN U 105 -105.78 -97.72 56.33
N ILE U 106 -105.02 -96.67 56.03
CA ILE U 106 -103.63 -96.58 56.48
C ILE U 106 -103.62 -96.10 57.92
N SER U 107 -102.92 -96.83 58.79
CA SER U 107 -102.82 -96.49 60.19
C SER U 107 -101.45 -95.99 60.61
N ASN U 108 -100.39 -96.38 59.90
CA ASN U 108 -99.05 -95.95 60.26
C ASN U 108 -98.88 -94.45 60.02
N LEU U 109 -98.10 -93.80 60.89
CA LEU U 109 -97.90 -92.36 60.78
C LEU U 109 -96.95 -92.03 59.64
N ASN U 110 -95.88 -92.81 59.49
CA ASN U 110 -94.89 -92.51 58.46
C ASN U 110 -95.50 -92.58 57.06
N ILE U 111 -96.33 -93.59 56.83
CA ILE U 111 -96.97 -93.73 55.52
C ILE U 111 -97.87 -92.54 55.23
N GLN U 112 -98.66 -92.13 56.23
CA GLN U 112 -99.52 -90.98 56.06
C GLN U 112 -98.73 -89.73 55.77
N GLN U 113 -97.61 -89.55 56.47
CA GLN U 113 -96.76 -88.37 56.26
C GLN U 113 -96.21 -88.34 54.85
N ALA U 114 -95.70 -89.48 54.37
CA ALA U 114 -95.15 -89.51 53.01
C ALA U 114 -96.24 -89.27 51.97
N LEU U 115 -97.42 -89.87 52.17
CA LEU U 115 -98.50 -89.69 51.22
C LEU U 115 -98.93 -88.23 51.17
N ILE U 116 -99.08 -87.59 52.33
CA ILE U 116 -99.51 -86.20 52.34
C ILE U 116 -98.44 -85.31 51.74
N ILE U 117 -97.15 -85.65 51.94
CA ILE U 117 -96.09 -84.85 51.32
C ILE U 117 -96.17 -84.94 49.81
N ARG U 118 -96.36 -86.16 49.28
CA ARG U 118 -96.46 -86.32 47.83
C ARG U 118 -97.65 -85.54 47.29
N GLU U 119 -98.79 -85.61 47.98
CA GLU U 119 -99.95 -84.84 47.54
C GLU U 119 -99.74 -83.34 47.70
N LEU U 120 -98.94 -82.93 48.69
CA LEU U 120 -98.74 -81.52 48.98
C LEU U 120 -97.85 -80.85 47.95
N LEU U 121 -96.88 -81.58 47.40
CA LEU U 121 -96.02 -80.96 46.40
C LEU U 121 -96.84 -80.42 45.23
N PHE U 122 -97.83 -81.19 44.78
CA PHE U 122 -98.69 -80.69 43.70
C PHE U 122 -99.67 -79.63 44.20
N THR U 123 -100.12 -79.73 45.44
CA THR U 123 -101.06 -78.73 45.96
C THR U 123 -100.43 -77.35 46.00
N LEU U 124 -99.15 -77.27 46.35
CA LEU U 124 -98.51 -75.97 46.47
C LEU U 124 -98.49 -75.22 45.15
N LEU U 125 -98.63 -75.92 44.03
CA LEU U 125 -98.69 -75.28 42.72
C LEU U 125 -100.11 -74.97 42.27
N GLY U 126 -101.11 -75.24 43.12
CA GLY U 126 -102.49 -74.98 42.79
C GLY U 126 -103.27 -76.17 42.25
N HIS U 127 -102.64 -77.32 42.10
CA HIS U 127 -103.34 -78.49 41.59
C HIS U 127 -104.03 -79.25 42.73
N GLU U 128 -105.07 -80.00 42.35
CA GLU U 128 -105.72 -80.89 43.28
C GLU U 128 -104.83 -82.11 43.57
N GLY U 129 -105.17 -82.82 44.64
CA GLY U 129 -104.55 -84.08 44.94
C GLY U 129 -105.58 -85.16 45.21
N HIS U 130 -105.13 -86.34 45.65
CA HIS U 130 -106.07 -87.38 46.05
C HIS U 130 -106.67 -87.10 47.41
N TYR U 131 -105.93 -86.44 48.30
CA TYR U 131 -106.40 -86.19 49.66
C TYR U 131 -106.61 -84.73 49.98
N ILE U 132 -106.23 -83.81 49.10
CA ILE U 132 -106.54 -82.39 49.24
C ILE U 132 -107.35 -81.99 48.01
N GLN U 133 -108.57 -81.52 48.24
CA GLN U 133 -109.51 -81.23 47.16
C GLN U 133 -110.01 -79.81 47.27
N TYR U 134 -110.39 -79.26 46.11
CA TYR U 134 -110.90 -77.86 46.06
C TYR U 134 -112.23 -77.78 46.78
N SER U 135 -112.48 -76.66 47.47
CA SER U 135 -113.76 -76.43 48.10
C SER U 135 -114.84 -76.18 47.04
N LYS U 136 -116.06 -76.59 47.36
CA LYS U 136 -117.16 -76.44 46.41
C LYS U 136 -117.47 -74.98 46.10
N ARG U 137 -117.00 -74.05 46.95
CA ARG U 137 -117.25 -72.63 46.70
C ARG U 137 -116.40 -72.06 45.56
N TYR U 138 -115.34 -72.75 45.17
CA TYR U 138 -114.43 -72.23 44.15
C TYR U 138 -115.03 -72.45 42.77
N ASP U 139 -115.43 -71.35 42.13
CA ASP U 139 -115.96 -71.40 40.76
C ASP U 139 -114.96 -70.75 39.82
N PRO U 140 -114.31 -71.52 38.93
CA PRO U 140 -113.30 -70.90 38.05
C PRO U 140 -113.86 -69.83 37.12
N THR U 141 -115.17 -69.85 36.86
CA THR U 141 -115.74 -68.86 35.95
C THR U 141 -115.60 -67.45 36.49
N SER U 142 -115.87 -67.28 37.79
CA SER U 142 -115.83 -65.94 38.38
C SER U 142 -114.41 -65.42 38.44
N GLN U 143 -114.24 -64.14 38.07
CA GLN U 143 -112.91 -63.54 38.08
C GLN U 143 -112.37 -63.41 39.50
N ILE U 144 -113.20 -62.94 40.43
CA ILE U 144 -112.73 -62.72 41.79
C ILE U 144 -112.34 -64.04 42.44
N SER U 145 -113.07 -65.11 42.14
CA SER U 145 -112.73 -66.41 42.70
C SER U 145 -111.35 -66.85 42.22
N ARG U 146 -111.05 -66.65 40.94
CA ARG U 146 -109.72 -67.02 40.44
C ARG U 146 -108.64 -66.14 41.05
N ILE U 147 -108.90 -64.84 41.17
CA ILE U 147 -107.88 -63.95 41.71
C ILE U 147 -107.57 -64.29 43.16
N GLU U 148 -108.61 -64.52 43.97
CA GLU U 148 -108.39 -64.78 45.39
C GLU U 148 -107.81 -66.16 45.64
N GLY U 149 -107.82 -67.05 44.66
CA GLY U 149 -107.25 -68.37 44.81
C GLY U 149 -108.23 -69.36 45.38
N PRO U 150 -108.00 -70.65 45.14
CA PRO U 150 -108.94 -71.67 45.63
C PRO U 150 -108.71 -72.03 47.08
N ASP U 151 -109.79 -72.37 47.75
CA ASP U 151 -109.76 -72.85 49.13
C ASP U 151 -109.84 -74.37 49.12
N TYR U 152 -109.00 -75.00 49.95
CA TYR U 152 -108.84 -76.45 49.93
C TYR U 152 -109.45 -77.06 51.19
N LYS U 153 -110.00 -78.26 51.05
CA LYS U 153 -110.50 -79.05 52.16
C LYS U 153 -109.66 -80.32 52.28
N ILE U 154 -109.33 -80.68 53.52
CA ILE U 154 -108.46 -81.82 53.80
C ILE U 154 -109.32 -83.01 54.20
N ALA U 155 -108.95 -84.19 53.72
CA ALA U 155 -109.71 -85.40 54.02
C ALA U 155 -109.80 -85.59 55.53
N LYS U 156 -110.99 -85.99 55.99
CA LYS U 156 -111.27 -86.07 57.42
C LYS U 156 -110.50 -87.18 58.12
N ASN U 157 -109.93 -88.13 57.39
CA ASN U 157 -109.28 -89.28 57.99
C ASN U 157 -107.79 -89.06 58.27
N LEU U 158 -107.25 -87.89 57.94
CA LEU U 158 -105.86 -87.62 58.26
C LEU U 158 -105.66 -87.49 59.76
N ASP U 159 -104.42 -87.69 60.20
CA ASP U 159 -104.09 -87.49 61.60
C ASP U 159 -104.25 -86.03 61.98
N ILE U 160 -104.62 -85.79 63.23
CA ILE U 160 -104.97 -84.43 63.67
C ILE U 160 -103.77 -83.50 63.55
N SER U 161 -102.60 -83.95 64.03
CA SER U 161 -101.42 -83.09 63.95
C SER U 161 -101.03 -82.82 62.51
N LEU U 162 -101.04 -83.86 61.67
CA LEU U 162 -100.73 -83.67 60.26
C LEU U 162 -101.78 -82.79 59.61
N LYS U 163 -103.04 -82.93 60.01
CA LYS U 163 -104.08 -82.08 59.44
C LYS U 163 -103.85 -80.61 59.77
N VAL U 164 -103.44 -80.32 61.02
CA VAL U 164 -103.17 -78.93 61.38
C VAL U 164 -102.00 -78.38 60.58
N ILE U 165 -100.89 -79.15 60.54
CA ILE U 165 -99.72 -78.67 59.83
C ILE U 165 -100.03 -78.45 58.36
N THR U 166 -100.80 -79.36 57.76
CA THR U 166 -101.20 -79.20 56.36
C THR U 166 -102.07 -77.97 56.18
N LYS U 167 -103.02 -77.73 57.10
CA LYS U 167 -103.87 -76.55 56.98
C LYS U 167 -103.04 -75.27 57.02
N LYS U 168 -101.91 -75.27 57.73
CA LYS U 168 -101.07 -74.07 57.68
C LYS U 168 -100.41 -73.93 56.30
N LEU U 169 -99.89 -75.02 55.74
CA LEU U 169 -99.14 -74.95 54.49
C LEU U 169 -100.02 -74.77 53.26
N VAL U 170 -101.30 -75.14 53.33
CA VAL U 170 -102.14 -75.08 52.14
C VAL U 170 -102.24 -73.65 51.61
N LYS U 171 -102.12 -72.65 52.49
CA LYS U 171 -102.31 -71.28 52.06
C LYS U 171 -101.32 -70.88 50.97
N PHE U 172 -100.16 -71.53 50.91
CA PHE U 172 -99.15 -71.16 49.92
C PHE U 172 -99.61 -71.52 48.52
N GLY U 173 -100.31 -72.65 48.35
CA GLY U 173 -100.88 -72.96 47.06
C GLY U 173 -101.93 -71.95 46.65
N LYS U 174 -102.72 -71.46 47.61
CA LYS U 174 -103.73 -70.46 47.32
C LYS U 174 -103.10 -69.19 46.76
N PHE U 175 -102.03 -68.71 47.40
CA PHE U 175 -101.38 -67.49 46.94
C PHE U 175 -100.78 -67.69 45.55
N TYR U 176 -100.13 -68.83 45.32
CA TYR U 176 -99.51 -69.07 44.02
C TYR U 176 -100.55 -69.12 42.92
N SER U 177 -101.65 -69.83 43.15
CA SER U 177 -102.70 -69.90 42.13
C SER U 177 -103.31 -68.53 41.89
N GLY U 178 -103.51 -67.75 42.95
CA GLY U 178 -104.07 -66.42 42.78
C GLY U 178 -103.17 -65.52 41.97
N LEU U 179 -101.86 -65.55 42.25
CA LEU U 179 -100.93 -64.73 41.48
C LEU U 179 -100.86 -65.17 40.03
N LYS U 180 -100.85 -66.49 39.80
CA LYS U 180 -100.77 -66.99 38.43
C LYS U 180 -102.00 -66.57 37.64
N SER U 181 -103.18 -66.60 38.25
CA SER U 181 -104.37 -66.11 37.57
C SER U 181 -104.41 -64.60 37.49
N PHE U 182 -103.73 -63.90 38.39
CA PHE U 182 -103.64 -62.45 38.32
C PHE U 182 -102.86 -62.00 37.09
N ILE U 183 -101.75 -62.69 36.79
CA ILE U 183 -100.97 -62.34 35.61
C ILE U 183 -101.81 -62.49 34.35
N GLN U 184 -102.56 -63.57 34.23
CA GLN U 184 -103.34 -63.83 33.03
C GLN U 184 -104.54 -62.91 32.88
N VAL U 185 -104.73 -61.92 33.75
CA VAL U 185 -105.85 -60.98 33.66
C VAL U 185 -105.37 -59.54 33.57
N PHE U 186 -104.46 -59.15 34.45
CA PHE U 186 -104.08 -57.74 34.54
C PHE U 186 -102.92 -57.35 33.62
N ASP U 187 -102.40 -58.27 32.83
CA ASP U 187 -101.26 -57.98 31.96
C ASP U 187 -101.74 -57.74 30.53
N ASN U 188 -102.39 -56.59 30.32
CA ASN U 188 -102.80 -56.16 29.00
C ASN U 188 -102.68 -54.64 28.91
N ASN U 189 -102.97 -54.10 27.73
CA ASN U 189 -102.71 -52.69 27.47
C ASN U 189 -103.65 -51.78 28.26
N LYS U 190 -104.87 -52.22 28.53
CA LYS U 190 -105.85 -51.33 29.12
C LYS U 190 -105.57 -50.99 30.58
N PHE U 191 -104.67 -51.71 31.25
CA PHE U 191 -104.40 -51.50 32.66
C PHE U 191 -103.13 -50.69 32.91
N GLY U 192 -102.43 -50.28 31.85
CA GLY U 192 -101.36 -49.34 31.97
C GLY U 192 -99.99 -49.94 32.26
N LYS U 193 -98.99 -49.08 32.13
CA LYS U 193 -97.60 -49.49 32.26
C LYS U 193 -97.26 -49.86 33.69
N ILE U 194 -97.86 -49.18 34.67
CA ILE U 194 -97.55 -49.47 36.06
C ILE U 194 -97.97 -50.90 36.41
N VAL U 195 -99.21 -51.27 36.07
CA VAL U 195 -99.69 -52.60 36.38
C VAL U 195 -98.95 -53.65 35.56
N GLN U 196 -98.63 -53.35 34.30
CA GLN U 196 -97.87 -54.30 33.51
C GLN U 196 -96.50 -54.56 34.13
N LYS U 197 -95.80 -53.50 34.54
CA LYS U 197 -94.49 -53.66 35.13
C LYS U 197 -94.58 -54.41 36.45
N PHE U 198 -95.67 -54.23 37.20
CA PHE U 198 -95.86 -55.02 38.42
C PHE U 198 -96.07 -56.50 38.09
N CYS U 199 -96.83 -56.79 37.03
CA CYS U 199 -96.99 -58.17 36.62
C CYS U 199 -95.66 -58.80 36.28
N SER U 200 -94.73 -58.01 35.76
CA SER U 200 -93.38 -58.51 35.53
C SER U 200 -92.72 -58.98 36.83
N GLU U 201 -92.85 -58.19 37.89
CA GLU U 201 -92.30 -58.59 39.19
C GLU U 201 -92.96 -59.86 39.70
N VAL U 202 -94.28 -59.95 39.56
CA VAL U 202 -94.97 -61.14 40.04
C VAL U 202 -94.45 -62.37 39.32
N ARG U 203 -94.26 -62.28 38.00
CA ARG U 203 -93.81 -63.42 37.18
C ARG U 203 -92.38 -63.80 37.54
N LYS U 204 -91.51 -62.83 37.86
CA LYS U 204 -90.16 -63.15 38.30
C LYS U 204 -90.17 -63.82 39.67
N PHE U 205 -91.05 -63.36 40.56
CA PHE U 205 -91.16 -63.99 41.87
C PHE U 205 -91.62 -65.43 41.76
N LEU U 206 -92.57 -65.70 40.87
CA LEU U 206 -93.02 -67.09 40.70
C LEU U 206 -91.87 -67.96 40.22
N SER U 207 -91.07 -67.44 39.29
CA SER U 207 -89.90 -68.19 38.82
C SER U 207 -88.95 -68.49 39.99
N SER U 208 -88.77 -67.52 40.89
CA SER U 208 -87.92 -67.77 42.06
C SER U 208 -88.54 -68.81 43.00
N TYR U 209 -89.86 -68.75 43.19
CA TYR U 209 -90.53 -69.62 44.14
C TYR U 209 -90.48 -71.08 43.70
N GLN U 210 -90.60 -71.33 42.39
CA GLN U 210 -90.50 -72.70 41.94
C GLN U 210 -89.14 -73.32 42.26
N GLN U 211 -88.08 -72.52 42.37
CA GLN U 211 -86.73 -73.04 42.75
C GLN U 211 -86.72 -73.42 44.24
N VAL U 212 -87.61 -72.85 45.06
CA VAL U 212 -87.76 -73.22 46.50
C VAL U 212 -88.51 -74.56 46.52
N LEU U 213 -89.51 -74.76 45.66
CA LEU U 213 -90.29 -76.00 45.58
C LEU U 213 -89.45 -77.14 45.03
N ILE U 214 -88.59 -76.87 44.04
CA ILE U 214 -87.76 -77.91 43.47
C ILE U 214 -86.78 -78.45 44.51
N ASN U 215 -86.18 -77.55 45.30
CA ASN U 215 -85.27 -78.02 46.34
C ASN U 215 -86.01 -78.88 47.36
N VAL U 216 -87.24 -78.47 47.72
CA VAL U 216 -88.02 -79.29 48.64
C VAL U 216 -88.26 -80.66 48.05
N GLU U 217 -88.59 -80.73 46.77
CA GLU U 217 -88.84 -82.03 46.15
C GLU U 217 -87.58 -82.88 46.16
N HIS U 218 -86.43 -82.28 45.87
CA HIS U 218 -85.18 -83.04 45.86
C HIS U 218 -84.88 -83.59 47.24
N GLU U 219 -85.07 -82.77 48.28
CA GLU U 219 -84.82 -83.26 49.64
C GLU U 219 -85.80 -84.36 50.02
N PHE U 220 -87.08 -84.22 49.64
CA PHE U 220 -88.11 -85.27 49.92
C PHE U 220 -87.64 -86.57 49.27
N LYS U 221 -87.16 -86.50 48.02
CA LYS U 221 -86.76 -87.71 47.26
C LYS U 221 -85.50 -88.37 47.82
N PHE U 222 -84.46 -87.61 48.22
CA PHE U 222 -83.18 -88.22 48.61
C PHE U 222 -82.87 -88.18 50.11
N ASN U 223 -83.43 -87.24 50.87
CA ASN U 223 -83.10 -87.09 52.28
C ASN U 223 -83.99 -87.98 53.14
N LYS U 224 -83.36 -88.81 53.98
CA LYS U 224 -84.12 -89.68 54.88
C LYS U 224 -84.69 -88.92 56.06
N ASN U 225 -84.02 -87.89 56.53
CA ASN U 225 -84.45 -87.15 57.71
C ASN U 225 -85.55 -86.13 57.41
N PHE U 226 -85.90 -85.94 56.14
CA PHE U 226 -86.94 -85.00 55.78
C PHE U 226 -88.26 -85.40 56.40
N ASN U 227 -89.01 -84.41 56.88
CA ASN U 227 -90.32 -84.64 57.46
C ASN U 227 -91.17 -83.38 57.28
N LEU U 228 -92.43 -83.48 57.68
CA LEU U 228 -93.38 -82.40 57.41
C LEU U 228 -92.97 -81.11 58.11
N ASN U 229 -92.49 -81.21 59.35
CA ASN U 229 -92.12 -80.03 60.11
C ASN U 229 -90.99 -79.27 59.42
N MET U 230 -90.03 -80.00 58.85
CA MET U 230 -88.95 -79.35 58.13
C MET U 230 -89.48 -78.57 56.93
N LEU U 231 -90.45 -79.14 56.20
CA LEU U 231 -91.05 -78.43 55.08
C LEU U 231 -91.75 -77.17 55.56
N ASP U 232 -92.51 -77.27 56.66
CA ASP U 232 -93.20 -76.10 57.19
C ASP U 232 -92.21 -75.00 57.55
N SER U 233 -91.15 -75.36 58.29
CA SER U 233 -90.18 -74.36 58.71
C SER U 233 -89.47 -73.74 57.53
N LEU U 234 -89.07 -74.55 56.55
CA LEU U 234 -88.33 -74.04 55.41
C LEU U 234 -89.18 -73.08 54.60
N LEU U 235 -90.41 -73.49 54.25
CA LEU U 235 -91.25 -72.62 53.44
C LEU U 235 -91.59 -71.34 54.19
N HIS U 236 -91.93 -71.44 55.47
CA HIS U 236 -92.28 -70.24 56.22
C HIS U 236 -91.10 -69.28 56.35
N GLN U 237 -89.89 -69.82 56.54
CA GLN U 237 -88.74 -68.96 56.74
C GLN U 237 -88.12 -68.46 55.44
N GLU U 238 -88.51 -69.01 54.28
CA GLU U 238 -87.88 -68.61 53.02
C GLU U 238 -88.76 -67.68 52.20
N ILE U 239 -90.00 -68.08 51.90
CA ILE U 239 -90.79 -67.41 50.87
C ILE U 239 -92.09 -66.81 51.38
N SER U 240 -92.43 -66.97 52.66
CA SER U 240 -93.74 -66.52 53.13
C SER U 240 -93.91 -65.01 53.00
N ASN U 241 -92.88 -64.24 53.35
CA ASN U 241 -93.03 -62.79 53.48
C ASN U 241 -93.30 -62.15 52.12
N GLU U 242 -92.47 -62.46 51.13
CA GLU U 242 -92.63 -61.87 49.80
C GLU U 242 -93.95 -62.28 49.17
N MET U 243 -94.32 -63.56 49.33
CA MET U 243 -95.57 -64.05 48.78
C MET U 243 -96.75 -63.32 49.41
N THR U 244 -96.70 -63.12 50.72
CA THR U 244 -97.79 -62.41 51.40
C THR U 244 -97.90 -60.98 50.89
N HIS U 245 -96.77 -60.29 50.74
CA HIS U 245 -96.82 -58.92 50.22
C HIS U 245 -97.45 -58.87 48.83
N LEU U 246 -96.97 -59.72 47.92
CA LEU U 246 -97.46 -59.66 46.54
C LEU U 246 -98.93 -60.04 46.48
N TYR U 247 -99.34 -61.07 47.21
CA TYR U 247 -100.74 -61.48 47.17
C TYR U 247 -101.64 -60.40 47.73
N GLN U 248 -101.25 -59.77 48.84
CA GLN U 248 -102.10 -58.73 49.41
C GLN U 248 -102.24 -57.56 48.45
N ILE U 249 -101.13 -57.14 47.81
CA ILE U 249 -101.23 -56.04 46.88
C ILE U 249 -102.13 -56.42 45.70
N GLY U 250 -101.97 -57.63 45.17
CA GLY U 250 -102.78 -58.04 44.04
C GLY U 250 -104.26 -58.07 44.37
N ILE U 251 -104.62 -58.65 45.52
CA ILE U 251 -106.04 -58.73 45.85
C ILE U 251 -106.60 -57.34 46.12
N GLU U 252 -105.81 -56.43 46.70
CA GLU U 252 -106.30 -55.07 46.89
C GLU U 252 -106.54 -54.39 45.56
N ILE U 253 -105.65 -54.60 44.58
CA ILE U 253 -105.89 -54.06 43.25
C ILE U 253 -107.17 -54.62 42.65
N SER U 254 -107.41 -55.93 42.82
CA SER U 254 -108.65 -56.50 42.29
C SER U 254 -109.87 -55.86 42.94
N ARG U 255 -109.83 -55.66 44.26
CA ARG U 255 -110.97 -55.03 44.94
C ARG U 255 -111.20 -53.62 44.41
N ILE U 256 -110.13 -52.83 44.27
CA ILE U 256 -110.31 -51.45 43.84
C ILE U 256 -110.80 -51.39 42.40
N THR U 257 -110.25 -52.23 41.53
CA THR U 257 -110.65 -52.18 40.12
C THR U 257 -112.08 -52.67 39.92
N GLU U 258 -112.55 -53.63 40.71
CA GLU U 258 -113.95 -54.01 40.57
C GLU U 258 -114.87 -52.97 41.17
N GLU U 259 -114.42 -52.25 42.21
CA GLU U 259 -115.23 -51.13 42.70
C GLU U 259 -115.36 -50.02 41.66
N ARG U 260 -114.28 -49.70 40.95
CA ARG U 260 -114.34 -48.60 40.01
C ARG U 260 -115.19 -48.89 38.77
N GLN U 261 -115.51 -50.16 38.51
CA GLN U 261 -116.34 -50.51 37.35
C GLN U 261 -117.82 -50.57 37.69
N LYS U 262 -118.21 -50.19 38.91
CA LYS U 262 -119.62 -50.20 39.29
C LYS U 262 -120.09 -48.78 39.60
N GLY U 301 -104.82 -48.49 37.14
CA GLY U 301 -103.82 -47.74 36.40
C GLY U 301 -102.69 -47.26 37.30
N GLY U 302 -102.62 -45.94 37.49
CA GLY U 302 -101.61 -45.35 38.35
C GLY U 302 -101.91 -45.47 39.83
N LEU U 303 -103.04 -46.09 40.18
CA LEU U 303 -103.42 -46.26 41.58
C LEU U 303 -102.52 -47.23 42.32
N LEU U 304 -101.68 -48.00 41.62
CA LEU U 304 -100.83 -48.96 42.30
C LEU U 304 -99.88 -48.28 43.27
N LEU U 305 -99.31 -47.14 42.87
CA LEU U 305 -98.40 -46.43 43.76
C LEU U 305 -99.07 -46.05 45.06
N GLN U 306 -100.35 -45.67 45.00
CA GLN U 306 -101.08 -45.34 46.23
C GLN U 306 -101.25 -46.58 47.10
N VAL U 307 -101.51 -47.73 46.50
CA VAL U 307 -101.68 -48.95 47.28
C VAL U 307 -100.37 -49.34 47.95
N ILE U 308 -99.25 -49.26 47.23
CA ILE U 308 -97.96 -49.60 47.84
C ILE U 308 -97.65 -48.64 48.97
N GLN U 309 -97.84 -47.34 48.74
CA GLN U 309 -97.55 -46.38 49.80
C GLN U 309 -98.43 -46.60 51.02
N GLU U 310 -99.72 -46.87 50.79
CA GLU U 310 -100.61 -47.21 51.90
C GLU U 310 -100.15 -48.48 52.59
N ARG U 311 -99.75 -49.49 51.81
CA ARG U 311 -99.29 -50.74 52.39
C ARG U 311 -98.01 -50.54 53.20
N MET U 312 -97.14 -49.65 52.73
CA MET U 312 -95.81 -49.48 53.34
C MET U 312 -95.87 -48.81 54.70
N VAL U 313 -97.00 -48.20 55.08
CA VAL U 313 -97.05 -47.52 56.37
C VAL U 313 -96.98 -48.51 57.53
N TYR U 314 -97.60 -49.68 57.38
CA TYR U 314 -97.64 -50.64 58.48
C TYR U 314 -96.29 -51.33 58.69
N TYR U 315 -95.51 -51.51 57.63
CA TYR U 315 -94.20 -52.16 57.73
C TYR U 315 -93.06 -51.15 57.76
N LYS U 316 -93.31 -49.94 58.26
CA LYS U 316 -92.28 -48.92 58.26
C LYS U 316 -91.14 -49.23 59.23
N GLY U 317 -91.37 -50.10 60.21
CA GLY U 317 -90.33 -50.43 61.16
C GLY U 317 -89.66 -51.75 60.88
N ASP U 318 -90.24 -52.54 59.98
CA ASP U 318 -89.70 -53.86 59.66
C ASP U 318 -88.61 -53.71 58.61
N PRO U 319 -87.36 -54.10 58.90
CA PRO U 319 -86.30 -53.86 57.91
C PRO U 319 -86.49 -54.63 56.61
N THR U 320 -86.67 -55.95 56.67
CA THR U 320 -86.72 -56.74 55.44
C THR U 320 -87.97 -56.39 54.62
N SER U 321 -89.12 -56.25 55.28
CA SER U 321 -90.34 -55.95 54.54
C SER U 321 -90.27 -54.56 53.93
N LEU U 322 -89.73 -53.59 54.67
CA LEU U 322 -89.56 -52.25 54.12
C LEU U 322 -88.60 -52.25 52.95
N ASP U 323 -87.51 -53.02 53.03
CA ASP U 323 -86.57 -53.08 51.92
C ASP U 323 -87.24 -53.66 50.68
N PHE U 324 -88.00 -54.73 50.85
CA PHE U 324 -88.67 -55.33 49.69
C PHE U 324 -89.69 -54.37 49.09
N LEU U 325 -90.49 -53.72 49.94
CA LEU U 325 -91.50 -52.81 49.42
C LEU U 325 -90.85 -51.61 48.73
N THR U 326 -89.76 -51.10 49.28
CA THR U 326 -89.08 -49.98 48.65
C THR U 326 -88.49 -50.39 47.31
N GLN U 327 -87.89 -51.58 47.23
CA GLN U 327 -87.35 -52.05 45.95
C GLN U 327 -88.47 -52.20 44.92
N LEU U 328 -89.59 -52.78 45.34
CA LEU U 328 -90.71 -52.96 44.42
C LEU U 328 -91.25 -51.61 43.94
N PHE U 329 -91.38 -50.65 44.86
CA PHE U 329 -91.85 -49.33 44.47
C PHE U 329 -90.87 -48.66 43.51
N ASP U 330 -89.57 -48.82 43.75
CA ASP U 330 -88.58 -48.18 42.90
C ASP U 330 -88.66 -48.73 41.48
N ILE U 331 -88.71 -50.05 41.32
CA ILE U 331 -88.72 -50.61 39.97
C ILE U 331 -90.05 -50.32 39.28
N VAL U 332 -91.16 -50.41 40.01
CA VAL U 332 -92.47 -50.20 39.39
C VAL U 332 -92.61 -48.78 38.89
N SER U 333 -92.15 -47.80 39.68
CA SER U 333 -92.34 -46.40 39.34
C SER U 333 -91.45 -45.95 38.18
N SER U 334 -90.51 -46.76 37.74
CA SER U 334 -89.51 -46.29 36.77
C SER U 334 -90.16 -45.82 35.47
N ASP U 335 -91.25 -46.45 35.05
CA ASP U 335 -91.92 -46.01 33.83
C ASP U 335 -92.48 -44.60 33.99
N TYR U 336 -93.08 -44.32 35.15
CA TYR U 336 -93.66 -43.00 35.41
C TYR U 336 -92.57 -41.95 35.40
N ILE U 337 -91.40 -42.28 35.95
CA ILE U 337 -90.27 -41.36 35.92
C ILE U 337 -89.80 -41.15 34.49
N GLY U 338 -89.85 -42.18 33.65
CA GLY U 338 -89.51 -41.99 32.25
C GLY U 338 -90.44 -41.01 31.56
N MET U 339 -91.75 -41.14 31.79
CA MET U 339 -92.69 -40.20 31.19
C MET U 339 -92.42 -38.79 31.68
N LEU U 340 -92.23 -38.62 32.99
CA LEU U 340 -92.00 -37.29 33.56
C LEU U 340 -90.70 -36.69 33.03
N ASN U 341 -89.65 -37.50 32.93
CA ASN U 341 -88.37 -37.02 32.44
C ASN U 341 -88.48 -36.55 30.99
N GLN U 342 -89.14 -37.33 30.14
CA GLN U 342 -89.30 -36.90 28.75
C GLN U 342 -90.14 -35.62 28.69
N TRP U 343 -91.19 -35.54 29.50
CA TRP U 343 -92.03 -34.35 29.47
C TRP U 343 -91.23 -33.10 29.87
N LEU U 344 -90.43 -33.19 30.92
CA LEU U 344 -89.69 -32.02 31.39
C LEU U 344 -88.41 -31.74 30.61
N LEU U 345 -87.88 -32.70 29.87
CA LEU U 345 -86.64 -32.48 29.14
C LEU U 345 -86.85 -32.18 27.66
N GLU U 346 -87.91 -32.71 27.05
CA GLU U 346 -88.16 -32.52 25.63
C GLU U 346 -89.58 -32.07 25.31
N GLY U 347 -90.47 -31.99 26.30
CA GLY U 347 -91.82 -31.54 26.04
C GLY U 347 -92.59 -32.45 25.10
N VAL U 348 -92.44 -33.76 25.25
CA VAL U 348 -93.12 -34.73 24.40
C VAL U 348 -93.77 -35.80 25.28
N ILE U 349 -95.05 -36.05 25.06
CA ILE U 349 -95.77 -37.16 25.68
C ILE U 349 -95.76 -38.33 24.70
N ASN U 350 -95.47 -39.53 25.21
CA ASN U 350 -95.16 -40.66 24.36
C ASN U 350 -96.14 -41.82 24.51
N ASP U 351 -96.42 -42.24 25.74
CA ASP U 351 -97.15 -43.48 25.95
C ASP U 351 -98.65 -43.25 25.76
N PRO U 352 -99.30 -43.95 24.84
CA PRO U 352 -100.70 -43.64 24.51
C PRO U 352 -101.73 -44.22 25.47
N PHE U 353 -101.34 -44.73 26.63
CA PHE U 353 -102.29 -45.33 27.56
C PHE U 353 -103.01 -44.30 28.42
N ASP U 354 -102.74 -43.01 28.23
CA ASP U 354 -103.35 -41.96 29.04
C ASP U 354 -103.02 -42.14 30.52
N GLU U 355 -101.88 -42.78 30.80
CA GLU U 355 -101.45 -42.96 32.18
C GLU U 355 -100.91 -41.67 32.79
N PHE U 356 -100.21 -40.88 31.99
CA PHE U 356 -99.49 -39.73 32.50
C PHE U 356 -100.45 -38.64 32.97
N MET U 357 -99.99 -37.85 33.94
CA MET U 357 -100.87 -36.86 34.56
C MET U 357 -101.15 -35.70 33.62
N ILE U 358 -100.17 -35.28 32.82
CA ILE U 358 -100.31 -34.14 31.92
C ILE U 358 -101.01 -34.65 30.66
N ARG U 359 -102.32 -34.43 30.60
CA ARG U 359 -103.16 -34.97 29.52
C ARG U 359 -103.23 -33.99 28.36
N GLU U 360 -102.41 -34.25 27.33
CA GLU U 360 -102.59 -33.57 26.06
C GLU U 360 -103.68 -34.26 25.25
N LYS U 361 -104.63 -33.49 24.73
CA LYS U 361 -105.78 -34.05 24.03
C LYS U 361 -105.81 -33.60 22.57
N ARG U 362 -106.24 -34.50 21.70
CA ARG U 362 -106.29 -34.23 20.26
C ARG U 362 -107.50 -33.37 19.91
N VAL U 363 -107.30 -32.37 19.06
CA VAL U 363 -108.41 -31.56 18.58
C VAL U 363 -109.26 -32.40 17.61
N PRO U 364 -110.60 -32.34 17.69
CA PRO U 364 -111.40 -33.07 16.71
C PRO U 364 -111.19 -32.53 15.29
N ASP U 365 -111.28 -33.43 14.32
CA ASP U 365 -111.13 -33.02 12.92
C ASP U 365 -112.18 -31.98 12.53
N SER U 366 -113.36 -32.04 13.14
CA SER U 366 -114.43 -31.11 12.79
C SER U 366 -114.09 -29.67 13.17
N PHE U 367 -113.13 -29.47 14.07
CA PHE U 367 -112.80 -28.14 14.56
C PHE U 367 -111.36 -27.73 14.25
N MET U 368 -110.67 -28.48 13.39
CA MET U 368 -109.26 -28.23 13.13
C MET U 368 -109.04 -26.80 12.64
N GLU U 369 -109.84 -26.35 11.67
CA GLU U 369 -109.66 -25.01 11.12
C GLU U 369 -109.93 -23.94 12.17
N ILE U 370 -110.89 -24.17 13.06
CA ILE U 370 -111.20 -23.20 14.09
C ILE U 370 -110.04 -23.08 15.08
N PHE U 371 -109.52 -24.22 15.54
CA PHE U 371 -108.47 -24.17 16.55
C PHE U 371 -107.15 -23.68 15.97
N GLN U 372 -106.90 -23.88 14.68
CA GLN U 372 -105.67 -23.34 14.11
C GLN U 372 -105.66 -21.82 14.15
N SER U 373 -106.80 -21.19 13.89
CA SER U 373 -106.87 -19.74 13.96
C SER U 373 -106.68 -19.24 15.38
N LYS U 374 -107.43 -19.80 16.33
CA LYS U 374 -107.35 -19.41 17.74
C LYS U 374 -106.46 -20.38 18.50
N SER U 375 -105.14 -20.25 18.25
CA SER U 375 -104.18 -21.13 18.91
C SER U 375 -104.11 -20.90 20.41
N GLU U 376 -104.61 -19.76 20.91
CA GLU U 376 -104.55 -19.52 22.34
C GLU U 376 -105.35 -20.57 23.11
N TYR U 377 -106.55 -20.90 22.63
CA TYR U 377 -107.35 -21.91 23.29
C TYR U 377 -106.76 -23.30 23.11
N TYR U 378 -106.09 -23.55 21.98
CA TYR U 378 -105.39 -24.82 21.81
C TYR U 378 -104.31 -24.98 22.88
N TRP U 379 -103.50 -23.96 23.08
CA TRP U 379 -102.38 -24.06 24.01
C TRP U 379 -102.75 -23.76 25.44
N ASN U 380 -104.00 -23.39 25.72
CA ASN U 380 -104.42 -23.14 27.09
C ASN U 380 -105.51 -24.06 27.60
N GLU U 381 -106.19 -24.81 26.74
CA GLU U 381 -107.32 -25.64 27.18
C GLU U 381 -107.09 -27.13 26.93
N LEU U 382 -106.36 -27.48 25.88
CA LEU U 382 -106.17 -28.88 25.53
C LEU U 382 -104.95 -29.51 26.21
N PHE U 383 -104.34 -28.82 27.16
CA PHE U 383 -103.41 -29.43 28.10
C PHE U 383 -104.00 -29.35 29.49
N LEU U 384 -104.13 -30.50 30.15
CA LEU U 384 -104.77 -30.60 31.45
C LEU U 384 -103.91 -31.43 32.38
N ILE U 385 -104.26 -31.41 33.66
CA ILE U 385 -103.60 -32.21 34.67
C ILE U 385 -104.62 -33.18 35.24
N LYS U 386 -104.38 -34.47 35.05
CA LYS U 386 -105.27 -35.51 35.56
C LYS U 386 -105.04 -35.64 37.06
N ILE U 387 -105.96 -35.09 37.88
CA ILE U 387 -105.77 -35.02 39.35
C ILE U 387 -105.83 -36.42 39.98
N ASP U 388 -106.49 -37.41 39.35
CA ASP U 388 -106.65 -38.70 40.00
C ASP U 388 -105.30 -39.39 40.21
N GLY U 389 -104.42 -39.33 39.23
CA GLY U 389 -103.17 -40.06 39.26
C GLY U 389 -102.01 -39.34 39.91
N LEU U 390 -102.25 -38.23 40.58
CA LEU U 390 -101.17 -37.45 41.18
C LEU U 390 -100.75 -38.05 42.52
N LEU U 391 -99.44 -38.05 42.76
CA LEU U 391 -98.93 -38.40 44.07
C LEU U 391 -98.95 -37.17 44.98
N ASN U 392 -98.73 -37.42 46.28
CA ASN U 392 -98.75 -36.31 47.23
C ASN U 392 -97.61 -35.32 47.00
N GLN U 393 -96.53 -35.74 46.33
CA GLN U 393 -95.46 -34.80 46.01
C GLN U 393 -95.94 -33.71 45.07
N PHE U 394 -96.72 -34.08 44.07
CA PHE U 394 -97.24 -33.15 43.08
C PHE U 394 -98.54 -32.50 43.51
N GLN U 395 -99.07 -32.84 44.68
CA GLN U 395 -100.32 -32.26 45.17
C GLN U 395 -100.07 -30.84 45.71
N ASN U 396 -99.61 -29.98 44.81
CA ASN U 396 -99.31 -28.59 45.14
C ASN U 396 -99.58 -27.76 43.89
N SER U 397 -100.28 -26.65 44.05
CA SER U 397 -100.71 -25.87 42.89
C SER U 397 -99.52 -25.33 42.11
N THR U 398 -98.54 -24.76 42.82
CA THR U 398 -97.41 -24.14 42.12
C THR U 398 -96.56 -25.17 41.39
N ILE U 399 -96.37 -26.35 41.97
CA ILE U 399 -95.59 -27.38 41.31
C ILE U 399 -96.30 -27.87 40.06
N GLN U 400 -97.62 -28.07 40.14
CA GLN U 400 -98.39 -28.47 38.98
C GLN U 400 -98.27 -27.44 37.87
N SER U 401 -98.39 -26.16 38.22
CA SER U 401 -98.27 -25.11 37.21
C SER U 401 -96.88 -25.10 36.60
N LYS U 402 -95.85 -25.27 37.42
CA LYS U 402 -94.49 -25.25 36.89
C LYS U 402 -94.26 -26.40 35.92
N ILE U 403 -94.73 -27.60 36.26
CA ILE U 403 -94.55 -28.74 35.37
C ILE U 403 -95.26 -28.49 34.05
N LEU U 404 -96.53 -28.11 34.12
CA LEU U 404 -97.32 -27.93 32.91
C LEU U 404 -96.69 -26.86 32.02
N ASN U 405 -96.28 -25.74 32.62
CA ASN U 405 -95.74 -24.64 31.82
C ASN U 405 -94.35 -24.94 31.28
N THR U 406 -93.53 -25.69 32.01
CA THR U 406 -92.25 -26.11 31.46
C THR U 406 -92.45 -26.95 30.21
N GLY U 407 -93.33 -27.94 30.30
CA GLY U 407 -93.56 -28.78 29.14
C GLY U 407 -94.13 -28.01 27.97
N LYS U 408 -95.10 -27.13 28.24
CA LYS U 408 -95.68 -26.36 27.16
C LYS U 408 -94.64 -25.46 26.50
N TYR U 409 -93.78 -24.83 27.30
CA TYR U 409 -92.80 -23.91 26.72
C TYR U 409 -91.81 -24.65 25.84
N LEU U 410 -91.34 -25.82 26.29
CA LEU U 410 -90.45 -26.60 25.42
C LEU U 410 -91.16 -27.03 24.15
N ASN U 411 -92.44 -27.39 24.25
CA ASN U 411 -93.19 -27.76 23.05
C ASN U 411 -93.31 -26.60 22.08
N ILE U 412 -93.56 -25.39 22.61
CA ILE U 412 -93.63 -24.21 21.75
C ILE U 412 -92.31 -23.99 21.04
N PHE U 413 -91.20 -24.10 21.79
CA PHE U 413 -89.89 -23.90 21.17
C PHE U 413 -89.68 -24.90 20.03
N LYS U 414 -89.94 -26.18 20.29
CA LYS U 414 -89.71 -27.19 19.27
C LYS U 414 -90.58 -26.94 18.04
N ARG U 415 -91.85 -26.62 18.26
CA ARG U 415 -92.75 -26.42 17.12
C ARG U 415 -92.40 -25.15 16.35
N CYS U 416 -91.84 -24.15 17.02
CA CYS U 416 -91.51 -22.90 16.35
C CYS U 416 -90.22 -23.02 15.54
N THR U 417 -89.12 -23.37 16.20
CA THR U 417 -87.84 -23.40 15.50
C THR U 417 -87.64 -24.68 14.69
N GLY U 418 -88.55 -25.64 14.79
CA GLY U 418 -88.52 -26.83 13.96
C GLY U 418 -87.64 -27.94 14.45
N LEU U 419 -86.90 -27.75 15.55
CA LEU U 419 -86.04 -28.80 16.06
C LEU U 419 -86.86 -30.01 16.47
N HIS U 420 -86.37 -31.20 16.12
CA HIS U 420 -86.98 -32.43 16.61
C HIS U 420 -86.61 -32.68 18.07
N ASN U 421 -85.37 -32.38 18.43
CA ASN U 421 -84.91 -32.51 19.81
C ASN U 421 -83.72 -31.57 20.00
N PHE U 422 -83.36 -31.34 21.24
CA PHE U 422 -82.34 -30.35 21.58
C PHE U 422 -80.93 -30.96 21.58
N GLU U 423 -80.59 -31.65 20.48
CA GLU U 423 -79.24 -32.18 20.34
C GLU U 423 -78.27 -31.09 19.93
N SER U 424 -78.70 -30.16 19.07
CA SER U 424 -77.79 -29.15 18.56
C SER U 424 -77.19 -28.31 19.68
N LEU U 425 -77.96 -28.06 20.73
CA LEU U 425 -77.46 -27.24 21.84
C LEU U 425 -76.39 -27.96 22.64
N LYS U 426 -76.37 -29.30 22.56
CA LYS U 426 -75.36 -30.13 23.29
C LYS U 426 -75.20 -29.65 24.73
N GLU U 427 -76.31 -29.54 25.47
CA GLU U 427 -76.24 -29.13 26.90
C GLU U 427 -76.26 -30.39 27.78
N LYS U 428 -75.65 -30.33 28.97
CA LYS U 428 -75.61 -31.50 29.88
C LYS U 428 -76.83 -31.44 30.80
N LEU U 429 -77.64 -32.51 30.83
CA LEU U 429 -78.86 -32.46 31.63
C LEU U 429 -78.87 -33.61 32.62
N THR U 430 -79.51 -33.38 33.77
CA THR U 430 -79.68 -34.38 34.81
C THR U 430 -81.16 -34.74 34.93
N THR U 431 -81.47 -36.02 34.94
CA THR U 431 -82.84 -36.49 35.00
C THR U 431 -83.23 -36.78 36.45
N ILE U 432 -84.55 -36.80 36.69
CA ILE U 432 -85.07 -37.09 38.01
C ILE U 432 -84.85 -38.58 38.31
N THR U 433 -84.06 -38.85 39.35
CA THR U 433 -83.69 -40.24 39.64
C THR U 433 -84.84 -41.03 40.23
N SER U 434 -85.68 -40.39 41.04
CA SER U 434 -86.77 -41.11 41.68
C SER U 434 -87.81 -40.12 42.19
N LEU U 435 -89.02 -40.63 42.43
CA LEU U 435 -90.09 -39.81 42.98
C LEU U 435 -89.86 -39.50 44.44
N ALA U 436 -89.11 -40.35 45.14
CA ALA U 436 -88.83 -40.17 46.55
C ALA U 436 -87.57 -39.36 46.81
N ALA U 437 -86.94 -38.84 45.76
CA ALA U 437 -85.74 -38.06 45.92
C ALA U 437 -86.05 -36.73 46.61
N PRO U 438 -85.08 -36.17 47.35
CA PRO U 438 -85.35 -34.93 48.08
C PRO U 438 -85.28 -33.67 47.23
N ASP U 439 -84.62 -33.72 46.07
CA ASP U 439 -84.41 -32.53 45.24
C ASP U 439 -85.40 -32.43 44.10
N LEU U 440 -86.59 -33.03 44.23
CA LEU U 440 -87.56 -32.97 43.16
C LEU U 440 -87.98 -31.54 42.87
N GLU U 441 -88.22 -30.76 43.93
CA GLU U 441 -88.60 -29.36 43.73
C GLU U 441 -87.47 -28.57 43.08
N LEU U 442 -86.23 -28.81 43.50
CA LEU U 442 -85.10 -28.12 42.89
C LEU U 442 -84.97 -28.48 41.42
N LYS U 443 -85.13 -29.77 41.09
CA LYS U 443 -85.02 -30.19 39.70
C LYS U 443 -86.12 -29.55 38.86
N ILE U 444 -87.35 -29.50 39.38
CA ILE U 444 -88.44 -28.88 38.64
C ILE U 444 -88.15 -27.40 38.43
N ASP U 445 -87.65 -26.72 39.47
CA ASP U 445 -87.34 -25.31 39.34
C ASP U 445 -86.27 -25.09 38.27
N GLU U 446 -85.22 -25.93 38.28
CA GLU U 446 -84.17 -25.77 37.29
C GLU U 446 -84.68 -25.99 35.88
N PHE U 447 -85.51 -27.01 35.69
CA PHE U 447 -86.07 -27.28 34.36
C PHE U 447 -86.94 -26.12 33.90
N TYR U 448 -87.76 -25.59 34.82
CA TYR U 448 -88.62 -24.47 34.48
C TYR U 448 -87.80 -23.25 34.09
N HIS U 449 -86.72 -22.98 34.82
CA HIS U 449 -85.85 -21.87 34.47
C HIS U 449 -85.19 -22.08 33.12
N ARG U 450 -84.79 -23.30 32.81
CA ARG U 450 -84.22 -23.57 31.49
C ARG U 450 -85.24 -23.30 30.40
N ALA U 451 -86.47 -23.77 30.59
CA ALA U 451 -87.50 -23.55 29.58
C ALA U 451 -87.78 -22.07 29.39
N ASN U 452 -87.88 -21.32 30.48
CA ASN U 452 -88.08 -19.88 30.36
C ASN U 452 -86.91 -19.22 29.65
N LYS U 453 -85.69 -19.62 29.99
CA LYS U 453 -84.52 -19.05 29.33
C LYS U 453 -84.61 -19.22 27.82
N MET U 454 -84.90 -20.45 27.37
CA MET U 454 -84.96 -20.70 25.94
C MET U 454 -86.10 -19.92 25.29
N LEU U 455 -87.30 -19.99 25.87
CA LEU U 455 -88.44 -19.33 25.23
C LEU U 455 -88.29 -17.81 25.24
N MET U 456 -87.77 -17.23 26.32
CA MET U 456 -87.48 -15.81 26.36
C MET U 456 -86.51 -15.42 25.27
N LYS U 457 -85.40 -16.15 25.14
CA LYS U 457 -84.46 -15.74 24.12
C LYS U 457 -85.04 -15.91 22.72
N LEU U 458 -85.83 -16.97 22.51
CA LEU U 458 -86.52 -17.11 21.23
C LEU U 458 -87.34 -15.86 20.94
N LEU U 459 -88.25 -15.50 21.86
CA LEU U 459 -89.15 -14.38 21.60
C LEU U 459 -88.39 -13.09 21.37
N PHE U 460 -87.43 -12.77 22.25
CA PHE U 460 -86.77 -11.47 22.16
C PHE U 460 -85.75 -11.44 21.03
N ASP U 461 -84.73 -12.29 21.09
CA ASP U 461 -83.66 -12.24 20.10
C ASP U 461 -84.14 -12.70 18.73
N GLY U 462 -84.78 -13.88 18.66
CA GLY U 462 -85.19 -14.49 17.37
C GLY U 462 -86.41 -13.85 16.75
N TYR U 463 -87.55 -13.79 17.45
CA TYR U 463 -88.84 -13.31 16.90
C TYR U 463 -88.96 -11.78 17.01
N ASN U 464 -88.02 -11.10 17.66
CA ASN U 464 -87.97 -9.61 17.73
C ASN U 464 -89.27 -9.08 18.36
N PHE U 465 -89.62 -9.52 19.57
CA PHE U 465 -90.80 -9.04 20.29
C PHE U 465 -90.71 -7.56 20.64
N PRO U 466 -89.55 -7.03 21.08
CA PRO U 466 -89.49 -5.60 21.41
C PRO U 466 -89.99 -4.70 20.29
N SER U 467 -89.69 -5.03 19.04
CA SER U 467 -90.20 -4.22 17.94
C SER U 467 -91.68 -4.47 17.69
N VAL U 468 -92.18 -5.67 18.03
CA VAL U 468 -93.60 -5.92 17.91
C VAL U 468 -94.37 -5.05 18.89
N VAL U 469 -93.77 -4.71 20.03
CA VAL U 469 -94.47 -3.85 20.98
C VAL U 469 -94.64 -2.45 20.42
N ASN U 470 -93.59 -1.91 19.78
CA ASN U 470 -93.69 -0.59 19.18
C ASN U 470 -94.66 -0.61 18.01
N ILE U 471 -94.67 -1.69 17.23
CA ILE U 471 -95.62 -1.77 16.12
C ILE U 471 -97.05 -1.77 16.63
N PHE U 472 -97.34 -2.52 17.68
CA PHE U 472 -98.67 -2.48 18.26
C PHE U 472 -99.01 -1.09 18.78
N GLN U 473 -98.05 -0.44 19.45
CA GLN U 473 -98.30 0.92 19.93
C GLN U 473 -98.69 1.84 18.78
N ARG U 474 -97.93 1.81 17.69
CA ARG U 474 -98.22 2.68 16.56
C ARG U 474 -99.60 2.38 15.98
N LEU U 475 -99.85 1.11 15.64
CA LEU U 475 -101.06 0.80 14.90
C LEU U 475 -102.32 1.01 15.74
N PHE U 476 -102.28 0.68 17.03
CA PHE U 476 -103.49 0.72 17.84
C PHE U 476 -103.67 2.03 18.59
N LEU U 477 -102.61 2.57 19.20
CA LEU U 477 -102.73 3.76 20.03
C LEU U 477 -102.21 5.01 19.35
N PHE U 478 -101.90 4.94 18.06
CA PHE U 478 -101.54 6.13 17.28
C PHE U 478 -100.32 6.85 17.84
N ALA U 479 -99.28 6.12 18.25
CA ALA U 479 -98.03 6.76 18.63
C ALA U 479 -97.44 7.55 17.47
N ASP U 480 -97.87 7.28 16.24
CA ASP U 480 -97.57 8.09 15.08
C ASP U 480 -98.88 8.35 14.37
N SER U 481 -99.42 9.56 14.53
CA SER U 481 -100.78 9.88 14.12
C SER U 481 -100.88 10.39 12.69
N PHE U 482 -99.78 10.44 11.94
CA PHE U 482 -99.83 11.02 10.60
C PHE U 482 -100.71 10.19 9.67
N GLN U 483 -100.53 8.87 9.68
CA GLN U 483 -101.25 8.01 8.75
C GLN U 483 -102.75 8.02 9.05
N ILE U 484 -103.13 7.89 10.32
CA ILE U 484 -104.54 7.87 10.66
C ILE U 484 -105.17 9.22 10.38
N ASP U 485 -104.39 10.30 10.52
CA ASP U 485 -104.91 11.62 10.16
C ASP U 485 -105.20 11.69 8.67
N ASN U 486 -104.30 11.17 7.84
CA ASN U 486 -104.58 11.12 6.41
C ASN U 486 -105.81 10.28 6.13
N PHE U 487 -105.96 9.15 6.83
CA PHE U 487 -107.12 8.29 6.61
C PHE U 487 -108.41 9.04 6.90
N ILE U 488 -108.48 9.70 8.05
CA ILE U 488 -109.69 10.43 8.40
C ILE U 488 -109.95 11.54 7.41
N ASP U 489 -108.90 12.25 6.99
CA ASP U 489 -109.08 13.33 6.03
C ASP U 489 -109.63 12.80 4.71
N SER U 490 -109.14 11.65 4.27
CA SER U 490 -109.54 11.12 2.97
C SER U 490 -110.99 10.63 2.95
N THR U 491 -111.50 10.14 4.08
CA THR U 491 -112.81 9.54 4.16
C THR U 491 -113.68 10.28 5.17
N PHE U 492 -113.51 11.59 5.28
CA PHE U 492 -114.28 12.35 6.26
C PHE U 492 -115.77 12.31 5.95
N SER U 493 -116.13 12.43 4.67
CA SER U 493 -117.55 12.45 4.31
C SER U 493 -118.23 11.12 4.58
N GLU U 494 -117.51 10.01 4.41
CA GLU U 494 -118.11 8.70 4.61
C GLU U 494 -118.29 8.38 6.09
N LEU U 495 -117.24 8.62 6.88
CA LEU U 495 -117.24 8.13 8.26
C LEU U 495 -118.39 8.71 9.06
N LYS U 496 -118.80 9.94 8.77
CA LYS U 496 -119.85 10.60 9.54
C LYS U 496 -121.25 10.17 9.12
N ARG U 497 -121.39 9.39 8.05
CA ARG U 497 -122.70 8.92 7.62
C ARG U 497 -123.14 7.70 8.42
N GLY U 498 -124.45 7.49 8.47
CA GLY U 498 -124.99 6.36 9.22
C GLY U 498 -124.43 5.03 8.76
N LYS U 499 -124.44 4.06 9.66
CA LYS U 499 -123.82 2.76 9.42
C LYS U 499 -124.24 2.15 8.09
N LEU U 500 -125.55 2.04 7.86
CA LEU U 500 -126.06 1.31 6.71
C LEU U 500 -126.13 2.15 5.44
N LYS U 501 -126.01 3.47 5.54
CA LYS U 501 -126.20 4.35 4.40
C LYS U 501 -124.95 4.52 3.56
N ILE U 502 -123.91 3.72 3.81
CA ILE U 502 -122.65 3.82 3.09
C ILE U 502 -122.11 2.43 2.83
N SER U 503 -121.40 2.29 1.71
CA SER U 503 -120.82 1.00 1.34
C SER U 503 -119.66 0.65 2.26
N VAL U 504 -119.73 -0.53 2.87
CA VAL U 504 -118.70 -0.95 3.82
C VAL U 504 -117.40 -1.28 3.10
N SER U 505 -117.49 -1.95 1.94
CA SER U 505 -116.29 -2.45 1.28
C SER U 505 -115.33 -1.34 0.87
N ARG U 506 -115.81 -0.10 0.74
CA ARG U 506 -114.93 0.99 0.30
C ARG U 506 -113.94 1.38 1.39
N LEU U 507 -114.35 1.31 2.66
CA LEU U 507 -113.48 1.73 3.75
C LEU U 507 -112.26 0.83 3.84
N GLN U 508 -112.44 -0.47 3.61
CA GLN U 508 -111.29 -1.38 3.61
C GLN U 508 -110.22 -0.88 2.65
N LYS U 509 -110.61 -0.64 1.39
CA LYS U 509 -109.65 -0.25 0.38
C LYS U 509 -109.02 1.10 0.70
N GLN U 510 -109.85 2.08 1.10
CA GLN U 510 -109.31 3.40 1.39
C GLN U 510 -108.41 3.38 2.61
N TYR U 511 -108.51 2.34 3.44
CA TYR U 511 -107.56 2.17 4.54
C TYR U 511 -106.29 1.48 4.08
N ASP U 512 -106.41 0.48 3.21
CA ASP U 512 -105.21 -0.23 2.77
C ASP U 512 -104.31 0.66 1.92
N ASP U 513 -104.88 1.59 1.15
CA ASP U 513 -104.00 2.49 0.41
C ASP U 513 -103.16 3.34 1.34
N ILE U 514 -103.66 3.62 2.54
CA ILE U 514 -102.93 4.47 3.47
C ILE U 514 -101.92 3.64 4.27
N PHE U 515 -102.35 2.51 4.83
CA PHE U 515 -101.55 1.83 5.84
C PHE U 515 -100.65 0.73 5.27
N LYS U 516 -101.22 -0.24 4.56
CA LYS U 516 -100.48 -1.42 4.15
C LYS U 516 -99.88 -1.30 2.75
N GLU U 517 -99.54 -0.08 2.32
CA GLU U 517 -98.77 0.08 1.09
C GLU U 517 -97.40 -0.59 1.24
N LYS U 518 -96.82 -0.96 0.10
CA LYS U 518 -95.64 -1.82 0.08
C LYS U 518 -94.70 -1.47 -1.06
N ILE U 519 -93.42 -1.72 -0.82
CA ILE U 519 -92.40 -1.86 -1.85
C ILE U 519 -91.69 -3.18 -1.60
N GLU U 520 -91.60 -4.02 -2.62
CA GLU U 520 -91.04 -5.35 -2.45
C GLU U 520 -89.52 -5.31 -2.38
N ASN U 521 -88.95 -6.38 -1.84
CA ASN U 521 -87.51 -6.54 -1.69
C ASN U 521 -87.07 -7.85 -2.34
N LYS U 522 -85.81 -7.89 -2.78
CA LYS U 522 -85.30 -9.02 -3.53
C LYS U 522 -85.27 -10.27 -2.67
N VAL U 523 -85.20 -11.43 -3.34
CA VAL U 523 -85.08 -12.70 -2.62
C VAL U 523 -83.84 -12.67 -1.74
N GLY U 524 -83.94 -13.33 -0.59
CA GLY U 524 -82.85 -13.39 0.35
C GLY U 524 -82.71 -12.19 1.26
N VAL U 525 -83.31 -11.06 0.91
CA VAL U 525 -83.29 -9.90 1.79
C VAL U 525 -84.34 -10.09 2.88
N ARG U 526 -83.91 -10.00 4.13
CA ARG U 526 -84.80 -10.30 5.25
C ARG U 526 -85.93 -9.28 5.32
N PRO U 527 -87.18 -9.71 5.46
CA PRO U 527 -88.26 -8.75 5.74
C PRO U 527 -88.17 -8.23 7.16
N SER U 528 -88.63 -7.00 7.35
CA SER U 528 -88.76 -6.45 8.69
C SER U 528 -90.03 -6.97 9.34
N VAL U 529 -90.04 -7.01 10.67
CA VAL U 529 -91.23 -7.48 11.37
C VAL U 529 -92.40 -6.54 11.10
N TYR U 530 -92.14 -5.24 10.99
CA TYR U 530 -93.18 -4.32 10.57
C TYR U 530 -93.72 -4.67 9.19
N ASP U 531 -92.84 -5.08 8.28
CA ASP U 531 -93.28 -5.51 6.96
C ASP U 531 -94.23 -6.69 7.05
N VAL U 532 -93.92 -7.65 7.92
CA VAL U 532 -94.77 -8.83 8.05
C VAL U 532 -96.12 -8.46 8.65
N LEU U 533 -96.12 -7.61 9.68
CA LEU U 533 -97.37 -7.29 10.37
C LEU U 533 -98.21 -6.24 9.66
N LYS U 534 -97.65 -5.51 8.70
CA LYS U 534 -98.45 -4.53 7.98
C LYS U 534 -99.59 -5.20 7.23
N LYS U 535 -99.27 -6.27 6.49
CA LYS U 535 -100.26 -6.93 5.64
C LYS U 535 -101.26 -7.76 6.43
N ASN U 536 -100.97 -8.07 7.70
CA ASN U 536 -101.89 -8.86 8.50
C ASN U 536 -103.15 -8.06 8.86
N GLN U 537 -103.00 -6.77 9.12
CA GLN U 537 -104.08 -5.99 9.72
C GLN U 537 -105.27 -5.85 8.77
N LYS U 538 -106.46 -5.81 9.37
CA LYS U 538 -107.70 -5.64 8.63
C LYS U 538 -108.63 -4.72 9.42
N LEU U 539 -109.16 -3.71 8.75
CA LEU U 539 -110.12 -2.78 9.34
C LEU U 539 -111.49 -3.06 8.76
N SER U 540 -112.46 -3.34 9.62
CA SER U 540 -113.80 -3.72 9.19
C SER U 540 -114.84 -3.02 10.07
N VAL U 541 -116.00 -2.77 9.49
CA VAL U 541 -117.13 -2.21 10.24
C VAL U 541 -117.85 -3.33 10.95
N THR U 542 -118.16 -3.13 12.23
CA THR U 542 -118.83 -4.13 13.05
C THR U 542 -120.16 -3.57 13.55
N SER U 543 -121.09 -4.48 13.84
CA SER U 543 -122.42 -4.07 14.30
C SER U 543 -122.41 -3.61 15.75
N GLU U 544 -121.40 -4.00 16.53
CA GLU U 544 -121.36 -3.65 17.95
C GLU U 544 -120.74 -2.26 18.09
N SER U 545 -121.58 -1.28 18.44
CA SER U 545 -121.09 0.08 18.64
C SER U 545 -120.24 0.16 19.89
N LEU U 546 -119.38 1.18 19.94
CA LEU U 546 -118.49 1.35 21.08
C LEU U 546 -119.29 1.43 22.39
N TYR U 547 -120.32 2.27 22.43
CA TYR U 547 -121.06 2.46 23.65
C TYR U 547 -121.87 1.24 24.04
N LYS U 548 -122.09 0.31 23.11
CA LYS U 548 -122.77 -0.94 23.42
C LYS U 548 -121.79 -2.04 23.80
N VAL U 549 -120.66 -2.13 23.11
CA VAL U 549 -119.68 -3.16 23.43
C VAL U 549 -119.02 -2.89 24.77
N VAL U 550 -118.80 -1.62 25.10
CA VAL U 550 -118.19 -1.29 26.39
C VAL U 550 -119.17 -1.46 27.55
N GLU U 551 -120.48 -1.42 27.28
CA GLU U 551 -121.45 -1.63 28.33
C GLU U 551 -121.45 -3.08 28.81
N GLU U 552 -121.19 -4.02 27.90
CA GLU U 552 -121.16 -5.42 28.29
C GLU U 552 -120.06 -5.70 29.31
N LEU U 553 -118.87 -5.16 29.06
CA LEU U 553 -117.75 -5.30 29.99
C LEU U 553 -117.72 -4.15 30.99
N MET U 554 -118.87 -3.92 31.61
CA MET U 554 -119.04 -2.76 32.47
C MET U 554 -118.07 -2.79 33.65
N ASP U 598 -129.39 5.72 12.16
CA ASP U 598 -128.24 4.99 12.65
C ASP U 598 -127.25 5.94 13.32
N GLU U 599 -126.43 5.39 14.22
CA GLU U 599 -125.28 6.13 14.70
C GLU U 599 -124.28 6.31 13.56
N PRO U 600 -123.47 7.36 13.59
CA PRO U 600 -122.50 7.56 12.50
C PRO U 600 -121.49 6.42 12.46
N THR U 601 -121.02 6.11 11.25
CA THR U 601 -120.16 4.95 11.07
C THR U 601 -118.94 5.00 11.99
N ILE U 602 -118.48 6.19 12.34
CA ILE U 602 -117.29 6.30 13.19
C ILE U 602 -117.47 5.53 14.49
N THR U 603 -118.70 5.45 14.99
CA THR U 603 -118.97 4.74 16.23
C THR U 603 -118.77 3.23 16.11
N SER U 604 -118.58 2.70 14.90
CA SER U 604 -118.61 1.25 14.71
C SER U 604 -117.52 0.74 13.78
N VAL U 605 -116.38 1.41 13.68
CA VAL U 605 -115.28 0.96 12.83
C VAL U 605 -114.21 0.38 13.74
N ASP U 606 -113.80 -0.85 13.45
CA ASP U 606 -112.87 -1.60 14.28
C ASP U 606 -111.66 -2.06 13.48
N LEU U 607 -110.58 -2.38 14.19
CA LEU U 607 -109.33 -2.80 13.59
C LEU U 607 -108.86 -4.07 14.30
N THR U 608 -108.50 -5.10 13.53
CA THR U 608 -108.05 -6.36 14.06
C THR U 608 -106.72 -6.74 13.42
N ILE U 609 -105.83 -7.34 14.19
CA ILE U 609 -104.51 -7.74 13.69
C ILE U 609 -104.21 -9.17 14.10
N PRO U 610 -104.44 -10.17 13.25
CA PRO U 610 -103.98 -11.53 13.58
C PRO U 610 -102.46 -11.57 13.68
N LEU U 611 -101.96 -12.48 14.52
CA LEU U 611 -100.54 -12.50 14.84
C LEU U 611 -99.93 -13.86 14.53
N PRO U 612 -98.65 -13.90 14.13
CA PRO U 612 -97.99 -15.18 13.91
C PRO U 612 -97.80 -15.97 15.21
N PHE U 613 -97.73 -17.27 15.07
CA PHE U 613 -97.27 -18.14 16.15
C PHE U 613 -95.75 -18.04 16.29
N PRO U 614 -95.22 -17.94 17.51
CA PRO U 614 -95.85 -17.91 18.83
C PRO U 614 -96.18 -16.52 19.36
N LEU U 615 -95.96 -15.46 18.56
CA LEU U 615 -96.17 -14.11 19.08
C LEU U 615 -97.57 -13.95 19.65
N ASN U 616 -98.57 -14.62 19.06
CA ASN U 616 -99.94 -14.47 19.52
C ASN U 616 -100.13 -15.03 20.93
N LEU U 617 -99.22 -15.88 21.41
CA LEU U 617 -99.34 -16.41 22.76
C LEU U 617 -99.09 -15.33 23.81
N VAL U 618 -98.18 -14.41 23.54
CA VAL U 618 -97.92 -13.32 24.48
C VAL U 618 -98.91 -12.18 24.26
N LEU U 619 -99.19 -11.86 23.00
CA LEU U 619 -100.24 -10.89 22.67
C LEU U 619 -101.57 -11.62 22.62
N ASN U 620 -101.99 -12.10 23.79
CA ASN U 620 -103.18 -12.92 23.90
C ASN U 620 -104.40 -12.13 23.44
N GLN U 621 -105.44 -12.86 23.05
CA GLN U 621 -106.63 -12.22 22.47
C GLN U 621 -107.26 -11.23 23.43
N GLN U 622 -107.20 -11.52 24.74
CA GLN U 622 -107.76 -10.60 25.76
C GLN U 622 -106.97 -9.28 25.71
N LEU U 623 -105.65 -9.25 25.52
CA LEU U 623 -104.85 -8.04 25.41
C LEU U 623 -105.17 -7.29 24.12
N SER U 624 -105.31 -8.01 23.01
CA SER U 624 -105.64 -7.34 21.76
C SER U 624 -107.04 -6.74 21.80
N TYR U 625 -107.97 -7.38 22.50
CA TYR U 625 -109.32 -6.83 22.63
C TYR U 625 -109.30 -5.52 23.43
N GLN U 626 -108.53 -5.51 24.52
CA GLN U 626 -108.40 -4.26 25.27
C GLN U 626 -107.70 -3.18 24.45
N TYR U 627 -106.78 -3.57 23.56
CA TYR U 627 -106.20 -2.60 22.65
C TYR U 627 -107.22 -2.08 21.66
N GLU U 628 -108.10 -2.96 21.16
CA GLU U 628 -109.11 -2.56 20.18
C GLU U 628 -110.07 -1.54 20.77
N ILE U 629 -110.43 -1.71 22.05
CA ILE U 629 -111.32 -0.73 22.68
C ILE U 629 -110.69 0.64 22.66
N MET U 630 -109.39 0.73 22.99
CA MET U 630 -108.69 2.00 22.95
C MET U 630 -108.64 2.54 21.53
N PHE U 631 -108.46 1.67 20.54
CA PHE U 631 -108.48 2.14 19.15
C PHE U 631 -109.80 2.82 18.84
N LYS U 632 -110.92 2.19 19.23
CA LYS U 632 -112.23 2.78 18.93
C LYS U 632 -112.41 4.12 19.65
N LEU U 633 -112.00 4.19 20.91
CA LEU U 633 -112.15 5.45 21.64
C LEU U 633 -111.32 6.56 20.99
N LEU U 634 -110.06 6.26 20.68
CA LEU U 634 -109.19 7.28 20.12
C LEU U 634 -109.64 7.68 18.72
N ILE U 635 -110.19 6.76 17.94
CA ILE U 635 -110.69 7.17 16.63
C ILE U 635 -111.90 8.07 16.79
N ASN U 636 -112.76 7.81 17.77
CA ASN U 636 -113.88 8.72 17.99
C ASN U 636 -113.37 10.13 18.30
N ILE U 637 -112.40 10.23 19.22
CA ILE U 637 -111.93 11.56 19.62
C ILE U 637 -111.18 12.23 18.48
N LYS U 638 -110.36 11.49 17.74
CA LYS U 638 -109.64 12.06 16.60
C LYS U 638 -110.62 12.59 15.56
N PHE U 639 -111.67 11.80 15.28
CA PHE U 639 -112.65 12.23 14.30
C PHE U 639 -113.36 13.50 14.74
N ILE U 640 -113.74 13.58 16.01
CA ILE U 640 -114.40 14.79 16.48
C ILE U 640 -113.46 15.99 16.41
N SER U 641 -112.16 15.78 16.68
CA SER U 641 -111.21 16.87 16.56
C SER U 641 -111.08 17.34 15.11
N LYS U 642 -111.17 16.41 14.15
CA LYS U 642 -111.12 16.72 12.70
C LYS U 642 -112.42 17.41 12.28
N TYR U 643 -113.53 17.16 12.98
CA TYR U 643 -114.84 17.82 12.72
C TYR U 643 -114.78 19.21 13.35
N ASN U 644 -114.02 19.38 14.44
CA ASN U 644 -113.91 20.68 15.16
C ASN U 644 -112.97 21.60 14.38
N SER U 645 -111.98 21.07 13.64
CA SER U 645 -111.08 21.88 12.84
C SER U 645 -111.72 22.32 11.54
N SER U 646 -112.42 21.42 10.85
CA SER U 646 -113.07 21.79 9.61
C SER U 646 -114.18 22.81 9.84
N ASN U 647 -114.97 22.60 10.89
CA ASN U 647 -116.03 23.56 11.20
C ASN U 647 -115.43 24.91 11.55
N TRP U 648 -114.25 24.92 12.20
CA TRP U 648 -113.51 26.16 12.55
C TRP U 648 -113.00 26.85 11.28
N GLN U 649 -112.65 26.08 10.24
CA GLN U 649 -112.18 26.69 8.96
C GLN U 649 -113.35 27.45 8.32
N GLU U 650 -114.52 26.81 8.25
CA GLU U 650 -115.72 27.47 7.64
C GLU U 650 -116.14 28.65 8.52
N MET U 651 -116.35 28.40 9.81
CA MET U 651 -116.85 29.49 10.70
C MET U 651 -115.97 30.73 10.56
N ASN U 652 -114.69 30.58 10.23
CA ASN U 652 -113.87 31.79 10.19
C ASN U 652 -113.71 32.35 8.78
N TYR U 653 -113.52 31.48 7.78
CA TYR U 653 -113.09 31.96 6.47
C TYR U 653 -114.05 31.66 5.31
N SER U 654 -115.07 30.84 5.50
CA SER U 654 -116.03 30.64 4.42
C SER U 654 -116.71 31.96 4.10
N LYS U 655 -117.06 32.13 2.81
CA LYS U 655 -117.59 33.42 2.37
C LYS U 655 -118.82 33.83 3.15
N ILE U 656 -119.74 32.90 3.38
CA ILE U 656 -121.00 33.25 4.02
C ILE U 656 -120.75 33.74 5.44
N TRP U 657 -119.95 33.02 6.21
CA TRP U 657 -119.68 33.42 7.59
C TRP U 657 -118.84 34.69 7.65
N THR U 658 -117.84 34.82 6.78
CA THR U 658 -116.96 35.97 6.83
C THR U 658 -117.59 37.22 6.24
N ASN U 659 -118.81 37.13 5.69
CA ASN U 659 -119.43 38.27 5.06
C ASN U 659 -119.53 39.43 6.04
N SER U 660 -119.23 40.63 5.56
CA SER U 660 -119.23 41.83 6.39
C SER U 660 -120.55 42.57 6.39
N HIS U 661 -121.45 42.29 5.44
CA HIS U 661 -122.65 43.10 5.24
C HIS U 661 -123.83 42.69 6.11
N PHE U 662 -123.64 41.82 7.09
CA PHE U 662 -124.70 41.54 8.05
C PHE U 662 -125.00 42.76 8.90
N ASN U 663 -126.21 42.80 9.44
CA ASN U 663 -126.60 43.82 10.41
C ASN U 663 -125.99 43.50 11.77
N SER U 664 -126.15 44.45 12.71
CA SER U 664 -125.50 44.31 14.00
C SER U 664 -125.94 43.05 14.74
N SER U 665 -127.24 42.76 14.72
CA SER U 665 -127.74 41.61 15.50
C SER U 665 -127.11 40.32 15.00
N VAL U 666 -127.06 40.13 13.69
CA VAL U 666 -126.47 38.91 13.14
C VAL U 666 -124.98 38.87 13.43
N LYS U 667 -124.32 40.03 13.40
CA LYS U 667 -122.90 40.06 13.74
C LYS U 667 -122.66 39.56 15.15
N LYS U 668 -123.44 40.06 16.12
CA LYS U 668 -123.25 39.61 17.50
C LYS U 668 -123.59 38.13 17.63
N TRP U 669 -124.61 37.67 16.91
CA TRP U 669 -124.93 36.24 16.94
C TRP U 669 -123.76 35.40 16.44
N ILE U 670 -123.14 35.83 15.33
CA ILE U 670 -121.99 35.12 14.79
C ILE U 670 -120.84 35.13 15.80
N LEU U 671 -120.62 36.27 16.44
CA LEU U 671 -119.55 36.37 17.42
C LEU U 671 -119.77 35.41 18.58
N ARG U 672 -121.00 35.35 19.08
CA ARG U 672 -121.32 34.43 20.18
C ARG U 672 -121.09 32.99 19.74
N CYS U 673 -121.52 32.65 18.52
CA CYS U 673 -121.34 31.28 18.04
C CYS U 673 -119.86 30.93 17.90
N ARG U 674 -119.06 31.86 17.37
CA ARG U 674 -117.63 31.61 17.24
C ARG U 674 -116.98 31.39 18.61
N VAL U 675 -117.35 32.19 19.60
CA VAL U 675 -116.77 32.02 20.93
C VAL U 675 -117.17 30.68 21.53
N LEU U 676 -118.43 30.30 21.38
CA LEU U 676 -118.87 29.01 21.91
C LEU U 676 -118.13 27.86 21.23
N HIS U 677 -117.94 27.94 19.91
CA HIS U 677 -117.21 26.89 19.23
C HIS U 677 -115.75 26.85 19.66
N SER U 678 -115.16 28.02 19.94
CA SER U 678 -113.80 28.03 20.47
C SER U 678 -113.72 27.32 21.82
N ARG U 679 -114.73 27.55 22.68
CA ARG U 679 -114.75 26.83 23.95
C ARG U 679 -114.82 25.33 23.75
N ILE U 680 -115.67 24.88 22.82
CA ILE U 680 -115.77 23.44 22.57
C ILE U 680 -114.44 22.90 22.05
N CYS U 681 -113.80 23.63 21.14
CA CYS U 681 -112.52 23.18 20.60
C CYS U 681 -111.48 23.03 21.70
N SER U 682 -111.39 24.02 22.59
CA SER U 682 -110.41 23.93 23.67
C SER U 682 -110.72 22.78 24.60
N PHE U 683 -112.00 22.56 24.91
CA PHE U 683 -112.36 21.45 25.78
C PHE U 683 -111.96 20.12 25.16
N ILE U 684 -112.21 19.93 23.87
CA ILE U 684 -111.88 18.66 23.23
C ILE U 684 -110.36 18.47 23.19
N HIS U 685 -109.61 19.52 22.87
CA HIS U 685 -108.16 19.36 22.88
C HIS U 685 -107.63 19.04 24.28
N GLU U 686 -108.22 19.62 25.31
CA GLU U 686 -107.77 19.29 26.67
C GLU U 686 -108.06 17.83 26.99
N LEU U 687 -109.26 17.36 26.65
CA LEU U 687 -109.61 15.97 26.93
C LEU U 687 -108.70 15.00 26.17
N GLU U 688 -108.45 15.28 24.89
CA GLU U 688 -107.58 14.42 24.10
C GLU U 688 -106.16 14.44 24.65
N ASN U 689 -105.67 15.61 25.05
CA ASN U 689 -104.34 15.69 25.64
C ASN U 689 -104.24 14.81 26.87
N TYR U 690 -105.22 14.91 27.76
CA TYR U 690 -105.16 14.07 28.95
C TYR U 690 -105.14 12.60 28.56
N ILE U 691 -106.09 12.18 27.71
CA ILE U 691 -106.21 10.76 27.41
C ILE U 691 -104.94 10.22 26.77
N VAL U 692 -104.29 11.00 25.92
CA VAL U 692 -103.22 10.44 25.12
C VAL U 692 -101.86 10.60 25.81
N HIS U 693 -101.54 11.76 26.37
CA HIS U 693 -100.24 11.92 27.01
C HIS U 693 -100.24 11.52 28.48
N ASP U 694 -101.31 11.82 29.22
CA ASP U 694 -101.33 11.57 30.64
C ASP U 694 -101.68 10.13 30.99
N VAL U 695 -102.10 9.32 30.02
CA VAL U 695 -102.57 7.97 30.27
C VAL U 695 -101.78 6.95 29.45
N ILE U 696 -101.67 7.17 28.15
CA ILE U 696 -101.04 6.18 27.27
C ILE U 696 -99.53 6.27 27.34
N GLU U 697 -98.97 7.42 26.97
CA GLU U 697 -97.51 7.55 26.91
C GLU U 697 -96.87 7.40 28.28
N HIS U 698 -97.49 7.98 29.31
CA HIS U 698 -96.90 7.93 30.65
C HIS U 698 -96.81 6.52 31.17
N ASN U 699 -97.85 5.71 30.93
CA ASN U 699 -97.79 4.30 31.34
C ASN U 699 -96.85 3.51 30.45
N PHE U 700 -96.81 3.83 29.15
CA PHE U 700 -95.97 3.08 28.22
C PHE U 700 -94.48 3.28 28.47
N GLU U 701 -94.08 4.40 29.09
CA GLU U 701 -92.66 4.61 29.35
C GLU U 701 -92.09 3.48 30.20
N GLU U 702 -92.85 3.04 31.21
CA GLU U 702 -92.36 1.98 32.09
C GLU U 702 -92.12 0.69 31.33
N ILE U 703 -93.08 0.30 30.48
CA ILE U 703 -92.94 -0.94 29.74
C ILE U 703 -91.80 -0.83 28.74
N LYS U 704 -91.65 0.32 28.10
CA LYS U 704 -90.56 0.49 27.16
C LYS U 704 -89.21 0.32 27.85
N ASN U 705 -89.05 0.94 29.03
CA ASN U 705 -87.79 0.80 29.76
C ASN U 705 -87.56 -0.66 30.17
N LEU U 706 -88.60 -1.32 30.68
CA LEU U 706 -88.44 -2.71 31.13
C LEU U 706 -88.07 -3.62 29.98
N ILE U 707 -88.71 -3.44 28.82
CA ILE U 707 -88.43 -4.33 27.70
C ILE U 707 -87.05 -4.08 27.15
N HIS U 708 -86.61 -2.82 27.12
CA HIS U 708 -85.25 -2.55 26.69
C HIS U 708 -84.25 -3.22 27.63
N THR U 709 -84.50 -3.14 28.94
CA THR U 709 -83.59 -3.79 29.88
C THR U 709 -83.57 -5.30 29.68
N THR U 710 -84.73 -5.90 29.43
CA THR U 710 -84.77 -7.36 29.22
C THR U 710 -84.03 -7.74 27.94
N ALA U 711 -84.20 -6.94 26.88
CA ALA U 711 -83.49 -7.22 25.64
C ALA U 711 -81.99 -7.18 25.85
N THR U 712 -81.51 -6.16 26.55
CA THR U 712 -80.07 -6.08 26.82
C THR U 712 -79.61 -7.25 27.69
N ASN U 713 -80.42 -7.64 28.67
CA ASN U 713 -80.05 -8.77 29.52
C ASN U 713 -79.92 -10.06 28.72
N LEU U 714 -80.88 -10.33 27.83
CA LEU U 714 -80.85 -11.58 27.08
C LEU U 714 -79.79 -11.57 25.98
N ALA U 715 -79.44 -10.39 25.46
CA ALA U 715 -78.46 -10.33 24.38
C ALA U 715 -77.14 -10.99 24.78
N THR U 716 -76.74 -10.84 26.03
CA THR U 716 -75.46 -11.35 26.50
C THR U 716 -75.56 -12.75 27.10
N SER U 717 -76.73 -13.37 27.05
CA SER U 717 -76.97 -14.64 27.74
C SER U 717 -76.94 -15.78 26.73
N GLU U 718 -76.13 -16.80 27.01
CA GLU U 718 -76.06 -17.98 26.16
C GLU U 718 -77.42 -18.68 26.11
N LEU U 719 -77.57 -19.56 25.12
CA LEU U 719 -78.76 -20.39 24.99
C LEU U 719 -78.47 -21.79 25.53
N GLY U 720 -79.32 -22.26 26.43
CA GLY U 720 -79.13 -23.57 27.03
C GLY U 720 -78.24 -23.51 28.26
N SER U 721 -78.69 -24.13 29.35
CA SER U 721 -77.98 -24.09 30.62
C SER U 721 -77.68 -25.50 31.11
N ASP U 722 -76.49 -25.68 31.69
CA ASP U 722 -76.05 -26.98 32.18
C ASP U 722 -76.49 -27.16 33.63
N ILE U 723 -77.02 -28.32 33.95
CA ILE U 723 -77.48 -28.66 35.30
C ILE U 723 -76.70 -29.88 35.77
N ASN U 724 -76.06 -29.76 36.93
CA ASN U 724 -75.27 -30.84 37.51
C ASN U 724 -75.88 -31.29 38.83
N ASP U 725 -75.49 -32.48 39.27
CA ASP U 725 -76.01 -33.05 40.52
C ASP U 725 -74.99 -34.04 41.08
N GLU U 726 -75.09 -34.27 42.38
CA GLU U 726 -74.23 -35.21 43.08
C GLU U 726 -74.79 -36.63 42.96
N GLY U 727 -74.11 -37.59 43.62
CA GLY U 727 -74.52 -38.98 43.58
C GLY U 727 -75.77 -39.31 44.38
N ASP U 728 -76.16 -38.44 45.30
CA ASP U 728 -77.40 -38.58 46.08
C ASP U 728 -77.49 -39.95 46.77
N ASN U 729 -76.58 -40.16 47.71
CA ASN U 729 -76.54 -41.39 48.50
C ASN U 729 -77.57 -41.43 49.63
N ILE U 730 -78.45 -40.42 49.73
CA ILE U 730 -79.34 -40.33 50.89
C ILE U 730 -80.15 -41.60 51.10
N PHE U 731 -80.74 -42.15 50.03
CA PHE U 731 -81.58 -43.33 50.13
C PHE U 731 -82.59 -43.22 51.26
N ASN U 732 -82.50 -44.12 52.26
CA ASN U 732 -83.49 -44.16 53.32
C ASN U 732 -83.54 -42.87 54.13
N GLY U 733 -82.46 -42.10 54.13
CA GLY U 733 -82.48 -40.81 54.79
C GLY U 733 -83.30 -39.76 54.09
N SER U 734 -83.89 -40.09 52.94
CA SER U 734 -84.70 -39.15 52.16
C SER U 734 -86.04 -39.70 51.71
N LEU U 735 -86.22 -41.03 51.71
CA LEU U 735 -87.45 -41.60 51.16
C LEU U 735 -88.69 -41.02 51.82
N ILE U 736 -88.74 -40.99 53.15
CA ILE U 736 -89.87 -40.45 53.89
C ILE U 736 -91.19 -41.07 53.41
N ARG U 737 -91.18 -42.39 53.20
CA ARG U 737 -92.36 -43.09 52.72
C ARG U 737 -93.44 -43.15 53.78
N GLY U 738 -94.68 -43.33 53.32
CA GLY U 738 -95.85 -43.36 54.19
C GLY U 738 -96.98 -42.52 53.63
N THR U 739 -97.76 -41.88 54.50
CA THR U 739 -98.80 -40.97 54.03
C THR U 739 -98.19 -39.64 53.60
N PHE U 740 -97.56 -38.93 54.53
CA PHE U 740 -96.77 -37.75 54.22
C PHE U 740 -96.08 -37.22 55.47
N ASN U 741 -95.32 -36.14 55.32
CA ASN U 741 -94.70 -35.47 56.45
C ASN U 741 -95.63 -34.37 56.96
N ASN U 742 -95.19 -33.68 58.01
CA ASN U 742 -95.92 -32.54 58.54
C ASN U 742 -95.49 -31.23 57.92
N ASN U 743 -94.56 -31.25 56.96
CA ASN U 743 -94.08 -30.03 56.34
C ASN U 743 -95.11 -29.34 55.48
N SER U 744 -96.24 -30.01 55.19
CA SER U 744 -97.24 -29.42 54.30
C SER U 744 -97.83 -28.14 54.89
N ILE U 745 -97.89 -28.02 56.22
CA ILE U 745 -98.48 -26.83 56.82
C ILE U 745 -97.64 -25.59 56.51
N PHE U 746 -96.31 -25.74 56.48
CA PHE U 746 -95.45 -24.59 56.24
C PHE U 746 -95.62 -24.03 54.82
N ASP U 747 -95.84 -24.90 53.84
CA ASP U 747 -96.03 -24.42 52.47
C ASP U 747 -97.24 -23.52 52.38
N SER U 748 -98.34 -23.88 53.05
CA SER U 748 -99.53 -23.04 53.04
C SER U 748 -99.36 -21.81 53.92
N LYS U 749 -98.59 -21.92 55.01
CA LYS U 749 -98.43 -20.78 55.91
C LYS U 749 -97.72 -19.63 55.21
N VAL U 750 -96.70 -19.92 54.41
CA VAL U 750 -95.97 -18.86 53.72
C VAL U 750 -96.83 -18.30 52.59
N HIS U 751 -96.51 -17.08 52.18
CA HIS U 751 -97.20 -16.41 51.09
C HIS U 751 -96.18 -15.86 50.11
N LYS U 752 -96.56 -15.80 48.84
CA LYS U 752 -95.70 -15.31 47.78
C LYS U 752 -96.40 -14.23 46.97
N HIS U 753 -97.01 -13.28 47.68
CA HIS U 753 -97.61 -12.10 47.05
C HIS U 753 -96.66 -10.93 46.99
N ARG U 754 -95.41 -11.09 47.42
CA ARG U 754 -94.43 -10.00 47.47
C ARG U 754 -93.42 -10.21 46.34
N THR U 755 -93.65 -9.52 45.22
CA THR U 755 -92.75 -9.56 44.08
C THR U 755 -92.79 -8.19 43.41
N THR U 756 -91.65 -7.50 43.37
CA THR U 756 -91.59 -6.14 42.85
C THR U 756 -90.17 -5.82 42.44
N THR U 757 -89.97 -4.57 42.01
CA THR U 757 -88.72 -3.95 41.61
C THR U 757 -88.28 -4.39 40.22
N TYR U 758 -88.96 -5.35 39.58
CA TYR U 758 -88.63 -5.79 38.24
C TYR U 758 -87.12 -5.83 38.01
N VAL U 759 -86.43 -6.47 38.94
CA VAL U 759 -84.97 -6.51 38.90
C VAL U 759 -84.48 -7.26 37.67
N GLU U 760 -83.49 -6.67 36.98
CA GLU U 760 -82.89 -7.27 35.80
C GLU U 760 -83.93 -7.55 34.71
N GLY U 761 -84.96 -6.71 34.65
CA GLY U 761 -85.99 -6.89 33.63
C GLY U 761 -86.92 -8.05 33.93
N ILE U 762 -87.67 -8.44 32.91
CA ILE U 762 -88.66 -9.51 33.03
C ILE U 762 -87.94 -10.84 32.86
N SER U 763 -88.13 -11.75 33.81
CA SER U 763 -87.41 -13.02 33.81
C SER U 763 -88.29 -14.24 33.52
N THR U 764 -89.61 -14.10 33.58
CA THR U 764 -90.51 -15.21 33.32
C THR U 764 -91.59 -14.76 32.34
N VAL U 765 -91.93 -15.65 31.40
CA VAL U 765 -92.93 -15.30 30.40
C VAL U 765 -94.26 -14.94 31.05
N GLU U 766 -94.55 -15.54 32.20
CA GLU U 766 -95.79 -15.21 32.90
C GLU U 766 -95.80 -13.75 33.33
N GLN U 767 -94.70 -13.24 33.87
CA GLN U 767 -94.62 -11.81 34.17
C GLN U 767 -94.67 -10.99 32.89
N LEU U 768 -94.09 -11.50 31.80
CA LEU U 768 -94.14 -10.75 30.55
C LEU U 768 -95.59 -10.53 30.12
N ILE U 769 -96.42 -11.57 30.21
CA ILE U 769 -97.83 -11.43 29.87
C ILE U 769 -98.55 -10.56 30.89
N GLN U 770 -98.23 -10.75 32.18
CA GLN U 770 -98.91 -10.03 33.22
C GLN U 770 -98.67 -8.53 33.14
N LYS U 771 -97.46 -8.12 32.75
CA LYS U 771 -97.16 -6.70 32.66
C LYS U 771 -98.06 -6.04 31.63
N PHE U 772 -98.21 -6.66 30.46
CA PHE U 772 -99.04 -6.08 29.42
C PHE U 772 -100.52 -6.14 29.78
N LEU U 773 -100.95 -7.20 30.46
CA LEU U 773 -102.34 -7.23 30.90
C LEU U 773 -102.63 -6.10 31.89
N ASP U 774 -101.70 -5.87 32.82
CA ASP U 774 -101.87 -4.75 33.75
C ASP U 774 -101.86 -3.42 33.02
N TYR U 775 -101.01 -3.28 32.02
CA TYR U 775 -100.97 -2.04 31.25
C TYR U 775 -102.30 -1.77 30.54
N SER U 776 -102.85 -2.80 29.91
CA SER U 776 -104.14 -2.62 29.23
C SER U 776 -105.25 -2.31 30.23
N SER U 777 -105.24 -2.99 31.38
CA SER U 777 -106.25 -2.70 32.40
C SER U 777 -106.11 -1.27 32.89
N THR U 778 -104.87 -0.79 33.04
CA THR U 778 -104.65 0.61 33.42
C THR U 778 -105.20 1.57 32.38
N LEU U 779 -104.97 1.26 31.10
CA LEU U 779 -105.49 2.14 30.05
C LEU U 779 -107.01 2.21 30.10
N LEU U 780 -107.67 1.06 30.28
CA LEU U 780 -109.12 1.09 30.34
C LEU U 780 -109.62 1.80 31.59
N ASN U 781 -108.99 1.56 32.74
CA ASN U 781 -109.51 2.12 33.97
C ASN U 781 -109.30 3.63 34.03
N ASP U 782 -108.11 4.11 33.62
CA ASP U 782 -107.85 5.54 33.64
C ASP U 782 -108.81 6.29 32.72
N SER U 783 -108.99 5.78 31.50
CA SER U 783 -109.95 6.39 30.60
C SER U 783 -111.34 6.35 31.23
N LEU U 784 -112.20 7.25 30.77
CA LEU U 784 -113.53 7.42 31.35
C LEU U 784 -114.51 6.42 30.74
N LEU U 785 -114.16 5.13 30.85
CA LEU U 785 -115.00 4.07 30.32
C LEU U 785 -115.30 2.95 31.32
N THR U 786 -114.75 2.99 32.53
CA THR U 786 -114.89 1.88 33.46
C THR U 786 -116.07 2.06 34.40
N ARG U 787 -116.29 3.25 34.94
CA ARG U 787 -117.43 3.51 35.81
C ARG U 787 -118.66 3.77 34.94
N GLU U 788 -119.84 3.73 35.58
CA GLU U 788 -121.06 4.04 34.85
C GLU U 788 -121.33 5.54 34.77
N GLU U 789 -121.01 6.29 35.82
CA GLU U 789 -121.21 7.73 35.79
C GLU U 789 -120.28 8.39 34.79
N SER U 790 -119.01 8.00 34.80
CA SER U 790 -118.04 8.61 33.89
C SER U 790 -118.37 8.26 32.44
N LEU U 791 -118.71 6.99 32.18
CA LEU U 791 -119.05 6.60 30.82
C LEU U 791 -120.31 7.32 30.34
N ARG U 792 -121.33 7.42 31.18
CA ARG U 792 -122.55 8.10 30.77
C ARG U 792 -122.28 9.57 30.47
N GLN U 793 -121.52 10.25 31.33
CA GLN U 793 -121.21 11.66 31.08
C GLN U 793 -120.39 11.82 29.81
N LEU U 794 -119.41 10.93 29.57
CA LEU U 794 -118.62 11.01 28.35
C LEU U 794 -119.50 10.82 27.12
N ARG U 795 -120.42 9.86 27.18
CA ARG U 795 -121.30 9.59 26.05
C ARG U 795 -122.17 10.79 25.75
N LYS U 796 -122.72 11.42 26.79
CA LYS U 796 -123.53 12.62 26.58
C LYS U 796 -122.70 13.75 25.98
N MET U 797 -121.47 13.94 26.48
CA MET U 797 -120.63 15.03 25.99
C MET U 797 -120.28 14.84 24.52
N LEU U 798 -119.85 13.64 24.15
CA LEU U 798 -119.48 13.41 22.75
C LEU U 798 -120.70 13.52 21.83
N ASP U 799 -121.85 12.98 22.25
CA ASP U 799 -123.05 13.12 21.44
C ASP U 799 -123.40 14.59 21.24
N PHE U 800 -123.33 15.38 22.31
CA PHE U 800 -123.68 16.79 22.20
C PHE U 800 -122.73 17.51 21.25
N ILE U 801 -121.44 17.25 21.35
CA ILE U 801 -120.49 17.93 20.49
C ILE U 801 -120.74 17.58 19.03
N PHE U 802 -120.96 16.29 18.75
CA PHE U 802 -121.19 15.88 17.36
C PHE U 802 -122.46 16.53 16.80
N HIS U 803 -123.55 16.51 17.58
CA HIS U 803 -124.78 17.13 17.11
C HIS U 803 -124.63 18.63 16.96
N PHE U 804 -123.83 19.27 17.81
CA PHE U 804 -123.57 20.69 17.63
C PHE U 804 -122.85 20.97 16.33
N ASN U 805 -121.88 20.13 15.98
CA ASN U 805 -121.20 20.32 14.69
C ASN U 805 -122.17 20.16 13.54
N ASN U 806 -123.06 19.16 13.61
CA ASN U 806 -124.05 19.00 12.55
C ASN U 806 -124.98 20.21 12.47
N TYR U 807 -125.38 20.74 13.62
CA TYR U 807 -126.20 21.94 13.62
C TYR U 807 -125.47 23.13 13.02
N ILE U 808 -124.17 23.25 13.29
CA ILE U 808 -123.38 24.31 12.70
C ILE U 808 -123.39 24.19 11.18
N VAL U 809 -123.24 22.96 10.68
CA VAL U 809 -123.28 22.76 9.24
C VAL U 809 -124.62 23.19 8.67
N GLN U 810 -125.72 22.81 9.34
CA GLN U 810 -127.02 23.18 8.79
C GLN U 810 -127.29 24.68 8.91
N VAL U 811 -126.59 25.37 9.82
CA VAL U 811 -126.77 26.81 9.95
C VAL U 811 -126.35 27.55 8.69
N LYS U 812 -125.32 27.05 8.00
CA LYS U 812 -124.78 27.76 6.84
C LYS U 812 -125.89 28.08 5.84
N LYS U 813 -126.84 27.16 5.67
CA LYS U 813 -127.93 27.40 4.73
C LYS U 813 -128.79 28.58 5.17
N VAL U 814 -129.09 28.67 6.47
CA VAL U 814 -129.99 29.71 6.97
C VAL U 814 -129.38 31.09 6.75
N LEU U 815 -128.09 31.25 7.04
CA LEU U 815 -127.49 32.56 6.96
C LEU U 815 -127.55 33.16 5.56
N VAL U 816 -127.74 32.32 4.54
CA VAL U 816 -127.87 32.84 3.18
C VAL U 816 -129.08 33.77 3.09
N LEU U 817 -130.20 33.36 3.66
CA LEU U 817 -131.44 34.11 3.51
C LEU U 817 -131.42 35.41 4.30
N LEU U 818 -130.66 35.46 5.40
CA LEU U 818 -130.70 36.63 6.27
C LEU U 818 -130.14 37.85 5.55
N ASN U 819 -128.89 37.78 5.12
CA ASN U 819 -128.29 38.89 4.39
C ASN U 819 -128.70 38.85 2.92
N HIS U 820 -128.83 40.04 2.33
CA HIS U 820 -129.27 40.17 0.95
C HIS U 820 -128.12 40.13 -0.04
N GLU U 821 -126.96 40.68 0.34
CA GLU U 821 -125.88 40.88 -0.63
C GLU U 821 -125.41 39.57 -1.24
N LEU U 822 -125.52 38.46 -0.50
CA LEU U 822 -125.15 37.14 -0.98
C LEU U 822 -126.34 36.27 -1.31
N PHE U 823 -127.54 36.59 -0.81
CA PHE U 823 -128.71 35.82 -1.17
C PHE U 823 -128.98 35.92 -2.66
N ASN U 824 -128.80 37.10 -3.25
CA ASN U 824 -129.02 37.23 -4.69
C ASN U 824 -128.05 36.36 -5.47
N GLU U 825 -126.78 36.31 -5.04
CA GLU U 825 -125.82 35.48 -5.74
C GLU U 825 -126.17 34.00 -5.64
N TYR U 826 -126.55 33.54 -4.45
CA TYR U 826 -126.85 32.11 -4.31
C TYR U 826 -128.19 31.72 -4.91
N SER U 827 -129.16 32.64 -4.94
CA SER U 827 -130.45 32.34 -5.54
C SER U 827 -130.40 32.28 -7.06
N LYS U 828 -129.29 32.72 -7.67
CA LYS U 828 -129.19 32.69 -9.11
C LYS U 828 -129.34 31.27 -9.66
N GLU U 829 -128.96 30.27 -8.88
CA GLU U 829 -129.04 28.88 -9.29
C GLU U 829 -130.26 28.20 -8.65
N ASP U 839 -138.96 38.40 2.77
CA ASP U 839 -139.68 39.53 3.35
C ASP U 839 -139.10 39.90 4.71
N GLN U 840 -139.36 41.14 5.15
CA GLN U 840 -138.85 41.58 6.44
C GLN U 840 -139.39 40.73 7.58
N GLU U 841 -140.69 40.41 7.53
CA GLU U 841 -141.28 39.59 8.58
C GLU U 841 -140.66 38.19 8.59
N SER U 842 -140.45 37.61 7.40
CA SER U 842 -139.85 36.28 7.33
C SER U 842 -138.43 36.30 7.86
N ILE U 843 -137.65 37.33 7.51
CA ILE U 843 -136.28 37.44 8.01
C ILE U 843 -136.27 37.57 9.53
N ASP U 844 -137.19 38.38 10.07
CA ASP U 844 -137.28 38.52 11.52
C ASP U 844 -137.63 37.19 12.18
N LYS U 845 -138.54 36.43 11.57
CA LYS U 845 -138.87 35.11 12.09
C LYS U 845 -137.66 34.18 12.07
N ARG U 846 -136.90 34.20 10.99
CA ARG U 846 -135.72 33.35 10.90
C ARG U 846 -134.72 33.68 12.00
N PHE U 847 -134.47 34.98 12.21
CA PHE U 847 -133.52 35.36 13.25
C PHE U 847 -134.04 35.01 14.64
N ALA U 848 -135.35 35.17 14.86
CA ALA U 848 -135.93 34.81 16.16
C ALA U 848 -135.80 33.32 16.42
N ASN U 849 -136.01 32.49 15.39
CA ASN U 849 -135.83 31.05 15.55
C ASN U 849 -134.38 30.72 15.90
N LEU U 850 -133.44 31.33 15.19
CA LEU U 850 -132.03 31.07 15.50
C LEU U 850 -131.67 31.50 16.91
N SER U 851 -132.31 32.56 17.42
CA SER U 851 -132.02 33.01 18.77
C SER U 851 -132.27 31.88 19.77
N ASP U 852 -133.47 31.30 19.73
CA ASP U 852 -133.82 30.26 20.68
C ASP U 852 -133.00 29.00 20.46
N THR U 853 -132.77 28.61 19.21
CA THR U 853 -131.97 27.41 18.96
C THR U 853 -130.56 27.56 19.53
N PHE U 854 -129.91 28.70 19.27
CA PHE U 854 -128.56 28.90 19.75
C PHE U 854 -128.52 28.99 21.27
N LEU U 855 -129.52 29.64 21.88
CA LEU U 855 -129.55 29.69 23.33
C LEU U 855 -129.70 28.29 23.92
N MET U 856 -130.52 27.45 23.30
CA MET U 856 -130.67 26.08 23.77
C MET U 856 -129.34 25.34 23.74
N GLN U 857 -128.60 25.47 22.64
CA GLN U 857 -127.30 24.79 22.57
C GLN U 857 -126.34 25.34 23.62
N TYR U 858 -126.34 26.65 23.83
CA TYR U 858 -125.44 27.27 24.80
C TYR U 858 -125.71 26.74 26.21
N GLU U 859 -126.98 26.71 26.61
CA GLU U 859 -127.31 26.26 27.95
C GLU U 859 -127.09 24.75 28.10
N LYS U 860 -127.34 23.98 27.04
CA LYS U 860 -127.04 22.55 27.09
C LYS U 860 -125.56 22.30 27.30
N PHE U 861 -124.71 23.08 26.64
CA PHE U 861 -123.27 22.95 26.87
C PHE U 861 -122.93 23.23 28.32
N GLY U 862 -123.50 24.30 28.89
CA GLY U 862 -123.20 24.59 30.28
C GLY U 862 -123.61 23.46 31.21
N GLU U 863 -124.81 22.91 30.99
CA GLU U 863 -125.28 21.81 31.84
C GLU U 863 -124.35 20.60 31.74
N ASN U 864 -124.01 20.21 30.52
CA ASN U 864 -123.17 19.03 30.33
C ASN U 864 -121.81 19.24 30.96
N LEU U 865 -121.24 20.43 30.81
CA LEU U 865 -119.93 20.71 31.40
C LEU U 865 -119.99 20.60 32.92
N VAL U 866 -121.02 21.16 33.55
CA VAL U 866 -121.10 21.11 35.01
C VAL U 866 -121.19 19.67 35.48
N THR U 867 -122.08 18.88 34.85
CA THR U 867 -122.25 17.50 35.30
C THR U 867 -120.96 16.70 35.10
N PHE U 868 -120.29 16.91 33.96
CA PHE U 868 -119.07 16.17 33.67
C PHE U 868 -117.98 16.48 34.69
N LEU U 869 -117.80 17.76 35.03
CA LEU U 869 -116.79 18.11 36.02
C LEU U 869 -117.12 17.50 37.37
N ALA U 870 -118.38 17.54 37.78
CA ALA U 870 -118.72 16.96 39.08
C ALA U 870 -118.42 15.47 39.10
N THR U 871 -118.77 14.75 38.03
CA THR U 871 -118.52 13.32 37.98
C THR U 871 -117.03 13.01 38.04
N ILE U 872 -116.23 13.72 37.24
CA ILE U 872 -114.79 13.46 37.29
C ILE U 872 -114.26 13.75 38.68
N LYS U 873 -114.72 14.81 39.32
CA LYS U 873 -114.20 15.15 40.64
C LYS U 873 -114.49 14.03 41.64
N GLN U 874 -115.72 13.52 41.65
CA GLN U 874 -116.01 12.48 42.63
C GLN U 874 -115.21 11.21 42.35
N VAL U 875 -115.12 10.80 41.07
CA VAL U 875 -114.40 9.58 40.78
C VAL U 875 -112.92 9.74 41.09
N GLY U 876 -112.33 10.88 40.72
CA GLY U 876 -110.92 11.10 41.02
C GLY U 876 -110.62 11.11 42.50
N GLU U 877 -111.50 11.75 43.29
CA GLU U 877 -111.27 11.73 44.72
C GLU U 877 -111.40 10.33 45.29
N ARG U 878 -112.30 9.51 44.75
CA ARG U 878 -112.48 8.18 45.32
C ARG U 878 -111.37 7.21 44.91
N GLU U 879 -111.22 6.96 43.61
CA GLU U 879 -110.41 5.85 43.14
C GLU U 879 -109.15 6.29 42.39
N ASN U 880 -109.30 7.06 41.31
CA ASN U 880 -108.22 7.26 40.36
C ASN U 880 -107.44 8.53 40.68
N GLN U 881 -106.12 8.40 40.74
CA GLN U 881 -105.27 9.57 40.94
C GLN U 881 -105.18 10.40 39.67
N GLY U 882 -105.12 9.75 38.50
CA GLY U 882 -104.96 10.49 37.26
C GLY U 882 -106.13 11.41 36.96
N LEU U 883 -107.34 11.00 37.34
CA LEU U 883 -108.51 11.81 37.06
C LEU U 883 -108.56 13.05 37.96
N LEU U 884 -107.92 12.99 39.12
CA LEU U 884 -107.97 14.12 40.05
C LEU U 884 -107.26 15.34 39.46
N GLU U 885 -106.07 15.14 38.89
CA GLU U 885 -105.36 16.26 38.28
C GLU U 885 -106.08 16.77 37.05
N LEU U 886 -106.74 15.88 36.30
CA LEU U 886 -107.58 16.35 35.19
C LEU U 886 -108.72 17.21 35.70
N SER U 887 -109.32 16.82 36.82
CA SER U 887 -110.38 17.63 37.41
C SER U 887 -109.85 19.00 37.81
N ASN U 888 -108.66 19.04 38.41
CA ASN U 888 -108.07 20.32 38.78
C ASN U 888 -107.84 21.19 37.55
N ARG U 889 -107.31 20.60 36.48
CA ARG U 889 -107.04 21.36 35.27
C ARG U 889 -108.33 21.91 34.66
N LEU U 890 -109.36 21.07 34.55
CA LEU U 890 -110.60 21.52 33.93
C LEU U 890 -111.29 22.56 34.79
N GLU U 891 -111.23 22.42 36.11
CA GLU U 891 -111.79 23.43 36.99
C GLU U 891 -111.05 24.75 36.85
N LEU U 892 -109.73 24.69 36.73
CA LEU U 892 -108.96 25.92 36.49
C LEU U 892 -109.22 26.49 35.11
N CYS U 893 -109.76 25.69 34.19
CA CYS U 893 -110.10 26.23 32.88
C CYS U 893 -111.36 27.09 32.95
N PHE U 894 -112.48 26.48 33.33
CA PHE U 894 -113.75 27.20 33.38
C PHE U 894 -114.06 27.65 34.80
N LEU V 157 -84.59 -96.03 54.48
CA LEU V 157 -85.32 -95.80 53.20
C LEU V 157 -85.77 -94.35 53.11
N THR V 158 -85.74 -93.80 51.89
CA THR V 158 -86.17 -92.43 51.67
C THR V 158 -87.69 -92.36 51.67
N LEU V 159 -88.21 -91.13 51.72
CA LEU V 159 -89.65 -90.93 51.74
C LEU V 159 -90.30 -91.48 50.47
N SER V 160 -89.66 -91.26 49.33
CA SER V 160 -90.25 -91.68 48.06
C SER V 160 -90.38 -93.19 47.95
N GLN V 161 -89.64 -93.96 48.76
CA GLN V 161 -89.72 -95.41 48.67
C GLN V 161 -90.89 -95.96 49.48
N LEU V 162 -91.15 -95.38 50.65
CA LEU V 162 -92.22 -95.88 51.50
C LEU V 162 -93.59 -95.69 50.87
N ILE V 163 -93.73 -94.72 49.95
CA ILE V 163 -95.01 -94.44 49.33
C ILE V 163 -95.25 -95.31 48.10
N GLU V 164 -94.21 -95.91 47.53
CA GLU V 164 -94.34 -96.65 46.28
C GLU V 164 -95.45 -97.68 46.31
N PRO V 165 -95.59 -98.53 47.33
CA PRO V 165 -96.68 -99.51 47.32
C PRO V 165 -98.06 -98.88 47.28
N TYR V 166 -98.23 -97.70 47.89
CA TYR V 166 -99.54 -97.10 48.05
C TYR V 166 -99.82 -95.98 47.04
N TYR V 167 -99.05 -95.90 45.96
CA TYR V 167 -99.22 -94.80 45.01
C TYR V 167 -98.84 -95.32 43.62
N ASP V 168 -99.83 -95.43 42.73
CA ASP V 168 -99.66 -96.06 41.43
C ASP V 168 -99.81 -95.02 40.32
N THR V 169 -98.80 -94.91 39.46
CA THR V 169 -98.86 -94.06 38.28
C THR V 169 -97.70 -94.42 37.36
N LEU V 170 -97.95 -94.29 36.07
CA LEU V 170 -96.93 -94.50 35.06
C LEU V 170 -95.84 -93.44 35.16
N GLN V 173 -90.17 -91.56 35.89
CA GLN V 173 -89.07 -91.46 34.93
C GLN V 173 -89.50 -91.89 33.53
N THR V 174 -90.51 -92.76 33.45
CA THR V 174 -90.99 -93.21 32.15
C THR V 174 -91.59 -92.05 31.36
N ILE V 175 -92.27 -91.13 32.05
CA ILE V 175 -92.82 -89.96 31.37
C ILE V 175 -91.70 -89.14 30.75
N LEU V 176 -90.62 -88.93 31.49
CA LEU V 176 -89.50 -88.15 30.97
C LEU V 176 -88.80 -88.83 29.81
N THR V 177 -88.99 -90.15 29.65
CA THR V 177 -88.40 -90.83 28.50
C THR V 177 -89.07 -90.41 27.21
N TYR V 178 -90.40 -90.32 27.21
CA TYR V 178 -91.17 -89.98 26.02
C TYR V 178 -91.61 -88.52 25.99
N LEU V 179 -91.22 -87.72 26.97
CA LEU V 179 -91.65 -86.32 26.98
C LEU V 179 -90.91 -85.49 25.94
N PRO V 180 -89.60 -85.62 25.75
CA PRO V 180 -88.93 -84.77 24.75
C PRO V 180 -89.52 -84.90 23.36
N TYR V 181 -89.93 -86.11 22.97
CA TYR V 181 -90.51 -86.28 21.65
C TYR V 181 -91.87 -85.61 21.53
N THR V 182 -92.62 -85.53 22.63
CA THR V 182 -93.90 -84.82 22.61
C THR V 182 -93.69 -83.31 22.61
N MET V 183 -92.66 -82.83 23.32
CA MET V 183 -92.42 -81.39 23.39
C MET V 183 -92.06 -80.81 22.03
N LEU V 184 -91.35 -81.56 21.21
CA LEU V 184 -90.96 -81.11 19.87
C LEU V 184 -92.09 -81.24 18.86
N GLY V 185 -93.33 -81.41 19.31
CA GLY V 185 -94.45 -81.52 18.42
C GLY V 185 -94.42 -82.75 17.54
N SER V 186 -94.15 -83.91 18.15
CA SER V 186 -94.15 -85.18 17.44
C SER V 186 -94.98 -86.19 18.23
N ASP V 187 -95.56 -87.14 17.51
CA ASP V 187 -96.37 -88.17 18.14
C ASP V 187 -95.51 -89.03 19.06
N SER V 188 -96.14 -89.55 20.11
CA SER V 188 -95.45 -90.38 21.09
C SER V 188 -96.28 -91.63 21.38
N LYS V 189 -95.62 -92.66 21.92
CA LYS V 189 -96.28 -93.94 22.24
C LYS V 189 -97.39 -93.71 23.25
N ILE V 190 -97.24 -92.75 24.18
CA ILE V 190 -98.22 -92.54 25.24
C ILE V 190 -98.96 -91.22 25.11
N PHE V 191 -98.51 -90.31 24.26
CA PHE V 191 -99.21 -89.06 23.98
C PHE V 191 -99.42 -88.95 22.48
N THR V 192 -100.67 -88.76 22.06
CA THR V 192 -101.02 -88.72 20.65
C THR V 192 -101.81 -87.45 20.36
N PHE V 193 -101.40 -86.72 19.32
CA PHE V 193 -102.13 -85.56 18.86
C PHE V 193 -103.31 -85.97 18.00
N SER V 194 -104.28 -85.07 17.87
CA SER V 194 -105.47 -85.35 17.07
C SER V 194 -106.10 -84.03 16.66
N ASN V 195 -107.00 -84.12 15.68
CA ASN V 195 -107.75 -82.97 15.20
C ASN V 195 -106.80 -81.87 14.68
N ASN V 196 -105.96 -82.26 13.74
CA ASN V 196 -105.02 -81.34 13.09
C ASN V 196 -104.12 -80.66 14.12
N TYR V 197 -103.69 -81.43 15.12
CA TYR V 197 -102.77 -80.94 16.14
C TYR V 197 -103.35 -79.76 16.90
N THR V 198 -104.60 -79.90 17.34
CA THR V 198 -105.25 -78.90 18.16
C THR V 198 -105.55 -79.38 19.57
N ARG V 199 -105.40 -80.68 19.84
CA ARG V 199 -105.61 -81.20 21.19
C ARG V 199 -104.70 -82.38 21.41
N LEU V 200 -104.36 -82.62 22.67
CA LEU V 200 -103.47 -83.70 23.08
C LEU V 200 -104.15 -84.52 24.14
N GLU V 201 -104.14 -85.84 23.98
CA GLU V 201 -104.86 -86.76 24.87
C GLU V 201 -103.90 -87.32 25.89
N ILE V 202 -104.18 -87.08 27.17
CA ILE V 202 -103.37 -87.65 28.25
C ILE V 202 -103.88 -89.06 28.54
N PRO V 203 -103.01 -90.07 28.53
CA PRO V 203 -103.50 -91.47 28.60
C PRO V 203 -104.04 -91.83 29.97
N LYS V 204 -104.62 -93.03 30.08
CA LYS V 204 -104.92 -93.59 31.38
C LYS V 204 -103.63 -93.94 32.11
N ASP V 205 -103.75 -94.23 33.40
CA ASP V 205 -102.60 -94.51 34.25
C ASP V 205 -101.74 -93.26 34.44
N ILE V 206 -102.38 -92.10 34.49
CA ILE V 206 -101.75 -90.86 34.92
C ILE V 206 -102.73 -90.20 35.87
N ASN V 207 -102.53 -90.41 37.18
CA ASN V 207 -103.52 -90.00 38.16
C ASN V 207 -103.66 -88.47 38.18
N ASN V 208 -104.69 -88.02 38.89
CA ASN V 208 -105.11 -86.62 38.89
C ASN V 208 -103.97 -85.61 38.95
N SER V 209 -103.10 -85.71 39.96
CA SER V 209 -102.07 -84.69 40.16
C SER V 209 -101.14 -84.57 38.96
N PHE V 210 -100.56 -85.69 38.51
CA PHE V 210 -99.64 -85.65 37.39
C PHE V 210 -100.32 -85.11 36.13
N SER V 211 -101.57 -85.51 35.88
CA SER V 211 -102.28 -84.97 34.73
C SER V 211 -102.49 -83.47 34.85
N SER V 212 -102.83 -82.99 36.05
CA SER V 212 -103.03 -81.56 36.24
C SER V 212 -101.74 -80.80 35.98
N LEU V 213 -100.61 -81.35 36.43
CA LEU V 213 -99.33 -80.69 36.19
C LEU V 213 -98.98 -80.72 34.71
N LEU V 214 -99.15 -81.86 34.06
CA LEU V 214 -98.82 -81.99 32.65
C LEU V 214 -99.64 -81.03 31.80
N ARG V 215 -100.90 -80.79 32.19
CA ARG V 215 -101.72 -79.87 31.42
C ARG V 215 -101.06 -78.51 31.29
N GLU V 216 -100.28 -78.10 32.29
CA GLU V 216 -99.52 -76.86 32.18
C GLU V 216 -98.30 -77.02 31.29
N VAL V 217 -97.59 -78.15 31.41
CA VAL V 217 -96.40 -78.36 30.60
C VAL V 217 -96.76 -78.49 29.13
N PHE V 218 -97.86 -79.18 28.83
CA PHE V 218 -98.23 -79.44 27.44
C PHE V 218 -98.69 -78.19 26.72
N GLU V 219 -98.88 -77.08 27.43
CA GLU V 219 -99.21 -75.83 26.75
C GLU V 219 -98.09 -75.44 25.79
N PHE V 220 -96.84 -75.63 26.19
CA PHE V 220 -95.73 -75.31 25.30
C PHE V 220 -95.73 -76.19 24.06
N ALA V 221 -96.01 -77.48 24.23
CA ALA V 221 -95.94 -78.41 23.10
C ALA V 221 -96.95 -78.05 22.02
N ILE V 222 -98.20 -77.81 22.42
CA ILE V 222 -99.25 -77.54 21.44
C ILE V 222 -99.02 -76.20 20.77
N LEU V 223 -98.66 -75.18 21.55
CA LEU V 223 -98.40 -73.86 20.98
C LEU V 223 -97.24 -73.90 20.00
N TYR V 224 -96.17 -74.61 20.37
CA TYR V 224 -95.03 -74.71 19.46
C TYR V 224 -95.41 -75.47 18.20
N LYS V 225 -96.24 -76.50 18.33
CA LYS V 225 -96.67 -77.24 17.14
C LYS V 225 -97.48 -76.34 16.22
N GLN V 226 -98.36 -75.51 16.79
CA GLN V 226 -99.13 -74.59 15.96
C GLN V 226 -98.22 -73.61 15.24
N LEU V 227 -97.22 -73.07 15.96
CA LEU V 227 -96.30 -72.13 15.34
C LEU V 227 -95.48 -72.81 14.24
N ALA V 228 -95.06 -74.05 14.47
CA ALA V 228 -94.31 -74.77 13.45
C ALA V 228 -95.17 -75.04 12.22
N ILE V 229 -96.45 -75.36 12.42
CA ILE V 229 -97.34 -75.54 11.28
C ILE V 229 -97.46 -74.24 10.49
N VAL V 230 -97.62 -73.11 11.19
CA VAL V 230 -97.73 -71.84 10.48
C VAL V 230 -96.45 -71.54 9.72
N VAL V 231 -95.30 -71.72 10.35
CA VAL V 231 -94.04 -71.41 9.69
C VAL V 231 -93.84 -72.28 8.47
N ASP V 232 -94.12 -73.57 8.58
CA ASP V 232 -93.92 -74.48 7.46
C ASP V 232 -94.92 -74.18 6.34
N ARG V 233 -96.12 -73.71 6.68
CA ARG V 233 -97.15 -73.47 5.68
C ARG V 233 -96.93 -72.17 4.90
N TYR V 234 -96.56 -71.09 5.59
CA TYR V 234 -96.42 -69.78 4.98
C TYR V 234 -94.96 -69.41 4.74
N LYS V 235 -94.08 -70.40 4.56
CA LYS V 235 -92.66 -70.10 4.44
C LYS V 235 -92.37 -69.25 3.20
N GLY V 236 -92.86 -69.68 2.05
CA GLY V 236 -92.57 -68.98 0.81
C GLY V 236 -93.80 -68.71 -0.03
N THR V 237 -94.96 -68.64 0.61
CA THR V 237 -96.22 -68.38 -0.08
C THR V 237 -96.63 -66.92 -0.03
N LEU V 238 -96.50 -66.28 1.13
CA LEU V 238 -96.92 -64.90 1.25
C LEU V 238 -96.08 -64.00 0.36
N VAL V 239 -96.73 -62.98 -0.23
CA VAL V 239 -96.07 -62.09 -1.17
C VAL V 239 -95.66 -60.81 -0.46
N SER V 240 -96.47 -60.36 0.49
CA SER V 240 -96.17 -59.13 1.20
C SER V 240 -94.86 -59.27 1.97
N ALA V 241 -94.02 -58.22 1.89
CA ALA V 241 -92.70 -58.28 2.53
C ALA V 241 -92.82 -58.19 4.06
N ILE V 242 -93.83 -57.51 4.56
CA ILE V 242 -93.94 -57.31 6.01
C ILE V 242 -94.18 -58.65 6.70
N LYS V 243 -95.14 -59.41 6.19
CA LYS V 243 -95.45 -60.70 6.77
C LYS V 243 -94.29 -61.67 6.60
N THR V 244 -93.56 -61.56 5.47
CA THR V 244 -92.42 -62.43 5.26
C THR V 244 -91.32 -62.17 6.30
N ALA V 245 -91.04 -60.90 6.59
CA ALA V 245 -90.06 -60.60 7.62
C ALA V 245 -90.54 -61.10 8.98
N TYR V 246 -91.85 -60.99 9.24
CA TYR V 246 -92.38 -61.52 10.49
C TYR V 246 -92.15 -63.02 10.59
N ILE V 247 -92.39 -63.75 9.49
CA ILE V 247 -92.17 -65.19 9.50
C ILE V 247 -90.69 -65.51 9.72
N ALA V 248 -89.80 -64.70 9.14
CA ALA V 248 -88.38 -64.92 9.35
C ALA V 248 -88.00 -64.83 10.83
N ILE V 249 -88.46 -63.77 11.49
CA ILE V 249 -88.13 -63.64 12.91
C ILE V 249 -88.80 -64.74 13.73
N LEU V 250 -90.01 -65.14 13.34
CA LEU V 250 -90.68 -66.24 14.02
C LEU V 250 -89.88 -67.53 13.91
N GLU V 251 -89.32 -67.80 12.73
CA GLU V 251 -88.49 -68.99 12.57
C GLU V 251 -87.26 -68.92 13.47
N ALA V 252 -86.64 -67.74 13.56
CA ALA V 252 -85.49 -67.62 14.44
C ALA V 252 -85.86 -67.91 15.90
N GLN V 253 -87.00 -67.38 16.34
CA GLN V 253 -87.42 -67.62 17.72
C GLN V 253 -87.70 -69.09 17.96
N LEU V 254 -88.36 -69.76 17.01
CA LEU V 254 -88.63 -71.19 17.18
C LEU V 254 -87.33 -71.98 17.24
N ASN V 255 -86.34 -71.60 16.44
CA ASN V 255 -85.05 -72.29 16.51
C ASN V 255 -84.44 -72.14 17.89
N LYS V 256 -84.51 -70.93 18.47
CA LYS V 256 -83.98 -70.76 19.82
C LYS V 256 -84.74 -71.63 20.81
N TYR V 257 -86.07 -71.73 20.66
CA TYR V 257 -86.85 -72.55 21.58
C TYR V 257 -86.45 -74.02 21.49
N VAL V 258 -86.24 -74.52 20.27
CA VAL V 258 -85.84 -75.92 20.12
C VAL V 258 -84.49 -76.15 20.77
N ASN V 259 -83.54 -75.23 20.58
CA ASN V 259 -82.25 -75.40 21.23
C ASN V 259 -82.38 -75.37 22.75
N ASP V 260 -83.27 -74.53 23.27
CA ASP V 260 -83.49 -74.50 24.71
C ASP V 260 -84.02 -75.84 25.22
N ILE V 261 -84.98 -76.42 24.50
CA ILE V 261 -85.51 -77.72 24.91
C ILE V 261 -84.41 -78.78 24.89
N ASN V 262 -83.58 -78.75 23.86
CA ASN V 262 -82.48 -79.71 23.79
C ASN V 262 -81.54 -79.55 24.98
N ASN V 263 -81.28 -78.31 25.40
CA ASN V 263 -80.48 -78.12 26.61
C ASN V 263 -81.19 -78.66 27.84
N ILE V 264 -82.51 -78.42 27.94
CA ILE V 264 -83.23 -78.84 29.14
C ILE V 264 -83.22 -80.36 29.29
N PHE V 265 -83.22 -81.09 28.18
CA PHE V 265 -83.24 -82.54 28.26
C PHE V 265 -81.87 -83.21 28.08
N ASN V 266 -80.85 -82.47 27.62
CA ASN V 266 -79.49 -83.01 27.66
C ASN V 266 -79.03 -83.16 29.10
N ASN V 267 -79.34 -82.19 29.94
CA ASN V 267 -79.10 -82.29 31.39
C ASN V 267 -80.22 -83.15 31.96
N LYS V 268 -79.96 -84.45 32.09
CA LYS V 268 -81.00 -85.42 32.45
C LYS V 268 -81.83 -84.89 33.61
N PRO V 269 -83.11 -84.55 33.39
CA PRO V 269 -83.92 -83.99 34.47
C PRO V 269 -84.39 -85.05 35.44
N ASN V 270 -84.64 -84.60 36.68
CA ASN V 270 -85.07 -85.49 37.74
C ASN V 270 -86.58 -85.65 37.82
N SER V 271 -87.34 -84.62 37.45
CA SER V 271 -88.79 -84.65 37.59
C SER V 271 -89.41 -83.71 36.57
N ILE V 272 -90.74 -83.76 36.49
CA ILE V 272 -91.45 -82.88 35.57
C ILE V 272 -91.31 -81.43 35.99
N LEU V 273 -91.20 -81.17 37.28
CA LEU V 273 -91.23 -79.79 37.74
C LEU V 273 -89.98 -79.03 37.33
N VAL V 274 -88.82 -79.69 37.36
CA VAL V 274 -87.61 -79.01 36.91
C VAL V 274 -87.71 -78.67 35.42
N VAL V 275 -88.33 -79.57 34.65
CA VAL V 275 -88.57 -79.29 33.24
C VAL V 275 -89.46 -78.06 33.09
N TYR V 276 -90.54 -78.01 33.86
CA TYR V 276 -91.46 -76.88 33.77
C TYR V 276 -90.77 -75.58 34.15
N ASN V 277 -89.98 -75.59 35.21
CA ASN V 277 -89.29 -74.38 35.64
C ASN V 277 -88.25 -73.93 34.62
N SER V 278 -87.57 -74.89 33.98
CA SER V 278 -86.53 -74.53 33.02
C SER V 278 -87.13 -73.79 31.83
N ILE V 279 -88.28 -74.22 31.34
CA ILE V 279 -88.92 -73.59 30.18
C ILE V 279 -89.92 -72.52 30.58
N PHE V 280 -90.11 -72.25 31.87
CA PHE V 280 -91.11 -71.28 32.28
C PHE V 280 -90.94 -69.92 31.62
N PRO V 281 -89.74 -69.36 31.48
CA PRO V 281 -89.61 -68.00 30.93
C PRO V 281 -90.13 -67.86 29.50
N TRP V 282 -90.54 -68.96 28.87
CA TRP V 282 -91.02 -68.92 27.49
C TRP V 282 -92.54 -68.84 27.39
N ILE V 283 -93.24 -68.65 28.49
CA ILE V 283 -94.70 -68.55 28.43
C ILE V 283 -95.13 -67.32 27.65
N SER V 284 -94.55 -66.17 27.98
CA SER V 284 -95.00 -64.91 27.38
C SER V 284 -94.60 -64.84 25.91
N ILE V 285 -93.40 -65.31 25.58
CA ILE V 285 -92.94 -65.25 24.20
C ILE V 285 -93.83 -66.12 23.31
N LEU V 286 -94.09 -67.36 23.73
CA LEU V 286 -94.92 -68.24 22.91
C LEU V 286 -96.34 -67.72 22.81
N ARG V 287 -96.93 -67.25 23.92
CA ARG V 287 -98.29 -66.74 23.82
C ARG V 287 -98.37 -65.53 22.91
N PHE V 288 -97.41 -64.61 23.02
CA PHE V 288 -97.42 -63.44 22.16
C PHE V 288 -97.27 -63.83 20.70
N LEU V 289 -96.34 -64.74 20.39
CA LEU V 289 -96.13 -65.13 19.00
C LEU V 289 -97.36 -65.83 18.45
N TYR V 290 -98.00 -66.67 19.25
CA TYR V 290 -99.21 -67.34 18.78
C TYR V 290 -100.33 -66.35 18.53
N ARG V 291 -100.47 -65.35 19.41
CA ARG V 291 -101.53 -64.36 19.21
C ARG V 291 -101.29 -63.54 17.96
N VAL V 292 -100.05 -63.12 17.72
CA VAL V 292 -99.77 -62.30 16.55
C VAL V 292 -99.96 -63.10 15.27
N SER V 293 -99.39 -64.32 15.22
CA SER V 293 -99.52 -65.14 14.03
C SER V 293 -100.96 -65.53 13.74
N ASN V 294 -101.82 -65.54 14.76
CA ASN V 294 -103.23 -65.87 14.55
C ASN V 294 -103.92 -64.87 13.65
N ARG V 295 -103.41 -63.65 13.57
CA ARG V 295 -104.00 -62.57 12.77
C ARG V 295 -103.15 -62.22 11.56
N LEU V 296 -102.42 -63.20 11.02
CA LEU V 296 -101.62 -62.98 9.84
C LEU V 296 -102.44 -62.99 8.55
N ASN V 297 -103.69 -63.44 8.60
CA ASN V 297 -104.52 -63.55 7.40
C ASN V 297 -105.38 -62.30 7.20
N ARG V 298 -106.24 -61.98 8.16
CA ARG V 298 -107.16 -60.87 7.98
C ARG V 298 -106.42 -59.54 7.91
N LEU V 299 -105.39 -59.36 8.74
CA LEU V 299 -104.64 -58.11 8.70
C LEU V 299 -103.85 -57.99 7.40
N ASP V 300 -103.85 -56.78 6.85
CA ASP V 300 -103.15 -56.52 5.59
C ASP V 300 -101.68 -56.25 5.87
N GLY V 301 -100.96 -55.76 4.84
CA GLY V 301 -99.53 -55.53 5.00
C GLY V 301 -99.21 -54.41 5.97
N TYR V 302 -99.96 -53.30 5.91
CA TYR V 302 -99.70 -52.14 6.75
C TYR V 302 -100.40 -52.24 8.10
N GLU V 303 -101.62 -52.78 8.13
CA GLU V 303 -102.31 -52.96 9.40
C GLU V 303 -101.54 -53.90 10.31
N PHE V 304 -100.87 -54.90 9.75
CA PHE V 304 -100.03 -55.78 10.55
C PHE V 304 -98.87 -55.01 11.18
N LEU V 305 -98.22 -54.16 10.40
CA LEU V 305 -97.12 -53.37 10.91
C LEU V 305 -97.58 -52.44 12.03
N THR V 306 -98.72 -51.79 11.85
CA THR V 306 -99.24 -50.93 12.91
C THR V 306 -99.64 -51.74 14.13
N PHE V 307 -100.17 -52.95 13.93
CA PHE V 307 -100.57 -53.79 15.06
C PHE V 307 -99.37 -54.19 15.90
N ILE V 308 -98.27 -54.59 15.26
CA ILE V 308 -97.08 -54.94 16.03
C ILE V 308 -96.50 -53.69 16.69
N TYR V 309 -96.52 -52.56 15.98
CA TYR V 309 -95.88 -51.36 16.52
C TYR V 309 -96.53 -50.92 17.83
N SER V 310 -97.81 -51.20 18.03
CA SER V 310 -98.47 -50.79 19.25
C SER V 310 -97.97 -51.55 20.47
N PHE V 311 -97.32 -52.70 20.28
CA PHE V 311 -96.81 -53.48 21.40
C PHE V 311 -95.42 -53.04 21.85
N THR V 312 -94.73 -52.22 21.08
CA THR V 312 -93.42 -51.75 21.50
C THR V 312 -93.49 -50.88 22.74
N ASN V 313 -94.68 -50.36 23.07
CA ASN V 313 -94.88 -49.52 24.24
C ASN V 313 -95.33 -50.32 25.45
N HIS V 314 -95.37 -51.64 25.36
CA HIS V 314 -95.79 -52.47 26.48
C HIS V 314 -94.83 -52.31 27.64
N GLY V 315 -95.37 -52.24 28.85
CA GLY V 315 -94.53 -52.03 30.03
C GLY V 315 -93.77 -53.26 30.48
N ASP V 316 -94.20 -54.43 30.07
CA ASP V 316 -93.56 -55.66 30.51
C ASP V 316 -92.23 -55.84 29.81
N PRO V 317 -91.11 -55.96 30.52
CA PRO V 317 -89.82 -56.09 29.82
C PRO V 317 -89.75 -57.27 28.87
N LYS V 318 -90.37 -58.41 29.21
CA LYS V 318 -90.30 -59.59 28.35
C LYS V 318 -91.13 -59.39 27.08
N ILE V 319 -92.39 -58.96 27.26
CA ILE V 319 -93.27 -58.79 26.11
C ILE V 319 -92.78 -57.67 25.23
N ARG V 320 -92.42 -56.53 25.82
CA ARG V 320 -91.87 -55.44 25.02
C ARG V 320 -90.54 -55.81 24.40
N GLY V 321 -89.74 -56.66 25.05
CA GLY V 321 -88.49 -57.08 24.46
C GLY V 321 -88.71 -57.89 23.19
N ILE V 322 -89.62 -58.85 23.23
CA ILE V 322 -89.87 -59.62 22.02
C ILE V 322 -90.56 -58.78 20.96
N ALA V 323 -91.47 -57.88 21.37
CA ALA V 323 -92.15 -57.05 20.40
C ALA V 323 -91.18 -56.13 19.68
N VAL V 324 -90.27 -55.49 20.42
CA VAL V 324 -89.30 -54.61 19.80
C VAL V 324 -88.21 -55.38 19.07
N THR V 325 -87.96 -56.64 19.44
CA THR V 325 -87.04 -57.46 18.67
C THR V 325 -87.64 -57.80 17.30
N ALA V 326 -88.91 -58.18 17.28
CA ALA V 326 -89.54 -58.54 16.01
C ALA V 326 -89.82 -57.32 15.15
N PHE V 327 -90.11 -56.17 15.78
CA PHE V 327 -90.46 -54.98 15.01
C PHE V 327 -89.31 -54.46 14.17
N THR V 328 -88.06 -54.67 14.57
CA THR V 328 -86.94 -54.21 13.76
C THR V 328 -86.93 -54.88 12.40
N GLU V 329 -86.99 -56.21 12.38
CA GLU V 329 -86.96 -56.90 11.10
C GLU V 329 -88.27 -56.76 10.36
N VAL V 330 -89.39 -56.60 11.08
CA VAL V 330 -90.66 -56.40 10.39
C VAL V 330 -90.69 -55.04 9.71
N VAL V 331 -90.05 -54.03 10.29
CA VAL V 331 -90.05 -52.69 9.71
C VAL V 331 -88.94 -52.47 8.70
N LYS V 332 -87.90 -53.31 8.69
CA LYS V 332 -86.84 -53.11 7.70
C LYS V 332 -87.36 -53.03 6.26
N PRO V 333 -88.26 -53.91 5.81
CA PRO V 333 -88.74 -53.79 4.43
C PRO V 333 -89.42 -52.47 4.11
N TYR V 334 -90.15 -51.91 5.07
CA TYR V 334 -90.77 -50.60 4.86
C TYR V 334 -89.71 -49.53 4.64
N TYR V 335 -88.64 -49.58 5.44
CA TYR V 335 -87.54 -48.64 5.24
C TYR V 335 -86.81 -48.89 3.93
N ASN V 336 -86.80 -50.13 3.44
CA ASN V 336 -86.23 -50.39 2.12
C ASN V 336 -87.08 -49.75 1.02
N ILE V 337 -88.41 -49.82 1.15
CA ILE V 337 -89.27 -49.13 0.20
C ILE V 337 -88.96 -47.63 0.23
N VAL V 338 -88.85 -47.07 1.42
CA VAL V 338 -88.57 -45.64 1.53
C VAL V 338 -87.19 -45.32 0.96
N GLU V 339 -86.22 -46.22 1.15
CA GLU V 339 -84.89 -45.98 0.62
C GLU V 339 -84.91 -45.93 -0.90
N HIS V 340 -85.56 -46.90 -1.54
CA HIS V 340 -85.65 -46.89 -2.99
C HIS V 340 -86.37 -45.65 -3.48
N TRP V 341 -87.44 -45.25 -2.80
CA TRP V 341 -88.17 -44.07 -3.23
C TRP V 341 -87.34 -42.80 -3.07
N ILE V 342 -86.59 -42.70 -1.97
CA ILE V 342 -85.83 -41.48 -1.69
C ILE V 342 -84.65 -41.34 -2.64
N VAL V 343 -83.89 -42.41 -2.83
CA VAL V 343 -82.60 -42.29 -3.50
C VAL V 343 -82.78 -42.26 -5.02
N LYS V 344 -83.35 -43.33 -5.58
CA LYS V 344 -83.47 -43.40 -7.06
C LYS V 344 -84.78 -42.73 -7.52
N GLY V 345 -85.81 -42.77 -6.67
CA GLY V 345 -87.12 -42.23 -7.08
C GLY V 345 -87.91 -43.28 -7.80
N GLU V 346 -88.18 -44.41 -7.15
CA GLU V 346 -89.03 -45.46 -7.77
C GLU V 346 -89.89 -46.15 -6.71
N LEU V 347 -91.01 -46.73 -7.13
CA LEU V 347 -91.95 -47.36 -6.21
C LEU V 347 -91.84 -48.87 -6.34
N ILE V 348 -91.71 -49.55 -5.20
CA ILE V 348 -91.44 -50.98 -5.17
C ILE V 348 -92.65 -51.79 -4.76
N ASP V 349 -93.40 -51.32 -3.75
CA ASP V 349 -94.48 -52.11 -3.19
C ASP V 349 -95.57 -52.36 -4.22
N ASN V 350 -95.73 -53.62 -4.65
CA ASN V 350 -96.82 -53.97 -5.54
C ASN V 350 -98.15 -53.98 -4.80
N ASN V 351 -98.13 -54.31 -3.50
CA ASN V 351 -99.32 -54.28 -2.67
C ASN V 351 -99.49 -52.89 -2.06
N ASN V 352 -100.69 -52.65 -1.52
CA ASN V 352 -101.03 -51.36 -0.93
C ASN V 352 -100.54 -51.34 0.51
N GLU V 353 -99.27 -50.97 0.67
CA GLU V 353 -98.65 -50.90 1.99
C GLU V 353 -97.72 -49.70 2.12
N PHE V 354 -98.01 -48.62 1.38
CA PHE V 354 -97.16 -47.45 1.41
C PHE V 354 -98.03 -46.22 1.23
N PHE V 355 -97.53 -45.07 1.67
CA PHE V 355 -98.27 -43.81 1.61
C PHE V 355 -97.99 -43.01 0.35
N ILE V 356 -97.49 -43.66 -0.71
CA ILE V 356 -97.31 -43.04 -2.02
C ILE V 356 -97.75 -44.06 -3.06
N ILE V 357 -98.52 -43.61 -4.04
CA ILE V 357 -99.11 -44.50 -5.05
C ILE V 357 -99.08 -43.79 -6.41
N PHE V 358 -99.49 -44.52 -7.45
CA PHE V 358 -99.54 -44.01 -8.82
C PHE V 358 -100.95 -44.14 -9.36
N ASP V 359 -101.18 -43.45 -10.48
CA ASP V 359 -102.45 -43.51 -11.22
C ASP V 359 -102.14 -43.64 -12.70
N GLN V 360 -102.14 -44.87 -13.22
CA GLN V 360 -101.85 -45.05 -14.64
C GLN V 360 -102.91 -44.42 -15.53
N GLU V 361 -104.15 -44.34 -15.05
CA GLU V 361 -105.23 -43.80 -15.88
C GLU V 361 -105.06 -42.31 -16.13
N GLN V 362 -104.36 -41.62 -15.25
CA GLN V 362 -104.18 -40.18 -15.40
C GLN V 362 -103.29 -39.87 -16.60
N ASN V 363 -103.51 -38.69 -17.19
CA ASN V 363 -102.80 -38.28 -18.40
C ASN V 363 -102.05 -36.96 -18.20
N GLU V 364 -101.53 -36.72 -16.99
CA GLU V 364 -100.71 -35.55 -16.72
C GLU V 364 -99.79 -35.85 -15.55
N PHE V 365 -98.57 -35.31 -15.61
CA PHE V 365 -97.55 -35.71 -14.63
C PHE V 365 -97.97 -35.36 -13.21
N ASN V 366 -98.39 -34.12 -12.99
CA ASN V 366 -98.52 -33.63 -11.62
C ASN V 366 -99.55 -34.42 -10.81
N SER V 367 -100.45 -35.16 -11.48
CA SER V 367 -101.52 -35.86 -10.79
C SER V 367 -101.46 -37.38 -10.96
N ILE V 368 -100.45 -37.92 -11.65
CA ILE V 368 -100.28 -39.37 -11.65
C ILE V 368 -99.88 -39.86 -10.27
N ILE V 369 -99.09 -39.08 -9.53
CA ILE V 369 -98.63 -39.44 -8.20
C ILE V 369 -99.44 -38.66 -7.18
N LYS V 370 -99.97 -39.37 -6.18
CA LYS V 370 -100.73 -38.73 -5.12
C LYS V 370 -100.35 -39.36 -3.78
N LEU V 371 -100.51 -38.57 -2.72
CA LEU V 371 -100.18 -38.99 -1.37
C LEU V 371 -101.42 -39.53 -0.67
N LEU V 372 -101.18 -40.38 0.35
CA LEU V 372 -102.25 -40.96 1.16
C LEU V 372 -102.00 -40.56 2.60
N PRO V 373 -102.58 -39.45 3.06
CA PRO V 373 -102.29 -38.98 4.43
C PRO V 373 -102.73 -39.94 5.52
N LYS V 374 -103.67 -40.84 5.23
CA LYS V 374 -104.14 -41.77 6.25
C LYS V 374 -103.13 -42.86 6.55
N LYS V 375 -102.30 -43.22 5.57
CA LYS V 375 -101.38 -44.35 5.71
C LYS V 375 -99.99 -43.93 6.16
N ILE V 376 -99.77 -42.66 6.47
CA ILE V 376 -98.45 -42.20 6.91
C ILE V 376 -98.17 -42.83 8.27
N PRO V 377 -97.10 -43.60 8.44
CA PRO V 377 -96.82 -44.21 9.73
C PRO V 377 -96.35 -43.19 10.76
N ALA V 378 -96.46 -43.57 12.03
CA ALA V 378 -96.05 -42.68 13.11
C ALA V 378 -94.54 -42.60 13.24
N PHE V 379 -93.82 -43.65 12.86
CA PHE V 379 -92.37 -43.69 13.05
C PHE V 379 -91.62 -43.01 11.91
N ILE V 380 -92.31 -42.53 10.88
CA ILE V 380 -91.66 -41.83 9.77
C ILE V 380 -91.75 -40.33 10.02
N LYS V 381 -90.75 -39.61 9.54
CA LYS V 381 -90.65 -38.17 9.75
C LYS V 381 -90.41 -37.47 8.42
N SER V 382 -90.89 -36.23 8.32
CA SER V 382 -90.72 -35.42 7.12
C SER V 382 -91.29 -36.13 5.88
N SER V 383 -92.49 -36.69 6.05
CA SER V 383 -93.13 -37.40 4.94
C SER V 383 -93.42 -36.47 3.77
N ASP V 384 -93.90 -35.25 4.06
CA ASP V 384 -94.24 -34.32 3.00
C ASP V 384 -93.03 -33.86 2.22
N LYS V 385 -91.83 -34.08 2.75
CA LYS V 385 -90.59 -33.83 2.02
C LYS V 385 -90.13 -35.06 1.25
N ILE V 386 -90.38 -36.26 1.79
CA ILE V 386 -90.10 -37.48 1.06
C ILE V 386 -90.88 -37.51 -0.24
N PHE V 387 -92.15 -37.13 -0.17
CA PHE V 387 -92.98 -37.15 -1.38
C PHE V 387 -92.42 -36.23 -2.45
N GLN V 388 -92.01 -35.02 -2.06
CA GLN V 388 -91.49 -34.08 -3.05
C GLN V 388 -90.15 -34.54 -3.60
N ILE V 389 -89.29 -35.13 -2.75
CA ILE V 389 -88.01 -35.64 -3.25
C ILE V 389 -88.25 -36.71 -4.30
N GLY V 390 -89.16 -37.65 -4.02
CA GLY V 390 -89.40 -38.71 -4.97
C GLY V 390 -90.03 -38.22 -6.26
N LYS V 391 -91.02 -37.32 -6.16
CA LYS V 391 -91.65 -36.80 -7.36
C LYS V 391 -90.65 -36.06 -8.22
N THR V 392 -89.78 -35.25 -7.61
CA THR V 392 -88.83 -34.45 -8.42
C THR V 392 -87.82 -35.41 -9.06
N LEU V 393 -87.43 -36.46 -8.35
CA LEU V 393 -86.48 -37.47 -8.90
C LEU V 393 -87.10 -38.12 -10.14
N ILE V 394 -88.34 -38.61 -10.03
CA ILE V 394 -89.04 -39.21 -11.20
C ILE V 394 -89.02 -38.18 -12.34
N PHE V 395 -89.45 -36.94 -12.07
CA PHE V 395 -89.49 -35.92 -13.11
C PHE V 395 -88.13 -35.75 -13.75
N LEU V 396 -87.06 -35.70 -12.95
CA LEU V 396 -85.74 -35.44 -13.52
C LEU V 396 -85.26 -36.61 -14.36
N ASN V 397 -85.42 -37.84 -13.87
CA ASN V 397 -84.79 -38.97 -14.55
C ASN V 397 -85.69 -39.63 -15.59
N LYS V 398 -86.92 -39.15 -15.79
CA LYS V 398 -87.77 -39.72 -16.83
C LYS V 398 -88.35 -38.72 -17.82
N TYR V 399 -88.44 -37.43 -17.47
CA TYR V 399 -88.92 -36.42 -18.40
C TYR V 399 -87.81 -35.53 -18.92
N CYS V 400 -87.02 -34.92 -18.04
CA CYS V 400 -85.86 -34.16 -18.49
C CYS V 400 -84.74 -35.06 -18.98
N ARG V 401 -84.76 -36.34 -18.63
CA ARG V 401 -83.76 -37.31 -19.07
C ARG V 401 -82.35 -36.84 -18.72
N GLU V 402 -82.19 -36.27 -17.52
CA GLU V 402 -80.88 -35.86 -17.02
C GLU V 402 -80.32 -37.00 -16.17
N LEU V 403 -79.87 -38.06 -16.86
CA LEU V 403 -79.38 -39.25 -16.18
C LEU V 403 -78.04 -39.06 -15.50
N LYS V 404 -77.19 -38.18 -16.03
CA LYS V 404 -75.84 -38.02 -15.49
C LYS V 404 -75.87 -37.52 -14.06
N TRP V 405 -76.59 -36.43 -13.81
CA TRP V 405 -76.64 -35.88 -12.46
C TRP V 405 -77.43 -36.78 -11.52
N VAL V 406 -78.47 -37.45 -12.02
CA VAL V 406 -79.20 -38.38 -11.18
C VAL V 406 -78.28 -39.50 -10.72
N ASN V 407 -77.45 -40.03 -11.61
CA ASN V 407 -76.51 -41.07 -11.21
C ASN V 407 -75.50 -40.55 -10.21
N GLN V 408 -74.99 -39.33 -10.43
CA GLN V 408 -74.02 -38.78 -9.49
C GLN V 408 -74.65 -38.61 -8.11
N TYR V 409 -75.88 -38.11 -8.07
CA TYR V 409 -76.63 -37.98 -6.82
C TYR V 409 -76.85 -39.34 -6.16
N ASN V 410 -77.23 -40.34 -6.95
CA ASN V 410 -77.45 -41.68 -6.42
C ASN V 410 -76.19 -42.20 -5.73
N VAL V 411 -75.03 -42.05 -6.38
CA VAL V 411 -73.80 -42.52 -5.76
C VAL V 411 -73.51 -41.72 -4.49
N LYS V 412 -73.69 -40.40 -4.54
CA LYS V 412 -73.31 -39.56 -3.42
C LYS V 412 -74.10 -39.93 -2.18
N TYR V 413 -75.41 -40.12 -2.33
CA TYR V 413 -76.24 -40.37 -1.15
C TYR V 413 -76.35 -41.86 -0.80
N SER V 414 -76.00 -42.76 -1.72
CA SER V 414 -75.81 -44.15 -1.31
C SER V 414 -74.55 -44.30 -0.48
N ALA V 415 -73.53 -43.47 -0.74
CA ALA V 415 -72.33 -43.50 0.09
C ALA V 415 -72.58 -43.00 1.51
N ILE V 416 -73.73 -42.38 1.77
CA ILE V 416 -74.11 -42.00 3.12
C ILE V 416 -75.09 -43.00 3.73
N LEU V 417 -76.05 -43.48 2.96
CA LEU V 417 -77.00 -44.42 3.56
C LEU V 417 -76.38 -45.79 3.83
N PHE V 418 -75.53 -46.29 2.93
CA PHE V 418 -75.06 -47.66 3.03
C PHE V 418 -73.61 -47.81 3.45
N ASN V 419 -72.80 -46.76 3.31
CA ASN V 419 -71.40 -46.81 3.72
C ASN V 419 -71.15 -46.11 5.05
N ASN V 420 -71.57 -44.86 5.19
CA ASN V 420 -71.45 -44.18 6.48
C ASN V 420 -72.33 -44.85 7.52
N HIS V 421 -73.55 -45.21 7.16
CA HIS V 421 -74.49 -45.91 8.03
C HIS V 421 -74.84 -47.26 7.39
N GLN V 422 -75.77 -47.97 8.01
CA GLN V 422 -76.15 -49.31 7.57
C GLN V 422 -77.59 -49.35 7.09
N GLY V 423 -78.11 -48.22 6.63
CA GLY V 423 -79.47 -48.12 6.14
C GLY V 423 -80.29 -47.15 6.96
N LEU V 424 -81.53 -46.95 6.51
CA LEU V 424 -82.42 -46.03 7.21
C LEU V 424 -82.76 -46.53 8.61
N ALA V 425 -82.85 -47.84 8.80
CA ALA V 425 -83.14 -48.37 10.12
C ALA V 425 -82.03 -48.02 11.10
N SER V 426 -80.78 -48.13 10.66
CA SER V 426 -79.64 -47.82 11.52
C SER V 426 -79.30 -46.33 11.45
N MET V 427 -80.30 -45.52 11.79
CA MET V 427 -80.16 -44.07 11.78
C MET V 427 -81.10 -43.47 12.82
N THR V 428 -80.55 -42.66 13.71
CA THR V 428 -81.38 -41.97 14.68
C THR V 428 -82.24 -40.91 13.98
N THR V 429 -83.39 -40.61 14.60
CA THR V 429 -84.37 -39.76 13.95
C THR V 429 -83.79 -38.39 13.59
N ASN V 430 -82.93 -37.85 14.47
CA ASN V 430 -82.33 -36.55 14.19
C ASN V 430 -81.50 -36.59 12.91
N GLU V 431 -80.64 -37.60 12.76
CA GLU V 431 -79.80 -37.69 11.59
C GLU V 431 -80.62 -38.00 10.35
N MET V 432 -81.67 -38.81 10.49
CA MET V 432 -82.53 -39.12 9.36
C MET V 432 -83.22 -37.86 8.84
N ILE V 433 -83.75 -37.04 9.75
CA ILE V 433 -84.37 -35.79 9.34
C ILE V 433 -83.35 -34.88 8.67
N LYS V 434 -82.15 -34.81 9.24
CA LYS V 434 -81.12 -33.95 8.64
C LYS V 434 -80.77 -34.42 7.22
N LEU V 435 -80.66 -35.74 7.03
CA LEU V 435 -80.35 -36.27 5.71
C LEU V 435 -81.45 -35.92 4.71
N ILE V 436 -82.70 -36.08 5.12
CA ILE V 436 -83.80 -35.77 4.20
C ILE V 436 -83.81 -34.28 3.87
N ASP V 437 -83.51 -33.42 4.85
CA ASP V 437 -83.46 -32.00 4.58
C ASP V 437 -82.36 -31.66 3.57
N SER V 438 -81.19 -32.28 3.73
CA SER V 438 -80.11 -32.02 2.78
C SER V 438 -80.50 -32.46 1.39
N GLN V 439 -81.11 -33.65 1.27
CA GLN V 439 -81.54 -34.12 -0.04
C GLN V 439 -82.56 -33.17 -0.65
N TYR V 440 -83.50 -32.69 0.16
CA TYR V 440 -84.54 -31.79 -0.35
C TYR V 440 -83.92 -30.51 -0.91
N ASN V 441 -83.00 -29.89 -0.15
CA ASN V 441 -82.38 -28.66 -0.62
C ASN V 441 -81.61 -28.91 -1.91
N GLU V 442 -80.82 -29.98 -1.96
CA GLU V 442 -80.03 -30.27 -3.15
C GLU V 442 -80.94 -30.49 -4.37
N ILE V 443 -82.00 -31.27 -4.19
CA ILE V 443 -82.87 -31.62 -5.31
C ILE V 443 -83.56 -30.38 -5.85
N LEU V 444 -84.10 -29.54 -4.96
CA LEU V 444 -84.79 -28.36 -5.48
C LEU V 444 -83.80 -27.35 -6.07
N THR V 445 -82.57 -27.30 -5.55
CA THR V 445 -81.57 -26.43 -6.17
C THR V 445 -81.31 -26.87 -7.61
N PHE V 446 -81.14 -28.17 -7.83
CA PHE V 446 -80.90 -28.62 -9.21
C PHE V 446 -82.14 -28.47 -10.07
N LEU V 447 -83.33 -28.69 -9.52
CA LEU V 447 -84.54 -28.49 -10.31
C LEU V 447 -84.67 -27.05 -10.77
N THR V 448 -84.35 -26.10 -9.91
CA THR V 448 -84.32 -24.70 -10.35
C THR V 448 -83.26 -24.50 -11.42
N GLN V 449 -82.05 -25.01 -11.18
CA GLN V 449 -80.96 -24.79 -12.14
C GLN V 449 -81.27 -25.37 -13.51
N ILE V 450 -82.19 -26.31 -13.60
CA ILE V 450 -82.62 -26.80 -14.91
C ILE V 450 -83.77 -25.95 -15.43
N ILE V 451 -84.90 -25.94 -14.69
CA ILE V 451 -86.14 -25.39 -15.22
C ILE V 451 -86.00 -23.90 -15.51
N GLN V 452 -85.49 -23.12 -14.55
CA GLN V 452 -85.29 -21.70 -14.78
C GLN V 452 -83.92 -21.38 -15.32
N GLY V 453 -83.09 -22.41 -15.51
CA GLY V 453 -81.79 -22.30 -16.11
C GLY V 453 -81.83 -22.66 -17.59
N ASN V 454 -81.47 -23.91 -17.90
CA ASN V 454 -81.36 -24.32 -19.30
C ASN V 454 -82.68 -24.13 -20.04
N ASN V 455 -83.80 -24.36 -19.38
CA ASN V 455 -85.10 -24.22 -20.02
C ASN V 455 -85.52 -22.76 -20.18
N LYS V 456 -85.08 -21.88 -19.27
CA LYS V 456 -85.44 -20.47 -19.29
C LYS V 456 -86.96 -20.31 -19.21
N LEU V 457 -87.50 -20.71 -18.06
CA LEU V 457 -88.94 -20.67 -17.85
C LEU V 457 -89.49 -19.26 -17.98
N PHE V 458 -88.81 -18.28 -17.38
CA PHE V 458 -89.32 -16.92 -17.39
C PHE V 458 -89.38 -16.37 -18.81
N THR V 459 -88.36 -16.65 -19.62
CA THR V 459 -88.35 -16.15 -20.99
C THR V 459 -89.52 -16.70 -21.79
N HIS V 460 -89.82 -18.00 -21.62
CA HIS V 460 -90.91 -18.58 -22.38
C HIS V 460 -92.27 -18.13 -21.86
N VAL V 461 -92.39 -17.88 -20.56
CA VAL V 461 -93.63 -17.29 -20.06
C VAL V 461 -93.82 -15.89 -20.62
N TYR V 462 -92.73 -15.12 -20.69
CA TYR V 462 -92.80 -13.80 -21.28
C TYR V 462 -93.23 -13.89 -22.75
N ASN V 463 -92.70 -14.86 -23.49
CA ASN V 463 -93.09 -15.01 -24.89
C ASN V 463 -94.55 -15.44 -25.01
N PHE V 464 -95.02 -16.29 -24.10
CA PHE V 464 -96.44 -16.62 -24.06
C PHE V 464 -97.28 -15.37 -23.92
N LYS V 465 -96.91 -14.50 -22.98
CA LYS V 465 -97.65 -13.25 -22.81
C LYS V 465 -97.50 -12.35 -24.03
N ARG V 466 -96.33 -12.38 -24.67
CA ARG V 466 -96.10 -11.52 -25.82
C ARG V 466 -96.99 -11.89 -27.00
N PHE V 467 -97.16 -13.18 -27.25
CA PHE V 467 -97.88 -13.63 -28.44
C PHE V 467 -99.36 -13.90 -28.17
N TYR V 468 -99.69 -14.64 -27.11
CA TYR V 468 -101.08 -14.96 -26.84
C TYR V 468 -101.87 -13.73 -26.42
N PHE V 469 -101.27 -12.85 -25.61
CA PHE V 469 -101.96 -11.66 -25.11
C PHE V 469 -101.74 -10.45 -26.01
N MET V 470 -101.43 -10.67 -27.29
CA MET V 470 -101.55 -9.69 -28.36
C MET V 470 -100.47 -8.61 -28.31
N GLU V 471 -99.45 -8.77 -27.47
CA GLU V 471 -98.57 -7.63 -27.19
C GLU V 471 -97.88 -7.13 -28.44
N THR V 472 -97.35 -8.04 -29.25
CA THR V 472 -96.65 -7.64 -30.49
C THR V 472 -97.72 -7.37 -31.56
N ASN V 473 -98.32 -6.18 -31.46
CA ASN V 473 -99.42 -5.86 -32.35
C ASN V 473 -98.97 -5.77 -33.80
N ASP V 474 -97.69 -5.48 -34.05
CA ASP V 474 -97.22 -5.36 -35.42
C ASP V 474 -97.32 -6.70 -36.15
N PHE V 475 -96.96 -7.79 -35.47
CA PHE V 475 -97.02 -9.11 -36.07
C PHE V 475 -98.44 -9.46 -36.47
N ILE V 476 -99.39 -9.15 -35.60
CA ILE V 476 -100.79 -9.50 -35.86
C ILE V 476 -101.37 -8.61 -36.96
N ASP V 477 -100.97 -7.33 -36.99
CA ASP V 477 -101.37 -6.49 -38.10
C ASP V 477 -100.82 -7.03 -39.41
N ALA V 478 -99.59 -7.54 -39.40
CA ALA V 478 -99.02 -8.13 -40.60
C ALA V 478 -99.81 -9.37 -41.02
N ILE V 479 -100.19 -10.20 -40.05
CA ILE V 479 -100.96 -11.40 -40.38
C ILE V 479 -102.30 -11.00 -41.00
N MET V 480 -102.97 -10.01 -40.41
CA MET V 480 -104.30 -9.65 -40.88
C MET V 480 -104.24 -8.99 -42.25
N VAL V 481 -103.24 -8.14 -42.49
CA VAL V 481 -103.14 -7.50 -43.79
C VAL V 481 -102.75 -8.51 -44.86
N LYS V 482 -101.87 -9.47 -44.52
CA LYS V 482 -101.48 -10.48 -45.50
C LYS V 482 -102.59 -11.49 -45.74
N GLY V 483 -103.32 -11.86 -44.71
CA GLY V 483 -104.36 -12.88 -44.84
C GLY V 483 -105.75 -12.31 -44.98
N LYS V 484 -105.86 -11.05 -45.40
CA LYS V 484 -107.16 -10.41 -45.50
C LYS V 484 -108.07 -11.09 -46.51
N ASP V 485 -107.51 -11.86 -47.45
CA ASP V 485 -108.30 -12.59 -48.44
C ASP V 485 -108.45 -14.06 -48.08
N VAL V 486 -107.44 -14.67 -47.46
CA VAL V 486 -107.54 -16.08 -47.07
C VAL V 486 -108.60 -16.25 -46.00
N PHE V 487 -108.64 -15.34 -45.02
CA PHE V 487 -109.60 -15.48 -43.93
C PHE V 487 -111.04 -15.22 -44.36
N ASN V 488 -111.23 -14.58 -45.52
CA ASN V 488 -112.59 -14.27 -45.96
C ASN V 488 -113.39 -15.54 -46.23
N GLU V 489 -112.77 -16.55 -46.84
CA GLU V 489 -113.49 -17.76 -47.19
C GLU V 489 -113.73 -18.61 -45.94
N SER V 490 -114.61 -19.60 -46.09
CA SER V 490 -115.02 -20.43 -44.96
C SER V 490 -113.84 -21.22 -44.42
N SER V 491 -113.94 -21.62 -43.15
CA SER V 491 -112.86 -22.30 -42.47
C SER V 491 -112.52 -23.64 -43.13
N VAL V 492 -113.44 -24.23 -43.88
CA VAL V 492 -113.14 -25.51 -44.52
C VAL V 492 -112.26 -25.32 -45.75
N ASN V 493 -112.33 -24.16 -46.40
CA ASN V 493 -111.57 -23.94 -47.62
C ASN V 493 -110.09 -23.71 -47.36
N ILE V 494 -109.74 -23.10 -46.22
CA ILE V 494 -108.35 -22.78 -45.94
C ILE V 494 -107.55 -24.06 -45.77
N SER V 495 -106.45 -24.17 -46.50
CA SER V 495 -105.59 -25.34 -46.47
C SER V 495 -104.30 -25.03 -45.71
N SER V 496 -103.49 -26.08 -45.50
CA SER V 496 -102.26 -25.91 -44.73
C SER V 496 -101.26 -25.03 -45.47
N THR V 497 -101.14 -25.20 -46.78
CA THR V 497 -100.15 -24.43 -47.52
C THR V 497 -100.45 -22.94 -47.49
N TYR V 498 -101.73 -22.56 -47.56
CA TYR V 498 -102.07 -21.15 -47.51
C TYR V 498 -101.77 -20.57 -46.13
N LEU V 499 -102.02 -21.34 -45.08
CA LEU V 499 -101.67 -20.89 -43.74
C LEU V 499 -100.17 -20.69 -43.61
N ARG V 500 -99.38 -21.62 -44.14
CA ARG V 500 -97.92 -21.48 -44.05
C ARG V 500 -97.45 -20.26 -44.83
N LYS V 501 -98.01 -20.03 -46.01
CA LYS V 501 -97.63 -18.85 -46.78
C LYS V 501 -97.97 -17.58 -46.03
N VAL V 502 -99.17 -17.53 -45.43
CA VAL V 502 -99.59 -16.34 -44.70
C VAL V 502 -98.65 -16.09 -43.52
N LEU V 503 -98.36 -17.15 -42.75
CA LEU V 503 -97.52 -16.99 -41.57
C LEU V 503 -96.11 -16.54 -41.96
N GLN V 504 -95.55 -17.14 -43.00
CA GLN V 504 -94.19 -16.76 -43.40
C GLN V 504 -94.15 -15.31 -43.89
N ASP V 505 -95.13 -14.91 -44.69
CA ASP V 505 -95.16 -13.53 -45.17
C ASP V 505 -95.30 -12.55 -44.01
N ALA V 506 -96.16 -12.88 -43.05
CA ALA V 506 -96.33 -12.00 -41.90
C ALA V 506 -95.09 -11.93 -41.04
N ILE V 507 -94.35 -13.04 -40.93
CA ILE V 507 -93.10 -13.03 -40.17
C ILE V 507 -92.08 -12.14 -40.86
N GLN V 508 -91.97 -12.24 -42.18
CA GLN V 508 -91.02 -11.39 -42.89
C GLN V 508 -91.39 -9.91 -42.79
N ILE V 509 -92.67 -9.58 -42.90
CA ILE V 509 -93.07 -8.17 -42.90
C ILE V 509 -92.82 -7.54 -41.54
N SER V 510 -93.21 -8.23 -40.47
CA SER V 510 -93.19 -7.66 -39.13
C SER V 510 -91.77 -7.73 -38.54
N SER V 511 -91.65 -7.38 -37.27
CA SER V 511 -90.37 -7.35 -36.58
C SER V 511 -90.03 -8.68 -35.91
N VAL V 512 -90.87 -9.70 -36.04
CA VAL V 512 -90.58 -10.99 -35.46
C VAL V 512 -89.51 -11.76 -36.20
N LYS V 513 -89.18 -11.36 -37.43
CA LYS V 513 -88.15 -12.06 -38.18
C LYS V 513 -86.81 -12.00 -37.49
N ASN V 514 -86.59 -11.02 -36.63
CA ASN V 514 -85.38 -10.94 -35.81
C ASN V 514 -85.56 -11.56 -34.44
N PHE V 515 -86.76 -12.07 -34.14
CA PHE V 515 -87.02 -12.63 -32.82
C PHE V 515 -86.23 -13.92 -32.63
N GLU V 516 -85.78 -14.13 -31.39
CA GLU V 516 -84.89 -15.25 -31.12
C GLU V 516 -85.55 -16.58 -31.44
N TYR V 517 -86.80 -16.75 -31.03
CA TYR V 517 -87.50 -18.03 -31.16
C TYR V 517 -88.55 -17.98 -32.26
N VAL V 518 -88.23 -17.29 -33.36
CA VAL V 518 -89.18 -17.19 -34.47
C VAL V 518 -89.54 -18.56 -35.02
N ASP V 519 -88.67 -19.55 -34.83
CA ASP V 519 -88.97 -20.89 -35.34
C ASP V 519 -90.17 -21.49 -34.61
N ARG V 520 -90.27 -21.27 -33.30
CA ARG V 520 -91.30 -21.92 -32.51
C ARG V 520 -92.71 -21.52 -32.91
N LEU V 521 -92.87 -20.38 -33.59
CA LEU V 521 -94.20 -19.91 -33.94
C LEU V 521 -94.85 -20.84 -34.95
N ASP V 522 -96.15 -21.08 -34.78
CA ASP V 522 -96.90 -21.92 -35.68
C ASP V 522 -98.38 -21.58 -35.58
N SER V 523 -99.04 -21.45 -36.74
CA SER V 523 -100.48 -21.10 -36.83
C SER V 523 -101.27 -22.38 -37.03
N ARG V 524 -102.59 -22.35 -36.78
CA ARG V 524 -103.47 -23.53 -36.94
C ARG V 524 -104.90 -23.01 -37.06
N VAL V 525 -105.85 -23.88 -37.42
CA VAL V 525 -107.31 -23.54 -37.40
C VAL V 525 -107.86 -24.60 -36.46
N LEU V 526 -108.68 -24.23 -35.47
CA LEU V 526 -109.15 -25.17 -34.45
C LEU V 526 -110.33 -26.00 -34.96
N ASN V 527 -111.44 -25.36 -35.27
CA ASN V 527 -112.67 -26.05 -35.65
C ASN V 527 -113.06 -25.66 -37.07
N PRO V 528 -112.68 -26.44 -38.08
CA PRO V 528 -113.03 -26.10 -39.48
C PRO V 528 -114.48 -26.44 -39.80
N GLN V 529 -115.40 -25.65 -39.23
CA GLN V 529 -116.82 -25.79 -39.52
C GLN V 529 -117.20 -24.96 -40.74
N HIS V 530 -118.26 -25.38 -41.41
CA HIS V 530 -118.72 -24.67 -42.60
C HIS V 530 -119.20 -23.27 -42.26
N GLY V 531 -119.88 -23.12 -41.13
CA GLY V 531 -120.43 -21.84 -40.73
C GLY V 531 -119.46 -20.89 -40.06
N ASN V 532 -118.20 -21.28 -39.89
CA ASN V 532 -117.19 -20.45 -39.28
C ASN V 532 -116.25 -19.91 -40.34
N LEU V 533 -116.05 -18.59 -40.35
CA LEU V 533 -115.13 -17.97 -41.28
C LEU V 533 -113.70 -18.08 -40.76
N GLY V 534 -112.75 -17.60 -41.55
CA GLY V 534 -111.36 -17.65 -41.13
C GLY V 534 -111.09 -16.82 -39.89
N TRP V 535 -111.72 -15.66 -39.79
CA TRP V 535 -111.48 -14.77 -38.66
C TRP V 535 -111.90 -15.40 -37.35
N GLU V 536 -112.87 -16.30 -37.38
CA GLU V 536 -113.43 -16.89 -36.16
C GLU V 536 -112.74 -18.18 -35.76
N SER V 537 -111.69 -18.59 -36.47
CA SER V 537 -111.00 -19.85 -36.17
C SER V 537 -109.49 -19.74 -36.08
N PHE V 538 -108.87 -18.75 -36.71
CA PHE V 538 -107.41 -18.67 -36.71
C PHE V 538 -106.90 -18.47 -35.29
N THR V 539 -105.86 -19.22 -34.93
CA THR V 539 -105.22 -19.11 -33.62
C THR V 539 -103.72 -19.32 -33.78
N ILE V 540 -102.95 -18.48 -33.11
CA ILE V 540 -101.49 -18.59 -33.12
C ILE V 540 -101.07 -19.46 -31.95
N GLU V 541 -100.17 -20.43 -32.19
CA GLU V 541 -99.73 -21.46 -31.21
C GLU V 541 -98.22 -21.37 -31.02
N TYR V 542 -97.73 -21.17 -29.79
CA TYR V 542 -96.30 -21.10 -29.45
C TYR V 542 -95.87 -22.48 -28.98
N LYS V 543 -95.01 -23.13 -29.77
CA LYS V 543 -94.61 -24.50 -29.50
C LYS V 543 -93.52 -24.54 -28.43
N ILE V 544 -93.83 -25.17 -27.31
CA ILE V 544 -92.85 -25.43 -26.26
C ILE V 544 -92.70 -26.92 -25.99
N ASP V 545 -93.17 -27.75 -26.92
CA ASP V 545 -93.10 -29.20 -26.72
C ASP V 545 -91.67 -29.72 -26.64
N ASP V 546 -90.71 -29.00 -27.22
CA ASP V 546 -89.33 -29.47 -27.21
C ASP V 546 -88.69 -29.44 -25.83
N LEU V 547 -89.34 -28.81 -24.85
CA LEU V 547 -88.77 -28.68 -23.51
C LEU V 547 -89.56 -29.51 -22.51
N PRO V 548 -88.94 -29.94 -21.41
CA PRO V 548 -89.70 -30.64 -20.37
C PRO V 548 -90.74 -29.75 -19.70
N MET V 549 -90.63 -28.43 -19.87
CA MET V 549 -91.60 -27.53 -19.28
C MET V 549 -93.01 -27.82 -19.76
N SER V 550 -93.15 -28.38 -20.96
CA SER V 550 -94.48 -28.60 -21.51
C SER V 550 -95.28 -29.60 -20.67
N TYR V 551 -94.60 -30.48 -19.94
CA TYR V 551 -95.30 -31.45 -19.10
C TYR V 551 -95.86 -30.81 -17.84
N LEU V 552 -95.24 -29.74 -17.36
CA LEU V 552 -95.78 -29.03 -16.22
C LEU V 552 -97.08 -28.32 -16.59
N PHE V 553 -97.12 -27.71 -17.77
CA PHE V 553 -98.26 -26.91 -18.20
C PHE V 553 -99.33 -27.84 -18.76
N GLU V 554 -100.35 -28.14 -17.96
CA GLU V 554 -101.43 -29.01 -18.37
C GLU V 554 -102.28 -28.35 -19.46
N GLY V 555 -103.04 -29.18 -20.18
CA GLY V 555 -103.80 -28.69 -21.31
C GLY V 555 -104.85 -27.65 -20.94
N HIS V 556 -105.34 -27.68 -19.70
CA HIS V 556 -106.37 -26.74 -19.29
C HIS V 556 -105.87 -25.30 -19.38
N GLN V 557 -104.63 -25.09 -18.95
CA GLN V 557 -104.04 -23.75 -19.00
C GLN V 557 -103.92 -23.26 -20.43
N HIS V 558 -103.48 -24.14 -21.34
CA HIS V 558 -103.36 -23.78 -22.75
C HIS V 558 -104.73 -23.45 -23.35
N LEU V 559 -105.77 -24.21 -22.95
CA LEU V 559 -107.11 -23.91 -23.44
C LEU V 559 -107.57 -22.53 -22.99
N GLN V 560 -107.23 -22.14 -21.76
CA GLN V 560 -107.59 -20.80 -21.21
C GLN V 560 -106.72 -19.73 -21.88
N TYR V 561 -105.54 -20.09 -22.40
CA TYR V 561 -104.64 -19.17 -23.15
C TYR V 561 -105.21 -18.95 -24.55
N LEU V 562 -105.92 -19.94 -25.12
CA LEU V 562 -106.53 -19.85 -26.47
C LEU V 562 -107.91 -19.18 -26.38
N LYS V 563 -108.62 -19.26 -25.25
CA LYS V 563 -109.88 -18.54 -25.07
C LYS V 563 -109.64 -17.03 -24.98
N MET V 564 -108.69 -16.63 -24.15
CA MET V 564 -108.43 -15.20 -23.99
C MET V 564 -107.86 -14.62 -25.27
N PHE V 565 -107.03 -15.39 -25.98
CA PHE V 565 -106.54 -14.95 -27.29
C PHE V 565 -107.69 -14.73 -28.26
N HIS V 566 -108.69 -15.62 -28.25
CA HIS V 566 -109.81 -15.45 -29.16
C HIS V 566 -110.53 -14.13 -28.91
N PHE V 567 -110.81 -13.82 -27.64
CA PHE V 567 -111.48 -12.56 -27.35
C PHE V 567 -110.65 -11.37 -27.82
N LEU V 568 -109.36 -11.37 -27.48
CA LEU V 568 -108.51 -10.25 -27.86
C LEU V 568 -108.37 -10.15 -29.38
N TRP V 569 -108.38 -11.30 -30.06
CA TRP V 569 -108.29 -11.32 -31.51
C TRP V 569 -109.50 -10.64 -32.13
N LYS V 570 -110.70 -10.89 -31.59
CA LYS V 570 -111.87 -10.19 -32.10
C LYS V 570 -111.73 -8.69 -31.92
N LEU V 571 -111.28 -8.26 -30.73
CA LEU V 571 -111.18 -6.82 -30.51
C LEU V 571 -110.20 -6.17 -31.49
N ARG V 572 -109.02 -6.78 -31.67
CA ARG V 572 -108.05 -6.16 -32.57
C ARG V 572 -108.47 -6.27 -34.04
N GLN V 573 -109.22 -7.31 -34.39
CA GLN V 573 -109.77 -7.38 -35.74
C GLN V 573 -110.64 -6.17 -36.02
N LEU V 574 -111.52 -5.82 -35.07
CA LEU V 574 -112.36 -4.65 -35.28
C LEU V 574 -111.53 -3.37 -35.31
N ASN V 575 -110.52 -3.29 -34.43
CA ASN V 575 -109.69 -2.09 -34.39
C ASN V 575 -109.02 -1.85 -35.74
N ASN V 576 -108.55 -2.90 -36.39
CA ASN V 576 -107.89 -2.74 -37.68
C ASN V 576 -108.91 -2.52 -38.81
N LEU V 577 -110.09 -3.13 -38.71
CA LEU V 577 -111.10 -2.89 -39.72
C LEU V 577 -111.49 -1.42 -39.76
N LEU V 578 -111.55 -0.77 -38.59
CA LEU V 578 -111.84 0.66 -38.60
C LEU V 578 -110.75 1.45 -39.30
N ASN V 579 -109.48 1.05 -39.16
CA ASN V 579 -108.42 1.74 -39.88
C ASN V 579 -108.58 1.60 -41.38
N TRP V 580 -108.90 0.39 -41.86
CA TRP V 580 -109.14 0.24 -43.30
C TRP V 580 -110.33 1.08 -43.75
N HIS V 581 -111.38 1.15 -42.93
CA HIS V 581 -112.51 1.99 -43.26
C HIS V 581 -112.09 3.45 -43.41
N PHE V 582 -111.28 3.93 -42.46
CA PHE V 582 -110.80 5.30 -42.51
C PHE V 582 -110.02 5.56 -43.78
N GLU V 583 -109.11 4.64 -44.13
CA GLU V 583 -108.29 4.88 -45.31
C GLU V 583 -109.14 4.90 -46.57
N MET V 584 -110.06 3.94 -46.72
CA MET V 584 -110.83 3.88 -47.96
C MET V 584 -111.74 5.09 -48.09
N PHE V 585 -112.37 5.54 -47.00
CA PHE V 585 -113.25 6.69 -47.12
C PHE V 585 -112.46 7.98 -47.34
N ASN V 586 -111.29 8.10 -46.70
CA ASN V 586 -110.47 9.29 -46.93
C ASN V 586 -110.00 9.36 -48.37
N GLU V 587 -109.60 8.22 -48.95
CA GLU V 587 -109.20 8.22 -50.36
C GLU V 587 -110.38 8.55 -51.26
N LEU V 588 -111.55 8.00 -50.96
CA LEU V 588 -112.73 8.32 -51.77
C LEU V 588 -113.05 9.80 -51.71
N ASN V 589 -112.81 10.43 -50.58
CA ASN V 589 -113.07 11.87 -50.46
C ASN V 589 -112.27 12.64 -51.51
N HIS V 590 -110.99 12.30 -51.67
CA HIS V 590 -110.18 13.02 -52.64
C HIS V 590 -110.50 12.60 -54.07
N ASN V 591 -110.88 11.34 -54.28
CA ASN V 591 -111.05 10.85 -55.65
C ASN V 591 -112.40 11.22 -56.27
N VAL V 592 -113.47 11.30 -55.48
CA VAL V 592 -114.81 11.47 -56.05
C VAL V 592 -115.48 12.75 -55.55
N VAL V 593 -115.66 12.84 -54.24
CA VAL V 593 -116.53 13.89 -53.69
C VAL V 593 -115.98 15.28 -54.04
N THR V 594 -114.68 15.48 -53.86
CA THR V 594 -114.11 16.80 -54.08
C THR V 594 -114.09 17.19 -55.56
N LYS V 595 -114.18 16.21 -56.47
CA LYS V 595 -114.21 16.47 -57.89
C LYS V 595 -115.62 16.50 -58.46
N LEU V 596 -116.64 16.27 -57.63
CA LEU V 596 -118.01 16.19 -58.10
C LEU V 596 -118.56 17.58 -58.41
N SER V 597 -119.72 17.61 -59.04
CA SER V 597 -120.38 18.87 -59.36
C SER V 597 -120.74 19.60 -58.06
N SER V 598 -120.64 20.94 -58.10
CA SER V 598 -120.87 21.73 -56.91
C SER V 598 -122.32 21.68 -56.43
N ARG V 599 -123.25 21.25 -57.30
CA ARG V 599 -124.66 21.24 -56.92
C ARG V 599 -124.92 20.24 -55.80
N ASN V 600 -124.46 19.01 -55.97
CA ASN V 600 -124.71 17.93 -55.01
C ASN V 600 -123.47 17.61 -54.18
N ARG V 601 -122.40 18.40 -54.30
CA ARG V 601 -121.21 18.14 -53.48
C ARG V 601 -121.49 18.35 -52.00
N ARG V 602 -122.25 19.39 -51.66
CA ARG V 602 -122.47 19.70 -50.25
C ARG V 602 -123.21 18.59 -49.51
N PRO V 603 -124.35 18.07 -49.98
CA PRO V 603 -125.02 17.00 -49.24
C PRO V 603 -124.14 15.76 -49.09
N LEU V 604 -123.39 15.40 -50.13
CA LEU V 604 -122.52 14.23 -50.04
C LEU V 604 -121.37 14.48 -49.08
N ALA V 605 -120.82 15.69 -49.09
CA ALA V 605 -119.78 16.04 -48.14
C ALA V 605 -120.29 15.92 -46.71
N LYS V 606 -121.50 16.41 -46.46
CA LYS V 606 -122.07 16.33 -45.11
C LYS V 606 -122.27 14.88 -44.69
N SER V 607 -122.81 14.05 -45.58
CA SER V 607 -123.03 12.65 -45.24
C SER V 607 -121.70 11.93 -44.97
N LEU V 608 -120.70 12.21 -45.79
CA LEU V 608 -119.40 11.58 -45.60
C LEU V 608 -118.78 12.00 -44.27
N SER V 609 -118.89 13.29 -43.92
CA SER V 609 -118.35 13.74 -42.65
C SER V 609 -119.06 13.07 -41.48
N ILE V 610 -120.38 12.90 -41.59
CA ILE V 610 -121.12 12.21 -40.54
C ILE V 610 -120.61 10.78 -40.38
N ILE V 611 -120.42 10.09 -41.50
CA ILE V 611 -119.96 8.70 -41.46
C ILE V 611 -118.60 8.63 -40.78
N THR V 612 -117.69 9.52 -41.18
CA THR V 612 -116.33 9.46 -40.65
C THR V 612 -116.30 9.81 -39.17
N SER V 613 -117.15 10.76 -38.73
CA SER V 613 -117.20 11.08 -37.31
C SER V 613 -117.70 9.89 -36.50
N ILE V 614 -118.68 9.14 -37.03
CA ILE V 614 -119.14 7.95 -36.35
C ILE V 614 -118.00 6.94 -36.22
N ARG V 615 -117.23 6.77 -37.31
CA ARG V 615 -116.08 5.88 -37.25
C ARG V 615 -115.10 6.32 -36.18
N PHE V 616 -114.86 7.63 -36.07
CA PHE V 616 -113.93 8.14 -35.07
C PHE V 616 -114.41 7.81 -33.66
N HIS V 617 -115.71 7.95 -33.41
CA HIS V 617 -116.24 7.61 -32.09
C HIS V 617 -115.98 6.14 -31.78
N PHE V 618 -116.26 5.26 -32.73
CA PHE V 618 -116.06 3.84 -32.50
C PHE V 618 -114.58 3.54 -32.25
N THR V 619 -113.69 4.17 -32.99
CA THR V 619 -112.26 3.95 -32.79
C THR V 619 -111.83 4.37 -31.40
N GLN V 620 -112.32 5.51 -30.92
CA GLN V 620 -111.97 5.93 -29.56
C GLN V 620 -112.43 4.91 -28.53
N PHE V 621 -113.66 4.41 -28.68
CA PHE V 621 -114.14 3.43 -27.70
C PHE V 621 -113.28 2.17 -27.70
N LEU V 622 -112.98 1.64 -28.89
CA LEU V 622 -112.19 0.42 -28.95
C LEU V 622 -110.80 0.63 -28.37
N ASN V 623 -110.18 1.77 -28.67
CA ASN V 623 -108.85 2.03 -28.15
C ASN V 623 -108.85 2.10 -26.63
N GLU V 624 -109.86 2.76 -26.04
CA GLU V 624 -109.93 2.81 -24.58
C GLU V 624 -110.10 1.41 -23.99
N LEU V 625 -110.96 0.59 -24.58
CA LEU V 625 -111.14 -0.76 -24.05
C LEU V 625 -109.83 -1.55 -24.11
N ILE V 626 -109.12 -1.47 -25.24
CA ILE V 626 -107.88 -2.21 -25.37
C ILE V 626 -106.84 -1.70 -24.38
N ALA V 627 -106.76 -0.38 -24.20
CA ALA V 627 -105.79 0.17 -23.27
C ALA V 627 -106.08 -0.32 -21.85
N TYR V 628 -107.35 -0.30 -21.45
CA TYR V 628 -107.67 -0.79 -20.11
C TYR V 628 -107.26 -2.24 -19.94
N LEU V 629 -107.68 -3.11 -20.87
CA LEU V 629 -107.32 -4.52 -20.70
C LEU V 629 -105.81 -4.69 -20.64
N SER V 630 -105.10 -4.11 -21.60
CA SER V 630 -103.68 -4.39 -21.74
C SER V 630 -102.88 -3.90 -20.55
N TYR V 631 -103.15 -2.68 -20.09
CA TYR V 631 -102.31 -2.07 -19.08
C TYR V 631 -102.93 -2.06 -17.69
N ASP V 632 -104.05 -2.75 -17.47
CA ASP V 632 -104.56 -2.93 -16.12
C ASP V 632 -104.87 -4.37 -15.77
N VAL V 633 -105.04 -5.26 -16.74
CA VAL V 633 -105.36 -6.66 -16.49
C VAL V 633 -104.16 -7.56 -16.80
N ILE V 634 -103.69 -7.54 -18.04
CA ILE V 634 -102.60 -8.43 -18.42
C ILE V 634 -101.29 -8.01 -17.76
N GLU V 635 -100.96 -6.73 -17.84
CA GLU V 635 -99.65 -6.27 -17.36
C GLU V 635 -99.60 -6.30 -15.84
N GLU V 636 -100.66 -5.81 -15.18
CA GLU V 636 -100.68 -5.84 -13.72
C GLU V 636 -100.64 -7.26 -13.20
N ASN V 637 -101.42 -8.17 -13.80
CA ASN V 637 -101.42 -9.54 -13.35
C ASN V 637 -100.05 -10.19 -13.57
N PHE V 638 -99.42 -9.93 -14.71
CA PHE V 638 -98.10 -10.50 -14.93
C PHE V 638 -97.13 -10.01 -13.87
N GLN V 639 -97.04 -8.69 -13.68
CA GLN V 639 -96.07 -8.14 -12.73
C GLN V 639 -96.39 -8.55 -11.30
N GLN V 640 -97.64 -8.87 -11.00
CA GLN V 640 -98.02 -9.16 -9.63
C GLN V 640 -97.92 -10.64 -9.30
N HIS V 641 -98.19 -11.52 -10.27
CA HIS V 641 -98.29 -12.94 -10.01
C HIS V 641 -97.11 -13.76 -10.53
N ILE V 642 -96.30 -13.22 -11.44
CA ILE V 642 -95.21 -14.01 -11.99
C ILE V 642 -93.88 -13.38 -11.56
N VAL V 643 -93.66 -12.13 -11.94
CA VAL V 643 -92.41 -11.46 -11.58
C VAL V 643 -92.27 -11.38 -10.06
N ARG V 644 -93.35 -10.98 -9.37
CA ARG V 644 -93.27 -10.78 -7.94
C ARG V 644 -93.29 -12.10 -7.16
N LYS V 645 -93.76 -13.18 -7.77
CA LYS V 645 -93.68 -14.49 -7.12
C LYS V 645 -92.31 -15.12 -7.29
N LEU V 646 -91.73 -15.00 -8.48
CA LEU V 646 -90.46 -15.68 -8.75
C LEU V 646 -89.29 -14.96 -8.09
N PHE V 647 -89.11 -13.68 -8.38
CA PHE V 647 -87.86 -12.98 -8.07
C PHE V 647 -87.91 -12.24 -6.73
N TYR V 648 -88.99 -11.55 -6.41
CA TYR V 648 -89.08 -10.91 -5.11
C TYR V 648 -89.38 -11.94 -4.03
N ASN V 649 -88.98 -11.60 -2.81
CA ASN V 649 -89.10 -12.52 -1.68
C ASN V 649 -90.56 -12.81 -1.38
N LYS V 650 -90.90 -14.09 -1.27
CA LYS V 650 -92.22 -14.48 -0.78
C LYS V 650 -92.20 -14.46 0.74
N ASN V 651 -92.18 -13.26 1.31
CA ASN V 651 -92.08 -13.11 2.76
C ASN V 651 -93.22 -13.88 3.44
N ASP V 652 -92.83 -14.66 4.46
CA ASP V 652 -93.84 -15.48 5.17
C ASP V 652 -93.51 -15.45 6.66
N GLN V 653 -94.41 -15.99 7.48
CA GLN V 653 -94.23 -16.00 8.92
C GLN V 653 -93.07 -16.88 9.36
N ASP V 654 -92.69 -17.87 8.56
CA ASP V 654 -91.54 -18.70 8.92
C ASP V 654 -90.23 -18.02 8.52
N LEU V 655 -90.24 -17.21 7.46
CA LEU V 655 -89.05 -16.43 7.11
C LEU V 655 -88.81 -15.31 8.10
N LEU V 656 -89.82 -14.95 8.89
CA LEU V 656 -89.66 -13.89 9.89
C LEU V 656 -88.66 -14.29 10.96
N LEU V 657 -88.68 -15.55 11.38
CA LEU V 657 -87.83 -16.00 12.47
C LEU V 657 -86.36 -15.98 12.07
N ASN V 658 -85.55 -15.23 12.80
CA ASN V 658 -84.10 -15.23 12.62
C ASN V 658 -83.49 -16.30 13.53
N LYS V 659 -83.16 -17.44 12.95
CA LYS V 659 -82.67 -18.58 13.73
C LYS V 659 -81.26 -18.36 14.28
N SER V 660 -80.57 -17.31 13.87
CA SER V 660 -79.19 -17.14 14.30
C SER V 660 -79.06 -16.77 15.76
N PHE V 661 -80.16 -16.68 16.51
CA PHE V 661 -80.04 -16.61 17.97
C PHE V 661 -79.49 -17.91 18.52
N MET V 662 -79.74 -19.02 17.83
CA MET V 662 -78.97 -20.24 18.06
C MET V 662 -77.57 -20.05 17.51
N ASN V 663 -76.61 -20.76 18.11
CA ASN V 663 -75.21 -20.58 17.72
C ASN V 663 -75.01 -20.93 16.24
N LEU V 664 -75.40 -22.14 15.84
CA LEU V 664 -75.41 -22.57 14.45
C LEU V 664 -74.15 -22.12 13.69
N SER V 665 -73.00 -22.50 14.22
CA SER V 665 -71.74 -22.22 13.53
C SER V 665 -71.64 -22.99 12.21
N GLU V 666 -72.23 -24.18 12.14
CA GLU V 666 -72.08 -25.05 10.98
C GLU V 666 -73.01 -24.64 9.83
N ILE V 667 -72.59 -24.97 8.61
CA ILE V 667 -73.39 -24.78 7.40
C ILE V 667 -73.39 -26.07 6.60
N ASP V 668 -74.53 -26.36 5.97
CA ASP V 668 -74.72 -27.59 5.22
C ASP V 668 -75.56 -27.32 3.99
N PRO V 669 -75.50 -28.18 2.96
CA PRO V 669 -74.60 -29.34 2.82
C PRO V 669 -73.16 -28.93 2.56
N ASN V 670 -72.96 -27.86 1.79
CA ASN V 670 -71.63 -27.37 1.50
C ASN V 670 -71.74 -26.00 0.82
N ASN V 671 -70.62 -25.27 0.80
CA ASN V 671 -70.57 -24.01 0.08
C ASN V 671 -70.72 -24.20 -1.42
N ASP V 672 -70.58 -25.43 -1.93
CA ASP V 672 -70.67 -25.68 -3.36
C ASP V 672 -72.09 -25.56 -3.90
N LEU V 673 -73.10 -25.47 -3.03
CA LEU V 673 -74.49 -25.42 -3.49
C LEU V 673 -74.89 -23.97 -3.74
N PRO V 674 -75.22 -23.58 -4.97
CA PRO V 674 -75.44 -22.16 -5.26
C PRO V 674 -76.67 -21.58 -4.57
N LYS V 675 -76.64 -20.26 -4.42
CA LYS V 675 -77.82 -19.46 -4.10
C LYS V 675 -78.24 -18.72 -5.36
N PHE V 676 -79.53 -18.81 -5.72
CA PHE V 676 -79.92 -18.71 -7.13
C PHE V 676 -80.78 -17.51 -7.50
N ASN V 677 -80.92 -16.50 -6.64
CA ASN V 677 -81.61 -15.27 -7.05
C ASN V 677 -83.08 -15.49 -7.38
N VAL V 678 -83.60 -16.70 -7.23
CA VAL V 678 -85.01 -16.98 -7.51
C VAL V 678 -85.52 -17.94 -6.45
N ASN V 679 -86.78 -17.78 -6.07
CA ASN V 679 -87.38 -18.65 -5.07
C ASN V 679 -87.38 -20.09 -5.56
N LEU V 680 -86.96 -21.02 -4.70
CA LEU V 680 -86.94 -22.43 -5.03
C LEU V 680 -88.35 -22.97 -4.96
N LEU V 681 -88.92 -23.32 -6.11
CA LEU V 681 -90.31 -23.74 -6.20
C LEU V 681 -90.40 -25.23 -6.52
N THR V 682 -91.33 -25.90 -5.86
CA THR V 682 -91.61 -27.31 -6.16
C THR V 682 -92.37 -27.43 -7.48
N ILE V 683 -92.44 -28.65 -7.99
CA ILE V 683 -93.14 -28.90 -9.25
C ILE V 683 -94.60 -28.49 -9.13
N ASP V 684 -95.27 -28.97 -8.09
CA ASP V 684 -96.65 -28.58 -7.86
C ASP V 684 -96.77 -27.07 -7.65
N GLU V 685 -95.75 -26.46 -7.06
CA GLU V 685 -95.77 -25.02 -6.88
C GLU V 685 -95.71 -24.29 -8.20
N LEU V 686 -94.89 -24.77 -9.14
CA LEU V 686 -94.82 -24.16 -10.46
C LEU V 686 -96.15 -24.29 -11.20
N VAL V 687 -96.75 -25.48 -11.13
CA VAL V 687 -98.04 -25.68 -11.79
C VAL V 687 -99.07 -24.73 -11.21
N GLU V 688 -99.14 -24.65 -9.87
CA GLU V 688 -100.11 -23.78 -9.22
C GLU V 688 -99.85 -22.32 -9.52
N LEU V 689 -98.57 -21.92 -9.59
CA LEU V 689 -98.23 -20.53 -9.88
C LEU V 689 -98.74 -20.13 -11.26
N HIS V 690 -98.45 -20.94 -12.27
CA HIS V 690 -98.90 -20.58 -13.61
C HIS V 690 -100.42 -20.67 -13.72
N GLY V 691 -101.03 -21.63 -13.03
CA GLY V 691 -102.49 -21.73 -13.06
C GLY V 691 -103.16 -20.53 -12.46
N THR V 692 -102.65 -20.04 -11.33
CA THR V 692 -103.23 -18.84 -10.73
C THR V 692 -102.99 -17.63 -11.60
N TYR V 693 -101.81 -17.53 -12.21
CA TYR V 693 -101.56 -16.38 -13.08
C TYR V 693 -102.54 -16.33 -14.24
N ILE V 694 -102.81 -17.48 -14.87
CA ILE V 694 -103.77 -17.49 -15.97
C ILE V 694 -105.18 -17.23 -15.44
N ASP V 695 -105.54 -17.85 -14.32
CA ASP V 695 -106.90 -17.73 -13.81
C ASP V 695 -107.23 -16.29 -13.46
N SER V 696 -106.26 -15.56 -12.90
CA SER V 696 -106.52 -14.17 -12.55
C SER V 696 -106.93 -13.36 -13.77
N ILE V 697 -106.25 -13.56 -14.90
CA ILE V 697 -106.60 -12.81 -16.10
C ILE V 697 -107.95 -13.26 -16.63
N ILE V 698 -108.14 -14.57 -16.78
CA ILE V 698 -109.38 -15.01 -17.46
C ILE V 698 -110.60 -14.73 -16.60
N ASN V 699 -110.46 -14.79 -15.27
CA ASN V 699 -111.58 -14.57 -14.36
C ASN V 699 -111.51 -13.19 -13.71
N SER V 700 -111.07 -12.18 -14.45
CA SER V 700 -111.00 -10.84 -13.91
C SER V 700 -112.41 -10.30 -13.66
N SER V 701 -112.47 -9.08 -13.11
CA SER V 701 -113.77 -8.48 -12.81
C SER V 701 -114.60 -8.30 -14.07
N LEU V 702 -113.98 -7.79 -15.14
CA LEU V 702 -114.71 -7.55 -16.38
C LEU V 702 -115.00 -8.84 -17.14
N LEU V 703 -114.10 -9.81 -17.08
CA LEU V 703 -114.21 -11.02 -17.88
C LEU V 703 -114.96 -12.15 -17.18
N ASN V 704 -115.47 -11.92 -15.98
CA ASN V 704 -116.22 -12.96 -15.29
C ASN V 704 -117.59 -13.14 -15.95
N GLU V 705 -118.24 -14.26 -15.60
CA GLU V 705 -119.57 -14.56 -16.11
C GLU V 705 -120.67 -13.99 -15.22
N LYS V 706 -120.32 -13.36 -14.10
CA LYS V 706 -121.31 -12.78 -13.21
C LYS V 706 -122.03 -11.62 -13.87
N THR V 712 -129.17 -5.83 -14.38
CA THR V 712 -129.81 -6.26 -15.63
C THR V 712 -129.74 -7.77 -15.80
N ASN V 713 -129.15 -8.45 -14.83
CA ASN V 713 -129.01 -9.91 -14.87
C ASN V 713 -128.22 -10.36 -16.09
N ILE V 714 -127.32 -9.51 -16.59
CA ILE V 714 -126.46 -9.85 -17.71
C ILE V 714 -125.03 -9.50 -17.34
N SER V 715 -124.08 -10.19 -17.96
CA SER V 715 -122.68 -10.01 -17.69
C SER V 715 -122.09 -8.90 -18.54
N TYR V 716 -120.93 -8.38 -18.11
CA TYR V 716 -120.26 -7.33 -18.85
C TYR V 716 -119.82 -7.82 -20.23
N ILE V 717 -119.41 -9.09 -20.32
CA ILE V 717 -118.93 -9.63 -21.59
C ILE V 717 -120.04 -9.58 -22.64
N ASP V 718 -121.27 -9.91 -22.24
CA ASP V 718 -122.37 -9.88 -23.20
C ASP V 718 -122.61 -8.48 -23.74
N GLN V 719 -122.56 -7.47 -22.86
CA GLN V 719 -122.74 -6.10 -23.31
C GLN V 719 -121.63 -5.68 -24.26
N ILE V 720 -120.39 -6.04 -23.93
CA ILE V 720 -119.27 -5.69 -24.80
C ILE V 720 -119.45 -6.34 -26.16
N PHE V 721 -119.84 -7.62 -26.18
CA PHE V 721 -120.03 -8.32 -27.44
C PHE V 721 -121.18 -7.71 -28.24
N ASN V 722 -122.22 -7.23 -27.55
CA ASN V 722 -123.30 -6.54 -28.25
C ASN V 722 -122.80 -5.28 -28.94
N ILE V 723 -121.96 -4.50 -28.25
CA ILE V 723 -121.38 -3.32 -28.88
C ILE V 723 -120.51 -3.71 -30.06
N LEU V 724 -119.77 -4.81 -29.94
CA LEU V 724 -118.94 -5.27 -31.05
C LEU V 724 -119.80 -5.65 -32.25
N GLN V 725 -120.94 -6.30 -32.01
CA GLN V 725 -121.86 -6.60 -33.10
C GLN V 725 -122.40 -5.32 -33.74
N THR V 726 -122.64 -4.29 -32.92
CA THR V 726 -123.04 -3.01 -33.48
C THR V 726 -121.99 -2.48 -34.43
N ILE V 727 -120.72 -2.56 -34.05
CA ILE V 727 -119.64 -2.07 -34.91
C ILE V 727 -119.57 -2.90 -36.19
N PHE V 728 -119.74 -4.22 -36.07
CA PHE V 728 -119.73 -5.06 -37.27
C PHE V 728 -120.83 -4.64 -38.24
N ASN V 729 -122.04 -4.40 -37.72
CA ASN V 729 -123.13 -3.96 -38.57
C ASN V 729 -122.80 -2.63 -39.23
N PHE V 730 -122.18 -1.73 -38.46
CA PHE V 730 -121.81 -0.44 -39.01
C PHE V 730 -120.86 -0.59 -40.18
N ILE V 731 -119.84 -1.45 -40.04
CA ILE V 731 -118.89 -1.64 -41.13
C ILE V 731 -119.58 -2.21 -42.35
N ASN V 732 -120.43 -3.22 -42.15
CA ASN V 732 -121.07 -3.86 -43.29
C ASN V 732 -121.95 -2.87 -44.05
N THR V 733 -122.67 -2.00 -43.33
CA THR V 733 -123.51 -1.01 -44.00
C THR V 733 -122.67 0.08 -44.66
N SER V 734 -121.56 0.46 -44.03
CA SER V 734 -120.71 1.48 -44.64
C SER V 734 -120.12 1.00 -45.95
N GLN V 735 -119.92 -0.31 -46.10
CA GLN V 735 -119.45 -0.81 -47.39
C GLN V 735 -120.50 -0.57 -48.47
N GLU V 736 -121.77 -0.78 -48.16
CA GLU V 736 -122.84 -0.48 -49.12
C GLU V 736 -122.86 1.00 -49.45
N PHE V 737 -122.69 1.86 -48.45
CA PHE V 737 -122.61 3.29 -48.73
C PHE V 737 -121.44 3.59 -49.65
N TYR V 738 -120.30 2.93 -49.45
CA TYR V 738 -119.15 3.11 -50.31
C TYR V 738 -119.50 2.79 -51.76
N SER V 739 -120.16 1.65 -51.98
CA SER V 739 -120.49 1.26 -53.34
C SER V 739 -121.48 2.23 -53.98
N LEU V 740 -122.46 2.70 -53.20
CA LEU V 740 -123.44 3.63 -53.76
C LEU V 740 -122.80 4.95 -54.13
N VAL V 741 -121.92 5.49 -53.28
CA VAL V 741 -121.32 6.78 -53.59
C VAL V 741 -120.36 6.65 -54.78
N CYS V 742 -119.64 5.54 -54.87
CA CYS V 742 -118.75 5.40 -56.04
C CYS V 742 -119.59 5.26 -57.31
N THR V 743 -120.79 4.69 -57.23
CA THR V 743 -121.73 4.58 -58.39
C THR V 743 -122.26 5.99 -58.71
N PHE V 744 -122.38 6.87 -57.71
CA PHE V 744 -122.79 8.29 -57.89
C PHE V 744 -121.66 9.00 -58.62
N GLY V 745 -120.41 8.75 -58.22
CA GLY V 745 -119.24 9.35 -58.87
C GLY V 745 -119.17 8.91 -60.31
N LEU V 746 -119.42 7.62 -60.60
CA LEU V 746 -119.35 7.13 -61.97
C LEU V 746 -120.41 7.76 -62.86
N LEU V 747 -121.58 8.08 -62.33
CA LEU V 747 -122.62 8.65 -63.17
C LEU V 747 -122.16 9.96 -63.80
N VAL V 748 -121.52 10.82 -63.01
CA VAL V 748 -121.04 12.10 -63.52
C VAL V 748 -119.71 11.91 -64.24
N GLN V 761 -132.15 10.59 -64.72
CA GLN V 761 -133.14 10.09 -63.77
C GLN V 761 -132.48 9.23 -62.70
N ASP V 762 -131.33 8.65 -63.03
CA ASP V 762 -130.63 7.81 -62.06
C ASP V 762 -130.05 8.62 -60.91
N GLN V 763 -129.76 9.90 -61.12
CA GLN V 763 -129.19 10.72 -60.06
C GLN V 763 -130.15 10.83 -58.88
N GLU V 764 -131.45 11.03 -59.15
CA GLU V 764 -132.41 11.15 -58.06
C GLU V 764 -132.53 9.84 -57.30
N ASP V 765 -132.55 8.71 -58.00
CA ASP V 765 -132.62 7.42 -57.32
C ASP V 765 -131.41 7.19 -56.44
N LEU V 766 -130.22 7.49 -56.97
CA LEU V 766 -129.00 7.30 -56.17
C LEU V 766 -128.99 8.24 -54.97
N GLU V 767 -129.43 9.48 -55.14
CA GLU V 767 -129.47 10.40 -54.02
C GLU V 767 -130.46 9.92 -52.96
N PHE V 768 -131.60 9.39 -53.38
CA PHE V 768 -132.56 8.85 -52.42
C PHE V 768 -131.97 7.68 -51.66
N GLN V 769 -131.27 6.79 -52.36
CA GLN V 769 -130.64 5.66 -51.68
C GLN V 769 -129.54 6.13 -50.73
N LEU V 770 -128.79 7.16 -51.12
CA LEU V 770 -127.78 7.72 -50.23
C LEU V 770 -128.42 8.28 -48.96
N HIS V 771 -129.52 9.01 -49.10
CA HIS V 771 -130.21 9.52 -47.92
C HIS V 771 -130.72 8.38 -47.05
N LYS V 772 -131.25 7.32 -47.67
CA LYS V 772 -131.75 6.19 -46.91
C LYS V 772 -130.63 5.52 -46.11
N ILE V 773 -129.47 5.31 -46.76
CA ILE V 773 -128.36 4.66 -46.08
C ILE V 773 -127.84 5.54 -44.94
N LYS V 774 -127.71 6.84 -45.21
CA LYS V 774 -127.26 7.75 -44.16
C LYS V 774 -128.22 7.75 -42.98
N ARG V 775 -129.53 7.76 -43.27
CA ARG V 775 -130.51 7.71 -42.19
C ARG V 775 -130.37 6.42 -41.40
N LYS V 776 -130.24 5.29 -42.08
CA LYS V 776 -130.13 4.02 -41.36
C LYS V 776 -128.92 4.05 -40.43
N ILE V 777 -127.75 4.39 -40.97
CA ILE V 777 -126.53 4.33 -40.16
C ILE V 777 -126.59 5.34 -39.02
N TYR V 778 -127.00 6.58 -39.31
CA TYR V 778 -126.99 7.60 -38.27
C TYR V 778 -128.01 7.32 -37.19
N LYS V 779 -129.26 7.02 -37.57
CA LYS V 779 -130.28 6.80 -36.56
C LYS V 779 -130.14 5.43 -35.93
N ASP V 780 -130.42 4.36 -36.67
CA ASP V 780 -130.50 3.05 -36.03
C ASP V 780 -129.18 2.69 -35.37
N ILE V 781 -128.14 2.44 -36.18
CA ILE V 781 -126.92 1.83 -35.67
C ILE V 781 -126.30 2.68 -34.57
N TYR V 782 -126.15 3.97 -34.83
CA TYR V 782 -125.49 4.84 -33.85
C TYR V 782 -126.45 5.29 -32.76
N GLN V 783 -127.45 6.09 -33.12
CA GLN V 783 -128.29 6.72 -32.11
C GLN V 783 -129.14 5.70 -31.37
N HIS V 784 -129.80 4.81 -32.12
CA HIS V 784 -130.74 3.91 -31.48
C HIS V 784 -130.04 2.77 -30.74
N ASP V 785 -128.91 2.30 -31.26
CA ASP V 785 -128.24 1.13 -30.71
C ASP V 785 -126.99 1.48 -29.92
N TYR V 786 -126.02 2.16 -30.55
CA TYR V 786 -124.71 2.32 -29.90
C TYR V 786 -124.82 3.19 -28.66
N LYS V 787 -125.46 4.34 -28.76
CA LYS V 787 -125.52 5.24 -27.63
C LYS V 787 -126.34 4.63 -26.49
N ARG V 788 -127.43 3.93 -26.81
CA ARG V 788 -128.23 3.27 -25.79
C ARG V 788 -127.43 2.19 -25.07
N GLN V 789 -126.76 1.32 -25.84
CA GLN V 789 -125.98 0.26 -25.22
C GLN V 789 -124.84 0.82 -24.38
N LEU V 790 -124.17 1.87 -24.88
CA LEU V 790 -123.07 2.45 -24.12
C LEU V 790 -123.58 3.12 -22.84
N ASN V 791 -124.75 3.76 -22.89
CA ASN V 791 -125.32 4.34 -21.68
C ASN V 791 -125.61 3.25 -20.65
N ASP V 792 -126.21 2.14 -21.09
CA ASP V 792 -126.50 1.06 -20.16
C ASP V 792 -125.22 0.49 -19.58
N LEU V 793 -124.19 0.31 -20.41
CA LEU V 793 -122.93 -0.23 -19.93
C LEU V 793 -122.26 0.71 -18.93
N LYS V 794 -122.27 2.02 -19.22
CA LYS V 794 -121.67 2.98 -18.31
C LYS V 794 -122.39 2.98 -16.97
N ASN V 795 -123.73 2.93 -16.99
CA ASN V 795 -124.44 2.87 -15.72
C ASN V 795 -124.13 1.56 -14.98
N ASP V 796 -123.98 0.46 -15.72
CA ASP V 796 -123.65 -0.80 -15.07
C ASP V 796 -122.30 -0.74 -14.38
N LEU V 797 -121.31 -0.10 -15.02
CA LEU V 797 -119.96 -0.11 -14.47
C LEU V 797 -119.89 0.67 -13.16
N ASN V 798 -120.65 1.76 -13.05
CA ASN V 798 -120.56 2.62 -11.86
C ASN V 798 -120.92 1.88 -10.58
N ARG V 799 -121.69 0.79 -10.67
CA ARG V 799 -122.02 0.01 -9.50
C ARG V 799 -120.82 -0.70 -8.89
N ASP V 800 -119.70 -0.79 -9.61
CA ASP V 800 -118.50 -1.47 -9.15
C ASP V 800 -117.43 -0.44 -8.84
N TYR V 801 -116.78 -0.60 -7.69
CA TYR V 801 -115.70 0.31 -7.32
C TYR V 801 -114.53 0.22 -8.29
N ASN V 802 -114.17 -1.00 -8.69
CA ASN V 802 -112.99 -1.16 -9.54
C ASN V 802 -113.19 -0.52 -10.91
N LEU V 803 -114.38 -0.68 -11.49
CA LEU V 803 -114.63 -0.27 -12.86
C LEU V 803 -115.17 1.15 -12.98
N LYS V 804 -115.31 1.87 -11.87
CA LYS V 804 -115.79 3.26 -11.94
C LYS V 804 -114.82 4.12 -12.74
N ASP V 805 -113.52 3.95 -12.48
CA ASP V 805 -112.51 4.71 -13.20
C ASP V 805 -112.58 4.44 -14.69
N LEU V 806 -112.71 3.17 -15.07
CA LEU V 806 -112.85 2.84 -16.49
C LEU V 806 -114.12 3.45 -17.06
N SER V 807 -115.20 3.44 -16.28
CA SER V 807 -116.46 3.98 -16.76
C SER V 807 -116.33 5.46 -17.10
N LYS V 808 -115.57 6.21 -16.29
CA LYS V 808 -115.43 7.63 -16.59
C LYS V 808 -114.79 7.85 -17.95
N LEU V 809 -113.78 7.05 -18.31
CA LEU V 809 -113.14 7.18 -19.61
C LEU V 809 -113.95 6.47 -20.69
N LEU V 810 -114.11 5.16 -20.55
CA LEU V 810 -114.81 4.36 -21.54
C LEU V 810 -116.29 4.74 -21.56
N ASN W 231 -112.86 -1.20 61.91
CA ASN W 231 -112.91 -0.82 60.47
C ASN W 231 -111.68 -1.33 59.73
N ILE W 232 -111.84 -1.60 58.44
CA ILE W 232 -110.73 -2.07 57.62
C ILE W 232 -109.72 -0.92 57.45
N ALA W 233 -108.44 -1.25 57.50
CA ALA W 233 -107.39 -0.26 57.38
C ALA W 233 -107.43 0.42 56.02
N THR W 234 -107.25 1.74 56.02
CA THR W 234 -107.07 2.49 54.77
C THR W 234 -105.61 2.41 54.34
N THR W 235 -105.39 2.36 53.03
CA THR W 235 -104.04 2.26 52.49
C THR W 235 -103.93 3.12 51.24
N THR W 236 -102.68 3.46 50.87
CA THR W 236 -102.39 4.37 49.73
C THR W 236 -102.93 3.74 48.43
N LYS W 237 -102.89 2.41 48.27
CA LYS W 237 -103.40 1.76 47.08
C LYS W 237 -104.92 1.65 47.12
N SER W 238 -105.57 1.94 46.00
CA SER W 238 -107.03 2.00 45.92
C SER W 238 -107.60 0.59 45.88
N ARG W 239 -108.27 0.18 46.96
CA ARG W 239 -108.81 -1.17 47.07
C ARG W 239 -109.90 -1.41 46.03
N GLU W 240 -110.87 -0.49 45.97
CA GLU W 240 -111.98 -0.64 45.05
C GLU W 240 -111.50 -0.61 43.60
N GLU W 241 -110.46 0.17 43.30
CA GLU W 241 -109.90 0.17 41.95
C GLU W 241 -109.39 -1.21 41.57
N GLU W 242 -108.67 -1.86 42.49
CA GLU W 242 -108.16 -3.19 42.21
C GLU W 242 -109.29 -4.19 41.96
N LEU W 243 -110.31 -4.16 42.82
CA LEU W 243 -111.43 -5.08 42.63
C LEU W 243 -112.14 -4.81 41.30
N ASN W 244 -112.34 -3.53 40.97
CA ASN W 244 -113.02 -3.18 39.72
C ASN W 244 -112.23 -3.64 38.51
N LYS W 245 -110.91 -3.48 38.54
CA LYS W 245 -110.09 -3.94 37.44
C LYS W 245 -110.15 -5.45 37.29
N ARG W 246 -110.18 -6.17 38.42
CA ARG W 246 -110.33 -7.62 38.34
C ARG W 246 -111.66 -8.00 37.69
N ILE W 247 -112.74 -7.32 38.05
CA ILE W 247 -114.03 -7.64 37.45
C ILE W 247 -114.02 -7.35 35.96
N VAL W 248 -113.44 -6.23 35.54
CA VAL W 248 -113.42 -5.91 34.11
C VAL W 248 -112.64 -6.97 33.34
N ASN W 249 -111.51 -7.43 33.91
CA ASN W 249 -110.66 -8.47 33.26
C ASN W 249 -111.41 -9.79 33.24
N TYR W 250 -112.32 -10.03 34.19
CA TYR W 250 -113.15 -11.26 34.26
C TYR W 250 -114.32 -11.12 33.29
N LYS W 251 -114.71 -9.91 32.90
CA LYS W 251 -115.79 -9.67 31.90
C LYS W 251 -115.21 -9.82 30.49
N ILE W 252 -113.92 -9.50 30.26
CA ILE W 252 -113.30 -9.73 28.96
C ILE W 252 -113.11 -11.21 28.71
N GLN W 253 -112.60 -11.95 29.71
CA GLN W 253 -112.41 -13.38 29.50
C GLN W 253 -113.74 -14.08 29.23
N LEU W 254 -114.79 -13.72 29.97
CA LEU W 254 -116.07 -14.38 29.77
C LEU W 254 -116.59 -14.14 28.36
N LYS W 255 -116.54 -12.90 27.89
CA LYS W 255 -117.14 -12.59 26.60
C LYS W 255 -116.33 -13.20 25.46
N LEU W 256 -115.00 -13.18 25.57
CA LEU W 256 -114.20 -13.83 24.53
C LEU W 256 -114.48 -15.33 24.50
N MET W 257 -114.60 -15.96 25.68
CA MET W 257 -114.91 -17.38 25.71
C MET W 257 -116.28 -17.66 25.10
N LYS W 258 -117.26 -16.80 25.37
CA LYS W 258 -118.58 -16.99 24.77
C LYS W 258 -118.53 -16.89 23.26
N ASN W 259 -117.79 -15.92 22.74
CA ASN W 259 -117.69 -15.81 21.28
C ASN W 259 -117.05 -17.05 20.69
N PHE W 260 -115.99 -17.55 21.34
CA PHE W 260 -115.34 -18.75 20.82
C PHE W 260 -116.29 -19.94 20.85
N LEU W 261 -117.05 -20.11 21.94
CA LEU W 261 -117.97 -21.22 22.02
C LEU W 261 -119.07 -21.10 20.98
N GLN W 262 -119.52 -19.88 20.70
CA GLN W 262 -120.51 -19.71 19.63
C GLN W 262 -119.93 -20.11 18.28
N GLU W 263 -118.69 -19.74 18.02
CA GLU W 263 -118.06 -20.17 16.76
C GLU W 263 -117.90 -21.68 16.72
N LEU W 264 -117.69 -22.31 17.87
CA LEU W 264 -117.49 -23.76 17.91
C LEU W 264 -118.80 -24.52 17.76
N ILE W 265 -119.88 -24.01 18.35
CA ILE W 265 -121.14 -24.75 18.39
C ILE W 265 -121.80 -24.76 17.02
N ASP W 266 -121.79 -23.63 16.33
CA ASP W 266 -122.58 -23.48 15.10
C ASP W 266 -122.07 -24.35 13.96
N ARG W 267 -120.86 -24.90 14.07
CA ARG W 267 -120.33 -25.77 13.03
C ARG W 267 -120.78 -27.21 13.28
N ARG X 239 -118.84 -2.41 52.44
CA ARG X 239 -119.51 -2.30 51.11
C ARG X 239 -118.86 -3.20 50.07
N GLU X 240 -117.53 -3.28 50.09
CA GLU X 240 -116.81 -4.03 49.07
C GLU X 240 -117.10 -5.52 49.10
N GLU X 241 -117.83 -6.01 50.11
CA GLU X 241 -118.24 -7.41 50.14
C GLU X 241 -118.98 -7.75 48.85
N GLU X 242 -119.79 -6.80 48.36
CA GLU X 242 -120.61 -7.04 47.18
C GLU X 242 -119.73 -7.26 45.94
N LEU X 243 -118.67 -6.47 45.80
CA LEU X 243 -117.76 -6.70 44.68
C LEU X 243 -117.10 -8.08 44.78
N ASN X 244 -116.67 -8.48 45.97
CA ASN X 244 -116.06 -9.79 46.12
C ASN X 244 -117.04 -10.90 45.76
N LYS X 245 -118.30 -10.73 46.15
CA LYS X 245 -119.33 -11.72 45.84
C LYS X 245 -119.50 -11.85 44.34
N ARG X 246 -119.54 -10.72 43.63
CA ARG X 246 -119.66 -10.78 42.18
C ARG X 246 -118.42 -11.40 41.55
N ILE X 247 -117.24 -11.12 42.10
CA ILE X 247 -116.00 -11.71 41.60
C ILE X 247 -116.08 -13.24 41.67
N VAL X 248 -116.51 -13.76 42.82
CA VAL X 248 -116.55 -15.21 42.95
C VAL X 248 -117.63 -15.80 42.03
N ASN X 249 -118.75 -15.10 41.86
CA ASN X 249 -119.78 -15.57 40.95
C ASN X 249 -119.23 -15.70 39.53
N TYR X 250 -118.47 -14.70 39.08
CA TYR X 250 -117.88 -14.78 37.75
C TYR X 250 -116.77 -15.83 37.66
N LYS X 251 -116.08 -16.09 38.77
CA LYS X 251 -115.14 -17.21 38.77
C LYS X 251 -115.86 -18.52 38.47
N ILE X 252 -117.00 -18.74 39.13
CA ILE X 252 -117.76 -19.96 38.89
C ILE X 252 -118.26 -20.01 37.45
N GLN X 253 -118.75 -18.88 36.94
CA GLN X 253 -119.27 -18.88 35.57
C GLN X 253 -118.17 -19.20 34.55
N LEU X 254 -116.98 -18.63 34.74
CA LEU X 254 -115.87 -18.94 33.84
C LEU X 254 -115.50 -20.42 33.92
N LYS X 255 -115.47 -20.97 35.13
CA LYS X 255 -115.15 -22.39 35.26
C LYS X 255 -116.19 -23.24 34.54
N LEU X 256 -117.46 -22.87 34.66
CA LEU X 256 -118.51 -23.61 33.96
C LEU X 256 -118.31 -23.55 32.46
N MET X 257 -117.96 -22.37 31.93
CA MET X 257 -117.75 -22.27 30.49
C MET X 257 -116.61 -23.17 30.03
N LYS X 258 -115.52 -23.18 30.79
CA LYS X 258 -114.39 -24.03 30.40
C LYS X 258 -114.77 -25.50 30.46
N ASN X 259 -115.52 -25.90 31.49
CA ASN X 259 -115.99 -27.29 31.56
C ASN X 259 -116.90 -27.62 30.38
N PHE X 260 -117.70 -26.65 29.94
CA PHE X 260 -118.52 -26.86 28.75
C PHE X 260 -117.65 -27.14 27.53
N LEU X 261 -116.58 -26.37 27.37
CA LEU X 261 -115.68 -26.62 26.24
C LEU X 261 -115.11 -28.03 26.32
N GLN X 262 -114.66 -28.44 27.51
CA GLN X 262 -114.07 -29.77 27.64
C GLN X 262 -115.10 -30.86 27.34
N GLU X 263 -116.34 -30.70 27.83
CA GLU X 263 -117.38 -31.67 27.54
C GLU X 263 -117.62 -31.78 26.04
N LEU X 264 -117.76 -30.63 25.37
CA LEU X 264 -118.05 -30.64 23.95
C LEU X 264 -116.93 -31.33 23.17
N ILE X 265 -115.67 -31.02 23.51
CA ILE X 265 -114.56 -31.62 22.79
C ILE X 265 -114.50 -33.13 23.05
N ASP X 266 -114.72 -33.54 24.30
CA ASP X 266 -114.71 -34.97 24.60
C ASP X 266 -115.79 -35.70 23.82
N ARG X 267 -116.98 -35.12 23.73
CA ARG X 267 -118.06 -35.80 23.01
C ARG X 267 -117.81 -35.84 21.51
N ASN X 268 -117.26 -34.77 20.94
CA ASN X 268 -116.97 -34.79 19.51
C ASN X 268 -115.90 -35.81 19.17
N ASN X 269 -114.96 -36.06 20.07
CA ASN X 269 -113.97 -37.12 19.88
C ASN X 269 -114.59 -38.48 20.22
N GLY Y 3 -35.67 119.68 5.54
CA GLY Y 3 -35.98 120.49 4.32
C GLY Y 3 -34.77 121.23 3.80
N GLU Y 4 -34.87 121.72 2.57
CA GLU Y 4 -33.76 122.42 1.93
C GLU Y 4 -33.64 123.84 2.45
N THR Y 5 -32.44 124.40 2.33
CA THR Y 5 -32.14 125.75 2.79
C THR Y 5 -31.54 126.57 1.64
N ILE Y 6 -31.84 127.86 1.64
CA ILE Y 6 -31.34 128.79 0.62
C ILE Y 6 -30.46 129.82 1.31
N THR Y 7 -29.26 130.02 0.77
CA THR Y 7 -28.29 130.96 1.33
C THR Y 7 -28.31 132.24 0.51
N LEU Y 8 -28.34 133.38 1.20
CA LEU Y 8 -28.27 134.69 0.57
C LEU Y 8 -27.02 135.40 1.05
N GLN Y 9 -26.20 135.85 0.10
CA GLN Y 9 -24.96 136.57 0.40
C GLN Y 9 -25.09 137.99 -0.10
N VAL Y 10 -24.86 138.95 0.80
CA VAL Y 10 -25.03 140.37 0.50
C VAL Y 10 -23.77 141.11 0.93
N GLY Y 11 -23.22 141.94 0.05
CA GLY Y 11 -22.10 142.78 0.38
C GLY Y 11 -20.76 142.10 0.22
N GLN Y 12 -19.71 142.90 0.33
CA GLN Y 12 -18.34 142.37 0.18
C GLN Y 12 -17.98 141.44 1.34
N CYS Y 13 -18.24 141.86 2.57
CA CYS Y 13 -17.95 141.00 3.71
C CYS Y 13 -18.79 139.73 3.65
N GLY Y 14 -20.06 139.88 3.29
CA GLY Y 14 -20.92 138.71 3.15
C GLY Y 14 -20.40 137.76 2.09
N ASN Y 15 -19.95 138.28 0.96
CA ASN Y 15 -19.44 137.42 -0.10
C ASN Y 15 -18.18 136.69 0.31
N GLN Y 16 -17.26 137.38 0.99
CA GLN Y 16 -16.04 136.71 1.44
C GLN Y 16 -16.35 135.62 2.45
N VAL Y 17 -17.22 135.93 3.42
CA VAL Y 17 -17.60 134.93 4.42
C VAL Y 17 -18.30 133.76 3.75
N GLY Y 18 -19.13 134.05 2.74
CA GLY Y 18 -19.81 132.98 2.03
C GLY Y 18 -18.85 132.11 1.24
N LEU Y 19 -17.81 132.72 0.65
CA LEU Y 19 -16.81 131.92 -0.04
C LEU Y 19 -16.12 130.96 0.91
N GLN Y 20 -15.72 131.46 2.09
CA GLN Y 20 -15.10 130.56 3.06
C GLN Y 20 -16.08 129.49 3.52
N TYR Y 21 -17.34 129.87 3.73
CA TYR Y 21 -18.36 128.93 4.19
C TYR Y 21 -18.59 127.82 3.17
N TRP Y 22 -18.71 128.17 1.90
CA TRP Y 22 -18.94 127.16 0.88
C TRP Y 22 -17.71 126.31 0.62
N GLN Y 23 -16.51 126.88 0.75
CA GLN Y 23 -15.32 126.06 0.66
C GLN Y 23 -15.29 125.03 1.79
N GLN Y 24 -15.63 125.46 3.00
CA GLN Y 24 -15.67 124.53 4.13
C GLN Y 24 -16.72 123.44 3.90
N LEU Y 25 -17.91 123.82 3.45
CA LEU Y 25 -18.97 122.84 3.25
C LEU Y 25 -18.60 121.85 2.16
N ALA Y 26 -18.03 122.33 1.05
CA ALA Y 26 -17.64 121.44 -0.03
C ALA Y 26 -16.52 120.49 0.42
N THR Y 27 -15.58 121.01 1.21
CA THR Y 27 -14.55 120.13 1.76
C THR Y 27 -15.17 119.04 2.63
N GLU Y 28 -16.14 119.41 3.47
CA GLU Y 28 -16.78 118.43 4.33
C GLU Y 28 -17.50 117.36 3.54
N HIS Y 29 -18.17 117.72 2.45
CA HIS Y 29 -18.89 116.75 1.64
C HIS Y 29 -18.08 116.23 0.46
N GLY Y 30 -16.79 116.56 0.38
CA GLY Y 30 -15.95 116.01 -0.67
C GLY Y 30 -16.28 116.48 -2.07
N ILE Y 31 -17.11 117.52 -2.20
CA ILE Y 31 -17.44 118.05 -3.52
C ILE Y 31 -16.26 118.87 -4.04
N GLN Y 32 -15.85 118.59 -5.27
CA GLN Y 32 -14.71 119.27 -5.86
C GLN Y 32 -15.10 120.70 -6.28
N SER Y 33 -14.08 121.48 -6.67
CA SER Y 33 -14.31 122.85 -7.05
C SER Y 33 -15.20 122.96 -8.28
N ASP Y 34 -15.14 121.96 -9.16
CA ASP Y 34 -15.95 121.95 -10.38
C ASP Y 34 -17.34 121.37 -10.18
N GLY Y 35 -17.68 120.94 -8.97
CA GLY Y 35 -18.97 120.34 -8.70
C GLY Y 35 -19.04 118.84 -8.87
N SER Y 36 -17.92 118.19 -9.18
CA SER Y 36 -17.90 116.74 -9.33
C SER Y 36 -17.75 116.06 -7.97
N SER Y 37 -18.38 114.89 -7.85
CA SER Y 37 -18.34 114.14 -6.60
C SER Y 37 -17.00 113.43 -6.41
N THR Y 38 -16.75 113.01 -5.17
CA THR Y 38 -15.58 112.21 -4.82
C THR Y 38 -16.07 111.00 -4.04
N PRO Y 39 -15.59 109.78 -4.34
CA PRO Y 39 -16.07 108.61 -3.60
C PRO Y 39 -15.66 108.62 -2.14
N ARG Y 73 -24.90 107.26 -0.53
CA ARG Y 73 -24.08 107.91 0.48
C ARG Y 73 -24.94 108.29 1.69
N ASN Y 74 -24.36 108.25 2.88
CA ASN Y 74 -25.13 108.44 4.10
C ASN Y 74 -25.38 109.91 4.43
N ASP Y 75 -24.52 110.81 3.98
CA ASP Y 75 -24.75 112.23 4.20
C ASP Y 75 -25.73 112.77 3.18
N HIS Y 76 -26.23 113.98 3.43
CA HIS Y 76 -27.30 114.59 2.64
C HIS Y 76 -26.90 115.99 2.24
N PRO Y 77 -26.01 116.13 1.25
CA PRO Y 77 -25.69 117.48 0.74
C PRO Y 77 -26.82 118.10 -0.06
N GLU Y 78 -27.87 117.33 -0.39
CA GLU Y 78 -28.97 117.88 -1.17
C GLU Y 78 -29.65 119.03 -0.47
N LEU Y 79 -29.59 119.09 0.86
CA LEU Y 79 -30.20 120.20 1.58
C LEU Y 79 -29.49 121.52 1.30
N PHE Y 80 -28.25 121.48 0.82
CA PHE Y 80 -27.50 122.69 0.54
C PHE Y 80 -26.97 122.76 -0.88
N PHE Y 81 -27.05 121.67 -1.66
CA PHE Y 81 -26.57 121.65 -3.03
C PHE Y 81 -27.65 121.07 -3.94
N THR Y 82 -27.72 121.59 -5.17
CA THR Y 82 -28.63 121.05 -6.17
C THR Y 82 -27.90 120.00 -7.00
N LEU Y 83 -28.48 118.81 -7.08
CA LEU Y 83 -27.87 117.69 -7.79
C LEU Y 83 -28.51 117.56 -9.17
N SER Y 84 -27.68 117.60 -10.21
CA SER Y 84 -28.13 117.40 -11.57
C SER Y 84 -28.11 115.91 -11.93
N ASP Y 85 -28.77 115.58 -13.03
CA ASP Y 85 -28.78 114.20 -13.51
C ASP Y 85 -27.54 113.92 -14.34
N SER Y 86 -26.54 114.79 -14.22
CA SER Y 86 -25.20 114.54 -14.75
C SER Y 86 -24.17 114.50 -13.64
N ASN Y 87 -24.61 114.35 -12.39
CA ASN Y 87 -23.73 114.21 -11.24
C ASN Y 87 -22.84 115.45 -11.05
N THR Y 88 -23.49 116.59 -10.86
CA THR Y 88 -22.80 117.83 -10.51
C THR Y 88 -23.52 118.51 -9.36
N TYR Y 89 -22.77 119.03 -8.41
CA TYR Y 89 -23.31 119.71 -7.24
C TYR Y 89 -23.03 121.21 -7.37
N THR Y 90 -24.10 122.02 -7.31
CA THR Y 90 -23.94 123.46 -7.34
C THR Y 90 -24.61 124.08 -6.12
N PRO Y 91 -24.00 125.11 -5.52
CA PRO Y 91 -24.59 125.70 -4.31
C PRO Y 91 -25.92 126.37 -4.62
N ARG Y 92 -26.78 126.43 -3.58
CA ARG Y 92 -28.06 127.11 -3.67
C ARG Y 92 -27.95 128.61 -3.41
N SER Y 93 -26.75 129.11 -3.13
CA SER Y 93 -26.60 130.47 -2.67
C SER Y 93 -26.88 131.47 -3.79
N ILE Y 94 -27.25 132.69 -3.39
CA ILE Y 94 -27.49 133.80 -4.30
C ILE Y 94 -26.52 134.92 -3.94
N LEU Y 95 -25.79 135.42 -4.92
CA LEU Y 95 -24.78 136.45 -4.69
C LEU Y 95 -25.34 137.82 -5.08
N ILE Y 96 -25.25 138.76 -4.15
CA ILE Y 96 -25.69 140.13 -4.37
C ILE Y 96 -24.59 141.08 -3.93
N ASP Y 97 -24.21 142.00 -4.80
CA ASP Y 97 -23.16 142.95 -4.48
C ASP Y 97 -23.29 144.16 -5.39
N MET Y 98 -22.76 145.30 -4.92
CA MET Y 98 -22.82 146.52 -5.70
C MET Y 98 -21.77 146.56 -6.80
N GLU Y 99 -20.65 145.85 -6.63
CA GLU Y 99 -19.55 145.90 -7.59
C GLU Y 99 -19.20 144.51 -8.08
N PRO Y 100 -18.66 144.37 -9.30
CA PRO Y 100 -18.40 143.03 -9.83
C PRO Y 100 -17.07 142.42 -9.41
N SER Y 101 -16.18 143.18 -8.76
CA SER Y 101 -14.87 142.63 -8.42
C SER Y 101 -14.99 141.50 -7.40
N VAL Y 102 -15.78 141.71 -6.35
CA VAL Y 102 -15.91 140.70 -5.30
C VAL Y 102 -16.59 139.45 -5.86
N ILE Y 103 -17.66 139.65 -6.64
CA ILE Y 103 -18.37 138.51 -7.20
C ILE Y 103 -17.47 137.76 -8.18
N ALA Y 104 -16.66 138.48 -8.96
CA ALA Y 104 -15.74 137.84 -9.89
C ALA Y 104 -14.72 137.00 -9.13
N LYS Y 105 -14.15 137.53 -8.05
CA LYS Y 105 -13.21 136.74 -7.26
C LYS Y 105 -13.90 135.49 -6.71
N SER Y 106 -15.09 135.66 -6.15
CA SER Y 106 -15.79 134.52 -5.55
C SER Y 106 -16.09 133.45 -6.59
N THR Y 107 -16.59 133.85 -7.76
CA THR Y 107 -16.94 132.88 -8.78
C THR Y 107 -15.70 132.20 -9.34
N SER Y 108 -14.63 132.95 -9.57
CA SER Y 108 -13.40 132.34 -10.10
C SER Y 108 -12.81 131.35 -9.11
N ALA Y 109 -12.86 131.69 -7.81
CA ALA Y 109 -12.32 130.78 -6.80
C ALA Y 109 -13.10 129.47 -6.77
N LEU Y 110 -14.42 129.54 -6.93
CA LEU Y 110 -15.30 128.37 -6.90
C LEU Y 110 -16.07 128.34 -8.22
N PRO Y 111 -15.57 127.63 -9.24
CA PRO Y 111 -16.24 127.67 -10.55
C PRO Y 111 -17.64 127.07 -10.54
N MET Y 112 -17.99 126.25 -9.55
CA MET Y 112 -19.28 125.57 -9.58
C MET Y 112 -20.45 126.47 -9.20
N PHE Y 113 -20.21 127.73 -8.83
CA PHE Y 113 -21.30 128.69 -8.70
C PHE Y 113 -22.05 128.83 -10.02
N ASN Y 114 -23.37 128.95 -9.93
CA ASN Y 114 -24.18 129.20 -11.11
C ASN Y 114 -24.19 130.70 -11.41
N PRO Y 115 -23.67 131.14 -12.55
CA PRO Y 115 -23.67 132.59 -12.86
C PRO Y 115 -25.05 133.20 -12.91
N ARG Y 116 -26.08 132.41 -13.22
CA ARG Y 116 -27.43 132.96 -13.31
C ARG Y 116 -27.91 133.57 -12.00
N ASN Y 117 -27.35 133.16 -10.87
CA ASN Y 117 -27.77 133.63 -9.56
C ASN Y 117 -27.05 134.91 -9.12
N VAL Y 118 -26.12 135.41 -9.92
CA VAL Y 118 -25.36 136.61 -9.59
C VAL Y 118 -26.16 137.84 -10.02
N HIS Y 119 -26.29 138.81 -9.12
CA HIS Y 119 -26.94 140.08 -9.41
C HIS Y 119 -25.97 141.21 -9.08
N LEU Y 120 -25.96 142.25 -9.90
CA LEU Y 120 -25.16 143.44 -9.64
C LEU Y 120 -26.03 144.69 -9.64
N TRP Y 131 -26.62 154.65 2.89
CA TRP Y 131 -27.51 153.52 3.15
C TRP Y 131 -28.86 153.73 2.49
N ILE Y 132 -29.44 154.91 2.70
CA ILE Y 132 -30.76 155.18 2.14
C ILE Y 132 -30.72 155.10 0.62
N ASN Y 133 -29.63 155.57 0.01
CA ASN Y 133 -29.50 155.46 -1.44
C ASN Y 133 -29.51 154.00 -1.88
N GLY Y 134 -28.80 153.15 -1.16
CA GLY Y 134 -28.81 151.73 -1.49
C GLY Y 134 -30.17 151.10 -1.32
N TYR Y 135 -30.89 151.49 -0.26
CA TYR Y 135 -32.22 150.94 -0.03
C TYR Y 135 -33.20 151.38 -1.11
N LYS Y 136 -33.12 152.65 -1.51
CA LYS Y 136 -33.94 153.12 -2.63
C LYS Y 136 -33.57 152.42 -3.94
N TYR Y 137 -32.28 152.14 -4.13
CA TYR Y 137 -31.86 151.33 -5.27
C TYR Y 137 -32.45 149.93 -5.21
N GLY Y 138 -32.52 149.35 -4.00
CA GLY Y 138 -33.13 148.04 -3.86
C GLY Y 138 -34.60 148.05 -4.20
N THR Y 139 -35.28 149.16 -3.92
CA THR Y 139 -36.67 149.27 -4.33
C THR Y 139 -36.82 149.16 -5.85
N GLU Y 140 -35.91 149.80 -6.59
CA GLU Y 140 -36.01 149.78 -8.04
C GLU Y 140 -35.85 148.36 -8.59
N GLU Y 141 -34.93 147.59 -8.02
CA GLU Y 141 -34.65 146.24 -8.48
C GLU Y 141 -35.48 145.19 -7.75
N GLU Y 142 -36.62 145.59 -7.16
CA GLU Y 142 -37.40 144.65 -6.36
C GLU Y 142 -37.94 143.51 -7.22
N GLU Y 143 -38.42 143.81 -8.43
CA GLU Y 143 -39.02 142.78 -9.28
C GLU Y 143 -37.99 141.73 -9.67
N THR Y 144 -36.80 142.16 -10.08
CA THR Y 144 -35.78 141.23 -10.55
C THR Y 144 -35.35 140.30 -9.43
N LEU Y 145 -35.11 140.87 -8.23
CA LEU Y 145 -34.70 140.07 -7.09
C LEU Y 145 -35.81 139.13 -6.63
N LEU Y 146 -37.06 139.59 -6.67
CA LEU Y 146 -38.17 138.74 -6.27
C LEU Y 146 -38.26 137.52 -7.18
N ASN Y 147 -38.17 137.74 -8.49
CA ASN Y 147 -38.17 136.61 -9.43
C ASN Y 147 -36.93 135.73 -9.23
N LEU Y 148 -35.79 136.35 -8.97
CA LEU Y 148 -34.56 135.58 -8.80
C LEU Y 148 -34.67 134.61 -7.62
N ILE Y 149 -35.23 135.09 -6.51
CA ILE Y 149 -35.40 134.22 -5.35
C ILE Y 149 -36.48 133.19 -5.60
N ASP Y 150 -37.57 133.59 -6.28
CA ASP Y 150 -38.61 132.61 -6.59
C ASP Y 150 -38.09 131.49 -7.46
N ARG Y 151 -37.07 131.74 -8.28
CA ARG Y 151 -36.48 130.65 -9.06
C ARG Y 151 -35.88 129.59 -8.15
N GLU Y 152 -35.09 130.01 -7.16
CA GLU Y 152 -34.50 129.04 -6.23
C GLU Y 152 -35.57 128.32 -5.44
N VAL Y 153 -36.61 129.03 -5.00
CA VAL Y 153 -37.66 128.37 -4.24
C VAL Y 153 -38.38 127.32 -5.10
N ASP Y 154 -38.64 127.65 -6.37
CA ASP Y 154 -39.24 126.66 -7.25
C ASP Y 154 -38.32 125.48 -7.50
N LYS Y 155 -37.00 125.72 -7.53
CA LYS Y 155 -36.07 124.64 -7.84
C LYS Y 155 -36.01 123.60 -6.74
N CYS Y 156 -36.16 123.99 -5.48
CA CYS Y 156 -36.12 123.03 -4.39
C CYS Y 156 -37.47 122.35 -4.22
N ASP Y 157 -37.46 121.22 -3.52
CA ASP Y 157 -38.66 120.41 -3.33
C ASP Y 157 -39.46 120.84 -2.10
N ASN Y 158 -38.80 121.04 -0.97
CA ASN Y 158 -39.47 121.41 0.27
C ASN Y 158 -38.57 122.39 1.02
N LEU Y 159 -38.87 123.68 0.89
CA LEU Y 159 -38.05 124.71 1.51
C LEU Y 159 -38.25 124.72 3.02
N SER Y 160 -37.16 124.97 3.75
CA SER Y 160 -37.19 125.03 5.21
C SER Y 160 -36.89 126.43 5.74
N ASN Y 161 -35.76 127.01 5.37
CA ASN Y 161 -35.35 128.29 5.94
C ASN Y 161 -34.43 129.02 4.98
N PHE Y 162 -34.34 130.33 5.19
CA PHE Y 162 -33.43 131.20 4.43
C PHE Y 162 -32.25 131.58 5.32
N GLN Y 163 -31.04 131.30 4.84
CA GLN Y 163 -29.83 131.79 5.48
C GLN Y 163 -29.39 133.08 4.80
N LEU Y 164 -28.90 134.03 5.60
CA LEU Y 164 -28.44 135.32 5.08
C LEU Y 164 -27.09 135.63 5.68
N PHE Y 165 -26.11 135.89 4.83
CA PHE Y 165 -24.78 136.32 5.25
C PHE Y 165 -24.61 137.77 4.83
N HIS Y 166 -24.53 138.66 5.80
CA HIS Y 166 -24.38 140.09 5.49
C HIS Y 166 -23.76 140.79 6.68
N SER Y 167 -23.24 141.99 6.41
CA SER Y 167 -22.61 142.82 7.43
C SER Y 167 -23.51 144.01 7.72
N VAL Y 168 -23.76 144.26 9.02
CA VAL Y 168 -24.59 145.39 9.40
C VAL Y 168 -23.92 146.70 9.03
N ALA Y 169 -22.59 146.77 9.17
CA ALA Y 169 -21.83 147.98 8.89
C ALA Y 169 -21.36 148.06 7.45
N GLY Y 170 -22.07 147.42 6.52
CA GLY Y 170 -21.64 147.33 5.14
C GLY Y 170 -22.01 148.50 4.26
N GLY Y 171 -22.63 149.53 4.80
CA GLY Y 171 -23.03 150.67 3.99
C GLY Y 171 -24.12 150.34 2.99
N THR Y 172 -23.84 150.53 1.70
CA THR Y 172 -24.88 150.34 0.69
C THR Y 172 -25.36 148.89 0.65
N GLY Y 173 -24.43 147.94 0.72
CA GLY Y 173 -24.80 146.55 0.73
C GLY Y 173 -25.70 146.20 1.90
N SER Y 174 -25.47 146.83 3.04
CA SER Y 174 -26.35 146.63 4.18
C SER Y 174 -27.75 147.13 3.86
N GLY Y 175 -27.86 148.21 3.08
CA GLY Y 175 -29.17 148.69 2.67
C GLY Y 175 -29.88 147.71 1.76
N VAL Y 176 -29.18 147.16 0.77
CA VAL Y 176 -29.82 146.22 -0.13
C VAL Y 176 -30.22 144.95 0.61
N GLY Y 177 -29.41 144.50 1.57
CA GLY Y 177 -29.81 143.36 2.39
C GLY Y 177 -31.00 143.66 3.28
N SER Y 178 -31.06 144.88 3.81
CA SER Y 178 -32.21 145.27 4.62
C SER Y 178 -33.48 145.25 3.77
N LYS Y 179 -33.38 145.65 2.50
CA LYS Y 179 -34.54 145.52 1.61
C LYS Y 179 -34.83 144.07 1.27
N MET Y 180 -33.80 143.24 1.17
CA MET Y 180 -34.01 141.82 0.89
C MET Y 180 -34.85 141.18 1.98
N LEU Y 181 -34.53 141.48 3.24
CA LEU Y 181 -35.31 140.89 4.32
C LEU Y 181 -36.78 141.28 4.20
N GLU Y 182 -37.05 142.55 3.91
CA GLU Y 182 -38.43 142.99 3.82
C GLU Y 182 -39.17 142.27 2.70
N VAL Y 183 -38.57 142.19 1.52
CA VAL Y 183 -39.29 141.60 0.39
C VAL Y 183 -39.52 140.11 0.63
N ILE Y 184 -38.52 139.41 1.17
CA ILE Y 184 -38.69 137.99 1.42
C ILE Y 184 -39.78 137.75 2.45
N SER Y 185 -39.74 138.49 3.57
CA SER Y 185 -40.74 138.29 4.61
C SER Y 185 -42.14 138.61 4.09
N ASP Y 186 -42.26 139.64 3.26
CA ASP Y 186 -43.58 139.98 2.72
C ASP Y 186 -44.09 138.87 1.81
N ARG Y 187 -43.29 138.43 0.84
CA ARG Y 187 -43.84 137.53 -0.16
C ARG Y 187 -44.08 136.14 0.41
N TYR Y 188 -43.14 135.60 1.20
CA TYR Y 188 -43.29 134.23 1.67
C TYR Y 188 -43.97 134.13 3.03
N GLY Y 189 -44.50 135.23 3.56
CA GLY Y 189 -45.18 135.13 4.83
C GLY Y 189 -44.23 134.72 5.95
N HIS Y 190 -44.78 134.05 6.96
CA HIS Y 190 -44.01 133.65 8.12
C HIS Y 190 -43.92 132.14 8.28
N LYS Y 191 -44.37 131.37 7.28
CA LYS Y 191 -44.24 129.91 7.36
C LYS Y 191 -42.79 129.47 7.23
N LYS Y 192 -41.98 130.20 6.47
CA LYS Y 192 -40.56 129.92 6.33
C LYS Y 192 -39.77 130.92 7.15
N LEU Y 193 -38.94 130.43 8.06
CA LEU Y 193 -38.16 131.31 8.93
C LEU Y 193 -36.84 131.69 8.27
N LEU Y 194 -36.22 132.75 8.80
CA LEU Y 194 -34.99 133.30 8.27
C LEU Y 194 -33.92 133.31 9.35
N ASN Y 195 -32.69 132.98 8.95
CA ASN Y 195 -31.53 133.04 9.85
C ASN Y 195 -30.51 133.99 9.25
N THR Y 196 -30.08 134.97 10.03
CA THR Y 196 -29.15 135.99 9.57
C THR Y 196 -27.88 135.90 10.40
N PHE Y 197 -26.76 135.63 9.74
CA PHE Y 197 -25.45 135.65 10.39
C PHE Y 197 -24.82 137.03 10.25
N SER Y 198 -25.48 138.01 10.88
CA SER Y 198 -25.07 139.39 10.75
C SER Y 198 -23.76 139.65 11.47
N ILE Y 199 -22.83 140.34 10.80
CA ILE Y 199 -21.56 140.72 11.39
C ILE Y 199 -21.70 142.15 11.90
N PHE Y 200 -21.49 142.34 13.20
CA PHE Y 200 -21.66 143.65 13.81
C PHE Y 200 -20.45 144.54 13.59
N PRO Y 201 -20.60 145.86 13.73
CA PRO Y 201 -19.46 146.76 13.60
C PRO Y 201 -18.45 146.55 14.71
N SER Y 202 -17.18 146.85 14.40
CA SER Y 202 -16.12 146.77 15.39
C SER Y 202 -16.39 147.74 16.54
N VAL Y 211 -20.17 158.15 11.11
CA VAL Y 211 -21.37 157.97 10.31
C VAL Y 211 -21.90 156.55 10.46
N GLN Y 212 -21.03 155.64 10.89
CA GLN Y 212 -21.44 154.25 11.04
C GLN Y 212 -22.63 154.06 11.99
N PRO Y 213 -22.76 154.79 13.11
CA PRO Y 213 -23.90 154.57 14.00
C PRO Y 213 -25.25 154.66 13.29
N TYR Y 214 -25.40 155.63 12.40
CA TYR Y 214 -26.66 155.76 11.67
C TYR Y 214 -26.95 154.48 10.89
N ASN Y 215 -25.95 153.96 10.18
CA ASN Y 215 -26.15 152.77 9.37
C ASN Y 215 -26.48 151.57 10.24
N THR Y 216 -25.80 151.43 11.37
CA THR Y 216 -26.07 150.31 12.25
C THR Y 216 -27.48 150.35 12.80
N ILE Y 217 -27.98 151.54 13.13
CA ILE Y 217 -29.34 151.63 13.66
C ILE Y 217 -30.36 151.35 12.57
N LEU Y 218 -30.13 151.88 11.36
CA LEU Y 218 -31.07 151.66 10.28
C LEU Y 218 -31.15 150.19 9.89
N THR Y 219 -30.02 149.50 9.90
CA THR Y 219 -30.05 148.07 9.58
C THR Y 219 -30.64 147.27 10.73
N LEU Y 220 -30.35 147.65 11.98
CA LEU Y 220 -30.84 146.88 13.11
C LEU Y 220 -32.35 146.98 13.25
N LYS Y 221 -32.96 148.08 12.82
CA LYS Y 221 -34.42 148.17 12.87
C LYS Y 221 -35.05 147.04 12.06
N ARG Y 222 -34.62 146.86 10.80
CA ARG Y 222 -35.21 145.80 9.98
C ARG Y 222 -34.74 144.42 10.44
N LEU Y 223 -33.51 144.33 10.97
CA LEU Y 223 -33.05 143.05 11.50
C LEU Y 223 -33.94 142.59 12.64
N ILE Y 224 -34.32 143.50 13.53
CA ILE Y 224 -35.24 143.15 14.60
C ILE Y 224 -36.61 142.79 14.04
N ASP Y 225 -37.10 143.60 13.08
CA ASP Y 225 -38.47 143.41 12.65
C ASP Y 225 -38.66 142.06 11.93
N TYR Y 226 -37.78 141.70 11.01
CA TYR Y 226 -38.06 140.60 10.09
C TYR Y 226 -37.29 139.31 10.35
N SER Y 227 -36.09 139.37 10.91
CA SER Y 227 -35.33 138.15 11.14
C SER Y 227 -36.00 137.29 12.20
N ASP Y 228 -35.84 135.97 12.07
CA ASP Y 228 -36.41 135.01 13.02
C ASP Y 228 -35.38 134.48 14.00
N ALA Y 229 -34.10 134.41 13.62
CA ALA Y 229 -33.06 133.98 14.53
C ALA Y 229 -31.74 134.56 14.04
N THR Y 230 -31.24 135.57 14.72
CA THR Y 230 -30.10 136.35 14.26
C THR Y 230 -28.88 136.06 15.12
N PHE Y 231 -27.84 135.53 14.49
CA PHE Y 231 -26.56 135.38 15.17
C PHE Y 231 -25.85 136.73 15.25
N VAL Y 232 -25.03 136.90 16.28
CA VAL Y 232 -24.28 138.12 16.48
C VAL Y 232 -22.79 137.78 16.48
N PHE Y 233 -22.04 138.41 15.59
CA PHE Y 233 -20.60 138.25 15.52
C PHE Y 233 -19.94 139.62 15.55
N HIS Y 234 -18.87 139.72 16.32
CA HIS Y 234 -18.10 140.96 16.44
C HIS Y 234 -16.70 140.71 15.92
N ASN Y 235 -16.21 141.61 15.06
CA ASN Y 235 -14.84 141.48 14.58
C ASN Y 235 -13.85 141.63 15.73
N ASP Y 236 -14.21 142.38 16.78
CA ASP Y 236 -13.31 142.57 17.90
C ASP Y 236 -13.00 141.24 18.58
N SER Y 237 -14.04 140.48 18.90
CA SER Y 237 -13.83 139.21 19.58
C SER Y 237 -13.23 138.17 18.65
N LEU Y 238 -13.52 138.25 17.36
CA LEU Y 238 -12.92 137.31 16.42
C LEU Y 238 -11.42 137.51 16.33
N ASN Y 239 -10.96 138.76 16.17
CA ASN Y 239 -9.53 138.99 16.12
C ASN Y 239 -8.88 138.76 17.48
N ARG Y 240 -9.62 138.98 18.56
CA ARG Y 240 -9.10 138.64 19.89
C ARG Y 240 -8.87 137.14 20.00
N ILE Y 241 -9.81 136.34 19.50
CA ILE Y 241 -9.63 134.88 19.52
C ILE Y 241 -8.43 134.49 18.68
N GLU Y 242 -8.29 135.08 17.49
CA GLU Y 242 -7.17 134.71 16.65
C GLU Y 242 -5.83 135.02 17.33
N ASN Y 243 -5.80 136.04 18.17
CA ASN Y 243 -4.58 136.37 18.91
C ASN Y 243 -4.25 135.28 19.93
N GLY Y 262 -8.92 134.96 6.91
CA GLY Y 262 -8.47 135.10 8.27
C GLY Y 262 -9.59 135.00 9.29
N ALA Y 263 -10.14 136.16 9.66
CA ALA Y 263 -11.22 136.17 10.63
C ALA Y 263 -12.51 135.57 10.08
N ASN Y 264 -12.69 135.56 8.77
CA ASN Y 264 -13.89 134.96 8.19
C ASN Y 264 -13.91 133.45 8.38
N LYS Y 265 -12.75 132.82 8.63
CA LYS Y 265 -12.66 131.34 8.77
C LYS Y 265 -13.33 130.91 10.08
N LEU Y 266 -13.43 131.78 11.11
CA LEU Y 266 -14.16 131.44 12.32
C LEU Y 266 -15.66 131.49 12.09
N ILE Y 267 -16.14 132.53 11.41
CA ILE Y 267 -17.56 132.63 11.13
C ILE Y 267 -18.02 131.49 10.23
N ALA Y 268 -17.21 131.17 9.21
CA ALA Y 268 -17.56 130.07 8.32
C ALA Y 268 -17.62 128.76 9.10
N LEU Y 269 -16.67 128.53 10.00
CA LEU Y 269 -16.66 127.30 10.78
C LEU Y 269 -17.88 127.20 11.68
N VAL Y 270 -18.24 128.30 12.34
CA VAL Y 270 -19.40 128.28 13.23
C VAL Y 270 -20.67 128.02 12.42
N SER Y 271 -20.84 128.72 11.31
CA SER Y 271 -22.05 128.54 10.51
C SER Y 271 -22.13 127.14 9.93
N ALA Y 272 -20.99 126.58 9.50
CA ALA Y 272 -20.99 125.23 8.96
C ALA Y 272 -21.35 124.22 10.03
N SER Y 273 -20.83 124.39 11.25
CA SER Y 273 -21.12 123.45 12.32
C SER Y 273 -22.54 123.58 12.84
N VAL Y 274 -23.14 124.76 12.73
CA VAL Y 274 -24.48 124.95 13.31
C VAL Y 274 -25.49 124.01 12.66
N SER Y 275 -25.31 123.69 11.38
CA SER Y 275 -26.22 122.84 10.63
C SER Y 275 -25.72 121.40 10.52
N ASN Y 276 -24.69 121.03 11.27
CA ASN Y 276 -24.13 119.69 11.16
C ASN Y 276 -25.16 118.59 11.37
N PRO Y 277 -26.08 118.67 12.33
CA PRO Y 277 -27.05 117.59 12.50
C PRO Y 277 -27.96 117.40 11.30
N LEU Y 278 -28.10 118.40 10.43
CA LEU Y 278 -28.94 118.27 9.26
C LEU Y 278 -28.22 117.52 8.14
N ARG Y 279 -26.96 117.87 7.90
CA ARG Y 279 -26.23 117.29 6.77
C ARG Y 279 -25.69 115.90 7.09
N PHE Y 280 -25.43 115.60 8.37
CA PHE Y 280 -24.92 114.31 8.80
C PHE Y 280 -25.91 113.77 9.83
N PRO Y 281 -27.00 113.16 9.37
CA PRO Y 281 -28.10 112.84 10.29
C PRO Y 281 -27.71 111.84 11.36
N GLY Y 282 -28.35 111.97 12.51
CA GLY Y 282 -28.18 111.05 13.60
C GLY Y 282 -29.52 110.66 14.20
N TYR Y 283 -29.55 110.41 15.50
CA TYR Y 283 -30.80 110.03 16.15
C TYR Y 283 -31.76 111.20 16.34
N MET Y 284 -31.29 112.44 16.33
CA MET Y 284 -32.09 113.54 16.84
C MET Y 284 -31.66 114.84 16.17
N TYR Y 285 -32.50 115.86 16.32
CA TYR Y 285 -32.22 117.20 15.77
C TYR Y 285 -32.10 117.17 14.25
N SER Y 286 -33.06 116.51 13.60
CA SER Y 286 -33.03 116.32 12.16
C SER Y 286 -33.53 117.54 11.38
N SER Y 287 -33.98 118.60 12.04
CA SER Y 287 -34.56 119.74 11.34
C SER Y 287 -34.13 121.03 12.02
N MET Y 288 -34.11 122.12 11.24
CA MET Y 288 -33.73 123.42 11.79
C MET Y 288 -34.74 123.93 12.80
N GLU Y 289 -36.00 123.53 12.67
CA GLU Y 289 -37.00 123.94 13.65
C GLU Y 289 -36.61 123.47 15.04
N SER Y 290 -36.15 122.22 15.16
CA SER Y 290 -35.76 121.69 16.45
C SER Y 290 -34.54 122.42 17.00
N ILE Y 291 -33.58 122.76 16.13
CA ILE Y 291 -32.36 123.42 16.59
C ILE Y 291 -32.68 124.82 17.10
N VAL Y 292 -33.51 125.57 16.36
CA VAL Y 292 -33.75 126.96 16.73
C VAL Y 292 -34.74 127.06 17.89
N SER Y 293 -35.79 126.25 17.87
CA SER Y 293 -36.83 126.37 18.89
C SER Y 293 -36.29 126.17 20.29
N ASN Y 294 -35.15 125.50 20.44
CA ASN Y 294 -34.57 125.31 21.76
C ASN Y 294 -33.91 126.56 22.29
N LEU Y 295 -33.77 127.61 21.48
CA LEU Y 295 -32.99 128.79 21.84
C LEU Y 295 -33.78 130.09 21.80
N ILE Y 296 -35.02 130.08 21.35
CA ILE Y 296 -35.80 131.30 21.18
C ILE Y 296 -37.14 131.16 21.90
N PRO Y 297 -37.17 131.28 23.23
CA PRO Y 297 -38.46 131.16 23.93
C PRO Y 297 -39.48 132.20 23.50
N THR Y 298 -39.04 133.40 23.16
CA THR Y 298 -39.92 134.50 22.79
C THR Y 298 -39.40 135.14 21.50
N PRO Y 299 -40.28 135.53 20.58
CA PRO Y 299 -39.79 136.13 19.33
C PRO Y 299 -39.05 137.44 19.53
N ASP Y 300 -39.22 138.11 20.67
CA ASP Y 300 -38.47 139.33 20.93
C ASP Y 300 -36.99 139.03 21.15
N LEU Y 301 -36.69 138.04 21.99
CA LEU Y 301 -35.31 137.66 22.28
C LEU Y 301 -34.84 136.70 21.19
N LYS Y 302 -34.33 137.28 20.10
CA LYS Y 302 -33.94 136.51 18.93
C LYS Y 302 -32.46 136.56 18.62
N PHE Y 303 -31.64 137.20 19.44
CA PHE Y 303 -30.22 137.35 19.17
C PHE Y 303 -29.45 136.29 19.93
N LEU Y 304 -28.54 135.61 19.24
CA LEU Y 304 -27.81 134.48 19.79
C LEU Y 304 -26.33 134.81 19.90
N THR Y 305 -25.72 134.33 20.98
CA THR Y 305 -24.27 134.44 21.19
C THR Y 305 -23.64 133.07 20.98
N SER Y 306 -22.63 133.02 20.12
CA SER Y 306 -21.97 131.78 19.75
C SER Y 306 -20.58 131.73 20.37
N SER Y 307 -20.21 130.57 20.89
CA SER Y 307 -18.91 130.33 21.48
C SER Y 307 -18.24 129.16 20.78
N ILE Y 308 -16.94 129.29 20.55
CA ILE Y 308 -16.17 128.27 19.83
C ILE Y 308 -14.93 127.93 20.65
N ALA Y 309 -14.65 126.64 20.78
CA ALA Y 309 -13.42 126.21 21.44
C ALA Y 309 -12.27 126.23 20.44
N PRO Y 310 -11.25 127.08 20.61
CA PRO Y 310 -10.19 127.16 19.61
C PRO Y 310 -9.12 126.10 19.75
N PHE Y 311 -8.93 125.55 20.95
CA PHE Y 311 -7.81 124.64 21.22
C PHE Y 311 -8.15 123.27 20.65
N SER Y 312 -7.84 123.09 19.37
CA SER Y 312 -7.98 121.79 18.73
C SER Y 312 -6.92 121.66 17.65
N THR Y 313 -6.61 120.41 17.32
CA THR Y 313 -5.61 120.09 16.30
C THR Y 313 -4.18 120.39 16.74
N GLN Y 314 -4.02 120.97 17.94
CA GLN Y 314 -2.71 121.05 18.56
C GLN Y 314 -2.44 119.78 19.38
N LYS Y 315 -1.18 119.61 19.77
CA LYS Y 315 -0.83 118.49 20.63
C LYS Y 315 -1.55 118.57 21.98
N HIS Y 316 -1.59 119.76 22.58
CA HIS Y 316 -2.21 119.93 23.91
C HIS Y 316 -3.71 120.18 23.74
N ASN Y 317 -4.47 119.41 22.97
CA ASN Y 317 -5.91 119.56 22.81
C ASN Y 317 -6.64 119.18 24.10
N TYR Y 318 -7.93 119.49 24.14
CA TYR Y 318 -8.77 119.04 25.24
C TYR Y 318 -8.75 117.53 25.31
N LEU Y 319 -8.41 116.99 26.48
CA LEU Y 319 -8.21 115.54 26.58
C LEU Y 319 -9.53 114.78 26.57
N ASN Y 320 -10.62 115.38 27.04
CA ASN Y 320 -11.90 114.70 27.06
C ASN Y 320 -13.01 115.65 26.64
N GLU Y 321 -14.08 115.07 26.09
CA GLU Y 321 -15.27 115.85 25.77
C GLU Y 321 -15.84 116.53 27.00
N TYR Y 322 -15.64 115.93 28.17
CA TYR Y 322 -16.08 116.55 29.41
C TYR Y 322 -15.36 117.88 29.63
N ASP Y 323 -14.06 117.93 29.36
CA ASP Y 323 -13.33 119.19 29.45
C ASP Y 323 -13.73 120.15 28.34
N MET Y 324 -14.18 119.63 27.20
CA MET Y 324 -14.77 120.49 26.18
C MET Y 324 -16.04 121.16 26.69
N LEU Y 325 -16.90 120.40 27.37
CA LEU Y 325 -18.13 120.98 27.90
C LEU Y 325 -17.82 122.00 28.99
N LEU Y 326 -16.84 121.73 29.84
CA LEU Y 326 -16.55 122.67 30.92
C LEU Y 326 -15.88 123.93 30.39
N GLU Y 327 -14.91 123.79 29.48
CA GLU Y 327 -14.15 124.93 28.98
C GLU Y 327 -14.79 125.60 27.77
N LEU Y 328 -15.91 125.10 27.26
CA LEU Y 328 -16.61 125.82 26.22
C LEU Y 328 -17.32 127.06 26.74
N SER Y 329 -17.55 127.13 28.05
CA SER Y 329 -18.31 128.21 28.65
C SER Y 329 -17.45 129.42 29.03
N ASN Y 330 -16.14 129.38 28.78
CA ASN Y 330 -15.29 130.51 29.10
C ASN Y 330 -15.73 131.73 28.32
N ASP Y 331 -15.76 132.88 29.00
CA ASP Y 331 -16.21 134.11 28.37
C ASP Y 331 -15.23 134.64 27.34
N ARG Y 332 -13.97 134.21 27.38
CA ARG Y 332 -12.99 134.70 26.43
C ARG Y 332 -13.19 134.12 25.04
N TYR Y 333 -13.80 132.94 24.93
CA TYR Y 333 -14.02 132.33 23.62
C TYR Y 333 -15.26 132.83 22.91
N LYS Y 334 -16.12 133.57 23.59
CA LYS Y 334 -17.34 134.05 22.95
C LYS Y 334 -17.00 135.03 21.84
N THR Y 335 -17.83 135.03 20.79
CA THR Y 335 -17.60 135.83 19.61
C THR Y 335 -18.19 137.23 19.71
N ASN Y 336 -18.40 137.73 20.92
CA ASN Y 336 -18.88 139.09 21.11
C ASN Y 336 -18.43 139.60 22.47
N ARG Y 337 -18.21 140.91 22.55
CA ARG Y 337 -17.74 141.51 23.78
C ARG Y 337 -18.76 141.31 24.90
N VAL Y 338 -18.27 140.92 26.08
CA VAL Y 338 -19.11 140.71 27.25
C VAL Y 338 -18.73 141.73 28.30
N GLY Y 340 -19.59 141.79 31.46
CA GLY Y 340 -19.46 141.27 32.81
C GLY Y 340 -20.38 140.11 33.11
N ASP Y 341 -21.09 140.18 34.23
CA ASP Y 341 -22.00 139.11 34.62
C ASP Y 341 -23.15 139.00 33.63
N THR Y 342 -23.47 137.77 33.25
CA THR Y 342 -24.52 137.50 32.27
C THR Y 342 -25.41 136.37 32.76
N SER Y 343 -26.64 136.35 32.27
CA SER Y 343 -27.60 135.30 32.57
C SER Y 343 -27.98 134.60 31.27
N TYR Y 344 -27.92 133.28 31.27
CA TYR Y 344 -28.18 132.49 30.07
C TYR Y 344 -29.67 132.19 29.95
N ILE Y 345 -30.21 132.40 28.76
CA ILE Y 345 -31.62 132.11 28.50
C ILE Y 345 -31.80 130.71 27.94
N SER Y 346 -30.89 130.25 27.09
CA SER Y 346 -30.97 128.91 26.55
C SER Y 346 -29.59 128.46 26.12
N MET Y 347 -29.42 127.15 26.01
CA MET Y 347 -28.13 126.54 25.72
C MET Y 347 -28.29 125.40 24.73
N LEU Y 348 -27.23 125.19 23.94
CA LEU Y 348 -27.15 124.00 23.09
C LEU Y 348 -25.69 123.86 22.67
N ASN Y 349 -25.10 122.71 22.94
CA ASN Y 349 -23.68 122.46 22.70
C ASN Y 349 -23.51 121.45 21.59
N TYR Y 350 -22.59 121.74 20.68
CA TYR Y 350 -22.24 120.83 19.60
C TYR Y 350 -20.96 120.09 19.94
N LEU Y 351 -21.00 118.76 19.85
CA LEU Y 351 -19.82 117.92 19.97
C LEU Y 351 -19.73 117.09 18.69
N ILE Y 352 -18.60 117.17 18.01
CA ILE Y 352 -18.43 116.58 16.68
C ILE Y 352 -17.17 115.73 16.71
N GLY Y 353 -17.34 114.43 16.86
CA GLY Y 353 -16.22 113.50 16.82
C GLY Y 353 -16.69 112.15 16.34
N ASP Y 354 -15.75 111.35 15.81
CA ASP Y 354 -16.11 110.00 15.28
C ASP Y 354 -16.77 109.18 16.37
N ASN Y 355 -16.18 109.15 17.58
CA ASN Y 355 -16.73 108.40 18.69
C ASN Y 355 -16.78 109.28 19.93
N LEU Y 356 -17.88 109.20 20.66
CA LEU Y 356 -18.11 110.06 21.83
C LEU Y 356 -18.47 109.18 23.02
N ASP Y 357 -17.78 109.38 24.14
CA ASP Y 357 -18.03 108.61 25.34
C ASP Y 357 -19.22 109.20 26.09
N GLN Y 358 -20.27 108.40 26.28
CA GLN Y 358 -21.51 108.91 26.85
C GLN Y 358 -21.33 109.36 28.30
N ARG Y 359 -20.63 108.57 29.11
CA ARG Y 359 -20.56 108.86 30.53
C ARG Y 359 -19.83 110.17 30.81
N GLU Y 360 -18.80 110.48 30.00
CA GLU Y 360 -18.16 111.78 30.11
C GLU Y 360 -19.16 112.89 29.83
N ILE Y 361 -20.00 112.72 28.82
CA ILE Y 361 -20.97 113.75 28.47
C ILE Y 361 -22.00 113.92 29.57
N ARG Y 362 -22.42 112.82 30.20
CA ARG Y 362 -23.37 112.93 31.30
C ARG Y 362 -22.76 113.71 32.46
N LYS Y 363 -21.52 113.40 32.82
CA LYS Y 363 -20.87 114.14 33.90
C LYS Y 363 -20.73 115.61 33.54
N GLY Y 364 -20.36 115.90 32.29
CA GLY Y 364 -20.21 117.28 31.88
C GLY Y 364 -21.52 118.04 31.87
N ILE Y 365 -22.60 117.38 31.46
CA ILE Y 365 -23.91 118.03 31.48
C ILE Y 365 -24.31 118.36 32.90
N LEU Y 366 -24.09 117.42 33.83
CA LEU Y 366 -24.45 117.70 35.22
C LEU Y 366 -23.67 118.89 35.76
N LYS Y 367 -22.35 118.91 35.52
CA LYS Y 367 -21.55 120.03 36.01
C LYS Y 367 -21.97 121.34 35.35
N SER Y 368 -22.24 121.32 34.05
CA SER Y 368 -22.63 122.55 33.36
C SER Y 368 -23.95 123.08 33.90
N GLN Y 369 -24.91 122.20 34.18
CA GLN Y 369 -26.15 122.66 34.78
C GLN Y 369 -25.93 123.25 36.17
N GLN Y 370 -25.05 122.63 36.97
CA GLN Y 370 -24.84 123.16 38.30
C GLN Y 370 -23.98 124.43 38.31
N ARG Y 371 -23.29 124.75 37.22
CA ARG Y 371 -22.39 125.90 37.22
C ARG Y 371 -23.00 127.15 36.58
N ILE Y 372 -23.90 127.00 35.62
CA ILE Y 372 -24.34 128.11 34.78
C ILE Y 372 -25.56 128.78 35.39
N SER Y 373 -25.60 130.11 35.33
CA SER Y 373 -26.68 130.90 35.91
C SER Y 373 -27.77 131.13 34.86
N PHE Y 374 -28.88 130.40 34.99
CA PHE Y 374 -30.03 130.58 34.13
C PHE Y 374 -30.98 131.62 34.71
N VAL Y 375 -31.81 132.19 33.85
CA VAL Y 375 -32.83 133.15 34.28
C VAL Y 375 -33.92 132.38 35.03
N PRO Y 376 -34.63 133.00 35.98
CA PRO Y 376 -35.55 132.21 36.82
C PRO Y 376 -36.65 131.49 36.07
N TRP Y 377 -37.18 132.06 34.99
CA TRP Y 377 -38.40 131.54 34.38
C TRP Y 377 -38.13 130.54 33.25
N VAL Y 378 -36.88 130.16 33.03
CA VAL Y 378 -36.53 129.21 31.98
C VAL Y 378 -36.36 127.84 32.60
N ALA Y 379 -36.65 126.80 31.81
CA ALA Y 379 -36.64 125.43 32.31
C ALA Y 379 -35.29 124.99 32.84
N ARG Y 380 -34.21 125.68 32.49
CA ARG Y 380 -32.88 125.35 33.01
C ARG Y 380 -32.43 123.98 32.51
N SER Y 381 -32.43 123.82 31.19
CA SER Y 381 -32.00 122.59 30.54
C SER Y 381 -30.84 122.88 29.60
N VAL Y 382 -29.85 122.00 29.62
CA VAL Y 382 -28.69 122.08 28.74
C VAL Y 382 -28.73 120.90 27.79
N LEU Y 383 -28.68 121.18 26.49
CA LEU Y 383 -28.83 120.16 25.45
C LEU Y 383 -27.51 119.98 24.72
N VAL Y 384 -27.10 118.73 24.53
CA VAL Y 384 -25.83 118.40 23.88
C VAL Y 384 -26.16 117.50 22.69
N VAL Y 385 -25.87 117.98 21.48
CA VAL Y 385 -26.09 117.19 20.27
C VAL Y 385 -24.82 116.40 19.96
N HIS Y 386 -24.98 115.15 19.56
CA HIS Y 386 -23.86 114.26 19.27
C HIS Y 386 -23.61 114.24 17.76
N GLY Y 387 -22.97 115.30 17.28
CA GLY Y 387 -22.69 115.39 15.86
C GLY Y 387 -21.73 114.30 15.40
N LYS Y 388 -21.82 113.97 14.12
CA LYS Y 388 -20.96 112.97 13.51
C LYS Y 388 -19.97 113.64 12.56
N LYS Y 389 -18.70 113.27 12.66
CA LYS Y 389 -17.67 113.85 11.82
C LYS Y 389 -17.76 113.32 10.39
N SER Y 390 -17.35 114.16 9.45
CA SER Y 390 -17.46 113.80 8.04
C SER Y 390 -16.47 112.70 7.69
N PRO Y 391 -16.88 111.71 6.88
CA PRO Y 391 -15.89 110.71 6.41
C PRO Y 391 -14.74 111.32 5.65
N TYR Y 392 -14.94 112.47 5.01
CA TYR Y 392 -13.90 113.06 4.18
C TYR Y 392 -12.84 113.80 4.99
N LEU Y 393 -13.00 113.90 6.30
CA LEU Y 393 -11.98 114.46 7.18
C LEU Y 393 -11.36 113.32 7.97
N LYS Y 394 -10.04 113.17 7.84
CA LYS Y 394 -9.36 111.94 8.23
C LYS Y 394 -9.06 111.96 9.73
N ASN Y 395 -9.90 111.27 10.50
CA ASN Y 395 -9.54 110.84 11.86
C ASN Y 395 -9.09 112.02 12.73
N THR Y 396 -9.57 113.22 12.44
CA THR Y 396 -9.21 114.38 13.25
C THR Y 396 -9.82 114.26 14.64
N ASN Y 397 -9.15 114.87 15.61
CA ASN Y 397 -9.60 114.84 16.99
C ASN Y 397 -10.90 115.63 17.16
N LEU Y 398 -11.48 115.50 18.35
CA LEU Y 398 -12.77 116.12 18.66
C LEU Y 398 -12.72 117.65 18.51
N GLU Y 399 -13.82 118.21 18.04
CA GLU Y 399 -14.03 119.66 18.06
C GLU Y 399 -15.49 119.93 18.42
N GLY Y 400 -15.75 121.15 18.89
CA GLY Y 400 -17.08 121.48 19.37
C GLY Y 400 -17.43 122.95 19.28
N ILE Y 401 -18.71 123.25 19.09
CA ILE Y 401 -19.23 124.61 18.99
C ILE Y 401 -20.35 124.78 19.99
N GLN Y 402 -20.42 125.96 20.61
CA GLN Y 402 -21.45 126.28 21.58
C GLN Y 402 -22.25 127.49 21.11
N VAL Y 403 -23.57 127.36 21.10
CA VAL Y 403 -24.48 128.44 20.73
C VAL Y 403 -25.38 128.72 21.92
N THR Y 404 -25.43 129.96 22.36
CA THR Y 404 -26.15 130.34 23.56
C THR Y 404 -27.03 131.56 23.28
N ASN Y 405 -27.97 131.79 24.19
CA ASN Y 405 -28.82 132.97 24.20
C ASN Y 405 -28.63 133.65 25.54
N ASN Y 406 -27.90 134.76 25.56
CA ASN Y 406 -27.55 135.45 26.80
C ASN Y 406 -28.29 136.78 26.91
N THR Y 407 -28.23 137.36 28.10
CA THR Y 407 -28.69 138.72 28.32
C THR Y 407 -27.58 139.74 28.12
N SER Y 408 -26.41 139.30 27.63
CA SER Y 408 -25.32 140.21 27.34
C SER Y 408 -25.62 141.13 26.16
N MET Y 409 -26.69 140.86 25.40
CA MET Y 409 -27.02 141.71 24.26
C MET Y 409 -27.30 143.14 24.69
N ILE Y 410 -27.68 143.35 25.95
CA ILE Y 410 -28.01 144.71 26.39
C ILE Y 410 -26.78 145.59 26.33
N ASP Y 411 -25.60 145.05 26.61
CA ASP Y 411 -24.39 145.87 26.63
C ASP Y 411 -24.07 146.39 25.23
N VAL Y 412 -24.08 145.52 24.23
CA VAL Y 412 -23.71 145.94 22.88
C VAL Y 412 -24.77 146.87 22.30
N PHE Y 413 -26.06 146.57 22.57
CA PHE Y 413 -27.11 147.44 22.07
C PHE Y 413 -27.04 148.80 22.75
N THR Y 414 -26.74 148.84 24.05
CA THR Y 414 -26.56 150.11 24.72
C THR Y 414 -25.38 150.88 24.14
N LYS Y 415 -24.29 150.20 23.81
CA LYS Y 415 -23.16 150.87 23.18
C LYS Y 415 -23.59 151.49 21.85
N ILE Y 416 -24.32 150.74 21.04
CA ILE Y 416 -24.76 151.26 19.74
C ILE Y 416 -25.68 152.46 19.94
N LEU Y 417 -26.61 152.38 20.89
CA LEU Y 417 -27.52 153.48 21.14
C LEU Y 417 -26.79 154.72 21.65
N LYS Y 418 -25.79 154.53 22.52
CA LYS Y 418 -25.02 155.66 23.00
C LYS Y 418 -24.30 156.35 21.86
N GLN Y 419 -23.66 155.57 20.97
CA GLN Y 419 -23.01 156.18 19.82
C GLN Y 419 -24.01 156.91 18.94
N PHE Y 420 -25.18 156.30 18.73
CA PHE Y 420 -26.18 156.91 17.85
C PHE Y 420 -26.69 158.22 18.44
N ASP Y 421 -26.97 158.25 19.74
CA ASP Y 421 -27.41 159.50 20.36
C ASP Y 421 -26.32 160.57 20.31
N LEU Y 422 -25.08 160.18 20.60
CA LEU Y 422 -23.98 161.13 20.57
C LEU Y 422 -23.85 161.75 19.19
N LEU Y 423 -24.01 160.95 18.13
CA LEU Y 423 -23.83 161.43 16.78
C LEU Y 423 -25.11 161.97 16.16
N ILE Y 424 -26.25 161.86 16.86
CA ILE Y 424 -27.51 162.39 16.34
C ILE Y 424 -27.75 163.77 16.92
N LYS Y 425 -27.33 164.00 18.17
CA LYS Y 425 -27.42 165.36 18.68
C LYS Y 425 -26.53 166.31 17.88
N ARG Y 426 -25.36 165.85 17.45
CA ARG Y 426 -24.49 166.63 16.58
C ARG Y 426 -24.82 166.29 15.14
N LYS Y 427 -25.30 167.28 14.39
CA LYS Y 427 -25.62 167.09 12.98
C LYS Y 427 -24.29 167.07 12.21
N ALA Y 428 -23.60 165.95 12.31
CA ALA Y 428 -22.27 165.83 11.71
C ALA Y 428 -22.35 165.57 10.21
N TYR Y 429 -22.99 164.47 9.82
CA TYR Y 429 -22.98 164.01 8.44
C TYR Y 429 -24.38 163.79 7.88
N LEU Y 430 -25.42 164.34 8.54
CA LEU Y 430 -26.79 164.14 8.07
C LEU Y 430 -27.07 164.87 6.77
N ASN Y 431 -26.20 165.78 6.33
CA ASN Y 431 -26.42 166.45 5.07
C ASN Y 431 -26.38 165.48 3.89
N ARG Y 432 -25.63 164.39 4.02
CA ARG Y 432 -25.58 163.37 2.98
C ARG Y 432 -26.88 162.59 2.85
N TYR Y 433 -27.79 162.71 3.81
CA TYR Y 433 -29.07 162.01 3.79
C TYR Y 433 -30.27 162.93 3.72
N TYR Y 434 -30.22 164.09 4.36
CA TYR Y 434 -31.33 165.05 4.35
C TYR Y 434 -31.18 165.93 3.12
N SER Y 435 -32.04 165.72 2.12
CA SER Y 435 -31.99 166.47 0.88
C SER Y 435 -32.93 167.66 0.84
N SER Y 436 -34.05 167.62 1.56
CA SER Y 436 -35.01 168.70 1.55
C SER Y 436 -35.85 168.62 2.82
N VAL Y 437 -36.87 169.47 2.91
CA VAL Y 437 -37.73 169.49 4.09
C VAL Y 437 -38.45 168.15 4.25
N GLU Y 438 -39.02 167.65 3.15
CA GLU Y 438 -39.71 166.36 3.21
C GLU Y 438 -38.72 165.24 3.50
N GLU Y 439 -37.50 165.32 2.98
CA GLU Y 439 -36.49 164.33 3.30
C GLU Y 439 -36.06 164.45 4.75
N GLU Y 440 -35.97 165.67 5.27
CA GLU Y 440 -35.64 165.85 6.68
C GLU Y 440 -36.68 165.19 7.57
N ASN Y 441 -37.97 165.42 7.28
CA ASN Y 441 -39.02 164.82 8.10
C ASN Y 441 -39.02 163.30 7.96
N GLU Y 442 -38.81 162.79 6.74
CA GLU Y 442 -38.79 161.35 6.53
C GLU Y 442 -37.67 160.70 7.31
N VAL Y 443 -36.47 161.26 7.23
CA VAL Y 443 -35.33 160.65 7.93
C VAL Y 443 -35.52 160.78 9.43
N MET Y 444 -36.08 161.90 9.89
CA MET Y 444 -36.30 162.06 11.34
C MET Y 444 -37.28 161.01 11.87
N GLU Y 445 -38.40 160.81 11.17
CA GLU Y 445 -39.36 159.83 11.66
C GLU Y 445 -38.80 158.41 11.56
N MET Y 446 -38.05 158.11 10.50
CA MET Y 446 -37.44 156.79 10.38
C MET Y 446 -36.46 156.54 11.51
N PHE Y 447 -35.62 157.54 11.81
CA PHE Y 447 -34.62 157.39 12.85
C PHE Y 447 -35.28 157.24 14.21
N ASN Y 448 -36.35 158.00 14.45
CA ASN Y 448 -37.07 157.89 15.72
C ASN Y 448 -37.66 156.50 15.88
N GLU Y 449 -38.25 155.96 14.82
CA GLU Y 449 -38.82 154.61 14.90
C GLU Y 449 -37.73 153.58 15.18
N SER Y 450 -36.59 153.69 14.51
CA SER Y 450 -35.50 152.73 14.75
C SER Y 450 -35.01 152.83 16.19
N ARG Y 451 -34.83 154.05 16.69
CA ARG Y 451 -34.34 154.22 18.06
C ARG Y 451 -35.34 153.64 19.06
N GLU Y 452 -36.63 153.87 18.82
CA GLU Y 452 -37.64 153.34 19.73
C GLU Y 452 -37.67 151.83 19.71
N SER Y 453 -37.51 151.22 18.54
CA SER Y 453 -37.50 149.75 18.47
C SER Y 453 -36.30 149.18 19.22
N VAL Y 454 -35.13 149.81 19.07
CA VAL Y 454 -33.95 149.32 19.77
C VAL Y 454 -34.12 149.47 21.27
N LYS Y 455 -34.68 150.60 21.72
CA LYS Y 455 -34.95 150.74 23.16
C LYS Y 455 -35.94 149.70 23.63
N SER Y 456 -36.93 149.37 22.81
CA SER Y 456 -37.91 148.37 23.21
C SER Y 456 -37.25 147.02 23.41
N ILE Y 457 -36.33 146.64 22.51
CA ILE Y 457 -35.69 145.34 22.68
C ILE Y 457 -34.75 145.35 23.87
N ILE Y 458 -34.11 146.49 24.14
CA ILE Y 458 -33.25 146.57 25.34
C ILE Y 458 -34.09 146.41 26.59
N ASP Y 459 -35.24 147.07 26.65
CA ASP Y 459 -36.10 146.96 27.83
C ASP Y 459 -36.63 145.55 27.99
N GLU Y 460 -36.99 144.89 26.87
CA GLU Y 460 -37.43 143.50 26.96
C GLU Y 460 -36.33 142.61 27.52
N TYR Y 461 -35.09 142.73 27.02
CA TYR Y 461 -33.96 141.89 27.48
C TYR Y 461 -33.65 142.19 28.95
N LYS Y 462 -33.86 143.43 29.40
CA LYS Y 462 -33.62 143.85 30.80
C LYS Y 462 -34.73 143.28 31.70
N ALA Y 463 -35.98 143.27 31.23
CA ALA Y 463 -37.10 142.70 31.99
C ALA Y 463 -37.02 141.19 32.07
N CYS Y 464 -36.35 140.57 31.10
CA CYS Y 464 -36.14 139.12 31.20
C CYS Y 464 -35.29 138.76 32.41
N LYS Y 465 -34.34 139.61 32.78
CA LYS Y 465 -33.40 139.28 33.85
C LYS Y 465 -34.12 139.18 35.20
N GLU Y 466 -35.05 140.08 35.47
CA GLU Y 466 -35.67 140.12 36.79
C GLU Y 466 -36.63 138.95 36.99
N ILE Y 467 -37.07 138.76 38.24
CA ILE Y 467 -37.91 137.63 38.59
C ILE Y 467 -39.39 137.88 38.37
N THR Y 468 -39.82 139.14 38.24
CA THR Y 468 -41.22 139.47 38.06
C THR Y 468 -41.61 139.51 36.59
N TYR Y 469 -40.88 138.80 35.73
CA TYR Y 469 -41.15 138.87 34.30
C TYR Y 469 -42.53 138.34 33.96
N LEU Y 470 -42.94 137.25 34.60
CA LEU Y 470 -44.23 136.63 34.32
C LEU Y 470 -45.38 137.22 35.12
N ASP Y 471 -45.10 138.15 36.04
CA ASP Y 471 -46.13 138.73 36.88
C ASP Y 471 -46.82 139.87 36.16
N ASP Y 472 -48.11 140.02 36.42
CA ASP Y 472 -48.92 141.07 35.81
C ASP Y 472 -48.97 142.34 36.66
N ASP Y 473 -48.25 142.37 37.78
CA ASP Y 473 -48.26 143.53 38.66
C ASP Y 473 -47.73 144.76 37.93
N GLY Z 3 -48.94 113.16 -44.22
CA GLY Z 3 -49.03 114.42 -45.02
C GLY Z 3 -47.67 115.02 -45.30
N GLU Z 4 -47.65 116.04 -46.17
CA GLU Z 4 -46.42 116.71 -46.57
C GLU Z 4 -46.56 118.20 -46.30
N THR Z 5 -45.43 118.87 -46.06
CA THR Z 5 -45.41 120.29 -45.75
C THR Z 5 -44.50 121.01 -46.75
N ILE Z 6 -45.00 122.10 -47.32
CA ILE Z 6 -44.25 122.92 -48.26
C ILE Z 6 -43.89 124.22 -47.57
N THR Z 7 -42.61 124.59 -47.63
CA THR Z 7 -42.11 125.79 -46.97
C THR Z 7 -41.88 126.87 -48.01
N LEU Z 8 -42.38 128.07 -47.73
CA LEU Z 8 -42.20 129.23 -48.60
C LEU Z 8 -41.53 130.33 -47.80
N GLN Z 9 -40.49 130.93 -48.38
CA GLN Z 9 -39.71 131.98 -47.72
C GLN Z 9 -39.75 133.22 -48.60
N VAL Z 10 -40.18 134.34 -48.03
CA VAL Z 10 -40.33 135.59 -48.75
C VAL Z 10 -39.59 136.68 -47.99
N GLY Z 11 -38.81 137.47 -48.71
CA GLY Z 11 -38.12 138.61 -48.11
C GLY Z 11 -36.73 138.24 -47.62
N GLN Z 12 -35.92 139.28 -47.38
CA GLN Z 12 -34.56 139.06 -46.89
C GLN Z 12 -34.57 138.41 -45.51
N CYS Z 13 -35.41 138.89 -44.60
CA CYS Z 13 -35.50 138.29 -43.27
C CYS Z 13 -36.01 136.86 -43.36
N GLY Z 14 -37.01 136.62 -44.22
CA GLY Z 14 -37.52 135.28 -44.37
C GLY Z 14 -36.47 134.32 -44.89
N ASN Z 15 -35.68 134.76 -45.88
CA ASN Z 15 -34.61 133.91 -46.40
C ASN Z 15 -33.55 133.65 -45.34
N GLN Z 16 -33.18 134.68 -44.58
CA GLN Z 16 -32.18 134.51 -43.54
C GLN Z 16 -32.63 133.49 -42.51
N VAL Z 17 -33.91 133.56 -42.12
CA VAL Z 17 -34.43 132.59 -41.15
C VAL Z 17 -34.50 131.20 -41.77
N GLY Z 18 -34.98 131.11 -43.00
CA GLY Z 18 -35.19 129.81 -43.62
C GLY Z 18 -33.89 129.06 -43.84
N LEU Z 19 -32.81 129.77 -44.16
CA LEU Z 19 -31.53 129.10 -44.37
C LEU Z 19 -31.12 128.33 -43.12
N GLN Z 20 -31.19 128.98 -41.96
CA GLN Z 20 -30.81 128.32 -40.72
C GLN Z 20 -31.85 127.28 -40.31
N TYR Z 21 -33.12 127.50 -40.63
CA TYR Z 21 -34.14 126.49 -40.36
C TYR Z 21 -33.84 125.20 -41.10
N TRP Z 22 -33.49 125.31 -42.38
CA TRP Z 22 -33.20 124.13 -43.18
C TRP Z 22 -31.88 123.49 -42.77
N GLN Z 23 -30.88 124.30 -42.41
CA GLN Z 23 -29.64 123.70 -41.91
C GLN Z 23 -29.87 122.97 -40.59
N GLN Z 24 -30.73 123.50 -39.73
CA GLN Z 24 -31.08 122.81 -38.49
C GLN Z 24 -31.73 121.46 -38.80
N LEU Z 25 -32.74 121.46 -39.68
CA LEU Z 25 -33.41 120.20 -40.00
C LEU Z 25 -32.43 119.21 -40.61
N ALA Z 26 -31.56 119.67 -41.51
CA ALA Z 26 -30.60 118.80 -42.14
C ALA Z 26 -29.65 118.19 -41.11
N THR Z 27 -29.23 119.00 -40.13
CA THR Z 27 -28.38 118.47 -39.07
C THR Z 27 -29.11 117.41 -38.25
N GLU Z 28 -30.37 117.65 -37.90
CA GLU Z 28 -31.09 116.68 -37.09
C GLU Z 28 -31.27 115.37 -37.83
N HIS Z 29 -31.58 115.42 -39.12
CA HIS Z 29 -31.82 114.21 -39.88
C HIS Z 29 -30.56 113.63 -40.51
N GLY Z 30 -29.39 114.20 -40.23
CA GLY Z 30 -28.16 113.63 -40.74
C GLY Z 30 -27.97 113.77 -42.23
N ILE Z 31 -28.67 114.70 -42.85
CA ILE Z 31 -28.54 114.94 -44.29
C ILE Z 31 -27.48 116.01 -44.49
N GLN Z 32 -26.42 115.67 -45.20
CA GLN Z 32 -25.32 116.60 -45.41
C GLN Z 32 -25.74 117.70 -46.38
N SER Z 33 -24.91 118.74 -46.45
CA SER Z 33 -25.24 119.91 -47.28
C SER Z 33 -25.31 119.57 -48.76
N ASP Z 34 -24.69 118.47 -49.19
CA ASP Z 34 -24.72 118.07 -50.59
C ASP Z 34 -25.90 117.16 -50.93
N GLY Z 35 -26.79 116.90 -49.96
CA GLY Z 35 -27.93 116.04 -50.19
C GLY Z 35 -27.69 114.57 -49.90
N SER Z 36 -26.45 114.17 -49.63
CA SER Z 36 -26.17 112.78 -49.32
C SER Z 36 -26.68 112.42 -47.93
N SER Z 37 -27.23 111.22 -47.80
CA SER Z 37 -27.79 110.75 -46.54
C SER Z 37 -26.73 110.01 -45.73
N THR Z 38 -26.91 110.01 -44.41
CA THR Z 38 -26.00 109.31 -43.52
C THR Z 38 -26.65 108.04 -42.98
N PRO Z 39 -25.92 106.93 -42.86
CA PRO Z 39 -26.52 105.71 -42.33
C PRO Z 39 -27.09 105.93 -40.93
N TYR Z 40 -28.23 105.32 -40.68
CA TYR Z 40 -28.95 105.55 -39.43
C TYR Z 40 -28.26 104.82 -38.28
N PRO Z 41 -27.92 105.50 -37.18
CA PRO Z 41 -27.34 104.80 -36.04
C PRO Z 41 -28.35 103.88 -35.38
N LYS Z 42 -27.85 102.83 -34.74
CA LYS Z 42 -28.72 101.86 -34.09
C LYS Z 42 -29.50 102.53 -32.96
N ASP Z 43 -30.71 102.03 -32.74
CA ASP Z 43 -31.59 102.63 -31.76
C ASP Z 43 -31.04 102.44 -30.35
N ILE Z 44 -31.36 103.38 -29.46
CA ILE Z 44 -30.81 103.38 -28.11
C ILE Z 44 -31.66 102.56 -27.15
N ASN Z 45 -32.99 102.64 -27.27
CA ASN Z 45 -33.89 101.90 -26.39
C ASN Z 45 -34.24 100.52 -26.95
N ASP Z 46 -33.69 100.16 -28.10
CA ASP Z 46 -33.87 98.81 -28.66
C ASP Z 46 -32.75 97.90 -28.13
N LEU Z 47 -32.91 97.50 -26.88
CA LEU Z 47 -31.88 96.72 -26.20
C LEU Z 47 -31.65 95.39 -26.92
N GLN Z 48 -30.45 94.85 -26.75
CA GLN Z 48 -30.07 93.62 -27.43
C GLN Z 48 -29.21 92.74 -26.52
N LEU Z 49 -29.22 91.44 -26.83
CA LEU Z 49 -28.39 90.48 -26.14
C LEU Z 49 -26.91 90.76 -26.37
N GLN Z 50 -26.11 90.57 -25.32
CA GLN Z 50 -24.68 90.85 -25.39
C GLN Z 50 -23.91 89.89 -24.50
N GLU Z 51 -22.69 89.55 -24.92
CA GLU Z 51 -21.74 88.85 -24.07
C GLU Z 51 -21.08 89.84 -23.12
N LEU Z 52 -20.76 89.38 -21.91
CA LEU Z 52 -20.06 90.21 -20.94
C LEU Z 52 -19.32 89.37 -19.90
N GLY Z 70 -29.20 99.14 -44.72
CA GLY Z 70 -28.62 100.47 -44.60
C GLY Z 70 -29.65 101.57 -44.76
N LYS Z 71 -30.68 101.29 -45.56
CA LYS Z 71 -31.75 102.25 -45.78
C LYS Z 71 -32.80 102.24 -44.68
N TYR Z 72 -32.68 101.36 -43.70
CA TYR Z 72 -33.69 101.22 -42.66
C TYR Z 72 -33.68 102.45 -41.76
N ARG Z 73 -34.88 102.97 -41.47
CA ARG Z 73 -35.03 104.15 -40.65
C ARG Z 73 -36.31 104.02 -39.84
N ASN Z 74 -36.38 104.78 -38.74
CA ASN Z 74 -37.58 104.85 -37.92
C ASN Z 74 -38.03 106.29 -37.69
N ASP Z 75 -37.57 107.23 -38.50
CA ASP Z 75 -38.04 108.61 -38.51
C ASP Z 75 -38.70 108.91 -39.84
N HIS Z 76 -39.14 110.15 -40.00
CA HIS Z 76 -39.87 110.59 -41.19
C HIS Z 76 -39.27 111.88 -41.73
N PRO Z 77 -38.07 111.80 -42.31
CA PRO Z 77 -37.45 113.01 -42.86
C PRO Z 77 -38.09 113.42 -44.17
N GLU Z 78 -38.63 112.44 -44.91
CA GLU Z 78 -39.20 112.72 -46.22
C GLU Z 78 -40.48 113.54 -46.13
N LEU Z 79 -41.02 113.76 -44.94
CA LEU Z 79 -42.14 114.66 -44.78
C LEU Z 79 -41.80 116.08 -45.20
N PHE Z 80 -40.52 116.44 -45.22
CA PHE Z 80 -40.05 117.76 -45.62
C PHE Z 80 -39.14 117.72 -46.83
N PHE Z 81 -38.29 116.72 -46.94
CA PHE Z 81 -37.34 116.60 -48.04
C PHE Z 81 -37.85 115.61 -49.08
N THR Z 82 -37.66 115.94 -50.35
CA THR Z 82 -38.04 115.05 -51.44
C THR Z 82 -36.91 114.05 -51.67
N LEU Z 83 -37.19 112.77 -51.48
CA LEU Z 83 -36.19 111.73 -51.63
C LEU Z 83 -36.13 111.31 -53.10
N SER Z 84 -35.03 111.64 -53.76
CA SER Z 84 -34.87 111.32 -55.17
C SER Z 84 -34.53 109.85 -55.35
N ASP Z 85 -34.59 109.39 -56.60
CA ASP Z 85 -34.29 108.00 -56.90
C ASP Z 85 -32.82 107.66 -56.65
N SER Z 86 -31.95 108.66 -56.56
CA SER Z 86 -30.52 108.43 -56.34
C SER Z 86 -30.11 108.62 -54.89
N ASN Z 87 -31.06 108.47 -53.96
CA ASN Z 87 -30.76 108.60 -52.53
C ASN Z 87 -30.19 109.97 -52.20
N THR Z 88 -30.79 111.01 -52.76
CA THR Z 88 -30.42 112.39 -52.48
C THR Z 88 -31.65 113.15 -52.01
N TYR Z 89 -31.53 113.84 -50.90
CA TYR Z 89 -32.63 114.62 -50.36
C TYR Z 89 -32.60 116.04 -50.89
N THR Z 90 -33.79 116.67 -50.93
CA THR Z 90 -33.90 118.02 -51.42
C THR Z 90 -35.07 118.67 -50.70
N PRO Z 91 -34.89 119.84 -50.10
CA PRO Z 91 -35.99 120.45 -49.35
C PRO Z 91 -37.16 120.83 -50.25
N ARG Z 92 -38.35 120.83 -49.66
CA ARG Z 92 -39.56 121.31 -50.33
C ARG Z 92 -39.74 122.81 -50.15
N SER Z 93 -38.73 123.59 -50.51
CA SER Z 93 -38.72 125.01 -50.24
C SER Z 93 -38.88 125.80 -51.53
N ILE Z 94 -39.43 127.00 -51.41
CA ILE Z 94 -39.56 127.94 -52.52
C ILE Z 94 -39.06 129.30 -52.03
N LEU Z 95 -38.08 129.85 -52.72
CA LEU Z 95 -37.46 131.11 -52.33
C LEU Z 95 -37.94 132.21 -53.25
N ILE Z 96 -38.58 133.23 -52.68
CA ILE Z 96 -39.15 134.34 -53.43
C ILE Z 96 -38.61 135.64 -52.85
N ASP Z 97 -37.98 136.45 -53.69
CA ASP Z 97 -37.47 137.76 -53.30
C ASP Z 97 -36.98 138.45 -54.58
N MET Z 98 -36.38 139.62 -54.40
CA MET Z 98 -35.85 140.41 -55.51
C MET Z 98 -34.34 140.60 -55.45
N GLU Z 99 -33.80 140.84 -54.27
CA GLU Z 99 -32.35 140.98 -54.12
C GLU Z 99 -31.68 139.62 -54.23
N PRO Z 100 -30.71 139.43 -55.14
CA PRO Z 100 -30.12 138.09 -55.30
C PRO Z 100 -28.98 137.78 -54.34
N SER Z 101 -28.49 138.74 -53.57
CA SER Z 101 -27.34 138.46 -52.70
C SER Z 101 -27.71 137.46 -51.62
N VAL Z 102 -28.87 137.62 -50.98
CA VAL Z 102 -29.27 136.71 -49.93
C VAL Z 102 -29.51 135.31 -50.49
N ILE Z 103 -30.10 135.22 -51.67
CA ILE Z 103 -30.33 133.92 -52.28
C ILE Z 103 -29.01 133.26 -52.65
N ALA Z 104 -28.06 134.05 -53.15
CA ALA Z 104 -26.74 133.50 -53.45
C ALA Z 104 -26.08 132.94 -52.20
N LYS Z 105 -26.16 133.68 -51.09
CA LYS Z 105 -25.56 133.19 -49.84
C LYS Z 105 -26.27 131.92 -49.38
N SER Z 106 -27.60 131.89 -49.47
CA SER Z 106 -28.34 130.72 -49.03
C SER Z 106 -27.99 129.49 -49.86
N THR Z 107 -27.94 129.65 -51.19
CA THR Z 107 -27.63 128.53 -52.06
C THR Z 107 -26.19 128.06 -51.84
N SER Z 108 -25.25 128.99 -51.68
CA SER Z 108 -23.87 128.59 -51.42
C SER Z 108 -23.75 127.82 -50.12
N ALA Z 109 -24.45 128.27 -49.08
CA ALA Z 109 -24.40 127.55 -47.81
C ALA Z 109 -25.00 126.16 -47.94
N LEU Z 110 -26.10 126.04 -48.68
CA LEU Z 110 -26.81 124.76 -48.87
C LEU Z 110 -26.95 124.50 -50.35
N PRO Z 111 -25.98 123.81 -50.98
CA PRO Z 111 -26.14 123.47 -52.40
C PRO Z 111 -27.33 122.56 -52.67
N MET Z 112 -27.87 121.89 -51.64
CA MET Z 112 -28.97 120.97 -51.86
C MET Z 112 -30.23 121.68 -52.37
N PHE Z 113 -30.33 122.99 -52.18
CA PHE Z 113 -31.50 123.70 -52.67
C PHE Z 113 -31.60 123.57 -54.19
N ASN Z 114 -32.81 123.33 -54.66
CA ASN Z 114 -33.04 123.17 -56.09
C ASN Z 114 -32.96 124.54 -56.78
N PRO Z 115 -32.08 124.73 -57.76
CA PRO Z 115 -32.03 126.03 -58.43
C PRO Z 115 -33.34 126.40 -59.11
N ARG Z 116 -34.07 125.41 -59.63
CA ARG Z 116 -35.39 125.60 -60.30
C ARG Z 116 -36.37 126.29 -59.34
N ASN Z 117 -36.25 126.07 -58.03
CA ASN Z 117 -37.21 126.57 -57.06
C ASN Z 117 -37.00 128.03 -56.69
N VAL Z 118 -35.92 128.65 -57.16
CA VAL Z 118 -35.59 130.03 -56.84
C VAL Z 118 -36.28 130.95 -57.84
N HIS Z 119 -36.94 131.98 -57.33
CA HIS Z 119 -37.54 133.02 -58.16
C HIS Z 119 -36.92 134.36 -57.80
N LEU Z 120 -36.46 135.10 -58.81
CA LEU Z 120 -35.82 136.39 -58.61
C LEU Z 120 -36.47 137.43 -59.51
N SER Z 121 -36.69 138.63 -58.97
CA SER Z 121 -37.25 139.71 -59.76
C SER Z 121 -36.14 140.43 -60.52
N ASN Z 129 -39.96 149.13 -51.56
CA ASN Z 129 -40.21 149.62 -50.21
C ASN Z 129 -41.70 149.80 -49.98
N ASN Z 130 -42.38 150.37 -50.96
CA ASN Z 130 -43.82 150.57 -50.87
C ASN Z 130 -44.54 149.23 -50.96
N TRP Z 131 -45.50 149.03 -50.04
CA TRP Z 131 -46.27 147.79 -50.05
C TRP Z 131 -47.08 147.66 -51.33
N ILE Z 132 -47.67 148.77 -51.80
CA ILE Z 132 -48.51 148.73 -52.98
C ILE Z 132 -47.70 148.27 -54.19
N ASN Z 133 -46.47 148.76 -54.33
CA ASN Z 133 -45.66 148.40 -55.48
C ASN Z 133 -45.36 146.91 -55.48
N GLY Z 134 -45.00 146.34 -54.34
CA GLY Z 134 -44.76 144.91 -54.26
C GLY Z 134 -46.01 144.10 -54.52
N TYR Z 135 -47.16 144.55 -54.00
CA TYR Z 135 -48.41 143.85 -54.23
C TYR Z 135 -48.77 143.84 -55.72
N LYS Z 136 -48.59 144.99 -56.39
CA LYS Z 136 -48.89 145.05 -57.82
C LYS Z 136 -47.91 144.21 -58.62
N TYR Z 137 -46.64 144.19 -58.21
CA TYR Z 137 -45.67 143.32 -58.88
C TYR Z 137 -46.06 141.86 -58.73
N GLY Z 138 -46.49 141.46 -57.54
CA GLY Z 138 -46.95 140.09 -57.35
C GLY Z 138 -48.16 139.77 -58.19
N THR Z 139 -49.07 140.74 -58.34
CA THR Z 139 -50.25 140.53 -59.16
C THR Z 139 -49.87 140.35 -60.63
N GLU Z 140 -48.97 141.20 -61.14
CA GLU Z 140 -48.63 141.14 -62.56
C GLU Z 140 -47.94 139.83 -62.90
N GLU Z 141 -47.02 139.38 -62.05
CA GLU Z 141 -46.24 138.17 -62.28
C GLU Z 141 -46.79 136.98 -61.51
N GLU Z 142 -48.11 136.93 -61.29
CA GLU Z 142 -48.69 135.87 -60.47
C GLU Z 142 -48.66 134.52 -61.17
N GLU Z 143 -48.70 134.51 -62.51
CA GLU Z 143 -48.75 133.24 -63.22
C GLU Z 143 -47.48 132.43 -63.02
N THR Z 144 -46.31 133.07 -63.05
CA THR Z 144 -45.06 132.33 -62.86
C THR Z 144 -44.96 131.74 -61.46
N LEU Z 145 -45.27 132.55 -60.45
CA LEU Z 145 -45.21 132.06 -59.08
C LEU Z 145 -46.21 130.92 -58.90
N LEU Z 146 -47.39 131.05 -59.49
CA LEU Z 146 -48.40 130.00 -59.38
C LEU Z 146 -47.94 128.72 -60.05
N ASN Z 147 -47.26 128.83 -61.20
CA ASN Z 147 -46.71 127.65 -61.83
C ASN Z 147 -45.68 126.98 -60.93
N LEU Z 148 -44.87 127.77 -60.23
CA LEU Z 148 -43.90 127.20 -59.32
C LEU Z 148 -44.58 126.47 -58.16
N ILE Z 149 -45.63 127.07 -57.59
CA ILE Z 149 -46.35 126.41 -56.50
C ILE Z 149 -46.95 125.10 -56.98
N ASP Z 150 -47.54 125.11 -58.17
CA ASP Z 150 -48.13 123.88 -58.69
C ASP Z 150 -47.07 122.82 -58.96
N ARG Z 151 -45.89 123.23 -59.44
CA ARG Z 151 -44.82 122.27 -59.65
C ARG Z 151 -44.41 121.62 -58.33
N GLU Z 152 -44.27 122.42 -57.28
CA GLU Z 152 -43.90 121.84 -55.98
C GLU Z 152 -45.00 120.92 -55.46
N VAL Z 153 -46.26 121.31 -55.63
CA VAL Z 153 -47.36 120.47 -55.14
C VAL Z 153 -47.40 119.14 -55.88
N ASP Z 154 -47.12 119.16 -57.19
CA ASP Z 154 -47.21 117.93 -57.96
C ASP Z 154 -46.26 116.85 -57.46
N LYS Z 155 -45.16 117.25 -56.82
CA LYS Z 155 -44.25 116.28 -56.24
C LYS Z 155 -44.74 115.74 -54.89
N CYS Z 156 -45.82 116.29 -54.36
CA CYS Z 156 -46.35 115.92 -53.06
C CYS Z 156 -47.62 115.11 -53.22
N ASP Z 157 -47.71 113.98 -52.53
CA ASP Z 157 -48.91 113.16 -52.49
C ASP Z 157 -49.56 113.34 -51.11
N ASN Z 158 -50.86 113.64 -51.11
CA ASN Z 158 -51.59 113.87 -49.87
C ASN Z 158 -50.97 115.04 -49.09
N LEU Z 159 -51.00 116.21 -49.73
CA LEU Z 159 -50.46 117.41 -49.11
C LEU Z 159 -51.24 117.76 -47.85
N SER Z 160 -50.54 118.35 -46.87
CA SER Z 160 -51.14 118.67 -45.58
C SER Z 160 -51.26 120.17 -45.35
N ASN Z 161 -50.16 120.91 -45.44
CA ASN Z 161 -50.20 122.32 -45.11
C ASN Z 161 -49.02 123.04 -45.76
N PHE Z 162 -49.10 124.37 -45.76
CA PHE Z 162 -48.04 125.25 -46.23
C PHE Z 162 -47.44 126.01 -45.05
N GLN Z 163 -46.14 126.24 -45.12
CA GLN Z 163 -45.44 127.04 -44.11
C GLN Z 163 -44.85 128.27 -44.78
N LEU Z 164 -45.09 129.43 -44.17
CA LEU Z 164 -44.64 130.71 -44.72
C LEU Z 164 -43.68 131.36 -43.75
N PHE Z 165 -42.52 131.79 -44.26
CA PHE Z 165 -41.54 132.53 -43.49
C PHE Z 165 -41.40 133.90 -44.12
N HIS Z 166 -41.94 134.93 -43.48
CA HIS Z 166 -41.90 136.27 -44.03
C HIS Z 166 -42.00 137.28 -42.91
N SER Z 167 -41.59 138.51 -43.21
CA SER Z 167 -41.64 139.62 -42.26
C SER Z 167 -42.85 140.49 -42.56
N VAL Z 168 -43.59 140.85 -41.52
CA VAL Z 168 -44.81 141.64 -41.72
C VAL Z 168 -44.46 142.98 -42.34
N ALA Z 169 -43.39 143.62 -41.86
CA ALA Z 169 -42.92 144.88 -42.41
C ALA Z 169 -41.47 144.71 -42.87
N GLY Z 170 -41.11 145.48 -43.90
CA GLY Z 170 -39.75 145.40 -44.42
C GLY Z 170 -39.66 145.59 -45.92
N GLY Z 171 -40.81 145.60 -46.61
CA GLY Z 171 -40.80 145.84 -48.04
C GLY Z 171 -41.20 144.65 -48.88
N THR Z 172 -40.22 144.05 -49.57
CA THR Z 172 -40.53 142.96 -50.48
C THR Z 172 -41.34 141.87 -49.80
N GLY Z 173 -40.96 141.52 -48.57
CA GLY Z 173 -41.63 140.44 -47.88
C GLY Z 173 -43.09 140.71 -47.67
N SER Z 174 -43.44 141.92 -47.26
CA SER Z 174 -44.84 142.23 -46.95
C SER Z 174 -45.72 142.03 -48.18
N GLY Z 175 -45.46 142.78 -49.25
CA GLY Z 175 -46.31 142.72 -50.41
C GLY Z 175 -46.30 141.35 -51.08
N VAL Z 176 -45.10 140.79 -51.27
CA VAL Z 176 -45.03 139.53 -52.01
C VAL Z 176 -45.67 138.41 -51.20
N GLY Z 177 -45.42 138.37 -49.88
CA GLY Z 177 -46.03 137.36 -49.05
C GLY Z 177 -47.53 137.51 -48.97
N SER Z 178 -48.03 138.75 -48.92
CA SER Z 178 -49.48 138.94 -48.89
C SER Z 178 -50.12 138.45 -50.18
N LYS Z 179 -49.51 138.77 -51.33
CA LYS Z 179 -50.09 138.32 -52.59
C LYS Z 179 -50.02 136.80 -52.72
N MET Z 180 -48.89 136.21 -52.31
CA MET Z 180 -48.80 134.75 -52.32
C MET Z 180 -49.82 134.12 -51.36
N LEU Z 181 -50.06 134.77 -50.21
CA LEU Z 181 -51.07 134.28 -49.28
C LEU Z 181 -52.43 134.21 -49.96
N GLU Z 182 -52.84 135.31 -50.61
CA GLU Z 182 -54.13 135.31 -51.27
C GLU Z 182 -54.17 134.27 -52.38
N VAL Z 183 -53.11 134.19 -53.19
CA VAL Z 183 -53.09 133.28 -54.33
C VAL Z 183 -53.22 131.84 -53.86
N ILE Z 184 -52.44 131.46 -52.85
CA ILE Z 184 -52.50 130.07 -52.37
C ILE Z 184 -53.84 129.81 -51.70
N SER Z 185 -54.39 130.79 -51.00
CA SER Z 185 -55.65 130.57 -50.30
C SER Z 185 -56.77 130.29 -51.28
N ASP Z 186 -56.80 131.02 -52.40
CA ASP Z 186 -57.93 130.90 -53.33
C ASP Z 186 -57.69 129.94 -54.48
N ARG Z 187 -56.45 129.52 -54.73
CA ARG Z 187 -56.18 128.60 -55.82
C ARG Z 187 -56.48 127.15 -55.47
N TYR Z 188 -56.47 126.79 -54.19
CA TYR Z 188 -56.70 125.42 -53.75
C TYR Z 188 -58.00 125.28 -52.96
N GLY Z 189 -58.83 126.33 -52.92
CA GLY Z 189 -60.14 126.29 -52.21
C GLY Z 189 -60.02 126.20 -50.71
N HIS Z 190 -58.88 126.62 -50.11
CA HIS Z 190 -58.69 126.63 -48.64
C HIS Z 190 -58.81 125.21 -48.06
N LYS Z 191 -58.59 124.16 -48.86
CA LYS Z 191 -58.80 122.75 -48.42
C LYS Z 191 -57.61 122.28 -47.59
N LYS Z 192 -56.49 123.02 -47.54
CA LYS Z 192 -55.34 122.71 -46.71
C LYS Z 192 -55.03 123.91 -45.83
N LEU Z 193 -54.78 123.65 -44.55
CA LEU Z 193 -54.46 124.73 -43.64
C LEU Z 193 -53.12 125.36 -44.02
N LEU Z 194 -52.95 126.61 -43.61
CA LEU Z 194 -51.80 127.42 -44.03
C LEU Z 194 -51.28 128.18 -42.82
N ASN Z 195 -50.11 127.78 -42.32
CA ASN Z 195 -49.49 128.43 -41.17
C ASN Z 195 -48.83 129.72 -41.61
N THR Z 196 -48.19 130.40 -40.66
CA THR Z 196 -47.50 131.65 -40.96
C THR Z 196 -46.53 131.96 -39.83
N PHE Z 197 -45.24 131.92 -40.12
CA PHE Z 197 -44.21 132.25 -39.14
C PHE Z 197 -43.79 133.71 -39.29
N SER Z 198 -44.76 134.60 -39.11
CA SER Z 198 -44.54 136.02 -39.31
C SER Z 198 -43.60 136.58 -38.26
N ILE Z 199 -42.77 137.54 -38.68
CA ILE Z 199 -41.86 138.25 -37.81
C ILE Z 199 -42.30 139.72 -37.77
N PHE Z 200 -42.62 140.22 -36.60
CA PHE Z 200 -43.08 141.59 -36.52
C PHE Z 200 -41.90 142.55 -36.42
N PRO Z 201 -42.05 143.77 -36.93
CA PRO Z 201 -40.95 144.73 -36.83
C PRO Z 201 -40.73 145.20 -35.40
N SER Z 202 -39.50 145.62 -35.11
CA SER Z 202 -39.15 146.11 -33.79
C SER Z 202 -39.69 147.53 -33.58
N VAL Z 209 -39.46 153.78 -39.54
CA VAL Z 209 -39.57 154.53 -40.78
C VAL Z 209 -41.06 154.79 -41.06
N VAL Z 210 -41.35 155.88 -41.78
CA VAL Z 210 -42.73 156.32 -41.95
C VAL Z 210 -43.59 155.25 -42.60
N VAL Z 211 -43.00 154.41 -43.44
CA VAL Z 211 -43.79 153.43 -44.20
C VAL Z 211 -44.04 152.14 -43.43
N GLN Z 212 -43.30 151.88 -42.36
CA GLN Z 212 -43.41 150.58 -41.69
C GLN Z 212 -44.78 150.32 -41.09
N PRO Z 213 -45.41 151.26 -40.37
CA PRO Z 213 -46.73 150.96 -39.79
C PRO Z 213 -47.78 150.65 -40.85
N TYR Z 214 -47.74 151.36 -41.97
CA TYR Z 214 -48.67 151.08 -43.06
C TYR Z 214 -48.51 149.63 -43.52
N ASN Z 215 -47.26 149.22 -43.73
CA ASN Z 215 -46.99 147.86 -44.19
C ASN Z 215 -47.48 146.84 -43.17
N THR Z 216 -47.23 147.11 -41.88
CA THR Z 216 -47.64 146.16 -40.85
C THR Z 216 -49.15 145.97 -40.84
N ILE Z 217 -49.90 147.06 -40.89
CA ILE Z 217 -51.35 146.93 -40.85
C ILE Z 217 -51.87 146.27 -42.13
N LEU Z 218 -51.30 146.66 -43.28
CA LEU Z 218 -51.79 146.13 -44.54
C LEU Z 218 -51.57 144.63 -44.63
N THR Z 219 -50.40 144.16 -44.16
CA THR Z 219 -50.14 142.72 -44.17
C THR Z 219 -50.99 142.00 -43.12
N LEU Z 220 -51.18 142.62 -41.96
CA LEU Z 220 -51.96 141.96 -40.92
C LEU Z 220 -53.41 141.77 -41.36
N LYS Z 221 -53.90 142.64 -42.24
CA LYS Z 221 -55.26 142.46 -42.76
C LYS Z 221 -55.39 141.12 -43.49
N ARG Z 222 -54.44 140.82 -44.39
CA ARG Z 222 -54.48 139.53 -45.08
C ARG Z 222 -54.13 138.38 -44.16
N LEU Z 223 -53.31 138.62 -43.13
CA LEU Z 223 -53.08 137.55 -42.15
C LEU Z 223 -54.38 137.16 -41.47
N ILE Z 224 -55.20 138.14 -41.12
CA ILE Z 224 -56.51 137.84 -40.54
C ILE Z 224 -57.37 137.10 -41.55
N ASP Z 225 -57.40 137.58 -42.80
CA ASP Z 225 -58.33 137.00 -43.77
C ASP Z 225 -57.98 135.57 -44.13
N TYR Z 226 -56.71 135.28 -44.41
CA TYR Z 226 -56.33 134.01 -45.05
C TYR Z 226 -55.61 133.04 -44.13
N SER Z 227 -54.66 133.49 -43.33
CA SER Z 227 -53.85 132.56 -42.56
C SER Z 227 -54.71 131.77 -41.57
N ASP Z 228 -54.32 130.52 -41.35
CA ASP Z 228 -55.03 129.64 -40.43
C ASP Z 228 -54.45 129.62 -39.02
N ALA Z 229 -53.16 129.87 -38.88
CA ALA Z 229 -52.53 129.91 -37.56
C ALA Z 229 -51.23 130.69 -37.69
N THR Z 230 -51.11 131.77 -36.91
CA THR Z 230 -49.99 132.69 -37.04
C THR Z 230 -49.12 132.62 -35.79
N PHE Z 231 -47.81 132.44 -35.99
CA PHE Z 231 -46.84 132.47 -34.90
C PHE Z 231 -46.23 133.86 -34.86
N VAL Z 232 -46.64 134.66 -33.88
CA VAL Z 232 -46.19 136.04 -33.77
C VAL Z 232 -44.81 136.06 -33.11
N PHE Z 233 -43.84 136.64 -33.80
CA PHE Z 233 -42.50 136.84 -33.27
C PHE Z 233 -42.18 138.32 -33.30
N HIS Z 234 -41.76 138.86 -32.16
CA HIS Z 234 -41.45 140.27 -32.01
C HIS Z 234 -39.94 140.44 -31.88
N ASN Z 235 -39.36 141.30 -32.73
CA ASN Z 235 -37.91 141.43 -32.76
C ASN Z 235 -37.38 142.01 -31.45
N ASP Z 236 -38.10 142.94 -30.84
CA ASP Z 236 -37.62 143.53 -29.59
C ASP Z 236 -37.54 142.48 -28.49
N SER Z 237 -38.57 141.64 -28.36
CA SER Z 237 -38.51 140.58 -27.36
C SER Z 237 -37.44 139.54 -27.71
N LEU Z 238 -37.21 139.32 -28.99
CA LEU Z 238 -36.14 138.40 -29.39
C LEU Z 238 -34.79 138.96 -28.99
N ASN Z 239 -34.60 140.27 -29.12
CA ASN Z 239 -33.36 140.90 -28.66
C ASN Z 239 -33.26 140.83 -27.13
N ARG Z 240 -34.39 140.96 -26.43
CA ARG Z 240 -34.38 140.81 -24.98
C ARG Z 240 -33.90 139.42 -24.57
N ILE Z 241 -34.38 138.40 -25.25
CA ILE Z 241 -33.92 137.04 -24.94
C ILE Z 241 -32.45 136.86 -25.32
N GLU Z 242 -32.05 137.42 -26.46
CA GLU Z 242 -30.71 137.13 -26.98
C GLU Z 242 -29.63 137.64 -26.03
N ASN Z 243 -29.78 138.85 -25.51
CA ASN Z 243 -28.73 139.46 -24.72
C ASN Z 243 -28.46 138.71 -23.42
N ILE Z 244 -29.39 137.86 -23.00
CA ILE Z 244 -29.19 137.08 -21.79
C ILE Z 244 -28.14 136.01 -22.04
N GLY Z 262 -27.81 134.61 -34.07
CA GLY Z 262 -28.40 135.88 -33.69
C GLY Z 262 -29.88 135.79 -33.41
N ALA Z 263 -30.61 136.86 -33.76
CA ALA Z 263 -32.05 136.86 -33.53
C ALA Z 263 -32.77 135.85 -34.43
N ASN Z 264 -32.23 135.57 -35.61
CA ASN Z 264 -32.86 134.62 -36.52
C ASN Z 264 -32.66 133.19 -36.06
N LYS Z 265 -31.59 132.91 -35.33
CA LYS Z 265 -31.35 131.56 -34.86
C LYS Z 265 -32.44 131.10 -33.91
N LEU Z 266 -32.92 131.98 -33.04
CA LEU Z 266 -33.99 131.62 -32.13
C LEU Z 266 -35.28 131.30 -32.88
N ILE Z 267 -35.60 132.08 -33.90
CA ILE Z 267 -36.78 131.81 -34.72
C ILE Z 267 -36.63 130.46 -35.41
N ALA Z 268 -35.44 130.20 -35.95
CA ALA Z 268 -35.22 128.92 -36.61
C ALA Z 268 -35.39 127.77 -35.64
N LEU Z 269 -34.84 127.91 -34.43
CA LEU Z 269 -34.95 126.85 -33.43
C LEU Z 269 -36.40 126.59 -33.07
N VAL Z 270 -37.18 127.65 -32.85
CA VAL Z 270 -38.57 127.46 -32.46
C VAL Z 270 -39.34 126.80 -33.60
N SER Z 271 -39.15 127.29 -34.83
CA SER Z 271 -39.88 126.73 -35.97
C SER Z 271 -39.51 125.27 -36.21
N ALA Z 272 -38.23 124.92 -36.09
CA ALA Z 272 -37.79 123.56 -36.30
C ALA Z 272 -38.11 122.64 -35.12
N SER Z 273 -38.42 123.19 -33.96
CA SER Z 273 -38.85 122.38 -32.83
C SER Z 273 -40.36 122.22 -32.74
N VAL Z 274 -41.13 123.09 -33.40
CA VAL Z 274 -42.58 122.92 -33.39
C VAL Z 274 -42.96 121.60 -34.04
N SER Z 275 -42.32 121.26 -35.16
CA SER Z 275 -42.66 120.09 -35.94
C SER Z 275 -41.89 118.85 -35.51
N ASN Z 276 -41.38 118.82 -34.29
CA ASN Z 276 -40.65 117.63 -33.84
C ASN Z 276 -41.51 116.39 -33.82
N PRO Z 277 -42.75 116.41 -33.31
CA PRO Z 277 -43.57 115.20 -33.35
C PRO Z 277 -43.83 114.70 -34.76
N LEU Z 278 -43.87 115.59 -35.75
CA LEU Z 278 -44.13 115.14 -37.12
C LEU Z 278 -42.96 114.36 -37.68
N ARG Z 279 -41.73 114.84 -37.45
CA ARG Z 279 -40.55 114.19 -38.01
C ARG Z 279 -40.11 112.98 -37.20
N PHE Z 280 -40.49 112.90 -35.92
CA PHE Z 280 -40.20 111.74 -35.07
C PHE Z 280 -41.52 111.30 -34.44
N PRO Z 281 -42.32 110.51 -35.16
CA PRO Z 281 -43.69 110.25 -34.71
C PRO Z 281 -43.73 109.57 -33.36
N GLY Z 282 -44.75 109.93 -32.57
CA GLY Z 282 -44.96 109.34 -31.26
C GLY Z 282 -46.42 108.96 -31.06
N TYR Z 283 -46.83 108.79 -29.80
CA TYR Z 283 -48.19 108.35 -29.53
C TYR Z 283 -49.21 109.39 -30.00
N MET Z 284 -48.96 110.66 -29.72
CA MET Z 284 -49.93 111.72 -29.95
C MET Z 284 -49.52 112.61 -31.10
N TYR Z 285 -50.49 113.36 -31.62
CA TYR Z 285 -50.26 114.35 -32.66
C TYR Z 285 -49.70 113.71 -33.92
N SER Z 286 -48.44 113.96 -34.25
CA SER Z 286 -47.81 113.49 -35.49
C SER Z 286 -48.49 114.06 -36.73
N SER Z 287 -49.35 115.05 -36.58
CA SER Z 287 -49.99 115.71 -37.70
C SER Z 287 -50.08 117.20 -37.40
N MET Z 288 -49.76 118.03 -38.39
CA MET Z 288 -49.74 119.47 -38.16
C MET Z 288 -51.12 120.01 -37.86
N GLU Z 289 -52.16 119.46 -38.49
CA GLU Z 289 -53.52 119.91 -38.19
C GLU Z 289 -53.90 119.58 -36.75
N SER Z 290 -53.42 118.45 -36.23
CA SER Z 290 -53.79 118.06 -34.86
C SER Z 290 -53.15 118.99 -33.83
N ILE Z 291 -51.91 119.42 -34.07
CA ILE Z 291 -51.24 120.32 -33.14
C ILE Z 291 -51.94 121.68 -33.12
N VAL Z 292 -52.21 122.23 -34.30
CA VAL Z 292 -52.83 123.55 -34.36
C VAL Z 292 -54.24 123.50 -33.81
N SER Z 293 -55.01 122.47 -34.14
CA SER Z 293 -56.39 122.39 -33.69
C SER Z 293 -56.51 122.37 -32.18
N ASN Z 294 -55.46 122.02 -31.47
CA ASN Z 294 -55.50 121.95 -30.02
C ASN Z 294 -55.32 123.30 -29.34
N LEU Z 295 -55.00 124.35 -30.10
CA LEU Z 295 -54.72 125.66 -29.53
C LEU Z 295 -55.60 126.77 -30.09
N ILE Z 296 -56.46 126.48 -31.08
CA ILE Z 296 -57.26 127.47 -31.73
C ILE Z 296 -58.73 127.12 -31.51
N PRO Z 297 -59.39 127.74 -30.51
CA PRO Z 297 -60.78 127.36 -30.22
C PRO Z 297 -61.77 127.87 -31.27
N THR Z 298 -61.53 129.06 -31.79
CA THR Z 298 -62.37 129.65 -32.82
C THR Z 298 -61.48 130.24 -33.91
N PRO Z 299 -62.01 130.42 -35.11
CA PRO Z 299 -61.18 130.97 -36.19
C PRO Z 299 -60.57 132.31 -35.85
N ASP Z 300 -61.24 133.12 -35.04
CA ASP Z 300 -60.73 134.46 -34.74
C ASP Z 300 -59.51 134.41 -33.82
N LEU Z 301 -59.55 133.56 -32.80
CA LEU Z 301 -58.47 133.46 -31.83
C LEU Z 301 -57.35 132.57 -32.36
N LYS Z 302 -56.80 132.97 -33.51
CA LYS Z 302 -55.84 132.13 -34.23
C LYS Z 302 -54.39 132.53 -34.01
N PHE Z 303 -54.12 133.65 -33.34
CA PHE Z 303 -52.75 134.14 -33.21
C PHE Z 303 -52.07 133.45 -32.03
N LEU Z 304 -51.05 132.66 -32.32
CA LEU Z 304 -50.29 131.96 -31.29
C LEU Z 304 -48.98 132.70 -31.01
N THR Z 305 -48.43 132.45 -29.83
CA THR Z 305 -47.12 132.96 -29.45
C THR Z 305 -46.33 131.83 -28.81
N SER Z 306 -45.01 131.94 -28.88
CA SER Z 306 -44.12 130.86 -28.49
C SER Z 306 -43.15 131.32 -27.42
N SER Z 307 -42.84 130.42 -26.49
CA SER Z 307 -41.84 130.62 -25.46
C SER Z 307 -40.70 129.63 -25.68
N ILE Z 308 -39.48 130.07 -25.41
CA ILE Z 308 -38.27 129.30 -25.71
C ILE Z 308 -37.42 129.23 -24.44
N ALA Z 309 -36.95 128.04 -24.10
CA ALA Z 309 -36.02 127.86 -23.00
C ALA Z 309 -34.61 128.07 -23.52
N PRO Z 310 -33.90 129.13 -23.12
CA PRO Z 310 -32.63 129.44 -23.79
C PRO Z 310 -31.50 128.47 -23.49
N PHE Z 311 -31.45 127.92 -22.27
CA PHE Z 311 -30.23 127.29 -21.77
C PHE Z 311 -30.11 125.82 -22.20
N SER Z 312 -30.13 125.61 -23.51
CA SER Z 312 -29.98 124.27 -24.07
C SER Z 312 -28.55 123.77 -24.05
N THR Z 313 -27.55 124.64 -23.89
CA THR Z 313 -26.16 124.22 -24.01
C THR Z 313 -25.27 124.58 -22.82
N GLN Z 314 -25.55 125.67 -22.11
CA GLN Z 314 -24.70 126.08 -21.00
C GLN Z 314 -24.63 124.98 -19.94
N LYS Z 315 -23.45 124.78 -19.36
CA LYS Z 315 -23.27 123.65 -18.45
C LYS Z 315 -24.10 123.77 -17.17
N HIS Z 316 -24.75 124.90 -16.93
CA HIS Z 316 -25.70 125.04 -15.83
C HIS Z 316 -27.13 124.79 -16.29
N ASN Z 317 -27.31 123.86 -17.23
CA ASN Z 317 -28.61 123.56 -17.80
C ASN Z 317 -29.57 123.05 -16.73
N TYR Z 318 -30.83 122.91 -17.14
CA TYR Z 318 -31.89 122.50 -16.23
C TYR Z 318 -31.61 121.12 -15.63
N LEU Z 319 -31.92 120.98 -14.35
CA LEU Z 319 -31.61 119.76 -13.63
C LEU Z 319 -32.39 118.57 -14.18
N ASN Z 320 -33.66 118.76 -14.48
CA ASN Z 320 -34.55 117.67 -14.84
C ASN Z 320 -35.78 118.25 -15.53
N GLU Z 321 -36.71 117.37 -15.92
CA GLU Z 321 -37.92 117.81 -16.60
C GLU Z 321 -38.80 118.65 -15.68
N TYR Z 322 -38.83 118.32 -14.39
CA TYR Z 322 -39.68 119.06 -13.46
C TYR Z 322 -39.26 120.52 -13.40
N ASP Z 323 -37.96 120.81 -13.35
CA ASP Z 323 -37.50 122.18 -13.32
C ASP Z 323 -37.87 122.93 -14.60
N MET Z 324 -37.66 122.29 -15.76
CA MET Z 324 -37.93 122.95 -17.02
C MET Z 324 -39.41 123.23 -17.21
N LEU Z 325 -40.27 122.33 -16.74
CA LEU Z 325 -41.70 122.58 -16.84
C LEU Z 325 -42.08 123.86 -16.11
N LEU Z 326 -41.49 124.10 -14.95
CA LEU Z 326 -41.79 125.34 -14.23
C LEU Z 326 -41.12 126.54 -14.89
N GLU Z 327 -39.91 126.36 -15.41
CA GLU Z 327 -39.22 127.51 -15.99
C GLU Z 327 -39.83 127.96 -17.30
N LEU Z 328 -40.50 127.06 -18.02
CA LEU Z 328 -41.06 127.44 -19.31
C LEU Z 328 -42.14 128.50 -19.17
N SER Z 329 -42.90 128.48 -18.07
CA SER Z 329 -43.97 129.43 -17.88
C SER Z 329 -43.48 130.84 -17.61
N ASN Z 330 -42.18 131.03 -17.38
CA ASN Z 330 -41.66 132.35 -17.07
C ASN Z 330 -41.92 133.31 -18.23
N ASP Z 331 -42.24 134.56 -17.88
CA ASP Z 331 -42.56 135.58 -18.87
C ASP Z 331 -41.33 136.27 -19.45
N ARG Z 332 -40.15 136.02 -18.89
CA ARG Z 332 -38.94 136.67 -19.38
C ARG Z 332 -38.35 135.99 -20.61
N TYR Z 333 -38.82 134.81 -20.98
CA TYR Z 333 -38.32 134.09 -22.14
C TYR Z 333 -39.36 133.91 -23.23
N LYS Z 334 -40.53 134.53 -23.09
CA LYS Z 334 -41.51 134.52 -24.17
C LYS Z 334 -41.04 135.43 -25.30
N THR Z 335 -41.39 135.05 -26.53
CA THR Z 335 -41.01 135.83 -27.70
C THR Z 335 -41.94 137.01 -27.95
N ASN Z 336 -42.96 137.19 -27.13
CA ASN Z 336 -43.86 138.33 -27.23
C ASN Z 336 -44.01 138.94 -25.85
N ARG Z 337 -43.96 140.26 -25.77
CA ARG Z 337 -44.04 140.95 -24.49
C ARG Z 337 -45.41 140.72 -23.86
N VAL Z 338 -45.42 140.10 -22.69
CA VAL Z 338 -46.67 139.71 -22.02
C VAL Z 338 -46.66 140.29 -20.61
N SER Z 339 -47.77 140.93 -20.24
CA SER Z 339 -47.91 141.51 -18.91
C SER Z 339 -48.47 140.53 -17.90
N GLY Z 340 -48.73 141.04 -16.70
CA GLY Z 340 -49.26 140.23 -15.62
C GLY Z 340 -50.77 140.04 -15.65
N ASP Z 341 -51.48 140.80 -16.47
CA ASP Z 341 -52.91 140.67 -16.61
C ASP Z 341 -53.30 139.64 -17.67
N THR Z 342 -52.33 138.94 -18.25
CA THR Z 342 -52.60 137.98 -19.30
C THR Z 342 -53.43 136.82 -18.78
N SER Z 343 -54.10 136.14 -19.71
CA SER Z 343 -54.80 134.90 -19.44
C SER Z 343 -54.59 133.95 -20.62
N TYR Z 344 -54.40 132.68 -20.32
CA TYR Z 344 -54.06 131.68 -21.33
C TYR Z 344 -55.31 130.95 -21.80
N ILE Z 345 -55.48 130.85 -23.12
CA ILE Z 345 -56.59 130.09 -23.68
C ILE Z 345 -56.21 128.62 -23.90
N SER Z 346 -54.96 128.35 -24.26
CA SER Z 346 -54.51 126.98 -24.47
C SER Z 346 -53.04 126.87 -24.11
N MET Z 347 -52.64 125.65 -23.74
CA MET Z 347 -51.29 125.36 -23.27
C MET Z 347 -50.73 124.17 -24.04
N LEU Z 348 -49.45 124.25 -24.40
CA LEU Z 348 -48.77 123.14 -25.05
C LEU Z 348 -47.28 123.27 -24.76
N ASN Z 349 -46.70 122.22 -24.19
CA ASN Z 349 -45.29 122.19 -23.81
C ASN Z 349 -44.58 121.07 -24.55
N TYR Z 350 -43.41 121.38 -25.10
CA TYR Z 350 -42.60 120.40 -25.82
C TYR Z 350 -41.43 119.99 -24.96
N LEU Z 351 -41.19 118.69 -24.87
CA LEU Z 351 -40.03 118.14 -24.19
C LEU Z 351 -39.28 117.25 -25.17
N ILE Z 352 -37.97 117.45 -25.26
CA ILE Z 352 -37.13 116.73 -26.21
C ILE Z 352 -35.96 116.14 -25.44
N GLY Z 353 -35.97 114.82 -25.26
CA GLY Z 353 -34.89 114.15 -24.56
C GLY Z 353 -35.07 112.66 -24.61
N ASP Z 354 -34.02 111.97 -24.17
CA ASP Z 354 -34.07 110.51 -24.16
C ASP Z 354 -34.67 110.05 -22.83
N ASN Z 355 -35.60 109.09 -22.86
CA ASN Z 355 -36.15 108.41 -21.70
C ASN Z 355 -36.48 109.39 -20.57
N LEU Z 356 -37.42 110.28 -20.86
CA LEU Z 356 -37.85 111.26 -19.87
C LEU Z 356 -38.49 110.57 -18.68
N ASP Z 357 -38.26 111.12 -17.49
CA ASP Z 357 -38.86 110.56 -16.28
C ASP Z 357 -40.33 110.95 -16.20
N GLN Z 358 -41.21 109.96 -16.12
CA GLN Z 358 -42.64 110.23 -16.09
C GLN Z 358 -43.07 110.89 -14.79
N ARG Z 359 -42.45 110.50 -13.67
CA ARG Z 359 -42.82 111.07 -12.38
C ARG Z 359 -42.60 112.57 -12.37
N GLU Z 360 -41.44 113.02 -12.88
CA GLU Z 360 -41.14 114.44 -12.90
C GLU Z 360 -42.12 115.20 -13.77
N ILE Z 361 -42.45 114.64 -14.94
CA ILE Z 361 -43.38 115.33 -15.84
C ILE Z 361 -44.76 115.44 -15.19
N ARG Z 362 -45.24 114.36 -14.57
CA ARG Z 362 -46.55 114.40 -13.93
C ARG Z 362 -46.59 115.44 -12.83
N LYS Z 363 -45.55 115.46 -11.97
CA LYS Z 363 -45.53 116.41 -10.87
C LYS Z 363 -45.42 117.84 -11.39
N GLY Z 364 -44.63 118.04 -12.46
CA GLY Z 364 -44.49 119.36 -13.02
C GLY Z 364 -45.79 119.87 -13.63
N ILE Z 365 -46.51 119.01 -14.34
CA ILE Z 365 -47.81 119.41 -14.88
C ILE Z 365 -48.75 119.78 -13.74
N LEU Z 366 -48.77 118.97 -12.68
CA LEU Z 366 -49.68 119.28 -11.57
C LEU Z 366 -49.35 120.62 -10.93
N LYS Z 367 -48.06 120.90 -10.72
CA LYS Z 367 -47.70 122.18 -10.11
C LYS Z 367 -47.96 123.35 -11.05
N SER Z 368 -47.67 123.20 -12.34
CA SER Z 368 -47.84 124.29 -13.28
C SER Z 368 -49.31 124.58 -13.58
N GLN Z 369 -50.19 123.61 -13.40
CA GLN Z 369 -51.60 123.85 -13.69
C GLN Z 369 -52.18 124.92 -12.77
N GLN Z 370 -51.80 124.90 -11.49
CA GLN Z 370 -52.33 125.88 -10.54
C GLN Z 370 -51.80 127.28 -10.84
N ARG Z 371 -50.52 127.39 -11.21
CA ARG Z 371 -49.92 128.70 -11.40
C ARG Z 371 -50.54 129.45 -12.57
N ILE Z 372 -50.86 128.73 -13.65
CA ILE Z 372 -51.33 129.39 -14.87
C ILE Z 372 -52.75 129.90 -14.67
N SER Z 373 -53.00 131.13 -15.13
CA SER Z 373 -54.32 131.75 -15.04
C SER Z 373 -55.08 131.46 -16.32
N PHE Z 374 -55.99 130.50 -16.27
CA PHE Z 374 -56.75 130.10 -17.45
C PHE Z 374 -57.95 131.02 -17.65
N VAL Z 375 -58.36 131.16 -18.91
CA VAL Z 375 -59.54 131.97 -19.23
C VAL Z 375 -60.76 131.31 -18.60
N PRO Z 376 -61.74 132.07 -18.07
CA PRO Z 376 -62.81 131.43 -17.28
C PRO Z 376 -63.54 130.32 -18.00
N TRP Z 377 -63.82 130.47 -19.30
CA TRP Z 377 -64.66 129.52 -20.02
C TRP Z 377 -63.87 128.38 -20.65
N VAL Z 378 -62.56 128.30 -20.43
CA VAL Z 378 -61.74 127.20 -20.90
C VAL Z 378 -61.34 126.35 -19.71
N ALA Z 379 -61.54 125.04 -19.82
CA ALA Z 379 -61.16 124.14 -18.74
C ALA Z 379 -59.66 124.14 -18.54
N ARG Z 380 -59.24 124.03 -17.28
CA ARG Z 380 -57.82 124.01 -16.94
C ARG Z 380 -57.17 122.77 -17.55
N SER Z 381 -56.35 122.98 -18.58
CA SER Z 381 -55.73 121.87 -19.31
C SER Z 381 -54.32 122.28 -19.72
N VAL Z 382 -53.33 121.50 -19.29
CA VAL Z 382 -51.94 121.68 -19.70
C VAL Z 382 -51.48 120.37 -20.34
N LEU Z 383 -50.92 120.48 -21.55
CA LEU Z 383 -50.49 119.31 -22.31
C LEU Z 383 -49.00 119.38 -22.55
N VAL Z 384 -48.33 118.23 -22.42
CA VAL Z 384 -46.89 118.11 -22.61
C VAL Z 384 -46.64 117.12 -23.73
N VAL Z 385 -45.78 117.50 -24.67
CA VAL Z 385 -45.42 116.66 -25.81
C VAL Z 385 -44.10 115.98 -25.50
N HIS Z 386 -44.12 114.65 -25.46
CA HIS Z 386 -42.91 113.86 -25.19
C HIS Z 386 -42.20 113.58 -26.51
N GLY Z 387 -41.50 114.60 -27.00
CA GLY Z 387 -40.76 114.44 -28.23
C GLY Z 387 -39.55 113.55 -28.06
N LYS Z 388 -39.03 113.09 -29.19
CA LYS Z 388 -37.85 112.24 -29.23
C LYS Z 388 -36.68 113.02 -29.82
N LYS Z 389 -35.55 113.00 -29.12
CA LYS Z 389 -34.36 113.67 -29.62
C LYS Z 389 -33.78 112.90 -30.81
N SER Z 390 -33.24 113.64 -31.77
CA SER Z 390 -32.67 113.01 -32.94
C SER Z 390 -31.44 112.21 -32.54
N PRO Z 391 -31.32 110.94 -32.95
CA PRO Z 391 -30.13 110.16 -32.58
C PRO Z 391 -28.85 110.72 -33.16
N TYR Z 392 -28.93 111.53 -34.21
CA TYR Z 392 -27.72 112.08 -34.81
C TYR Z 392 -27.09 113.14 -33.93
N LEU Z 393 -27.87 113.81 -33.09
CA LEU Z 393 -27.34 114.85 -32.23
C LEU Z 393 -26.58 114.24 -31.06
N LYS Z 394 -25.34 114.70 -30.87
CA LYS Z 394 -24.54 114.21 -29.75
C LYS Z 394 -24.99 114.82 -28.44
N ASN Z 395 -25.41 116.08 -28.46
CA ASN Z 395 -25.87 116.75 -27.25
C ASN Z 395 -26.97 115.92 -26.60
N THR Z 396 -26.80 115.63 -25.31
CA THR Z 396 -27.78 114.86 -24.56
C THR Z 396 -28.67 115.73 -23.69
N ASN Z 397 -28.39 117.03 -23.61
CA ASN Z 397 -29.21 117.92 -22.81
C ASN Z 397 -30.61 118.04 -23.41
N LEU Z 398 -31.58 118.30 -22.54
CA LEU Z 398 -32.94 118.50 -23.00
C LEU Z 398 -33.11 119.86 -23.67
N GLU Z 399 -34.09 119.93 -24.54
CA GLU Z 399 -34.61 121.19 -25.06
C GLU Z 399 -36.11 121.20 -24.88
N GLY Z 400 -36.68 122.39 -24.69
CA GLY Z 400 -38.11 122.48 -24.53
C GLY Z 400 -38.67 123.80 -25.02
N ILE Z 401 -39.67 123.72 -25.90
CA ILE Z 401 -40.31 124.90 -26.49
C ILE Z 401 -41.77 124.87 -26.06
N GLN Z 402 -42.29 126.02 -25.63
CA GLN Z 402 -43.67 126.15 -25.22
C GLN Z 402 -44.40 127.05 -26.21
N VAL Z 403 -45.58 126.60 -26.66
CA VAL Z 403 -46.42 127.35 -27.57
C VAL Z 403 -47.73 127.65 -26.85
N THR Z 404 -48.14 128.92 -26.86
CA THR Z 404 -49.27 129.38 -26.08
C THR Z 404 -50.20 130.24 -26.93
N ASN Z 405 -51.47 130.26 -26.54
CA ASN Z 405 -52.48 131.13 -27.14
C ASN Z 405 -53.10 131.95 -26.00
N ASN Z 406 -52.46 133.07 -25.66
CA ASN Z 406 -52.88 133.91 -24.56
C ASN Z 406 -53.55 135.17 -25.10
N THR Z 407 -53.98 136.04 -24.18
CA THR Z 407 -54.67 137.26 -24.51
C THR Z 407 -53.75 138.48 -24.54
N SER Z 408 -52.43 138.27 -24.55
CA SER Z 408 -51.49 139.38 -24.63
C SER Z 408 -51.52 140.07 -25.98
N MET Z 409 -52.20 139.49 -26.98
CA MET Z 409 -52.29 140.14 -28.28
C MET Z 409 -53.03 141.46 -28.23
N ILE Z 410 -53.83 141.69 -27.17
CA ILE Z 410 -54.56 142.95 -27.08
C ILE Z 410 -53.59 144.13 -27.07
N ASP Z 411 -52.54 144.04 -26.27
CA ASP Z 411 -51.59 145.15 -26.17
C ASP Z 411 -50.76 145.31 -27.45
N VAL Z 412 -50.35 144.21 -28.07
CA VAL Z 412 -49.48 144.30 -29.24
C VAL Z 412 -50.22 144.96 -30.39
N PHE Z 413 -51.43 144.47 -30.69
CA PHE Z 413 -52.21 145.06 -31.76
C PHE Z 413 -52.67 146.46 -31.40
N THR Z 414 -52.82 146.75 -30.10
CA THR Z 414 -53.11 148.12 -29.69
C THR Z 414 -51.96 149.05 -30.04
N LYS Z 415 -50.72 148.63 -29.79
CA LYS Z 415 -49.57 149.46 -30.17
C LYS Z 415 -49.53 149.67 -31.67
N ILE Z 416 -49.75 148.59 -32.43
CA ILE Z 416 -49.73 148.72 -33.89
C ILE Z 416 -50.81 149.68 -34.34
N LEU Z 417 -52.01 149.55 -33.78
CA LEU Z 417 -53.13 150.39 -34.17
C LEU Z 417 -52.86 151.86 -33.83
N LYS Z 418 -52.29 152.12 -32.65
CA LYS Z 418 -52.01 153.49 -32.26
C LYS Z 418 -50.97 154.13 -33.18
N GLN Z 419 -49.92 153.38 -33.52
CA GLN Z 419 -48.92 153.93 -34.44
C GLN Z 419 -49.54 154.19 -35.80
N PHE Z 420 -50.38 153.28 -36.28
CA PHE Z 420 -51.04 153.50 -37.57
C PHE Z 420 -51.93 154.73 -37.54
N ASP Z 421 -52.70 154.90 -36.45
CA ASP Z 421 -53.57 156.07 -36.35
C ASP Z 421 -52.77 157.35 -36.33
N LEU Z 422 -51.64 157.37 -35.61
CA LEU Z 422 -50.80 158.56 -35.60
C LEU Z 422 -50.26 158.85 -36.99
N LEU Z 423 -49.82 157.82 -37.72
CA LEU Z 423 -49.21 158.07 -39.03
C LEU Z 423 -50.25 158.52 -40.05
N ILE Z 424 -51.49 158.03 -39.95
CA ILE Z 424 -52.48 158.40 -40.95
C ILE Z 424 -52.73 159.90 -40.93
N LYS Z 425 -52.81 160.49 -39.74
CA LYS Z 425 -53.02 161.94 -39.63
C LYS Z 425 -51.83 162.70 -40.17
N GLU Z 440 -54.44 156.36 -56.11
CA GLU Z 440 -55.83 156.81 -56.09
C GLU Z 440 -56.43 156.63 -54.71
N ASN Z 441 -57.70 157.03 -54.56
CA ASN Z 441 -58.37 156.91 -53.28
C ASN Z 441 -58.57 155.46 -52.85
N GLU Z 442 -58.41 154.51 -53.77
CA GLU Z 442 -58.67 153.11 -53.45
C GLU Z 442 -57.82 152.66 -52.26
N VAL Z 443 -56.57 153.12 -52.19
CA VAL Z 443 -55.67 152.64 -51.13
C VAL Z 443 -56.17 153.08 -49.78
N MET Z 444 -56.70 154.30 -49.66
CA MET Z 444 -57.20 154.77 -48.37
C MET Z 444 -58.40 153.93 -47.92
N GLU Z 445 -59.22 153.47 -48.86
CA GLU Z 445 -60.29 152.55 -48.50
C GLU Z 445 -59.72 151.25 -47.94
N MET Z 446 -58.65 150.74 -48.55
CA MET Z 446 -58.01 149.54 -48.03
C MET Z 446 -57.44 149.78 -46.65
N PHE Z 447 -56.89 150.98 -46.40
CA PHE Z 447 -56.41 151.31 -45.06
C PHE Z 447 -57.55 151.28 -44.05
N ASN Z 448 -58.69 151.89 -44.41
CA ASN Z 448 -59.86 151.86 -43.53
C ASN Z 448 -60.30 150.43 -43.26
N GLU Z 449 -60.32 149.59 -44.30
CA GLU Z 449 -60.72 148.21 -44.15
C GLU Z 449 -59.77 147.46 -43.22
N SER Z 450 -58.47 147.71 -43.35
CA SER Z 450 -57.50 147.07 -42.46
C SER Z 450 -57.70 147.52 -41.02
N ARG Z 451 -57.99 148.80 -40.83
CA ARG Z 451 -58.24 149.33 -39.48
C ARG Z 451 -59.45 148.63 -38.86
N GLU Z 452 -60.52 148.48 -39.64
CA GLU Z 452 -61.73 147.86 -39.12
C GLU Z 452 -61.54 146.36 -38.89
N SER Z 453 -60.80 145.69 -39.76
CA SER Z 453 -60.52 144.27 -39.57
C SER Z 453 -59.71 144.03 -38.31
N VAL Z 454 -58.68 144.86 -38.08
CA VAL Z 454 -57.87 144.70 -36.87
C VAL Z 454 -58.72 144.96 -35.63
N LYS Z 455 -59.56 145.99 -35.65
CA LYS Z 455 -60.46 146.20 -34.52
C LYS Z 455 -61.39 145.02 -34.31
N SER Z 456 -61.74 144.32 -35.39
CA SER Z 456 -62.67 143.20 -35.30
C SER Z 456 -62.13 142.07 -34.44
N ILE Z 457 -60.82 141.94 -34.31
CA ILE Z 457 -60.23 140.97 -33.40
C ILE Z 457 -59.69 141.61 -32.12
N ILE Z 458 -59.43 142.91 -32.12
CA ILE Z 458 -59.14 143.60 -30.87
C ILE Z 458 -60.29 143.42 -29.90
N ASP Z 459 -61.50 143.80 -30.33
CA ASP Z 459 -62.65 143.66 -29.46
C ASP Z 459 -62.96 142.20 -29.17
N GLU Z 460 -62.62 141.29 -30.07
CA GLU Z 460 -62.93 139.88 -29.86
C GLU Z 460 -62.02 139.31 -28.77
N TYR Z 461 -60.73 139.61 -28.84
CA TYR Z 461 -59.83 139.19 -27.77
C TYR Z 461 -60.20 139.83 -26.44
N LYS Z 462 -60.71 141.06 -26.45
CA LYS Z 462 -61.18 141.63 -25.19
C LYS Z 462 -62.38 140.85 -24.66
N ALA Z 463 -63.35 140.57 -25.53
CA ALA Z 463 -64.53 139.82 -25.11
C ALA Z 463 -64.18 138.41 -24.65
N CYS Z 464 -63.07 137.85 -25.12
CA CYS Z 464 -62.67 136.51 -24.68
C CYS Z 464 -62.60 136.40 -23.16
N LYS Z 465 -62.40 137.52 -22.45
CA LYS Z 465 -62.32 137.50 -21.00
C LYS Z 465 -63.62 137.08 -20.34
N GLU Z 466 -64.74 137.21 -21.04
CA GLU Z 466 -66.08 137.13 -20.44
C GLU Z 466 -66.73 135.79 -20.75
N ILE Z 467 -67.44 135.26 -19.77
CA ILE Z 467 -68.23 134.04 -19.95
C ILE Z 467 -69.47 134.36 -20.79
N SER AA 62 -56.68 8.42 6.98
CA SER AA 62 -56.79 9.85 6.58
C SER AA 62 -55.47 10.34 5.99
N PRO AA 63 -55.51 10.93 4.79
CA PRO AA 63 -54.27 11.40 4.17
C PRO AA 63 -53.68 12.58 4.93
N ASP AA 64 -52.36 12.70 4.81
CA ASP AA 64 -51.61 13.80 5.41
C ASP AA 64 -51.18 14.76 4.31
N TYR AA 65 -51.41 16.05 4.53
CA TYR AA 65 -51.15 17.07 3.53
C TYR AA 65 -50.28 18.17 4.11
N VAL AA 66 -49.39 18.70 3.27
CA VAL AA 66 -48.60 19.88 3.60
C VAL AA 66 -49.04 21.01 2.68
N SER AA 67 -49.99 21.82 3.12
CA SER AA 67 -50.63 22.81 2.28
C SER AA 67 -50.12 24.21 2.61
N LEU AA 68 -50.33 25.12 1.66
CA LEU AA 68 -49.96 26.52 1.85
C LEU AA 68 -51.04 27.24 2.63
N ARG AA 69 -50.65 27.92 3.70
CA ARG AA 69 -51.60 28.71 4.47
C ARG AA 69 -52.00 29.95 3.69
N GLU AA 70 -53.23 30.41 3.94
CA GLU AA 70 -53.76 31.58 3.27
C GLU AA 70 -53.71 32.80 4.18
N ASN AA 79 -47.43 47.03 7.40
CA ASN AA 79 -46.34 46.16 7.91
C ASN AA 79 -46.73 44.70 7.68
N LEU AA 80 -46.24 44.08 6.59
CA LEU AA 80 -46.53 42.66 6.26
C LEU AA 80 -45.47 41.81 6.98
N ASP AA 81 -45.83 40.62 7.47
CA ASP AA 81 -44.85 39.70 8.11
C ASP AA 81 -44.06 39.06 6.97
N ILE AA 82 -42.82 39.49 6.71
CA ILE AA 82 -42.01 39.02 5.59
C ILE AA 82 -41.32 37.70 5.89
N MET AA 83 -41.32 37.23 7.14
CA MET AA 83 -40.68 35.97 7.50
C MET AA 83 -41.63 35.00 8.18
N SER AA 84 -42.92 35.32 8.27
CA SER AA 84 -43.86 34.38 8.84
C SER AA 84 -43.94 33.12 8.01
N SER AA 85 -44.14 31.98 8.68
CA SER AA 85 -44.19 30.70 7.98
C SER AA 85 -45.26 30.73 6.91
N CYS AA 86 -44.91 30.27 5.71
CA CYS AA 86 -45.86 30.28 4.60
C CYS AA 86 -46.77 29.07 4.64
N ILE AA 87 -46.23 27.88 4.89
CA ILE AA 87 -47.02 26.66 4.97
C ILE AA 87 -47.62 26.56 6.36
N VAL AA 88 -48.61 25.68 6.52
CA VAL AA 88 -49.24 25.48 7.82
C VAL AA 88 -48.32 24.65 8.70
N ASP AA 89 -48.08 25.11 9.92
CA ASP AA 89 -47.27 24.39 10.89
C ASP AA 89 -47.99 24.13 12.21
N SER AA 90 -49.23 24.59 12.34
CA SER AA 90 -50.02 24.36 13.54
C SER AA 90 -50.76 23.03 13.52
N VAL AA 91 -50.32 22.09 12.68
CA VAL AA 91 -50.95 20.78 12.59
C VAL AA 91 -50.32 19.87 13.64
N ILE AA 92 -51.16 19.30 14.50
CA ILE AA 92 -50.73 18.39 15.55
C ILE AA 92 -51.35 17.02 15.26
N TYR AA 93 -50.50 16.01 15.06
CA TYR AA 93 -51.01 14.69 14.73
C TYR AA 93 -51.81 14.10 15.89
N LYS AA 94 -52.93 13.47 15.55
CA LYS AA 94 -53.86 12.97 16.56
C LYS AA 94 -53.39 11.62 17.10
N SER AA 95 -52.95 10.73 16.22
CA SER AA 95 -52.42 9.44 16.64
C SER AA 95 -51.30 9.04 15.70
N GLN AA 96 -50.38 8.22 16.21
CA GLN AA 96 -49.17 7.89 15.47
C GLN AA 96 -49.51 7.20 14.16
N LYS AA 97 -48.81 7.61 13.09
CA LYS AA 97 -49.05 7.02 11.78
C LYS AA 97 -48.58 5.56 11.73
N ILE AA 98 -47.54 5.23 12.48
CA ILE AA 98 -47.05 3.86 12.63
C ILE AA 98 -47.03 3.53 14.10
N ALA AA 99 -47.70 2.45 14.48
CA ALA AA 99 -47.78 2.05 15.88
C ALA AA 99 -46.47 1.38 16.28
N GLY AA 100 -45.73 2.01 17.19
CA GLY AA 100 -44.47 1.47 17.65
C GLY AA 100 -44.62 0.56 18.84
N PRO AA 101 -43.56 -0.15 19.21
CA PRO AA 101 -43.64 -1.03 20.38
C PRO AA 101 -43.93 -0.24 21.65
N LEU AA 102 -44.68 -0.86 22.57
CA LEU AA 102 -44.99 -0.25 23.88
C LEU AA 102 -43.67 -0.09 24.65
N LEU AA 103 -43.52 0.98 25.44
CA LEU AA 103 -42.27 1.24 26.20
C LEU AA 103 -42.22 0.27 27.38
N SER AA 104 -43.35 0.02 28.05
CA SER AA 104 -43.43 -0.98 29.15
C SER AA 104 -43.00 -2.35 28.62
N GLN AA 105 -43.36 -2.74 27.38
CA GLN AA 105 -43.02 -4.07 26.91
C GLN AA 105 -41.52 -4.30 26.90
N ILE AA 106 -40.74 -3.27 26.59
CA ILE AA 106 -39.30 -3.40 26.54
C ILE AA 106 -38.74 -3.33 27.96
N SER AA 107 -37.92 -4.31 28.34
CA SER AA 107 -37.33 -4.36 29.66
C SER AA 107 -35.84 -4.08 29.67
N ASN AA 108 -35.13 -4.34 28.58
CA ASN AA 108 -33.70 -4.11 28.53
C ASN AA 108 -33.38 -2.62 28.59
N LEU AA 109 -32.28 -2.29 29.27
CA LEU AA 109 -31.91 -0.88 29.43
C LEU AA 109 -31.32 -0.31 28.14
N ASN AA 110 -30.49 -1.10 27.44
CA ASN AA 110 -29.85 -0.61 26.23
C ASN AA 110 -30.88 -0.25 25.17
N ILE AA 111 -31.89 -1.11 25.00
CA ILE AA 111 -32.93 -0.85 24.00
C ILE AA 111 -33.67 0.44 24.33
N GLN AA 112 -34.03 0.60 25.61
CA GLN AA 112 -34.72 1.82 26.02
C GLN AA 112 -33.87 3.04 25.76
N GLN AA 113 -32.56 2.95 26.05
CA GLN AA 113 -31.67 4.09 25.84
C GLN AA 113 -31.59 4.46 24.37
N ALA AA 114 -31.45 3.47 23.48
CA ALA AA 114 -31.38 3.76 22.06
C ALA AA 114 -32.68 4.34 21.54
N LEU AA 115 -33.82 3.79 22.00
CA LEU AA 115 -35.10 4.30 21.56
C LEU AA 115 -35.31 5.74 22.00
N ILE AA 116 -34.97 6.05 23.25
CA ILE AA 116 -35.16 7.42 23.72
C ILE AA 116 -34.20 8.36 23.02
N ILE AA 117 -32.99 7.90 22.67
CA ILE AA 117 -32.07 8.75 21.92
C ILE AA 117 -32.64 9.08 20.55
N ARG AA 118 -33.18 8.08 19.86
CA ARG AA 118 -33.77 8.30 18.54
C ARG AA 118 -34.93 9.27 18.63
N GLU AA 119 -35.78 9.11 19.65
CA GLU AA 119 -36.89 10.04 19.82
C GLU AA 119 -36.41 11.43 20.25
N LEU AA 120 -35.28 11.50 20.96
CA LEU AA 120 -34.79 12.76 21.47
C LEU AA 120 -34.18 13.62 20.38
N LEU AA 121 -33.56 13.00 19.38
CA LEU AA 121 -32.98 13.80 18.31
C LEU AA 121 -34.03 14.69 17.65
N PHE AA 122 -35.23 14.16 17.43
CA PHE AA 122 -36.29 14.96 16.85
C PHE AA 122 -36.89 15.93 17.88
N THR AA 123 -36.92 15.53 19.15
CA THR AA 123 -37.49 16.40 20.17
C THR AA 123 -36.67 17.67 20.31
N LEU AA 124 -35.35 17.58 20.20
CA LEU AA 124 -34.51 18.76 20.38
C LEU AA 124 -34.80 19.83 19.35
N LEU AA 125 -35.40 19.47 18.22
CA LEU AA 125 -35.78 20.43 17.20
C LEU AA 125 -37.20 20.94 17.36
N GLY AA 126 -37.89 20.53 18.41
CA GLY AA 126 -39.26 20.96 18.66
C GLY AA 126 -40.34 20.02 18.16
N HIS AA 127 -39.98 18.90 17.55
CA HIS AA 127 -40.97 17.96 17.06
C HIS AA 127 -41.38 16.98 18.16
N GLU AA 128 -42.57 16.43 18.01
CA GLU AA 128 -43.03 15.36 18.88
C GLU AA 128 -42.30 14.06 18.55
N GLY AA 129 -42.38 13.11 19.48
CA GLY AA 129 -41.90 11.77 19.24
C GLY AA 129 -42.94 10.73 19.60
N HIS AA 130 -42.56 9.45 19.57
CA HIS AA 130 -43.47 8.40 20.03
C HIS AA 130 -43.57 8.35 21.54
N TYR AA 131 -42.49 8.70 22.24
CA TYR AA 131 -42.44 8.60 23.69
C TYR AA 131 -42.32 9.94 24.40
N ILE AA 132 -42.10 11.03 23.68
CA ILE AA 132 -42.13 12.37 24.23
C ILE AA 132 -43.21 13.14 23.49
N GLN AA 133 -44.21 13.62 24.23
CA GLN AA 133 -45.39 14.25 23.64
C GLN AA 133 -45.61 15.62 24.24
N TYR AA 134 -46.24 16.49 23.45
CA TYR AA 134 -46.52 17.88 23.89
C TYR AA 134 -47.52 17.85 25.04
N SER AA 135 -47.36 18.75 26.00
CA SER AA 135 -48.32 18.91 27.08
C SER AA 135 -49.62 19.50 26.55
N LYS AA 136 -50.73 19.09 27.17
CA LYS AA 136 -52.04 19.57 26.72
C LYS AA 136 -52.19 21.08 26.88
N ARG AA 137 -51.35 21.71 27.69
CA ARG AA 137 -51.43 23.15 27.90
C ARG AA 137 -50.93 23.95 26.70
N TYR AA 138 -50.16 23.33 25.82
CA TYR AA 138 -49.56 24.03 24.68
C TYR AA 138 -50.60 24.24 23.60
N ASP AA 139 -51.01 25.49 23.39
CA ASP AA 139 -51.94 25.85 22.33
C ASP AA 139 -51.21 26.65 21.27
N PRO AA 140 -51.00 26.11 20.05
CA PRO AA 140 -50.25 26.88 19.05
C PRO AA 140 -50.91 28.18 18.65
N THR AA 141 -52.22 28.33 18.85
CA THR AA 141 -52.89 29.56 18.45
C THR AA 141 -52.36 30.76 19.23
N SER AA 142 -52.18 30.61 20.53
CA SER AA 142 -51.74 31.72 21.36
C SER AA 142 -50.31 32.12 21.04
N GLN AA 143 -50.07 33.43 20.94
CA GLN AA 143 -48.73 33.91 20.63
C GLN AA 143 -47.76 33.62 21.76
N ILE AA 144 -48.17 33.87 23.00
CA ILE AA 144 -47.25 33.69 24.14
C ILE AA 144 -46.89 32.23 24.28
N SER AA 145 -47.83 31.33 24.01
CA SER AA 145 -47.53 29.91 24.10
C SER AA 145 -46.46 29.51 23.09
N ARG AA 146 -46.56 30.03 21.86
CA ARG AA 146 -45.54 29.72 20.86
C ARG AA 146 -44.20 30.32 21.25
N ILE AA 147 -44.19 31.57 21.74
CA ILE AA 147 -42.93 32.21 22.08
C ILE AA 147 -42.23 31.47 23.22
N GLU AA 148 -42.98 31.11 24.26
CA GLU AA 148 -42.37 30.46 25.41
C GLU AA 148 -41.95 29.02 25.12
N GLY AA 149 -42.42 28.44 24.02
CA GLY AA 149 -42.04 27.09 23.66
C GLY AA 149 -42.93 26.05 24.30
N PRO AA 150 -42.99 24.86 23.70
CA PRO AA 150 -43.87 23.81 24.24
C PRO AA 150 -43.24 23.06 25.39
N ASP AA 151 -44.10 22.63 26.31
CA ASP AA 151 -43.69 21.79 27.44
C ASP AA 151 -44.01 20.33 27.12
N TYR AA 152 -43.07 19.45 27.42
CA TYR AA 152 -43.14 18.05 27.03
C TYR AA 152 -43.40 17.18 28.25
N LYS AA 153 -44.14 16.10 28.03
CA LYS AA 153 -44.37 15.07 29.03
C LYS AA 153 -43.75 13.77 28.57
N ILE AA 154 -43.10 13.06 29.48
CA ILE AA 154 -42.38 11.83 29.18
C ILE AA 154 -43.24 10.64 29.57
N ALA AA 155 -43.23 9.61 28.72
CA ALA AA 155 -44.03 8.42 29.00
C ALA AA 155 -43.67 7.84 30.35
N LYS AA 156 -44.69 7.41 31.10
CA LYS AA 156 -44.50 6.97 32.47
C LYS AA 156 -43.73 5.65 32.58
N ASN AA 157 -43.58 4.91 31.50
CA ASN AA 157 -42.95 3.59 31.56
C ASN AA 157 -41.45 3.63 31.35
N LEU AA 158 -40.87 4.80 31.13
CA LEU AA 158 -39.42 4.89 30.99
C LEU AA 158 -38.73 4.60 32.32
N ASP AA 159 -37.47 4.21 32.24
CA ASP AA 159 -36.68 4.00 33.44
C ASP AA 159 -36.48 5.32 34.17
N ILE AA 160 -36.38 5.23 35.49
CA ILE AA 160 -36.36 6.43 36.32
C ILE AA 160 -35.14 7.28 36.02
N SER AA 161 -33.96 6.65 35.94
CA SER AA 161 -32.75 7.41 35.66
C SER AA 161 -32.80 8.04 34.27
N LEU AA 162 -33.24 7.26 33.28
CA LEU AA 162 -33.37 7.80 31.93
C LEU AA 162 -34.42 8.89 31.90
N LYS AA 163 -35.50 8.74 32.68
CA LYS AA 163 -36.53 9.77 32.72
C LYS AA 163 -35.96 11.08 33.27
N VAL AA 164 -35.15 11.01 34.33
CA VAL AA 164 -34.56 12.23 34.88
C VAL AA 164 -33.63 12.89 33.87
N ILE AA 165 -32.74 12.09 33.27
CA ILE AA 165 -31.79 12.66 32.33
C ILE AA 165 -32.52 13.29 31.15
N THR AA 166 -33.57 12.62 30.67
CA THR AA 166 -34.36 13.18 29.58
C THR AA 166 -35.05 14.48 30.00
N LYS AA 167 -35.60 14.51 31.21
CA LYS AA 167 -36.25 15.74 31.67
C LYS AA 167 -35.27 16.90 31.71
N LYS AA 168 -33.99 16.63 31.97
CA LYS AA 168 -33.04 17.74 31.89
C LYS AA 168 -32.84 18.21 30.46
N LEU AA 169 -32.69 17.26 29.51
CA LEU AA 169 -32.38 17.62 28.14
C LEU AA 169 -33.57 18.19 27.37
N VAL AA 170 -34.80 17.90 27.79
CA VAL AA 170 -35.96 18.34 27.02
C VAL AA 170 -36.00 19.85 26.89
N LYS AA 171 -35.46 20.57 27.87
CA LYS AA 171 -35.56 22.02 27.86
C LYS AA 171 -34.92 22.63 26.62
N PHE AA 172 -33.95 21.94 26.02
CA PHE AA 172 -33.27 22.50 24.85
C PHE AA 172 -34.20 22.55 23.65
N GLY AA 173 -35.07 21.56 23.49
CA GLY AA 173 -36.08 21.64 22.44
C GLY AA 173 -37.04 22.80 22.67
N LYS AA 174 -37.39 23.06 23.93
CA LYS AA 174 -38.27 24.18 24.24
C LYS AA 174 -37.67 25.49 23.81
N PHE AA 175 -36.38 25.72 24.12
CA PHE AA 175 -35.73 26.97 23.75
C PHE AA 175 -35.64 27.11 22.23
N TYR AA 176 -35.29 26.03 21.55
CA TYR AA 176 -35.16 26.11 20.09
C TYR AA 176 -36.50 26.42 19.44
N SER AA 177 -37.57 25.75 19.86
CA SER AA 177 -38.88 26.03 19.29
C SER AA 177 -39.32 27.46 19.60
N GLY AA 178 -39.04 27.93 20.82
CA GLY AA 178 -39.41 29.29 21.17
C GLY AA 178 -38.69 30.32 20.32
N LEU AA 179 -37.38 30.12 20.11
CA LEU AA 179 -36.64 31.06 19.28
C LEU AA 179 -37.10 31.01 17.82
N LYS AA 180 -37.36 29.81 17.31
CA LYS AA 180 -37.82 29.69 15.92
C LYS AA 180 -39.15 30.39 15.73
N SER AA 181 -40.06 30.27 16.70
CA SER AA 181 -41.32 31.00 16.60
C SER AA 181 -41.14 32.49 16.88
N PHE AA 182 -40.10 32.87 17.63
CA PHE AA 182 -39.82 34.28 17.86
C PHE AA 182 -39.42 34.99 16.58
N ILE AA 183 -38.59 34.33 15.76
CA ILE AA 183 -38.18 34.93 14.49
C ILE AA 183 -39.39 35.18 13.61
N GLN AA 184 -40.29 34.22 13.52
CA GLN AA 184 -41.46 34.34 12.64
C GLN AA 184 -42.48 35.36 13.13
N VAL AA 185 -42.22 36.09 14.21
CA VAL AA 185 -43.15 37.08 14.73
C VAL AA 185 -42.51 38.46 14.82
N PHE AA 186 -41.31 38.55 15.38
CA PHE AA 186 -40.71 39.85 15.66
C PHE AA 186 -39.87 40.39 14.52
N ASP AA 187 -39.76 39.68 13.40
CA ASP AA 187 -38.94 40.12 12.28
C ASP AA 187 -39.81 40.76 11.20
N ASN AA 188 -40.30 41.96 11.51
CA ASN AA 188 -41.04 42.76 10.55
C ASN AA 188 -40.73 44.23 10.77
N ASN AA 189 -41.29 45.09 9.92
CA ASN AA 189 -40.91 46.50 9.92
C ASN AA 189 -41.39 47.23 11.17
N LYS AA 190 -42.52 46.81 11.74
CA LYS AA 190 -43.11 47.59 12.83
C LYS AA 190 -42.34 47.49 14.13
N PHE AA 191 -41.39 46.55 14.25
CA PHE AA 191 -40.65 46.37 15.50
C PHE AA 191 -39.27 47.00 15.47
N GLY AA 192 -38.88 47.61 14.35
CA GLY AA 192 -37.69 48.43 14.30
C GLY AA 192 -36.42 47.68 13.96
N LYS AA 193 -35.38 48.48 13.68
CA LYS AA 193 -34.11 47.95 13.23
C LYS AA 193 -33.39 47.19 14.33
N ILE AA 194 -33.54 47.61 15.58
CA ILE AA 194 -32.85 46.94 16.68
C ILE AA 194 -33.35 45.51 16.81
N VAL AA 195 -34.66 45.33 16.84
CA VAL AA 195 -35.23 43.99 16.98
C VAL AA 195 -34.96 43.16 15.75
N GLN AA 196 -35.01 43.77 14.56
CA GLN AA 196 -34.71 43.01 13.35
C GLN AA 196 -33.26 42.50 13.38
N LYS AA 197 -32.33 43.36 13.75
CA LYS AA 197 -30.93 42.96 13.80
C LYS AA 197 -30.70 41.89 14.86
N PHE AA 198 -31.46 41.93 15.96
CA PHE AA 198 -31.37 40.86 16.95
C PHE AA 198 -31.90 39.55 16.40
N CYS AA 199 -32.98 39.61 15.62
CA CYS AA 199 -33.50 38.39 14.99
C CYS AA 199 -32.45 37.80 14.06
N SER AA 200 -31.62 38.64 13.45
CA SER AA 200 -30.51 38.11 12.66
C SER AA 200 -29.56 37.27 13.50
N GLU AA 201 -29.22 37.76 14.70
CA GLU AA 201 -28.35 37.00 15.60
C GLU AA 201 -28.99 35.68 16.01
N VAL AA 202 -30.29 35.72 16.30
CA VAL AA 202 -30.97 34.49 16.72
C VAL AA 202 -30.90 33.46 15.60
N ARG AA 203 -31.13 33.90 14.35
CA ARG AA 203 -31.15 32.98 13.19
C ARG AA 203 -29.76 32.44 12.93
N LYS AA 204 -28.69 33.22 13.14
CA LYS AA 204 -27.34 32.70 12.99
C LYS AA 204 -27.01 31.68 14.09
N PHE AA 205 -27.48 31.95 15.31
CA PHE AA 205 -27.25 31.01 16.39
C PHE AA 205 -27.94 29.68 16.12
N LEU AA 206 -29.17 29.72 15.58
CA LEU AA 206 -29.85 28.46 15.26
C LEU AA 206 -29.06 27.67 14.22
N SER AA 207 -28.53 28.37 13.22
CA SER AA 207 -27.71 27.70 12.23
C SER AA 207 -26.50 27.04 12.88
N SER AA 208 -25.88 27.71 13.86
CA SER AA 208 -24.76 27.11 14.57
C SER AA 208 -25.19 25.91 15.39
N TYR AA 209 -26.35 25.99 16.04
CA TYR AA 209 -26.81 24.94 16.94
C TYR AA 209 -27.13 23.65 16.19
N GLN AA 210 -27.69 23.77 14.99
CA GLN AA 210 -27.97 22.57 14.23
C GLN AA 210 -26.69 21.80 13.91
N GLN AA 211 -25.53 22.46 13.82
CA GLN AA 211 -24.24 21.77 13.57
C GLN AA 211 -23.81 21.01 14.83
N VAL AA 212 -24.28 21.40 16.02
CA VAL AA 212 -24.03 20.66 17.30
C VAL AA 212 -24.93 19.42 17.27
N LEU AA 213 -26.18 19.53 16.79
CA LEU AA 213 -27.12 18.42 16.71
C LEU AA 213 -26.69 17.40 15.65
N ILE AA 214 -26.16 17.88 14.52
CA ILE AA 214 -25.72 16.97 13.47
C ILE AA 214 -24.55 16.11 13.94
N ASN AA 215 -23.60 16.72 14.66
CA ASN AA 215 -22.49 15.93 15.19
C ASN AA 215 -22.98 14.88 16.18
N VAL AA 216 -23.95 15.25 17.02
CA VAL AA 216 -24.52 14.28 17.95
C VAL AA 216 -25.15 13.12 17.18
N GLU AA 217 -25.89 13.44 16.11
CA GLU AA 217 -26.51 12.36 15.34
C GLU AA 217 -25.46 11.46 14.70
N HIS AA 218 -24.38 12.05 14.19
CA HIS AA 218 -23.34 11.23 13.56
C HIS AA 218 -22.69 10.30 14.59
N GLU AA 219 -22.41 10.82 15.79
CA GLU AA 219 -21.82 9.97 16.83
C GLU AA 219 -22.79 8.89 17.27
N PHE AA 220 -24.08 9.20 17.39
CA PHE AA 220 -25.12 8.19 17.77
C PHE AA 220 -25.08 7.08 16.71
N LYS AA 221 -25.04 7.45 15.43
CA LYS AA 221 -25.09 6.47 14.31
C LYS AA 221 -23.84 5.60 14.25
N PHE AA 222 -22.61 6.15 14.42
CA PHE AA 222 -21.40 5.37 14.19
C PHE AA 222 -20.62 5.00 15.45
N ASN AA 223 -20.76 5.74 16.55
CA ASN AA 223 -19.96 5.48 17.75
C ASN AA 223 -20.66 4.45 18.64
N LYS AA 224 -19.94 3.38 18.99
CA LYS AA 224 -20.50 2.36 19.87
C LYS AA 224 -20.54 2.79 21.33
N ASN AA 225 -19.59 3.63 21.75
CA ASN AA 225 -19.51 4.06 23.15
C ASN AA 225 -20.46 5.19 23.48
N PHE AA 226 -21.16 5.73 22.49
CA PHE AA 226 -22.11 6.80 22.75
C PHE AA 226 -23.22 6.34 23.68
N ASN AA 227 -23.61 7.22 24.60
CA ASN AA 227 -24.69 6.92 25.53
C ASN AA 227 -25.34 8.23 25.95
N LEU AA 228 -26.41 8.12 26.74
CA LEU AA 228 -27.22 9.29 27.07
C LEU AA 228 -26.41 10.32 27.86
N ASN AA 229 -25.58 9.85 28.79
CA ASN AA 229 -24.81 10.77 29.63
C ASN AA 229 -23.85 11.60 28.78
N MET AA 230 -23.26 10.99 27.76
CA MET AA 230 -22.37 11.74 26.87
C MET AA 230 -23.13 12.84 26.15
N LEU AA 231 -24.36 12.55 25.70
CA LEU AA 231 -25.16 13.58 25.05
C LEU AA 231 -25.47 14.71 26.03
N ASP AA 232 -25.84 14.36 27.26
CA ASP AA 232 -26.14 15.39 28.24
C ASP AA 232 -24.93 16.28 28.48
N SER AA 233 -23.76 15.68 28.70
CA SER AA 233 -22.57 16.46 29.00
C SER AA 233 -22.18 17.33 27.80
N LEU AA 234 -22.24 16.77 26.59
CA LEU AA 234 -21.84 17.53 25.40
C LEU AA 234 -22.75 18.73 25.19
N LEU AA 235 -24.06 18.50 25.20
CA LEU AA 235 -24.98 19.62 24.96
C LEU AA 235 -24.87 20.66 26.05
N HIS AA 236 -24.78 20.25 27.31
CA HIS AA 236 -24.69 21.24 28.39
C HIS AA 236 -23.40 22.03 28.31
N GLN AA 237 -22.29 21.39 27.96
CA GLN AA 237 -21.01 22.08 27.93
C GLN AA 237 -20.77 22.87 26.64
N GLU AA 238 -21.58 22.67 25.60
CA GLU AA 238 -21.35 23.35 24.33
C GLU AA 238 -22.30 24.52 24.11
N ILE AA 239 -23.61 24.31 24.17
CA ILE AA 239 -24.57 25.28 23.67
C ILE AA 239 -25.53 25.80 24.72
N SER AA 240 -25.46 25.33 25.96
CA SER AA 240 -26.46 25.73 26.95
C SER AA 240 -26.43 27.22 27.23
N ASN AA 241 -25.24 27.80 27.37
CA ASN AA 241 -25.12 29.17 27.87
C ASN AA 241 -25.71 30.18 26.88
N GLU AA 242 -25.30 30.08 25.61
CA GLU AA 242 -25.76 31.01 24.60
C GLU AA 242 -27.27 30.87 24.38
N MET AA 243 -27.76 29.63 24.36
CA MET AA 243 -29.19 29.40 24.19
C MET AA 243 -29.97 30.00 25.34
N THR AA 244 -29.48 29.84 26.57
CA THR AA 244 -30.17 30.41 27.72
C THR AA 244 -30.23 31.93 27.62
N HIS AA 245 -29.10 32.56 27.24
CA HIS AA 245 -29.10 34.01 27.11
C HIS AA 245 -30.12 34.47 26.08
N LEU AA 246 -30.10 33.88 24.89
CA LEU AA 246 -30.99 34.33 23.84
C LEU AA 246 -32.45 34.09 24.20
N TYR AA 247 -32.75 32.93 24.76
CA TYR AA 247 -34.13 32.64 25.12
C TYR AA 247 -34.64 33.59 26.19
N GLN AA 248 -33.82 33.87 27.20
CA GLN AA 248 -34.26 34.77 28.26
C GLN AA 248 -34.52 36.16 27.70
N ILE AA 249 -33.63 36.66 26.84
CA ILE AA 249 -33.85 37.98 26.28
C ILE AA 249 -35.12 38.00 25.43
N GLY AA 250 -35.32 36.96 24.62
CA GLY AA 250 -36.51 36.92 23.78
C GLY AA 250 -37.80 36.90 24.59
N ILE AA 251 -37.86 36.06 25.62
CA ILE AA 251 -39.09 35.99 26.41
C ILE AA 251 -39.31 37.28 27.17
N GLU AA 252 -38.24 37.94 27.62
CA GLU AA 252 -38.43 39.24 28.27
C GLU AA 252 -38.97 40.28 27.30
N ILE AA 253 -38.50 40.27 26.05
CA ILE AA 253 -39.06 41.17 25.05
C ILE AA 253 -40.53 40.88 24.83
N SER AA 254 -40.90 39.59 24.76
CA SER AA 254 -42.32 39.26 24.59
C SER AA 254 -43.16 39.79 25.75
N ARG AA 255 -42.66 39.62 26.98
CA ARG AA 255 -43.42 40.12 28.13
C ARG AA 255 -43.58 41.63 28.07
N ILE AA 256 -42.51 42.36 27.75
CA ILE AA 256 -42.60 43.82 27.74
C ILE AA 256 -43.51 44.29 26.61
N THR AA 257 -43.41 43.68 25.43
CA THR AA 257 -44.22 44.14 24.31
C THR AA 257 -45.69 43.82 24.51
N GLU AA 258 -46.03 42.70 25.17
CA GLU AA 258 -47.44 42.47 25.43
C GLU AA 258 -47.95 43.38 26.55
N GLU AA 259 -47.09 43.76 27.49
CA GLU AA 259 -47.51 44.76 28.49
C GLU AA 259 -47.80 46.10 27.83
N ARG AA 260 -46.96 46.53 26.89
CA ARG AA 260 -47.15 47.86 26.30
C ARG AA 260 -48.38 47.95 25.41
N GLN AA 261 -48.96 46.83 24.98
CA GLN AA 261 -50.15 46.87 24.15
C GLN AA 261 -51.45 46.81 24.96
N LYS AA 262 -51.36 46.88 26.29
CA LYS AA 262 -52.55 46.85 27.13
C LYS AA 262 -52.69 48.17 27.89
N GLY AA 301 -39.16 48.09 20.41
CA GLY AA 301 -38.33 48.93 19.57
C GLY AA 301 -36.91 49.09 20.09
N GLY AA 302 -36.58 50.29 20.55
CA GLY AA 302 -35.28 50.55 21.11
C GLY AA 302 -35.10 50.08 22.53
N LEU AA 303 -36.13 49.46 23.10
CA LEU AA 303 -36.08 48.95 24.46
C LEU AA 303 -35.14 47.76 24.61
N LEU AA 304 -34.71 47.15 23.49
CA LEU AA 304 -33.84 45.98 23.59
C LEU AA 304 -32.53 46.32 24.30
N LEU AA 305 -31.95 47.48 24.00
CA LEU AA 305 -30.70 47.87 24.65
C LEU AA 305 -30.86 47.92 26.16
N GLN AA 306 -32.02 48.39 26.64
CA GLN AA 306 -32.27 48.43 28.08
C GLN AA 306 -32.33 47.01 28.65
N VAL AA 307 -32.95 46.09 27.93
CA VAL AA 307 -33.04 44.71 28.41
C VAL AA 307 -31.67 44.07 28.49
N ILE AA 308 -30.84 44.26 27.46
CA ILE AA 308 -29.50 43.69 27.49
C ILE AA 308 -28.68 44.29 28.62
N GLN AA 309 -28.73 45.61 28.79
CA GLN AA 309 -27.97 46.23 29.86
C GLN AA 309 -28.45 45.75 31.23
N GLU AA 310 -29.77 45.64 31.41
CA GLU AA 310 -30.29 45.08 32.65
C GLU AA 310 -29.85 43.63 32.82
N ARG AA 311 -29.87 42.86 31.74
CA ARG AA 311 -29.45 41.46 31.82
C ARG AA 311 -27.96 41.36 32.15
N MET AA 312 -27.15 42.28 31.63
CA MET AA 312 -25.71 42.19 31.77
C MET AA 312 -25.22 42.48 33.17
N VAL AA 313 -26.06 43.02 34.06
CA VAL AA 313 -25.59 43.34 35.40
C VAL AA 313 -25.31 42.07 36.19
N TYR AA 314 -26.12 41.03 36.01
CA TYR AA 314 -25.95 39.82 36.80
C TYR AA 314 -24.73 39.01 36.37
N TYR AA 315 -24.36 39.07 35.10
CA TYR AA 315 -23.21 38.32 34.58
C TYR AA 315 -21.97 39.20 34.44
N LYS AA 316 -21.86 40.25 35.25
CA LYS AA 316 -20.74 41.18 35.13
C LYS AA 316 -19.42 40.54 35.55
N GLY AA 317 -19.45 39.45 36.32
CA GLY AA 317 -18.23 38.81 36.75
C GLY AA 317 -17.90 37.57 35.94
N ASP AA 318 -18.85 37.09 35.15
CA ASP AA 318 -18.64 35.88 34.38
C ASP AA 318 -17.95 36.22 33.08
N PRO AA 319 -16.74 35.68 32.82
CA PRO AA 319 -16.03 36.11 31.60
C PRO AA 319 -16.74 35.74 30.31
N THR AA 320 -17.09 34.46 30.12
CA THR AA 320 -17.67 34.03 28.85
C THR AA 320 -19.03 34.67 28.61
N SER AA 321 -19.88 34.70 29.64
CA SER AA 321 -21.20 35.28 29.47
C SER AA 321 -21.12 36.77 29.20
N LEU AA 322 -20.22 37.47 29.91
CA LEU AA 322 -20.05 38.89 29.66
C LEU AA 322 -19.52 39.14 28.25
N ASP AA 323 -18.58 38.31 27.78
CA ASP AA 323 -18.07 38.49 26.43
C ASP AA 323 -19.18 38.31 25.41
N PHE AA 324 -20.01 37.28 25.58
CA PHE AA 324 -21.09 37.07 24.62
C PHE AA 324 -22.09 38.20 24.66
N LEU AA 325 -22.47 38.66 25.85
CA LEU AA 325 -23.43 39.75 25.94
C LEU AA 325 -22.87 41.04 25.35
N THR AA 326 -21.59 41.31 25.60
CA THR AA 326 -20.98 42.52 25.04
C THR AA 326 -20.92 42.44 23.52
N GLN AA 327 -20.57 41.27 22.97
CA GLN AA 327 -20.55 41.13 21.52
C GLN AA 327 -21.94 41.34 20.93
N LEU AA 328 -22.95 40.74 21.56
CA LEU AA 328 -24.32 40.89 21.08
C LEU AA 328 -24.77 42.34 21.15
N PHE AA 329 -24.44 43.04 22.24
CA PHE AA 329 -24.80 44.45 22.36
C PHE AA 329 -24.09 45.28 21.30
N ASP AA 330 -22.83 44.97 21.02
CA ASP AA 330 -22.08 45.75 20.05
C ASP AA 330 -22.69 45.60 18.66
N ILE AA 331 -23.00 44.38 18.24
CA ILE AA 331 -23.52 44.21 16.89
C ILE AA 331 -24.94 44.77 16.78
N VAL AA 332 -25.75 44.56 17.81
CA VAL AA 332 -27.15 45.00 17.76
C VAL AA 332 -27.22 46.52 17.68
N SER AA 333 -26.38 47.21 18.46
CA SER AA 333 -26.45 48.67 18.53
C SER AA 333 -25.92 49.36 17.28
N SER AA 334 -25.30 48.62 16.35
CA SER AA 334 -24.62 49.27 15.24
C SER AA 334 -25.56 50.12 14.39
N ASP AA 335 -26.82 49.69 14.24
CA ASP AA 335 -27.77 50.49 13.47
C ASP AA 335 -28.02 51.84 14.13
N TYR AA 336 -28.17 51.83 15.46
CA TYR AA 336 -28.42 53.07 16.20
C TYR AA 336 -27.24 54.02 16.06
N ILE AA 337 -26.02 53.47 16.07
CA ILE AA 337 -24.83 54.28 15.87
C ILE AA 337 -24.82 54.85 14.45
N GLY AA 338 -25.29 54.08 13.46
CA GLY AA 338 -25.39 54.62 12.12
C GLY AA 338 -26.33 55.81 12.04
N MET AA 339 -27.49 55.71 12.67
CA MET AA 339 -28.42 56.83 12.68
C MET AA 339 -27.80 58.05 13.35
N LEU AA 340 -27.17 57.83 14.51
CA LEU AA 340 -26.58 58.95 15.25
C LEU AA 340 -25.44 59.58 14.46
N ASN AA 341 -24.62 58.75 13.81
CA ASN AA 341 -23.50 59.27 13.02
C ASN AA 341 -24.00 60.11 11.86
N GLN AA 342 -25.00 59.63 11.13
CA GLN AA 342 -25.53 60.44 10.04
C GLN AA 342 -26.13 61.74 10.56
N TRP AA 343 -26.85 61.67 11.68
CA TRP AA 343 -27.46 62.88 12.22
C TRP AA 343 -26.39 63.92 12.59
N LEU AA 344 -25.31 63.49 13.25
CA LEU AA 344 -24.30 64.44 13.70
C LEU AA 344 -23.31 64.83 12.60
N LEU AA 345 -23.19 64.07 11.52
CA LEU AA 345 -22.24 64.39 10.47
C LEU AA 345 -22.85 65.10 9.27
N GLU AA 346 -24.12 64.82 8.97
CA GLU AA 346 -24.79 65.41 7.80
C GLU AA 346 -26.13 66.02 8.11
N GLY AA 347 -26.65 65.89 9.33
CA GLY AA 347 -27.92 66.48 9.67
C GLY AA 347 -29.08 65.91 8.88
N VAL AA 348 -29.09 64.59 8.67
CA VAL AA 348 -30.15 63.94 7.91
C VAL AA 348 -30.64 62.72 8.69
N ILE AA 349 -31.95 62.63 8.87
CA ILE AA 349 -32.59 61.44 9.44
C ILE AA 349 -33.08 60.58 8.28
N ASN AA 350 -32.83 59.27 8.36
CA ASN AA 350 -32.99 58.39 7.21
C ASN AA 350 -34.03 57.30 7.43
N ASP AA 351 -33.97 56.58 8.54
CA ASP AA 351 -34.77 55.37 8.71
C ASP AA 351 -36.21 55.76 9.12
N PRO AA 352 -37.21 55.38 8.35
CA PRO AA 352 -38.58 55.85 8.59
C PRO AA 352 -39.33 55.12 9.69
N PHE AA 353 -38.67 54.29 10.51
CA PHE AA 353 -39.35 53.52 11.53
C PHE AA 353 -39.60 54.33 12.80
N ASP AA 354 -39.19 55.60 12.84
CA ASP AA 354 -39.35 56.43 14.03
C ASP AA 354 -38.60 55.84 15.22
N GLU AA 355 -37.54 55.09 14.94
CA GLU AA 355 -36.73 54.50 16.00
C GLU AA 355 -35.83 55.55 16.65
N PHE AA 356 -35.30 56.48 15.86
CA PHE AA 356 -34.29 57.39 16.34
C PHE AA 356 -34.87 58.38 17.35
N MET AA 357 -34.01 58.85 18.26
CA MET AA 357 -34.49 59.69 19.35
C MET AA 357 -34.87 61.09 18.87
N ILE AA 358 -34.14 61.62 17.89
CA ILE AA 358 -34.39 62.98 17.38
C ILE AA 358 -35.52 62.88 16.36
N ARG AA 359 -36.73 63.19 16.81
CA ARG AA 359 -37.93 63.02 16.01
C ARG AA 359 -38.22 64.27 15.19
N GLU AA 360 -37.84 64.24 13.92
CA GLU AA 360 -38.30 65.25 12.98
C GLU AA 360 -39.68 64.87 12.47
N LYS AA 361 -40.62 65.81 12.51
CA LYS AA 361 -42.01 65.55 12.14
C LYS AA 361 -42.42 66.38 10.92
N ARG AA 362 -43.25 65.77 10.07
CA ARG AA 362 -43.71 66.42 8.86
C ARG AA 362 -44.82 67.42 9.16
N VAL AA 363 -44.75 68.60 8.53
CA VAL AA 363 -45.83 69.58 8.67
C VAL AA 363 -47.05 69.10 7.90
N PRO AA 364 -48.26 69.21 8.44
CA PRO AA 364 -49.45 68.83 7.66
C PRO AA 364 -49.61 69.71 6.43
N ASP AA 365 -50.15 69.11 5.36
CA ASP AA 365 -50.39 69.88 4.14
C ASP AA 365 -51.34 71.05 4.38
N SER AA 366 -52.27 70.90 5.34
CA SER AA 366 -53.23 71.97 5.61
C SER AA 366 -52.57 73.22 6.17
N PHE AA 367 -51.35 73.12 6.69
CA PHE AA 367 -50.68 74.24 7.33
C PHE AA 367 -49.37 74.62 6.64
N MET AA 368 -49.11 74.07 5.45
CA MET AA 368 -47.84 74.29 4.78
C MET AA 368 -47.57 75.78 4.58
N GLU AA 369 -48.56 76.53 4.08
CA GLU AA 369 -48.35 77.95 3.83
C GLU AA 369 -48.10 78.72 5.12
N ILE AA 370 -48.76 78.32 6.21
CA ILE AA 370 -48.57 79.01 7.48
C ILE AA 370 -47.15 78.78 8.00
N PHE AA 371 -46.69 77.52 7.99
CA PHE AA 371 -45.38 77.22 8.53
C PHE AA 371 -44.26 77.76 7.66
N GLN AA 372 -44.47 77.90 6.36
CA GLN AA 372 -43.41 78.48 5.53
C GLN AA 372 -43.16 79.94 5.90
N SER AA 373 -44.21 80.69 6.22
CA SER AA 373 -44.02 82.07 6.64
C SER AA 373 -43.31 82.15 7.99
N LYS AA 374 -43.80 81.41 8.98
CA LYS AA 374 -43.22 81.41 10.31
C LYS AA 374 -42.29 80.21 10.47
N SER AA 375 -41.12 80.31 9.83
CA SER AA 375 -40.15 79.23 9.89
C SER AA 375 -39.56 79.05 11.28
N GLU AA 376 -39.69 80.03 12.17
CA GLU AA 376 -39.15 79.87 13.51
C GLU AA 376 -39.82 78.71 14.24
N TYR AA 377 -41.13 78.61 14.13
CA TYR AA 377 -41.82 77.50 14.80
C TYR AA 377 -41.54 76.18 14.10
N TYR AA 378 -41.32 76.21 12.79
CA TYR AA 378 -40.92 74.99 12.10
C TYR AA 378 -39.60 74.47 12.65
N TRP AA 379 -38.61 75.35 12.79
CA TRP AA 379 -37.28 74.92 13.22
C TRP AA 379 -37.13 74.85 14.73
N ASN AA 380 -38.16 75.22 15.51
CA ASN AA 380 -38.07 75.13 16.95
C ASN AA 380 -39.06 74.17 17.58
N GLU AA 381 -40.10 73.72 16.86
CA GLU AA 381 -41.14 72.88 17.46
C GLU AA 381 -41.22 71.51 16.82
N LEU AA 382 -40.94 71.40 15.53
CA LEU AA 382 -41.09 70.13 14.82
C LEU AA 382 -39.83 69.27 14.87
N PHE AA 383 -38.85 69.64 15.67
CA PHE AA 383 -37.77 68.74 16.06
C PHE AA 383 -37.88 68.48 17.56
N LEU AA 384 -37.96 67.21 17.93
CA LEU AA 384 -38.16 66.81 19.31
C LEU AA 384 -37.18 65.69 19.67
N ILE AA 385 -37.11 65.40 20.96
CA ILE AA 385 -36.28 64.32 21.48
C ILE AA 385 -37.20 63.30 22.12
N LYS AA 386 -37.24 62.09 21.57
CA LYS AA 386 -38.06 61.01 22.10
C LYS AA 386 -37.39 60.46 23.36
N ILE AA 387 -37.91 60.84 24.53
CA ILE AA 387 -37.25 60.50 25.83
C ILE AA 387 -37.33 59.00 26.10
N ASP AA 388 -38.28 58.26 25.54
CA ASP AA 388 -38.43 56.85 25.89
C ASP AA 388 -37.22 56.03 25.44
N GLY AA 389 -36.69 56.30 24.26
CA GLY AA 389 -35.63 55.51 23.69
C GLY AA 389 -34.22 55.95 24.03
N LEU AA 390 -34.07 56.86 24.99
CA LEU AA 390 -32.74 57.37 25.34
C LEU AA 390 -32.01 56.41 26.27
N LEU AA 391 -30.72 56.25 26.04
CA LEU AA 391 -29.87 55.53 26.96
C LEU AA 391 -29.40 56.46 28.08
N ASN AA 392 -28.81 55.87 29.13
CA ASN AA 392 -28.36 56.67 30.25
C ASN AA 392 -27.22 57.62 29.87
N GLN AA 393 -26.49 57.32 28.79
CA GLN AA 393 -25.44 58.23 28.35
C GLN AA 393 -26.03 59.56 27.91
N PHE AA 394 -27.14 59.53 27.18
CA PHE AA 394 -27.78 60.73 26.68
C PHE AA 394 -28.77 61.33 27.68
N GLN AA 395 -28.94 60.72 28.84
CA GLN AA 395 -29.86 61.23 29.86
C GLN AA 395 -29.24 62.43 30.58
N ASN AA 396 -28.96 63.47 29.80
CA ASN AA 396 -28.37 64.70 30.32
C ASN AA 396 -28.88 65.85 29.46
N SER AA 397 -29.33 66.92 30.12
CA SER AA 397 -29.97 68.01 29.39
C SER AA 397 -29.03 68.65 28.39
N THR AA 398 -27.79 68.95 28.81
CA THR AA 398 -26.87 69.67 27.94
C THR AA 398 -26.47 68.81 26.73
N ILE AA 399 -26.28 67.51 26.93
CA ILE AA 399 -25.93 66.64 25.82
C ILE AA 399 -27.07 66.55 24.82
N GLN AA 400 -28.30 66.43 25.31
CA GLN AA 400 -29.46 66.40 24.43
C GLN AA 400 -29.54 67.68 23.61
N SER AA 401 -29.34 68.82 24.27
CA SER AA 401 -29.39 70.10 23.55
C SER AA 401 -28.29 70.18 22.51
N LYS AA 402 -27.08 69.73 22.85
CA LYS AA 402 -25.97 69.80 21.90
C LYS AA 402 -26.26 68.93 20.68
N ILE AA 403 -26.77 67.72 20.89
CA ILE AA 403 -27.06 66.85 19.75
C ILE AA 403 -28.11 67.48 18.85
N LEU AA 404 -29.21 67.93 19.45
CA LEU AA 404 -30.31 68.48 18.66
C LEU AA 404 -29.84 69.70 17.88
N ASN AA 405 -29.09 70.60 18.54
CA ASN AA 405 -28.68 71.83 17.88
C ASN AA 405 -27.60 71.59 16.83
N THR AA 406 -26.71 70.62 17.04
CA THR AA 406 -25.75 70.27 15.99
C THR AA 406 -26.46 69.81 14.73
N GLY AA 407 -27.42 68.90 14.89
CA GLY AA 407 -28.14 68.41 13.73
C GLY AA 407 -28.92 69.51 13.04
N LYS AA 408 -29.61 70.35 13.83
CA LYS AA 408 -30.37 71.43 13.22
C LYS AA 408 -29.47 72.39 12.46
N TYR AA 409 -28.30 72.73 13.03
CA TYR AA 409 -27.44 73.69 12.38
C TYR AA 409 -26.90 73.16 11.07
N LEU AA 410 -26.51 71.88 11.04
CA LEU AA 410 -26.07 71.30 9.77
C LEU AA 410 -27.22 71.28 8.76
N ASN AA 411 -28.43 70.98 9.22
CA ASN AA 411 -29.57 71.00 8.30
C ASN AA 411 -29.81 72.39 7.73
N ILE AA 412 -29.69 73.43 8.57
CA ILE AA 412 -29.85 74.80 8.10
C ILE AA 412 -28.80 75.10 7.04
N PHE AA 413 -27.55 74.73 7.30
CA PHE AA 413 -26.50 75.00 6.32
C PHE AA 413 -26.81 74.33 4.99
N LYS AA 414 -27.18 73.04 5.02
CA LYS AA 414 -27.44 72.33 3.78
C LYS AA 414 -28.61 72.96 3.03
N ARG AA 415 -29.69 73.30 3.74
CA ARG AA 415 -30.84 73.85 3.06
C ARG AA 415 -30.57 75.25 2.53
N CYS AA 416 -29.68 76.00 3.18
CA CYS AA 416 -29.39 77.36 2.74
C CYS AA 416 -28.46 77.37 1.53
N THR AA 417 -27.27 76.78 1.66
CA THR AA 417 -26.31 76.86 0.57
C THR AA 417 -26.58 75.84 -0.53
N GLY AA 418 -27.55 74.95 -0.34
CA GLY AA 418 -27.96 74.03 -1.38
C GLY AA 418 -27.16 72.76 -1.48
N LEU AA 419 -26.09 72.61 -0.71
CA LEU AA 419 -25.28 71.39 -0.79
C LEU AA 419 -26.11 70.18 -0.40
N HIS AA 420 -25.94 69.09 -1.16
CA HIS AA 420 -26.55 67.83 -0.79
C HIS AA 420 -25.77 67.17 0.35
N ASN AA 421 -24.45 67.28 0.33
CA ASN AA 421 -23.60 66.76 1.38
C ASN AA 421 -22.29 67.53 1.35
N PHE AA 422 -21.51 67.39 2.42
CA PHE AA 422 -20.29 68.18 2.59
C PHE AA 422 -19.07 67.50 1.96
N GLU AA 423 -19.21 67.11 0.69
CA GLU AA 423 -18.08 66.55 -0.03
C GLU AA 423 -17.13 67.64 -0.50
N SER AA 424 -17.66 68.79 -0.92
CA SER AA 424 -16.82 69.84 -1.47
C SER AA 424 -15.78 70.31 -0.46
N LEU AA 425 -16.12 70.32 0.83
CA LEU AA 425 -15.17 70.77 1.84
C LEU AA 425 -14.02 69.79 2.02
N LYS AA 426 -14.23 68.53 1.63
CA LYS AA 426 -13.19 67.48 1.75
C LYS AA 426 -12.52 67.54 3.13
N GLU AA 427 -13.30 67.53 4.21
CA GLU AA 427 -12.71 67.51 5.58
C GLU AA 427 -12.64 66.07 6.10
N LYS AA 428 -11.68 65.78 6.97
CA LYS AA 428 -11.53 64.40 7.53
C LYS AA 428 -12.37 64.29 8.80
N LEU AA 429 -13.28 63.32 8.87
CA LEU AA 429 -14.16 63.22 10.03
C LEU AA 429 -14.03 61.85 10.67
N THR AA 430 -14.24 61.81 11.99
CA THR AA 430 -14.21 60.58 12.77
C THR AA 430 -15.60 60.31 13.31
N THR AA 431 -16.09 59.09 13.12
CA THR AA 431 -17.42 58.71 13.56
C THR AA 431 -17.38 58.07 14.95
N ILE AA 432 -18.54 58.08 15.62
CA ILE AA 432 -18.65 57.47 16.93
C ILE AA 432 -18.56 55.96 16.79
N THR AA 433 -17.54 55.36 17.38
CA THR AA 433 -17.32 53.93 17.21
C THR AA 433 -18.33 53.10 17.97
N SER AA 434 -18.75 53.54 19.15
CA SER AA 434 -19.68 52.75 19.94
C SER AA 434 -20.34 53.64 20.99
N LEU AA 435 -21.47 53.16 21.51
CA LEU AA 435 -22.17 53.87 22.57
C LEU AA 435 -21.44 53.77 23.89
N ALA AA 436 -20.66 52.71 24.07
CA ALA AA 436 -19.91 52.49 25.31
C ALA AA 436 -18.52 53.11 25.28
N ALA AA 437 -18.20 53.85 24.22
CA ALA AA 437 -16.88 54.48 24.13
C ALA AA 437 -16.75 55.59 25.18
N PRO AA 438 -15.53 55.86 25.64
CA PRO AA 438 -15.35 56.88 26.68
C PRO AA 438 -15.37 58.31 26.17
N ASP AA 439 -15.13 58.53 24.87
CA ASP AA 439 -15.01 59.87 24.32
C ASP AA 439 -16.29 60.35 23.65
N LEU AA 440 -17.44 59.81 24.05
CA LEU AA 440 -18.70 60.22 23.42
C LEU AA 440 -18.95 61.71 23.64
N GLU AA 441 -18.72 62.19 24.86
CA GLU AA 441 -18.92 63.62 25.13
C GLU AA 441 -17.95 64.47 24.33
N LEU AA 442 -16.70 64.05 24.23
CA LEU AA 442 -15.73 64.79 23.43
C LEU AA 442 -16.13 64.83 21.97
N LYS AA 443 -16.58 63.70 21.43
CA LYS AA 443 -16.99 63.66 20.03
C LYS AA 443 -18.19 64.57 19.79
N ILE AA 444 -19.16 64.56 20.70
CA ILE AA 444 -20.33 65.43 20.55
C ILE AA 444 -19.90 66.89 20.61
N ASP AA 445 -18.99 67.23 21.53
CA ASP AA 445 -18.53 68.60 21.62
C ASP AA 445 -17.83 69.01 20.33
N GLU AA 446 -16.98 68.15 19.78
CA GLU AA 446 -16.27 68.49 18.55
C GLU AA 446 -17.25 68.69 17.40
N PHE AA 447 -18.25 67.82 17.28
CA PHE AA 447 -19.22 67.96 16.21
C PHE AA 447 -20.01 69.25 16.36
N TYR AA 448 -20.39 69.57 17.60
CA TYR AA 448 -21.14 70.79 17.85
C TYR AA 448 -20.31 72.02 17.49
N HIS AA 449 -19.03 72.00 17.84
CA HIS AA 449 -18.16 73.11 17.48
C HIS AA 449 -18.01 73.24 15.97
N ARG AA 450 -17.91 72.11 15.26
CA ARG AA 450 -17.84 72.17 13.81
C ARG AA 450 -19.10 72.79 13.23
N ALA AA 451 -20.27 72.37 13.73
CA ALA AA 451 -21.51 72.91 13.21
C ALA AA 451 -21.62 74.41 13.48
N ASN AA 452 -21.24 74.84 14.68
CA ASN AA 452 -21.24 76.27 14.98
C ASN AA 452 -20.27 77.02 14.08
N LYS AA 453 -19.08 76.46 13.85
CA LYS AA 453 -18.12 77.12 12.98
C LYS AA 453 -18.71 77.36 11.62
N MET AA 454 -19.31 76.32 11.02
CA MET AA 454 -19.86 76.47 9.68
C MET AA 454 -21.01 77.46 9.66
N LEU AA 455 -21.96 77.32 10.60
CA LEU AA 455 -23.13 78.20 10.57
C LEU AA 455 -22.76 79.65 10.86
N MET AA 456 -21.84 79.88 11.80
CA MET AA 456 -21.33 81.22 12.06
C MET AA 456 -20.71 81.82 10.82
N LYS AA 457 -19.83 81.08 10.14
CA LYS AA 457 -19.20 81.69 8.99
C LYS AA 457 -20.23 81.93 7.89
N LEU AA 458 -21.19 81.04 7.72
CA LEU AA 458 -22.27 81.29 6.78
C LEU AA 458 -22.94 82.62 7.07
N LEU AA 459 -23.44 82.77 8.30
CA LEU AA 459 -24.19 83.98 8.65
C LEU AA 459 -23.34 85.23 8.47
N PHE AA 460 -22.13 85.23 9.01
CA PHE AA 460 -21.34 86.46 8.99
C PHE AA 460 -20.74 86.74 7.61
N ASP AA 461 -19.90 85.83 7.11
CA ASP AA 461 -19.21 86.09 5.86
C ASP AA 461 -20.16 86.03 4.68
N GLY AA 462 -20.97 84.97 4.56
CA GLY AA 462 -21.85 84.75 3.39
C GLY AA 462 -23.10 85.62 3.41
N TYR AA 463 -23.93 85.55 4.45
CA TYR AA 463 -25.24 86.26 4.51
C TYR AA 463 -25.09 87.70 5.00
N ASN AA 464 -23.89 88.13 5.41
CA ASN AA 464 -23.60 89.53 5.80
C ASN AA 464 -24.53 89.95 6.96
N PHE AA 465 -24.52 89.22 8.07
CA PHE AA 465 -25.32 89.58 9.25
C PHE AA 465 -24.90 90.90 9.87
N PRO AA 466 -23.60 91.22 10.00
CA PRO AA 466 -23.22 92.50 10.60
C PRO AA 466 -23.90 93.69 9.96
N SER AA 467 -24.07 93.70 8.65
CA SER AA 467 -24.77 94.80 8.00
C SER AA 467 -26.28 94.73 8.24
N VAL AA 468 -26.81 93.51 8.44
CA VAL AA 468 -28.23 93.40 8.78
C VAL AA 468 -28.50 94.02 10.14
N VAL AA 469 -27.52 94.01 11.04
CA VAL AA 469 -27.74 94.62 12.35
C VAL AA 469 -27.85 96.13 12.22
N ASN AA 470 -26.99 96.75 11.40
CA ASN AA 470 -27.08 98.19 11.18
C ASN AA 470 -28.36 98.55 10.45
N ILE AA 471 -28.79 97.72 9.50
CA ILE AA 471 -30.04 98.00 8.80
C ILE AA 471 -31.22 97.97 9.76
N PHE AA 472 -31.27 96.98 10.65
CA PHE AA 472 -32.33 96.95 11.65
C PHE AA 472 -32.26 98.17 12.57
N GLN AA 473 -31.05 98.56 12.99
CA GLN AA 473 -30.92 99.75 13.81
C GLN AA 473 -31.50 100.96 13.13
N ARG AA 474 -31.14 101.18 11.86
CA ARG AA 474 -31.65 102.34 11.14
C ARG AA 474 -33.17 102.30 11.01
N LEU AA 475 -33.70 101.18 10.51
CA LEU AA 475 -35.13 101.16 10.17
C LEU AA 475 -36.00 101.23 11.42
N PHE AA 476 -35.60 100.56 12.51
CA PHE AA 476 -36.47 100.47 13.68
C PHE AA 476 -36.19 101.54 14.73
N LEU AA 477 -34.93 101.82 15.04
CA LEU AA 477 -34.59 102.74 16.11
C LEU AA 477 -34.13 104.10 15.60
N PHE AA 478 -34.26 104.37 14.30
CA PHE AA 478 -33.99 105.69 13.74
C PHE AA 478 -32.55 106.15 13.99
N ALA AA 479 -31.57 105.25 13.83
CA ALA AA 479 -30.18 105.70 13.88
C ALA AA 479 -29.88 106.73 12.81
N ASP AA 480 -30.72 106.82 11.78
CA ASP AA 480 -30.67 107.89 10.79
C ASP AA 480 -32.09 108.42 10.67
N SER AA 481 -32.35 109.58 11.27
CA SER AA 481 -33.70 110.09 11.46
C SER AA 481 -34.18 110.97 10.31
N PHE AA 482 -33.38 111.15 9.26
CA PHE AA 482 -33.77 112.06 8.19
C PHE AA 482 -35.02 111.57 7.47
N GLN AA 483 -35.04 110.29 7.10
CA GLN AA 483 -36.16 109.76 6.31
C GLN AA 483 -37.45 109.78 7.10
N ILE AA 484 -37.42 109.35 8.36
CA ILE AA 484 -38.64 109.33 9.16
C ILE AA 484 -39.11 110.75 9.43
N ASP AA 485 -38.17 111.69 9.55
CA ASP AA 485 -38.56 113.09 9.70
C ASP AA 485 -39.30 113.59 8.46
N ASN AA 486 -38.81 113.25 7.27
CA ASN AA 486 -39.53 113.59 6.06
C ASN AA 486 -40.91 112.95 6.04
N PHE AA 487 -40.99 111.69 6.47
CA PHE AA 487 -42.28 111.00 6.47
C PHE AA 487 -43.27 111.72 7.36
N ILE AA 488 -42.87 112.05 8.58
CA ILE AA 488 -43.78 112.74 9.49
C ILE AA 488 -44.17 114.10 8.93
N ASP AA 489 -43.21 114.83 8.35
CA ASP AA 489 -43.52 116.13 7.78
C ASP AA 489 -44.54 116.00 6.67
N SER AA 490 -44.40 114.98 5.83
CA SER AA 490 -45.27 114.85 4.67
C SER AA 490 -46.70 114.49 5.04
N THR AA 491 -46.89 113.76 6.13
CA THR AA 491 -48.20 113.24 6.52
C THR AA 491 -48.57 113.73 7.91
N PHE AA 492 -48.17 114.95 8.25
CA PHE AA 492 -48.45 115.47 9.59
C PHE AA 492 -49.96 115.62 9.81
N SER AA 493 -50.69 116.10 8.80
CA SER AA 493 -52.12 116.32 8.98
C SER AA 493 -52.88 115.01 9.15
N GLU AA 494 -52.43 113.94 8.49
CA GLU AA 494 -53.13 112.67 8.58
C GLU AA 494 -52.86 111.97 9.91
N LEU AA 495 -51.60 111.92 10.33
CA LEU AA 495 -51.24 111.08 11.47
C LEU AA 495 -51.97 111.50 12.73
N LYS AA 496 -52.24 112.79 12.89
CA LYS AA 496 -52.89 113.29 14.10
C LYS AA 496 -54.40 113.09 14.11
N ARG AA 497 -54.99 112.62 13.02
CA ARG AA 497 -56.42 112.38 12.97
C ARG AA 497 -56.77 111.02 13.57
N GLY AA 498 -58.01 110.88 14.02
CA GLY AA 498 -58.45 109.64 14.63
C GLY AA 498 -58.28 108.46 13.70
N LYS AA 499 -58.15 107.27 14.32
CA LYS AA 499 -57.85 106.05 13.58
C LYS AA 499 -58.76 105.84 12.38
N LEU AA 500 -60.08 105.89 12.60
CA LEU AA 500 -61.03 105.53 11.56
C LEU AA 500 -61.38 106.69 10.63
N LYS AA 501 -61.02 107.91 10.98
CA LYS AA 501 -61.44 109.08 10.22
C LYS AA 501 -60.50 109.38 9.06
N ILE AA 502 -59.58 108.48 8.73
CA ILE AA 502 -58.61 108.69 7.67
C ILE AA 502 -58.40 107.39 6.91
N SER AA 503 -58.12 107.50 5.62
CA SER AA 503 -57.90 106.33 4.78
C SER AA 503 -56.57 105.67 5.15
N VAL AA 504 -56.62 104.36 5.44
CA VAL AA 504 -55.43 103.64 5.85
C VAL AA 504 -54.49 103.43 4.67
N SER AA 505 -55.04 103.11 3.50
CA SER AA 505 -54.22 102.72 2.36
C SER AA 505 -53.28 103.83 1.90
N ARG AA 506 -53.58 105.08 2.24
CA ARG AA 506 -52.72 106.20 1.79
C ARG AA 506 -51.39 106.21 2.52
N LEU AA 507 -51.38 105.84 3.81
CA LEU AA 507 -50.14 105.88 4.59
C LEU AA 507 -49.11 104.91 4.03
N GLN AA 508 -49.56 103.73 3.60
CA GLN AA 508 -48.63 102.79 2.99
C GLN AA 508 -47.86 103.45 1.85
N LYS AA 509 -48.59 104.04 0.91
CA LYS AA 509 -47.95 104.64 -0.27
C LYS AA 509 -47.06 105.80 0.12
N GLN AA 510 -47.55 106.68 0.99
CA GLN AA 510 -46.75 107.85 1.37
C GLN AA 510 -45.52 107.44 2.16
N TYR AA 511 -45.51 106.22 2.71
CA TYR AA 511 -44.30 105.70 3.35
C TYR AA 511 -43.36 105.07 2.33
N ASP AA 512 -43.92 104.36 1.34
CA ASP AA 512 -43.04 103.71 0.37
C ASP AA 512 -42.33 104.72 -0.52
N ASP AA 513 -42.96 105.86 -0.80
CA ASP AA 513 -42.24 106.87 -1.58
C ASP AA 513 -41.02 107.39 -0.82
N ILE AA 514 -41.07 107.37 0.50
CA ILE AA 514 -39.94 107.88 1.29
C ILE AA 514 -38.88 106.81 1.48
N PHE AA 515 -39.28 105.60 1.87
CA PHE AA 515 -38.31 104.62 2.36
C PHE AA 515 -37.83 103.66 1.27
N LYS AA 516 -38.74 102.95 0.60
CA LYS AA 516 -38.36 101.88 -0.30
C LYS AA 516 -38.23 102.33 -1.76
N GLU AA 517 -37.85 103.59 -1.99
CA GLU AA 517 -37.51 104.02 -3.33
C GLU AA 517 -36.29 103.26 -3.83
N LYS AA 518 -36.16 103.15 -5.15
CA LYS AA 518 -35.19 102.26 -5.77
C LYS AA 518 -34.63 102.84 -7.06
N ILE AA 519 -33.38 102.45 -7.34
CA ILE AA 519 -32.79 102.52 -8.68
C ILE AA 519 -32.24 101.13 -8.99
N GLU AA 520 -32.62 100.60 -10.15
CA GLU AA 520 -32.25 99.23 -10.49
C GLU AA 520 -30.80 99.15 -10.95
N ASN AA 521 -30.26 97.93 -10.90
CA ASN AA 521 -28.89 97.64 -11.30
C ASN AA 521 -28.89 96.54 -12.35
N LYS AA 522 -27.85 96.53 -13.19
CA LYS AA 522 -27.79 95.61 -14.31
C LYS AA 522 -27.68 94.17 -13.82
N VAL AA 523 -28.01 93.24 -14.72
CA VAL AA 523 -27.87 91.83 -14.41
C VAL AA 523 -26.42 91.53 -14.03
N GLY AA 524 -26.24 90.59 -13.10
CA GLY AA 524 -24.93 90.20 -12.64
C GLY AA 524 -24.33 91.11 -11.58
N VAL AA 525 -24.83 92.33 -11.43
CA VAL AA 525 -24.35 93.22 -10.38
C VAL AA 525 -25.01 92.81 -9.06
N ARG AA 526 -24.20 92.52 -8.05
CA ARG AA 526 -24.71 92.00 -6.80
C ARG AA 526 -25.60 93.04 -6.11
N PRO AA 527 -26.78 92.67 -5.63
CA PRO AA 527 -27.55 93.58 -4.79
C PRO AA 527 -26.93 93.71 -3.41
N SER AA 528 -27.12 94.86 -2.80
CA SER AA 528 -26.72 95.04 -1.41
C SER AA 528 -27.79 94.45 -0.49
N VAL AA 529 -27.37 94.05 0.71
CA VAL AA 529 -28.34 93.50 1.66
C VAL AA 529 -29.37 94.55 2.03
N TYR AA 530 -28.96 95.81 2.13
CA TYR AA 530 -29.93 96.89 2.33
C TYR AA 530 -30.92 96.95 1.18
N ASP AA 531 -30.46 96.73 -0.05
CA ASP AA 531 -31.35 96.72 -1.19
C ASP AA 531 -32.40 95.61 -1.04
N VAL AA 532 -31.98 94.43 -0.58
CA VAL AA 532 -32.91 93.33 -0.44
C VAL AA 532 -33.93 93.61 0.67
N LEU AA 533 -33.47 94.16 1.79
CA LEU AA 533 -34.37 94.36 2.93
C LEU AA 533 -35.22 95.62 2.82
N LYS AA 534 -34.89 96.54 1.91
CA LYS AA 534 -35.71 97.73 1.76
C LYS AA 534 -37.13 97.35 1.32
N LYS AA 535 -37.23 96.51 0.30
CA LYS AA 535 -38.53 96.17 -0.29
C LYS AA 535 -39.33 95.22 0.60
N ASN AA 536 -38.71 94.57 1.57
CA ASN AA 536 -39.45 93.66 2.44
C ASN AA 536 -40.37 94.41 3.38
N GLN AA 537 -39.95 95.57 3.87
CA GLN AA 537 -40.65 96.24 4.97
C GLN AA 537 -42.04 96.71 4.56
N LYS AA 538 -42.95 96.65 5.52
CA LYS AA 538 -44.32 97.10 5.33
C LYS AA 538 -44.79 97.84 6.57
N LEU AA 539 -45.35 99.03 6.38
CA LEU AA 539 -45.93 99.83 7.47
C LEU AA 539 -47.44 99.81 7.35
N SER AA 540 -48.11 99.37 8.41
CA SER AA 540 -49.56 99.21 8.40
C SER AA 540 -50.13 99.71 9.71
N VAL AA 541 -51.38 100.19 9.65
CA VAL AA 541 -52.09 100.61 10.85
C VAL AA 541 -52.72 99.38 11.49
N THR AA 542 -52.57 99.26 12.82
CA THR AA 542 -53.09 98.12 13.57
C THR AA 542 -54.08 98.61 14.61
N SER AA 543 -55.01 97.72 14.99
CA SER AA 543 -56.03 98.08 15.96
C SER AA 543 -55.49 98.14 17.38
N GLU AA 544 -54.36 97.48 17.65
CA GLU AA 544 -53.81 97.44 19.00
C GLU AA 544 -52.97 98.69 19.25
N SER AA 545 -53.50 99.60 20.06
CA SER AA 545 -52.77 100.81 20.39
C SER AA 545 -51.55 100.49 21.26
N LEU AA 546 -50.59 101.41 21.24
CA LEU AA 546 -49.36 101.21 22.01
C LEU AA 546 -49.68 100.99 23.48
N TYR AA 547 -50.50 101.86 24.07
CA TYR AA 547 -50.77 101.76 25.49
C TYR AA 547 -51.60 100.53 25.85
N LYS AA 548 -52.24 99.91 24.86
CA LYS AA 548 -52.97 98.67 25.09
C LYS AA 548 -52.09 97.44 24.85
N VAL AA 549 -51.27 97.47 23.80
CA VAL AA 549 -50.41 96.32 23.51
C VAL AA 549 -49.33 96.19 24.57
N VAL AA 550 -48.82 97.30 25.09
CA VAL AA 550 -47.79 97.22 26.12
C VAL AA 550 -48.37 96.82 27.47
N GLU AA 551 -49.66 97.02 27.68
CA GLU AA 551 -50.27 96.60 28.95
C GLU AA 551 -50.35 95.09 29.04
N GLU AA 552 -50.53 94.40 27.91
CA GLU AA 552 -50.61 92.94 27.93
C GLU AA 552 -49.29 92.33 28.40
N LEU AA 553 -48.17 92.84 27.89
CA LEU AA 553 -46.85 92.38 28.31
C LEU AA 553 -46.32 93.22 29.47
N MET AA 554 -47.15 93.35 30.50
CA MET AA 554 -46.86 94.24 31.61
C MET AA 554 -45.60 93.83 32.33
N ASP AA 598 -61.72 108.54 18.69
CA ASP AA 598 -60.60 107.62 18.57
C ASP AA 598 -59.32 108.28 19.05
N GLU AA 599 -58.35 107.46 19.46
CA GLU AA 599 -57.00 107.97 19.67
C GLU AA 599 -56.42 108.39 18.32
N PRO AA 600 -55.48 109.33 18.30
CA PRO AA 600 -54.89 109.74 17.03
C PRO AA 600 -54.13 108.60 16.37
N THR AA 601 -54.12 108.59 15.04
CA THR AA 601 -53.56 107.46 14.31
C THR AA 601 -52.12 107.18 14.72
N ILE AA 602 -51.39 108.21 15.16
CA ILE AA 602 -49.99 108.01 15.55
C ILE AA 602 -49.87 106.93 16.61
N THR AA 603 -50.87 106.80 17.47
CA THR AA 603 -50.83 105.80 18.54
C THR AA 603 -50.91 104.37 18.01
N SER AA 604 -51.22 104.17 16.73
CA SER AA 604 -51.53 102.84 16.23
C SER AA 604 -50.89 102.51 14.88
N VAL AA 605 -49.75 103.12 14.55
CA VAL AA 605 -49.06 102.84 13.29
C VAL AA 605 -47.85 101.96 13.61
N ASP AA 606 -47.75 100.82 12.93
CA ASP AA 606 -46.73 99.82 13.19
C ASP AA 606 -45.93 99.52 11.93
N LEU AA 607 -44.74 98.95 12.13
CA LEU AA 607 -43.83 98.61 11.04
C LEU AA 607 -43.35 97.17 11.24
N THR AA 608 -43.42 96.37 10.18
CA THR AA 608 -43.03 94.97 10.21
C THR AA 608 -42.05 94.70 9.08
N ILE AA 609 -41.05 93.85 9.34
CA ILE AA 609 -40.05 93.53 8.32
C ILE AA 609 -39.86 92.01 8.28
N PRO AA 610 -40.50 91.29 7.35
CA PRO AA 610 -40.18 89.88 7.17
C PRO AA 610 -38.73 89.71 6.72
N LEU AA 611 -38.14 88.57 7.10
CA LEU AA 611 -36.71 88.36 6.90
C LEU AA 611 -36.45 87.11 6.09
N PRO AA 612 -35.39 87.08 5.27
CA PRO AA 612 -35.03 85.86 4.55
C PRO AA 612 -34.57 84.76 5.49
N PHE AA 613 -34.74 83.53 5.03
CA PHE AA 613 -34.11 82.38 5.66
C PHE AA 613 -32.63 82.33 5.28
N PRO AA 614 -31.72 82.07 6.22
CA PRO AA 614 -31.89 81.78 7.65
C PRO AA 614 -31.81 83.01 8.56
N LEU AA 615 -31.70 84.22 8.01
CA LEU AA 615 -31.53 85.38 8.86
C LEU AA 615 -32.62 85.49 9.90
N ASN AA 616 -33.85 85.07 9.56
CA ASN AA 616 -34.95 85.18 10.50
C ASN AA 616 -34.77 84.27 11.71
N LEU AA 617 -33.90 83.27 11.63
CA LEU AA 617 -33.66 82.40 12.78
C LEU AA 617 -32.93 83.14 13.90
N VAL AA 618 -32.02 84.05 13.54
CA VAL AA 618 -31.31 84.83 14.56
C VAL AA 618 -32.13 86.04 14.96
N LEU AA 619 -32.74 86.72 14.00
CA LEU AA 619 -33.67 87.80 14.28
C LEU AA 619 -35.06 87.20 14.54
N ASN AA 620 -35.14 86.45 15.63
CA ASN AA 620 -36.34 85.71 15.95
C ASN AA 620 -37.51 86.67 16.15
N GLN AA 621 -38.72 86.15 15.98
CA GLN AA 621 -39.92 87.00 16.01
C GLN AA 621 -40.05 87.74 17.34
N GLN AA 622 -39.63 87.10 18.44
CA GLN AA 622 -39.67 87.74 19.78
C GLN AA 622 -38.76 88.98 19.76
N LEU AA 623 -37.57 88.96 19.12
CA LEU AA 623 -36.67 90.11 19.03
C LEU AA 623 -37.26 91.19 18.15
N SER AA 624 -37.86 90.81 17.01
CA SER AA 624 -38.47 91.81 16.15
C SER AA 624 -39.67 92.47 16.81
N TYR AA 625 -40.42 91.73 17.63
CA TYR AA 625 -41.55 92.32 18.34
C TYR AA 625 -41.07 93.36 19.35
N GLN AA 626 -40.01 93.03 20.08
CA GLN AA 626 -39.45 94.02 21.00
C GLN AA 626 -38.90 95.23 20.27
N TYR AA 627 -38.38 95.02 19.05
CA TYR AA 627 -37.97 96.17 18.24
C TYR AA 627 -39.17 97.01 17.81
N GLU AA 628 -40.28 96.35 17.45
CA GLU AA 628 -41.48 97.07 17.02
C GLU AA 628 -42.04 97.95 18.12
N ILE AA 629 -41.98 97.47 19.37
CA ILE AA 629 -42.47 98.30 20.47
C ILE AA 629 -41.66 99.59 20.55
N MET AA 630 -40.34 99.49 20.42
CA MET AA 630 -39.51 100.68 20.43
C MET AA 630 -39.83 101.58 19.25
N PHE AA 631 -40.10 100.99 18.09
CA PHE AA 631 -40.49 101.81 16.95
C PHE AA 631 -41.73 102.64 17.27
N LYS AA 632 -42.74 102.01 17.87
CA LYS AA 632 -43.97 102.74 18.19
C LYS AA 632 -43.71 103.85 19.21
N LEU AA 633 -42.91 103.56 20.24
CA LEU AA 633 -42.62 104.58 21.24
C LEU AA 633 -41.88 105.76 20.61
N LEU AA 634 -40.84 105.47 19.82
CA LEU AA 634 -40.05 106.54 19.23
C LEU AA 634 -40.86 107.34 18.23
N ILE AA 635 -41.77 106.69 17.50
CA ILE AA 635 -42.58 107.47 16.57
C ILE AA 635 -43.53 108.38 17.34
N ASN AA 636 -44.06 107.92 18.47
CA ASN AA 636 -44.89 108.81 19.27
C ASN AA 636 -44.10 110.05 19.69
N ILE AA 637 -42.89 109.84 20.22
CA ILE AA 637 -42.12 110.97 20.72
C ILE AA 637 -41.67 111.88 19.57
N LYS AA 638 -41.25 111.30 18.45
CA LYS AA 638 -40.87 112.10 17.30
C LYS AA 638 -42.03 112.95 16.81
N PHE AA 639 -43.22 112.36 16.75
CA PHE AA 639 -44.39 113.09 16.30
C PHE AA 639 -44.70 114.24 17.24
N ILE AA 640 -44.65 114.00 18.54
CA ILE AA 640 -44.93 115.09 19.48
C ILE AA 640 -43.88 116.19 19.35
N SER AA 641 -42.63 115.83 19.10
CA SER AA 641 -41.60 116.85 18.90
C SER AA 641 -41.87 117.68 17.66
N LYS AA 642 -42.41 117.04 16.61
CA LYS AA 642 -42.78 117.73 15.34
C LYS AA 642 -44.01 118.59 15.57
N TYR AA 643 -44.87 118.24 16.53
CA TYR AA 643 -46.07 119.04 16.91
C TYR AA 643 -45.60 120.20 17.78
N ASN AA 644 -44.52 120.02 18.54
CA ASN AA 644 -43.98 121.07 19.45
C ASN AA 644 -43.20 122.10 18.62
N SER AA 645 -42.61 121.71 17.49
CA SER AA 645 -41.89 122.66 16.64
C SER AA 645 -42.84 123.48 15.78
N SER AA 646 -43.86 122.82 15.19
CA SER AA 646 -44.80 123.57 14.36
C SER AA 646 -45.60 124.56 15.20
N ASN AA 647 -46.05 124.13 16.38
CA ASN AA 647 -46.79 125.04 17.25
C ASN AA 647 -45.91 126.21 17.68
N TRP AA 648 -44.59 125.95 17.85
CA TRP AA 648 -43.59 127.01 18.19
C TRP AA 648 -43.42 127.98 17.02
N GLN AA 649 -43.54 127.49 15.78
CA GLN AA 649 -43.42 128.39 14.59
C GLN AA 649 -44.61 129.37 14.60
N GLU AA 650 -45.82 128.85 14.79
CA GLU AA 650 -47.02 129.73 14.81
C GLU AA 650 -46.95 130.65 16.02
N MET AA 651 -46.78 130.09 17.21
CA MET AA 651 -46.79 130.92 18.44
C MET AA 651 -45.83 132.09 18.30
N ASN AA 652 -44.75 131.96 17.51
CA ASN AA 652 -43.82 133.07 17.47
C ASN AA 652 -44.03 133.97 16.26
N TYR AA 653 -44.30 133.41 15.08
CA TYR AA 653 -44.25 134.19 13.86
C TYR AA 653 -45.55 134.27 13.06
N SER AA 654 -46.58 133.49 13.41
CA SER AA 654 -47.85 133.66 12.71
C SER AA 654 -48.39 135.06 12.96
N LYS AA 655 -49.10 135.60 11.95
CA LYS AA 655 -49.54 137.00 12.02
C LYS AA 655 -50.38 137.26 13.26
N ILE AA 656 -51.31 136.36 13.57
CA ILE AA 656 -52.22 136.61 14.69
C ILE AA 656 -51.46 136.69 15.99
N TRP AA 657 -50.58 135.72 16.26
CA TRP AA 657 -49.83 135.73 17.50
C TRP AA 657 -48.83 136.88 17.56
N THR AA 658 -48.15 137.16 16.45
CA THR AA 658 -47.14 138.20 16.45
C THR AA 658 -47.72 139.60 16.41
N ASN AA 659 -49.04 139.73 16.32
CA ASN AA 659 -49.66 141.05 16.23
C ASN AA 659 -49.25 141.90 17.43
N SER AA 660 -48.95 143.18 17.15
CA SER AA 660 -48.49 144.09 18.18
C SER AA 660 -49.62 144.89 18.82
N HIS AA 661 -50.80 144.94 18.20
CA HIS AA 661 -51.85 145.86 18.62
C HIS AA 661 -52.75 145.31 19.74
N PHE AA 662 -52.38 144.20 20.35
CA PHE AA 662 -53.12 143.75 21.52
C PHE AA 662 -52.93 144.72 22.69
N ASN AA 663 -53.90 144.68 23.61
CA ASN AA 663 -53.79 145.43 24.85
C ASN AA 663 -52.84 144.72 25.82
N SER AA 664 -52.54 145.38 26.94
CA SER AA 664 -51.53 144.87 27.86
C SER AA 664 -51.91 143.49 28.39
N SER AA 665 -53.17 143.29 28.77
CA SER AA 665 -53.58 142.02 29.37
C SER AA 665 -53.34 140.87 28.41
N VAL AA 666 -53.75 141.03 27.15
CA VAL AA 666 -53.56 139.97 26.17
C VAL AA 666 -52.08 139.76 25.91
N LYS AA 667 -51.29 140.83 25.92
CA LYS AA 667 -49.85 140.68 25.73
C LYS AA 667 -49.25 139.80 26.83
N LYS AA 668 -49.59 140.07 28.09
CA LYS AA 668 -49.05 139.25 29.17
C LYS AA 668 -49.55 137.82 29.08
N TRP AA 669 -50.80 137.63 28.67
CA TRP AA 669 -51.32 136.29 28.48
C TRP AA 669 -50.51 135.54 27.42
N ILE AA 670 -50.22 136.20 26.30
CA ILE AA 670 -49.43 135.58 25.24
C ILE AA 670 -48.04 135.25 25.76
N LEU AA 671 -47.44 136.15 26.53
CA LEU AA 671 -46.11 135.92 27.07
C LEU AA 671 -46.10 134.70 27.98
N ARG AA 672 -47.10 134.59 28.86
CA ARG AA 672 -47.18 133.43 29.74
C ARG AA 672 -47.33 132.15 28.94
N CYS AA 673 -48.17 132.18 27.91
CA CYS AA 673 -48.37 130.98 27.09
C CYS AA 673 -47.09 130.59 26.37
N ARG AA 674 -46.36 131.57 25.82
CA ARG AA 674 -45.10 131.26 25.15
C ARG AA 674 -44.10 130.63 26.11
N VAL AA 675 -44.01 131.17 27.33
CA VAL AA 675 -43.06 130.61 28.29
C VAL AA 675 -43.45 129.19 28.67
N LEU AA 676 -44.75 128.94 28.89
CA LEU AA 676 -45.18 127.59 29.22
C LEU AA 676 -44.87 126.61 28.09
N HIS AA 677 -45.11 127.04 26.84
CA HIS AA 677 -44.80 126.16 25.72
C HIS AA 677 -43.31 125.91 25.60
N SER AA 678 -42.49 126.91 25.92
CA SER AA 678 -41.04 126.70 25.92
C SER AA 678 -40.65 125.66 26.96
N ARG AA 679 -41.28 125.71 28.14
CA ARG AA 679 -41.00 124.69 29.15
C ARG AA 679 -41.37 123.29 28.64
N ILE AA 680 -42.54 123.17 27.99
CA ILE AA 680 -42.92 121.85 27.47
C ILE AA 680 -41.94 121.39 26.41
N CYS AA 681 -41.52 122.29 25.52
CA CYS AA 681 -40.56 121.92 24.49
C CYS AA 681 -39.26 121.40 25.09
N SER AA 682 -38.74 122.11 26.10
CA SER AA 682 -37.49 121.69 26.72
C SER AA 682 -37.65 120.34 27.41
N PHE AA 683 -38.79 120.13 28.08
CA PHE AA 683 -39.02 118.86 28.74
C PHE AA 683 -39.04 117.70 27.73
N ILE AA 684 -39.73 117.90 26.60
CA ILE AA 684 -39.81 116.83 25.62
C ILE AA 684 -38.44 116.55 25.01
N HIS AA 685 -37.68 117.59 24.70
CA HIS AA 685 -36.35 117.34 24.17
C HIS AA 685 -35.46 116.63 25.17
N GLU AA 686 -35.58 116.94 26.46
CA GLU AA 686 -34.78 116.23 27.46
C GLU AA 686 -35.17 114.76 27.53
N LEU AA 687 -36.48 114.47 27.52
CA LEU AA 687 -36.93 113.09 27.57
C LEU AA 687 -36.47 112.31 26.34
N GLU AA 688 -36.61 112.91 25.16
CA GLU AA 688 -36.17 112.22 23.94
C GLU AA 688 -34.66 112.00 23.95
N ASN AA 689 -33.90 112.99 24.40
CA ASN AA 689 -32.45 112.81 24.49
C ASN AA 689 -32.11 111.64 25.38
N TYR AA 690 -32.73 111.55 26.56
CA TYR AA 690 -32.43 110.42 27.42
C TYR AA 690 -32.75 109.12 26.72
N ILE AA 691 -33.96 109.00 26.19
CA ILE AA 691 -34.41 107.72 25.63
C ILE AA 691 -33.51 107.29 24.49
N VAL AA 692 -33.06 108.23 23.67
CA VAL AA 692 -32.38 107.83 22.44
C VAL AA 692 -30.88 107.72 22.62
N HIS AA 693 -30.21 108.66 23.28
CA HIS AA 693 -28.77 108.56 23.45
C HIS AA 693 -28.37 107.77 24.70
N ASP AA 694 -29.08 107.93 25.81
CA ASP AA 694 -28.68 107.31 27.05
C ASP AA 694 -29.12 105.86 27.16
N VAL AA 695 -29.95 105.37 26.24
CA VAL AA 695 -30.52 104.04 26.32
C VAL AA 695 -30.19 103.22 25.07
N ILE AA 696 -30.48 103.78 23.89
CA ILE AA 696 -30.32 103.02 22.65
C ILE AA 696 -28.87 102.98 22.21
N GLU AA 697 -28.29 104.16 21.95
CA GLU AA 697 -26.92 104.20 21.41
C GLU AA 697 -25.91 103.64 22.40
N HIS AA 698 -26.07 103.96 23.68
CA HIS AA 698 -25.11 103.53 24.68
C HIS AA 698 -25.08 102.01 24.79
N ASN AA 699 -26.24 101.37 24.76
CA ASN AA 699 -26.28 99.91 24.79
C ASN AA 699 -25.79 99.32 23.46
N PHE AA 700 -26.12 99.97 22.35
CA PHE AA 700 -25.76 99.44 21.04
C PHE AA 700 -24.26 99.46 20.80
N GLU AA 701 -23.51 100.35 21.47
CA GLU AA 701 -22.07 100.38 21.26
C GLU AA 701 -21.44 99.03 21.58
N GLU AA 702 -21.88 98.39 22.66
CA GLU AA 702 -21.32 97.12 23.05
C GLU AA 702 -21.54 96.06 21.98
N ILE AA 703 -22.76 95.97 21.46
CA ILE AA 703 -23.06 94.97 20.44
C ILE AA 703 -22.30 95.26 19.16
N LYS AA 704 -22.19 96.53 18.80
CA LYS AA 704 -21.43 96.87 17.60
C LYS AA 704 -19.98 96.44 17.72
N ASN AA 705 -19.36 96.70 18.87
CA ASN AA 705 -17.98 96.28 19.07
C ASN AA 705 -17.85 94.77 19.02
N LEU AA 706 -18.76 94.06 19.69
CA LEU AA 706 -18.68 92.60 19.74
C LEU AA 706 -18.84 92.01 18.34
N ILE AA 707 -19.78 92.52 17.56
CA ILE AA 707 -20.03 91.95 16.25
C ILE AA 707 -18.86 92.27 15.31
N HIS AA 708 -18.27 93.45 15.43
CA HIS AA 708 -17.09 93.73 14.62
C HIS AA 708 -15.95 92.77 14.98
N THR AA 709 -15.76 92.50 16.26
CA THR AA 709 -14.72 91.57 16.66
C THR AA 709 -14.98 90.17 16.12
N THR AA 710 -16.25 89.73 16.17
CA THR AA 710 -16.57 88.40 15.65
C THR AA 710 -16.37 88.32 14.15
N ALA AA 711 -16.73 89.38 13.43
CA ALA AA 711 -16.50 89.40 11.98
C ALA AA 711 -15.03 89.28 11.66
N THR AA 712 -14.19 90.04 12.37
CA THR AA 712 -12.75 89.94 12.13
C THR AA 712 -12.22 88.56 12.48
N ASN AA 713 -12.73 87.97 13.56
CA ASN AA 713 -12.28 86.64 13.95
C ASN AA 713 -12.62 85.60 12.89
N LEU AA 714 -13.85 85.65 12.35
CA LEU AA 714 -14.25 84.64 11.37
C LEU AA 714 -13.61 84.89 10.01
N ALA AA 715 -13.26 86.14 9.68
CA ALA AA 715 -12.68 86.42 8.37
C ALA AA 715 -11.43 85.58 8.12
N THR AA 716 -10.62 85.38 9.16
CA THR AA 716 -9.36 84.67 9.02
C THR AA 716 -9.48 83.17 9.29
N SER AA 717 -10.68 82.66 9.51
CA SER AA 717 -10.89 81.27 9.91
C SER AA 717 -11.36 80.44 8.74
N GLU AA 718 -10.66 79.33 8.48
CA GLU AA 718 -11.06 78.42 7.40
C GLU AA 718 -12.45 77.85 7.67
N LEU AA 719 -13.04 77.28 6.62
CA LEU AA 719 -14.32 76.59 6.72
C LEU AA 719 -14.09 75.10 6.80
N GLY AA 720 -14.67 74.45 7.80
CA GLY AA 720 -14.50 73.02 7.99
C GLY AA 720 -13.27 72.68 8.80
N SER AA 721 -13.44 71.83 9.81
CA SER AA 721 -12.36 71.48 10.73
C SER AA 721 -12.15 69.98 10.74
N ASP AA 722 -10.88 69.57 10.81
CA ASP AA 722 -10.52 68.16 10.81
C ASP AA 722 -10.48 67.62 12.24
N ILE AA 723 -11.06 66.45 12.44
CA ILE AA 723 -11.11 65.81 13.75
C ILE AA 723 -10.43 64.45 13.63
N ASN AA 724 -9.43 64.20 14.49
CA ASN AA 724 -8.67 62.97 14.50
C ASN AA 724 -8.89 62.22 15.80
N ASP AA 725 -8.58 60.93 15.79
CA ASP AA 725 -8.74 60.08 16.96
C ASP AA 725 -7.77 58.92 16.91
N GLU AA 726 -7.48 58.35 18.07
CA GLU AA 726 -6.60 57.20 18.20
C GLU AA 726 -7.37 55.90 17.96
N GLY AA 727 -6.68 54.77 18.09
CA GLY AA 727 -7.29 53.46 17.88
C GLY AA 727 -8.25 53.02 18.97
N ASP AA 728 -8.19 53.63 20.15
CA ASP AA 728 -9.13 53.37 21.25
C ASP AA 728 -9.20 51.88 21.59
N ASN AA 729 -8.07 51.36 22.09
CA ASN AA 729 -7.98 49.97 22.50
C ASN AA 729 -8.59 49.69 23.88
N ILE AA 730 -9.22 50.69 24.51
CA ILE AA 730 -9.67 50.53 25.89
C ILE AA 730 -10.56 49.31 26.08
N PHE AA 731 -11.54 49.12 25.19
CA PHE AA 731 -12.47 48.00 25.29
C PHE AA 731 -13.04 47.86 26.71
N ASN AA 732 -12.77 46.73 27.38
CA ASN AA 732 -13.37 46.48 28.68
C ASN AA 732 -12.95 47.51 29.72
N GLY AA 733 -11.82 48.18 29.52
CA GLY AA 733 -11.44 49.23 30.42
C GLY AA 733 -12.27 50.49 30.32
N SER AA 734 -13.23 50.52 29.40
CA SER AA 734 -14.09 51.69 29.19
C SER AA 734 -15.57 51.36 29.11
N LEU AA 735 -15.96 50.10 28.88
CA LEU AA 735 -17.37 49.77 28.68
C LEU AA 735 -18.23 50.26 29.84
N ILE AA 736 -17.84 49.92 31.07
CA ILE AA 736 -18.58 50.31 32.27
C ILE AA 736 -20.06 49.94 32.14
N ARG AA 737 -20.32 48.73 31.66
CA ARG AA 737 -21.68 48.26 31.46
C ARG AA 737 -22.37 47.99 32.79
N GLY AA 738 -23.70 48.02 32.76
CA GLY AA 738 -24.52 47.85 33.95
C GLY AA 738 -25.62 48.88 34.03
N THR AA 739 -25.97 49.31 35.24
CA THR AA 739 -26.95 50.38 35.38
C THR AA 739 -26.32 51.73 35.08
N PHE AA 740 -25.32 52.12 35.88
CA PHE AA 740 -24.51 53.29 35.58
C PHE AA 740 -23.38 53.42 36.60
N ASN AA 741 -22.55 54.44 36.45
CA ASN AA 741 -21.51 54.74 37.42
C ASN AA 741 -22.04 55.71 38.46
N ASN AA 742 -21.19 56.07 39.41
CA ASN AA 742 -21.53 57.07 40.42
C ASN AA 742 -21.12 58.48 39.99
N ASN AA 743 -20.57 58.65 38.79
CA ASN AA 743 -20.12 59.95 38.35
C ASN AA 743 -21.26 60.92 38.08
N SER AA 744 -22.51 60.43 38.07
CA SER AA 744 -23.63 61.30 37.74
C SER AA 744 -23.80 62.42 38.77
N ILE AA 745 -23.41 62.18 40.02
CA ILE AA 745 -23.59 63.20 41.05
C ILE AA 745 -22.71 64.41 40.77
N PHE AA 746 -21.51 64.20 40.24
CA PHE AA 746 -20.60 65.31 39.98
C PHE AA 746 -21.12 66.23 38.89
N ASP AA 747 -21.78 65.67 37.87
CA ASP AA 747 -22.31 66.51 36.79
C ASP AA 747 -23.34 67.49 37.33
N SER AA 748 -24.21 67.04 38.25
CA SER AA 748 -25.19 67.93 38.85
C SER AA 748 -24.56 68.86 39.87
N LYS AA 749 -23.52 68.41 40.58
CA LYS AA 749 -22.89 69.25 41.58
C LYS AA 749 -22.29 70.51 40.97
N VAL AA 750 -21.62 70.36 39.82
CA VAL AA 750 -21.01 71.52 39.19
C VAL AA 750 -22.08 72.42 38.58
N HIS AA 751 -21.73 73.68 38.38
CA HIS AA 751 -22.62 74.68 37.79
C HIS AA 751 -21.89 75.39 36.67
N LYS AA 752 -22.64 75.81 35.65
CA LYS AA 752 -22.09 76.50 34.50
C LYS AA 752 -22.84 77.81 34.27
N HIS AA 753 -23.03 78.57 35.33
CA HIS AA 753 -23.62 79.90 35.25
C HIS AA 753 -22.56 81.01 35.13
N ARG AA 754 -21.29 80.65 35.05
CA ARG AA 754 -20.19 81.60 35.00
C ARG AA 754 -19.65 81.64 33.57
N THR AA 755 -20.11 82.62 32.79
CA THR AA 755 -19.63 82.84 31.43
C THR AA 755 -19.67 84.33 31.15
N THR AA 756 -18.51 84.92 30.88
CA THR AA 756 -18.42 86.37 30.71
C THR AA 756 -17.17 86.69 29.90
N THR AA 757 -16.93 88.00 29.74
CA THR AA 757 -15.79 88.61 29.07
C THR AA 757 -15.88 88.54 27.56
N TYR AA 758 -16.87 87.83 26.99
CA TYR AA 758 -17.07 87.75 25.55
C TYR AA 758 -15.73 87.66 24.81
N VAL AA 759 -14.89 86.75 25.26
CA VAL AA 759 -13.54 86.63 24.72
C VAL AA 759 -13.59 86.22 23.25
N GLU AA 760 -12.80 86.89 22.42
CA GLU AA 760 -12.70 86.58 20.99
C GLU AA 760 -14.06 86.69 20.31
N GLY AA 761 -14.93 87.58 20.80
CA GLY AA 761 -16.23 87.74 20.20
C GLY AA 761 -17.18 86.60 20.53
N ILE AA 762 -18.29 86.56 19.77
CA ILE AA 762 -19.32 85.57 19.99
C ILE AA 762 -18.92 84.28 19.26
N SER AA 763 -18.93 83.16 19.98
CA SER AA 763 -18.46 81.89 19.45
C SER AA 763 -19.56 80.87 19.21
N THR AA 764 -20.75 81.07 19.76
CA THR AA 764 -21.86 80.13 19.58
C THR AA 764 -23.11 80.89 19.17
N VAL AA 765 -23.86 80.32 18.23
CA VAL AA 765 -25.06 80.99 17.73
C VAL AA 765 -26.03 81.24 18.88
N GLU AA 766 -26.03 80.39 19.90
CA GLU AA 766 -26.91 80.60 21.03
C GLU AA 766 -26.58 81.89 21.76
N GLN AA 767 -25.29 82.15 21.99
CA GLN AA 767 -24.89 83.44 22.55
C GLN AA 767 -25.22 84.58 21.60
N LEU AA 768 -25.11 84.35 20.30
CA LEU AA 768 -25.44 85.40 19.35
C LEU AA 768 -26.90 85.83 19.51
N ILE AA 769 -27.80 84.86 19.65
CA ILE AA 769 -29.21 85.18 19.85
C ILE AA 769 -29.42 85.79 21.23
N GLN AA 770 -28.74 85.25 22.24
CA GLN AA 770 -28.93 85.70 23.61
C GLN AA 770 -28.50 87.15 23.79
N LYS AA 771 -27.43 87.57 23.11
CA LYS AA 771 -26.96 88.94 23.25
C LYS AA 771 -28.03 89.91 22.77
N PHE AA 772 -28.65 89.63 21.62
CA PHE AA 772 -29.67 90.52 21.10
C PHE AA 772 -30.94 90.47 21.93
N LEU AA 773 -31.29 89.30 22.46
CA LEU AA 773 -32.45 89.24 23.33
C LEU AA 773 -32.23 90.09 24.58
N ASP AA 774 -31.03 90.00 25.16
CA ASP AA 774 -30.72 90.83 26.33
C ASP AA 774 -30.74 92.30 25.97
N TYR AA 775 -30.24 92.65 24.78
CA TYR AA 775 -30.25 94.05 24.36
C TYR AA 775 -31.67 94.58 24.24
N SER AA 776 -32.57 93.80 23.63
CA SER AA 776 -33.95 94.24 23.49
C SER AA 776 -34.63 94.34 24.86
N SER AA 777 -34.35 93.39 25.74
CA SER AA 777 -34.92 93.46 27.09
C SER AA 777 -34.41 94.69 27.82
N THR AA 778 -33.14 95.05 27.63
CA THR AA 778 -32.60 96.25 28.23
C THR AA 778 -33.29 97.49 27.68
N LEU AA 779 -33.53 97.53 26.37
CA LEU AA 779 -34.22 98.69 25.80
C LEU AA 779 -35.60 98.84 26.39
N LEU AA 780 -36.34 97.74 26.52
CA LEU AA 780 -37.69 97.85 27.09
C LEU AA 780 -37.65 98.23 28.56
N ASN AA 781 -36.73 97.64 29.33
CA ASN AA 781 -36.72 97.90 30.77
C ASN AA 781 -36.27 99.31 31.08
N ASP AA 782 -35.23 99.79 30.41
CA ASP AA 782 -34.75 101.15 30.67
C ASP AA 782 -35.83 102.18 30.34
N SER AA 783 -36.46 102.04 29.18
CA SER AA 783 -37.56 102.92 28.84
C SER AA 783 -38.67 102.81 29.88
N LEU AA 784 -39.47 103.86 29.96
CA LEU AA 784 -40.51 103.96 31.00
C LEU AA 784 -41.77 103.22 30.55
N LEU AA 785 -41.61 101.94 30.24
CA LEU AA 785 -42.73 101.11 29.81
C LEU AA 785 -42.86 99.79 30.56
N THR AA 786 -41.94 99.47 31.47
CA THR AA 786 -41.95 98.16 32.12
C THR AA 786 -42.73 98.15 33.42
N ARG AA 787 -42.57 99.17 34.27
CA ARG AA 787 -43.33 99.28 35.51
C ARG AA 787 -44.72 99.83 35.21
N GLU AA 788 -45.62 99.71 36.19
CA GLU AA 788 -46.95 100.29 36.02
C GLU AA 788 -47.00 101.75 36.38
N GLU AA 789 -46.24 102.17 37.41
CA GLU AA 789 -46.22 103.58 37.78
C GLU AA 789 -45.57 104.42 36.69
N SER AA 790 -44.43 103.96 36.17
CA SER AA 790 -43.73 104.72 35.14
C SER AA 790 -44.56 104.80 33.87
N LEU AA 791 -45.15 103.68 33.46
CA LEU AA 791 -45.96 103.68 32.24
C LEU AA 791 -47.18 104.59 32.41
N ARG AA 792 -47.84 104.53 33.56
CA ARG AA 792 -49.02 105.38 33.77
C ARG AA 792 -48.64 106.85 33.74
N GLN AA 793 -47.54 107.21 34.40
CA GLN AA 793 -47.12 108.61 34.39
C GLN AA 793 -46.73 109.06 32.98
N LEU AA 794 -46.03 108.20 32.24
CA LEU AA 794 -45.68 108.55 30.87
C LEU AA 794 -46.91 108.75 30.01
N ARG AA 795 -47.91 107.88 30.16
CA ARG AA 795 -49.12 107.99 29.37
C ARG AA 795 -49.86 109.29 29.69
N LYS AA 796 -49.93 109.64 30.97
CA LYS AA 796 -50.57 110.90 31.34
C LYS AA 796 -49.81 112.09 30.77
N MET AA 797 -48.48 112.06 30.83
CA MET AA 797 -47.68 113.18 30.35
C MET AA 797 -47.85 113.37 28.84
N LEU AA 798 -47.77 112.29 28.07
CA LEU AA 798 -47.89 112.42 26.63
C LEU AA 798 -49.30 112.85 26.24
N ASP AA 799 -50.33 112.30 26.90
CA ASP AA 799 -51.68 112.73 26.62
C ASP AA 799 -51.85 114.21 26.89
N PHE AA 800 -51.33 114.69 28.02
CA PHE AA 800 -51.47 116.09 28.36
C PHE AA 800 -50.78 116.98 27.34
N ILE AA 801 -49.57 116.61 26.92
CA ILE AA 801 -48.85 117.45 25.96
C ILE AA 801 -49.61 117.50 24.64
N PHE AA 802 -50.11 116.37 24.17
CA PHE AA 802 -50.83 116.35 22.90
C PHE AA 802 -52.09 117.20 22.97
N HIS AA 803 -52.86 117.06 24.06
CA HIS AA 803 -54.07 117.86 24.19
C HIS AA 803 -53.75 119.34 24.36
N PHE AA 804 -52.63 119.67 25.00
CA PHE AA 804 -52.23 121.07 25.08
C PHE AA 804 -51.92 121.63 23.70
N ASN AA 805 -51.26 120.85 22.85
CA ASN AA 805 -51.00 121.34 21.49
C ASN AA 805 -52.30 121.55 20.74
N ASN AA 806 -53.26 120.64 20.88
CA ASN AA 806 -54.56 120.83 20.23
C ASN AA 806 -55.27 122.08 20.75
N TYR AA 807 -55.19 122.32 22.06
CA TYR AA 807 -55.77 123.52 22.63
C TYR AA 807 -55.09 124.77 22.09
N ILE AA 808 -53.77 124.72 21.92
CA ILE AA 808 -53.06 125.86 21.34
C ILE AA 808 -53.58 126.13 19.94
N VAL AA 809 -53.78 125.08 19.16
CA VAL AA 809 -54.31 125.28 17.80
C VAL AA 809 -55.69 125.93 17.87
N GLN AA 810 -56.55 125.47 18.76
CA GLN AA 810 -57.90 126.05 18.80
C GLN AA 810 -57.87 127.48 19.35
N VAL AA 811 -56.82 127.86 20.09
CA VAL AA 811 -56.72 129.21 20.61
C VAL AA 811 -56.62 130.23 19.47
N LYS AA 812 -55.95 129.87 18.38
CA LYS AA 812 -55.72 130.84 17.31
C LYS AA 812 -57.01 131.48 16.85
N LYS AA 813 -58.10 130.71 16.82
CA LYS AA 813 -59.38 131.27 16.40
C LYS AA 813 -59.86 132.33 17.37
N VAL AA 814 -59.71 132.09 18.67
CA VAL AA 814 -60.23 133.01 19.67
C VAL AA 814 -59.53 134.36 19.59
N LEU AA 815 -58.20 134.34 19.43
CA LEU AA 815 -57.46 135.60 19.46
C LEU AA 815 -57.88 136.54 18.34
N VAL AA 816 -58.52 136.03 17.29
CA VAL AA 816 -58.98 136.90 16.22
C VAL AA 816 -59.99 137.90 16.77
N LEU AA 817 -60.93 137.42 17.59
CA LEU AA 817 -62.01 138.27 18.06
C LEU AA 817 -61.55 139.30 19.07
N LEU AA 818 -60.47 139.01 19.81
CA LEU AA 818 -60.06 139.91 20.88
C LEU AA 818 -59.58 141.24 20.31
N ASN AA 819 -58.55 141.21 19.46
CA ASN AA 819 -58.05 142.42 18.84
C ASN AA 819 -58.92 142.81 17.64
N HIS AA 820 -59.04 144.11 17.44
CA HIS AA 820 -59.87 144.65 16.36
C HIS AA 820 -59.12 144.79 15.05
N GLU AA 821 -57.83 145.14 15.12
CA GLU AA 821 -57.09 145.51 13.91
C GLU AA 821 -57.07 144.39 12.88
N LEU AA 822 -57.09 143.14 13.34
CA LEU AA 822 -57.10 141.97 12.47
C LEU AA 822 -58.46 141.29 12.38
N PHE AA 823 -59.36 141.56 13.33
CA PHE AA 823 -60.70 140.99 13.24
C PHE AA 823 -61.42 141.50 12.00
N ASN AA 824 -61.25 142.78 11.67
CA ASN AA 824 -61.89 143.31 10.48
C ASN AA 824 -61.37 142.62 9.23
N GLU AA 825 -60.07 142.37 9.16
CA GLU AA 825 -59.51 141.70 8.00
C GLU AA 825 -60.03 140.27 7.88
N TYR AA 826 -60.07 139.53 8.98
CA TYR AA 826 -60.53 138.14 8.88
C TYR AA 826 -62.04 138.02 8.71
N SER AA 827 -62.81 138.97 9.24
CA SER AA 827 -64.26 138.93 9.08
C SER AA 827 -64.70 139.28 7.66
N LYS AA 828 -63.79 139.79 6.83
CA LYS AA 828 -64.17 140.15 5.46
C LYS AA 828 -64.70 138.94 4.70
N GLU AA 829 -64.24 137.74 5.05
CA GLU AA 829 -64.68 136.52 4.37
C GLU AA 829 -65.70 135.78 5.23
N ASP AA 839 -68.63 143.10 20.98
CA ASP AA 839 -68.93 144.08 22.02
C ASP AA 839 -67.90 144.02 23.13
N GLN AA 840 -67.82 145.11 23.91
CA GLN AA 840 -66.86 145.17 25.01
C GLN AA 840 -67.14 144.08 26.03
N GLU AA 841 -68.41 143.88 26.38
CA GLU AA 841 -68.76 142.83 27.34
C GLU AA 841 -68.39 141.45 26.81
N SER AA 842 -68.66 141.19 25.53
CA SER AA 842 -68.32 139.90 24.95
C SER AA 842 -66.82 139.67 24.95
N ILE AA 843 -66.05 140.71 24.60
CA ILE AA 843 -64.60 140.59 24.59
C ILE AA 843 -64.08 140.31 26.00
N ASP AA 844 -64.64 141.00 27.00
CA ASP AA 844 -64.24 140.76 28.37
C ASP AA 844 -64.56 139.33 28.79
N LYS AA 845 -65.72 138.82 28.37
CA LYS AA 845 -66.07 137.43 28.67
C LYS AA 845 -65.09 136.47 28.02
N ARG AA 846 -64.71 136.72 26.76
CA ARG AA 846 -63.78 135.85 26.08
C ARG AA 846 -62.44 135.80 26.81
N PHE AA 847 -61.94 136.98 27.21
CA PHE AA 847 -60.66 137.01 27.92
C PHE AA 847 -60.76 136.34 29.28
N ALA AA 848 -61.89 136.51 29.97
CA ALA AA 848 -62.07 135.85 31.27
C ALA AA 848 -62.09 134.34 31.12
N ASN AA 849 -62.75 133.83 30.07
CA ASN AA 849 -62.74 132.40 29.83
C ASN AA 849 -61.34 131.88 29.56
N LEU AA 850 -60.58 132.61 28.72
CA LEU AA 850 -59.21 132.18 28.45
C LEU AA 850 -58.36 132.19 29.71
N SER AA 851 -58.64 133.11 30.63
CA SER AA 851 -57.86 133.16 31.87
C SER AA 851 -57.94 131.83 32.61
N ASP AA 852 -59.17 131.36 32.86
CA ASP AA 852 -59.36 130.13 33.61
C ASP AA 852 -58.85 128.92 32.84
N THR AA 853 -59.10 128.87 31.52
CA THR AA 853 -58.62 127.73 30.74
C THR AA 853 -57.09 127.62 30.81
N PHE AA 854 -56.40 128.74 30.60
CA PHE AA 854 -54.94 128.72 30.62
C PHE AA 854 -54.41 128.39 32.00
N LEU AA 855 -55.04 128.92 33.05
CA LEU AA 855 -54.60 128.58 34.40
C LEU AA 855 -54.77 127.09 34.66
N MET AA 856 -55.86 126.50 34.18
CA MET AA 856 -56.07 125.07 34.36
C MET AA 856 -54.95 124.28 33.70
N GLN AA 857 -54.59 124.65 32.46
CA GLN AA 857 -53.50 123.93 31.80
C GLN AA 857 -52.18 124.11 32.55
N TYR AA 858 -51.91 125.32 33.03
CA TYR AA 858 -50.67 125.59 33.75
C TYR AA 858 -50.55 124.72 34.99
N GLU AA 859 -51.62 124.67 35.80
CA GLU AA 859 -51.57 123.89 37.02
C GLU AA 859 -51.55 122.39 36.74
N LYS AA 860 -52.23 121.95 35.69
CA LYS AA 860 -52.16 120.55 35.30
C LYS AA 860 -50.75 120.15 34.93
N PHE AA 861 -50.05 121.03 34.20
CA PHE AA 861 -48.64 120.74 33.88
C PHE AA 861 -47.82 120.60 35.14
N GLY AA 862 -48.00 121.51 36.10
CA GLY AA 862 -47.24 121.40 37.33
C GLY AA 862 -47.50 120.09 38.05
N GLU AA 863 -48.77 119.70 38.16
CA GLU AA 863 -49.10 118.44 38.83
C GLU AA 863 -48.46 117.25 38.14
N ASN AA 864 -48.59 117.18 36.82
CA ASN AA 864 -48.04 116.04 36.09
C ASN AA 864 -46.54 115.97 36.24
N LEU AA 865 -45.87 117.12 36.17
CA LEU AA 865 -44.42 117.14 36.32
C LEU AA 865 -44.00 116.63 37.69
N VAL AA 866 -44.68 117.07 38.75
CA VAL AA 866 -44.30 116.64 40.09
C VAL AA 866 -44.45 115.13 40.22
N THR AA 867 -45.61 114.60 39.79
CA THR AA 867 -45.83 113.17 39.94
C THR AA 867 -44.83 112.38 39.12
N PHE AA 868 -44.53 112.84 37.90
CA PHE AA 868 -43.60 112.12 37.04
C PHE AA 868 -42.20 112.07 37.65
N LEU AA 869 -41.73 113.19 38.19
CA LEU AA 869 -40.41 113.20 38.82
C LEU AA 869 -40.37 112.27 40.03
N ALA AA 870 -41.42 112.29 40.85
CA ALA AA 870 -41.42 111.40 42.02
C ALA AA 870 -41.36 109.94 41.59
N THR AA 871 -42.14 109.57 40.57
CA THR AA 871 -42.15 108.18 40.11
C THR AA 871 -40.79 107.77 39.58
N ILE AA 872 -40.18 108.61 38.74
CA ILE AA 872 -38.85 108.26 38.22
C ILE AA 872 -37.86 108.12 39.36
N LYS AA 873 -37.93 109.01 40.35
CA LYS AA 873 -36.97 108.94 41.44
C LYS AA 873 -37.08 107.62 42.20
N GLN AA 874 -38.31 107.21 42.52
CA GLN AA 874 -38.43 105.96 43.27
C GLN AA 874 -37.99 104.76 42.44
N VAL AA 875 -38.36 104.71 41.17
CA VAL AA 875 -37.97 103.56 40.35
C VAL AA 875 -36.46 103.52 40.16
N GLY AA 876 -35.85 104.69 39.89
CA GLY AA 876 -34.41 104.73 39.72
C GLY AA 876 -33.66 104.32 40.97
N GLU AA 877 -34.12 104.78 42.13
CA GLU AA 877 -33.46 104.36 43.36
C GLU AA 877 -33.61 102.87 43.59
N ARG AA 878 -34.75 102.28 43.22
CA ARG AA 878 -34.94 100.87 43.50
C ARG AA 878 -34.19 99.98 42.52
N GLU AA 879 -34.50 100.07 41.23
CA GLU AA 879 -34.06 99.08 40.26
C GLU AA 879 -33.06 99.63 39.25
N ASN AA 880 -33.42 100.64 38.49
CA ASN AA 880 -32.69 101.03 37.29
C ASN AA 880 -31.66 102.11 37.60
N GLN AA 881 -30.42 101.88 37.17
CA GLN AA 881 -29.39 102.90 37.32
C GLN AA 881 -29.57 104.04 36.33
N GLY AA 882 -29.99 103.72 35.10
CA GLY AA 882 -30.13 104.74 34.09
C GLY AA 882 -31.17 105.78 34.43
N LEU AA 883 -32.25 105.37 35.11
CA LEU AA 883 -33.31 106.31 35.44
C LEU AA 883 -32.88 107.26 36.56
N LEU AA 884 -31.91 106.85 37.39
CA LEU AA 884 -31.49 107.69 38.50
C LEU AA 884 -30.82 108.96 38.01
N GLU AA 885 -29.93 108.85 37.02
CA GLU AA 885 -29.29 110.04 36.48
C GLU AA 885 -30.28 110.92 35.73
N LEU AA 886 -31.27 110.31 35.07
CA LEU AA 886 -32.33 111.10 34.46
C LEU AA 886 -33.10 111.88 35.52
N SER AA 887 -33.37 111.24 36.66
CA SER AA 887 -34.05 111.94 37.75
C SER AA 887 -33.21 113.11 38.24
N ASN AA 888 -31.91 112.90 38.38
CA ASN AA 888 -31.04 113.99 38.81
C ASN AA 888 -31.08 115.14 37.81
N ARG AA 889 -31.02 114.83 36.51
CA ARG AA 889 -31.03 115.87 35.50
C ARG AA 889 -32.34 116.65 35.51
N LEU AA 890 -33.47 115.93 35.58
CA LEU AA 890 -34.76 116.61 35.55
C LEU AA 890 -34.97 117.44 36.81
N GLU AA 891 -34.51 116.94 37.96
CA GLU AA 891 -34.61 117.72 39.19
C GLU AA 891 -33.75 118.97 39.11
N LEU AA 892 -32.55 118.85 38.52
CA LEU AA 892 -31.73 120.04 38.32
C LEU AA 892 -32.32 120.99 37.29
N CYS AA 893 -33.26 120.51 36.46
CA CYS AA 893 -33.91 121.39 35.50
C CYS AA 893 -34.92 122.29 36.20
N PHE AA 894 -35.95 121.68 36.80
CA PHE AA 894 -37.00 122.44 37.45
C PHE AA 894 -36.77 122.52 38.96
N LEU BA 157 -22.04 -3.61 18.23
CA LEU BA 157 -23.10 -2.99 17.37
C LEU BA 157 -23.32 -1.55 17.76
N THR BA 158 -23.59 -0.69 16.78
CA THR BA 158 -23.85 0.70 17.04
C THR BA 158 -25.27 0.88 17.59
N LEU BA 159 -25.55 2.08 18.10
CA LEU BA 159 -26.86 2.35 18.66
C LEU BA 159 -27.95 2.22 17.61
N SER BA 160 -27.69 2.70 16.40
CA SER BA 160 -28.70 2.68 15.35
C SER BA 160 -29.10 1.25 14.95
N GLN BA 161 -28.27 0.26 15.26
CA GLN BA 161 -28.59 -1.11 14.86
C GLN BA 161 -29.51 -1.78 15.88
N LEU BA 162 -29.29 -1.52 17.17
CA LEU BA 162 -30.11 -2.16 18.20
C LEU BA 162 -31.55 -1.71 18.16
N ILE BA 163 -31.83 -0.53 17.59
CA ILE BA 163 -33.18 0.00 17.53
C ILE BA 163 -33.94 -0.50 16.30
N GLU BA 164 -33.23 -0.98 15.28
CA GLU BA 164 -33.87 -1.35 14.01
C GLU BA 164 -35.06 -2.27 14.20
N PRO BA 165 -34.99 -3.36 14.98
CA PRO BA 165 -36.17 -4.22 15.12
C PRO BA 165 -37.37 -3.52 15.72
N TYR BA 166 -37.15 -2.53 16.59
CA TYR BA 166 -38.23 -1.90 17.34
C TYR BA 166 -38.64 -0.55 16.78
N TYR BA 167 -38.26 -0.23 15.54
CA TYR BA 167 -38.55 1.09 14.99
C TYR BA 167 -38.72 0.95 13.48
N ASP BA 168 -39.94 1.14 12.99
CA ASP BA 168 -40.30 0.88 11.59
C ASP BA 168 -40.63 2.18 10.89
N THR BA 169 -39.95 2.45 9.77
CA THR BA 169 -40.25 3.59 8.93
C THR BA 169 -39.52 3.41 7.60
N LEU BA 170 -40.14 3.90 6.53
CA LEU BA 170 -39.54 3.90 5.21
C LEU BA 170 -38.32 4.82 5.18
N GLN BA 173 -32.51 6.06 4.28
CA GLN BA 173 -31.77 6.33 3.06
C GLN BA 173 -32.68 6.31 1.84
N THR BA 174 -33.78 5.57 1.92
CA THR BA 174 -34.71 5.53 0.79
C THR BA 174 -35.35 6.88 0.56
N ILE BA 175 -35.63 7.64 1.63
CA ILE BA 175 -36.17 8.97 1.48
C ILE BA 175 -35.20 9.85 0.71
N LEU BA 176 -33.91 9.77 1.05
CA LEU BA 176 -32.91 10.60 0.37
C LEU BA 176 -32.75 10.21 -1.09
N THR BA 177 -33.17 9.00 -1.47
CA THR BA 177 -33.09 8.60 -2.87
C THR BA 177 -34.07 9.40 -3.72
N TYR BA 178 -35.30 9.58 -3.23
CA TYR BA 178 -36.34 10.28 -3.97
C TYR BA 178 -36.55 11.72 -3.51
N LEU BA 179 -35.73 12.20 -2.57
CA LEU BA 179 -35.92 13.57 -2.09
C LEU BA 179 -35.44 14.61 -3.10
N PRO BA 180 -34.29 14.44 -3.76
CA PRO BA 180 -33.85 15.47 -4.71
C PRO BA 180 -34.87 15.76 -5.80
N TYR BA 181 -35.57 14.74 -6.28
CA TYR BA 181 -36.55 14.96 -7.32
C TYR BA 181 -37.76 15.73 -6.79
N THR BA 182 -38.09 15.57 -5.52
CA THR BA 182 -39.18 16.34 -4.94
C THR BA 182 -38.76 17.77 -4.66
N MET BA 183 -37.50 17.98 -4.27
CA MET BA 183 -37.03 19.33 -3.95
C MET BA 183 -37.04 20.22 -5.18
N LEU BA 184 -36.75 19.67 -6.36
CA LEU BA 184 -36.74 20.43 -7.59
C LEU BA 184 -38.14 20.65 -8.15
N GLY BA 185 -39.18 20.46 -7.34
CA GLY BA 185 -40.54 20.67 -7.80
C GLY BA 185 -40.98 19.71 -8.88
N SER BA 186 -40.71 18.43 -8.69
CA SER BA 186 -41.13 17.39 -9.62
C SER BA 186 -41.80 16.27 -8.85
N ASP BA 187 -42.73 15.59 -9.52
CA ASP BA 187 -43.45 14.48 -8.91
C ASP BA 187 -42.48 13.34 -8.57
N SER BA 188 -42.82 12.61 -7.51
CA SER BA 188 -41.98 11.51 -7.05
C SER BA 188 -42.86 10.29 -6.79
N LYS BA 189 -42.23 9.10 -6.75
CA LYS BA 189 -42.94 7.82 -6.54
C LYS BA 189 -43.63 7.85 -5.18
N ILE BA 190 -43.04 8.51 -4.16
CA ILE BA 190 -43.57 8.50 -2.80
C ILE BA 190 -44.11 9.86 -2.36
N PHE BA 191 -43.82 10.93 -3.09
CA PHE BA 191 -44.37 12.26 -2.81
C PHE BA 191 -45.03 12.78 -4.07
N THR BA 192 -46.30 13.15 -3.98
CA THR BA 192 -47.07 13.60 -5.13
C THR BA 192 -47.71 14.94 -4.83
N PHE BA 193 -47.54 15.88 -5.75
CA PHE BA 193 -48.19 17.19 -5.64
C PHE BA 193 -49.64 17.09 -6.12
N SER BA 194 -50.45 18.06 -5.68
CA SER BA 194 -51.85 18.09 -6.05
C SER BA 194 -52.38 19.51 -5.92
N ASN BA 195 -53.54 19.75 -6.51
CA ASN BA 195 -54.23 21.04 -6.42
C ASN BA 195 -53.33 22.15 -6.97
N ASN BA 196 -52.90 21.98 -8.22
CA ASN BA 196 -52.09 22.98 -8.91
C ASN BA 196 -50.81 23.29 -8.15
N TYR BA 197 -50.22 22.26 -7.55
CA TYR BA 197 -48.95 22.39 -6.84
C TYR BA 197 -49.06 23.37 -5.67
N THR BA 198 -50.11 23.20 -4.87
CA THR BA 198 -50.31 23.99 -3.66
C THR BA 198 -50.21 23.16 -2.38
N ARG BA 199 -50.18 21.83 -2.48
CA ARG BA 199 -50.04 20.99 -1.32
C ARG BA 199 -49.30 19.72 -1.71
N LEU BA 200 -48.60 19.14 -0.72
CA LEU BA 200 -47.81 17.93 -0.92
C LEU BA 200 -48.24 16.89 0.11
N GLU BA 201 -48.48 15.67 -0.36
CA GLU BA 201 -49.02 14.61 0.48
C GLU BA 201 -47.88 13.72 0.96
N ILE BA 202 -47.70 13.64 2.27
CA ILE BA 202 -46.68 12.75 2.84
C ILE BA 202 -47.29 11.34 2.96
N PRO BA 203 -46.63 10.31 2.42
CA PRO BA 203 -47.27 8.99 2.33
C PRO BA 203 -47.40 8.31 3.68
N LYS BA 204 -48.09 7.17 3.71
CA LYS BA 204 -48.05 6.30 4.87
C LYS BA 204 -46.66 5.67 5.00
N ASP BA 205 -46.40 5.06 6.15
CA ASP BA 205 -45.10 4.48 6.45
C ASP BA 205 -44.04 5.58 6.62
N ILE BA 206 -44.46 6.72 7.15
CA ILE BA 206 -43.54 7.76 7.60
C ILE BA 206 -44.04 8.20 8.97
N ASN BA 207 -43.47 7.64 10.03
CA ASN BA 207 -44.01 7.83 11.37
C ASN BA 207 -43.91 9.30 11.79
N ASN BA 208 -44.57 9.62 12.89
CA ASN BA 208 -44.76 10.99 13.36
C ASN BA 208 -43.51 11.87 13.24
N SER BA 209 -42.39 11.44 13.84
CA SER BA 209 -41.20 12.31 13.90
C SER BA 209 -40.69 12.68 12.51
N PHE BA 210 -40.48 11.68 11.65
CA PHE BA 210 -39.97 11.97 10.30
C PHE BA 210 -40.92 12.86 9.53
N SER BA 211 -42.22 12.63 9.65
CA SER BA 211 -43.18 13.51 8.96
C SER BA 211 -43.10 14.93 9.50
N SER BA 212 -42.97 15.09 10.82
CA SER BA 212 -42.87 16.43 11.37
C SER BA 212 -41.63 17.14 10.87
N LEU BA 213 -40.52 16.42 10.77
CA LEU BA 213 -39.30 17.03 10.25
C LEU BA 213 -39.44 17.38 8.78
N LEU BA 214 -39.99 16.46 7.98
CA LEU BA 214 -40.14 16.70 6.56
C LEU BA 214 -41.04 17.90 6.29
N ARG BA 215 -42.05 18.11 7.14
CA ARG BA 215 -42.92 19.25 6.92
C ARG BA 215 -42.13 20.56 6.90
N GLU BA 216 -41.02 20.63 7.63
CA GLU BA 216 -40.16 21.80 7.55
C GLU BA 216 -39.32 21.80 6.28
N VAL BA 217 -38.80 20.63 5.88
CA VAL BA 217 -37.97 20.57 4.68
C VAL BA 217 -38.80 20.86 3.44
N PHE BA 218 -40.03 20.35 3.39
CA PHE BA 218 -40.85 20.50 2.20
C PHE BA 218 -41.33 21.93 1.98
N GLU BA 219 -41.11 22.81 2.95
CA GLU BA 219 -41.44 24.23 2.74
C GLU BA 219 -40.65 24.78 1.56
N PHE BA 220 -39.38 24.41 1.44
CA PHE BA 220 -38.57 24.89 0.33
C PHE BA 220 -39.11 24.36 -1.00
N ALA BA 221 -39.51 23.09 -1.04
CA ALA BA 221 -39.95 22.50 -2.31
C ALA BA 221 -41.18 23.22 -2.85
N ILE BA 222 -42.20 23.41 -2.00
CA ILE BA 222 -43.44 24.01 -2.46
C ILE BA 222 -43.23 25.46 -2.85
N LEU BA 223 -42.48 26.20 -2.03
CA LEU BA 223 -42.23 27.61 -2.33
C LEU BA 223 -41.46 27.75 -3.65
N TYR BA 224 -40.44 26.91 -3.84
CA TYR BA 224 -39.69 26.97 -5.09
C TYR BA 224 -40.56 26.61 -6.28
N LYS BA 225 -41.46 25.63 -6.11
CA LYS BA 225 -42.35 25.27 -7.20
C LYS BA 225 -43.27 26.44 -7.55
N GLN BA 226 -43.78 27.14 -6.54
CA GLN BA 226 -44.62 28.30 -6.81
C GLN BA 226 -43.84 29.37 -7.55
N LEU BA 227 -42.61 29.63 -7.13
CA LEU BA 227 -41.79 30.65 -7.80
C LEU BA 227 -41.49 30.23 -9.23
N ALA BA 228 -41.22 28.94 -9.46
CA ALA BA 228 -40.95 28.47 -10.82
C ALA BA 228 -42.18 28.60 -11.70
N ILE BA 229 -43.36 28.34 -11.14
CA ILE BA 229 -44.60 28.53 -11.90
C ILE BA 229 -44.76 30.00 -12.29
N VAL BA 230 -44.51 30.90 -11.34
CA VAL BA 230 -44.63 32.32 -11.64
C VAL BA 230 -43.64 32.73 -12.73
N VAL BA 231 -42.38 32.30 -12.58
CA VAL BA 231 -41.36 32.70 -13.55
C VAL BA 231 -41.71 32.18 -14.93
N ASP BA 232 -42.13 30.92 -15.03
CA ASP BA 232 -42.45 30.33 -16.33
C ASP BA 232 -43.70 30.99 -16.92
N ARG BA 233 -44.63 31.44 -16.09
CA ARG BA 233 -45.88 32.00 -16.59
C ARG BA 233 -45.73 33.44 -17.07
N TYR BA 234 -44.99 34.26 -16.33
CA TYR BA 234 -44.85 35.69 -16.64
C TYR BA 234 -43.51 36.01 -17.28
N LYS BA 235 -42.90 35.04 -17.97
CA LYS BA 235 -41.55 35.28 -18.51
C LYS BA 235 -41.55 36.41 -19.53
N GLY BA 236 -42.45 36.33 -20.51
CA GLY BA 236 -42.46 37.32 -21.58
C GLY BA 236 -43.83 37.89 -21.85
N THR BA 237 -44.71 37.85 -20.85
CA THR BA 237 -46.07 38.36 -20.98
C THR BA 237 -46.22 39.78 -20.46
N LEU BA 238 -45.62 40.09 -19.30
CA LEU BA 238 -45.75 41.42 -18.72
C LEU BA 238 -45.12 42.46 -19.63
N VAL BA 239 -45.75 43.63 -19.70
CA VAL BA 239 -45.31 44.70 -20.59
C VAL BA 239 -44.49 45.73 -19.79
N SER BA 240 -44.88 45.95 -18.53
CA SER BA 240 -44.17 46.92 -17.71
C SER BA 240 -42.72 46.49 -17.51
N ALA BA 241 -41.81 47.45 -17.63
CA ALA BA 241 -40.39 47.15 -17.51
C ALA BA 241 -39.99 46.83 -16.07
N ILE BA 242 -40.67 47.42 -15.09
CA ILE BA 242 -40.28 47.23 -13.69
C ILE BA 242 -40.49 45.77 -13.29
N LYS BA 243 -41.68 45.25 -13.59
CA LYS BA 243 -41.98 43.86 -13.26
C LYS BA 243 -41.09 42.91 -14.05
N THR BA 244 -40.75 43.26 -15.29
CA THR BA 244 -39.88 42.41 -16.09
C THR BA 244 -38.49 42.30 -15.46
N ALA BA 245 -37.94 43.43 -15.01
CA ALA BA 245 -36.65 43.37 -14.33
C ALA BA 245 -36.74 42.56 -13.05
N TYR BA 246 -37.86 42.69 -12.34
CA TYR BA 246 -38.05 41.87 -11.14
C TYR BA 246 -38.03 40.39 -11.48
N ILE BA 247 -38.71 40.00 -12.55
CA ILE BA 247 -38.71 38.60 -12.95
C ILE BA 247 -37.33 38.14 -13.34
N ALA BA 248 -36.55 39.02 -13.99
CA ALA BA 248 -35.19 38.65 -14.36
C ALA BA 248 -34.36 38.31 -13.12
N ILE BA 249 -34.42 39.17 -12.11
CA ILE BA 249 -33.62 38.91 -10.91
C ILE BA 249 -34.16 37.68 -10.18
N LEU BA 250 -35.47 37.48 -10.21
CA LEU BA 250 -36.05 36.28 -9.60
C LEU BA 250 -35.53 35.02 -10.28
N GLU BA 251 -35.43 35.03 -11.61
CA GLU BA 251 -34.89 33.88 -12.31
C GLU BA 251 -33.45 33.62 -11.92
N ALA BA 252 -32.65 34.69 -11.78
CA ALA BA 252 -31.27 34.49 -11.35
C ALA BA 252 -31.21 33.85 -9.96
N GLN BA 253 -32.05 34.32 -9.04
CA GLN BA 253 -32.04 33.74 -7.69
C GLN BA 253 -32.45 32.28 -7.71
N LEU BA 254 -33.48 31.94 -8.50
CA LEU BA 254 -33.89 30.54 -8.58
C LEU BA 254 -32.78 29.67 -9.16
N ASN BA 255 -32.05 30.18 -10.14
CA ASN BA 255 -30.93 29.41 -10.68
C ASN BA 255 -29.88 29.15 -9.61
N LYS BA 256 -29.59 30.16 -8.79
CA LYS BA 256 -28.64 29.93 -7.71
C LYS BA 256 -29.17 28.88 -6.73
N TYR BA 257 -30.46 28.91 -6.44
CA TYR BA 257 -31.03 27.94 -5.52
C TYR BA 257 -30.91 26.52 -6.07
N VAL BA 258 -31.18 26.35 -7.37
CA VAL BA 258 -31.08 25.02 -7.96
C VAL BA 258 -29.64 24.52 -7.89
N ASN BA 259 -28.67 25.40 -8.19
CA ASN BA 259 -27.28 24.97 -8.09
C ASN BA 259 -26.91 24.60 -6.66
N ASP BA 260 -27.45 25.33 -5.68
CA ASP BA 260 -27.18 24.98 -4.29
C ASP BA 260 -27.73 23.61 -3.95
N ILE BA 261 -28.95 23.30 -4.39
CA ILE BA 261 -29.52 21.98 -4.14
C ILE BA 261 -28.66 20.91 -4.78
N ASN BA 262 -28.21 21.14 -6.01
CA ASN BA 262 -27.34 20.17 -6.67
C ASN BA 262 -26.06 19.93 -5.88
N ASN BA 263 -25.50 20.99 -5.30
CA ASN BA 263 -24.33 20.80 -4.45
C ASN BA 263 -24.68 20.00 -3.19
N ILE BA 264 -25.85 20.29 -2.59
CA ILE BA 264 -26.20 19.61 -1.34
C ILE BA 264 -26.38 18.12 -1.56
N PHE BA 265 -26.85 17.71 -2.73
CA PHE BA 265 -27.07 16.29 -2.99
C PHE BA 265 -25.95 15.61 -3.78
N ASN BA 266 -25.03 16.37 -4.39
CA ASN BA 266 -23.82 15.76 -4.94
C ASN BA 266 -22.96 15.19 -3.83
N ASN BA 267 -22.84 15.92 -2.73
CA ASN BA 267 -22.16 15.41 -1.54
C ASN BA 267 -23.16 14.51 -0.82
N LYS BA 268 -23.08 13.21 -1.09
CA LYS BA 268 -24.08 12.26 -0.62
C LYS BA 268 -24.41 12.50 0.84
N PRO BA 269 -25.61 12.97 1.16
CA PRO BA 269 -25.94 13.28 2.56
C PRO BA 269 -26.23 12.03 3.37
N ASN BA 270 -26.01 12.15 4.67
CA ASN BA 270 -26.20 11.04 5.59
C ASN BA 270 -27.62 10.97 6.15
N SER BA 271 -28.29 12.11 6.31
CA SER BA 271 -29.60 12.14 6.94
C SER BA 271 -30.36 13.36 6.44
N ILE BA 272 -31.63 13.43 6.82
CA ILE BA 272 -32.47 14.56 6.44
C ILE BA 272 -31.98 15.84 7.10
N LEU BA 273 -31.42 15.73 8.30
CA LEU BA 273 -31.08 16.93 9.05
C LEU BA 273 -29.93 17.69 8.41
N VAL BA 274 -28.94 16.97 7.88
CA VAL BA 274 -27.84 17.67 7.20
C VAL BA 274 -28.36 18.39 5.97
N VAL BA 275 -29.32 17.78 5.27
CA VAL BA 275 -29.96 18.44 4.14
C VAL BA 275 -30.65 19.72 4.59
N TYR BA 276 -31.40 19.64 5.68
CA TYR BA 276 -32.12 20.81 6.19
C TYR BA 276 -31.16 21.91 6.58
N ASN BA 277 -30.07 21.56 7.27
CA ASN BA 277 -29.10 22.57 7.70
C ASN BA 277 -28.39 23.20 6.51
N SER BA 278 -28.10 22.41 5.47
CA SER BA 278 -27.39 22.94 4.32
C SER BA 278 -28.21 24.01 3.62
N ILE BA 279 -29.52 23.81 3.48
CA ILE BA 279 -30.38 24.76 2.79
C ILE BA 279 -31.03 25.76 3.74
N PHE BA 280 -30.74 25.68 5.04
CA PHE BA 280 -31.40 26.57 5.99
C PHE BA 280 -31.25 28.04 5.64
N PRO BA 281 -30.07 28.53 5.22
CA PRO BA 281 -29.93 29.98 5.00
C PRO BA 281 -30.84 30.54 3.90
N TRP BA 282 -31.61 29.68 3.22
CA TRP BA 282 -32.48 30.10 2.14
C TRP BA 282 -33.92 30.33 2.59
N ILE BA 283 -34.20 30.26 3.89
CA ILE BA 283 -35.57 30.45 4.36
C ILE BA 283 -36.03 31.89 4.09
N SER BA 284 -35.19 32.87 4.45
CA SER BA 284 -35.63 34.26 4.35
C SER BA 284 -35.71 34.70 2.89
N ILE BA 285 -34.76 34.26 2.07
CA ILE BA 285 -34.76 34.65 0.66
C ILE BA 285 -36.01 34.12 -0.03
N LEU BA 286 -36.31 32.83 0.16
CA LEU BA 286 -37.48 32.25 -0.50
C LEU BA 286 -38.77 32.88 0.02
N ARG BA 287 -38.89 33.07 1.33
CA ARG BA 287 -40.12 33.68 1.84
C ARG BA 287 -40.29 35.09 1.31
N PHE BA 288 -39.22 35.88 1.29
CA PHE BA 288 -39.32 37.24 0.78
C PHE BA 288 -39.71 37.25 -0.69
N LEU BA 289 -39.08 36.40 -1.50
CA LEU BA 289 -39.39 36.37 -2.92
C LEU BA 289 -40.83 35.93 -3.16
N TYR BA 290 -41.30 34.95 -2.40
CA TYR BA 290 -42.67 34.51 -2.55
C TYR BA 290 -43.65 35.62 -2.17
N ARG BA 291 -43.35 36.35 -1.09
CA ARG BA 291 -44.24 37.42 -0.66
C ARG BA 291 -44.30 38.53 -1.71
N VAL BA 292 -43.15 38.92 -2.26
CA VAL BA 292 -43.13 40.00 -3.23
C VAL BA 292 -43.84 39.58 -4.52
N SER BA 293 -43.52 38.39 -5.03
CA SER BA 293 -44.14 37.92 -6.26
C SER BA 293 -45.65 37.73 -6.11
N ASN BA 294 -46.12 37.50 -4.89
CA ASN BA 294 -47.55 37.33 -4.67
C ASN BA 294 -48.34 38.59 -5.01
N ARG BA 295 -47.69 39.75 -4.99
CA ARG BA 295 -48.35 41.03 -5.26
C ARG BA 295 -47.88 41.63 -6.58
N LEU BA 296 -47.52 40.79 -7.54
CA LEU BA 296 -47.11 41.26 -8.85
C LEU BA 296 -48.29 41.65 -9.73
N ASN BA 297 -49.51 41.29 -9.35
CA ASN BA 297 -50.69 41.57 -10.17
C ASN BA 297 -51.37 42.88 -9.78
N ARG BA 298 -51.81 42.98 -8.53
CA ARG BA 298 -52.56 44.16 -8.12
C ARG BA 298 -51.69 45.41 -8.14
N LEU BA 299 -50.44 45.30 -7.71
CA LEU BA 299 -49.55 46.45 -7.71
C LEU BA 299 -49.21 46.87 -9.13
N ASP BA 300 -49.19 48.18 -9.37
CA ASP BA 300 -48.90 48.72 -10.69
C ASP BA 300 -47.39 48.82 -10.90
N GLY BA 301 -46.97 49.50 -11.96
CA GLY BA 301 -45.56 49.59 -12.25
C GLY BA 301 -44.77 50.38 -11.23
N TYR BA 302 -45.32 51.50 -10.77
CA TYR BA 302 -44.63 52.38 -9.83
C TYR BA 302 -44.87 51.97 -8.38
N GLU BA 303 -46.08 51.53 -8.06
CA GLU BA 303 -46.35 51.06 -6.71
C GLU BA 303 -45.48 49.86 -6.36
N PHE BA 304 -45.19 49.01 -7.34
CA PHE BA 304 -44.29 47.88 -7.10
C PHE BA 304 -42.89 48.38 -6.76
N LEU BA 305 -42.40 49.38 -7.49
CA LEU BA 305 -41.07 49.92 -7.23
C LEU BA 305 -41.00 50.54 -5.85
N THR BA 306 -42.04 51.28 -5.46
CA THR BA 306 -42.04 51.86 -4.12
C THR BA 306 -42.16 50.78 -3.05
N PHE BA 307 -42.90 49.71 -3.33
CA PHE BA 307 -43.04 48.63 -2.37
C PHE BA 307 -41.71 47.94 -2.10
N ILE BA 308 -40.95 47.65 -3.16
CA ILE BA 308 -39.65 47.03 -2.95
C ILE BA 308 -38.70 48.01 -2.27
N TYR BA 309 -38.77 49.28 -2.65
CA TYR BA 309 -37.83 50.26 -2.11
C TYR BA 309 -37.93 50.36 -0.59
N SER BA 310 -39.11 50.13 -0.03
CA SER BA 310 -39.29 50.25 1.41
C SER BA 310 -38.54 49.16 2.17
N PHE BA 311 -38.17 48.06 1.51
CA PHE BA 311 -37.46 46.97 2.17
C PHE BA 311 -35.95 47.17 2.19
N THR BA 312 -35.42 48.13 1.43
CA THR BA 312 -33.99 48.38 1.47
C THR BA 312 -33.53 48.89 2.83
N ASN BA 313 -34.45 49.39 3.65
CA ASN BA 313 -34.13 49.88 4.98
C ASN BA 313 -34.30 48.82 6.07
N HIS BA 314 -34.57 47.58 5.68
CA HIS BA 314 -34.73 46.52 6.66
C HIS BA 314 -33.42 46.30 7.41
N GLY BA 315 -33.53 46.07 8.72
CA GLY BA 315 -32.35 45.91 9.54
C GLY BA 315 -31.68 44.55 9.41
N ASP BA 316 -32.40 43.55 8.92
CA ASP BA 316 -31.85 42.21 8.82
C ASP BA 316 -30.85 42.15 7.67
N PRO BA 317 -29.60 41.77 7.90
CA PRO BA 317 -28.63 41.74 6.78
C PRO BA 317 -29.05 40.85 5.63
N LYS BA 318 -29.70 39.71 5.90
CA LYS BA 318 -30.09 38.81 4.81
C LYS BA 318 -31.25 39.39 4.00
N ILE BA 319 -32.30 39.84 4.69
CA ILE BA 319 -33.47 40.37 4.01
C ILE BA 319 -33.12 41.66 3.28
N ARG BA 320 -32.41 42.57 3.95
CA ARG BA 320 -31.98 43.79 3.28
C ARG BA 320 -31.00 43.51 2.16
N GLY BA 321 -30.18 42.46 2.30
CA GLY BA 321 -29.26 42.13 1.22
C GLY BA 321 -29.98 41.71 -0.04
N ILE BA 322 -30.98 40.84 0.10
CA ILE BA 322 -31.72 40.43 -1.10
C ILE BA 322 -32.57 41.58 -1.62
N ALA BA 323 -33.15 42.39 -0.73
CA ALA BA 323 -33.97 43.51 -1.19
C ALA BA 323 -33.15 44.52 -1.97
N VAL BA 324 -31.97 44.86 -1.46
CA VAL BA 324 -31.11 45.81 -2.17
C VAL BA 324 -30.45 45.19 -3.38
N THR BA 325 -30.29 43.87 -3.42
CA THR BA 325 -29.80 43.23 -4.64
C THR BA 325 -30.85 43.31 -5.74
N ALA BA 326 -32.12 43.03 -5.42
CA ALA BA 326 -33.16 43.07 -6.43
C ALA BA 326 -33.51 44.49 -6.83
N PHE BA 327 -33.41 45.44 -5.90
CA PHE BA 327 -33.80 46.81 -6.19
C PHE BA 327 -32.91 47.46 -7.25
N THR BA 328 -31.65 47.06 -7.36
CA THR BA 328 -30.78 47.66 -8.38
C THR BA 328 -31.31 47.37 -9.77
N GLU BA 329 -31.57 46.11 -10.08
CA GLU BA 329 -32.06 45.79 -11.41
C GLU BA 329 -33.51 46.20 -11.60
N VAL BA 330 -34.29 46.25 -10.51
CA VAL BA 330 -35.66 46.71 -10.64
C VAL BA 330 -35.71 48.20 -10.96
N VAL BA 331 -34.77 48.97 -10.41
CA VAL BA 331 -34.75 50.41 -10.63
C VAL BA 331 -34.00 50.82 -11.89
N LYS BA 332 -33.17 49.95 -12.46
CA LYS BA 332 -32.45 50.34 -13.67
C LYS BA 332 -33.38 50.83 -14.78
N PRO BA 333 -34.51 50.17 -15.07
CA PRO BA 333 -35.39 50.68 -16.15
C PRO BA 333 -35.92 52.09 -15.89
N TYR BA 334 -36.20 52.42 -14.63
CA TYR BA 334 -36.65 53.77 -14.30
C TYR BA 334 -35.56 54.78 -14.64
N TYR BA 335 -34.31 54.45 -14.30
CA TYR BA 335 -33.21 55.34 -14.65
C TYR BA 335 -32.98 55.39 -16.14
N ASN BA 336 -33.32 54.33 -16.87
CA ASN BA 336 -33.24 54.41 -18.34
C ASN BA 336 -34.29 55.36 -18.89
N ILE BA 337 -35.50 55.35 -18.33
CA ILE BA 337 -36.50 56.34 -18.73
C ILE BA 337 -35.98 57.74 -18.48
N VAL BA 338 -35.40 57.96 -17.30
CA VAL BA 338 -34.89 59.27 -16.96
C VAL BA 338 -33.74 59.65 -17.89
N GLU BA 339 -32.91 58.67 -18.27
CA GLU BA 339 -31.79 58.95 -19.16
C GLU BA 339 -32.29 59.41 -20.53
N HIS BA 340 -33.25 58.69 -21.09
CA HIS BA 340 -33.80 59.10 -22.39
C HIS BA 340 -34.43 60.47 -22.29
N TRP BA 341 -35.17 60.75 -21.21
CA TRP BA 341 -35.80 62.05 -21.07
C TRP BA 341 -34.76 63.17 -20.92
N ILE BA 342 -33.69 62.92 -20.17
CA ILE BA 342 -32.72 63.96 -19.89
C ILE BA 342 -31.89 64.26 -21.13
N VAL BA 343 -31.40 63.24 -21.82
CA VAL BA 343 -30.39 63.45 -22.86
C VAL BA 343 -31.05 63.90 -24.16
N LYS BA 344 -31.92 63.06 -24.73
CA LYS BA 344 -32.53 63.40 -26.04
C LYS BA 344 -33.77 64.25 -25.85
N GLY BA 345 -34.48 64.06 -24.73
CA GLY BA 345 -35.75 64.78 -24.52
C GLY BA 345 -36.89 64.02 -25.14
N GLU BA 346 -37.11 62.76 -24.72
CA GLU BA 346 -38.26 61.99 -25.22
C GLU BA 346 -38.83 61.09 -24.12
N LEU BA 347 -40.10 60.72 -24.24
CA LEU BA 347 -40.78 59.93 -23.22
C LEU BA 347 -40.96 58.50 -23.72
N ILE BA 348 -40.58 57.54 -22.89
CA ILE BA 348 -40.53 56.14 -23.29
C ILE BA 348 -41.67 55.34 -22.66
N ASP BA 349 -41.97 55.56 -21.38
CA ASP BA 349 -42.92 54.73 -20.68
C ASP BA 349 -44.31 54.84 -21.29
N ASN BA 350 -44.78 53.75 -21.92
CA ASN BA 350 -46.15 53.73 -22.42
C ASN BA 350 -47.16 53.61 -21.29
N ASN BA 351 -46.77 52.95 -20.20
CA ASN BA 351 -47.61 52.84 -19.02
C ASN BA 351 -47.37 54.01 -18.07
N ASN BA 352 -48.28 54.18 -17.12
CA ASN BA 352 -48.21 55.29 -16.17
C ASN BA 352 -47.29 54.90 -15.02
N GLU BA 353 -45.99 55.11 -15.24
CA GLU BA 353 -44.98 54.78 -14.24
C GLU BA 353 -43.89 55.84 -14.18
N PHE BA 354 -44.22 57.09 -14.49
CA PHE BA 354 -43.24 58.16 -14.50
C PHE BA 354 -43.93 59.45 -14.07
N PHE BA 355 -43.13 60.40 -13.59
CA PHE BA 355 -43.65 61.67 -13.09
C PHE BA 355 -43.67 62.75 -14.16
N ILE BA 356 -43.64 62.39 -15.44
CA ILE BA 356 -43.79 63.32 -16.54
C ILE BA 356 -44.69 62.65 -17.58
N ILE BA 357 -45.66 63.39 -18.11
CA ILE BA 357 -46.66 62.86 -19.02
C ILE BA 357 -46.97 63.90 -20.09
N PHE BA 358 -47.79 63.50 -21.07
CA PHE BA 358 -48.20 64.36 -22.17
C PHE BA 358 -49.71 64.48 -22.21
N ASP BA 359 -50.18 65.45 -22.99
CA ASP BA 359 -51.61 65.68 -23.23
C ASP BA 359 -51.81 65.93 -24.71
N GLN BA 360 -52.18 64.89 -25.47
CA GLN BA 360 -52.37 65.08 -26.91
C GLN BA 360 -53.55 66.00 -27.20
N GLU BA 361 -54.55 66.03 -26.31
CA GLU BA 361 -55.74 66.84 -26.57
C GLU BA 361 -55.44 68.33 -26.51
N GLN BA 362 -54.38 68.72 -25.80
CA GLN BA 362 -54.05 70.13 -25.66
C GLN BA 362 -53.56 70.68 -26.99
N ASN BA 363 -53.76 71.99 -27.18
CA ASN BA 363 -53.41 72.65 -28.43
C ASN BA 363 -52.45 73.82 -28.21
N GLU BA 364 -51.54 73.70 -27.24
CA GLU BA 364 -50.51 74.69 -27.02
C GLU BA 364 -49.33 74.03 -26.34
N PHE BA 365 -48.11 74.48 -26.69
CA PHE BA 365 -46.91 73.77 -26.25
C PHE BA 365 -46.79 73.75 -24.74
N ASN BA 366 -46.92 74.91 -24.10
CA ASN BA 366 -46.54 75.02 -22.70
C ASN BA 366 -47.37 74.12 -21.79
N SER BA 367 -48.53 73.64 -22.25
CA SER BA 367 -49.42 72.85 -21.42
C SER BA 367 -49.65 71.44 -21.93
N ILE BA 368 -49.02 71.03 -23.03
CA ILE BA 368 -49.07 69.64 -23.44
C ILE BA 368 -48.33 68.76 -22.42
N ILE BA 369 -47.24 69.27 -21.85
CA ILE BA 369 -46.44 68.53 -20.90
C ILE BA 369 -46.75 69.06 -19.50
N LYS BA 370 -47.04 68.14 -18.57
CA LYS BA 370 -47.31 68.53 -17.19
C LYS BA 370 -46.63 67.54 -16.26
N LEU BA 371 -46.32 68.03 -15.05
CA LEU BA 371 -45.64 67.23 -14.03
C LEU BA 371 -46.66 66.60 -13.10
N LEU BA 372 -46.24 65.51 -12.45
CA LEU BA 372 -47.06 64.80 -11.47
C LEU BA 372 -46.32 64.79 -10.14
N PRO BA 373 -46.54 65.76 -9.27
CA PRO BA 373 -45.76 65.83 -8.03
C PRO BA 373 -45.98 64.63 -7.10
N LYS BA 374 -47.08 63.91 -7.25
CA LYS BA 374 -47.34 62.79 -6.36
C LYS BA 374 -46.46 61.59 -6.69
N LYS BA 375 -46.06 61.45 -7.95
CA LYS BA 375 -45.33 60.27 -8.41
C LYS BA 375 -43.82 60.45 -8.39
N ILE BA 376 -43.32 61.57 -7.89
CA ILE BA 376 -41.88 61.80 -7.85
C ILE BA 376 -41.27 60.82 -6.86
N PRO BA 377 -40.34 59.96 -7.26
CA PRO BA 377 -39.75 59.01 -6.31
C PRO BA 377 -38.84 59.69 -5.31
N ALA BA 378 -38.59 58.99 -4.20
CA ALA BA 378 -37.72 59.52 -3.15
C ALA BA 378 -36.26 59.46 -3.55
N PHE BA 379 -35.87 58.51 -4.38
CA PHE BA 379 -34.47 58.33 -4.73
C PHE BA 379 -34.01 59.24 -5.87
N ILE BA 380 -34.91 60.02 -6.45
CA ILE BA 380 -34.57 60.93 -7.52
C ILE BA 380 -34.32 62.32 -6.92
N LYS BA 381 -33.43 63.08 -7.54
CA LYS BA 381 -33.06 64.40 -7.06
C LYS BA 381 -33.14 65.41 -8.19
N SER BA 382 -33.44 66.66 -7.83
CA SER BA 382 -33.53 67.75 -8.80
C SER BA 382 -34.57 67.44 -9.88
N SER BA 383 -35.73 66.95 -9.44
CA SER BA 383 -36.79 66.60 -10.39
C SER BA 383 -37.29 67.83 -11.14
N ASP BA 384 -37.45 68.95 -10.43
CA ASP BA 384 -37.97 70.15 -11.06
C ASP BA 384 -37.01 70.73 -12.08
N LYS BA 385 -35.76 70.28 -12.08
CA LYS BA 385 -34.80 70.64 -13.11
C LYS BA 385 -34.80 69.62 -14.25
N ILE BA 386 -35.05 68.35 -13.95
CA ILE BA 386 -35.21 67.35 -14.99
C ILE BA 386 -36.35 67.73 -15.91
N PHE BA 387 -37.47 68.16 -15.32
CA PHE BA 387 -38.63 68.52 -16.12
C PHE BA 387 -38.30 69.65 -17.09
N GLN BA 388 -37.61 70.68 -16.60
CA GLN BA 388 -37.29 71.82 -17.46
C GLN BA 388 -36.28 71.43 -18.54
N ILE BA 389 -35.31 70.58 -18.20
CA ILE BA 389 -34.35 70.14 -19.21
C ILE BA 389 -35.07 69.41 -20.33
N GLY BA 390 -35.97 68.49 -19.97
CA GLY BA 390 -36.67 67.74 -20.99
C GLY BA 390 -37.59 68.60 -21.84
N LYS BA 391 -38.34 69.51 -21.19
CA LYS BA 391 -39.24 70.37 -21.95
C LYS BA 391 -38.47 71.25 -22.92
N THR BA 392 -37.34 71.80 -22.46
CA THR BA 392 -36.59 72.72 -23.36
C THR BA 392 -35.99 71.91 -24.51
N LEU BA 393 -35.56 70.67 -24.24
CA LEU BA 393 -35.00 69.80 -25.30
C LEU BA 393 -36.09 69.55 -26.36
N ILE BA 394 -37.28 69.12 -25.95
CA ILE BA 394 -38.40 68.92 -26.90
C ILE BA 394 -38.59 70.20 -27.70
N PHE BA 395 -38.70 71.35 -27.03
CA PHE BA 395 -38.92 72.61 -27.72
C PHE BA 395 -37.83 72.86 -28.75
N LEU BA 396 -36.57 72.62 -28.38
CA LEU BA 396 -35.47 72.93 -29.29
C LEU BA 396 -35.47 71.99 -30.49
N ASN BA 397 -35.65 70.69 -30.28
CA ASN BA 397 -35.46 69.75 -31.37
C ASN BA 397 -36.73 69.46 -32.15
N LYS BA 398 -37.87 70.05 -31.80
CA LYS BA 398 -39.09 69.84 -32.57
C LYS BA 398 -39.79 71.11 -33.04
N TYR BA 399 -39.58 72.25 -32.40
CA TYR BA 399 -40.17 73.52 -32.85
C TYR BA 399 -39.15 74.43 -33.50
N CYS BA 400 -38.03 74.73 -32.84
CA CYS BA 400 -36.98 75.51 -33.48
C CYS BA 400 -36.22 74.70 -34.52
N ARG BA 401 -36.33 73.37 -34.48
CA ARG BA 401 -35.69 72.49 -35.46
C ARG BA 401 -34.18 72.75 -35.52
N GLU BA 402 -33.56 72.97 -34.36
CA GLU BA 402 -32.11 73.14 -34.26
C GLU BA 402 -31.50 71.78 -33.94
N LEU BA 403 -31.45 70.92 -34.97
CA LEU BA 403 -30.98 69.55 -34.80
C LEU BA 403 -29.46 69.47 -34.60
N LYS BA 404 -28.70 70.40 -35.18
CA LYS BA 404 -27.25 70.33 -35.13
C LYS BA 404 -26.74 70.42 -33.69
N TRP BA 405 -27.17 71.45 -32.98
CA TRP BA 405 -26.70 71.62 -31.61
C TRP BA 405 -27.27 70.56 -30.68
N VAL BA 406 -28.50 70.12 -30.92
CA VAL BA 406 -29.06 69.04 -30.12
C VAL BA 406 -28.24 67.77 -30.27
N ASN BA 407 -27.83 67.46 -31.50
CA ASN BA 407 -26.98 66.28 -31.70
C ASN BA 407 -25.63 66.44 -31.03
N GLN BA 408 -25.03 67.63 -31.12
CA GLN BA 408 -23.75 67.86 -30.48
C GLN BA 408 -23.87 67.68 -28.97
N TYR BA 409 -24.93 68.24 -28.38
CA TYR BA 409 -25.20 68.08 -26.97
C TYR BA 409 -25.42 66.61 -26.60
N ASN BA 410 -26.17 65.89 -27.42
CA ASN BA 410 -26.41 64.48 -27.16
C ASN BA 410 -25.10 63.71 -27.09
N VAL BA 411 -24.20 63.95 -28.04
CA VAL BA 411 -22.92 63.25 -28.03
C VAL BA 411 -22.13 63.65 -26.79
N LYS BA 412 -22.10 64.96 -26.48
CA LYS BA 412 -21.26 65.43 -25.38
C LYS BA 412 -21.67 64.79 -24.06
N TYR BA 413 -22.97 64.74 -23.79
CA TYR BA 413 -23.40 64.23 -22.49
C TYR BA 413 -23.63 62.73 -22.47
N SER BA 414 -23.73 62.08 -23.64
CA SER BA 414 -23.64 60.62 -23.66
C SER BA 414 -22.21 60.17 -23.37
N ALA BA 415 -21.22 60.96 -23.77
CA ALA BA 415 -19.84 60.63 -23.44
C ALA BA 415 -19.53 60.75 -21.95
N ILE BA 416 -20.43 61.35 -21.17
CA ILE BA 416 -20.29 61.38 -19.73
C ILE BA 416 -21.17 60.33 -19.06
N LEU BA 417 -22.40 60.13 -19.53
CA LEU BA 417 -23.24 59.14 -18.87
C LEU BA 417 -22.78 57.71 -19.16
N PHE BA 418 -22.35 57.41 -20.39
CA PHE BA 418 -22.10 56.02 -20.77
C PHE BA 418 -20.62 55.69 -20.93
N ASN BA 419 -19.75 56.68 -21.10
CA ASN BA 419 -18.31 56.42 -21.23
C ASN BA 419 -17.56 56.71 -19.94
N ASN BA 420 -17.71 57.91 -19.38
CA ASN BA 420 -17.08 58.22 -18.11
C ASN BA 420 -17.66 57.34 -16.99
N HIS BA 421 -18.98 57.18 -16.99
CA HIS BA 421 -19.68 56.33 -16.04
C HIS BA 421 -20.42 55.24 -16.80
N GLN BA 422 -21.21 54.45 -16.07
CA GLN BA 422 -21.92 53.30 -16.64
C GLN BA 422 -23.43 53.49 -16.58
N GLY BA 423 -23.88 54.73 -16.57
CA GLY BA 423 -25.29 55.05 -16.51
C GLY BA 423 -25.65 55.82 -15.26
N LEU BA 424 -26.91 56.22 -15.19
CA LEU BA 424 -27.38 56.98 -14.04
C LEU BA 424 -27.32 56.14 -12.76
N ALA BA 425 -27.56 54.83 -12.86
CA ALA BA 425 -27.49 53.99 -11.67
C ALA BA 425 -26.09 53.98 -11.09
N SER BA 426 -25.07 53.93 -11.94
CA SER BA 426 -23.68 53.91 -11.50
C SER BA 426 -23.17 55.34 -11.34
N MET BA 427 -23.86 56.10 -10.49
CA MET BA 427 -23.50 57.49 -10.22
C MET BA 427 -23.96 57.84 -8.82
N THR BA 428 -23.04 58.35 -8.01
CA THR BA 428 -23.41 58.81 -6.67
C THR BA 428 -24.26 60.06 -6.77
N THR BA 429 -25.09 60.26 -5.75
CA THR BA 429 -26.09 61.33 -5.80
C THR BA 429 -25.44 62.69 -6.01
N ASN BA 430 -24.28 62.92 -5.39
CA ASN BA 430 -23.61 64.21 -5.55
C ASN BA 430 -23.24 64.46 -7.01
N GLU BA 431 -22.64 63.47 -7.67
CA GLU BA 431 -22.24 63.64 -9.06
C GLU BA 431 -23.46 63.72 -9.97
N MET BA 432 -24.52 62.98 -9.66
CA MET BA 432 -25.74 63.04 -10.46
C MET BA 432 -26.36 64.44 -10.40
N ILE BA 433 -26.42 65.02 -9.20
CA ILE BA 433 -26.95 66.38 -9.07
C ILE BA 433 -26.07 67.36 -9.82
N LYS BA 434 -24.74 67.20 -9.72
CA LYS BA 434 -23.85 68.11 -10.43
C LYS BA 434 -24.04 68.01 -11.94
N LEU BA 435 -24.21 66.80 -12.46
CA LEU BA 435 -24.42 66.62 -13.89
C LEU BA 435 -25.71 67.29 -14.33
N ILE BA 436 -26.79 67.12 -13.56
CA ILE BA 436 -28.05 67.73 -13.94
C ILE BA 436 -27.93 69.25 -13.90
N ASP BA 437 -27.21 69.79 -12.91
CA ASP BA 437 -27.03 71.23 -12.85
C ASP BA 437 -26.28 71.75 -14.06
N SER BA 438 -25.22 71.04 -14.47
CA SER BA 438 -24.47 71.47 -15.65
C SER BA 438 -25.35 71.44 -16.90
N GLN BA 439 -26.14 70.37 -17.04
CA GLN BA 439 -27.04 70.30 -18.19
C GLN BA 439 -28.04 71.45 -18.18
N TYR BA 440 -28.58 71.77 -17.00
CA TYR BA 440 -29.58 72.83 -16.91
C TYR BA 440 -28.97 74.17 -17.33
N ASN BA 441 -27.79 74.49 -16.81
CA ASN BA 441 -27.17 75.76 -17.18
C ASN BA 441 -26.89 75.82 -18.68
N GLU BA 442 -26.34 74.74 -19.25
CA GLU BA 442 -26.03 74.75 -20.67
C GLU BA 442 -27.29 74.91 -21.51
N ILE BA 443 -28.35 74.19 -21.16
CA ILE BA 443 -29.57 74.21 -21.96
C ILE BA 443 -30.20 75.59 -21.93
N LEU BA 444 -30.29 76.20 -20.73
CA LEU BA 444 -30.91 77.51 -20.70
C LEU BA 444 -30.03 78.57 -21.35
N THR BA 445 -28.71 78.41 -21.29
CA THR BA 445 -27.83 79.33 -22.00
C THR BA 445 -28.12 79.29 -23.49
N PHE BA 446 -28.23 78.08 -24.06
CA PHE BA 446 -28.52 78.00 -25.49
C PHE BA 446 -29.93 78.47 -25.82
N LEU BA 447 -30.90 78.19 -24.95
CA LEU BA 447 -32.25 78.67 -25.20
C LEU BA 447 -32.29 80.18 -25.25
N THR BA 448 -31.57 80.86 -24.35
CA THR BA 448 -31.48 82.30 -24.44
C THR BA 448 -30.79 82.72 -25.74
N GLN BA 449 -29.66 82.08 -26.07
CA GLN BA 449 -28.92 82.47 -27.26
C GLN BA 449 -29.74 82.31 -28.53
N ILE BA 450 -30.78 81.49 -28.51
CA ILE BA 450 -31.67 81.40 -29.66
C ILE BA 450 -32.79 82.43 -29.54
N ILE BA 451 -33.59 82.32 -28.47
CA ILE BA 451 -34.84 83.08 -28.40
C ILE BA 451 -34.57 84.58 -28.36
N GLN BA 452 -33.66 85.03 -27.50
CA GLN BA 452 -33.34 86.44 -27.45
C GLN BA 452 -32.17 86.80 -28.35
N GLY BA 453 -31.62 85.82 -29.04
CA GLY BA 453 -30.57 85.99 -30.02
C GLY BA 453 -31.14 86.04 -31.42
N ASN BA 454 -31.10 84.90 -32.11
CA ASN BA 454 -31.51 84.87 -33.52
C ASN BA 454 -32.94 85.35 -33.70
N ASN BA 455 -33.82 85.02 -32.75
CA ASN BA 455 -35.22 85.42 -32.86
C ASN BA 455 -35.43 86.88 -32.52
N LYS BA 456 -34.61 87.46 -31.65
CA LYS BA 456 -34.74 88.85 -31.22
C LYS BA 456 -36.10 89.09 -30.57
N LEU BA 457 -36.30 88.42 -29.43
CA LEU BA 457 -37.57 88.50 -28.73
C LEU BA 457 -37.91 89.93 -28.33
N PHE BA 458 -36.93 90.66 -27.79
CA PHE BA 458 -37.21 92.01 -27.32
C PHE BA 458 -37.62 92.93 -28.46
N THR BA 459 -36.97 92.80 -29.62
CA THR BA 459 -37.32 93.65 -30.75
C THR BA 459 -38.76 93.41 -31.20
N HIS BA 460 -39.18 92.14 -31.23
CA HIS BA 460 -40.53 91.85 -31.68
C HIS BA 460 -41.57 92.24 -30.63
N VAL BA 461 -41.23 92.15 -29.34
CA VAL BA 461 -42.14 92.66 -28.33
C VAL BA 461 -42.28 94.17 -28.45
N TYR BA 462 -41.16 94.85 -28.72
CA TYR BA 462 -41.21 96.29 -28.93
C TYR BA 462 -42.08 96.63 -30.14
N ASN BA 463 -41.98 95.86 -31.22
CA ASN BA 463 -42.82 96.11 -32.38
C ASN BA 463 -44.29 95.83 -32.09
N PHE BA 464 -44.58 94.80 -31.28
CA PHE BA 464 -45.93 94.56 -30.83
C PHE BA 464 -46.49 95.79 -30.12
N LYS BA 465 -45.70 96.34 -29.20
CA LYS BA 465 -46.15 97.54 -28.50
C LYS BA 465 -46.27 98.72 -29.45
N ARG BA 466 -45.38 98.79 -30.46
CA ARG BA 466 -45.39 99.92 -31.39
C ARG BA 466 -46.65 99.94 -32.22
N PHE BA 467 -47.10 98.77 -32.70
CA PHE BA 467 -48.23 98.71 -33.62
C PHE BA 467 -49.57 98.47 -32.92
N TYR BA 468 -49.64 97.51 -32.01
CA TYR BA 468 -50.91 97.21 -31.36
C TYR BA 468 -51.32 98.34 -30.41
N PHE BA 469 -50.37 98.92 -29.69
CA PHE BA 469 -50.67 99.99 -28.73
C PHE BA 469 -50.56 101.37 -29.34
N MET BA 470 -50.72 101.49 -30.66
CA MET BA 470 -51.02 102.72 -31.37
C MET BA 470 -49.83 103.67 -31.46
N GLU BA 471 -48.63 103.23 -31.07
CA GLU BA 471 -47.54 104.18 -30.87
C GLU BA 471 -47.21 104.96 -32.14
N THR BA 472 -47.12 104.26 -33.27
CA THR BA 472 -46.81 104.93 -34.53
C THR BA 472 -48.09 105.55 -35.07
N ASN BA 473 -48.45 106.70 -34.50
CA ASN BA 473 -49.71 107.33 -34.86
C ASN BA 473 -49.74 107.77 -36.32
N ASP BA 474 -48.58 108.03 -36.92
CA ASP BA 474 -48.56 108.48 -38.30
C ASP BA 474 -49.08 107.40 -39.23
N PHE BA 475 -48.70 106.14 -39.00
CA PHE BA 475 -49.16 105.04 -39.83
C PHE BA 475 -50.68 104.92 -39.77
N ILE BA 476 -51.24 105.04 -38.57
CA ILE BA 476 -52.67 104.87 -38.41
C ILE BA 476 -53.43 106.05 -39.00
N ASP BA 477 -52.87 107.26 -38.87
CA ASP BA 477 -53.46 108.40 -39.55
C ASP BA 477 -53.46 108.19 -41.06
N ALA BA 478 -52.37 107.62 -41.59
CA ALA BA 478 -52.32 107.33 -43.02
C ALA BA 478 -53.38 106.31 -43.41
N ILE BA 479 -53.55 105.27 -42.59
CA ILE BA 479 -54.57 104.26 -42.88
C ILE BA 479 -55.95 104.90 -42.89
N MET BA 480 -56.24 105.73 -41.90
CA MET BA 480 -57.58 106.30 -41.79
C MET BA 480 -57.86 107.30 -42.90
N VAL BA 481 -56.87 108.11 -43.28
CA VAL BA 481 -57.09 109.07 -44.35
C VAL BA 481 -57.23 108.35 -45.68
N LYS BA 482 -56.45 107.29 -45.89
CA LYS BA 482 -56.54 106.56 -47.15
C LYS BA 482 -57.82 105.73 -47.22
N GLY BA 483 -58.23 105.14 -46.11
CA GLY BA 483 -59.40 104.27 -46.10
C GLY BA 483 -60.66 104.94 -45.62
N LYS BA 484 -60.69 106.28 -45.67
CA LYS BA 484 -61.85 107.00 -45.15
C LYS BA 484 -63.12 106.67 -45.92
N ASP BA 485 -63.01 106.16 -47.14
CA ASP BA 485 -64.18 105.77 -47.92
C ASP BA 485 -64.45 104.27 -47.89
N VAL BA 486 -63.39 103.45 -47.82
CA VAL BA 486 -63.58 102.01 -47.75
C VAL BA 486 -64.26 101.61 -46.45
N PHE BA 487 -63.84 102.23 -45.33
CA PHE BA 487 -64.42 101.86 -44.05
C PHE BA 487 -65.85 102.34 -43.87
N ASN BA 488 -66.31 103.26 -44.72
CA ASN BA 488 -67.67 103.77 -44.58
C ASN BA 488 -68.70 102.68 -44.83
N GLU BA 489 -68.47 101.84 -45.84
CA GLU BA 489 -69.44 100.81 -46.18
C GLU BA 489 -69.40 99.68 -45.15
N SER BA 490 -70.42 98.83 -45.20
CA SER BA 490 -70.57 97.76 -44.23
C SER BA 490 -69.41 96.77 -44.33
N SER BA 491 -69.18 96.06 -43.23
CA SER BA 491 -68.05 95.14 -43.15
C SER BA 491 -68.14 94.01 -44.18
N VAL BA 492 -69.34 93.70 -44.67
CA VAL BA 492 -69.46 92.63 -45.65
C VAL BA 492 -69.00 93.08 -47.03
N ASN BA 493 -69.09 94.38 -47.32
CA ASN BA 493 -68.75 94.87 -48.66
C ASN BA 493 -67.24 94.92 -48.87
N ILE BA 494 -66.46 95.17 -47.83
CA ILE BA 494 -65.01 95.32 -47.98
C ILE BA 494 -64.40 93.98 -48.40
N SER BA 495 -63.63 94.00 -49.47
CA SER BA 495 -62.99 92.81 -50.00
C SER BA 495 -61.50 92.82 -49.70
N SER BA 496 -60.84 91.70 -50.02
CA SER BA 496 -59.42 91.56 -49.72
C SER BA 496 -58.58 92.54 -50.53
N THR BA 497 -58.92 92.73 -51.82
CA THR BA 497 -58.10 93.60 -52.66
C THR BA 497 -58.14 95.05 -52.17
N TYR BA 498 -59.31 95.51 -51.70
CA TYR BA 498 -59.40 96.88 -51.22
C TYR BA 498 -58.57 97.05 -49.94
N LEU BA 499 -58.60 96.04 -49.06
CA LEU BA 499 -57.77 96.09 -47.87
C LEU BA 499 -56.30 96.15 -48.23
N ARG BA 500 -55.87 95.34 -49.20
CA ARG BA 500 -54.46 95.35 -49.60
C ARG BA 500 -54.07 96.70 -50.19
N LYS BA 501 -54.95 97.27 -51.02
CA LYS BA 501 -54.65 98.59 -51.58
C LYS BA 501 -54.54 99.63 -50.48
N VAL BA 502 -55.45 99.60 -49.51
CA VAL BA 502 -55.42 100.58 -48.43
C VAL BA 502 -54.14 100.44 -47.63
N LEU BA 503 -53.79 99.20 -47.27
CA LEU BA 503 -52.60 98.98 -46.46
C LEU BA 503 -51.34 99.42 -47.19
N GLN BA 504 -51.23 99.09 -48.47
CA GLN BA 504 -50.03 99.47 -49.21
C GLN BA 504 -49.93 100.98 -49.35
N ASP BA 505 -51.04 101.66 -49.66
CA ASP BA 505 -51.00 103.11 -49.76
C ASP BA 505 -50.61 103.75 -48.43
N ALA BA 506 -51.16 103.23 -47.33
CA ALA BA 506 -50.83 103.79 -46.02
C ALA BA 506 -49.37 103.53 -45.66
N ILE BA 507 -48.83 102.38 -46.07
CA ILE BA 507 -47.41 102.11 -45.82
C ILE BA 507 -46.53 103.08 -46.59
N GLN BA 508 -46.87 103.33 -47.86
CA GLN BA 508 -46.07 104.28 -48.63
C GLN BA 508 -46.17 105.69 -48.07
N ILE BA 509 -47.35 106.12 -47.66
CA ILE BA 509 -47.50 107.51 -47.19
C ILE BA 509 -46.73 107.73 -45.90
N SER BA 510 -46.86 106.81 -44.95
CA SER BA 510 -46.32 107.01 -43.61
C SER BA 510 -44.82 106.68 -43.58
N SER BA 511 -44.25 106.67 -42.39
CA SER BA 511 -42.83 106.41 -42.20
C SER BA 511 -42.50 104.94 -42.01
N VAL BA 512 -43.50 104.06 -42.07
CA VAL BA 512 -43.24 102.63 -41.93
C VAL BA 512 -42.59 102.03 -43.17
N LYS BA 513 -42.61 102.72 -44.31
CA LYS BA 513 -42.00 102.17 -45.51
C LYS BA 513 -40.50 101.95 -45.34
N ASN BA 514 -39.87 102.66 -44.41
CA ASN BA 514 -38.47 102.43 -44.07
C ASN BA 514 -38.30 101.48 -42.90
N PHE BA 515 -39.40 100.99 -42.32
CA PHE BA 515 -39.32 100.12 -41.16
C PHE BA 515 -38.71 98.77 -41.55
N GLU BA 516 -37.93 98.21 -40.63
CA GLU BA 516 -37.18 97.00 -40.96
C GLU BA 516 -38.10 95.85 -41.32
N TYR BA 517 -39.17 95.65 -40.55
CA TYR BA 517 -40.06 94.50 -40.71
C TYR BA 517 -41.39 94.92 -41.35
N VAL BA 518 -41.34 95.86 -42.30
CA VAL BA 518 -42.56 96.32 -42.95
C VAL BA 518 -43.28 95.17 -43.64
N ASP BA 519 -42.57 94.10 -44.00
CA ASP BA 519 -43.21 92.98 -44.66
C ASP BA 519 -44.19 92.29 -43.72
N ARG BA 520 -43.84 92.16 -42.45
CA ARG BA 520 -44.64 91.39 -41.52
C ARG BA 520 -46.03 91.98 -41.30
N LEU BA 521 -46.22 93.27 -41.59
CA LEU BA 521 -47.51 93.90 -41.33
C LEU BA 521 -48.58 93.32 -42.25
N ASP BA 522 -49.78 93.14 -41.69
CA ASP BA 522 -50.90 92.61 -42.45
C ASP BA 522 -52.19 93.02 -41.76
N SER BA 523 -53.17 93.49 -42.56
CA SER BA 523 -54.48 93.96 -42.06
C SER BA 523 -55.49 92.83 -42.26
N ARG BA 524 -56.63 92.88 -41.57
CA ARG BA 524 -57.69 91.85 -41.67
C ARG BA 524 -58.99 92.47 -41.17
N VAL BA 525 -60.13 91.80 -41.35
CA VAL BA 525 -61.43 92.22 -40.76
C VAL BA 525 -61.81 90.99 -39.95
N LEU BA 526 -62.20 91.13 -38.68
CA LEU BA 526 -62.47 89.98 -37.81
C LEU BA 526 -63.85 89.39 -38.05
N ASN BA 527 -64.90 90.19 -37.80
CA ASN BA 527 -66.27 89.69 -37.88
C ASN BA 527 -67.03 90.48 -38.95
N PRO BA 528 -67.11 89.97 -40.18
CA PRO BA 528 -67.84 90.71 -41.24
C PRO BA 528 -69.35 90.57 -41.10
N GLN BA 529 -69.90 91.23 -40.09
CA GLN BA 529 -71.34 91.27 -39.88
C GLN BA 529 -71.96 92.42 -40.66
N HIS BA 530 -73.23 92.26 -41.02
CA HIS BA 530 -73.93 93.29 -41.77
C HIS BA 530 -74.05 94.58 -40.96
N GLY BA 531 -74.31 94.47 -39.67
CA GLY BA 531 -74.50 95.63 -38.82
C GLY BA 531 -73.23 96.31 -38.34
N ASN BA 532 -72.06 95.79 -38.71
CA ASN BA 532 -70.79 96.36 -38.31
C ASN BA 532 -70.16 97.10 -39.48
N LEU BA 533 -69.78 98.35 -39.26
CA LEU BA 533 -69.12 99.14 -40.28
C LEU BA 533 -67.63 98.80 -40.33
N GLY BA 534 -66.91 99.41 -41.27
CA GLY BA 534 -65.50 99.15 -41.38
C GLY BA 534 -64.72 99.60 -40.16
N TRP BA 535 -65.10 100.74 -39.58
CA TRP BA 535 -64.36 101.27 -38.44
C TRP BA 535 -64.45 100.34 -37.25
N GLU BA 536 -65.51 99.55 -37.14
CA GLU BA 536 -65.73 98.70 -35.98
C GLU BA 536 -65.14 97.30 -36.15
N SER BA 537 -64.45 97.02 -37.25
CA SER BA 537 -63.92 95.69 -37.51
C SER BA 537 -62.46 95.66 -37.93
N PHE BA 538 -61.92 96.74 -38.48
CA PHE BA 538 -60.55 96.72 -38.97
C PHE BA 538 -59.59 96.50 -37.82
N THR BA 539 -58.62 95.61 -38.03
CA THR BA 539 -57.59 95.33 -37.04
C THR BA 539 -56.27 95.07 -37.74
N ILE BA 540 -55.19 95.65 -37.22
CA ILE BA 540 -53.86 95.44 -37.76
C ILE BA 540 -53.22 94.27 -37.03
N GLU BA 541 -52.62 93.33 -37.80
CA GLU BA 541 -52.05 92.05 -37.29
C GLU BA 541 -50.56 91.98 -37.62
N TYR BA 542 -49.67 91.81 -36.64
CA TYR BA 542 -48.22 91.69 -36.80
C TYR BA 542 -47.87 90.21 -36.85
N LYS BA 543 -47.43 89.75 -38.01
CA LYS BA 543 -47.18 88.33 -38.22
C LYS BA 543 -45.83 87.93 -37.63
N ILE BA 544 -45.85 87.05 -36.65
CA ILE BA 544 -44.63 86.45 -36.10
C ILE BA 544 -44.65 84.94 -36.24
N ASP BA 545 -45.50 84.41 -37.12
CA ASP BA 545 -45.61 82.97 -37.30
C ASP BA 545 -44.33 82.35 -37.84
N ASP BA 546 -43.50 83.13 -38.53
CA ASP BA 546 -42.28 82.59 -39.12
C ASP BA 546 -41.24 82.19 -38.07
N LEU BA 547 -41.43 82.58 -36.82
CA LEU BA 547 -40.45 82.31 -35.78
C LEU BA 547 -41.00 81.30 -34.77
N PRO BA 548 -40.14 80.54 -34.09
CA PRO BA 548 -40.61 79.64 -33.03
C PRO BA 548 -41.24 80.39 -31.87
N MET BA 549 -40.99 81.69 -31.76
CA MET BA 549 -41.56 82.48 -30.68
C MET BA 549 -43.09 82.42 -30.68
N SER BA 550 -43.69 82.22 -31.85
CA SER BA 550 -45.14 82.23 -31.93
C SER BA 550 -45.78 81.11 -31.13
N TYR BA 551 -45.04 80.01 -30.90
CA TYR BA 551 -45.59 78.91 -30.12
C TYR BA 551 -45.60 79.22 -28.63
N LEU BA 552 -44.69 80.08 -28.17
CA LEU BA 552 -44.73 80.49 -26.78
C LEU BA 552 -45.95 81.36 -26.51
N PHE BA 553 -46.29 82.27 -27.43
CA PHE BA 553 -47.37 83.23 -27.23
C PHE BA 553 -48.69 82.56 -27.58
N GLU BA 554 -49.42 82.12 -26.56
CA GLU BA 554 -50.70 81.47 -26.77
C GLU BA 554 -51.74 82.45 -27.31
N GLY BA 555 -52.80 81.90 -27.89
CA GLY BA 555 -53.80 82.72 -28.54
C GLY BA 555 -54.50 83.69 -27.60
N HIS BA 556 -54.57 83.36 -26.31
CA HIS BA 556 -55.26 84.23 -25.36
C HIS BA 556 -54.60 85.59 -25.28
N GLN BA 557 -53.27 85.61 -25.28
CA GLN BA 557 -52.53 86.86 -25.22
C GLN BA 557 -52.80 87.71 -26.46
N HIS BA 558 -52.82 87.08 -27.63
CA HIS BA 558 -53.09 87.80 -28.87
C HIS BA 558 -54.51 88.36 -28.86
N LEU BA 559 -55.47 87.61 -28.31
CA LEU BA 559 -56.84 88.10 -28.22
C LEU BA 559 -56.91 89.34 -27.34
N GLN BA 560 -56.15 89.36 -26.24
CA GLN BA 560 -56.09 90.54 -25.31
C GLN BA 560 -55.32 91.67 -25.98
N TYR BA 561 -54.45 91.39 -26.95
CA TYR BA 561 -53.70 92.42 -27.73
C TYR BA 561 -54.65 93.05 -28.76
N LEU BA 562 -55.65 92.30 -29.25
CA LEU BA 562 -56.64 92.78 -30.25
C LEU BA 562 -57.79 93.50 -29.53
N LYS BA 563 -58.12 93.16 -28.27
CA LYS BA 563 -59.12 93.90 -27.50
C LYS BA 563 -58.64 95.30 -27.17
N MET BA 564 -57.42 95.40 -26.65
CA MET BA 564 -56.91 96.71 -26.26
C MET BA 564 -56.70 97.58 -27.51
N PHE BA 565 -56.26 96.97 -28.61
CA PHE BA 565 -56.16 97.72 -29.86
C PHE BA 565 -57.51 98.26 -30.29
N HIS BA 566 -58.57 97.48 -30.14
CA HIS BA 566 -59.89 97.96 -30.53
C HIS BA 566 -60.27 99.20 -29.76
N PHE BA 567 -60.08 99.18 -28.43
CA PHE BA 567 -60.43 100.35 -27.65
C PHE BA 567 -59.62 101.57 -28.09
N LEU BA 568 -58.30 101.39 -28.23
CA LEU BA 568 -57.46 102.52 -28.62
C LEU BA 568 -57.79 103.00 -30.03
N TRP BA 569 -58.19 102.09 -30.90
CA TRP BA 569 -58.59 102.45 -32.25
C TRP BA 569 -59.80 103.36 -32.24
N LYS BA 570 -60.79 103.04 -31.39
CA LYS BA 570 -61.94 103.93 -31.29
C LYS BA 570 -61.51 105.32 -30.83
N LEU BA 571 -60.65 105.38 -29.81
CA LEU BA 571 -60.25 106.70 -29.31
C LEU BA 571 -59.56 107.51 -30.39
N ARG BA 572 -58.61 106.91 -31.11
CA ARG BA 572 -57.89 107.68 -32.13
C ARG BA 572 -58.78 107.99 -33.32
N GLN BA 573 -59.75 107.14 -33.63
CA GLN BA 573 -60.71 107.47 -34.68
C GLN BA 573 -61.43 108.77 -34.35
N LEU BA 574 -61.89 108.91 -33.11
CA LEU BA 574 -62.56 110.16 -32.74
C LEU BA 574 -61.58 111.33 -32.75
N ASN BA 575 -60.35 111.11 -32.30
CA ASN BA 575 -59.37 112.20 -32.28
C ASN BA 575 -59.14 112.75 -33.67
N ASN BA 576 -59.07 111.87 -34.67
CA ASN BA 576 -58.86 112.32 -36.05
C ASN BA 576 -60.12 112.90 -36.66
N LEU BA 577 -61.29 112.38 -36.30
CA LEU BA 577 -62.53 112.94 -36.81
C LEU BA 577 -62.67 114.39 -36.38
N LEU BA 578 -62.26 114.71 -35.14
CA LEU BA 578 -62.31 116.11 -34.72
C LEU BA 578 -61.39 116.98 -35.55
N ASN BA 579 -60.23 116.47 -35.96
CA ASN BA 579 -59.35 117.25 -36.82
C ASN BA 579 -60.00 117.54 -38.17
N TRP BA 580 -60.64 116.53 -38.77
CA TRP BA 580 -61.34 116.78 -40.02
C TRP BA 580 -62.48 117.78 -39.83
N HIS BA 581 -63.19 117.70 -38.71
CA HIS BA 581 -64.23 118.68 -38.41
C HIS BA 581 -63.64 120.09 -38.36
N PHE BA 582 -62.52 120.24 -37.67
CA PHE BA 582 -61.87 121.54 -37.57
C PHE BA 582 -61.51 122.08 -38.95
N GLU BA 583 -60.91 121.23 -39.78
CA GLU BA 583 -60.47 121.72 -41.09
C GLU BA 583 -61.67 122.13 -41.94
N MET BA 584 -62.73 121.31 -41.97
CA MET BA 584 -63.85 121.64 -42.83
C MET BA 584 -64.56 122.90 -42.36
N PHE BA 585 -64.75 123.08 -41.05
CA PHE BA 585 -65.43 124.28 -40.59
C PHE BA 585 -64.55 125.52 -40.77
N ASN BA 586 -63.23 125.40 -40.57
CA ASN BA 586 -62.36 126.54 -40.78
C ASN BA 586 -62.38 126.96 -42.25
N GLU BA 587 -62.35 126.00 -43.17
CA GLU BA 587 -62.43 126.35 -44.59
C GLU BA 587 -63.77 126.99 -44.92
N LEU BA 588 -64.86 126.45 -44.37
CA LEU BA 588 -66.16 127.06 -44.63
C LEU BA 588 -66.22 128.49 -44.13
N ASN BA 589 -65.53 128.77 -43.01
CA ASN BA 589 -65.52 130.14 -42.51
C ASN BA 589 -64.99 131.11 -43.55
N HIS BA 590 -63.90 130.75 -44.22
CA HIS BA 590 -63.34 131.63 -45.23
C HIS BA 590 -64.15 131.63 -46.51
N ASN BA 591 -64.78 130.50 -46.85
CA ASN BA 591 -65.45 130.41 -48.15
C ASN BA 591 -66.84 131.03 -48.16
N VAL BA 592 -67.58 130.97 -47.05
CA VAL BA 592 -68.99 131.37 -47.07
C VAL BA 592 -69.26 132.51 -46.09
N VAL BA 593 -69.00 132.26 -44.81
CA VAL BA 593 -69.47 133.18 -43.78
C VAL BA 593 -68.85 134.57 -43.96
N THR BA 594 -67.54 134.63 -44.21
CA THR BA 594 -66.89 135.93 -44.30
C THR BA 594 -67.28 136.69 -45.56
N LYS BA 595 -67.80 136.00 -46.57
CA LYS BA 595 -68.25 136.63 -47.80
C LYS BA 595 -69.74 136.90 -47.82
N LEU BA 596 -70.46 136.53 -46.76
CA LEU BA 596 -71.91 136.68 -46.74
C LEU BA 596 -72.30 138.13 -46.50
N SER BA 597 -73.59 138.41 -46.67
CA SER BA 597 -74.11 139.74 -46.42
C SER BA 597 -73.93 140.13 -44.96
N SER BA 598 -73.63 141.40 -44.72
CA SER BA 598 -73.35 141.86 -43.37
C SER BA 598 -74.56 141.79 -42.46
N ARG BA 599 -75.77 141.68 -43.01
CA ARG BA 599 -76.97 141.66 -42.18
C ARG BA 599 -77.01 140.41 -41.30
N ASN BA 600 -76.83 139.24 -41.90
CA ASN BA 600 -76.91 137.97 -41.19
C ASN BA 600 -75.54 137.35 -40.94
N ARG BA 601 -74.46 138.07 -41.23
CA ARG BA 601 -73.13 137.53 -40.98
C ARG BA 601 -72.89 137.34 -39.49
N ARG BA 602 -73.32 138.30 -38.67
CA ARG BA 602 -73.03 138.23 -37.23
C ARG BA 602 -73.66 137.03 -36.55
N PRO BA 603 -74.95 136.73 -36.72
CA PRO BA 603 -75.50 135.53 -36.06
C PRO BA 603 -74.82 134.25 -36.50
N LEU BA 604 -74.52 134.14 -37.79
CA LEU BA 604 -73.86 132.94 -38.28
C LEU BA 604 -72.44 132.84 -37.76
N ALA BA 605 -71.74 133.98 -37.68
CA ALA BA 605 -70.40 133.98 -37.09
C ALA BA 605 -70.44 133.51 -35.64
N LYS BA 606 -71.42 134.00 -34.88
CA LYS BA 606 -71.54 133.60 -33.49
C LYS BA 606 -71.80 132.10 -33.36
N SER BA 607 -72.73 131.58 -34.17
CA SER BA 607 -73.04 130.16 -34.11
C SER BA 607 -71.83 129.31 -34.48
N LEU BA 608 -71.11 129.72 -35.52
CA LEU BA 608 -69.92 128.99 -35.94
C LEU BA 608 -68.85 128.99 -34.86
N SER BA 609 -68.65 130.14 -34.21
CA SER BA 609 -67.67 130.21 -33.12
C SER BA 609 -68.06 129.28 -31.98
N ILE BA 610 -69.36 129.24 -31.66
CA ILE BA 610 -69.82 128.34 -30.60
C ILE BA 610 -69.51 126.90 -30.96
N ILE BA 611 -69.80 126.52 -32.21
CA ILE BA 611 -69.57 125.14 -32.64
C ILE BA 611 -68.09 124.81 -32.51
N THR BA 612 -67.23 125.69 -32.99
CA THR BA 612 -65.80 125.41 -33.00
C THR BA 612 -65.25 125.35 -31.59
N SER BA 613 -65.76 126.20 -30.68
CA SER BA 613 -65.30 126.13 -29.29
C SER BA 613 -65.69 124.80 -28.66
N ILE BA 614 -66.90 124.30 -28.97
CA ILE BA 614 -67.30 122.99 -28.46
C ILE BA 614 -66.34 121.92 -28.97
N ARG BA 615 -65.99 121.99 -30.26
CA ARG BA 615 -65.04 121.05 -30.82
C ARG BA 615 -63.71 121.11 -30.09
N PHE BA 616 -63.25 122.33 -29.77
CA PHE BA 616 -61.99 122.49 -29.07
C PHE BA 616 -62.03 121.83 -27.70
N HIS BA 617 -63.15 121.98 -26.98
CA HIS BA 617 -63.28 121.33 -25.67
C HIS BA 617 -63.16 119.82 -25.82
N PHE BA 618 -63.86 119.25 -26.80
CA PHE BA 618 -63.81 117.80 -26.98
C PHE BA 618 -62.40 117.35 -27.32
N THR BA 619 -61.70 118.11 -28.17
CA THR BA 619 -60.34 117.73 -28.54
C THR BA 619 -59.43 117.73 -27.32
N GLN BA 620 -59.56 118.73 -26.45
CA GLN BA 620 -58.72 118.75 -25.25
C GLN BA 620 -58.98 117.52 -24.39
N PHE BA 621 -60.26 117.17 -24.21
CA PHE BA 621 -60.56 116.00 -23.38
C PHE BA 621 -59.94 114.74 -23.96
N LEU BA 622 -60.13 114.52 -25.27
CA LEU BA 622 -59.59 113.31 -25.88
C LEU BA 622 -58.07 113.26 -25.80
N ASN BA 623 -57.41 114.39 -26.02
CA ASN BA 623 -55.96 114.41 -25.95
C ASN BA 623 -55.47 114.08 -24.55
N GLU BA 624 -56.13 114.62 -23.52
CA GLU BA 624 -55.71 114.28 -22.16
C GLU BA 624 -55.90 112.80 -21.87
N LEU BA 625 -57.02 112.22 -22.30
CA LEU BA 625 -57.23 110.79 -22.07
C LEU BA 625 -56.15 109.97 -22.76
N ILE BA 626 -55.83 110.29 -24.01
CA ILE BA 626 -54.82 109.52 -24.73
C ILE BA 626 -53.46 109.68 -24.07
N ALA BA 627 -53.12 110.90 -23.64
CA ALA BA 627 -51.83 111.11 -22.99
C ALA BA 627 -51.72 110.28 -21.72
N TYR BA 628 -52.78 110.28 -20.91
CA TYR BA 628 -52.73 109.48 -19.69
C TYR BA 628 -52.52 108.01 -20.03
N LEU BA 629 -53.33 107.44 -20.91
CA LEU BA 629 -53.17 106.03 -21.21
C LEU BA 629 -51.76 105.74 -21.73
N SER BA 630 -51.31 106.51 -22.72
CA SER BA 630 -50.07 106.18 -23.41
C SER BA 630 -48.88 106.28 -22.47
N TYR BA 631 -48.79 107.36 -21.69
CA TYR BA 631 -47.59 107.61 -20.93
C TYR BA 631 -47.72 107.28 -19.45
N ASP BA 632 -48.80 106.64 -19.01
CA ASP BA 632 -48.87 106.14 -17.65
C ASP BA 632 -49.28 104.68 -17.55
N VAL BA 633 -49.89 104.09 -18.58
CA VAL BA 633 -50.31 102.71 -18.56
C VAL BA 633 -49.44 101.85 -19.46
N ILE BA 634 -49.38 102.16 -20.75
CA ILE BA 634 -48.63 101.34 -21.68
C ILE BA 634 -47.13 101.48 -21.44
N GLU BA 635 -46.64 102.71 -21.34
CA GLU BA 635 -45.21 102.93 -21.24
C GLU BA 635 -44.67 102.50 -19.89
N GLU BA 636 -45.37 102.85 -18.81
CA GLU BA 636 -44.94 102.44 -17.48
C GLU BA 636 -44.95 100.92 -17.35
N ASN BA 637 -46.01 100.27 -17.84
CA ASN BA 637 -46.08 98.82 -17.74
C ASN BA 637 -44.97 98.17 -18.56
N PHE BA 638 -44.71 98.69 -19.76
CA PHE BA 638 -43.63 98.11 -20.56
C PHE BA 638 -42.30 98.23 -19.81
N GLN BA 639 -41.96 99.44 -19.37
CA GLN BA 639 -40.67 99.65 -18.72
C GLN BA 639 -40.57 98.90 -17.40
N GLN BA 640 -41.69 98.60 -16.76
CA GLN BA 640 -41.66 97.97 -15.45
C GLN BA 640 -41.68 96.44 -15.53
N HIS BA 641 -42.37 95.89 -16.52
CA HIS BA 641 -42.61 94.45 -16.57
C HIS BA 641 -41.81 93.73 -17.64
N ILE BA 642 -41.25 94.43 -18.63
CA ILE BA 642 -40.52 93.76 -19.69
C ILE BA 642 -39.06 94.15 -19.62
N VAL BA 643 -38.77 95.44 -19.75
CA VAL BA 643 -37.38 95.90 -19.71
C VAL BA 643 -36.76 95.57 -18.36
N ARG BA 644 -37.48 95.84 -17.27
CA ARG BA 644 -36.92 95.64 -15.94
C ARG BA 644 -36.90 94.17 -15.54
N LYS BA 645 -37.70 93.32 -16.16
CA LYS BA 645 -37.62 91.88 -15.90
C LYS BA 645 -36.49 91.23 -16.69
N LEU BA 646 -36.30 91.63 -17.94
CA LEU BA 646 -35.31 90.96 -18.78
C LEU BA 646 -33.89 91.39 -18.43
N PHE BA 647 -33.62 92.70 -18.47
CA PHE BA 647 -32.25 93.19 -18.45
C PHE BA 647 -31.75 93.56 -17.05
N TYR BA 648 -32.55 94.20 -16.22
CA TYR BA 648 -32.12 94.48 -14.86
C TYR BA 648 -32.22 93.22 -14.01
N ASN BA 649 -31.40 93.19 -12.97
CA ASN BA 649 -31.29 92.01 -12.12
C ASN BA 649 -32.61 91.75 -11.39
N LYS BA 650 -33.08 90.51 -11.47
CA LYS BA 650 -34.22 90.11 -10.65
C LYS BA 650 -33.72 89.70 -9.27
N ASN BA 651 -33.33 90.70 -8.49
CA ASN BA 651 -32.76 90.45 -7.17
C ASN BA 651 -33.71 89.61 -6.33
N ASP BA 652 -33.15 88.56 -5.72
CA ASP BA 652 -33.99 87.64 -4.91
C ASP BA 652 -33.20 87.26 -3.66
N GLN BA 653 -33.86 86.58 -2.73
CA GLN BA 653 -33.24 86.17 -1.47
C GLN BA 653 -32.15 85.13 -1.68
N ASP BA 654 -32.21 84.37 -2.78
CA ASP BA 654 -31.14 83.39 -3.05
C ASP BA 654 -29.94 84.06 -3.71
N LEU BA 655 -30.16 85.13 -4.48
CA LEU BA 655 -29.05 85.89 -5.03
C LEU BA 655 -28.33 86.68 -3.95
N LEU BA 656 -28.97 86.90 -2.80
CA LEU BA 656 -28.34 87.63 -1.71
C LEU BA 656 -27.12 86.89 -1.18
N LEU BA 657 -27.19 85.57 -1.09
CA LEU BA 657 -26.13 84.78 -0.48
C LEU BA 657 -24.88 84.81 -1.36
N ASN BA 658 -23.77 85.29 -0.80
CA ASN BA 658 -22.46 85.24 -1.47
C ASN BA 658 -21.77 83.93 -1.11
N LYS BA 659 -21.83 82.95 -2.01
CA LYS BA 659 -21.29 81.63 -1.73
C LYS BA 659 -19.77 81.59 -1.68
N SER BA 660 -19.09 82.67 -2.05
CA SER BA 660 -17.63 82.62 -2.10
C SER BA 660 -16.99 82.57 -0.72
N PHE BA 661 -17.77 82.54 0.36
CA PHE BA 661 -17.18 82.21 1.65
C PHE BA 661 -16.69 80.76 1.67
N MET BA 662 -17.31 79.91 0.87
CA MET BA 662 -16.71 78.62 0.53
C MET BA 662 -15.54 78.85 -0.41
N ASN BA 663 -14.56 77.95 -0.35
CA ASN BA 663 -13.35 78.13 -1.16
C ASN BA 663 -13.69 78.17 -2.65
N LEU BA 664 -14.38 77.14 -3.16
CA LEU BA 664 -14.89 77.11 -4.53
C LEU BA 664 -13.90 77.65 -5.55
N SER BA 665 -12.70 77.07 -5.55
CA SER BA 665 -11.71 77.44 -6.56
C SER BA 665 -12.14 77.04 -7.96
N GLU BA 666 -12.91 75.97 -8.10
CA GLU BA 666 -13.27 75.43 -9.40
C GLU BA 666 -14.44 76.20 -10.03
N ILE BA 667 -14.49 76.18 -11.36
CA ILE BA 667 -15.59 76.74 -12.13
C ILE BA 667 -16.06 75.71 -13.17
N ASP BA 668 -17.36 75.68 -13.40
CA ASP BA 668 -17.97 74.71 -14.30
C ASP BA 668 -19.11 75.36 -15.06
N PRO BA 669 -19.51 74.81 -16.22
CA PRO BA 669 -18.90 73.67 -16.93
C PRO BA 669 -17.57 74.04 -17.57
N ASN BA 670 -17.46 75.25 -18.09
CA ASN BA 670 -16.24 75.71 -18.72
C ASN BA 670 -16.35 77.22 -18.97
N ASN BA 671 -15.20 77.84 -19.21
CA ASN BA 671 -15.18 79.25 -19.59
C ASN BA 671 -15.82 79.49 -20.96
N ASP BA 672 -16.05 78.44 -21.74
CA ASP BA 672 -16.63 78.57 -23.07
C ASP BA 672 -18.11 78.93 -23.04
N LEU BA 673 -18.76 78.85 -21.88
CA LEU BA 673 -20.20 79.11 -21.80
C LEU BA 673 -20.43 80.60 -21.55
N PRO BA 674 -21.08 81.33 -22.47
CA PRO BA 674 -21.15 82.79 -22.33
C PRO BA 674 -21.99 83.25 -21.14
N LYS BA 675 -21.72 84.48 -20.71
CA LYS BA 675 -22.59 85.23 -19.82
C LYS BA 675 -23.27 86.31 -20.65
N PHE BA 676 -24.60 86.40 -20.55
CA PHE BA 676 -25.41 86.90 -21.67
C PHE BA 676 -26.14 88.22 -21.44
N ASN BA 677 -25.85 88.97 -20.38
CA ASN BA 677 -26.43 90.31 -20.22
C ASN BA 677 -27.95 90.29 -20.07
N VAL BA 678 -28.58 89.12 -20.02
CA VAL BA 678 -30.02 89.01 -19.86
C VAL BA 678 -30.31 87.84 -18.93
N ASN BA 679 -31.34 87.98 -18.11
CA ASN BA 679 -31.70 86.91 -17.19
C ASN BA 679 -32.09 85.66 -17.97
N LEU BA 680 -31.56 84.51 -17.53
CA LEU BA 680 -31.87 83.24 -18.17
C LEU BA 680 -33.26 82.80 -17.74
N LEU BA 681 -34.21 82.81 -18.67
CA LEU BA 681 -35.61 82.52 -18.38
C LEU BA 681 -36.02 81.18 -18.97
N THR BA 682 -36.78 80.41 -18.20
CA THR BA 682 -37.35 79.17 -18.69
C THR BA 682 -38.50 79.46 -19.66
N ILE BA 683 -38.92 78.42 -20.37
CA ILE BA 683 -40.01 78.56 -21.34
C ILE BA 683 -41.28 79.03 -20.63
N ASP BA 684 -41.65 78.33 -19.55
CA ASP BA 684 -42.81 78.75 -18.77
C ASP BA 684 -42.63 80.14 -18.21
N GLU BA 685 -41.38 80.51 -17.88
CA GLU BA 685 -41.12 81.84 -17.36
C GLU BA 685 -41.38 82.90 -18.43
N LEU BA 686 -40.98 82.63 -19.68
CA LEU BA 686 -41.24 83.57 -20.75
C LEU BA 686 -42.74 83.72 -21.00
N VAL BA 687 -43.47 82.60 -21.00
CA VAL BA 687 -44.91 82.67 -21.20
C VAL BA 687 -45.55 83.49 -20.09
N GLU BA 688 -45.18 83.23 -18.84
CA GLU BA 688 -45.74 83.96 -17.71
C GLU BA 688 -45.36 85.43 -17.74
N LEU BA 689 -44.12 85.74 -18.15
CA LEU BA 689 -43.69 87.13 -18.21
C LEU BA 689 -44.54 87.92 -19.20
N HIS BA 690 -44.72 87.38 -20.40
CA HIS BA 690 -45.52 88.12 -21.38
C HIS BA 690 -46.98 88.16 -20.98
N GLY BA 691 -47.48 87.10 -20.36
CA GLY BA 691 -48.86 87.11 -19.90
C GLY BA 691 -49.11 88.16 -18.85
N THR BA 692 -48.21 88.28 -17.87
CA THR BA 692 -48.37 89.30 -16.85
C THR BA 692 -48.23 90.69 -17.45
N TYR BA 693 -47.31 90.88 -18.40
CA TYR BA 693 -47.18 92.20 -19.01
C TYR BA 693 -48.46 92.61 -19.71
N ILE BA 694 -49.09 91.70 -20.46
CA ILE BA 694 -50.34 92.05 -21.12
C ILE BA 694 -51.46 92.26 -20.09
N ASP BA 695 -51.52 91.38 -19.09
CA ASP BA 695 -52.62 91.45 -18.12
C ASP BA 695 -52.59 92.77 -17.36
N SER BA 696 -51.39 93.25 -17.01
CA SER BA 696 -51.30 94.51 -16.29
C SER BA 696 -51.96 95.63 -17.07
N ILE BA 697 -51.70 95.71 -18.38
CA ILE BA 697 -52.30 96.77 -19.19
C ILE BA 697 -53.80 96.58 -19.30
N ILE BA 698 -54.25 95.37 -19.67
CA ILE BA 698 -55.67 95.20 -19.96
C ILE BA 698 -56.50 95.33 -18.68
N ASN BA 699 -55.96 94.91 -17.54
CA ASN BA 699 -56.68 94.95 -16.27
C ASN BA 699 -56.20 96.09 -15.38
N SER BA 700 -55.86 97.24 -15.98
CA SER BA 700 -55.41 98.38 -15.21
C SER BA 700 -56.57 98.92 -14.36
N SER BA 701 -56.27 99.95 -13.57
CA SER BA 701 -57.29 100.53 -12.71
C SER BA 701 -58.44 101.11 -13.52
N LEU BA 702 -58.13 101.83 -14.59
CA LEU BA 702 -59.17 102.44 -15.40
C LEU BA 702 -59.87 101.44 -16.29
N LEU BA 703 -59.17 100.42 -16.77
CA LEU BA 703 -59.72 99.48 -17.74
C LEU BA 703 -60.37 98.26 -17.10
N ASN BA 704 -60.42 98.19 -15.78
CA ASN BA 704 -61.07 97.06 -15.12
C ASN BA 704 -62.58 97.15 -15.29
N GLU BA 705 -63.25 96.04 -15.01
CA GLU BA 705 -64.71 95.97 -15.06
C GLU BA 705 -65.37 96.35 -13.74
N LYS BA 706 -64.58 96.63 -12.71
CA LYS BA 706 -65.13 97.01 -11.42
C LYS BA 706 -65.84 98.36 -11.51
N THR BA 712 -71.78 104.53 -8.16
CA THR BA 712 -72.84 104.51 -9.17
C THR BA 712 -73.06 103.09 -9.70
N ASN BA 713 -72.31 102.13 -9.18
CA ASN BA 713 -72.40 100.74 -9.59
C ASN BA 713 -72.14 100.57 -11.09
N ILE BA 714 -71.32 101.45 -11.65
CA ILE BA 714 -70.93 101.37 -13.05
C ILE BA 714 -69.42 101.53 -13.13
N SER BA 715 -68.84 100.96 -14.19
CA SER BA 715 -67.40 100.97 -14.38
C SER BA 715 -66.96 102.24 -15.11
N TYR BA 716 -65.67 102.53 -15.00
CA TYR BA 716 -65.11 103.70 -15.67
C TYR BA 716 -65.22 103.57 -17.18
N ILE BA 717 -65.06 102.35 -17.70
CA ILE BA 717 -65.10 102.13 -19.14
C ILE BA 717 -66.45 102.53 -19.70
N ASP BA 718 -67.53 102.20 -18.99
CA ASP BA 718 -68.86 102.54 -19.47
C ASP BA 718 -69.04 104.06 -19.55
N GLN BA 719 -68.55 104.79 -18.55
CA GLN BA 719 -68.67 106.24 -18.57
C GLN BA 719 -67.86 106.83 -19.73
N ILE BA 720 -66.65 106.31 -19.95
CA ILE BA 720 -65.83 106.80 -21.04
C ILE BA 720 -66.53 106.54 -22.37
N PHE BA 721 -67.11 105.35 -22.54
CA PHE BA 721 -67.79 105.04 -23.79
C PHE BA 721 -69.02 105.91 -23.97
N ASN BA 722 -69.70 106.26 -22.88
CA ASN BA 722 -70.84 107.17 -22.98
C ASN BA 722 -70.39 108.54 -23.49
N ILE BA 723 -69.26 109.04 -22.97
CA ILE BA 723 -68.74 110.32 -23.47
C ILE BA 723 -68.36 110.20 -24.94
N LEU BA 724 -67.80 109.06 -25.34
CA LEU BA 724 -67.46 108.85 -26.75
C LEU BA 724 -68.70 108.88 -27.62
N GLN BA 725 -69.79 108.26 -27.16
CA GLN BA 725 -71.05 108.32 -27.90
C GLN BA 725 -71.56 109.76 -27.98
N THR BA 726 -71.36 110.54 -26.93
CA THR BA 726 -71.71 111.96 -27.00
C THR BA 726 -70.96 112.66 -28.12
N ILE BA 727 -69.65 112.38 -28.22
CA ILE BA 727 -68.85 113.02 -29.27
C ILE BA 727 -69.31 112.56 -30.66
N PHE BA 728 -69.65 111.27 -30.79
CA PHE BA 728 -70.15 110.78 -32.08
C PHE BA 728 -71.42 111.52 -32.48
N ASN BA 729 -72.34 111.69 -31.53
CA ASN BA 729 -73.58 112.42 -31.82
C ASN BA 729 -73.26 113.85 -32.23
N PHE BA 730 -72.31 114.47 -31.54
CA PHE BA 730 -71.92 115.83 -31.87
C PHE BA 730 -71.43 115.93 -33.30
N ILE BA 731 -70.58 115.00 -33.73
CA ILE BA 731 -70.05 115.03 -35.08
C ILE BA 731 -71.19 114.88 -36.09
N ASN BA 732 -72.08 113.91 -35.84
CA ASN BA 732 -73.14 113.64 -36.80
C ASN BA 732 -74.05 114.85 -36.95
N THR BA 733 -74.35 115.55 -35.85
CA THR BA 733 -75.20 116.72 -35.94
C THR BA 733 -74.47 117.90 -36.58
N SER BA 734 -73.16 118.03 -36.32
CA SER BA 734 -72.40 119.10 -36.92
C SER BA 734 -72.34 118.95 -38.44
N GLN BA 735 -72.40 117.72 -38.94
CA GLN BA 735 -72.47 117.56 -40.39
C GLN BA 735 -73.75 118.15 -40.96
N GLU BA 736 -74.88 117.95 -40.27
CA GLU BA 736 -76.13 118.56 -40.71
C GLU BA 736 -76.03 120.08 -40.67
N PHE BA 737 -75.42 120.62 -39.61
CA PHE BA 737 -75.21 122.07 -39.57
C PHE BA 737 -74.37 122.54 -40.75
N TYR BA 738 -73.34 121.77 -41.10
CA TYR BA 738 -72.50 122.09 -42.26
C TYR BA 738 -73.34 122.20 -43.52
N SER BA 739 -74.22 121.21 -43.76
CA SER BA 739 -75.01 121.22 -44.97
C SER BA 739 -76.00 122.39 -44.98
N LEU BA 740 -76.59 122.69 -43.83
CA LEU BA 740 -77.54 123.80 -43.77
C LEU BA 740 -76.85 125.13 -44.03
N VAL BA 741 -75.68 125.36 -43.44
CA VAL BA 741 -75.01 126.63 -43.65
C VAL BA 741 -74.52 126.77 -45.08
N CYS BA 742 -74.05 125.68 -45.68
CA CYS BA 742 -73.61 125.80 -47.07
C CYS BA 742 -74.81 126.07 -47.98
N THR BA 743 -76.01 125.57 -47.62
CA THR BA 743 -77.27 125.85 -48.37
C THR BA 743 -77.64 127.32 -48.14
N PHE BA 744 -77.31 127.91 -46.98
CA PHE BA 744 -77.54 129.35 -46.69
C PHE BA 744 -76.59 130.15 -47.58
N GLY BA 745 -75.34 129.72 -47.71
CA GLY BA 745 -74.36 130.38 -48.57
C GLY BA 745 -74.83 130.34 -50.01
N LEU BA 746 -75.35 129.20 -50.48
CA LEU BA 746 -75.80 129.09 -51.86
C LEU BA 746 -76.97 130.01 -52.16
N LEU BA 747 -77.86 130.25 -51.18
CA LEU BA 747 -79.01 131.10 -51.47
C LEU BA 747 -78.57 132.49 -51.89
N VAL BA 748 -77.60 133.06 -51.20
CA VAL BA 748 -77.10 134.40 -51.54
C VAL BA 748 -76.13 134.31 -52.70
N GLN BA 761 -88.11 134.02 -49.11
CA GLN BA 761 -88.81 133.35 -48.02
C GLN BA 761 -87.99 132.19 -47.46
N ASP BA 762 -87.11 131.63 -48.30
CA ASP BA 762 -86.26 130.53 -47.86
C ASP BA 762 -85.23 130.96 -46.83
N GLN BA 763 -84.83 132.23 -46.83
CA GLN BA 763 -83.84 132.70 -45.87
C GLN BA 763 -84.34 132.54 -44.44
N GLU BA 764 -85.60 132.90 -44.19
CA GLU BA 764 -86.14 132.78 -42.84
C GLU BA 764 -86.21 131.33 -42.40
N ASP BA 765 -86.63 130.43 -43.29
CA ASP BA 765 -86.68 129.02 -42.94
C ASP BA 765 -85.29 128.48 -42.61
N LEU BA 766 -84.30 128.83 -43.45
CA LEU BA 766 -82.95 128.36 -43.20
C LEU BA 766 -82.40 128.92 -41.89
N GLU BA 767 -82.68 130.20 -41.61
CA GLU BA 767 -82.22 130.79 -40.35
C GLU BA 767 -82.87 130.10 -39.16
N PHE BA 768 -84.17 129.78 -39.27
CA PHE BA 768 -84.84 129.07 -38.18
C PHE BA 768 -84.21 127.70 -37.96
N GLN BA 769 -83.93 126.99 -39.05
CA GLN BA 769 -83.29 125.68 -38.92
C GLN BA 769 -81.89 125.81 -38.33
N LEU BA 770 -81.15 126.85 -38.69
CA LEU BA 770 -79.83 127.08 -38.11
C LEU BA 770 -79.94 127.32 -36.62
N HIS BA 771 -80.91 128.12 -36.20
CA HIS BA 771 -81.10 128.35 -34.77
C HIS BA 771 -81.46 127.05 -34.06
N LYS BA 772 -82.32 126.25 -34.67
CA LYS BA 772 -82.72 124.99 -34.06
C LYS BA 772 -81.53 124.05 -33.89
N ILE BA 773 -80.69 123.94 -34.92
CA ILE BA 773 -79.52 123.07 -34.85
C ILE BA 773 -78.54 123.57 -33.79
N LYS BA 774 -78.30 124.89 -33.77
CA LYS BA 774 -77.40 125.44 -32.77
C LYS BA 774 -77.93 125.19 -31.37
N ARG BA 775 -79.23 125.36 -31.17
CA ARG BA 775 -79.82 125.09 -29.85
C ARG BA 775 -79.64 123.63 -29.48
N LYS BA 776 -79.91 122.72 -30.41
CA LYS BA 776 -79.77 121.30 -30.10
C LYS BA 776 -78.34 121.00 -29.66
N ILE BA 777 -77.37 121.39 -30.47
CA ILE BA 777 -75.98 121.04 -30.18
C ILE BA 777 -75.51 121.70 -28.89
N TYR BA 778 -75.80 123.00 -28.72
CA TYR BA 778 -75.29 123.71 -27.55
C TYR BA 778 -75.95 123.21 -26.27
N LYS BA 779 -77.28 123.11 -26.26
CA LYS BA 779 -77.95 122.69 -25.04
C LYS BA 779 -77.82 121.20 -24.82
N ASP BA 780 -78.49 120.39 -25.64
CA ASP BA 780 -78.57 118.96 -25.34
C ASP BA 780 -77.17 118.36 -25.27
N ILE BA 781 -76.50 118.26 -26.42
CA ILE BA 781 -75.29 117.45 -26.53
C ILE BA 781 -74.22 117.94 -25.56
N TYR BA 782 -73.98 119.25 -25.54
CA TYR BA 782 -72.91 119.76 -24.69
C TYR BA 782 -73.39 119.96 -23.26
N GLN BA 783 -74.32 120.90 -23.05
CA GLN BA 783 -74.67 121.30 -21.69
C GLN BA 783 -75.40 120.17 -20.97
N HIS BA 784 -76.39 119.56 -21.62
CA HIS BA 784 -77.20 118.59 -20.92
C HIS BA 784 -76.49 117.25 -20.75
N ASP BA 785 -75.67 116.86 -21.72
CA ASP BA 785 -75.05 115.54 -21.72
C ASP BA 785 -73.57 115.58 -21.37
N TYR BA 786 -72.77 116.33 -22.12
CA TYR BA 786 -71.32 116.23 -21.95
C TYR BA 786 -70.88 116.74 -20.58
N LYS BA 787 -71.34 117.92 -20.19
CA LYS BA 787 -70.89 118.48 -18.92
C LYS BA 787 -71.39 117.65 -17.75
N ARG BA 788 -72.61 117.13 -17.83
CA ARG BA 788 -73.14 116.28 -16.78
C ARG BA 788 -72.34 114.98 -16.64
N GLN BA 789 -72.07 114.32 -17.77
CA GLN BA 789 -71.31 113.08 -17.73
C GLN BA 789 -69.89 113.32 -17.23
N LEU BA 790 -69.26 114.40 -17.67
CA LEU BA 790 -67.91 114.70 -17.23
C LEU BA 790 -67.87 115.03 -15.74
N ASN BA 791 -68.89 115.74 -15.24
CA ASN BA 791 -68.95 116.01 -13.81
C ASN BA 791 -69.05 114.71 -13.02
N ASP BA 792 -69.93 113.79 -13.47
CA ASP BA 792 -70.07 112.53 -12.77
C ASP BA 792 -68.76 111.73 -12.81
N LEU BA 793 -68.11 111.71 -13.97
CA LEU BA 793 -66.85 110.98 -14.09
C LEU BA 793 -65.77 111.58 -13.21
N LYS BA 794 -65.66 112.92 -13.17
CA LYS BA 794 -64.67 113.55 -12.32
C LYS BA 794 -64.90 113.25 -10.86
N ASN BA 795 -66.16 113.29 -10.42
CA ASN BA 795 -66.45 112.94 -9.03
C ASN BA 795 -66.13 111.47 -8.76
N ASP BA 796 -66.38 110.59 -9.73
CA ASP BA 796 -66.07 109.18 -9.56
C ASP BA 796 -64.57 108.96 -9.39
N LEU BA 797 -63.75 109.68 -10.16
CA LEU BA 797 -62.32 109.44 -10.13
C LEU BA 797 -61.70 109.84 -8.80
N ASN BA 798 -62.21 110.90 -8.17
CA ASN BA 798 -61.62 111.40 -6.93
C ASN BA 798 -61.67 110.37 -5.81
N ARG BA 799 -62.58 109.39 -5.88
CA ARG BA 799 -62.63 108.35 -4.87
C ARG BA 799 -61.42 107.43 -4.90
N ASP BA 800 -60.62 107.47 -5.96
CA ASP BA 800 -59.46 106.61 -6.12
C ASP BA 800 -58.20 107.44 -5.98
N TYR BA 801 -57.25 106.93 -5.19
CA TYR BA 801 -55.98 107.64 -5.02
C TYR BA 801 -55.21 107.74 -6.33
N ASN BA 802 -55.18 106.64 -7.10
CA ASN BA 802 -54.38 106.64 -8.32
C ASN BA 802 -54.92 107.63 -9.35
N LEU BA 803 -56.23 107.71 -9.50
CA LEU BA 803 -56.84 108.49 -10.57
C LEU BA 803 -57.15 109.93 -10.17
N LYS BA 804 -56.83 110.34 -8.94
CA LYS BA 804 -57.09 111.72 -8.53
C LYS BA 804 -56.30 112.69 -9.38
N ASP BA 805 -55.03 112.38 -9.65
CA ASP BA 805 -54.19 113.24 -10.47
C ASP BA 805 -54.78 113.37 -11.87
N LEU BA 806 -55.22 112.26 -12.45
CA LEU BA 806 -55.85 112.34 -13.77
C LEU BA 806 -57.14 113.16 -13.71
N SER BA 807 -57.89 113.02 -12.63
CA SER BA 807 -59.15 113.76 -12.50
C SER BA 807 -58.90 115.25 -12.52
N LYS BA 808 -57.82 115.71 -11.87
CA LYS BA 808 -57.56 117.14 -11.86
C LYS BA 808 -57.36 117.67 -13.28
N LEU BA 809 -56.65 116.92 -14.13
CA LEU BA 809 -56.45 117.36 -15.51
C LEU BA 809 -57.67 117.02 -16.37
N LEU BA 810 -57.98 115.73 -16.49
CA LEU BA 810 -59.07 115.28 -17.33
C LEU BA 810 -60.39 115.75 -16.75
N ASN CA 231 -31.45 87.44 56.57
CA ASN CA 231 -31.90 88.18 55.36
C ASN CA 231 -31.05 87.81 54.14
N ILE CA 232 -31.66 87.91 52.96
CA ILE CA 232 -30.95 87.61 51.73
C ILE CA 232 -29.90 88.68 51.47
N ALA CA 233 -28.73 88.26 51.00
CA ALA CA 233 -27.64 89.19 50.76
C ALA CA 233 -28.00 90.21 49.68
N THR CA 234 -27.63 91.47 49.93
CA THR CA 234 -27.74 92.49 48.91
C THR CA 234 -26.52 92.44 47.99
N THR CA 235 -26.74 92.73 46.70
CA THR CA 235 -25.67 92.69 45.72
C THR CA 235 -25.84 93.84 44.74
N THR CA 236 -24.75 94.19 44.05
CA THR CA 236 -24.70 95.35 43.11
C THR CA 236 -25.71 95.13 41.98
N LYS CA 237 -25.92 93.90 41.52
CA LYS CA 237 -26.89 93.62 40.46
C LYS CA 237 -28.30 93.61 41.01
N SER CA 238 -29.23 94.23 40.28
CA SER CA 238 -30.61 94.40 40.73
C SER CA 238 -31.37 93.09 40.58
N ARG CA 239 -31.72 92.46 41.70
CA ARG CA 239 -32.39 91.17 41.67
C ARG CA 239 -33.78 91.29 41.04
N GLU CA 240 -34.57 92.25 41.54
CA GLU CA 240 -35.93 92.44 41.05
C GLU CA 240 -35.93 92.81 39.58
N GLU CA 241 -34.93 93.58 39.13
CA GLU CA 241 -34.84 93.90 37.71
C GLU CA 241 -34.69 92.64 36.87
N GLU CA 242 -33.83 91.72 37.30
CA GLU CA 242 -33.65 90.48 36.55
C GLU CA 242 -34.94 89.68 36.51
N LEU CA 243 -35.62 89.55 37.65
CA LEU CA 243 -36.88 88.78 37.64
C LEU CA 243 -37.91 89.44 36.75
N ASN CA 244 -38.01 90.78 36.81
CA ASN CA 244 -39.00 91.49 36.00
C ASN CA 244 -38.71 91.32 34.51
N LYS CA 245 -37.44 91.38 34.13
CA LYS CA 245 -37.09 91.18 32.72
C LYS CA 245 -37.45 89.76 32.27
N ARG CA 246 -37.22 88.77 33.14
CA ARG CA 246 -37.60 87.41 32.80
C ARG CA 246 -39.11 87.30 32.57
N ILE CA 247 -39.90 87.94 33.43
CA ILE CA 247 -41.35 87.89 33.27
C ILE CA 247 -41.78 88.56 31.97
N VAL CA 248 -41.19 89.71 31.64
CA VAL CA 248 -41.58 90.39 30.40
C VAL CA 248 -41.26 89.53 29.20
N ASN CA 249 -40.10 88.86 29.21
CA ASN CA 249 -39.66 87.99 28.08
C ASN CA 249 -40.57 86.77 28.03
N TYR CA 250 -41.16 86.35 29.16
CA TYR CA 250 -42.11 85.20 29.22
C TYR CA 250 -43.50 85.67 28.79
N LYS CA 251 -43.79 86.97 28.84
CA LYS CA 251 -45.08 87.54 28.37
C LYS CA 251 -45.01 87.73 26.85
N ILE CA 252 -43.83 88.01 26.26
CA ILE CA 252 -43.70 88.10 24.81
C ILE CA 252 -43.83 86.72 24.18
N GLN CA 253 -43.15 85.72 24.75
CA GLN CA 253 -43.26 84.38 24.16
C GLN CA 253 -44.70 83.88 24.21
N LEU CA 254 -45.39 84.09 25.33
CA LEU CA 254 -46.75 83.61 25.45
C LEU CA 254 -47.66 84.25 24.40
N LYS CA 255 -47.57 85.56 24.24
CA LYS CA 255 -48.49 86.24 23.34
C LYS CA 255 -48.19 85.90 21.88
N LEU CA 256 -46.91 85.81 21.52
CA LEU CA 256 -46.58 85.40 20.17
C LEU CA 256 -47.09 83.99 19.88
N MET CA 257 -46.93 83.09 20.85
CA MET CA 257 -47.43 81.73 20.67
C MET CA 257 -48.94 81.71 20.53
N LYS CA 258 -49.64 82.54 21.31
CA LYS CA 258 -51.10 82.59 21.19
C LYS CA 258 -51.52 83.09 19.81
N ASN CA 259 -50.84 84.12 19.29
CA ASN CA 259 -51.20 84.62 17.97
C ASN CA 259 -50.97 83.54 16.92
N PHE CA 260 -49.86 82.81 17.03
CA PHE CA 260 -49.61 81.74 16.06
C PHE CA 260 -50.66 80.66 16.15
N LEU CA 261 -51.05 80.26 17.36
CA LEU CA 261 -52.07 79.23 17.50
C LEU CA 261 -53.40 79.70 16.96
N GLN CA 262 -53.73 80.98 17.14
CA GLN CA 262 -54.97 81.49 16.56
C GLN CA 262 -54.92 81.43 15.03
N GLU CA 263 -53.78 81.78 14.45
CA GLU CA 263 -53.67 81.66 12.99
C GLU CA 263 -53.76 80.21 12.55
N LEU CA 264 -53.29 79.28 13.38
CA LEU CA 264 -53.31 77.86 13.02
C LEU CA 264 -54.70 77.26 13.16
N ILE CA 265 -55.44 77.65 14.19
CA ILE CA 265 -56.73 77.02 14.50
C ILE CA 265 -57.79 77.43 13.48
N ASP CA 266 -57.82 78.71 13.09
CA ASP CA 266 -58.92 79.21 12.30
C ASP CA 266 -58.94 78.65 10.88
N ARG CA 267 -57.87 78.01 10.44
CA ARG CA 267 -57.84 77.43 9.11
C ARG CA 267 -58.39 76.01 9.16
N ARG DA 239 -40.26 89.21 49.77
CA ARG DA 239 -41.28 89.72 48.81
C ARG DA 239 -41.16 89.08 47.43
N GLU DA 240 -39.91 88.92 46.97
CA GLU DA 240 -39.69 88.42 45.62
C GLU DA 240 -40.17 86.99 45.41
N GLU DA 241 -40.61 86.31 46.46
CA GLU DA 241 -41.20 84.99 46.31
C GLU DA 241 -42.36 85.05 45.33
N GLU DA 242 -43.12 86.14 45.39
CA GLU DA 242 -44.30 86.30 44.54
C GLU DA 242 -43.91 86.35 43.06
N LEU DA 243 -42.84 87.08 42.73
CA LEU DA 243 -42.38 87.09 41.35
C LEU DA 243 -41.95 85.70 40.89
N ASN DA 244 -41.22 84.96 41.73
CA ASN DA 244 -40.80 83.62 41.36
C ASN DA 244 -42.01 82.72 41.12
N LYS DA 245 -43.04 82.87 41.95
CA LYS DA 245 -44.25 82.07 41.79
C LYS DA 245 -44.91 82.35 40.45
N ARG DA 246 -45.00 83.64 40.09
CA ARG DA 246 -45.58 83.98 38.80
C ARG DA 246 -44.73 83.46 37.65
N ILE DA 247 -43.40 83.50 37.81
CA ILE DA 247 -42.50 82.99 36.78
C ILE DA 247 -42.78 81.51 36.53
N VAL DA 248 -42.89 80.72 37.60
CA VAL DA 248 -43.12 79.29 37.41
C VAL DA 248 -44.52 79.05 36.82
N ASN DA 249 -45.50 79.85 37.21
CA ASN DA 249 -46.83 79.70 36.63
C ASN DA 249 -46.79 79.93 35.12
N TYR DA 250 -46.08 80.96 34.67
CA TYR DA 250 -45.95 81.19 33.24
C TYR DA 250 -45.11 80.14 32.54
N LYS DA 251 -44.15 79.54 33.23
CA LYS DA 251 -43.45 78.40 32.65
C LYS DA 251 -44.41 77.27 32.34
N ILE DA 252 -45.30 76.96 33.28
CA ILE DA 252 -46.27 75.90 33.05
C ILE DA 252 -47.21 76.28 31.90
N GLN DA 253 -47.66 77.54 31.86
CA GLN DA 253 -48.59 77.93 30.80
C GLN DA 253 -47.93 77.83 29.42
N LEU DA 254 -46.67 78.25 29.31
CA LEU DA 254 -45.97 78.11 28.03
C LEU DA 254 -45.82 76.65 27.64
N LYS DA 255 -45.49 75.79 28.60
CA LYS DA 255 -45.37 74.37 28.29
C LYS DA 255 -46.70 73.81 27.80
N LEU DA 256 -47.80 74.23 28.43
CA LEU DA 256 -49.12 73.77 27.99
C LEU DA 256 -49.40 74.22 26.57
N MET DA 257 -49.06 75.47 26.23
CA MET DA 257 -49.32 75.94 24.87
C MET DA 257 -48.53 75.12 23.86
N LYS DA 258 -47.27 74.83 24.15
CA LYS DA 258 -46.47 74.05 23.23
C LYS DA 258 -47.03 72.63 23.07
N ASN DA 259 -47.48 72.03 24.18
CA ASN DA 259 -48.10 70.71 24.09
C ASN DA 259 -49.37 70.77 23.26
N PHE DA 260 -50.12 71.87 23.35
CA PHE DA 260 -51.29 72.04 22.51
C PHE DA 260 -50.92 72.04 21.04
N LEU DA 261 -49.85 72.75 20.69
CA LEU DA 261 -49.40 72.75 19.30
C LEU DA 261 -49.06 71.34 18.84
N GLN DA 262 -48.33 70.60 19.67
CA GLN DA 262 -47.95 69.24 19.29
C GLN DA 262 -49.17 68.35 19.12
N GLU DA 263 -50.14 68.45 20.04
CA GLU DA 263 -51.36 67.67 19.91
C GLU DA 263 -52.09 67.98 18.61
N LEU DA 264 -52.25 69.27 18.32
CA LEU DA 264 -52.97 69.67 17.11
C LEU DA 264 -52.28 69.13 15.86
N ILE DA 265 -50.96 69.27 15.80
CA ILE DA 265 -50.23 68.80 14.62
C ILE DA 265 -50.33 67.28 14.50
N ASP DA 266 -50.20 66.56 15.61
CA ASP DA 266 -50.31 65.11 15.56
C ASP DA 266 -51.68 64.68 15.05
N ARG DA 267 -52.74 65.34 15.52
CA ARG DA 267 -54.08 64.96 15.09
C ARG DA 267 -54.32 65.30 13.63
N ASN DA 268 -53.83 66.45 13.17
CA ASN DA 268 -54.02 66.79 11.76
C ASN DA 268 -53.29 65.83 10.84
N ASN DA 269 -52.16 65.29 11.27
CA ASN DA 269 -51.47 64.25 10.51
C ASN DA 269 -52.14 62.90 10.73
N GLY EA 3 33.46 88.36 69.84
CA GLY EA 3 32.96 89.71 69.47
C GLY EA 3 33.84 90.37 68.43
N GLU EA 4 33.33 91.43 67.81
CA GLU EA 4 34.06 92.13 66.76
C GLU EA 4 35.15 93.03 67.34
N THR EA 5 36.15 93.33 66.53
CA THR EA 5 37.27 94.17 66.92
C THR EA 5 37.42 95.32 65.94
N ILE EA 6 37.88 96.47 66.45
CA ILE EA 6 38.10 97.66 65.65
C ILE EA 6 39.58 98.00 65.70
N THR EA 7 40.18 98.21 64.53
CA THR EA 7 41.60 98.53 64.42
C THR EA 7 41.78 100.03 64.20
N LEU EA 8 42.70 100.63 64.94
CA LEU EA 8 43.04 102.03 64.79
C LEU EA 8 44.49 102.15 64.36
N GLN EA 9 44.73 102.85 63.26
CA GLN EA 9 46.07 103.06 62.72
C GLN EA 9 46.42 104.53 62.84
N VAL EA 10 47.55 104.83 63.47
CA VAL EA 10 47.98 106.20 63.73
C VAL EA 10 49.42 106.35 63.27
N GLY EA 11 49.70 107.39 62.50
CA GLY EA 11 51.06 107.71 62.11
C GLY EA 11 51.51 106.96 60.87
N GLN EA 12 52.67 107.38 60.36
CA GLN EA 12 53.24 106.75 59.17
C GLN EA 12 53.66 105.30 59.43
N CYS EA 13 54.39 105.08 60.52
CA CYS EA 13 54.79 103.72 60.85
C CYS EA 13 53.57 102.84 61.11
N GLY EA 14 52.58 103.39 61.84
CA GLY EA 14 51.37 102.66 62.09
C GLY EA 14 50.64 102.31 60.81
N ASN EA 15 50.57 103.24 59.86
CA ASN EA 15 49.88 102.97 58.61
C ASN EA 15 50.59 101.91 57.80
N GLN EA 16 51.92 101.95 57.73
CA GLN EA 16 52.65 100.93 56.98
C GLN EA 16 52.46 99.56 57.61
N VAL EA 17 52.60 99.48 58.94
CA VAL EA 17 52.40 98.21 59.63
C VAL EA 17 50.98 97.72 59.42
N GLY EA 18 50.01 98.63 59.44
CA GLY EA 18 48.63 98.23 59.21
C GLY EA 18 48.39 97.73 57.80
N LEU EA 19 49.05 98.34 56.82
CA LEU EA 19 48.93 97.84 55.46
C LEU EA 19 49.45 96.41 55.36
N GLN EA 20 50.62 96.15 55.94
CA GLN EA 20 51.13 94.78 55.92
C GLN EA 20 50.19 93.84 56.67
N TYR EA 21 49.67 94.29 57.81
CA TYR EA 21 48.79 93.47 58.62
C TYR EA 21 47.51 93.10 57.87
N TRP EA 22 46.90 94.08 57.20
CA TRP EA 22 45.67 93.81 56.47
C TRP EA 22 45.92 92.99 55.21
N GLN EA 23 47.07 93.17 54.58
CA GLN EA 23 47.41 92.29 53.45
C GLN EA 23 47.54 90.85 53.93
N GLN EA 24 48.21 90.64 55.05
CA GLN EA 24 48.34 89.30 55.60
C GLN EA 24 46.99 88.70 55.94
N LEU EA 25 46.13 89.48 56.62
CA LEU EA 25 44.83 88.97 57.03
C LEU EA 25 43.97 88.63 55.82
N ALA EA 26 43.97 89.50 54.79
CA ALA EA 26 43.18 89.23 53.60
C ALA EA 26 43.71 88.01 52.87
N THR EA 27 45.03 87.84 52.81
CA THR EA 27 45.58 86.63 52.22
C THR EA 27 45.11 85.40 52.98
N GLU EA 28 45.12 85.46 54.31
CA GLU EA 28 44.71 84.31 55.10
C GLU EA 28 43.24 83.96 54.87
N HIS EA 29 42.36 84.96 54.73
CA HIS EA 29 40.95 84.70 54.48
C HIS EA 29 40.57 84.71 53.01
N GLY EA 30 41.55 84.78 52.10
CA GLY EA 30 41.24 84.71 50.69
C GLY EA 30 40.49 85.89 50.13
N ILE EA 31 40.37 86.98 50.88
CA ILE EA 31 39.68 88.17 50.39
C ILE EA 31 40.58 88.89 49.39
N GLN EA 32 40.02 89.21 48.23
CA GLN EA 32 40.79 89.87 47.18
C GLN EA 32 41.01 91.34 47.52
N SER EA 33 41.85 92.00 46.72
CA SER EA 33 42.17 93.40 46.97
C SER EA 33 40.94 94.28 46.83
N ASP EA 34 39.99 93.90 45.98
CA ASP EA 34 38.78 94.68 45.77
C ASP EA 34 37.67 94.35 46.76
N GLY EA 35 37.91 93.43 47.70
CA GLY EA 35 36.91 93.04 48.67
C GLY EA 35 36.02 91.88 48.26
N SER EA 36 36.26 91.28 47.09
CA SER EA 36 35.47 90.14 46.64
C SER EA 36 36.00 88.85 47.25
N SER EA 37 35.07 87.93 47.51
CA SER EA 37 35.41 86.65 48.12
C SER EA 37 36.06 85.72 47.11
N THR EA 38 36.71 84.68 47.64
CA THR EA 38 37.29 83.60 46.83
C THR EA 38 36.80 82.27 47.41
N PRO EA 39 36.35 81.32 46.57
CA PRO EA 39 35.85 80.06 47.13
C PRO EA 39 36.95 79.22 47.78
N ARG EA 73 31.03 79.04 55.20
CA ARG EA 73 32.47 78.91 55.42
C ARG EA 73 32.75 78.78 56.91
N ASN EA 74 33.79 78.00 57.26
CA ASN EA 74 34.06 77.68 58.65
C ASN EA 74 34.81 78.79 59.38
N ASP EA 75 35.58 79.61 58.68
CA ASP EA 75 36.26 80.72 59.33
C ASP EA 75 35.29 81.90 59.50
N HIS EA 76 35.71 82.86 60.31
CA HIS EA 76 34.85 83.98 60.71
C HIS EA 76 35.59 85.30 60.49
N PRO EA 77 35.70 85.75 59.24
CA PRO EA 77 36.29 87.08 58.99
C PRO EA 77 35.41 88.22 59.43
N GLU EA 78 34.15 87.95 59.79
CA GLU EA 78 33.25 89.02 60.21
C GLU EA 78 33.77 89.76 61.42
N LEU EA 79 34.57 89.11 62.27
CA LEU EA 79 35.13 89.76 63.43
C LEU EA 79 36.09 90.89 63.05
N PHE EA 80 36.64 90.86 61.83
CA PHE EA 80 37.57 91.88 61.39
C PHE EA 80 37.16 92.57 60.09
N PHE EA 81 36.14 92.07 59.40
CA PHE EA 81 35.68 92.67 58.15
C PHE EA 81 34.16 92.85 58.20
N THR EA 82 33.69 93.93 57.59
CA THR EA 82 32.26 94.18 57.46
C THR EA 82 31.76 93.59 56.16
N LEU EA 83 30.74 92.75 56.24
CA LEU EA 83 30.19 92.06 55.07
C LEU EA 83 28.93 92.78 54.61
N SER EA 84 28.92 93.19 53.34
CA SER EA 84 27.76 93.81 52.74
C SER EA 84 26.84 92.76 52.14
N ASP EA 85 25.61 93.18 51.83
CA ASP EA 85 24.65 92.27 51.20
C ASP EA 85 24.87 92.22 49.70
N SER EA 86 26.04 92.70 49.25
CA SER EA 86 26.50 92.51 47.88
C SER EA 86 27.79 91.69 47.84
N ASN EA 87 28.12 91.02 48.94
CA ASN EA 87 29.29 90.13 49.02
C ASN EA 87 30.59 90.91 48.79
N THR EA 88 30.84 91.88 49.66
CA THR EA 88 32.10 92.60 49.67
C THR EA 88 32.60 92.72 51.11
N TYR EA 89 33.90 92.52 51.29
CA TYR EA 89 34.53 92.61 52.60
C TYR EA 89 35.38 93.86 52.68
N THR EA 90 35.11 94.70 53.67
CA THR EA 90 35.92 95.90 53.88
C THR EA 90 36.47 95.92 55.30
N PRO EA 91 37.72 96.35 55.49
CA PRO EA 91 38.29 96.33 56.84
C PRO EA 91 37.57 97.30 57.77
N ARG EA 92 37.61 96.99 59.05
CA ARG EA 92 37.05 97.85 60.09
C ARG EA 92 38.01 98.94 60.54
N SER EA 93 39.21 98.99 59.97
CA SER EA 93 40.25 99.87 60.48
C SER EA 93 39.92 101.32 60.19
N ILE EA 94 40.52 102.20 61.00
CA ILE EA 94 40.41 103.65 60.84
C ILE EA 94 41.80 104.21 60.65
N LEU EA 95 41.98 104.99 59.60
CA LEU EA 95 43.29 105.54 59.25
C LEU EA 95 43.39 106.99 59.73
N ILE EA 96 44.44 107.29 60.49
CA ILE EA 96 44.70 108.64 60.99
C ILE EA 96 46.15 108.98 60.70
N ASP EA 97 46.37 110.12 60.07
CA ASP EA 97 47.72 110.56 59.75
C ASP EA 97 47.72 112.07 59.54
N MET EA 98 48.90 112.66 59.73
CA MET EA 98 49.04 114.11 59.55
C MET EA 98 49.14 114.50 58.08
N GLU EA 99 49.62 113.61 57.22
CA GLU EA 99 49.84 113.94 55.81
C GLU EA 99 49.12 112.95 54.92
N PRO EA 100 48.72 113.36 53.70
CA PRO EA 100 47.92 112.47 52.85
C PRO EA 100 48.74 111.49 52.01
N SER EA 101 50.07 111.62 51.97
CA SER EA 101 50.86 110.74 51.11
C SER EA 101 50.79 109.29 51.59
N VAL EA 102 50.95 109.07 52.91
CA VAL EA 102 50.95 107.71 53.44
C VAL EA 102 49.57 107.09 53.28
N ILE EA 103 48.52 107.85 53.58
CA ILE EA 103 47.17 107.33 53.47
C ILE EA 103 46.84 107.04 52.00
N ALA EA 104 47.32 107.89 51.10
CA ALA EA 104 47.09 107.64 49.68
C ALA EA 104 47.76 106.36 49.22
N LYS EA 105 49.01 106.14 49.64
CA LYS EA 105 49.68 104.89 49.29
C LYS EA 105 48.92 103.70 49.85
N SER EA 106 48.51 103.78 51.12
CA SER EA 106 47.83 102.65 51.75
C SER EA 106 46.50 102.35 51.05
N THR EA 107 45.73 103.39 50.74
CA THR EA 107 44.44 103.18 50.09
C THR EA 107 44.60 102.65 48.67
N SER EA 108 45.57 103.19 47.92
CA SER EA 108 45.78 102.72 46.55
C SER EA 108 46.24 101.26 46.54
N ALA EA 109 47.11 100.89 47.48
CA ALA EA 109 47.57 99.51 47.54
C ALA EA 109 46.42 98.54 47.82
N LEU EA 110 45.49 98.94 48.69
CA LEU EA 110 44.33 98.13 49.07
C LEU EA 110 43.07 98.92 48.76
N PRO EA 111 42.48 98.75 47.58
CA PRO EA 111 41.33 99.59 47.21
C PRO EA 111 40.10 99.36 48.08
N MET EA 112 40.02 98.23 48.80
CA MET EA 112 38.81 97.92 49.55
C MET EA 112 38.70 98.70 50.86
N PHE EA 113 39.69 99.52 51.22
CA PHE EA 113 39.50 100.46 52.32
C PHE EA 113 38.35 101.40 52.03
N ASN EA 114 37.58 101.71 53.07
CA ASN EA 114 36.50 102.69 52.96
C ASN EA 114 37.09 104.08 53.11
N PRO EA 115 37.00 104.95 52.09
CA PRO EA 115 37.56 106.31 52.24
C PRO EA 115 36.91 107.11 53.35
N ARG EA 116 35.66 106.81 53.72
CA ARG EA 116 34.98 107.58 54.76
C ARG EA 116 35.70 107.50 56.09
N ASN EA 117 36.50 106.46 56.32
CA ASN EA 117 37.19 106.27 57.59
C ASN EA 117 38.54 106.97 57.66
N VAL EA 118 38.97 107.63 56.58
CA VAL EA 118 40.25 108.32 56.53
C VAL EA 118 40.09 109.72 57.12
N HIS EA 119 40.99 110.10 58.02
CA HIS EA 119 41.02 111.43 58.60
C HIS EA 119 42.41 112.01 58.38
N LEU EA 120 42.47 113.30 58.09
CA LEU EA 120 43.75 114.01 57.97
C LEU EA 120 43.80 115.22 58.88
N TRP EA 131 55.36 117.20 69.78
CA TRP EA 131 54.35 116.29 70.33
C TRP EA 131 53.19 117.07 70.93
N ILE EA 132 53.50 118.06 71.76
CA ILE EA 132 52.45 118.83 72.42
C ILE EA 132 51.59 119.54 71.38
N ASN EA 133 52.20 120.03 70.31
CA ASN EA 133 51.42 120.66 69.25
C ASN EA 133 50.44 119.67 68.62
N GLY EA 134 50.90 118.45 68.37
CA GLY EA 134 50.00 117.44 67.83
C GLY EA 134 48.88 117.08 68.78
N TYR EA 135 49.18 117.00 70.08
CA TYR EA 135 48.16 116.67 71.07
C TYR EA 135 47.13 117.79 71.17
N LYS EA 136 47.58 119.04 71.14
CA LYS EA 136 46.64 120.16 71.14
C LYS EA 136 45.81 120.19 69.85
N TYR EA 137 46.42 119.80 68.73
CA TYR EA 137 45.66 119.64 67.49
C TYR EA 137 44.61 118.54 67.63
N GLY EA 138 44.95 117.45 68.31
CA GLY EA 138 43.98 116.40 68.56
C GLY EA 138 42.82 116.87 69.40
N THR EA 139 43.08 117.79 70.34
CA THR EA 139 41.97 118.35 71.11
C THR EA 139 40.98 119.07 70.19
N GLU EA 140 41.48 119.82 69.20
CA GLU EA 140 40.58 120.57 68.32
C GLU EA 140 39.68 119.63 67.52
N GLU EA 141 40.23 118.52 67.04
CA GLU EA 141 39.49 117.56 66.23
C GLU EA 141 38.82 116.47 67.05
N GLU EA 142 38.60 116.72 68.35
CA GLU EA 142 38.06 115.68 69.22
C GLU EA 142 36.65 115.27 68.78
N GLU EA 143 35.81 116.24 68.41
CA GLU EA 143 34.43 115.92 68.06
C GLU EA 143 34.37 115.05 66.81
N THR EA 144 35.14 115.39 65.78
CA THR EA 144 35.09 114.66 64.53
C THR EA 144 35.55 113.22 64.73
N LEU EA 145 36.65 113.04 65.45
CA LEU EA 145 37.17 111.71 65.71
C LEU EA 145 36.22 110.90 66.60
N LEU EA 146 35.60 111.54 67.59
CA LEU EA 146 34.66 110.83 68.45
C LEU EA 146 33.48 110.31 67.64
N ASN EA 147 32.92 111.15 66.77
CA ASN EA 147 31.84 110.69 65.89
C ASN EA 147 32.32 109.62 64.92
N LEU EA 148 33.55 109.77 64.40
CA LEU EA 148 34.06 108.81 63.44
C LEU EA 148 34.18 107.42 64.07
N ILE EA 149 34.67 107.35 65.31
CA ILE EA 149 34.77 106.06 65.98
C ILE EA 149 33.40 105.53 66.36
N ASP EA 150 32.50 106.42 66.79
CA ASP EA 150 31.15 105.97 67.11
C ASP EA 150 30.45 105.37 65.91
N ARG EA 151 30.78 105.82 64.69
CA ARG EA 151 30.20 105.19 63.51
C ARG EA 151 30.59 103.72 63.42
N GLU EA 152 31.87 103.40 63.59
CA GLU EA 152 32.30 102.01 63.54
C GLU EA 152 31.66 101.20 64.66
N VAL EA 153 31.58 101.77 65.86
CA VAL EA 153 30.97 101.04 66.96
C VAL EA 153 29.51 100.73 66.67
N ASP EA 154 28.78 101.71 66.11
CA ASP EA 154 27.40 101.45 65.75
C ASP EA 154 27.29 100.42 64.64
N LYS EA 155 28.26 100.39 63.73
CA LYS EA 155 28.17 99.47 62.59
C LYS EA 155 28.30 98.01 63.02
N CYS EA 156 29.11 97.73 64.04
CA CYS EA 156 29.27 96.36 64.49
C CYS EA 156 28.13 95.96 65.43
N ASP EA 157 27.97 94.64 65.60
CA ASP EA 157 26.87 94.10 66.40
C ASP EA 157 27.24 93.98 67.88
N ASN EA 158 28.42 93.45 68.19
CA ASN EA 158 28.85 93.24 69.57
C ASN EA 158 30.35 93.51 69.64
N LEU EA 159 30.72 94.71 70.07
CA LEU EA 159 32.11 95.09 70.12
C LEU EA 159 32.83 94.36 71.25
N SER EA 160 34.09 93.99 71.00
CA SER EA 160 34.91 93.28 71.98
C SER EA 160 36.10 94.12 72.44
N ASN EA 161 36.94 94.59 71.51
CA ASN EA 161 38.15 95.28 71.89
C ASN EA 161 38.61 96.21 70.78
N PHE EA 162 39.44 97.18 71.15
CA PHE EA 162 40.05 98.11 70.21
C PHE EA 162 41.51 97.75 70.01
N GLN EA 163 41.91 97.53 68.76
CA GLN EA 163 43.32 97.39 68.42
C GLN EA 163 43.87 98.72 67.97
N LEU EA 164 45.11 99.02 68.35
CA LEU EA 164 45.76 100.27 68.00
C LEU EA 164 47.16 99.96 67.47
N PHE EA 165 47.45 100.43 66.27
CA PHE EA 165 48.78 100.32 65.68
C PHE EA 165 49.37 101.72 65.63
N HIS EA 166 50.42 101.95 66.41
CA HIS EA 166 51.05 103.26 66.44
C HIS EA 166 52.49 103.12 66.93
N SER EA 167 53.27 104.15 66.66
CA SER EA 167 54.67 104.21 67.05
C SER EA 167 54.83 105.22 68.18
N VAL EA 168 55.51 104.81 69.26
CA VAL EA 168 55.73 105.72 70.38
C VAL EA 168 56.63 106.88 69.96
N ALA EA 169 57.62 106.61 69.11
CA ALA EA 169 58.57 107.62 68.66
C ALA EA 169 58.12 108.34 67.40
N GLY EA 170 56.81 108.41 67.16
CA GLY EA 170 56.28 108.98 65.93
C GLY EA 170 56.12 110.47 65.90
N GLY EA 171 56.53 111.18 66.94
CA GLY EA 171 56.38 112.63 66.97
C GLY EA 171 54.92 113.06 67.03
N THR EA 172 54.48 113.83 66.04
CA THR EA 172 53.13 114.40 66.08
C THR EA 172 52.07 113.31 66.07
N GLY EA 173 52.27 112.29 65.21
CA GLY EA 173 51.31 111.19 65.16
C GLY EA 173 51.21 110.47 66.49
N SER EA 174 52.33 110.36 67.22
CA SER EA 174 52.26 109.79 68.54
C SER EA 174 51.41 110.64 69.47
N GLY EA 175 51.44 111.97 69.29
CA GLY EA 175 50.57 112.82 70.08
C GLY EA 175 49.09 112.61 69.78
N VAL EA 176 48.76 112.52 68.49
CA VAL EA 176 47.35 112.33 68.16
C VAL EA 176 46.86 110.96 68.63
N GLY EA 177 47.72 109.93 68.56
CA GLY EA 177 47.35 108.64 69.12
C GLY EA 177 47.20 108.65 70.62
N SER EA 178 48.06 109.41 71.30
CA SER EA 178 47.94 109.55 72.75
C SER EA 178 46.62 110.21 73.12
N LYS EA 179 46.18 111.18 72.31
CA LYS EA 179 44.85 111.75 72.54
C LYS EA 179 43.73 110.76 72.20
N MET EA 180 43.95 109.93 71.17
CA MET EA 180 42.96 108.93 70.81
C MET EA 180 42.69 107.99 71.97
N LEU EA 181 43.75 107.53 72.64
CA LEU EA 181 43.55 106.63 73.76
C LEU EA 181 42.70 107.30 74.84
N GLU EA 182 42.98 108.56 75.15
CA GLU EA 182 42.24 109.25 76.20
C GLU EA 182 40.76 109.35 75.83
N VAL EA 183 40.47 109.79 74.61
CA VAL EA 183 39.06 110.01 74.26
C VAL EA 183 38.31 108.69 74.24
N ILE EA 184 38.92 107.63 73.69
CA ILE EA 184 38.24 106.35 73.64
C ILE EA 184 37.97 105.83 75.05
N SER EA 185 38.99 105.86 75.92
CA SER EA 185 38.81 105.35 77.27
C SER EA 185 37.75 106.16 78.02
N ASP EA 186 37.72 107.47 77.81
CA ASP EA 186 36.72 108.28 78.49
C ASP EA 186 35.31 107.93 78.01
N ARG EA 187 35.09 107.89 76.69
CA ARG EA 187 33.71 107.77 76.23
C ARG EA 187 33.18 106.35 76.46
N TYR EA 188 33.98 105.32 76.16
CA TYR EA 188 33.47 103.95 76.25
C TYR EA 188 33.72 103.31 77.60
N GLY EA 189 34.22 104.05 78.59
CA GLY EA 189 34.42 103.44 79.88
C GLY EA 189 35.48 102.35 79.82
N HIS EA 190 35.34 101.38 80.72
CA HIS EA 190 36.30 100.29 80.83
C HIS EA 190 35.70 98.93 80.50
N LYS EA 191 34.46 98.89 80.00
CA LYS EA 191 33.87 97.61 79.62
C LYS EA 191 34.54 97.03 78.39
N LYS EA 192 35.01 97.87 77.47
CA LYS EA 192 35.73 97.43 76.30
C LYS EA 192 37.22 97.71 76.49
N LEU EA 193 38.04 96.67 76.37
CA LEU EA 193 39.47 96.79 76.56
C LEU EA 193 40.17 97.21 75.27
N LEU EA 194 41.40 97.70 75.42
CA LEU EA 194 42.20 98.21 74.31
C LEU EA 194 43.51 97.45 74.25
N ASN EA 195 43.95 97.14 73.03
CA ASN EA 195 45.24 96.51 72.79
C ASN EA 195 46.05 97.41 71.88
N THR EA 196 47.27 97.74 72.31
CA THR EA 196 48.13 98.65 71.57
C THR EA 196 49.40 97.90 71.17
N PHE EA 197 49.64 97.81 69.87
CA PHE EA 197 50.88 97.24 69.35
C PHE EA 197 51.90 98.35 69.14
N SER EA 198 52.31 98.96 70.24
CA SER EA 198 53.20 100.11 70.19
C SER EA 198 54.60 99.69 69.77
N ILE EA 199 55.17 100.44 68.82
CA ILE EA 199 56.55 100.22 68.39
C ILE EA 199 57.45 101.18 69.15
N PHE EA 200 58.42 100.62 69.89
CA PHE EA 200 59.29 101.43 70.71
C PHE EA 200 60.41 102.05 69.90
N PRO EA 201 61.04 103.11 70.41
CA PRO EA 201 62.17 103.72 69.71
C PRO EA 201 63.37 102.78 69.66
N SER EA 202 64.18 102.95 68.62
CA SER EA 202 65.40 102.17 68.47
C SER EA 202 66.34 102.44 69.64
N VAL EA 211 65.97 114.65 71.29
CA VAL EA 211 64.64 115.15 71.60
C VAL EA 211 63.66 113.98 71.75
N GLN EA 212 64.02 112.84 71.17
CA GLN EA 212 63.15 111.66 71.25
C GLN EA 212 62.79 111.26 72.68
N PRO EA 213 63.70 111.32 73.66
CA PRO EA 213 63.33 110.88 75.01
C PRO EA 213 62.09 111.59 75.56
N TYR EA 214 61.96 112.89 75.31
CA TYR EA 214 60.78 113.61 75.77
C TYR EA 214 59.52 113.00 75.18
N ASN EA 215 59.53 112.75 73.88
CA ASN EA 215 58.35 112.21 73.21
C ASN EA 215 58.02 110.81 73.74
N THR EA 216 59.04 109.99 73.95
CA THR EA 216 58.80 108.65 74.46
C THR EA 216 58.19 108.67 75.84
N ILE EA 217 58.63 109.58 76.69
CA ILE EA 217 58.07 109.66 78.04
C ILE EA 217 56.63 110.18 78.01
N LEU EA 218 56.38 111.19 77.18
CA LEU EA 218 55.03 111.75 77.11
C LEU EA 218 54.05 110.74 76.57
N THR EA 219 54.45 109.93 75.58
CA THR EA 219 53.55 108.92 75.07
C THR EA 219 53.40 107.76 76.05
N LEU EA 220 54.48 107.39 76.75
CA LEU EA 220 54.39 106.25 77.66
C LEU EA 220 53.53 106.56 78.86
N LYS EA 221 53.43 107.81 79.28
CA LYS EA 221 52.53 108.14 80.39
C LYS EA 221 51.09 107.73 80.05
N ARG EA 222 50.59 108.14 78.89
CA ARG EA 222 49.22 107.80 78.52
C ARG EA 222 49.10 106.33 78.16
N LEU EA 223 50.16 105.74 77.60
CA LEU EA 223 50.13 104.32 77.30
C LEU EA 223 49.95 103.51 78.58
N ILE EA 224 50.65 103.88 79.65
CA ILE EA 224 50.46 103.21 80.93
C ILE EA 224 49.07 103.47 81.47
N ASP EA 225 48.61 104.71 81.39
CA ASP EA 225 47.34 105.05 82.06
C ASP EA 225 46.16 104.33 81.42
N TYR EA 226 46.05 104.33 80.09
CA TYR EA 226 44.81 103.95 79.44
C TYR EA 226 44.82 102.59 78.74
N SER EA 227 45.95 102.12 78.25
CA SER EA 227 45.98 100.84 77.57
C SER EA 227 45.70 99.70 78.54
N ASP EA 228 45.08 98.64 78.03
CA ASP EA 228 44.76 97.46 78.83
C ASP EA 228 45.73 96.30 78.60
N ALA EA 229 46.33 96.21 77.42
CA ALA EA 229 47.32 95.16 77.15
C ALA EA 229 48.19 95.65 76.02
N THR EA 230 49.42 96.05 76.34
CA THR EA 230 50.30 96.73 75.40
C THR EA 230 51.45 95.79 75.00
N PHE EA 231 51.53 95.48 73.72
CA PHE EA 231 52.68 94.76 73.20
C PHE EA 231 53.86 95.71 73.06
N VAL EA 232 55.07 95.17 73.17
CA VAL EA 232 56.29 95.95 73.05
C VAL EA 232 57.10 95.37 71.90
N PHE EA 233 57.42 96.22 70.92
CA PHE EA 233 58.26 95.84 69.79
C PHE EA 233 59.39 96.84 69.67
N HIS EA 234 60.59 96.33 69.41
CA HIS EA 234 61.78 97.14 69.22
C HIS EA 234 62.30 96.94 67.81
N ASN EA 235 62.59 98.04 67.10
CA ASN EA 235 63.17 97.92 65.78
C ASN EA 235 64.54 97.26 65.84
N ASP EA 236 65.25 97.41 66.96
CA ASP EA 236 66.58 96.82 67.09
C ASP EA 236 66.50 95.31 66.99
N SER EA 237 65.62 94.70 67.78
CA SER EA 237 65.51 93.25 67.77
C SER EA 237 64.86 92.75 66.49
N LEU EA 238 63.99 93.54 65.87
CA LEU EA 238 63.39 93.12 64.60
C LEU EA 238 64.44 93.05 63.50
N ASN EA 239 65.27 94.09 63.37
CA ASN EA 239 66.31 94.03 62.34
C ASN EA 239 67.39 93.01 62.71
N ARG EA 240 67.61 92.78 64.01
CA ARG EA 240 68.53 91.72 64.40
C ARG EA 240 68.01 90.36 63.96
N ILE EA 241 66.70 90.12 64.13
CA ILE EA 241 66.11 88.87 63.68
C ILE EA 241 66.24 88.74 62.16
N GLU EA 242 65.96 89.82 61.43
CA GLU EA 242 66.05 89.73 59.98
C GLU EA 242 67.47 89.38 59.53
N ASN EA 243 68.48 89.79 60.30
CA ASN EA 243 69.86 89.45 59.97
C ASN EA 243 70.10 87.96 60.13
N GLY EA 262 59.55 95.28 54.99
CA GLY EA 262 60.70 94.61 55.56
C GLY EA 262 60.48 94.23 57.02
N ALA EA 263 60.89 95.10 57.93
CA ALA EA 263 60.72 94.84 59.35
C ALA EA 263 59.26 94.84 59.78
N ASN EA 264 58.40 95.56 59.05
CA ASN EA 264 56.98 95.57 59.40
C ASN EA 264 56.33 94.22 59.19
N LYS EA 265 56.91 93.35 58.36
CA LYS EA 265 56.33 92.02 58.04
C LYS EA 265 56.41 91.11 59.27
N LEU EA 266 57.34 91.33 60.21
CA LEU EA 266 57.37 90.57 61.46
C LEU EA 266 56.26 91.01 62.40
N ILE EA 267 56.07 92.32 62.55
CA ILE EA 267 55.03 92.83 63.42
C ILE EA 267 53.66 92.43 62.89
N ALA EA 268 53.46 92.53 61.57
CA ALA EA 268 52.20 92.13 60.99
C ALA EA 268 51.93 90.65 61.24
N LEU EA 269 52.95 89.81 61.09
CA LEU EA 269 52.78 88.38 61.29
C LEU EA 269 52.42 88.07 62.74
N VAL EA 270 53.11 88.71 63.68
CA VAL EA 270 52.83 88.46 65.09
C VAL EA 270 51.40 88.90 65.43
N SER EA 271 51.01 90.10 65.00
CA SER EA 271 49.67 90.59 65.31
C SER EA 271 48.61 89.72 64.66
N ALA EA 272 48.84 89.27 63.43
CA ALA EA 272 47.86 88.41 62.75
C ALA EA 272 47.72 87.09 63.47
N SER EA 273 48.85 86.51 63.93
CA SER EA 273 48.77 85.22 64.61
C SER EA 273 48.19 85.34 66.01
N VAL EA 274 48.31 86.50 66.65
CA VAL EA 274 47.84 86.61 68.03
C VAL EA 274 46.35 86.35 68.12
N SER EA 275 45.60 86.72 67.08
CA SER EA 275 44.15 86.56 67.06
C SER EA 275 43.70 85.32 66.29
N ASN EA 276 44.62 84.43 65.94
CA ASN EA 276 44.26 83.25 65.16
C ASN EA 276 43.15 82.43 65.78
N PRO EA 277 43.11 82.17 67.09
CA PRO EA 277 42.02 81.37 67.65
C PRO EA 277 40.65 82.00 67.48
N LEU EA 278 40.58 83.31 67.24
CA LEU EA 278 39.29 83.97 67.06
C LEU EA 278 38.78 83.78 65.64
N ARG EA 279 39.65 83.96 64.65
CA ARG EA 279 39.22 83.91 63.26
C ARG EA 279 39.06 82.49 62.75
N PHE EA 280 39.80 81.54 63.33
CA PHE EA 280 39.74 80.13 62.92
C PHE EA 280 39.39 79.34 64.18
N PRO EA 281 38.11 79.27 64.53
CA PRO EA 281 37.73 78.74 65.85
C PRO EA 281 38.09 77.28 66.02
N GLY EA 282 38.38 76.93 67.27
CA GLY EA 282 38.64 75.56 67.64
C GLY EA 282 37.90 75.19 68.90
N TYR EA 283 38.47 74.30 69.71
CA TYR EA 283 37.83 73.89 70.95
C TYR EA 283 37.86 74.96 72.04
N MET EA 284 38.80 75.91 71.99
CA MET EA 284 39.09 76.72 73.15
C MET EA 284 39.64 78.07 72.71
N TYR EA 285 39.68 79.01 73.65
CA TYR EA 285 40.23 80.35 73.41
C TYR EA 285 39.44 81.09 72.34
N SER EA 286 38.12 81.05 72.45
CA SER EA 286 37.24 81.63 71.45
C SER EA 286 37.07 83.14 71.58
N SER EA 287 37.68 83.78 72.58
CA SER EA 287 37.47 85.20 72.82
C SER EA 287 38.77 85.85 73.26
N MET EA 288 38.88 87.15 72.99
CA MET EA 288 40.09 87.88 73.37
C MET EA 288 40.24 87.98 74.89
N GLU EA 289 39.13 87.96 75.62
CA GLU EA 289 39.22 87.99 77.08
C GLU EA 289 40.02 86.80 77.59
N SER EA 290 39.77 85.61 77.03
CA SER EA 290 40.50 84.43 77.46
C SER EA 290 41.97 84.52 77.11
N ILE EA 291 42.28 85.07 75.94
CA ILE EA 291 43.68 85.16 75.51
C ILE EA 291 44.45 86.13 76.40
N VAL EA 292 43.86 87.29 76.69
CA VAL EA 292 44.59 88.31 77.44
C VAL EA 292 44.64 87.98 78.92
N SER EA 293 43.53 87.50 79.48
CA SER EA 293 43.46 87.28 80.92
C SER EA 293 44.52 86.30 81.41
N ASN EA 294 45.01 85.44 80.52
CA ASN EA 294 46.04 84.49 80.89
C ASN EA 294 47.41 85.14 81.06
N LEU EA 295 47.56 86.41 80.68
CA LEU EA 295 48.86 87.05 80.64
C LEU EA 295 48.96 88.32 81.49
N ILE EA 296 47.88 88.78 82.09
CA ILE EA 296 47.88 90.03 82.83
C ILE EA 296 47.32 89.79 84.23
N PRO EA 297 48.10 89.22 85.14
CA PRO EA 297 47.58 89.01 86.50
C PRO EA 297 47.18 90.29 87.20
N THR EA 298 47.88 91.38 86.95
CA THR EA 298 47.63 92.67 87.60
C THR EA 298 47.58 93.76 86.54
N PRO EA 299 46.67 94.74 86.68
CA PRO EA 299 46.60 95.78 85.64
C PRO EA 299 47.85 96.63 85.54
N ASP EA 300 48.71 96.64 86.57
CA ASP EA 300 49.96 97.38 86.48
C ASP EA 300 50.91 96.74 85.48
N LEU EA 301 51.09 95.42 85.58
CA LEU EA 301 51.98 94.68 84.68
C LEU EA 301 51.21 94.37 83.40
N LYS EA 302 51.23 95.30 82.46
CA LYS EA 302 50.44 95.19 81.25
C LYS EA 302 51.28 95.10 79.98
N PHE EA 303 52.59 95.07 80.07
CA PHE EA 303 53.46 95.05 78.90
C PHE EA 303 53.88 93.62 78.59
N LEU EA 304 53.76 93.24 77.33
CA LEU EA 304 53.98 91.87 76.89
C LEU EA 304 55.20 91.80 75.98
N THR EA 305 55.97 90.73 76.12
CA THR EA 305 57.10 90.44 75.24
C THR EA 305 56.72 89.29 74.32
N SER EA 306 56.88 89.50 73.02
CA SER EA 306 56.51 88.52 72.01
C SER EA 306 57.75 87.90 71.39
N SER EA 307 57.70 86.59 71.20
CA SER EA 307 58.78 85.83 70.59
C SER EA 307 58.25 85.08 69.37
N ILE EA 308 59.05 85.05 68.30
CA ILE EA 308 58.66 84.44 67.05
C ILE EA 308 59.77 83.49 66.61
N ALA EA 309 59.39 82.29 66.18
CA ALA EA 309 60.36 81.36 65.63
C ALA EA 309 60.57 81.66 64.15
N PRO EA 310 61.76 82.09 63.73
CA PRO EA 310 61.94 82.47 62.32
C PRO EA 310 62.22 81.30 61.39
N PHE EA 311 62.74 80.20 61.90
CA PHE EA 311 63.17 79.08 61.06
C PHE EA 311 61.95 78.29 60.60
N SER EA 312 61.35 78.75 59.51
CA SER EA 312 60.26 78.01 58.90
C SER EA 312 60.29 78.26 57.40
N THR EA 313 59.69 77.33 56.65
CA THR EA 313 59.62 77.40 55.20
C THR EA 313 60.97 77.14 54.53
N GLN EA 314 62.03 76.99 55.32
CA GLN EA 314 63.29 76.47 54.79
C GLN EA 314 63.30 74.95 54.84
N LYS EA 315 64.27 74.35 54.14
CA LYS EA 315 64.42 72.90 54.18
C LYS EA 315 64.75 72.42 55.59
N HIS EA 316 65.63 73.12 56.30
CA HIS EA 316 66.07 72.69 57.65
C HIS EA 316 65.09 73.27 58.69
N ASN EA 317 63.77 73.17 58.54
CA ASN EA 317 62.80 73.66 59.52
C ASN EA 317 62.86 72.81 60.79
N TYR EA 318 62.18 73.30 61.83
CA TYR EA 318 62.01 72.52 63.04
C TYR EA 318 61.30 71.21 62.71
N LEU EA 319 61.92 70.09 63.11
CA LEU EA 319 61.39 68.81 62.69
C LEU EA 319 60.13 68.41 63.45
N ASN EA 320 59.97 68.89 64.69
CA ASN EA 320 58.78 68.55 65.47
C ASN EA 320 58.29 69.78 66.22
N GLU EA 321 56.98 69.78 66.51
CA GLU EA 321 56.40 70.83 67.33
C GLU EA 321 57.04 70.86 68.71
N TYR EA 322 57.54 69.72 69.19
CA TYR EA 322 58.26 69.68 70.45
C TYR EA 322 59.51 70.55 70.40
N ASP EA 323 60.24 70.48 69.28
CA ASP EA 323 61.40 71.35 69.12
C ASP EA 323 60.99 72.79 68.91
N MET EA 324 59.79 73.03 68.37
CA MET EA 324 59.26 74.39 68.34
C MET EA 324 59.04 74.93 69.74
N LEU EA 325 58.48 74.11 70.63
CA LEU EA 325 58.24 74.56 72.00
C LEU EA 325 59.56 74.79 72.73
N LEU EA 326 60.56 73.94 72.50
CA LEU EA 326 61.82 74.12 73.21
C LEU EA 326 62.60 75.31 72.68
N GLU EA 327 62.65 75.48 71.35
CA GLU EA 327 63.45 76.54 70.74
C GLU EA 327 62.68 77.85 70.58
N LEU EA 328 61.40 77.90 70.94
CA LEU EA 328 60.71 79.18 70.94
C LEU EA 328 61.16 80.08 72.08
N SER EA 329 61.76 79.51 73.12
CA SER EA 329 62.13 80.25 74.32
C SER EA 329 63.51 80.90 74.22
N ASN EA 330 64.22 80.74 73.10
CA ASN EA 330 65.53 81.36 72.96
C ASN EA 330 65.42 82.87 73.06
N ASP EA 331 66.34 83.48 73.79
CA ASP EA 331 66.30 84.92 74.00
C ASP EA 331 66.63 85.70 72.74
N ARG EA 332 67.29 85.07 71.76
CA ARG EA 332 67.64 85.79 70.54
C ARG EA 332 66.44 86.07 69.65
N TYR EA 333 65.39 85.25 69.74
CA TYR EA 333 64.22 85.45 68.91
C TYR EA 333 63.25 86.48 69.46
N LYS EA 334 63.42 86.92 70.71
CA LYS EA 334 62.49 87.88 71.28
C LYS EA 334 62.59 89.21 70.55
N THR EA 335 61.45 89.90 70.46
CA THR EA 335 61.33 91.14 69.71
C THR EA 335 61.70 92.37 70.53
N ASN EA 336 62.48 92.20 71.60
CA ASN EA 336 62.95 93.34 72.38
C ASN EA 336 64.25 92.98 73.06
N ARG EA 337 65.09 93.97 73.26
CA ARG EA 337 66.40 93.75 73.86
C ARG EA 337 66.24 93.22 75.28
N VAL EA 338 67.04 92.19 75.60
CA VAL EA 338 67.02 91.56 76.91
C VAL EA 338 68.38 91.80 77.56
N GLY EA 340 69.60 90.39 80.25
CA GLY EA 340 70.19 89.24 80.91
C GLY EA 340 69.16 88.30 81.51
N ASP EA 341 69.36 87.92 82.76
CA ASP EA 341 68.44 87.00 83.42
C ASP EA 341 67.06 87.62 83.58
N THR EA 342 66.02 86.85 83.28
CA THR EA 342 64.65 87.33 83.33
C THR EA 342 63.78 86.30 84.04
N SER EA 343 62.67 86.78 84.60
CA SER EA 343 61.67 85.94 85.24
C SER EA 343 60.35 86.09 84.51
N TYR EA 344 59.73 84.97 84.16
CA TYR EA 344 58.50 84.98 83.38
C TYR EA 344 57.29 85.09 84.30
N ILE EA 345 56.37 85.98 83.97
CA ILE EA 345 55.15 86.14 84.75
C ILE EA 345 54.02 85.29 84.19
N SER EA 346 53.93 85.17 82.87
CA SER EA 346 52.89 84.34 82.26
C SER EA 346 53.36 83.92 80.87
N MET EA 347 52.75 82.85 80.38
CA MET EA 347 53.15 82.24 79.11
C MET EA 347 51.92 81.84 78.32
N LEU EA 348 52.07 81.86 76.99
CA LEU EA 348 51.07 81.29 76.10
C LEU EA 348 51.72 81.12 74.74
N ASN EA 349 51.70 79.89 74.22
CA ASN EA 349 52.39 79.55 72.98
C ASN EA 349 51.38 79.23 71.90
N TYR EA 350 51.62 79.77 70.71
CA TYR EA 350 50.79 79.50 69.53
C TYR EA 350 51.47 78.45 68.66
N LEU EA 351 50.74 77.40 68.33
CA LEU EA 351 51.15 76.42 67.34
C LEU EA 351 50.09 76.37 66.26
N ILE EA 352 50.51 76.56 65.01
CA ILE EA 352 49.59 76.73 63.89
C ILE EA 352 50.01 75.75 62.80
N GLY EA 353 49.34 74.62 62.71
CA GLY EA 353 49.60 73.65 61.66
C GLY EA 353 48.35 72.86 61.36
N ASP EA 354 48.28 72.29 60.16
CA ASP EA 354 47.08 71.50 59.75
C ASP EA 354 46.84 70.37 60.76
N ASN EA 355 47.89 69.62 61.11
CA ASN EA 355 47.77 68.52 62.05
C ASN EA 355 48.87 68.64 63.09
N LEU EA 356 48.52 68.40 64.35
CA LEU EA 356 49.44 68.56 65.47
C LEU EA 356 49.42 67.28 66.30
N ASP EA 357 50.61 66.74 66.58
CA ASP EA 357 50.73 65.52 67.36
C ASP EA 357 50.65 65.87 68.84
N GLN EA 358 49.67 65.29 69.53
CA GLN EA 358 49.41 65.67 70.92
C GLN EA 358 50.56 65.26 71.83
N ARG EA 359 51.08 64.05 71.67
CA ARG EA 359 52.08 63.53 72.61
C ARG EA 359 53.36 64.36 72.57
N GLU EA 360 53.75 64.84 71.38
CA GLU EA 360 54.88 65.74 71.30
C GLU EA 360 54.61 67.01 72.09
N ILE EA 361 53.40 67.54 72.01
CA ILE EA 361 53.08 68.77 72.71
C ILE EA 361 53.09 68.54 74.22
N ARG EA 362 52.61 67.38 74.67
CA ARG EA 362 52.67 67.08 76.11
C ARG EA 362 54.10 67.03 76.60
N LYS EA 363 54.97 66.34 75.86
CA LYS EA 363 56.36 66.28 76.28
C LYS EA 363 57.00 67.68 76.28
N GLY EA 364 56.69 68.48 75.27
CA GLY EA 364 57.25 69.82 75.22
C GLY EA 364 56.75 70.71 76.34
N ILE EA 365 55.48 70.58 76.69
CA ILE EA 365 54.94 71.36 77.81
C ILE EA 365 55.63 70.97 79.10
N LEU EA 366 55.83 69.67 79.33
CA LEU EA 366 56.51 69.27 80.55
C LEU EA 366 57.92 69.83 80.61
N LYS EA 367 58.67 69.72 79.51
CA LYS EA 367 60.03 70.24 79.52
C LYS EA 367 60.04 71.75 79.70
N SER EA 368 59.11 72.46 79.05
CA SER EA 368 59.08 73.92 79.16
C SER EA 368 58.78 74.35 80.59
N GLN EA 369 57.86 73.64 81.26
CA GLN EA 369 57.59 73.97 82.66
C GLN EA 369 58.80 73.69 83.54
N GLN EA 370 59.53 72.60 83.28
CA GLN EA 370 60.69 72.31 84.12
C GLN EA 370 61.89 73.20 83.81
N ARG EA 371 61.90 73.89 82.66
CA ARG EA 371 63.06 74.70 82.29
C ARG EA 371 62.92 76.18 82.61
N ILE EA 372 61.71 76.72 82.59
CA ILE EA 372 61.51 78.16 82.62
C ILE EA 372 61.37 78.65 84.06
N SER EA 373 61.96 79.80 84.36
CA SER EA 373 61.96 80.36 85.71
C SER EA 373 60.78 81.30 85.87
N PHE EA 374 59.75 80.84 86.60
CA PHE EA 374 58.59 81.65 86.90
C PHE EA 374 58.81 82.40 88.21
N VAL EA 375 58.05 83.48 88.39
CA VAL EA 375 58.09 84.25 89.64
C VAL EA 375 57.40 83.43 90.72
N PRO EA 376 57.77 83.60 91.99
CA PRO EA 376 57.24 82.70 93.03
C PRO EA 376 55.73 82.68 93.16
N TRP EA 377 55.06 83.81 92.99
CA TRP EA 377 53.65 83.93 93.34
C TRP EA 377 52.71 83.63 92.18
N VAL EA 378 53.22 83.18 91.04
CA VAL EA 378 52.40 82.87 89.89
C VAL EA 378 52.18 81.36 89.84
N ALA EA 379 51.03 80.96 89.28
CA ALA EA 379 50.63 79.56 89.29
C ALA EA 379 51.60 78.65 88.56
N ARG EA 380 52.46 79.20 87.71
CA ARG EA 380 53.47 78.41 87.02
C ARG EA 380 52.82 77.43 86.04
N SER EA 381 51.99 77.98 85.14
CA SER EA 381 51.31 77.20 84.12
C SER EA 381 51.70 77.71 82.74
N VAL EA 382 51.93 76.77 81.82
CA VAL EA 382 52.25 77.07 80.43
C VAL EA 382 51.10 76.58 79.57
N LEU EA 383 50.55 77.47 78.75
CA LEU EA 383 49.36 77.19 77.95
C LEU EA 383 49.73 77.16 76.48
N VAL EA 384 49.29 76.13 75.76
CA VAL EA 384 49.59 75.95 74.34
C VAL EA 384 48.27 75.88 73.59
N VAL EA 385 48.02 76.85 72.71
CA VAL EA 385 46.81 76.84 71.90
C VAL EA 385 47.08 76.12 70.59
N HIS EA 386 46.13 75.30 70.17
CA HIS EA 386 46.28 74.49 68.96
C HIS EA 386 45.58 75.20 67.79
N GLY EA 387 46.26 76.22 67.26
CA GLY EA 387 45.71 76.96 66.15
C GLY EA 387 45.55 76.11 64.91
N LYS EA 388 44.61 76.51 64.06
CA LYS EA 388 44.33 75.83 62.81
C LYS EA 388 44.80 76.69 61.63
N LYS EA 389 45.51 76.07 60.70
CA LYS EA 389 46.02 76.80 59.54
C LYS EA 389 44.90 77.12 58.55
N SER EA 390 45.06 78.22 57.84
CA SER EA 390 44.02 78.66 56.92
C SER EA 390 43.92 77.73 55.72
N PRO EA 391 42.72 77.40 55.25
CA PRO EA 391 42.61 76.62 54.01
C PRO EA 391 43.26 77.30 52.82
N TYR EA 392 43.33 78.63 52.82
CA TYR EA 392 43.85 79.36 51.66
C TYR EA 392 45.37 79.35 51.60
N LEU EA 393 46.05 78.78 52.58
CA LEU EA 393 47.50 78.61 52.56
C LEU EA 393 47.80 77.13 52.34
N LYS EA 394 48.51 76.82 51.27
CA LYS EA 394 48.58 75.46 50.75
C LYS EA 394 49.62 74.65 51.51
N ASN EA 395 49.15 73.83 52.46
CA ASN EA 395 49.94 72.71 52.99
C ASN EA 395 51.31 73.16 53.51
N THR EA 396 51.42 74.40 53.94
CA THR EA 396 52.69 74.88 54.47
C THR EA 396 53.01 74.19 55.80
N ASN EA 397 54.30 74.06 56.08
CA ASN EA 397 54.76 73.42 57.30
C ASN EA 397 54.38 74.24 58.54
N LEU EA 398 54.59 73.63 59.70
CA LEU EA 398 54.22 74.24 60.98
C LEU EA 398 54.92 75.57 61.19
N GLU EA 399 54.21 76.50 61.83
CA GLU EA 399 54.80 77.74 62.33
C GLU EA 399 54.17 78.06 63.67
N GLY EA 400 54.86 78.89 64.46
CA GLY EA 400 54.42 79.17 65.81
C GLY EA 400 54.87 80.51 66.35
N ILE EA 401 54.06 81.11 67.23
CA ILE EA 401 54.33 82.39 67.84
C ILE EA 401 54.23 82.24 69.36
N GLN EA 402 55.12 82.91 70.08
CA GLN EA 402 55.12 82.88 71.54
C GLN EA 402 54.94 84.29 72.08
N VAL EA 403 53.99 84.44 73.00
CA VAL EA 403 53.72 85.71 73.68
C VAL EA 403 53.92 85.50 75.17
N THR EA 404 54.77 86.32 75.78
CA THR EA 404 55.13 86.16 77.18
C THR EA 404 55.01 87.48 77.92
N ASN EA 405 55.00 87.39 79.25
CA ASN EA 405 55.04 88.54 80.12
C ASN EA 405 56.25 88.38 81.03
N ASN EA 406 57.30 89.15 80.78
CA ASN EA 406 58.57 89.02 81.49
C ASN EA 406 58.79 90.22 82.41
N THR EA 407 59.78 90.07 83.27
CA THR EA 407 60.29 91.18 84.06
C THR EA 407 61.41 91.93 83.37
N SER EA 408 61.69 91.59 82.11
CA SER EA 408 62.71 92.30 81.35
C SER EA 408 62.30 93.72 81.01
N MET EA 409 61.04 94.09 81.23
CA MET EA 409 60.60 95.45 80.93
C MET EA 409 61.37 96.48 81.75
N ILE EA 410 61.93 96.09 82.89
CA ILE EA 410 62.63 97.05 83.73
C ILE EA 410 63.85 97.59 83.01
N ASP EA 411 64.53 96.76 82.21
CA ASP EA 411 65.74 97.21 81.54
C ASP EA 411 65.43 98.31 80.53
N VAL EA 412 64.43 98.09 79.67
CA VAL EA 412 64.13 99.07 78.63
C VAL EA 412 63.56 100.34 79.24
N PHE EA 413 62.72 100.21 80.27
CA PHE EA 413 62.17 101.39 80.92
C PHE EA 413 63.27 102.17 81.63
N THR EA 414 64.21 101.46 82.26
CA THR EA 414 65.34 102.14 82.87
C THR EA 414 66.17 102.88 81.81
N LYS EA 415 66.38 102.26 80.65
CA LYS EA 415 67.10 102.93 79.59
C LYS EA 415 66.40 104.22 79.17
N ILE EA 416 65.08 104.14 79.00
CA ILE EA 416 64.32 105.33 78.60
C ILE EA 416 64.43 106.41 79.67
N LEU EA 417 64.30 106.02 80.94
CA LEU EA 417 64.37 106.99 82.03
C LEU EA 417 65.76 107.62 82.11
N LYS EA 418 66.81 106.83 81.91
CA LYS EA 418 68.17 107.38 81.94
C LYS EA 418 68.34 108.41 80.83
N GLN EA 419 67.88 108.09 79.62
CA GLN EA 419 67.97 109.06 78.54
C GLN EA 419 67.18 110.32 78.86
N PHE EA 420 65.98 110.15 79.43
CA PHE EA 420 65.13 111.29 79.73
C PHE EA 420 65.78 112.19 80.78
N ASP EA 421 66.33 111.60 81.83
CA ASP EA 421 67.00 112.40 82.85
C ASP EA 421 68.23 113.10 82.28
N LEU EA 422 69.03 112.39 81.47
CA LEU EA 422 70.21 113.01 80.89
C LEU EA 422 69.83 114.21 80.04
N LEU EA 423 68.75 114.10 79.28
CA LEU EA 423 68.34 115.18 78.39
C LEU EA 423 67.40 116.19 79.04
N ILE EA 424 66.99 115.96 80.29
CA ILE EA 424 66.12 116.90 80.98
C ILE EA 424 66.97 117.80 81.87
N LYS EA 425 68.07 117.28 82.42
CA LYS EA 425 68.97 118.16 83.14
C LYS EA 425 69.58 119.20 82.20
N ARG EA 426 69.90 118.81 80.98
CA ARG EA 426 70.38 119.74 79.95
C ARG EA 426 69.18 120.27 79.18
N LYS EA 427 68.93 121.57 79.27
CA LYS EA 427 67.84 122.21 78.53
C LYS EA 427 68.27 122.34 77.08
N ALA EA 428 68.24 121.20 76.36
CA ALA EA 428 68.73 121.17 75.00
C ALA EA 428 67.70 121.73 74.01
N TYR EA 429 66.52 121.13 73.97
CA TYR EA 429 65.51 121.47 72.96
C TYR EA 429 64.16 121.84 73.56
N LEU EA 430 64.12 122.16 74.86
CA LEU EA 430 62.85 122.50 75.51
C LEU EA 430 62.29 123.83 75.04
N ASN EA 431 63.08 124.64 74.33
CA ASN EA 431 62.57 125.90 73.82
C ASN EA 431 61.46 125.69 72.81
N ARG EA 432 61.48 124.57 72.09
CA ARG EA 432 60.43 124.23 71.14
C ARG EA 432 59.11 123.91 71.81
N TYR EA 433 59.10 123.68 73.13
CA TYR EA 433 57.89 123.35 73.86
C TYR EA 433 57.51 124.40 74.91
N TYR EA 434 58.48 125.02 75.56
CA TYR EA 434 58.21 126.03 76.59
C TYR EA 434 58.06 127.38 75.88
N SER EA 435 56.82 127.88 75.82
CA SER EA 435 56.53 129.14 75.14
C SER EA 435 56.49 130.34 76.07
N SER EA 436 56.13 130.14 77.33
CA SER EA 436 56.01 131.24 78.28
C SER EA 436 56.13 130.67 79.69
N VAL EA 437 55.92 131.54 80.70
CA VAL EA 437 56.03 131.10 82.09
C VAL EA 437 54.97 130.05 82.39
N GLU EA 438 53.72 130.30 81.97
CA GLU EA 438 52.66 129.33 82.20
C GLU EA 438 52.93 128.05 81.42
N GLU EA 439 53.48 128.16 80.21
CA GLU EA 439 53.84 126.97 79.45
C GLU EA 439 54.99 126.23 80.12
N GLU EA 440 55.95 126.97 80.69
CA GLU EA 440 57.04 126.33 81.40
C GLU EA 440 56.52 125.52 82.57
N ASN EA 441 55.63 126.10 83.37
CA ASN EA 441 55.08 125.39 84.52
C ASN EA 441 54.26 124.19 84.08
N GLU EA 442 53.47 124.36 83.01
CA GLU EA 442 52.63 123.26 82.52
C GLU EA 442 53.50 122.09 82.08
N VAL EA 443 54.53 122.37 81.27
CA VAL EA 443 55.37 121.29 80.77
C VAL EA 443 56.15 120.65 81.91
N MET EA 444 56.58 121.46 82.88
CA MET EA 444 57.33 120.89 84.01
C MET EA 444 56.45 119.94 84.82
N GLU EA 445 55.22 120.34 85.13
CA GLU EA 445 54.36 119.45 85.91
C GLU EA 445 53.99 118.21 85.11
N MET EA 446 53.73 118.36 83.81
CA MET EA 446 53.42 117.21 82.98
C MET EA 446 54.59 116.23 82.94
N PHE EA 447 55.80 116.75 82.77
CA PHE EA 447 56.98 115.89 82.68
C PHE EA 447 57.21 115.19 84.02
N ASN EA 448 57.02 115.91 85.12
CA ASN EA 448 57.19 115.30 86.43
C ASN EA 448 56.20 114.17 86.64
N GLU EA 449 54.95 114.38 86.25
CA GLU EA 449 53.96 113.32 86.41
C GLU EA 449 54.32 112.10 85.56
N SER EA 450 54.75 112.33 84.31
CA SER EA 450 55.13 111.19 83.46
C SER EA 450 56.31 110.43 84.06
N ARG EA 451 57.32 111.15 84.54
CA ARG EA 451 58.48 110.51 85.12
C ARG EA 451 58.10 109.71 86.35
N GLU EA 452 57.22 110.27 87.20
CA GLU EA 452 56.80 109.55 88.39
C GLU EA 452 56.02 108.29 88.04
N SER EA 453 55.16 108.36 87.03
CA SER EA 453 54.41 107.16 86.63
C SER EA 453 55.35 106.07 86.12
N VAL EA 454 56.34 106.46 85.31
CA VAL EA 454 57.27 105.46 84.80
C VAL EA 454 58.07 104.83 85.94
N LYS EA 455 58.51 105.66 86.90
CA LYS EA 455 59.21 105.09 88.06
C LYS EA 455 58.29 104.16 88.84
N SER EA 456 57.02 104.50 88.95
CA SER EA 456 56.08 103.66 89.67
C SER EA 456 55.96 102.29 89.01
N ILE EA 457 55.89 102.26 87.68
CA ILE EA 457 55.76 100.97 87.02
C ILE EA 457 57.06 100.18 87.12
N ILE EA 458 58.21 100.87 87.10
CA ILE EA 458 59.48 100.16 87.27
C ILE EA 458 59.54 99.54 88.66
N ASP EA 459 59.15 100.29 89.68
CA ASP EA 459 59.17 99.75 91.03
C ASP EA 459 58.21 98.58 91.20
N GLU EA 460 57.02 98.68 90.57
CA GLU EA 460 56.09 97.56 90.62
C GLU EA 460 56.68 96.32 89.98
N TYR EA 461 57.29 96.44 88.79
CA TYR EA 461 57.89 95.28 88.07
C TYR EA 461 59.07 94.71 88.88
N LYS EA 462 59.79 95.57 89.61
CA LYS EA 462 60.95 95.14 90.46
C LYS EA 462 60.43 94.42 91.70
N ALA EA 463 59.32 94.89 92.31
CA ALA EA 463 58.74 94.24 93.47
C ALA EA 463 58.08 92.92 93.10
N CYS EA 464 57.67 92.76 91.84
CA CYS EA 464 57.14 91.47 91.42
C CYS EA 464 58.20 90.38 91.50
N LYS EA 465 59.47 90.73 91.25
CA LYS EA 465 60.52 89.71 91.20
C LYS EA 465 60.74 89.07 92.57
N GLU EA 466 60.73 89.85 93.63
CA GLU EA 466 61.08 89.33 94.95
C GLU EA 466 59.97 88.44 95.50
N ILE EA 467 60.28 87.73 96.58
CA ILE EA 467 59.35 86.75 97.15
C ILE EA 467 58.37 87.36 98.14
N THR EA 468 58.65 88.56 98.66
CA THR EA 468 57.78 89.21 99.63
C THR EA 468 56.72 90.07 98.97
N TYR EA 469 56.37 89.78 97.72
CA TYR EA 469 55.42 90.62 96.99
C TYR EA 469 54.05 90.62 97.65
N LEU EA 470 53.59 89.46 98.11
CA LEU EA 470 52.28 89.33 98.71
C LEU EA 470 52.26 89.63 100.20
N ASP EA 471 53.41 89.88 100.80
CA ASP EA 471 53.48 90.14 102.24
C ASP EA 471 53.20 91.60 102.53
N ASP EA 472 52.55 91.83 103.68
CA ASP EA 472 52.20 93.17 104.11
C ASP EA 472 53.27 93.80 105.00
N ASP EA 473 54.39 93.11 105.22
CA ASP EA 473 55.46 93.63 106.06
C ASP EA 473 56.01 94.93 105.50
N GLY FA 3 -6.41 111.07 45.56
CA GLY FA 3 -6.30 112.55 45.41
C GLY FA 3 -5.25 112.95 44.38
N GLU FA 4 -5.21 114.23 44.04
CA GLU FA 4 -4.29 114.77 43.06
C GLU FA 4 -3.49 115.90 43.68
N THR FA 5 -2.28 116.12 43.18
CA THR FA 5 -1.38 117.14 43.68
C THR FA 5 -0.98 118.08 42.56
N ILE FA 6 -1.09 119.38 42.80
CA ILE FA 6 -0.71 120.41 41.84
C ILE FA 6 0.57 121.07 42.33
N THR FA 7 1.57 121.17 41.46
CA THR FA 7 2.86 121.74 41.80
C THR FA 7 2.97 123.14 41.22
N LEU FA 8 3.39 124.09 42.04
CA LEU FA 8 3.60 125.46 41.62
C LEU FA 8 5.04 125.84 41.90
N GLN FA 9 5.71 126.43 40.92
CA GLN FA 9 7.10 126.83 41.04
C GLN FA 9 7.22 128.33 40.78
N VAL FA 10 7.80 129.05 41.73
CA VAL FA 10 7.92 130.50 41.66
C VAL FA 10 9.38 130.88 41.88
N GLY FA 11 9.89 131.76 41.04
CA GLY FA 11 11.24 132.27 41.19
C GLY FA 11 12.26 131.44 40.42
N GLN FA 12 13.44 132.03 40.24
CA GLN FA 12 14.51 131.34 39.52
C GLN FA 12 14.95 130.08 40.26
N CYS FA 13 15.13 130.18 41.58
CA CYS FA 13 15.53 129.01 42.37
C CYS FA 13 14.42 127.97 42.34
N GLY FA 14 13.17 128.40 42.45
CA GLY FA 14 12.07 127.44 42.40
C GLY FA 14 12.02 126.71 41.08
N ASN FA 15 12.20 127.43 39.97
CA ASN FA 15 12.19 126.79 38.66
C ASN FA 15 13.36 125.82 38.51
N GLN FA 16 14.54 126.22 38.99
CA GLN FA 16 15.70 125.34 38.90
C GLN FA 16 15.47 124.05 39.67
N VAL FA 17 14.88 124.15 40.86
CA VAL FA 17 14.59 122.95 41.63
C VAL FA 17 13.51 122.11 40.96
N GLY FA 18 12.45 122.77 40.47
CA GLY FA 18 11.33 122.03 39.92
C GLY FA 18 11.68 121.28 38.65
N LEU FA 19 12.59 121.83 37.84
CA LEU FA 19 12.98 121.14 36.63
C LEU FA 19 13.57 119.77 36.96
N GLN FA 20 14.50 119.72 37.92
CA GLN FA 20 15.11 118.47 38.30
C GLN FA 20 14.14 117.58 39.06
N TYR FA 21 13.23 118.18 39.82
CA TYR FA 21 12.20 117.40 40.51
C TYR FA 21 11.33 116.64 39.50
N TRP FA 22 10.91 117.33 38.44
CA TRP FA 22 10.07 116.68 37.43
C TRP FA 22 10.86 115.70 36.60
N GLN FA 23 12.13 115.99 36.30
CA GLN FA 23 12.94 115.00 35.59
C GLN FA 23 13.15 113.75 36.44
N GLN FA 24 13.33 113.91 37.75
CA GLN FA 24 13.44 112.78 38.64
C GLN FA 24 12.18 111.93 38.59
N LEU FA 25 11.01 112.56 38.75
CA LEU FA 25 9.76 111.80 38.73
C LEU FA 25 9.57 111.10 37.39
N ALA FA 26 9.88 111.79 36.29
CA ALA FA 26 9.73 111.19 34.98
C ALA FA 26 10.63 109.98 34.82
N THR FA 27 11.85 110.07 35.34
CA THR FA 27 12.76 108.92 35.30
C THR FA 27 12.20 107.75 36.10
N GLU FA 28 11.68 108.02 37.30
CA GLU FA 28 11.18 106.92 38.12
C GLU FA 28 9.99 106.24 37.46
N HIS FA 29 9.09 107.02 36.86
CA HIS FA 29 7.89 106.43 36.25
C HIS FA 29 8.10 106.03 34.79
N GLY FA 30 9.31 106.14 34.27
CA GLY FA 30 9.56 105.69 32.91
C GLY FA 30 8.92 106.54 31.84
N ILE FA 31 8.57 107.77 32.16
CA ILE FA 31 7.98 108.69 31.19
C ILE FA 31 9.11 109.49 30.55
N GLN FA 32 9.23 109.36 29.23
CA GLN FA 32 10.31 110.03 28.52
C GLN FA 32 10.04 111.54 28.44
N SER FA 33 11.07 112.29 28.05
CA SER FA 33 10.96 113.75 28.03
C SER FA 33 9.92 114.24 27.04
N ASP FA 34 9.55 113.42 26.05
CA ASP FA 34 8.54 113.82 25.07
C ASP FA 34 7.12 113.46 25.49
N GLY FA 35 6.94 112.92 26.69
CA GLY FA 35 5.63 112.52 27.17
C GLY FA 35 5.22 111.11 26.84
N SER FA 36 6.00 110.39 26.03
CA SER FA 36 5.67 109.02 25.70
C SER FA 36 5.92 108.10 26.89
N SER FA 37 5.04 107.13 27.09
CA SER FA 37 5.14 106.21 28.21
C SER FA 37 5.92 104.96 27.79
N THR FA 38 6.54 104.32 28.78
CA THR FA 38 7.30 103.10 28.54
C THR FA 38 6.54 101.89 29.05
N PRO FA 39 6.54 100.76 28.34
CA PRO FA 39 5.82 99.58 28.84
C PRO FA 39 6.34 99.16 30.21
N TYR FA 40 5.43 98.73 31.06
CA TYR FA 40 5.76 98.42 32.45
C TYR FA 40 6.49 97.08 32.52
N PRO FA 41 7.66 97.03 33.15
CA PRO FA 41 8.34 95.74 33.31
C PRO FA 41 7.59 94.82 34.25
N LYS FA 42 7.76 93.52 34.05
CA LYS FA 42 7.07 92.55 34.87
C LYS FA 42 7.51 92.67 36.33
N ASP FA 43 6.58 92.38 37.23
CA ASP FA 43 6.85 92.54 38.66
C ASP FA 43 7.90 91.54 39.13
N ILE FA 44 8.65 91.93 40.15
CA ILE FA 44 9.77 91.13 40.64
C ILE FA 44 9.33 90.12 41.68
N ASN FA 45 8.44 90.50 42.58
CA ASN FA 45 7.95 89.60 43.63
C ASN FA 45 6.73 88.80 43.20
N ASP FA 46 6.26 88.98 41.96
CA ASP FA 46 5.17 88.18 41.42
C ASP FA 46 5.74 86.94 40.74
N LEU FA 47 6.15 85.99 41.57
CA LEU FA 47 6.82 84.80 41.08
C LEU FA 47 5.91 84.00 40.14
N GLN FA 48 6.53 83.23 39.25
CA GLN FA 48 5.80 82.49 38.24
C GLN FA 48 6.43 81.12 38.02
N LEU FA 49 5.61 80.20 37.51
CA LEU FA 49 6.07 78.87 37.14
C LEU FA 49 7.06 78.94 35.98
N GLN FA 50 8.09 78.09 36.04
CA GLN FA 50 9.13 78.09 35.02
C GLN FA 50 9.68 76.68 34.82
N GLU FA 51 10.07 76.38 33.58
CA GLU FA 51 10.83 75.18 33.30
C GLU FA 51 12.29 75.38 33.66
N LEU FA 52 12.95 74.31 34.11
CA LEU FA 52 14.37 74.37 34.42
C LEU FA 52 15.03 73.00 34.37
N GLY FA 70 -0.55 95.85 27.68
CA GLY FA 70 0.56 96.78 27.65
C GLY FA 70 0.34 97.97 28.55
N LYS FA 71 -0.94 98.35 28.71
CA LYS FA 71 -1.30 99.48 29.56
C LYS FA 71 -1.37 99.10 31.03
N TYR FA 72 -1.19 97.83 31.37
CA TYR FA 72 -1.35 97.38 32.74
C TYR FA 72 -0.23 97.94 33.62
N ARG FA 73 -0.60 98.46 34.79
CA ARG FA 73 0.35 99.05 35.71
C ARG FA 73 -0.11 98.76 37.14
N ASN FA 74 0.82 98.85 38.08
CA ASN FA 74 0.52 98.72 39.49
C ASN FA 74 1.07 99.88 40.31
N ASP FA 75 1.38 101.00 39.66
CA ASP FA 75 1.76 102.23 40.33
C ASP FA 75 0.73 103.30 40.01
N HIS FA 76 0.96 104.51 40.52
CA HIS FA 76 0.03 105.63 40.38
C HIS FA 76 0.77 106.87 39.88
N PRO FA 77 1.20 106.87 38.63
CA PRO FA 77 1.90 108.05 38.11
C PRO FA 77 0.95 109.19 37.81
N GLU FA 78 -0.31 108.85 37.50
CA GLU FA 78 -1.29 109.87 37.13
C GLU FA 78 -1.67 110.76 38.30
N LEU FA 79 -1.25 110.42 39.51
CA LEU FA 79 -1.46 111.31 40.64
C LEU FA 79 -0.76 112.65 40.45
N PHE FA 80 0.25 112.71 39.59
CA PHE FA 80 0.99 113.93 39.30
C PHE FA 80 0.90 114.36 37.85
N PHE FA 81 0.91 113.41 36.92
CA PHE FA 81 0.87 113.70 35.50
C PHE FA 81 -0.55 113.50 34.97
N THR FA 82 -0.97 114.40 34.08
CA THR FA 82 -2.28 114.28 33.44
C THR FA 82 -2.15 113.36 32.23
N LEU FA 83 -2.87 112.24 32.26
CA LEU FA 83 -2.81 111.25 31.19
C LEU FA 83 -3.79 111.65 30.10
N SER FA 84 -3.27 112.05 28.95
CA SER FA 84 -4.10 112.49 27.84
C SER FA 84 -4.71 111.28 27.13
N ASP FA 85 -5.68 111.56 26.26
CA ASP FA 85 -6.34 110.49 25.52
C ASP FA 85 -5.39 109.78 24.54
N SER FA 86 -4.26 110.41 24.21
CA SER FA 86 -3.31 109.84 23.26
C SER FA 86 -2.14 109.16 23.96
N ASN FA 87 -2.31 108.74 25.21
CA ASN FA 87 -1.26 108.06 25.96
C ASN FA 87 -0.01 108.92 26.08
N THR FA 88 -0.21 110.20 26.39
CA THR FA 88 0.89 111.13 26.63
C THR FA 88 0.70 111.77 27.99
N TYR FA 89 1.76 111.75 28.80
CA TYR FA 89 1.71 112.33 30.13
C TYR FA 89 2.13 113.79 30.10
N THR FA 90 1.65 114.56 31.07
CA THR FA 90 1.97 115.96 31.15
C THR FA 90 1.91 116.36 32.62
N PRO FA 91 2.96 117.00 33.16
CA PRO FA 91 2.93 117.33 34.58
C PRO FA 91 1.85 118.33 34.93
N ARG FA 92 1.40 118.26 36.18
CA ARG FA 92 0.45 119.23 36.73
C ARG FA 92 1.17 120.42 37.34
N SER FA 93 2.03 121.06 36.55
CA SER FA 93 2.90 122.12 37.05
C SER FA 93 2.47 123.48 36.50
N ILE FA 94 2.76 124.52 37.27
CA ILE FA 94 2.53 125.90 36.86
C ILE FA 94 3.80 126.68 37.14
N LEU FA 95 4.34 127.31 36.11
CA LEU FA 95 5.60 128.05 36.21
C LEU FA 95 5.32 129.53 36.22
N ILE FA 96 5.71 130.21 37.29
CA ILE FA 96 5.46 131.64 37.48
C ILE FA 96 6.79 132.32 37.77
N ASP FA 97 7.14 133.31 36.96
CA ASP FA 97 8.35 134.11 37.15
C ASP FA 97 8.30 135.26 36.14
N MET FA 98 9.38 136.03 36.08
CA MET FA 98 9.50 137.15 35.17
C MET FA 98 10.64 136.99 34.16
N GLU FA 99 11.78 136.48 34.59
CA GLU FA 99 12.90 136.24 33.67
C GLU FA 99 12.60 135.03 32.79
N PRO FA 100 12.63 135.15 31.46
CA PRO FA 100 12.28 134.01 30.62
C PRO FA 100 13.41 133.03 30.34
N SER FA 101 14.66 133.35 30.71
CA SER FA 101 15.76 132.44 30.39
C SER FA 101 15.62 131.11 31.11
N VAL FA 102 15.29 131.15 32.40
CA VAL FA 102 15.16 129.91 33.16
C VAL FA 102 13.99 129.08 32.65
N ILE FA 103 12.89 129.74 32.28
CA ILE FA 103 11.74 129.00 31.75
C ILE FA 103 12.09 128.39 30.40
N ALA FA 104 12.84 129.12 29.57
CA ALA FA 104 13.27 128.56 28.29
C ALA FA 104 14.13 127.33 28.50
N LYS FA 105 15.07 127.39 29.45
CA LYS FA 105 15.91 126.24 29.71
C LYS FA 105 15.08 125.06 30.21
N SER FA 106 14.12 125.33 31.12
CA SER FA 106 13.30 124.27 31.67
C SER FA 106 12.45 123.61 30.59
N THR FA 107 11.84 124.42 29.73
CA THR FA 107 11.00 123.86 28.67
C THR FA 107 11.83 123.09 27.66
N SER FA 108 13.01 123.60 27.31
CA SER FA 108 13.87 122.88 26.38
C SER FA 108 14.29 121.53 26.96
N ALA FA 109 14.65 121.51 28.25
CA ALA FA 109 15.03 120.25 28.87
C ALA FA 109 13.86 119.26 28.89
N LEU FA 110 12.65 119.75 29.18
CA LEU FA 110 11.45 118.93 29.27
C LEU FA 110 10.39 119.49 28.34
N PRO FA 111 10.34 119.06 27.07
CA PRO FA 111 9.27 119.53 26.19
C PRO FA 111 7.89 119.14 26.65
N MET FA 112 7.76 118.15 27.55
CA MET FA 112 6.45 117.71 28.01
C MET FA 112 5.69 118.80 28.73
N PHE FA 113 6.38 119.82 29.25
CA PHE FA 113 5.68 120.89 29.94
C PHE FA 113 4.71 121.59 29.00
N ASN FA 114 3.52 121.86 29.51
CA ASN FA 114 2.48 122.51 28.70
C ASN FA 114 2.83 123.99 28.53
N PRO FA 115 2.97 124.48 27.30
CA PRO FA 115 3.27 125.91 27.13
C PRO FA 115 2.21 126.82 27.72
N ARG FA 116 0.93 126.40 27.67
CA ARG FA 116 -0.22 127.16 28.24
C ARG FA 116 0.01 127.44 29.72
N ASN FA 117 0.71 126.54 30.45
CA ASN FA 117 0.87 126.65 31.89
C ASN FA 117 1.94 127.64 32.31
N VAL FA 118 2.70 128.19 31.37
CA VAL FA 118 3.78 129.12 31.68
C VAL FA 118 3.22 130.53 31.74
N HIS FA 119 3.58 131.26 32.79
CA HIS FA 119 3.23 132.66 32.93
C HIS FA 119 4.52 133.48 33.03
N LEU FA 120 4.62 134.52 32.21
CA LEU FA 120 5.80 135.38 32.17
C LEU FA 120 5.37 136.83 32.30
N SER FA 121 6.13 137.59 33.09
CA SER FA 121 5.86 139.02 33.25
C SER FA 121 6.52 139.80 32.12
N ASN FA 129 13.32 143.19 42.74
CA ASN FA 129 14.15 142.95 43.92
C ASN FA 129 13.38 143.26 45.19
N ASN FA 130 12.66 144.39 45.18
CA ASN FA 130 11.86 144.77 46.32
C ASN FA 130 10.66 143.84 46.48
N TRP FA 131 10.44 143.39 47.71
CA TRP FA 131 9.31 142.51 47.97
C TRP FA 131 7.99 143.21 47.69
N ILE FA 132 7.89 144.49 48.09
CA ILE FA 132 6.65 145.22 47.91
C ILE FA 132 6.28 145.31 46.44
N ASN FA 133 7.27 145.56 45.58
CA ASN FA 133 6.98 145.69 44.15
C ASN FA 133 6.43 144.39 43.57
N GLY FA 134 7.04 143.25 43.94
CA GLY FA 134 6.53 141.97 43.47
C GLY FA 134 5.15 141.66 44.02
N TYR FA 135 4.90 142.00 45.28
CA TYR FA 135 3.59 141.77 45.88
C TYR FA 135 2.52 142.60 45.17
N LYS FA 136 2.84 143.86 44.87
CA LYS FA 136 1.87 144.71 44.18
C LYS FA 136 1.65 144.23 42.75
N TYR FA 137 2.71 143.76 42.09
CA TYR FA 137 2.55 143.19 40.76
C TYR FA 137 1.65 141.97 40.79
N GLY FA 138 1.83 141.11 41.78
CA GLY FA 138 0.95 139.95 41.92
C GLY FA 138 -0.49 140.36 42.17
N THR FA 139 -0.68 141.41 42.96
CA THR FA 139 -2.04 141.89 43.22
C THR FA 139 -2.69 142.43 41.95
N GLU FA 140 -1.96 143.23 41.17
CA GLU FA 140 -2.56 143.84 39.99
C GLU FA 140 -2.94 142.78 38.96
N GLU FA 141 -2.08 141.79 38.75
CA GLU FA 141 -2.30 140.75 37.76
C GLU FA 141 -2.82 139.46 38.37
N GLU FA 142 -3.59 139.57 39.45
CA GLU FA 142 -4.04 138.38 40.16
C GLU FA 142 -5.08 137.60 39.35
N GLU FA 143 -5.86 138.29 38.52
CA GLU FA 143 -6.93 137.61 37.80
C GLU FA 143 -6.38 136.57 36.82
N THR FA 144 -5.30 136.90 36.11
CA THR FA 144 -4.74 135.95 35.15
C THR FA 144 -4.18 134.72 35.85
N LEU FA 145 -3.41 134.93 36.92
CA LEU FA 145 -2.86 133.80 37.65
C LEU FA 145 -3.98 132.95 38.23
N LEU FA 146 -5.03 133.59 38.73
CA LEU FA 146 -6.16 132.85 39.27
C LEU FA 146 -6.86 132.03 38.19
N ASN FA 147 -7.00 132.59 37.00
CA ASN FA 147 -7.58 131.83 35.91
C ASN FA 147 -6.73 130.60 35.60
N LEU FA 148 -5.40 130.75 35.64
CA LEU FA 148 -4.53 129.61 35.40
C LEU FA 148 -4.70 128.53 36.48
N ILE FA 149 -4.78 128.95 37.75
CA ILE FA 149 -4.97 127.97 38.82
C ILE FA 149 -6.28 127.24 38.64
N ASP FA 150 -7.35 127.97 38.30
CA ASP FA 150 -8.64 127.33 38.09
C ASP FA 150 -8.61 126.38 36.90
N ARG FA 151 -7.89 126.74 35.83
CA ARG FA 151 -7.77 125.84 34.70
C ARG FA 151 -7.09 124.54 35.11
N GLU FA 152 -6.01 124.63 35.88
CA GLU FA 152 -5.33 123.42 36.31
C GLU FA 152 -6.22 122.59 37.23
N VAL FA 153 -6.97 123.24 38.13
CA VAL FA 153 -7.82 122.50 39.04
C VAL FA 153 -8.93 121.78 38.28
N ASP FA 154 -9.47 122.41 37.22
CA ASP FA 154 -10.57 121.81 36.50
C ASP FA 154 -10.19 120.46 35.90
N LYS FA 155 -8.91 120.25 35.59
CA LYS FA 155 -8.47 118.96 35.09
C LYS FA 155 -8.30 117.93 36.20
N CYS FA 156 -8.46 118.31 37.46
CA CYS FA 156 -8.26 117.43 38.60
C CYS FA 156 -9.60 117.10 39.22
N ASP FA 157 -9.84 115.80 39.47
CA ASP FA 157 -11.00 115.33 40.17
C ASP FA 157 -10.59 114.89 41.57
N ASN FA 158 -11.30 115.38 42.59
CA ASN FA 158 -10.97 115.09 43.98
C ASN FA 158 -9.55 115.55 44.31
N LEU FA 159 -9.34 116.86 44.19
CA LEU FA 159 -8.04 117.44 44.49
C LEU FA 159 -7.68 117.23 45.95
N SER FA 160 -6.39 117.08 46.21
CA SER FA 160 -5.89 116.80 47.56
C SER FA 160 -5.10 117.95 48.15
N ASN FA 161 -4.05 118.42 47.47
CA ASN FA 161 -3.19 119.43 48.05
C ASN FA 161 -2.42 120.15 46.95
N PHE FA 162 -1.80 121.27 47.32
CA PHE FA 162 -0.94 122.03 46.45
C PHE FA 162 0.50 121.94 46.96
N GLN FA 163 1.45 121.93 46.03
CA GLN FA 163 2.87 121.94 46.36
C GLN FA 163 3.49 123.21 45.80
N LEU FA 164 4.26 123.91 46.63
CA LEU FA 164 4.87 125.17 46.25
C LEU FA 164 6.38 125.04 46.34
N PHE FA 165 7.08 125.43 45.27
CA PHE FA 165 8.54 125.47 45.24
C PHE FA 165 8.96 126.91 45.04
N HIS FA 166 9.46 127.53 46.10
CA HIS FA 166 9.85 128.93 46.02
C HIS FA 166 10.92 129.22 47.06
N SER FA 167 11.62 130.33 46.86
CA SER FA 167 12.67 130.77 47.77
C SER FA 167 12.13 131.89 48.65
N VAL FA 168 12.40 131.80 49.96
CA VAL FA 168 11.88 132.78 50.88
C VAL FA 168 12.43 134.16 50.55
N ALA FA 169 13.72 134.25 50.23
CA ALA FA 169 14.36 135.48 49.84
C ALA FA 169 14.98 135.31 48.46
N GLY FA 170 15.03 136.40 47.70
CA GLY FA 170 15.59 136.35 46.36
C GLY FA 170 14.91 137.27 45.37
N GLY FA 171 13.77 137.85 45.75
CA GLY FA 171 13.10 138.79 44.87
C GLY FA 171 11.76 138.31 44.33
N THR FA 172 11.73 137.96 43.04
CA THR FA 172 10.47 137.59 42.41
C THR FA 172 9.78 136.48 43.19
N GLY FA 173 10.56 135.48 43.62
CA GLY FA 173 9.96 134.35 44.30
C GLY FA 173 9.23 134.75 45.57
N SER FA 174 9.83 135.63 46.37
CA SER FA 174 9.23 135.99 47.64
C SER FA 174 7.85 136.61 47.44
N GLY FA 175 7.81 137.74 46.73
CA GLY FA 175 6.55 138.46 46.58
C GLY FA 175 5.52 137.67 45.82
N VAL FA 176 5.92 137.06 44.69
CA VAL FA 176 4.93 136.37 43.86
C VAL FA 176 4.41 135.14 44.59
N GLY FA 177 5.29 134.38 45.25
CA GLY FA 177 4.84 133.23 46.00
C GLY FA 177 3.97 133.60 47.18
N SER FA 178 4.27 134.70 47.86
CA SER FA 178 3.43 135.13 48.97
C SER FA 178 2.03 135.50 48.48
N LYS FA 179 1.96 136.24 47.38
CA LYS FA 179 0.64 136.63 46.86
C LYS FA 179 -0.13 135.42 46.38
N MET FA 180 0.54 134.48 45.69
CA MET FA 180 -0.12 133.25 45.28
C MET FA 180 -0.56 132.44 46.49
N LEU FA 181 0.23 132.43 47.56
CA LEU FA 181 -0.16 131.74 48.77
C LEU FA 181 -1.47 132.29 49.30
N GLU FA 182 -1.56 133.61 49.43
CA GLU FA 182 -2.80 134.20 49.93
C GLU FA 182 -3.96 133.92 48.99
N VAL FA 183 -3.74 134.06 47.69
CA VAL FA 183 -4.81 133.89 46.71
C VAL FA 183 -5.35 132.48 46.78
N ILE FA 184 -4.47 131.48 46.78
CA ILE FA 184 -4.93 130.09 46.81
C ILE FA 184 -5.58 129.78 48.15
N SER FA 185 -5.05 130.33 49.24
CA SER FA 185 -5.61 130.04 50.55
C SER FA 185 -7.05 130.53 50.67
N ASP FA 186 -7.34 131.72 50.13
CA ASP FA 186 -8.65 132.31 50.31
C ASP FA 186 -9.61 132.05 49.15
N ARG FA 187 -9.14 131.60 48.00
CA ARG FA 187 -10.04 131.33 46.88
C ARG FA 187 -10.76 130.00 46.98
N TYR FA 188 -10.21 129.04 47.73
CA TYR FA 188 -10.80 127.72 47.86
C TYR FA 188 -11.29 127.44 49.28
N GLY FA 189 -11.30 128.45 50.16
CA GLY FA 189 -11.79 128.31 51.55
C GLY FA 189 -10.91 127.43 52.41
N HIS FA 190 -9.62 127.26 52.09
CA HIS FA 190 -8.65 126.47 52.91
C HIS FA 190 -9.13 125.01 53.04
N LYS FA 191 -9.95 124.51 52.12
CA LYS FA 191 -10.55 123.15 52.22
C LYS FA 191 -9.52 122.09 51.79
N LYS FA 192 -8.38 122.47 51.18
CA LYS FA 192 -7.31 121.56 50.82
C LYS FA 192 -6.01 122.05 51.45
N LEU FA 193 -5.26 121.13 52.03
CA LEU FA 193 -4.00 121.51 52.65
C LEU FA 193 -3.01 121.97 51.59
N LEU FA 194 -2.04 122.78 52.02
CA LEU FA 194 -1.12 123.44 51.11
C LEU FA 194 0.29 123.35 51.69
N ASN FA 195 1.14 122.53 51.07
CA ASN FA 195 2.50 122.36 51.53
C ASN FA 195 3.36 123.55 51.07
N THR FA 196 4.64 123.50 51.38
CA THR FA 196 5.56 124.57 50.99
C THR FA 196 6.98 124.05 51.09
N PHE FA 197 7.66 123.92 49.96
CA PHE FA 197 9.05 123.50 49.92
C PHE FA 197 9.98 124.72 49.86
N SER FA 198 9.87 125.55 50.90
CA SER FA 198 10.60 126.81 50.94
C SER FA 198 12.11 126.55 51.07
N ILE FA 199 12.89 127.41 50.43
CA ILE FA 199 14.35 127.38 50.51
C ILE FA 199 14.79 128.67 51.19
N PHE FA 200 15.48 128.54 52.30
CA PHE FA 200 15.90 129.74 53.00
C PHE FA 200 17.22 130.26 52.45
N PRO FA 201 17.45 131.58 52.50
CA PRO FA 201 18.71 132.12 52.00
C PRO FA 201 19.89 131.72 52.88
N SER FA 202 21.07 131.70 52.28
CA SER FA 202 22.29 131.36 53.00
C SER FA 202 22.75 132.54 53.86
N VAL FA 209 22.69 140.79 51.29
CA VAL FA 209 22.29 142.08 50.75
C VAL FA 209 21.27 142.72 51.69
N VAL FA 210 21.21 144.05 51.69
CA VAL FA 210 20.43 144.77 52.69
C VAL FA 210 18.96 144.39 52.63
N VAL FA 211 18.46 143.99 51.46
CA VAL FA 211 17.03 143.72 51.30
C VAL FA 211 16.65 142.29 51.69
N GLN FA 212 17.61 141.38 51.79
CA GLN FA 212 17.27 139.97 51.99
C GLN FA 212 16.56 139.72 53.31
N PRO FA 213 17.02 140.24 54.47
CA PRO FA 213 16.31 139.95 55.73
C PRO FA 213 14.87 140.44 55.72
N TYR FA 214 14.62 141.61 55.13
CA TYR FA 214 13.25 142.10 55.03
C TYR FA 214 12.39 141.11 54.27
N ASN FA 215 12.89 140.62 53.13
CA ASN FA 215 12.13 139.67 52.33
C ASN FA 215 11.88 138.40 53.11
N THR FA 216 12.90 137.90 53.82
CA THR FA 216 12.74 136.66 54.56
C THR FA 216 11.64 136.78 55.61
N ILE FA 217 11.65 137.87 56.38
CA ILE FA 217 10.64 138.01 57.43
C ILE FA 217 9.26 138.22 56.81
N LEU FA 218 9.19 139.02 55.75
CA LEU FA 218 7.90 139.33 55.16
C LEU FA 218 7.25 138.08 54.58
N THR FA 219 8.04 137.23 53.93
CA THR FA 219 7.51 135.98 53.40
C THR FA 219 7.17 135.00 54.52
N LEU FA 220 8.01 134.95 55.56
CA LEU FA 220 7.73 134.01 56.65
C LEU FA 220 6.44 134.36 57.37
N LYS FA 221 6.04 135.63 57.36
CA LYS FA 221 4.77 136.01 57.95
C LYS FA 221 3.61 135.30 57.26
N ARG FA 222 3.58 135.33 55.93
CA ARG FA 222 2.53 134.62 55.21
C ARG FA 222 2.71 133.11 55.28
N LEU FA 223 3.94 132.62 55.41
CA LEU FA 223 4.12 131.18 55.63
C LEU FA 223 3.44 130.76 56.92
N ILE FA 224 3.58 131.55 57.98
CA ILE FA 224 2.88 131.26 59.22
C ILE FA 224 1.38 131.32 59.02
N ASP FA 225 0.90 132.36 58.33
CA ASP FA 225 -0.54 132.56 58.25
C ASP FA 225 -1.23 131.48 57.42
N TYR FA 226 -0.69 131.14 56.25
CA TYR FA 226 -1.42 130.34 55.27
C TYR FA 226 -0.92 128.91 55.12
N SER FA 227 0.39 128.70 55.06
CA SER FA 227 0.90 127.37 54.75
C SER FA 227 0.49 126.37 55.83
N ASP FA 228 0.25 125.13 55.40
CA ASP FA 228 -0.16 124.06 56.30
C ASP FA 228 1.01 123.20 56.78
N ALA FA 229 2.08 123.10 56.01
CA ALA FA 229 3.25 122.33 56.42
C ALA FA 229 4.43 122.79 55.59
N THR FA 230 5.48 123.27 56.24
CA THR FA 230 6.61 123.89 55.57
C THR FA 230 7.85 123.03 55.75
N PHE FA 231 8.52 122.73 54.63
CA PHE FA 231 9.78 122.00 54.64
C PHE FA 231 10.90 123.03 54.55
N VAL FA 232 11.57 123.27 55.67
CA VAL FA 232 12.62 124.28 55.74
C VAL FA 232 13.91 123.69 55.17
N PHE FA 233 14.47 124.35 54.15
CA PHE FA 233 15.75 123.98 53.58
C PHE FA 233 16.68 125.18 53.68
N HIS FA 234 17.88 124.96 54.25
CA HIS FA 234 18.85 126.01 54.45
C HIS FA 234 20.01 125.79 53.49
N ASN FA 235 20.35 126.84 52.71
CA ASN FA 235 21.36 126.68 51.68
C ASN FA 235 22.74 126.39 52.27
N ASP FA 236 23.06 126.99 53.41
CA ASP FA 236 24.36 126.75 54.03
C ASP FA 236 24.51 125.29 54.43
N SER FA 237 23.49 124.71 55.06
CA SER FA 237 23.56 123.30 55.42
C SER FA 237 23.56 122.41 54.18
N LEU FA 238 22.88 122.84 53.11
CA LEU FA 238 22.91 122.08 51.88
C LEU FA 238 24.32 122.07 51.29
N ASN FA 239 25.02 123.20 51.37
CA ASN FA 239 26.41 123.25 50.94
C ASN FA 239 27.30 122.39 51.82
N ARG FA 240 27.00 122.35 53.13
CA ARG FA 240 27.75 121.49 54.03
C ARG FA 240 27.61 120.02 53.62
N ILE FA 241 26.39 119.60 53.28
CA ILE FA 241 26.20 118.22 52.84
C ILE FA 241 26.87 117.98 51.49
N GLU FA 242 26.78 118.95 50.58
CA GLU FA 242 27.25 118.72 49.22
C GLU FA 242 28.74 118.46 49.17
N ASN FA 243 29.53 119.25 49.91
CA ASN FA 243 30.98 119.13 49.80
C ASN FA 243 31.50 117.78 50.27
N ILE FA 244 30.71 117.03 51.02
CA ILE FA 244 31.12 115.71 51.48
C ILE FA 244 31.14 114.76 50.30
N GLY FA 262 23.95 119.72 41.92
CA GLY FA 262 24.40 120.70 42.89
C GLY FA 262 23.52 120.76 44.12
N ALA FA 263 23.37 121.97 44.67
CA ALA FA 263 22.54 122.13 45.86
C ALA FA 263 21.07 121.88 45.56
N ASN FA 264 20.63 122.17 44.34
CA ASN FA 264 19.23 121.96 43.98
C ASN FA 264 18.91 120.49 43.80
N LYS FA 265 19.90 119.67 43.44
CA LYS FA 265 19.65 118.25 43.25
C LYS FA 265 19.22 117.59 44.55
N LEU FA 266 19.82 117.98 45.67
CA LEU FA 266 19.45 117.41 46.95
C LEU FA 266 18.00 117.77 47.31
N ILE FA 267 17.62 119.02 47.07
CA ILE FA 267 16.24 119.43 47.33
C ILE FA 267 15.29 118.64 46.46
N ALA FA 268 15.63 118.47 45.18
CA ALA FA 268 14.77 117.70 44.29
C ALA FA 268 14.64 116.26 44.77
N LEU FA 269 15.75 115.66 45.20
CA LEU FA 269 15.71 114.27 45.67
C LEU FA 269 14.82 114.15 46.89
N VAL FA 270 14.95 115.07 47.86
CA VAL FA 270 14.15 114.98 49.06
C VAL FA 270 12.67 115.17 48.73
N SER FA 271 12.36 116.16 47.91
CA SER FA 271 10.96 116.42 47.57
C SER FA 271 10.34 115.26 46.80
N ALA FA 272 11.09 114.66 45.87
CA ALA FA 272 10.58 113.55 45.09
C ALA FA 272 10.58 112.24 45.86
N SER FA 273 11.29 112.16 46.99
CA SER FA 273 11.23 110.97 47.83
C SER FA 273 10.21 111.08 48.94
N VAL FA 274 9.76 112.30 49.29
CA VAL FA 274 8.71 112.44 50.29
C VAL FA 274 7.45 111.73 49.83
N SER FA 275 7.07 111.92 48.57
CA SER FA 275 5.82 111.40 48.03
C SER FA 275 5.96 109.99 47.47
N ASN FA 276 6.98 109.24 47.88
CA ASN FA 276 7.12 107.88 47.36
C ASN FA 276 5.93 106.99 47.71
N PRO FA 277 5.42 106.99 48.94
CA PRO FA 277 4.24 106.15 49.22
C PRO FA 277 3.03 106.50 48.38
N LEU FA 278 2.89 107.76 47.98
CA LEU FA 278 1.74 108.15 47.17
C LEU FA 278 1.81 107.56 45.77
N ARG FA 279 3.00 107.61 45.15
CA ARG FA 279 3.14 107.13 43.78
C ARG FA 279 3.28 105.61 43.71
N PHE FA 280 3.70 104.96 44.78
CA PHE FA 280 3.79 103.50 44.85
C PHE FA 280 3.05 103.06 46.12
N PRO FA 281 1.73 102.93 46.04
CA PRO FA 281 0.94 102.75 47.27
C PRO FA 281 1.34 101.49 48.02
N GLY FA 282 1.28 101.58 49.35
CA GLY FA 282 1.58 100.44 50.21
C GLY FA 282 0.54 100.31 51.31
N TYR FA 283 0.87 99.59 52.38
CA TYR FA 283 -0.09 99.36 53.44
C TYR FA 283 -0.52 100.66 54.11
N MET FA 284 0.44 101.52 54.42
CA MET FA 284 0.20 102.71 55.22
C MET FA 284 0.27 103.98 54.37
N TYR FA 285 -0.29 105.05 54.93
CA TYR FA 285 -0.23 106.36 54.31
C TYR FA 285 -0.89 106.37 52.93
N SER FA 286 -0.11 106.52 51.87
CA SER FA 286 -0.62 106.63 50.51
C SER FA 286 -1.47 107.88 50.31
N SER FA 287 -1.47 108.80 51.28
CA SER FA 287 -2.20 110.06 51.16
C SER FA 287 -1.35 111.15 51.78
N MET FA 288 -1.28 112.30 51.09
CA MET FA 288 -0.41 113.38 51.56
C MET FA 288 -0.90 113.95 52.88
N GLU FA 289 -2.22 114.01 53.10
CA GLU FA 289 -2.73 114.48 54.38
C GLU FA 289 -2.34 113.55 55.52
N SER FA 290 -2.28 112.24 55.25
CA SER FA 290 -1.96 111.29 56.30
C SER FA 290 -0.50 111.40 56.72
N ILE FA 291 0.40 111.65 55.76
CA ILE FA 291 1.81 111.79 56.11
C ILE FA 291 2.04 113.05 56.94
N VAL FA 292 1.47 114.18 56.50
CA VAL FA 292 1.67 115.43 57.22
C VAL FA 292 1.03 115.37 58.59
N SER FA 293 -0.18 114.82 58.69
CA SER FA 293 -0.89 114.80 59.96
C SER FA 293 -0.14 114.02 61.03
N ASN FA 294 0.80 113.16 60.64
CA ASN FA 294 1.54 112.36 61.60
C ASN FA 294 2.70 113.10 62.21
N LEU FA 295 3.02 114.31 61.75
CA LEU FA 295 4.17 115.06 62.23
C LEU FA 295 3.82 116.44 62.76
N ILE FA 296 2.56 116.87 62.66
CA ILE FA 296 2.15 118.19 63.06
C ILE FA 296 1.13 118.07 64.18
N PRO FA 297 1.55 118.20 65.45
CA PRO FA 297 0.61 118.00 66.56
C PRO FA 297 -0.37 119.15 66.72
N THR FA 298 0.08 120.37 66.48
CA THR FA 298 -0.76 121.56 66.55
C THR FA 298 -0.49 122.43 65.34
N PRO FA 299 -1.42 123.31 64.99
CA PRO FA 299 -1.20 124.16 63.81
C PRO FA 299 0.06 125.00 63.90
N ASP FA 300 0.47 125.39 65.11
CA ASP FA 300 1.64 126.25 65.25
C ASP FA 300 2.93 125.50 64.95
N LEU FA 301 3.06 124.27 65.46
CA LEU FA 301 4.29 123.48 65.27
C LEU FA 301 4.28 122.79 63.91
N LYS FA 302 4.20 123.61 62.86
CA LYS FA 302 4.02 123.10 61.50
C LYS FA 302 5.30 123.04 60.69
N PHE FA 303 6.41 123.59 61.18
CA PHE FA 303 7.64 123.67 60.40
C PHE FA 303 8.40 122.36 60.51
N LEU FA 304 8.53 121.64 59.41
CA LEU FA 304 9.26 120.39 59.35
C LEU FA 304 10.65 120.61 58.77
N THR FA 305 11.56 119.68 59.08
CA THR FA 305 12.89 119.66 58.50
C THR FA 305 13.20 118.24 58.07
N SER FA 306 14.10 118.11 57.10
CA SER FA 306 14.38 116.84 56.45
C SER FA 306 15.85 116.49 56.56
N SER FA 307 16.11 115.20 56.73
CA SER FA 307 17.46 114.64 56.71
C SER FA 307 17.60 113.71 55.53
N ILE FA 308 18.79 113.70 54.91
CA ILE FA 308 19.04 112.98 53.68
C ILE FA 308 20.28 112.11 53.86
N ALA FA 309 20.18 110.84 53.46
CA ALA FA 309 21.33 109.95 53.47
C ALA FA 309 22.08 110.12 52.16
N PRO FA 310 23.31 110.66 52.15
CA PRO FA 310 23.93 111.03 50.88
C PRO FA 310 24.36 109.84 50.03
N PHE FA 311 24.81 108.76 50.65
CA PHE FA 311 25.58 107.73 49.95
C PHE FA 311 24.69 106.71 49.24
N SER FA 312 23.84 107.21 48.35
CA SER FA 312 22.96 106.34 47.56
C SER FA 312 23.67 105.64 46.42
N THR FA 313 24.86 106.10 46.01
CA THR FA 313 25.50 105.54 44.82
C THR FA 313 26.94 105.07 45.05
N GLN FA 314 27.69 105.66 45.97
CA GLN FA 314 29.09 105.26 46.16
C GLN FA 314 29.16 103.79 46.54
N LYS FA 315 30.18 103.10 46.02
CA LYS FA 315 30.25 101.65 46.22
C LYS FA 315 30.47 101.25 47.68
N HIS FA 316 30.74 102.20 48.57
CA HIS FA 316 30.79 101.93 50.01
C HIS FA 316 29.45 102.24 50.68
N ASN FA 317 28.36 101.97 49.98
CA ASN FA 317 27.02 102.26 50.48
C ASN FA 317 26.72 101.47 51.76
N TYR FA 318 25.59 101.80 52.37
CA TYR FA 318 25.19 101.19 53.63
C TYR FA 318 25.03 99.68 53.49
N LEU FA 319 25.48 98.96 54.51
CA LEU FA 319 25.47 97.50 54.47
C LEU FA 319 24.05 96.95 54.38
N ASN FA 320 23.14 97.51 55.17
CA ASN FA 320 21.80 96.95 55.32
C ASN FA 320 20.89 98.03 55.89
N GLU FA 321 19.63 97.67 56.11
CA GLU FA 321 18.66 98.62 56.64
C GLU FA 321 18.99 99.02 58.07
N TYR FA 322 19.54 98.09 58.86
CA TYR FA 322 19.86 98.38 60.24
C TYR FA 322 20.90 99.50 60.33
N ASP FA 323 21.92 99.47 59.48
CA ASP FA 323 22.94 100.51 59.50
C ASP FA 323 22.35 101.86 59.10
N MET FA 324 21.52 101.87 58.04
CA MET FA 324 20.97 103.14 57.58
C MET FA 324 20.02 103.75 58.59
N LEU FA 325 19.26 102.92 59.31
CA LEU FA 325 18.38 103.46 60.33
C LEU FA 325 19.16 104.23 61.38
N LEU FA 326 20.33 103.71 61.78
CA LEU FA 326 21.15 104.43 62.75
C LEU FA 326 21.82 105.65 62.12
N GLU FA 327 22.24 105.54 60.86
CA GLU FA 327 22.96 106.66 60.24
C GLU FA 327 22.04 107.83 59.95
N LEU FA 328 20.74 107.57 59.74
CA LEU FA 328 19.84 108.67 59.41
C LEU FA 328 19.73 109.68 60.53
N SER FA 329 19.83 109.24 61.79
CA SER FA 329 19.68 110.15 62.91
C SER FA 329 20.87 111.10 63.06
N ASN FA 330 21.95 110.89 62.32
CA ASN FA 330 23.12 111.73 62.44
C ASN FA 330 22.79 113.18 62.11
N ASP FA 331 23.40 114.11 62.86
CA ASP FA 331 23.13 115.53 62.69
C ASP FA 331 23.97 116.17 61.59
N ARG FA 332 24.94 115.44 61.03
CA ARG FA 332 25.79 116.01 60.00
C ARG FA 332 25.17 115.95 58.60
N TYR FA 333 24.04 115.25 58.44
CA TYR FA 333 23.39 115.15 57.14
C TYR FA 333 21.99 115.76 57.15
N LYS FA 334 21.60 116.43 58.23
CA LYS FA 334 20.35 117.17 58.24
C LYS FA 334 20.47 118.43 57.38
N THR FA 335 19.37 118.81 56.75
CA THR FA 335 19.35 119.99 55.89
C THR FA 335 19.18 121.29 56.68
N ASN FA 336 19.05 121.21 57.99
CA ASN FA 336 18.96 122.38 58.85
C ASN FA 336 19.93 122.21 59.99
N ARG FA 337 20.67 123.27 60.31
CA ARG FA 337 21.68 123.19 61.37
C ARG FA 337 21.00 122.94 62.71
N VAL FA 338 21.34 121.82 63.34
CA VAL FA 338 20.70 121.39 64.58
C VAL FA 338 21.77 121.15 65.63
N SER FA 339 21.57 121.70 66.83
CA SER FA 339 22.50 121.53 67.92
C SER FA 339 22.20 120.29 68.76
N GLY FA 340 22.97 120.16 69.84
CA GLY FA 340 22.81 119.03 70.74
C GLY FA 340 21.71 119.16 71.76
N ASP FA 341 21.15 120.36 71.92
CA ASP FA 341 20.04 120.60 72.84
C ASP FA 341 18.69 120.36 72.19
N THR FA 342 18.67 119.89 70.94
CA THR FA 342 17.43 119.67 70.22
C THR FA 342 16.58 118.60 70.90
N SER FA 343 15.28 118.64 70.61
CA SER FA 343 14.35 117.59 71.01
C SER FA 343 13.37 117.37 69.87
N TYR FA 344 13.01 116.12 69.63
CA TYR FA 344 12.18 115.75 68.50
C TYR FA 344 10.73 115.62 68.92
N ILE FA 345 9.83 116.24 68.15
CA ILE FA 345 8.41 116.11 68.42
C ILE FA 345 7.81 114.93 67.66
N SER FA 346 8.30 114.64 66.46
CA SER FA 346 7.80 113.52 65.68
C SER FA 346 8.92 112.95 64.82
N MET FA 347 8.78 111.67 64.48
CA MET FA 347 9.79 110.93 63.74
C MET FA 347 9.15 110.22 62.55
N LEU FA 348 9.84 110.25 61.42
CA LEU FA 348 9.38 109.51 60.24
C LEU FA 348 10.58 109.18 59.38
N ASN FA 349 10.77 107.89 59.08
CA ASN FA 349 11.90 107.42 58.31
C ASN FA 349 11.40 106.73 57.05
N TYR FA 350 12.03 107.04 55.92
CA TYR FA 350 11.68 106.44 54.64
C TYR FA 350 12.74 105.41 54.26
N LEU FA 351 12.30 104.25 53.84
CA LEU FA 351 13.18 103.20 53.31
C LEU FA 351 12.69 102.83 51.92
N ILE FA 352 13.60 102.79 50.96
CA ILE FA 352 13.27 102.52 49.56
C ILE FA 352 14.18 101.40 49.08
N GLY FA 353 13.62 100.22 48.90
CA GLY FA 353 14.40 99.09 48.42
C GLY FA 353 13.50 97.89 48.17
N ASP FA 354 14.11 96.90 47.53
CA ASP FA 354 13.36 95.68 47.23
C ASP FA 354 13.47 94.73 48.41
N ASN FA 355 12.36 94.12 48.85
CA ASN FA 355 12.31 93.06 49.84
C ASN FA 355 13.21 93.37 51.04
N LEU FA 356 12.87 94.44 51.75
CA LEU FA 356 13.63 94.82 52.93
C LEU FA 356 13.51 93.76 54.01
N ASP FA 357 14.60 93.55 54.74
CA ASP FA 357 14.61 92.58 55.82
C ASP FA 357 13.88 93.15 57.03
N GLN FA 358 12.84 92.44 57.48
CA GLN FA 358 12.03 92.94 58.60
C GLN FA 358 12.80 92.89 59.91
N ARG FA 359 13.66 91.87 60.09
CA ARG FA 359 14.41 91.76 61.34
C ARG FA 359 15.32 92.97 61.54
N GLU FA 360 16.01 93.37 60.48
CA GLU FA 360 16.91 94.52 60.58
C GLU FA 360 16.15 95.79 60.90
N ILE FA 361 15.00 96.00 60.25
CA ILE FA 361 14.21 97.20 60.51
C ILE FA 361 13.72 97.22 61.94
N ARG FA 362 13.22 96.09 62.44
CA ARG FA 362 12.72 96.06 63.81
C ARG FA 362 13.83 96.36 64.80
N LYS FA 363 15.00 95.74 64.62
CA LYS FA 363 16.11 95.97 65.53
C LYS FA 363 16.60 97.40 65.44
N GLY FA 364 16.63 97.96 64.23
CA GLY FA 364 17.06 99.35 64.08
C GLY FA 364 16.12 100.32 64.74
N ILE FA 365 14.81 100.11 64.60
CA ILE FA 365 13.85 100.97 65.28
C ILE FA 365 14.04 100.87 66.79
N LEU FA 366 14.21 99.66 67.30
CA LEU FA 366 14.38 99.52 68.75
C LEU FA 366 15.63 100.25 69.24
N LYS FA 367 16.74 100.13 68.51
CA LYS FA 367 17.96 100.80 68.95
C LYS FA 367 17.84 102.32 68.81
N SER FA 368 17.23 102.79 67.72
CA SER FA 368 17.14 104.23 67.50
C SER FA 368 16.14 104.91 68.41
N GLN FA 369 15.17 104.17 68.95
CA GLN FA 369 14.20 104.79 69.84
C GLN FA 369 14.86 105.32 71.11
N GLN FA 370 15.82 104.57 71.66
CA GLN FA 370 16.48 105.02 72.88
C GLN FA 370 17.36 106.23 72.64
N ARG FA 371 18.06 106.26 71.51
CA ARG FA 371 19.00 107.35 71.24
C ARG FA 371 18.31 108.69 71.11
N ILE FA 372 17.13 108.71 70.48
CA ILE FA 372 16.47 109.97 70.17
C ILE FA 372 15.89 110.58 71.45
N SER FA 373 16.09 111.88 71.62
CA SER FA 373 15.57 112.61 72.77
C SER FA 373 14.20 113.17 72.42
N PHE FA 374 13.15 112.52 72.90
CA PHE FA 374 11.79 112.94 72.58
C PHE FA 374 11.34 114.05 73.54
N VAL FA 375 10.43 114.89 73.05
CA VAL FA 375 9.86 115.95 73.89
C VAL FA 375 9.07 115.31 75.03
N PRO FA 376 9.10 115.85 76.24
CA PRO FA 376 8.52 115.12 77.38
C PRO FA 376 7.08 114.71 77.19
N TRP FA 377 6.25 115.55 76.59
CA TRP FA 377 4.81 115.29 76.49
C TRP FA 377 4.41 114.51 75.25
N VAL FA 378 5.37 114.09 74.42
CA VAL FA 378 5.10 113.25 73.26
C VAL FA 378 5.61 111.85 73.57
N ALA FA 379 4.77 110.85 73.32
CA ALA FA 379 5.17 109.46 73.53
C ALA FA 379 6.29 109.08 72.58
N ARG FA 380 7.21 108.26 73.06
CA ARG FA 380 8.34 107.79 72.25
C ARG FA 380 7.81 106.95 71.10
N SER FA 381 7.87 107.50 69.88
CA SER FA 381 7.34 106.83 68.70
C SER FA 381 8.24 107.11 67.52
N VAL FA 382 8.75 106.05 66.89
CA VAL FA 382 9.53 106.14 65.67
C VAL FA 382 8.84 105.29 64.61
N LEU FA 383 8.58 105.89 63.46
CA LEU FA 383 7.86 105.23 62.38
C LEU FA 383 8.76 105.12 61.14
N VAL FA 384 8.69 103.97 60.48
CA VAL FA 384 9.48 103.68 59.29
C VAL FA 384 8.54 103.39 58.15
N VAL FA 385 8.77 104.03 57.00
CA VAL FA 385 7.96 103.85 55.81
C VAL FA 385 8.66 102.86 54.89
N HIS FA 386 8.01 101.74 54.61
CA HIS FA 386 8.57 100.70 53.75
C HIS FA 386 8.17 101.01 52.31
N GLY FA 387 8.87 101.99 51.72
CA GLY FA 387 8.59 102.35 50.35
C GLY FA 387 9.04 101.29 49.37
N LYS FA 388 8.53 101.38 48.14
CA LYS FA 388 8.88 100.46 47.07
C LYS FA 388 9.71 101.19 46.03
N LYS FA 389 10.83 100.60 45.65
CA LYS FA 389 11.69 101.18 44.63
C LYS FA 389 11.03 101.05 43.26
N SER FA 390 11.21 102.06 42.43
CA SER FA 390 10.62 102.02 41.10
C SER FA 390 11.26 100.91 40.28
N PRO FA 391 10.48 100.05 39.63
CA PRO FA 391 11.09 98.98 38.83
C PRO FA 391 11.90 99.49 37.66
N TYR FA 392 11.66 100.73 37.23
CA TYR FA 392 12.40 101.26 36.09
C TYR FA 392 13.84 101.57 36.45
N LEU FA 393 14.12 101.84 37.73
CA LEU FA 393 15.47 102.18 38.14
C LEU FA 393 16.33 100.92 38.21
N LYS FA 394 17.48 100.96 37.55
CA LYS FA 394 18.39 99.83 37.57
C LYS FA 394 19.15 99.74 38.90
N ASN FA 395 19.47 100.89 39.48
CA ASN FA 395 20.18 100.91 40.76
C ASN FA 395 19.39 100.09 41.78
N THR FA 396 20.09 99.16 42.43
CA THR FA 396 19.47 98.31 43.44
C THR FA 396 19.80 98.77 44.86
N ASN FA 397 20.67 99.76 45.01
CA ASN FA 397 21.02 100.25 46.33
C ASN FA 397 19.81 100.92 46.99
N LEU FA 398 19.78 100.89 48.31
CA LEU FA 398 18.72 101.54 49.05
C LEU FA 398 18.91 103.05 49.06
N GLU FA 399 17.81 103.75 49.21
CA GLU FA 399 17.81 105.17 49.55
C GLU FA 399 16.91 105.38 50.76
N GLY FA 400 17.23 106.38 51.55
CA GLY FA 400 16.42 106.65 52.73
C GLY FA 400 16.42 108.11 53.11
N ILE FA 401 15.23 108.69 53.25
CA ILE FA 401 15.06 110.09 53.61
C ILE FA 401 14.32 110.14 54.93
N GLN FA 402 14.79 110.97 55.85
CA GLN FA 402 14.16 111.14 57.15
C GLN FA 402 13.57 112.53 57.25
N VAL FA 403 12.32 112.62 57.70
CA VAL FA 403 11.61 113.87 57.90
C VAL FA 403 11.30 114.01 59.38
N THR FA 404 11.64 115.15 59.96
CA THR FA 404 11.56 115.35 61.41
C THR FA 404 10.91 116.68 61.72
N ASN FA 405 10.29 116.75 62.90
CA ASN FA 405 9.71 117.97 63.45
C ASN FA 405 10.35 118.18 64.82
N ASN FA 406 11.52 118.83 64.83
CA ASN FA 406 12.27 119.05 66.06
C ASN FA 406 12.16 120.50 66.49
N THR FA 407 12.82 120.82 67.59
CA THR FA 407 12.78 122.16 68.17
C THR FA 407 13.98 123.01 67.77
N SER FA 408 14.74 122.59 66.76
CA SER FA 408 15.87 123.38 66.30
C SER FA 408 15.44 124.66 65.61
N MET FA 409 14.15 124.82 65.31
CA MET FA 409 13.69 126.05 64.67
C MET FA 409 13.87 127.27 65.56
N ILE FA 410 14.05 127.07 66.87
CA ILE FA 410 14.24 128.21 67.76
C ILE FA 410 15.47 129.00 67.34
N ASP FA 411 16.59 128.31 67.08
CA ASP FA 411 17.81 129.01 66.72
C ASP FA 411 17.73 129.65 65.34
N VAL FA 412 17.11 128.98 64.37
CA VAL FA 412 17.07 129.48 63.01
C VAL FA 412 16.26 130.77 62.95
N PHE FA 413 15.06 130.74 63.51
CA PHE FA 413 14.23 131.94 63.52
C PHE FA 413 14.83 133.01 64.41
N THR FA 414 15.59 132.61 65.43
CA THR FA 414 16.31 133.60 66.23
C THR FA 414 17.35 134.35 65.39
N LYS FA 415 18.10 133.62 64.55
CA LYS FA 415 19.06 134.29 63.68
C LYS FA 415 18.35 135.23 62.72
N ILE FA 416 17.25 134.76 62.12
CA ILE FA 416 16.50 135.61 61.20
C ILE FA 416 16.01 136.86 61.91
N LEU FA 417 15.47 136.69 63.11
CA LEU FA 417 14.93 137.81 63.87
C LEU FA 417 16.02 138.81 64.24
N LYS FA 418 17.18 138.31 64.66
CA LYS FA 418 18.27 139.20 65.03
C LYS FA 418 18.76 140.00 63.83
N GLN FA 419 18.91 139.36 62.67
CA GLN FA 419 19.32 140.09 61.49
C GLN FA 419 18.29 141.14 61.10
N PHE FA 420 17.00 140.78 61.18
CA PHE FA 420 15.95 141.75 60.88
C PHE FA 420 16.00 142.93 61.82
N ASP FA 421 16.18 142.67 63.12
CA ASP FA 421 16.23 143.75 64.10
C ASP FA 421 17.41 144.67 63.84
N LEU FA 422 18.57 144.09 63.49
CA LEU FA 422 19.72 144.92 63.17
C LEU FA 422 19.45 145.79 61.94
N LEU FA 423 18.83 145.21 60.91
CA LEU FA 423 18.62 145.98 59.68
C LEU FA 423 17.58 147.07 59.86
N ILE FA 424 16.57 146.86 60.72
CA ILE FA 424 15.53 147.87 60.87
C ILE FA 424 16.13 149.16 61.41
N LYS FA 425 17.04 149.06 62.38
CA LYS FA 425 17.68 150.24 62.95
C LYS FA 425 18.55 150.94 61.92
N GLU FA 440 4.74 154.35 51.96
CA GLU FA 440 4.07 154.98 53.08
C GLU FA 440 4.34 154.23 54.37
N ASN FA 441 3.79 154.74 55.48
CA ASN FA 441 4.00 154.10 56.77
C ASN FA 441 3.39 152.71 56.84
N GLU FA 442 2.50 152.36 55.91
CA GLU FA 442 1.82 151.07 55.98
C GLU FA 442 2.83 149.92 56.04
N VAL FA 443 3.93 150.02 55.28
CA VAL FA 443 4.86 148.91 55.21
C VAL FA 443 5.52 148.67 56.56
N MET FA 444 5.83 149.74 57.30
CA MET FA 444 6.45 149.55 58.61
C MET FA 444 5.50 148.85 59.57
N GLU FA 445 4.20 149.12 59.44
CA GLU FA 445 3.23 148.36 60.23
C GLU FA 445 3.27 146.89 59.88
N MET FA 446 3.38 146.56 58.59
CA MET FA 446 3.51 145.17 58.18
C MET FA 446 4.79 144.55 58.73
N PHE FA 447 5.88 145.31 58.77
CA PHE FA 447 7.11 144.82 59.37
C PHE FA 447 6.90 144.50 60.85
N ASN FA 448 6.25 145.40 61.58
CA ASN FA 448 5.95 145.15 62.99
C ASN FA 448 5.10 143.89 63.14
N GLU FA 449 4.09 143.74 62.29
CA GLU FA 449 3.21 142.57 62.36
C GLU FA 449 4.00 141.29 62.09
N SER FA 450 4.92 141.32 61.13
CA SER FA 450 5.73 140.14 60.86
C SER FA 450 6.64 139.82 62.04
N ARG FA 451 7.19 140.85 62.68
CA ARG FA 451 8.03 140.64 63.86
C ARG FA 451 7.23 139.96 64.98
N GLU FA 452 6.01 140.45 65.20
CA GLU FA 452 5.18 139.89 66.27
C GLU FA 452 4.71 138.48 65.93
N SER FA 453 4.37 138.23 64.66
CA SER FA 453 3.95 136.89 64.27
C SER FA 453 5.09 135.89 64.43
N VAL FA 454 6.30 136.26 64.04
CA VAL FA 454 7.44 135.37 64.20
C VAL FA 454 7.69 135.09 65.68
N LYS FA 455 7.63 136.12 66.52
CA LYS FA 455 7.79 135.89 67.95
C LYS FA 455 6.69 134.98 68.49
N SER FA 456 5.51 135.01 67.88
CA SER FA 456 4.39 134.21 68.34
C SER FA 456 4.67 132.72 68.25
N ILE FA 457 5.55 132.29 67.35
CA ILE FA 457 5.96 130.90 67.29
C ILE FA 457 7.35 130.68 67.88
N ILE FA 458 8.17 131.72 67.99
CA ILE FA 458 9.41 131.58 68.76
C ILE FA 458 9.09 131.15 70.19
N ASP FA 459 8.24 131.94 70.86
CA ASP FA 459 7.89 131.59 72.24
C ASP FA 459 7.12 130.27 72.31
N GLU FA 460 6.39 129.92 71.26
CA GLU FA 460 5.61 128.69 71.29
C GLU FA 460 6.52 127.48 71.20
N TYR FA 461 7.50 127.50 70.29
CA TYR FA 461 8.48 126.44 70.24
C TYR FA 461 9.30 126.36 71.52
N LYS FA 462 9.58 127.49 72.17
CA LYS FA 462 10.25 127.41 73.46
C LYS FA 462 9.36 126.72 74.49
N ALA FA 463 8.08 127.11 74.56
CA ALA FA 463 7.16 126.49 75.52
C ALA FA 463 6.95 125.00 75.24
N CYS FA 464 7.14 124.57 73.99
CA CYS FA 464 6.99 123.16 73.67
C CYS FA 464 7.84 122.27 74.59
N LYS FA 465 8.92 122.80 75.16
CA LYS FA 465 9.78 122.02 76.04
C LYS FA 465 9.07 121.57 77.31
N GLU FA 466 8.00 122.26 77.70
CA GLU FA 466 7.41 122.14 79.03
C GLU FA 466 6.15 121.31 78.99
N ILE FA 467 5.95 120.49 80.02
CA ILE FA 467 4.72 119.72 80.18
C ILE FA 467 3.59 120.65 80.61
N SER GA 62 -34.97 -1.32 59.85
CA SER GA 62 -34.55 0.10 60.00
C SER GA 62 -33.77 0.57 58.77
N PRO GA 63 -34.17 1.68 58.17
CA PRO GA 63 -33.46 2.15 56.97
C PRO GA 63 -32.06 2.64 57.30
N ASP GA 64 -31.18 2.54 56.31
CA ASP GA 64 -29.81 3.01 56.41
C ASP GA 64 -29.65 4.29 55.62
N TYR GA 65 -29.05 5.30 56.24
CA TYR GA 65 -28.93 6.63 55.64
C TYR GA 65 -27.48 7.08 55.64
N VAL GA 66 -27.09 7.79 54.58
CA VAL GA 66 -25.80 8.45 54.49
C VAL GA 66 -26.05 9.95 54.47
N SER GA 67 -26.03 10.57 55.65
CA SER GA 67 -26.43 11.96 55.78
C SER GA 67 -25.21 12.87 55.96
N LEU GA 68 -25.43 14.16 55.72
CA LEU GA 68 -24.39 15.15 55.90
C LEU GA 68 -24.31 15.57 57.37
N ARG GA 69 -23.10 15.51 57.93
CA ARG GA 69 -22.91 15.96 59.30
C ARG GA 69 -23.01 17.47 59.38
N GLU GA 70 -23.45 17.95 60.53
CA GLU GA 70 -23.60 19.38 60.75
C GLU GA 70 -22.45 19.93 61.60
N ASN GA 79 -9.42 28.95 62.49
CA ASN GA 79 -8.84 27.75 61.83
C ASN GA 79 -9.96 26.74 61.62
N LEU GA 80 -10.54 26.67 60.41
CA LEU GA 80 -11.62 25.71 60.08
C LEU GA 80 -10.94 24.44 59.58
N ASP GA 81 -11.50 23.25 59.87
CA ASP GA 81 -10.94 21.97 59.37
C ASP GA 81 -11.38 21.87 57.91
N ILE GA 82 -10.49 22.13 56.94
CA ILE GA 82 -10.80 22.15 55.52
C ILE GA 82 -10.83 20.77 54.90
N MET GA 83 -10.37 19.74 55.60
CA MET GA 83 -10.37 18.37 55.08
C MET GA 83 -11.10 17.39 55.98
N SER GA 84 -11.76 17.86 57.04
CA SER GA 84 -12.52 16.96 57.89
C SER GA 84 -13.67 16.35 57.09
N SER GA 85 -13.99 15.10 57.41
CA SER GA 85 -15.05 14.39 56.69
C SER GA 85 -16.35 15.17 56.78
N CYS GA 86 -17.01 15.33 55.63
CA CYS GA 86 -18.26 16.10 55.61
C CYS GA 86 -19.45 15.24 56.00
N ILE GA 87 -19.52 14.01 55.49
CA ILE GA 87 -20.61 13.10 55.83
C ILE GA 87 -20.29 12.43 57.15
N VAL GA 88 -21.28 11.79 57.76
CA VAL GA 88 -21.08 11.08 59.01
C VAL GA 88 -20.39 9.75 58.72
N ASP GA 89 -19.32 9.47 59.45
CA ASP GA 89 -18.60 8.21 59.33
C ASP GA 89 -18.48 7.44 60.64
N SER GA 90 -18.99 8.00 61.74
CA SER GA 90 -18.96 7.34 63.04
C SER GA 90 -20.13 6.39 63.24
N VAL GA 91 -20.76 5.95 62.16
CA VAL GA 91 -21.89 5.02 62.25
C VAL GA 91 -21.33 3.60 62.27
N ILE GA 92 -21.70 2.84 63.29
CA ILE GA 92 -21.28 1.45 63.45
C ILE GA 92 -22.53 0.59 63.39
N TYR GA 93 -22.58 -0.31 62.41
CA TYR GA 93 -23.76 -1.16 62.25
C TYR GA 93 -23.93 -2.10 63.44
N LYS GA 94 -25.18 -2.23 63.89
CA LYS GA 94 -25.47 -2.98 65.09
C LYS GA 94 -25.54 -4.49 64.79
N SER GA 95 -26.18 -4.86 63.69
CA SER GA 95 -26.23 -6.26 63.27
C SER GA 95 -26.21 -6.32 61.76
N GLN GA 96 -25.73 -7.44 61.23
CA GLN GA 96 -25.50 -7.57 59.80
C GLN GA 96 -26.80 -7.41 59.03
N LYS GA 97 -26.73 -6.65 57.93
CA LYS GA 97 -27.92 -6.43 57.11
C LYS GA 97 -28.35 -7.71 56.41
N ILE GA 98 -27.41 -8.56 56.06
CA ILE GA 98 -27.69 -9.88 55.48
C ILE GA 98 -27.00 -10.92 56.35
N ALA GA 99 -27.78 -11.90 56.82
CA ALA GA 99 -27.24 -12.94 57.70
C ALA GA 99 -26.49 -13.95 56.85
N GLY GA 100 -25.18 -14.03 57.05
CA GLY GA 100 -24.35 -14.96 56.31
C GLY GA 100 -24.24 -16.30 56.99
N PRO GA 101 -23.68 -17.29 56.29
CA PRO GA 101 -23.51 -18.61 56.90
C PRO GA 101 -22.60 -18.55 58.12
N LEU GA 102 -22.90 -19.40 59.12
CA LEU GA 102 -22.07 -19.51 60.34
C LEU GA 102 -20.69 -20.03 59.92
N LEU GA 103 -19.62 -19.56 60.58
CA LEU GA 103 -18.22 -19.98 60.23
C LEU GA 103 -18.02 -21.41 60.73
N SER GA 104 -18.52 -21.74 61.92
CA SER GA 104 -18.45 -23.12 62.46
C SER GA 104 -19.15 -24.08 61.48
N GLN GA 105 -20.27 -23.70 60.85
CA GLN GA 105 -20.98 -24.64 59.99
C GLN GA 105 -20.09 -25.12 58.84
N ILE GA 106 -19.23 -24.25 58.32
CA ILE GA 106 -18.36 -24.61 57.21
C ILE GA 106 -17.17 -25.36 57.75
N SER GA 107 -16.91 -26.54 57.17
CA SER GA 107 -15.79 -27.38 57.59
C SER GA 107 -14.66 -27.45 56.58
N ASN GA 108 -14.94 -27.22 55.30
CA ASN GA 108 -13.89 -27.30 54.29
C ASN GA 108 -12.91 -26.15 54.46
N LEU GA 109 -11.64 -26.42 54.18
CA LEU GA 109 -10.60 -25.39 54.34
C LEU GA 109 -10.65 -24.37 53.20
N ASN GA 110 -10.87 -24.83 51.98
CA ASN GA 110 -10.89 -23.92 50.83
C ASN GA 110 -11.99 -22.88 50.97
N ILE GA 111 -13.18 -23.30 51.39
CA ILE GA 111 -14.29 -22.38 51.55
C ILE GA 111 -13.96 -21.34 52.61
N GLN GA 112 -13.39 -21.78 53.73
CA GLN GA 112 -13.04 -20.84 54.78
C GLN GA 112 -12.00 -19.85 54.28
N GLN GA 113 -11.02 -20.32 53.52
CA GLN GA 113 -9.97 -19.45 53.00
C GLN GA 113 -10.57 -18.39 52.07
N ALA GA 114 -11.46 -18.79 51.16
CA ALA GA 114 -12.05 -17.83 50.25
C ALA GA 114 -12.93 -16.83 51.01
N LEU GA 115 -13.70 -17.30 51.98
CA LEU GA 115 -14.54 -16.41 52.76
C LEU GA 115 -13.72 -15.38 53.52
N ILE GA 116 -12.64 -15.84 54.17
CA ILE GA 116 -11.82 -14.91 54.92
C ILE GA 116 -11.11 -13.93 53.99
N ILE GA 117 -10.73 -14.38 52.79
CA ILE GA 117 -10.11 -13.46 51.83
C ILE GA 117 -11.10 -12.36 51.43
N ARG GA 118 -12.34 -12.75 51.14
CA ARG GA 118 -13.35 -11.77 50.75
C ARG GA 118 -13.59 -10.78 51.89
N GLU GA 119 -13.68 -11.27 53.12
CA GLU GA 119 -13.85 -10.37 54.26
C GLU GA 119 -12.61 -9.53 54.52
N LEU GA 120 -11.42 -10.05 54.18
CA LEU GA 120 -10.18 -9.35 54.46
C LEU GA 120 -9.95 -8.19 53.51
N LEU GA 121 -10.41 -8.31 52.26
CA LEU GA 121 -10.23 -7.20 51.33
C LEU GA 121 -10.85 -5.91 51.88
N PHE GA 122 -12.04 -6.02 52.46
CA PHE GA 122 -12.66 -4.84 53.05
C PHE GA 122 -12.01 -4.46 54.37
N THR GA 123 -11.52 -5.43 55.14
CA THR GA 123 -10.89 -5.12 56.41
C THR GA 123 -9.64 -4.28 56.22
N LEU GA 124 -8.87 -4.57 55.17
CA LEU GA 124 -7.63 -3.84 54.95
C LEU GA 124 -7.86 -2.35 54.74
N LEU GA 125 -9.07 -1.96 54.36
CA LEU GA 125 -9.41 -0.55 54.19
C LEU GA 125 -10.01 0.06 55.45
N GLY GA 126 -10.09 -0.69 56.54
CA GLY GA 126 -10.65 -0.19 57.78
C GLY GA 126 -12.10 -0.52 58.01
N HIS GA 127 -12.77 -1.21 57.09
CA HIS GA 127 -14.17 -1.55 57.27
C HIS GA 127 -14.31 -2.86 58.05
N GLU GA 128 -15.47 -3.01 58.70
CA GLU GA 128 -15.80 -4.27 59.34
C GLU GA 128 -16.16 -5.32 58.29
N GLY GA 129 -16.16 -6.58 58.73
CA GLY GA 129 -16.64 -7.67 57.91
C GLY GA 129 -17.65 -8.52 58.65
N HIS GA 130 -18.05 -9.65 58.05
CA HIS GA 130 -18.92 -10.59 58.77
C HIS GA 130 -18.16 -11.39 59.81
N TYR GA 131 -16.88 -11.67 59.56
CA TYR GA 131 -16.08 -12.51 60.45
C TYR GA 131 -14.95 -11.77 61.13
N ILE GA 132 -14.66 -10.54 60.76
CA ILE GA 132 -13.70 -9.68 61.45
C ILE GA 132 -14.45 -8.45 61.94
N GLN GA 133 -14.47 -8.25 63.26
CA GLN GA 133 -15.26 -7.20 63.87
C GLN GA 133 -14.39 -6.31 64.74
N TYR GA 134 -14.83 -5.06 64.89
CA TYR GA 134 -14.08 -4.08 65.70
C TYR GA 134 -14.11 -4.49 67.17
N SER GA 135 -13.02 -4.27 67.90
CA SER GA 135 -12.98 -4.51 69.32
C SER GA 135 -13.85 -3.49 70.05
N LYS GA 136 -14.44 -3.93 71.17
CA LYS GA 136 -15.31 -3.06 71.93
C LYS GA 136 -14.58 -1.86 72.50
N ARG GA 137 -13.25 -1.90 72.57
CA ARG GA 137 -12.48 -0.79 73.10
C ARG GA 137 -12.42 0.40 72.14
N TYR GA 138 -12.71 0.19 70.86
CA TYR GA 138 -12.58 1.24 69.86
C TYR GA 138 -13.79 2.18 69.95
N ASP GA 139 -13.55 3.40 70.41
CA ASP GA 139 -14.58 4.43 70.49
C ASP GA 139 -14.30 5.51 69.45
N PRO GA 140 -15.10 5.64 68.40
CA PRO GA 140 -14.78 6.65 67.37
C PRO GA 140 -14.79 8.08 67.89
N THR GA 141 -15.48 8.34 69.00
CA THR GA 141 -15.53 9.71 69.51
C THR GA 141 -14.15 10.21 69.93
N SER GA 142 -13.38 9.37 70.60
CA SER GA 142 -12.08 9.80 71.10
C SER GA 142 -11.11 10.02 69.93
N GLN GA 143 -10.35 11.11 70.01
CA GLN GA 143 -9.39 11.42 68.95
C GLN GA 143 -8.26 10.42 68.91
N ILE GA 144 -7.71 10.07 70.07
CA ILE GA 144 -6.58 9.16 70.11
C ILE GA 144 -6.97 7.78 69.60
N SER GA 145 -8.19 7.35 69.90
CA SER GA 145 -8.66 6.06 69.39
C SER GA 145 -8.70 6.05 67.88
N ARG GA 146 -9.20 7.13 67.27
CA ARG GA 146 -9.24 7.20 65.82
C ARG GA 146 -7.83 7.25 65.23
N ILE GA 147 -6.93 8.03 65.84
CA ILE GA 147 -5.58 8.15 65.30
C ILE GA 147 -4.85 6.81 65.36
N GLU GA 148 -4.95 6.12 66.49
CA GLU GA 148 -4.22 4.86 66.65
C GLU GA 148 -4.82 3.72 65.83
N GLY GA 149 -6.03 3.89 65.30
CA GLY GA 149 -6.64 2.88 64.48
C GLY GA 149 -7.40 1.85 65.30
N PRO GA 150 -8.36 1.18 64.67
CA PRO GA 150 -9.17 0.20 65.40
C PRO GA 150 -8.48 -1.15 65.54
N ASP GA 151 -8.75 -1.81 66.64
CA ASP GA 151 -8.27 -3.17 66.88
C ASP GA 151 -9.38 -4.16 66.56
N TYR GA 152 -9.02 -5.24 65.87
CA TYR GA 152 -9.99 -6.18 65.34
C TYR GA 152 -9.92 -7.51 66.11
N LYS GA 153 -11.07 -8.14 66.26
CA LYS GA 153 -11.17 -9.48 66.83
C LYS GA 153 -11.67 -10.45 65.77
N ILE GA 154 -11.07 -11.63 65.74
CA ILE GA 154 -11.37 -12.64 64.73
C ILE GA 154 -12.32 -13.67 65.32
N ALA GA 155 -13.29 -14.10 64.53
CA ALA GA 155 -14.26 -15.08 65.00
C ALA GA 155 -13.56 -16.34 65.48
N LYS GA 156 -14.04 -16.88 66.60
CA LYS GA 156 -13.35 -18.00 67.26
C LYS GA 156 -13.44 -19.29 66.47
N ASN GA 157 -14.32 -19.39 65.47
CA ASN GA 157 -14.52 -20.64 64.76
C ASN GA 157 -13.62 -20.79 63.54
N LEU GA 158 -12.77 -19.81 63.25
CA LEU GA 158 -11.85 -19.94 62.14
C LEU GA 158 -10.78 -20.99 62.44
N ASP GA 159 -10.20 -21.52 61.37
CA ASP GA 159 -9.10 -22.47 61.54
C ASP GA 159 -7.90 -21.78 62.18
N ILE GA 160 -7.14 -22.56 62.95
CA ILE GA 160 -6.06 -21.98 63.76
C ILE GA 160 -5.00 -21.36 62.87
N SER GA 161 -4.57 -22.06 61.82
CA SER GA 161 -3.55 -21.51 60.94
C SER GA 161 -4.06 -20.27 60.22
N LEU GA 162 -5.28 -20.33 59.71
CA LEU GA 162 -5.85 -19.15 59.06
C LEU GA 162 -6.03 -18.02 60.06
N LYS GA 163 -6.38 -18.35 61.30
CA LYS GA 163 -6.53 -17.31 62.31
C LYS GA 163 -5.20 -16.61 62.58
N VAL GA 164 -4.11 -17.37 62.66
CA VAL GA 164 -2.80 -16.75 62.88
C VAL GA 164 -2.43 -15.86 61.70
N ILE GA 165 -2.56 -16.38 60.49
CA ILE GA 165 -2.17 -15.60 59.31
C ILE GA 165 -3.01 -14.33 59.23
N THR GA 166 -4.30 -14.44 59.51
CA THR GA 166 -5.15 -13.26 59.51
C THR GA 166 -4.74 -12.26 60.58
N LYS GA 167 -4.40 -12.75 61.78
CA LYS GA 167 -3.97 -11.84 62.83
C LYS GA 167 -2.72 -11.07 62.43
N LYS GA 168 -1.86 -11.67 61.60
CA LYS GA 168 -0.72 -10.89 61.13
C LYS GA 168 -1.16 -9.81 60.16
N LEU GA 169 -2.06 -10.13 59.22
CA LEU GA 169 -2.45 -9.18 58.18
C LEU GA 169 -3.38 -8.08 58.67
N VAL GA 170 -4.11 -8.31 59.76
CA VAL GA 170 -5.09 -7.32 60.21
C VAL GA 170 -4.43 -5.99 60.51
N LYS GA 171 -3.16 -6.00 60.93
CA LYS GA 171 -2.51 -4.75 61.34
C LYS GA 171 -2.49 -3.73 60.21
N PHE GA 172 -2.52 -4.18 58.96
CA PHE GA 172 -2.45 -3.25 57.83
C PHE GA 172 -3.71 -2.41 57.74
N GLY GA 173 -4.87 -2.99 58.04
CA GLY GA 173 -6.08 -2.18 58.10
C GLY GA 173 -6.02 -1.15 59.20
N LYS GA 174 -5.41 -1.51 60.33
CA LYS GA 174 -5.27 -0.58 61.45
C LYS GA 174 -4.46 0.64 61.04
N PHE GA 175 -3.32 0.42 60.37
CA PHE GA 175 -2.48 1.52 59.95
C PHE GA 175 -3.18 2.41 58.94
N TYR GA 176 -3.88 1.79 57.98
CA TYR GA 176 -4.57 2.58 56.96
C TYR GA 176 -5.67 3.43 57.58
N SER GA 177 -6.47 2.86 58.47
CA SER GA 177 -7.52 3.64 59.11
C SER GA 177 -6.92 4.76 59.96
N GLY GA 178 -5.83 4.47 60.67
CA GLY GA 178 -5.21 5.51 61.48
C GLY GA 178 -4.69 6.66 60.64
N LEU GA 179 -4.05 6.36 59.52
CA LEU GA 179 -3.54 7.43 58.65
C LEU GA 179 -4.69 8.22 58.04
N LYS GA 180 -5.75 7.53 57.61
CA LYS GA 180 -6.88 8.23 57.01
C LYS GA 180 -7.52 9.18 58.01
N SER GA 181 -7.64 8.75 59.27
CA SER GA 181 -8.17 9.65 60.30
C SER GA 181 -7.16 10.72 60.70
N PHE GA 182 -5.86 10.45 60.52
CA PHE GA 182 -4.85 11.45 60.80
C PHE GA 182 -4.95 12.63 59.83
N ILE GA 183 -5.18 12.33 58.55
CA ILE GA 183 -5.32 13.41 57.57
C ILE GA 183 -6.49 14.32 57.92
N GLN GA 184 -7.62 13.74 58.30
CA GLN GA 184 -8.81 14.51 58.60
C GLN GA 184 -8.72 15.29 59.90
N VAL GA 185 -7.58 15.30 60.58
CA VAL GA 185 -7.42 16.04 61.83
C VAL GA 185 -6.26 17.03 61.74
N PHE GA 186 -5.10 16.58 61.27
CA PHE GA 186 -3.90 17.41 61.32
C PHE GA 186 -3.71 18.29 60.09
N ASP GA 187 -4.62 18.24 59.13
CA ASP GA 187 -4.48 19.03 57.90
C ASP GA 187 -5.35 20.30 57.98
N ASN GA 188 -4.90 21.24 58.81
CA ASN GA 188 -5.54 22.54 58.92
C ASN GA 188 -4.46 23.60 59.18
N ASN GA 189 -4.89 24.86 59.24
CA ASN GA 189 -3.94 25.96 59.30
C ASN GA 189 -3.20 26.03 60.63
N LYS GA 190 -3.83 25.59 61.71
CA LYS GA 190 -3.24 25.79 63.03
C LYS GA 190 -2.04 24.89 63.29
N PHE GA 191 -1.81 23.87 62.48
CA PHE GA 191 -0.71 22.92 62.70
C PHE GA 191 0.50 23.20 61.82
N GLY GA 192 0.44 24.22 60.98
CA GLY GA 192 1.61 24.70 60.27
C GLY GA 192 1.89 24.01 58.95
N LYS GA 193 2.81 24.61 58.20
CA LYS GA 193 3.14 24.16 56.86
C LYS GA 193 3.86 22.82 56.87
N ILE GA 194 4.67 22.56 57.90
CA ILE GA 194 5.41 21.31 57.96
C ILE GA 194 4.44 20.13 58.06
N VAL GA 195 3.49 20.22 59.00
CA VAL GA 195 2.53 19.14 59.19
C VAL GA 195 1.61 19.03 57.99
N GLN GA 196 1.21 20.16 57.40
CA GLN GA 196 0.37 20.09 56.22
C GLN GA 196 1.08 19.36 55.08
N LYS GA 197 2.35 19.72 54.84
CA LYS GA 197 3.10 19.09 53.77
C LYS GA 197 3.31 17.61 54.04
N PHE GA 198 3.44 17.23 55.31
CA PHE GA 198 3.53 15.80 55.64
C PHE GA 198 2.21 15.09 55.36
N CYS GA 199 1.09 15.74 55.65
CA CYS GA 199 -0.20 15.17 55.32
C CYS GA 199 -0.33 14.93 53.82
N SER GA 200 0.30 15.79 53.02
CA SER GA 200 0.32 15.56 51.59
C SER GA 200 1.01 14.23 51.26
N GLU GA 201 2.15 13.95 51.89
CA GLU GA 201 2.85 12.69 51.66
C GLU GA 201 1.99 11.51 52.09
N VAL GA 202 1.33 11.62 53.24
CA VAL GA 202 0.49 10.52 53.70
C VAL GA 202 -0.60 10.22 52.68
N ARG GA 203 -1.23 11.27 52.14
CA ARG GA 203 -2.35 11.11 51.19
C ARG GA 203 -1.84 10.52 49.87
N LYS GA 204 -0.63 10.87 49.42
CA LYS GA 204 -0.07 10.25 48.23
C LYS GA 204 0.25 8.78 48.48
N PHE GA 205 0.77 8.45 49.66
CA PHE GA 205 1.05 7.06 49.99
C PHE GA 205 -0.22 6.23 50.00
N LEU GA 206 -1.32 6.77 50.54
CA LEU GA 206 -2.58 6.02 50.53
C LEU GA 206 -3.02 5.75 49.10
N SER GA 207 -2.88 6.74 48.23
CA SER GA 207 -3.22 6.53 46.83
C SER GA 207 -2.38 5.42 46.23
N SER GA 208 -1.10 5.35 46.58
CA SER GA 208 -0.25 4.28 46.08
C SER GA 208 -0.67 2.92 46.65
N TYR GA 209 -1.04 2.89 47.94
CA TYR GA 209 -1.36 1.63 48.61
C TYR GA 209 -2.64 1.00 48.04
N GLN GA 210 -3.62 1.83 47.70
CA GLN GA 210 -4.82 1.26 47.12
C GLN GA 210 -4.54 0.54 45.80
N GLN GA 211 -3.49 0.92 45.06
CA GLN GA 211 -3.12 0.22 43.80
C GLN GA 211 -2.50 -1.14 44.14
N VAL GA 212 -1.96 -1.33 45.35
CA VAL GA 212 -1.44 -2.66 45.81
C VAL GA 212 -2.66 -3.51 46.16
N LEU GA 213 -3.72 -2.93 46.77
CA LEU GA 213 -4.94 -3.64 47.14
C LEU GA 213 -5.75 -4.03 45.90
N ILE GA 214 -5.79 -3.15 44.89
CA ILE GA 214 -6.54 -3.45 43.67
C ILE GA 214 -5.93 -4.64 42.95
N ASN GA 215 -4.59 -4.68 42.87
CA ASN GA 215 -3.96 -5.83 42.23
C ASN GA 215 -4.25 -7.11 42.98
N VAL GA 216 -4.24 -7.05 44.31
CA VAL GA 216 -4.58 -8.23 45.10
C VAL GA 216 -6.00 -8.68 44.78
N GLU GA 217 -6.93 -7.74 44.69
CA GLU GA 217 -8.32 -8.11 44.39
C GLU GA 217 -8.42 -8.74 43.01
N HIS GA 218 -7.71 -8.19 42.03
CA HIS GA 218 -7.76 -8.75 40.68
C HIS GA 218 -7.21 -10.18 40.66
N GLU GA 219 -6.11 -10.41 41.37
CA GLU GA 219 -5.56 -11.76 41.42
C GLU GA 219 -6.49 -12.72 42.13
N PHE GA 220 -7.12 -12.28 43.22
CA PHE GA 220 -8.11 -13.11 43.98
C PHE GA 220 -9.22 -13.50 43.01
N LYS GA 221 -9.72 -12.55 42.22
CA LYS GA 221 -10.87 -12.78 41.31
C LYS GA 221 -10.51 -13.71 40.16
N PHE GA 222 -9.33 -13.57 39.51
CA PHE GA 222 -9.03 -14.34 38.30
C PHE GA 222 -7.99 -15.45 38.47
N ASN GA 223 -7.10 -15.37 39.46
CA ASN GA 223 -6.04 -16.37 39.61
C ASN GA 223 -6.52 -17.54 40.44
N LYS GA 224 -6.37 -18.75 39.90
CA LYS GA 224 -6.75 -19.96 40.64
C LYS GA 224 -5.75 -20.33 41.71
N ASN GA 225 -4.47 -20.03 41.50
CA ASN GA 225 -3.42 -20.41 42.45
C ASN GA 225 -3.32 -19.46 43.62
N PHE GA 226 -4.07 -18.36 43.62
CA PHE GA 226 -4.01 -17.41 44.72
C PHE GA 226 -4.45 -18.07 46.01
N ASN GA 227 -3.76 -17.74 47.11
CA ASN GA 227 -4.10 -18.26 48.42
C ASN GA 227 -3.66 -17.25 49.47
N LEU GA 228 -3.98 -17.54 50.73
CA LEU GA 228 -3.75 -16.58 51.80
C LEU GA 228 -2.26 -16.28 51.97
N ASN GA 229 -1.42 -17.32 51.87
CA ASN GA 229 0.01 -17.13 52.07
C ASN GA 229 0.59 -16.18 51.03
N MET GA 230 0.11 -16.28 49.78
CA MET GA 230 0.57 -15.36 48.75
C MET GA 230 0.22 -13.93 49.09
N LEU GA 231 -1.00 -13.70 49.60
CA LEU GA 231 -1.38 -12.36 50.01
C LEU GA 231 -0.48 -11.85 51.13
N ASP GA 232 -0.21 -12.71 52.12
CA ASP GA 232 0.66 -12.30 53.22
C ASP GA 232 2.04 -11.91 52.71
N SER GA 233 2.63 -12.75 51.86
CA SER GA 233 3.97 -12.47 51.37
C SER GA 233 3.99 -11.21 50.53
N LEU GA 234 3.00 -11.04 49.64
CA LEU GA 234 2.98 -9.87 48.77
C LEU GA 234 2.86 -8.58 49.57
N LEU GA 235 1.87 -8.53 50.48
CA LEU GA 235 1.68 -7.30 51.24
C LEU GA 235 2.90 -7.00 52.11
N HIS GA 236 3.45 -8.02 52.78
CA HIS GA 236 4.60 -7.77 53.65
C HIS GA 236 5.82 -7.31 52.84
N GLN GA 237 6.03 -7.88 51.65
CA GLN GA 237 7.20 -7.53 50.87
C GLN GA 237 7.03 -6.26 50.06
N GLU GA 238 5.82 -5.73 49.92
CA GLU GA 238 5.61 -4.56 49.08
C GLU GA 238 5.42 -3.27 49.89
N ILE GA 239 4.49 -3.23 50.84
CA ILE GA 239 4.05 -1.98 51.43
C ILE GA 239 4.27 -1.90 52.93
N SER GA 240 4.77 -2.94 53.58
CA SER GA 240 4.84 -2.94 55.03
C SER GA 240 5.77 -1.83 55.54
N ASN GA 241 6.93 -1.66 54.91
CA ASN GA 241 7.97 -0.79 55.47
C ASN GA 241 7.53 0.67 55.49
N GLU GA 242 7.04 1.17 54.35
CA GLU GA 242 6.63 2.56 54.25
C GLU GA 242 5.44 2.84 55.16
N MET GA 243 4.49 1.90 55.21
CA MET GA 243 3.32 2.07 56.08
C MET GA 243 3.75 2.14 57.53
N THR GA 244 4.68 1.28 57.94
CA THR GA 244 5.15 1.29 59.32
C THR GA 244 5.81 2.63 59.65
N HIS GA 245 6.66 3.12 58.75
CA HIS GA 245 7.31 4.41 58.99
C HIS GA 245 6.28 5.53 59.18
N LEU GA 246 5.35 5.63 58.24
CA LEU GA 246 4.38 6.72 58.30
C LEU GA 246 3.50 6.62 59.53
N TYR GA 247 3.02 5.41 59.85
CA TYR GA 247 2.16 5.25 61.01
C TYR GA 247 2.91 5.59 62.30
N GLN GA 248 4.16 5.14 62.44
CA GLN GA 248 4.90 5.44 63.65
C GLN GA 248 5.11 6.94 63.80
N ILE GA 249 5.46 7.62 62.71
CA ILE GA 249 5.66 9.07 62.82
C ILE GA 249 4.36 9.76 63.19
N GLY GA 250 3.24 9.35 62.57
CA GLY GA 250 1.97 9.97 62.87
C GLY GA 250 1.55 9.79 64.32
N ILE GA 251 1.68 8.57 64.84
CA ILE GA 251 1.26 8.34 66.22
C ILE GA 251 2.19 9.08 67.18
N GLU GA 252 3.48 9.19 66.86
CA GLU GA 252 4.36 9.97 67.72
C GLU GA 252 3.98 11.44 67.73
N ILE GA 253 3.59 11.98 66.57
CA ILE GA 253 3.10 13.36 66.54
C ILE GA 253 1.85 13.51 67.39
N SER GA 254 0.94 12.54 67.32
CA SER GA 254 -0.27 12.63 68.14
C SER GA 254 0.08 12.63 69.62
N ARG GA 255 1.01 11.77 70.03
CA ARG GA 255 1.41 11.73 71.44
C ARG GA 255 2.01 13.06 71.88
N ILE GA 256 2.91 13.62 71.05
CA ILE GA 256 3.56 14.86 71.46
C ILE GA 256 2.57 16.02 71.50
N THR GA 257 1.67 16.10 70.52
CA THR GA 257 0.74 17.22 70.48
C THR GA 257 -0.29 17.12 71.60
N GLU GA 258 -0.70 15.92 72.01
CA GLU GA 258 -1.60 15.85 73.15
C GLU GA 258 -0.86 16.15 74.45
N GLU GA 259 0.43 15.81 74.54
CA GLU GA 259 1.19 16.21 75.71
C GLU GA 259 1.31 17.72 75.83
N ARG GA 260 1.55 18.41 74.70
CA ARG GA 260 1.74 19.85 74.77
C ARG GA 260 0.48 20.63 75.10
N GLN GA 261 -0.70 20.02 74.98
CA GLN GA 261 -1.94 20.70 75.31
C GLN GA 261 -2.36 20.49 76.76
N LYS GA 262 -1.54 19.85 77.57
CA LYS GA 262 -1.87 19.63 78.97
C LYS GA 262 -0.88 20.36 79.88
N GLY GA 301 3.88 21.55 65.21
CA GLY GA 301 4.38 22.54 64.26
C GLY GA 301 5.68 22.12 63.62
N GLY GA 302 6.76 22.83 63.95
CA GLY GA 302 8.07 22.51 63.45
C GLY GA 302 8.74 21.34 64.13
N LEU GA 303 8.08 20.73 65.11
CA LEU GA 303 8.61 19.59 65.82
C LEU GA 303 8.72 18.34 64.96
N LEU GA 304 8.10 18.32 63.78
CA LEU GA 304 8.14 17.13 62.94
C LEU GA 304 9.57 16.80 62.54
N LEU GA 305 10.37 17.81 62.20
CA LEU GA 305 11.74 17.55 61.81
C LEU GA 305 12.51 16.85 62.92
N GLN GA 306 12.25 17.22 64.18
CA GLN GA 306 12.91 16.56 65.29
C GLN GA 306 12.49 15.11 65.39
N VAL GA 307 11.21 14.82 65.15
CA VAL GA 307 10.73 13.43 65.20
C VAL GA 307 11.37 12.60 64.10
N ILE GA 308 11.45 13.12 62.88
CA ILE GA 308 12.06 12.38 61.80
C ILE GA 308 13.54 12.13 62.09
N GLN GA 309 14.25 13.16 62.54
CA GLN GA 309 15.67 12.99 62.83
C GLN GA 309 15.87 11.97 63.96
N GLU GA 310 15.05 12.04 65.00
CA GLU GA 310 15.10 11.03 66.06
C GLU GA 310 14.78 9.65 65.51
N ARG GA 311 13.78 9.56 64.64
CA ARG GA 311 13.41 8.28 64.06
C ARG GA 311 14.53 7.74 63.17
N MET GA 312 15.24 8.61 62.47
CA MET GA 312 16.23 8.19 61.49
C MET GA 312 17.49 7.61 62.12
N VAL GA 313 17.68 7.78 63.42
CA VAL GA 313 18.91 7.26 64.04
C VAL GA 313 18.90 5.74 64.04
N TYR GA 314 17.74 5.12 64.26
CA TYR GA 314 17.70 3.67 64.37
C TYR GA 314 17.87 2.98 63.02
N TYR GA 315 17.43 3.61 61.94
CA TYR GA 315 17.54 3.04 60.61
C TYR GA 315 18.71 3.61 59.83
N LYS GA 316 19.76 4.05 60.52
CA LYS GA 316 20.89 4.66 59.84
C LYS GA 316 21.69 3.66 59.01
N GLY GA 317 21.57 2.37 59.28
CA GLY GA 317 22.29 1.37 58.53
C GLY GA 317 21.45 0.69 57.48
N ASP GA 318 20.14 0.87 57.53
CA ASP GA 318 19.24 0.22 56.60
C ASP GA 318 19.14 1.04 55.32
N PRO GA 319 19.53 0.50 54.16
CA PRO GA 319 19.53 1.34 52.95
C PRO GA 319 18.16 1.83 52.54
N THR GA 320 17.18 0.93 52.37
CA THR GA 320 15.88 1.34 51.86
C THR GA 320 15.16 2.26 52.84
N SER GA 321 15.19 1.93 54.14
CA SER GA 321 14.50 2.74 55.12
C SER GA 321 15.15 4.11 55.24
N LEU GA 322 16.48 4.16 55.21
CA LEU GA 322 17.17 5.44 55.24
C LEU GA 322 16.86 6.27 54.02
N ASP GA 323 16.80 5.64 52.84
CA ASP GA 323 16.47 6.39 51.63
C ASP GA 323 15.07 6.98 51.72
N PHE GA 324 14.10 6.19 52.19
CA PHE GA 324 12.75 6.70 52.31
C PHE GA 324 12.67 7.84 53.32
N LEU GA 325 13.31 7.68 54.47
CA LEU GA 325 13.26 8.73 55.49
C LEU GA 325 13.96 9.99 55.00
N THR GA 326 15.08 9.86 54.30
CA THR GA 326 15.77 11.02 53.77
C THR GA 326 14.92 11.73 52.73
N GLN GA 327 14.26 10.97 51.84
CA GLN GA 327 13.40 11.60 50.85
C GLN GA 327 12.24 12.34 51.53
N LEU GA 328 11.63 11.71 52.53
CA LEU GA 328 10.52 12.35 53.24
C LEU GA 328 10.99 13.62 53.95
N PHE GA 329 12.16 13.56 54.59
CA PHE GA 329 12.68 14.75 55.25
C PHE GA 329 12.97 15.86 54.24
N ASP GA 330 13.51 15.49 53.08
CA ASP GA 330 13.84 16.50 52.09
C ASP GA 330 12.60 17.22 51.59
N ILE GA 331 11.56 16.47 51.25
CA ILE GA 331 10.37 17.13 50.71
C ILE GA 331 9.65 17.92 51.80
N VAL GA 332 9.56 17.36 53.01
CA VAL GA 332 8.84 18.04 54.08
C VAL GA 332 9.50 19.36 54.44
N SER GA 333 10.83 19.37 54.50
CA SER GA 333 11.55 20.57 54.94
C SER GA 333 11.55 21.68 53.91
N SER GA 334 11.07 21.43 52.70
CA SER GA 334 11.23 22.41 51.63
C SER GA 334 10.55 23.73 51.95
N ASP GA 335 9.43 23.70 52.66
CA ASP GA 335 8.75 24.95 53.04
C ASP GA 335 9.64 25.78 53.97
N TYR GA 336 10.27 25.12 54.94
CA TYR GA 336 11.14 25.82 55.89
C TYR GA 336 12.30 26.46 55.16
N ILE GA 337 12.85 25.76 54.16
CA ILE GA 337 13.92 26.32 53.36
C ILE GA 337 13.43 27.51 52.56
N GLY GA 338 12.18 27.47 52.09
CA GLY GA 338 11.63 28.64 51.41
C GLY GA 338 11.55 29.86 52.31
N MET GA 339 11.08 29.66 53.54
CA MET GA 339 11.02 30.78 54.48
C MET GA 339 12.42 31.33 54.75
N LEU GA 340 13.38 30.43 55.02
CA LEU GA 340 14.74 30.87 55.32
C LEU GA 340 15.37 31.59 54.13
N ASN GA 341 15.15 31.07 52.92
CA ASN GA 341 15.70 31.69 51.72
C ASN GA 341 15.15 33.09 51.52
N GLN GA 342 13.82 33.25 51.66
CA GLN GA 342 13.27 34.60 51.52
C GLN GA 342 13.79 35.52 52.60
N TRP GA 343 13.92 35.03 53.83
CA TRP GA 343 14.42 35.88 54.90
C TRP GA 343 15.85 36.35 54.62
N LEU GA 344 16.72 35.45 54.17
CA LEU GA 344 18.11 35.82 53.94
C LEU GA 344 18.35 36.52 52.61
N LEU GA 345 17.44 36.42 51.65
CA LEU GA 345 17.66 37.05 50.35
C LEU GA 345 16.92 38.37 50.18
N GLU GA 346 15.77 38.54 50.84
CA GLU GA 346 14.98 39.75 50.70
C GLU GA 346 14.55 40.36 52.02
N GLY GA 347 14.84 39.72 53.15
CA GLY GA 347 14.47 40.29 54.44
C GLY GA 347 12.98 40.45 54.62
N VAL GA 348 12.20 39.46 54.18
CA VAL GA 348 10.74 39.50 54.30
C VAL GA 348 10.26 38.18 54.88
N ILE GA 349 9.43 38.26 55.92
CA ILE GA 349 8.74 37.10 56.47
C ILE GA 349 7.34 37.06 55.87
N ASN GA 350 6.90 35.88 55.44
CA ASN GA 350 5.71 35.78 54.60
C ASN GA 350 4.60 34.95 55.24
N ASP GA 351 4.91 33.76 55.74
CA ASP GA 351 3.88 32.82 56.16
C ASP GA 351 3.34 33.20 57.54
N PRO GA 352 2.05 33.48 57.68
CA PRO GA 352 1.52 34.01 58.95
C PRO GA 352 1.27 32.97 60.03
N PHE GA 353 1.74 31.74 59.88
CA PHE GA 353 1.48 30.70 60.86
C PHE GA 353 2.43 30.77 62.06
N ASP GA 354 3.36 31.73 62.08
CA ASP GA 354 4.33 31.84 63.17
C ASP GA 354 5.20 30.60 63.26
N GLU GA 355 5.37 29.90 62.13
CA GLU GA 355 6.21 28.71 62.10
C GLU GA 355 7.69 29.08 62.13
N PHE GA 356 8.05 30.16 61.44
CA PHE GA 356 9.45 30.49 61.23
C PHE GA 356 10.12 30.90 62.54
N MET GA 357 11.44 30.66 62.62
CA MET GA 357 12.15 30.89 63.87
C MET GA 357 12.32 32.38 64.16
N ILE GA 358 12.53 33.20 63.13
CA ILE GA 358 12.75 34.64 63.29
C ILE GA 358 11.39 35.29 63.43
N ARG GA 359 10.98 35.55 64.66
CA ARG GA 359 9.64 36.05 64.97
C ARG GA 359 9.62 37.57 64.95
N GLU GA 360 9.15 38.14 63.83
CA GLU GA 360 8.83 39.56 63.79
C GLU GA 360 7.42 39.77 64.37
N LYS GA 361 7.30 40.71 65.30
CA LYS GA 361 6.04 40.95 66.00
C LYS GA 361 5.49 42.34 65.71
N ARG GA 362 4.17 42.43 65.61
CA ARG GA 362 3.50 43.69 65.30
C ARG GA 362 3.44 44.58 66.54
N VAL GA 363 3.71 45.86 66.35
CA VAL GA 363 3.57 46.83 67.45
C VAL GA 363 2.08 47.05 67.72
N PRO GA 364 1.63 47.10 68.98
CA PRO GA 364 0.22 47.41 69.24
C PRO GA 364 -0.14 48.82 68.76
N ASP GA 365 -1.39 48.98 68.32
CA ASP GA 365 -1.84 50.29 67.88
C ASP GA 365 -1.76 51.31 69.00
N SER GA 366 -1.91 50.88 70.25
CA SER GA 366 -1.87 51.82 71.37
C SER GA 366 -0.49 52.45 71.56
N PHE GA 367 0.56 51.86 70.99
CA PHE GA 367 1.92 52.34 71.19
C PHE GA 367 2.58 52.76 69.87
N MET GA 368 1.81 52.88 68.79
CA MET GA 368 2.39 53.16 67.48
C MET GA 368 3.20 54.45 67.51
N GLU GA 369 2.63 55.52 68.07
CA GLU GA 369 3.34 56.80 68.09
C GLU GA 369 4.61 56.73 68.94
N ILE GA 370 4.58 55.96 70.03
CA ILE GA 370 5.77 55.84 70.88
C ILE GA 370 6.88 55.12 70.13
N PHE GA 371 6.55 53.98 69.50
CA PHE GA 371 7.59 53.20 68.84
C PHE GA 371 8.12 53.88 67.58
N GLN GA 372 7.31 54.72 66.92
CA GLN GA 372 7.84 55.42 65.76
C GLN GA 372 8.94 56.39 66.16
N SER GA 373 8.79 57.06 67.30
CA SER GA 373 9.83 57.97 67.76
C SER GA 373 11.10 57.21 68.15
N LYS GA 374 10.96 56.17 68.97
CA LYS GA 374 12.10 55.37 69.42
C LYS GA 374 12.21 54.11 68.56
N SER GA 375 12.66 54.30 67.33
CA SER GA 375 12.81 53.18 66.40
C SER GA 375 13.89 52.19 66.83
N GLU GA 376 14.79 52.59 67.75
CA GLU GA 376 15.82 51.66 68.19
C GLU GA 376 15.21 50.45 68.87
N TYR GA 377 14.22 50.66 69.74
CA TYR GA 377 13.59 49.53 70.40
C TYR GA 377 12.73 48.73 69.44
N TYR GA 378 12.15 49.39 68.43
CA TYR GA 378 11.42 48.64 67.40
C TYR GA 378 12.35 47.67 66.68
N TRP GA 379 13.53 48.14 66.27
CA TRP GA 379 14.43 47.31 65.49
C TRP GA 379 15.35 46.45 66.34
N ASN GA 380 15.28 46.55 67.67
CA ASN GA 380 16.10 45.71 68.52
C ASN GA 380 15.32 44.78 69.44
N GLU GA 381 14.01 44.98 69.61
CA GLU GA 381 13.24 44.17 70.55
C GLU GA 381 12.14 43.36 69.87
N LEU GA 382 11.55 43.88 68.80
CA LEU GA 382 10.42 43.22 68.15
C LEU GA 382 10.86 42.24 67.07
N PHE GA 383 12.15 41.94 66.97
CA PHE GA 383 12.63 40.77 66.23
C PHE GA 383 13.27 39.81 67.22
N LEU GA 384 12.79 38.57 67.22
CA LEU GA 384 13.23 37.56 68.18
C LEU GA 384 13.52 36.26 67.44
N ILE GA 385 14.15 35.33 68.15
CA ILE GA 385 14.44 34.01 67.63
C ILE GA 385 13.69 33.00 68.48
N LYS GA 386 12.75 32.29 67.87
CA LYS GA 386 11.97 31.27 68.56
C LYS GA 386 12.84 30.03 68.77
N ILE GA 387 13.35 29.84 69.99
CA ILE GA 387 14.34 28.76 70.27
C ILE GA 387 13.70 27.38 70.16
N ASP GA 388 12.37 27.24 70.30
CA ASP GA 388 11.77 25.90 70.31
C ASP GA 388 11.93 25.22 68.95
N GLY GA 389 11.75 25.96 67.87
CA GLY GA 389 11.74 25.38 66.53
C GLY GA 389 13.08 25.31 65.85
N LEU GA 390 14.18 25.54 66.57
CA LEU GA 390 15.50 25.53 65.95
C LEU GA 390 16.03 24.11 65.81
N LEU GA 391 16.68 23.84 64.68
CA LEU GA 391 17.40 22.60 64.50
C LEU GA 391 18.81 22.72 65.12
N ASN GA 392 19.48 21.59 65.23
CA ASN GA 392 20.81 21.58 65.82
C ASN GA 392 21.82 22.35 64.97
N GLN GA 393 21.56 22.51 63.67
CA GLN GA 393 22.46 23.30 62.84
C GLN GA 393 22.49 24.76 63.29
N PHE GA 394 21.32 25.32 63.62
CA PHE GA 394 21.21 26.71 64.04
C PHE GA 394 21.41 26.88 65.54
N GLN GA 395 21.65 25.80 66.29
CA GLN GA 395 21.86 25.88 67.72
C GLN GA 395 23.28 26.39 68.03
N ASN GA 396 23.54 27.61 67.56
CA ASN GA 396 24.83 28.25 67.75
C ASN GA 396 24.58 29.75 67.85
N SER GA 397 25.19 30.39 68.84
CA SER GA 397 24.90 31.81 69.09
C SER GA 397 25.29 32.69 67.90
N THR GA 398 26.48 32.48 67.36
CA THR GA 398 26.96 33.34 66.29
C THR GA 398 26.14 33.18 65.01
N ILE GA 399 25.72 31.95 64.71
CA ILE GA 399 24.89 31.72 63.52
C ILE GA 399 23.54 32.39 63.67
N GLN GA 400 22.94 32.26 64.86
CA GLN GA 400 21.66 32.93 65.12
C GLN GA 400 21.79 34.43 64.93
N SER GA 401 22.85 35.02 65.49
CA SER GA 401 23.05 36.45 65.37
C SER GA 401 23.24 36.85 63.91
N LYS GA 402 24.01 36.06 63.15
CA LYS GA 402 24.25 36.38 61.75
C LYS GA 402 22.95 36.35 60.96
N ILE GA 403 22.12 35.34 61.18
CA ILE GA 403 20.86 35.25 60.44
C ILE GA 403 19.98 36.44 60.76
N LEU GA 404 19.80 36.71 62.06
CA LEU GA 404 18.91 37.79 62.47
C LEU GA 404 19.39 39.12 61.91
N ASN GA 405 20.70 39.39 62.00
CA ASN GA 405 21.22 40.68 61.57
C ASN GA 405 21.22 40.81 60.05
N THR GA 406 21.45 39.72 59.31
CA THR GA 406 21.34 39.79 57.85
C THR GA 406 19.93 40.20 57.45
N GLY GA 407 18.93 39.53 58.03
CA GLY GA 407 17.56 39.86 57.67
C GLY GA 407 17.20 41.29 58.06
N LYS GA 408 17.60 41.71 59.26
CA LYS GA 408 17.28 43.06 59.67
C LYS GA 408 17.94 44.08 58.76
N TYR GA 409 19.19 43.85 58.37
CA TYR GA 409 19.89 44.83 57.54
C TYR GA 409 19.24 44.95 56.17
N LEU GA 410 18.86 43.82 55.57
CA LEU GA 410 18.16 43.92 54.29
C LEU GA 410 16.82 44.63 54.46
N ASN GA 411 16.11 44.39 55.56
CA ASN GA 411 14.86 45.09 55.79
C ASN GA 411 15.07 46.60 55.93
N ILE GA 412 16.14 47.00 56.63
CA ILE GA 412 16.44 48.42 56.75
C ILE GA 412 16.70 49.03 55.38
N PHE GA 413 17.49 48.34 54.56
CA PHE GA 413 17.78 48.86 53.23
C PHE GA 413 16.49 49.05 52.42
N LYS GA 414 15.63 48.03 52.42
CA LYS GA 414 14.41 48.13 51.63
C LYS GA 414 13.52 49.25 52.13
N ARG GA 415 13.38 49.38 53.45
CA ARG GA 415 12.50 50.42 53.99
C ARG GA 415 13.09 51.81 53.77
N CYS GA 416 14.42 51.93 53.72
CA CYS GA 416 15.02 53.24 53.54
C CYS GA 416 14.98 53.69 52.09
N THR GA 417 15.55 52.90 51.18
CA THR GA 417 15.61 53.34 49.79
C THR GA 417 14.31 53.10 49.03
N GLY GA 418 13.33 52.45 49.65
CA GLY GA 418 12.02 52.30 49.05
C GLY GA 418 11.86 51.14 48.10
N LEU GA 419 12.93 50.41 47.80
CA LEU GA 419 12.82 49.28 46.89
C LEU GA 419 11.88 48.23 47.44
N HIS GA 420 11.03 47.68 46.58
CA HIS GA 420 10.21 46.54 46.96
C HIS GA 420 11.03 45.26 46.98
N ASN GA 421 11.95 45.11 46.04
CA ASN GA 421 12.84 43.97 45.98
C ASN GA 421 14.08 44.38 45.20
N PHE GA 422 15.13 43.56 45.29
CA PHE GA 422 16.43 43.90 44.71
C PHE GA 422 16.54 43.43 43.27
N GLU GA 423 15.54 43.77 42.45
CA GLU GA 423 15.62 43.46 41.03
C GLU GA 423 16.53 44.44 40.29
N SER GA 424 16.52 45.71 40.68
CA SER GA 424 17.29 46.71 39.95
C SER GA 424 18.77 46.38 39.96
N LEU GA 425 19.27 45.79 41.06
CA LEU GA 425 20.69 45.47 41.13
C LEU GA 425 21.07 44.34 40.19
N LYS GA 426 20.09 43.52 39.79
CA LYS GA 426 20.32 42.37 38.87
C LYS GA 426 21.57 41.59 39.29
N GLU GA 427 21.65 41.17 40.55
CA GLU GA 427 22.80 40.35 41.01
C GLU GA 427 22.41 38.87 40.98
N LYS GA 428 23.40 37.98 40.77
CA LYS GA 428 23.13 36.52 40.70
C LYS GA 428 23.22 35.93 42.11
N LEU GA 429 22.18 35.26 42.58
CA LEU GA 429 22.19 34.75 43.95
C LEU GA 429 21.95 33.25 43.95
N THR GA 430 22.54 32.57 44.95
CA THR GA 430 22.38 31.15 45.14
C THR GA 430 21.62 30.90 46.45
N THR GA 431 20.58 30.07 46.38
CA THR GA 431 19.75 29.79 47.54
C THR GA 431 20.24 28.53 48.26
N ILE GA 432 19.85 28.42 49.54
CA ILE GA 432 20.22 27.25 50.34
C ILE GA 432 19.43 26.05 49.82
N THR GA 433 20.16 25.04 49.33
CA THR GA 433 19.49 23.90 48.71
C THR GA 433 18.82 22.99 49.75
N SER GA 434 19.43 22.85 50.92
CA SER GA 434 18.86 21.95 51.93
C SER GA 434 19.45 22.27 53.29
N LEU GA 435 18.75 21.83 54.33
CA LEU GA 435 19.24 22.02 55.69
C LEU GA 435 20.41 21.10 56.00
N ALA GA 436 20.51 19.98 55.30
CA ALA GA 436 21.58 19.01 55.51
C ALA GA 436 22.80 19.29 54.63
N ALA GA 437 22.79 20.39 53.89
CA ALA GA 437 23.92 20.71 53.04
C ALA GA 437 25.14 21.07 53.87
N PRO GA 438 26.35 20.82 53.36
CA PRO GA 438 27.55 21.10 54.15
C PRO GA 438 27.97 22.56 54.16
N ASP GA 439 27.51 23.38 53.20
CA ASP GA 439 27.94 24.75 53.07
C ASP GA 439 26.96 25.75 53.66
N LEU GA 440 26.15 25.31 54.63
CA LEU GA 440 25.17 26.22 55.23
C LEU GA 440 25.87 27.39 55.90
N GLU GA 441 26.94 27.13 56.64
CA GLU GA 441 27.67 28.21 57.30
C GLU GA 441 28.29 29.16 56.28
N LEU GA 442 28.85 28.61 55.20
CA LEU GA 442 29.43 29.45 54.16
C LEU GA 442 28.35 30.32 53.51
N LYS GA 443 27.19 29.73 53.22
CA LYS GA 443 26.12 30.51 52.60
C LYS GA 443 25.64 31.62 53.53
N ILE GA 444 25.50 31.31 54.82
CA ILE GA 444 25.08 32.34 55.76
C ILE GA 444 26.12 33.46 55.84
N ASP GA 445 27.40 33.10 55.86
CA ASP GA 445 28.45 34.11 55.91
C ASP GA 445 28.39 34.99 54.66
N GLU GA 446 28.21 34.38 53.49
CA GLU GA 446 28.17 35.17 52.26
C GLU GA 446 26.98 36.11 52.26
N PHE GA 447 25.82 35.64 52.70
CA PHE GA 447 24.64 36.49 52.73
C PHE GA 447 24.84 37.64 53.72
N TYR GA 448 25.44 37.35 54.87
CA TYR GA 448 25.69 38.38 55.87
C TYR GA 448 26.65 39.44 55.31
N HIS GA 449 27.68 38.99 54.60
CA HIS GA 449 28.62 39.94 54.01
C HIS GA 449 27.94 40.79 52.95
N ARG GA 450 27.05 40.19 52.15
CA ARG GA 450 26.30 40.98 51.16
C ARG GA 450 25.45 42.04 51.85
N ALA GA 451 24.75 41.66 52.91
CA ALA GA 451 23.90 42.61 53.62
C ALA GA 451 24.73 43.74 54.21
N ASN GA 452 25.87 43.42 54.83
CA ASN GA 452 26.73 44.46 55.34
C ASN GA 452 27.25 45.37 54.24
N LYS GA 453 27.64 44.78 53.11
CA LYS GA 453 28.12 45.59 52.00
C LYS GA 453 27.08 46.62 51.58
N MET GA 454 25.83 46.17 51.40
CA MET GA 454 24.78 47.09 50.96
C MET GA 454 24.51 48.15 52.02
N LEU GA 455 24.33 47.73 53.27
CA LEU GA 455 23.98 48.72 54.30
C LEU GA 455 25.11 49.70 54.56
N MET GA 456 26.36 49.23 54.56
CA MET GA 456 27.51 50.11 54.68
C MET GA 456 27.53 51.14 53.56
N LYS GA 457 27.36 50.69 52.32
CA LYS GA 457 27.43 51.68 51.26
C LYS GA 457 26.27 52.65 51.34
N LEU GA 458 25.08 52.17 51.71
CA LEU GA 458 23.96 53.08 51.94
C LEU GA 458 24.35 54.15 52.93
N LEU GA 459 24.77 53.75 54.13
CA LEU GA 459 25.07 54.72 55.18
C LEU GA 459 26.15 55.70 54.74
N PHE GA 460 27.27 55.20 54.22
CA PHE GA 460 28.39 56.08 53.93
C PHE GA 460 28.15 56.89 52.66
N ASP GA 461 27.98 56.24 51.52
CA ASP GA 461 27.87 56.96 50.26
C ASP GA 461 26.54 57.71 50.17
N GLY GA 462 25.41 57.03 50.42
CA GLY GA 462 24.07 57.63 50.26
C GLY GA 462 23.68 58.58 51.37
N TYR GA 463 23.68 58.15 52.63
CA TYR GA 463 23.19 58.96 53.78
C TYR GA 463 24.29 59.89 54.32
N ASN GA 464 25.53 59.80 53.83
CA ASN GA 464 26.64 60.71 54.21
C ASN GA 464 26.86 60.65 55.72
N PHE GA 465 27.14 59.46 56.28
CA PHE GA 465 27.44 59.31 57.70
C PHE GA 465 28.73 60.01 58.11
N PRO GA 466 29.82 59.96 57.33
CA PRO GA 466 31.04 60.65 57.74
C PRO GA 466 30.83 62.10 58.11
N SER GA 467 29.98 62.82 57.38
CA SER GA 467 29.70 64.20 57.72
C SER GA 467 28.79 64.31 58.95
N VAL GA 468 27.95 63.30 59.18
CA VAL GA 468 27.15 63.30 60.39
C VAL GA 468 28.04 63.18 61.62
N VAL GA 469 29.18 62.52 61.49
CA VAL GA 469 30.07 62.39 62.65
C VAL GA 469 30.67 63.75 62.99
N ASN GA 470 31.10 64.51 61.99
CA ASN GA 470 31.63 65.85 62.25
C ASN GA 470 30.55 66.78 62.79
N ILE GA 471 29.33 66.64 62.29
CA ILE GA 471 28.24 67.49 62.80
C ILE GA 471 27.98 67.19 64.26
N PHE GA 472 27.96 65.91 64.65
CA PHE GA 472 27.80 65.58 66.06
C PHE GA 472 28.96 66.11 66.88
N GLN GA 473 30.19 65.98 66.38
CA GLN GA 473 31.32 66.52 67.10
C GLN GA 473 31.16 68.01 67.36
N ARG GA 474 30.79 68.77 66.33
CA ARG GA 474 30.64 70.21 66.50
C ARG GA 474 29.54 70.53 67.50
N LEU GA 475 28.34 69.96 67.30
CA LEU GA 475 27.21 70.39 68.11
C LEU GA 475 27.36 69.97 69.57
N PHE GA 476 27.90 68.78 69.83
CA PHE GA 476 27.93 68.26 71.19
C PHE GA 476 29.23 68.57 71.93
N LEU GA 477 30.38 68.39 71.28
CA LEU GA 477 31.66 68.56 71.95
C LEU GA 477 32.36 69.87 71.60
N PHE GA 478 31.67 70.78 70.91
CA PHE GA 478 32.19 72.12 70.66
C PHE GA 478 33.52 72.10 69.90
N ALA GA 479 33.64 71.25 68.88
CA ALA GA 479 34.81 71.33 68.01
C ALA GA 479 34.92 72.68 67.33
N ASP GA 480 33.84 73.44 67.30
CA ASP GA 480 33.85 74.84 66.88
C ASP GA 480 33.10 75.62 67.95
N SER GA 481 33.85 76.32 68.80
CA SER GA 481 33.29 76.91 70.01
C SER GA 481 32.78 78.33 69.82
N PHE GA 482 32.81 78.87 68.60
CA PHE GA 482 32.41 80.26 68.40
C PHE GA 482 30.93 80.45 68.72
N GLN GA 483 30.07 79.58 68.19
CA GLN GA 483 28.64 79.76 68.36
C GLN GA 483 28.22 79.62 69.82
N ILE GA 484 28.73 78.60 70.51
CA ILE GA 484 28.36 78.41 71.91
C ILE GA 484 28.91 79.55 72.76
N ASP GA 485 30.06 80.10 72.37
CA ASP GA 485 30.58 81.26 73.08
C ASP GA 485 29.65 82.45 72.93
N ASN GA 486 29.14 82.69 71.72
CA ASN GA 486 28.15 83.74 71.54
C ASN GA 486 26.91 83.47 72.36
N PHE GA 487 26.47 82.22 72.40
CA PHE GA 487 25.28 81.89 73.18
C PHE GA 487 25.46 82.23 74.65
N ILE GA 488 26.58 81.78 75.23
CA ILE GA 488 26.83 82.07 76.64
C ILE GA 488 26.94 83.57 76.87
N ASP GA 489 27.61 84.29 75.98
CA ASP GA 489 27.74 85.73 76.14
C ASP GA 489 26.37 86.40 76.12
N SER GA 490 25.48 85.95 75.23
CA SER GA 490 24.19 86.61 75.08
C SER GA 490 23.27 86.39 76.26
N THR GA 491 23.38 85.25 76.94
CA THR GA 491 22.49 84.87 78.02
C THR GA 491 23.25 84.63 79.31
N PHE GA 492 24.32 85.40 79.53
CA PHE GA 492 25.13 85.20 80.72
C PHE GA 492 24.34 85.50 81.99
N SER GA 493 23.52 86.56 81.98
CA SER GA 493 22.78 86.92 83.17
C SER GA 493 21.73 85.89 83.53
N GLU GA 494 21.12 85.25 82.52
CA GLU GA 494 20.07 84.27 82.79
C GLU GA 494 20.64 82.97 83.30
N LEU GA 495 21.69 82.45 82.65
CA LEU GA 495 22.16 81.10 82.92
C LEU GA 495 22.58 80.94 84.37
N LYS GA 496 23.13 81.98 84.98
CA LYS GA 496 23.63 81.90 86.35
C LYS GA 496 22.54 82.02 87.40
N ARG GA 497 21.30 82.31 87.00
CA ARG GA 497 20.20 82.40 87.95
C ARG GA 497 19.63 81.02 88.27
N GLY GA 498 18.98 80.92 89.43
CA GLY GA 498 18.42 79.65 89.85
C GLY GA 498 17.43 79.10 88.85
N LYS GA 499 17.27 77.77 88.88
CA LYS GA 499 16.45 77.07 87.89
C LYS GA 499 15.08 77.70 87.73
N LEU GA 500 14.35 77.88 88.84
CA LEU GA 500 12.95 78.29 88.76
C LEU GA 500 12.77 79.80 88.67
N LYS GA 501 13.82 80.58 88.94
CA LYS GA 501 13.70 82.03 89.02
C LYS GA 501 13.81 82.70 87.66
N ILE GA 502 13.80 81.93 86.57
CA ILE GA 502 13.96 82.47 85.22
C ILE GA 502 13.02 81.73 84.28
N SER GA 503 12.54 82.44 83.26
CA SER GA 503 11.64 81.85 82.28
C SER GA 503 12.39 80.85 81.40
N VAL GA 504 11.88 79.61 81.33
CA VAL GA 504 12.54 78.57 80.56
C VAL GA 504 12.40 78.83 79.06
N SER GA 505 11.22 79.27 78.62
CA SER GA 505 10.94 79.38 77.20
C SER GA 505 11.86 80.35 76.48
N ARG GA 506 12.47 81.30 77.21
CA ARG GA 506 13.33 82.28 76.57
C ARG GA 506 14.64 81.67 76.08
N LEU GA 507 15.18 80.68 76.82
CA LEU GA 507 16.45 80.09 76.45
C LEU GA 507 16.35 79.37 75.11
N GLN GA 508 15.22 78.69 74.88
CA GLN GA 508 15.03 78.04 73.58
C GLN GA 508 15.24 79.03 72.44
N LYS GA 509 14.52 80.15 72.49
CA LYS GA 509 14.58 81.12 71.41
C LYS GA 509 15.96 81.74 71.29
N GLN GA 510 16.57 82.11 72.42
CA GLN GA 510 17.88 82.73 72.36
C GLN GA 510 18.95 81.75 71.89
N TYR GA 511 18.66 80.45 71.95
CA TYR GA 511 19.56 79.46 71.38
C TYR GA 511 19.29 79.28 69.89
N ASP GA 512 18.01 79.29 69.47
CA ASP GA 512 17.74 79.08 68.05
C ASP GA 512 18.21 80.25 67.21
N ASP GA 513 18.21 81.47 67.75
CA ASP GA 513 18.74 82.58 66.95
C ASP GA 513 20.23 82.39 66.69
N ILE GA 514 20.94 81.70 67.57
CA ILE GA 514 22.37 81.50 67.40
C ILE GA 514 22.65 80.31 66.50
N PHE GA 515 22.01 79.17 66.76
CA PHE GA 515 22.43 77.91 66.15
C PHE GA 515 21.68 77.58 64.86
N LYS GA 516 20.35 77.51 64.92
CA LYS GA 516 19.55 77.00 63.80
C LYS GA 516 19.06 78.10 62.87
N GLU GA 517 19.80 79.20 62.74
CA GLU GA 517 19.50 80.19 61.73
C GLU GA 517 19.64 79.57 60.34
N LYS GA 518 18.94 80.15 59.36
CA LYS GA 518 18.79 79.53 58.06
C LYS GA 518 18.74 80.57 56.94
N ILE GA 519 19.20 80.15 55.76
CA ILE GA 519 18.90 80.79 54.49
C ILE GA 519 18.39 79.69 53.56
N GLU GA 520 17.23 79.90 52.95
CA GLU GA 520 16.61 78.86 52.15
C GLU GA 520 17.27 78.76 50.78
N ASN GA 521 17.05 77.61 50.14
CA ASN GA 521 17.59 77.32 48.82
C ASN GA 521 16.46 76.93 47.88
N LYS GA 522 16.68 77.17 46.58
CA LYS GA 522 15.63 76.96 45.59
C LYS GA 522 15.26 75.49 45.49
N VAL GA 523 14.08 75.23 44.93
CA VAL GA 523 13.64 73.86 44.69
C VAL GA 523 14.66 73.15 43.83
N GLY GA 524 14.84 71.85 44.09
CA GLY GA 524 15.78 71.03 43.34
C GLY GA 524 17.22 71.13 43.81
N VAL GA 525 17.57 72.17 44.56
CA VAL GA 525 18.93 72.27 45.10
C VAL GA 525 19.02 71.37 46.33
N ARG GA 526 19.98 70.47 46.33
CA ARG GA 526 20.08 69.48 47.41
C ARG GA 526 20.39 70.16 48.74
N PRO GA 527 19.68 69.84 49.81
CA PRO GA 527 20.10 70.31 51.13
C PRO GA 527 21.34 69.59 51.61
N SER GA 528 22.14 70.28 52.41
CA SER GA 528 23.26 69.63 53.07
C SER GA 528 22.77 68.87 54.30
N VAL GA 529 23.52 67.84 54.68
CA VAL GA 529 23.14 67.07 55.87
C VAL GA 529 23.18 67.95 57.11
N TYR GA 530 24.14 68.88 57.17
CA TYR GA 530 24.14 69.86 58.25
C TYR GA 530 22.87 70.69 58.24
N ASP GA 531 22.39 71.07 57.05
CA ASP GA 531 21.15 71.81 56.95
C ASP GA 531 19.98 71.01 57.54
N VAL GA 532 19.93 69.71 57.27
CA VAL GA 532 18.84 68.89 57.78
C VAL GA 532 18.93 68.75 59.29
N LEU GA 533 20.13 68.54 59.83
CA LEU GA 533 20.27 68.29 61.26
C LEU GA 533 20.28 69.56 62.09
N LYS GA 534 20.45 70.73 61.49
CA LYS GA 534 20.40 71.97 62.26
C LYS GA 534 19.03 72.15 62.91
N LYS GA 535 17.97 71.99 62.12
CA LYS GA 535 16.62 72.25 62.60
C LYS GA 535 16.10 71.17 63.53
N ASN GA 536 16.74 70.00 63.56
CA ASN GA 536 16.28 68.93 64.45
C ASN GA 536 16.57 69.25 65.91
N GLN GA 537 17.70 69.89 66.19
CA GLN GA 537 18.18 70.01 67.56
C GLN GA 537 17.26 70.88 68.41
N LYS GA 538 17.16 70.52 69.68
CA LYS GA 538 16.37 71.26 70.66
C LYS GA 538 17.12 71.32 71.97
N LEU GA 539 17.23 72.52 72.54
CA LEU GA 539 17.86 72.74 73.84
C LEU GA 539 16.78 73.07 74.85
N SER GA 540 16.70 72.29 75.93
CA SER GA 540 15.66 72.44 76.94
C SER GA 540 16.27 72.29 78.32
N VAL GA 541 15.65 72.96 79.29
CA VAL GA 541 16.05 72.83 80.69
C VAL GA 541 15.37 71.59 81.28
N THR GA 542 16.15 70.78 81.99
CA THR GA 542 15.66 69.55 82.58
C THR GA 542 15.83 69.60 84.10
N SER GA 543 14.98 68.85 84.80
CA SER GA 543 15.03 68.84 86.26
C SER GA 543 16.21 68.05 86.80
N GLU GA 544 16.78 67.14 86.01
CA GLU GA 544 17.89 66.30 86.47
C GLU GA 544 19.19 67.07 86.33
N SER GA 545 19.76 67.51 87.45
CA SER GA 545 21.02 68.22 87.42
C SER GA 545 22.16 67.27 87.04
N LEU GA 546 23.25 67.86 86.53
CA LEU GA 546 24.39 67.06 86.10
C LEU GA 546 24.89 66.18 87.23
N TYR GA 547 25.11 66.76 88.41
CA TYR GA 547 25.68 66.00 89.52
C TYR GA 547 24.72 64.95 90.05
N LYS GA 548 23.43 65.06 89.73
CA LYS GA 548 22.46 64.04 90.12
C LYS GA 548 22.29 62.98 89.04
N VAL GA 549 22.26 63.38 87.76
CA VAL GA 549 22.10 62.42 86.69
C VAL GA 549 23.34 61.54 86.56
N VAL GA 550 24.53 62.11 86.80
CA VAL GA 550 25.76 61.32 86.70
C VAL GA 550 25.93 60.39 87.90
N GLU GA 551 25.28 60.70 89.02
CA GLU GA 551 25.37 59.81 90.18
C GLU GA 551 24.62 58.51 89.95
N GLU GA 552 23.52 58.56 89.19
CA GLU GA 552 22.77 57.35 88.91
C GLU GA 552 23.60 56.34 88.13
N LEU GA 553 24.30 56.81 87.10
CA LEU GA 553 25.19 55.96 86.31
C LEU GA 553 26.61 55.96 86.88
N MET GA 554 26.70 55.69 88.18
CA MET GA 554 27.95 55.83 88.90
C MET GA 554 28.99 54.86 88.36
N ASP GA 598 17.97 77.26 94.61
CA ASP GA 598 18.19 76.35 93.50
C ASP GA 598 19.64 76.40 93.04
N GLU GA 599 20.10 75.32 92.41
CA GLU GA 599 21.37 75.39 91.70
C GLU GA 599 21.21 76.31 90.49
N PRO GA 600 22.29 76.93 90.03
CA PRO GA 600 22.17 77.82 88.87
C PRO GA 600 21.74 77.04 87.62
N THR GA 601 21.00 77.72 86.75
CA THR GA 601 20.40 77.06 85.61
C THR GA 601 21.45 76.33 84.77
N ILE GA 602 22.70 76.82 84.76
CA ILE GA 602 23.74 76.19 83.95
C ILE GA 602 23.88 74.72 84.30
N THR GA 603 23.63 74.35 85.56
CA THR GA 603 23.75 72.96 85.98
C THR GA 603 22.70 72.06 85.37
N SER GA 604 21.68 72.62 84.71
CA SER GA 604 20.54 71.81 84.29
C SER GA 604 20.04 72.11 82.88
N VAL GA 605 20.91 72.57 81.98
CA VAL GA 605 20.54 72.85 80.60
C VAL GA 605 21.08 71.72 79.72
N ASP GA 606 20.19 71.11 78.94
CA ASP GA 606 20.53 69.94 78.14
C ASP GA 606 20.19 70.18 76.68
N LEU GA 607 20.81 69.37 75.81
CA LEU GA 607 20.65 69.47 74.36
C LEU GA 607 20.36 68.09 73.82
N THR GA 608 19.31 67.97 72.99
CA THR GA 608 18.90 66.71 72.39
C THR GA 608 18.78 66.88 70.88
N ILE GA 609 19.17 65.85 70.14
CA ILE GA 609 19.10 65.90 68.68
C ILE GA 609 18.45 64.63 68.15
N PRO GA 610 17.15 64.64 67.84
CA PRO GA 610 16.57 63.47 67.17
C PRO GA 610 17.19 63.28 65.79
N LEU GA 611 17.23 62.03 65.34
CA LEU GA 611 17.97 61.69 64.13
C LEU GA 611 17.05 61.00 63.10
N PRO GA 612 17.29 61.21 61.81
CA PRO GA 612 16.51 60.49 60.80
C PRO GA 612 16.80 58.99 60.80
N PHE GA 613 15.83 58.23 60.35
CA PHE GA 613 16.02 56.83 60.03
C PHE GA 613 16.76 56.70 58.70
N PRO GA 614 17.78 55.82 58.60
CA PRO GA 614 18.31 54.88 59.58
C PRO GA 614 19.48 55.42 60.40
N LEU GA 615 19.85 56.69 60.24
CA LEU GA 615 21.01 57.20 60.95
C LEU GA 615 20.92 56.95 62.45
N ASN GA 616 19.71 57.02 63.01
CA ASN GA 616 19.56 56.83 64.45
C ASN GA 616 19.91 55.42 64.89
N LEU GA 617 19.95 54.46 63.97
CA LEU GA 617 20.32 53.10 64.35
C LEU GA 617 21.79 53.00 64.71
N VAL GA 618 22.65 53.76 64.04
CA VAL GA 618 24.07 53.75 64.36
C VAL GA 618 24.36 54.71 65.51
N LEU GA 619 23.74 55.89 65.48
CA LEU GA 619 23.82 56.84 66.59
C LEU GA 619 22.75 56.47 67.61
N ASN GA 620 22.93 55.29 68.20
CA ASN GA 620 21.94 54.74 69.12
C ASN GA 620 21.76 55.67 70.32
N GLN GA 621 20.60 55.55 70.97
CA GLN GA 621 20.25 56.46 72.04
C GLN GA 621 21.27 56.43 73.18
N GLN GA 622 21.85 55.25 73.44
CA GLN GA 622 22.89 55.10 74.49
C GLN GA 622 24.09 55.97 74.10
N LEU GA 623 24.52 56.06 72.84
CA LEU GA 623 25.64 56.89 72.38
C LEU GA 623 25.28 58.37 72.50
N SER GA 624 24.07 58.75 72.10
CA SER GA 624 23.67 60.15 72.22
C SER GA 624 23.58 60.58 73.67
N TYR GA 625 23.16 59.69 74.57
CA TYR GA 625 23.10 60.03 75.98
C TYR GA 625 24.50 60.28 76.55
N GLN GA 626 25.46 59.43 76.17
CA GLN GA 626 26.84 59.67 76.60
C GLN GA 626 27.39 60.96 76.01
N TYR GA 627 26.96 61.32 74.79
CA TYR GA 627 27.33 62.62 74.23
C TYR GA 627 26.72 63.77 75.02
N GLU GA 628 25.46 63.61 75.44
CA GLU GA 628 24.78 64.66 76.19
C GLU GA 628 25.46 64.93 77.52
N ILE GA 629 25.95 63.88 78.18
CA ILE GA 629 26.67 64.10 79.44
C ILE GA 629 27.88 64.98 79.21
N MET GA 630 28.63 64.71 78.14
CA MET GA 630 29.79 65.54 77.83
C MET GA 630 29.37 66.96 77.51
N PHE GA 631 28.23 67.12 76.81
CA PHE GA 631 27.75 68.47 76.54
C PHE GA 631 27.52 69.24 77.84
N LYS GA 632 26.87 68.59 78.82
CA LYS GA 632 26.60 69.27 80.08
C LYS GA 632 27.89 69.62 80.81
N LEU GA 633 28.85 68.69 80.83
CA LEU GA 633 30.11 68.99 81.52
C LEU GA 633 30.83 70.15 80.86
N LEU GA 634 30.94 70.11 79.52
CA LEU GA 634 31.67 71.16 78.83
C LEU GA 634 30.96 72.50 78.94
N ILE GA 635 29.63 72.51 78.97
CA ILE GA 635 28.96 73.79 79.14
C ILE GA 635 29.21 74.33 80.53
N ASN GA 636 29.27 73.48 81.55
CA ASN GA 636 29.61 73.97 82.88
C ASN GA 636 30.98 74.63 82.87
N ILE GA 637 31.98 73.96 82.29
CA ILE GA 637 33.33 74.50 82.32
C ILE GA 637 33.44 75.75 81.47
N LYS GA 638 32.79 75.77 80.30
CA LYS GA 638 32.81 76.96 79.46
C LYS GA 638 32.19 78.14 80.19
N PHE GA 639 31.07 77.91 80.86
CA PHE GA 639 30.40 78.98 81.58
C PHE GA 639 31.29 79.52 82.70
N ILE GA 640 31.94 78.63 83.45
CA ILE GA 640 32.81 79.11 84.51
C ILE GA 640 33.99 79.90 83.93
N SER GA 641 34.50 79.48 82.78
CA SER GA 641 35.57 80.24 82.15
C SER GA 641 35.12 81.64 81.73
N LYS GA 642 33.86 81.74 81.29
CA LYS GA 642 33.23 83.04 80.88
C LYS GA 642 32.97 83.88 82.13
N TYR GA 643 32.77 83.25 83.29
CA TYR GA 643 32.58 83.95 84.59
C TYR GA 643 33.96 84.38 85.09
N ASN GA 644 35.01 83.64 84.77
CA ASN GA 644 36.40 83.93 85.22
C ASN GA 644 36.96 85.07 84.36
N SER GA 645 36.54 85.23 83.10
CA SER GA 645 37.00 86.31 82.24
C SER GA 645 36.30 87.63 82.57
N SER GA 646 34.98 87.58 82.76
CA SER GA 646 34.25 88.81 83.09
C SER GA 646 34.68 89.35 84.44
N ASN GA 647 34.83 88.47 85.43
CA ASN GA 647 35.29 88.93 86.74
C ASN GA 647 36.68 89.51 86.66
N TRP GA 648 37.52 88.97 85.76
CA TRP GA 648 38.91 89.48 85.51
C TRP GA 648 38.84 90.86 84.85
N GLN GA 649 37.83 91.12 84.02
CA GLN GA 649 37.70 92.45 83.38
C GLN GA 649 37.40 93.49 84.45
N GLU GA 650 36.44 93.20 85.34
CA GLU GA 650 36.09 94.15 86.43
C GLU GA 650 37.27 94.29 87.38
N MET GA 651 37.78 93.17 87.90
CA MET GA 651 38.86 93.23 88.90
C MET GA 651 40.01 94.10 88.39
N ASN GA 652 40.21 94.19 87.07
CA ASN GA 652 41.37 94.96 86.62
C ASN GA 652 41.00 96.37 86.20
N TYR GA 653 39.88 96.57 85.50
CA TYR GA 653 39.62 97.84 84.86
C TYR GA 653 38.34 98.56 85.30
N SER GA 654 37.47 97.93 86.08
CA SER GA 654 36.32 98.67 86.59
C SER GA 654 36.79 99.82 87.47
N LYS GA 655 36.03 100.92 87.46
CA LYS GA 655 36.47 102.13 88.14
C LYS GA 655 36.73 101.88 89.62
N ILE GA 656 35.84 101.15 90.29
CA ILE GA 656 35.98 100.96 91.72
C ILE GA 656 37.27 100.20 92.05
N TRP GA 657 37.51 99.10 91.34
CA TRP GA 657 38.72 98.32 91.61
C TRP GA 657 39.98 99.06 91.20
N THR GA 658 39.94 99.73 90.06
CA THR GA 658 41.14 100.40 89.57
C THR GA 658 41.42 101.71 90.29
N ASN GA 659 40.57 102.12 91.22
CA ASN GA 659 40.76 103.37 91.91
C ASN GA 659 42.12 103.40 92.61
N SER GA 660 42.80 104.54 92.50
CA SER GA 660 44.14 104.70 93.05
C SER GA 660 44.14 105.26 94.47
N HIS GA 661 43.03 105.84 94.94
CA HIS GA 661 43.03 106.59 96.18
C HIS GA 661 42.79 105.74 97.42
N PHE GA 662 42.81 104.41 97.31
CA PHE GA 662 42.76 103.57 98.49
C PHE GA 662 44.01 103.75 99.34
N ASN GA 663 43.88 103.43 100.63
CA ASN GA 663 45.02 103.39 101.54
C ASN GA 663 45.82 102.11 101.31
N SER GA 664 46.99 102.05 101.97
CA SER GA 664 47.91 100.95 101.73
C SER GA 664 47.28 99.58 102.02
N SER GA 665 46.55 99.47 103.13
CA SER GA 665 45.98 98.17 103.52
C SER GA 665 45.04 97.65 102.45
N VAL GA 666 44.14 98.52 101.97
CA VAL GA 666 43.19 98.10 100.95
C VAL GA 666 43.91 97.78 99.65
N LYS GA 667 44.98 98.53 99.34
CA LYS GA 667 45.76 98.22 98.14
C LYS GA 667 46.33 96.80 98.22
N LYS GA 668 46.95 96.45 99.34
CA LYS GA 668 47.50 95.10 99.46
C LYS GA 668 46.41 94.04 99.43
N TRP GA 669 45.26 94.34 100.02
CA TRP GA 669 44.14 93.41 99.95
C TRP GA 669 43.71 93.17 98.51
N ILE GA 670 43.60 94.26 97.73
CA ILE GA 670 43.24 94.13 96.33
C ILE GA 670 44.28 93.32 95.57
N LEU GA 671 45.56 93.56 95.86
CA LEU GA 671 46.63 92.83 95.18
C LEU GA 671 46.54 91.34 95.49
N ARG GA 672 46.31 90.99 96.76
CA ARG GA 672 46.16 89.58 97.11
C ARG GA 672 44.98 88.96 96.40
N CYS GA 673 43.85 89.68 96.34
CA CYS GA 673 42.67 89.13 95.68
C CYS GA 673 42.92 88.93 94.19
N ARG GA 674 43.60 89.88 93.54
CA ARG GA 674 43.91 89.74 92.12
C ARG GA 674 44.79 88.54 91.88
N VAL GA 675 45.81 88.33 92.72
CA VAL GA 675 46.70 87.19 92.53
C VAL GA 675 45.94 85.87 92.73
N LEU GA 676 45.08 85.80 93.74
CA LEU GA 676 44.31 84.59 93.96
C LEU GA 676 43.39 84.29 92.77
N HIS GA 677 42.74 85.33 92.24
CA HIS GA 677 41.89 85.12 91.08
C HIS GA 677 42.69 84.70 89.86
N SER GA 678 43.91 85.21 89.71
CA SER GA 678 44.76 84.75 88.62
C SER GA 678 45.08 83.27 88.77
N ARG GA 679 45.35 82.82 90.00
CA ARG GA 679 45.60 81.40 90.21
C ARG GA 679 44.37 80.57 89.82
N ILE GA 680 43.18 81.01 90.21
CA ILE GA 680 41.98 80.27 89.85
C ILE GA 680 41.80 80.23 88.33
N CYS GA 681 42.04 81.35 87.66
CA CYS GA 681 41.91 81.40 86.22
C CYS GA 681 42.86 80.41 85.54
N SER GA 682 44.12 80.38 85.98
CA SER GA 682 45.08 79.46 85.38
C SER GA 682 44.68 78.03 85.64
N PHE GA 683 44.20 77.73 86.85
CA PHE GA 683 43.79 76.35 87.14
C PHE GA 683 42.63 75.92 86.24
N ILE GA 684 41.65 76.79 86.05
CA ILE GA 684 40.51 76.42 85.22
C ILE GA 684 40.94 76.23 83.76
N HIS GA 685 41.79 77.12 83.25
CA HIS GA 685 42.25 76.94 81.88
C HIS GA 685 43.04 75.65 81.72
N GLU GA 686 43.84 75.27 82.72
CA GLU GA 686 44.58 74.02 82.63
C GLU GA 686 43.62 72.82 82.61
N LEU GA 687 42.61 72.84 83.48
CA LEU GA 687 41.65 71.74 83.52
C LEU GA 687 40.89 71.63 82.20
N GLU GA 688 40.42 72.77 81.67
CA GLU GA 688 39.70 72.75 80.41
C GLU GA 688 40.59 72.26 79.28
N ASN GA 689 41.84 72.72 79.24
CA ASN GA 689 42.77 72.24 78.23
C ASN GA 689 42.92 70.73 78.27
N TYR GA 690 43.11 70.17 79.46
CA TYR GA 690 43.24 68.73 79.54
C TYR GA 690 41.98 68.05 79.02
N ILE GA 691 40.82 68.47 79.52
CA ILE GA 691 39.58 67.77 79.18
C ILE GA 691 39.32 67.83 77.68
N VAL GA 692 39.64 68.94 77.04
CA VAL GA 692 39.19 69.13 75.66
C VAL GA 692 40.24 68.64 74.66
N HIS GA 693 41.52 68.96 74.84
CA HIS GA 693 42.52 68.52 73.88
C HIS GA 693 43.09 67.14 74.21
N ASP GA 694 43.31 66.85 75.49
CA ASP GA 694 43.97 65.60 75.87
C ASP GA 694 43.02 64.41 75.91
N VAL GA 695 41.71 64.64 75.80
CA VAL GA 695 40.71 63.59 75.95
C VAL GA 695 39.82 63.50 74.71
N ILE GA 696 39.25 64.62 74.28
CA ILE GA 696 38.29 64.59 73.19
C ILE GA 696 38.99 64.51 71.85
N GLU GA 697 39.81 65.52 71.52
CA GLU GA 697 40.43 65.57 70.20
C GLU GA 697 41.39 64.40 69.98
N HIS GA 698 42.15 64.03 71.00
CA HIS GA 698 43.14 62.97 70.85
C HIS GA 698 42.47 61.64 70.55
N ASN GA 699 41.36 61.35 71.21
CA ASN GA 699 40.62 60.13 70.92
C ASN GA 699 39.91 60.22 69.58
N PHE GA 700 39.39 61.41 69.24
CA PHE GA 700 38.65 61.56 67.99
C PHE GA 700 39.51 61.42 66.76
N GLU GA 701 40.83 61.67 66.87
CA GLU GA 701 41.69 61.53 65.70
C GLU GA 701 41.61 60.11 65.13
N GLU GA 702 41.59 59.10 66.01
CA GLU GA 702 41.55 57.72 65.54
C GLU GA 702 40.28 57.44 64.75
N ILE GA 703 39.14 57.87 65.28
CA ILE GA 703 37.88 57.61 64.60
C ILE GA 703 37.81 58.37 63.29
N LYS GA 704 38.32 59.60 63.26
CA LYS GA 704 38.32 60.36 62.03
C LYS GA 704 39.13 59.65 60.95
N ASN GA 705 40.32 59.16 61.32
CA ASN GA 705 41.14 58.44 60.35
C ASN GA 705 40.43 57.18 59.87
N LEU GA 706 39.86 56.41 60.80
CA LEU GA 706 39.21 55.17 60.43
C LEU GA 706 38.03 55.41 59.50
N ILE GA 707 37.23 56.43 59.79
CA ILE GA 707 36.04 56.67 58.98
C ILE GA 707 36.44 57.19 57.60
N HIS GA 708 37.49 58.01 57.52
CA HIS GA 708 37.97 58.43 56.21
C HIS GA 708 38.44 57.23 55.40
N THR GA 709 39.16 56.31 56.03
CA THR GA 709 39.62 55.11 55.32
C THR GA 709 38.44 54.29 54.83
N THR GA 710 37.40 54.13 55.67
CA THR GA 710 36.24 53.35 55.26
C THR GA 710 35.51 54.03 54.11
N ALA GA 711 35.37 55.35 54.16
CA ALA GA 711 34.72 56.06 53.06
C ALA GA 711 35.48 55.84 51.76
N THR GA 712 36.80 55.95 51.79
CA THR GA 712 37.57 55.72 50.57
C THR GA 712 37.44 54.29 50.10
N ASN GA 713 37.40 53.32 51.03
CA ASN GA 713 37.27 51.93 50.65
C ASN GA 713 35.93 51.68 49.95
N LEU GA 714 34.84 52.23 50.50
CA LEU GA 714 33.52 51.97 49.92
C LEU GA 714 33.31 52.75 48.62
N ALA GA 715 33.98 53.90 48.46
CA ALA GA 715 33.77 54.69 47.26
C ALA GA 715 34.04 53.88 45.99
N THR GA 716 35.05 53.03 46.03
CA THR GA 716 35.46 52.26 44.86
C THR GA 716 34.79 50.90 44.77
N SER GA 717 33.86 50.58 45.67
CA SER GA 717 33.26 49.26 45.75
C SER GA 717 31.88 49.26 45.12
N GLU GA 718 31.64 48.33 44.20
CA GLU GA 718 30.33 48.20 43.58
C GLU GA 718 29.27 47.86 44.62
N LEU GA 719 28.01 48.03 44.22
CA LEU GA 719 26.88 47.66 45.06
C LEU GA 719 26.33 46.32 44.58
N GLY GA 720 26.18 45.37 45.51
CA GLY GA 720 25.68 44.05 45.17
C GLY GA 720 26.80 43.12 44.73
N SER GA 721 26.82 41.92 45.30
CA SER GA 721 27.88 40.94 45.05
C SER GA 721 27.27 39.65 44.54
N ASP GA 722 27.95 39.02 43.58
CA ASP GA 722 27.49 37.77 42.99
C ASP GA 722 28.06 36.59 43.76
N ILE GA 723 27.20 35.60 44.04
CA ILE GA 723 27.58 34.40 44.77
C ILE GA 723 27.29 33.20 43.88
N ASN GA 724 28.31 32.37 43.66
CA ASN GA 724 28.20 31.19 42.83
C ASN GA 724 28.42 29.93 43.66
N ASP GA 725 27.98 28.79 43.13
CA ASP GA 725 28.11 27.51 43.81
C ASP GA 725 28.14 26.39 42.79
N GLU GA 726 28.70 25.26 43.21
CA GLU GA 726 28.78 24.06 42.37
C GLU GA 726 27.49 23.26 42.47
N GLY GA 727 27.46 22.10 41.80
CA GLY GA 727 26.29 21.23 41.80
C GLY GA 727 26.04 20.49 43.09
N ASP GA 728 27.04 20.38 43.96
CA ASP GA 728 26.90 19.77 45.29
C ASP GA 728 26.31 18.37 45.22
N ASN GA 729 27.08 17.46 44.60
CA ASN GA 729 26.68 16.07 44.47
C ASN GA 729 26.91 15.25 45.75
N ILE GA 730 27.33 15.87 46.85
CA ILE GA 730 27.73 15.11 48.03
C ILE GA 730 26.64 14.17 48.51
N PHE GA 731 25.40 14.65 48.59
CA PHE GA 731 24.28 13.85 49.08
C PHE GA 731 24.63 13.12 50.37
N ASN GA 732 24.61 11.78 50.35
CA ASN GA 732 24.82 11.01 51.57
C ASN GA 732 26.19 11.25 52.18
N GLY GA 733 27.16 11.69 51.40
CA GLY GA 733 28.44 12.03 51.95
C GLY GA 733 28.46 13.30 52.78
N SER GA 734 27.32 13.99 52.89
CA SER GA 734 27.22 15.23 53.64
C SER GA 734 26.03 15.28 54.59
N LEU GA 735 25.02 14.42 54.42
CA LEU GA 735 23.80 14.52 55.23
C LEU GA 735 24.12 14.49 56.73
N ILE GA 736 24.90 13.50 57.16
CA ILE GA 736 25.26 13.36 58.57
C ILE GA 736 24.03 13.39 59.47
N ARG GA 737 22.99 12.68 59.07
CA ARG GA 737 21.74 12.66 59.80
C ARG GA 737 21.90 11.87 61.10
N GLY GA 738 21.01 12.17 62.06
CA GLY GA 738 21.04 11.57 63.38
C GLY GA 738 20.87 12.60 64.47
N THR GA 739 21.53 12.41 65.61
CA THR GA 739 21.49 13.42 66.66
C THR GA 739 22.41 14.58 66.32
N PHE GA 740 23.71 14.30 66.21
CA PHE GA 740 24.67 15.27 65.70
C PHE GA 740 26.04 14.63 65.58
N ASN GA 741 27.02 15.41 65.13
CA ASN GA 741 28.40 14.97 65.07
C ASN GA 741 29.12 15.35 66.37
N ASN GA 742 30.40 14.99 66.46
CA ASN GA 742 31.23 15.38 67.59
C ASN GA 742 31.97 16.69 67.34
N ASN GA 743 31.74 17.34 66.20
CA ASN GA 743 32.44 18.58 65.90
C ASN GA 743 32.00 19.74 66.78
N SER GA 744 30.94 19.59 67.55
CA SER GA 744 30.44 20.70 68.36
C SER GA 744 31.46 21.12 69.41
N ILE GA 745 32.29 20.21 69.88
CA ILE GA 745 33.26 20.56 70.93
C ILE GA 745 34.29 21.55 70.39
N PHE GA 746 34.68 21.42 69.12
CA PHE GA 746 35.70 22.30 68.56
C PHE GA 746 35.19 23.74 68.45
N ASP GA 747 33.91 23.92 68.12
CA ASP GA 747 33.38 25.27 68.01
C ASP GA 747 33.48 26.02 69.34
N SER GA 748 33.19 25.33 70.44
CA SER GA 748 33.31 25.95 71.75
C SER GA 748 34.77 26.08 72.19
N LYS GA 749 35.63 25.15 71.78
CA LYS GA 749 37.03 25.21 72.18
C LYS GA 749 37.71 26.45 71.64
N VAL GA 750 37.44 26.80 70.38
CA VAL GA 750 38.06 27.98 69.80
C VAL GA 750 37.46 29.24 70.39
N HIS GA 751 38.21 30.34 70.30
CA HIS GA 751 37.78 31.64 70.80
C HIS GA 751 37.99 32.68 69.70
N LYS GA 752 37.13 33.69 69.69
CA LYS GA 752 37.20 34.77 68.71
C LYS GA 752 37.22 36.12 69.40
N HIS GA 753 38.07 36.25 70.41
CA HIS GA 753 38.29 37.52 71.09
C HIS GA 753 39.47 38.29 70.51
N ARG GA 754 40.10 37.78 69.46
CA ARG GA 754 41.28 38.40 68.85
C ARG GA 754 40.86 39.07 67.53
N THR GA 755 40.60 40.37 67.60
CA THR GA 755 40.26 41.16 66.41
C THR GA 755 40.83 42.56 66.62
N THR GA 756 41.74 42.97 65.74
CA THR GA 756 42.42 44.25 65.90
C THR GA 756 42.96 44.70 64.55
N THR GA 757 43.68 45.83 64.57
CA THR GA 757 44.37 46.47 63.47
C THR GA 757 43.42 47.20 62.53
N TYR GA 758 42.10 47.09 62.71
CA TYR GA 758 41.12 47.80 61.89
C TYR GA 758 41.56 47.85 60.43
N VAL GA 759 41.91 46.69 59.90
CA VAL GA 759 42.44 46.62 58.55
C VAL GA 759 41.38 47.04 57.53
N GLU GA 760 41.78 47.88 56.58
CA GLU GA 760 40.89 48.35 55.51
C GLU GA 760 39.65 49.04 56.07
N GLY GA 761 39.79 49.69 57.22
CA GLY GA 761 38.67 50.40 57.81
C GLY GA 761 37.66 49.45 58.45
N ILE GA 762 36.50 50.02 58.74
CA ILE GA 762 35.43 49.28 59.39
C ILE GA 762 34.66 48.50 58.33
N SER GA 763 34.49 47.19 58.54
CA SER GA 763 33.88 46.32 57.56
C SER GA 763 32.51 45.80 57.97
N THR GA 764 32.12 45.91 59.23
CA THR GA 764 30.82 45.43 59.69
C THR GA 764 30.14 46.52 60.51
N VAL GA 765 28.83 46.67 60.32
CA VAL GA 765 28.09 47.71 61.02
C VAL GA 765 28.21 47.52 62.52
N GLU GA 766 28.35 46.28 62.98
CA GLU GA 766 28.51 46.04 64.41
C GLU GA 766 29.79 46.68 64.93
N GLN GA 767 30.90 46.54 64.21
CA GLN GA 767 32.11 47.25 64.60
C GLN GA 767 31.94 48.75 64.48
N LEU GA 768 31.16 49.21 63.50
CA LEU GA 768 30.94 50.64 63.37
C LEU GA 768 30.27 51.19 64.63
N ILE GA 769 29.27 50.48 65.15
CA ILE GA 769 28.61 50.92 66.37
C ILE GA 769 29.53 50.75 67.56
N GLN GA 770 30.28 49.65 67.60
CA GLN GA 770 31.14 49.37 68.74
C GLN GA 770 32.25 50.40 68.88
N LYS GA 771 32.78 50.90 67.76
CA LYS GA 771 33.85 51.88 67.83
C LYS GA 771 33.37 53.14 68.52
N PHE GA 772 32.18 53.62 68.16
CA PHE GA 772 31.65 54.83 68.76
C PHE GA 772 31.24 54.60 70.21
N LEU GA 773 30.72 53.41 70.54
CA LEU GA 773 30.41 53.14 71.93
C LEU GA 773 31.67 53.16 72.78
N ASP GA 774 32.75 52.56 72.26
CA ASP GA 774 34.02 52.59 72.99
C ASP GA 774 34.54 54.01 73.13
N TYR GA 775 34.38 54.82 72.07
CA TYR GA 775 34.83 56.21 72.14
C TYR GA 775 34.09 56.98 73.21
N SER GA 776 32.77 56.82 73.27
CA SER GA 776 31.99 57.53 74.30
C SER GA 776 32.35 57.04 75.70
N SER GA 777 32.56 55.72 75.85
CA SER GA 777 32.97 55.20 77.15
C SER GA 777 34.33 55.76 77.54
N THR GA 778 35.23 55.90 76.58
CA THR GA 778 36.53 56.50 76.86
C THR GA 778 36.38 57.95 77.30
N LEU GA 779 35.52 58.71 76.64
CA LEU GA 779 35.31 60.10 77.03
C LEU GA 779 34.79 60.19 78.46
N LEU GA 780 33.83 59.34 78.81
CA LEU GA 780 33.31 59.39 80.18
C LEU GA 780 34.35 58.95 81.20
N ASN GA 781 35.10 57.88 80.89
CA ASN GA 781 36.03 57.35 81.88
C ASN GA 781 37.21 58.30 82.10
N ASP GA 782 37.76 58.85 81.02
CA ASP GA 782 38.90 59.75 81.15
C ASP GA 782 38.52 60.99 81.96
N SER GA 783 37.38 61.59 81.63
CA SER GA 783 36.89 62.72 82.41
C SER GA 783 36.68 62.29 83.86
N LEU GA 784 36.72 63.28 84.74
CA LEU GA 784 36.66 63.03 86.18
C LEU GA 784 35.20 62.89 86.64
N LEU GA 785 34.50 61.94 86.02
CA LEU GA 785 33.11 61.69 86.35
C LEU GA 785 32.78 60.23 86.63
N THR GA 786 33.74 59.31 86.48
CA THR GA 786 33.44 57.90 86.60
C THR GA 786 33.66 57.35 88.01
N ARG GA 787 34.73 57.75 88.69
CA ARG GA 787 34.98 57.33 90.06
C ARG GA 787 34.17 58.22 91.00
N GLU GA 788 34.05 57.79 92.26
CA GLU GA 788 33.36 58.60 93.25
C GLU GA 788 34.27 59.66 93.87
N GLU GA 789 35.54 59.34 94.08
CA GLU GA 789 36.47 60.31 94.64
C GLU GA 789 36.72 61.45 93.66
N SER GA 790 36.95 61.12 92.38
CA SER GA 790 37.21 62.15 91.39
C SER GA 790 35.99 63.03 91.17
N LEU GA 791 34.81 62.42 91.08
CA LEU GA 791 33.59 63.21 90.88
C LEU GA 791 33.33 64.11 92.08
N ARG GA 792 33.50 63.60 93.29
CA ARG GA 792 33.26 64.42 94.48
C ARG GA 792 34.23 65.60 94.53
N GLN GA 793 35.51 65.35 94.25
CA GLN GA 793 36.47 66.44 94.27
C GLN GA 793 36.18 67.46 93.18
N LEU GA 794 35.79 67.00 91.98
CA LEU GA 794 35.44 67.93 90.91
C LEU GA 794 34.23 68.77 91.30
N ARG GA 795 33.23 68.15 91.92
CA ARG GA 795 32.04 68.88 92.31
C ARG GA 795 32.37 69.95 93.35
N LYS GA 796 33.22 69.60 94.32
CA LYS GA 796 33.61 70.59 95.31
C LYS GA 796 34.39 71.73 94.67
N MET GA 797 35.30 71.41 93.74
CA MET GA 797 36.12 72.45 93.11
C MET GA 797 35.26 73.42 92.31
N LEU GA 798 34.35 72.89 91.49
CA LEU GA 798 33.51 73.77 90.68
C LEU GA 798 32.58 74.60 91.55
N ASP GA 799 31.99 73.99 92.57
CA ASP GA 799 31.15 74.76 93.48
C ASP GA 799 31.93 75.89 94.13
N PHE GA 800 33.14 75.60 94.60
CA PHE GA 800 33.94 76.63 95.25
C PHE GA 800 34.27 77.76 94.30
N ILE GA 801 34.65 77.45 93.06
CA ILE GA 801 35.00 78.49 92.11
C ILE GA 801 33.79 79.37 91.82
N PHE GA 802 32.63 78.75 91.60
CA PHE GA 802 31.43 79.54 91.30
C PHE GA 802 31.06 80.46 92.45
N HIS GA 803 31.09 79.92 93.68
CA HIS GA 803 30.76 80.75 94.84
C HIS GA 803 31.80 81.84 95.05
N PHE GA 804 33.06 81.57 94.74
CA PHE GA 804 34.07 82.62 94.82
C PHE GA 804 33.78 83.74 93.85
N ASN GA 805 33.36 83.41 92.63
CA ASN GA 805 33.01 84.46 91.68
C ASN GA 805 31.83 85.28 92.18
N ASN GA 806 30.82 84.62 92.76
CA ASN GA 806 29.69 85.36 93.31
C ASN GA 806 30.14 86.28 94.46
N TYR GA 807 31.04 85.78 95.30
CA TYR GA 807 31.57 86.61 96.38
C TYR GA 807 32.34 87.79 95.84
N ILE GA 808 33.10 87.60 94.75
CA ILE GA 808 33.81 88.71 94.14
C ILE GA 808 32.82 89.76 93.66
N VAL GA 809 31.72 89.32 93.05
CA VAL GA 809 30.72 90.29 92.61
C VAL GA 809 30.16 91.06 93.79
N GLN GA 810 29.85 90.38 94.89
CA GLN GA 810 29.28 91.11 96.02
C GLN GA 810 30.31 92.01 96.70
N VAL GA 811 31.60 91.74 96.50
CA VAL GA 811 32.63 92.60 97.09
C VAL GA 811 32.58 94.01 96.52
N LYS GA 812 32.23 94.15 95.23
CA LYS GA 812 32.26 95.46 94.59
C LYS GA 812 31.46 96.47 95.40
N LYS GA 813 30.34 96.06 95.97
CA LYS GA 813 29.53 96.98 96.76
C LYS GA 813 30.30 97.47 97.99
N VAL GA 814 31.00 96.56 98.66
CA VAL GA 814 31.67 96.92 99.91
C VAL GA 814 32.76 97.95 99.66
N LEU GA 815 33.55 97.77 98.60
CA LEU GA 815 34.67 98.66 98.37
C LEU GA 815 34.24 100.10 98.16
N VAL GA 816 32.97 100.33 97.82
CA VAL GA 816 32.50 101.72 97.68
C VAL GA 816 32.63 102.46 99.00
N LEU GA 817 32.24 101.81 100.09
CA LEU GA 817 32.19 102.49 101.39
C LEU GA 817 33.59 102.74 101.94
N LEU GA 818 34.56 101.91 101.58
CA LEU GA 818 35.89 102.03 102.19
C LEU GA 818 36.55 103.34 101.78
N ASN GA 819 36.73 103.56 100.48
CA ASN GA 819 37.33 104.79 100.00
C ASN GA 819 36.27 105.90 99.94
N HIS GA 820 36.73 107.12 100.20
CA HIS GA 820 35.84 108.27 100.23
C HIS GA 820 35.68 108.92 98.86
N GLU GA 821 36.74 108.93 98.05
CA GLU GA 821 36.74 109.73 96.83
C GLU GA 821 35.63 109.32 95.88
N LEU GA 822 35.25 108.03 95.91
CA LEU GA 822 34.18 107.51 95.07
C LEU GA 822 32.88 107.25 95.83
N PHE GA 823 32.94 107.16 97.17
CA PHE GA 823 31.73 106.99 97.94
C PHE GA 823 30.80 108.19 97.78
N ASN GA 824 31.37 109.40 97.74
CA ASN GA 824 30.55 110.58 97.55
C ASN GA 824 29.84 110.55 96.20
N GLU GA 825 30.55 110.12 95.16
CA GLU GA 825 29.94 110.05 93.83
C GLU GA 825 28.82 109.01 93.80
N TYR GA 826 29.04 107.84 94.38
CA TYR GA 826 27.99 106.82 94.32
C TYR GA 826 26.83 107.09 95.27
N SER GA 827 27.08 107.78 96.39
CA SER GA 827 26.01 108.10 97.33
C SER GA 827 25.10 109.20 96.81
N LYS GA 828 25.49 109.88 95.73
CA LYS GA 828 24.66 110.95 95.19
C LYS GA 828 23.28 110.43 94.80
N GLU GA 829 23.19 109.17 94.42
CA GLU GA 829 21.92 108.58 94.01
C GLU GA 829 21.34 107.72 95.13
N ASP GA 839 31.84 106.29 109.19
CA ASP GA 839 32.70 106.63 110.32
C ASP GA 839 33.99 105.81 110.29
N GLN GA 840 35.01 106.30 110.99
CA GLN GA 840 36.29 105.60 111.02
C GLN GA 840 36.14 104.21 111.63
N GLU GA 841 35.38 104.11 112.72
CA GLU GA 841 35.18 102.81 113.36
C GLU GA 841 34.44 101.86 112.42
N SER GA 842 33.42 102.35 111.74
CA SER GA 842 32.66 101.50 110.80
C SER GA 842 33.55 101.04 109.66
N ILE GA 843 34.39 101.93 109.13
CA ILE GA 843 35.29 101.55 108.04
C ILE GA 843 36.27 100.50 108.52
N ASP GA 844 36.81 100.67 109.72
CA ASP GA 844 37.72 99.68 110.28
C ASP GA 844 37.02 98.33 110.44
N LYS GA 845 35.77 98.35 110.89
CA LYS GA 845 35.02 97.09 111.01
C LYS GA 845 34.82 96.43 109.65
N ARG GA 846 34.50 97.23 108.63
CA ARG GA 846 34.31 96.67 107.29
C ARG GA 846 35.58 95.99 106.80
N PHE GA 847 36.72 96.68 106.97
CA PHE GA 847 37.98 96.10 106.52
C PHE GA 847 38.34 94.84 107.32
N ALA GA 848 38.06 94.85 108.63
CA ALA GA 848 38.35 93.68 109.44
C ALA GA 848 37.50 92.49 109.01
N ASN GA 849 36.23 92.74 108.68
CA ASN GA 849 35.38 91.66 108.18
C ASN GA 849 35.90 91.09 106.87
N LEU GA 850 36.29 91.98 105.94
CA LEU GA 850 36.85 91.50 104.68
C LEU GA 850 38.12 90.71 104.89
N SER GA 851 38.91 91.05 105.91
CA SER GA 851 40.14 90.30 106.16
C SER GA 851 39.83 88.83 106.38
N ASP GA 852 38.91 88.54 107.32
CA ASP GA 852 38.61 87.16 107.65
C ASP GA 852 37.90 86.46 106.50
N THR GA 853 36.99 87.14 105.82
CA THR GA 853 36.30 86.49 104.69
C THR GA 853 37.30 86.08 103.60
N PHE GA 854 38.20 86.99 103.24
CA PHE GA 854 39.16 86.69 102.19
C PHE GA 854 40.13 85.59 102.63
N LEU GA 855 40.55 85.62 103.90
CA LEU GA 855 41.44 84.55 104.37
C LEU GA 855 40.73 83.20 104.32
N MET GA 856 39.44 83.17 104.66
CA MET GA 856 38.69 81.92 104.58
C MET GA 856 38.68 81.40 103.15
N GLN GA 857 38.41 82.26 102.18
CA GLN GA 857 38.41 81.80 100.79
C GLN GA 857 39.78 81.31 100.36
N TYR GA 858 40.84 82.02 100.77
CA TYR GA 858 42.20 81.64 100.40
C TYR GA 858 42.54 80.24 100.92
N GLU GA 859 42.26 79.99 102.20
CA GLU GA 859 42.59 78.70 102.78
C GLU GA 859 41.70 77.59 102.23
N LYS GA 860 40.43 77.90 101.94
CA LYS GA 860 39.57 76.91 101.31
C LYS GA 860 40.10 76.50 99.94
N PHE GA 861 40.60 77.47 99.17
CA PHE GA 861 41.20 77.13 97.88
C PHE GA 861 42.39 76.20 98.07
N GLY GA 862 43.26 76.50 99.04
CA GLY GA 862 44.39 75.63 99.26
C GLY GA 862 43.98 74.21 99.61
N GLU GA 863 42.99 74.08 100.51
CA GLU GA 863 42.52 72.74 100.90
C GLU GA 863 41.98 71.98 99.70
N ASN GA 864 41.11 72.63 98.91
CA ASN GA 864 40.50 71.95 97.78
C ASN GA 864 41.56 71.53 96.77
N LEU GA 865 42.53 72.39 96.52
CA LEU GA 865 43.59 72.06 95.58
C LEU GA 865 44.38 70.84 96.04
N VAL GA 866 44.74 70.80 97.32
CA VAL GA 866 45.52 69.67 97.82
C VAL GA 866 44.75 68.37 97.66
N THR GA 867 43.48 68.37 98.09
CA THR GA 867 42.69 67.15 98.01
C THR GA 867 42.51 66.71 96.56
N PHE GA 868 42.26 67.66 95.67
CA PHE GA 868 42.04 67.33 94.26
C PHE GA 868 43.28 66.70 93.64
N LEU GA 869 44.46 67.28 93.92
CA LEU GA 869 45.69 66.71 93.37
C LEU GA 869 45.93 65.30 93.91
N ALA GA 870 45.69 65.09 95.21
CA ALA GA 870 45.91 63.75 95.75
C ALA GA 870 44.98 62.73 95.09
N THR GA 871 43.72 63.10 94.91
CA THR GA 871 42.77 62.19 94.29
C THR GA 871 43.16 61.85 92.86
N ILE GA 872 43.52 62.87 92.07
CA ILE GA 872 43.93 62.59 90.70
C ILE GA 872 45.15 61.69 90.70
N LYS GA 873 46.11 61.94 91.60
CA LYS GA 873 47.32 61.15 91.59
C LYS GA 873 47.01 59.67 91.85
N GLN GA 874 46.17 59.38 92.85
CA GLN GA 874 45.89 57.98 93.14
C GLN GA 874 45.13 57.32 91.99
N VAL GA 875 44.14 58.01 91.41
CA VAL GA 875 43.37 57.39 90.34
C VAL GA 875 44.25 57.18 89.11
N GLY GA 876 45.08 58.16 88.77
CA GLY GA 876 45.96 58.02 87.62
C GLY GA 876 46.96 56.89 87.80
N GLU GA 877 47.53 56.76 89.00
CA GLU GA 877 48.45 55.66 89.22
C GLU GA 877 47.73 54.31 89.13
N ARG GA 878 46.48 54.24 89.57
CA ARG GA 878 45.80 52.94 89.57
C ARG GA 878 45.32 52.56 88.17
N GLU GA 879 44.44 53.36 87.58
CA GLU GA 879 43.69 52.94 86.40
C GLU GA 879 44.06 53.73 85.14
N ASN GA 880 43.91 55.04 85.16
CA ASN GA 880 43.92 55.84 83.95
C ASN GA 880 45.30 56.39 83.65
N GLN GA 881 45.78 56.18 82.42
CA GLN GA 881 47.05 56.75 82.01
C GLN GA 881 46.93 58.25 81.77
N GLY GA 882 45.81 58.70 81.19
CA GLY GA 882 45.66 60.10 80.88
C GLY GA 882 45.68 60.99 82.10
N LEU GA 883 45.14 60.52 83.22
CA LEU GA 883 45.09 61.33 84.42
C LEU GA 883 46.47 61.47 85.06
N LEU GA 884 47.37 60.51 84.81
CA LEU GA 884 48.70 60.56 85.42
C LEU GA 884 49.50 61.75 84.92
N GLU GA 885 49.48 62.00 83.61
CA GLU GA 885 50.19 63.14 83.06
C GLU GA 885 49.55 64.45 83.50
N LEU GA 886 48.22 64.48 83.65
CA LEU GA 886 47.57 65.65 84.21
C LEU GA 886 48.04 65.90 85.63
N SER GA 887 48.18 64.84 86.42
CA SER GA 887 48.68 64.98 87.78
C SER GA 887 50.10 65.55 87.76
N ASN GA 888 50.94 65.05 86.87
CA ASN GA 888 52.30 65.58 86.78
C ASN GA 888 52.28 67.06 86.42
N ARG GA 889 51.44 67.45 85.47
CA ARG GA 889 51.38 68.86 85.06
C ARG GA 889 50.90 69.75 86.20
N LEU GA 890 49.84 69.32 86.90
CA LEU GA 890 49.31 70.16 87.97
C LEU GA 890 50.28 70.23 89.14
N GLU GA 891 50.97 69.13 89.43
CA GLU GA 891 51.99 69.17 90.48
C GLU GA 891 53.13 70.11 90.10
N LEU GA 892 53.55 70.08 88.83
CA LEU GA 892 54.57 71.02 88.38
C LEU GA 892 54.06 72.44 88.36
N CYS GA 893 52.74 72.66 88.38
CA CYS GA 893 52.22 74.01 88.44
C CYS GA 893 52.38 74.59 89.84
N PHE GA 894 51.74 73.98 90.82
CA PHE GA 894 51.77 74.47 92.19
C PHE GA 894 52.81 73.72 93.02
N LEU HA 157 -11.66 -23.80 39.27
CA LEU HA 157 -12.54 -22.64 39.64
C LEU HA 157 -11.75 -21.59 40.40
N THR HA 158 -12.06 -20.32 40.15
CA THR HA 158 -11.39 -19.24 40.84
C THR HA 158 -11.93 -19.10 42.26
N LEU HA 159 -11.23 -18.30 43.07
CA LEU HA 159 -11.66 -18.11 44.45
C LEU HA 159 -13.03 -17.48 44.53
N SER HA 160 -13.30 -16.50 43.65
CA SER HA 160 -14.58 -15.79 43.71
C SER HA 160 -15.76 -16.70 43.40
N GLN HA 161 -15.54 -17.84 42.77
CA GLN HA 161 -16.65 -18.72 42.42
C GLN HA 161 -17.02 -19.63 43.59
N LEU HA 162 -16.03 -20.12 44.33
CA LEU HA 162 -16.31 -21.02 45.44
C LEU HA 162 -17.08 -20.34 46.56
N ILE HA 163 -16.98 -19.02 46.66
CA ILE HA 163 -17.66 -18.29 47.73
C ILE HA 163 -19.09 -17.93 47.36
N GLU HA 164 -19.43 -17.94 46.07
CA GLU HA 164 -20.75 -17.48 45.63
C GLU HA 164 -21.90 -18.12 46.39
N PRO HA 165 -21.95 -19.44 46.59
CA PRO HA 165 -23.08 -20.01 47.33
C PRO HA 165 -23.20 -19.49 48.75
N TYR HA 166 -22.07 -19.15 49.40
CA TYR HA 166 -22.06 -18.81 50.82
C TYR HA 166 -21.98 -17.31 51.06
N TYR HA 167 -22.25 -16.48 50.06
CA TYR HA 167 -22.10 -15.04 50.22
C TYR HA 167 -23.13 -14.35 49.33
N ASP HA 168 -24.12 -13.71 49.94
CA ASP HA 168 -25.26 -13.14 49.23
C ASP HA 168 -25.24 -11.61 49.31
N THR HA 169 -25.27 -10.95 48.16
CA THR HA 169 -25.38 -9.51 48.09
C THR HA 169 -25.72 -9.11 46.66
N LEU HA 170 -26.48 -8.04 46.53
CA LEU HA 170 -26.83 -7.47 45.23
C LEU HA 170 -25.58 -6.91 44.56
N GLN HA 173 -21.61 -6.55 40.06
CA GLN HA 173 -21.66 -5.82 38.79
C GLN HA 173 -22.96 -5.03 38.66
N THR HA 174 -24.02 -5.48 39.33
CA THR HA 174 -25.28 -4.76 39.26
C THR HA 174 -25.16 -3.38 39.89
N ILE HA 175 -24.37 -3.25 40.96
CA ILE HA 175 -24.16 -1.94 41.57
C ILE HA 175 -23.50 -1.01 40.57
N LEU HA 176 -22.49 -1.49 39.85
CA LEU HA 176 -21.81 -0.66 38.88
C LEU HA 176 -22.71 -0.25 37.72
N THR HA 177 -23.80 -0.99 37.49
CA THR HA 177 -24.72 -0.61 36.43
C THR HA 177 -25.46 0.68 36.77
N TYR HA 178 -25.91 0.82 38.02
CA TYR HA 178 -26.67 1.97 38.46
C TYR HA 178 -25.82 2.98 39.24
N LEU HA 179 -24.52 2.75 39.38
CA LEU HA 179 -23.70 3.68 40.15
C LEU HA 179 -23.43 4.97 39.39
N PRO HA 180 -23.12 4.95 38.09
CA PRO HA 180 -22.84 6.22 37.40
C PRO HA 180 -23.98 7.22 37.49
N TYR HA 181 -25.23 6.74 37.45
CA TYR HA 181 -26.36 7.65 37.53
C TYR HA 181 -26.48 8.26 38.93
N THR HA 182 -26.07 7.52 39.96
CA THR HA 182 -26.07 8.08 41.31
C THR HA 182 -24.92 9.06 41.52
N MET HA 183 -23.77 8.79 40.91
CA MET HA 183 -22.62 9.65 41.09
C MET HA 183 -22.86 11.05 40.51
N LEU HA 184 -23.61 11.13 39.41
CA LEU HA 184 -23.91 12.41 38.78
C LEU HA 184 -25.04 13.15 39.48
N GLY HA 185 -25.38 12.76 40.70
CA GLY HA 185 -26.42 13.43 41.45
C GLY HA 185 -27.81 13.28 40.83
N SER HA 186 -28.15 12.05 40.46
CA SER HA 186 -29.46 11.75 39.91
C SER HA 186 -30.05 10.54 40.63
N ASP HA 187 -31.38 10.50 40.71
CA ASP HA 187 -32.05 9.39 41.37
C ASP HA 187 -31.79 8.08 40.63
N SER HA 188 -31.78 6.98 41.38
CA SER HA 188 -31.52 5.67 40.82
C SER HA 188 -32.56 4.68 41.34
N LYS HA 189 -32.72 3.56 40.62
CA LYS HA 189 -33.71 2.51 40.98
C LYS HA 189 -33.38 1.97 42.37
N ILE HA 190 -32.09 1.89 42.76
CA ILE HA 190 -31.70 1.28 44.03
C ILE HA 190 -31.14 2.29 45.02
N PHE HA 191 -30.82 3.50 44.59
CA PHE HA 191 -30.37 4.56 45.48
C PHE HA 191 -31.26 5.78 45.26
N THR HA 192 -31.86 6.29 46.33
CA THR HA 192 -32.79 7.39 46.25
C THR HA 192 -32.38 8.50 47.21
N PHE HA 193 -32.31 9.73 46.72
CA PHE HA 193 -32.03 10.88 47.56
C PHE HA 193 -33.31 11.32 48.28
N SER HA 194 -33.12 12.07 49.37
CA SER HA 194 -34.25 12.55 50.15
C SER HA 194 -33.81 13.76 50.95
N ASN HA 195 -34.79 14.49 51.46
CA ASN HA 195 -34.56 15.65 52.32
C ASN HA 195 -33.71 16.70 51.58
N ASN HA 196 -34.21 17.11 50.42
CA ASN HA 196 -33.58 18.15 49.61
C ASN HA 196 -32.14 17.78 49.26
N TYR HA 197 -31.92 16.48 48.97
CA TYR HA 197 -30.62 15.99 48.55
C TYR HA 197 -29.56 16.23 49.63
N THR HA 198 -29.90 15.87 50.86
CA THR HA 198 -28.95 15.94 51.97
C THR HA 198 -28.59 14.58 52.53
N ARG HA 199 -29.29 13.52 52.14
CA ARG HA 199 -28.95 12.18 52.60
C ARG HA 199 -29.30 11.18 51.52
N LEU HA 200 -28.59 10.06 51.52
CA LEU HA 200 -28.77 9.00 50.53
C LEU HA 200 -29.00 7.69 51.26
N GLU HA 201 -30.03 6.95 50.85
CA GLU HA 201 -30.43 5.73 51.53
C GLU HA 201 -29.86 4.53 50.81
N ILE HA 202 -29.05 3.74 51.51
CA ILE HA 202 -28.50 2.51 50.94
C ILE HA 202 -29.54 1.39 51.12
N PRO HA 203 -29.91 0.68 50.05
CA PRO HA 203 -31.04 -0.25 50.16
C PRO HA 203 -30.71 -1.49 50.96
N LYS HA 204 -31.72 -2.33 51.21
CA LYS HA 204 -31.48 -3.66 51.72
C LYS HA 204 -30.79 -4.51 50.66
N ASP HA 205 -30.28 -5.66 51.08
CA ASP HA 205 -29.53 -6.56 50.20
C ASP HA 205 -28.19 -5.94 49.80
N ILE HA 206 -27.61 -5.16 50.71
CA ILE HA 206 -26.23 -4.71 50.59
C ILE HA 206 -25.58 -4.95 51.94
N ASN HA 207 -24.89 -6.08 52.09
CA ASN HA 207 -24.40 -6.49 53.39
C ASN HA 207 -23.36 -5.50 53.93
N ASN HA 208 -23.04 -5.67 55.21
CA ASN HA 208 -22.20 -4.74 55.97
C ASN HA 208 -21.01 -4.19 55.20
N SER HA 209 -20.14 -5.06 54.67
CA SER HA 209 -18.90 -4.60 54.06
C SER HA 209 -19.15 -3.67 52.88
N PHE HA 210 -19.99 -4.10 51.93
CA PHE HA 210 -20.24 -3.27 50.75
C PHE HA 210 -20.87 -1.94 51.14
N SER HA 211 -21.79 -1.95 52.11
CA SER HA 211 -22.37 -0.68 52.57
C SER HA 211 -21.32 0.23 53.19
N SER HA 212 -20.41 -0.34 53.98
CA SER HA 212 -19.36 0.46 54.60
C SER HA 212 -18.47 1.08 53.54
N LEU HA 213 -18.15 0.32 52.49
CA LEU HA 213 -17.33 0.86 51.42
C LEU HA 213 -18.07 1.94 50.65
N LEU HA 214 -19.34 1.68 50.31
CA LEU HA 214 -20.11 2.65 49.54
C LEU HA 214 -20.26 3.95 50.31
N ARG HA 215 -20.35 3.89 51.64
CA ARG HA 215 -20.49 5.13 52.40
C ARG HA 215 -19.33 6.08 52.11
N GLU HA 216 -18.15 5.54 51.81
CA GLU HA 216 -17.04 6.40 51.40
C GLU HA 216 -17.19 6.89 49.98
N VAL HA 217 -17.65 6.03 49.07
CA VAL HA 217 -17.80 6.44 47.67
C VAL HA 217 -18.90 7.48 47.53
N PHE HA 218 -20.00 7.31 48.27
CA PHE HA 218 -21.14 8.21 48.13
C PHE HA 218 -20.85 9.60 48.67
N GLU HA 219 -19.73 9.80 49.36
CA GLU HA 219 -19.37 11.15 49.78
C GLU HA 219 -19.23 12.07 48.58
N PHE HA 220 -18.63 11.58 47.50
CA PHE HA 220 -18.49 12.39 46.29
C PHE HA 220 -19.84 12.74 45.70
N ALA HA 221 -20.77 11.78 45.66
CA ALA HA 221 -22.06 12.03 45.02
C ALA HA 221 -22.83 13.14 45.72
N ILE HA 222 -22.92 13.06 47.05
CA ILE HA 222 -23.72 14.04 47.79
C ILE HA 222 -23.06 15.40 47.74
N LEU HA 223 -21.74 15.46 47.89
CA LEU HA 223 -21.05 16.74 47.84
C LEU HA 223 -21.20 17.39 46.48
N TYR HA 224 -21.05 16.59 45.41
CA TYR HA 224 -21.22 17.14 44.07
C TYR HA 224 -22.64 17.61 43.85
N LYS HA 225 -23.63 16.88 44.38
CA LYS HA 225 -25.01 17.32 44.23
C LYS HA 225 -25.23 18.65 44.93
N GLN HA 226 -24.66 18.82 46.13
CA GLN HA 226 -24.79 20.08 46.84
C GLN HA 226 -24.16 21.22 46.04
N LEU HA 227 -22.97 20.97 45.48
CA LEU HA 227 -22.31 22.00 44.69
C LEU HA 227 -23.11 22.34 43.45
N ALA HA 228 -23.70 21.33 42.80
CA ALA HA 228 -24.52 21.59 41.62
C ALA HA 228 -25.75 22.39 41.97
N ILE HA 229 -26.36 22.10 43.11
CA ILE HA 229 -27.51 22.89 43.56
C ILE HA 229 -27.10 24.34 43.76
N VAL HA 230 -25.96 24.56 44.41
CA VAL HA 230 -25.51 25.93 44.64
C VAL HA 230 -25.24 26.64 43.32
N VAL HA 231 -24.55 25.98 42.40
CA VAL HA 231 -24.22 26.61 41.12
C VAL HA 231 -25.48 26.96 40.35
N ASP HA 232 -26.44 26.02 40.31
CA ASP HA 232 -27.66 26.27 39.56
C ASP HA 232 -28.50 27.36 40.23
N ARG HA 233 -28.43 27.48 41.54
CA ARG HA 233 -29.26 28.45 42.25
C ARG HA 233 -28.71 29.87 42.17
N TYR HA 234 -27.40 30.04 42.31
CA TYR HA 234 -26.77 31.36 42.34
C TYR HA 234 -26.07 31.70 41.03
N LYS HA 235 -26.54 31.14 39.91
CA LYS HA 235 -25.83 31.34 38.65
C LYS HA 235 -25.85 32.82 38.24
N GLY HA 236 -27.02 33.44 38.24
CA GLY HA 236 -27.14 34.81 37.78
C GLY HA 236 -27.92 35.69 38.73
N THR HA 237 -27.96 35.31 40.02
CA THR HA 237 -28.67 36.07 41.03
C THR HA 237 -27.77 37.01 41.81
N LEU HA 238 -26.59 36.56 42.20
CA LEU HA 238 -25.69 37.40 42.99
C LEU HA 238 -25.26 38.61 42.18
N VAL HA 239 -25.14 39.75 42.87
CA VAL HA 239 -24.80 41.01 42.22
C VAL HA 239 -23.31 41.30 42.40
N SER HA 240 -22.75 40.90 43.54
CA SER HA 240 -21.34 41.16 43.80
C SER HA 240 -20.47 40.43 42.78
N ALA HA 241 -19.45 41.12 42.26
CA ALA HA 241 -18.61 40.52 41.24
C ALA HA 241 -17.69 39.44 41.81
N ILE HA 242 -17.30 39.57 43.07
CA ILE HA 242 -16.36 38.62 43.66
C ILE HA 242 -17.00 37.23 43.74
N LYS HA 243 -18.21 37.17 44.27
CA LYS HA 243 -18.91 35.90 44.38
C LYS HA 243 -19.24 35.34 43.01
N THR HA 244 -19.54 36.21 42.04
CA THR HA 244 -19.82 35.73 40.69
C THR HA 244 -18.61 35.07 40.07
N ALA HA 245 -17.43 35.66 40.22
CA ALA HA 245 -16.22 35.02 39.71
C ALA HA 245 -15.96 33.70 40.42
N TYR HA 246 -16.25 33.65 41.73
CA TYR HA 246 -16.10 32.40 42.45
C TYR HA 246 -17.02 31.32 41.87
N ILE HA 247 -18.26 31.68 41.57
CA ILE HA 247 -19.19 30.71 40.99
C ILE HA 247 -18.72 30.27 39.62
N ALA HA 248 -18.12 31.18 38.84
CA ALA HA 248 -17.61 30.80 37.54
C ALA HA 248 -16.53 29.73 37.66
N ILE HA 249 -15.58 29.94 38.56
CA ILE HA 249 -14.52 28.95 38.70
C ILE HA 249 -15.07 27.65 39.28
N LEU HA 250 -16.07 27.74 40.16
CA LEU HA 250 -16.71 26.55 40.69
C LEU HA 250 -17.37 25.74 39.58
N GLU HA 251 -18.03 26.41 38.64
CA GLU HA 251 -18.64 25.72 37.52
C GLU HA 251 -17.58 25.02 36.68
N ALA HA 252 -16.45 25.69 36.45
CA ALA HA 252 -15.39 25.04 35.68
C ALA HA 252 -14.90 23.77 36.38
N GLN HA 253 -14.70 23.85 37.71
CA GLN HA 253 -14.24 22.68 38.44
C GLN HA 253 -15.24 21.54 38.38
N LEU HA 254 -16.53 21.86 38.53
CA LEU HA 254 -17.55 20.80 38.45
C LEU HA 254 -17.57 20.17 37.06
N ASN HA 255 -17.38 20.96 36.01
CA ASN HA 255 -17.32 20.39 34.67
C ASN HA 255 -16.16 19.41 34.57
N LYS HA 256 -14.99 19.78 35.11
CA LYS HA 256 -13.88 18.84 35.08
C LYS HA 256 -14.21 17.56 35.84
N TYR HA 257 -14.89 17.70 36.98
CA TYR HA 257 -15.23 16.50 37.75
C TYR HA 257 -16.17 15.58 36.98
N VAL HA 258 -17.16 16.17 36.30
CA VAL HA 258 -18.08 15.33 35.52
C VAL HA 258 -17.33 14.62 34.41
N ASN HA 259 -16.42 15.32 33.72
CA ASN HA 259 -15.64 14.64 32.68
C ASN HA 259 -14.79 13.52 33.26
N ASP HA 260 -14.24 13.72 34.45
CA ASP HA 260 -13.46 12.67 35.09
C ASP HA 260 -14.31 11.46 35.38
N ILE HA 261 -15.52 11.66 35.90
CA ILE HA 261 -16.41 10.53 36.16
C ILE HA 261 -16.74 9.80 34.87
N ASN HA 262 -17.00 10.54 33.79
CA ASN HA 262 -17.28 9.91 32.52
C ASN HA 262 -16.11 9.06 32.05
N ASN HA 263 -14.88 9.54 32.26
CA ASN HA 263 -13.73 8.70 31.94
C ASN HA 263 -13.66 7.47 32.82
N ILE HA 264 -13.95 7.61 34.12
CA ILE HA 264 -13.82 6.48 35.03
C ILE HA 264 -14.81 5.38 34.66
N PHE HA 265 -15.98 5.73 34.14
CA PHE HA 265 -16.97 4.71 33.80
C PHE HA 265 -17.01 4.34 32.32
N ASN HA 266 -16.36 5.12 31.44
CA ASN HA 266 -16.17 4.66 30.07
C ASN HA 266 -15.26 3.45 30.03
N ASN HA 267 -14.20 3.46 30.82
CA ASN HA 267 -13.34 2.29 30.99
C ASN HA 267 -14.04 1.37 31.97
N LYS HA 268 -14.79 0.41 31.43
CA LYS HA 268 -15.67 -0.44 32.23
C LYS HA 268 -14.94 -0.93 33.48
N PRO HA 269 -15.34 -0.46 34.67
CA PRO HA 269 -14.62 -0.87 35.88
C PRO HA 269 -14.98 -2.27 36.33
N ASN HA 270 -14.04 -2.89 37.05
CA ASN HA 270 -14.22 -4.25 37.51
C ASN HA 270 -14.87 -4.33 38.90
N SER HA 271 -14.66 -3.33 39.75
CA SER HA 271 -15.17 -3.38 41.11
C SER HA 271 -15.34 -1.96 41.63
N ILE HA 272 -15.94 -1.86 42.81
CA ILE HA 272 -16.16 -0.55 43.42
C ILE HA 272 -14.82 0.09 43.80
N LEU HA 273 -13.83 -0.73 44.16
CA LEU HA 273 -12.59 -0.17 44.68
C LEU HA 273 -11.80 0.56 43.61
N VAL HA 274 -11.80 0.05 42.37
CA VAL HA 274 -11.10 0.77 41.31
C VAL HA 274 -11.78 2.10 41.05
N VAL HA 275 -13.12 2.15 41.15
CA VAL HA 275 -13.84 3.40 41.03
C VAL HA 275 -13.40 4.37 42.12
N TYR HA 276 -13.34 3.88 43.36
CA TYR HA 276 -12.96 4.73 44.47
C TYR HA 276 -11.54 5.27 44.30
N ASN HA 277 -10.61 4.41 43.88
CA ASN HA 277 -9.23 4.85 43.70
C ASN HA 277 -9.11 5.85 42.55
N SER HA 278 -9.89 5.66 41.49
CA SER HA 278 -9.80 6.57 40.35
C SER HA 278 -10.20 7.98 40.72
N ILE HA 279 -11.26 8.13 41.54
CA ILE HA 279 -11.73 9.45 41.94
C ILE HA 279 -11.14 9.92 43.26
N PHE HA 280 -10.26 9.13 43.88
CA PHE HA 280 -9.72 9.51 45.18
C PHE HA 280 -9.09 10.89 45.19
N PRO HA 281 -8.30 11.29 44.19
CA PRO HA 281 -7.62 12.59 44.27
C PRO HA 281 -8.55 13.79 44.35
N TRP HA 282 -9.86 13.57 44.26
CA TRP HA 282 -10.84 14.65 44.29
C TRP HA 282 -11.43 14.88 45.68
N ILE HA 283 -10.92 14.21 46.71
CA ILE HA 283 -11.47 14.40 48.06
C ILE HA 283 -11.22 15.82 48.54
N SER HA 284 -9.97 16.30 48.40
CA SER HA 284 -9.62 17.60 48.97
C SER HA 284 -10.28 18.72 48.19
N ILE HA 285 -10.33 18.61 46.87
CA ILE HA 285 -10.93 19.65 46.05
C ILE HA 285 -12.40 19.81 46.38
N LEU HA 286 -13.13 18.69 46.42
CA LEU HA 286 -14.56 18.76 46.69
C LEU HA 286 -14.82 19.27 48.10
N ARG HA 287 -14.06 18.78 49.10
CA ARG HA 287 -14.29 19.25 50.46
C ARG HA 287 -14.00 20.75 50.58
N PHE HA 288 -12.91 21.21 49.98
CA PHE HA 288 -12.59 22.63 50.03
C PHE HA 288 -13.67 23.47 49.36
N LEU HA 289 -14.13 23.05 48.17
CA LEU HA 289 -15.14 23.82 47.47
C LEU HA 289 -16.44 23.85 48.24
N TYR HA 290 -16.82 22.73 48.85
CA TYR HA 290 -18.05 22.71 49.64
C TYR HA 290 -17.92 23.62 50.86
N ARG HA 291 -16.75 23.61 51.52
CA ARG HA 291 -16.59 24.46 52.69
C ARG HA 291 -16.64 25.94 52.32
N VAL HA 292 -16.01 26.32 51.21
CA VAL HA 292 -16.00 27.73 50.83
C VAL HA 292 -17.40 28.18 50.40
N SER HA 293 -18.05 27.38 49.56
CA SER HA 293 -19.40 27.75 49.10
C SER HA 293 -20.39 27.80 50.24
N ASN HA 294 -20.15 27.06 51.33
CA ASN HA 294 -21.06 27.08 52.45
C ASN HA 294 -21.15 28.46 53.10
N ARG HA 295 -20.12 29.29 52.93
CA ARG HA 295 -20.08 30.63 53.51
C ARG HA 295 -20.20 31.73 52.47
N LEU HA 296 -20.92 31.45 51.39
CA LEU HA 296 -21.14 32.44 50.34
C LEU HA 296 -22.22 33.44 50.72
N ASN HA 297 -23.01 33.19 51.76
CA ASN HA 297 -24.11 34.07 52.14
C ASN HA 297 -23.69 35.09 53.20
N ARG HA 298 -23.23 34.61 54.36
CA ARG HA 298 -22.92 35.53 55.45
C ARG HA 298 -21.73 36.42 55.09
N LEU HA 299 -20.72 35.86 54.44
CA LEU HA 299 -19.55 36.66 54.07
C LEU HA 299 -19.92 37.67 53.00
N ASP HA 300 -19.39 38.88 53.14
CA ASP HA 300 -19.66 39.97 52.20
C ASP HA 300 -18.73 39.85 51.00
N GLY HA 301 -18.70 40.90 50.17
CA GLY HA 301 -17.88 40.86 48.96
C GLY HA 301 -16.39 40.84 49.25
N TYR HA 302 -15.94 41.65 50.21
CA TYR HA 302 -14.53 41.75 50.53
C TYR HA 302 -14.08 40.72 51.54
N GLU HA 303 -14.92 40.41 52.53
CA GLU HA 303 -14.59 39.38 53.49
C GLU HA 303 -14.40 38.03 52.81
N PHE HA 304 -15.18 37.76 51.77
CA PHE HA 304 -15.00 36.54 51.00
C PHE HA 304 -13.64 36.50 50.32
N LEU HA 305 -13.24 37.62 49.72
CA LEU HA 305 -11.94 37.68 49.06
C LEU HA 305 -10.81 37.47 50.05
N THR HA 306 -10.91 38.10 51.24
CA THR HA 306 -9.88 37.89 52.25
C THR HA 306 -9.89 36.46 52.76
N PHE HA 307 -11.07 35.85 52.87
CA PHE HA 307 -11.16 34.47 53.35
C PHE HA 307 -10.47 33.51 52.40
N ILE HA 308 -10.71 33.67 51.10
CA ILE HA 308 -10.03 32.79 50.14
C ILE HA 308 -8.53 33.08 50.13
N TYR HA 309 -8.16 34.35 50.23
CA TYR HA 309 -6.74 34.71 50.13
C TYR HA 309 -5.91 34.03 51.22
N SER HA 310 -6.51 33.78 52.38
CA SER HA 310 -5.76 33.16 53.47
C SER HA 310 -5.38 31.72 53.16
N PHE HA 311 -6.05 31.08 52.21
CA PHE HA 311 -5.75 29.69 51.86
C PHE HA 311 -4.63 29.55 50.84
N THR HA 312 -4.22 30.65 50.19
CA THR HA 312 -3.13 30.56 49.24
C THR HA 312 -1.81 30.20 49.91
N ASN HA 313 -1.72 30.37 51.22
CA ASN HA 313 -0.52 30.03 51.97
C ASN HA 313 -0.55 28.62 52.55
N HIS HA 314 -1.56 27.83 52.20
CA HIS HA 314 -1.65 26.47 52.71
C HIS HA 314 -0.47 25.64 52.20
N GLY HA 315 0.07 24.80 53.08
CA GLY HA 315 1.24 24.02 52.72
C GLY HA 315 0.93 22.83 51.83
N ASP HA 316 -0.31 22.38 51.79
CA ASP HA 316 -0.67 21.21 51.01
C ASP HA 316 -0.68 21.56 49.53
N PRO HA 317 0.10 20.87 48.68
CA PRO HA 317 0.10 21.24 47.26
C PRO HA 317 -1.28 21.17 46.61
N LYS HA 318 -2.12 20.21 46.97
CA LYS HA 318 -3.43 20.10 46.35
C LYS HA 318 -4.36 21.21 46.79
N ILE HA 319 -4.45 21.44 48.10
CA ILE HA 319 -5.35 22.46 48.62
C ILE HA 319 -4.88 23.84 48.20
N ARG HA 320 -3.58 24.12 48.34
CA ARG HA 320 -3.07 25.40 47.89
C ARG HA 320 -3.18 25.55 46.38
N GLY HA 321 -3.08 24.46 45.63
CA GLY HA 321 -3.24 24.56 44.19
C GLY HA 321 -4.63 24.99 43.80
N ILE HA 322 -5.65 24.38 44.40
CA ILE HA 322 -7.01 24.81 44.06
C ILE HA 322 -7.30 26.19 44.61
N ALA HA 323 -6.78 26.53 45.79
CA ALA HA 323 -7.03 27.85 46.36
C ALA HA 323 -6.42 28.94 45.50
N VAL HA 324 -5.17 28.74 45.04
CA VAL HA 324 -4.53 29.74 44.19
C VAL HA 324 -5.08 29.72 42.77
N THR HA 325 -5.66 28.60 42.33
CA THR HA 325 -6.33 28.60 41.04
C THR HA 325 -7.60 29.44 41.09
N ALA HA 326 -8.39 29.27 42.15
CA ALA HA 326 -9.64 30.02 42.26
C ALA HA 326 -9.38 31.50 42.58
N PHE HA 327 -8.33 31.79 43.33
CA PHE HA 327 -8.06 33.17 43.75
C PHE HA 327 -7.74 34.08 42.57
N THR HA 328 -7.16 33.56 41.50
CA THR HA 328 -6.85 34.41 40.34
C THR HA 328 -8.13 35.00 39.75
N GLU HA 329 -9.12 34.14 39.46
CA GLU HA 329 -10.34 34.64 38.86
C GLU HA 329 -11.19 35.37 39.89
N VAL HA 330 -11.09 35.00 41.17
CA VAL HA 330 -11.85 35.72 42.18
C VAL HA 330 -11.31 37.13 42.36
N VAL HA 331 -10.00 37.32 42.22
CA VAL HA 331 -9.39 38.64 42.40
C VAL HA 331 -9.39 39.48 41.14
N LYS HA 332 -9.59 38.89 39.97
CA LYS HA 332 -9.60 39.70 38.75
C LYS HA 332 -10.60 40.85 38.81
N PRO HA 333 -11.83 40.68 39.29
CA PRO HA 333 -12.76 41.82 39.34
C PRO HA 333 -12.27 42.96 40.22
N TYR HA 334 -11.59 42.64 41.33
CA TYR HA 334 -11.04 43.69 42.17
C TYR HA 334 -10.00 44.50 41.41
N TYR HA 335 -9.15 43.81 40.65
CA TYR HA 335 -8.16 44.52 39.84
C TYR HA 335 -8.82 45.30 38.71
N ASN HA 336 -9.98 44.85 38.23
CA ASN HA 336 -10.71 45.65 37.25
C ASN HA 336 -11.25 46.93 37.86
N ILE HA 337 -11.74 46.86 39.10
CA ILE HA 337 -12.14 48.09 39.80
C ILE HA 337 -10.95 49.04 39.91
N VAL HA 338 -9.80 48.49 40.32
CA VAL HA 338 -8.62 49.32 40.47
C VAL HA 338 -8.19 49.90 39.12
N GLU HA 339 -8.33 49.12 38.05
CA GLU HA 339 -7.95 49.60 36.72
C GLU HA 339 -8.82 50.77 36.31
N HIS HA 340 -10.14 50.65 36.47
CA HIS HA 340 -11.01 51.76 36.11
C HIS HA 340 -10.70 52.98 36.96
N TRP HA 341 -10.44 52.79 38.25
CA TRP HA 341 -10.15 53.93 39.10
C TRP HA 341 -8.82 54.59 38.72
N ILE HA 342 -7.81 53.80 38.38
CA ILE HA 342 -6.49 54.34 38.09
C ILE HA 342 -6.48 55.07 36.76
N VAL HA 343 -7.06 54.47 35.72
CA VAL HA 343 -6.86 54.99 34.37
C VAL HA 343 -7.79 56.16 34.10
N LYS HA 344 -9.11 55.92 34.17
CA LYS HA 344 -10.08 56.99 33.83
C LYS HA 344 -10.38 57.84 35.06
N GLY HA 345 -10.30 57.24 36.25
CA GLY HA 345 -10.68 57.98 37.47
C GLY HA 345 -12.17 57.88 37.71
N GLU HA 346 -12.69 56.65 37.85
CA GLU HA 346 -14.12 56.49 38.18
C GLU HA 346 -14.34 55.28 39.09
N LEU HA 347 -15.43 55.28 39.85
CA LEU HA 347 -15.71 54.23 40.82
C LEU HA 347 -16.81 53.32 40.28
N ILE HA 348 -16.58 52.02 40.32
CA ILE HA 348 -17.46 51.05 39.70
C ILE HA 348 -18.26 50.27 40.74
N ASP HA 349 -17.63 49.85 41.84
CA ASP HA 349 -18.30 48.98 42.79
C ASP HA 349 -19.50 49.66 43.42
N ASN HA 350 -20.70 49.16 43.11
CA ASN HA 350 -21.90 49.66 43.76
C ASN HA 350 -22.00 49.17 45.19
N ASN HA 351 -21.46 47.98 45.47
CA ASN HA 351 -21.42 47.45 46.82
C ASN HA 351 -20.15 47.89 47.53
N ASN HA 352 -20.13 47.72 48.85
CA ASN HA 352 -19.00 48.14 49.67
C ASN HA 352 -17.95 47.04 49.66
N GLU HA 353 -17.10 47.08 48.63
CA GLU HA 353 -16.03 46.10 48.48
C GLU HA 353 -14.74 46.75 47.98
N PHE HA 354 -14.52 48.02 48.31
CA PHE HA 354 -13.34 48.72 47.83
C PHE HA 354 -12.92 49.71 48.92
N PHE HA 355 -11.64 50.10 48.89
CA PHE HA 355 -11.08 51.01 49.87
C PHE HA 355 -11.15 52.48 49.45
N ILE HA 356 -12.03 52.81 48.51
CA ILE HA 356 -12.29 54.20 48.13
C ILE HA 356 -13.79 54.34 47.94
N ILE HA 357 -14.36 55.42 48.48
CA ILE HA 357 -15.81 55.63 48.49
C ILE HA 357 -16.09 57.11 48.25
N PHE HA 358 -17.38 57.44 48.12
CA PHE HA 358 -17.85 58.80 47.89
C PHE HA 358 -18.82 59.21 48.99
N ASP HA 359 -19.07 60.52 49.05
CA ASP HA 359 -20.04 61.11 49.99
C ASP HA 359 -20.88 62.12 49.22
N GLN HA 360 -22.06 61.72 48.75
CA GLN HA 360 -22.90 62.65 48.01
C GLN HA 360 -23.39 63.79 48.89
N GLU HA 361 -23.54 63.55 50.19
CA GLU HA 361 -24.08 64.59 51.07
C GLU HA 361 -23.10 65.74 51.24
N GLN HA 362 -21.81 65.50 51.03
CA GLN HA 362 -20.81 66.54 51.21
C GLN HA 362 -20.95 67.60 50.12
N ASN HA 363 -20.54 68.82 50.45
CA ASN HA 363 -20.68 69.96 49.55
C ASN HA 363 -19.34 70.64 49.26
N GLU HA 364 -18.26 69.86 49.22
CA GLU HA 364 -16.94 70.38 48.85
C GLU HA 364 -16.11 69.25 48.28
N PHE HA 365 -15.28 69.56 47.27
CA PHE HA 365 -14.59 68.52 46.53
C PHE HA 365 -13.68 67.71 47.42
N ASN HA 366 -12.83 68.37 48.20
CA ASN HA 366 -11.74 67.67 48.86
C ASN HA 366 -12.23 66.60 49.83
N SER HA 367 -13.49 66.66 50.27
CA SER HA 367 -14.01 65.74 51.27
C SER HA 367 -15.15 64.87 50.77
N ILE HA 368 -15.55 64.99 49.50
CA ILE HA 368 -16.51 64.03 48.95
C ILE HA 368 -15.88 62.64 48.87
N ILE HA 369 -14.60 62.56 48.57
CA ILE HA 369 -13.88 61.29 48.44
C ILE HA 369 -13.06 61.08 49.70
N LYS HA 370 -13.18 59.89 50.29
CA LYS HA 370 -12.40 59.55 51.47
C LYS HA 370 -11.91 58.11 51.36
N LEU HA 371 -10.79 57.84 52.02
CA LEU HA 371 -10.16 56.53 52.02
C LEU HA 371 -10.63 55.70 53.21
N LEU HA 372 -10.54 54.39 53.08
CA LEU HA 372 -10.89 53.44 54.14
C LEU HA 372 -9.66 52.61 54.45
N PRO HA 373 -8.83 53.02 55.42
CA PRO HA 373 -7.58 52.28 55.67
C PRO HA 373 -7.81 50.85 56.15
N LYS HA 374 -8.98 50.53 56.68
CA LYS HA 374 -9.21 49.18 57.19
C LYS HA 374 -9.41 48.18 56.05
N LYS HA 375 -9.92 48.64 54.91
CA LYS HA 375 -10.28 47.76 53.81
C LYS HA 375 -9.18 47.60 52.77
N ILE HA 376 -8.00 48.19 52.99
CA ILE HA 376 -6.91 48.08 52.04
C ILE HA 376 -6.43 46.63 52.02
N PRO HA 377 -6.47 45.95 50.87
CA PRO HA 377 -6.03 44.55 50.85
C PRO HA 377 -4.52 44.43 51.00
N ALA HA 378 -4.09 43.22 51.37
CA ALA HA 378 -2.66 42.96 51.55
C ALA HA 378 -1.93 42.83 50.22
N PHE HA 379 -2.62 42.39 49.17
CA PHE HA 379 -1.96 42.16 47.89
C PHE HA 379 -1.86 43.41 47.04
N ILE HA 380 -2.39 44.54 47.50
CA ILE HA 380 -2.30 45.80 46.75
C ILE HA 380 -1.12 46.59 47.30
N LYS HA 381 -0.50 47.37 46.42
CA LYS HA 381 0.68 48.15 46.79
C LYS HA 381 0.49 49.60 46.35
N SER HA 382 1.12 50.51 47.08
CA SER HA 382 1.06 51.94 46.78
C SER HA 382 -0.39 52.44 46.76
N SER HA 383 -1.16 52.02 47.77
CA SER HA 383 -2.57 52.42 47.84
C SER HA 383 -2.71 53.93 48.00
N ASP HA 384 -1.87 54.53 48.84
CA ASP HA 384 -1.97 55.97 49.09
C ASP HA 384 -1.62 56.79 47.86
N LYS HA 385 -1.00 56.16 46.86
CA LYS HA 385 -0.77 56.81 45.57
C LYS HA 385 -1.90 56.57 44.59
N ILE HA 386 -2.53 55.39 44.67
CA ILE HA 386 -3.72 55.12 43.87
C ILE HA 386 -4.81 56.13 44.20
N PHE HA 387 -4.99 56.40 45.49
CA PHE HA 387 -6.04 57.33 45.88
C PHE HA 387 -5.80 58.71 45.29
N GLN HA 388 -4.56 59.19 45.35
CA GLN HA 388 -4.26 60.52 44.83
C GLN HA 388 -4.39 60.55 43.31
N ILE HA 389 -3.97 59.49 42.63
CA ILE HA 389 -4.12 59.46 41.16
C ILE HA 389 -5.59 59.56 40.79
N GLY HA 390 -6.44 58.78 41.45
CA GLY HA 390 -7.85 58.82 41.12
C GLY HA 390 -8.50 60.14 41.44
N LYS HA 391 -8.20 60.71 42.61
CA LYS HA 391 -8.79 61.99 42.98
C LYS HA 391 -8.38 63.08 42.00
N THR HA 392 -7.10 63.09 41.61
CA THR HA 392 -6.64 64.17 40.70
C THR HA 392 -7.29 63.98 39.32
N LEU HA 393 -7.47 62.73 38.90
CA LEU HA 393 -8.14 62.44 37.60
C LEU HA 393 -9.56 62.97 37.64
N ILE HA 394 -10.34 62.63 38.68
CA ILE HA 394 -11.72 63.17 38.82
C ILE HA 394 -11.65 64.70 38.73
N PHE HA 395 -10.78 65.33 39.52
CA PHE HA 395 -10.68 66.77 39.52
C PHE HA 395 -10.40 67.30 38.12
N LEU HA 396 -9.48 66.68 37.40
CA LEU HA 396 -9.12 67.20 36.10
C LEU HA 396 -10.25 67.03 35.08
N ASN HA 397 -10.89 65.87 35.05
CA ASN HA 397 -11.84 65.60 33.98
C ASN HA 397 -13.28 66.01 34.32
N LYS HA 398 -13.54 66.54 35.51
CA LYS HA 398 -14.88 67.00 35.84
C LYS HA 398 -14.98 68.44 36.34
N TYR HA 399 -13.91 69.02 36.87
CA TYR HA 399 -13.92 70.41 37.30
C TYR HA 399 -13.17 71.33 36.36
N CYS HA 400 -11.90 71.02 36.06
CA CYS HA 400 -11.17 71.79 35.06
C CYS HA 400 -11.65 71.51 33.64
N ARG HA 401 -12.37 70.40 33.44
CA ARG HA 401 -12.92 70.04 32.13
C ARG HA 401 -11.83 70.01 31.06
N GLU HA 402 -10.66 69.47 31.43
CA GLU HA 402 -9.56 69.28 30.48
C GLU HA 402 -9.64 67.87 29.91
N LEU HA 403 -10.62 67.68 29.01
CA LEU HA 403 -10.88 66.35 28.46
C LEU HA 403 -9.82 65.89 27.47
N LYS HA 404 -9.17 66.82 26.77
CA LYS HA 404 -8.21 66.44 25.73
C LYS HA 404 -7.03 65.69 26.32
N TRP HA 405 -6.39 66.26 27.34
CA TRP HA 405 -5.23 65.61 27.93
C TRP HA 405 -5.63 64.36 28.69
N VAL HA 406 -6.80 64.35 29.32
CA VAL HA 406 -7.26 63.14 30.00
C VAL HA 406 -7.41 62.01 29.00
N ASN HA 407 -7.99 62.29 27.83
CA ASN HA 407 -8.13 61.25 26.82
C ASN HA 407 -6.76 60.79 26.32
N GLN HA 408 -5.84 61.71 26.10
CA GLN HA 408 -4.51 61.31 25.65
C GLN HA 408 -3.83 60.42 26.67
N TYR HA 409 -3.94 60.79 27.95
CA TYR HA 409 -3.41 59.97 29.04
C TYR HA 409 -4.08 58.60 29.09
N ASN HA 410 -5.39 58.56 28.93
CA ASN HA 410 -6.11 57.29 28.93
C ASN HA 410 -5.58 56.37 27.85
N VAL HA 411 -5.39 56.89 26.64
CA VAL HA 411 -4.88 56.04 25.57
C VAL HA 411 -3.46 55.59 25.89
N LYS HA 412 -2.63 56.52 26.38
CA LYS HA 412 -1.23 56.20 26.59
C LYS HA 412 -1.07 55.05 27.59
N TYR HA 413 -1.81 55.11 28.70
CA TYR HA 413 -1.63 54.12 29.73
C TYR HA 413 -2.51 52.89 29.55
N SER HA 414 -3.55 52.97 28.73
CA SER HA 414 -4.22 51.75 28.30
C SER HA 414 -3.34 50.95 27.36
N ALA HA 415 -2.51 51.62 26.55
CA ALA HA 415 -1.57 50.91 25.70
C ALA HA 415 -0.48 50.19 26.48
N ILE HA 416 -0.34 50.46 27.77
CA ILE HA 416 0.57 49.71 28.62
C ILE HA 416 -0.16 48.65 29.43
N LEU HA 417 -1.33 48.97 29.97
CA LEU HA 417 -2.02 47.95 30.77
C LEU HA 417 -2.58 46.83 29.92
N PHE HA 418 -3.13 47.13 28.74
CA PHE HA 418 -3.86 46.12 27.99
C PHE HA 418 -3.15 45.63 26.73
N ASN HA 419 -2.18 46.38 26.22
CA ASN HA 419 -1.42 45.95 25.05
C ASN HA 419 -0.05 45.40 25.41
N ASN HA 420 0.75 46.15 26.15
CA ASN HA 420 2.04 45.62 26.61
C ASN HA 420 1.83 44.43 27.54
N HIS HA 421 0.88 44.54 28.46
CA HIS HA 421 0.54 43.47 29.39
C HIS HA 421 -0.93 43.09 29.17
N GLN HA 422 -1.44 42.21 30.03
CA GLN HA 422 -2.79 41.68 29.90
C GLN HA 422 -3.67 42.11 31.07
N GLY HA 423 -3.35 43.22 31.70
CA GLY HA 423 -4.09 43.73 32.83
C GLY HA 423 -3.24 43.80 34.08
N LEU HA 424 -3.86 44.32 35.14
CA LEU HA 424 -3.14 44.46 36.40
C LEU HA 424 -2.81 43.10 37.00
N ALA HA 425 -3.67 42.09 36.79
CA ALA HA 425 -3.38 40.77 37.32
C ALA HA 425 -2.12 40.19 36.68
N SER HA 426 -1.96 40.38 35.38
CA SER HA 426 -0.79 39.88 34.66
C SER HA 426 0.35 40.90 34.72
N MET HA 427 0.74 41.23 35.95
CA MET HA 427 1.82 42.18 36.20
C MET HA 427 2.47 41.84 37.53
N THR HA 428 3.79 41.66 37.50
CA THR HA 428 4.52 41.43 38.74
C THR HA 428 4.51 42.70 39.60
N THR HA 429 4.64 42.49 40.92
CA THR HA 429 4.48 43.61 41.85
C THR HA 429 5.47 44.73 41.56
N ASN HA 430 6.70 44.38 41.18
CA ASN HA 430 7.70 45.40 40.88
C ASN HA 430 7.25 46.30 39.74
N GLU HA 431 6.79 45.69 38.64
CA GLU HA 431 6.36 46.48 37.49
C GLU HA 431 5.09 47.25 37.79
N MET HA 432 4.18 46.67 38.59
CA MET HA 432 2.96 47.38 38.96
C MET HA 432 3.28 48.62 39.78
N ILE HA 433 4.19 48.51 40.75
CA ILE HA 433 4.59 49.67 41.52
C ILE HA 433 5.24 50.71 40.62
N LYS HA 434 6.10 50.27 39.70
CA LYS HA 434 6.75 51.23 38.81
C LYS HA 434 5.74 51.96 37.95
N LEU HA 435 4.73 51.24 37.44
CA LEU HA 435 3.70 51.87 36.63
C LEU HA 435 2.93 52.91 37.44
N ILE HA 436 2.56 52.57 38.66
CA ILE HA 436 1.81 53.52 39.48
C ILE HA 436 2.67 54.75 39.77
N ASP HA 437 3.96 54.55 40.02
CA ASP HA 437 4.84 55.69 40.27
C ASP HA 437 4.91 56.61 39.05
N SER HA 438 5.04 56.03 37.86
CA SER HA 438 5.09 56.84 36.66
C SER HA 438 3.79 57.62 36.47
N GLN HA 439 2.66 56.96 36.70
CA GLN HA 439 1.38 57.66 36.58
C GLN HA 439 1.29 58.80 37.58
N TYR HA 440 1.75 58.57 38.82
CA TYR HA 440 1.68 59.60 39.85
C TYR HA 440 2.49 60.82 39.45
N ASN HA 441 3.74 60.60 39.00
CA ASN HA 441 4.57 61.73 38.61
C ASN HA 441 3.94 62.50 37.46
N GLU HA 442 3.46 61.79 36.44
CA GLU HA 442 2.87 62.46 35.28
C GLU HA 442 1.65 63.28 35.69
N ILE HA 443 0.78 62.69 36.52
CA ILE HA 443 -0.46 63.35 36.88
C ILE HA 443 -0.17 64.61 37.69
N LEU HA 444 0.73 64.53 38.67
CA LEU HA 444 0.99 65.73 39.45
C LEU HA 444 1.75 66.77 38.64
N THR HA 445 2.57 66.35 37.68
CA THR HA 445 3.21 67.33 36.80
C THR HA 445 2.16 68.12 36.02
N PHE HA 446 1.17 67.42 35.46
CA PHE HA 446 0.15 68.14 34.71
C PHE HA 446 -0.74 68.97 35.64
N LEU HA 447 -1.03 68.48 36.84
CA LEU HA 447 -1.84 69.26 37.76
C LEU HA 447 -1.15 70.57 38.12
N THR HA 448 0.17 70.52 38.33
CA THR HA 448 0.91 71.76 38.54
C THR HA 448 0.84 72.65 37.30
N GLN HA 449 1.09 72.07 36.13
CA GLN HA 449 1.11 72.86 34.90
C GLN HA 449 -0.22 73.54 34.64
N ILE HA 450 -1.31 73.04 35.21
CA ILE HA 450 -2.59 73.73 35.08
C ILE HA 450 -2.74 74.74 36.21
N ILE HA 451 -2.74 74.26 37.47
CA ILE HA 451 -3.15 75.09 38.58
C ILE HA 451 -2.22 76.27 38.76
N GLN HA 452 -0.90 76.03 38.78
CA GLN HA 452 0.05 77.13 38.91
C GLN HA 452 0.50 77.66 37.56
N GLY HA 453 -0.02 77.09 36.49
CA GLY HA 453 0.23 77.55 35.14
C GLY HA 453 -0.92 78.41 34.65
N ASN HA 454 -1.85 77.82 33.90
CA ASN HA 454 -2.91 78.59 33.27
C ASN HA 454 -3.73 79.36 34.31
N ASN HA 455 -3.94 78.76 35.48
CA ASN HA 455 -4.74 79.42 36.51
C ASN HA 455 -3.96 80.51 37.23
N LYS HA 456 -2.63 80.38 37.33
CA LYS HA 456 -1.79 81.34 38.04
C LYS HA 456 -2.21 81.47 39.51
N LEU HA 457 -2.03 80.37 40.23
CA LEU HA 457 -2.46 80.31 41.62
C LEU HA 457 -1.74 81.37 42.46
N PHE HA 458 -0.43 81.52 42.28
CA PHE HA 458 0.32 82.45 43.10
C PHE HA 458 -0.14 83.88 42.87
N THR HA 459 -0.41 84.25 41.62
CA THR HA 459 -0.86 85.61 41.34
C THR HA 459 -2.18 85.91 42.03
N HIS HA 460 -3.11 84.97 42.02
CA HIS HA 460 -4.41 85.21 42.64
C HIS HA 460 -4.32 85.19 44.16
N VAL HA 461 -3.42 84.38 44.72
CA VAL HA 461 -3.20 84.46 46.17
C VAL HA 461 -2.61 85.81 46.54
N TYR HA 462 -1.67 86.31 45.72
CA TYR HA 462 -1.12 87.63 45.95
C TYR HA 462 -2.20 88.69 45.89
N ASN HA 463 -3.12 88.59 44.92
CA ASN HA 463 -4.20 89.57 44.83
C ASN HA 463 -5.15 89.46 46.01
N PHE HA 464 -5.40 88.24 46.50
CA PHE HA 464 -6.18 88.07 47.73
C PHE HA 464 -5.53 88.83 48.87
N LYS HA 465 -4.22 88.67 49.04
CA LYS HA 465 -3.53 89.39 50.09
C LYS HA 465 -3.55 90.90 49.83
N ARG HA 466 -3.49 91.30 48.57
CA ARG HA 466 -3.46 92.71 48.23
C ARG HA 466 -4.76 93.41 48.61
N PHE HA 467 -5.90 92.77 48.34
CA PHE HA 467 -7.20 93.41 48.54
C PHE HA 467 -7.81 93.10 49.90
N TYR HA 468 -7.83 91.84 50.32
CA TYR HA 468 -8.45 91.51 51.60
C TYR HA 468 -7.64 92.04 52.77
N PHE HA 469 -6.31 91.98 52.70
CA PHE HA 469 -5.45 92.42 53.78
C PHE HA 469 -5.03 93.87 53.63
N MET HA 470 -5.82 94.67 52.92
CA MET HA 470 -5.79 96.14 52.97
C MET HA 470 -4.58 96.75 52.27
N GLU HA 471 -3.80 95.95 51.55
CA GLU HA 471 -2.48 96.43 51.12
C GLU HA 471 -2.59 97.67 50.25
N THR HA 472 -3.50 97.66 49.28
CA THR HA 472 -3.67 98.80 48.38
C THR HA 472 -4.52 99.84 49.11
N ASN HA 473 -3.87 100.58 50.00
CA ASN HA 473 -4.59 101.54 50.83
C ASN HA 473 -5.20 102.66 50.01
N ASP HA 474 -4.64 102.96 48.84
CA ASP HA 474 -5.17 104.04 48.03
C ASP HA 474 -6.59 103.72 47.55
N PHE HA 475 -6.82 102.48 47.14
CA PHE HA 475 -8.14 102.08 46.67
C PHE HA 475 -9.17 102.22 47.77
N ILE HA 476 -8.82 101.82 48.98
CA ILE HA 476 -9.76 101.87 50.09
C ILE HA 476 -10.00 103.31 50.53
N ASP HA 477 -8.96 104.14 50.49
CA ASP HA 477 -9.17 105.56 50.75
C ASP HA 477 -10.11 106.16 49.71
N ALA HA 478 -9.97 105.75 48.45
CA ALA HA 478 -10.88 106.24 47.42
C ALA HA 478 -12.31 105.78 47.69
N ILE HA 479 -12.49 104.53 48.11
CA ILE HA 479 -13.82 104.03 48.41
C ILE HA 479 -14.43 104.84 49.55
N MET HA 480 -13.65 105.07 50.61
CA MET HA 480 -14.20 105.74 51.79
C MET HA 480 -14.51 107.21 51.50
N VAL HA 481 -13.65 107.89 50.72
CA VAL HA 481 -13.92 109.29 50.41
C VAL HA 481 -15.12 109.41 49.48
N LYS HA 482 -15.24 108.47 48.53
CA LYS HA 482 -16.38 108.53 47.61
C LYS HA 482 -17.68 108.11 48.28
N GLY HA 483 -17.62 107.12 49.17
CA GLY HA 483 -18.82 106.61 49.81
C GLY HA 483 -19.06 107.17 51.20
N LYS HA 484 -18.45 108.32 51.50
CA LYS HA 484 -18.57 108.89 52.84
C LYS HA 484 -20.00 109.25 53.19
N ASP HA 485 -20.87 109.43 52.19
CA ASP HA 485 -22.27 109.73 52.44
C ASP HA 485 -23.18 108.51 52.30
N VAL HA 486 -22.84 107.59 51.39
CA VAL HA 486 -23.65 106.38 51.24
C VAL HA 486 -23.56 105.51 52.48
N PHE HA 487 -22.36 105.37 53.05
CA PHE HA 487 -22.19 104.51 54.21
C PHE HA 487 -22.82 105.10 55.48
N ASN HA 488 -23.14 106.40 55.48
CA ASN HA 488 -23.71 107.01 56.67
C ASN HA 488 -25.08 106.42 56.99
N GLU HA 489 -25.91 106.19 55.98
CA GLU HA 489 -27.25 105.70 56.21
C GLU HA 489 -27.21 104.21 56.59
N SER HA 490 -28.34 103.73 57.09
CA SER HA 490 -28.42 102.35 57.58
C SER HA 490 -28.21 101.36 56.44
N SER HA 491 -27.79 100.15 56.82
CA SER HA 491 -27.45 99.13 55.83
C SER HA 491 -28.64 98.73 54.98
N VAL HA 492 -29.86 98.96 55.44
CA VAL HA 492 -31.04 98.58 54.65
C VAL HA 492 -31.27 99.59 53.52
N ASN HA 493 -30.86 100.84 53.70
CA ASN HA 493 -31.13 101.87 52.70
C ASN HA 493 -30.22 101.74 51.48
N ILE HA 494 -29.00 101.25 51.66
CA ILE HA 494 -28.05 101.18 50.54
C ILE HA 494 -28.54 100.17 49.53
N SER HA 495 -28.62 100.59 48.27
CA SER HA 495 -29.09 99.75 47.18
C SER HA 495 -27.92 99.31 46.30
N SER HA 496 -28.22 98.42 45.35
CA SER HA 496 -27.17 97.87 44.50
C SER HA 496 -26.59 98.95 43.58
N THR HA 497 -27.43 99.83 43.05
CA THR HA 497 -26.93 100.84 42.11
C THR HA 497 -25.97 101.81 42.80
N TYR HA 498 -26.25 102.18 44.05
CA TYR HA 498 -25.35 103.08 44.76
C TYR HA 498 -24.01 102.40 45.03
N LEU HA 499 -24.03 101.12 45.38
CA LEU HA 499 -22.79 100.38 45.56
C LEU HA 499 -21.99 100.34 44.28
N ARG HA 500 -22.65 100.07 43.15
CA ARG HA 500 -21.94 100.02 41.88
C ARG HA 500 -21.34 101.38 41.54
N LYS HA 501 -22.09 102.45 41.75
CA LYS HA 501 -21.56 103.79 41.49
C LYS HA 501 -20.35 104.08 42.37
N VAL HA 502 -20.43 103.72 43.65
CA VAL HA 502 -19.32 103.97 44.56
C VAL HA 502 -18.09 103.19 44.12
N LEU HA 503 -18.27 101.92 43.81
CA LEU HA 503 -17.14 101.08 43.42
C LEU HA 503 -16.49 101.58 42.14
N GLN HA 504 -17.30 101.95 41.14
CA GLN HA 504 -16.73 102.42 39.89
C GLN HA 504 -15.99 103.74 40.08
N ASP HA 505 -16.56 104.67 40.85
CA ASP HA 505 -15.87 105.93 41.09
C ASP HA 505 -14.55 105.70 41.82
N ALA HA 506 -14.55 104.81 42.81
CA ALA HA 506 -13.32 104.54 43.55
C ALA HA 506 -12.29 103.85 42.67
N ILE HA 507 -12.72 103.01 41.74
CA ILE HA 507 -11.78 102.37 40.83
C ILE HA 507 -11.15 103.41 39.92
N GLN HA 508 -11.96 104.34 39.40
CA GLN HA 508 -11.40 105.38 38.54
C GLN HA 508 -10.43 106.29 39.30
N ILE HA 509 -10.77 106.67 40.53
CA ILE HA 509 -9.92 107.60 41.27
C ILE HA 509 -8.58 106.98 41.60
N SER HA 510 -8.59 105.74 42.10
CA SER HA 510 -7.38 105.12 42.62
C SER HA 510 -6.55 104.54 41.48
N SER HA 511 -5.50 103.81 41.83
CA SER HA 511 -4.57 103.23 40.88
C SER HA 511 -4.97 101.84 40.41
N VAL HA 512 -6.12 101.32 40.88
CA VAL HA 512 -6.58 100.01 40.45
C VAL HA 512 -7.14 100.01 39.04
N LYS HA 513 -7.45 101.19 38.48
CA LYS HA 513 -7.98 101.23 37.13
C LYS HA 513 -7.01 100.67 36.12
N ASN HA 514 -5.71 100.66 36.42
CA ASN HA 514 -4.71 100.03 35.57
C ASN HA 514 -4.41 98.60 35.99
N PHE HA 515 -5.06 98.11 37.04
CA PHE HA 515 -4.80 96.76 37.53
C PHE HA 515 -5.27 95.72 36.52
N GLU HA 516 -4.52 94.63 36.42
CA GLU HA 516 -4.81 93.64 35.39
C GLU HA 516 -6.19 93.04 35.55
N TYR HA 517 -6.58 92.68 36.78
CA TYR HA 517 -7.83 91.99 37.06
C TYR HA 517 -8.86 92.91 37.69
N VAL HA 518 -8.89 94.17 37.26
CA VAL HA 518 -9.84 95.13 37.82
C VAL HA 518 -11.27 94.67 37.63
N ASP HA 519 -11.53 93.83 36.63
CA ASP HA 519 -12.88 93.34 36.40
C ASP HA 519 -13.35 92.48 37.56
N ARG HA 520 -12.46 91.64 38.09
CA ARG HA 520 -12.87 90.67 39.11
C ARG HA 520 -13.38 91.32 40.38
N LEU HA 521 -13.02 92.57 40.64
CA LEU HA 521 -13.42 93.23 41.88
C LEU HA 521 -14.92 93.41 41.93
N ASP HA 522 -15.51 93.20 43.11
CA ASP HA 522 -16.93 93.38 43.31
C ASP HA 522 -17.20 93.61 44.78
N SER HA 523 -18.06 94.60 45.08
CA SER HA 523 -18.42 94.98 46.47
C SER HA 523 -19.76 94.33 46.80
N ARG HA 524 -20.10 94.25 48.09
CA ARG HA 524 -21.38 93.64 48.54
C ARG HA 524 -21.66 94.14 49.95
N VAL HA 525 -22.84 93.90 50.49
CA VAL HA 525 -23.17 94.20 51.92
C VAL HA 525 -23.58 92.82 52.45
N LEU HA 526 -23.06 92.36 53.57
CA LEU HA 526 -23.32 91.01 54.06
C LEU HA 526 -24.66 90.90 54.77
N ASN HA 527 -24.83 91.63 55.87
CA ASN HA 527 -26.03 91.53 56.71
C ASN HA 527 -26.74 92.87 56.74
N PRO HA 528 -27.73 93.10 55.88
CA PRO HA 528 -28.45 94.40 55.90
C PRO HA 528 -29.45 94.51 57.04
N GLN HA 529 -28.91 94.65 58.25
CA GLN HA 529 -29.73 94.85 59.44
C GLN HA 529 -30.01 96.33 59.64
N HIS HA 530 -31.13 96.61 60.30
CA HIS HA 530 -31.50 98.01 60.56
C HIS HA 530 -30.50 98.70 61.47
N GLY HA 531 -29.99 97.98 62.47
CA GLY HA 531 -29.07 98.54 63.44
C GLY HA 531 -27.63 98.62 62.99
N ASN HA 532 -27.31 98.16 61.78
CA ASN HA 532 -25.95 98.18 61.25
C ASN HA 532 -25.84 99.29 60.21
N LEU HA 533 -24.83 100.14 60.37
CA LEU HA 533 -24.57 101.20 59.42
C LEU HA 533 -23.78 100.65 58.23
N GLY HA 534 -23.53 101.51 57.25
CA GLY HA 534 -22.78 101.08 56.09
C GLY HA 534 -21.36 100.68 56.43
N TRP HA 535 -20.72 101.41 57.34
CA TRP HA 535 -19.33 101.12 57.68
C TRP HA 535 -19.17 99.74 58.30
N GLU HA 536 -20.22 99.23 58.95
CA GLU HA 536 -20.14 97.96 59.66
C GLU HA 536 -20.54 96.77 58.80
N SER HA 537 -20.83 96.98 57.52
CA SER HA 537 -21.28 95.89 56.66
C SER HA 537 -20.56 95.81 55.32
N PHE HA 538 -19.98 96.89 54.82
CA PHE HA 538 -19.35 96.87 53.50
C PHE HA 538 -18.17 95.90 53.50
N THR HA 539 -18.09 95.08 52.46
CA THR HA 539 -16.99 94.14 52.29
C THR HA 539 -16.65 94.03 50.83
N ILE HA 540 -15.35 94.03 50.52
CA ILE HA 540 -14.86 93.89 49.16
C ILE HA 540 -14.62 92.41 48.89
N GLU HA 541 -15.12 91.91 47.74
CA GLU HA 541 -15.09 90.47 47.36
C GLU HA 541 -14.31 90.29 46.05
N TYR HA 542 -13.27 89.48 46.01
CA TYR HA 542 -12.45 89.19 44.83
C TYR HA 542 -12.98 87.90 44.20
N LYS HA 543 -13.57 88.03 43.00
CA LYS HA 543 -14.23 86.90 42.36
C LYS HA 543 -13.20 86.01 41.67
N ILE HA 544 -13.10 84.76 42.12
CA ILE HA 544 -12.28 83.76 41.46
C ILE HA 544 -13.13 82.56 41.01
N ASP HA 545 -14.45 82.74 40.94
CA ASP HA 545 -15.33 81.65 40.57
C ASP HA 545 -15.09 81.17 39.14
N ASP HA 546 -14.54 82.01 38.28
CA ASP HA 546 -14.33 81.62 36.89
C ASP HA 546 -13.25 80.56 36.72
N LEU HA 547 -12.48 80.28 37.77
CA LEU HA 547 -11.38 79.32 37.67
C LEU HA 547 -11.69 78.07 38.49
N PRO HA 548 -11.11 76.93 38.12
CA PRO HA 548 -11.28 75.72 38.95
C PRO HA 548 -10.68 75.86 40.33
N MET HA 549 -9.80 76.84 40.52
CA MET HA 549 -9.19 77.05 41.83
C MET HA 549 -10.24 77.30 42.91
N SER HA 550 -11.39 77.84 42.54
CA SER HA 550 -12.39 78.19 43.54
C SER HA 550 -12.92 76.95 44.25
N TYR HA 551 -12.85 75.78 43.62
CA TYR HA 551 -13.32 74.56 44.26
C TYR HA 551 -12.34 74.05 45.31
N LEU HA 552 -11.05 74.36 45.15
CA LEU HA 552 -10.10 74.00 46.19
C LEU HA 552 -10.32 74.82 47.46
N PHE HA 553 -10.60 76.10 47.31
CA PHE HA 553 -10.74 77.01 48.44
C PHE HA 553 -12.15 76.88 49.01
N GLU HA 554 -12.27 76.14 50.10
CA GLU HA 554 -13.57 75.94 50.74
C GLU HA 554 -14.07 77.24 51.37
N GLY HA 555 -15.37 77.29 51.63
CA GLY HA 555 -16.00 78.50 52.13
C GLY HA 555 -15.45 78.96 53.47
N HIS HA 556 -14.94 78.03 54.28
CA HIS HA 556 -14.44 78.40 55.60
C HIS HA 556 -13.28 79.38 55.49
N GLN HA 557 -12.38 79.13 54.53
CA GLN HA 557 -11.24 80.00 54.33
C GLN HA 557 -11.69 81.40 53.92
N HIS HA 558 -12.67 81.48 53.02
CA HIS HA 558 -13.18 82.77 52.60
C HIS HA 558 -13.85 83.52 53.75
N LEU HA 559 -14.55 82.79 54.62
CA LEU HA 559 -15.16 83.42 55.79
C LEU HA 559 -14.10 84.01 56.71
N GLN HA 560 -12.96 83.31 56.87
CA GLN HA 560 -11.84 83.80 57.71
C GLN HA 560 -11.13 84.96 56.99
N TYR HA 561 -11.23 85.04 55.66
CA TYR HA 561 -10.67 86.16 54.85
C TYR HA 561 -11.56 87.40 55.02
N LEU HA 562 -12.86 87.22 55.25
CA LEU HA 562 -13.83 88.33 55.43
C LEU HA 562 -13.85 88.78 56.89
N LYS HA 563 -13.52 87.91 57.87
CA LYS HA 563 -13.40 88.32 59.26
C LYS HA 563 -12.19 89.23 59.47
N MET HA 564 -11.04 88.81 58.94
CA MET HA 564 -9.84 89.61 59.13
C MET HA 564 -9.96 90.94 58.38
N PHE HA 565 -10.59 90.91 57.20
CA PHE HA 565 -10.84 92.15 56.49
C PHE HA 565 -11.71 93.10 57.31
N HIS HA 566 -12.72 92.57 58.00
CA HIS HA 566 -13.58 93.43 58.81
C HIS HA 566 -12.78 94.14 59.88
N PHE HA 567 -11.93 93.40 60.59
CA PHE HA 567 -11.13 94.05 61.63
C PHE HA 567 -10.23 95.13 61.04
N LEU HA 568 -9.53 94.81 59.96
CA LEU HA 568 -8.63 95.78 59.36
C LEU HA 568 -9.40 96.98 58.80
N TRP HA 569 -10.61 96.74 58.31
CA TRP HA 569 -11.44 97.82 57.79
C TRP HA 569 -11.80 98.80 58.89
N LYS HA 570 -12.14 98.29 60.09
CA LYS HA 570 -12.40 99.20 61.20
C LYS HA 570 -11.17 100.05 61.51
N LEU HA 571 -10.00 99.41 61.57
CA LEU HA 571 -8.80 100.17 61.91
C LEU HA 571 -8.54 101.27 60.90
N ARG HA 572 -8.61 100.95 59.60
CA ARG HA 572 -8.33 101.98 58.61
C ARG HA 572 -9.42 103.04 58.55
N GLN HA 573 -10.66 102.67 58.85
CA GLN HA 573 -11.71 103.67 58.93
C GLN HA 573 -11.37 104.72 59.97
N LEU HA 574 -10.91 104.28 61.14
CA LEU HA 574 -10.53 105.26 62.16
C LEU HA 574 -9.31 106.06 61.73
N ASN HA 575 -8.34 105.41 61.07
CA ASN HA 575 -7.14 106.12 60.65
C ASN HA 575 -7.49 107.26 59.69
N ASN HA 576 -8.44 107.02 58.79
CA ASN HA 576 -8.85 108.06 57.85
C ASN HA 576 -9.74 109.12 58.50
N LEU HA 577 -10.58 108.71 59.46
CA LEU HA 577 -11.40 109.68 60.16
C LEU HA 577 -10.53 110.69 60.88
N LEU HA 578 -9.41 110.25 61.45
CA LEU HA 578 -8.52 111.21 62.09
C LEU HA 578 -7.93 112.20 61.10
N ASN HA 579 -7.65 111.76 59.87
CA ASN HA 579 -7.15 112.69 58.85
C ASN HA 579 -8.20 113.74 58.52
N TRP HA 580 -9.46 113.32 58.35
CA TRP HA 580 -10.50 114.31 58.11
C TRP HA 580 -10.64 115.28 59.28
N HIS HA 581 -10.53 114.76 60.52
CA HIS HA 581 -10.57 115.62 61.68
C HIS HA 581 -9.45 116.66 61.64
N PHE HA 582 -8.25 116.22 61.30
CA PHE HA 582 -7.12 117.12 61.20
C PHE HA 582 -7.37 118.22 60.17
N GLU HA 583 -7.87 117.83 59.00
CA GLU HA 583 -8.07 118.83 57.95
C GLU HA 583 -9.13 119.84 58.35
N MET HA 584 -10.25 119.37 58.91
CA MET HA 584 -11.33 120.31 59.24
C MET HA 584 -10.91 121.25 60.36
N PHE HA 585 -10.21 120.76 61.37
CA PHE HA 585 -9.80 121.66 62.45
C PHE HA 585 -8.71 122.62 61.99
N ASN HA 586 -7.79 122.16 61.15
CA ASN HA 586 -6.76 123.05 60.63
C ASN HA 586 -7.37 124.17 59.79
N GLU HA 587 -8.36 123.83 58.96
CA GLU HA 587 -9.03 124.86 58.18
C GLU HA 587 -9.78 125.84 59.07
N LEU HA 588 -10.46 125.31 60.09
CA LEU HA 588 -11.17 126.20 61.01
C LEU HA 588 -10.21 127.14 61.72
N ASN HA 589 -9.00 126.69 62.01
CA ASN HA 589 -8.03 127.56 62.65
C ASN HA 589 -7.77 128.81 61.81
N HIS HA 590 -7.60 128.64 60.51
CA HIS HA 590 -7.35 129.78 59.65
C HIS HA 590 -8.61 130.60 59.41
N ASN HA 591 -9.78 129.97 59.37
CA ASN HA 591 -10.99 130.67 59.00
C ASN HA 591 -11.62 131.46 60.14
N VAL HA 592 -11.53 130.98 61.38
CA VAL HA 592 -12.27 131.60 62.48
C VAL HA 592 -11.33 132.10 63.58
N VAL HA 593 -10.56 131.18 64.17
CA VAL HA 593 -9.85 131.50 65.40
C VAL HA 593 -8.85 132.64 65.16
N THR HA 594 -8.09 132.57 64.07
CA THR HA 594 -7.06 133.58 63.84
C THR HA 594 -7.65 134.93 63.47
N LYS HA 595 -8.90 134.98 63.03
CA LYS HA 595 -9.57 136.23 62.70
C LYS HA 595 -10.44 136.75 63.84
N LEU HA 596 -10.51 136.03 64.96
CA LEU HA 596 -11.38 136.42 66.05
C LEU HA 596 -10.79 137.59 66.83
N SER HA 597 -11.60 138.15 67.72
CA SER HA 597 -11.15 139.25 68.57
C SER HA 597 -10.02 138.77 69.48
N SER HA 598 -9.05 139.67 69.72
CA SER HA 598 -7.88 139.30 70.50
C SER HA 598 -8.22 139.00 71.95
N ARG HA 599 -9.38 139.42 72.44
CA ARG HA 599 -9.71 139.21 73.84
C ARG HA 599 -9.88 137.73 74.15
N ASN HA 600 -10.67 137.02 73.34
CA ASN HA 600 -10.96 135.60 73.58
C ASN HA 600 -10.22 134.69 72.61
N ARG HA 601 -9.30 135.24 71.80
CA ARG HA 601 -8.55 134.40 70.88
C ARG HA 601 -7.64 133.42 71.63
N ARG HA 602 -7.00 133.89 72.70
CA ARG HA 602 -6.04 133.05 73.41
C ARG HA 602 -6.68 131.80 74.01
N PRO HA 603 -7.78 131.89 74.78
CA PRO HA 603 -8.37 130.66 75.32
C PRO HA 603 -8.80 129.68 74.25
N LEU HA 604 -9.37 130.19 73.16
CA LEU HA 604 -9.81 129.31 72.08
C LEU HA 604 -8.61 128.69 71.37
N ALA HA 605 -7.55 129.46 71.18
CA ALA HA 605 -6.33 128.91 70.59
C ALA HA 605 -5.78 127.79 71.46
N LYS HA 606 -5.76 127.99 72.77
CA LYS HA 606 -5.25 126.95 73.67
C LYS HA 606 -6.10 125.69 73.59
N SER HA 607 -7.44 125.85 73.61
CA SER HA 607 -8.31 124.68 73.54
C SER HA 607 -8.13 123.94 72.23
N LEU HA 608 -8.03 124.68 71.12
CA LEU HA 608 -7.85 124.05 69.82
C LEU HA 608 -6.53 123.29 69.76
N SER HA 609 -5.46 123.88 70.30
CA SER HA 609 -4.18 123.19 70.31
C SER HA 609 -4.26 121.91 71.13
N ILE HA 610 -4.95 121.95 72.27
CA ILE HA 610 -5.12 120.75 73.07
C ILE HA 610 -5.83 119.67 72.27
N ILE HA 611 -6.91 120.05 71.59
CA ILE HA 611 -7.68 119.08 70.82
C ILE HA 611 -6.80 118.44 69.75
N THR HA 612 -6.06 119.28 69.03
CA THR HA 612 -5.25 118.76 67.93
C THR HA 612 -4.11 117.88 68.43
N SER HA 613 -3.53 118.21 69.58
CA SER HA 613 -2.49 117.35 70.14
C SER HA 613 -3.05 115.99 70.51
N ILE HA 614 -4.27 115.97 71.08
CA ILE HA 614 -4.89 114.69 71.38
C ILE HA 614 -5.09 113.87 70.10
N ARG HA 615 -5.55 114.53 69.04
CA ARG HA 615 -5.69 113.85 67.76
C ARG HA 615 -4.36 113.27 67.29
N PHE HA 616 -3.28 114.03 67.45
CA PHE HA 616 -1.97 113.56 67.03
C PHE HA 616 -1.56 112.31 67.81
N HIS HA 617 -1.82 112.29 69.11
CA HIS HA 617 -1.50 111.11 69.89
C HIS HA 617 -2.25 109.89 69.37
N PHE HA 618 -3.55 110.05 69.10
CA PHE HA 618 -4.34 108.92 68.61
C PHE HA 618 -3.82 108.45 67.26
N THR HA 619 -3.45 109.39 66.37
CA THR HA 619 -2.94 109.00 65.07
C THR HA 619 -1.66 108.20 65.20
N GLN HA 620 -0.76 108.62 66.09
CA GLN HA 620 0.47 107.86 66.27
C GLN HA 620 0.17 106.43 66.74
N PHE HA 621 -0.76 106.28 67.69
CA PHE HA 621 -1.06 104.94 68.17
C PHE HA 621 -1.61 104.07 67.05
N LEU HA 622 -2.56 104.60 66.28
CA LEU HA 622 -3.17 103.80 65.22
C LEU HA 622 -2.13 103.42 64.16
N ASN HA 623 -1.25 104.36 63.81
CA ASN HA 623 -0.24 104.06 62.81
C ASN HA 623 0.71 102.97 63.29
N GLU HA 624 1.12 103.01 64.56
CA GLU HA 624 1.98 101.95 65.06
C GLU HA 624 1.28 100.60 65.03
N LEU HA 625 0.00 100.55 65.43
CA LEU HA 625 -0.70 99.28 65.39
C LEU HA 625 -0.78 98.73 63.97
N ILE HA 626 -1.12 99.60 63.01
CA ILE HA 626 -1.22 99.13 61.63
C ILE HA 626 0.12 98.67 61.11
N ALA HA 627 1.19 99.39 61.44
CA ALA HA 627 2.51 98.99 60.97
C ALA HA 627 2.88 97.63 61.52
N TYR HA 628 2.64 97.40 62.81
CA TYR HA 628 2.95 96.09 63.38
C TYR HA 628 2.18 94.99 62.67
N LEU HA 629 0.86 95.14 62.55
CA LEU HA 629 0.10 94.07 61.90
C LEU HA 629 0.61 93.84 60.48
N SER HA 630 0.73 94.90 59.69
CA SER HA 630 1.00 94.74 58.26
C SER HA 630 2.37 94.12 58.04
N TYR HA 631 3.40 94.60 58.73
CA TYR HA 631 4.76 94.18 58.43
C TYR HA 631 5.34 93.17 59.40
N ASP HA 632 4.53 92.62 60.32
CA ASP HA 632 5.00 91.51 61.14
C ASP HA 632 4.06 90.32 61.15
N VAL HA 633 2.79 90.48 60.77
CA VAL HA 633 1.82 89.39 60.78
C VAL HA 633 1.47 88.97 59.36
N ILE HA 634 0.95 89.88 58.55
CA ILE HA 634 0.52 89.53 57.21
C ILE HA 634 1.72 89.23 56.31
N GLU HA 635 2.71 90.12 56.32
CA GLU HA 635 3.82 89.98 55.39
C GLU HA 635 4.73 88.82 55.78
N GLU HA 636 5.04 88.69 57.08
CA GLU HA 636 5.86 87.58 57.53
C GLU HA 636 5.17 86.25 57.27
N ASN HA 637 3.88 86.16 57.56
CA ASN HA 637 3.17 84.91 57.33
C ASN HA 637 3.11 84.58 55.86
N PHE HA 638 2.87 85.58 55.00
CA PHE HA 638 2.87 85.30 53.57
C PHE HA 638 4.22 84.75 53.12
N GLN HA 639 5.30 85.47 53.44
CA GLN HA 639 6.63 85.07 52.98
C GLN HA 639 7.05 83.74 53.60
N GLN HA 640 6.52 83.38 54.75
CA GLN HA 640 6.95 82.17 55.42
C GLN HA 640 6.13 80.95 55.04
N HIS HA 641 4.85 81.12 54.76
CA HIS HA 641 3.95 79.99 54.56
C HIS HA 641 3.52 79.79 53.12
N ILE HA 642 3.69 80.78 52.24
CA ILE HA 642 3.24 80.62 50.86
C ILE HA 642 4.46 80.62 49.94
N VAL HA 643 5.21 81.72 49.96
CA VAL HA 643 6.38 81.82 49.09
C VAL HA 643 7.39 80.73 49.43
N ARG HA 644 7.65 80.53 50.73
CA ARG HA 644 8.67 79.56 51.14
C ARG HA 644 8.18 78.12 51.04
N LYS HA 645 6.87 77.90 51.02
CA LYS HA 645 6.36 76.55 50.79
C LYS HA 645 6.34 76.19 49.31
N LEU HA 646 5.97 77.13 48.45
CA LEU HA 646 5.83 76.81 47.04
C LEU HA 646 7.18 76.73 46.34
N PHE HA 647 7.99 77.78 46.42
CA PHE HA 647 9.16 77.92 45.56
C PHE HA 647 10.45 77.41 46.19
N TYR HA 648 10.70 77.68 47.46
CA TYR HA 648 11.88 77.12 48.09
C TYR HA 648 11.67 75.65 48.43
N ASN HA 649 12.78 74.93 48.51
CA ASN HA 649 12.75 73.49 48.70
C ASN HA 649 12.15 73.15 50.06
N LYS HA 650 11.16 72.25 50.07
CA LYS HA 650 10.66 71.71 51.33
C LYS HA 650 11.57 70.56 51.76
N ASN HA 651 12.77 70.91 52.22
CA ASN HA 651 13.76 69.91 52.62
C ASN HA 651 13.17 68.96 53.65
N ASP HA 652 13.36 67.67 53.39
CA ASP HA 652 12.81 66.65 54.31
C ASP HA 652 13.84 65.53 54.47
N GLN HA 653 13.58 64.61 55.39
CA GLN HA 653 14.50 63.51 55.66
C GLN HA 653 14.58 62.53 54.49
N ASP HA 654 13.55 62.47 53.64
CA ASP HA 654 13.63 61.59 52.47
C ASP HA 654 14.39 62.25 51.32
N LEU HA 655 14.34 63.59 51.23
CA LEU HA 655 15.15 64.30 50.25
C LEU HA 655 16.62 64.26 50.61
N LEU HA 656 16.94 63.97 51.87
CA LEU HA 656 18.34 63.91 52.30
C LEU HA 656 19.08 62.79 51.59
N LEU HA 657 18.43 61.64 51.40
CA LEU HA 657 19.09 60.47 50.83
C LEU HA 657 19.43 60.70 49.37
N ASN HA 658 20.72 60.60 49.04
CA ASN HA 658 21.18 60.66 47.65
C ASN HA 658 21.20 59.24 47.08
N LYS HA 659 20.17 58.91 46.31
CA LYS HA 659 20.02 57.55 45.79
C LYS HA 659 21.05 57.19 44.71
N SER HA 660 21.82 58.16 44.23
CA SER HA 660 22.74 57.87 43.13
C SER HA 660 23.91 57.00 43.56
N PHE HA 661 23.99 56.55 44.81
CA PHE HA 661 24.93 55.50 45.15
C PHE HA 661 24.56 54.20 44.47
N MET HA 662 23.27 54.01 44.20
CA MET HA 662 22.83 52.99 43.25
C MET HA 662 23.20 53.45 41.83
N ASN HA 663 23.44 52.48 40.95
CA ASN HA 663 23.88 52.82 39.60
C ASN HA 663 22.84 53.68 38.89
N LEU HA 664 21.59 53.22 38.81
CA LEU HA 664 20.46 53.99 38.29
C LEU HA 664 20.83 54.78 37.03
N SER HA 665 21.33 54.06 36.02
CA SER HA 665 21.61 54.70 34.74
C SER HA 665 20.34 55.18 34.05
N GLU HA 666 19.21 54.49 34.26
CA GLU HA 666 17.99 54.79 33.55
C GLU HA 666 17.24 55.97 34.16
N ILE HA 667 16.46 56.66 33.33
CA ILE HA 667 15.56 57.72 33.75
C ILE HA 667 14.17 57.49 33.18
N ASP HA 668 13.15 57.84 33.97
CA ASP HA 668 11.76 57.60 33.59
C ASP HA 668 10.91 58.76 34.08
N PRO HA 669 9.73 58.97 33.48
CA PRO HA 669 9.17 58.26 32.31
C PRO HA 669 9.87 58.66 31.02
N ASN HA 670 10.26 59.91 30.90
CA ASN HA 670 10.95 60.40 29.71
C ASN HA 670 11.47 61.80 29.97
N ASN HA 671 12.42 62.23 29.13
CA ASN HA 671 12.91 63.59 29.20
C ASN HA 671 11.84 64.61 28.84
N ASP HA 672 10.74 64.18 28.24
CA ASP HA 672 9.68 65.09 27.83
C ASP HA 672 8.89 65.66 29.01
N LEU HA 673 9.06 65.12 30.21
CA LEU HA 673 8.28 65.58 31.36
C LEU HA 673 9.01 66.74 32.04
N PRO HA 674 8.43 67.94 32.09
CA PRO HA 674 9.18 69.10 32.57
C PRO HA 674 9.52 69.03 34.06
N LYS HA 675 10.55 69.79 34.43
CA LYS HA 675 10.84 70.13 35.81
C LYS HA 675 10.46 71.59 36.02
N PHE HA 676 9.68 71.87 37.07
CA PHE HA 676 8.76 73.01 37.04
C PHE HA 676 9.07 74.14 38.03
N ASN HA 677 10.23 74.16 38.68
CA ASN HA 677 10.59 75.31 39.52
C ASN HA 677 9.66 75.51 40.72
N VAL HA 678 8.69 74.62 40.93
CA VAL HA 678 7.77 74.72 42.04
C VAL HA 678 7.52 73.32 42.59
N ASN HA 679 7.35 73.22 43.90
CA ASN HA 679 7.10 71.93 44.51
C ASN HA 679 5.79 71.35 43.98
N LEU HA 680 5.81 70.07 43.62
CA LEU HA 680 4.62 69.39 43.12
C LEU HA 680 3.71 69.07 44.31
N LEU HA 681 2.57 69.73 44.40
CA LEU HA 681 1.66 69.61 45.52
C LEU HA 681 0.39 68.88 45.13
N THR HA 682 -0.07 67.99 46.00
CA THR HA 682 -1.34 67.31 45.80
C THR HA 682 -2.50 68.26 46.07
N ILE HA 683 -3.69 67.85 45.66
CA ILE HA 683 -4.88 68.67 45.86
C ILE HA 683 -5.10 68.94 47.34
N ASP HA 684 -5.09 67.88 48.15
CA ASP HA 684 -5.22 68.04 49.59
C ASP HA 684 -4.08 68.87 50.15
N GLU HA 685 -2.89 68.78 49.55
CA GLU HA 685 -1.77 69.58 50.02
C GLU HA 685 -2.01 71.06 49.75
N LEU HA 686 -2.58 71.40 48.59
CA LEU HA 686 -2.89 72.80 48.30
C LEU HA 686 -3.93 73.33 49.26
N VAL HA 687 -4.98 72.54 49.52
CA VAL HA 687 -6.02 72.97 50.45
C VAL HA 687 -5.41 73.22 51.83
N GLU HA 688 -4.59 72.27 52.31
CA GLU HA 688 -3.97 72.40 53.62
C GLU HA 688 -3.01 73.58 53.68
N LEU HA 689 -2.27 73.82 52.59
CA LEU HA 689 -1.33 74.93 52.56
C LEU HA 689 -2.05 76.25 52.72
N HIS HA 690 -3.11 76.47 51.93
CA HIS HA 690 -3.81 77.74 52.05
C HIS HA 690 -4.55 77.85 53.38
N GLY HA 691 -5.06 76.73 53.91
CA GLY HA 691 -5.72 76.77 55.19
C GLY HA 691 -4.77 77.15 56.31
N THR HA 692 -3.57 76.58 56.32
CA THR HA 692 -2.59 76.94 57.33
C THR HA 692 -2.14 78.39 57.17
N TYR HA 693 -1.97 78.86 55.93
CA TYR HA 693 -1.57 80.24 55.74
C TYR HA 693 -2.61 81.20 56.32
N ILE HA 694 -3.89 80.94 56.07
CA ILE HA 694 -4.91 81.81 56.64
C ILE HA 694 -4.98 81.67 58.15
N ASP HA 695 -4.90 80.43 58.65
CA ASP HA 695 -5.05 80.20 60.09
C ASP HA 695 -3.95 80.90 60.87
N SER HA 696 -2.73 80.90 60.34
CA SER HA 696 -1.64 81.56 61.04
C SER HA 696 -1.94 83.04 61.28
N ILE HA 697 -2.47 83.72 60.26
CA ILE HA 697 -2.79 85.14 60.42
C ILE HA 697 -3.96 85.32 61.38
N ILE HA 698 -5.05 84.58 61.18
CA ILE HA 698 -6.23 84.87 61.98
C ILE HA 698 -6.01 84.48 63.44
N ASN HA 699 -5.23 83.43 63.69
CA ASN HA 699 -4.97 82.95 65.05
C ASN HA 699 -3.59 83.36 65.54
N SER HA 700 -3.13 84.55 65.18
CA SER HA 700 -1.83 85.03 65.63
C SER HA 700 -1.86 85.26 67.13
N SER HA 701 -0.71 85.66 67.68
CA SER HA 701 -0.61 85.89 69.11
C SER HA 701 -1.55 87.01 69.55
N LEU HA 702 -1.58 88.11 68.80
CA LEU HA 702 -2.41 89.24 69.17
C LEU HA 702 -3.88 88.99 68.87
N LEU HA 703 -4.19 88.25 67.80
CA LEU HA 703 -5.56 88.08 67.35
C LEU HA 703 -6.24 86.85 67.94
N ASN HA 704 -5.57 86.12 68.83
CA ASN HA 704 -6.19 84.97 69.46
C ASN HA 704 -7.25 85.42 70.47
N GLU HA 705 -8.10 84.47 70.87
CA GLU HA 705 -9.13 84.72 71.87
C GLU HA 705 -8.63 84.48 73.29
N LYS HA 706 -7.39 84.04 73.46
CA LYS HA 706 -6.84 83.79 74.78
C LYS HA 706 -6.69 85.10 75.57
N THR HA 712 -5.71 89.68 83.48
CA THR HA 712 -6.99 90.37 83.59
C THR HA 712 -8.14 89.50 83.08
N ASN HA 713 -7.81 88.29 82.64
CA ASN HA 713 -8.81 87.35 82.12
C ASN HA 713 -9.54 87.94 80.91
N ILE HA 714 -8.88 88.81 80.16
CA ILE HA 714 -9.44 89.40 78.95
C ILE HA 714 -8.41 89.27 77.84
N SER HA 715 -8.90 89.23 76.60
CA SER HA 715 -8.05 89.06 75.45
C SER HA 715 -7.53 90.41 74.95
N TYR HA 716 -6.46 90.35 74.15
CA TYR HA 716 -5.89 91.57 73.58
C TYR HA 716 -6.88 92.26 72.65
N ILE HA 717 -7.66 91.47 71.91
CA ILE HA 717 -8.61 92.04 70.95
C ILE HA 717 -9.61 92.93 71.66
N ASP HA 718 -10.10 92.48 72.83
CA ASP HA 718 -11.08 93.28 73.56
C ASP HA 718 -10.49 94.62 73.99
N GLN HA 719 -9.24 94.61 74.47
CA GLN HA 719 -8.60 95.87 74.87
C GLN HA 719 -8.44 96.79 73.67
N ILE HA 720 -8.00 96.24 72.54
CA ILE HA 720 -7.83 97.06 71.34
C ILE HA 720 -9.16 97.67 70.93
N PHE HA 721 -10.23 96.87 70.95
CA PHE HA 721 -11.54 97.38 70.56
C PHE HA 721 -12.03 98.44 71.54
N ASN HA 722 -11.69 98.30 72.83
CA ASN HA 722 -12.05 99.33 73.79
C ASN HA 722 -11.36 100.65 73.46
N ILE HA 723 -10.07 100.58 73.09
CA ILE HA 723 -9.37 101.81 72.69
C ILE HA 723 -10.00 102.40 71.44
N LEU HA 724 -10.42 101.53 70.50
CA LEU HA 724 -11.07 102.03 69.30
C LEU HA 724 -12.38 102.74 69.63
N GLN HA 725 -13.15 102.19 70.57
CA GLN HA 725 -14.36 102.86 71.02
C GLN HA 725 -14.05 104.20 71.66
N THR HA 726 -12.93 104.28 72.39
CA THR HA 726 -12.50 105.56 72.94
C THR HA 726 -12.27 106.58 71.82
N ILE HA 727 -11.60 106.16 70.75
CA ILE HA 727 -11.35 107.07 69.64
C ILE HA 727 -12.65 107.49 68.96
N PHE HA 728 -13.59 106.55 68.81
CA PHE HA 728 -14.88 106.90 68.23
C PHE HA 728 -15.59 107.96 69.06
N ASN HA 729 -15.59 107.79 70.38
CA ASN HA 729 -16.21 108.79 71.25
C ASN HA 729 -15.52 110.14 71.10
N PHE HA 730 -14.19 110.12 71.01
CA PHE HA 730 -13.44 111.36 70.84
C PHE HA 730 -13.86 112.08 69.57
N ILE HA 731 -13.99 111.35 68.46
CA ILE HA 731 -14.39 111.99 67.20
C ILE HA 731 -15.79 112.58 67.33
N ASN HA 732 -16.71 111.82 67.91
CA ASN HA 732 -18.09 112.29 67.99
C ASN HA 732 -18.18 113.56 68.84
N THR HA 733 -17.43 113.63 69.94
CA THR HA 733 -17.45 114.83 70.77
C THR HA 733 -16.74 116.00 70.09
N SER HA 734 -15.66 115.71 69.36
CA SER HA 734 -14.95 116.78 68.66
C SER HA 734 -15.84 117.42 67.60
N GLN HA 735 -16.77 116.67 67.03
CA GLN HA 735 -17.70 117.29 66.09
C GLN HA 735 -18.58 118.32 66.78
N GLU HA 736 -19.04 118.02 68.00
CA GLU HA 736 -19.81 118.99 68.77
C GLU HA 736 -18.97 120.22 69.08
N PHE HA 737 -17.71 120.02 69.45
CA PHE HA 737 -16.83 121.15 69.67
C PHE HA 737 -16.69 122.00 68.40
N TYR HA 738 -16.59 121.33 67.25
CA TYR HA 738 -16.52 122.04 65.97
C TYR HA 738 -17.74 122.94 65.78
N SER HA 739 -18.93 122.40 66.02
CA SER HA 739 -20.13 123.19 65.81
C SER HA 739 -20.22 124.36 66.80
N LEU HA 740 -19.81 124.13 68.04
CA LEU HA 740 -19.86 125.22 69.03
C LEU HA 740 -18.89 126.33 68.68
N VAL HA 741 -17.67 125.99 68.27
CA VAL HA 741 -16.70 127.04 67.95
C VAL HA 741 -17.11 127.79 66.69
N CYS HA 742 -17.68 127.10 65.70
CA CYS HA 742 -18.11 127.83 64.52
C CYS HA 742 -19.28 128.76 64.86
N THR HA 743 -20.11 128.39 65.84
CA THR HA 743 -21.23 129.24 66.33
C THR HA 743 -20.63 130.42 67.10
N PHE HA 744 -19.47 130.26 67.74
CA PHE HA 744 -18.73 131.35 68.43
C PHE HA 744 -18.21 132.30 67.36
N GLY HA 745 -17.66 131.77 66.27
CA GLY HA 745 -17.16 132.58 65.15
C GLY HA 745 -18.30 133.38 64.55
N LEU HA 746 -19.47 132.77 64.35
CA LEU HA 746 -20.60 133.47 63.76
C LEU HA 746 -21.08 134.61 64.62
N LEU HA 747 -21.01 134.48 65.95
CA LEU HA 747 -21.52 135.55 66.80
C LEU HA 747 -20.77 136.86 66.54
N VAL HA 748 -19.45 136.79 66.42
CA VAL HA 748 -18.65 137.99 66.15
C VAL HA 748 -18.69 138.32 64.67
N GLN HA 761 -24.78 138.53 75.60
CA GLN HA 761 -24.97 137.54 76.66
C GLN HA 761 -24.69 136.13 76.14
N ASP HA 762 -24.85 135.92 74.84
CA ASP HA 762 -24.59 134.62 74.25
C ASP HA 762 -23.12 134.24 74.29
N GLN HA 763 -22.23 135.23 74.30
CA GLN HA 763 -20.80 134.94 74.31
C GLN HA 763 -20.40 134.17 75.56
N GLU HA 764 -20.93 134.58 76.71
CA GLU HA 764 -20.58 133.89 77.96
C GLU HA 764 -21.11 132.45 77.96
N ASP HA 765 -22.33 132.25 77.47
CA ASP HA 765 -22.87 130.89 77.39
C ASP HA 765 -22.03 130.01 76.49
N LEU HA 766 -21.67 130.55 75.31
CA LEU HA 766 -20.86 129.76 74.38
C LEU HA 766 -19.49 129.46 74.97
N GLU HA 767 -18.88 130.43 75.65
CA GLU HA 767 -17.59 130.19 76.28
C GLU HA 767 -17.69 129.13 77.36
N PHE HA 768 -18.76 129.16 78.15
CA PHE HA 768 -18.96 128.14 79.17
C PHE HA 768 -19.11 126.77 78.54
N GLN HA 769 -19.87 126.67 77.46
CA GLN HA 769 -20.03 125.38 76.77
C GLN HA 769 -18.71 124.92 76.19
N LEU HA 770 -17.91 125.84 75.66
CA LEU HA 770 -16.59 125.48 75.14
C LEU HA 770 -15.71 124.92 76.24
N HIS HA 771 -15.71 125.57 77.41
CA HIS HA 771 -14.93 125.06 78.52
C HIS HA 771 -15.42 123.68 78.94
N LYS HA 772 -16.73 123.49 78.98
CA LYS HA 772 -17.29 122.20 79.36
C LYS HA 772 -16.87 121.10 78.39
N ILE HA 773 -16.93 121.38 77.08
CA ILE HA 773 -16.55 120.38 76.10
C ILE HA 773 -15.06 120.08 76.18
N LYS HA 774 -14.24 121.12 76.33
CA LYS HA 774 -12.80 120.89 76.46
C LYS HA 774 -12.50 120.06 77.70
N ARG HA 775 -13.16 120.36 78.81
CA ARG HA 775 -12.95 119.57 80.02
C ARG HA 775 -13.35 118.12 79.80
N LYS HA 776 -14.51 117.89 79.16
CA LYS HA 776 -14.93 116.51 78.94
C LYS HA 776 -13.89 115.76 78.12
N ILE HA 777 -13.50 116.32 76.98
CA ILE HA 777 -12.59 115.61 76.09
C ILE HA 777 -11.23 115.41 76.74
N TYR HA 778 -10.69 116.46 77.36
CA TYR HA 778 -9.35 116.36 77.93
C TYR HA 778 -9.32 115.40 79.11
N LYS HA 779 -10.24 115.57 80.06
CA LYS HA 779 -10.21 114.73 81.25
C LYS HA 779 -10.75 113.33 80.93
N ASP HA 780 -12.06 113.21 80.70
CA ASP HA 780 -12.65 111.88 80.62
C ASP HA 780 -11.98 111.07 79.50
N ILE HA 781 -12.23 111.46 78.25
CA ILE HA 781 -11.89 110.59 77.11
C ILE HA 781 -10.40 110.31 77.10
N TYR HA 782 -9.56 111.33 77.22
CA TYR HA 782 -8.13 111.12 77.13
C TYR HA 782 -7.54 110.64 78.45
N GLN HA 783 -7.58 111.51 79.48
CA GLN HA 783 -6.86 111.20 80.71
C GLN HA 783 -7.49 110.03 81.44
N HIS HA 784 -8.82 110.04 81.59
CA HIS HA 784 -9.45 109.02 82.41
C HIS HA 784 -9.55 107.69 81.69
N ASP HA 785 -9.74 107.70 80.37
CA ASP HA 785 -9.99 106.48 79.62
C ASP HA 785 -8.78 106.04 78.79
N TYR HA 786 -8.30 106.90 77.90
CA TYR HA 786 -7.30 106.46 76.93
C TYR HA 786 -5.99 106.09 77.62
N LYS HA 787 -5.48 106.97 78.49
CA LYS HA 787 -4.20 106.70 79.13
C LYS HA 787 -4.29 105.49 80.05
N ARG HA 788 -5.40 105.34 80.75
CA ARG HA 788 -5.59 104.18 81.63
C ARG HA 788 -5.62 102.88 80.82
N GLN HA 789 -6.40 102.86 79.75
CA GLN HA 789 -6.49 101.65 78.93
C GLN HA 789 -5.16 101.32 78.29
N LEU HA 790 -4.44 102.34 77.80
CA LEU HA 790 -3.15 102.10 77.18
C LEU HA 790 -2.13 101.60 78.20
N ASN HA 791 -2.17 102.13 79.43
CA ASN HA 791 -1.27 101.62 80.46
C ASN HA 791 -1.55 100.15 80.74
N ASP HA 792 -2.84 99.79 80.87
CA ASP HA 792 -3.17 98.40 81.13
C ASP HA 792 -2.73 97.51 79.97
N LEU HA 793 -2.94 97.96 78.74
CA LEU HA 793 -2.54 97.18 77.58
C LEU HA 793 -1.03 97.01 77.51
N LYS HA 794 -0.28 98.08 77.77
CA LYS HA 794 1.17 97.99 77.75
C LYS HA 794 1.68 97.02 78.81
N ASN HA 795 1.11 97.08 80.02
CA ASN HA 795 1.52 96.12 81.04
C ASN HA 795 1.16 94.69 80.63
N ASP HA 796 0.01 94.52 79.98
CA ASP HA 796 -0.38 93.18 79.53
C ASP HA 796 0.60 92.63 78.52
N LEU HA 797 1.06 93.46 77.59
CA LEU HA 797 1.92 92.97 76.51
C LEU HA 797 3.27 92.49 77.03
N ASN HA 798 3.80 93.16 78.06
CA ASN HA 798 5.14 92.83 78.54
C ASN HA 798 5.22 91.40 79.07
N ARG HA 799 4.10 90.80 79.45
CA ARG HA 799 4.11 89.42 79.91
C ARG HA 799 4.44 88.43 78.80
N ASP HA 800 4.39 88.86 77.55
CA ASP HA 800 4.64 88.00 76.39
C ASP HA 800 5.98 88.38 75.76
N TYR HA 801 6.80 87.36 75.47
CA TYR HA 801 8.08 87.62 74.83
C TYR HA 801 7.90 88.24 73.45
N ASN HA 802 6.95 87.71 72.67
CA ASN HA 802 6.80 88.18 71.30
C ASN HA 802 6.37 89.64 71.24
N LEU HA 803 5.45 90.04 72.12
CA LEU HA 803 4.83 91.36 72.05
C LEU HA 803 5.56 92.41 72.88
N LYS HA 804 6.67 92.06 73.53
CA LYS HA 804 7.42 93.05 74.31
C LYS HA 804 7.95 94.15 73.41
N ASP HA 805 8.47 93.78 72.25
CA ASP HA 805 9.00 94.76 71.32
C ASP HA 805 7.90 95.71 70.86
N LEU HA 806 6.72 95.17 70.54
CA LEU HA 806 5.61 96.03 70.15
C LEU HA 806 5.20 96.92 71.32
N SER HA 807 5.23 96.41 72.54
CA SER HA 807 4.84 97.19 73.70
C SER HA 807 5.74 98.40 73.86
N LYS HA 808 7.04 98.24 73.60
CA LYS HA 808 7.93 99.38 73.75
C LYS HA 808 7.54 100.53 72.81
N LEU HA 809 7.16 100.20 71.57
CA LEU HA 809 6.73 101.24 70.64
C LEU HA 809 5.28 101.63 70.88
N LEU HA 810 4.37 100.68 70.72
CA LEU HA 810 2.94 100.95 70.86
C LEU HA 810 2.63 101.29 72.32
N ASN IA 231 48.76 34.32 92.38
CA ASN IA 231 48.15 35.66 92.09
C ASN IA 231 47.85 35.81 90.60
N ILE IA 232 46.83 36.62 90.30
CA ILE IA 232 46.47 36.86 88.91
C ILE IA 232 47.56 37.69 88.24
N ALA IA 233 47.86 37.36 86.99
CA ALA IA 233 48.90 38.05 86.26
C ALA IA 233 48.58 39.52 86.06
N THR IA 234 49.58 40.38 86.25
CA THR IA 234 49.45 41.78 85.91
C THR IA 234 49.72 41.98 84.42
N THR IA 235 48.99 42.92 83.81
CA THR IA 235 49.14 43.20 82.39
C THR IA 235 49.05 44.69 82.15
N THR IA 236 49.56 45.13 80.98
CA THR IA 236 49.65 46.56 80.61
C THR IA 236 48.24 47.17 80.55
N LYS IA 237 47.23 46.41 80.12
CA LYS IA 237 45.85 46.91 80.06
C LYS IA 237 45.22 46.88 81.45
N SER IA 238 44.50 47.96 81.79
CA SER IA 238 43.92 48.14 83.12
C SER IA 238 42.68 47.27 83.25
N ARG IA 239 42.77 46.24 84.09
CA ARG IA 239 41.65 45.29 84.26
C ARG IA 239 40.45 45.98 84.89
N GLU IA 240 40.68 46.68 86.00
CA GLU IA 240 39.60 47.35 86.70
C GLU IA 240 38.96 48.42 85.84
N GLU IA 241 39.75 49.10 85.00
CA GLU IA 241 39.17 50.09 84.09
C GLU IA 241 38.18 49.44 83.15
N GLU IA 242 38.53 48.28 82.59
CA GLU IA 242 37.62 47.60 81.68
C GLU IA 242 36.34 47.20 82.39
N LEU IA 243 36.45 46.62 83.59
CA LEU IA 243 35.25 46.24 84.32
C LEU IA 243 34.38 47.45 84.65
N ASN IA 244 35.01 48.55 85.07
CA ASN IA 244 34.26 49.75 85.42
C ASN IA 244 33.53 50.32 84.21
N LYS IA 245 34.20 50.32 83.05
CA LYS IA 245 33.54 50.81 81.83
C LYS IA 245 32.35 49.93 81.47
N ARG IA 246 32.49 48.61 81.63
CA ARG IA 246 31.37 47.72 81.38
C ARG IA 246 30.19 48.04 82.29
N ILE IA 247 30.46 48.27 83.57
CA ILE IA 247 29.38 48.60 84.49
C ILE IA 247 28.71 49.91 84.12
N VAL IA 248 29.49 50.92 83.76
CA VAL IA 248 28.88 52.21 83.39
C VAL IA 248 27.99 52.05 82.17
N ASN IA 249 28.43 51.26 81.19
CA ASN IA 249 27.66 51.03 79.93
C ASN IA 249 26.41 50.22 80.27
N TYR IA 250 26.45 49.39 81.32
CA TYR IA 250 25.29 48.58 81.79
C TYR IA 250 24.35 49.46 82.61
N LYS IA 251 24.83 50.58 83.17
CA LYS IA 251 23.99 51.55 83.93
C LYS IA 251 23.29 52.48 82.93
N ILE IA 252 23.88 52.78 81.77
CA ILE IA 252 23.21 53.58 80.75
C ILE IA 252 22.08 52.78 80.12
N GLN IA 253 22.35 51.53 79.75
CA GLN IA 253 21.28 50.73 79.14
C GLN IA 253 20.11 50.55 80.09
N LEU IA 254 20.38 50.29 81.37
CA LEU IA 254 19.30 50.09 82.32
C LEU IA 254 18.43 51.33 82.44
N LYS IA 255 19.06 52.50 82.58
CA LYS IA 255 18.27 53.70 82.82
C LYS IA 255 17.50 54.12 81.58
N LEU IA 256 18.10 53.97 80.40
CA LEU IA 256 17.35 54.27 79.19
C LEU IA 256 16.15 53.34 79.04
N MET IA 257 16.35 52.04 79.34
CA MET IA 257 15.25 51.10 79.26
C MET IA 257 14.15 51.46 80.25
N LYS IA 258 14.53 51.88 81.47
CA LYS IA 258 13.53 52.27 82.45
C LYS IA 258 12.73 53.48 81.97
N ASN IA 259 13.40 54.47 81.40
CA ASN IA 259 12.67 55.63 80.91
C ASN IA 259 11.70 55.23 79.81
N PHE IA 260 12.13 54.35 78.91
CA PHE IA 260 11.23 53.92 77.85
C PHE IA 260 10.03 53.16 78.40
N LEU IA 261 10.27 52.28 79.38
CA LEU IA 261 9.16 51.54 79.97
C LEU IA 261 8.20 52.47 80.70
N GLN IA 262 8.72 53.50 81.35
CA GLN IA 262 7.82 54.48 81.98
C GLN IA 262 6.98 55.19 80.94
N GLU IA 263 7.58 55.57 79.81
CA GLU IA 263 6.78 56.20 78.76
C GLU IA 263 5.74 55.23 78.20
N LEU IA 264 6.06 53.93 78.18
CA LEU IA 264 5.14 52.95 77.63
C LEU IA 264 3.99 52.63 78.59
N ILE IA 265 4.28 52.57 79.89
CA ILE IA 265 3.28 52.13 80.87
C ILE IA 265 2.21 53.20 81.07
N ASP IA 266 2.62 54.47 81.14
CA ASP IA 266 1.69 55.53 81.53
C ASP IA 266 0.60 55.78 80.50
N ARG IA 267 0.75 55.27 79.28
CA ARG IA 267 -0.27 55.46 78.26
C ARG IA 267 -1.31 54.36 78.37
N ARG JA 239 39.99 40.99 94.75
CA ARG JA 239 39.03 42.11 94.99
C ARG JA 239 38.03 42.26 93.84
N GLU JA 240 38.50 42.13 92.61
CA GLU JA 240 37.66 42.37 91.44
C GLU JA 240 36.51 41.37 91.33
N GLU JA 241 36.47 40.34 92.16
CA GLU JA 241 35.33 39.42 92.19
C GLU JA 241 34.04 40.21 92.39
N GLU JA 242 34.11 41.24 93.24
CA GLU JA 242 32.93 42.02 93.58
C GLU JA 242 32.39 42.76 92.35
N LEU JA 243 33.28 43.34 91.54
CA LEU JA 243 32.82 43.98 90.31
C LEU JA 243 32.16 42.96 89.38
N ASN JA 244 32.75 41.78 89.23
CA ASN JA 244 32.15 40.76 88.36
C ASN JA 244 30.77 40.37 88.86
N LYS JA 245 30.62 40.26 90.19
CA LYS JA 245 29.34 39.90 90.76
C LYS JA 245 28.29 40.96 90.44
N ARG JA 246 28.66 42.23 90.57
CA ARG JA 246 27.72 43.29 90.24
C ARG JA 246 27.40 43.29 88.75
N ILE JA 247 28.39 42.99 87.91
CA ILE JA 247 28.15 42.91 86.47
C ILE JA 247 27.09 41.86 86.16
N VAL JA 248 27.23 40.67 86.75
CA VAL JA 248 26.25 39.62 86.45
C VAL JA 248 24.88 40.00 87.01
N ASN JA 249 24.84 40.65 88.18
CA ASN JA 249 23.56 41.08 88.73
C ASN JA 249 22.84 42.04 87.77
N TYR JA 250 23.59 42.99 87.20
CA TYR JA 250 22.99 43.91 86.24
C TYR JA 250 22.63 43.23 84.92
N LYS JA 251 23.35 42.17 84.54
CA LYS JA 251 22.94 41.39 83.39
C LYS JA 251 21.56 40.80 83.62
N ILE JA 252 21.34 40.22 84.80
CA ILE JA 252 20.03 39.64 85.10
C ILE JA 252 18.96 40.73 85.12
N GLN JA 253 19.26 41.88 85.72
CA GLN JA 253 18.25 42.94 85.79
C GLN JA 253 17.87 43.44 84.39
N LEU JA 254 18.85 43.61 83.51
CA LEU JA 254 18.54 44.01 82.14
C LEU JA 254 17.68 42.97 81.44
N LYS JA 255 18.02 41.68 81.62
CA LYS JA 255 17.21 40.64 80.99
C LYS JA 255 15.78 40.69 81.51
N LEU JA 256 15.61 40.91 82.81
CA LEU JA 256 14.27 41.01 83.37
C LEU JA 256 13.50 42.17 82.76
N MET JA 257 14.16 43.32 82.59
CA MET JA 257 13.46 44.46 82.00
C MET JA 257 13.01 44.16 80.57
N LYS JA 258 13.88 43.52 79.79
CA LYS JA 258 13.50 43.18 78.42
C LYS JA 258 12.33 42.20 78.39
N ASN JA 259 12.37 41.21 79.29
CA ASN JA 259 11.24 40.28 79.38
C ASN JA 259 9.96 40.99 79.77
N PHE JA 260 10.06 42.01 80.63
CA PHE JA 260 8.89 42.80 80.98
C PHE JA 260 8.32 43.49 79.75
N LEU JA 261 9.19 44.06 78.92
CA LEU JA 261 8.72 44.69 77.69
C LEU JA 261 7.98 43.68 76.81
N GLN JA 262 8.57 42.49 76.65
CA GLN JA 262 7.93 41.49 75.80
C GLN JA 262 6.58 41.06 76.37
N GLU JA 263 6.50 40.86 77.69
CA GLU JA 263 5.22 40.50 78.31
C GLU JA 263 4.17 41.57 78.06
N LEU JA 264 4.54 42.84 78.29
CA LEU JA 264 3.59 43.93 78.12
C LEU JA 264 3.09 43.99 76.69
N ILE JA 265 3.99 43.88 75.72
CA ILE JA 265 3.58 43.96 74.32
C ILE JA 265 2.69 42.77 73.95
N ASP JA 266 3.05 41.56 74.42
CA ASP JA 266 2.21 40.40 74.12
C ASP JA 266 0.82 40.58 74.68
N ARG JA 267 0.70 41.08 75.91
CA ARG JA 267 -0.62 41.25 76.51
C ARG JA 267 -1.43 42.34 75.82
N ASN JA 268 -0.78 43.44 75.42
CA ASN JA 268 -1.54 44.48 74.73
C ASN JA 268 -2.04 44.01 73.38
N ASN JA 269 -1.31 43.12 72.71
CA ASN JA 269 -1.79 42.51 71.48
C ASN JA 269 -2.79 41.40 71.79
N GLY KA 3 99.41 15.56 55.22
CA GLY KA 3 99.55 16.98 55.64
C GLY KA 3 99.90 17.90 54.49
N GLU KA 4 99.74 19.20 54.71
CA GLU KA 4 99.99 20.18 53.66
C GLU KA 4 101.48 20.42 53.48
N THR KA 5 101.86 20.89 52.30
CA THR KA 5 103.25 21.18 51.96
C THR KA 5 103.38 22.62 51.48
N ILE KA 6 104.53 23.22 51.76
CA ILE KA 6 104.84 24.59 51.37
C ILE KA 6 106.03 24.56 50.41
N THR KA 7 105.88 25.23 49.27
CA THR KA 7 106.93 25.27 48.26
C THR KA 7 107.67 26.59 48.35
N LEU KA 8 108.99 26.54 48.31
CA LEU KA 8 109.83 27.73 48.31
C LEU KA 8 110.63 27.76 47.01
N GLN KA 9 110.53 28.88 46.29
CA GLN KA 9 111.24 29.06 45.03
C GLN KA 9 112.26 30.17 45.20
N VAL KA 10 113.52 29.87 44.88
CA VAL KA 10 114.62 30.80 45.07
C VAL KA 10 115.43 30.88 43.77
N GLY KA 11 115.70 32.09 43.32
CA GLY KA 11 116.56 32.30 42.17
C GLY KA 11 115.80 32.23 40.85
N GLN KA 12 116.50 32.60 39.78
CA GLN KA 12 115.91 32.59 38.45
C GLN KA 12 115.63 31.16 37.97
N CYS KA 13 116.60 30.27 38.11
CA CYS KA 13 116.39 28.88 37.72
C CYS KA 13 115.28 28.26 38.56
N GLY KA 14 115.30 28.54 39.86
CA GLY KA 14 114.25 28.03 40.73
C GLY KA 14 112.87 28.53 40.32
N ASN KA 15 112.77 29.81 39.98
CA ASN KA 15 111.49 30.38 39.58
C ASN KA 15 110.98 29.76 38.28
N GLN KA 16 111.87 29.58 37.30
CA GLN KA 16 111.44 28.97 36.04
C GLN KA 16 110.98 27.53 36.27
N VAL KA 17 111.76 26.76 37.03
CA VAL KA 17 111.38 25.38 37.31
C VAL KA 17 110.07 25.35 38.07
N GLY KA 18 109.88 26.29 39.00
CA GLY KA 18 108.64 26.34 39.74
C GLY KA 18 107.44 26.69 38.86
N LEU KA 19 107.65 27.58 37.89
CA LEU KA 19 106.57 27.89 36.96
C LEU KA 19 106.16 26.66 36.19
N GLN KA 20 107.13 25.91 35.67
CA GLN KA 20 106.78 24.67 34.97
C GLN KA 20 106.10 23.68 35.90
N TYR KA 21 106.61 23.57 37.13
CA TYR KA 21 106.05 22.63 38.10
C TYR KA 21 104.60 22.97 38.43
N TRP KA 22 104.30 24.24 38.66
CA TRP KA 22 102.94 24.63 39.00
C TRP KA 22 102.01 24.53 37.80
N GLN KA 23 102.51 24.80 36.60
CA GLN KA 23 101.69 24.58 35.41
C GLN KA 23 101.33 23.10 35.29
N GLN KA 24 102.29 22.22 35.50
CA GLN KA 24 102.03 20.79 35.44
C GLN KA 24 101.01 20.38 36.50
N LEU KA 25 101.20 20.86 37.73
CA LEU KA 25 100.29 20.47 38.81
C LEU KA 25 98.88 20.97 38.55
N ALA KA 26 98.74 22.22 38.09
CA ALA KA 26 97.43 22.76 37.80
C ALA KA 26 96.76 22.02 36.65
N THR KA 27 97.53 21.65 35.63
CA THR KA 27 96.99 20.83 34.55
C THR KA 27 96.48 19.50 35.10
N GLU KA 28 97.25 18.87 35.98
CA GLU KA 28 96.84 17.58 36.52
C GLU KA 28 95.55 17.70 37.33
N HIS KA 29 95.38 18.77 38.10
CA HIS KA 29 94.17 18.96 38.89
C HIS KA 29 93.11 19.80 38.20
N GLY KA 30 93.29 20.14 36.93
CA GLY KA 30 92.27 20.85 36.20
C GLY KA 30 92.05 22.28 36.65
N ILE KA 31 92.92 22.83 37.49
CA ILE KA 31 92.78 24.20 37.94
C ILE KA 31 93.19 25.15 36.82
N GLN KA 32 92.33 26.12 36.53
CA GLN KA 32 92.59 27.06 35.45
C GLN KA 32 93.65 28.08 35.87
N SER KA 33 94.10 28.87 34.90
CA SER KA 33 95.15 29.85 35.16
C SER KA 33 94.68 30.90 36.17
N ASP KA 34 93.39 31.21 36.20
CA ASP KA 34 92.85 32.20 37.11
C ASP KA 34 92.49 31.61 38.48
N GLY KA 35 92.70 30.33 38.70
CA GLY KA 35 92.38 29.69 39.96
C GLY KA 35 90.98 29.11 40.05
N SER KA 36 90.20 29.17 38.97
CA SER KA 36 88.86 28.60 38.96
C SER KA 36 88.91 27.10 38.69
N SER KA 37 87.97 26.38 39.29
CA SER KA 37 87.91 24.94 39.16
C SER KA 37 87.32 24.55 37.80
N THR KA 38 87.53 23.28 37.42
CA THR KA 38 86.95 22.68 36.24
C THR KA 38 86.28 21.37 36.64
N PRO KA 39 85.04 21.10 36.19
CA PRO KA 39 84.40 19.85 36.60
C PRO KA 39 85.08 18.61 36.05
N ARG KA 73 85.10 15.78 45.11
CA ARG KA 73 86.12 15.27 44.20
C ARG KA 73 87.07 14.34 44.94
N ASN KA 74 87.57 13.32 44.24
CA ASN KA 74 88.36 12.28 44.89
C ASN KA 74 89.82 12.68 45.10
N ASP KA 75 90.35 13.59 44.29
CA ASP KA 75 91.71 14.05 44.49
C ASP KA 75 91.75 15.13 45.57
N HIS KA 76 92.96 15.44 46.03
CA HIS KA 76 93.15 16.33 47.17
C HIS KA 76 94.17 17.40 46.81
N PRO KA 77 93.79 18.40 46.02
CA PRO KA 77 94.70 19.52 45.76
C PRO KA 77 94.92 20.42 46.95
N GLU KA 78 94.14 20.26 48.03
CA GLU KA 78 94.29 21.11 49.19
C GLU KA 78 95.68 21.00 49.80
N LEU KA 79 96.36 19.87 49.63
CA LEU KA 79 97.71 19.72 50.15
C LEU KA 79 98.70 20.66 49.48
N PHE KA 80 98.37 21.16 48.29
CA PHE KA 80 99.26 22.06 47.57
C PHE KA 80 98.62 23.37 47.16
N PHE KA 81 97.30 23.52 47.32
CA PHE KA 81 96.60 24.75 46.98
C PHE KA 81 95.71 25.17 48.13
N THR KA 82 95.58 26.48 48.34
CA THR KA 82 94.67 27.03 49.33
C THR KA 82 93.32 27.30 48.69
N LEU KA 83 92.27 26.76 49.27
CA LEU KA 83 90.92 26.88 48.74
C LEU KA 83 90.16 27.97 49.50
N SER KA 84 89.67 28.96 48.78
CA SER KA 84 88.86 30.03 49.36
C SER KA 84 87.39 29.62 49.38
N ASP KA 85 86.60 30.36 50.15
CA ASP KA 85 85.17 30.12 50.20
C ASP KA 85 84.46 30.81 49.06
N SER KA 86 85.22 31.21 48.03
CA SER KA 86 84.69 31.67 46.76
C SER KA 86 85.13 30.76 45.62
N ASN KA 87 85.63 29.57 45.94
CA ASN KA 87 86.01 28.57 44.95
C ASN KA 87 87.14 29.08 44.05
N THR KA 88 88.27 29.39 44.68
CA THR KA 88 89.49 29.74 43.95
C THR KA 88 90.67 29.01 44.57
N TYR KA 89 91.55 28.49 43.71
CA TYR KA 89 92.74 27.76 44.14
C TYR KA 89 93.96 28.62 43.88
N THR KA 90 94.76 28.86 44.92
CA THR KA 90 96.00 29.59 44.78
C THR KA 90 97.16 28.78 45.32
N PRO KA 91 98.32 28.79 44.65
CA PRO KA 91 99.44 27.98 45.12
C PRO KA 91 99.95 28.45 46.48
N ARG KA 92 100.53 27.52 47.22
CA ARG KA 92 101.15 27.81 48.51
C ARG KA 92 102.58 28.30 48.37
N SER KA 93 103.10 28.41 47.16
CA SER KA 93 104.51 28.67 46.96
C SER KA 93 104.86 30.11 47.34
N ILE KA 94 106.13 30.32 47.66
CA ILE KA 94 106.69 31.62 47.99
C ILE KA 94 107.80 31.92 47.00
N LEU KA 95 107.74 33.08 46.36
CA LEU KA 95 108.69 33.47 45.33
C LEU KA 95 109.74 34.41 45.92
N ILE KA 96 111.01 34.06 45.74
CA ILE KA 96 112.12 34.88 46.20
C ILE KA 96 113.11 35.03 45.06
N ASP KA 97 113.48 36.28 44.75
CA ASP KA 97 114.42 36.54 43.68
C ASP KA 97 115.05 37.91 43.91
N MET KA 98 116.24 38.08 43.33
CA MET KA 98 116.95 39.35 43.46
C MET KA 98 116.42 40.42 42.52
N GLU KA 99 115.81 40.02 41.39
CA GLU KA 99 115.35 40.97 40.39
C GLU KA 99 113.87 40.76 40.09
N PRO KA 100 113.15 41.80 39.68
CA PRO KA 100 111.70 41.66 39.46
C PRO KA 100 111.30 41.10 38.10
N SER KA 101 112.23 40.98 37.15
CA SER KA 101 111.85 40.52 35.81
C SER KA 101 111.36 39.08 35.83
N VAL KA 102 112.08 38.19 36.53
CA VAL KA 102 111.70 36.78 36.55
C VAL KA 102 110.37 36.60 37.28
N ILE KA 103 110.22 37.29 38.41
CA ILE KA 103 108.99 37.19 39.18
C ILE KA 103 107.82 37.75 38.39
N ALA KA 104 108.06 38.84 37.65
CA ALA KA 104 107.00 39.41 36.83
C ALA KA 104 106.57 38.44 35.74
N LYS KA 105 107.52 37.80 35.07
CA LYS KA 105 107.16 36.81 34.06
C LYS KA 105 106.38 35.67 34.69
N SER KA 106 106.83 35.17 35.84
CA SER KA 106 106.16 34.03 36.46
C SER KA 106 104.74 34.39 36.87
N THR KA 107 104.56 35.57 37.47
CA THR KA 107 103.24 35.98 37.93
C THR KA 107 102.30 36.23 36.75
N SER KA 108 102.80 36.89 35.70
CA SER KA 108 101.96 37.15 34.54
C SER KA 108 101.54 35.85 33.85
N ALA KA 109 102.45 34.89 33.77
CA ALA KA 109 102.11 33.61 33.14
C ALA KA 109 101.02 32.90 33.91
N LEU KA 110 101.08 32.95 35.25
CA LEU KA 110 100.11 32.30 36.12
C LEU KA 110 99.48 33.37 37.01
N PRO KA 111 98.35 33.96 36.61
CA PRO KA 111 97.79 35.06 37.41
C PRO KA 111 97.32 34.65 38.80
N MET KA 112 97.10 33.37 39.06
CA MET KA 112 96.55 32.95 40.35
C MET KA 112 97.59 32.96 41.47
N PHE KA 113 98.86 33.26 41.19
CA PHE KA 113 99.81 33.52 42.27
C PHE KA 113 99.34 34.67 43.14
N ASN KA 114 99.55 34.54 44.44
CA ASN KA 114 99.24 35.62 45.37
C ASN KA 114 100.41 36.60 45.39
N PRO KA 115 100.22 37.87 44.98
CA PRO KA 115 101.35 38.83 45.01
C PRO KA 115 101.93 39.05 46.40
N ARG KA 116 101.13 38.85 47.46
CA ARG KA 116 101.64 39.09 48.81
C ARG KA 116 102.82 38.19 49.16
N ASN KA 117 102.97 37.06 48.48
CA ASN KA 117 104.03 36.11 48.78
C ASN KA 117 105.33 36.40 48.02
N VAL KA 118 105.35 37.41 47.18
CA VAL KA 118 106.52 37.77 46.39
C VAL KA 118 107.42 38.67 47.22
N HIS KA 119 108.72 38.34 47.25
CA HIS KA 119 109.72 39.15 47.93
C HIS KA 119 110.83 39.48 46.93
N LEU KA 120 111.34 40.70 47.00
CA LEU KA 120 112.47 41.10 46.17
C LEU KA 120 113.61 41.64 47.04
N TRP KA 131 128.37 35.45 46.40
CA TRP KA 131 127.55 34.60 47.26
C TRP KA 131 127.47 35.16 48.67
N ILE KA 132 128.63 35.50 49.22
CA ILE KA 132 128.67 36.01 50.59
C ILE KA 132 127.88 37.31 50.70
N ASN KA 133 127.94 38.15 49.67
CA ASN KA 133 127.14 39.38 49.68
C ASN KA 133 125.66 39.06 49.75
N GLY KA 134 125.21 38.07 48.96
CA GLY KA 134 123.82 37.69 49.00
C GLY KA 134 123.41 37.12 50.35
N TYR KA 135 124.29 36.32 50.96
CA TYR KA 135 123.99 35.74 52.26
C TYR KA 135 123.90 36.82 53.34
N LYS KA 136 124.82 37.79 53.29
CA LYS KA 136 124.73 38.91 54.22
C LYS KA 136 123.49 39.75 53.98
N TYR KA 137 123.08 39.90 52.71
CA TYR KA 137 121.81 40.54 52.41
C TYR KA 137 120.63 39.75 52.99
N GLY KA 138 120.70 38.43 52.93
CA GLY KA 138 119.66 37.62 53.54
C GLY KA 138 119.57 37.79 55.04
N THR KA 139 120.72 38.03 55.69
CA THR KA 139 120.67 38.32 57.12
C THR KA 139 119.86 39.58 57.40
N GLU KA 140 120.02 40.62 56.57
CA GLU KA 140 119.31 41.87 56.81
C GLU KA 140 117.81 41.67 56.70
N GLU KA 141 117.35 40.88 55.73
CA GLU KA 141 115.94 40.65 55.50
C GLU KA 141 115.40 39.44 56.27
N GLU KA 142 116.09 39.02 57.33
CA GLU KA 142 115.68 37.81 58.04
C GLU KA 142 114.30 37.97 58.66
N GLU KA 143 114.02 39.13 59.25
CA GLU KA 143 112.74 39.32 59.93
C GLU KA 143 111.57 39.24 58.95
N THR KA 144 111.71 39.91 57.80
CA THR KA 144 110.61 39.95 56.84
C THR KA 144 110.31 38.57 56.30
N LEU KA 145 111.37 37.83 55.95
CA LEU KA 145 111.19 36.47 55.43
C LEU KA 145 110.65 35.53 56.49
N LEU KA 146 111.09 35.68 57.74
CA LEU KA 146 110.59 34.82 58.80
C LEU KA 146 109.08 35.03 58.99
N ASN KA 147 108.65 36.28 59.02
CA ASN KA 147 107.21 36.56 59.11
C ASN KA 147 106.47 36.07 57.87
N LEU KA 148 107.08 36.23 56.69
CA LEU KA 148 106.43 35.82 55.46
C LEU KA 148 106.16 34.32 55.46
N ILE KA 149 107.13 33.52 55.91
CA ILE KA 149 106.94 32.08 55.97
C ILE KA 149 105.95 31.71 57.07
N ASP KA 150 106.03 32.40 58.21
CA ASP KA 150 105.08 32.13 59.29
C ASP KA 150 103.65 32.38 58.85
N ARG KA 151 103.43 33.31 57.92
CA ARG KA 151 102.08 33.51 57.40
C ARG KA 151 101.56 32.25 56.72
N GLU KA 152 102.36 31.66 55.84
CA GLU KA 152 101.92 30.43 55.17
C GLU KA 152 101.72 29.30 56.16
N VAL KA 153 102.61 29.18 57.15
CA VAL KA 153 102.44 28.11 58.13
C VAL KA 153 101.15 28.30 58.92
N ASP KA 154 100.84 29.53 59.30
CA ASP KA 154 99.58 29.78 59.99
C ASP KA 154 98.38 29.50 59.09
N LYS KA 155 98.52 29.76 57.79
CA LYS KA 155 97.37 29.60 56.89
C LYS KA 155 96.98 28.13 56.73
N CYS KA 156 97.93 27.21 56.76
CA CYS KA 156 97.62 25.81 56.61
C CYS KA 156 97.17 25.21 57.94
N ASP KA 157 96.51 24.05 57.87
CA ASP KA 157 95.95 23.40 59.04
C ASP KA 157 96.94 22.47 59.72
N ASN KA 158 97.64 21.64 58.95
CA ASN KA 158 98.60 20.67 59.50
C ASN KA 158 99.77 20.57 58.54
N LEU KA 159 100.85 21.28 58.85
CA LEU KA 159 102.01 21.30 57.97
C LEU KA 159 102.75 19.97 58.02
N SER KA 160 103.27 19.55 56.87
CA SER KA 160 104.01 18.29 56.75
C SER KA 160 105.48 18.52 56.41
N ASN KA 161 105.76 19.23 55.31
CA ASN KA 161 107.13 19.38 54.85
C ASN KA 161 107.28 20.65 54.02
N PHE KA 162 108.52 21.10 53.90
CA PHE KA 162 108.87 22.25 53.07
C PHE KA 162 109.56 21.76 51.80
N GLN KA 163 109.04 22.14 50.65
CA GLN KA 163 109.72 21.92 49.39
C GLN KA 163 110.51 23.17 49.01
N LEU KA 164 111.70 22.98 48.45
CA LEU KA 164 112.56 24.08 48.04
C LEU KA 164 113.06 23.82 46.63
N PHE KA 165 112.82 24.77 45.74
CA PHE KA 165 113.34 24.73 44.37
C PHE KA 165 114.40 25.80 44.25
N HIS KA 166 115.65 25.39 44.07
CA HIS KA 166 116.73 26.35 43.95
C HIS KA 166 117.90 25.71 43.22
N SER KA 167 118.79 26.56 42.71
CA SER KA 167 119.97 26.13 41.99
C SER KA 167 121.20 26.36 42.85
N VAL KA 168 122.05 25.35 42.98
CA VAL KA 168 123.27 25.48 43.77
C VAL KA 168 124.21 26.49 43.13
N ALA KA 169 124.27 26.51 41.80
CA ALA KA 169 125.16 27.39 41.07
C ALA KA 169 124.52 28.74 40.74
N GLY KA 170 123.54 29.18 41.54
CA GLY KA 170 122.79 30.37 41.24
C GLY KA 170 123.41 31.68 41.69
N GLY KA 171 124.61 31.66 42.25
CA GLY KA 171 125.23 32.87 42.72
C GLY KA 171 124.52 33.49 43.91
N THR KA 172 124.05 34.73 43.75
CA THR KA 172 123.45 35.44 44.88
C THR KA 172 122.18 34.74 45.37
N GLY KA 173 121.35 34.30 44.43
CA GLY KA 173 120.14 33.59 44.82
C GLY KA 173 120.44 32.32 45.60
N SER KA 174 121.53 31.65 45.25
CA SER KA 174 121.94 30.49 46.03
C SER KA 174 122.30 30.90 47.45
N GLY KA 175 122.87 32.08 47.63
CA GLY KA 175 123.16 32.56 48.97
C GLY KA 175 121.89 32.83 49.77
N VAL KA 176 120.91 33.48 49.16
CA VAL KA 176 119.69 33.77 49.90
C VAL KA 176 118.94 32.47 50.23
N GLY KA 177 118.97 31.48 49.32
CA GLY KA 177 118.38 30.19 49.64
C GLY KA 177 119.13 29.46 50.74
N SER KA 178 120.45 29.57 50.75
CA SER KA 178 121.24 28.96 51.82
C SER KA 178 120.88 29.58 53.16
N LYS KA 179 120.61 30.89 53.18
CA LYS KA 179 120.13 31.51 54.42
C LYS KA 179 118.71 31.08 54.75
N MET KA 180 117.87 30.86 53.73
CA MET KA 180 116.51 30.41 53.96
C MET KA 180 116.51 29.07 54.70
N LEU KA 181 117.36 28.15 54.27
CA LEU KA 181 117.41 26.85 54.94
C LEU KA 181 117.76 27.02 56.42
N GLU KA 182 118.75 27.87 56.71
CA GLU KA 182 119.17 28.05 58.10
C GLU KA 182 118.03 28.60 58.93
N VAL KA 183 117.37 29.65 58.44
CA VAL KA 183 116.34 30.28 59.28
C VAL KA 183 115.16 29.34 59.48
N ILE KA 184 114.75 28.62 58.44
CA ILE KA 184 113.63 27.71 58.58
C ILE KA 184 113.97 26.60 59.58
N SER KA 185 115.16 25.99 59.42
CA SER KA 185 115.53 24.90 60.32
C SER KA 185 115.62 25.39 61.75
N ASP KA 186 116.13 26.60 61.96
CA ASP KA 186 116.23 27.12 63.32
C ASP KA 186 114.86 27.34 63.93
N ARG KA 187 113.96 28.04 63.22
CA ARG KA 187 112.72 28.43 63.87
C ARG KA 187 111.79 27.24 64.05
N TYR KA 188 111.65 26.38 63.04
CA TYR KA 188 110.68 25.29 63.15
C TYR KA 188 111.27 24.00 63.69
N GLY KA 189 112.52 24.02 64.16
CA GLY KA 189 113.08 22.81 64.72
C GLY KA 189 113.21 21.73 63.67
N HIS KA 190 113.12 20.48 64.12
CA HIS KA 190 113.29 19.32 63.24
C HIS KA 190 112.03 18.47 63.14
N LYS KA 191 110.91 18.94 63.69
CA LYS KA 191 109.66 18.18 63.56
C LYS KA 191 109.14 18.19 62.12
N LYS KA 192 109.38 19.28 61.39
CA LYS KA 192 109.00 19.38 59.99
C LYS KA 192 110.24 19.22 59.12
N LEU KA 193 110.21 18.26 58.21
CA LEU KA 193 111.35 17.98 57.35
C LEU KA 193 111.30 18.86 56.09
N LEU KA 194 112.45 18.95 55.43
CA LEU KA 194 112.63 19.79 54.25
C LEU KA 194 113.10 18.94 53.08
N ASN KA 195 112.57 19.22 51.89
CA ASN KA 195 112.99 18.57 50.67
C ASN KA 195 113.48 19.63 49.70
N THR KA 196 114.70 19.46 49.20
CA THR KA 196 115.33 20.43 48.30
C THR KA 196 115.58 19.77 46.96
N PHE KA 197 114.97 20.30 45.91
CA PHE KA 197 115.24 19.86 44.54
C PHE KA 197 116.36 20.69 43.94
N SER KA 198 117.54 20.56 44.53
CA SER KA 198 118.68 21.38 44.13
C SER KA 198 119.19 20.98 42.75
N ILE KA 199 119.42 21.98 41.89
CA ILE KA 199 119.99 21.74 40.57
C ILE KA 199 121.49 21.98 40.65
N PHE KA 200 122.27 20.95 40.32
CA PHE KA 200 123.71 21.04 40.43
C PHE KA 200 124.32 21.76 39.24
N PRO KA 201 125.56 22.25 39.38
CA PRO KA 201 126.24 22.90 38.26
C PRO KA 201 126.53 21.92 37.14
N SER KA 202 126.59 22.44 35.92
CA SER KA 202 126.94 21.62 34.76
C SER KA 202 128.35 21.06 34.93
N VAL KA 211 135.07 30.49 39.18
CA VAL KA 211 134.58 31.01 40.45
C VAL KA 211 133.43 30.14 40.97
N GLN KA 212 132.79 29.41 40.06
CA GLN KA 212 131.67 28.56 40.46
C GLN KA 212 132.02 27.56 41.56
N PRO KA 213 133.19 26.92 41.57
CA PRO KA 213 133.48 25.94 42.62
C PRO KA 213 133.30 26.48 44.03
N TYR KA 214 133.71 27.73 44.27
CA TYR KA 214 133.53 28.32 45.60
C TYR KA 214 132.06 28.34 45.96
N ASN KA 215 131.21 28.81 45.03
CA ASN KA 215 129.79 28.93 45.32
C ASN KA 215 129.18 27.57 45.57
N THR KA 216 129.57 26.57 44.77
CA THR KA 216 129.02 25.23 44.96
C THR KA 216 129.38 24.66 46.31
N ILE KA 217 130.61 24.90 46.78
CA ILE KA 217 131.01 24.37 48.08
C ILE KA 217 130.29 25.10 49.21
N LEU KA 218 130.16 26.42 49.08
CA LEU KA 218 129.49 27.18 50.13
C LEU KA 218 128.03 26.81 50.24
N THR KA 219 127.37 26.56 49.11
CA THR KA 219 125.97 26.15 49.19
C THR KA 219 125.84 24.72 49.66
N LEU KA 220 126.76 23.84 49.26
CA LEU KA 220 126.64 22.44 49.64
C LEU KA 220 126.88 22.24 51.13
N LYS KA 221 127.67 23.09 51.77
CA LYS KA 221 127.83 22.97 53.21
C LYS KA 221 126.48 23.08 53.93
N ARG KA 222 125.70 24.13 53.62
CA ARG KA 222 124.42 24.28 54.28
C ARG KA 222 123.41 23.26 53.78
N LEU KA 223 123.51 22.86 52.50
CA LEU KA 223 122.63 21.83 51.99
C LEU KA 223 122.81 20.53 52.77
N ILE KA 224 124.06 20.15 53.06
CA ILE KA 224 124.30 18.97 53.88
C ILE KA 224 123.79 19.18 55.28
N ASP KA 225 124.05 20.35 55.87
CA ASP KA 225 123.74 20.54 57.28
C ASP KA 225 122.24 20.49 57.54
N TYR KA 226 121.43 21.20 56.74
CA TYR KA 226 120.05 21.45 57.13
C TYR KA 226 119.01 20.67 56.33
N SER KA 227 119.27 20.32 55.08
CA SER KA 227 118.27 19.58 54.31
C SER KA 227 118.06 18.19 54.88
N ASP KA 228 116.83 17.69 54.74
CA ASP KA 228 116.47 16.35 55.20
C ASP KA 228 116.42 15.31 54.09
N ALA KA 229 116.12 15.73 52.86
CA ALA KA 229 116.12 14.80 51.73
C ALA KA 229 116.33 15.62 50.47
N THR KA 230 117.53 15.55 49.89
CA THR KA 230 117.93 16.43 48.81
C THR KA 230 118.02 15.64 47.52
N PHE KA 231 117.22 16.01 46.53
CA PHE KA 231 117.34 15.47 45.19
C PHE KA 231 118.53 16.10 44.49
N VAL KA 232 119.14 15.36 43.57
CA VAL KA 232 120.28 15.83 42.80
C VAL KA 232 119.89 15.79 41.32
N PHE KA 233 119.99 16.93 40.65
CA PHE KA 233 119.74 17.04 39.23
C PHE KA 233 120.93 17.72 38.56
N HIS KA 234 121.34 17.19 37.42
CA HIS KA 234 122.44 17.74 36.63
C HIS KA 234 121.91 18.20 35.30
N ASN KA 235 122.26 19.43 34.89
CA ASN KA 235 121.86 19.89 33.58
C ASN KA 235 122.49 19.05 32.47
N ASP KA 236 123.66 18.46 32.73
CA ASP KA 236 124.32 17.64 31.72
C ASP KA 236 123.47 16.44 31.36
N SER KA 237 123.01 15.70 32.36
CA SER KA 237 122.21 14.51 32.10
C SER KA 237 120.82 14.88 31.59
N LEU KA 238 120.29 16.02 32.00
CA LEU KA 238 118.99 16.44 31.50
C LEU KA 238 119.04 16.74 30.00
N ASN KA 239 120.04 17.52 29.57
CA ASN KA 239 120.14 17.80 28.14
C ASN KA 239 120.56 16.55 27.37
N ARG KA 240 121.32 15.65 28.00
CA ARG KA 240 121.62 14.38 27.35
C ARG KA 240 120.36 13.57 27.12
N ILE KA 241 119.46 13.54 28.11
CA ILE KA 241 118.19 12.84 27.93
C ILE KA 241 117.38 13.48 26.82
N GLU KA 242 117.33 14.81 26.79
CA GLU KA 242 116.54 15.47 25.75
C GLU KA 242 117.07 15.14 24.36
N ASN KA 243 118.37 14.88 24.23
CA ASN KA 243 118.96 14.51 22.95
C ASN KA 243 118.46 13.13 22.53
N GLY KA 262 112.18 23.94 28.44
CA GLY KA 262 112.93 22.85 27.85
C GLY KA 262 113.39 21.83 28.86
N ALA KA 263 114.60 22.01 29.38
CA ALA KA 263 115.14 21.09 30.37
C ALA KA 263 114.40 21.16 31.70
N ASN KA 264 113.78 22.30 32.00
CA ASN KA 264 113.03 22.41 33.25
C ASN KA 264 111.80 21.53 33.26
N LYS KA 265 111.31 21.09 32.09
CA LYS KA 265 110.08 20.27 31.98
C LYS KA 265 110.36 18.86 32.51
N LEU KA 266 111.62 18.37 32.52
CA LEU KA 266 111.94 17.10 33.13
C LEU KA 266 111.94 17.19 34.65
N ILE KA 267 112.54 18.25 35.19
CA ILE KA 267 112.57 18.42 36.64
C ILE KA 267 111.16 18.62 37.17
N ALA KA 268 110.37 19.43 36.47
CA ALA KA 268 108.98 19.64 36.90
C ALA KA 268 108.21 18.33 36.90
N LEU KA 269 108.40 17.51 35.86
CA LEU KA 269 107.68 16.24 35.78
C LEU KA 269 108.09 15.31 36.92
N VAL KA 270 109.39 15.22 37.20
CA VAL KA 270 109.85 14.34 38.27
C VAL KA 270 109.30 14.80 39.61
N SER KA 271 109.39 16.11 39.88
CA SER KA 271 108.90 16.61 41.17
C SER KA 271 107.40 16.44 41.30
N ALA KA 272 106.65 16.65 40.21
CA ALA KA 272 105.21 16.47 40.27
C ALA KA 272 104.85 15.01 40.52
N SER KA 273 105.56 14.08 39.89
CA SER KA 273 105.26 12.67 40.08
C SER KA 273 105.70 12.16 41.44
N VAL KA 274 106.71 12.77 42.05
CA VAL KA 274 107.21 12.25 43.32
C VAL KA 274 106.13 12.28 44.38
N SER KA 275 105.23 13.26 44.33
CA SER KA 275 104.17 13.42 45.31
C SER KA 275 102.83 12.88 44.83
N ASN KA 276 102.82 12.12 43.73
CA ASN KA 276 101.56 11.62 43.19
C ASN KA 276 100.74 10.82 44.20
N PRO KA 277 101.31 9.94 45.01
CA PRO KA 277 100.49 9.19 45.98
C PRO KA 277 99.80 10.07 47.00
N LEU KA 278 100.27 11.30 47.21
CA LEU KA 278 99.62 12.19 48.17
C LEU KA 278 98.41 12.87 47.56
N ARG KA 279 98.54 13.36 46.33
CA ARG KA 279 97.45 14.12 45.70
C ARG KA 279 96.36 13.22 45.15
N PHE KA 280 96.70 11.99 44.76
CA PHE KA 280 95.75 11.03 44.21
C PHE KA 280 95.81 9.79 45.09
N PRO KA 281 95.11 9.80 46.23
CA PRO KA 281 95.33 8.75 47.23
C PRO KA 281 94.94 7.38 46.75
N GLY KA 282 95.64 6.38 47.28
CA GLY KA 282 95.35 4.99 47.00
C GLY KA 282 95.35 4.18 48.28
N TYR KA 283 95.76 2.91 48.19
CA TYR KA 283 95.81 2.06 49.36
C TYR KA 283 96.96 2.39 50.31
N MET KA 284 98.01 3.03 49.83
CA MET KA 284 99.26 3.05 50.58
C MET KA 284 100.06 4.29 50.22
N TYR KA 285 101.07 4.58 51.03
CA TYR KA 285 101.97 5.72 50.80
C TYR KA 285 101.21 7.05 50.84
N SER KA 286 100.36 7.20 51.85
CA SER KA 286 99.50 8.38 51.96
C SER KA 286 100.22 9.61 52.53
N SER KA 287 101.49 9.51 52.91
CA SER KA 287 102.19 10.62 53.55
C SER KA 287 103.62 10.68 53.06
N MET KA 288 104.20 11.89 53.12
CA MET KA 288 105.58 12.06 52.68
C MET KA 288 106.57 11.33 53.58
N GLU KA 289 106.22 11.16 54.86
CA GLU KA 289 107.09 10.41 55.76
C GLU KA 289 107.32 9.00 55.23
N SER KA 290 106.27 8.35 54.76
CA SER KA 290 106.40 7.00 54.25
C SER KA 290 107.24 6.97 52.98
N ILE KA 291 107.07 7.97 52.12
CA ILE KA 291 107.82 7.99 50.86
C ILE KA 291 109.30 8.19 51.12
N VAL KA 292 109.64 9.13 52.01
CA VAL KA 292 111.06 9.46 52.22
C VAL KA 292 111.74 8.41 53.08
N SER KA 293 111.08 7.94 54.14
CA SER KA 293 111.72 7.03 55.08
C SER KA 293 112.20 5.75 54.40
N ASN KA 294 111.62 5.40 53.26
CA ASN KA 294 112.05 4.21 52.55
C ASN KA 294 113.38 4.40 51.83
N LEU KA 295 113.90 5.63 51.78
CA LEU KA 295 115.07 5.94 50.97
C LEU KA 295 116.23 6.53 51.76
N ILE KA 296 116.06 6.82 53.04
CA ILE KA 296 117.10 7.49 53.82
C ILE KA 296 117.38 6.68 55.08
N PRO KA 297 118.11 5.58 54.99
CA PRO KA 297 118.41 4.80 56.21
C PRO KA 297 119.16 5.59 57.26
N THR KA 298 120.04 6.50 56.85
CA THR KA 298 120.86 7.28 57.77
C THR KA 298 120.78 8.75 57.37
N PRO KA 299 120.72 9.67 58.34
CA PRO KA 299 120.63 11.09 57.97
C PRO KA 299 121.84 11.61 57.20
N ASP KA 300 122.98 10.92 57.27
CA ASP KA 300 124.14 11.35 56.49
C ASP KA 300 123.91 11.14 55.00
N LEU KA 301 123.43 9.95 54.62
CA LEU KA 301 123.17 9.62 53.22
C LEU KA 301 121.79 10.16 52.86
N LYS KA 302 121.74 11.43 52.44
CA LYS KA 302 120.49 12.11 52.18
C LYS KA 302 120.31 12.53 50.73
N PHE KA 303 121.24 12.20 49.84
CA PHE KA 303 121.16 12.62 48.45
C PHE KA 303 120.56 11.50 47.60
N LEU KA 304 119.59 11.85 46.77
CA LEU KA 304 118.83 10.90 45.99
C LEU KA 304 119.11 11.07 44.51
N THR KA 305 119.17 9.96 43.80
CA THR KA 305 119.30 9.95 42.34
C THR KA 305 117.96 9.53 41.74
N SER KA 306 117.46 10.34 40.82
CA SER KA 306 116.17 10.12 40.19
C SER KA 306 116.36 9.67 38.75
N SER KA 307 115.56 8.69 38.33
CA SER KA 307 115.58 8.16 36.98
C SER KA 307 114.18 8.26 36.38
N ILE KA 308 114.12 8.64 35.11
CA ILE KA 308 112.85 8.85 34.41
C ILE KA 308 112.89 8.07 33.10
N ALA KA 309 111.80 7.35 32.81
CA ALA KA 309 111.69 6.68 31.53
C ALA KA 309 111.16 7.66 30.49
N PRO KA 310 111.94 7.99 29.45
CA PRO KA 310 111.48 8.99 28.49
C PRO KA 310 110.57 8.45 27.40
N PHE KA 311 110.65 7.16 27.11
CA PHE KA 311 109.93 6.58 25.97
C PHE KA 311 108.47 6.39 26.36
N SER KA 312 107.69 7.44 26.18
CA SER KA 312 106.25 7.37 26.38
C SER KA 312 105.57 8.34 25.43
N THR KA 313 104.29 8.06 25.16
CA THR KA 313 103.48 8.88 24.27
C THR KA 313 103.89 8.74 22.80
N GLN KA 314 104.96 8.00 22.52
CA GLN KA 314 105.26 7.60 21.15
C GLN KA 314 104.53 6.30 20.81
N LYS KA 315 104.51 5.98 19.52
CA LYS KA 315 103.91 4.72 19.09
C LYS KA 315 104.66 3.52 19.67
N HIS KA 316 106.00 3.57 19.66
CA HIS KA 316 106.82 2.43 20.15
C HIS KA 316 107.03 2.58 21.66
N ASN KA 317 106.02 2.82 22.49
CA ASN KA 317 106.15 2.91 23.94
C ASN KA 317 106.47 1.54 24.53
N TYR KA 318 106.82 1.54 25.81
CA TYR KA 318 106.99 0.30 26.55
C TYR KA 318 105.69 -0.49 26.53
N LEU KA 319 105.76 -1.74 26.08
CA LEU KA 319 104.55 -2.51 25.87
C LEU KA 319 103.93 -2.98 27.18
N ASN KA 320 104.73 -3.18 28.22
CA ASN KA 320 104.20 -3.64 29.50
C ASN KA 320 104.90 -2.90 30.64
N GLU KA 321 104.18 -2.80 31.76
CA GLU KA 321 104.76 -2.24 32.97
C GLU KA 321 105.97 -3.04 33.42
N TYR KA 322 105.99 -4.33 33.11
CA TYR KA 322 107.16 -5.15 33.43
C TYR KA 322 108.39 -4.65 32.69
N ASP KA 323 108.25 -4.26 31.42
CA ASP KA 323 109.36 -3.69 30.68
C ASP KA 323 109.68 -2.29 31.19
N MET KA 324 108.70 -1.58 31.75
CA MET KA 324 109.00 -0.32 32.43
C MET KA 324 109.89 -0.56 33.64
N LEU KA 325 109.59 -1.59 34.44
CA LEU KA 325 110.42 -1.87 35.60
C LEU KA 325 111.81 -2.30 35.20
N LEU KA 326 111.94 -3.11 34.13
CA LEU KA 326 113.26 -3.55 33.74
C LEU KA 326 114.08 -2.43 33.12
N GLU KA 327 113.47 -1.63 32.25
CA GLU KA 327 114.20 -0.58 31.54
C GLU KA 327 114.25 0.75 32.28
N LEU KA 328 113.62 0.85 33.45
CA LEU KA 328 113.78 2.06 34.26
C LEU KA 328 115.15 2.14 34.90
N SER KA 329 115.85 1.01 35.01
CA SER KA 329 117.13 0.95 35.71
C SER KA 329 118.32 1.26 34.81
N ASN KA 330 118.09 1.57 33.54
CA ASN KA 330 119.20 1.90 32.65
C ASN KA 330 119.93 3.14 33.16
N ASP KA 331 121.26 3.09 33.11
CA ASP KA 331 122.06 4.19 33.62
C ASP KA 331 121.97 5.43 32.75
N ARG KA 332 121.56 5.29 31.49
CA ARG KA 332 121.50 6.45 30.60
C ARG KA 332 120.33 7.36 30.94
N TYR KA 333 119.27 6.84 31.56
CA TYR KA 333 118.11 7.66 31.90
C TYR KA 333 118.27 8.42 33.21
N LYS KA 334 119.29 8.12 34.00
CA LYS KA 334 119.47 8.80 35.28
C LYS KA 334 119.78 10.27 35.04
N THR KA 335 119.31 11.11 35.96
CA THR KA 335 119.44 12.56 35.84
C THR KA 335 120.75 13.09 36.42
N ASN KA 336 121.77 12.26 36.52
CA ASN KA 336 123.08 12.71 36.98
C ASN KA 336 124.15 11.80 36.39
N ARG KA 337 125.33 12.37 36.17
CA ARG KA 337 126.42 11.62 35.58
C ARG KA 337 126.83 10.47 36.49
N VAL KA 338 127.04 9.31 35.90
CA VAL KA 338 127.44 8.11 36.61
C VAL KA 338 128.82 7.71 36.13
N GLY KA 340 130.43 4.91 36.67
CA GLY KA 340 130.61 3.50 36.41
C GLY KA 340 129.79 2.60 37.31
N ASP KA 341 130.43 1.59 37.91
CA ASP KA 341 129.71 0.66 38.78
C ASP KA 341 129.19 1.38 40.02
N THR KA 342 127.95 1.09 40.38
CA THR KA 342 127.28 1.73 41.51
C THR KA 342 126.57 0.68 42.35
N SER KA 343 126.39 1.00 43.63
CA SER KA 343 125.65 0.16 44.56
C SER KA 343 124.44 0.91 45.06
N TYR KA 344 123.27 0.29 45.01
CA TYR KA 344 122.03 0.93 45.38
C TYR KA 344 121.78 0.77 46.88
N ILE KA 345 121.42 1.87 47.53
CA ILE KA 345 121.11 1.84 48.96
C ILE KA 345 119.61 1.63 49.19
N SER KA 346 118.76 2.24 48.37
CA SER KA 346 117.33 2.05 48.50
C SER KA 346 116.67 2.33 47.16
N MET KA 347 115.45 1.80 47.01
CA MET KA 347 114.72 1.87 45.76
C MET KA 347 113.26 2.18 46.01
N LEU KA 348 112.64 2.86 45.04
CA LEU KA 348 111.19 3.03 45.04
C LEU KA 348 110.79 3.45 43.64
N ASN KA 349 109.89 2.70 43.02
CA ASN KA 349 109.49 2.92 41.63
C ASN KA 349 108.07 3.41 41.56
N TYR KA 350 107.83 4.43 40.74
CA TYR KA 350 106.50 4.96 40.50
C TYR KA 350 105.96 4.41 39.19
N LEU KA 351 104.76 3.85 39.24
CA LEU KA 351 104.01 3.44 38.06
C LEU KA 351 102.68 4.17 38.10
N ILE KA 352 102.36 4.89 37.03
CA ILE KA 352 101.20 5.78 36.99
C ILE KA 352 100.41 5.45 35.73
N GLY KA 353 99.34 4.68 35.89
CA GLY KA 353 98.46 4.36 34.78
C GLY KA 353 97.06 4.09 35.30
N ASP KA 354 96.07 4.25 34.42
CA ASP KA 354 94.65 4.04 34.82
C ASP KA 354 94.48 2.62 35.38
N ASN KA 355 95.01 1.61 34.69
CA ASN KA 355 94.91 0.23 35.12
C ASN KA 355 96.28 -0.42 35.05
N LEU KA 356 96.62 -1.20 36.08
CA LEU KA 356 97.92 -1.83 36.18
C LEU KA 356 97.75 -3.31 36.44
N ASP KA 357 98.43 -4.14 35.64
CA ASP KA 357 98.34 -5.58 35.77
C ASP KA 357 99.28 -6.04 36.89
N GLN KA 358 98.70 -6.69 37.91
CA GLN KA 358 99.49 -7.03 39.09
C GLN KA 358 100.57 -8.08 38.78
N ARG KA 359 100.22 -9.10 38.01
CA ARG KA 359 101.16 -10.21 37.79
C ARG KA 359 102.40 -9.74 37.03
N GLU KA 360 102.25 -8.81 36.09
CA GLU KA 360 103.41 -8.22 35.44
C GLU KA 360 104.30 -7.52 36.46
N ILE KA 361 103.70 -6.81 37.40
CA ILE KA 361 104.49 -6.07 38.39
C ILE KA 361 105.20 -7.05 39.32
N ARG KA 362 104.56 -8.16 39.68
CA ARG KA 362 105.23 -9.15 40.51
C ARG KA 362 106.44 -9.74 39.80
N LYS KA 363 106.28 -10.09 38.52
CA LYS KA 363 107.42 -10.63 37.78
C LYS KA 363 108.53 -9.59 37.66
N GLY KA 364 108.17 -8.34 37.40
CA GLY KA 364 109.17 -7.29 37.30
C GLY KA 364 109.89 -7.04 38.60
N ILE KA 365 109.18 -7.07 39.72
CA ILE KA 365 109.81 -6.89 41.02
C ILE KA 365 110.81 -8.01 41.28
N LEU KA 366 110.42 -9.26 40.98
CA LEU KA 366 111.34 -10.36 41.20
C LEU KA 366 112.60 -10.20 40.36
N LYS KA 367 112.45 -9.86 39.08
CA LYS KA 367 113.62 -9.70 38.24
C LYS KA 367 114.48 -8.52 38.71
N SER KA 368 113.85 -7.42 39.11
CA SER KA 368 114.61 -6.26 39.56
C SER KA 368 115.40 -6.58 40.81
N GLN KA 369 114.82 -7.33 41.74
CA GLN KA 369 115.56 -7.73 42.93
C GLN KA 369 116.73 -8.65 42.57
N GLN KA 370 116.52 -9.57 41.63
CA GLN KA 370 117.62 -10.46 41.28
C GLN KA 370 118.70 -9.78 40.42
N ARG KA 371 118.42 -8.62 39.84
CA ARG KA 371 119.39 -7.99 38.95
C ARG KA 371 120.21 -6.89 39.62
N ILE KA 372 119.65 -6.19 40.60
CA ILE KA 372 120.26 -4.95 41.11
C ILE KA 372 121.19 -5.27 42.27
N SER KA 373 122.33 -4.57 42.31
CA SER KA 373 123.35 -4.80 43.33
C SER KA 373 123.11 -3.87 44.52
N PHE KA 374 122.59 -4.42 45.61
CA PHE KA 374 122.38 -3.68 46.84
C PHE KA 374 123.62 -3.77 47.72
N VAL KA 375 123.74 -2.81 48.63
CA VAL KA 375 124.84 -2.83 49.60
C VAL KA 375 124.57 -3.93 50.61
N PRO KA 376 125.60 -4.51 51.24
CA PRO KA 376 125.37 -5.71 52.06
C PRO KA 376 124.42 -5.49 53.22
N TRP KA 377 124.44 -4.33 53.87
CA TRP KA 377 123.74 -4.14 55.14
C TRP KA 377 122.32 -3.60 54.98
N VAL KA 378 121.82 -3.50 53.76
CA VAL KA 378 120.47 -3.00 53.52
C VAL KA 378 119.55 -4.19 53.29
N ALA KA 379 118.27 -4.02 53.64
CA ALA KA 379 117.32 -5.13 53.61
C ALA KA 379 117.12 -5.69 52.20
N ARG KA 380 117.49 -4.96 51.16
CA ARG KA 380 117.40 -5.45 49.79
C ARG KA 380 115.94 -5.64 49.39
N SER KA 381 115.16 -4.57 49.52
CA SER KA 381 113.75 -4.56 49.16
C SER KA 381 113.50 -3.50 48.09
N VAL KA 382 112.68 -3.86 47.10
CA VAL KA 382 112.28 -2.96 46.03
C VAL KA 382 110.79 -2.69 46.17
N LEU KA 383 110.41 -1.42 46.24
CA LEU KA 383 109.04 -1.02 46.49
C LEU KA 383 108.46 -0.36 45.25
N VAL KA 384 107.26 -0.76 44.86
CA VAL KA 384 106.59 -0.24 43.67
C VAL KA 384 105.25 0.33 44.11
N VAL KA 385 105.08 1.64 43.94
CA VAL KA 385 103.81 2.30 44.27
C VAL KA 385 102.92 2.31 43.03
N HIS KA 386 101.64 2.03 43.24
CA HIS KA 386 100.67 1.95 42.16
C HIS KA 386 99.91 3.27 42.06
N GLY KA 387 100.58 4.26 41.46
CA GLY KA 387 99.96 5.56 41.31
C GLY KA 387 98.75 5.52 40.40
N LYS KA 388 97.85 6.48 40.61
CA LYS KA 388 96.63 6.61 39.82
C LYS KA 388 96.73 7.84 38.93
N LYS KA 389 96.38 7.68 37.66
CA LYS KA 389 96.45 8.78 36.70
C LYS KA 389 95.31 9.76 36.93
N SER KA 390 95.56 11.03 36.62
CA SER KA 390 94.58 12.07 36.86
C SER KA 390 93.40 11.91 35.92
N PRO KA 391 92.16 12.12 36.39
CA PRO KA 391 91.02 12.13 35.47
C PRO KA 391 91.13 13.19 34.39
N TYR KA 392 91.85 14.28 34.64
CA TYR KA 392 91.91 15.38 33.69
C TYR KA 392 92.90 15.11 32.56
N LEU KA 393 93.61 14.00 32.58
CA LEU KA 393 94.48 13.59 31.50
C LEU KA 393 93.84 12.41 30.80
N LYS KA 394 93.57 12.56 29.50
CA LYS KA 394 92.66 11.68 28.79
C LYS KA 394 93.38 10.41 28.35
N ASN KA 395 93.17 9.33 29.11
CA ASN KA 395 93.44 7.97 28.62
C ASN KA 395 94.87 7.81 28.09
N THR KA 396 95.80 8.61 28.59
CA THR KA 396 97.18 8.49 28.15
C THR KA 396 97.78 7.16 28.62
N ASN KA 397 98.75 6.66 27.86
CA ASN KA 397 99.40 5.41 28.17
C ASN KA 397 100.24 5.53 29.46
N LEU KA 398 100.72 4.38 29.92
CA LEU KA 398 101.47 4.30 31.17
C LEU KA 398 102.73 5.17 31.13
N GLU KA 399 103.06 5.77 32.28
CA GLU KA 399 104.34 6.42 32.48
C GLU KA 399 104.83 6.13 33.89
N GLY KA 400 106.13 6.28 34.10
CA GLY KA 400 106.72 5.91 35.37
C GLY KA 400 107.98 6.66 35.73
N ILE KA 401 108.21 6.86 37.03
CA ILE KA 401 109.38 7.57 37.55
C ILE KA 401 110.06 6.69 38.58
N GLN KA 402 111.39 6.69 38.57
CA GLN KA 402 112.19 5.92 39.52
C GLN KA 402 113.06 6.85 40.34
N VAL KA 403 113.00 6.68 41.66
CA VAL KA 403 113.83 7.45 42.60
C VAL KA 403 114.68 6.47 43.39
N THR KA 404 115.99 6.68 43.39
CA THR KA 404 116.93 5.75 43.99
C THR KA 404 117.90 6.51 44.89
N ASN KA 405 118.59 5.74 45.74
CA ASN KA 405 119.67 6.24 46.58
C ASN KA 405 120.91 5.41 46.26
N ASN KA 406 121.84 5.98 45.53
CA ASN KA 406 123.02 5.26 45.06
C ASN KA 406 124.27 5.75 45.78
N THR KA 407 125.35 4.99 45.61
CA THR KA 407 126.67 5.41 46.04
C THR KA 407 127.41 6.18 44.95
N SER KA 408 126.74 6.49 43.84
CA SER KA 408 127.35 7.28 42.78
C SER KA 408 127.60 8.72 43.19
N MET KA 409 127.06 9.16 44.33
CA MET KA 409 127.27 10.53 44.77
C MET KA 409 128.74 10.82 45.01
N ILE KA 410 129.55 9.79 45.26
CA ILE KA 410 130.96 10.03 45.55
C ILE KA 410 131.66 10.62 44.32
N ASP KA 411 131.25 10.20 43.12
CA ASP KA 411 131.93 10.70 41.91
C ASP KA 411 131.70 12.19 41.73
N VAL KA 412 130.45 12.64 41.84
CA VAL KA 412 130.16 14.05 41.60
C VAL KA 412 130.76 14.92 42.71
N PHE KA 413 130.68 14.44 43.96
CA PHE KA 413 131.25 15.19 45.06
C PHE KA 413 132.77 15.26 44.93
N THR KA 414 133.39 14.18 44.50
CA THR KA 414 134.83 14.21 44.25
C THR KA 414 135.18 15.20 43.14
N LYS KA 415 134.36 15.24 42.08
CA LYS KA 415 134.60 16.21 41.02
C LYS KA 415 134.53 17.64 41.56
N ILE KA 416 133.52 17.92 42.38
CA ILE KA 416 133.38 19.26 42.94
C ILE KA 416 134.56 19.59 43.82
N LEU KA 417 134.99 18.64 44.65
CA LEU KA 417 136.12 18.88 45.55
C LEU KA 417 137.41 19.09 44.76
N LYS KA 418 137.61 18.33 43.68
CA LYS KA 418 138.80 18.51 42.87
C LYS KA 418 138.83 19.91 42.26
N GLN KA 419 137.69 20.35 41.72
CA GLN KA 419 137.63 21.70 41.17
C GLN KA 419 137.91 22.74 42.26
N PHE KA 420 137.32 22.54 43.44
CA PHE KA 420 137.49 23.51 44.52
C PHE KA 420 138.95 23.59 44.96
N ASP KA 421 139.61 22.44 45.12
CA ASP KA 421 141.02 22.46 45.50
C ASP KA 421 141.87 23.11 44.41
N LEU KA 422 141.61 22.77 43.15
CA LEU KA 422 142.38 23.35 42.06
C LEU KA 422 142.26 24.87 42.06
N LEU KA 423 141.06 25.38 42.32
CA LEU KA 423 140.84 26.82 42.27
C LEU KA 423 141.07 27.51 43.61
N ILE KA 424 141.36 26.76 44.68
CA ILE KA 424 141.63 27.36 45.98
C ILE KA 424 143.13 27.49 46.17
N LYS KA 425 143.91 26.55 45.62
CA LYS KA 425 145.36 26.75 45.65
C LYS KA 425 145.76 27.98 44.85
N ARG KA 426 145.10 28.23 43.73
CA ARG KA 426 145.32 29.43 42.93
C ARG KA 426 144.35 30.50 43.41
N LYS KA 427 144.88 31.60 43.95
CA LYS KA 427 144.05 32.71 44.40
C LYS KA 427 143.61 33.48 43.16
N ALA KA 428 142.62 32.91 42.46
CA ALA KA 428 142.18 33.49 41.20
C ALA KA 428 141.24 34.66 41.42
N TYR KA 429 140.11 34.42 42.09
CA TYR KA 429 139.05 35.41 42.23
C TYR KA 429 138.67 35.67 43.68
N LEU KA 430 139.50 35.28 44.64
CA LEU KA 430 139.18 35.47 46.05
C LEU KA 430 139.20 36.94 46.46
N ASN KA 431 139.74 37.83 45.62
CA ASN KA 431 139.74 39.24 45.97
C ASN KA 431 138.33 39.80 46.05
N ARG KA 432 137.40 39.22 45.29
CA ARG KA 432 136.01 39.65 45.33
C ARG KA 432 135.32 39.28 46.65
N TYR KA 433 135.93 38.43 47.46
CA TYR KA 433 135.37 38.00 48.74
C TYR KA 433 136.21 38.40 49.94
N TYR KA 434 137.53 38.40 49.82
CA TYR KA 434 138.40 38.78 50.93
C TYR KA 434 138.59 40.29 50.90
N SER KA 435 137.97 40.98 51.85
CA SER KA 435 138.03 42.44 51.91
C SER KA 435 139.10 42.97 52.85
N SER KA 436 139.46 42.22 53.89
CA SER KA 436 140.45 42.68 54.86
C SER KA 436 141.02 41.46 55.57
N VAL KA 437 141.86 41.70 56.58
CA VAL KA 437 142.48 40.61 57.32
C VAL KA 437 141.42 39.78 58.01
N GLU KA 438 140.49 40.44 58.70
CA GLU KA 438 139.41 39.71 59.36
C GLU KA 438 138.52 38.99 58.37
N GLU KA 439 138.28 39.60 57.21
CA GLU KA 439 137.52 38.93 56.16
C GLU KA 439 138.30 37.74 55.60
N GLU KA 440 139.62 37.89 55.46
CA GLU KA 440 140.43 36.77 55.00
C GLU KA 440 140.33 35.59 55.95
N ASN KA 441 140.46 35.84 57.25
CA ASN KA 441 140.37 34.75 58.22
C ASN KA 441 138.97 34.14 58.24
N GLU KA 442 137.94 34.99 58.14
CA GLU KA 442 136.56 34.49 58.16
C GLU KA 442 136.32 33.57 56.96
N VAL KA 443 136.71 34.02 55.76
CA VAL KA 443 136.46 33.21 54.58
C VAL KA 443 137.30 31.94 54.62
N MET KA 444 138.53 32.02 55.13
CA MET KA 444 139.36 30.83 55.21
C MET KA 444 138.75 29.78 56.13
N GLU KA 445 138.30 30.19 57.32
CA GLU KA 445 137.71 29.23 58.23
C GLU KA 445 136.41 28.68 57.68
N MET KA 446 135.59 29.52 57.04
CA MET KA 446 134.35 29.03 56.45
C MET KA 446 134.63 28.01 55.36
N PHE KA 447 135.61 28.30 54.49
CA PHE KA 447 135.93 27.40 53.40
C PHE KA 447 136.47 26.08 53.94
N ASN KA 448 137.30 26.16 54.97
CA ASN KA 448 137.85 24.94 55.56
C ASN KA 448 136.73 24.08 56.14
N GLU KA 449 135.78 24.69 56.83
CA GLU KA 449 134.67 23.92 57.39
C GLU KA 449 133.84 23.27 56.28
N SER KA 450 133.56 24.01 55.20
CA SER KA 450 132.79 23.44 54.11
C SER KA 450 133.53 22.26 53.48
N ARG KA 451 134.83 22.42 53.24
CA ARG KA 451 135.62 21.35 52.63
C ARG KA 451 135.64 20.13 53.52
N GLU KA 452 135.79 20.33 54.84
CA GLU KA 452 135.81 19.19 55.75
C GLU KA 452 134.47 18.48 55.79
N SER KA 453 133.36 19.23 55.75
CA SER KA 453 132.05 18.58 55.74
C SER KA 453 131.86 17.76 54.47
N VAL KA 454 132.27 18.29 53.33
CA VAL KA 454 132.12 17.54 52.08
C VAL KA 454 132.98 16.28 52.11
N LYS KA 455 134.22 16.39 52.62
CA LYS KA 455 135.04 15.19 52.75
C LYS KA 455 134.39 14.18 53.69
N SER KA 456 133.76 14.66 54.77
CA SER KA 456 133.12 13.76 55.70
C SER KA 456 132.00 12.98 55.03
N ILE KA 457 131.19 13.66 54.20
CA ILE KA 457 130.11 12.94 53.54
C ILE KA 457 130.66 11.98 52.50
N ILE KA 458 131.74 12.34 51.82
CA ILE KA 458 132.35 11.43 50.86
C ILE KA 458 132.84 10.17 51.57
N ASP KA 459 133.51 10.34 52.71
CA ASP KA 459 134.01 9.19 53.46
C ASP KA 459 132.87 8.33 53.97
N GLU KA 460 131.79 8.96 54.42
CA GLU KA 460 130.63 8.17 54.86
C GLU KA 460 130.06 7.35 53.73
N TYR KA 461 129.87 7.94 52.54
CA TYR KA 461 129.30 7.23 51.36
C TYR KA 461 130.26 6.13 50.91
N LYS KA 462 131.57 6.31 51.08
CA LYS KA 462 132.60 5.30 50.71
C LYS KA 462 132.58 4.16 51.72
N ALA KA 463 132.41 4.46 53.02
CA ALA KA 463 132.33 3.43 54.05
C ALA KA 463 131.03 2.65 53.97
N CYS KA 464 129.99 3.23 53.39
CA CYS KA 464 128.76 2.48 53.19
C CYS KA 464 128.97 1.31 52.22
N LYS KA 465 129.87 1.49 51.23
CA LYS KA 465 130.04 0.46 50.20
C LYS KA 465 130.62 -0.82 50.78
N GLU KA 466 131.59 -0.71 51.69
CA GLU KA 466 132.29 -1.88 52.18
C GLU KA 466 131.40 -2.70 53.12
N ILE KA 467 131.86 -3.91 53.43
CA ILE KA 467 131.07 -4.84 54.23
C ILE KA 467 131.26 -4.66 55.73
N THR KA 468 132.32 -3.97 56.17
CA THR KA 468 132.59 -3.76 57.58
C THR KA 468 131.95 -2.49 58.11
N TYR KA 469 130.87 -2.03 57.46
CA TYR KA 469 130.26 -0.76 57.87
C TYR KA 469 129.70 -0.84 59.28
N LEU KA 470 129.07 -1.96 59.64
CA LEU KA 470 128.45 -2.12 60.94
C LEU KA 470 129.41 -2.63 62.00
N ASP KA 471 130.64 -2.96 61.63
CA ASP KA 471 131.61 -3.51 62.59
C ASP KA 471 132.30 -2.38 63.33
N ASP KA 472 132.61 -2.64 64.60
CA ASP KA 472 133.28 -1.68 65.46
C ASP KA 472 134.81 -1.82 65.42
N ASP KA 473 135.33 -2.71 64.60
CA ASP KA 473 136.77 -2.92 64.51
C ASP KA 473 137.48 -1.65 64.06
N GLY LA 3 70.52 54.74 73.23
CA GLY LA 3 71.24 56.04 73.38
C GLY LA 3 71.56 56.69 72.06
N GLU LA 4 72.04 57.93 72.11
CA GLU LA 4 72.39 58.71 70.93
C GLU LA 4 73.82 59.18 71.05
N THR LA 5 74.46 59.38 69.90
CA THR LA 5 75.86 59.80 69.84
C THR LA 5 75.97 61.08 69.03
N ILE LA 6 76.68 62.07 69.58
CA ILE LA 6 76.90 63.35 68.92
C ILE LA 6 78.37 63.41 68.50
N THR LA 7 78.60 63.73 67.23
CA THR LA 7 79.94 63.78 66.67
C THR LA 7 80.39 65.24 66.53
N LEU LA 8 81.59 65.52 67.01
CA LEU LA 8 82.18 66.86 66.90
C LEU LA 8 83.50 66.75 66.15
N GLN LA 9 83.69 67.62 65.17
CA GLN LA 9 84.89 67.62 64.34
C GLN LA 9 85.56 68.98 64.45
N VAL LA 10 86.83 68.98 64.83
CA VAL LA 10 87.60 70.21 65.05
C VAL LA 10 88.88 70.12 64.23
N GLY LA 11 89.20 71.21 63.53
CA GLY LA 11 90.44 71.28 62.78
C GLY LA 11 90.29 70.79 61.35
N GLN LA 12 91.28 71.15 60.53
CA GLN LA 12 91.26 70.73 59.12
C GLN LA 12 91.34 69.21 58.99
N CYS LA 13 92.25 68.58 59.75
CA CYS LA 13 92.35 67.13 59.71
C CYS LA 13 91.09 66.47 60.23
N GLY LA 14 90.52 67.02 61.30
CA GLY LA 14 89.29 66.47 61.82
C GLY LA 14 88.15 66.54 60.83
N ASN LA 15 88.02 67.68 60.14
CA ASN LA 15 86.97 67.82 59.13
C ASN LA 15 87.21 66.87 57.97
N GLN LA 16 88.46 66.72 57.53
CA GLN LA 16 88.74 65.81 56.43
C GLN LA 16 88.37 64.38 56.79
N VAL LA 17 88.69 63.97 58.02
CA VAL LA 17 88.32 62.62 58.45
C VAL LA 17 86.82 62.48 58.58
N GLY LA 18 86.16 63.48 59.17
CA GLY LA 18 84.74 63.37 59.44
C GLY LA 18 83.91 63.32 58.17
N LEU LA 19 84.33 64.03 57.13
CA LEU LA 19 83.58 63.99 55.88
C LEU LA 19 83.49 62.57 55.35
N GLN LA 20 84.61 61.86 55.30
CA GLN LA 20 84.61 60.49 54.82
C GLN LA 20 83.95 59.55 55.80
N TYR LA 21 84.05 59.83 57.10
CA TYR LA 21 83.35 59.02 58.10
C TYR LA 21 81.83 59.07 57.87
N TRP LA 22 81.31 60.28 57.65
CA TRP LA 22 79.88 60.42 57.43
C TRP LA 22 79.44 59.87 56.08
N GLN LA 23 80.28 60.02 55.05
CA GLN LA 23 79.94 59.41 53.76
C GLN LA 23 79.94 57.88 53.87
N GLN LA 24 80.86 57.32 54.64
CA GLN LA 24 80.86 55.88 54.88
C GLN LA 24 79.56 55.45 55.55
N LEU LA 25 79.19 56.12 56.65
CA LEU LA 25 77.96 55.74 57.33
C LEU LA 25 76.75 55.88 56.42
N ALA LA 26 76.69 56.96 55.65
CA ALA LA 26 75.56 57.17 54.75
C ALA LA 26 75.49 56.06 53.71
N THR LA 27 76.64 55.62 53.20
CA THR LA 27 76.65 54.52 52.25
C THR LA 27 76.15 53.24 52.90
N GLU LA 28 76.59 52.94 54.12
CA GLU LA 28 76.16 51.70 54.76
C GLU LA 28 74.66 51.70 55.02
N HIS LA 29 74.11 52.82 55.45
CA HIS LA 29 72.69 52.89 55.76
C HIS LA 29 71.82 53.26 54.57
N GLY LA 30 72.39 53.39 53.38
CA GLY LA 30 71.59 53.65 52.21
C GLY LA 30 70.99 55.05 52.16
N ILE LA 31 71.54 55.98 52.91
CA ILE LA 31 71.06 57.36 52.92
C ILE LA 31 71.85 58.14 51.88
N GLN LA 32 71.16 58.69 50.89
CA GLN LA 32 71.82 59.41 49.82
C GLN LA 32 72.34 60.75 50.33
N SER LA 33 73.19 61.39 49.51
CA SER LA 33 73.83 62.63 49.91
C SER LA 33 72.82 63.76 50.13
N ASP LA 34 71.63 63.66 49.55
CA ASP LA 34 70.61 64.68 49.72
C ASP LA 34 69.71 64.44 50.92
N GLY LA 35 69.97 63.40 51.71
CA GLY LA 35 69.17 63.08 52.87
C GLY LA 35 68.02 62.15 52.61
N SER LA 36 67.73 61.83 51.35
CA SER LA 36 66.65 60.91 51.04
C SER LA 36 67.03 59.49 51.42
N SER LA 37 66.07 58.74 51.95
CA SER LA 37 66.28 57.38 52.39
C SER LA 37 65.96 56.40 51.27
N THR LA 38 66.60 55.23 51.32
CA THR LA 38 66.38 54.19 50.32
C THR LA 38 65.54 53.06 50.93
N PRO LA 39 64.61 52.48 50.19
CA PRO LA 39 63.81 51.38 50.73
C PRO LA 39 64.70 50.22 51.17
N TYR LA 40 64.35 49.60 52.28
CA TYR LA 40 65.18 48.56 52.88
C TYR LA 40 65.05 47.27 52.08
N PRO LA 41 66.16 46.67 51.64
CA PRO LA 41 66.06 45.38 50.95
C PRO LA 41 65.62 44.28 51.90
N LYS LA 42 64.99 43.26 51.33
CA LYS LA 42 64.49 42.16 52.15
C LYS LA 42 65.65 41.42 52.81
N ASP LA 43 65.38 40.89 53.99
CA ASP LA 43 66.42 40.25 54.78
C ASP LA 43 66.90 38.97 54.09
N ILE LA 44 68.16 38.62 54.33
CA ILE LA 44 68.78 37.49 53.65
C ILE LA 44 68.56 36.19 54.41
N ASN LA 45 68.65 36.21 55.74
CA ASN LA 45 68.45 35.03 56.55
C ASN LA 45 67.00 34.82 56.95
N ASP LA 46 66.10 35.70 56.51
CA ASP LA 46 64.66 35.51 56.75
C ASP LA 46 64.06 34.71 55.59
N LEU LA 47 64.32 33.40 55.63
CA LEU LA 47 63.90 32.54 54.54
C LEU LA 47 62.39 32.53 54.38
N GLN LA 48 61.93 32.23 53.17
CA GLN LA 48 60.51 32.26 52.85
C GLN LA 48 60.13 31.12 51.93
N LEU LA 49 58.85 30.77 51.96
CA LEU LA 49 58.30 29.76 51.07
C LEU LA 49 58.36 30.22 49.62
N GLN LA 50 58.67 29.29 48.72
CA GLN LA 50 58.80 29.61 47.31
C GLN LA 50 58.35 28.42 46.45
N GLU LA 51 57.79 28.74 45.28
CA GLU LA 51 57.55 27.73 44.26
C GLU LA 51 58.84 27.43 43.51
N LEU LA 52 58.98 26.18 43.08
CA LEU LA 52 60.15 25.79 42.28
C LEU LA 52 59.87 24.55 41.45
N GLY LA 70 57.04 50.09 53.64
CA GLY LA 70 58.23 50.66 53.05
C GLY LA 70 59.16 51.25 54.09
N LYS LA 71 58.60 51.73 55.20
CA LYS LA 71 59.38 52.29 56.29
C LYS LA 71 59.95 51.24 57.22
N TYR LA 72 59.64 49.97 57.01
CA TYR LA 72 60.07 48.92 57.91
C TYR LA 72 61.56 48.72 57.82
N ARG LA 73 62.22 48.62 58.98
CA ARG LA 73 63.66 48.45 59.05
C ARG LA 73 63.99 47.57 60.24
N ASN LA 74 65.19 46.98 60.21
CA ASN LA 74 65.69 46.20 61.32
C ASN LA 74 67.09 46.65 61.74
N ASP LA 75 67.50 47.85 61.36
CA ASP LA 75 68.73 48.47 61.83
C ASP LA 75 68.39 49.73 62.61
N HIS LA 76 69.43 50.43 63.07
CA HIS LA 76 69.28 51.62 63.91
C HIS LA 76 70.11 52.76 63.35
N PRO LA 77 69.71 53.32 62.21
CA PRO LA 77 70.48 54.45 61.65
C PRO LA 77 70.24 55.73 62.42
N GLU LA 78 69.06 55.86 63.03
CA GLU LA 78 68.70 57.09 63.73
C GLU LA 78 69.53 57.31 64.99
N LEU LA 79 70.31 56.32 65.40
CA LEU LA 79 71.24 56.52 66.50
C LEU LA 79 72.26 57.60 66.20
N PHE LA 80 72.50 57.88 64.92
CA PHE LA 80 73.44 58.92 64.51
C PHE LA 80 72.79 60.04 63.71
N PHE LA 81 71.81 59.72 62.87
CA PHE LA 81 71.15 60.71 62.03
C PHE LA 81 69.80 61.09 62.65
N THR LA 82 69.48 62.38 62.58
CA THR LA 82 68.19 62.86 63.06
C THR LA 82 67.15 62.68 61.97
N LEU LA 83 66.13 61.88 62.23
CA LEU LA 83 65.10 61.58 61.24
C LEU LA 83 64.03 62.68 61.34
N SER LA 84 63.95 63.50 60.29
CA SER LA 84 62.99 64.59 60.27
C SER LA 84 61.59 64.06 59.94
N ASP LA 85 60.60 64.93 60.14
CA ASP LA 85 59.22 64.55 59.87
C ASP LA 85 58.97 64.29 58.39
N SER LA 86 59.85 64.75 57.50
CA SER LA 86 59.69 64.59 56.06
C SER LA 86 60.52 63.43 55.51
N ASN LA 87 60.88 62.47 56.37
CA ASN LA 87 61.67 61.31 55.94
C ASN LA 87 63.00 61.74 55.33
N THR LA 88 63.67 62.68 55.98
CA THR LA 88 65.00 63.13 55.58
C THR LA 88 65.95 62.99 56.76
N TYR LA 89 67.09 62.35 56.53
CA TYR LA 89 68.07 62.16 57.58
C TYR LA 89 69.06 63.31 57.60
N THR LA 90 69.65 63.55 58.77
CA THR LA 90 70.61 64.62 58.93
C THR LA 90 71.58 64.20 60.03
N PRO LA 91 72.89 64.26 59.79
CA PRO LA 91 73.83 63.81 60.82
C PRO LA 91 73.79 64.67 62.06
N ARG LA 92 74.14 64.06 63.19
CA ARG LA 92 74.28 64.77 64.46
C ARG LA 92 75.69 65.32 64.63
N SER LA 93 76.16 66.10 63.65
CA SER LA 93 77.54 66.55 63.61
C SER LA 93 77.62 68.04 63.88
N ILE LA 94 78.75 68.47 64.43
CA ILE LA 94 79.05 69.87 64.66
C ILE LA 94 80.45 70.14 64.11
N LEU LA 95 80.56 71.09 63.19
CA LEU LA 95 81.82 71.41 62.54
C LEU LA 95 82.37 72.71 63.10
N ILE LA 96 83.57 72.64 63.69
CA ILE LA 96 84.21 73.78 64.33
C ILE LA 96 85.59 73.95 63.72
N ASP LA 97 85.87 75.13 63.18
CA ASP LA 97 87.18 75.46 62.63
C ASP LA 97 87.16 76.94 62.28
N MET LA 98 88.24 77.41 61.66
CA MET LA 98 88.36 78.80 61.23
C MET LA 98 88.50 78.96 59.72
N GLU LA 99 89.25 78.08 59.06
CA GLU LA 99 89.38 78.15 57.61
C GLU LA 99 88.10 77.64 56.96
N PRO LA 100 87.45 78.43 56.09
CA PRO LA 100 86.17 77.98 55.51
C PRO LA 100 86.29 77.08 54.28
N SER LA 101 87.48 76.92 53.71
CA SER LA 101 87.61 76.11 52.50
C SER LA 101 87.26 74.65 52.75
N VAL LA 102 87.76 74.09 53.85
CA VAL LA 102 87.48 72.69 54.15
C VAL LA 102 86.00 72.49 54.44
N ILE LA 103 85.39 73.43 55.15
CA ILE LA 103 83.96 73.31 55.44
C ILE LA 103 83.15 73.42 54.16
N ALA LA 104 83.56 74.32 53.26
CA ALA LA 104 82.86 74.44 51.98
C ALA LA 104 82.94 73.13 51.20
N LYS LA 105 84.13 72.52 51.17
CA LYS LA 105 84.27 71.24 50.46
C LYS LA 105 83.41 70.16 51.12
N SER LA 106 83.40 70.11 52.45
CA SER LA 106 82.62 69.10 53.15
C SER LA 106 81.13 69.27 52.88
N THR LA 107 80.63 70.50 52.96
CA THR LA 107 79.22 70.75 52.73
C THR LA 107 78.83 70.45 51.28
N SER LA 108 79.68 70.84 50.33
CA SER LA 108 79.39 70.55 48.93
C SER LA 108 79.33 69.05 48.70
N ALA LA 109 80.26 68.29 49.28
CA ALA LA 109 80.23 66.84 49.11
C ALA LA 109 78.98 66.24 49.72
N LEU LA 110 78.57 66.73 50.89
CA LEU LA 110 77.40 66.23 51.62
C LEU LA 110 76.46 67.39 51.90
N PRO LA 111 75.52 67.68 51.00
CA PRO LA 111 74.54 68.74 51.29
C PRO LA 111 73.68 68.44 52.50
N MET LA 112 73.60 67.18 52.94
CA MET LA 112 72.76 66.83 54.07
C MET LA 112 73.18 67.51 55.35
N PHE LA 113 74.43 67.97 55.45
CA PHE LA 113 74.88 68.64 56.66
C PHE LA 113 74.04 69.89 56.90
N ASN LA 114 73.66 70.09 58.16
CA ASN LA 114 72.85 71.25 58.51
C ASN LA 114 73.70 72.50 58.51
N PRO LA 115 73.38 73.52 57.71
CA PRO LA 115 74.19 74.75 57.73
C PRO LA 115 74.25 75.40 59.10
N ARG LA 116 73.16 75.33 59.87
CA ARG LA 116 73.08 75.89 61.25
C ARG LA 116 74.19 75.31 62.13
N ASN LA 117 74.61 74.06 61.90
CA ASN LA 117 75.57 73.37 62.75
C ASN LA 117 77.01 73.77 62.50
N VAL LA 118 77.27 74.58 61.47
CA VAL LA 118 78.62 74.98 61.12
C VAL LA 118 78.99 76.24 61.89
N HIS LA 119 80.17 76.24 62.50
CA HIS LA 119 80.71 77.42 63.18
C HIS LA 119 82.03 77.80 62.53
N LEU LA 120 82.17 79.07 62.16
CA LEU LA 120 83.37 79.57 61.50
C LEU LA 120 83.87 80.81 62.23
N SER LA 121 85.19 80.88 62.39
CA SER LA 121 85.80 82.05 63.03
C SER LA 121 86.01 83.15 62.00
N ASN LA 129 98.10 79.20 64.92
CA ASN LA 129 99.19 78.23 65.04
C ASN LA 129 99.53 77.99 66.50
N ASN LA 130 99.59 79.08 67.27
CA ASN LA 130 99.89 78.96 68.69
C ASN LA 130 98.71 78.34 69.43
N TRP LA 131 99.01 77.37 70.30
CA TRP LA 131 97.96 76.71 71.06
C TRP LA 131 97.27 77.70 71.99
N ILE LA 132 98.05 78.58 72.62
CA ILE LA 132 97.48 79.54 73.57
C ILE LA 132 96.47 80.44 72.89
N ASN LA 133 96.78 80.90 71.67
CA ASN LA 133 95.86 81.79 70.97
C ASN LA 133 94.53 81.10 70.68
N GLY LA 134 94.58 79.86 70.21
CA GLY LA 134 93.35 79.13 69.96
C GLY LA 134 92.56 78.86 71.24
N TYR LA 135 93.27 78.53 72.33
CA TYR LA 135 92.60 78.29 73.60
C TYR LA 135 91.90 79.55 74.10
N LYS LA 136 92.58 80.70 73.98
CA LYS LA 136 91.97 81.95 74.41
C LYS LA 136 90.79 82.33 73.52
N TYR LA 137 90.90 82.07 72.22
CA TYR LA 137 89.78 82.32 71.32
C TYR LA 137 88.59 81.45 71.70
N GLY LA 138 88.83 80.18 72.01
CA GLY LA 138 87.74 79.32 72.45
C GLY LA 138 87.12 79.80 73.74
N THR LA 139 87.95 80.32 74.66
CA THR LA 139 87.41 80.85 75.91
C THR LA 139 86.55 82.07 75.67
N GLU LA 140 87.00 82.99 74.83
CA GLU LA 140 86.25 84.24 74.62
C GLU LA 140 84.90 83.96 73.97
N GLU LA 141 84.87 83.07 72.98
CA GLU LA 141 83.66 82.75 72.23
C GLU LA 141 83.01 81.45 72.70
N GLU LA 142 83.15 81.14 73.99
CA GLU LA 142 82.64 79.88 74.50
C GLU LA 142 81.11 79.84 74.52
N GLU LA 143 80.46 80.99 74.70
CA GLU LA 143 79.02 81.01 74.82
C GLU LA 143 78.33 80.53 73.55
N THR LA 144 78.83 80.97 72.38
CA THR LA 144 78.21 80.56 71.12
C THR LA 144 78.36 79.06 70.89
N LEU LA 145 79.58 78.54 71.09
CA LEU LA 145 79.79 77.11 70.91
C LEU LA 145 78.93 76.31 71.88
N LEU LA 146 78.82 76.80 73.12
CA LEU LA 146 77.99 76.12 74.11
C LEU LA 146 76.52 76.12 73.71
N ASN LA 147 76.05 77.24 73.16
CA ASN LA 147 74.68 77.27 72.67
C ASN LA 147 74.48 76.24 71.56
N LEU LA 148 75.46 76.09 70.69
CA LEU LA 148 75.35 75.09 69.63
C LEU LA 148 75.30 73.67 70.20
N ILE LA 149 76.15 73.37 71.19
CA ILE LA 149 76.14 72.06 71.80
C ILE LA 149 74.78 71.79 72.45
N ASP LA 150 74.25 72.77 73.16
CA ASP LA 150 72.94 72.59 73.79
C ASP LA 150 71.84 72.41 72.76
N ARG LA 151 71.92 73.12 71.63
CA ARG LA 151 70.92 72.92 70.59
C ARG LA 151 70.96 71.50 70.05
N GLU LA 152 72.16 70.97 69.81
CA GLU LA 152 72.25 69.60 69.32
C GLU LA 152 71.75 68.61 70.37
N VAL LA 153 72.06 68.84 71.65
CA VAL LA 153 71.62 67.91 72.68
C VAL LA 153 70.10 67.92 72.79
N ASP LA 154 69.48 69.09 72.63
CA ASP LA 154 68.04 69.18 72.82
C ASP LA 154 67.29 68.30 71.82
N LYS LA 155 67.88 68.02 70.66
CA LYS LA 155 67.27 67.11 69.70
C LYS LA 155 67.47 65.65 70.06
N CYS LA 156 68.25 65.36 71.09
CA CYS LA 156 68.58 64.00 71.49
C CYS LA 156 67.85 63.65 72.78
N ASP LA 157 67.20 62.49 72.79
CA ASP LA 157 66.56 61.95 73.99
C ASP LA 157 67.40 60.80 74.50
N ASN LA 158 67.72 60.82 75.79
CA ASN LA 158 68.56 59.80 76.40
C ASN LA 158 69.93 59.74 75.70
N LEU LA 159 70.65 60.84 75.80
CA LEU LA 159 71.97 60.92 75.20
C LEU LA 159 72.92 59.93 75.85
N SER LA 160 73.86 59.42 75.06
CA SER LA 160 74.79 58.40 75.53
C SER LA 160 76.23 58.90 75.62
N ASN LA 161 76.79 59.43 74.54
CA ASN LA 161 78.19 59.82 74.54
C ASN LA 161 78.44 60.83 73.44
N PHE LA 162 79.61 61.46 73.51
CA PHE LA 162 80.11 62.38 72.50
C PHE LA 162 81.31 61.78 71.79
N GLN LA 163 81.42 62.05 70.49
CA GLN LA 163 82.56 61.61 69.70
C GLN LA 163 83.29 62.84 69.18
N LEU LA 164 84.61 62.86 69.35
CA LEU LA 164 85.45 63.98 68.96
C LEU LA 164 86.45 63.53 67.91
N PHE LA 165 86.51 64.27 66.80
CA PHE LA 165 87.50 64.04 65.75
C PHE LA 165 88.38 65.26 65.67
N HIS LA 166 89.62 65.14 66.14
CA HIS LA 166 90.52 66.28 66.15
C HIS LA 166 91.95 65.77 66.14
N SER LA 167 92.87 66.66 65.75
CA SER LA 167 94.29 66.37 65.72
C SER LA 167 94.97 66.95 66.95
N VAL LA 168 95.82 66.15 67.59
CA VAL LA 168 96.47 66.60 68.81
C VAL LA 168 97.34 67.82 68.52
N ALA LA 169 98.08 67.80 67.42
CA ALA LA 169 98.90 68.92 66.99
C ALA LA 169 98.46 69.36 65.60
N GLY LA 170 98.63 70.66 65.33
CA GLY LA 170 98.24 71.19 64.04
C GLY LA 170 97.68 72.60 64.09
N GLY LA 171 97.41 73.11 65.30
CA GLY LA 171 96.95 74.48 65.43
C GLY LA 171 95.52 74.61 65.92
N THR LA 172 94.62 74.99 65.00
CA THR LA 172 93.23 75.24 65.39
C THR LA 172 92.65 74.05 66.14
N GLY LA 173 92.91 72.85 65.64
CA GLY LA 173 92.32 71.67 66.24
C GLY LA 173 92.74 71.49 67.68
N SER LA 174 94.01 71.69 68.00
CA SER LA 174 94.50 71.45 69.35
C SER LA 174 93.77 72.35 70.35
N GLY LA 175 93.91 73.67 70.18
CA GLY LA 175 93.34 74.58 71.15
C GLY LA 175 91.83 74.51 71.20
N VAL LA 176 91.18 74.51 70.03
CA VAL LA 176 89.72 74.55 70.02
C VAL LA 176 89.15 73.25 70.59
N GLY LA 177 89.74 72.11 70.21
CA GLY LA 177 89.27 70.85 70.74
C GLY LA 177 89.52 70.72 72.24
N SER LA 178 90.65 71.23 72.72
CA SER LA 178 90.90 71.18 74.16
C SER LA 178 89.88 72.02 74.92
N LYS LA 179 89.59 73.22 74.43
CA LYS LA 179 88.62 74.06 75.13
C LYS LA 179 87.23 73.45 75.07
N MET LA 180 86.84 72.88 73.91
CA MET LA 180 85.56 72.20 73.83
C MET LA 180 85.52 70.98 74.74
N LEU LA 181 86.64 70.27 74.87
CA LEU LA 181 86.71 69.14 75.79
C LEU LA 181 86.38 69.58 77.21
N GLU LA 182 87.06 70.65 77.67
CA GLU LA 182 86.80 71.11 79.03
C GLU LA 182 85.36 71.59 79.17
N VAL LA 183 84.87 72.34 78.19
CA VAL LA 183 83.52 72.90 78.29
C VAL LA 183 82.48 71.78 78.38
N ILE LA 184 82.58 70.79 77.50
CA ILE LA 184 81.61 69.70 77.52
C ILE LA 184 81.76 68.87 78.79
N SER LA 185 82.99 68.67 79.26
CA SER LA 185 83.19 67.87 80.45
C SER LA 185 82.53 68.49 81.66
N ASP LA 186 82.64 69.82 81.81
CA ASP LA 186 82.14 70.48 83.01
C ASP LA 186 80.73 71.04 82.89
N ARG LA 187 80.19 71.16 81.67
CA ARG LA 187 78.83 71.69 81.52
C ARG LA 187 77.75 70.66 81.78
N TYR LA 188 78.05 69.37 81.64
CA TYR LA 188 77.07 68.31 81.84
C TYR LA 188 77.39 67.44 83.05
N GLY LA 189 78.37 67.84 83.89
CA GLY LA 189 78.74 67.11 85.11
C GLY LA 189 79.37 65.75 84.84
N HIS LA 190 79.97 65.53 83.66
CA HIS LA 190 80.68 64.26 83.32
C HIS LA 190 79.71 63.07 83.39
N LYS LA 191 78.40 63.28 83.26
CA LYS LA 191 77.38 62.19 83.43
C LYS LA 191 77.31 61.34 82.16
N LYS LA 192 77.93 61.76 81.04
CA LYS LA 192 78.00 60.98 79.82
C LYS LA 192 79.45 60.81 79.42
N LEU LA 193 79.83 59.58 79.04
CA LEU LA 193 81.21 59.34 78.64
C LEU LA 193 81.51 60.09 77.34
N LEU LA 194 82.80 60.35 77.13
CA LEU LA 194 83.25 61.19 76.02
C LEU LA 194 84.47 60.55 75.39
N ASN LA 195 84.29 60.02 74.18
CA ASN LA 195 85.38 59.38 73.45
C ASN LA 195 86.27 60.44 72.82
N THR LA 196 87.30 59.99 72.10
CA THR LA 196 88.22 60.91 71.44
C THR LA 196 88.98 60.15 70.37
N PHE LA 197 88.74 60.50 69.11
CA PHE LA 197 89.45 59.89 67.98
C PHE LA 197 90.65 60.75 67.58
N SER LA 198 91.55 60.94 68.53
CA SER LA 198 92.69 61.82 68.33
C SER LA 198 93.64 61.25 67.29
N ILE LA 199 94.24 62.15 66.51
CA ILE LA 199 95.25 61.81 65.51
C ILE LA 199 96.56 62.45 65.94
N PHE LA 200 97.57 61.64 66.15
CA PHE LA 200 98.83 62.19 66.60
C PHE LA 200 99.67 62.66 65.42
N PRO LA 201 100.51 63.67 65.60
CA PRO LA 201 101.36 64.15 64.50
C PRO LA 201 102.43 63.13 64.14
N SER LA 202 102.87 63.19 62.90
CA SER LA 202 103.93 62.30 62.41
C SER LA 202 105.29 62.76 62.93
N VAL LA 209 107.92 70.99 63.26
CA VAL LA 209 107.99 72.43 63.50
C VAL LA 209 108.15 72.67 65.00
N VAL LA 210 108.76 73.79 65.36
CA VAL LA 210 109.14 74.03 66.74
C VAL LA 210 107.93 74.02 67.66
N VAL LA 211 106.76 74.39 67.16
CA VAL LA 211 105.58 74.52 68.02
C VAL LA 211 104.83 73.21 68.20
N GLN LA 212 105.08 72.21 67.36
CA GLN LA 212 104.26 71.00 67.41
C GLN LA 212 104.39 70.23 68.72
N PRO LA 213 105.59 70.00 69.26
CA PRO LA 213 105.66 69.24 70.53
C PRO LA 213 104.94 69.92 71.68
N TYR LA 214 105.02 71.26 71.74
CA TYR LA 214 104.30 71.99 72.77
C TYR LA 214 102.81 71.72 72.67
N ASN LA 215 102.28 71.79 71.44
CA ASN LA 215 100.86 71.56 71.22
C ASN LA 215 100.48 70.14 71.61
N THR LA 216 101.31 69.18 71.23
CA THR LA 216 101.00 67.78 71.54
C THR LA 216 100.90 67.55 73.04
N ILE LA 217 101.88 68.06 73.80
CA ILE LA 217 101.84 67.85 75.25
C ILE LA 217 100.69 68.60 75.87
N LEU LA 218 100.44 69.83 75.41
CA LEU LA 218 99.40 70.65 76.03
C LEU LA 218 98.03 70.01 75.82
N THR LA 219 97.78 69.48 74.62
CA THR LA 219 96.51 68.82 74.36
C THR LA 219 96.42 67.49 75.09
N LEU LA 220 97.53 66.75 75.18
CA LEU LA 220 97.48 65.46 75.86
C LEU LA 220 97.18 65.64 77.34
N LYS LA 221 97.54 66.79 77.91
CA LYS LA 221 97.20 67.04 79.32
C LYS LA 221 95.69 67.02 79.52
N ARG LA 222 94.95 67.73 78.67
CA ARG LA 222 93.49 67.72 78.77
C ARG LA 222 92.90 66.38 78.33
N LEU LA 223 93.56 65.67 77.42
CA LEU LA 223 93.08 64.32 77.10
C LEU LA 223 93.13 63.44 78.33
N ILE LA 224 94.21 63.53 79.11
CA ILE LA 224 94.28 62.77 80.36
C ILE LA 224 93.18 63.23 81.32
N ASP LA 225 93.00 64.54 81.45
CA ASP LA 225 92.08 65.03 82.48
C ASP LA 225 90.63 64.69 82.17
N TYR LA 226 90.18 64.90 80.94
CA TYR LA 226 88.76 64.88 80.62
C TYR LA 226 88.30 63.67 79.83
N SER LA 227 89.04 63.26 78.80
CA SER LA 227 88.56 62.21 77.91
C SER LA 227 88.37 60.89 78.68
N ASP LA 228 87.37 60.13 78.27
CA ASP LA 228 87.06 58.85 78.89
C ASP LA 228 87.68 57.67 78.18
N ALA LA 229 87.93 57.78 76.87
CA ALA LA 229 88.55 56.69 76.12
C ALA LA 229 89.12 57.28 74.84
N THR LA 230 90.43 57.13 74.64
CA THR LA 230 91.12 57.78 73.54
C THR LA 230 91.62 56.73 72.55
N PHE LA 231 91.30 56.92 71.28
CA PHE LA 231 91.79 56.07 70.20
C PHE LA 231 93.01 56.76 69.59
N VAL LA 232 94.20 56.25 69.90
CA VAL LA 232 95.44 56.86 69.43
C VAL LA 232 95.70 56.41 68.00
N PHE LA 233 95.84 57.37 67.09
CA PHE LA 233 96.20 57.11 65.71
C PHE LA 233 97.48 57.88 65.39
N HIS LA 234 98.48 57.18 64.86
CA HIS LA 234 99.77 57.76 64.54
C HIS LA 234 99.91 57.84 63.03
N ASN LA 235 100.22 59.04 62.53
CA ASN LA 235 100.26 59.26 61.09
C ASN LA 235 101.36 58.44 60.43
N ASP LA 236 102.51 58.30 61.09
CA ASP LA 236 103.60 57.53 60.50
C ASP LA 236 103.20 56.07 60.31
N SER LA 237 102.57 55.46 61.32
CA SER LA 237 102.12 54.08 61.17
C SER LA 237 101.00 53.99 60.14
N LEU LA 238 100.17 55.02 60.04
CA LEU LA 238 99.13 55.02 59.01
C LEU LA 238 99.74 55.04 57.62
N ASN LA 239 100.83 55.81 57.45
CA ASN LA 239 101.54 55.80 56.18
C ASN LA 239 102.19 54.45 55.92
N ARG LA 240 102.70 53.80 56.97
CA ARG LA 240 103.27 52.47 56.83
C ARG LA 240 102.23 51.48 56.31
N ILE LA 241 101.01 51.54 56.85
CA ILE LA 241 99.96 50.66 56.37
C ILE LA 241 99.54 51.03 54.96
N GLU LA 242 99.47 52.32 54.66
CA GLU LA 242 98.91 52.74 53.38
C GLU LA 242 99.76 52.25 52.21
N ASN LA 243 101.08 52.38 52.31
CA ASN LA 243 101.94 52.06 51.17
C ASN LA 243 101.89 50.59 50.79
N ILE LA 244 101.39 49.73 51.68
CA ILE LA 244 101.27 48.31 51.37
C ILE LA 244 100.16 48.11 50.34
N GLY LA 262 93.16 57.97 51.17
CA GLY LA 262 94.49 58.20 51.72
C GLY LA 262 94.61 57.79 53.17
N ALA LA 263 95.41 58.54 53.93
CA ALA LA 263 95.59 58.22 55.34
C ALA LA 263 94.32 58.46 56.14
N ASN LA 264 93.48 59.41 55.72
CA ASN LA 264 92.24 59.69 56.44
C ASN LA 264 91.20 58.61 56.21
N LYS LA 265 91.26 57.93 55.06
CA LYS LA 265 90.28 56.89 54.77
C LYS LA 265 90.39 55.74 55.78
N LEU LA 266 91.60 55.38 56.17
CA LEU LA 266 91.77 54.31 57.14
C LEU LA 266 91.18 54.71 58.49
N ILE LA 267 91.40 55.95 58.91
CA ILE LA 267 90.83 56.43 60.17
C ILE LA 267 89.31 56.41 60.09
N ALA LA 268 88.76 56.85 58.96
CA ALA LA 268 87.31 56.83 58.81
C ALA LA 268 86.78 55.40 58.87
N LEU LA 269 87.46 54.47 58.22
CA LEU LA 269 87.01 53.09 58.23
C LEU LA 269 87.02 52.51 59.64
N VAL LA 270 88.10 52.76 60.39
CA VAL LA 270 88.18 52.23 61.74
C VAL LA 270 87.10 52.83 62.62
N SER LA 271 86.92 54.16 62.54
CA SER LA 271 85.92 54.82 63.38
C SER LA 271 84.51 54.37 63.04
N ALA LA 272 84.21 54.20 61.76
CA ALA LA 272 82.89 53.76 61.34
C ALA LA 272 82.66 52.27 61.54
N SER LA 273 83.72 51.48 61.75
CA SER LA 273 83.56 50.08 62.06
C SER LA 273 83.54 49.80 63.55
N VAL LA 274 84.03 50.72 64.38
CA VAL LA 274 83.94 50.52 65.83
C VAL LA 274 82.49 50.42 66.27
N SER LA 275 81.63 51.29 65.74
CA SER LA 275 80.25 51.37 66.16
C SER LA 275 79.33 50.47 65.35
N ASN LA 276 79.86 49.42 64.72
CA ASN LA 276 79.00 48.53 63.96
C ASN LA 276 77.96 47.84 64.83
N PRO LA 277 78.28 47.30 66.01
CA PRO LA 277 77.24 46.68 66.83
C PRO LA 277 76.14 47.65 67.24
N LEU LA 278 76.45 48.94 67.36
CA LEU LA 278 75.42 49.90 67.75
C LEU LA 278 74.41 50.11 66.64
N ARG LA 279 74.88 50.24 65.40
CA ARG LA 279 73.99 50.51 64.28
C ARG LA 279 73.30 49.26 63.76
N PHE LA 280 73.85 48.08 64.01
CA PHE LA 280 73.23 46.81 63.65
C PHE LA 280 73.20 45.93 64.90
N PRO LA 281 72.21 46.12 65.77
CA PRO LA 281 72.27 45.48 67.09
C PRO LA 281 72.32 43.97 67.00
N GLY LA 282 73.05 43.37 67.93
CA GLY LA 282 73.18 41.93 68.03
C GLY LA 282 73.01 41.44 69.45
N TYR LA 283 73.47 40.23 69.74
CA TYR LA 283 73.29 39.68 71.07
C TYR LA 283 74.03 40.50 72.12
N MET LA 284 75.26 40.89 71.86
CA MET LA 284 76.13 41.50 72.84
C MET LA 284 76.34 42.99 72.54
N TYR LA 285 76.80 43.70 73.56
CA TYR LA 285 77.15 45.12 73.42
C TYR LA 285 75.95 45.95 72.99
N SER LA 286 75.96 46.47 71.76
CA SER LA 286 74.93 47.38 71.26
C SER LA 286 74.87 48.67 72.04
N SER LA 287 75.86 48.95 72.89
CA SER LA 287 75.92 50.19 73.64
C SER LA 287 77.38 50.64 73.70
N MET LA 288 77.61 51.93 73.48
CA MET LA 288 78.99 52.43 73.42
C MET LA 288 79.67 52.31 74.77
N GLU LA 289 78.94 52.50 75.87
CA GLU LA 289 79.53 52.35 77.19
C GLU LA 289 79.96 50.91 77.43
N SER LA 290 79.20 49.94 76.91
CA SER LA 290 79.53 48.53 77.14
C SER LA 290 80.80 48.13 76.39
N ILE LA 291 81.00 48.65 75.18
CA ILE LA 291 82.20 48.32 74.44
C ILE LA 291 83.43 48.91 75.12
N VAL LA 292 83.37 50.18 75.51
CA VAL LA 292 84.52 50.82 76.13
C VAL LA 292 84.83 50.19 77.48
N SER LA 293 83.78 49.91 78.27
CA SER LA 293 84.00 49.37 79.61
C SER LA 293 84.72 48.03 79.59
N ASN LA 294 84.69 47.33 78.46
CA ASN LA 294 85.33 46.03 78.37
C ASN LA 294 86.82 46.10 78.12
N LEU LA 295 87.37 47.29 77.87
CA LEU LA 295 88.78 47.45 77.54
C LEU LA 295 89.52 48.40 78.46
N ILE LA 296 88.84 49.05 79.42
CA ILE LA 296 89.44 50.03 80.28
C ILE LA 296 89.30 49.54 81.73
N PRO LA 297 90.35 48.92 82.28
CA PRO LA 297 90.23 48.37 83.63
C PRO LA 297 90.22 49.44 84.71
N THR LA 298 91.00 50.49 84.53
CA THR LA 298 91.07 51.60 85.47
C THR LA 298 91.02 52.91 84.68
N PRO LA 299 90.63 54.01 85.33
CA PRO LA 299 90.55 55.28 84.59
C PRO LA 299 91.86 55.68 83.95
N ASP LA 300 93.00 55.31 84.55
CA ASP LA 300 94.29 55.73 84.01
C ASP LA 300 94.62 55.01 82.71
N LEU LA 301 94.37 53.70 82.65
CA LEU LA 301 94.70 52.90 81.47
C LEU LA 301 93.60 53.03 80.41
N LYS LA 302 93.38 54.26 79.98
CA LYS LA 302 92.26 54.57 79.09
C LYS LA 302 92.65 54.69 77.63
N PHE LA 303 93.93 54.67 77.29
CA PHE LA 303 94.36 54.91 75.92
C PHE LA 303 94.29 53.60 75.13
N LEU LA 304 93.41 53.56 74.14
CA LEU LA 304 93.25 52.39 73.29
C LEU LA 304 93.97 52.62 71.96
N THR LA 305 94.29 51.51 71.29
CA THR LA 305 94.85 51.52 69.96
C THR LA 305 94.13 50.49 69.11
N SER LA 306 94.12 50.72 67.80
CA SER LA 306 93.33 49.93 66.88
C SER LA 306 94.20 49.30 65.80
N SER LA 307 93.83 48.08 65.42
CA SER LA 307 94.46 47.37 64.32
C SER LA 307 93.42 47.17 63.20
N ILE LA 308 93.89 47.26 61.96
CA ILE LA 308 93.02 47.23 60.80
C ILE LA 308 93.52 46.17 59.82
N ALA LA 309 92.61 45.34 59.33
CA ALA LA 309 92.94 44.36 58.29
C ALA LA 309 92.80 45.04 56.94
N PRO LA 310 93.89 45.26 56.19
CA PRO LA 310 93.79 46.10 54.99
C PRO LA 310 93.03 45.47 53.84
N PHE LA 311 93.13 44.15 53.67
CA PHE LA 311 92.75 43.50 52.41
C PHE LA 311 91.26 43.19 52.34
N SER LA 312 90.43 44.23 52.48
CA SER LA 312 88.99 44.08 52.40
C SER LA 312 88.49 43.94 50.96
N THR LA 313 89.29 44.30 49.96
CA THR LA 313 88.79 44.32 48.57
C THR LA 313 89.64 43.53 47.58
N GLN LA 314 90.95 43.41 47.80
CA GLN LA 314 91.79 42.72 46.84
C GLN LA 314 91.33 41.27 46.67
N LYS LA 315 91.38 40.77 45.44
CA LYS LA 315 90.82 39.45 45.17
C LYS LA 315 91.58 38.31 45.88
N HIS LA 316 92.71 38.59 46.50
CA HIS LA 316 93.40 37.62 47.34
C HIS LA 316 93.04 37.78 48.81
N ASN LA 317 91.78 38.14 49.08
CA ASN LA 317 91.30 38.38 50.42
C ASN LA 317 91.42 37.12 51.28
N TYR LA 318 91.16 37.31 52.58
CA TYR LA 318 91.27 36.23 53.54
C TYR LA 318 90.34 35.06 53.21
N LEU LA 319 90.86 33.84 53.40
CA LEU LA 319 90.11 32.65 53.01
C LEU LA 319 88.84 32.51 53.85
N ASN LA 320 88.93 32.76 55.15
CA ASN LA 320 87.84 32.48 56.07
C ASN LA 320 88.08 33.25 57.36
N GLU LA 321 87.16 33.08 58.32
CA GLU LA 321 87.28 33.79 59.59
C GLU LA 321 88.50 33.33 60.37
N TYR LA 322 88.83 32.04 60.28
CA TYR LA 322 89.97 31.51 61.03
C TYR LA 322 91.27 32.20 60.62
N ASP LA 323 91.46 32.40 59.31
CA ASP LA 323 92.67 33.07 58.85
C ASP LA 323 92.71 34.51 59.33
N MET LA 324 91.59 35.23 59.24
CA MET LA 324 91.59 36.64 59.62
C MET LA 324 91.81 36.81 61.12
N LEU LA 325 91.29 35.89 61.93
CA LEU LA 325 91.52 35.98 63.37
C LEU LA 325 93.01 35.93 63.67
N LEU LA 326 93.76 35.08 62.98
CA LEU LA 326 95.20 35.02 63.19
C LEU LA 326 95.90 36.24 62.60
N GLU LA 327 95.45 36.71 61.44
CA GLU LA 327 96.15 37.81 60.80
C GLU LA 327 95.94 39.13 61.53
N LEU LA 328 94.84 39.26 62.27
CA LEU LA 328 94.58 40.53 62.95
C LEU LA 328 95.62 40.82 64.01
N SER LA 329 96.16 39.78 64.66
CA SER LA 329 97.14 40.00 65.72
C SER LA 329 98.49 40.48 65.20
N ASN LA 330 98.70 40.47 63.89
CA ASN LA 330 99.98 40.90 63.33
C ASN LA 330 100.29 42.33 63.71
N ASP LA 331 101.56 42.60 63.98
CA ASP LA 331 101.99 43.93 64.39
C ASP LA 331 102.26 44.87 63.22
N ARG LA 332 102.25 44.36 61.99
CA ARG LA 332 102.54 45.21 60.83
C ARG LA 332 101.32 46.00 60.36
N TYR LA 333 100.13 45.72 60.88
CA TYR LA 333 98.92 46.43 60.48
C TYR LA 333 98.29 47.20 61.63
N LYS LA 334 98.96 47.28 62.78
CA LYS LA 334 98.47 48.14 63.85
C LYS LA 334 98.72 49.60 63.51
N THR LA 335 97.82 50.46 63.97
CA THR LA 335 97.92 51.89 63.70
C THR LA 335 98.87 52.60 64.64
N ASN LA 336 99.48 51.89 65.58
CA ASN LA 336 100.47 52.45 66.49
C ASN LA 336 101.66 51.52 66.51
N ARG LA 337 102.87 52.10 66.45
CA ARG LA 337 104.09 51.30 66.39
C ARG LA 337 104.25 50.53 67.70
N VAL LA 338 104.27 49.21 67.61
CA VAL LA 338 104.31 48.33 68.77
C VAL LA 338 105.50 47.38 68.63
N SER LA 339 106.28 47.26 69.70
CA SER LA 339 107.43 46.38 69.72
C SER LA 339 107.08 44.98 70.18
N GLY LA 340 108.12 44.16 70.31
CA GLY LA 340 107.94 42.77 70.74
C GLY LA 340 107.84 42.58 72.24
N ASP LA 341 108.15 43.61 73.02
CA ASP LA 341 108.03 43.54 74.48
C ASP LA 341 106.64 43.93 74.96
N THR LA 342 105.71 44.19 74.04
CA THR LA 342 104.37 44.63 74.42
C THR LA 342 103.64 43.54 75.20
N SER LA 343 102.64 43.97 75.96
CA SER LA 343 101.71 43.09 76.63
C SER LA 343 100.31 43.67 76.53
N TYR LA 344 99.32 42.82 76.34
CA TYR LA 344 97.95 43.25 76.08
C TYR LA 344 97.15 43.21 77.38
N ILE LA 345 96.44 44.29 77.67
CA ILE LA 345 95.56 44.32 78.83
C ILE LA 345 94.16 43.84 78.47
N SER LA 346 93.67 44.12 77.27
CA SER LA 346 92.35 43.69 76.85
C SER LA 346 92.35 43.44 75.34
N MET LA 347 91.44 42.57 74.92
CA MET LA 347 91.34 42.14 73.53
C MET LA 347 89.91 42.28 73.04
N LEU LA 348 89.75 42.75 71.81
CA LEU LA 348 88.43 42.83 71.19
C LEU LA 348 88.61 42.76 69.69
N ASN LA 349 87.93 41.80 69.05
CA ASN LA 349 88.02 41.57 67.61
C ASN LA 349 86.66 41.75 66.98
N TYR LA 350 86.61 42.48 65.87
CA TYR LA 350 85.37 42.70 65.14
C TYR LA 350 85.37 41.84 63.88
N LEU LA 351 84.25 41.16 63.64
CA LEU LA 351 84.04 40.39 62.42
C LEU LA 351 82.76 40.89 61.77
N ILE LA 352 82.82 41.17 60.46
CA ILE LA 352 81.70 41.73 59.73
C ILE LA 352 81.48 40.87 58.49
N GLY LA 353 80.42 40.07 58.49
CA GLY LA 353 80.12 39.23 57.34
C GLY LA 353 78.79 38.54 57.53
N ASP LA 354 78.36 37.92 56.45
CA ASP LA 354 77.08 37.19 56.50
C ASP LA 354 77.34 35.77 56.97
N ASN LA 355 76.53 35.26 57.89
CA ASN LA 355 76.52 33.86 58.34
C ASN LA 355 77.93 33.33 58.55
N LEU LA 356 78.62 33.94 59.51
CA LEU LA 356 79.97 33.50 59.84
C LEU LA 356 79.97 32.08 60.37
N ASP LA 357 81.00 31.32 60.02
CA ASP LA 357 81.12 29.95 60.51
C ASP LA 357 81.58 29.94 61.96
N GLN LA 358 80.78 29.33 62.83
CA GLN LA 358 81.10 29.32 64.25
C GLN LA 358 82.32 28.45 64.55
N ARG LA 359 82.49 27.34 63.82
CA ARG LA 359 83.62 26.46 64.07
C ARG LA 359 84.94 27.19 63.84
N GLU LA 360 85.03 27.95 62.75
CA GLU LA 360 86.25 28.67 62.44
C GLU LA 360 86.54 29.72 63.50
N ILE LA 361 85.51 30.45 63.95
CA ILE LA 361 85.73 31.47 64.96
C ILE LA 361 86.20 30.85 66.26
N ARG LA 362 85.57 29.75 66.69
CA ARG LA 362 85.98 29.11 67.93
C ARG LA 362 87.43 28.64 67.86
N LYS LA 363 87.80 27.97 66.75
CA LYS LA 363 89.16 27.49 66.61
C LYS LA 363 90.16 28.64 66.55
N GLY LA 364 89.78 29.73 65.87
CA GLY LA 364 90.68 30.87 65.79
C GLY LA 364 90.89 31.54 67.13
N ILE LA 365 89.82 31.68 67.92
CA ILE LA 365 89.98 32.23 69.26
C ILE LA 365 90.89 31.34 70.09
N LEU LA 366 90.70 30.03 70.02
CA LEU LA 366 91.54 29.13 70.80
C LEU LA 366 93.01 29.25 70.41
N LYS LA 367 93.29 29.31 69.12
CA LYS LA 367 94.68 29.42 68.69
C LYS LA 367 95.27 30.77 69.04
N SER LA 368 94.51 31.85 68.88
CA SER LA 368 95.03 33.19 69.13
C SER LA 368 95.21 33.47 70.62
N GLN LA 369 94.48 32.77 71.48
CA GLN LA 369 94.63 33.01 72.91
C GLN LA 369 96.03 32.68 73.40
N GLN LA 370 96.60 31.59 72.90
CA GLN LA 370 97.94 31.19 73.34
C GLN LA 370 99.01 32.17 72.84
N ARG LA 371 98.87 32.64 71.60
CA ARG LA 371 99.90 33.49 71.01
C ARG LA 371 100.02 34.82 71.74
N ILE LA 372 98.89 35.40 72.17
CA ILE LA 372 98.90 36.73 72.75
C ILE LA 372 99.52 36.69 74.13
N SER LA 373 100.38 37.66 74.43
CA SER LA 373 101.03 37.77 75.73
C SER LA 373 100.20 38.69 76.62
N PHE LA 374 99.43 38.10 77.52
CA PHE LA 374 98.56 38.87 78.39
C PHE LA 374 99.32 39.40 79.60
N VAL LA 375 98.86 40.52 80.13
CA VAL LA 375 99.46 41.10 81.34
C VAL LA 375 99.26 40.12 82.50
N PRO LA 376 100.22 39.94 83.41
CA PRO LA 376 100.09 38.86 84.40
C PRO LA 376 98.80 38.89 85.21
N TRP LA 377 98.33 40.07 85.60
CA TRP LA 377 97.19 40.18 86.51
C TRP LA 377 95.84 40.25 85.79
N VAL LA 378 95.83 40.13 84.47
CA VAL LA 378 94.60 40.08 83.69
C VAL LA 378 94.40 38.66 83.19
N ALA LA 379 93.21 38.11 83.40
CA ALA LA 379 92.92 36.76 82.92
C ALA LA 379 92.94 36.72 81.39
N ARG LA 380 93.42 35.61 80.86
CA ARG LA 380 93.51 35.42 79.42
C ARG LA 380 92.10 35.41 78.84
N SER LA 381 91.74 36.47 78.11
CA SER LA 381 90.39 36.63 77.57
C SER LA 381 90.49 37.30 76.21
N VAL LA 382 89.96 36.64 75.19
CA VAL LA 382 89.86 37.19 73.83
C VAL LA 382 88.39 37.16 73.44
N LEU LA 383 87.87 38.30 73.00
CA LEU LA 383 86.47 38.45 72.65
C LEU LA 383 86.33 38.81 71.18
N VAL LA 384 85.35 38.21 70.51
CA VAL LA 384 85.10 38.43 69.09
C VAL LA 384 83.68 38.96 68.95
N VAL LA 385 83.52 40.03 68.19
CA VAL LA 385 82.22 40.65 67.95
C VAL LA 385 81.70 40.17 66.60
N HIS LA 386 80.56 39.49 66.62
CA HIS LA 386 79.95 38.97 65.40
C HIS LA 386 79.04 40.04 64.81
N GLY LA 387 79.66 41.03 64.17
CA GLY LA 387 78.90 42.09 63.55
C GLY LA 387 78.14 41.62 62.33
N LYS LA 388 77.17 42.42 61.92
CA LYS LA 388 76.35 42.15 60.74
C LYS LA 388 76.70 43.13 59.64
N LYS LA 389 76.95 42.61 58.44
CA LYS LA 389 77.25 43.46 57.30
C LYS LA 389 75.98 44.17 56.84
N SER LA 390 76.14 45.41 56.40
CA SER LA 390 75.00 46.18 55.94
C SER LA 390 74.43 45.55 54.68
N PRO LA 391 73.11 45.31 54.61
CA PRO LA 391 72.56 44.71 53.39
C PRO LA 391 72.70 45.59 52.16
N TYR LA 392 72.92 46.89 52.34
CA TYR LA 392 73.05 47.78 51.20
C TYR LA 392 74.38 47.57 50.48
N LEU LA 393 75.40 47.09 51.18
CA LEU LA 393 76.70 46.90 50.57
C LEU LA 393 76.70 45.65 49.70
N LYS LA 394 77.12 45.79 48.45
CA LYS LA 394 77.18 44.66 47.54
C LYS LA 394 78.37 43.76 47.86
N ASN LA 395 79.50 44.35 48.28
CA ASN LA 395 80.68 43.58 48.62
C ASN LA 395 80.31 42.53 49.65
N THR LA 396 80.67 41.28 49.36
CA THR LA 396 80.39 40.17 50.26
C THR LA 396 81.62 39.75 51.07
N ASN LA 397 82.79 40.33 50.78
CA ASN LA 397 83.99 40.00 51.51
C ASN LA 397 83.87 40.46 52.96
N LEU LA 398 84.57 39.74 53.85
CA LEU LA 398 84.59 40.12 55.25
C LEU LA 398 85.46 41.35 55.48
N GLU LA 399 85.16 42.06 56.54
CA GLU LA 399 86.04 43.07 57.10
C GLU LA 399 86.21 42.80 58.59
N GLY LA 400 87.36 43.16 59.12
CA GLY LA 400 87.59 42.94 60.53
C GLY LA 400 88.53 43.97 61.14
N ILE LA 401 88.10 44.61 62.21
CA ILE LA 401 88.87 45.63 62.91
C ILE LA 401 89.13 45.12 64.32
N GLN LA 402 90.36 45.26 64.79
CA GLN LA 402 90.74 44.85 66.14
C GLN LA 402 91.10 46.08 66.95
N VAL LA 403 90.54 46.16 68.16
CA VAL LA 403 90.80 47.25 69.10
C VAL LA 403 91.47 46.66 70.32
N THR LA 404 92.59 47.24 70.73
CA THR LA 404 93.42 46.69 71.79
C THR LA 404 93.83 47.76 72.77
N ASN LA 405 94.09 47.33 74.01
CA ASN LA 405 94.61 48.18 75.07
C ASN LA 405 95.91 47.54 75.57
N ASN LA 406 97.01 47.83 74.89
CA ASN LA 406 98.31 47.23 75.21
C ASN LA 406 99.18 48.26 75.93
N THR LA 407 100.40 47.83 76.27
CA THR LA 407 101.35 48.66 76.99
C THR LA 407 102.36 49.34 76.07
N SER LA 408 102.10 49.36 74.76
CA SER LA 408 102.99 50.04 73.83
C SER LA 408 102.97 51.55 73.99
N MET LA 409 102.01 52.08 74.76
CA MET LA 409 101.96 53.53 74.97
C MET LA 409 103.17 54.05 75.71
N ILE LA 410 103.92 53.19 76.39
CA ILE LA 410 105.10 53.64 77.11
C ILE LA 410 106.09 54.28 76.14
N ASP LA 411 106.35 53.62 75.01
CA ASP LA 411 107.33 54.16 74.07
C ASP LA 411 106.82 55.42 73.36
N VAL LA 412 105.53 55.46 73.02
CA VAL LA 412 105.01 56.60 72.27
C VAL LA 412 105.07 57.86 73.12
N PHE LA 413 104.56 57.79 74.34
CA PHE LA 413 104.60 58.94 75.22
C PHE LA 413 106.02 59.25 75.64
N THR LA 414 106.91 58.25 75.66
CA THR LA 414 108.32 58.53 75.91
C THR LA 414 108.92 59.38 74.79
N LYS LA 415 108.60 59.07 73.54
CA LYS LA 415 109.10 59.88 72.43
C LYS LA 415 108.55 61.30 72.53
N ILE LA 416 107.26 61.42 72.83
CA ILE LA 416 106.67 62.76 72.95
C ILE LA 416 107.35 63.54 74.07
N LEU LA 417 107.57 62.88 75.21
CA LEU LA 417 108.17 63.53 76.36
C LEU LA 417 109.60 63.95 76.05
N LYS LA 418 110.37 63.10 75.38
CA LYS LA 418 111.75 63.44 75.05
C LYS LA 418 111.80 64.64 74.11
N GLN LA 419 110.95 64.67 73.09
CA GLN LA 419 110.94 65.81 72.19
C GLN LA 419 110.54 67.08 72.93
N PHE LA 420 109.55 66.99 73.82
CA PHE LA 420 109.16 68.16 74.60
C PHE LA 420 110.30 68.65 75.47
N ASP LA 421 111.00 67.73 76.13
CA ASP LA 421 112.11 68.13 77.00
C ASP LA 421 113.22 68.80 76.19
N LEU LA 422 113.52 68.27 75.01
CA LEU LA 422 114.52 68.90 74.16
C LEU LA 422 114.09 70.30 73.76
N LEU LA 423 112.82 70.48 73.38
CA LEU LA 423 112.39 71.79 72.91
C LEU LA 423 112.33 72.81 74.04
N ILE LA 424 112.02 72.39 75.27
CA ILE LA 424 111.91 73.36 76.35
C ILE LA 424 113.24 74.05 76.59
N LYS LA 425 114.34 73.29 76.56
CA LYS LA 425 115.66 73.86 76.76
C LYS LA 425 116.02 74.80 75.62
N GLU LA 440 102.96 85.44 79.76
CA GLU LA 440 103.43 85.53 81.14
C GLU LA 440 103.95 84.18 81.61
N ASN LA 441 104.44 84.14 82.85
CA ASN LA 441 104.99 82.90 83.40
C ASN LA 441 103.93 81.82 83.56
N GLU LA 442 102.64 82.18 83.49
CA GLU LA 442 101.59 81.20 83.71
C GLU LA 442 101.72 80.01 82.77
N VAL LA 443 102.09 80.28 81.50
CA VAL LA 443 102.14 79.21 80.52
C VAL LA 443 103.20 78.19 80.88
N MET LA 444 104.35 78.63 81.40
CA MET LA 444 105.39 77.69 81.77
C MET LA 444 104.94 76.80 82.91
N GLU LA 445 104.12 77.33 83.83
CA GLU LA 445 103.54 76.48 84.85
C GLU LA 445 102.64 75.42 84.24
N MET LA 446 101.84 75.80 83.24
CA MET LA 446 101.02 74.81 82.55
C MET LA 446 101.87 73.76 81.86
N PHE LA 447 103.00 74.17 81.28
CA PHE LA 447 103.91 73.21 80.67
C PHE LA 447 104.44 72.22 81.71
N ASN LA 448 104.84 72.72 82.87
CA ASN LA 448 105.30 71.84 83.95
C ASN LA 448 104.19 70.88 84.37
N GLU LA 449 102.97 71.39 84.49
CA GLU LA 449 101.84 70.55 84.88
C GLU LA 449 101.58 69.47 83.84
N SER LA 450 101.68 69.80 82.55
CA SER LA 450 101.49 68.80 81.51
C SER LA 450 102.59 67.75 81.57
N ARG LA 451 103.83 68.18 81.84
CA ARG LA 451 104.93 67.23 81.96
C ARG LA 451 104.68 66.25 83.10
N GLU LA 452 104.23 66.77 84.25
CA GLU LA 452 103.98 65.92 85.40
C GLU LA 452 102.78 65.01 85.19
N SER LA 453 101.73 65.51 84.53
CA SER LA 453 100.57 64.68 84.25
C SER LA 453 100.92 63.54 83.31
N VAL LA 454 101.70 63.82 82.27
CA VAL LA 454 102.12 62.76 81.35
C VAL LA 454 102.97 61.72 82.07
N LYS LA 455 103.90 62.17 82.91
CA LYS LA 455 104.67 61.21 83.69
C LYS LA 455 103.79 60.38 84.60
N SER LA 456 102.67 60.95 85.06
CA SER LA 456 101.78 60.26 85.98
C SER LA 456 101.17 59.01 85.37
N ILE LA 457 101.06 58.94 84.04
CA ILE LA 457 100.61 57.73 83.36
C ILE LA 457 101.76 56.97 82.71
N ILE LA 458 102.89 57.63 82.44
CA ILE LA 458 104.08 56.88 82.03
C ILE LA 458 104.43 55.85 83.09
N ASP LA 459 104.63 56.31 84.33
CA ASP LA 459 104.98 55.38 85.39
C ASP LA 459 103.85 54.40 85.68
N GLU LA 460 102.60 54.79 85.43
CA GLU LA 460 101.48 53.89 85.72
C GLU LA 460 101.46 52.75 84.71
N TYR LA 461 101.63 53.06 83.43
CA TYR LA 461 101.73 52.00 82.43
C TYR LA 461 102.94 51.12 82.67
N LYS LA 462 104.05 51.68 83.17
CA LYS LA 462 105.17 50.81 83.52
C LYS LA 462 104.80 49.87 84.67
N ALA LA 463 104.17 50.41 85.72
CA ALA LA 463 103.78 49.58 86.85
C ALA LA 463 102.75 48.53 86.47
N CYS LA 464 101.98 48.77 85.42
CA CYS LA 464 101.00 47.78 84.97
C CYS LA 464 101.63 46.40 84.76
N LYS LA 465 102.93 46.34 84.48
CA LYS LA 465 103.60 45.07 84.26
C LYS LA 465 103.62 44.18 85.50
N GLU LA 466 103.45 44.77 86.68
CA GLU LA 466 103.73 44.09 87.95
C GLU LA 466 102.44 43.66 88.62
N ILE LA 467 102.48 42.49 89.24
CA ILE LA 467 101.36 42.00 90.05
C ILE LA 467 101.29 42.77 91.36
N SER MA 62 3.57 -40.97 76.20
CA SER MA 62 4.64 -39.94 76.34
C SER MA 62 4.71 -39.08 75.08
N PRO MA 63 4.66 -37.75 75.24
CA PRO MA 63 4.71 -36.88 74.06
C PRO MA 63 6.07 -36.92 73.40
N ASP MA 64 6.07 -36.65 72.09
CA ASP MA 64 7.28 -36.60 71.28
C ASP MA 64 7.58 -35.13 70.96
N TYR MA 65 8.83 -34.72 71.17
CA TYR MA 65 9.23 -33.34 71.00
C TYR MA 65 10.43 -33.24 70.09
N VAL MA 66 10.45 -32.18 69.28
CA VAL MA 66 11.60 -31.83 68.46
C VAL MA 66 12.17 -30.52 68.98
N SER MA 67 13.14 -30.61 69.89
CA SER MA 67 13.64 -29.44 70.60
C SER MA 67 14.99 -29.00 70.06
N LEU MA 68 15.35 -27.77 70.36
CA LEU MA 68 16.65 -27.23 69.97
C LEU MA 68 17.71 -27.65 70.97
N ARG MA 69 18.80 -28.22 70.47
CA ARG MA 69 19.90 -28.60 71.34
C ARG MA 69 20.64 -27.35 71.82
N GLU MA 70 21.22 -27.46 73.02
CA GLU MA 70 21.95 -26.34 73.61
C GLU MA 70 23.45 -26.55 73.46
N ASN MA 79 37.16 -21.99 66.88
CA ASN MA 79 36.60 -22.76 65.75
C ASN MA 79 35.22 -23.29 66.17
N LEU MA 80 34.14 -22.61 65.77
CA LEU MA 80 32.75 -23.03 66.10
C LEU MA 80 32.30 -23.96 64.98
N ASP MA 81 31.50 -25.00 65.28
CA ASP MA 81 30.97 -25.92 64.25
C ASP MA 81 29.81 -25.16 63.58
N ILE MA 82 30.01 -24.63 62.38
CA ILE MA 82 29.02 -23.82 61.67
C ILE MA 82 27.97 -24.65 60.96
N MET MA 83 28.16 -25.96 60.83
CA MET MA 83 27.20 -26.83 60.17
C MET MA 83 26.72 -27.98 61.05
N SER MA 84 27.10 -28.00 62.33
CA SER MA 84 26.61 -29.04 63.21
C SER MA 84 25.10 -28.92 63.37
N SER MA 85 24.44 -30.06 63.51
CA SER MA 85 22.98 -30.08 63.62
C SER MA 85 22.53 -29.22 64.80
N CYS MA 86 21.54 -28.37 64.56
CA CYS MA 86 21.07 -27.47 65.61
C CYS MA 86 20.06 -28.16 66.53
N ILE MA 87 19.13 -28.91 65.95
CA ILE MA 87 18.13 -29.63 66.74
C ILE MA 87 18.74 -30.95 67.21
N VAL MA 88 18.10 -31.60 68.16
CA VAL MA 88 18.57 -32.88 68.67
C VAL MA 88 18.21 -33.97 67.67
N ASP MA 89 19.20 -34.79 67.32
CA ASP MA 89 18.98 -35.92 66.42
C ASP MA 89 19.41 -37.25 67.02
N SER MA 90 19.95 -37.26 68.24
CA SER MA 90 20.36 -38.48 68.90
C SER MA 90 19.21 -39.15 69.65
N VAL MA 91 17.97 -38.84 69.29
CA VAL MA 91 16.81 -39.45 69.93
C VAL MA 91 16.48 -40.75 69.21
N ILE MA 92 16.44 -41.84 69.96
CA ILE MA 92 16.11 -43.15 69.43
C ILE MA 92 14.81 -43.60 70.08
N TYR MA 93 13.79 -43.84 69.26
CA TYR MA 93 12.49 -44.25 69.80
C TYR MA 93 12.57 -45.60 70.48
N LYS MA 94 11.92 -45.70 71.63
CA LYS MA 94 12.01 -46.90 72.46
C LYS MA 94 11.06 -47.98 71.94
N SER MA 95 9.83 -47.61 71.59
CA SER MA 95 8.88 -48.56 71.02
C SER MA 95 8.02 -47.83 69.99
N GLN MA 96 7.50 -48.59 69.04
CA GLN MA 96 6.80 -48.01 67.90
C GLN MA 96 5.58 -47.21 68.37
N LYS MA 97 5.40 -46.04 67.78
CA LYS MA 97 4.25 -45.19 68.14
C LYS MA 97 2.94 -45.81 67.68
N ILE MA 98 2.96 -46.54 66.57
CA ILE MA 98 1.80 -47.29 66.08
C ILE MA 98 2.22 -48.73 65.92
N ALA MA 99 1.48 -49.65 66.54
CA ALA MA 99 1.81 -51.06 66.49
C ALA MA 99 1.35 -51.63 65.15
N GLY MA 100 2.30 -52.04 64.32
CA GLY MA 100 1.98 -52.59 63.02
C GLY MA 100 1.77 -54.09 63.07
N PRO MA 101 1.27 -54.67 61.97
CA PRO MA 101 1.07 -56.11 61.94
C PRO MA 101 2.38 -56.87 62.11
N LEU MA 102 2.32 -58.03 62.77
CA LEU MA 102 3.49 -58.92 62.95
C LEU MA 102 3.94 -59.40 61.56
N LEU MA 103 5.24 -59.56 61.33
CA LEU MA 103 5.77 -59.99 60.01
C LEU MA 103 5.49 -61.48 59.85
N SER MA 104 5.64 -62.28 60.91
CA SER MA 104 5.29 -63.72 60.89
C SER MA 104 3.82 -63.90 60.53
N GLN MA 105 2.90 -63.04 61.00
CA GLN MA 105 1.49 -63.23 60.71
C GLN MA 105 1.22 -63.21 59.21
N ILE MA 106 1.93 -62.38 58.47
CA ILE MA 106 1.73 -62.28 57.03
C ILE MA 106 2.45 -63.43 56.34
N SER MA 107 1.72 -64.16 55.50
CA SER MA 107 2.29 -65.29 54.78
C SER MA 107 2.46 -65.05 53.29
N ASN MA 108 1.68 -64.15 52.70
CA ASN MA 108 1.79 -63.89 51.26
C ASN MA 108 3.11 -63.20 50.95
N LEU MA 109 3.67 -63.53 49.78
CA LEU MA 109 4.97 -62.96 49.40
C LEU MA 109 4.81 -61.52 48.94
N ASN MA 110 3.75 -61.22 48.19
CA ASN MA 110 3.57 -59.87 47.65
C ASN MA 110 3.43 -58.86 48.78
N ILE MA 111 2.65 -59.21 49.81
CA ILE MA 111 2.44 -58.30 50.93
C ILE MA 111 3.76 -58.03 51.64
N GLN MA 112 4.54 -59.09 51.87
CA GLN MA 112 5.84 -58.92 52.52
C GLN MA 112 6.75 -58.03 51.69
N GLN MA 113 6.75 -58.23 50.37
CA GLN MA 113 7.60 -57.43 49.49
C GLN MA 113 7.21 -55.95 49.56
N ALA MA 114 5.91 -55.65 49.51
CA ALA MA 114 5.48 -54.26 49.56
C ALA MA 114 5.81 -53.64 50.92
N LEU MA 115 5.60 -54.39 52.00
CA LEU MA 115 5.89 -53.88 53.33
C LEU MA 115 7.37 -53.58 53.48
N ILE MA 116 8.23 -54.49 53.02
CA ILE MA 116 9.66 -54.27 53.16
C ILE MA 116 10.10 -53.12 52.27
N ILE MA 117 9.48 -52.93 51.11
CA ILE MA 117 9.83 -51.79 50.26
C ILE MA 117 9.49 -50.49 50.96
N ARG MA 118 8.30 -50.43 51.56
CA ARG MA 118 7.89 -49.21 52.27
C ARG MA 118 8.85 -48.91 53.42
N GLU MA 119 9.23 -49.95 54.18
CA GLU MA 119 10.18 -49.75 55.26
C GLU MA 119 11.57 -49.41 54.74
N LEU MA 120 11.93 -49.90 53.55
CA LEU MA 120 13.26 -49.70 53.00
C LEU MA 120 13.46 -48.29 52.51
N LEU MA 121 12.41 -47.66 51.98
CA LEU MA 121 12.57 -46.29 51.50
C LEU MA 121 13.09 -45.38 52.61
N PHE MA 122 12.55 -45.53 53.82
CA PHE MA 122 13.05 -44.74 54.94
C PHE MA 122 14.41 -45.22 55.44
N THR MA 123 14.67 -46.52 55.35
CA THR MA 123 15.95 -47.04 55.81
C THR MA 123 17.10 -46.48 54.98
N LEU MA 124 16.90 -46.32 53.68
CA LEU MA 124 17.98 -45.85 52.82
C LEU MA 124 18.44 -44.45 53.20
N LEU MA 125 17.62 -43.69 53.91
CA LEU MA 125 17.98 -42.36 54.38
C LEU MA 125 18.58 -42.38 55.78
N GLY MA 126 18.75 -43.56 56.38
CA GLY MA 126 19.31 -43.67 57.71
C GLY MA 126 18.31 -43.79 58.83
N HIS MA 127 17.01 -43.75 58.53
CA HIS MA 127 16.00 -43.86 59.58
C HIS MA 127 15.68 -45.32 59.88
N GLU MA 128 15.19 -45.56 61.08
CA GLU MA 128 14.69 -46.87 61.45
C GLU MA 128 13.35 -47.15 60.76
N GLY MA 129 12.98 -48.43 60.75
CA GLY MA 129 11.66 -48.83 60.30
C GLY MA 129 10.96 -49.73 61.30
N HIS MA 130 9.81 -50.28 60.93
CA HIS MA 130 9.15 -51.26 61.80
C HIS MA 130 9.85 -52.62 61.75
N TYR MA 131 10.44 -52.97 60.60
CA TYR MA 131 11.03 -54.28 60.42
C TYR MA 131 12.54 -54.24 60.22
N ILE MA 132 13.14 -53.07 60.07
CA ILE MA 132 14.59 -52.90 60.04
C ILE MA 132 14.96 -51.98 61.20
N GLN MA 133 15.78 -52.48 62.12
CA GLN MA 133 16.10 -51.76 63.34
C GLN MA 133 17.60 -51.64 63.50
N TYR MA 134 18.01 -50.58 64.21
CA TYR MA 134 19.46 -50.33 64.44
C TYR MA 134 20.03 -51.42 65.33
N SER MA 135 21.28 -51.82 65.08
CA SER MA 135 21.97 -52.76 65.93
C SER MA 135 22.30 -52.14 67.27
N LYS MA 136 22.30 -52.95 68.32
CA LYS MA 136 22.56 -52.44 69.66
C LYS MA 136 23.97 -51.88 69.79
N ARG MA 137 24.87 -52.21 68.87
CA ARG MA 137 26.24 -51.69 68.94
C ARG MA 137 26.34 -50.23 68.55
N TYR MA 138 25.33 -49.69 67.87
CA TYR MA 138 25.38 -48.32 67.38
C TYR MA 138 25.09 -47.35 68.52
N ASP MA 139 26.11 -46.60 68.94
CA ASP MA 139 25.97 -45.59 69.98
C ASP MA 139 26.12 -44.22 69.35
N PRO MA 140 25.06 -43.40 69.25
CA PRO MA 140 25.20 -42.09 68.60
C PRO MA 140 26.20 -41.17 69.29
N THR MA 141 26.49 -41.38 70.57
CA THR MA 141 27.40 -40.49 71.28
C THR MA 141 28.80 -40.55 70.68
N SER MA 142 29.28 -41.76 70.37
CA SER MA 142 30.65 -41.90 69.86
C SER MA 142 30.76 -41.31 68.46
N GLN MA 143 31.85 -40.58 68.23
CA GLN MA 143 32.06 -39.95 66.92
C GLN MA 143 32.31 -41.00 65.84
N ILE MA 144 33.14 -41.99 66.13
CA ILE MA 144 33.48 -42.99 65.13
C ILE MA 144 32.25 -43.80 64.74
N SER MA 145 31.37 -44.08 65.71
CA SER MA 145 30.15 -44.80 65.41
C SER MA 145 29.28 -44.03 64.43
N ARG MA 146 29.14 -42.72 64.65
CA ARG MA 146 28.36 -41.90 63.74
C ARG MA 146 28.99 -41.84 62.36
N ILE MA 147 30.32 -41.68 62.31
CA ILE MA 147 30.98 -41.56 61.01
C ILE MA 147 30.85 -42.84 60.21
N GLU MA 148 31.07 -43.99 60.85
CA GLU MA 148 31.02 -45.26 60.14
C GLU MA 148 29.61 -45.67 59.76
N GLY MA 149 28.59 -45.03 60.33
CA GLY MA 149 27.21 -45.33 59.98
C GLY MA 149 26.64 -46.46 60.82
N PRO MA 150 25.33 -46.52 60.93
CA PRO MA 150 24.70 -47.55 61.75
C PRO MA 150 24.57 -48.88 61.02
N ASP MA 151 24.67 -49.96 61.79
CA ASP MA 151 24.45 -51.31 61.28
C ASP MA 151 23.03 -51.75 61.63
N TYR MA 152 22.37 -52.36 60.66
CA TYR MA 152 20.95 -52.70 60.77
C TYR MA 152 20.78 -54.20 60.91
N LYS MA 153 19.76 -54.60 61.68
CA LYS MA 153 19.35 -55.99 61.81
C LYS MA 153 17.95 -56.15 61.23
N ILE MA 154 17.75 -57.24 60.51
CA ILE MA 154 16.49 -57.51 59.82
C ILE MA 154 15.68 -58.49 60.64
N ALA MA 155 14.37 -58.25 60.71
CA ALA MA 155 13.49 -59.12 61.49
C ALA MA 155 13.61 -60.56 60.99
N LYS MA 156 13.64 -61.49 61.95
CA LYS MA 156 13.91 -62.90 61.62
C LYS MA 156 12.78 -63.56 60.85
N ASN MA 157 11.59 -62.96 60.80
CA ASN MA 157 10.43 -63.60 60.18
C ASN MA 157 10.30 -63.27 58.70
N LEU MA 158 11.19 -62.46 58.15
CA LEU MA 158 11.14 -62.18 56.72
C LEU MA 158 11.48 -63.42 55.90
N ASP MA 159 11.03 -63.43 54.65
CA ASP MA 159 11.39 -64.52 53.75
C ASP MA 159 12.89 -64.50 53.48
N ILE MA 160 13.44 -65.70 53.26
CA ILE MA 160 14.89 -65.84 53.16
C ILE MA 160 15.43 -65.06 51.96
N SER MA 161 14.79 -65.20 50.80
CA SER MA 161 15.26 -64.49 49.62
C SER MA 161 15.14 -62.98 49.80
N LEU MA 162 14.01 -62.52 50.34
CA LEU MA 162 13.85 -61.10 50.60
C LEU MA 162 14.84 -60.63 51.65
N LYS MA 163 15.12 -61.47 52.64
CA LYS MA 163 16.10 -61.10 53.66
C LYS MA 163 17.48 -60.91 53.04
N VAL MA 164 17.89 -61.79 52.13
CA VAL MA 164 19.20 -61.65 51.49
C VAL MA 164 19.24 -60.36 50.67
N ILE MA 165 18.22 -60.15 49.83
CA ILE MA 165 18.22 -58.98 48.98
C ILE MA 165 18.24 -57.71 49.82
N THR MA 166 17.48 -57.69 50.91
CA THR MA 166 17.48 -56.54 51.80
C THR MA 166 18.85 -56.34 52.44
N LYS MA 167 19.49 -57.43 52.88
CA LYS MA 167 20.81 -57.30 53.47
C LYS MA 167 21.80 -56.69 52.50
N LYS MA 168 21.64 -56.93 51.19
CA LYS MA 168 22.53 -56.26 50.25
C LYS MA 168 22.23 -54.76 50.19
N LEU MA 169 20.95 -54.38 50.14
CA LEU MA 169 20.59 -52.98 49.96
C LEU MA 169 20.78 -52.13 51.22
N VAL MA 170 20.79 -52.74 52.40
CA VAL MA 170 20.85 -51.96 53.62
C VAL MA 170 22.12 -51.13 53.67
N LYS MA 171 23.20 -51.59 53.03
CA LYS MA 171 24.47 -50.89 53.14
C LYS MA 171 24.37 -49.45 52.63
N PHE MA 172 23.44 -49.18 51.71
CA PHE MA 172 23.34 -47.84 51.15
C PHE MA 172 22.85 -46.84 52.20
N GLY MA 173 21.94 -47.26 53.08
CA GLY MA 173 21.58 -46.38 54.18
C GLY MA 173 22.73 -46.10 55.11
N LYS MA 174 23.58 -47.11 55.33
CA LYS MA 174 24.76 -46.92 56.19
C LYS MA 174 25.67 -45.85 55.62
N PHE MA 175 25.95 -45.91 54.32
CA PHE MA 175 26.85 -44.94 53.70
C PHE MA 175 26.25 -43.54 53.76
N TYR MA 176 24.95 -43.42 53.47
CA TYR MA 176 24.31 -42.11 53.48
C TYR MA 176 24.34 -41.50 54.88
N SER MA 177 24.01 -42.29 55.90
CA SER MA 177 24.04 -41.75 57.26
C SER MA 177 25.46 -41.38 57.66
N GLY MA 178 26.44 -42.19 57.28
CA GLY MA 178 27.82 -41.87 57.61
C GLY MA 178 28.28 -40.57 56.97
N LEU MA 179 27.94 -40.37 55.69
CA LEU MA 179 28.33 -39.13 55.02
C LEU MA 179 27.62 -37.93 55.63
N LYS MA 180 26.33 -38.08 55.94
CA LYS MA 180 25.59 -36.98 56.52
C LYS MA 180 26.18 -36.57 57.86
N SER MA 181 26.58 -37.55 58.68
CA SER MA 181 27.24 -37.22 59.94
C SER MA 181 28.66 -36.74 59.73
N PHE MA 182 29.30 -37.12 58.63
CA PHE MA 182 30.64 -36.62 58.32
C PHE MA 182 30.62 -35.13 58.04
N ILE MA 183 29.61 -34.66 57.30
CA ILE MA 183 29.51 -33.23 57.01
C ILE MA 183 29.37 -32.43 58.30
N GLN MA 184 28.54 -32.90 59.21
CA GLN MA 184 28.27 -32.16 60.45
C GLN MA 184 29.44 -32.20 61.42
N VAL MA 185 30.59 -32.76 61.06
CA VAL MA 185 31.76 -32.82 61.93
C VAL MA 185 32.97 -32.17 61.28
N PHE MA 186 33.26 -32.53 60.04
CA PHE MA 186 34.50 -32.10 59.41
C PHE MA 186 34.39 -30.77 58.68
N ASP MA 187 33.23 -30.13 58.69
CA ASP MA 187 33.03 -28.87 57.97
C ASP MA 187 33.13 -27.69 58.94
N ASN MA 188 34.35 -27.42 59.40
CA ASN MA 188 34.63 -26.25 60.22
C ASN MA 188 36.01 -25.72 59.88
N ASN MA 189 36.39 -24.61 60.53
CA ASN MA 189 37.60 -23.90 60.15
C ASN MA 189 38.86 -24.68 60.51
N LYS MA 190 38.82 -25.47 61.58
CA LYS MA 190 40.04 -26.10 62.06
C LYS MA 190 40.56 -27.22 61.15
N PHE MA 191 39.75 -27.70 60.20
CA PHE MA 191 40.15 -28.81 59.35
C PHE MA 191 40.62 -28.37 57.97
N GLY MA 192 40.60 -27.07 57.70
CA GLY MA 192 41.24 -26.53 56.51
C GLY MA 192 40.35 -26.49 55.28
N LYS MA 193 40.87 -25.77 54.28
CA LYS MA 193 40.12 -25.52 53.06
C LYS MA 193 39.95 -26.79 52.23
N ILE MA 194 40.93 -27.69 52.26
CA ILE MA 194 40.83 -28.92 51.47
C ILE MA 194 39.66 -29.76 51.95
N VAL MA 195 39.58 -29.98 53.26
CA VAL MA 195 38.51 -30.81 53.82
C VAL MA 195 37.17 -30.09 53.66
N GLN MA 196 37.14 -28.78 53.84
CA GLN MA 196 35.89 -28.07 53.64
C GLN MA 196 35.38 -28.21 52.21
N LYS MA 197 36.27 -28.04 51.23
CA LYS MA 197 35.87 -28.16 49.84
C LYS MA 197 35.44 -29.58 49.51
N PHE MA 198 36.04 -30.58 50.16
CA PHE MA 198 35.57 -31.96 49.99
C PHE MA 198 34.17 -32.15 50.57
N CYS MA 199 33.91 -31.53 51.72
CA CYS MA 199 32.56 -31.60 52.30
C CYS MA 199 31.54 -31.00 51.35
N SER MA 200 31.95 -29.99 50.57
CA SER MA 200 31.05 -29.46 49.55
C SER MA 200 30.68 -30.52 48.53
N GLU MA 201 31.67 -31.31 48.06
CA GLU MA 201 31.38 -32.38 47.11
C GLU MA 201 30.46 -33.42 47.72
N VAL MA 202 30.69 -33.78 48.98
CA VAL MA 202 29.85 -34.78 49.62
C VAL MA 202 28.40 -34.29 49.66
N ARG MA 203 28.21 -33.02 50.00
CA ARG MA 203 26.85 -32.44 50.15
C ARG MA 203 26.17 -32.37 48.78
N LYS MA 204 26.90 -32.08 47.69
CA LYS MA 204 26.32 -32.08 46.36
C LYS MA 204 25.94 -33.50 45.95
N PHE MA 205 26.78 -34.48 46.28
CA PHE MA 205 26.46 -35.86 45.96
C PHE MA 205 25.19 -36.32 46.68
N LEU MA 206 25.03 -35.94 47.94
CA LEU MA 206 23.82 -36.31 48.66
C LEU MA 206 22.58 -35.72 47.98
N SER MA 207 22.69 -34.47 47.53
CA SER MA 207 21.59 -33.85 46.81
C SER MA 207 21.26 -34.65 45.55
N SER MA 208 22.29 -35.12 44.85
CA SER MA 208 22.04 -35.93 43.65
C SER MA 208 21.41 -37.28 44.01
N TYR MA 209 21.86 -37.90 45.11
CA TYR MA 209 21.39 -39.23 45.48
C TYR MA 209 19.91 -39.21 45.87
N GLN MA 210 19.47 -38.16 46.54
CA GLN MA 210 18.06 -38.10 46.89
C GLN MA 210 17.17 -38.07 45.65
N GLN MA 211 17.65 -37.58 44.50
CA GLN MA 211 16.87 -37.59 43.24
C GLN MA 211 16.79 -39.03 42.70
N VAL MA 212 17.72 -39.91 43.07
CA VAL MA 212 17.67 -41.36 42.68
C VAL MA 212 16.61 -42.01 43.58
N LEU MA 213 16.53 -41.64 44.87
CA LEU MA 213 15.57 -42.18 45.81
C LEU MA 213 14.15 -41.71 45.49
N ILE MA 214 14.00 -40.45 45.07
CA ILE MA 214 12.67 -39.93 44.74
C ILE MA 214 12.11 -40.67 43.54
N ASN MA 215 12.93 -40.92 42.52
CA ASN MA 215 12.44 -41.67 41.36
C ASN MA 215 12.01 -43.08 41.76
N VAL MA 216 12.79 -43.71 42.65
CA VAL MA 216 12.41 -45.04 43.12
C VAL MA 216 11.06 -44.97 43.82
N GLU MA 217 10.85 -43.96 44.65
CA GLU MA 217 9.57 -43.85 45.36
C GLU MA 217 8.43 -43.65 44.37
N HIS MA 218 8.63 -42.82 43.36
CA HIS MA 218 7.58 -42.58 42.38
C HIS MA 218 7.23 -43.87 41.64
N GLU MA 219 8.24 -44.65 41.24
CA GLU MA 219 7.97 -45.90 40.56
C GLU MA 219 7.27 -46.90 41.47
N PHE MA 220 7.66 -46.96 42.75
CA PHE MA 220 7.01 -47.85 43.75
C PHE MA 220 5.53 -47.47 43.82
N LYS MA 221 5.24 -46.16 43.88
CA LYS MA 221 3.85 -45.67 44.05
C LYS MA 221 3.00 -45.92 42.81
N PHE MA 222 3.49 -45.71 41.57
CA PHE MA 222 2.66 -45.78 40.38
C PHE MA 222 2.89 -46.99 39.49
N ASN MA 223 4.07 -47.61 39.53
CA ASN MA 223 4.37 -48.73 38.62
C ASN MA 223 3.93 -50.05 39.23
N LYS MA 224 3.14 -50.81 38.47
CA LYS MA 224 2.68 -52.11 38.95
C LYS MA 224 3.77 -53.18 38.86
N ASN MA 225 4.66 -53.07 37.86
CA ASN MA 225 5.69 -54.08 37.64
C ASN MA 225 6.89 -53.90 38.57
N PHE MA 226 6.93 -52.84 39.36
CA PHE MA 226 8.04 -52.63 40.28
C PHE MA 226 8.13 -53.75 41.29
N ASN MA 227 9.36 -54.17 41.59
CA ASN MA 227 9.59 -55.21 42.57
C ASN MA 227 10.98 -55.00 43.18
N LEU MA 228 11.31 -55.83 44.17
CA LEU MA 228 12.53 -55.62 44.93
C LEU MA 228 13.76 -55.76 44.06
N ASN MA 229 13.76 -56.73 43.14
CA ASN MA 229 14.93 -56.94 42.29
C ASN MA 229 15.21 -55.72 41.42
N MET MA 230 14.16 -55.08 40.93
CA MET MA 230 14.35 -53.87 40.13
C MET MA 230 15.01 -52.78 40.95
N LEU MA 231 14.60 -52.62 42.22
CA LEU MA 231 15.23 -51.63 43.07
C LEU MA 231 16.69 -51.95 43.29
N ASP MA 232 17.00 -53.23 43.54
CA ASP MA 232 18.39 -53.62 43.74
C ASP MA 232 19.23 -53.31 42.51
N SER MA 233 18.75 -53.69 41.33
CA SER MA 233 19.51 -53.47 40.11
C SER MA 233 19.68 -51.97 39.85
N LEU MA 234 18.62 -51.19 40.02
CA LEU MA 234 18.70 -49.76 39.73
C LEU MA 234 19.69 -49.07 40.66
N LEU MA 235 19.56 -49.30 41.96
CA LEU MA 235 20.46 -48.64 42.89
C LEU MA 235 21.90 -49.06 42.67
N HIS MA 236 22.14 -50.37 42.47
CA HIS MA 236 23.51 -50.82 42.28
C HIS MA 236 24.11 -50.26 40.99
N GLN MA 237 23.32 -50.17 39.92
CA GLN MA 237 23.86 -49.70 38.65
C GLN MA 237 23.92 -48.19 38.54
N GLU MA 238 23.29 -47.44 39.45
CA GLU MA 238 23.27 -45.98 39.34
C GLU MA 238 24.23 -45.29 40.30
N ILE MA 239 24.14 -45.56 41.59
CA ILE MA 239 24.79 -44.74 42.60
C ILE MA 239 25.81 -45.49 43.45
N SER MA 240 25.98 -46.80 43.26
CA SER MA 240 26.85 -47.55 44.16
C SER MA 240 28.29 -47.08 44.11
N ASN MA 241 28.81 -46.81 42.90
CA ASN MA 241 30.24 -46.59 42.73
C ASN MA 241 30.68 -45.29 43.40
N GLU MA 242 29.97 -44.19 43.12
CA GLU MA 242 30.32 -42.90 43.69
C GLU MA 242 30.17 -42.90 45.21
N MET MA 243 29.09 -43.53 45.70
CA MET MA 243 28.87 -43.61 47.13
C MET MA 243 30.00 -44.39 47.80
N THR MA 244 30.42 -45.49 47.19
CA THR MA 244 31.50 -46.28 47.78
C THR MA 244 32.79 -45.47 47.84
N HIS MA 245 33.10 -44.75 46.76
CA HIS MA 245 34.32 -43.93 46.77
C HIS MA 245 34.28 -42.89 47.88
N LEU MA 246 33.18 -42.14 47.96
CA LEU MA 246 33.12 -41.07 48.95
C LEU MA 246 33.14 -41.63 50.37
N TYR MA 247 32.40 -42.71 50.63
CA TYR MA 247 32.40 -43.27 51.97
C TYR MA 247 33.77 -43.79 52.36
N GLN MA 248 34.46 -44.47 51.45
CA GLN MA 248 35.78 -44.99 51.78
C GLN MA 248 36.75 -43.86 52.09
N ILE MA 249 36.72 -42.79 51.29
CA ILE MA 249 37.63 -41.68 51.56
C ILE MA 249 37.30 -41.04 52.91
N GLY MA 250 36.00 -40.85 53.19
CA GLY MA 250 35.62 -40.24 54.45
C GLY MA 250 36.05 -41.06 55.65
N ILE MA 251 35.82 -42.37 55.62
CA ILE MA 251 36.19 -43.19 56.77
C ILE MA 251 37.70 -43.25 56.92
N GLU MA 252 38.45 -43.24 55.80
CA GLU MA 252 39.90 -43.21 55.93
C GLU MA 252 40.37 -41.90 56.55
N ILE MA 253 39.75 -40.78 56.21
CA ILE MA 253 40.08 -39.52 56.86
C ILE MA 253 39.79 -39.59 58.35
N SER MA 254 38.64 -40.18 58.73
CA SER MA 254 38.34 -40.30 60.14
C SER MA 254 39.39 -41.12 60.87
N ARG MA 255 39.81 -42.24 60.27
CA ARG MA 255 40.84 -43.07 60.90
C ARG MA 255 42.14 -42.30 61.07
N ILE MA 256 42.58 -41.59 60.03
CA ILE MA 256 43.86 -40.89 60.12
C ILE MA 256 43.78 -39.75 61.13
N THR MA 257 42.67 -39.00 61.14
CA THR MA 257 42.58 -37.87 62.06
C THR MA 257 42.46 -38.32 63.51
N GLU MA 258 41.81 -39.47 63.78
CA GLU MA 258 41.80 -39.93 65.16
C GLU MA 258 43.16 -40.50 65.56
N GLU MA 259 43.91 -41.07 64.61
CA GLU MA 259 45.27 -41.49 64.93
C GLU MA 259 46.15 -40.30 65.28
N ARG MA 260 46.03 -39.20 64.54
CA ARG MA 260 46.93 -38.06 64.78
C ARG MA 260 46.64 -37.34 66.09
N GLN MA 261 45.48 -37.56 66.71
CA GLN MA 261 45.17 -36.92 67.98
C GLN MA 261 45.57 -37.76 69.19
N LYS MA 262 46.26 -38.88 68.97
CA LYS MA 262 46.71 -39.72 70.08
C LYS MA 262 48.23 -39.76 70.13
N GLY MA 301 43.93 -32.14 57.38
CA GLY MA 301 44.22 -30.93 56.65
C GLY MA 301 44.54 -31.20 55.19
N GLY MA 302 45.80 -30.98 54.81
CA GLY MA 302 46.23 -31.25 53.46
C GLY MA 302 46.49 -32.70 53.15
N LEU MA 303 46.27 -33.58 54.12
CA LEU MA 303 46.47 -35.01 53.93
C LEU MA 303 45.45 -35.63 52.99
N LEU MA 304 44.36 -34.92 52.66
CA LEU MA 304 43.35 -35.50 51.79
C LEU MA 304 43.91 -35.84 50.43
N LEU MA 305 44.77 -34.98 49.87
CA LEU MA 305 45.35 -35.26 48.57
C LEU MA 305 46.14 -36.56 48.58
N GLN MA 306 46.83 -36.85 49.69
CA GLN MA 306 47.57 -38.10 49.79
C GLN MA 306 46.61 -39.29 49.80
N VAL MA 307 45.48 -39.15 50.49
CA VAL MA 307 44.51 -40.24 50.55
C VAL MA 307 43.91 -40.51 49.16
N ILE MA 308 43.55 -39.45 48.44
CA ILE MA 308 42.99 -39.63 47.10
C ILE MA 308 44.02 -40.27 46.18
N GLN MA 309 45.26 -39.78 46.21
CA GLN MA 309 46.29 -40.36 45.35
C GLN MA 309 46.54 -41.82 45.70
N GLU MA 310 46.59 -42.14 46.99
CA GLU MA 310 46.72 -43.54 47.40
C GLU MA 310 45.52 -44.35 46.94
N ARG MA 311 44.32 -43.78 47.07
CA ARG MA 311 43.12 -44.48 46.64
C ARG MA 311 43.11 -44.70 45.14
N MET MA 312 43.64 -43.73 44.38
CA MET MA 312 43.55 -43.78 42.92
C MET MA 312 44.45 -44.83 42.29
N VAL MA 313 45.39 -45.40 43.05
CA VAL MA 313 46.29 -46.38 42.46
C VAL MA 313 45.54 -47.66 42.10
N TYR MA 314 44.58 -48.07 42.92
CA TYR MA 314 43.89 -49.33 42.68
C TYR MA 314 42.91 -49.24 41.52
N TYR MA 315 42.34 -48.07 41.26
CA TYR MA 315 41.39 -47.88 40.17
C TYR MA 315 42.03 -47.24 38.96
N LYS MA 316 43.34 -47.43 38.77
CA LYS MA 316 44.02 -46.78 37.65
C LYS MA 316 43.61 -47.34 36.30
N GLY MA 317 43.03 -48.54 36.27
CA GLY MA 317 42.61 -49.13 35.00
C GLY MA 317 41.12 -49.00 34.76
N ASP MA 318 40.37 -48.61 35.79
CA ASP MA 318 38.93 -48.50 35.66
C ASP MA 318 38.56 -47.14 35.08
N PRO MA 319 37.92 -47.07 33.91
CA PRO MA 319 37.67 -45.75 33.32
C PRO MA 319 36.76 -44.86 34.14
N THR MA 320 35.57 -45.34 34.51
CA THR MA 320 34.62 -44.48 35.21
C THR MA 320 35.12 -44.08 36.59
N SER MA 321 35.69 -45.03 37.33
CA SER MA 321 36.18 -44.72 38.67
C SER MA 321 37.36 -43.75 38.61
N LEU MA 322 38.26 -43.97 37.65
CA LEU MA 322 39.38 -43.05 37.50
C LEU MA 322 38.90 -41.66 37.10
N ASP MA 323 37.90 -41.57 36.22
CA ASP MA 323 37.38 -40.26 35.84
C ASP MA 323 36.79 -39.54 37.04
N PHE MA 324 36.01 -40.26 37.85
CA PHE MA 324 35.41 -39.62 39.02
C PHE MA 324 36.48 -39.18 40.01
N LEU MA 325 37.47 -40.04 40.27
CA LEU MA 325 38.51 -39.67 41.23
C LEU MA 325 39.33 -38.50 40.72
N THR MA 326 39.63 -38.47 39.42
CA THR MA 326 40.39 -37.35 38.87
C THR MA 326 39.59 -36.05 38.95
N GLN MA 327 38.29 -36.11 38.65
CA GLN MA 327 37.46 -34.91 38.77
C GLN MA 327 37.43 -34.41 40.22
N LEU MA 328 37.26 -35.34 41.17
CA LEU MA 328 37.23 -34.96 42.57
C LEU MA 328 38.56 -34.36 43.01
N PHE MA 329 39.67 -34.94 42.58
CA PHE MA 329 40.98 -34.41 42.92
C PHE MA 329 41.17 -33.02 42.32
N ASP MA 330 40.71 -32.82 41.09
CA ASP MA 330 40.89 -31.53 40.43
C ASP MA 330 40.13 -30.44 41.17
N ILE MA 331 38.86 -30.69 41.52
CA ILE MA 331 38.09 -29.63 42.17
C ILE MA 331 38.60 -29.40 43.59
N VAL MA 332 38.94 -30.46 44.31
CA VAL MA 332 39.38 -30.31 45.69
C VAL MA 332 40.67 -29.52 45.76
N SER MA 333 41.62 -29.80 44.86
CA SER MA 333 42.93 -29.17 44.92
C SER MA 333 42.92 -27.70 44.52
N SER MA 334 41.80 -27.19 44.00
CA SER MA 334 41.79 -25.86 43.41
C SER MA 334 42.18 -24.79 44.43
N ASP MA 335 41.80 -24.96 45.70
CA ASP MA 335 42.17 -23.99 46.72
C ASP MA 335 43.69 -23.94 46.90
N TYR MA 336 44.32 -25.11 46.92
CA TYR MA 336 45.77 -25.18 47.10
C TYR MA 336 46.47 -24.49 45.93
N ILE MA 337 45.94 -24.68 44.72
CA ILE MA 337 46.50 -24.01 43.56
C ILE MA 337 46.31 -22.50 43.68
N GLY MA 338 45.20 -22.05 44.25
CA GLY MA 338 45.03 -20.62 44.47
C GLY MA 338 46.08 -20.06 45.41
N MET MA 339 46.34 -20.76 46.51
CA MET MA 339 47.38 -20.29 47.43
C MET MA 339 48.73 -20.25 46.74
N LEU MA 340 49.08 -21.31 46.02
CA LEU MA 340 50.38 -21.36 45.35
C LEU MA 340 50.50 -20.28 44.28
N ASN MA 341 49.42 -20.04 43.53
CA ASN MA 341 49.45 -19.02 42.49
C ASN MA 341 49.65 -17.64 43.10
N GLN MA 342 48.93 -17.32 44.17
CA GLN MA 342 49.14 -16.01 44.80
C GLN MA 342 50.55 -15.90 45.35
N TRP MA 343 51.07 -16.97 45.95
CA TRP MA 343 52.42 -16.91 46.49
C TRP MA 343 53.45 -16.65 45.41
N LEU MA 344 53.33 -17.34 44.27
CA LEU MA 344 54.34 -17.18 43.22
C LEU MA 344 54.11 -15.96 42.33
N LEU MA 345 52.92 -15.37 42.32
CA LEU MA 345 52.66 -14.21 41.47
C LEU MA 345 52.72 -12.88 42.21
N GLU MA 346 52.40 -12.86 43.50
CA GLU MA 346 52.39 -11.61 44.26
C GLU MA 346 53.14 -11.70 45.59
N GLY MA 347 53.63 -12.88 45.97
CA GLY MA 347 54.37 -12.99 47.21
C GLY MA 347 53.55 -12.66 48.43
N VAL MA 348 52.30 -13.12 48.47
CA VAL MA 348 51.41 -12.87 49.60
C VAL MA 348 50.74 -14.16 50.01
N ILE MA 349 50.81 -14.49 51.30
CA ILE MA 349 50.06 -15.59 51.88
C ILE MA 349 48.79 -15.04 52.49
N ASN MA 350 47.66 -15.72 52.24
CA ASN MA 350 46.35 -15.16 52.50
C ASN MA 350 45.55 -15.96 53.52
N ASP MA 351 45.45 -17.28 53.35
CA ASP MA 351 44.52 -18.07 54.14
C ASP MA 351 45.11 -18.35 55.52
N PRO MA 352 44.46 -17.95 56.60
CA PRO MA 352 45.06 -18.06 57.94
C PRO MA 352 44.97 -19.43 58.58
N PHE MA 353 44.59 -20.48 57.85
CA PHE MA 353 44.45 -21.80 58.43
C PHE MA 353 45.78 -22.54 58.55
N ASP MA 354 46.89 -21.93 58.14
CA ASP MA 354 48.19 -22.59 58.18
C ASP MA 354 48.21 -23.85 57.33
N GLU MA 355 47.37 -23.87 56.30
CA GLU MA 355 47.32 -25.00 55.38
C GLU MA 355 48.51 -25.00 54.44
N PHE MA 356 48.92 -23.82 53.98
CA PHE MA 356 49.90 -23.72 52.92
C PHE MA 356 51.27 -24.17 53.40
N MET MA 357 52.09 -24.66 52.46
CA MET MA 357 53.37 -25.25 52.82
C MET MA 357 54.38 -24.19 53.25
N ILE MA 358 54.35 -23.01 52.62
CA ILE MA 358 55.31 -21.94 52.90
C ILE MA 358 54.78 -21.20 54.13
N ARG MA 359 55.33 -21.54 55.29
CA ARG MA 359 54.84 -21.03 56.57
C ARG MA 359 55.57 -19.73 56.94
N GLU MA 360 54.92 -18.60 56.67
CA GLU MA 360 55.38 -17.33 57.22
C GLU MA 360 54.86 -17.18 58.64
N LYS MA 361 55.75 -16.84 59.57
CA LYS MA 361 55.41 -16.76 60.99
C LYS MA 361 55.57 -15.34 61.52
N ARG MA 362 54.68 -14.96 62.42
CA ARG MA 362 54.69 -13.62 63.00
C ARG MA 362 55.77 -13.50 64.07
N VAL MA 363 56.49 -12.39 64.06
CA VAL MA 363 57.47 -12.12 65.12
C VAL MA 363 56.74 -11.78 66.41
N PRO MA 364 57.15 -12.30 67.57
CA PRO MA 364 56.50 -11.90 68.82
C PRO MA 364 56.70 -10.42 69.10
N ASP MA 365 55.69 -9.82 69.75
CA ASP MA 365 55.78 -8.40 70.10
C ASP MA 365 56.97 -8.13 71.02
N SER MA 366 57.35 -9.11 71.84
CA SER MA 366 58.45 -8.91 72.77
C SER MA 366 59.79 -8.75 72.07
N PHE MA 367 59.89 -9.15 70.79
CA PHE MA 367 61.16 -9.11 70.06
C PHE MA 367 61.08 -8.22 68.83
N MET MA 368 60.02 -7.42 68.69
CA MET MA 368 59.84 -6.62 67.49
C MET MA 368 61.03 -5.71 67.23
N GLU MA 369 61.49 -5.00 68.27
CA GLU MA 369 62.61 -4.07 68.08
C GLU MA 369 63.88 -4.82 67.70
N ILE MA 370 64.09 -6.01 68.27
CA ILE MA 370 65.30 -6.78 67.94
C ILE MA 370 65.27 -7.22 66.49
N PHE MA 371 64.15 -7.77 66.04
CA PHE MA 371 64.08 -8.29 64.67
C PHE MA 371 64.09 -7.18 63.63
N GLN MA 372 63.59 -5.99 63.97
CA GLN MA 372 63.66 -4.90 63.00
C GLN MA 372 65.10 -4.50 62.71
N SER MA 373 65.96 -4.51 63.73
CA SER MA 373 67.37 -4.18 63.50
C SER MA 373 68.04 -5.27 62.66
N LYS MA 374 67.90 -6.53 63.06
CA LYS MA 374 68.51 -7.65 62.34
C LYS MA 374 67.49 -8.28 61.40
N SER MA 375 67.21 -7.57 60.30
CA SER MA 375 66.24 -8.06 59.33
C SER MA 375 66.71 -9.32 58.61
N GLU MA 376 68.02 -9.63 58.66
CA GLU MA 376 68.50 -10.83 57.99
C GLU MA 376 67.86 -12.08 58.57
N TYR MA 377 67.78 -12.16 59.91
CA TYR MA 377 67.16 -13.31 60.53
C TYR MA 377 65.66 -13.33 60.32
N TYR MA 378 65.04 -12.15 60.23
CA TYR MA 378 63.62 -12.10 59.89
C TYR MA 378 63.36 -12.72 58.53
N TRP MA 379 64.16 -12.34 57.53
CA TRP MA 379 63.92 -12.81 56.17
C TRP MA 379 64.58 -14.14 55.87
N ASN MA 380 65.31 -14.72 56.81
CA ASN MA 380 65.92 -16.03 56.59
C ASN MA 380 65.43 -17.12 57.52
N GLU MA 381 64.74 -16.80 58.62
CA GLU MA 381 64.35 -17.81 59.60
C GLU MA 381 62.84 -17.92 59.75
N LEU MA 382 62.11 -16.82 59.59
CA LEU MA 382 60.68 -16.82 59.81
C LEU MA 382 59.88 -17.18 58.56
N PHE MA 383 60.54 -17.62 57.50
CA PHE MA 383 59.88 -18.31 56.39
C PHE MA 383 60.38 -19.74 56.35
N LEU MA 384 59.45 -20.69 56.40
CA LEU MA 384 59.77 -22.10 56.47
C LEU MA 384 58.92 -22.87 55.46
N ILE MA 385 59.27 -24.13 55.27
CA ILE MA 385 58.53 -25.03 54.39
C ILE MA 385 57.99 -26.16 55.25
N LYS MA 386 56.67 -26.26 55.34
CA LYS MA 386 56.02 -27.32 56.12
C LYS MA 386 56.10 -28.62 55.33
N ILE MA 387 57.03 -29.51 55.73
CA ILE MA 387 57.32 -30.75 54.94
C ILE MA 387 56.14 -31.71 55.00
N ASP MA 388 55.26 -31.65 56.02
CA ASP MA 388 54.19 -32.66 56.13
C ASP MA 388 53.22 -32.57 54.97
N GLY MA 389 52.85 -31.35 54.55
CA GLY MA 389 51.83 -31.14 53.55
C GLY MA 389 52.32 -31.12 52.12
N LEU MA 390 53.57 -31.50 51.86
CA LEU MA 390 54.11 -31.45 50.51
C LEU MA 390 53.69 -32.66 49.71
N LEU MA 391 53.37 -32.43 48.43
CA LEU MA 391 53.14 -33.51 47.49
C LEU MA 391 54.48 -34.00 46.92
N ASN MA 392 54.42 -35.14 46.24
CA ASN MA 392 55.65 -35.71 45.68
C ASN MA 392 56.24 -34.82 44.59
N GLN MA 393 55.43 -33.97 43.96
CA GLN MA 393 55.96 -33.05 42.95
C GLN MA 393 56.96 -32.08 43.58
N PHE MA 394 56.62 -31.54 44.75
CA PHE MA 394 57.47 -30.59 45.45
C PHE MA 394 58.52 -31.25 46.33
N GLN MA 395 58.55 -32.58 46.39
CA GLN MA 395 59.53 -33.30 47.21
C GLN MA 395 60.90 -33.30 46.52
N ASN MA 396 61.42 -32.10 46.31
CA ASN MA 396 62.72 -31.91 45.67
C ASN MA 396 63.33 -30.65 46.26
N SER MA 397 64.62 -30.75 46.63
CA SER MA 397 65.26 -29.63 47.35
C SER MA 397 65.29 -28.37 46.50
N THR MA 398 65.70 -28.49 45.23
CA THR MA 398 65.86 -27.30 44.40
C THR MA 398 64.52 -26.64 44.11
N ILE MA 399 63.46 -27.42 43.92
CA ILE MA 399 62.15 -26.84 43.67
C ILE MA 399 61.64 -26.10 44.90
N GLN MA 400 61.83 -26.70 46.08
CA GLN MA 400 61.44 -26.03 47.32
C GLN MA 400 62.17 -24.71 47.47
N SER MA 401 63.49 -24.71 47.21
CA SER MA 401 64.26 -23.49 47.33
C SER MA 401 63.79 -22.44 46.33
N LYS MA 402 63.49 -22.86 45.09
CA LYS MA 402 63.04 -21.91 44.08
C LYS MA 402 61.71 -21.28 44.48
N ILE MA 403 60.78 -22.09 44.98
CA ILE MA 403 59.48 -21.54 45.38
C ILE MA 403 59.66 -20.53 46.51
N LEU MA 404 60.39 -20.93 47.55
CA LEU MA 404 60.55 -20.07 48.71
C LEU MA 404 61.23 -18.77 48.33
N ASN MA 405 62.28 -18.84 47.51
CA ASN MA 405 63.03 -17.65 47.16
C ASN MA 405 62.27 -16.76 46.19
N THR MA 406 61.47 -17.33 45.29
CA THR MA 406 60.63 -16.50 44.43
C THR MA 406 59.65 -15.68 45.26
N GLY MA 407 58.96 -16.34 46.19
CA GLY MA 407 58.02 -15.62 47.02
C GLY MA 407 58.70 -14.56 47.87
N LYS MA 408 59.84 -14.90 48.47
CA LYS MA 408 60.53 -13.92 49.30
C LYS MA 408 60.96 -12.72 48.47
N TYR MA 409 61.47 -12.95 47.26
CA TYR MA 409 61.98 -11.85 46.45
C TYR MA 409 60.85 -10.91 46.04
N LEU MA 410 59.69 -11.47 45.66
CA LEU MA 410 58.57 -10.61 45.34
C LEU MA 410 58.12 -9.83 46.57
N ASN MA 411 58.13 -10.47 47.75
CA ASN MA 411 57.76 -9.76 48.97
C ASN MA 411 58.72 -8.61 49.27
N ILE MA 412 60.02 -8.84 49.06
CA ILE MA 412 61.00 -7.77 49.26
C ILE MA 412 60.72 -6.61 48.32
N PHE MA 413 60.46 -6.92 47.05
CA PHE MA 413 60.17 -5.86 46.10
C PHE MA 413 58.96 -5.04 46.53
N LYS MA 414 57.87 -5.72 46.90
CA LYS MA 414 56.67 -4.99 47.28
C LYS MA 414 56.91 -4.13 48.51
N ARG MA 415 57.59 -4.68 49.51
CA ARG MA 415 57.82 -3.91 50.74
C ARG MA 415 58.78 -2.76 50.51
N CYS MA 416 59.70 -2.89 49.56
CA CYS MA 416 60.66 -1.82 49.32
C CYS MA 416 60.05 -0.70 48.50
N THR MA 417 59.54 -0.99 47.31
CA THR MA 417 59.04 0.07 46.45
C THR MA 417 57.63 0.52 46.83
N GLY MA 418 56.99 -0.15 47.78
CA GLY MA 418 55.71 0.28 48.29
C GLY MA 418 54.51 -0.17 47.50
N LEU MA 419 54.69 -0.83 46.37
CA LEU MA 419 53.56 -1.28 45.58
C LEU MA 419 52.71 -2.27 46.37
N HIS MA 420 51.39 -2.11 46.27
CA HIS MA 420 50.48 -3.10 46.84
C HIS MA 420 50.41 -4.34 45.96
N ASN MA 421 50.44 -4.16 44.65
CA ASN MA 421 50.44 -5.26 43.70
C ASN MA 421 51.04 -4.75 42.39
N PHE MA 422 51.39 -5.69 41.52
CA PHE MA 422 52.11 -5.35 40.29
C PHE MA 422 51.16 -5.03 39.14
N GLU MA 423 50.21 -4.12 39.40
CA GLU MA 423 49.32 -3.66 38.34
C GLU MA 423 50.01 -2.65 37.44
N SER MA 424 50.84 -1.78 38.01
CA SER MA 424 51.46 -0.72 37.22
C SER MA 424 52.30 -1.29 36.08
N LEU MA 425 52.94 -2.44 36.30
CA LEU MA 425 53.78 -3.03 35.26
C LEU MA 425 52.95 -3.56 34.10
N LYS MA 426 51.67 -3.85 34.35
CA LYS MA 426 50.76 -4.38 33.30
C LYS MA 426 51.44 -5.49 32.49
N GLU MA 427 51.98 -6.51 33.17
CA GLU MA 427 52.59 -7.65 32.45
C GLU MA 427 51.58 -8.79 32.34
N LYS MA 428 51.69 -9.62 31.29
CA LYS MA 428 50.75 -10.76 31.10
C LYS MA 428 51.29 -11.99 31.81
N LEU MA 429 50.51 -12.59 32.71
CA LEU MA 429 51.03 -13.72 33.48
C LEU MA 429 50.13 -14.93 33.29
N THR MA 430 50.73 -16.11 33.36
CA THR MA 430 50.03 -17.38 33.28
C THR MA 430 50.12 -18.11 34.61
N THR MA 431 48.98 -18.57 35.11
CA THR MA 431 48.92 -19.24 36.40
C THR MA 431 49.03 -20.76 36.23
N ILE MA 432 49.41 -21.43 37.31
CA ILE MA 432 49.51 -22.88 37.29
C ILE MA 432 48.11 -23.48 37.23
N THR MA 433 47.83 -24.20 36.15
CA THR MA 433 46.47 -24.72 35.95
C THR MA 433 46.15 -25.87 36.88
N SER MA 434 47.12 -26.72 37.19
CA SER MA 434 46.86 -27.87 38.04
C SER MA 434 48.17 -28.42 38.59
N LEU MA 435 48.05 -29.19 39.67
CA LEU MA 435 49.22 -29.82 40.27
C LEU MA 435 49.72 -30.98 39.41
N ALA MA 436 48.85 -31.58 38.61
CA ALA MA 436 49.21 -32.70 37.76
C ALA MA 436 49.67 -32.25 36.37
N ALA MA 437 49.81 -30.95 36.14
CA ALA MA 437 50.25 -30.46 34.85
C ALA MA 437 51.71 -30.83 34.62
N PRO MA 438 52.11 -31.01 33.35
CA PRO MA 438 53.49 -31.41 33.08
C PRO MA 438 54.50 -30.28 33.14
N ASP MA 439 54.07 -29.01 33.03
CA ASP MA 439 54.98 -27.87 32.95
C ASP MA 439 55.13 -27.17 34.29
N LEU MA 440 54.91 -27.87 35.40
CA LEU MA 440 55.03 -27.23 36.71
C LEU MA 440 56.45 -26.73 36.94
N GLU MA 441 57.46 -27.54 36.59
CA GLU MA 441 58.84 -27.12 36.76
C GLU MA 441 59.15 -25.92 35.88
N LEU MA 442 58.67 -25.93 34.64
CA LEU MA 442 58.91 -24.79 33.75
C LEU MA 442 58.24 -23.53 34.28
N LYS MA 443 57.02 -23.65 34.79
CA LYS MA 443 56.33 -22.48 35.34
C LYS MA 443 57.08 -21.93 36.54
N ILE MA 444 57.55 -22.82 37.43
CA ILE MA 444 58.29 -22.37 38.59
C ILE MA 444 59.59 -21.67 38.16
N ASP MA 445 60.27 -22.24 37.18
CA ASP MA 445 61.51 -21.62 36.70
C ASP MA 445 61.22 -20.23 36.14
N GLU MA 446 60.15 -20.10 35.34
CA GLU MA 446 59.83 -18.81 34.75
C GLU MA 446 59.50 -17.78 35.83
N PHE MA 447 58.73 -18.18 36.84
CA PHE MA 447 58.38 -17.26 37.92
C PHE MA 447 59.63 -16.84 38.68
N TYR MA 448 60.53 -17.80 38.94
CA TYR MA 448 61.75 -17.49 39.67
C TYR MA 448 62.61 -16.52 38.87
N HIS MA 449 62.69 -16.72 37.56
CA HIS MA 449 63.46 -15.80 36.73
C HIS MA 449 62.84 -14.41 36.71
N ARG MA 450 61.51 -14.33 36.69
CA ARG MA 450 60.85 -13.03 36.76
C ARG MA 450 61.18 -12.32 38.07
N ALA MA 451 61.11 -13.06 39.18
CA ALA MA 451 61.41 -12.46 40.48
C ALA MA 451 62.85 -11.98 40.55
N ASN MA 452 63.79 -12.79 40.06
CA ASN MA 452 65.18 -12.36 40.03
C ASN MA 452 65.35 -11.13 39.14
N LYS MA 453 64.71 -11.11 37.99
CA LYS MA 453 64.81 -9.95 37.10
C LYS MA 453 64.40 -8.68 37.83
N MET MA 454 63.24 -8.73 38.48
CA MET MA 454 62.75 -7.52 39.16
C MET MA 454 63.66 -7.13 40.31
N LEU MA 455 64.04 -8.08 41.16
CA LEU MA 455 64.85 -7.73 42.33
C LEU MA 455 66.25 -7.26 41.92
N MET MA 456 66.85 -7.90 40.92
CA MET MA 456 68.12 -7.44 40.38
C MET MA 456 68.03 -6.01 39.88
N LYS MA 457 67.01 -5.71 39.07
CA LYS MA 457 66.96 -4.35 38.56
C LYS MA 457 66.70 -3.36 39.69
N LEU MA 458 65.87 -3.73 40.67
CA LEU MA 458 65.70 -2.87 41.83
C LEU MA 458 67.04 -2.54 42.46
N LEU MA 459 67.80 -3.58 42.85
CA LEU MA 459 69.05 -3.37 43.56
C LEU MA 459 70.02 -2.54 42.74
N PHE MA 460 70.23 -2.91 41.47
CA PHE MA 460 71.26 -2.23 40.69
C PHE MA 460 70.80 -0.85 40.23
N ASP MA 461 69.74 -0.79 39.43
CA ASP MA 461 69.32 0.49 38.86
C ASP MA 461 68.76 1.41 39.93
N GLY MA 462 67.81 0.94 40.74
CA GLY MA 462 67.10 1.78 41.73
C GLY MA 462 67.92 2.08 42.97
N TYR MA 463 68.41 1.07 43.69
CA TYR MA 463 69.11 1.25 45.00
C TYR MA 463 70.60 1.53 44.79
N ASN MA 464 71.12 1.47 43.56
CA ASN MA 464 72.53 1.83 43.23
C ASN MA 464 73.49 0.95 44.04
N PHE MA 465 73.39 -0.37 43.93
CA PHE MA 465 74.30 -1.30 44.62
C PHE MA 465 75.74 -1.18 44.13
N PRO MA 466 76.01 -1.01 42.83
CA PRO MA 466 77.40 -0.90 42.39
C PRO MA 466 78.18 0.17 43.13
N SER MA 467 77.56 1.32 43.41
CA SER MA 467 78.26 2.35 44.18
C SER MA 467 78.37 1.97 45.64
N VAL MA 468 77.44 1.18 46.17
CA VAL MA 468 77.57 0.71 47.54
C VAL MA 468 78.78 -0.19 47.69
N VAL MA 469 79.14 -0.91 46.62
CA VAL MA 469 80.32 -1.77 46.72
C VAL MA 469 81.59 -0.94 46.84
N ASN MA 470 81.70 0.13 46.05
CA ASN MA 470 82.86 1.01 46.17
C ASN MA 470 82.89 1.72 47.52
N ILE MA 471 81.72 2.11 48.03
CA ILE MA 471 81.69 2.76 49.34
C ILE MA 471 82.19 1.80 50.43
N PHE MA 472 81.74 0.54 50.38
CA PHE MA 472 82.25 -0.43 51.34
C PHE MA 472 83.75 -0.63 51.18
N GLN MA 473 84.23 -0.72 49.94
CA GLN MA 473 85.67 -0.86 49.73
C GLN MA 473 86.43 0.28 50.37
N ARG MA 474 86.00 1.52 50.13
CA ARG MA 474 86.69 2.67 50.71
C ARG MA 474 86.66 2.62 52.23
N LEU MA 475 85.47 2.49 52.82
CA LEU MA 475 85.37 2.64 54.26
C LEU MA 475 86.07 1.52 55.01
N PHE MA 476 85.99 0.29 54.51
CA PHE MA 476 86.50 -0.86 55.26
C PHE MA 476 87.93 -1.23 54.89
N LEU MA 477 88.26 -1.26 53.59
CA LEU MA 477 89.57 -1.72 53.16
C LEU MA 477 90.49 -0.58 52.74
N PHE MA 478 90.10 0.66 53.00
CA PHE MA 478 90.98 1.82 52.78
C PHE MA 478 91.45 1.94 51.32
N ALA MA 479 90.54 1.72 50.36
CA ALA MA 479 90.88 2.01 48.99
C ALA MA 479 91.25 3.46 48.77
N ASP MA 480 90.88 4.33 49.71
CA ASP MA 480 91.35 5.72 49.76
C ASP MA 480 91.82 5.96 51.19
N SER MA 481 93.14 5.97 51.38
CA SER MA 481 93.73 5.94 52.71
C SER MA 481 93.99 7.32 53.29
N PHE MA 482 93.59 8.40 52.59
CA PHE MA 482 93.91 9.74 53.08
C PHE MA 482 93.19 10.03 54.40
N GLN MA 483 91.89 9.74 54.46
CA GLN MA 483 91.10 10.07 55.64
C GLN MA 483 91.57 9.29 56.86
N ILE MA 484 91.78 7.98 56.70
CA ILE MA 484 92.21 7.17 57.84
C ILE MA 484 93.61 7.58 58.29
N ASP MA 485 94.45 8.01 57.35
CA ASP MA 485 95.76 8.52 57.70
C ASP MA 485 95.63 9.77 58.56
N ASN MA 486 94.74 10.69 58.18
CA ASN MA 486 94.50 11.86 59.02
C ASN MA 486 94.00 11.44 60.39
N PHE MA 487 93.10 10.46 60.44
CA PHE MA 487 92.56 10.02 61.72
C PHE MA 487 93.66 9.51 62.63
N ILE MA 488 94.52 8.62 62.11
CA ILE MA 488 95.61 8.09 62.92
C ILE MA 488 96.55 9.21 63.36
N ASP MA 489 96.85 10.14 62.46
CA ASP MA 489 97.75 11.24 62.82
C ASP MA 489 97.15 12.08 63.94
N SER MA 490 95.84 12.31 63.89
CA SER MA 490 95.22 13.20 64.86
C SER MA 490 95.15 12.57 66.25
N THR MA 491 95.03 11.25 66.33
CA THR MA 491 94.83 10.56 67.60
C THR MA 491 95.94 9.55 67.84
N PHE MA 492 97.16 9.88 67.40
CA PHE MA 492 98.27 8.93 67.56
C PHE MA 492 98.58 8.69 69.03
N SER MA 493 98.54 9.74 69.86
CA SER MA 493 98.89 9.58 71.26
C SER MA 493 97.87 8.72 72.00
N GLU MA 494 96.59 8.82 71.63
CA GLU MA 494 95.55 8.08 72.32
C GLU MA 494 95.57 6.61 71.93
N LEU MA 495 95.66 6.31 70.64
CA LEU MA 495 95.45 4.95 70.16
C LEU MA 495 96.46 3.98 70.76
N LYS MA 496 97.68 4.44 71.02
CA LYS MA 496 98.72 3.58 71.55
C LYS MA 496 98.63 3.35 73.05
N ARG MA 497 97.72 4.03 73.74
CA ARG MA 497 97.56 3.82 75.18
C ARG MA 497 96.67 2.62 75.46
N GLY MA 498 96.82 2.06 76.66
CA GLY MA 498 96.05 0.90 77.03
C GLY MA 498 94.56 1.14 76.96
N LYS MA 499 93.80 0.05 76.77
CA LYS MA 499 92.37 0.13 76.55
C LYS MA 499 91.66 1.00 77.57
N LEU MA 500 91.87 0.73 78.86
CA LEU MA 500 91.11 1.38 79.91
C LEU MA 500 91.69 2.72 80.34
N LYS MA 501 92.91 3.03 79.95
CA LYS MA 501 93.60 4.23 80.44
C LYS MA 501 93.26 5.47 79.62
N ILE MA 502 92.26 5.38 78.73
CA ILE MA 502 91.89 6.50 77.87
C ILE MA 502 90.37 6.55 77.73
N SER MA 503 89.84 7.75 77.57
CA SER MA 503 88.41 7.93 77.44
C SER MA 503 87.93 7.42 76.08
N VAL MA 504 86.94 6.52 76.11
CA VAL MA 504 86.44 5.92 74.88
C VAL MA 504 85.65 6.94 74.06
N SER MA 505 84.84 7.76 74.72
CA SER MA 505 83.90 8.62 74.01
C SER MA 505 84.62 9.64 73.13
N ARG MA 506 85.90 9.92 73.38
CA ARG MA 506 86.61 10.91 72.58
C ARG MA 506 86.91 10.40 71.18
N LEU MA 507 87.20 9.10 71.04
CA LEU MA 507 87.55 8.55 69.75
C LEU MA 507 86.38 8.65 68.77
N GLN MA 508 85.17 8.42 69.25
CA GLN MA 508 84.00 8.57 68.39
C GLN MA 508 84.00 9.95 67.74
N LYS MA 509 84.10 11.01 68.55
CA LYS MA 509 84.02 12.37 68.03
C LYS MA 509 85.20 12.67 67.09
N GLN MA 510 86.41 12.28 67.51
CA GLN MA 510 87.57 12.58 66.68
C GLN MA 510 87.54 11.79 65.37
N TYR MA 511 86.73 10.74 65.30
CA TYR MA 511 86.52 10.02 64.04
C TYR MA 511 85.44 10.69 63.21
N ASP MA 512 84.36 11.16 63.85
CA ASP MA 512 83.29 11.78 63.08
C ASP MA 512 83.72 13.09 62.45
N ASP MA 513 84.61 13.84 63.11
CA ASP MA 513 85.09 15.06 62.46
C ASP MA 513 85.84 14.75 61.18
N ILE MA 514 86.47 13.58 61.10
CA ILE MA 514 87.24 13.24 59.91
C ILE MA 514 86.33 12.64 58.83
N PHE MA 515 85.48 11.69 59.20
CA PHE MA 515 84.80 10.87 58.18
C PHE MA 515 83.42 11.40 57.81
N LYS MA 516 82.53 11.57 58.78
CA LYS MA 516 81.13 11.87 58.49
C LYS MA 516 80.83 13.37 58.49
N GLU MA 517 81.81 14.20 58.15
CA GLU MA 517 81.52 15.61 57.92
C GLU MA 517 80.55 15.78 56.76
N LYS MA 518 79.83 16.90 56.76
CA LYS MA 518 78.70 17.08 55.86
C LYS MA 518 78.57 18.54 55.42
N ILE MA 519 78.03 18.71 54.21
CA ILE MA 519 77.42 19.95 53.75
C ILE MA 519 76.03 19.60 53.24
N GLU MA 520 75.03 20.33 53.72
CA GLU MA 520 73.65 20.00 53.39
C GLU MA 520 73.28 20.48 51.99
N ASN MA 521 72.22 19.90 51.45
CA ASN MA 521 71.71 20.23 50.13
C ASN MA 521 70.24 20.61 50.23
N LYS MA 522 69.79 21.42 49.28
CA LYS MA 522 68.43 21.96 49.33
C LYS MA 522 67.40 20.85 49.17
N VAL MA 523 66.16 21.16 49.58
CA VAL MA 523 65.07 20.22 49.42
C VAL MA 523 64.92 19.87 47.94
N GLY MA 524 64.53 18.63 47.68
CA GLY MA 524 64.35 18.14 46.33
C GLY MA 524 65.62 17.70 45.63
N VAL MA 525 66.79 18.12 46.11
CA VAL MA 525 68.05 17.67 45.53
C VAL MA 525 68.35 16.26 46.05
N ARG MA 526 68.55 15.32 45.15
CA ARG MA 526 68.71 13.93 45.55
C ARG MA 526 69.99 13.74 46.35
N PRO MA 527 69.95 13.06 47.50
CA PRO MA 527 71.20 12.70 48.18
C PRO MA 527 71.93 11.60 47.44
N SER MA 528 73.25 11.61 47.56
CA SER MA 528 74.06 10.51 47.02
C SER MA 528 74.02 9.35 48.00
N VAL MA 529 74.24 8.13 47.46
CA VAL MA 529 74.25 6.97 48.34
C VAL MA 529 75.40 7.05 49.33
N TYR MA 530 76.53 7.61 48.92
CA TYR MA 530 77.62 7.87 49.85
C TYR MA 530 77.16 8.83 50.96
N ASP MA 531 76.37 9.83 50.61
CA ASP MA 531 75.85 10.74 51.61
C ASP MA 531 75.00 10.00 52.64
N VAL MA 532 74.17 9.07 52.18
CA VAL MA 532 73.32 8.33 53.10
C VAL MA 532 74.14 7.42 54.00
N LEU MA 533 75.14 6.74 53.44
CA LEU MA 533 75.89 5.77 54.22
C LEU MA 533 76.99 6.40 55.08
N LYS MA 534 77.35 7.65 54.83
CA LYS MA 534 78.35 8.29 55.67
C LYS MA 534 77.88 8.37 57.11
N LYS MA 535 76.66 8.86 57.31
CA LYS MA 535 76.15 9.09 58.66
C LYS MA 535 75.77 7.81 59.39
N ASN MA 536 75.65 6.69 58.67
CA ASN MA 536 75.30 5.43 59.32
C ASN MA 536 76.45 4.90 60.15
N GLN MA 537 77.68 5.06 59.68
CA GLN MA 537 78.82 4.37 60.27
C GLN MA 537 79.10 4.83 61.69
N LYS MA 538 79.56 3.89 62.51
CA LYS MA 538 79.92 4.17 63.89
C LYS MA 538 81.19 3.40 64.24
N LEU MA 539 82.17 4.08 64.82
CA LEU MA 539 83.41 3.47 65.28
C LEU MA 539 83.41 3.43 66.79
N SER MA 540 83.57 2.25 67.36
CA SER MA 540 83.50 2.06 68.80
C SER MA 540 84.60 1.10 69.25
N VAL MA 541 85.05 1.28 70.49
CA VAL MA 541 86.02 0.38 71.09
C VAL MA 541 85.28 -0.83 71.65
N THR MA 542 85.79 -2.02 71.37
CA THR MA 542 85.19 -3.27 71.83
C THR MA 542 86.15 -4.03 72.72
N SER MA 543 85.60 -4.86 73.59
CA SER MA 543 86.43 -5.63 74.52
C SER MA 543 87.14 -6.79 73.84
N GLU MA 544 86.64 -7.25 72.70
CA GLU MA 544 87.22 -8.40 72.02
C GLU MA 544 88.39 -7.94 71.16
N SER MA 545 89.60 -8.26 71.60
CA SER MA 545 90.80 -7.90 70.84
C SER MA 545 90.87 -8.71 69.56
N LEU MA 546 91.62 -8.18 68.58
CA LEU MA 546 91.75 -8.85 67.29
C LEU MA 546 92.27 -10.26 67.47
N TYR MA 547 93.36 -10.42 68.23
CA TYR MA 547 93.97 -11.74 68.36
C TYR MA 547 93.11 -12.70 69.15
N LYS MA 548 92.11 -12.20 69.89
CA LYS MA 548 91.17 -13.05 70.59
C LYS MA 548 89.94 -13.36 69.75
N VAL MA 549 89.42 -12.37 69.03
CA VAL MA 549 88.24 -12.59 68.21
C VAL MA 549 88.57 -13.49 67.03
N VAL MA 550 89.78 -13.36 66.47
CA VAL MA 550 90.15 -14.21 65.35
C VAL MA 550 90.47 -15.64 65.78
N GLU MA 551 90.82 -15.84 67.05
CA GLU MA 551 91.08 -17.19 67.54
C GLU MA 551 89.79 -18.00 67.62
N GLU MA 552 88.67 -17.36 67.91
CA GLU MA 552 87.40 -18.09 67.98
C GLU MA 552 87.03 -18.69 66.63
N LEU MA 553 87.17 -17.90 65.56
CA LEU MA 553 86.91 -18.39 64.20
C LEU MA 553 88.17 -18.95 63.57
N MET MA 554 88.82 -19.85 64.29
CA MET MA 554 90.12 -20.35 63.91
C MET MA 554 90.05 -21.09 62.57
N ASP MA 598 97.18 -3.45 79.91
CA ASP MA 598 96.27 -3.69 78.81
C ASP MA 598 97.02 -3.69 77.48
N GLU MA 599 96.45 -4.36 76.47
CA GLU MA 599 96.93 -4.18 75.12
C GLU MA 599 96.61 -2.76 74.66
N PRO MA 600 97.39 -2.21 73.73
CA PRO MA 600 97.11 -0.84 73.26
C PRO MA 600 95.76 -0.77 72.58
N THR MA 601 95.12 0.39 72.69
CA THR MA 601 93.75 0.54 72.20
C THR MA 601 93.63 0.15 70.73
N ILE MA 602 94.71 0.33 69.96
CA ILE MA 602 94.65 0.02 68.54
C ILE MA 602 94.21 -1.42 68.30
N THR MA 603 94.56 -2.32 69.22
CA THR MA 603 94.18 -3.73 69.08
C THR MA 603 92.69 -3.96 69.21
N SER MA 604 91.91 -2.96 69.64
CA SER MA 604 90.52 -3.20 70.00
C SER MA 604 89.56 -2.12 69.50
N VAL MA 605 89.87 -1.45 68.39
CA VAL MA 605 89.00 -0.43 67.82
C VAL MA 605 88.32 -1.02 66.60
N ASP MA 606 86.98 -0.97 66.56
CA ASP MA 606 86.19 -1.60 65.53
C ASP MA 606 85.28 -0.57 64.86
N LEU MA 607 84.81 -0.92 63.65
CA LEU MA 607 83.97 -0.06 62.84
C LEU MA 607 82.78 -0.88 62.36
N THR MA 608 81.57 -0.34 62.53
CA THR MA 608 80.33 -1.02 62.14
C THR MA 608 79.51 -0.08 61.28
N ILE MA 609 78.84 -0.62 60.26
CA ILE MA 609 78.02 0.18 59.36
C ILE MA 609 76.66 -0.49 59.18
N PRO MA 610 75.62 -0.08 59.90
CA PRO MA 610 74.28 -0.59 59.60
C PRO MA 610 73.85 -0.15 58.21
N LEU MA 611 73.00 -0.98 57.57
CA LEU MA 611 72.66 -0.78 56.18
C LEU MA 611 71.15 -0.66 56.00
N PRO MA 612 70.69 0.14 55.01
CA PRO MA 612 69.25 0.21 54.75
C PRO MA 612 68.72 -1.10 54.19
N PHE MA 613 67.43 -1.31 54.41
CA PHE MA 613 66.69 -2.36 53.72
C PHE MA 613 66.39 -1.92 52.29
N PRO MA 614 66.58 -2.80 51.28
CA PRO MA 614 67.01 -4.20 51.33
C PRO MA 614 68.51 -4.40 51.15
N LEU MA 615 69.31 -3.32 51.09
CA LEU MA 615 70.74 -3.49 50.84
C LEU MA 615 71.37 -4.45 51.83
N ASN MA 616 70.91 -4.44 53.08
CA ASN MA 616 71.50 -5.31 54.09
C ASN MA 616 71.29 -6.78 53.79
N LEU MA 617 70.32 -7.12 52.94
CA LEU MA 617 70.11 -8.52 52.59
C LEU MA 617 71.25 -9.08 51.75
N VAL MA 618 71.83 -8.26 50.87
CA VAL MA 618 72.96 -8.72 50.08
C VAL MA 618 74.26 -8.56 50.85
N LEU MA 619 74.41 -7.44 51.55
CA LEU MA 619 75.55 -7.24 52.45
C LEU MA 619 75.21 -7.86 53.80
N ASN MA 620 75.08 -9.19 53.77
CA ASN MA 620 74.64 -9.92 54.95
C ASN MA 620 75.64 -9.74 56.09
N GLN MA 621 75.16 -9.94 57.32
CA GLN MA 621 75.97 -9.65 58.50
C GLN MA 621 77.26 -10.48 58.50
N GLN MA 622 77.21 -11.70 57.98
CA GLN MA 622 78.41 -12.57 57.89
C GLN MA 622 79.44 -11.86 56.98
N LEU MA 623 79.07 -11.23 55.87
CA LEU MA 623 79.98 -10.52 54.97
C LEU MA 623 80.55 -9.28 55.65
N SER MA 624 79.70 -8.53 56.35
CA SER MA 624 80.19 -7.34 57.04
C SER MA 624 81.14 -7.70 58.17
N TYR MA 625 80.91 -8.83 58.84
CA TYR MA 625 81.83 -9.26 59.90
C TYR MA 625 83.19 -9.61 59.32
N GLN MA 626 83.21 -10.31 58.19
CA GLN MA 626 84.49 -10.60 57.54
C GLN MA 626 85.17 -9.32 57.06
N TYR MA 627 84.40 -8.31 56.66
CA TYR MA 627 84.98 -7.02 56.33
C TYR MA 627 85.57 -6.34 57.57
N GLU MA 628 84.88 -6.46 58.71
CA GLU MA 628 85.35 -5.82 59.93
C GLU MA 628 86.69 -6.41 60.38
N ILE MA 629 86.86 -7.72 60.22
CA ILE MA 629 88.13 -8.33 60.59
C ILE MA 629 89.27 -7.70 59.78
N MET MA 630 89.05 -7.53 58.47
CA MET MA 630 90.06 -6.90 57.64
C MET MA 630 90.30 -5.47 58.07
N PHE MA 631 89.24 -4.75 58.46
CA PHE MA 631 89.43 -3.40 58.95
C PHE MA 631 90.38 -3.39 60.15
N LYS MA 632 90.16 -4.30 61.10
CA LYS MA 632 91.01 -4.32 62.29
C LYS MA 632 92.46 -4.66 61.93
N LEU MA 633 92.65 -5.63 61.04
CA LEU MA 633 94.01 -5.98 60.65
C LEU MA 633 94.72 -4.81 59.98
N LEU MA 634 94.04 -4.18 59.02
CA LEU MA 634 94.66 -3.08 58.29
C LEU MA 634 94.91 -1.89 59.19
N ILE MA 635 94.03 -1.64 60.16
CA ILE MA 635 94.31 -0.53 61.06
C ILE MA 635 95.52 -0.84 61.92
N ASN MA 636 95.69 -2.08 62.36
CA ASN MA 636 96.90 -2.43 63.10
C ASN MA 636 98.14 -2.14 62.27
N ILE MA 637 98.16 -2.60 61.01
CA ILE MA 637 99.35 -2.42 60.19
C ILE MA 637 99.58 -0.95 59.85
N LYS MA 638 98.51 -0.21 59.55
CA LYS MA 638 98.64 1.22 59.27
C LYS MA 638 99.21 1.95 60.48
N PHE MA 639 98.72 1.62 61.66
CA PHE MA 639 99.20 2.27 62.87
C PHE MA 639 100.67 1.98 63.10
N ILE MA 640 101.08 0.73 62.92
CA ILE MA 640 102.50 0.41 63.10
C ILE MA 640 103.35 1.14 62.07
N SER MA 641 102.85 1.28 60.84
CA SER MA 641 103.61 2.03 59.84
C SER MA 641 103.76 3.51 60.22
N LYS MA 642 102.72 4.07 60.86
CA LYS MA 642 102.73 5.47 61.35
C LYS MA 642 103.65 5.58 62.56
N TYR MA 643 103.85 4.51 63.32
CA TYR MA 643 104.79 4.46 64.48
C TYR MA 643 106.20 4.30 63.92
N ASN MA 644 106.35 3.64 62.77
CA ASN MA 644 107.69 3.39 62.15
C ASN MA 644 108.15 4.67 61.45
N SER MA 645 107.25 5.52 60.97
CA SER MA 645 107.62 6.78 60.33
C SER MA 645 107.98 7.85 61.37
N SER MA 646 107.17 7.97 62.43
CA SER MA 646 107.48 8.96 63.45
C SER MA 646 108.79 8.64 64.16
N ASN MA 647 108.99 7.37 64.50
CA ASN MA 647 110.24 6.99 65.15
C ASN MA 647 111.43 7.25 64.23
N TRP MA 648 111.23 7.09 62.90
CA TRP MA 648 112.27 7.38 61.88
C TRP MA 648 112.55 8.88 61.81
N GLN MA 649 111.54 9.72 62.05
CA GLN MA 649 111.75 11.20 62.05
C GLN MA 649 112.67 11.57 63.22
N GLU MA 650 112.36 11.05 64.41
CA GLU MA 650 113.20 11.36 65.61
C GLU MA 650 114.59 10.74 65.42
N MET MA 651 114.65 9.44 65.13
CA MET MA 651 115.97 8.77 65.02
C MET MA 651 116.88 9.54 64.08
N ASN MA 652 116.34 10.26 63.08
CA ASN MA 652 117.26 10.91 62.15
C ASN MA 652 117.47 12.38 62.48
N TYR MA 653 116.42 13.12 62.87
CA TYR MA 653 116.52 14.56 62.93
C TYR MA 653 116.28 15.18 64.31
N SER MA 654 115.81 14.43 65.30
CA SER MA 654 115.68 15.00 66.63
C SER MA 654 117.06 15.42 67.14
N LYS MA 655 117.08 16.49 67.94
CA LYS MA 655 118.34 17.07 68.36
C LYS MA 655 119.22 16.04 69.08
N ILE MA 656 118.62 15.26 69.98
CA ILE MA 656 119.42 14.34 70.79
C ILE MA 656 120.08 13.30 69.90
N TRP MA 657 119.31 12.68 69.00
CA TRP MA 657 119.88 11.66 68.13
C TRP MA 657 120.86 12.25 67.13
N THR MA 658 120.55 13.41 66.56
CA THR MA 658 121.42 13.98 65.54
C THR MA 658 122.66 14.64 66.13
N ASN MA 659 122.79 14.68 67.46
CA ASN MA 659 123.93 15.34 68.07
C ASN MA 659 125.24 14.74 67.55
N SER MA 660 126.19 15.62 67.27
CA SER MA 660 127.48 15.20 66.72
C SER MA 660 128.54 14.93 67.78
N HIS MA 661 128.34 15.40 69.01
CA HIS MA 661 129.39 15.38 70.02
C HIS MA 661 129.50 14.08 70.80
N PHE MA 662 128.79 13.02 70.39
CA PHE MA 662 128.99 11.72 71.01
C PHE MA 662 130.39 11.20 70.71
N ASN MA 663 130.85 10.29 71.57
CA ASN MA 663 132.10 9.58 71.35
C ASN MA 663 131.89 8.46 70.31
N SER MA 664 132.99 7.84 69.90
CA SER MA 664 132.93 6.87 68.82
C SER MA 664 132.00 5.71 69.14
N SER MA 665 132.07 5.19 70.36
CA SER MA 665 131.26 4.01 70.70
C SER MA 665 129.78 4.32 70.57
N VAL MA 666 129.34 5.45 71.10
CA VAL MA 666 127.93 5.82 71.01
C VAL MA 666 127.54 6.07 69.56
N LYS MA 667 128.45 6.65 68.76
CA LYS MA 667 128.17 6.85 67.35
C LYS MA 667 127.89 5.53 66.66
N LYS MA 668 128.75 4.53 66.87
CA LYS MA 668 128.52 3.24 66.23
C LYS MA 668 127.25 2.58 66.73
N TRP MA 669 126.95 2.75 68.03
CA TRP MA 669 125.70 2.22 68.56
C TRP MA 669 124.49 2.85 67.85
N ILE MA 670 124.53 4.18 67.67
CA ILE MA 670 123.44 4.86 66.99
C ILE MA 670 123.33 4.37 65.55
N LEU MA 671 124.47 4.17 64.88
CA LEU MA 671 124.45 3.71 63.50
C LEU MA 671 123.81 2.32 63.41
N ARG MA 672 124.19 1.42 64.31
CA ARG MA 672 123.60 0.09 64.32
C ARG MA 672 122.10 0.16 64.56
N CYS MA 673 121.66 1.01 65.49
CA CYS MA 673 120.24 1.13 65.77
C CYS MA 673 119.49 1.68 64.57
N ARG MA 674 120.05 2.68 63.89
CA ARG MA 674 119.41 3.23 62.71
C ARG MA 674 119.27 2.17 61.61
N VAL MA 675 120.31 1.37 61.40
CA VAL MA 675 120.24 0.34 60.36
C VAL MA 675 119.18 -0.70 60.73
N LEU MA 676 119.14 -1.12 61.99
CA LEU MA 676 118.13 -2.09 62.39
C LEU MA 676 116.73 -1.56 62.20
N HIS MA 677 116.51 -0.28 62.55
CA HIS MA 677 115.19 0.30 62.36
C HIS MA 677 114.85 0.41 60.88
N SER MA 678 115.83 0.69 60.03
CA SER MA 678 115.57 0.70 58.60
C SER MA 678 115.14 -0.68 58.11
N ARG MA 679 115.78 -1.74 58.62
CA ARG MA 679 115.35 -3.09 58.25
C ARG MA 679 113.90 -3.34 58.67
N ILE MA 680 113.54 -2.93 59.88
CA ILE MA 680 112.17 -3.14 60.33
C ILE MA 680 111.20 -2.36 59.45
N CYS MA 681 111.54 -1.12 59.10
CA CYS MA 681 110.67 -0.31 58.26
C CYS MA 681 110.45 -0.98 56.90
N SER MA 682 111.53 -1.47 56.29
CA SER MA 682 111.39 -2.11 54.98
C SER MA 682 110.55 -3.37 55.09
N PHE MA 683 110.74 -4.15 56.16
CA PHE MA 683 109.95 -5.37 56.33
C PHE MA 683 108.47 -5.04 56.45
N ILE MA 684 108.13 -4.02 57.23
CA ILE MA 684 106.71 -3.69 57.42
C ILE MA 684 106.11 -3.18 56.11
N HIS MA 685 106.84 -2.34 55.38
CA HIS MA 685 106.31 -1.88 54.10
C HIS MA 685 106.11 -3.03 53.12
N GLU MA 686 107.01 -4.01 53.12
CA GLU MA 686 106.83 -5.15 52.23
C GLU MA 686 105.59 -5.95 52.62
N LEU MA 687 105.40 -6.20 53.91
CA LEU MA 687 104.24 -6.95 54.36
C LEU MA 687 102.94 -6.21 54.02
N GLU MA 688 102.90 -4.91 54.28
CA GLU MA 688 101.71 -4.13 53.96
C GLU MA 688 101.44 -4.12 52.47
N ASN MA 689 102.49 -3.97 51.65
CA ASN MA 689 102.31 -4.02 50.20
C ASN MA 689 101.69 -5.33 49.78
N TYR MA 690 102.21 -6.45 50.29
CA TYR MA 690 101.61 -7.73 49.90
C TYR MA 690 100.15 -7.77 50.29
N ILE MA 691 99.85 -7.45 51.55
CA ILE MA 691 98.49 -7.63 52.05
C ILE MA 691 97.51 -6.76 51.27
N VAL MA 692 97.93 -5.55 50.89
CA VAL MA 692 96.96 -4.61 50.34
C VAL MA 692 96.86 -4.70 48.82
N HIS MA 693 97.98 -4.77 48.10
CA HIS MA 693 97.90 -4.85 46.64
C HIS MA 693 97.79 -6.28 46.13
N ASP MA 694 98.50 -7.23 46.74
CA ASP MA 694 98.53 -8.59 46.22
C ASP MA 694 97.33 -9.42 46.65
N VAL MA 695 96.50 -8.91 47.56
CA VAL MA 695 95.39 -9.67 48.12
C VAL MA 695 94.07 -8.94 47.92
N ILE MA 696 94.00 -7.67 48.31
CA ILE MA 696 92.74 -6.95 48.29
C ILE MA 696 92.43 -6.45 46.88
N GLU MA 697 93.30 -5.61 46.32
CA GLU MA 697 93.02 -5.01 45.02
C GLU MA 697 92.96 -6.05 43.91
N HIS MA 698 93.86 -7.04 43.95
CA HIS MA 698 93.91 -8.04 42.89
C HIS MA 698 92.63 -8.86 42.85
N ASN MA 699 92.10 -9.23 44.01
CA ASN MA 699 90.85 -9.97 44.06
C ASN MA 699 89.68 -9.06 43.70
N PHE MA 700 89.72 -7.80 44.14
CA PHE MA 700 88.62 -6.88 43.90
C PHE MA 700 88.44 -6.53 42.43
N GLU MA 701 89.51 -6.63 41.63
CA GLU MA 701 89.37 -6.31 40.21
C GLU MA 701 88.31 -7.18 39.54
N GLU MA 702 88.28 -8.48 39.89
CA GLU MA 702 87.32 -9.38 39.29
C GLU MA 702 85.89 -8.97 39.61
N ILE MA 703 85.63 -8.66 40.88
CA ILE MA 703 84.27 -8.29 41.28
C ILE MA 703 83.88 -6.96 40.64
N LYS MA 704 84.82 -6.02 40.56
CA LYS MA 704 84.51 -4.75 39.92
C LYS MA 704 84.10 -4.95 38.47
N ASN MA 705 84.87 -5.77 37.75
CA ASN MA 705 84.53 -6.03 36.34
C ASN MA 705 83.16 -6.70 36.23
N LEU MA 706 82.92 -7.71 37.07
CA LEU MA 706 81.65 -8.43 37.00
C LEU MA 706 80.47 -7.52 37.28
N ILE MA 707 80.60 -6.67 38.30
CA ILE MA 707 79.48 -5.81 38.66
C ILE MA 707 79.24 -4.76 37.59
N HIS MA 708 80.31 -4.23 36.99
CA HIS MA 708 80.11 -3.31 35.89
C HIS MA 708 79.38 -3.97 34.73
N THR MA 709 79.76 -5.21 34.41
CA THR MA 709 79.09 -5.93 33.34
C THR MA 709 77.61 -6.14 33.67
N THR MA 710 77.30 -6.50 34.91
CA THR MA 710 75.91 -6.72 35.29
C THR MA 710 75.11 -5.42 35.23
N ALA MA 711 75.71 -4.31 35.66
CA ALA MA 711 75.03 -3.04 35.58
C ALA MA 711 74.70 -2.68 34.14
N THR MA 712 75.67 -2.87 33.23
CA THR MA 712 75.40 -2.58 31.83
C THR MA 712 74.33 -3.51 31.27
N ASN MA 713 74.35 -4.79 31.67
CA ASN MA 713 73.34 -5.73 31.19
C ASN MA 713 71.95 -5.33 31.63
N LEU MA 714 71.79 -4.93 32.91
CA LEU MA 714 70.46 -4.60 33.40
C LEU MA 714 69.99 -3.24 32.88
N ALA MA 715 70.91 -2.32 32.58
CA ALA MA 715 70.51 -1.00 32.13
C ALA MA 715 69.60 -1.08 30.91
N THR MA 716 69.87 -2.01 30.00
CA THR MA 716 69.11 -2.13 28.75
C THR MA 716 67.93 -3.09 28.85
N SER MA 717 67.65 -3.62 30.03
CA SER MA 717 66.64 -4.66 30.20
C SER MA 717 65.37 -4.07 30.79
N GLU MA 718 64.24 -4.33 30.12
CA GLU MA 718 62.96 -3.86 30.62
C GLU MA 718 62.64 -4.48 31.97
N LEU MA 719 61.68 -3.90 32.67
CA LEU MA 719 61.18 -4.42 33.93
C LEU MA 719 59.89 -5.18 33.70
N GLY MA 720 59.84 -6.42 34.19
CA GLY MA 720 58.65 -7.25 34.00
C GLY MA 720 58.70 -8.03 32.70
N SER MA 721 58.43 -9.33 32.77
CA SER MA 721 58.52 -10.22 31.61
C SER MA 721 57.19 -10.92 31.40
N ASP MA 722 56.81 -11.07 30.13
CA ASP MA 722 55.56 -11.73 29.77
C ASP MA 722 55.77 -13.23 29.60
N ILE MA 723 54.86 -14.02 30.15
CA ILE MA 723 54.93 -15.48 30.08
C ILE MA 723 53.65 -15.97 29.41
N ASN MA 724 53.80 -16.75 28.34
CA ASN MA 724 52.68 -17.29 27.59
C ASN MA 724 52.67 -18.81 27.69
N ASP MA 725 51.51 -19.39 27.37
CA ASP MA 725 51.34 -20.84 27.42
C ASP MA 725 50.24 -21.25 26.46
N GLU MA 726 50.29 -22.53 26.07
CA GLU MA 726 49.30 -23.12 25.18
C GLU MA 726 48.08 -23.59 25.97
N GLY MA 727 47.13 -24.20 25.27
CA GLY MA 727 45.90 -24.69 25.91
C GLY MA 727 46.09 -25.93 26.76
N ASP MA 728 47.18 -26.67 26.58
CA ASP MA 728 47.52 -27.83 27.41
C ASP MA 728 46.38 -28.86 27.45
N ASN MA 729 46.11 -29.44 26.29
CA ASN MA 729 45.08 -30.47 26.14
C ASN MA 729 45.54 -31.85 26.63
N ILE MA 730 46.74 -31.98 27.20
CA ILE MA 730 47.29 -33.30 27.50
C ILE MA 730 46.35 -34.12 28.38
N PHE MA 731 45.79 -33.52 29.43
CA PHE MA 731 44.92 -34.22 30.36
C PHE MA 731 45.50 -35.56 30.78
N ASN MA 732 44.81 -36.67 30.47
CA ASN MA 732 45.24 -37.98 30.93
C ASN MA 732 46.62 -38.36 30.42
N GLY MA 733 47.05 -37.78 29.31
CA GLY MA 733 48.40 -38.03 28.83
C GLY MA 733 49.49 -37.39 29.67
N SER MA 734 49.12 -36.65 30.72
CA SER MA 734 50.08 -35.99 31.59
C SER MA 734 49.84 -36.21 33.08
N LEU MA 735 48.64 -36.64 33.48
CA LEU MA 735 48.32 -36.74 34.90
C LEU MA 735 49.33 -37.59 35.65
N ILE MA 736 49.61 -38.79 35.14
CA ILE MA 736 50.56 -39.71 35.77
C ILE MA 736 50.25 -39.91 37.26
N ARG MA 737 48.97 -40.08 37.56
CA ARG MA 737 48.54 -40.25 38.94
C ARG MA 737 48.97 -41.60 39.49
N GLY MA 738 49.05 -41.67 40.83
CA GLY MA 738 49.49 -42.86 41.52
C GLY MA 738 50.49 -42.53 42.62
N THR MA 739 51.47 -43.40 42.84
CA THR MA 739 52.52 -43.09 43.81
C THR MA 739 53.53 -42.12 43.19
N PHE MA 740 54.20 -42.55 42.13
CA PHE MA 740 55.05 -41.67 41.34
C PHE MA 740 55.59 -42.41 40.13
N ASN MA 741 56.38 -41.72 39.31
CA ASN MA 741 57.06 -42.32 38.17
C ASN MA 741 58.44 -42.80 38.60
N ASN MA 742 59.17 -43.40 37.66
CA ASN MA 742 60.54 -43.82 37.90
C ASN MA 742 61.55 -42.74 37.53
N ASN MA 743 61.09 -41.56 37.10
CA ASN MA 743 62.01 -40.51 36.69
C ASN MA 743 62.78 -39.91 37.85
N SER MA 744 62.41 -40.23 39.09
CA SER MA 744 63.07 -39.62 40.24
C SER MA 744 64.55 -39.99 40.31
N ILE MA 745 64.92 -41.17 39.80
CA ILE MA 745 66.31 -41.60 39.88
C ILE MA 745 67.20 -40.69 39.03
N PHE MA 746 66.69 -40.22 37.89
CA PHE MA 746 67.51 -39.40 37.00
C PHE MA 746 67.81 -38.04 37.63
N ASP MA 747 66.87 -37.47 38.38
CA ASP MA 747 67.12 -36.18 39.02
C ASP MA 747 68.28 -36.27 39.99
N SER MA 748 68.36 -37.35 40.75
CA SER MA 748 69.47 -37.53 41.68
C SER MA 748 70.75 -37.93 40.95
N LYS MA 749 70.65 -38.66 39.84
CA LYS MA 749 71.84 -39.09 39.12
C LYS MA 749 72.61 -37.90 38.58
N VAL MA 750 71.92 -36.91 38.03
CA VAL MA 750 72.59 -35.75 37.48
C VAL MA 750 73.13 -34.88 38.61
N HIS MA 751 74.13 -34.07 38.26
CA HIS MA 751 74.76 -33.15 39.20
C HIS MA 751 74.81 -31.76 38.58
N LYS MA 752 74.73 -30.75 39.44
CA LYS MA 752 74.77 -29.35 39.00
C LYS MA 752 75.83 -28.58 39.76
N HIS MA 753 77.03 -29.16 39.85
CA HIS MA 753 78.17 -28.49 40.44
C HIS MA 753 79.03 -27.77 39.40
N ARG MA 754 78.62 -27.77 38.13
CA ARG MA 754 79.38 -27.17 37.04
C ARG MA 754 78.71 -25.86 36.64
N THR MA 755 79.22 -24.75 37.18
CA THR MA 755 78.74 -23.42 36.83
C THR MA 755 79.91 -22.47 36.89
N THR MA 756 80.24 -21.85 35.76
CA THR MA 756 81.42 -20.98 35.68
C THR MA 756 81.26 -20.02 34.51
N THR MA 757 82.32 -19.24 34.29
CA THR MA 757 82.49 -18.27 33.23
C THR MA 757 81.69 -16.99 33.47
N TYR MA 758 80.85 -16.92 34.50
CA TYR MA 758 80.09 -15.71 34.83
C TYR MA 758 79.61 -15.00 33.58
N VAL MA 759 78.98 -15.77 32.69
CA VAL MA 759 78.55 -15.23 31.40
C VAL MA 759 77.49 -14.15 31.60
N GLU MA 760 77.65 -13.04 30.89
CA GLU MA 760 76.70 -11.93 30.94
C GLU MA 760 76.52 -11.40 32.35
N GLY MA 761 77.57 -11.47 33.17
CA GLY MA 761 77.49 -10.97 34.52
C GLY MA 761 76.70 -11.89 35.44
N ILE MA 762 76.36 -11.35 36.59
CA ILE MA 762 75.63 -12.09 37.62
C ILE MA 762 74.14 -12.04 37.29
N SER MA 763 73.51 -13.22 37.23
CA SER MA 763 72.12 -13.31 36.81
C SER MA 763 71.15 -13.69 37.93
N THR MA 764 71.65 -14.17 39.07
CA THR MA 764 70.80 -14.57 40.19
C THR MA 764 71.33 -13.94 41.47
N VAL MA 765 70.41 -13.46 42.31
CA VAL MA 765 70.82 -12.81 43.55
C VAL MA 765 71.63 -13.77 44.42
N GLU MA 766 71.38 -15.07 44.31
CA GLU MA 766 72.15 -16.03 45.09
C GLU MA 766 73.61 -16.03 44.67
N GLN MA 767 73.89 -15.98 43.36
CA GLN MA 767 75.26 -15.83 42.92
C GLN MA 767 75.83 -14.47 43.33
N LEU MA 768 75.00 -13.44 43.35
CA LEU MA 768 75.49 -12.14 43.77
C LEU MA 768 76.00 -12.19 45.20
N ILE MA 769 75.26 -12.85 46.09
CA ILE MA 769 75.71 -12.99 47.47
C ILE MA 769 76.91 -13.92 47.56
N GLN MA 770 76.89 -15.01 46.78
CA GLN MA 770 77.95 -16.00 46.84
C GLN MA 770 79.28 -15.42 46.39
N LYS MA 771 79.26 -14.54 45.39
CA LYS MA 771 80.51 -13.96 44.90
C LYS MA 771 81.20 -13.17 46.01
N PHE MA 772 80.43 -12.35 46.73
CA PHE MA 772 81.00 -11.54 47.80
C PHE MA 772 81.42 -12.40 48.98
N LEU MA 773 80.66 -13.46 49.28
CA LEU MA 773 81.09 -14.34 50.36
C LEU MA 773 82.42 -15.01 50.02
N ASP MA 774 82.56 -15.45 48.76
CA ASP MA 774 83.83 -16.04 48.34
C ASP MA 774 84.95 -15.03 48.39
N TYR MA 775 84.67 -13.79 48.01
CA TYR MA 775 85.69 -12.74 48.06
C TYR MA 775 86.17 -12.51 49.49
N SER MA 776 85.23 -12.41 50.44
CA SER MA 776 85.62 -12.21 51.83
C SER MA 776 86.39 -13.40 52.37
N SER MA 777 85.97 -14.62 52.01
CA SER MA 777 86.70 -15.80 52.45
C SER MA 777 88.11 -15.80 51.87
N THR MA 778 88.26 -15.36 50.62
CA THR MA 778 89.59 -15.26 50.02
C THR MA 778 90.45 -14.25 50.76
N LEU MA 779 89.86 -13.10 51.13
CA LEU MA 779 90.64 -12.10 51.86
C LEU MA 779 91.11 -12.66 53.18
N LEU MA 780 90.25 -13.36 53.92
CA LEU MA 780 90.68 -13.92 55.20
C LEU MA 780 91.72 -15.02 55.01
N ASN MA 781 91.53 -15.90 54.03
CA ASN MA 781 92.44 -17.03 53.88
C ASN MA 781 93.81 -16.59 53.40
N ASP MA 782 93.86 -15.67 52.42
CA ASP MA 782 95.15 -15.21 51.92
C ASP MA 782 95.94 -14.52 53.02
N SER MA 783 95.30 -13.62 53.76
CA SER MA 783 95.96 -12.99 54.89
C SER MA 783 96.41 -14.04 55.89
N LEU MA 784 97.41 -13.70 56.68
CA LEU MA 784 98.03 -14.62 57.61
C LEU MA 784 97.25 -14.70 58.91
N LEU MA 785 95.96 -15.03 58.78
CA LEU MA 785 95.08 -15.15 59.94
C LEU MA 785 94.29 -16.45 60.01
N THR MA 786 94.40 -17.32 59.01
CA THR MA 786 93.57 -18.51 58.95
C THR MA 786 94.22 -19.72 59.61
N ARG MA 787 95.51 -19.95 59.37
CA ARG MA 787 96.23 -21.05 60.00
C ARG MA 787 96.65 -20.64 61.41
N GLU MA 788 97.04 -21.63 62.21
CA GLU MA 788 97.53 -21.31 63.55
C GLU MA 788 99.00 -20.93 63.56
N GLU MA 789 99.82 -21.55 62.71
CA GLU MA 789 101.23 -21.21 62.65
C GLU MA 789 101.42 -19.80 62.10
N SER MA 790 100.71 -19.47 61.02
CA SER MA 790 100.85 -18.15 60.42
C SER MA 790 100.34 -17.07 61.36
N LEU MA 791 99.19 -17.30 62.00
CA LEU MA 791 98.66 -16.30 62.93
C LEU MA 791 99.59 -16.11 64.12
N ARG MA 792 100.12 -17.20 64.67
CA ARG MA 792 101.01 -17.07 65.82
C ARG MA 792 102.28 -16.31 65.44
N GLN MA 793 102.86 -16.62 64.28
CA GLN MA 793 104.06 -15.90 63.86
C GLN MA 793 103.77 -14.43 63.61
N LEU MA 794 102.62 -14.12 62.98
CA LEU MA 794 102.26 -12.73 62.75
C LEU MA 794 102.08 -11.99 64.07
N ARG MA 795 101.43 -12.63 65.05
CA ARG MA 795 101.21 -12.00 66.34
C ARG MA 795 102.53 -11.70 67.03
N LYS MA 796 103.47 -12.66 66.99
CA LYS MA 796 104.78 -12.42 67.59
C LYS MA 796 105.50 -11.29 66.88
N MET MA 797 105.45 -11.25 65.55
CA MET MA 797 106.16 -10.22 64.80
C MET MA 797 105.62 -8.83 65.12
N LEU MA 798 104.29 -8.67 65.10
CA LEU MA 798 103.72 -7.36 65.37
C LEU MA 798 103.98 -6.93 66.81
N ASP MA 799 103.86 -7.86 67.77
CA ASP MA 799 104.17 -7.52 69.15
C ASP MA 799 105.61 -7.05 69.28
N PHE MA 800 106.54 -7.77 68.64
CA PHE MA 800 107.94 -7.40 68.76
C PHE MA 800 108.20 -6.04 68.16
N ILE MA 801 107.61 -5.74 67.00
CA ILE MA 801 107.85 -4.44 66.38
C ILE MA 801 107.31 -3.32 67.26
N PHE MA 802 106.11 -3.50 67.81
CA PHE MA 802 105.53 -2.46 68.65
C PHE MA 802 106.38 -2.22 69.89
N HIS MA 803 106.79 -3.29 70.55
CA HIS MA 803 107.63 -3.13 71.74
C HIS MA 803 108.98 -2.54 71.40
N PHE MA 804 109.52 -2.83 70.23
CA PHE MA 804 110.77 -2.21 69.82
C PHE MA 804 110.58 -0.71 69.64
N ASN MA 805 109.47 -0.28 69.06
CA ASN MA 805 109.22 1.15 68.94
C ASN MA 805 109.13 1.81 70.31
N ASN MA 806 108.43 1.16 71.25
CA ASN MA 806 108.35 1.72 72.61
C ASN MA 806 109.73 1.80 73.26
N TYR MA 807 110.56 0.78 73.04
CA TYR MA 807 111.92 0.81 73.57
C TYR MA 807 112.72 1.93 72.95
N ILE MA 808 112.54 2.18 71.65
CA ILE MA 808 113.23 3.28 71.00
C ILE MA 808 112.82 4.60 71.65
N VAL MA 809 111.53 4.76 71.93
CA VAL MA 809 111.09 5.99 72.59
C VAL MA 809 111.75 6.14 73.94
N GLN MA 810 111.82 5.05 74.73
CA GLN MA 810 112.41 5.19 76.06
C GLN MA 810 113.92 5.40 75.98
N VAL MA 811 114.55 5.03 74.86
CA VAL MA 811 115.99 5.24 74.71
C VAL MA 811 116.33 6.73 74.71
N LYS MA 812 115.46 7.57 74.15
CA LYS MA 812 115.78 8.98 74.02
C LYS MA 812 116.19 9.58 75.35
N LYS MA 813 115.55 9.15 76.44
CA LYS MA 813 115.90 9.68 77.76
C LYS MA 813 117.32 9.31 78.14
N VAL MA 814 117.73 8.06 77.86
CA VAL MA 814 119.04 7.59 78.28
C VAL MA 814 120.14 8.36 77.59
N LEU MA 815 119.99 8.62 76.29
CA LEU MA 815 121.07 9.26 75.54
C LEU MA 815 121.38 10.65 76.06
N VAL MA 816 120.46 11.27 76.80
CA VAL MA 816 120.73 12.58 77.37
C VAL MA 816 121.92 12.50 78.32
N LEU MA 817 121.94 11.47 79.17
CA LEU MA 817 122.96 11.38 80.20
C LEU MA 817 124.33 11.04 79.63
N LEU MA 818 124.37 10.34 78.50
CA LEU MA 818 125.65 9.87 77.98
C LEU MA 818 126.53 11.04 77.55
N ASN MA 819 126.04 11.86 76.62
CA ASN MA 819 126.78 13.02 76.18
C ASN MA 819 126.59 14.18 77.15
N HIS MA 820 127.64 14.98 77.29
CA HIS MA 820 127.63 16.10 78.22
C HIS MA 820 127.10 17.38 77.59
N GLU MA 821 127.37 17.60 76.30
CA GLU MA 821 127.09 18.89 75.69
C GLU MA 821 125.61 19.25 75.76
N LEU MA 822 124.74 18.24 75.75
CA LEU MA 822 123.30 18.44 75.84
C LEU MA 822 122.73 18.08 77.20
N PHE MA 823 123.45 17.30 78.01
CA PHE MA 823 122.98 17.00 79.35
C PHE MA 823 122.87 18.27 80.19
N ASN MA 824 123.83 19.19 80.05
CA ASN MA 824 123.75 20.43 80.80
C ASN MA 824 122.51 21.23 80.40
N GLU MA 825 122.20 21.28 79.11
CA GLU MA 825 121.02 22.01 78.67
C GLU MA 825 119.75 21.39 79.20
N TYR MA 826 119.62 20.06 79.14
CA TYR MA 826 118.38 19.45 79.60
C TYR MA 826 118.28 19.41 81.12
N SER MA 827 119.39 19.35 81.85
CA SER MA 827 119.35 19.35 83.30
C SER MA 827 119.00 20.71 83.87
N LYS MA 828 119.00 21.76 83.05
CA LYS MA 828 118.67 23.09 83.56
C LYS MA 828 117.28 23.13 84.15
N GLU MA 829 116.38 22.29 83.67
CA GLU MA 829 115.00 22.24 84.17
C GLU MA 829 114.81 21.07 85.11
N ASP MA 839 128.91 10.60 86.49
CA ASP MA 839 130.27 10.14 86.70
C ASP MA 839 130.72 9.22 85.56
N GLN MA 840 132.04 9.08 85.40
CA GLN MA 840 132.56 8.22 84.34
C GLN MA 840 132.11 6.78 84.52
N GLU MA 841 132.17 6.28 85.75
CA GLU MA 841 131.73 4.91 86.01
C GLU MA 841 130.25 4.73 85.70
N SER MA 842 129.42 5.70 86.10
CA SER MA 842 127.99 5.62 85.82
C SER MA 842 127.71 5.65 84.32
N ILE MA 843 128.43 6.51 83.58
CA ILE MA 843 128.25 6.58 82.14
C ILE MA 843 128.65 5.26 81.49
N ASP MA 844 129.76 4.68 81.95
CA ASP MA 844 130.18 3.38 81.42
C ASP MA 844 129.14 2.31 81.70
N LYS MA 845 128.55 2.33 82.90
CA LYS MA 845 127.50 1.37 83.22
C LYS MA 845 126.29 1.56 82.30
N ARG MA 846 125.90 2.81 82.06
CA ARG MA 846 124.76 3.06 81.18
C ARG MA 846 125.01 2.51 79.79
N PHE MA 847 126.19 2.77 79.25
CA PHE MA 847 126.50 2.28 77.91
C PHE MA 847 126.57 0.76 77.89
N ALA MA 848 127.12 0.14 78.94
CA ALA MA 848 127.17 -1.32 78.99
C ALA MA 848 125.77 -1.92 79.03
N ASN MA 849 124.86 -1.30 79.78
CA ASN MA 849 123.48 -1.78 79.81
C ASN MA 849 122.83 -1.68 78.43
N LEU MA 850 123.03 -0.54 77.76
CA LEU MA 850 122.47 -0.40 76.42
C LEU MA 850 123.04 -1.41 75.45
N SER MA 851 124.29 -1.81 75.64
CA SER MA 851 124.88 -2.79 74.74
C SER MA 851 124.08 -4.08 74.76
N ASP MA 852 123.84 -4.62 75.96
CA ASP MA 852 123.14 -5.89 76.07
C ASP MA 852 121.68 -5.75 75.65
N THR MA 853 121.02 -4.65 76.02
CA THR MA 853 119.63 -4.49 75.61
C THR MA 853 119.49 -4.46 74.10
N PHE MA 854 120.34 -3.69 73.43
CA PHE MA 854 120.27 -3.58 71.97
C PHE MA 854 120.61 -4.91 71.31
N LEU MA 855 121.61 -5.62 71.84
CA LEU MA 855 121.94 -6.93 71.28
C LEU MA 855 120.75 -7.89 71.41
N MET MA 856 120.07 -7.85 72.55
CA MET MA 856 118.90 -8.70 72.74
C MET MA 856 117.84 -8.41 71.69
N GLN MA 857 117.55 -7.12 71.45
CA GLN MA 857 116.56 -6.80 70.44
C GLN MA 857 117.00 -7.26 69.05
N TYR MA 858 118.29 -7.08 68.73
CA TYR MA 858 118.81 -7.47 67.41
C TYR MA 858 118.63 -8.97 67.19
N GLU MA 859 119.02 -9.77 68.17
CA GLU MA 859 118.93 -11.22 68.01
C GLU MA 859 117.49 -11.69 68.02
N LYS MA 860 116.62 -11.03 68.80
CA LYS MA 860 115.21 -11.38 68.77
C LYS MA 860 114.61 -11.12 67.40
N PHE MA 861 115.00 -10.01 66.77
CA PHE MA 861 114.53 -9.75 65.41
C PHE MA 861 114.96 -10.85 64.46
N GLY MA 862 116.22 -11.26 64.55
CA GLY MA 862 116.68 -12.33 63.67
C GLY MA 862 115.89 -13.62 63.86
N GLU MA 863 115.66 -14.00 65.12
CA GLU MA 863 114.90 -15.22 65.40
C GLU MA 863 113.49 -15.13 64.81
N ASN MA 864 112.81 -14.02 65.08
CA ASN MA 864 111.43 -13.89 64.61
C ASN MA 864 111.38 -13.93 63.09
N LEU MA 865 112.32 -13.26 62.43
CA LEU MA 865 112.34 -13.26 60.97
C LEU MA 865 112.52 -14.67 60.43
N VAL MA 866 113.45 -15.43 61.00
CA VAL MA 866 113.70 -16.78 60.48
C VAL MA 866 112.44 -17.64 60.63
N THR MA 867 111.83 -17.61 61.82
CA THR MA 867 110.65 -18.44 62.04
C THR MA 867 109.51 -18.03 61.11
N PHE MA 868 109.32 -16.72 60.93
CA PHE MA 868 108.24 -16.23 60.09
C PHE MA 868 108.41 -16.68 58.65
N LEU MA 869 109.64 -16.57 58.12
CA LEU MA 869 109.88 -17.00 56.75
C LEU MA 869 109.65 -18.50 56.60
N ALA MA 870 110.11 -19.30 57.56
CA ALA MA 870 109.89 -20.74 57.44
C ALA MA 870 108.40 -21.06 57.43
N THR MA 871 107.62 -20.42 58.31
CA THR MA 871 106.19 -20.69 58.36
C THR MA 871 105.50 -20.31 57.06
N ILE MA 872 105.81 -19.11 56.53
CA ILE MA 872 105.19 -18.72 55.27
C ILE MA 872 105.57 -19.71 54.18
N LYS MA 873 106.82 -20.15 54.15
CA LYS MA 873 107.24 -21.05 53.08
C LYS MA 873 106.45 -22.35 53.13
N GLN MA 874 106.29 -22.94 54.32
CA GLN MA 874 105.57 -24.21 54.37
C GLN MA 874 104.10 -24.02 54.00
N VAL MA 875 103.46 -22.96 54.50
CA VAL MA 875 102.05 -22.78 54.19
C VAL MA 875 101.86 -22.50 52.70
N GLY MA 876 102.71 -21.66 52.12
CA GLY MA 876 102.59 -21.36 50.71
C GLY MA 876 102.80 -22.58 49.83
N GLU MA 877 103.78 -23.42 50.18
CA GLU MA 877 103.97 -24.63 49.41
C GLU MA 877 102.78 -25.57 49.54
N ARG MA 878 102.15 -25.62 50.71
CA ARG MA 878 101.06 -26.56 50.88
C ARG MA 878 99.77 -26.07 50.22
N GLU MA 879 99.24 -24.93 50.65
CA GLU MA 879 97.89 -24.53 50.31
C GLU MA 879 97.83 -23.30 49.41
N ASN MA 880 98.39 -22.17 49.84
CA ASN MA 880 98.11 -20.88 49.23
C ASN MA 880 99.16 -20.54 48.17
N GLN MA 881 98.69 -20.17 46.98
CA GLN MA 881 99.61 -19.73 45.94
C GLN MA 881 100.13 -18.33 46.21
N GLY MA 882 99.29 -17.44 46.75
CA GLY MA 882 99.71 -16.08 46.99
C GLY MA 882 100.84 -15.97 47.99
N LEU MA 883 100.85 -16.84 49.00
CA LEU MA 883 101.89 -16.76 50.02
C LEU MA 883 103.23 -17.25 49.48
N LEU MA 884 103.22 -18.10 48.44
CA LEU MA 884 104.47 -18.63 47.91
C LEU MA 884 105.33 -17.52 47.29
N GLU MA 885 104.71 -16.64 46.50
CA GLU MA 885 105.46 -15.55 45.91
C GLU MA 885 105.92 -14.56 46.97
N LEU MA 886 105.12 -14.35 48.02
CA LEU MA 886 105.58 -13.53 49.13
C LEU MA 886 106.80 -14.15 49.80
N SER MA 887 106.79 -15.47 49.95
CA SER MA 887 107.96 -16.15 50.52
C SER MA 887 109.18 -15.94 49.64
N ASN MA 888 109.01 -16.05 48.32
CA ASN MA 888 110.13 -15.83 47.42
C ASN MA 888 110.65 -14.40 47.56
N ARG MA 889 109.75 -13.42 47.62
CA ARG MA 889 110.19 -12.04 47.73
C ARG MA 889 110.93 -11.78 49.03
N LEU MA 890 110.40 -12.28 50.15
CA LEU MA 890 111.05 -12.03 51.43
C LEU MA 890 112.38 -12.76 51.53
N GLU MA 891 112.47 -13.96 50.95
CA GLU MA 891 113.74 -14.67 50.93
C GLU MA 891 114.76 -13.92 50.08
N LEU MA 892 114.32 -13.37 48.94
CA LEU MA 892 115.23 -12.55 48.14
C LEU MA 892 115.59 -11.24 48.84
N CYS MA 893 114.81 -10.82 49.83
CA CYS MA 893 115.17 -9.62 50.58
C CYS MA 893 116.34 -9.89 51.52
N PHE MA 894 116.14 -10.78 52.48
CA PHE MA 894 117.16 -11.08 53.47
C PHE MA 894 117.94 -12.34 53.09
N LEU NA 157 -3.27 -53.68 40.65
CA LEU NA 157 -3.08 -52.72 41.79
C LEU NA 157 -1.61 -52.39 41.97
N THR NA 158 -1.33 -51.14 42.34
CA THR NA 158 0.05 -50.72 42.57
C THR NA 158 0.53 -51.23 43.92
N LEU NA 159 1.84 -51.12 44.15
CA LEU NA 159 2.42 -51.59 45.40
C LEU NA 159 1.84 -50.83 46.59
N SER NA 160 1.66 -49.52 46.44
CA SER NA 160 1.19 -48.71 47.55
C SER NA 160 -0.22 -49.07 47.99
N GLN NA 161 -0.99 -49.75 47.13
CA GLN NA 161 -2.36 -50.10 47.50
C GLN NA 161 -2.42 -51.37 48.31
N LEU NA 162 -1.59 -52.36 47.97
CA LEU NA 162 -1.61 -53.64 48.68
C LEU NA 162 -1.16 -53.50 50.13
N ILE NA 163 -0.40 -52.45 50.45
CA ILE NA 163 0.11 -52.27 51.81
C ILE NA 163 -0.88 -51.50 52.68
N GLU NA 164 -1.83 -50.78 52.07
CA GLU NA 164 -2.72 -49.91 52.83
C GLU NA 164 -3.40 -50.60 54.00
N PRO NA 165 -3.98 -51.80 53.85
CA PRO NA 165 -4.61 -52.44 55.02
C PRO NA 165 -3.65 -52.72 56.16
N TYR NA 166 -2.38 -52.99 55.86
CA TYR NA 166 -1.41 -53.44 56.86
C TYR NA 166 -0.47 -52.33 57.32
N TYR NA 167 -0.81 -51.07 57.05
CA TYR NA 167 0.10 -49.97 57.40
C TYR NA 167 -0.74 -48.74 57.70
N ASP NA 168 -0.75 -48.32 58.97
CA ASP NA 168 -1.62 -47.26 59.46
C ASP NA 168 -0.81 -46.04 59.86
N THR NA 169 -1.14 -44.89 59.29
CA THR NA 169 -0.54 -43.62 59.66
C THR NA 169 -1.36 -42.48 59.07
N LEU NA 170 -1.40 -41.37 59.78
CA LEU NA 170 -2.07 -40.17 59.31
C LEU NA 170 -1.34 -39.60 58.11
N GLN NA 173 -0.96 -37.74 52.40
CA GLN NA 173 -1.34 -36.48 51.78
C GLN NA 173 -1.90 -35.49 52.81
N THR NA 174 -2.45 -36.01 53.90
CA THR NA 174 -2.99 -35.12 54.93
C THR NA 174 -1.88 -34.32 55.59
N ILE NA 175 -0.70 -34.92 55.75
CA ILE NA 175 0.44 -34.18 56.31
C ILE NA 175 0.79 -33.01 55.42
N LEU NA 176 0.83 -33.24 54.10
CA LEU NA 176 1.16 -32.17 53.17
C LEU NA 176 0.11 -31.07 53.15
N THR NA 177 -1.10 -31.35 53.62
CA THR NA 177 -2.12 -30.31 53.67
C THR NA 177 -1.79 -29.27 54.72
N TYR NA 178 -1.33 -29.71 55.89
CA TYR NA 178 -1.03 -28.82 57.00
C TYR NA 178 0.46 -28.54 57.15
N LEU NA 179 1.30 -29.06 56.26
CA LEU NA 179 2.74 -28.84 56.40
C LEU NA 179 3.15 -27.42 56.01
N PRO NA 180 2.63 -26.83 54.92
CA PRO NA 180 3.05 -25.47 54.58
C PRO NA 180 2.84 -24.47 55.70
N TYR NA 181 1.74 -24.59 56.44
CA TYR NA 181 1.48 -23.66 57.53
C TYR NA 181 2.47 -23.85 58.68
N THR NA 182 2.95 -25.08 58.88
CA THR NA 182 3.96 -25.31 59.91
C THR NA 182 5.33 -24.81 59.46
N MET NA 183 5.64 -24.96 58.17
CA MET NA 183 6.95 -24.54 57.66
C MET NA 183 7.14 -23.04 57.79
N LEU NA 184 6.09 -22.25 57.62
CA LEU NA 184 6.17 -20.81 57.73
C LEU NA 184 6.16 -20.33 59.18
N GLY NA 185 6.42 -21.22 60.13
CA GLY NA 185 6.46 -20.83 61.53
C GLY NA 185 5.12 -20.38 62.07
N SER NA 186 4.07 -21.14 61.78
CA SER NA 186 2.73 -20.87 62.29
C SER NA 186 2.14 -22.14 62.89
N ASP NA 187 1.28 -21.96 63.88
CA ASP NA 187 0.63 -23.08 64.54
C ASP NA 187 -0.24 -23.84 63.55
N SER NA 188 -0.37 -25.15 63.78
CA SER NA 188 -1.15 -26.02 62.91
C SER NA 188 -2.06 -26.90 63.76
N LYS NA 189 -3.10 -27.45 63.13
CA LYS NA 189 -4.09 -28.31 63.83
C LYS NA 189 -3.37 -29.54 64.38
N ILE NA 190 -2.35 -30.06 63.69
CA ILE NA 190 -1.67 -31.29 64.09
C ILE NA 190 -0.26 -31.07 64.59
N PHE NA 191 0.33 -29.90 64.37
CA PHE NA 191 1.64 -29.55 64.88
C PHE NA 191 1.54 -28.26 65.66
N THR NA 192 1.97 -28.27 66.91
CA THR NA 192 1.84 -27.12 67.79
C THR NA 192 3.20 -26.77 68.39
N PHE NA 193 3.58 -25.50 68.31
CA PHE NA 193 4.80 -25.03 68.94
C PHE NA 193 4.56 -24.78 70.43
N SER NA 194 5.66 -24.75 71.19
CA SER NA 194 5.56 -24.54 72.63
C SER NA 194 6.90 -24.02 73.13
N ASN NA 195 6.89 -23.49 74.34
CA ASN NA 195 8.09 -23.00 75.01
C ASN NA 195 8.77 -21.92 74.18
N ASN NA 196 8.00 -20.87 73.87
CA ASN NA 196 8.49 -19.71 73.13
C ASN NA 196 9.08 -20.12 71.78
N TYR NA 197 8.43 -21.10 71.13
CA TYR NA 197 8.83 -21.53 69.80
C TYR NA 197 10.24 -22.11 69.80
N THR NA 198 10.53 -22.97 70.78
CA THR NA 198 11.80 -23.65 70.85
C THR NA 198 11.69 -25.16 70.63
N ARG NA 199 10.48 -25.71 70.62
CA ARG NA 199 10.29 -27.13 70.36
C ARG NA 199 8.97 -27.34 69.66
N LEU NA 200 8.88 -28.41 68.88
CA LEU NA 200 7.70 -28.75 68.11
C LEU NA 200 7.30 -30.18 68.44
N GLU NA 201 6.02 -30.39 68.73
CA GLU NA 201 5.51 -31.68 69.18
C GLU NA 201 4.90 -32.43 68.00
N ILE NA 202 5.44 -33.61 67.70
CA ILE NA 202 4.89 -34.44 66.64
C ILE NA 202 3.74 -35.27 67.23
N PRO NA 203 2.55 -35.24 66.62
CA PRO NA 203 1.39 -35.85 67.28
C PRO NA 203 1.44 -37.37 67.28
N LYS NA 204 0.48 -38.00 67.96
CA LYS NA 204 0.27 -39.42 67.81
C LYS NA 204 -0.28 -39.72 66.41
N ASP NA 205 -0.28 -41.00 66.05
CA ASP NA 205 -0.70 -41.44 64.72
C ASP NA 205 0.29 -40.97 63.65
N ILE NA 206 1.56 -40.91 64.02
CA ILE NA 206 2.65 -40.73 63.05
C ILE NA 206 3.72 -41.75 63.42
N ASN NA 207 3.70 -42.90 62.76
CA ASN NA 207 4.55 -44.02 63.17
C ASN NA 207 6.03 -43.67 63.02
N ASN NA 208 6.86 -44.54 63.58
CA ASN NA 208 8.30 -44.31 63.71
C ASN NA 208 8.95 -43.67 62.48
N SER NA 209 8.81 -44.30 61.30
CA SER NA 209 9.53 -43.84 60.12
C SER NA 209 9.17 -42.41 59.75
N PHE NA 210 7.88 -42.11 59.62
CA PHE NA 210 7.47 -40.77 59.23
C PHE NA 210 7.92 -39.74 60.25
N SER NA 211 7.84 -40.06 61.55
CA SER NA 211 8.33 -39.13 62.56
C SER NA 211 9.82 -38.90 62.43
N SER NA 212 10.59 -39.96 62.17
CA SER NA 212 12.03 -39.80 62.02
C SER NA 212 12.35 -38.92 60.83
N LEU NA 213 11.61 -39.08 59.73
CA LEU NA 213 11.84 -38.23 58.56
C LEU NA 213 11.44 -36.79 58.85
N LEU NA 214 10.29 -36.58 59.46
CA LEU NA 214 9.83 -35.23 59.76
C LEU NA 214 10.79 -34.50 60.67
N ARG NA 215 11.43 -35.22 61.60
CA ARG NA 215 12.37 -34.56 62.49
C ARG NA 215 13.47 -33.84 61.70
N GLU NA 216 13.82 -34.36 60.53
CA GLU NA 216 14.77 -33.66 59.67
C GLU NA 216 14.12 -32.47 58.96
N VAL NA 217 12.88 -32.63 58.49
CA VAL NA 217 12.21 -31.56 57.77
C VAL NA 217 11.92 -30.40 58.72
N PHE NA 218 11.50 -30.71 59.94
CA PHE NA 218 11.10 -29.66 60.89
C PHE NA 218 12.28 -28.84 61.37
N GLU NA 219 13.51 -29.23 61.06
CA GLU NA 219 14.65 -28.40 61.41
C GLU NA 219 14.55 -27.03 60.74
N PHE NA 220 14.10 -27.00 59.48
CA PHE NA 220 13.94 -25.73 58.78
C PHE NA 220 12.88 -24.87 59.44
N ALA NA 221 11.76 -25.47 59.86
CA ALA NA 221 10.66 -24.70 60.41
C ALA NA 221 11.08 -23.98 61.69
N ILE NA 222 11.71 -24.70 62.61
CA ILE NA 222 12.07 -24.12 63.90
C ILE NA 222 13.16 -23.07 63.73
N LEU NA 223 14.16 -23.36 62.90
CA LEU NA 223 15.23 -22.40 62.67
C LEU NA 223 14.70 -21.13 62.03
N TYR NA 224 13.81 -21.27 61.05
CA TYR NA 224 13.24 -20.09 60.41
C TYR NA 224 12.39 -19.31 61.39
N LYS NA 225 11.66 -20.00 62.27
CA LYS NA 225 10.87 -19.30 63.27
C LYS NA 225 11.77 -18.51 64.20
N GLN NA 226 12.89 -19.09 64.62
CA GLN NA 226 13.81 -18.36 65.48
C GLN NA 226 14.37 -17.13 64.78
N LEU NA 227 14.73 -17.28 63.51
CA LEU NA 227 15.26 -16.14 62.77
C LEU NA 227 14.20 -15.07 62.59
N ALA NA 228 12.94 -15.46 62.35
CA ALA NA 228 11.88 -14.47 62.21
C ALA NA 228 11.63 -13.75 63.53
N ILE NA 229 11.72 -14.47 64.66
CA ILE NA 229 11.57 -13.81 65.95
C ILE NA 229 12.68 -12.78 66.13
N VAL NA 230 13.92 -13.16 65.80
CA VAL NA 230 15.02 -12.22 65.96
C VAL NA 230 14.82 -10.99 65.07
N VAL NA 231 14.45 -11.21 63.81
CA VAL NA 231 14.29 -10.09 62.89
C VAL NA 231 13.18 -9.16 63.36
N ASP NA 232 12.06 -9.73 63.79
CA ASP NA 232 10.94 -8.90 64.24
C ASP NA 232 11.29 -8.16 65.53
N ARG NA 233 12.12 -8.75 66.38
CA ARG NA 233 12.43 -8.15 67.67
C ARG NA 233 13.47 -7.03 67.57
N TYR NA 234 14.51 -7.22 66.76
CA TYR NA 234 15.59 -6.25 66.65
C TYR NA 234 15.51 -5.43 65.37
N LYS NA 235 14.30 -5.23 64.82
CA LYS NA 235 14.17 -4.55 63.54
C LYS NA 235 14.67 -3.11 63.64
N GLY NA 236 14.19 -2.36 64.62
CA GLY NA 236 14.54 -0.96 64.74
C GLY NA 236 14.98 -0.56 66.13
N THR NA 237 15.48 -1.52 66.90
CA THR NA 237 15.92 -1.27 68.26
C THR NA 237 17.43 -1.06 68.36
N LEU NA 238 18.21 -1.87 67.66
CA LEU NA 238 19.67 -1.76 67.73
C LEU NA 238 20.12 -0.41 67.19
N VAL NA 239 21.14 0.17 67.82
CA VAL NA 239 21.63 1.50 67.45
C VAL NA 239 22.87 1.36 66.58
N SER NA 240 23.68 0.33 66.83
CA SER NA 240 24.90 0.14 66.05
C SER NA 240 24.55 -0.12 64.59
N ALA NA 241 25.30 0.52 63.69
CA ALA NA 241 25.01 0.39 62.26
C ALA NA 241 25.40 -0.98 61.73
N ILE NA 242 26.42 -1.60 62.31
CA ILE NA 242 26.90 -2.88 61.79
C ILE NA 242 25.83 -3.95 61.96
N LYS NA 243 25.28 -4.05 63.17
CA LYS NA 243 24.24 -5.03 63.44
C LYS NA 243 22.98 -4.72 62.64
N THR NA 244 22.69 -3.44 62.42
CA THR NA 244 21.52 -3.08 61.63
C THR NA 244 21.65 -3.57 60.19
N ALA NA 245 22.83 -3.38 59.59
CA ALA NA 245 23.04 -3.89 58.24
C ALA NA 245 22.95 -5.41 58.21
N TYR NA 246 23.46 -6.05 59.26
CA TYR NA 246 23.33 -7.51 59.33
C TYR NA 246 21.87 -7.93 59.34
N ILE NA 247 21.04 -7.23 60.13
CA ILE NA 247 19.62 -7.56 60.18
C ILE NA 247 18.97 -7.32 58.83
N ALA NA 248 19.39 -6.27 58.12
CA ALA NA 248 18.81 -6.02 56.80
C ALA NA 248 19.08 -7.19 55.85
N ILE NA 249 20.32 -7.66 55.81
CA ILE NA 249 20.61 -8.77 54.90
C ILE NA 249 19.92 -10.04 55.38
N LEU NA 250 19.79 -10.23 56.70
CA LEU NA 250 19.06 -11.37 57.22
C LEU NA 250 17.61 -11.35 56.76
N GLU NA 251 16.98 -10.18 56.79
CA GLU NA 251 15.60 -10.07 56.32
C GLU NA 251 15.50 -10.42 54.84
N ALA NA 252 16.47 -9.96 54.04
CA ALA NA 252 16.44 -10.31 52.62
C ALA NA 252 16.52 -11.83 52.42
N GLN NA 253 17.42 -12.48 53.17
CA GLN NA 253 17.57 -13.92 53.04
C GLN NA 253 16.28 -14.65 53.45
N LEU NA 254 15.66 -14.21 54.54
CA LEU NA 254 14.41 -14.85 54.96
C LEU NA 254 13.32 -14.67 53.92
N ASN NA 255 13.27 -13.50 53.29
CA ASN NA 255 12.28 -13.31 52.22
C ASN NA 255 12.52 -14.29 51.08
N LYS NA 256 13.78 -14.49 50.70
CA LYS NA 256 14.05 -15.47 49.66
C LYS NA 256 13.61 -16.86 50.10
N TYR NA 257 13.85 -17.21 51.36
CA TYR NA 257 13.45 -18.53 51.83
C TYR NA 257 11.95 -18.72 51.77
N VAL NA 258 11.19 -17.69 52.16
CA VAL NA 258 9.74 -17.80 52.12
C VAL NA 258 9.27 -17.98 50.68
N ASN NA 259 9.85 -17.22 49.75
CA ASN NA 259 9.46 -17.40 48.35
C ASN NA 259 9.79 -18.80 47.85
N ASP NA 260 10.93 -19.35 48.29
CA ASP NA 260 11.29 -20.70 47.89
C ASP NA 260 10.26 -21.70 48.40
N ILE NA 261 9.85 -21.57 49.66
CA ILE NA 261 8.83 -22.48 50.20
C ILE NA 261 7.53 -22.37 49.41
N ASN NA 262 7.14 -21.13 49.08
CA ASN NA 262 5.93 -20.95 48.29
C ASN NA 262 6.04 -21.65 46.94
N ASN NA 263 7.21 -21.59 46.31
CA ASN NA 263 7.39 -22.34 45.07
C ASN NA 263 7.31 -23.86 45.31
N ILE NA 264 7.91 -24.34 46.41
CA ILE NA 264 7.93 -25.77 46.64
C ILE NA 264 6.52 -26.32 46.84
N PHE NA 265 5.63 -25.53 47.42
CA PHE NA 265 4.27 -26.02 47.66
C PHE NA 265 3.25 -25.55 46.63
N ASN NA 266 3.58 -24.58 45.77
CA ASN NA 266 2.72 -24.29 44.62
C ASN NA 266 2.71 -25.46 43.65
N ASN NA 267 3.87 -26.06 43.42
CA ASN NA 267 3.97 -27.30 42.64
C ASN NA 267 3.57 -28.43 43.57
N LYS NA 268 2.29 -28.82 43.52
CA LYS NA 268 1.73 -29.76 44.47
C LYS NA 268 2.66 -30.96 44.66
N PRO NA 269 3.28 -31.11 45.82
CA PRO NA 269 4.23 -32.20 46.02
C PRO NA 269 3.55 -33.54 46.23
N ASN NA 270 4.27 -34.60 45.89
CA ASN NA 270 3.73 -35.95 46.00
C ASN NA 270 4.00 -36.59 47.35
N SER NA 271 5.12 -36.24 47.99
CA SER NA 271 5.50 -36.89 49.24
C SER NA 271 6.37 -35.93 50.04
N ILE NA 272 6.67 -36.33 51.27
CA ILE NA 272 7.52 -35.52 52.14
C ILE NA 272 8.94 -35.44 51.59
N LEU NA 273 9.40 -36.49 50.92
CA LEU NA 273 10.80 -36.55 50.51
C LEU NA 273 11.10 -35.53 49.40
N VAL NA 274 10.16 -35.32 48.48
CA VAL NA 274 10.40 -34.31 47.45
C VAL NA 274 10.46 -32.93 48.09
N VAL NA 275 9.64 -32.68 49.12
CA VAL NA 275 9.70 -31.44 49.85
C VAL NA 275 11.08 -31.28 50.49
N TYR NA 276 11.56 -32.33 51.14
CA TYR NA 276 12.86 -32.26 51.80
C TYR NA 276 13.97 -32.00 50.80
N ASN NA 277 13.94 -32.68 49.66
CA ASN NA 277 14.99 -32.49 48.66
C ASN NA 277 14.94 -31.09 48.06
N SER NA 278 13.73 -30.54 47.87
CA SER NA 278 13.62 -29.22 47.27
C SER NA 278 14.26 -28.16 48.15
N ILE NA 279 14.08 -28.25 49.47
CA ILE NA 279 14.62 -27.25 50.39
C ILE NA 279 15.99 -27.66 50.95
N PHE NA 280 16.52 -28.81 50.53
CA PHE NA 280 17.78 -29.27 51.10
C PHE NA 280 18.90 -28.23 50.97
N PRO NA 281 19.08 -27.53 49.85
CA PRO NA 281 20.23 -26.63 49.72
C PRO NA 281 20.24 -25.49 50.73
N TRP NA 282 19.20 -25.38 51.56
CA TRP NA 282 19.10 -24.30 52.53
C TRP NA 282 19.58 -24.70 53.93
N ILE NA 283 20.15 -25.90 54.08
CA ILE NA 283 20.62 -26.33 55.40
C ILE NA 283 21.77 -25.43 55.87
N SER NA 284 22.76 -25.20 55.01
CA SER NA 284 23.95 -24.48 55.44
C SER NA 284 23.64 -23.01 55.66
N ILE NA 285 22.81 -22.42 54.81
CA ILE NA 285 22.48 -21.01 54.94
C ILE NA 285 21.75 -20.77 56.25
N LEU NA 286 20.73 -21.57 56.53
CA LEU NA 286 19.96 -21.37 57.76
C LEU NA 286 20.81 -21.63 58.99
N ARG NA 287 21.62 -22.70 58.98
CA ARG NA 287 22.46 -22.96 60.15
C ARG NA 287 23.45 -21.83 60.39
N PHE NA 288 24.08 -21.34 59.31
CA PHE NA 288 25.03 -20.24 59.46
C PHE NA 288 24.35 -18.99 59.99
N LEU NA 289 23.19 -18.65 59.44
CA LEU NA 289 22.50 -17.44 59.88
C LEU NA 289 22.07 -17.56 61.33
N TYR NA 290 21.60 -18.74 61.74
CA TYR NA 290 21.20 -18.93 63.13
C TYR NA 290 22.40 -18.82 64.06
N ARG NA 291 23.54 -19.39 63.65
CA ARG NA 291 24.73 -19.30 64.50
C ARG NA 291 25.21 -17.87 64.66
N VAL NA 292 25.22 -17.10 63.56
CA VAL NA 292 25.71 -15.73 63.63
C VAL NA 292 24.77 -14.87 64.46
N SER NA 293 23.46 -14.97 64.19
CA SER NA 293 22.49 -14.18 64.93
C SER NA 293 22.47 -14.53 66.42
N ASN NA 294 22.87 -15.75 66.78
CA ASN NA 294 22.89 -16.13 68.18
C ASN NA 294 23.87 -15.30 68.99
N ARG NA 295 24.87 -14.70 68.35
CA ARG NA 295 25.89 -13.91 69.01
C ARG NA 295 25.78 -12.43 68.68
N LEU NA 296 24.56 -11.97 68.41
CA LEU NA 296 24.32 -10.56 68.13
C LEU NA 296 24.30 -9.70 69.39
N ASN NA 297 24.22 -10.30 70.57
CA ASN NA 297 24.13 -9.55 71.82
C ASN NA 297 25.49 -9.32 72.45
N ARG NA 298 26.20 -10.41 72.78
CA ARG NA 298 27.47 -10.26 73.48
C ARG NA 298 28.51 -9.57 72.61
N LEU NA 299 28.57 -9.89 71.32
CA LEU NA 299 29.54 -9.26 70.44
C LEU NA 299 29.20 -7.79 70.24
N ASP NA 300 30.22 -6.95 70.24
CA ASP NA 300 30.07 -5.51 70.09
C ASP NA 300 29.97 -5.16 68.59
N GLY NA 301 30.05 -3.87 68.29
CA GLY NA 301 29.92 -3.45 66.90
C GLY NA 301 31.06 -3.91 66.02
N TYR NA 302 32.29 -3.81 66.52
CA TYR NA 302 33.48 -4.15 65.74
C TYR NA 302 33.83 -5.63 65.84
N GLU NA 303 33.65 -6.23 67.02
CA GLU NA 303 33.90 -7.65 67.16
C GLU NA 303 32.98 -8.46 66.26
N PHE NA 304 31.74 -8.00 66.07
CA PHE NA 304 30.83 -8.66 65.15
C PHE NA 304 31.37 -8.61 63.72
N LEU NA 305 31.85 -7.44 63.30
CA LEU NA 305 32.39 -7.30 61.95
C LEU NA 305 33.59 -8.21 61.75
N THR NA 306 34.48 -8.27 62.74
CA THR NA 306 35.63 -9.16 62.62
C THR NA 306 35.21 -10.63 62.63
N PHE NA 307 34.16 -10.95 63.39
CA PHE NA 307 33.69 -12.33 63.45
C PHE NA 307 33.15 -12.79 62.10
N ILE NA 308 32.34 -11.94 61.45
CA ILE NA 308 31.84 -12.30 60.12
C ILE NA 308 32.98 -12.35 59.11
N TYR NA 309 33.93 -11.41 59.21
CA TYR NA 309 34.99 -11.34 58.23
C TYR NA 309 35.82 -12.62 58.18
N SER NA 310 35.93 -13.32 59.31
CA SER NA 310 36.74 -14.54 59.34
C SER NA 310 36.10 -15.66 58.52
N PHE NA 311 34.81 -15.59 58.23
CA PHE NA 311 34.13 -16.61 57.45
C PHE NA 311 34.25 -16.41 55.96
N THR NA 312 34.71 -15.25 55.49
CA THR NA 312 34.87 -15.04 54.07
C THR NA 312 35.95 -15.95 53.48
N ASN NA 313 36.82 -16.50 54.31
CA ASN NA 313 37.88 -17.40 53.87
C ASN NA 313 37.47 -18.87 53.93
N HIS NA 314 36.21 -19.16 54.24
CA HIS NA 314 35.75 -20.53 54.31
C HIS NA 314 35.86 -21.18 52.94
N GLY NA 315 36.29 -22.45 52.92
CA GLY NA 315 36.48 -23.14 51.66
C GLY NA 315 35.21 -23.62 51.01
N ASP NA 316 34.13 -23.74 51.77
CA ASP NA 316 32.88 -24.24 51.24
C ASP NA 316 32.23 -23.19 50.35
N PRO NA 317 31.93 -23.47 49.08
CA PRO NA 317 31.34 -22.43 48.24
C PRO NA 317 30.03 -21.89 48.78
N LYS NA 318 29.18 -22.72 49.38
CA LYS NA 318 27.89 -22.24 49.88
C LYS NA 318 28.08 -21.35 51.10
N ILE NA 319 28.84 -21.82 52.09
CA ILE NA 319 29.03 -21.07 53.32
C ILE NA 319 29.80 -19.78 53.04
N ARG NA 320 30.89 -19.87 52.26
CA ARG NA 320 31.62 -18.67 51.90
C ARG NA 320 30.79 -17.75 51.03
N GLY NA 321 29.90 -18.29 50.21
CA GLY NA 321 29.05 -17.44 49.39
C GLY NA 321 28.11 -16.61 50.24
N ILE NA 322 27.45 -17.23 51.22
CA ILE NA 322 26.56 -16.44 52.06
C ILE NA 322 27.36 -15.50 52.96
N ALA NA 323 28.53 -15.93 53.45
CA ALA NA 323 29.32 -15.07 54.32
C ALA NA 323 29.80 -13.84 53.57
N VAL NA 324 30.28 -14.00 52.34
CA VAL NA 324 30.74 -12.87 51.56
C VAL NA 324 29.58 -12.04 51.02
N THR NA 325 28.39 -12.63 50.87
CA THR NA 325 27.23 -11.85 50.51
C THR NA 325 26.83 -10.92 51.65
N ALA NA 326 26.79 -11.45 52.87
CA ALA NA 326 26.39 -10.64 54.01
C ALA NA 326 27.46 -9.62 54.40
N PHE NA 327 28.74 -9.98 54.20
CA PHE NA 327 29.82 -9.09 54.62
C PHE NA 327 29.85 -7.78 53.83
N THR NA 328 29.39 -7.78 52.57
CA THR NA 328 29.37 -6.53 51.82
C THR NA 328 28.48 -5.49 52.48
N GLU NA 329 27.23 -5.85 52.78
CA GLU NA 329 26.33 -4.89 53.39
C GLU NA 329 26.69 -4.65 54.85
N VAL NA 330 27.28 -5.64 55.52
CA VAL NA 330 27.69 -5.42 56.91
C VAL NA 330 28.84 -4.43 56.97
N VAL NA 331 29.74 -4.45 55.98
CA VAL NA 331 30.90 -3.57 55.99
C VAL NA 331 30.62 -2.21 55.36
N LYS NA 332 29.54 -2.07 54.59
CA LYS NA 332 29.27 -0.76 53.99
C LYS NA 332 29.21 0.36 55.03
N PRO NA 333 28.55 0.21 56.18
CA PRO NA 333 28.52 1.32 57.15
C PRO NA 333 29.90 1.72 57.65
N TYR NA 334 30.81 0.77 57.81
CA TYR NA 334 32.17 1.10 58.22
C TYR NA 334 32.85 1.96 57.17
N TYR NA 335 32.67 1.61 55.89
CA TYR NA 335 33.23 2.42 54.82
C TYR NA 335 32.54 3.79 54.74
N ASN NA 336 31.28 3.88 55.15
CA ASN NA 336 30.65 5.20 55.22
C ASN NA 336 31.26 6.07 56.32
N ILE NA 337 31.58 5.46 57.46
CA ILE NA 337 32.30 6.20 58.50
C ILE NA 337 33.63 6.69 57.95
N VAL NA 338 34.36 5.82 57.26
CA VAL NA 338 35.65 6.21 56.71
C VAL NA 338 35.47 7.29 55.65
N GLU NA 339 34.40 7.21 54.87
CA GLU NA 339 34.16 8.23 53.84
C GLU NA 339 33.94 9.60 54.47
N HIS NA 340 33.07 9.67 55.49
CA HIS NA 340 32.85 10.95 56.15
C HIS NA 340 34.12 11.48 56.77
N TRP NA 341 34.92 10.59 57.39
CA TRP NA 341 36.15 11.05 58.01
C TRP NA 341 37.16 11.54 56.96
N ILE NA 342 37.24 10.85 55.83
CA ILE NA 342 38.25 11.21 54.82
C ILE NA 342 37.88 12.50 54.12
N VAL NA 343 36.62 12.64 53.70
CA VAL NA 343 36.26 13.74 52.80
C VAL NA 343 36.08 15.03 53.57
N LYS NA 344 35.11 15.06 54.50
CA LYS NA 344 34.80 16.31 55.22
C LYS NA 344 35.70 16.44 56.45
N GLY NA 345 36.10 15.32 57.04
CA GLY NA 345 36.90 15.37 58.29
C GLY NA 345 35.98 15.45 59.49
N GLU NA 346 35.10 14.47 59.66
CA GLU NA 346 34.23 14.44 60.86
C GLU NA 346 34.00 13.00 61.32
N LEU NA 347 33.68 12.82 62.61
CA LEU NA 347 33.51 11.49 63.18
C LEU NA 347 32.03 11.22 63.41
N ILE NA 348 31.56 10.07 62.95
CA ILE NA 348 30.14 9.75 62.94
C ILE NA 348 29.78 8.72 64.01
N ASP NA 349 30.61 7.69 64.19
CA ASP NA 349 30.26 6.59 65.07
C ASP NA 349 30.13 7.07 66.52
N ASN NA 350 28.91 7.05 67.05
CA ASN NA 350 28.71 7.37 68.45
C ASN NA 350 29.20 6.24 69.35
N ASN NA 351 29.11 5.00 68.87
CA ASN NA 351 29.62 3.84 69.59
C ASN NA 351 31.09 3.61 69.25
N ASN NA 352 31.74 2.78 70.07
CA ASN NA 352 33.16 2.49 69.91
C ASN NA 352 33.32 1.37 68.87
N GLU NA 353 33.34 1.77 67.60
CA GLU NA 353 33.49 0.83 66.51
C GLU NA 353 34.39 1.38 65.41
N PHE NA 354 35.36 2.23 65.77
CA PHE NA 354 36.24 2.82 64.79
C PHE NA 354 37.61 3.02 65.43
N PHE NA 355 38.63 3.11 64.59
CA PHE NA 355 40.02 3.26 65.06
C PHE NA 355 40.46 4.71 65.17
N ILE NA 356 39.52 5.64 65.26
CA ILE NA 356 39.82 7.04 65.53
C ILE NA 356 38.78 7.54 66.52
N ILE NA 357 39.22 8.28 67.54
CA ILE NA 357 38.36 8.74 68.63
C ILE NA 357 38.78 10.15 69.03
N PHE NA 358 38.01 10.75 69.94
CA PHE NA 358 38.25 12.09 70.45
C PHE NA 358 38.39 12.06 71.97
N ASP NA 359 38.91 13.17 72.51
CA ASP NA 359 39.07 13.36 73.95
C ASP NA 359 38.58 14.77 74.28
N GLN NA 360 37.32 14.89 74.73
CA GLN NA 360 36.81 16.22 75.06
C GLN NA 360 37.53 16.82 76.26
N GLU NA 361 38.04 15.97 77.17
CA GLU NA 361 38.68 16.49 78.38
C GLU NA 361 39.99 17.17 78.07
N GLN NA 362 40.63 16.84 76.95
CA GLN NA 362 41.91 17.42 76.60
C GLN NA 362 41.74 18.90 76.23
N ASN NA 363 42.80 19.67 76.46
CA ASN NA 363 42.77 21.12 76.23
C ASN NA 363 43.86 21.56 75.24
N GLU NA 364 44.16 20.72 74.26
CA GLU NA 364 45.09 21.10 73.20
C GLU NA 364 44.79 20.27 71.95
N PHE NA 365 44.94 20.91 70.78
CA PHE NA 365 44.48 20.28 69.55
C PHE NA 365 45.18 18.96 69.28
N ASN NA 366 46.51 18.95 69.35
CA ASN NA 366 47.26 17.81 68.83
C ASN NA 366 46.94 16.52 69.57
N SER NA 367 46.37 16.60 70.77
CA SER NA 367 46.12 15.41 71.58
C SER NA 367 44.64 15.16 71.87
N ILE NA 368 43.73 15.99 71.33
CA ILE NA 368 42.31 15.65 71.43
C ILE NA 368 41.99 14.41 70.61
N ILE NA 369 42.66 14.25 69.47
CA ILE NA 369 42.43 13.12 68.57
C ILE NA 369 43.58 12.14 68.75
N LYS NA 370 43.23 10.86 68.95
CA LYS NA 370 44.24 9.82 69.09
C LYS NA 370 43.79 8.58 68.32
N LEU NA 371 44.77 7.79 67.89
CA LEU NA 371 44.54 6.58 67.12
C LEU NA 371 44.48 5.37 68.05
N LEU NA 372 43.81 4.32 67.57
CA LEU NA 372 43.70 3.05 68.30
C LEU NA 372 44.28 1.96 67.42
N PRO NA 373 45.57 1.64 67.56
CA PRO NA 373 46.19 0.65 66.65
C PRO NA 373 45.59 -0.74 66.79
N LYS NA 374 44.95 -1.06 67.91
CA LYS NA 374 44.39 -2.40 68.08
C LYS NA 374 43.13 -2.61 67.24
N LYS NA 375 42.39 -1.54 66.96
CA LYS NA 375 41.11 -1.65 66.28
C LYS NA 375 41.21 -1.46 64.77
N ILE NA 376 42.41 -1.30 64.23
CA ILE NA 376 42.56 -1.11 62.79
C ILE NA 376 42.14 -2.41 62.10
N PRO NA 377 41.15 -2.39 61.20
CA PRO NA 377 40.74 -3.63 60.53
C PRO NA 377 41.78 -4.09 59.52
N ALA NA 378 41.68 -5.38 59.18
CA ALA NA 378 42.60 -5.97 58.21
C ALA NA 378 42.30 -5.53 56.79
N PHE NA 379 41.03 -5.23 56.48
CA PHE NA 379 40.65 -4.89 55.11
C PHE NA 379 40.88 -3.42 54.78
N ILE NA 380 41.32 -2.61 55.73
CA ILE NA 380 41.61 -1.20 55.47
C ILE NA 380 43.09 -1.05 55.17
N LYS NA 381 43.42 -0.06 54.35
CA LYS NA 381 44.80 0.18 53.93
C LYS NA 381 45.13 1.65 54.13
N SER NA 382 46.42 1.91 54.37
CA SER NA 382 46.92 3.27 54.56
C SER NA 382 46.19 3.98 55.70
N SER NA 383 46.01 3.26 56.82
CA SER NA 383 45.30 3.83 57.96
C SER NA 383 46.04 5.04 58.53
N ASP NA 384 47.37 4.94 58.62
CA ASP NA 384 48.15 6.03 59.20
C ASP NA 384 48.12 7.29 58.34
N LYS NA 385 47.68 7.16 57.09
CA LYS NA 385 47.44 8.32 56.22
C LYS NA 385 46.02 8.83 56.34
N ILE NA 386 45.05 7.93 56.57
CA ILE NA 386 43.68 8.35 56.82
C ILE NA 386 43.64 9.23 58.06
N PHE NA 387 44.35 8.83 59.10
CA PHE NA 387 44.33 9.61 60.34
C PHE NA 387 44.84 11.03 60.10
N GLN NA 388 45.95 11.15 59.37
CA GLN NA 388 46.51 12.47 59.13
C GLN NA 388 45.62 13.31 58.24
N ILE NA 389 44.99 12.69 57.23
CA ILE NA 389 44.07 13.45 56.37
C ILE NA 389 42.92 14.00 57.20
N GLY NA 390 42.33 13.17 58.06
CA GLY NA 390 41.22 13.65 58.86
C GLY NA 390 41.62 14.72 59.85
N LYS NA 391 42.75 14.53 60.54
CA LYS NA 391 43.19 15.53 61.51
C LYS NA 391 43.46 16.86 60.83
N THR NA 392 44.11 16.83 59.66
CA THR NA 392 44.45 18.11 58.99
C THR NA 392 43.16 18.78 58.51
N LEU NA 393 42.19 17.98 58.06
CA LEU NA 393 40.89 18.54 57.61
C LEU NA 393 40.21 19.25 58.79
N ILE NA 394 40.09 18.58 59.94
CA ILE NA 394 39.51 19.22 61.16
C ILE NA 394 40.26 20.54 61.41
N PHE NA 395 41.59 20.47 61.46
CA PHE NA 395 42.38 21.67 61.73
C PHE NA 395 42.05 22.78 60.74
N LEU NA 396 41.96 22.45 59.45
CA LEU NA 396 41.75 23.48 58.46
C LEU NA 396 40.35 24.08 58.57
N ASN NA 397 39.32 23.26 58.74
CA ASN NA 397 37.96 23.76 58.65
C ASN NA 397 37.39 24.21 59.99
N LYS NA 398 38.14 24.09 61.09
CA LYS NA 398 37.64 24.57 62.38
C LYS NA 398 38.56 25.52 63.12
N TYR NA 399 39.86 25.53 62.84
CA TYR NA 399 40.78 26.48 63.46
C TYR NA 399 41.22 27.58 62.52
N CYS NA 400 41.75 27.24 61.35
CA CYS NA 400 42.07 28.24 60.35
C CYS NA 400 40.82 28.84 59.70
N ARG NA 401 39.69 28.16 59.81
CA ARG NA 401 38.42 28.64 59.26
C ARG NA 401 38.54 28.95 57.77
N GLU NA 402 39.26 28.09 57.05
CA GLU NA 402 39.38 28.20 55.59
C GLU NA 402 38.32 27.33 54.94
N LEU NA 403 37.07 27.82 55.00
CA LEU NA 403 35.93 27.04 54.51
C LEU NA 403 35.88 26.96 52.99
N LYS NA 404 36.39 27.98 52.29
CA LYS NA 404 36.27 28.01 50.84
C LYS NA 404 37.01 26.84 50.19
N TRP NA 405 38.28 26.68 50.55
CA TRP NA 405 39.07 25.60 49.94
C TRP NA 405 38.60 24.24 50.43
N VAL NA 406 38.16 24.14 51.68
CA VAL NA 406 37.63 22.87 52.17
C VAL NA 406 36.41 22.46 51.36
N ASN NA 407 35.52 23.42 51.07
CA ASN NA 407 34.36 23.10 50.25
C ASN NA 407 34.76 22.70 48.84
N GLN NA 408 35.72 23.41 48.25
CA GLN NA 408 36.17 23.05 46.91
C GLN NA 408 36.75 21.65 46.88
N TYR NA 409 37.56 21.31 47.88
CA TYR NA 409 38.11 19.98 48.03
C TYR NA 409 37.02 18.93 48.20
N ASN NA 410 36.02 19.24 49.03
CA ASN NA 410 34.91 18.32 49.25
C ASN NA 410 34.22 17.99 47.93
N VAL NA 411 33.93 19.02 47.14
CA VAL NA 411 33.26 18.78 45.86
C VAL NA 411 34.17 17.95 44.95
N LYS NA 412 35.46 18.31 44.89
CA LYS NA 412 36.36 17.65 43.94
C LYS NA 412 36.45 16.16 44.23
N TYR NA 413 36.59 15.79 45.49
CA TYR NA 413 36.80 14.38 45.81
C TYR NA 413 35.48 13.61 46.03
N SER NA 414 34.37 14.31 46.25
CA SER NA 414 33.08 13.64 46.15
C SER NA 414 32.76 13.29 44.72
N ALA NA 415 33.21 14.10 43.76
CA ALA NA 415 33.01 13.77 42.35
C ALA NA 415 33.82 12.56 41.90
N ILE NA 416 34.76 12.10 42.72
CA ILE NA 416 35.47 10.85 42.45
C ILE NA 416 34.91 9.69 43.26
N LEU NA 417 34.57 9.91 44.53
CA LEU NA 417 34.06 8.78 45.30
C LEU NA 417 32.64 8.38 44.88
N PHE NA 418 31.77 9.34 44.57
CA PHE NA 418 30.36 9.04 44.35
C PHE NA 418 29.92 9.14 42.90
N ASN NA 419 30.66 9.83 42.04
CA ASN NA 419 30.30 9.93 40.63
C ASN NA 419 31.14 9.02 39.75
N ASN NA 420 32.47 9.10 39.85
CA ASN NA 420 33.32 8.17 39.11
C ASN NA 420 33.11 6.75 39.57
N HIS NA 421 33.04 6.54 40.89
CA HIS NA 421 32.78 5.25 41.50
C HIS NA 421 31.49 5.32 42.31
N GLN NA 422 31.18 4.24 43.02
CA GLN NA 422 29.94 4.13 43.78
C GLN NA 422 30.21 4.05 45.28
N GLY NA 423 31.33 4.60 45.73
CA GLY NA 423 31.70 4.59 47.12
C GLY NA 423 33.00 3.84 47.36
N LEU NA 424 33.43 3.85 48.61
CA LEU NA 424 34.66 3.17 48.96
C LEU NA 424 34.55 1.67 48.79
N ALA NA 425 33.36 1.10 49.03
CA ALA NA 425 33.18 -0.33 48.86
C ALA NA 425 33.39 -0.72 47.40
N SER NA 426 32.89 0.07 46.47
CA SER NA 426 33.03 -0.21 45.04
C SER NA 426 34.33 0.38 44.51
N MET NA 427 35.43 -0.05 45.12
CA MET NA 427 36.75 0.41 44.74
C MET NA 427 37.76 -0.68 45.05
N THR NA 428 38.55 -1.07 44.06
CA THR NA 428 39.60 -2.04 44.29
C THR NA 428 40.70 -1.42 45.16
N THR NA 429 41.41 -2.30 45.89
CA THR NA 429 42.37 -1.82 46.88
C THR NA 429 43.42 -0.92 46.25
N ASN NA 430 43.87 -1.25 45.04
CA ASN NA 430 44.89 -0.44 44.38
C ASN NA 430 44.40 0.99 44.16
N GLU NA 431 43.18 1.13 43.63
CA GLU NA 431 42.65 2.46 43.37
C GLU NA 431 42.34 3.20 44.65
N MET NA 432 41.89 2.48 45.69
CA MET NA 432 41.62 3.11 46.97
C MET NA 432 42.91 3.67 47.58
N ILE NA 433 44.00 2.91 47.53
CA ILE NA 433 45.27 3.40 48.04
C ILE NA 433 45.72 4.60 47.23
N LYS NA 434 45.57 4.55 45.91
CA LYS NA 434 45.99 5.67 45.08
C LYS NA 434 45.19 6.93 45.42
N LEU NA 435 43.88 6.78 45.63
CA LEU NA 435 43.05 7.92 45.99
C LEU NA 435 43.49 8.53 47.32
N ILE NA 436 43.76 7.69 48.31
CA ILE NA 436 44.18 8.20 49.60
C ILE NA 436 45.52 8.91 49.48
N ASP NA 437 46.43 8.37 48.66
CA ASP NA 437 47.72 9.02 48.47
C ASP NA 437 47.56 10.40 47.84
N SER NA 438 46.69 10.50 46.83
CA SER NA 438 46.47 11.79 46.19
C SER NA 438 45.89 12.79 47.19
N GLN NA 439 44.92 12.35 47.99
CA GLN NA 439 44.34 13.24 49.00
C GLN NA 439 45.40 13.70 50.00
N TYR NA 440 46.27 12.78 50.42
CA TYR NA 440 47.29 13.12 51.39
C TYR NA 440 48.24 14.19 50.84
N ASN NA 441 48.72 13.98 49.61
CA ASN NA 441 49.62 14.97 49.02
C ASN NA 441 48.94 16.33 48.89
N GLU NA 442 47.70 16.36 48.40
CA GLU NA 442 47.00 17.62 48.22
C GLU NA 442 46.82 18.33 49.57
N ILE NA 443 46.40 17.58 50.58
CA ILE NA 443 46.09 18.19 51.88
C ILE NA 443 47.35 18.77 52.49
N LEU NA 444 48.45 18.03 52.47
CA LEU NA 444 49.66 18.58 53.09
C LEU NA 444 50.23 19.72 52.26
N THR NA 445 50.05 19.70 50.94
CA THR NA 445 50.48 20.84 50.14
C THR NA 445 49.74 22.10 50.57
N PHE NA 446 48.42 22.00 50.74
CA PHE NA 446 47.67 23.19 51.16
C PHE NA 446 47.99 23.58 52.60
N LEU NA 447 48.22 22.61 53.47
CA LEU NA 447 48.57 22.94 54.85
C LEU NA 447 49.88 23.71 54.89
N THR NA 448 50.87 23.31 54.08
CA THR NA 448 52.09 24.10 53.99
C THR NA 448 51.80 25.48 53.44
N GLN NA 449 51.03 25.56 52.34
CA GLN NA 449 50.76 26.84 51.72
C GLN NA 449 50.06 27.81 52.65
N ILE NA 450 49.39 27.31 53.69
CA ILE NA 450 48.81 28.20 54.69
C ILE NA 450 49.82 28.49 55.79
N ILE NA 451 50.27 27.45 56.49
CA ILE NA 451 51.03 27.65 57.72
C ILE NA 451 52.35 28.36 57.45
N GLN NA 452 53.12 27.89 56.46
CA GLN NA 452 54.37 28.55 56.12
C GLN NA 452 54.20 29.61 55.05
N GLY NA 453 52.98 29.78 54.57
CA GLY NA 453 52.62 30.81 53.62
C GLY NA 453 52.01 32.01 54.32
N ASN NA 454 50.68 32.07 54.35
CA ASN NA 454 50.00 33.25 54.89
C ASN NA 454 50.40 33.51 56.34
N ASN NA 455 50.61 32.45 57.12
CA ASN NA 455 50.97 32.63 58.52
C ASN NA 455 52.43 33.02 58.70
N LYS NA 456 53.31 32.60 57.78
CA LYS NA 456 54.74 32.88 57.87
C LYS NA 456 55.33 32.32 59.17
N LEU NA 457 55.29 30.98 59.26
CA LEU NA 457 55.76 30.30 60.46
C LEU NA 457 57.22 30.62 60.75
N PHE NA 458 58.08 30.59 59.73
CA PHE NA 458 59.50 30.79 59.95
C PHE NA 458 59.77 32.20 60.48
N THR NA 459 59.08 33.21 59.93
CA THR NA 459 59.31 34.57 60.39
C THR NA 459 58.95 34.72 61.87
N HIS NA 460 57.84 34.11 62.30
CA HIS NA 460 57.44 34.25 63.69
C HIS NA 460 58.33 33.44 64.61
N VAL NA 461 58.84 32.29 64.16
CA VAL NA 461 59.82 31.58 64.96
C VAL NA 461 61.09 32.40 65.11
N TYR NA 462 61.51 33.05 64.02
CA TYR NA 462 62.67 33.93 64.09
C TYR NA 462 62.43 35.07 65.08
N ASN NA 463 61.24 35.65 65.08
CA ASN NA 463 60.94 36.72 66.03
C ASN NA 463 60.89 36.20 67.46
N PHE NA 464 60.39 34.98 67.67
CA PHE NA 464 60.46 34.36 68.98
C PHE NA 464 61.92 34.29 69.45
N LYS NA 465 62.80 33.82 68.59
CA LYS NA 465 64.21 33.74 68.96
C LYS NA 465 64.80 35.13 69.15
N ARG NA 466 64.33 36.11 68.38
CA ARG NA 466 64.87 37.47 68.47
C ARG NA 466 64.55 38.10 69.82
N PHE NA 467 63.33 37.92 70.31
CA PHE NA 467 62.89 38.60 71.52
C PHE NA 467 63.07 37.76 72.78
N TYR NA 468 62.66 36.50 72.78
CA TYR NA 468 62.79 35.68 73.97
C TYR NA 468 64.23 35.37 74.29
N PHE NA 469 65.06 35.10 73.26
CA PHE NA 469 66.46 34.75 73.47
C PHE NA 469 67.38 35.95 73.42
N MET NA 470 66.85 37.14 73.71
CA MET NA 470 67.62 38.33 74.08
C MET NA 470 68.34 38.97 72.91
N GLU NA 471 68.08 38.53 71.67
CA GLU NA 471 68.97 38.88 70.56
C GLU NA 471 69.02 40.39 70.36
N THR NA 472 67.87 41.06 70.38
CA THR NA 472 67.83 42.51 70.18
C THR NA 472 68.18 43.17 71.51
N ASN NA 473 69.48 43.20 71.80
CA ASN NA 473 69.92 43.71 73.11
C ASN NA 473 69.61 45.19 73.27
N ASP NA 474 69.50 45.93 72.17
CA ASP NA 474 69.22 47.37 72.28
C ASP NA 474 67.84 47.61 72.89
N PHE NA 475 66.85 46.83 72.49
CA PHE NA 475 65.51 46.99 73.03
C PHE NA 475 65.49 46.75 74.54
N ILE NA 476 66.20 45.72 74.98
CA ILE NA 476 66.20 45.37 76.40
C ILE NA 476 66.99 46.40 77.20
N ASP NA 477 68.09 46.91 76.63
CA ASP NA 477 68.79 48.00 77.28
C ASP NA 477 67.89 49.21 77.42
N ALA NA 478 67.07 49.50 76.40
CA ALA NA 478 66.14 50.61 76.48
C ALA NA 478 65.10 50.37 77.58
N ILE NA 479 64.59 49.15 77.67
CA ILE NA 479 63.62 48.83 78.71
C ILE NA 479 64.24 49.02 80.09
N MET NA 480 65.47 48.54 80.29
CA MET NA 480 66.07 48.60 81.60
C MET NA 480 66.44 50.03 81.98
N VAL NA 481 66.91 50.82 81.03
CA VAL NA 481 67.26 52.20 81.35
C VAL NA 481 65.99 53.01 81.62
N LYS NA 482 64.93 52.75 80.86
CA LYS NA 482 63.68 53.49 81.08
C LYS NA 482 62.98 53.05 82.37
N GLY NA 483 63.02 51.75 82.67
CA GLY NA 483 62.32 51.23 83.82
C GLY NA 483 63.20 51.03 85.04
N LYS NA 484 64.34 51.71 85.07
CA LYS NA 484 65.28 51.52 86.17
C LYS NA 484 64.69 51.93 87.51
N ASP NA 485 63.65 52.76 87.53
CA ASP NA 485 62.98 53.15 88.76
C ASP NA 485 61.70 52.38 89.02
N VAL NA 486 60.97 52.00 87.97
CA VAL NA 486 59.74 51.24 88.15
C VAL NA 486 60.06 49.85 88.70
N PHE NA 487 61.11 49.22 88.19
CA PHE NA 487 61.44 47.86 88.62
C PHE NA 487 62.00 47.82 90.03
N ASN NA 488 62.43 48.96 90.58
CA ASN NA 488 63.01 48.97 91.92
C ASN NA 488 61.98 48.58 92.97
N GLU NA 489 60.75 49.07 92.84
CA GLU NA 489 59.73 48.80 93.84
C GLU NA 489 59.23 47.37 93.70
N SER NA 490 58.51 46.91 94.73
CA SER NA 490 58.04 45.54 94.78
C SER NA 490 57.07 45.24 93.64
N SER NA 491 56.96 43.95 93.30
CA SER NA 491 56.14 43.55 92.16
C SER NA 491 54.66 43.89 92.36
N VAL NA 492 54.22 44.08 93.59
CA VAL NA 492 52.82 44.40 93.82
C VAL NA 492 52.53 45.85 93.49
N ASN NA 493 53.53 46.74 93.62
CA ASN NA 493 53.30 48.15 93.39
C ASN NA 493 53.17 48.50 91.92
N ILE NA 494 53.86 47.78 91.04
CA ILE NA 494 53.84 48.10 89.62
C ILE NA 494 52.44 47.87 89.06
N SER NA 495 51.90 48.88 88.38
CA SER NA 495 50.57 48.84 87.80
C SER NA 495 50.65 48.70 86.28
N SER NA 496 49.49 48.50 85.66
CA SER NA 496 49.45 48.28 84.22
C SER NA 496 49.88 49.53 83.46
N THR NA 497 49.45 50.71 83.91
CA THR NA 497 49.77 51.93 83.19
C THR NA 497 51.26 52.21 83.18
N TYR NA 498 51.95 51.92 84.28
CA TYR NA 498 53.39 52.14 84.33
C TYR NA 498 54.11 51.18 83.39
N LEU NA 499 53.65 49.93 83.33
CA LEU NA 499 54.23 48.98 82.39
C LEU NA 499 54.03 49.45 80.96
N ARG NA 500 52.83 49.94 80.63
CA ARG NA 500 52.59 50.40 79.27
C ARG NA 500 53.47 51.60 78.94
N LYS NA 501 53.62 52.54 79.88
CA LYS NA 501 54.49 53.68 79.64
C LYS NA 501 55.93 53.23 79.42
N VAL NA 502 56.40 52.31 80.24
CA VAL NA 502 57.77 51.82 80.10
C VAL NA 502 57.97 51.16 78.75
N LEU NA 503 57.04 50.28 78.36
CA LEU NA 503 57.19 49.57 77.10
C LEU NA 503 57.15 50.52 75.92
N GLN NA 504 56.25 51.50 75.94
CA GLN NA 504 56.17 52.43 74.81
C GLN NA 504 57.43 53.29 74.72
N ASP NA 505 57.92 53.78 75.86
CA ASP NA 505 59.15 54.57 75.83
C ASP NA 505 60.32 53.76 75.31
N ALA NA 506 60.42 52.49 75.75
CA ALA NA 506 61.52 51.65 75.28
C ALA NA 506 61.40 51.33 73.80
N ILE NA 507 60.18 51.18 73.30
CA ILE NA 507 59.98 50.95 71.87
C ILE NA 507 60.42 52.16 71.08
N GLN NA 508 60.05 53.36 71.53
CA GLN NA 508 60.48 54.57 70.81
C GLN NA 508 61.99 54.74 70.84
N ILE NA 509 62.63 54.50 71.98
CA ILE NA 509 64.07 54.74 72.08
C ILE NA 509 64.84 53.78 71.19
N SER NA 510 64.50 52.50 71.23
CA SER NA 510 65.28 51.46 70.56
C SER NA 510 64.94 51.41 69.08
N SER NA 511 65.47 50.42 68.39
CA SER NA 511 65.28 50.25 66.95
C SER NA 511 64.06 49.40 66.62
N VAL NA 512 63.30 48.95 67.61
CA VAL NA 512 62.10 48.16 67.35
C VAL NA 512 60.95 49.00 66.82
N LYS NA 513 61.02 50.33 66.95
CA LYS NA 513 59.93 51.16 66.46
C LYS NA 513 59.75 51.04 64.96
N ASN NA 514 60.78 50.61 64.23
CA ASN NA 514 60.67 50.32 62.81
C ASN NA 514 60.40 48.85 62.52
N PHE NA 515 60.30 48.03 63.56
CA PHE NA 515 60.08 46.60 63.38
C PHE NA 515 58.69 46.35 62.81
N GLU NA 516 58.60 45.34 61.94
CA GLU NA 516 57.34 45.10 61.23
C GLU NA 516 56.20 44.79 62.19
N TYR NA 517 56.45 43.93 63.17
CA TYR NA 517 55.42 43.45 64.09
C TYR NA 517 55.54 44.09 65.46
N VAL NA 518 55.90 45.37 65.50
CA VAL NA 518 56.05 46.06 66.79
C VAL NA 518 54.75 46.06 67.58
N ASP NA 519 53.61 45.92 66.90
CA ASP NA 519 52.33 45.90 67.60
C ASP NA 519 52.23 44.67 68.49
N ARG NA 520 52.71 43.52 68.01
CA ARG NA 520 52.51 42.27 68.73
C ARG NA 520 53.20 42.25 70.08
N LEU NA 521 54.20 43.10 70.30
CA LEU NA 521 54.94 43.08 71.56
C LEU NA 521 54.05 43.51 72.72
N ASP NA 522 54.21 42.83 73.85
CA ASP NA 522 53.43 43.15 75.04
C ASP NA 522 54.19 42.64 76.26
N SER NA 523 54.27 43.48 77.31
CA SER NA 523 54.97 43.16 78.57
C SER NA 523 53.95 42.70 79.59
N ARG NA 524 54.37 42.03 80.65
CA ARG NA 524 53.47 41.54 81.72
C ARG NA 524 54.31 41.29 82.97
N VAL NA 525 53.69 41.04 84.11
CA VAL NA 525 54.41 40.61 85.35
C VAL NA 525 53.74 39.28 85.66
N LEU NA 526 54.49 38.21 85.93
CA LEU NA 526 53.91 36.88 86.10
C LEU NA 526 53.35 36.68 87.51
N ASN NA 527 54.20 36.76 88.53
CA ASN NA 527 53.81 36.48 89.91
C ASN NA 527 54.02 37.72 90.76
N PRO NA 528 52.99 38.55 90.96
CA PRO NA 528 53.16 39.76 91.79
C PRO NA 528 53.18 39.45 93.28
N GLN NA 529 54.26 38.84 93.73
CA GLN NA 529 54.46 38.56 95.14
C GLN NA 529 55.13 39.74 95.83
N HIS NA 530 54.89 39.86 97.14
CA HIS NA 530 55.46 40.96 97.89
C HIS NA 530 56.99 40.87 97.94
N GLY NA 531 57.52 39.66 98.07
CA GLY NA 531 58.95 39.46 98.17
C GLY NA 531 59.71 39.48 96.87
N ASN NA 532 59.02 39.65 95.75
CA ASN NA 532 59.65 39.68 94.43
C ASN NA 532 59.72 41.11 93.92
N LEU NA 533 60.89 41.55 93.51
CA LEU NA 533 61.06 42.88 92.95
C LEU NA 533 60.68 42.87 91.48
N GLY NA 534 60.74 44.05 90.86
CA GLY NA 534 60.37 44.15 89.45
C GLY NA 534 61.32 43.36 88.56
N TRP NA 535 62.62 43.38 88.88
CA TRP NA 535 63.59 42.70 88.04
C TRP NA 535 63.36 41.19 88.00
N GLU NA 536 62.76 40.63 89.05
CA GLU NA 536 62.58 39.19 89.17
C GLU NA 536 61.25 38.71 88.61
N SER NA 537 60.44 39.60 88.02
CA SER NA 537 59.13 39.22 87.52
C SER NA 537 58.83 39.70 86.11
N PHE NA 538 59.49 40.76 85.62
CA PHE NA 538 59.17 41.29 84.30
C PHE NA 538 59.48 40.26 83.23
N THR NA 539 58.55 40.09 82.29
CA THR NA 539 58.73 39.18 81.16
C THR NA 539 58.10 39.78 79.93
N ILE NA 540 58.81 39.69 78.80
CA ILE NA 540 58.32 40.17 77.52
C ILE NA 540 57.59 39.02 76.82
N GLU NA 541 56.37 39.29 76.30
CA GLU NA 541 55.48 38.27 75.69
C GLU NA 541 55.18 38.67 74.23
N TYR NA 542 55.45 37.79 73.26
CA TYR NA 542 55.21 38.01 71.84
C TYR NA 542 53.87 37.36 71.50
N LYS NA 543 52.89 38.19 71.16
CA LYS NA 543 51.53 37.71 70.93
C LYS NA 543 51.41 37.12 69.54
N ILE NA 544 51.09 35.83 69.46
CA ILE NA 544 50.78 35.17 68.21
C ILE NA 544 49.37 34.57 68.24
N ASP NA 545 48.54 35.00 69.17
CA ASP NA 545 47.20 34.46 69.29
C ASP NA 545 46.34 34.74 68.08
N ASP NA 546 46.65 35.78 67.32
CA ASP NA 546 45.83 36.14 66.16
C ASP NA 546 45.94 35.13 65.02
N LEU NA 547 46.89 34.20 65.08
CA LEU NA 547 47.10 33.24 64.02
C LEU NA 547 46.72 31.84 64.47
N PRO NA 548 46.34 30.95 63.54
CA PRO NA 548 46.08 29.55 63.93
C PRO NA 548 47.32 28.84 64.43
N MET NA 549 48.51 29.39 64.17
CA MET NA 549 49.74 28.78 64.64
C MET NA 549 49.76 28.63 66.15
N SER NA 550 49.05 29.51 66.87
CA SER NA 550 49.09 29.46 68.32
C SER NA 550 48.53 28.16 68.87
N TYR NA 551 47.64 27.50 68.12
CA TYR NA 551 47.07 26.24 68.59
C TYR NA 551 48.06 25.09 68.46
N LEU NA 552 48.99 25.18 67.51
CA LEU NA 552 50.03 24.16 67.42
C LEU NA 552 50.97 24.23 68.61
N PHE NA 553 51.34 25.45 69.02
CA PHE NA 553 52.32 25.65 70.08
C PHE NA 553 51.63 25.52 71.42
N GLU NA 554 51.78 24.36 72.06
CA GLU NA 554 51.17 24.12 73.35
C GLU NA 554 51.82 24.98 74.43
N GLY NA 555 51.11 25.12 75.55
CA GLY NA 555 51.56 26.01 76.61
C GLY NA 555 52.90 25.60 77.21
N HIS NA 556 53.23 24.31 77.16
CA HIS NA 556 54.48 23.84 77.76
C HIS NA 556 55.69 24.48 77.08
N GLN NA 557 55.63 24.59 75.76
CA GLN NA 557 56.72 25.21 75.01
C GLN NA 557 56.88 26.67 75.40
N HIS NA 558 55.78 27.40 75.53
CA HIS NA 558 55.83 28.80 75.93
C HIS NA 558 56.39 28.95 77.33
N LEU NA 559 56.04 28.02 78.24
CA LEU NA 559 56.58 28.08 79.59
C LEU NA 559 58.10 27.89 79.57
N GLN NA 560 58.60 27.01 78.71
CA GLN NA 560 60.07 26.76 78.57
C GLN NA 560 60.71 27.96 77.87
N TYR NA 561 59.95 28.74 77.10
CA TYR NA 561 60.45 29.97 76.42
C TYR NA 561 60.56 31.10 77.45
N LEU NA 562 59.71 31.08 78.50
CA LEU NA 562 59.71 32.10 79.58
C LEU NA 562 60.73 31.73 80.66
N LYS NA 563 61.05 30.43 80.86
CA LYS NA 563 62.11 30.03 81.79
C LYS NA 563 63.48 30.46 81.27
N MET NA 564 63.76 30.16 80.00
CA MET NA 564 65.06 30.50 79.45
C MET NA 564 65.23 32.00 79.36
N PHE NA 565 64.14 32.72 79.04
CA PHE NA 565 64.19 34.17 79.05
C PHE NA 565 64.53 34.71 80.43
N HIS NA 566 63.97 34.10 81.49
CA HIS NA 566 64.26 34.57 82.83
C HIS NA 566 65.74 34.46 83.13
N PHE NA 567 66.34 33.31 82.82
CA PHE NA 567 67.77 33.17 83.09
C PHE NA 567 68.58 34.20 82.32
N LEU NA 568 68.30 34.35 81.02
CA LEU NA 568 69.06 35.30 80.23
C LEU NA 568 68.83 36.73 80.69
N TRP NA 569 67.62 37.02 81.18
CA TRP NA 569 67.31 38.34 81.69
C TRP NA 569 68.17 38.67 82.90
N LYS NA 570 68.35 37.69 83.80
CA LYS NA 570 69.23 37.94 84.94
C LYS NA 570 70.65 38.24 84.46
N LEU NA 571 71.15 37.45 83.51
CA LEU NA 571 72.52 37.68 83.06
C LEU NA 571 72.68 39.08 82.47
N ARG NA 572 71.77 39.49 81.60
CA ARG NA 572 71.93 40.81 80.98
C ARG NA 572 71.67 41.93 81.97
N GLN NA 573 70.82 41.71 82.98
CA GLN NA 573 70.66 42.70 84.02
C GLN NA 573 71.98 42.97 84.71
N LEU NA 574 72.72 41.92 85.04
CA LEU NA 574 74.02 42.14 85.68
C LEU NA 574 75.00 42.81 84.71
N ASN NA 575 74.96 42.40 83.44
CA ASN NA 575 75.88 42.98 82.47
C ASN NA 575 75.68 44.49 82.36
N ASN NA 576 74.44 44.95 82.39
CA ASN NA 576 74.16 46.37 82.31
C ASN NA 576 74.44 47.10 83.63
N LEU NA 577 74.20 46.42 84.76
CA LEU NA 577 74.52 47.04 86.04
C LEU NA 577 76.00 47.35 86.14
N LEU NA 578 76.85 46.45 85.60
CA LEU NA 578 78.28 46.75 85.62
C LEU NA 578 78.61 47.98 84.77
N ASN NA 579 77.91 48.18 83.66
CA ASN NA 579 78.14 49.39 82.87
C ASN NA 579 77.77 50.65 83.64
N TRP NA 580 76.63 50.62 84.34
CA TRP NA 580 76.29 51.79 85.17
C TRP NA 580 77.32 52.01 86.26
N HIS NA 581 77.82 50.92 86.87
CA HIS NA 581 78.87 51.05 87.87
C HIS NA 581 80.10 51.73 87.28
N PHE NA 582 80.50 51.29 86.09
CA PHE NA 582 81.66 51.89 85.44
C PHE NA 582 81.45 53.38 85.21
N GLU NA 583 80.29 53.76 84.69
CA GLU NA 583 80.06 55.17 84.39
C GLU NA 583 80.08 56.00 85.66
N MET NA 584 79.39 55.55 86.71
CA MET NA 584 79.33 56.37 87.92
C MET NA 584 80.69 56.51 88.58
N PHE NA 585 81.48 55.42 88.62
CA PHE NA 585 82.79 55.55 89.26
C PHE NA 585 83.74 56.38 88.41
N ASN NA 586 83.67 56.25 87.08
CA ASN NA 586 84.52 57.06 86.22
C ASN NA 586 84.20 58.54 86.38
N GLU NA 587 82.90 58.88 86.45
CA GLU NA 587 82.54 60.28 86.66
C GLU NA 587 83.00 60.77 88.03
N LEU NA 588 82.85 59.94 89.06
CA LEU NA 588 83.32 60.34 90.38
C LEU NA 588 84.82 60.59 90.38
N ASN NA 589 85.57 59.82 89.60
CA ASN NA 589 87.02 60.03 89.53
C ASN NA 589 87.34 61.45 89.09
N HIS NA 590 86.65 61.96 88.08
CA HIS NA 590 86.92 63.31 87.61
C HIS NA 590 86.34 64.36 88.55
N ASN NA 591 85.22 64.07 89.21
CA ASN NA 591 84.56 65.10 90.00
C ASN NA 591 85.15 65.28 91.39
N VAL NA 592 85.65 64.23 92.02
CA VAL NA 592 86.07 64.32 93.41
C VAL NA 592 87.55 63.99 93.59
N VAL NA 593 87.94 62.77 93.21
CA VAL NA 593 89.26 62.27 93.57
C VAL NA 593 90.36 63.15 92.99
N THR NA 594 90.23 63.50 91.70
CA THR NA 594 91.29 64.26 91.06
C THR NA 594 91.38 65.69 91.56
N LYS NA 595 90.31 66.21 92.17
CA LYS NA 595 90.29 67.55 92.75
C LYS NA 595 90.60 67.57 94.24
N LEU NA 596 90.81 66.42 94.85
CA LEU NA 596 91.02 66.34 96.28
C LEU NA 596 92.43 66.80 96.65
N SER NA 597 92.66 66.96 97.95
CA SER NA 597 93.97 67.36 98.44
C SER NA 597 94.99 66.28 98.12
N SER NA 598 96.21 66.71 97.79
CA SER NA 598 97.26 65.78 97.39
C SER NA 598 97.68 64.83 98.50
N ARG NA 599 97.38 65.17 99.76
CA ARG NA 599 97.82 64.33 100.86
C ARG NA 599 97.14 62.97 100.83
N ASN NA 600 95.82 62.94 100.71
CA ASN NA 600 95.05 61.70 100.73
C ASN NA 600 94.57 61.30 99.34
N ARG NA 601 95.00 61.99 98.29
CA ARG NA 601 94.58 61.61 96.94
C ARG NA 601 95.13 60.25 96.56
N ARG NA 602 96.38 59.95 96.91
CA ARG NA 602 96.99 58.71 96.49
C ARG NA 602 96.29 57.48 97.04
N PRO NA 603 96.02 57.37 98.35
CA PRO NA 603 95.31 56.17 98.84
C PRO NA 603 93.94 55.99 98.21
N LEU NA 604 93.21 57.10 98.02
CA LEU NA 604 91.89 57.00 97.42
C LEU NA 604 91.99 56.60 95.95
N ALA NA 605 92.98 57.14 95.25
CA ALA NA 605 93.20 56.74 93.86
C ALA NA 605 93.49 55.26 93.76
N LYS NA 606 94.33 54.74 94.66
CA LYS NA 606 94.65 53.32 94.64
C LYS NA 606 93.41 52.47 94.89
N SER NA 607 92.61 52.85 95.90
CA SER NA 607 91.41 52.08 96.20
C SER NA 607 90.43 52.10 95.03
N LEU NA 608 90.26 53.28 94.41
CA LEU NA 608 89.35 53.39 93.28
C LEU NA 608 89.82 52.52 92.11
N SER NA 609 91.14 52.52 91.85
CA SER NA 609 91.66 51.70 90.77
C SER NA 609 91.43 50.23 91.05
N ILE NA 610 91.60 49.81 92.31
CA ILE NA 610 91.35 48.42 92.67
C ILE NA 610 89.89 48.07 92.40
N ILE NA 611 88.98 48.94 92.81
CA ILE NA 611 87.55 48.68 92.62
C ILE NA 611 87.24 48.53 91.14
N THR NA 612 87.75 49.46 90.33
CA THR NA 612 87.43 49.43 88.90
C THR NA 612 88.04 48.22 88.22
N SER NA 613 89.23 47.79 88.63
CA SER NA 613 89.80 46.59 88.05
C SER NA 613 88.96 45.36 88.37
N ILE NA 614 88.44 45.29 89.60
CA ILE NA 614 87.55 44.18 89.95
C ILE NA 614 86.32 44.20 89.06
N ARG NA 615 85.75 45.39 88.84
CA ARG NA 615 84.61 45.50 87.95
C ARG NA 615 84.95 45.00 86.55
N PHE NA 616 86.15 45.34 86.06
CA PHE NA 616 86.57 44.91 84.72
C PHE NA 616 86.65 43.40 84.64
N HIS NA 617 87.18 42.76 85.70
CA HIS NA 617 87.24 41.30 85.69
C HIS NA 617 85.84 40.70 85.59
N PHE NA 618 84.91 41.22 86.39
CA PHE NA 618 83.55 40.68 86.36
C PHE NA 618 82.92 40.88 84.99
N THR NA 619 83.14 42.04 84.37
CA THR NA 619 82.58 42.30 83.06
C THR NA 619 83.11 41.32 82.02
N GLN NA 620 84.41 41.03 82.07
CA GLN NA 620 84.96 40.06 81.13
C GLN NA 620 84.31 38.70 81.31
N PHE NA 621 84.14 38.26 82.56
CA PHE NA 621 83.53 36.95 82.77
C PHE NA 621 82.11 36.90 82.22
N LEU NA 622 81.31 37.92 82.52
CA LEU NA 622 79.93 37.92 82.06
C LEU NA 622 79.85 37.95 80.55
N ASN NA 623 80.72 38.74 79.91
CA ASN NA 623 80.70 38.81 78.45
C ASN NA 623 81.05 37.47 77.83
N GLU NA 624 82.05 36.78 78.38
CA GLU NA 624 82.38 35.46 77.84
C GLU NA 624 81.23 34.48 78.00
N LEU NA 625 80.57 34.49 79.16
CA LEU NA 625 79.44 33.58 79.35
C LEU NA 625 78.33 33.87 78.33
N ILE NA 626 78.00 35.15 78.14
CA ILE NA 626 76.94 35.50 77.21
C ILE NA 626 77.33 35.11 75.80
N ALA NA 627 78.59 35.34 75.41
CA ALA NA 627 79.02 35.00 74.07
C ALA NA 627 78.89 33.50 73.83
N TYR NA 628 79.32 32.70 74.81
CA TYR NA 628 79.21 31.25 74.65
C TYR NA 628 77.75 30.84 74.46
N LEU NA 629 76.87 31.29 75.37
CA LEU NA 629 75.48 30.87 75.23
C LEU NA 629 74.91 31.30 73.88
N SER NA 630 75.09 32.58 73.53
CA SER NA 630 74.41 33.12 72.36
C SER NA 630 74.88 32.47 71.08
N TYR NA 631 76.20 32.30 70.91
CA TYR NA 631 76.73 31.85 69.64
C TYR NA 631 77.16 30.39 69.63
N ASP NA 632 76.86 29.62 70.67
CA ASP NA 632 77.07 28.18 70.61
C ASP NA 632 75.86 27.36 71.01
N VAL NA 633 74.89 27.94 71.71
CA VAL NA 633 73.69 27.20 72.14
C VAL NA 633 72.47 27.65 71.36
N ILE NA 634 72.13 28.93 71.42
CA ILE NA 634 70.91 29.41 70.77
C ILE NA 634 71.08 29.39 69.26
N GLU NA 635 72.19 29.93 68.75
CA GLU NA 635 72.36 30.08 67.32
C GLU NA 635 72.60 28.74 66.65
N GLU NA 636 73.46 27.91 67.25
CA GLU NA 636 73.71 26.58 66.69
C GLU NA 636 72.46 25.74 66.69
N ASN NA 637 71.70 25.76 67.79
CA ASN NA 637 70.47 24.97 67.85
C ASN NA 637 69.47 25.47 66.83
N PHE NA 638 69.32 26.79 66.69
CA PHE NA 638 68.40 27.29 65.68
C PHE NA 638 68.78 26.81 64.29
N GLN NA 639 70.04 27.04 63.91
CA GLN NA 639 70.48 26.68 62.56
C GLN NA 639 70.45 25.17 62.34
N GLN NA 640 70.54 24.38 63.40
CA GLN NA 640 70.61 22.94 63.23
C GLN NA 640 69.24 22.27 63.27
N HIS NA 641 68.31 22.81 64.06
CA HIS NA 641 67.04 22.15 64.30
C HIS NA 641 65.86 22.80 63.60
N ILE NA 642 65.98 24.04 63.14
CA ILE NA 642 64.84 24.71 62.52
C ILE NA 642 65.15 24.95 61.05
N VAL NA 643 66.20 25.71 60.78
CA VAL NA 643 66.56 26.01 59.39
C VAL NA 643 66.89 24.73 58.65
N ARG NA 644 67.68 23.85 59.26
CA ARG NA 644 68.11 22.64 58.57
C ARG NA 644 67.02 21.58 58.51
N LYS NA 645 66.00 21.65 59.38
CA LYS NA 645 64.88 20.74 59.27
C LYS NA 645 63.87 21.20 58.23
N LEU NA 646 63.61 22.50 58.16
CA LEU NA 646 62.58 23.00 57.25
C LEU NA 646 63.06 23.02 55.80
N PHE NA 647 64.17 23.70 55.54
CA PHE NA 647 64.55 24.04 54.17
C PHE NA 647 65.50 23.04 53.53
N TYR NA 648 66.51 22.56 54.26
CA TYR NA 648 67.38 21.54 53.70
C TYR NA 648 66.69 20.18 53.71
N ASN NA 649 67.13 19.32 52.80
CA ASN NA 649 66.49 18.02 52.61
C ASN NA 649 66.67 17.15 53.85
N LYS NA 650 65.57 16.59 54.33
CA LYS NA 650 65.66 15.58 55.39
C LYS NA 650 65.94 14.23 54.76
N ASN NA 651 67.17 14.05 54.29
CA ASN NA 651 67.57 12.83 53.60
C ASN NA 651 67.27 11.61 54.47
N ASP NA 652 66.62 10.63 53.85
CA ASP NA 652 66.24 9.41 54.60
C ASP NA 652 66.46 8.19 53.70
N GLN NA 653 66.35 7.00 54.28
CA GLN NA 653 66.56 5.76 53.54
C GLN NA 653 65.49 5.54 52.48
N ASP NA 654 64.30 6.12 52.63
CA ASP NA 654 63.28 5.98 51.61
C ASP NA 654 63.48 6.98 50.48
N LEU NA 655 64.06 8.13 50.76
CA LEU NA 655 64.40 9.08 49.70
C LEU NA 655 65.59 8.59 48.88
N LEU NA 656 66.35 7.63 49.40
CA LEU NA 656 67.49 7.08 48.68
C LEU NA 656 67.04 6.37 47.41
N LEU NA 657 65.93 5.64 47.48
CA LEU NA 657 65.47 4.82 46.36
C LEU NA 657 65.02 5.71 45.20
N ASN NA 658 65.65 5.54 44.04
CA ASN NA 658 65.22 6.21 42.81
C ASN NA 658 64.22 5.31 42.09
N LYS NA 659 62.93 5.63 42.23
CA LYS NA 659 61.88 4.79 41.67
C LYS NA 659 61.80 4.86 40.15
N SER NA 660 62.54 5.76 39.51
CA SER NA 660 62.40 5.91 38.06
C SER NA 660 62.99 4.73 37.30
N PHE NA 661 63.51 3.71 37.96
CA PHE NA 661 63.81 2.47 37.26
C PHE NA 661 62.53 1.80 36.77
N MET NA 662 61.42 2.02 37.47
CA MET NA 662 60.11 1.76 36.91
C MET NA 662 59.80 2.79 35.84
N ASN NA 663 58.99 2.39 34.85
CA ASN NA 663 58.71 3.29 33.73
C ASN NA 663 58.05 4.58 34.21
N LEU NA 664 56.94 4.46 34.94
CA LEU NA 664 56.28 5.60 35.58
C LEU NA 664 56.22 6.84 34.69
N SER NA 665 55.65 6.65 33.50
CA SER NA 665 55.44 7.80 32.60
C SER NA 665 54.44 8.81 33.18
N GLU NA 666 53.47 8.33 33.95
CA GLU NA 666 52.39 9.19 34.44
C GLU NA 666 52.82 10.01 35.66
N ILE NA 667 52.17 11.16 35.84
CA ILE NA 667 52.34 12.00 37.02
C ILE NA 667 50.98 12.37 37.57
N ASP NA 668 50.89 12.46 38.90
CA ASP NA 668 49.64 12.72 39.59
C ASP NA 668 49.90 13.60 40.80
N PRO NA 669 48.88 14.31 41.31
CA PRO NA 669 47.52 14.43 40.77
C PRO NA 669 47.46 15.28 39.51
N ASN NA 670 48.28 16.33 39.45
CA ASN NA 670 48.33 17.20 38.29
C ASN NA 670 49.53 18.14 38.42
N ASN NA 671 49.91 18.75 37.30
CA ASN NA 671 50.95 19.76 37.31
C ASN NA 671 50.54 21.00 38.09
N ASP NA 672 49.25 21.16 38.38
CA ASP NA 672 48.77 22.34 39.09
C ASP NA 672 49.17 22.37 40.56
N LEU NA 673 49.69 21.26 41.10
CA LEU NA 673 50.02 21.20 42.52
C LEU NA 673 51.45 21.67 42.72
N PRO NA 674 51.68 22.77 43.45
CA PRO NA 674 53.03 23.35 43.52
C PRO NA 674 54.05 22.46 44.23
N LYS NA 675 55.32 22.70 43.92
CA LYS NA 675 56.44 22.21 44.70
C LYS NA 675 57.03 23.40 45.45
N PHE NA 676 57.21 23.25 46.77
CA PHE NA 676 57.16 24.39 47.68
C PHE NA 676 58.46 24.77 48.38
N ASN NA 677 59.61 24.23 47.99
CA ASN NA 677 60.89 24.68 48.55
C ASN NA 677 61.02 24.41 50.05
N VAL NA 678 60.05 23.76 50.67
CA VAL NA 678 60.09 23.45 52.09
C VAL NA 678 59.52 22.05 52.29
N ASN NA 679 60.09 21.32 53.24
CA ASN NA 679 59.61 19.97 53.52
C ASN NA 679 58.16 20.01 53.98
N LEU NA 680 57.34 19.13 53.42
CA LEU NA 680 55.93 19.05 53.79
C LEU NA 680 55.82 18.34 55.13
N LEU NA 681 55.42 19.07 56.16
CA LEU NA 681 55.38 18.56 57.52
C LEU NA 681 53.93 18.40 57.99
N THR NA 682 53.67 17.30 58.68
CA THR NA 682 52.38 17.08 59.30
C THR NA 682 52.23 17.97 60.53
N ILE NA 683 50.99 18.06 61.02
CA ILE NA 683 50.71 18.88 62.20
C ILE NA 683 51.51 18.37 63.39
N ASP NA 684 51.44 17.06 63.65
CA ASP NA 684 52.23 16.49 64.74
C ASP NA 684 53.71 16.68 64.49
N GLU NA 685 54.13 16.67 63.23
CA GLU NA 685 55.54 16.90 62.91
C GLU NA 685 55.95 18.31 63.27
N LEU NA 686 55.10 19.30 62.99
CA LEU NA 686 55.43 20.67 63.36
C LEU NA 686 55.53 20.83 64.87
N VAL NA 687 54.57 20.24 65.59
CA VAL NA 687 54.60 20.32 67.05
C VAL NA 687 55.89 19.70 67.58
N GLU NA 688 56.24 18.51 67.08
CA GLU NA 688 57.44 17.82 67.54
C GLU NA 688 58.70 18.59 67.16
N LEU NA 689 58.72 19.20 65.97
CA LEU NA 689 59.88 19.96 65.55
C LEU NA 689 60.14 21.13 66.47
N HIS NA 690 59.11 21.92 66.78
CA HIS NA 690 59.33 23.05 67.66
C HIS NA 690 59.62 22.60 69.09
N GLY NA 691 59.01 21.50 69.52
CA GLY NA 691 59.30 20.99 70.85
C GLY NA 691 60.74 20.56 71.00
N THR NA 692 61.27 19.84 70.01
CA THR NA 692 62.67 19.44 70.06
C THR NA 692 63.59 20.64 69.98
N TYR NA 693 63.26 21.63 69.16
CA TYR NA 693 64.11 22.81 69.08
C TYR NA 693 64.20 23.51 70.42
N ILE NA 694 63.08 23.67 71.12
CA ILE NA 694 63.13 24.31 72.44
C ILE NA 694 63.85 23.42 73.44
N ASP NA 695 63.57 22.12 73.42
CA ASP NA 695 64.15 21.21 74.41
C ASP NA 695 65.66 21.19 74.30
N SER NA 696 66.19 21.22 73.08
CA SER NA 696 67.64 21.19 72.92
C SER NA 696 68.29 22.37 73.64
N ILE NA 697 67.71 23.57 73.52
CA ILE NA 697 68.29 24.73 74.19
C ILE NA 697 68.13 24.61 75.71
N ILE NA 698 66.91 24.31 76.17
CA ILE NA 698 66.71 24.36 77.62
C ILE NA 698 67.47 23.25 78.32
N ASN NA 699 67.62 22.09 77.68
CA ASN NA 699 68.30 20.94 78.27
C ASN NA 699 69.70 20.76 77.71
N SER NA 700 70.39 21.86 77.43
CA SER NA 700 71.75 21.77 76.91
C SER NA 700 72.68 21.20 77.97
N SER NA 701 73.95 21.03 77.59
CA SER NA 701 74.92 20.47 78.52
C SER NA 701 75.09 21.36 79.75
N LEU NA 702 75.20 22.67 79.53
CA LEU NA 702 75.41 23.59 80.65
C LEU NA 702 74.12 23.82 81.45
N LEU NA 703 72.96 23.80 80.79
CA LEU NA 703 71.71 24.16 81.43
C LEU NA 703 70.98 22.95 82.02
N ASN NA 704 71.55 21.76 81.94
CA ASN NA 704 70.90 20.60 82.52
C ASN NA 704 70.97 20.65 84.04
N GLU NA 705 70.16 19.82 84.69
CA GLU NA 705 70.15 19.71 86.14
C GLU NA 705 71.14 18.69 86.67
N LYS NA 706 71.85 17.99 85.78
CA LYS NA 706 72.83 16.99 86.21
C LYS NA 706 74.00 17.66 86.93
N THR NA 712 81.30 17.22 92.51
CA THR NA 712 80.85 17.99 93.66
C THR NA 712 79.36 17.76 93.94
N ASN NA 713 78.73 16.90 93.13
CA ASN NA 713 77.32 16.58 93.28
C ASN NA 713 76.44 17.83 93.15
N ILE NA 714 76.91 18.83 92.40
CA ILE NA 714 76.15 20.04 92.13
C ILE NA 714 76.17 20.31 90.63
N SER NA 715 75.14 21.01 90.17
CA SER NA 715 74.99 21.30 88.76
C SER NA 715 75.74 22.58 88.38
N TYR NA 716 75.98 22.74 87.08
CA TYR NA 716 76.65 23.93 86.59
C TYR NA 716 75.82 25.18 86.84
N ILE NA 717 74.50 25.05 86.74
CA ILE NA 717 73.62 26.20 86.92
C ILE NA 717 73.77 26.77 88.32
N ASP NA 718 73.87 25.89 89.32
CA ASP NA 718 74.01 26.37 90.69
C ASP NA 718 75.30 27.15 90.87
N GLN NA 719 76.40 26.68 90.30
CA GLN NA 719 77.66 27.39 90.40
C GLN NA 719 77.58 28.74 89.71
N ILE NA 720 76.98 28.78 88.52
CA ILE NA 720 76.83 30.04 87.81
C ILE NA 720 76.01 31.02 88.65
N PHE NA 721 74.91 30.55 89.23
CA PHE NA 721 74.07 31.43 90.04
C PHE NA 721 74.81 31.91 91.28
N ASN NA 722 75.67 31.06 91.84
CA ASN NA 722 76.49 31.49 92.98
C ASN NA 722 77.42 32.64 92.58
N ILE NA 723 78.04 32.52 91.41
CA ILE NA 723 78.90 33.61 90.94
C ILE NA 723 78.07 34.88 90.71
N LEU NA 724 76.85 34.72 90.18
CA LEU NA 724 75.99 35.87 89.98
C LEU NA 724 75.65 36.55 91.31
N GLN NA 725 75.38 35.75 92.35
CA GLN NA 725 75.14 36.32 93.66
C GLN NA 725 76.38 37.05 94.18
N THR NA 726 77.57 36.53 93.88
CA THR NA 726 78.79 37.23 94.24
C THR NA 726 78.83 38.60 93.59
N ILE NA 727 78.48 38.68 92.30
CA ILE NA 727 78.49 39.97 91.61
C ILE NA 727 77.45 40.91 92.20
N PHE NA 728 76.27 40.39 92.54
CA PHE NA 728 75.26 41.23 93.16
C PHE NA 728 75.78 41.83 94.47
N ASN NA 729 76.42 41.01 95.30
CA ASN NA 729 76.97 41.51 96.55
C ASN NA 729 78.02 42.57 96.28
N PHE NA 730 78.85 42.35 95.26
CA PHE NA 730 79.86 43.33 94.91
C PHE NA 730 79.24 44.67 94.56
N ILE NA 731 78.18 44.66 93.74
CA ILE NA 731 77.54 45.91 93.35
C ILE NA 731 76.97 46.62 94.58
N ASN NA 732 76.28 45.86 95.44
CA ASN NA 732 75.64 46.48 96.59
C ASN NA 732 76.68 47.12 97.51
N THR NA 733 77.82 46.46 97.71
CA THR NA 733 78.85 47.05 98.57
C THR NA 733 79.54 48.23 97.89
N SER NA 734 79.71 48.17 96.56
CA SER NA 734 80.34 49.28 95.86
C SER NA 734 79.48 50.52 95.96
N GLN NA 735 78.16 50.37 96.06
CA GLN NA 735 77.32 51.56 96.25
C GLN NA 735 77.64 52.24 97.60
N GLU NA 736 77.84 51.44 98.65
CA GLU NA 736 78.23 52.01 99.93
C GLU NA 736 79.57 52.71 99.83
N PHE NA 737 80.53 52.10 99.12
CA PHE NA 737 81.81 52.77 98.90
C PHE NA 737 81.61 54.11 98.18
N TYR NA 738 80.72 54.13 97.19
CA TYR NA 738 80.41 55.36 96.47
C TYR NA 738 79.94 56.44 97.43
N SER NA 739 79.00 56.10 98.32
CA SER NA 739 78.46 57.10 99.23
C SER NA 739 79.53 57.59 100.20
N LEU NA 740 80.38 56.68 100.69
CA LEU NA 740 81.42 57.09 101.63
C LEU NA 740 82.43 58.01 100.97
N VAL NA 741 82.85 57.70 99.74
CA VAL NA 741 83.85 58.55 99.10
C VAL NA 741 83.26 59.91 98.75
N CYS NA 742 81.99 59.94 98.33
CA CYS NA 742 81.40 61.26 98.04
C CYS NA 742 81.27 62.07 99.31
N THR NA 743 81.07 61.42 100.47
CA THR NA 743 81.01 62.10 101.80
C THR NA 743 82.42 62.58 102.15
N PHE NA 744 83.47 61.89 101.70
CA PHE NA 744 84.89 62.30 101.89
C PHE NA 744 85.13 63.55 101.04
N GLY NA 745 84.62 63.55 99.80
CA GLY NA 745 84.75 64.70 98.91
C GLY NA 745 84.06 65.90 99.52
N LEU NA 746 82.84 65.72 100.09
CA LEU NA 746 82.11 66.83 100.66
C LEU NA 746 82.83 67.44 101.85
N LEU NA 747 83.54 66.63 102.64
CA LEU NA 747 84.21 67.19 103.81
C LEU NA 747 85.21 68.27 103.42
N VAL NA 748 85.99 68.02 102.38
CA VAL NA 748 86.98 69.00 101.92
C VAL NA 748 86.30 70.05 101.06
N GLN NA 761 88.33 65.77 112.64
CA GLN NA 761 88.31 64.44 113.23
C GLN NA 761 87.51 63.48 112.36
N ASP NA 762 86.58 64.00 111.57
CA ASP NA 762 85.78 63.16 110.69
C ASP NA 762 86.61 62.55 109.57
N GLN NA 763 87.70 63.20 109.16
CA GLN NA 763 88.52 62.67 108.08
C GLN NA 763 89.09 61.31 108.44
N GLU NA 764 89.59 61.16 109.68
CA GLU NA 764 90.15 59.87 110.08
C GLU NA 764 89.09 58.79 110.11
N ASP NA 765 87.90 59.09 110.61
CA ASP NA 765 86.83 58.11 110.64
C ASP NA 765 86.45 57.68 109.22
N LEU NA 766 86.31 58.65 108.31
CA LEU NA 766 85.95 58.31 106.94
C LEU NA 766 87.05 57.50 106.27
N GLU NA 767 88.32 57.84 106.52
CA GLU NA 767 89.41 57.07 105.95
C GLU NA 767 89.41 55.64 106.47
N PHE NA 768 89.15 55.47 107.77
CA PHE NA 768 89.07 54.14 108.35
C PHE NA 768 87.94 53.34 107.71
N GLN NA 769 86.78 53.96 107.52
CA GLN NA 769 85.67 53.27 106.87
C GLN NA 769 86.00 52.92 105.43
N LEU NA 770 86.70 53.82 104.73
CA LEU NA 770 87.11 53.53 103.37
C LEU NA 770 88.04 52.33 103.33
N HIS NA 771 89.00 52.27 104.25
CA HIS NA 771 89.90 51.12 104.29
C HIS NA 771 89.11 49.84 104.59
N LYS NA 772 88.15 49.92 105.51
CA LYS NA 772 87.35 48.75 105.85
C LYS NA 772 86.56 48.25 104.64
N ILE NA 773 85.93 49.16 103.91
CA ILE NA 773 85.15 48.77 102.74
C ILE NA 773 86.05 48.18 101.67
N LYS NA 774 87.20 48.81 101.42
CA LYS NA 774 88.12 48.29 100.43
C LYS NA 774 88.59 46.89 100.82
N ARG NA 775 88.91 46.69 102.10
CA ARG NA 775 89.32 45.37 102.56
C ARG NA 775 88.21 44.36 102.34
N LYS NA 776 86.98 44.71 102.71
CA LYS NA 776 85.89 43.76 102.54
C LYS NA 776 85.77 43.35 101.08
N ILE NA 777 85.67 44.33 100.18
CA ILE NA 777 85.43 44.02 98.77
C ILE NA 777 86.62 43.25 98.18
N TYR NA 778 87.84 43.71 98.45
CA TYR NA 778 89.00 43.07 97.83
C TYR NA 778 89.20 41.66 98.37
N LYS NA 779 89.19 41.49 99.68
CA LYS NA 779 89.45 40.17 100.24
C LYS NA 779 88.22 39.27 100.09
N ASP NA 780 87.15 39.54 100.84
CA ASP NA 780 86.06 38.58 100.89
C ASP NA 780 85.49 38.34 99.49
N ILE NA 781 84.82 39.36 98.93
CA ILE NA 781 84.00 39.17 97.74
C ILE NA 781 84.84 38.65 96.60
N TYR NA 782 85.99 39.28 96.34
CA TYR NA 782 86.79 38.87 95.19
C TYR NA 782 87.67 37.68 95.53
N GLN NA 783 88.65 37.87 96.44
CA GLN NA 783 89.66 36.86 96.65
C GLN NA 783 89.05 35.62 97.31
N HIS NA 784 88.25 35.81 98.36
CA HIS NA 784 87.78 34.66 99.10
C HIS NA 784 86.66 33.93 98.38
N ASP NA 785 85.80 34.65 97.66
CA ASP NA 785 84.61 34.07 97.05
C ASP NA 785 84.75 33.90 95.54
N TYR NA 786 85.01 34.99 94.80
CA TYR NA 786 84.93 34.91 93.36
C TYR NA 786 86.01 34.00 92.78
N LYS NA 787 87.26 34.19 93.19
CA LYS NA 787 88.33 33.39 92.63
C LYS NA 787 88.18 31.93 93.00
N ARG NA 788 87.75 31.65 94.24
CA ARG NA 788 87.54 30.27 94.67
C ARG NA 788 86.43 29.60 93.85
N GLN NA 789 85.29 30.28 93.71
CA GLN NA 789 84.19 29.72 92.94
C GLN NA 789 84.57 29.52 91.49
N LEU NA 790 85.29 30.48 90.89
CA LEU NA 790 85.69 30.34 89.50
C LEU NA 790 86.69 29.20 89.32
N ASN NA 791 87.60 29.02 90.28
CA ASN NA 791 88.52 27.90 90.21
C ASN NA 791 87.76 26.58 90.24
N ASP NA 792 86.80 26.46 91.15
CA ASP NA 792 86.02 25.22 91.23
C ASP NA 792 85.24 24.99 89.94
N LEU NA 793 84.65 26.05 89.39
CA LEU NA 793 83.88 25.91 88.16
C LEU NA 793 84.79 25.52 86.99
N LYS NA 794 85.96 26.13 86.88
CA LYS NA 794 86.87 25.78 85.80
C LYS NA 794 87.31 24.33 85.90
N ASN NA 795 87.63 23.86 87.11
CA ASN NA 795 87.99 22.46 87.27
C ASN NA 795 86.83 21.55 86.92
N ASP NA 796 85.61 21.95 87.27
CA ASP NA 796 84.44 21.15 86.94
C ASP NA 796 84.26 21.02 85.44
N LEU NA 797 84.47 22.11 84.69
CA LEU NA 797 84.21 22.08 83.26
C LEU NA 797 85.16 21.16 82.53
N ASN NA 798 86.42 21.08 82.98
CA ASN NA 798 87.42 20.29 82.26
C ASN NA 798 87.05 18.82 82.20
N ARG NA 799 86.21 18.34 83.11
CA ARG NA 799 85.79 16.94 83.08
C ARG NA 799 84.91 16.63 81.88
N ASP NA 800 84.40 17.64 81.19
CA ASP NA 800 83.51 17.46 80.04
C ASP NA 800 84.25 17.84 78.77
N TYR NA 801 84.14 17.00 77.74
CA TYR NA 801 84.77 17.29 76.46
C TYR NA 801 84.19 18.55 75.84
N ASN NA 802 82.87 18.70 75.88
CA ASN NA 802 82.23 19.82 75.20
C ASN NA 802 82.64 21.16 75.82
N LEU NA 803 82.70 21.21 77.15
CA LEU NA 803 82.90 22.47 77.86
C LEU NA 803 84.38 22.78 78.13
N LYS NA 804 85.30 21.93 77.69
CA LYS NA 804 86.72 22.21 77.90
C LYS NA 804 87.13 23.50 77.20
N ASP NA 805 86.66 23.69 75.96
CA ASP NA 805 86.98 24.88 75.21
C ASP NA 805 86.46 26.12 75.93
N LEU NA 806 85.22 26.07 76.43
CA LEU NA 806 84.70 27.20 77.18
C LEU NA 806 85.51 27.43 78.44
N SER NA 807 85.93 26.35 79.10
CA SER NA 807 86.70 26.49 80.32
C SER NA 807 87.99 27.25 80.08
N LYS NA 808 88.65 27.00 78.95
CA LYS NA 808 89.90 27.70 78.68
C LYS NA 808 89.68 29.21 78.61
N LEU NA 809 88.58 29.65 78.00
CA LEU NA 809 88.30 31.08 77.94
C LEU NA 809 87.64 31.57 79.23
N LEU NA 810 86.47 31.02 79.54
CA LEU NA 810 85.72 31.46 80.72
C LEU NA 810 86.48 31.06 81.98
N ASN OA 231 95.36 -44.14 46.16
CA ASN OA 231 95.46 -42.75 46.73
C ASN OA 231 94.51 -41.80 46.01
N ILE OA 232 94.06 -40.77 46.72
CA ILE OA 232 93.17 -39.78 46.14
C ILE OA 232 93.95 -38.96 45.11
N ALA OA 233 93.28 -38.65 44.00
CA ALA OA 233 93.93 -37.90 42.93
C ALA OA 233 94.33 -36.50 43.39
N THR OA 234 95.53 -36.09 43.00
CA THR OA 234 95.96 -34.70 43.20
C THR OA 234 95.42 -33.82 42.08
N THR OA 235 95.06 -32.59 42.43
CA THR OA 235 94.50 -31.66 41.46
C THR OA 235 95.06 -30.26 41.72
N THR OA 236 94.98 -29.40 40.68
CA THR OA 236 95.54 -28.02 40.72
C THR OA 236 94.85 -27.22 41.84
N LYS OA 237 93.56 -27.44 42.11
CA LYS OA 237 92.85 -26.72 43.16
C LYS OA 237 93.18 -27.33 44.52
N SER OA 238 93.42 -26.47 45.51
CA SER OA 238 93.84 -26.90 46.84
C SER OA 238 92.66 -27.45 47.62
N ARG OA 239 92.66 -28.76 47.86
CA ARG OA 239 91.55 -29.41 48.54
C ARG OA 239 91.42 -28.93 49.99
N GLU OA 240 92.54 -28.97 50.70
CA GLU OA 240 92.53 -28.56 52.11
C GLU OA 240 92.16 -27.09 52.25
N GLU OA 241 92.57 -26.25 51.30
CA GLU OA 241 92.17 -24.85 51.35
C GLU OA 241 90.65 -24.70 51.29
N GLU OA 242 90.01 -25.46 50.39
CA GLU OA 242 88.56 -25.39 50.28
C GLU OA 242 87.89 -25.84 51.58
N LEU OA 243 88.35 -26.96 52.14
CA LEU OA 243 87.75 -27.43 53.38
C LEU OA 243 87.95 -26.41 54.51
N ASN OA 244 89.15 -25.84 54.60
CA ASN OA 244 89.43 -24.86 55.65
C ASN OA 244 88.56 -23.62 55.51
N LYS OA 245 88.36 -23.15 54.28
CA LYS OA 245 87.49 -21.99 54.07
C LYS OA 245 86.06 -22.31 54.47
N ARG OA 246 85.60 -23.52 54.16
CA ARG OA 246 84.25 -23.91 54.58
C ARG OA 246 84.12 -23.89 56.10
N ILE OA 247 85.13 -24.40 56.80
CA ILE OA 247 85.08 -24.41 58.26
C ILE OA 247 85.07 -22.98 58.82
N VAL OA 248 85.89 -22.09 58.26
CA VAL OA 248 85.92 -20.73 58.76
C VAL OA 248 84.56 -20.06 58.56
N ASN OA 249 83.93 -20.29 57.40
CA ASN OA 249 82.60 -19.69 57.08
C ASN OA 249 81.55 -20.31 58.00
N TYR OA 250 81.75 -21.55 58.47
CA TYR OA 250 80.83 -22.23 59.41
C TYR OA 250 81.09 -21.74 60.84
N LYS OA 251 82.27 -21.19 61.12
CA LYS OA 251 82.61 -20.60 62.45
C LYS OA 251 82.05 -19.19 62.53
N ILE OA 252 81.95 -18.44 61.41
CA ILE OA 252 81.33 -17.13 61.42
C ILE OA 252 79.83 -17.24 61.61
N GLN OA 253 79.18 -18.16 60.88
CA GLN OA 253 77.74 -18.30 61.04
C GLN OA 253 77.39 -18.71 62.48
N LEU OA 254 78.15 -19.65 63.04
CA LEU OA 254 77.84 -20.10 64.40
C LEU OA 254 77.94 -18.94 65.40
N LYS OA 255 79.02 -18.16 65.32
CA LYS OA 255 79.22 -17.13 66.33
C LYS OA 255 78.22 -15.99 66.17
N LEU OA 256 77.90 -15.62 64.92
CA LEU OA 256 76.87 -14.60 64.74
C LEU OA 256 75.53 -15.08 65.28
N MET OA 257 75.19 -16.35 65.02
CA MET OA 257 73.93 -16.89 65.53
C MET OA 257 73.93 -16.89 67.05
N LYS OA 258 75.06 -17.23 67.68
CA LYS OA 258 75.12 -17.22 69.14
C LYS OA 258 74.91 -15.82 69.69
N ASN OA 259 75.55 -14.81 69.06
CA ASN OA 259 75.37 -13.45 69.55
C ASN OA 259 73.89 -13.04 69.42
N PHE OA 260 73.26 -13.39 68.31
CA PHE OA 260 71.86 -13.03 68.15
C PHE OA 260 70.99 -13.72 69.19
N LEU OA 261 71.25 -15.00 69.46
CA LEU OA 261 70.46 -15.71 70.46
C LEU OA 261 70.68 -15.12 71.85
N GLN OA 262 71.90 -14.69 72.15
CA GLN OA 262 72.13 -14.03 73.44
C GLN OA 262 71.34 -12.74 73.53
N GLU OA 263 71.31 -11.96 72.45
CA GLU OA 263 70.51 -10.73 72.48
C GLU OA 263 69.02 -11.06 72.63
N LEU OA 264 68.58 -12.18 72.08
CA LEU OA 264 67.17 -12.55 72.14
C LEU OA 264 66.78 -13.08 73.50
N ILE OA 265 67.65 -13.85 74.15
CA ILE OA 265 67.30 -14.53 75.39
C ILE OA 265 67.22 -13.54 76.55
N ASP OA 266 68.17 -12.59 76.61
CA ASP OA 266 68.28 -11.74 77.78
C ASP OA 266 67.11 -10.77 77.94
N ARG OA 267 66.29 -10.61 76.92
CA ARG OA 267 65.13 -9.73 77.02
C ARG OA 267 63.94 -10.50 77.57
N ARG PA 239 94.08 -38.08 55.58
CA ARG PA 239 94.13 -37.08 56.70
C ARG PA 239 92.90 -36.18 56.71
N GLU PA 240 92.48 -35.75 55.51
CA GLU PA 240 91.38 -34.79 55.41
C GLU PA 240 90.05 -35.34 55.93
N GLU PA 241 89.97 -36.62 56.26
CA GLU PA 241 88.77 -37.18 56.87
C GLU PA 241 88.41 -36.38 58.11
N GLU PA 242 89.44 -35.97 58.86
CA GLU PA 242 89.21 -35.26 60.12
C GLU PA 242 88.54 -33.90 59.88
N LEU PA 243 88.97 -33.18 58.84
CA LEU PA 243 88.30 -31.92 58.52
C LEU PA 243 86.84 -32.16 58.13
N ASN PA 244 86.56 -33.19 57.33
CA ASN PA 244 85.18 -33.47 56.95
C ASN PA 244 84.34 -33.80 58.18
N LYS PA 245 84.91 -34.54 59.12
CA LYS PA 245 84.20 -34.89 60.34
C LYS PA 245 83.84 -33.64 61.13
N ARG PA 246 84.79 -32.71 61.24
CA ARG PA 246 84.50 -31.47 61.95
C ARG PA 246 83.46 -30.64 61.21
N ILE PA 247 83.51 -30.65 59.87
CA ILE PA 247 82.52 -29.93 59.08
C ILE PA 247 81.12 -30.45 59.39
N VAL PA 248 80.94 -31.77 59.39
CA VAL PA 248 79.61 -32.30 59.65
C VAL PA 248 79.19 -32.02 61.09
N ASN PA 249 80.12 -32.06 62.04
CA ASN PA 249 79.78 -31.73 63.41
C ASN PA 249 79.25 -30.31 63.53
N TYR PA 250 79.90 -29.36 62.84
CA TYR PA 250 79.41 -27.98 62.86
C TYR PA 250 78.11 -27.80 62.09
N LYS PA 251 77.88 -28.64 61.07
CA LYS PA 251 76.56 -28.61 60.42
C LYS PA 251 75.48 -28.96 61.42
N ILE PA 252 75.70 -30.01 62.22
CA ILE PA 252 74.70 -30.39 63.21
C ILE PA 252 74.53 -29.28 64.24
N GLN PA 253 75.63 -28.69 64.70
CA GLN PA 253 75.52 -27.64 65.71
C GLN PA 253 74.74 -26.44 65.20
N LEU PA 254 74.99 -26.03 63.96
CA LEU PA 254 74.23 -24.93 63.38
C LEU PA 254 72.75 -25.27 63.28
N LYS PA 255 72.44 -26.50 62.86
CA LYS PA 255 71.03 -26.89 62.77
C LYS PA 255 70.38 -26.84 64.15
N LEU PA 256 71.09 -27.30 65.17
CA LEU PA 256 70.56 -27.25 66.53
C LEU PA 256 70.28 -25.81 66.95
N MET PA 257 71.19 -24.89 66.64
CA MET PA 257 70.97 -23.50 67.02
C MET PA 257 69.73 -22.93 66.34
N LYS PA 258 69.55 -23.23 65.06
CA LYS PA 258 68.38 -22.73 64.34
C LYS PA 258 67.10 -23.31 64.94
N ASN PA 259 67.12 -24.61 65.26
CA ASN PA 259 65.95 -25.22 65.89
C ASN PA 259 65.67 -24.57 67.24
N PHE PA 260 66.71 -24.19 67.97
CA PHE PA 260 66.51 -23.48 69.23
C PHE PA 260 65.80 -22.16 69.00
N LEU PA 261 66.21 -21.42 67.96
CA LEU PA 261 65.52 -20.17 67.64
C LEU PA 261 64.04 -20.43 67.36
N GLN PA 262 63.75 -21.44 66.54
CA GLN PA 262 62.36 -21.73 66.21
C GLN PA 262 61.55 -22.11 67.44
N GLU PA 263 62.13 -22.94 68.32
CA GLU PA 263 61.44 -23.31 69.55
C GLU PA 263 61.13 -22.08 70.39
N LEU PA 264 62.13 -21.22 70.58
CA LEU PA 264 61.94 -20.04 71.42
C LEU PA 264 60.84 -19.15 70.85
N ILE PA 265 60.85 -18.92 69.54
CA ILE PA 265 59.85 -18.06 68.93
C ILE PA 265 58.46 -18.69 69.05
N ASP PA 266 58.36 -20.00 68.80
CA ASP PA 266 57.06 -20.66 68.92
C ASP PA 266 56.51 -20.53 70.35
N ARG PA 267 57.37 -20.71 71.35
CA ARG PA 267 56.89 -20.64 72.73
C ARG PA 267 56.50 -19.21 73.10
N ASN PA 268 57.27 -18.21 72.66
CA ASN PA 268 56.90 -16.83 72.98
C ASN PA 268 55.58 -16.43 72.35
N ASN PA 269 55.26 -16.97 71.17
CA ASN PA 269 53.96 -16.76 70.56
C ASN PA 269 52.90 -17.66 71.22
#